data_5JUL
#
_entry.id   5JUL
#
loop_
_entity.id
_entity.type
_entity.pdbx_description
1 polymer 'Apaf-1 related killer DARK'
2 non-polymer "2'-DEOXYADENOSINE 5'-TRIPHOSPHATE"
#
_entity_poly.entity_id   1
_entity_poly.type   'polypeptide(L)'
_entity_poly.pdbx_seq_one_letter_code
;MDFETGEHQYQYKDILSVFEDAFVDNFDCKDVQDMPKSILSKEEIDHIIMSKDAVSGTLRLFWTLLSKQEEMVQKFVEEV
LRINYKFLMSPIKTEQRQPSMMTRMYIEQRDRLYNDNQVFAKYNVSRLQPYLKLRQALLELRPAKNVLIDGVLGSGKTWV
ALDVCLSYKVQCKMDFKIFWLNLKNCNSPETVLEMLQKLLYQIDPNWTSRSDHSSNIKLRIHSIQAELRRLLKSKPYENC
LLVLLNVQNA(APK)AWNAFNLSCKILLTTRFKQVTDFLSAATTTHISLDHHSMTLTPDEVKSLLLKYLDCRPQDLPREV
LTTNPRRLSIIAESIRDGLATWDNWKHVNCDKLTTIIESSLNVLEPAEYRKMFDRLSVFPPSAHIPTILLSLIWFDVIKS
DVMVVVNKLHKYSLVEKQPKESTISIPSIYLELKVKLENEYALHRSIVDHYNIPKTFDSDDLIPPYLDQYFYSHIGHHLK
NIEHPERMTLFRMVFLDFRFLEQKIRHDSTAWNASGSILNTLQQLKFYKPYICDNDPKYERLVNAILDFLPKIEENLICS
KYTDLLRIALMAEDEAIFEEAHKQVQRFDDRVWFTNHGRFHQHRQIINLGDNEGRHAVYLHNDFCLIALASGQILLTDVS
LEGEDTYLLRDESDSSDILRMAVFNQQKHLITLHCNGSVKLWSLWPDCPGRRHSGGSKQQLVNSVVKRFIGSYANLKIVA
FYLNEDAGLPEANIQLHVAFINGDVSILNWDEQDQEFKLSHVPVLKTMQSGIRCFVQVLKRYYVVCTSNCTLTVWDLTNG
SSNTLELHVFNVENDTPLALDVFDERSKTATVLLIFKYSVWRLNFLPGLSVSLQSEAVQLPEGSFITCGKRSTDGRYLLL
GTSEGLIVYDLKISDPVLRSNVSEHIECVDIYELFDPVYKYIVLCGAKGKQVVHVHTLRSVSGSNSHQNREIAWVHSADE
ISVMTKACLEPNVYLRSLMDMTRERTQLLAVDSKERIHLIKPAISRISEWSTITPTHAASNCKINAISAFNDEQIFVGYV
DGVIIDVIHDTALPQQFIEEPIDYLKQVSPNILVASAHSAQKTVIFQLEKIDPLQPNDQWPLMMDVSTKYASLQEGQYII
LFSDHGVCHLDIANPSAFVKPKDSEEYIVGFDLKNSLLFLAYENNIIDVFRLIFSCNQLRYEQICEEEIAQKAKISYLVA
TDDGTMLAMGFENGTLELFAVENRKVQLIYSIEEVHEHCIRQLLFSPCKLLLISCAEQLCFWNVTHMRNNQLEREQKRRR
SRRHKQHSVTQEDAVDAAPIAADIDVDVTFVADEFHPVNRGTAELWRNKRGNAIRPELLACVKFVGNEARQFFTDAHFSH
FYAIDDEGVYYHLQLLELSRLQPPPDPVTLDIANQYEDLKNLRILDSPLMQDSDSEGADVVGNLVLEKNGGVARATPILE
EASS
;
_entity_poly.pdbx_strand_id   A,B,C,D,E,F,G,H,I,J,K,L,M,N,O,P
#
# COMPACT_ATOMS: atom_id res chain seq x y z
N HIS A 8 -27.83 35.49 18.41
CA HIS A 8 -26.47 35.99 18.42
C HIS A 8 -26.44 37.48 18.56
N GLN A 9 -27.46 38.12 18.02
CA GLN A 9 -27.28 39.44 17.43
C GLN A 9 -26.54 40.36 18.38
N TYR A 10 -25.49 40.97 17.86
CA TYR A 10 -24.63 41.82 18.63
C TYR A 10 -25.35 43.14 18.89
N GLN A 11 -24.71 44.02 19.62
CA GLN A 11 -25.36 45.19 20.17
C GLN A 11 -24.38 46.34 20.10
N TYR A 12 -24.83 47.50 19.60
CA TYR A 12 -23.88 48.52 19.18
C TYR A 12 -22.80 48.76 20.23
N LYS A 13 -23.19 48.91 21.50
CA LYS A 13 -22.17 49.20 22.49
C LYS A 13 -21.21 48.04 22.66
N ASP A 14 -21.60 46.85 22.23
CA ASP A 14 -20.61 45.78 22.20
C ASP A 14 -19.57 46.09 21.14
N ILE A 15 -20.03 46.32 19.92
CA ILE A 15 -19.15 46.36 18.77
C ILE A 15 -18.49 47.71 18.63
N LEU A 16 -19.13 48.77 19.09
CA LEU A 16 -18.69 50.11 18.75
C LEU A 16 -17.22 50.31 19.04
N SER A 17 -16.75 49.78 20.16
CA SER A 17 -15.38 50.04 20.55
C SER A 17 -14.37 49.49 19.58
N VAL A 18 -14.77 48.73 18.57
CA VAL A 18 -13.77 48.05 17.78
C VAL A 18 -13.04 49.07 16.94
N PHE A 19 -13.68 49.55 15.90
CA PHE A 19 -13.01 50.45 15.00
C PHE A 19 -13.00 51.83 15.64
N GLU A 20 -11.80 52.36 15.83
CA GLU A 20 -11.56 53.71 16.28
C GLU A 20 -10.76 54.47 15.25
N ASP A 21 -9.63 53.91 14.81
CA ASP A 21 -8.67 54.66 14.01
C ASP A 21 -9.37 55.45 12.92
N ALA A 22 -10.17 54.76 12.10
CA ALA A 22 -11.02 55.45 11.15
C ALA A 22 -11.82 56.51 11.87
N PHE A 23 -12.51 56.11 12.92
CA PHE A 23 -13.33 57.03 13.68
C PHE A 23 -12.48 58.10 14.32
N VAL A 24 -11.26 57.73 14.70
CA VAL A 24 -10.32 58.70 15.25
C VAL A 24 -10.01 59.78 14.24
N ASP A 25 -9.28 59.41 13.21
CA ASP A 25 -8.58 60.35 12.34
C ASP A 25 -9.51 61.36 11.72
N ASN A 26 -10.43 60.89 10.89
CA ASN A 26 -11.17 61.75 9.98
C ASN A 26 -12.35 62.43 10.64
N PHE A 27 -12.53 62.26 11.93
CA PHE A 27 -13.63 62.88 12.66
C PHE A 27 -13.19 63.46 13.99
N ASP A 28 -13.76 64.60 14.34
CA ASP A 28 -13.48 65.23 15.63
C ASP A 28 -14.81 65.56 16.29
N CYS A 29 -14.90 65.31 17.58
CA CYS A 29 -16.13 65.63 18.30
C CYS A 29 -16.48 67.10 18.19
N LYS A 30 -15.52 67.98 18.47
CA LYS A 30 -15.80 69.41 18.46
C LYS A 30 -16.46 69.84 17.18
N ASP A 31 -16.16 69.14 16.09
CA ASP A 31 -16.77 69.42 14.80
C ASP A 31 -18.27 69.48 14.95
N VAL A 32 -18.81 68.58 15.75
CA VAL A 32 -20.25 68.42 15.87
C VAL A 32 -20.64 68.44 17.33
N GLN A 33 -21.36 69.47 17.74
CA GLN A 33 -22.29 69.34 18.85
C GLN A 33 -23.68 69.56 18.27
N ASP A 34 -24.35 68.46 17.95
CA ASP A 34 -25.78 68.52 17.72
C ASP A 34 -26.53 68.38 19.03
N MET A 35 -26.09 67.44 19.85
CA MET A 35 -26.45 67.33 21.24
C MET A 35 -27.94 67.15 21.50
N PRO A 36 -28.58 66.11 20.96
CA PRO A 36 -29.88 65.74 21.52
C PRO A 36 -29.68 65.37 22.98
N LYS A 37 -30.42 66.04 23.85
CA LYS A 37 -29.97 66.13 25.24
C LYS A 37 -29.99 64.79 25.95
N SER A 38 -30.91 63.90 25.59
CA SER A 38 -30.95 62.61 26.26
C SER A 38 -29.69 61.82 25.99
N ILE A 39 -29.15 61.96 24.78
CA ILE A 39 -28.08 61.05 24.39
C ILE A 39 -26.76 61.47 25.00
N LEU A 40 -26.57 62.76 25.24
CA LEU A 40 -25.38 63.27 25.89
C LEU A 40 -25.79 64.45 26.74
N SER A 41 -25.29 64.51 27.97
CA SER A 41 -25.62 65.70 28.72
C SER A 41 -24.81 66.87 28.20
N LYS A 42 -25.13 68.06 28.70
CA LYS A 42 -24.36 69.23 28.30
C LYS A 42 -22.94 69.12 28.84
N GLU A 43 -22.81 68.96 30.14
CA GLU A 43 -21.52 68.77 30.77
C GLU A 43 -20.67 67.75 30.06
N GLU A 44 -21.30 66.73 29.48
CA GLU A 44 -20.56 65.70 28.77
C GLU A 44 -19.71 66.34 27.69
N ILE A 45 -20.36 66.84 26.66
CA ILE A 45 -19.62 67.40 25.55
C ILE A 45 -18.89 68.65 25.99
N ASP A 46 -19.35 69.27 27.07
CA ASP A 46 -18.55 70.31 27.69
C ASP A 46 -17.16 69.78 28.01
N HIS A 47 -17.09 68.55 28.48
CA HIS A 47 -15.81 67.99 28.90
C HIS A 47 -14.98 67.48 27.75
N ILE A 48 -15.62 66.88 26.74
CA ILE A 48 -14.86 66.21 25.68
C ILE A 48 -13.96 67.20 24.97
N ILE A 49 -14.55 68.27 24.43
CA ILE A 49 -13.78 69.17 23.59
C ILE A 49 -12.57 69.72 24.34
N MET A 50 -12.66 69.81 25.65
CA MET A 50 -11.55 70.31 26.44
C MET A 50 -10.28 69.49 26.25
N SER A 51 -10.38 68.27 25.74
CA SER A 51 -9.20 67.47 25.52
C SER A 51 -8.36 68.08 24.41
N LYS A 52 -7.05 67.83 24.45
CA LYS A 52 -6.13 68.61 23.65
C LYS A 52 -5.90 68.00 22.27
N ASP A 53 -6.30 66.75 22.06
CA ASP A 53 -6.01 66.11 20.80
C ASP A 53 -6.96 64.94 20.56
N ALA A 54 -7.04 64.56 19.28
CA ALA A 54 -7.95 63.50 18.86
C ALA A 54 -7.74 62.25 19.69
N VAL A 55 -6.51 61.75 19.76
CA VAL A 55 -6.25 60.50 20.46
C VAL A 55 -6.77 60.57 21.87
N SER A 56 -6.78 61.76 22.45
CA SER A 56 -7.59 61.97 23.65
C SER A 56 -9.03 62.24 23.27
N GLY A 57 -9.24 63.11 22.31
CA GLY A 57 -10.58 63.57 22.03
C GLY A 57 -11.49 62.45 21.62
N THR A 58 -11.17 61.77 20.52
CA THR A 58 -12.01 60.68 20.07
C THR A 58 -12.18 59.66 21.17
N LEU A 59 -11.16 59.49 22.00
CA LEU A 59 -11.22 58.42 22.96
C LEU A 59 -12.28 58.70 24.02
N ARG A 60 -12.21 59.85 24.68
CA ARG A 60 -13.13 60.08 25.78
C ARG A 60 -14.56 59.97 25.32
N LEU A 61 -14.78 60.10 24.02
CA LEU A 61 -16.12 59.88 23.50
C LEU A 61 -16.61 58.50 23.89
N PHE A 62 -15.93 57.46 23.40
CA PHE A 62 -16.42 56.11 23.60
C PHE A 62 -16.72 55.83 25.06
N TRP A 63 -15.74 56.06 25.93
CA TRP A 63 -15.95 55.77 27.34
C TRP A 63 -17.17 56.47 27.88
N THR A 64 -17.55 57.60 27.32
CA THR A 64 -18.82 58.15 27.75
C THR A 64 -19.97 57.30 27.24
N LEU A 65 -20.01 57.03 25.94
CA LEU A 65 -21.11 56.28 25.39
C LEU A 65 -21.28 54.94 26.08
N LEU A 66 -20.22 54.15 26.15
CA LEU A 66 -20.35 52.79 26.66
C LEU A 66 -20.83 52.74 28.10
N SER A 67 -20.91 53.88 28.76
CA SER A 67 -21.46 53.97 30.09
C SER A 67 -22.95 54.17 30.10
N LYS A 68 -23.60 54.08 28.94
CA LYS A 68 -25.00 54.41 28.81
C LYS A 68 -25.78 53.20 28.33
N GLN A 69 -27.10 53.29 28.47
CA GLN A 69 -27.95 52.22 28.00
C GLN A 69 -28.05 52.23 26.49
N GLU A 70 -28.28 51.04 25.94
CA GLU A 70 -28.11 50.80 24.51
C GLU A 70 -28.99 51.69 23.65
N GLU A 71 -30.20 52.03 24.12
CA GLU A 71 -31.08 52.87 23.31
C GLU A 71 -30.36 54.13 22.83
N MET A 72 -29.75 54.86 23.76
CA MET A 72 -29.04 56.08 23.40
C MET A 72 -28.06 55.81 22.27
N VAL A 73 -27.15 54.89 22.51
CA VAL A 73 -26.23 54.48 21.45
C VAL A 73 -27.01 54.06 20.22
N GLN A 74 -28.00 53.20 20.41
CA GLN A 74 -28.82 52.77 19.29
C GLN A 74 -29.33 53.96 18.50
N LYS A 75 -29.60 55.07 19.18
CA LYS A 75 -29.93 56.26 18.43
C LYS A 75 -28.70 56.95 17.90
N PHE A 76 -27.58 56.84 18.59
CA PHE A 76 -26.40 57.60 18.19
C PHE A 76 -25.90 57.13 16.84
N VAL A 77 -25.92 55.82 16.60
CA VAL A 77 -25.47 55.32 15.32
C VAL A 77 -26.36 55.85 14.21
N GLU A 78 -27.61 56.17 14.52
CA GLU A 78 -28.48 56.83 13.56
C GLU A 78 -28.16 58.32 13.45
N GLU A 79 -27.85 58.95 14.56
CA GLU A 79 -27.69 60.41 14.59
C GLU A 79 -26.61 60.87 13.63
N VAL A 80 -25.53 60.09 13.49
CA VAL A 80 -24.43 60.50 12.62
C VAL A 80 -24.92 60.65 11.19
N LEU A 81 -25.86 59.80 10.78
CA LEU A 81 -26.44 59.91 9.45
C LEU A 81 -26.89 61.33 9.14
N ARG A 82 -27.68 61.93 10.03
CA ARG A 82 -28.19 63.26 9.79
C ARG A 82 -27.06 64.27 9.66
N ILE A 83 -25.94 64.00 10.30
CA ILE A 83 -24.79 64.88 10.16
C ILE A 83 -24.30 64.71 8.73
N ASN A 84 -23.53 65.68 8.26
CA ASN A 84 -23.09 65.67 6.87
C ASN A 84 -22.50 64.32 6.49
N TYR A 85 -21.76 63.70 7.39
CA TYR A 85 -21.01 62.51 7.04
C TYR A 85 -21.71 61.29 7.59
N LYS A 86 -22.28 60.49 6.69
CA LYS A 86 -22.68 59.15 7.04
C LYS A 86 -21.65 58.11 6.64
N PHE A 87 -20.64 58.48 5.85
CA PHE A 87 -19.74 57.46 5.33
C PHE A 87 -19.17 56.62 6.46
N LEU A 88 -18.98 57.25 7.61
CA LEU A 88 -18.47 56.57 8.78
C LEU A 88 -19.43 55.52 9.29
N MET A 89 -20.73 55.77 9.18
CA MET A 89 -21.67 54.83 9.79
C MET A 89 -22.09 53.72 8.85
N SER A 90 -21.67 53.73 7.61
CA SER A 90 -22.03 52.56 6.82
C SER A 90 -21.26 51.35 7.33
N PRO A 91 -19.95 51.44 7.61
CA PRO A 91 -19.30 50.25 8.15
C PRO A 91 -19.91 49.80 9.44
N ILE A 92 -20.12 50.70 10.38
CA ILE A 92 -20.67 50.34 11.67
C ILE A 92 -22.00 49.65 11.53
N LYS A 93 -22.65 49.82 10.40
CA LYS A 93 -23.87 49.08 10.16
C LYS A 93 -23.56 47.68 9.66
N THR A 94 -22.30 47.33 9.55
CA THR A 94 -21.91 45.95 9.29
C THR A 94 -21.77 45.14 10.57
N GLU A 95 -22.18 45.71 11.70
CA GLU A 95 -22.62 44.86 12.80
C GLU A 95 -23.46 43.71 12.28
N GLN A 96 -24.62 44.04 11.75
CA GLN A 96 -25.68 43.07 11.54
C GLN A 96 -25.21 41.99 10.57
N ARG A 97 -25.25 40.75 11.04
CA ARG A 97 -24.84 39.58 10.27
C ARG A 97 -23.46 39.74 9.69
N GLN A 98 -22.68 40.66 10.21
CA GLN A 98 -21.33 40.60 9.69
C GLN A 98 -20.33 41.03 10.75
N PRO A 99 -20.22 40.32 11.86
CA PRO A 99 -19.00 40.43 12.63
C PRO A 99 -17.87 39.90 11.77
N SER A 100 -16.83 40.70 11.63
CA SER A 100 -15.75 40.17 10.82
C SER A 100 -15.12 38.98 11.53
N MET A 101 -14.80 37.95 10.74
CA MET A 101 -14.40 36.68 11.31
C MET A 101 -13.35 36.85 12.37
N MET A 102 -12.50 37.85 12.21
CA MET A 102 -11.68 38.29 13.33
C MET A 102 -12.54 38.76 14.49
N THR A 103 -13.27 39.84 14.28
CA THR A 103 -13.79 40.63 15.39
C THR A 103 -14.44 39.76 16.46
N ARG A 104 -15.10 38.68 16.05
CA ARG A 104 -15.70 37.82 17.05
C ARG A 104 -14.67 37.37 18.07
N MET A 105 -13.44 37.11 17.62
CA MET A 105 -12.40 36.75 18.56
C MET A 105 -12.33 37.78 19.68
N TYR A 106 -12.14 39.04 19.30
CA TYR A 106 -12.17 40.12 20.26
C TYR A 106 -13.45 40.06 21.08
N ILE A 107 -14.58 40.36 20.45
CA ILE A 107 -15.81 40.61 21.19
C ILE A 107 -16.10 39.46 22.12
N GLU A 108 -15.65 38.26 21.77
CA GLU A 108 -15.70 37.19 22.75
C GLU A 108 -14.78 37.51 23.91
N GLN A 109 -13.51 37.70 23.61
CA GLN A 109 -12.54 37.51 24.66
C GLN A 109 -12.68 38.53 25.78
N ARG A 110 -12.94 39.78 25.45
CA ARG A 110 -13.14 40.75 26.52
C ARG A 110 -14.15 40.25 27.52
N ASP A 111 -15.14 39.49 27.08
CA ASP A 111 -16.05 38.91 28.06
C ASP A 111 -15.30 37.98 28.99
N ARG A 112 -14.54 37.03 28.44
CA ARG A 112 -13.71 36.21 29.30
C ARG A 112 -12.76 37.07 30.11
N LEU A 113 -12.52 38.30 29.67
CA LEU A 113 -11.80 39.22 30.54
C LEU A 113 -12.71 39.82 31.59
N TYR A 114 -13.89 40.31 31.21
CA TYR A 114 -14.81 40.77 32.23
C TYR A 114 -15.23 39.69 33.19
N ASN A 115 -15.01 38.43 32.89
CA ASN A 115 -15.39 37.44 33.88
C ASN A 115 -14.36 37.34 34.98
N ASP A 116 -13.39 38.25 34.96
CA ASP A 116 -12.84 38.80 36.17
C ASP A 116 -13.91 39.52 37.00
N ASN A 117 -15.13 39.67 36.48
CA ASN A 117 -16.30 40.16 37.23
C ASN A 117 -16.12 41.49 37.90
N GLN A 118 -16.11 41.50 39.22
CA GLN A 118 -16.30 42.74 39.97
C GLN A 118 -15.62 43.89 39.29
N VAL A 119 -14.44 43.56 38.81
CA VAL A 119 -13.42 44.53 38.48
C VAL A 119 -14.03 45.65 37.66
N PHE A 120 -14.26 45.41 36.42
CA PHE A 120 -14.81 46.44 35.59
C PHE A 120 -16.30 46.33 35.50
N ALA A 121 -16.85 45.36 36.20
CA ALA A 121 -18.29 45.19 36.23
C ALA A 121 -18.91 46.50 36.65
N LYS A 122 -18.79 46.83 37.91
CA LYS A 122 -19.30 48.11 38.38
C LYS A 122 -18.20 49.15 38.26
N TYR A 123 -17.17 48.97 39.03
CA TYR A 123 -16.34 50.08 39.45
C TYR A 123 -15.15 50.21 38.54
N ASN A 124 -15.10 51.32 37.82
CA ASN A 124 -13.88 52.08 37.66
C ASN A 124 -14.28 53.26 36.80
N VAL A 125 -13.50 54.31 36.86
CA VAL A 125 -13.56 55.32 35.84
C VAL A 125 -12.17 55.36 35.24
N SER A 126 -11.94 54.51 34.25
CA SER A 126 -10.87 54.63 33.28
C SER A 126 -9.58 55.19 33.87
N ARG A 127 -9.00 56.10 33.12
CA ARG A 127 -8.17 57.25 33.46
C ARG A 127 -7.71 57.67 32.10
N LEU A 128 -6.98 58.76 31.98
CA LEU A 128 -6.49 59.05 30.65
C LEU A 128 -4.97 58.98 30.60
N GLN A 129 -4.29 59.89 31.26
CA GLN A 129 -2.84 59.92 31.17
C GLN A 129 -2.20 58.57 31.40
N PRO A 130 -2.40 57.92 32.54
CA PRO A 130 -1.69 56.67 32.75
C PRO A 130 -2.07 55.66 31.72
N TYR A 131 -3.33 55.63 31.34
CA TYR A 131 -3.71 54.82 30.20
C TYR A 131 -2.82 55.13 29.02
N LEU A 132 -2.80 56.39 28.62
CA LEU A 132 -2.32 56.74 27.30
C LEU A 132 -0.85 56.42 27.12
N LYS A 133 0.00 56.82 28.06
CA LYS A 133 1.40 56.42 27.97
C LYS A 133 1.52 54.94 27.78
N LEU A 134 0.71 54.17 28.50
CA LEU A 134 0.97 52.75 28.52
C LEU A 134 0.68 52.13 27.17
N ARG A 135 -0.49 52.39 26.61
CA ARG A 135 -0.79 51.80 25.31
C ARG A 135 0.31 52.10 24.34
N GLN A 136 0.81 53.34 24.37
CA GLN A 136 1.96 53.72 23.58
C GLN A 136 3.06 52.69 23.69
N ALA A 137 3.59 52.51 24.90
CA ALA A 137 4.65 51.55 25.09
C ALA A 137 4.17 50.15 24.74
N LEU A 138 3.13 49.68 25.43
CA LEU A 138 2.76 48.29 25.31
C LEU A 138 2.34 47.93 23.90
N LEU A 139 2.04 48.90 23.06
CA LEU A 139 1.89 48.58 21.66
C LEU A 139 3.21 48.21 21.02
N GLU A 140 4.31 48.82 21.46
CA GLU A 140 5.57 48.65 20.74
C GLU A 140 6.24 47.33 21.03
N LEU A 141 6.45 46.99 22.29
CA LEU A 141 7.54 46.11 22.67
C LEU A 141 7.55 44.81 21.88
N ARG A 142 8.74 44.36 21.55
CA ARG A 142 8.99 43.17 20.74
C ARG A 142 9.43 42.03 21.63
N PRO A 143 9.60 40.81 21.13
CA PRO A 143 9.47 39.68 22.03
C PRO A 143 10.66 39.35 22.90
N ALA A 144 11.33 40.33 23.48
CA ALA A 144 11.79 40.21 24.85
C ALA A 144 11.90 41.61 25.40
N LYS A 145 11.04 41.99 26.32
CA LYS A 145 11.01 43.35 26.82
C LYS A 145 10.18 43.34 28.08
N ASN A 146 9.91 44.52 28.62
CA ASN A 146 9.11 44.60 29.81
C ASN A 146 8.49 45.98 29.89
N VAL A 147 7.42 46.10 30.64
CA VAL A 147 6.95 47.39 31.10
C VAL A 147 6.63 47.27 32.56
N LEU A 148 7.36 47.98 33.39
CA LEU A 148 6.93 48.00 34.77
C LEU A 148 5.71 48.85 34.92
N ILE A 149 4.96 48.58 35.96
CA ILE A 149 4.04 49.55 36.49
C ILE A 149 4.28 49.62 37.97
N ASP A 150 4.79 50.74 38.43
CA ASP A 150 5.07 50.92 39.84
C ASP A 150 4.02 51.81 40.47
N GLY A 151 3.58 51.42 41.65
CA GLY A 151 2.73 52.28 42.42
C GLY A 151 2.85 51.99 43.90
N VAL A 152 2.59 53.02 44.68
CA VAL A 152 2.50 52.86 46.11
C VAL A 152 1.21 52.12 46.45
N LEU A 153 1.13 51.64 47.69
CA LEU A 153 0.07 50.70 48.07
C LEU A 153 -1.28 51.18 47.58
N GLY A 154 -2.04 50.26 47.03
CA GLY A 154 -3.19 50.66 46.26
C GLY A 154 -2.75 51.37 45.00
N SER A 155 -3.25 52.57 44.80
CA SER A 155 -2.94 53.39 43.64
C SER A 155 -3.28 52.69 42.34
N GLY A 156 -4.13 51.68 42.40
CA GLY A 156 -4.79 51.12 41.25
C GLY A 156 -3.93 50.75 40.07
N LYS A 157 -2.84 50.03 40.30
CA LYS A 157 -2.08 49.56 39.17
C LYS A 157 -2.76 48.37 38.51
N THR A 158 -3.19 47.39 39.30
CA THR A 158 -3.81 46.19 38.74
C THR A 158 -4.95 46.50 37.80
N TRP A 159 -5.54 47.67 37.91
CA TRP A 159 -6.66 48.00 37.05
C TRP A 159 -6.18 48.61 35.76
N VAL A 160 -5.50 49.75 35.83
CA VAL A 160 -4.90 50.32 34.63
C VAL A 160 -4.16 49.24 33.87
N ALA A 161 -3.58 48.29 34.60
CA ALA A 161 -3.10 47.08 33.98
C ALA A 161 -4.15 46.48 33.06
N LEU A 162 -5.25 46.00 33.64
CA LEU A 162 -6.28 45.42 32.81
C LEU A 162 -6.69 46.38 31.71
N ASP A 163 -7.24 47.52 32.12
CA ASP A 163 -8.04 48.31 31.19
C ASP A 163 -7.37 48.48 29.85
N VAL A 164 -6.09 48.83 29.82
CA VAL A 164 -5.46 48.94 28.52
C VAL A 164 -5.44 47.61 27.80
N CYS A 165 -5.20 46.52 28.51
CA CYS A 165 -5.21 45.22 27.88
C CYS A 165 -6.57 44.86 27.32
N LEU A 166 -7.61 45.60 27.67
CA LEU A 166 -8.92 45.38 27.09
C LEU A 166 -9.06 46.07 25.73
N SER A 167 -8.36 47.16 25.52
CA SER A 167 -8.63 47.98 24.34
C SER A 167 -8.23 47.23 23.07
N TYR A 168 -9.11 47.31 22.07
CA TYR A 168 -8.99 46.50 20.87
C TYR A 168 -7.58 46.53 20.31
N LYS A 169 -7.16 47.70 19.85
CA LYS A 169 -5.98 47.79 19.02
C LYS A 169 -4.81 47.04 19.64
N VAL A 170 -4.71 47.05 20.96
CA VAL A 170 -3.82 46.11 21.63
C VAL A 170 -4.20 44.70 21.29
N GLN A 171 -5.41 44.31 21.72
CA GLN A 171 -5.80 42.92 21.71
C GLN A 171 -5.57 42.27 20.36
N CYS A 172 -5.60 43.07 19.30
CA CYS A 172 -5.34 42.54 17.97
C CYS A 172 -3.85 42.42 17.71
N LYS A 173 -3.07 43.34 18.26
CA LYS A 173 -1.63 43.27 18.08
C LYS A 173 -1.06 41.98 18.61
N MET A 174 -1.61 41.49 19.70
CA MET A 174 -1.02 40.38 20.42
C MET A 174 -1.69 39.05 20.11
N ASP A 175 -2.61 39.02 19.17
CA ASP A 175 -3.27 37.81 18.72
C ASP A 175 -4.08 37.15 19.81
N PHE A 176 -4.84 37.90 20.60
CA PHE A 176 -5.93 37.33 21.35
C PHE A 176 -5.46 36.26 22.31
N LYS A 177 -4.19 36.28 22.67
CA LYS A 177 -3.64 35.38 23.67
C LYS A 177 -3.09 36.25 24.76
N ILE A 178 -3.72 36.25 25.93
CA ILE A 178 -3.23 37.01 27.06
C ILE A 178 -3.42 36.19 28.32
N PHE A 179 -2.35 35.96 29.05
CA PHE A 179 -2.37 35.04 30.16
C PHE A 179 -2.12 35.78 31.45
N TRP A 180 -3.01 35.62 32.40
CA TRP A 180 -2.90 36.33 33.66
C TRP A 180 -2.36 35.39 34.70
N LEU A 181 -1.56 35.90 35.62
CA LEU A 181 -1.16 35.17 36.80
C LEU A 181 -1.29 36.05 38.02
N ASN A 182 -0.95 35.48 39.16
CA ASN A 182 -0.69 36.26 40.34
C ASN A 182 0.48 35.64 41.06
N LEU A 183 1.49 36.42 41.32
CA LEU A 183 2.53 35.97 42.21
C LEU A 183 2.25 36.37 43.63
N LYS A 184 1.03 36.85 43.88
CA LYS A 184 0.62 37.42 45.15
C LYS A 184 1.12 36.59 46.32
N ASN A 185 1.09 35.28 46.20
CA ASN A 185 1.84 34.43 47.10
C ASN A 185 2.89 33.75 46.25
N CYS A 186 4.12 34.24 46.32
CA CYS A 186 5.23 33.57 45.68
C CYS A 186 6.44 33.67 46.59
N ASN A 187 6.89 32.55 47.13
CA ASN A 187 8.09 32.49 47.92
C ASN A 187 8.65 31.09 47.84
N SER A 188 9.97 30.95 47.86
CA SER A 188 10.60 29.64 47.94
C SER A 188 10.36 28.87 46.67
N PRO A 189 11.15 27.85 46.39
CA PRO A 189 10.94 27.10 45.15
C PRO A 189 9.57 26.47 45.06
N GLU A 190 9.09 25.83 46.12
CA GLU A 190 7.84 25.08 46.02
C GLU A 190 6.75 25.92 45.39
N THR A 191 6.40 27.02 46.04
CA THR A 191 5.30 27.84 45.56
C THR A 191 5.47 28.20 44.10
N VAL A 192 6.68 28.64 43.72
CA VAL A 192 6.92 29.00 42.33
C VAL A 192 6.47 27.89 41.42
N LEU A 193 6.89 26.65 41.70
CA LEU A 193 6.51 25.54 40.86
C LEU A 193 5.01 25.54 40.63
N GLU A 194 4.24 25.71 41.69
CA GLU A 194 2.80 25.80 41.53
C GLU A 194 2.47 26.89 40.55
N MET A 195 2.62 28.13 41.00
CA MET A 195 2.05 29.23 40.23
C MET A 195 2.69 29.29 38.86
N LEU A 196 3.80 28.59 38.68
CA LEU A 196 4.28 28.36 37.34
C LEU A 196 3.49 27.25 36.68
N GLN A 197 3.29 26.14 37.37
CA GLN A 197 2.74 25.00 36.68
C GLN A 197 1.34 25.29 36.18
N LYS A 198 0.58 26.09 36.92
CA LYS A 198 -0.72 26.52 36.41
C LYS A 198 -0.56 27.10 35.02
N LEU A 199 0.34 28.07 34.88
CA LEU A 199 0.53 28.70 33.58
C LEU A 199 0.69 27.66 32.50
N LEU A 200 1.31 26.54 32.83
CA LEU A 200 1.54 25.56 31.79
C LEU A 200 0.22 25.07 31.21
N TYR A 201 -0.73 24.72 32.08
CA TYR A 201 -1.96 24.13 31.57
C TYR A 201 -2.67 25.07 30.63
N GLN A 202 -2.75 26.36 30.98
CA GLN A 202 -3.50 27.26 30.12
C GLN A 202 -2.97 27.26 28.70
N ILE A 203 -1.69 26.99 28.51
CA ILE A 203 -1.16 27.07 27.16
C ILE A 203 -1.60 25.84 26.37
N ASP A 204 -1.40 24.68 26.88
CA ASP A 204 -1.89 23.48 26.21
C ASP A 204 -2.43 22.59 27.30
N PRO A 205 -3.57 21.95 27.10
CA PRO A 205 -3.99 20.95 28.07
C PRO A 205 -3.36 19.60 27.81
N ASN A 206 -2.05 19.57 27.54
CA ASN A 206 -1.34 18.32 27.62
C ASN A 206 0.00 18.57 28.28
N TRP A 207 0.19 18.03 29.48
CA TRP A 207 1.56 17.90 29.94
C TRP A 207 1.71 16.60 30.69
N THR A 208 2.60 15.75 30.19
CA THR A 208 2.94 14.52 30.88
C THR A 208 4.01 14.86 31.91
N SER A 209 3.95 14.16 33.04
CA SER A 209 4.89 14.28 34.13
C SER A 209 6.30 13.85 33.73
N ARG A 210 6.47 13.44 32.47
CA ARG A 210 7.55 12.55 32.06
C ARG A 210 8.90 12.91 32.66
N SER A 211 9.22 14.19 32.71
CA SER A 211 10.43 14.59 33.40
C SER A 211 10.34 14.19 34.87
N ASP A 212 11.33 13.44 35.33
CA ASP A 212 11.14 12.62 36.52
C ASP A 212 10.78 13.46 37.74
N HIS A 213 10.18 12.81 38.71
CA HIS A 213 9.62 13.43 39.89
C HIS A 213 10.71 13.62 40.92
N SER A 214 11.96 13.47 40.49
CA SER A 214 13.12 13.44 41.37
C SER A 214 13.04 14.54 42.40
N SER A 215 13.30 14.18 43.65
CA SER A 215 12.94 15.01 44.79
C SER A 215 13.61 16.37 44.78
N ASN A 216 14.53 16.60 43.85
CA ASN A 216 15.18 17.90 43.83
C ASN A 216 14.25 18.90 43.19
N ILE A 217 13.69 19.75 44.03
CA ILE A 217 12.77 20.79 43.60
C ILE A 217 13.45 21.78 42.68
N LYS A 218 14.69 22.11 43.01
CA LYS A 218 15.41 23.08 42.21
C LYS A 218 15.59 22.58 40.79
N LEU A 219 16.05 21.34 40.65
CA LEU A 219 16.12 20.78 39.31
C LEU A 219 14.77 20.83 38.63
N ARG A 220 13.73 20.42 39.34
CA ARG A 220 12.48 20.07 38.68
C ARG A 220 11.94 21.22 37.88
N ILE A 221 11.81 22.40 38.49
CA ILE A 221 11.27 23.52 37.72
C ILE A 221 12.12 23.75 36.50
N HIS A 222 13.43 23.68 36.65
CA HIS A 222 14.28 24.03 35.53
C HIS A 222 14.06 23.05 34.39
N SER A 223 13.38 21.94 34.66
CA SER A 223 12.90 21.12 33.56
C SER A 223 11.64 21.70 32.96
N ILE A 224 10.66 22.05 33.81
CA ILE A 224 9.45 22.67 33.29
C ILE A 224 9.80 23.91 32.51
N GLN A 225 10.50 24.83 33.16
CA GLN A 225 10.84 26.08 32.55
C GLN A 225 11.48 25.88 31.18
N ALA A 226 12.27 24.83 31.04
CA ALA A 226 12.68 24.45 29.71
C ALA A 226 11.48 24.13 28.85
N GLU A 227 10.78 23.05 29.18
CA GLU A 227 9.67 22.57 28.33
C GLU A 227 8.77 23.71 27.92
N LEU A 228 8.55 24.65 28.83
CA LEU A 228 7.81 25.83 28.48
C LEU A 228 8.54 26.65 27.42
N ARG A 229 9.78 27.05 27.71
CA ARG A 229 10.45 28.03 26.88
C ARG A 229 10.36 27.68 25.42
N ARG A 230 10.67 26.45 25.06
CA ARG A 230 10.53 26.06 23.67
C ARG A 230 9.12 26.30 23.19
N LEU A 231 8.15 25.69 23.86
CA LEU A 231 6.79 25.69 23.35
C LEU A 231 6.31 27.11 23.10
N LEU A 232 6.58 28.01 24.02
CA LEU A 232 6.06 29.37 23.88
C LEU A 232 6.53 30.00 22.59
N LYS A 233 7.82 30.32 22.49
CA LYS A 233 8.29 31.01 21.31
C LYS A 233 8.19 30.17 20.06
N SER A 234 7.96 28.87 20.21
CA SER A 234 7.97 27.98 19.07
C SER A 234 6.94 28.40 18.04
N LYS A 235 5.69 28.17 18.34
CA LYS A 235 4.66 28.09 17.32
C LYS A 235 3.93 29.41 17.26
N PRO A 236 2.91 29.53 16.42
CA PRO A 236 1.83 30.45 16.74
C PRO A 236 1.48 30.23 18.18
N TYR A 237 1.09 31.29 18.89
CA TYR A 237 1.69 31.69 20.16
C TYR A 237 3.02 32.39 19.96
N GLU A 238 3.27 33.00 18.80
CA GLU A 238 4.53 33.71 18.66
C GLU A 238 4.50 35.02 19.41
N ASN A 239 3.37 35.69 19.38
CA ASN A 239 3.19 36.93 20.11
C ASN A 239 2.17 36.67 21.21
N CYS A 240 2.64 36.56 22.43
CA CYS A 240 1.76 36.49 23.57
C CYS A 240 2.33 37.43 24.60
N LEU A 241 1.56 37.72 25.63
CA LEU A 241 2.16 38.34 26.79
C LEU A 241 1.65 37.67 28.04
N LEU A 242 2.57 37.25 28.87
CA LEU A 242 2.23 37.01 30.24
C LEU A 242 1.86 38.34 30.88
N VAL A 243 1.19 38.27 32.00
CA VAL A 243 1.08 39.44 32.86
C VAL A 243 1.33 38.95 34.26
N LEU A 244 2.03 39.73 35.05
CA LEU A 244 2.33 39.35 36.40
C LEU A 244 1.78 40.43 37.30
N LEU A 245 0.91 40.06 38.20
CA LEU A 245 0.36 41.02 39.13
C LEU A 245 1.01 40.83 40.48
N ASN A 246 1.45 41.92 41.06
CA ASN A 246 2.00 41.91 42.41
C ASN A 246 3.23 41.01 42.50
N VAL A 247 4.19 41.25 41.61
CA VAL A 247 5.44 40.51 41.72
C VAL A 247 6.01 40.73 43.10
N GLN A 248 6.14 39.66 43.88
CA GLN A 248 6.62 39.77 45.25
C GLN A 248 8.04 39.32 45.55
N ASN A 249 8.64 38.56 44.65
CA ASN A 249 10.00 38.09 44.86
C ASN A 249 10.90 38.63 43.77
N ALA A 250 12.02 39.23 44.16
CA ALA A 250 12.87 39.75 43.19
C ALA A 250 13.43 38.77 42.41
N ALA A 252 11.73 35.49 41.82
CA ALA A 252 10.56 35.14 41.18
C ALA A 252 10.81 35.48 39.80
N TRP A 253 10.66 36.87 39.66
CA TRP A 253 10.89 37.24 38.28
C TRP A 253 11.58 36.10 37.54
N ASN A 254 12.81 35.78 37.93
CA ASN A 254 13.67 34.93 37.12
C ASN A 254 13.05 33.58 36.88
N ALA A 255 12.00 33.26 37.60
CA ALA A 255 11.17 32.16 37.20
C ALA A 255 10.84 32.30 35.73
N PHE A 256 10.15 33.37 35.37
CA PHE A 256 9.41 33.44 34.13
C PHE A 256 10.20 34.03 32.98
N ASN A 257 11.48 34.34 33.17
CA ASN A 257 12.29 35.10 32.23
C ASN A 257 12.09 34.65 30.79
N LEU A 258 11.93 33.35 30.61
CA LEU A 258 12.00 32.69 29.31
C LEU A 258 11.15 33.37 28.23
N SER A 259 10.10 34.06 28.63
CA SER A 259 9.02 34.37 27.72
C SER A 259 9.36 35.55 26.86
N CYS A 260 8.30 36.09 26.28
CA CYS A 260 8.33 37.36 25.60
C CYS A 260 7.28 38.29 26.18
N LYS A 261 7.46 39.57 25.91
CA LYS A 261 6.40 40.56 26.03
C LYS A 261 5.79 40.64 27.40
N ILE A 262 6.48 40.24 28.46
CA ILE A 262 5.79 40.17 29.72
C ILE A 262 5.57 41.57 30.27
N LEU A 263 4.92 41.64 31.42
CA LEU A 263 4.48 42.91 31.98
C LEU A 263 4.41 42.76 33.48
N LEU A 264 4.67 43.83 34.22
CA LEU A 264 4.80 43.71 35.65
C LEU A 264 3.92 44.71 36.38
N THR A 265 3.77 44.46 37.66
CA THR A 265 3.23 45.41 38.61
C THR A 265 3.99 45.18 39.89
N THR A 266 4.41 46.17 40.51
CA THR A 266 5.18 45.95 41.71
C THR A 266 5.04 47.09 42.69
N ARG A 267 4.88 46.74 43.95
CA ARG A 267 5.06 47.70 45.02
C ARG A 267 6.53 47.99 45.25
N PHE A 268 7.32 46.94 45.44
CA PHE A 268 8.61 47.07 46.09
C PHE A 268 9.60 47.82 45.23
N LYS A 269 10.28 48.77 45.86
CA LYS A 269 11.36 49.52 45.24
C LYS A 269 12.39 48.59 44.63
N GLN A 270 12.75 47.52 45.34
CA GLN A 270 13.89 46.72 44.91
C GLN A 270 13.66 46.07 43.57
N VAL A 271 12.41 45.89 43.16
CA VAL A 271 12.16 45.41 41.80
C VAL A 271 12.44 46.51 40.81
N THR A 272 11.67 47.60 40.85
CA THR A 272 11.84 48.64 39.86
C THR A 272 13.26 49.15 39.81
N ASP A 273 14.05 48.92 40.86
CA ASP A 273 15.46 49.21 40.78
C ASP A 273 16.22 48.10 40.08
N PHE A 274 15.86 46.86 40.33
CA PHE A 274 16.57 45.70 39.79
C PHE A 274 16.55 45.71 38.26
N LEU A 275 15.41 46.05 37.68
CA LEU A 275 15.34 46.28 36.24
C LEU A 275 16.01 47.60 35.89
N SER A 276 16.34 47.77 34.62
CA SER A 276 17.04 48.96 34.16
C SER A 276 16.49 49.41 32.81
N ALA A 277 16.48 50.72 32.59
CA ALA A 277 15.79 51.28 31.42
C ALA A 277 16.36 50.74 30.13
N ALA A 278 17.52 50.09 30.17
CA ALA A 278 18.09 49.55 28.96
C ALA A 278 17.13 48.60 28.27
N THR A 279 16.68 47.56 28.98
CA THR A 279 15.83 46.58 28.32
C THR A 279 14.36 46.81 28.63
N THR A 280 14.04 47.74 29.51
CA THR A 280 12.65 47.93 29.91
C THR A 280 12.31 49.41 29.91
N THR A 281 11.03 49.71 30.00
CA THR A 281 10.53 51.04 30.25
C THR A 281 10.00 51.11 31.67
N HIS A 282 9.45 52.26 32.03
CA HIS A 282 8.74 52.42 33.29
C HIS A 282 7.39 53.05 33.03
N ILE A 283 6.45 52.79 33.93
CA ILE A 283 5.31 53.64 34.16
C ILE A 283 5.18 53.82 35.67
N SER A 284 5.37 55.03 36.15
CA SER A 284 5.22 55.27 37.57
C SER A 284 3.84 55.83 37.79
N LEU A 285 3.18 55.40 38.85
CA LEU A 285 1.91 56.04 39.16
C LEU A 285 2.02 57.08 40.26
N ASP A 286 3.19 57.30 40.84
CA ASP A 286 3.35 58.35 41.83
C ASP A 286 3.57 59.71 41.18
N HIS A 287 4.19 59.69 40.01
CA HIS A 287 4.53 60.92 39.30
C HIS A 287 3.26 61.75 39.15
N HIS A 288 3.34 62.98 39.65
CA HIS A 288 2.13 63.72 39.98
C HIS A 288 1.24 63.92 38.76
N SER A 289 1.83 63.95 37.58
CA SER A 289 1.03 64.17 36.38
C SER A 289 0.17 62.94 36.07
N MET A 290 0.55 61.79 36.62
CA MET A 290 -0.14 60.56 36.24
C MET A 290 -1.39 60.34 37.05
N THR A 291 -1.54 61.04 38.17
CA THR A 291 -2.46 60.55 39.19
C THR A 291 -3.76 61.33 39.44
N LEU A 292 -4.99 60.75 39.10
CA LEU A 292 -6.30 61.14 39.59
C LEU A 292 -6.46 62.66 39.63
N THR A 293 -6.64 63.20 38.43
CA THR A 293 -7.13 64.56 38.28
C THR A 293 -8.33 64.73 39.19
N PRO A 294 -8.37 65.75 40.02
CA PRO A 294 -9.48 65.88 40.97
C PRO A 294 -10.83 65.80 40.31
N ASP A 295 -10.90 66.11 39.02
CA ASP A 295 -12.13 65.88 38.28
C ASP A 295 -12.47 64.40 38.25
N GLU A 296 -11.46 63.54 38.20
CA GLU A 296 -11.74 62.12 38.18
C GLU A 296 -12.40 61.67 39.47
N VAL A 297 -11.84 62.07 40.61
CA VAL A 297 -12.36 61.63 41.90
C VAL A 297 -13.87 61.82 41.94
N LYS A 298 -14.34 62.92 41.39
CA LYS A 298 -15.78 63.10 41.24
C LYS A 298 -16.42 61.88 40.62
N SER A 299 -15.94 61.48 39.45
CA SER A 299 -16.60 60.39 38.75
C SER A 299 -16.51 59.10 39.54
N LEU A 300 -15.32 58.74 40.00
CA LEU A 300 -15.19 57.54 40.82
C LEU A 300 -16.06 57.62 42.06
N LEU A 301 -15.84 58.65 42.87
CA LEU A 301 -16.58 58.74 44.11
C LEU A 301 -18.07 58.83 43.85
N LEU A 302 -18.45 59.09 42.59
CA LEU A 302 -19.86 59.11 42.26
C LEU A 302 -20.45 57.71 42.28
N LYS A 303 -19.85 56.79 41.53
CA LYS A 303 -20.53 55.55 41.20
C LYS A 303 -20.88 54.74 42.44
N TYR A 304 -20.22 54.98 43.55
CA TYR A 304 -20.61 54.30 44.76
C TYR A 304 -21.81 54.97 45.42
N LEU A 305 -21.77 56.28 45.55
CA LEU A 305 -22.81 56.94 46.32
C LEU A 305 -24.12 57.09 45.57
N ASP A 306 -24.08 57.14 44.25
CA ASP A 306 -25.30 57.21 43.44
C ASP A 306 -26.13 58.44 43.79
N CYS A 307 -25.50 59.60 43.74
CA CYS A 307 -26.17 60.85 44.09
C CYS A 307 -25.59 61.98 43.26
N ARG A 308 -26.37 63.01 43.13
CA ARG A 308 -26.07 64.12 42.25
C ARG A 308 -24.73 64.76 42.62
N PRO A 309 -24.12 65.50 41.69
CA PRO A 309 -22.83 66.15 42.00
C PRO A 309 -22.94 67.17 43.13
N GLN A 310 -24.14 67.62 43.47
CA GLN A 310 -24.29 68.41 44.68
C GLN A 310 -23.93 67.60 45.91
N ASP A 311 -24.03 66.28 45.83
CA ASP A 311 -23.77 65.40 46.95
C ASP A 311 -22.33 64.93 47.02
N LEU A 312 -21.49 65.51 46.18
CA LEU A 312 -20.05 65.19 46.14
C LEU A 312 -19.31 65.76 47.35
N PRO A 313 -18.23 65.02 47.81
CA PRO A 313 -17.53 65.60 48.97
C PRO A 313 -16.73 66.87 48.66
N ARG A 314 -16.62 67.76 49.65
CA ARG A 314 -15.89 69.02 49.50
C ARG A 314 -14.74 69.11 50.50
N GLU A 315 -13.56 69.50 50.02
CA GLU A 315 -12.38 69.60 50.88
C GLU A 315 -11.21 68.73 50.40
N VAL A 316 -11.47 67.90 49.39
CA VAL A 316 -10.48 67.01 48.76
C VAL A 316 -9.80 66.01 49.71
N LEU A 317 -10.31 64.78 49.66
CA LEU A 317 -9.85 63.65 50.46
C LEU A 317 -8.47 62.99 50.23
N THR A 318 -8.04 62.84 48.98
CA THR A 318 -6.82 62.10 48.69
C THR A 318 -6.91 61.65 47.25
N THR A 319 -5.82 61.30 46.54
CA THR A 319 -5.89 60.47 45.35
C THR A 319 -5.12 59.21 45.67
N ASN A 320 -5.85 58.15 45.98
CA ASN A 320 -5.41 56.81 45.81
C ASN A 320 -6.76 56.21 45.53
N PRO A 321 -6.87 55.31 44.58
CA PRO A 321 -8.13 54.59 44.48
C PRO A 321 -8.39 53.74 45.68
N ARG A 322 -7.41 52.97 46.10
CA ARG A 322 -7.54 52.33 47.39
C ARG A 322 -7.65 53.41 48.45
N ARG A 323 -8.36 53.09 49.52
CA ARG A 323 -8.69 54.02 50.59
C ARG A 323 -9.64 55.07 50.10
N LEU A 324 -9.75 55.23 48.79
CA LEU A 324 -10.85 56.05 48.37
C LEU A 324 -12.11 55.22 48.34
N SER A 325 -12.00 53.99 47.82
CA SER A 325 -13.15 53.13 47.83
C SER A 325 -13.67 52.90 49.23
N ILE A 326 -12.79 52.50 50.15
CA ILE A 326 -13.25 52.19 51.49
C ILE A 326 -14.14 53.30 52.04
N ILE A 327 -13.71 54.55 51.86
CA ILE A 327 -14.60 55.66 52.15
C ILE A 327 -15.89 55.50 51.36
N ALA A 328 -15.77 55.56 50.04
CA ALA A 328 -16.95 55.51 49.19
C ALA A 328 -17.83 54.34 49.55
N GLU A 329 -17.23 53.22 49.93
CA GLU A 329 -18.04 52.07 50.28
C GLU A 329 -18.65 52.22 51.65
N SER A 330 -17.85 52.65 52.62
CA SER A 330 -18.36 52.77 53.98
C SER A 330 -19.57 53.66 54.05
N ILE A 331 -19.70 54.60 53.12
CA ILE A 331 -20.85 55.48 53.17
C ILE A 331 -22.06 54.84 52.54
N ARG A 332 -21.90 54.18 51.39
CA ARG A 332 -23.06 53.56 50.77
C ARG A 332 -23.69 52.54 51.70
N ASP A 333 -22.97 52.11 52.72
CA ASP A 333 -23.53 51.13 53.62
C ASP A 333 -23.38 51.52 55.08
N GLY A 334 -22.17 51.51 55.58
CA GLY A 334 -21.93 51.51 57.01
C GLY A 334 -22.00 52.91 57.58
N LEU A 335 -21.19 53.14 58.59
CA LEU A 335 -21.19 54.41 59.28
C LEU A 335 -20.38 55.44 58.50
N ALA A 336 -20.06 56.53 59.19
CA ALA A 336 -19.24 57.68 58.81
C ALA A 336 -20.03 58.80 58.15
N THR A 337 -21.32 58.59 57.84
CA THR A 337 -22.21 59.71 57.52
C THR A 337 -21.75 60.47 56.28
N TRP A 338 -20.58 60.10 55.80
CA TRP A 338 -19.78 60.81 54.81
C TRP A 338 -19.27 62.11 55.41
N ASP A 339 -19.87 62.55 56.50
CA ASP A 339 -19.40 63.72 57.22
C ASP A 339 -18.65 63.36 58.50
N ASN A 340 -18.62 62.09 58.89
CA ASN A 340 -18.12 61.73 60.22
C ASN A 340 -16.62 61.44 60.24
N TRP A 341 -16.29 60.53 59.33
CA TRP A 341 -15.07 59.78 59.15
C TRP A 341 -13.76 60.26 59.74
N LYS A 342 -13.47 59.56 60.82
CA LYS A 342 -12.27 59.59 61.61
C LYS A 342 -11.92 58.11 61.64
N HIS A 343 -12.95 57.30 61.97
CA HIS A 343 -12.84 55.84 62.03
C HIS A 343 -12.54 55.20 60.67
N VAL A 344 -13.21 55.64 59.61
CA VAL A 344 -12.89 55.06 58.31
C VAL A 344 -12.63 53.56 58.44
N ASN A 345 -13.67 52.81 58.79
CA ASN A 345 -13.77 51.37 58.52
C ASN A 345 -12.43 50.67 58.76
N CYS A 346 -11.86 50.95 59.94
CA CYS A 346 -10.46 50.63 60.19
C CYS A 346 -10.13 49.23 59.71
N ASP A 347 -11.03 48.27 59.93
CA ASP A 347 -10.75 46.87 59.66
C ASP A 347 -10.16 46.64 58.27
N LYS A 348 -10.96 46.88 57.22
CA LYS A 348 -10.44 46.70 55.86
C LYS A 348 -9.19 47.52 55.66
N LEU A 349 -9.27 48.82 55.94
CA LEU A 349 -8.10 49.65 55.90
C LEU A 349 -6.95 49.02 56.67
N THR A 350 -7.23 48.57 57.90
CA THR A 350 -6.21 47.83 58.64
C THR A 350 -5.83 46.55 57.92
N THR A 351 -6.81 45.67 57.70
CA THR A 351 -6.50 44.32 57.24
C THR A 351 -5.67 44.35 55.96
N ILE A 352 -5.86 45.39 55.15
CA ILE A 352 -5.01 45.57 53.99
C ILE A 352 -3.65 46.11 54.40
N ILE A 353 -3.63 47.19 55.18
CA ILE A 353 -2.36 47.78 55.54
C ILE A 353 -1.59 46.85 56.46
N GLU A 354 -2.29 46.09 57.29
CA GLU A 354 -1.59 45.28 58.27
C GLU A 354 -0.73 44.22 57.61
N SER A 355 -1.35 43.33 56.85
CA SER A 355 -0.58 42.30 56.18
C SER A 355 0.48 42.93 55.28
N SER A 356 0.18 44.11 54.74
CA SER A 356 1.10 44.78 53.84
C SER A 356 2.42 45.08 54.54
N LEU A 357 2.41 45.08 55.87
CA LEU A 357 3.65 45.28 56.60
C LEU A 357 4.28 43.97 57.01
N ASN A 358 3.62 42.85 56.74
CA ASN A 358 4.04 41.58 57.30
C ASN A 358 5.43 41.16 56.85
N VAL A 359 6.04 41.90 55.92
CA VAL A 359 7.29 41.45 55.33
C VAL A 359 8.45 41.57 56.32
N LEU A 360 8.39 42.53 57.21
CA LEU A 360 9.58 42.97 57.94
C LEU A 360 9.96 42.03 59.08
N GLU A 361 11.21 42.16 59.55
CA GLU A 361 11.73 41.49 60.72
C GLU A 361 11.10 42.10 61.97
N PRO A 362 10.29 41.35 62.73
CA PRO A 362 9.38 42.00 63.66
C PRO A 362 10.06 42.79 64.76
N ALA A 363 10.99 42.18 65.48
CA ALA A 363 11.65 42.90 66.56
C ALA A 363 12.72 43.81 66.00
N GLU A 364 13.48 43.30 65.05
CA GLU A 364 14.44 44.10 64.32
C GLU A 364 13.82 45.35 63.73
N TYR A 365 12.58 45.27 63.24
CA TYR A 365 12.01 46.37 62.48
C TYR A 365 10.63 46.78 62.96
N ARG A 366 9.64 45.87 62.92
CA ARG A 366 8.28 46.31 63.18
C ARG A 366 8.17 47.06 64.50
N LYS A 367 9.08 46.82 65.44
CA LYS A 367 9.20 47.74 66.56
C LYS A 367 9.37 49.17 66.11
N MET A 368 10.00 49.36 64.96
CA MET A 368 10.53 50.68 64.63
C MET A 368 9.50 51.63 64.06
N PHE A 369 8.58 51.14 63.21
CA PHE A 369 7.44 51.97 62.85
C PHE A 369 6.77 52.55 64.08
N ASP A 370 6.50 51.68 65.06
CA ASP A 370 5.84 52.11 66.28
C ASP A 370 6.45 53.38 66.81
N ARG A 371 7.77 53.50 66.71
CA ARG A 371 8.41 54.76 67.01
C ARG A 371 7.91 55.88 66.12
N LEU A 372 7.83 55.62 64.81
CA LEU A 372 7.59 56.72 63.88
C LEU A 372 6.32 57.48 64.16
N SER A 373 5.40 56.91 64.94
CA SER A 373 4.19 57.64 65.28
C SER A 373 4.49 58.92 66.03
N VAL A 374 5.71 59.05 66.55
CA VAL A 374 6.14 60.27 67.22
C VAL A 374 5.89 61.49 66.37
N PHE A 375 5.93 61.34 65.09
CA PHE A 375 6.11 62.51 64.26
C PHE A 375 4.78 63.11 63.83
N PRO A 376 4.68 64.44 63.81
CA PRO A 376 3.52 65.10 63.24
C PRO A 376 3.45 64.86 61.74
N PRO A 377 2.27 64.58 61.21
CA PRO A 377 2.17 64.08 59.83
C PRO A 377 2.72 65.05 58.80
N SER A 378 3.05 64.50 57.63
CA SER A 378 3.36 65.18 56.36
C SER A 378 4.69 65.92 56.36
N ALA A 379 5.40 66.01 57.48
CA ALA A 379 6.61 66.83 57.53
C ALA A 379 7.81 66.06 56.98
N HIS A 380 8.99 66.62 57.20
CA HIS A 380 10.25 65.93 56.99
C HIS A 380 10.91 65.70 58.32
N ILE A 381 11.67 64.63 58.44
CA ILE A 381 12.36 64.30 59.67
C ILE A 381 13.86 64.24 59.40
N PRO A 382 14.66 65.05 60.06
CA PRO A 382 16.12 64.94 59.92
C PRO A 382 16.60 63.56 60.35
N THR A 383 17.37 62.92 59.46
CA THR A 383 17.94 61.62 59.82
C THR A 383 18.79 61.70 61.07
N ILE A 384 19.62 62.73 61.20
CA ILE A 384 20.37 62.90 62.44
C ILE A 384 19.46 62.84 63.64
N LEU A 385 18.33 63.54 63.59
CA LEU A 385 17.36 63.48 64.66
C LEU A 385 16.86 62.05 64.87
N LEU A 386 16.66 61.33 63.76
CA LEU A 386 16.16 59.97 63.85
C LEU A 386 17.03 59.10 64.74
N SER A 387 18.30 59.46 64.90
CA SER A 387 19.23 58.62 65.64
C SER A 387 18.75 58.40 67.07
N LEU A 388 18.07 59.40 67.64
CA LEU A 388 17.69 59.31 69.04
C LEU A 388 16.66 58.24 69.30
N ILE A 389 15.62 58.19 68.48
CA ILE A 389 14.40 57.46 68.77
C ILE A 389 14.69 56.02 69.20
N TRP A 390 15.27 55.23 68.32
CA TRP A 390 15.34 53.81 68.64
C TRP A 390 16.40 53.54 69.70
N PHE A 391 17.66 53.64 69.30
CA PHE A 391 18.77 53.36 70.19
C PHE A 391 18.68 51.92 70.72
N ASP A 392 17.90 51.08 70.05
CA ASP A 392 17.95 49.64 70.29
C ASP A 392 19.06 48.99 69.48
N VAL A 393 19.21 49.38 68.22
CA VAL A 393 20.39 49.11 67.42
C VAL A 393 21.03 50.45 67.12
N ILE A 394 22.35 50.42 66.92
CA ILE A 394 23.19 51.58 67.22
C ILE A 394 23.93 52.05 65.98
N LYS A 395 24.39 53.31 66.06
CA LYS A 395 25.41 53.95 65.21
C LYS A 395 24.90 54.03 63.76
N SER A 396 25.73 53.68 62.77
CA SER A 396 25.39 53.88 61.37
C SER A 396 24.15 53.11 60.96
N ASP A 397 23.69 52.18 61.78
CA ASP A 397 22.54 51.37 61.44
C ASP A 397 21.36 52.24 61.02
N VAL A 398 21.30 53.48 61.53
CA VAL A 398 20.28 54.42 61.09
C VAL A 398 20.18 54.43 59.57
N MET A 399 21.21 54.90 58.89
CA MET A 399 21.19 54.88 57.44
C MET A 399 21.02 53.47 56.92
N VAL A 400 21.57 52.48 57.62
CA VAL A 400 21.32 51.10 57.24
C VAL A 400 19.85 50.79 57.35
N VAL A 401 19.24 51.18 58.46
CA VAL A 401 17.81 50.93 58.63
C VAL A 401 17.02 51.54 57.49
N VAL A 402 17.04 52.87 57.38
CA VAL A 402 16.18 53.53 56.41
C VAL A 402 16.30 52.85 55.06
N ASN A 403 17.53 52.60 54.63
CA ASN A 403 17.71 51.83 53.41
C ASN A 403 17.00 50.50 53.50
N LYS A 404 17.41 49.65 54.44
CA LYS A 404 16.75 48.37 54.63
C LYS A 404 15.26 48.55 54.70
N LEU A 405 14.84 49.65 55.30
CA LEU A 405 13.42 49.97 55.27
C LEU A 405 13.02 50.48 53.90
N HIS A 406 13.73 51.48 53.39
CA HIS A 406 13.33 52.16 52.18
C HIS A 406 13.05 51.22 51.03
N LYS A 407 13.81 50.14 50.91
CA LYS A 407 13.63 49.26 49.76
C LYS A 407 12.19 48.77 49.68
N TYR A 408 11.54 48.60 50.81
CA TYR A 408 10.12 48.34 50.77
C TYR A 408 9.39 49.65 50.51
N SER A 409 8.37 49.58 49.64
CA SER A 409 7.97 50.77 48.90
C SER A 409 7.64 51.90 49.84
N LEU A 410 8.40 52.98 49.72
CA LEU A 410 8.22 54.23 50.45
C LEU A 410 7.78 53.99 51.88
N VAL A 411 8.16 52.85 52.44
CA VAL A 411 7.79 52.66 53.83
C VAL A 411 8.64 53.60 54.66
N GLU A 412 9.80 53.98 54.16
CA GLU A 412 10.45 55.19 54.63
C GLU A 412 10.06 56.43 53.83
N LYS A 413 10.01 56.35 52.50
CA LYS A 413 9.80 57.50 51.61
C LYS A 413 10.96 58.52 51.68
N GLN A 414 12.05 58.16 51.02
CA GLN A 414 13.25 59.03 50.91
C GLN A 414 12.94 60.37 50.25
N PRO A 415 13.65 61.36 51.08
CA PRO A 415 13.83 62.67 50.45
C PRO A 415 15.25 62.82 49.91
N LYS A 416 16.18 62.12 50.57
CA LYS A 416 17.60 62.11 50.26
C LYS A 416 18.35 63.44 50.49
N GLU A 417 17.84 64.30 51.37
CA GLU A 417 18.70 65.33 51.94
C GLU A 417 18.62 65.38 53.48
N SER A 418 19.69 64.91 54.12
CA SER A 418 19.90 65.00 55.56
C SER A 418 18.68 64.66 56.41
N THR A 419 17.80 63.80 55.90
CA THR A 419 16.49 63.55 56.51
C THR A 419 15.84 62.26 56.04
N ILE A 420 14.65 62.00 56.58
CA ILE A 420 13.74 60.99 56.07
C ILE A 420 12.37 61.64 55.93
N SER A 421 11.50 61.05 55.12
CA SER A 421 10.17 61.62 54.92
C SER A 421 9.07 60.66 55.32
N ILE A 422 7.91 61.18 55.70
CA ILE A 422 6.85 60.28 56.14
C ILE A 422 6.59 59.24 55.06
N PRO A 423 6.40 57.95 55.53
CA PRO A 423 6.18 56.95 54.46
C PRO A 423 4.96 57.35 53.68
N SER A 424 3.92 57.81 54.36
CA SER A 424 2.74 58.26 53.65
C SER A 424 1.69 58.48 54.72
N ILE A 425 0.49 58.82 54.28
CA ILE A 425 -0.63 58.81 55.21
C ILE A 425 -0.89 57.38 55.69
N TYR A 426 -0.89 56.42 54.78
CA TYR A 426 -1.29 55.05 55.09
C TYR A 426 -0.50 54.45 56.21
N LEU A 427 0.76 54.15 55.93
CA LEU A 427 1.56 53.45 56.91
C LEU A 427 1.63 54.24 58.20
N GLU A 428 1.24 55.51 58.15
CA GLU A 428 0.90 56.27 59.35
C GLU A 428 -0.53 56.01 59.82
N LEU A 429 -1.33 56.27 58.84
CA LEU A 429 -2.73 56.36 59.22
C LEU A 429 -3.20 55.20 60.09
N LYS A 430 -2.47 54.09 60.13
CA LYS A 430 -3.06 52.84 60.61
C LYS A 430 -3.69 52.95 61.99
N VAL A 431 -2.89 52.97 63.05
CA VAL A 431 -3.45 53.05 64.39
C VAL A 431 -2.51 53.71 65.38
N LYS A 432 -3.07 54.54 66.27
CA LYS A 432 -2.88 54.35 67.70
C LYS A 432 -1.48 53.92 68.10
N LEU A 433 -0.56 54.89 68.17
CA LEU A 433 0.87 54.68 68.39
C LEU A 433 1.21 53.63 69.43
N GLU A 434 0.43 53.54 70.51
CA GLU A 434 0.75 52.63 71.62
C GLU A 434 2.15 52.92 72.14
N ASN A 435 3.05 51.95 71.97
CA ASN A 435 4.47 52.12 72.20
C ASN A 435 4.75 52.32 73.68
N GLU A 436 3.70 52.47 74.47
CA GLU A 436 3.74 52.38 75.93
C GLU A 436 4.72 53.42 76.47
N TYR A 437 5.82 53.00 77.11
CA TYR A 437 6.72 53.91 77.83
C TYR A 437 7.17 55.09 76.98
N ALA A 438 7.17 54.92 75.66
CA ALA A 438 7.95 55.78 74.78
C ALA A 438 7.74 57.26 75.06
N LEU A 439 6.48 57.68 75.18
CA LEU A 439 6.10 59.06 74.89
C LEU A 439 7.02 60.11 75.52
N HIS A 440 6.92 60.32 76.83
CA HIS A 440 7.64 61.43 77.47
C HIS A 440 9.11 61.45 77.09
N ARG A 441 9.87 60.47 77.55
CA ARG A 441 11.31 60.43 77.28
C ARG A 441 11.60 60.56 75.78
N SER A 442 10.84 59.86 74.95
CA SER A 442 11.07 59.95 73.51
C SER A 442 10.69 61.32 72.98
N ILE A 443 9.46 61.83 73.38
CA ILE A 443 9.12 63.22 73.04
C ILE A 443 9.98 64.20 73.81
N VAL A 444 10.08 64.03 75.13
CA VAL A 444 10.92 64.88 75.95
C VAL A 444 12.37 64.87 75.51
N ASP A 445 13.06 63.72 75.56
CA ASP A 445 14.49 63.71 75.31
C ASP A 445 14.83 64.18 73.90
N HIS A 446 13.90 63.99 72.96
CA HIS A 446 14.14 64.47 71.61
C HIS A 446 14.12 65.99 71.55
N TYR A 447 13.79 66.64 72.68
CA TYR A 447 14.01 68.08 72.80
C TYR A 447 15.50 68.36 72.91
N ASN A 448 16.31 67.32 72.87
CA ASN A 448 17.71 67.40 73.26
C ASN A 448 18.42 68.65 72.75
N ILE A 449 18.14 69.06 71.51
CA ILE A 449 18.93 70.11 70.87
C ILE A 449 18.93 71.50 71.56
N PRO A 450 17.77 72.19 71.66
CA PRO A 450 17.83 73.65 71.92
C PRO A 450 18.46 74.06 73.24
N LYS A 451 18.02 73.49 74.38
CA LYS A 451 18.27 74.14 75.67
C LYS A 451 19.74 74.48 75.89
N THR A 452 20.50 73.76 75.12
CA THR A 452 21.92 74.07 75.04
C THR A 452 22.12 75.53 74.62
N PHE A 453 21.73 75.87 73.40
CA PHE A 453 21.75 77.26 72.97
C PHE A 453 20.59 78.02 73.62
N ASP A 454 20.92 79.10 74.33
CA ASP A 454 19.84 79.93 74.85
C ASP A 454 19.93 81.36 74.31
N SER A 455 20.89 82.14 74.81
CA SER A 455 21.02 83.54 74.44
C SER A 455 22.47 83.85 74.09
N ASP A 456 22.67 84.47 72.93
CA ASP A 456 23.98 84.85 72.44
C ASP A 456 23.84 85.84 71.30
N ASP A 457 24.98 86.15 70.68
CA ASP A 457 25.03 87.09 69.57
C ASP A 457 24.51 86.47 68.28
N LEU A 458 24.10 87.32 67.36
CA LEU A 458 23.95 86.98 65.94
C LEU A 458 22.91 85.89 65.72
N ILE A 459 23.21 84.92 64.86
CA ILE A 459 22.26 83.92 64.38
C ILE A 459 22.66 82.54 64.89
N PRO A 460 21.79 81.93 65.67
CA PRO A 460 22.06 80.66 66.36
C PRO A 460 22.16 79.39 65.52
N PRO A 461 22.96 78.40 66.07
CA PRO A 461 23.01 77.17 65.27
C PRO A 461 21.78 76.40 65.73
N TYR A 462 20.74 76.54 64.92
CA TYR A 462 19.44 75.95 65.16
C TYR A 462 19.03 75.15 63.93
N LEU A 463 18.28 74.07 64.14
CA LEU A 463 18.32 72.97 63.18
C LEU A 463 17.29 73.16 62.09
N ASP A 464 17.79 73.48 60.89
CA ASP A 464 17.18 73.40 59.57
C ASP A 464 15.76 73.98 59.58
N GLN A 465 14.87 73.36 58.80
CA GLN A 465 13.48 73.80 58.70
C GLN A 465 12.52 72.93 59.50
N TYR A 466 12.99 71.86 60.15
CA TYR A 466 12.08 71.08 60.96
C TYR A 466 11.79 71.75 62.29
N PHE A 467 12.82 72.20 62.99
CA PHE A 467 12.57 72.79 64.31
C PHE A 467 11.69 74.01 64.39
N TYR A 468 11.77 74.87 63.39
CA TYR A 468 10.95 76.06 63.38
C TYR A 468 9.48 75.66 63.37
N SER A 469 9.16 74.50 62.80
CA SER A 469 7.77 74.12 62.71
C SER A 469 7.29 73.42 63.97
N HIS A 470 7.68 72.17 64.14
CA HIS A 470 6.99 71.29 65.06
C HIS A 470 7.63 71.17 66.43
N ILE A 471 8.74 71.89 66.67
CA ILE A 471 9.42 71.76 67.95
C ILE A 471 8.42 71.90 69.09
N GLY A 472 7.40 72.72 68.91
CA GLY A 472 6.38 72.85 69.93
C GLY A 472 5.57 71.58 70.10
N HIS A 473 5.38 70.83 69.02
CA HIS A 473 4.70 69.55 69.19
C HIS A 473 5.40 68.69 70.20
N HIS A 474 6.71 68.54 70.07
CA HIS A 474 7.44 67.81 71.09
C HIS A 474 7.24 68.41 72.48
N LEU A 475 6.99 69.70 72.55
CA LEU A 475 6.66 70.27 73.85
C LEU A 475 5.35 69.74 74.38
N LYS A 476 4.45 69.29 73.50
CA LYS A 476 3.13 68.84 73.94
C LYS A 476 3.21 67.80 75.04
N ASN A 477 4.28 67.02 75.06
CA ASN A 477 4.45 66.00 76.08
C ASN A 477 5.28 66.48 77.26
N ILE A 478 5.64 67.75 77.31
CA ILE A 478 6.61 68.20 78.30
C ILE A 478 5.91 69.13 79.30
N GLU A 479 6.63 69.54 80.34
CA GLU A 479 6.08 70.45 81.34
C GLU A 479 5.74 71.80 80.71
N HIS A 480 4.49 72.21 80.93
CA HIS A 480 3.97 73.42 80.28
C HIS A 480 4.68 74.66 80.78
N PRO A 481 4.78 74.90 82.09
CA PRO A 481 5.60 76.05 82.52
C PRO A 481 7.01 75.94 81.99
N GLU A 482 7.58 74.75 82.05
CA GLU A 482 8.90 74.53 81.47
C GLU A 482 8.88 74.84 79.99
N ARG A 483 7.75 74.64 79.31
CA ARG A 483 7.73 75.14 77.94
C ARG A 483 7.45 76.63 77.93
N MET A 484 6.47 77.10 78.72
CA MET A 484 6.12 78.52 78.70
C MET A 484 7.36 79.37 78.94
N THR A 485 8.30 78.84 79.72
CA THR A 485 9.65 79.36 79.71
C THR A 485 10.24 79.31 78.31
N LEU A 486 10.47 78.10 77.81
CA LEU A 486 11.19 77.88 76.56
C LEU A 486 10.30 77.71 75.35
N PHE A 487 8.98 77.87 75.48
CA PHE A 487 8.13 77.82 74.30
C PHE A 487 8.44 78.97 73.36
N ARG A 488 9.14 79.98 73.87
CA ARG A 488 9.67 81.06 73.06
C ARG A 488 8.56 81.84 72.35
N MET A 489 7.32 81.73 72.85
CA MET A 489 6.47 82.90 72.91
C MET A 489 7.24 84.04 73.55
N VAL A 490 7.94 83.71 74.63
CA VAL A 490 8.76 84.66 75.34
C VAL A 490 9.89 85.16 74.46
N PHE A 491 10.59 84.24 73.79
CA PHE A 491 11.87 84.58 73.16
C PHE A 491 11.57 85.14 71.77
N LEU A 492 11.97 86.40 71.57
CA LEU A 492 11.80 87.06 70.27
C LEU A 492 12.93 86.68 69.31
N ASP A 493 14.08 86.29 69.85
CA ASP A 493 15.27 85.97 69.06
C ASP A 493 15.01 84.80 68.10
N PHE A 494 14.88 83.60 68.66
CA PHE A 494 14.59 82.40 67.86
C PHE A 494 13.37 82.60 66.98
N ARG A 495 12.33 83.21 67.53
CA ARG A 495 10.99 83.04 67.00
C ARG A 495 10.87 83.55 65.56
N PHE A 496 11.37 84.75 65.29
CA PHE A 496 11.25 85.34 63.96
C PHE A 496 11.90 84.47 62.89
N LEU A 497 12.90 83.68 63.28
CA LEU A 497 13.70 82.95 62.30
C LEU A 497 12.87 81.90 61.57
N GLU A 498 11.68 81.58 62.08
CA GLU A 498 10.76 80.73 61.34
C GLU A 498 10.40 81.33 59.99
N GLN A 499 9.65 82.43 59.98
CA GLN A 499 9.19 83.09 58.77
C GLN A 499 10.32 83.69 57.96
N LYS A 500 11.53 83.65 58.48
CA LYS A 500 12.75 83.98 57.75
C LYS A 500 12.71 83.39 56.35
N ILE A 501 12.68 82.06 56.27
CA ILE A 501 12.63 81.33 55.01
C ILE A 501 11.35 81.63 54.25
N ARG A 502 10.30 82.06 54.95
CA ARG A 502 8.97 82.20 54.37
C ARG A 502 8.94 83.44 53.49
N HIS A 503 8.52 83.24 52.25
CA HIS A 503 8.35 84.32 51.30
C HIS A 503 7.13 84.03 50.46
N ASP A 504 6.84 84.94 49.54
CA ASP A 504 5.80 84.72 48.55
C ASP A 504 6.40 84.65 47.16
N SER A 505 5.93 83.69 46.37
CA SER A 505 6.12 83.81 44.94
C SER A 505 5.65 85.15 44.42
N THR A 506 4.47 85.60 44.84
CA THR A 506 3.75 86.65 44.13
C THR A 506 3.29 87.75 45.08
N ALA A 507 3.17 88.95 44.54
CA ALA A 507 2.65 90.15 45.18
C ALA A 507 3.29 90.51 46.52
N TRP A 508 2.47 91.05 47.42
CA TRP A 508 2.91 91.48 48.72
C TRP A 508 2.55 90.54 49.85
N ASN A 509 1.96 89.40 49.47
CA ASN A 509 1.46 88.36 50.39
C ASN A 509 2.32 87.09 50.57
N ALA A 510 1.66 86.04 51.08
CA ALA A 510 2.28 84.75 51.35
C ALA A 510 1.82 83.58 50.46
N SER A 511 2.80 82.79 50.02
CA SER A 511 2.63 81.63 49.16
C SER A 511 2.64 82.07 47.69
N GLY A 512 1.93 81.34 46.85
CA GLY A 512 2.46 81.03 45.55
C GLY A 512 3.75 80.25 45.68
N SER A 513 4.36 80.29 46.85
CA SER A 513 5.51 79.56 47.32
C SER A 513 5.20 79.01 48.70
N ILE A 514 5.20 79.90 49.70
CA ILE A 514 5.17 79.51 51.11
C ILE A 514 4.36 80.50 51.93
N LEU A 515 3.58 80.00 52.90
CA LEU A 515 2.84 80.90 53.77
C LEU A 515 3.78 81.57 54.78
N ASN A 516 3.29 82.66 55.33
CA ASN A 516 4.01 83.43 56.32
C ASN A 516 3.07 83.79 57.46
N THR A 517 2.79 82.81 58.33
CA THR A 517 1.92 82.93 59.53
C THR A 517 0.81 81.94 59.92
N LEU A 518 -0.34 81.90 59.24
CA LEU A 518 -1.41 81.05 59.80
C LEU A 518 -0.87 79.89 60.62
N GLN A 519 0.12 79.19 60.09
CA GLN A 519 0.79 78.17 60.87
C GLN A 519 1.19 78.79 62.19
N GLN A 520 2.04 79.80 62.09
CA GLN A 520 2.31 80.64 63.24
C GLN A 520 1.02 80.92 63.96
N LEU A 521 0.13 81.66 63.32
CA LEU A 521 -1.15 81.97 63.95
C LEU A 521 -1.79 80.72 64.51
N LYS A 522 -1.82 79.65 63.72
CA LYS A 522 -2.46 78.43 64.16
C LYS A 522 -1.84 77.91 65.44
N PHE A 523 -0.54 78.12 65.63
CA PHE A 523 0.05 77.77 66.92
C PHE A 523 -0.60 78.53 68.05
N TYR A 524 -1.10 79.73 67.76
CA TYR A 524 -1.31 80.65 68.85
C TYR A 524 -2.61 80.42 69.57
N LYS A 525 -3.56 79.74 68.93
CA LYS A 525 -4.76 79.32 69.65
C LYS A 525 -4.47 78.24 70.67
N PRO A 526 -3.89 77.09 70.29
CA PRO A 526 -3.72 76.02 71.28
C PRO A 526 -2.72 76.36 72.38
N TYR A 527 -1.60 76.97 72.02
CA TYR A 527 -0.41 76.91 72.86
C TYR A 527 -0.41 77.94 73.97
N ILE A 528 -1.52 78.63 74.17
CA ILE A 528 -1.70 79.55 75.28
C ILE A 528 -2.06 78.75 76.53
N CYS A 529 -1.91 77.43 76.46
CA CYS A 529 -2.50 76.50 77.43
C CYS A 529 -2.39 76.98 78.87
N ASP A 530 -1.17 77.32 79.31
CA ASP A 530 -0.95 77.89 80.64
C ASP A 530 -0.30 79.25 80.48
N ASN A 531 -1.07 80.31 80.77
CA ASN A 531 -0.56 81.68 80.71
C ASN A 531 -1.55 82.60 81.41
N ASP A 532 -1.21 83.88 81.45
CA ASP A 532 -1.99 84.90 82.14
C ASP A 532 -2.23 86.07 81.19
N PRO A 533 -3.05 87.04 81.56
CA PRO A 533 -3.30 88.17 80.64
C PRO A 533 -2.04 88.84 80.16
N LYS A 534 -0.99 88.88 80.99
CA LYS A 534 0.31 89.39 80.57
C LYS A 534 0.69 88.77 79.23
N TYR A 535 0.98 87.48 79.26
CA TYR A 535 1.41 86.78 78.06
C TYR A 535 0.30 86.75 77.02
N GLU A 536 -0.95 86.68 77.46
CA GLU A 536 -2.07 86.47 76.54
C GLU A 536 -2.30 87.70 75.68
N ARG A 537 -2.44 88.86 76.30
CA ARG A 537 -2.55 90.08 75.53
C ARG A 537 -1.27 90.40 74.78
N LEU A 538 -0.12 90.01 75.35
CA LEU A 538 1.15 90.12 74.65
C LEU A 538 1.06 89.50 73.26
N VAL A 539 0.64 88.23 73.18
CA VAL A 539 0.40 87.62 71.88
C VAL A 539 -0.70 88.35 71.14
N ASN A 540 -1.85 88.52 71.79
CA ASN A 540 -2.97 89.20 71.18
C ASN A 540 -2.51 90.47 70.50
N ALA A 541 -1.72 91.25 71.20
CA ALA A 541 -0.94 92.29 70.55
C ALA A 541 -0.16 91.72 69.39
N ILE A 542 0.86 90.90 69.65
CA ILE A 542 1.82 90.53 68.62
C ILE A 542 1.13 90.10 67.35
N LEU A 543 -0.09 89.59 67.47
CA LEU A 543 -0.91 89.40 66.30
C LEU A 543 -0.87 90.62 65.39
N ASP A 544 -0.84 91.82 65.97
CA ASP A 544 -0.67 93.02 65.18
C ASP A 544 0.56 93.01 64.29
N PHE A 545 1.74 92.77 64.85
CA PHE A 545 2.96 92.83 64.05
C PHE A 545 2.81 91.95 62.84
N LEU A 546 2.06 90.87 62.98
CA LEU A 546 2.05 89.83 61.96
C LEU A 546 1.68 90.35 60.60
N PRO A 547 0.55 91.04 60.40
CA PRO A 547 0.46 91.87 59.22
C PRO A 547 1.52 92.94 59.25
N LYS A 548 1.61 93.63 60.38
CA LYS A 548 2.38 94.86 60.46
C LYS A 548 3.82 94.65 60.03
N ILE A 549 4.42 93.53 60.44
CA ILE A 549 5.79 93.26 60.03
C ILE A 549 5.89 93.26 58.52
N GLU A 550 7.05 93.70 58.04
CA GLU A 550 7.36 93.81 56.63
C GLU A 550 8.38 92.74 56.25
N GLU A 551 8.21 92.26 55.02
CA GLU A 551 9.24 91.40 54.45
C GLU A 551 10.26 92.26 53.72
N ASN A 552 11.51 91.82 53.78
CA ASN A 552 12.66 92.69 53.76
C ASN A 552 13.81 91.89 53.16
N LEU A 553 15.03 92.39 53.34
CA LEU A 553 16.13 91.44 53.49
C LEU A 553 15.93 90.69 54.80
N ILE A 554 15.87 89.36 54.70
CA ILE A 554 15.35 88.59 55.82
C ILE A 554 16.40 88.49 56.90
N CYS A 555 16.05 88.99 58.10
CA CYS A 555 16.86 88.91 59.30
C CYS A 555 18.14 89.70 59.13
N SER A 556 18.52 89.97 57.89
CA SER A 556 19.49 91.00 57.63
C SER A 556 18.65 92.26 57.49
N LYS A 557 18.80 93.15 58.45
CA LYS A 557 17.67 93.92 58.97
C LYS A 557 16.67 92.96 59.63
N TYR A 558 17.07 92.53 60.81
CA TYR A 558 16.17 92.10 61.86
C TYR A 558 15.93 93.19 62.90
N THR A 559 16.55 94.36 62.72
CA THR A 559 16.84 95.28 63.80
C THR A 559 15.63 96.00 64.36
N ASP A 560 14.68 96.93 63.70
CA ASP A 560 13.38 97.59 63.92
C ASP A 560 12.39 96.76 64.74
N LEU A 561 12.23 95.48 64.38
CA LEU A 561 11.24 94.60 65.00
C LEU A 561 11.28 94.64 66.54
N LEU A 562 12.48 94.47 67.09
CA LEU A 562 12.69 94.46 68.53
C LEU A 562 12.11 95.68 69.22
N ARG A 563 12.47 96.86 68.73
CA ARG A 563 12.10 98.11 69.40
C ARG A 563 10.66 98.52 69.07
N ILE A 564 10.17 98.13 67.90
CA ILE A 564 8.79 98.47 67.52
C ILE A 564 7.82 97.47 68.13
N ALA A 565 8.36 96.46 68.80
CA ALA A 565 7.54 95.59 69.63
C ALA A 565 7.10 96.37 70.88
N LEU A 566 7.77 97.50 71.12
CA LEU A 566 7.52 98.32 72.30
C LEU A 566 6.57 99.49 72.03
N MET A 567 6.05 99.58 70.81
CA MET A 567 5.12 100.66 70.45
C MET A 567 3.98 100.78 71.45
N ALA A 568 3.12 99.76 71.49
CA ALA A 568 2.16 99.62 72.58
C ALA A 568 2.67 98.52 73.49
N GLU A 569 3.12 98.89 74.68
CA GLU A 569 3.86 97.95 75.51
C GLU A 569 3.11 97.50 76.76
N ASP A 570 2.62 96.26 76.71
CA ASP A 570 2.23 95.53 77.91
C ASP A 570 3.35 94.55 78.26
N GLU A 571 4.40 94.57 77.45
CA GLU A 571 5.40 93.51 77.44
C GLU A 571 6.70 93.86 78.16
N ALA A 572 7.22 92.90 78.91
CA ALA A 572 8.53 93.02 79.55
C ALA A 572 9.62 92.39 78.68
N ILE A 573 9.23 91.95 77.49
CA ILE A 573 10.11 91.21 76.59
C ILE A 573 11.44 91.90 76.30
N PHE A 574 11.40 93.14 75.84
CA PHE A 574 12.62 93.85 75.47
C PHE A 574 13.48 94.13 76.71
N GLU A 575 12.84 94.20 77.86
CA GLU A 575 13.55 94.38 79.13
C GLU A 575 14.31 93.09 79.45
N GLU A 576 13.79 91.96 78.97
CA GLU A 576 14.46 90.68 79.12
C GLU A 576 15.48 90.51 78.01
N ALA A 577 15.37 91.35 76.99
CA ALA A 577 16.32 91.34 75.88
C ALA A 577 17.55 92.20 76.21
N HIS A 578 17.56 92.74 77.42
CA HIS A 578 18.66 93.56 77.90
C HIS A 578 19.97 92.79 78.00
N LYS A 579 19.88 91.46 77.97
CA LYS A 579 21.05 90.61 78.07
C LYS A 579 21.62 90.25 76.69
N GLN A 580 20.95 90.73 75.64
CA GLN A 580 21.36 90.44 74.28
C GLN A 580 21.55 91.71 73.43
N VAL A 581 20.50 92.52 73.30
CA VAL A 581 20.47 93.64 72.37
C VAL A 581 21.61 94.65 72.56
N GLN A 582 22.21 94.67 73.74
CA GLN A 582 23.23 95.66 74.07
C GLN A 582 24.69 95.19 73.86
N ARG A 583 24.88 94.01 73.28
CA ARG A 583 26.19 93.35 73.37
C ARG A 583 27.24 93.96 72.45
N PHE A 584 28.27 94.52 73.09
CA PHE A 584 29.48 95.05 72.45
C PHE A 584 29.25 95.93 71.23
N ASP A 585 30.18 95.84 70.28
CA ASP A 585 30.06 96.50 68.98
C ASP A 585 29.64 95.50 67.90
N ASP A 586 29.54 94.24 68.28
CA ASP A 586 29.33 93.16 67.30
C ASP A 586 27.91 93.19 66.75
N ARG A 587 26.95 92.92 67.62
CA ARG A 587 25.54 93.00 67.23
C ARG A 587 25.08 94.43 67.55
N VAL A 588 23.78 94.70 67.49
CA VAL A 588 23.25 96.06 67.55
C VAL A 588 23.56 96.78 68.85
N TRP A 589 23.51 98.11 68.80
CA TRP A 589 23.68 98.95 69.97
C TRP A 589 22.34 99.61 70.25
N PHE A 590 22.24 100.40 71.32
CA PHE A 590 20.94 100.96 71.69
C PHE A 590 20.61 102.15 70.81
N THR A 591 19.55 102.01 70.02
CA THR A 591 19.11 102.97 69.01
C THR A 591 17.62 102.73 68.77
N ASN A 592 17.08 103.30 67.69
CA ASN A 592 15.84 102.77 67.12
C ASN A 592 14.60 103.12 67.93
N HIS A 593 14.78 103.93 68.97
CA HIS A 593 13.82 104.13 70.07
C HIS A 593 12.35 104.16 69.65
N GLY A 594 11.96 105.06 68.75
CA GLY A 594 10.57 105.13 68.37
C GLY A 594 9.67 105.72 69.44
N ARG A 595 8.69 104.94 69.91
CA ARG A 595 7.65 105.46 70.81
C ARG A 595 6.82 106.51 70.09
N PHE A 596 5.89 106.03 69.26
CA PHE A 596 5.16 106.82 68.27
C PHE A 596 6.09 107.32 67.18
N HIS A 597 6.59 106.38 66.38
CA HIS A 597 7.40 106.66 65.21
C HIS A 597 7.09 105.59 64.16
N GLN A 598 7.37 105.90 62.90
CA GLN A 598 7.29 104.94 61.79
C GLN A 598 5.86 104.54 61.41
N HIS A 599 4.86 105.01 62.17
CA HIS A 599 3.43 104.80 61.84
C HIS A 599 3.12 103.32 61.55
N ARG A 600 2.81 103.01 60.30
CA ARG A 600 2.42 101.67 59.85
C ARG A 600 1.08 101.19 60.40
N GLN A 601 1.11 100.06 61.10
CA GLN A 601 -0.06 99.20 61.29
C GLN A 601 -0.45 98.75 59.87
N ILE A 602 0.56 98.27 59.16
CA ILE A 602 0.45 97.93 57.75
C ILE A 602 0.44 96.42 57.55
N ILE A 603 -0.49 95.93 56.73
CA ILE A 603 -0.75 94.50 56.63
C ILE A 603 -0.05 93.82 55.44
N ASN A 604 0.62 94.60 54.59
CA ASN A 604 1.22 94.03 53.38
C ASN A 604 2.74 93.81 53.47
N LEU A 605 3.14 92.54 53.51
CA LEU A 605 4.56 92.22 53.63
C LEU A 605 5.26 91.97 52.29
N GLY A 606 4.49 91.83 51.21
CA GLY A 606 5.08 91.46 49.94
C GLY A 606 5.64 92.62 49.12
N ASP A 607 6.79 92.38 48.50
CA ASP A 607 7.37 93.31 47.53
C ASP A 607 7.14 92.89 46.09
N ASN A 608 6.49 91.74 45.90
CA ASN A 608 6.48 91.08 44.59
C ASN A 608 5.61 91.73 43.52
N GLU A 609 5.66 91.14 42.33
CA GLU A 609 4.93 91.65 41.17
C GLU A 609 3.45 91.27 41.17
N GLY A 610 2.66 92.05 40.44
CA GLY A 610 1.24 91.76 40.27
C GLY A 610 0.67 92.60 39.14
N ARG A 611 -0.49 92.19 38.63
CA ARG A 611 -1.13 92.90 37.53
C ARG A 611 -2.56 93.32 37.87
N HIS A 612 -3.43 92.34 38.08
CA HIS A 612 -4.82 92.62 38.41
C HIS A 612 -5.22 92.04 39.77
N ALA A 613 -6.11 92.77 40.46
CA ALA A 613 -6.58 92.36 41.77
C ALA A 613 -7.93 92.99 42.11
N VAL A 614 -8.64 92.39 43.07
CA VAL A 614 -9.92 92.89 43.56
C VAL A 614 -10.43 92.00 44.70
N TYR A 615 -11.31 92.54 45.53
CA TYR A 615 -11.90 91.82 46.65
C TYR A 615 -13.09 90.94 46.26
N LEU A 616 -13.34 89.91 47.06
CA LEU A 616 -14.53 89.09 46.90
C LEU A 616 -15.73 89.81 47.52
N HIS A 617 -16.91 89.64 46.91
CA HIS A 617 -18.10 90.36 47.34
C HIS A 617 -18.61 89.87 48.70
N ASN A 618 -18.21 88.67 49.10
CA ASN A 618 -18.63 88.12 50.38
C ASN A 618 -17.73 88.57 51.52
N ASP A 619 -16.74 89.40 51.18
CA ASP A 619 -15.74 89.88 52.13
C ASP A 619 -15.03 88.69 52.77
N PHE A 620 -14.70 87.70 51.95
CA PHE A 620 -13.96 86.53 52.42
C PHE A 620 -12.55 86.51 51.84
N CYS A 621 -12.44 86.39 50.53
CA CYS A 621 -11.14 86.28 49.89
C CYS A 621 -10.71 87.57 49.22
N LEU A 622 -9.47 87.56 48.71
CA LEU A 622 -8.95 88.65 47.90
C LEU A 622 -8.17 88.08 46.72
N ILE A 623 -8.62 88.35 45.50
CA ILE A 623 -7.93 87.77 44.35
C ILE A 623 -6.91 88.76 43.79
N ALA A 624 -5.69 88.26 43.57
CA ALA A 624 -4.62 89.07 42.98
C ALA A 624 -3.68 88.17 42.19
N LEU A 625 -3.20 88.66 41.06
CA LEU A 625 -2.38 87.85 40.15
C LEU A 625 -1.86 88.62 38.95
N ALA A 626 -0.80 88.10 38.34
CA ALA A 626 -0.32 88.62 37.06
C ALA A 626 -0.20 87.50 36.03
N SER A 627 0.86 86.71 36.16
CA SER A 627 1.09 85.57 35.28
C SER A 627 0.68 84.24 35.92
N GLY A 628 0.24 84.31 37.17
CA GLY A 628 -0.05 83.10 37.93
C GLY A 628 -1.47 82.60 37.85
N GLN A 629 -2.40 83.50 37.55
CA GLN A 629 -3.83 83.19 37.53
C GLN A 629 -4.26 82.44 38.79
N ILE A 630 -3.90 82.98 39.95
CA ILE A 630 -4.17 82.30 41.22
C ILE A 630 -5.12 83.10 42.11
N LEU A 631 -6.04 82.39 42.75
CA LEU A 631 -6.95 82.98 43.73
C LEU A 631 -6.32 82.99 45.11
N LEU A 632 -6.30 84.16 45.75
CA LEU A 632 -5.70 84.30 47.06
C LEU A 632 -6.74 84.69 48.11
N THR A 633 -6.31 84.91 49.35
CA THR A 633 -7.23 85.27 50.45
C THR A 633 -7.06 86.69 51.04
N ASP A 634 -8.17 87.25 51.52
CA ASP A 634 -8.23 88.59 52.14
C ASP A 634 -8.53 88.41 53.64
N VAL A 635 -7.73 89.07 54.50
CA VAL A 635 -7.89 89.00 55.96
C VAL A 635 -8.48 90.33 56.48
N SER A 636 -9.52 90.26 57.32
CA SER A 636 -10.19 91.44 57.91
C SER A 636 -9.77 91.55 59.39
N LEU A 637 -9.40 92.75 59.86
CA LEU A 637 -8.89 92.83 61.22
C LEU A 637 -9.64 91.77 62.05
N GLU A 638 -8.90 91.09 62.91
CA GLU A 638 -9.48 90.01 63.71
C GLU A 638 -8.38 88.96 63.78
N GLY A 639 -8.37 88.17 64.84
CA GLY A 639 -7.33 87.17 65.00
C GLY A 639 -7.23 86.18 63.85
N GLU A 640 -8.36 85.63 63.43
CA GLU A 640 -8.39 84.58 62.41
C GLU A 640 -8.11 85.13 61.00
N ASP A 641 -7.34 84.37 60.24
CA ASP A 641 -7.00 84.73 58.86
C ASP A 641 -7.09 83.46 58.01
N THR A 642 -7.02 83.60 56.69
CA THR A 642 -7.11 82.46 55.79
C THR A 642 -6.16 82.59 54.60
N TYR A 643 -5.52 81.48 54.22
CA TYR A 643 -4.70 81.45 53.02
C TYR A 643 -5.20 80.35 52.07
N LEU A 644 -5.04 80.55 50.77
CA LEU A 644 -5.52 79.57 49.79
C LEU A 644 -4.67 79.59 48.51
N LEU A 645 -4.53 78.42 47.89
CA LEU A 645 -3.82 78.30 46.62
C LEU A 645 -4.77 77.80 45.52
N ARG A 646 -4.55 78.27 44.30
CA ARG A 646 -5.44 77.95 43.19
C ARG A 646 -4.70 77.42 41.96
N ASP A 647 -3.90 78.28 41.34
CA ASP A 647 -3.13 77.95 40.15
C ASP A 647 -4.02 77.50 38.97
N GLU A 648 -4.82 78.42 38.46
CA GLU A 648 -5.64 78.17 37.28
C GLU A 648 -4.80 78.16 36.00
N SER A 649 -5.36 77.60 34.93
CA SER A 649 -4.71 77.61 33.63
C SER A 649 -4.55 79.05 33.14
N ASP A 650 -3.61 79.26 32.23
CA ASP A 650 -3.19 80.63 31.92
C ASP A 650 -4.21 81.43 31.11
N SER A 651 -4.65 82.54 31.70
CA SER A 651 -5.52 83.51 31.05
C SER A 651 -4.70 84.65 30.48
N SER A 652 -3.37 84.51 30.53
CA SER A 652 -2.42 85.61 30.37
C SER A 652 -2.64 86.47 29.12
N ASP A 653 -2.26 87.74 29.26
CA ASP A 653 -2.44 88.79 28.25
C ASP A 653 -3.90 89.19 28.02
N ILE A 654 -4.68 89.23 29.10
CA ILE A 654 -5.99 89.86 29.08
C ILE A 654 -5.86 91.38 29.24
N LEU A 655 -6.83 92.11 28.71
CA LEU A 655 -6.84 93.57 28.82
C LEU A 655 -7.29 94.04 30.19
N ARG A 656 -8.39 93.48 30.69
CA ARG A 656 -8.91 93.86 32.00
C ARG A 656 -9.61 92.64 32.63
N MET A 657 -10.06 92.77 33.87
CA MET A 657 -10.67 91.65 34.58
C MET A 657 -11.71 92.14 35.59
N ALA A 658 -12.75 91.34 35.81
CA ALA A 658 -13.81 91.71 36.75
C ALA A 658 -14.30 90.47 37.51
N VAL A 659 -15.33 90.66 38.32
CA VAL A 659 -15.91 89.57 39.11
C VAL A 659 -17.43 89.68 39.09
N PHE A 660 -18.11 88.53 39.08
CA PHE A 660 -19.57 88.51 39.00
C PHE A 660 -20.14 88.40 40.41
N ASN A 661 -21.46 88.45 40.54
CA ASN A 661 -22.10 88.53 41.87
C ASN A 661 -22.20 87.20 42.60
N GLN A 662 -22.47 86.11 41.87
CA GLN A 662 -22.66 84.81 42.49
C GLN A 662 -21.38 83.98 42.49
N GLN A 663 -20.30 84.59 42.02
CA GLN A 663 -18.91 84.09 42.08
C GLN A 663 -18.70 82.78 41.32
N LYS A 664 -19.79 82.18 40.84
CA LYS A 664 -19.70 80.93 40.08
C LYS A 664 -19.34 81.22 38.63
N HIS A 665 -19.46 82.48 38.24
CA HIS A 665 -19.13 82.91 36.87
C HIS A 665 -18.01 83.93 36.90
N LEU A 666 -17.11 83.83 35.92
CA LEU A 666 -15.98 84.75 35.81
C LEU A 666 -15.84 85.29 34.40
N ILE A 667 -15.98 86.59 34.24
CA ILE A 667 -15.87 87.22 32.92
C ILE A 667 -14.41 87.42 32.53
N THR A 668 -14.10 87.11 31.27
CA THR A 668 -12.73 87.25 30.78
C THR A 668 -12.75 87.68 29.31
N LEU A 669 -11.85 88.60 28.96
CA LEU A 669 -11.73 89.05 27.58
C LEU A 669 -10.25 89.19 27.19
N HIS A 670 -9.96 88.94 25.92
CA HIS A 670 -8.57 88.92 25.44
C HIS A 670 -8.27 90.06 24.48
N CYS A 671 -7.04 90.08 23.98
CA CYS A 671 -6.62 91.06 22.98
C CYS A 671 -7.51 91.01 21.74
N ASN A 672 -7.45 89.90 21.03
CA ASN A 672 -8.32 89.68 19.88
C ASN A 672 -9.77 89.43 20.31
N GLY A 673 -9.93 89.15 21.60
CA GLY A 673 -11.24 88.94 22.19
C GLY A 673 -11.61 87.48 22.36
N SER A 674 -12.35 87.20 23.43
CA SER A 674 -12.78 85.84 23.79
C SER A 674 -13.61 85.90 25.06
N VAL A 675 -14.29 84.81 25.36
CA VAL A 675 -15.04 84.69 26.62
C VAL A 675 -14.67 83.39 27.34
N LYS A 676 -14.05 83.52 28.50
CA LYS A 676 -13.61 82.36 29.25
C LYS A 676 -14.18 82.36 30.66
N LEU A 677 -14.98 81.34 30.98
CA LEU A 677 -15.63 81.24 32.27
C LEU A 677 -14.88 80.31 33.23
N TRP A 678 -14.86 80.68 34.51
CA TRP A 678 -14.22 79.86 35.53
C TRP A 678 -15.12 79.67 36.74
N SER A 679 -14.75 78.72 37.60
CA SER A 679 -15.49 78.47 38.83
C SER A 679 -14.55 78.51 40.03
N LEU A 680 -14.92 79.31 41.02
CA LEU A 680 -14.08 79.47 42.21
C LEU A 680 -14.13 78.22 43.10
N TRP A 681 -15.13 77.37 42.86
CA TRP A 681 -15.24 76.11 43.59
C TRP A 681 -14.11 75.17 43.20
N PRO A 682 -13.27 74.79 44.18
CA PRO A 682 -12.13 73.91 43.93
C PRO A 682 -12.54 72.49 43.56
N ASN A 699 -14.53 76.14 26.58
CA ASN A 699 -15.19 77.13 27.43
C ASN A 699 -15.28 78.50 26.76
N SER A 700 -14.81 78.58 25.52
CA SER A 700 -14.81 79.82 24.78
C SER A 700 -15.34 79.64 23.35
N VAL A 701 -16.40 80.37 23.01
CA VAL A 701 -16.97 80.29 21.68
C VAL A 701 -17.14 81.67 21.02
N VAL A 702 -16.37 81.89 19.96
CA VAL A 702 -16.45 83.12 19.19
C VAL A 702 -17.33 82.86 17.97
N LYS A 703 -17.82 81.62 17.86
CA LYS A 703 -18.49 81.14 16.67
C LYS A 703 -19.92 81.68 16.53
N ARG A 704 -20.66 81.11 15.57
CA ARG A 704 -22.02 81.52 15.23
C ARG A 704 -22.07 82.97 14.74
N PHE A 705 -23.00 83.75 15.30
CA PHE A 705 -23.22 85.12 14.88
C PHE A 705 -21.98 86.00 15.04
N ILE A 706 -21.79 86.90 14.08
CA ILE A 706 -20.66 87.83 14.06
C ILE A 706 -19.35 87.01 14.12
N GLY A 707 -18.58 87.15 15.19
CA GLY A 707 -17.32 86.44 15.32
C GLY A 707 -16.29 86.87 14.30
N SER A 708 -16.23 88.17 14.03
CA SER A 708 -15.29 88.71 13.05
C SER A 708 -13.85 88.62 13.55
N TYR A 709 -12.92 88.69 12.61
CA TYR A 709 -11.50 88.61 12.95
C TYR A 709 -10.87 89.99 12.97
N ALA A 710 -10.51 90.45 14.18
CA ALA A 710 -9.96 91.79 14.40
C ALA A 710 -9.57 91.97 15.85
N ASN A 711 -8.94 93.10 16.16
CA ASN A 711 -8.50 93.40 17.52
C ASN A 711 -9.62 94.00 18.37
N LEU A 712 -9.77 93.50 19.59
CA LEU A 712 -10.79 94.00 20.51
C LEU A 712 -10.25 95.13 21.37
N LYS A 713 -11.05 96.17 21.54
CA LYS A 713 -10.66 97.31 22.36
C LYS A 713 -10.96 97.08 23.84
N ILE A 714 -10.83 98.14 24.63
CA ILE A 714 -11.08 98.08 26.06
C ILE A 714 -12.58 98.09 26.32
N VAL A 715 -13.34 98.41 25.28
CA VAL A 715 -14.79 98.56 25.37
C VAL A 715 -15.50 97.34 25.96
N ALA A 716 -16.30 97.59 27.00
CA ALA A 716 -17.10 96.58 27.67
C ALA A 716 -17.95 97.23 28.76
N PHE A 717 -19.00 96.53 29.19
CA PHE A 717 -19.94 97.04 30.18
C PHE A 717 -21.02 96.02 30.52
N TYR A 718 -21.85 96.35 31.50
CA TYR A 718 -22.92 95.47 31.93
C TYR A 718 -24.30 96.12 31.73
N LEU A 719 -25.24 95.34 31.21
CA LEU A 719 -26.60 95.83 31.00
C LEU A 719 -27.57 95.29 32.04
N ASN A 720 -28.83 95.71 31.93
CA ASN A 720 -29.89 95.19 32.79
C ASN A 720 -30.58 94.01 32.14
N GLU A 721 -31.68 93.54 32.73
CA GLU A 721 -32.40 92.40 32.18
C GLU A 721 -33.53 92.86 31.27
N ASP A 722 -33.37 92.63 29.98
CA ASP A 722 -34.38 93.02 28.99
C ASP A 722 -35.29 91.85 28.62
N ALA A 723 -35.02 90.68 29.20
CA ALA A 723 -35.78 89.48 28.86
C ALA A 723 -36.77 89.10 29.96
N GLY A 724 -36.25 88.62 31.08
CA GLY A 724 -37.07 88.19 32.18
C GLY A 724 -37.86 89.31 32.82
N LEU A 725 -37.17 90.36 33.23
CA LEU A 725 -37.81 91.51 33.86
C LEU A 725 -36.96 92.77 33.74
N ILE A 730 -33.15 88.85 37.57
CA ILE A 730 -32.62 87.52 37.33
C ILE A 730 -31.10 87.54 37.23
N GLN A 731 -30.57 88.46 36.44
CA GLN A 731 -29.14 88.55 36.17
C GLN A 731 -28.85 89.76 35.27
N LEU A 732 -27.60 90.21 35.27
CA LEU A 732 -27.20 91.34 34.44
C LEU A 732 -26.41 90.86 33.22
N HIS A 733 -26.82 91.30 32.03
CA HIS A 733 -26.19 90.85 30.80
C HIS A 733 -24.85 91.54 30.56
N VAL A 734 -24.19 91.17 29.47
CA VAL A 734 -22.89 91.73 29.12
C VAL A 734 -22.88 92.12 27.64
N ALA A 735 -22.36 93.31 27.35
CA ALA A 735 -22.28 93.77 25.97
C ALA A 735 -21.02 94.60 25.73
N PHE A 736 -20.49 94.53 24.51
CA PHE A 736 -19.27 95.27 24.15
C PHE A 736 -19.17 95.47 22.64
N ILE A 737 -18.12 96.16 22.22
CA ILE A 737 -17.94 96.49 20.81
C ILE A 737 -16.61 95.99 20.27
N ASN A 738 -16.67 95.18 19.20
CA ASN A 738 -15.48 94.65 18.56
C ASN A 738 -14.86 95.64 17.57
N GLY A 739 -13.90 95.16 16.79
CA GLY A 739 -13.29 95.97 15.76
C GLY A 739 -14.11 95.97 14.48
N ASP A 740 -15.32 95.45 14.58
CA ASP A 740 -16.25 95.39 13.45
C ASP A 740 -17.13 96.64 13.40
N VAL A 741 -16.81 97.61 14.26
CA VAL A 741 -17.54 98.86 14.44
C VAL A 741 -19.06 98.66 14.49
N SER A 742 -19.46 97.63 15.24
CA SER A 742 -20.87 97.35 15.46
C SER A 742 -21.07 96.82 16.88
N ILE A 743 -22.20 97.17 17.49
CA ILE A 743 -22.46 96.77 18.88
C ILE A 743 -22.73 95.27 18.99
N LEU A 744 -22.22 94.66 20.05
CA LEU A 744 -22.41 93.24 20.28
C LEU A 744 -23.02 92.99 21.66
N ASN A 745 -24.15 92.30 21.69
CA ASN A 745 -24.85 92.01 22.93
C ASN A 745 -24.82 90.52 23.26
N TRP A 746 -24.78 90.20 24.56
CA TRP A 746 -24.78 88.82 25.02
C TRP A 746 -25.89 88.61 26.06
N ASP A 747 -26.78 87.67 25.79
CA ASP A 747 -27.88 87.39 26.70
C ASP A 747 -27.61 86.13 27.52
N GLU A 748 -27.36 86.33 28.82
CA GLU A 748 -27.10 85.23 29.74
C GLU A 748 -27.97 85.28 30.99
N GLN A 749 -28.95 84.38 31.08
CA GLN A 749 -29.73 84.28 32.31
C GLN A 749 -29.44 83.07 33.20
N ASP A 750 -28.69 82.07 32.72
CA ASP A 750 -28.50 80.86 33.52
C ASP A 750 -27.07 80.31 33.56
N GLN A 751 -26.65 79.70 32.46
CA GLN A 751 -25.39 78.97 32.40
C GLN A 751 -24.56 79.31 31.16
N GLU A 752 -25.08 78.93 30.00
CA GLU A 752 -24.39 79.12 28.73
C GLU A 752 -25.10 80.17 27.88
N PHE A 753 -24.33 80.86 27.04
CA PHE A 753 -24.85 81.97 26.25
C PHE A 753 -25.93 81.53 25.25
N LYS A 754 -26.81 82.47 24.91
CA LYS A 754 -27.95 82.19 24.06
C LYS A 754 -27.83 82.86 22.69
N LEU A 755 -27.77 84.19 22.70
CA LEU A 755 -27.76 85.00 21.49
C LEU A 755 -29.03 84.78 20.68
N SER A 756 -30.16 85.24 21.21
CA SER A 756 -31.45 85.05 20.57
C SER A 756 -31.65 86.00 19.40
N HIS A 757 -31.91 85.42 18.22
CA HIS A 757 -32.20 86.16 17.00
C HIS A 757 -31.15 87.21 16.64
N VAL A 758 -31.62 88.36 16.18
CA VAL A 758 -30.76 89.43 15.69
C VAL A 758 -30.38 90.43 16.79
N PRO A 759 -29.23 91.11 16.63
CA PRO A 759 -28.83 92.22 17.50
C PRO A 759 -29.80 93.40 17.42
N VAL A 760 -30.65 93.41 16.39
CA VAL A 760 -31.75 94.36 16.21
C VAL A 760 -31.26 95.75 15.76
N LEU A 761 -29.95 96.00 15.92
CA LEU A 761 -29.36 97.29 15.57
C LEU A 761 -27.85 97.28 15.78
N LYS A 762 -27.16 98.23 15.16
CA LYS A 762 -25.71 98.37 15.31
C LYS A 762 -25.35 99.77 15.80
N THR A 763 -24.07 100.03 15.96
CA THR A 763 -23.60 101.33 16.44
C THR A 763 -22.55 101.91 15.48
N MET A 764 -22.72 103.18 15.14
CA MET A 764 -21.81 103.85 14.21
C MET A 764 -20.41 104.01 14.80
N GLN A 765 -19.40 103.71 13.97
CA GLN A 765 -18.00 103.78 14.36
C GLN A 765 -17.69 102.98 15.63
N SER A 766 -16.84 103.54 16.49
CA SER A 766 -16.51 102.90 17.75
C SER A 766 -16.09 103.92 18.81
N GLY A 767 -16.43 103.62 20.06
CA GLY A 767 -16.02 104.45 21.18
C GLY A 767 -14.97 103.76 22.03
N ILE A 768 -14.77 104.27 23.25
CA ILE A 768 -13.90 103.61 24.22
C ILE A 768 -14.70 103.25 25.48
N ARG A 769 -15.26 104.25 26.16
CA ARG A 769 -16.02 103.97 27.38
C ARG A 769 -17.52 104.09 27.12
N CYS A 770 -18.21 102.96 27.12
CA CYS A 770 -19.64 102.92 26.82
C CYS A 770 -20.41 102.25 27.95
N PHE A 771 -21.56 102.81 28.32
CA PHE A 771 -22.35 102.19 29.37
C PHE A 771 -23.82 102.61 29.28
N VAL A 772 -24.70 101.89 29.96
CA VAL A 772 -26.14 102.17 29.91
C VAL A 772 -26.57 103.20 30.95
N GLN A 773 -27.48 104.09 30.56
CA GLN A 773 -28.03 105.07 31.50
C GLN A 773 -29.07 104.43 32.41
N VAL A 774 -29.76 105.25 33.18
CA VAL A 774 -30.83 104.79 34.06
C VAL A 774 -31.98 104.22 33.23
N LEU A 775 -32.07 104.63 31.98
CA LEU A 775 -33.05 104.08 31.04
C LEU A 775 -32.36 103.10 30.09
N LYS A 776 -33.03 101.97 29.85
CA LYS A 776 -32.45 100.93 29.00
C LYS A 776 -32.51 101.28 27.52
N ARG A 777 -33.20 102.38 27.20
CA ARG A 777 -33.38 102.79 25.81
C ARG A 777 -32.22 103.66 25.31
N TYR A 778 -31.38 104.12 26.24
CA TYR A 778 -30.28 105.01 25.88
C TYR A 778 -28.93 104.49 26.38
N TYR A 779 -27.90 104.65 25.54
CA TYR A 779 -26.55 104.21 25.87
C TYR A 779 -25.54 105.34 25.70
N VAL A 780 -24.84 105.71 26.76
CA VAL A 780 -23.79 106.73 26.64
C VAL A 780 -22.53 106.12 26.05
N VAL A 781 -21.98 106.82 25.06
CA VAL A 781 -20.81 106.37 24.32
C VAL A 781 -19.71 107.42 24.34
N CYS A 782 -18.52 107.00 24.75
CA CYS A 782 -17.37 107.90 24.79
C CYS A 782 -16.24 107.34 23.92
N THR A 783 -15.68 108.20 23.07
CA THR A 783 -14.63 107.81 22.14
C THR A 783 -13.26 108.24 22.63
N SER A 784 -12.23 107.98 21.83
CA SER A 784 -10.86 108.32 22.18
C SER A 784 -10.56 109.79 21.88
N ASN A 785 -11.53 110.47 21.28
CA ASN A 785 -11.38 111.89 20.95
C ASN A 785 -11.84 112.78 22.09
N CYS A 786 -12.23 112.14 23.20
CA CYS A 786 -12.70 112.84 24.40
C CYS A 786 -13.92 113.71 24.11
N THR A 787 -14.87 113.16 23.36
CA THR A 787 -16.10 113.87 23.05
C THR A 787 -17.31 113.09 23.55
N LEU A 788 -18.43 113.79 23.73
CA LEU A 788 -19.64 113.15 24.22
C LEU A 788 -20.62 112.90 23.07
N THR A 789 -20.84 111.63 22.75
CA THR A 789 -21.76 111.25 21.69
C THR A 789 -22.71 110.16 22.17
N VAL A 790 -23.85 110.03 21.51
CA VAL A 790 -24.85 109.05 21.90
C VAL A 790 -25.58 108.45 20.71
N TRP A 791 -25.75 107.12 20.73
CA TRP A 791 -26.61 106.44 19.76
C TRP A 791 -27.75 105.74 20.47
N ASP A 792 -28.96 106.19 20.21
CA ASP A 792 -30.15 105.67 20.88
C ASP A 792 -30.45 104.23 20.45
N LEU A 793 -30.84 103.40 21.41
CA LEU A 793 -31.20 102.02 21.13
C LEU A 793 -32.52 101.96 20.36
N THR A 794 -33.53 102.65 20.86
CA THR A 794 -34.80 102.75 20.17
C THR A 794 -34.94 104.12 19.53
N ASN A 795 -36.04 104.33 18.80
CA ASN A 795 -36.31 105.59 18.10
C ASN A 795 -35.13 106.07 17.28
N GLY A 796 -34.77 105.31 16.25
CA GLY A 796 -33.63 105.63 15.42
C GLY A 796 -32.32 105.26 16.09
N SER A 797 -31.20 105.68 15.48
CA SER A 797 -29.89 105.40 16.03
C SER A 797 -29.23 106.67 16.56
N SER A 798 -28.75 107.51 15.64
CA SER A 798 -28.15 108.78 16.00
C SER A 798 -29.18 109.89 15.97
N ASN A 799 -29.34 110.60 17.10
CA ASN A 799 -30.37 111.62 17.20
C ASN A 799 -29.80 113.02 17.38
N THR A 800 -29.32 113.33 18.57
CA THR A 800 -28.89 114.70 18.89
C THR A 800 -27.93 114.80 20.06
N LEU A 801 -27.73 116.04 20.52
CA LEU A 801 -26.92 116.36 21.69
C LEU A 801 -25.45 115.97 21.57
N GLU A 802 -24.76 116.58 20.61
CA GLU A 802 -23.31 116.51 20.53
C GLU A 802 -22.73 117.77 21.15
N LEU A 803 -23.62 118.65 21.58
CA LEU A 803 -23.28 120.03 21.96
C LEU A 803 -22.65 120.21 23.35
N HIS A 804 -21.89 121.28 23.48
CA HIS A 804 -21.38 121.77 24.76
C HIS A 804 -20.55 120.79 25.58
N VAL A 805 -19.33 120.52 25.10
CA VAL A 805 -18.34 119.82 25.92
C VAL A 805 -17.41 120.85 26.56
N PHE A 806 -17.07 120.62 27.84
CA PHE A 806 -16.31 121.60 28.61
C PHE A 806 -14.91 121.86 28.06
N ASN A 807 -14.10 120.81 27.97
CA ASN A 807 -12.72 120.96 27.50
C ASN A 807 -12.30 119.85 26.53
N VAL A 808 -11.89 120.25 25.33
CA VAL A 808 -11.42 119.30 24.34
C VAL A 808 -9.91 119.14 24.40
N GLU A 809 -9.25 119.97 25.19
CA GLU A 809 -7.80 119.95 25.30
C GLU A 809 -7.33 119.21 26.55
N ASN A 810 -6.71 118.05 26.35
CA ASN A 810 -6.17 117.27 27.43
C ASN A 810 -4.81 117.79 27.91
N ASP A 811 -4.48 117.54 29.17
CA ASP A 811 -3.16 117.88 29.68
C ASP A 811 -2.11 116.97 29.05
N THR A 812 -2.41 115.69 28.97
CA THR A 812 -1.58 114.71 28.28
C THR A 812 -2.47 113.86 27.39
N PRO A 813 -1.97 113.49 26.20
CA PRO A 813 -2.79 112.71 25.26
C PRO A 813 -3.19 111.36 25.84
N LEU A 814 -4.50 111.09 25.83
CA LEU A 814 -5.07 109.87 26.38
C LEU A 814 -6.45 109.61 25.79
N ALA A 815 -7.14 108.62 26.33
CA ALA A 815 -8.53 108.38 25.99
C ALA A 815 -9.43 108.99 27.06
N LEU A 816 -10.74 108.87 26.90
CA LEU A 816 -11.67 109.41 27.88
C LEU A 816 -11.69 108.48 29.10
N ASP A 817 -12.00 109.06 30.26
CA ASP A 817 -11.90 108.33 31.53
C ASP A 817 -13.05 107.35 31.73
N VAL A 818 -13.12 106.76 32.92
CA VAL A 818 -14.11 105.74 33.23
C VAL A 818 -15.44 106.36 33.65
N PHE A 819 -16.53 105.92 33.02
CA PHE A 819 -17.87 106.37 33.36
C PHE A 819 -18.38 105.58 34.57
N ASP A 820 -19.15 106.24 35.43
CA ASP A 820 -19.59 105.63 36.68
C ASP A 820 -21.11 105.67 36.88
N GLU A 821 -21.55 105.19 38.05
CA GLU A 821 -22.97 105.19 38.40
C GLU A 821 -23.23 105.67 39.82
N ARG A 822 -24.49 105.94 40.12
CA ARG A 822 -24.91 106.35 41.46
C ARG A 822 -25.96 105.39 42.00
N SER A 823 -26.40 105.64 43.23
CA SER A 823 -27.45 104.81 43.84
C SER A 823 -28.83 105.34 43.48
N LYS A 824 -28.85 106.54 42.89
CA LYS A 824 -30.10 107.16 42.47
C LYS A 824 -30.58 106.60 41.14
N THR A 825 -31.90 106.70 40.92
CA THR A 825 -32.50 106.20 39.69
C THR A 825 -32.52 107.28 38.60
N ALA A 826 -31.96 108.44 38.92
CA ALA A 826 -31.91 109.55 37.97
C ALA A 826 -30.49 110.09 37.81
N THR A 827 -29.95 110.66 38.88
CA THR A 827 -28.62 111.24 38.88
C THR A 827 -27.54 110.20 38.61
N VAL A 828 -26.69 110.46 37.62
CA VAL A 828 -25.59 109.56 37.31
C VAL A 828 -24.24 110.23 37.56
N LEU A 829 -23.17 109.47 37.40
CA LEU A 829 -21.83 109.93 37.77
C LEU A 829 -20.82 109.75 36.63
N LEU A 830 -19.89 110.70 36.55
CA LEU A 830 -18.83 110.68 35.55
C LEU A 830 -17.62 111.43 36.08
N ILE A 831 -16.43 111.07 35.59
CA ILE A 831 -15.22 111.79 35.97
C ILE A 831 -14.34 112.03 34.74
N PHE A 832 -13.85 113.26 34.59
CA PHE A 832 -12.96 113.58 33.49
C PHE A 832 -11.70 114.29 33.98
N LYS A 833 -10.56 113.62 33.85
CA LYS A 833 -9.27 114.17 34.26
C LYS A 833 -9.28 114.72 35.69
N TYR A 834 -9.03 116.01 35.83
CA TYR A 834 -8.91 116.64 37.15
C TYR A 834 -10.27 117.13 37.67
N SER A 835 -11.31 116.94 36.87
CA SER A 835 -12.64 117.40 37.24
C SER A 835 -13.63 116.24 37.35
N VAL A 836 -14.67 116.44 38.16
CA VAL A 836 -15.70 115.42 38.33
C VAL A 836 -17.04 115.93 37.83
N TRP A 837 -17.64 115.18 36.90
CA TRP A 837 -18.90 115.58 36.29
C TRP A 837 -20.06 114.74 36.80
N ARG A 838 -20.93 115.34 37.61
CA ARG A 838 -22.13 114.66 38.08
C ARG A 838 -23.31 115.05 37.20
N LEU A 839 -23.94 114.05 36.60
CA LEU A 839 -24.96 114.31 35.58
C LEU A 839 -26.36 113.90 36.02
N ASN A 840 -27.32 114.18 35.14
CA ASN A 840 -28.74 114.03 35.44
C ASN A 840 -29.55 113.85 34.15
N PHE A 841 -30.81 113.47 34.29
CA PHE A 841 -31.73 113.42 33.16
C PHE A 841 -31.87 114.84 32.59
N LEU A 842 -32.30 114.92 31.33
CA LEU A 842 -32.21 116.12 30.47
C LEU A 842 -30.79 116.16 29.90
N PRO A 843 -30.59 116.92 28.79
CA PRO A 843 -29.34 116.83 28.01
C PRO A 843 -28.03 116.86 28.81
N GLY A 844 -27.92 117.71 29.82
CA GLY A 844 -26.72 117.71 30.63
C GLY A 844 -26.35 119.04 31.26
N LEU A 845 -25.07 119.16 31.62
CA LEU A 845 -24.52 120.34 32.28
C LEU A 845 -25.31 120.57 33.57
N SER A 846 -25.08 119.70 34.56
CA SER A 846 -25.78 119.78 35.82
C SER A 846 -24.85 120.11 36.97
N VAL A 847 -24.04 119.13 37.38
CA VAL A 847 -23.14 119.35 38.52
C VAL A 847 -21.68 119.15 38.12
N SER A 848 -20.83 120.07 38.56
CA SER A 848 -19.38 119.96 38.33
C SER A 848 -18.62 120.21 39.62
N LEU A 849 -17.89 119.21 40.09
CA LEU A 849 -17.19 119.30 41.37
C LEU A 849 -15.72 118.93 41.29
N GLN A 850 -14.92 119.56 42.15
CA GLN A 850 -13.50 119.24 42.30
C GLN A 850 -13.13 119.28 43.77
N SER A 851 -12.42 118.25 44.24
CA SER A 851 -12.01 118.20 45.64
C SER A 851 -10.96 119.27 45.94
N GLU A 852 -9.88 119.25 45.19
CA GLU A 852 -8.81 120.25 45.30
C GLU A 852 -7.82 120.12 44.14
N ALA A 853 -6.80 120.96 44.16
CA ALA A 853 -5.78 120.94 43.11
C ALA A 853 -4.80 119.79 43.31
N VAL A 854 -3.84 119.67 42.40
CA VAL A 854 -2.83 118.62 42.48
C VAL A 854 -1.80 118.92 43.55
N GLY A 859 0.80 114.23 37.42
CA GLY A 859 0.98 113.34 36.29
C GLY A 859 -0.32 113.06 35.56
N SER A 860 -0.30 112.06 34.69
CA SER A 860 -1.49 111.69 33.92
C SER A 860 -2.48 110.92 34.78
N PHE A 861 -3.76 111.00 34.43
CA PHE A 861 -4.80 110.31 35.18
C PHE A 861 -5.05 108.92 34.61
N ILE A 862 -4.84 107.90 35.42
CA ILE A 862 -5.01 106.52 34.99
C ILE A 862 -5.93 105.72 35.93
N THR A 863 -5.54 105.57 37.19
CA THR A 863 -6.27 104.73 38.13
C THR A 863 -7.33 105.50 38.91
N CYS A 864 -8.46 104.85 39.17
CA CYS A 864 -9.56 105.44 39.92
C CYS A 864 -10.35 104.37 40.67
N GLY A 865 -10.90 104.73 41.81
CA GLY A 865 -11.67 103.81 42.62
C GLY A 865 -13.16 104.04 42.49
N LYS A 866 -13.93 103.46 43.42
CA LYS A 866 -15.38 103.54 43.41
C LYS A 866 -15.93 102.83 44.66
N ARG A 867 -17.18 103.14 45.02
CA ARG A 867 -17.82 102.52 46.18
C ARG A 867 -19.29 102.24 45.89
N SER A 868 -19.87 101.30 46.62
CA SER A 868 -21.26 100.93 46.41
C SER A 868 -22.07 100.92 47.71
N THR A 869 -21.74 99.98 48.59
CA THR A 869 -22.47 99.81 49.86
C THR A 869 -22.07 100.90 50.85
N ASP A 870 -20.91 101.52 50.61
CA ASP A 870 -20.37 102.52 51.52
C ASP A 870 -21.16 103.83 51.47
N GLY A 871 -22.16 103.88 50.59
CA GLY A 871 -22.92 105.10 50.38
C GLY A 871 -22.57 105.81 49.10
N ARG A 872 -21.88 105.11 48.21
CA ARG A 872 -21.55 105.60 46.87
C ARG A 872 -20.69 106.88 46.95
N TYR A 873 -19.60 106.80 47.71
CA TYR A 873 -18.65 107.90 47.78
C TYR A 873 -17.53 107.65 46.78
N LEU A 874 -17.14 108.68 46.03
CA LEU A 874 -16.28 108.46 44.87
C LEU A 874 -14.80 108.68 45.17
N LEU A 875 -14.03 107.60 45.08
CA LEU A 875 -12.57 107.67 45.18
C LEU A 875 -12.00 108.32 43.92
N LEU A 876 -11.13 109.31 44.10
CA LEU A 876 -10.62 110.06 42.95
C LEU A 876 -9.35 110.85 43.25
N GLY A 877 -8.81 111.49 42.22
CA GLY A 877 -7.69 112.40 42.38
C GLY A 877 -6.98 112.72 41.07
N THR A 878 -6.17 113.76 41.09
CA THR A 878 -5.33 114.13 39.94
C THR A 878 -4.34 113.01 39.60
N SER A 879 -3.34 112.85 40.46
CA SER A 879 -2.32 111.81 40.34
C SER A 879 -2.19 111.08 41.66
N GLU A 880 -1.77 111.83 42.68
CA GLU A 880 -1.69 111.35 44.06
C GLU A 880 -0.87 110.09 44.23
N GLY A 881 0.45 110.22 44.09
CA GLY A 881 1.37 109.17 44.48
C GLY A 881 1.42 109.08 46.00
N LEU A 882 0.80 110.07 46.65
CA LEU A 882 0.68 110.10 48.10
C LEU A 882 -0.70 110.64 48.49
N ILE A 883 -1.32 109.98 49.48
CA ILE A 883 -2.61 110.41 50.03
C ILE A 883 -3.70 110.46 48.94
N VAL A 884 -4.15 109.29 48.52
CA VAL A 884 -5.26 109.17 47.58
C VAL A 884 -6.52 109.77 48.20
N TYR A 885 -7.30 110.52 47.40
CA TYR A 885 -8.43 111.28 47.92
C TYR A 885 -9.77 110.57 47.73
N ASP A 886 -10.65 110.72 48.72
CA ASP A 886 -12.02 110.23 48.63
C ASP A 886 -13.00 111.40 48.70
N LEU A 887 -14.05 111.32 47.89
CA LEU A 887 -15.04 112.40 47.84
C LEU A 887 -16.41 111.93 48.34
N LYS A 888 -16.87 112.54 49.42
CA LYS A 888 -18.20 112.28 49.96
C LYS A 888 -19.23 113.06 49.16
N ILE A 889 -20.45 112.52 49.06
CA ILE A 889 -21.51 113.13 48.27
C ILE A 889 -21.83 114.56 48.70
N SER A 890 -21.78 115.48 47.74
CA SER A 890 -22.20 116.87 47.91
C SER A 890 -21.32 117.69 48.86
N ASP A 891 -20.36 117.05 49.52
CA ASP A 891 -19.50 117.75 50.47
C ASP A 891 -18.02 117.58 50.11
N PRO A 892 -17.23 118.66 50.28
CA PRO A 892 -15.79 118.64 50.03
C PRO A 892 -14.98 118.32 51.27
N VAL A 893 -15.03 117.07 51.72
CA VAL A 893 -14.30 116.66 52.93
C VAL A 893 -13.55 115.35 52.68
N LEU A 894 -12.34 115.25 53.24
CA LEU A 894 -11.51 114.06 53.08
C LEU A 894 -11.41 113.28 54.38
N ARG A 895 -12.05 112.11 54.43
CA ARG A 895 -12.02 111.27 55.62
C ARG A 895 -10.97 110.16 55.51
N SER A 896 -10.27 110.12 54.37
CA SER A 896 -9.30 109.07 54.12
C SER A 896 -7.87 109.57 54.16
N ASN A 897 -6.95 108.71 54.58
CA ASN A 897 -5.54 109.06 54.67
C ASN A 897 -4.64 107.91 54.25
N VAL A 898 -3.54 108.22 53.57
CA VAL A 898 -2.60 107.19 53.14
C VAL A 898 -1.20 107.40 53.72
N SER A 899 -0.79 106.51 54.60
CA SER A 899 0.54 106.54 55.19
C SER A 899 1.49 105.58 54.49
N GLU A 900 0.98 104.84 53.51
CA GLU A 900 1.77 103.83 52.83
C GLU A 900 2.35 104.34 51.51
N HIS A 901 2.08 105.62 51.23
CA HIS A 901 2.38 106.26 49.95
C HIS A 901 1.73 105.43 48.84
N ILE A 902 2.38 105.31 47.68
CA ILE A 902 1.97 104.40 46.60
C ILE A 902 2.87 104.64 45.37
N GLU A 903 2.86 103.70 44.43
CA GLU A 903 3.50 103.91 43.14
C GLU A 903 2.38 103.91 42.09
N CYS A 904 2.70 104.17 40.83
CA CYS A 904 1.67 104.22 39.80
C CYS A 904 2.01 103.38 38.56
N VAL A 905 1.25 102.31 38.35
CA VAL A 905 1.38 101.50 37.14
C VAL A 905 0.02 101.21 36.48
N ASP A 906 -0.87 100.52 37.19
CA ASP A 906 -2.13 100.06 36.61
C ASP A 906 -3.34 100.78 37.17
N ILE A 907 -4.52 100.39 36.69
CA ILE A 907 -5.75 101.12 36.96
C ILE A 907 -6.58 100.53 38.11
N TYR A 908 -6.14 99.41 38.67
CA TYR A 908 -6.98 98.67 39.61
C TYR A 908 -7.01 99.29 41.01
N GLU A 909 -8.21 99.69 41.44
CA GLU A 909 -8.45 100.14 42.80
C GLU A 909 -9.92 99.92 43.17
N LEU A 910 -10.18 99.63 44.45
CA LEU A 910 -11.54 99.44 44.94
C LEU A 910 -11.55 99.16 46.45
N PHE A 911 -12.68 99.40 47.09
CA PHE A 911 -12.83 99.19 48.53
C PHE A 911 -13.95 98.21 48.88
N ASP A 912 -13.69 97.38 49.89
CA ASP A 912 -14.65 96.37 50.34
C ASP A 912 -15.90 96.97 51.00
N PRO A 913 -17.06 96.24 50.84
CA PRO A 913 -18.25 96.83 51.48
C PRO A 913 -18.12 96.94 53.00
N VAL A 914 -17.51 95.93 53.61
CA VAL A 914 -17.29 95.85 55.06
C VAL A 914 -18.40 95.10 55.82
N TYR A 915 -19.42 94.66 55.10
CA TYR A 915 -20.51 93.87 55.71
C TYR A 915 -20.86 94.40 57.09
N LYS A 916 -21.63 95.49 57.18
CA LYS A 916 -21.95 95.99 58.51
C LYS A 916 -20.89 96.93 59.10
N TYR A 917 -19.96 96.36 59.86
CA TYR A 917 -18.90 97.12 60.52
C TYR A 917 -18.02 97.90 59.55
N ILE A 918 -17.57 99.07 59.97
CA ILE A 918 -16.76 99.95 59.12
C ILE A 918 -15.25 100.10 59.37
N VAL A 919 -14.52 99.98 58.27
CA VAL A 919 -13.08 100.13 58.13
C VAL A 919 -12.84 99.89 56.65
N LEU A 920 -11.69 100.28 56.11
CA LEU A 920 -11.48 100.11 54.67
C LEU A 920 -10.15 99.48 54.30
N CYS A 921 -10.15 98.74 53.20
CA CYS A 921 -8.95 98.13 52.65
C CYS A 921 -8.99 98.14 51.12
N GLY A 922 -7.86 98.43 50.48
CA GLY A 922 -7.82 98.50 49.03
C GLY A 922 -6.47 98.26 48.39
N ALA A 923 -6.46 97.88 47.12
CA ALA A 923 -5.21 97.59 46.42
C ALA A 923 -4.92 98.56 45.28
N LYS A 924 -3.64 98.87 45.08
CA LYS A 924 -3.23 99.81 44.04
C LYS A 924 -1.94 99.38 43.32
N GLY A 925 -1.41 100.28 42.50
CA GLY A 925 -0.29 100.00 41.61
C GLY A 925 0.97 99.39 42.19
N LYS A 926 1.32 99.75 43.42
CA LYS A 926 2.53 99.25 44.06
C LYS A 926 2.42 97.73 44.33
N GLN A 927 1.24 97.19 44.05
CA GLN A 927 0.87 95.82 44.43
C GLN A 927 1.00 95.67 45.93
N VAL A 928 0.20 96.45 46.64
CA VAL A 928 0.12 96.43 48.09
C VAL A 928 -1.33 96.62 48.50
N VAL A 929 -1.57 96.74 49.80
CA VAL A 929 -2.91 97.00 50.30
C VAL A 929 -2.93 98.00 51.44
N HIS A 930 -3.78 99.02 51.29
CA HIS A 930 -3.96 100.05 52.30
C HIS A 930 -5.12 99.68 53.23
N VAL A 931 -4.92 99.87 54.53
CA VAL A 931 -5.97 99.67 55.51
C VAL A 931 -6.14 100.92 56.35
N HIS A 932 -7.35 101.48 56.39
CA HIS A 932 -7.57 102.76 57.04
C HIS A 932 -8.92 102.85 57.76
N THR A 933 -8.93 103.62 58.84
CA THR A 933 -10.14 103.89 59.62
C THR A 933 -10.50 105.37 59.54
N LEU A 934 -11.70 105.66 59.07
CA LEU A 934 -12.12 107.04 58.80
C LEU A 934 -12.35 107.87 60.06
N ARG A 935 -12.29 107.23 61.22
CA ARG A 935 -12.51 107.93 62.48
C ARG A 935 -11.28 108.74 62.86
N SER A 936 -11.48 110.05 63.07
CA SER A 936 -10.40 110.98 63.40
C SER A 936 -10.96 112.38 63.66
N VAL A 937 -10.15 113.21 64.31
CA VAL A 937 -10.59 114.56 64.68
C VAL A 937 -10.48 115.56 63.52
N SER A 938 -9.43 115.48 62.73
CA SER A 938 -9.21 116.45 61.67
C SER A 938 -8.48 115.87 60.45
N GLY A 939 -8.87 116.33 59.27
CA GLY A 939 -8.23 115.93 58.03
C GLY A 939 -7.27 116.97 57.50
N SER A 940 -7.17 117.04 56.17
CA SER A 940 -6.36 118.04 55.47
C SER A 940 -4.88 117.98 55.84
N ASN A 941 -4.32 116.77 55.83
CA ASN A 941 -2.89 116.58 56.06
C ASN A 941 -2.12 116.51 54.75
N SER A 942 -2.83 116.68 53.65
CA SER A 942 -2.27 116.53 52.30
C SER A 942 -1.07 117.43 52.00
N HIS A 943 -1.32 118.73 51.92
CA HIS A 943 -0.32 119.67 51.44
C HIS A 943 0.54 120.27 52.56
N GLN A 944 0.26 119.88 53.80
CA GLN A 944 1.02 120.42 54.93
C GLN A 944 2.39 119.75 55.06
N ASN A 945 2.46 118.47 54.69
CA ASN A 945 3.69 117.71 54.83
C ASN A 945 4.05 116.91 53.57
N ARG A 946 5.18 117.25 52.96
CA ARG A 946 5.70 116.44 51.86
C ARG A 946 7.18 116.08 52.11
N GLU A 947 8.06 117.06 52.15
CA GLU A 947 9.46 116.81 52.48
C GLU A 947 9.77 117.26 53.90
N ILE A 948 11.01 117.06 54.33
CA ILE A 948 11.42 117.43 55.68
C ILE A 948 12.82 118.06 55.69
N ALA A 949 12.92 119.25 56.29
CA ALA A 949 14.20 119.92 56.47
C ALA A 949 14.54 119.98 57.96
N TRP A 950 15.69 120.58 58.28
CA TRP A 950 16.14 120.65 59.66
C TRP A 950 16.94 121.92 59.94
N VAL A 951 16.78 122.46 61.15
CA VAL A 951 17.45 123.68 61.54
C VAL A 951 18.89 123.42 61.95
N HIS A 952 19.83 124.05 61.26
CA HIS A 952 21.25 123.88 61.55
C HIS A 952 21.62 124.60 62.84
N SER A 953 22.22 123.86 63.78
CA SER A 953 22.62 124.41 65.06
C SER A 953 23.58 123.47 65.78
N ALA A 954 23.95 123.83 67.01
CA ALA A 954 24.88 123.03 67.80
C ALA A 954 24.15 122.26 68.90
N ASP A 955 24.09 120.95 68.74
CA ASP A 955 23.45 120.05 69.70
C ASP A 955 22.01 120.43 69.99
N GLU A 956 21.32 120.94 68.97
CA GLU A 956 19.91 121.30 69.09
C GLU A 956 19.13 120.81 67.88
N ILE A 957 18.08 120.03 68.14
CA ILE A 957 17.32 119.42 67.06
C ILE A 957 15.98 120.13 66.82
N SER A 958 15.86 120.79 65.68
CA SER A 958 14.62 121.42 65.27
C SER A 958 14.32 121.12 63.81
N VAL A 959 13.20 120.46 63.56
CA VAL A 959 12.85 120.01 62.22
C VAL A 959 11.76 120.87 61.59
N MET A 960 11.83 121.03 60.27
CA MET A 960 10.83 121.81 59.54
C MET A 960 10.20 120.98 58.44
N THR A 961 9.05 121.45 57.95
CA THR A 961 8.28 120.71 56.95
C THR A 961 7.78 121.62 55.82
N LYS A 962 6.92 121.05 54.97
CA LYS A 962 6.28 121.80 53.89
C LYS A 962 5.41 122.90 54.50
N ALA A 963 5.08 123.92 53.69
CA ALA A 963 4.43 125.13 54.17
C ALA A 963 5.33 125.85 55.17
N CYS A 964 6.56 126.10 54.72
CA CYS A 964 7.60 126.82 55.47
C CYS A 964 7.75 126.36 56.92
N LEU A 965 7.80 127.32 57.83
CA LEU A 965 8.17 127.02 59.22
C LEU A 965 7.01 126.47 60.03
N GLU A 966 7.17 125.24 60.49
CA GLU A 966 6.29 124.67 61.52
C GLU A 966 7.13 124.34 62.74
N PRO A 967 6.94 125.10 63.83
CA PRO A 967 7.81 125.00 65.02
C PRO A 967 7.81 123.59 65.62
N ASN A 968 9.01 123.05 65.82
CA ASN A 968 9.19 121.76 66.47
C ASN A 968 10.46 121.74 67.32
N VAL A 969 10.34 121.23 68.54
CA VAL A 969 11.49 121.13 69.45
C VAL A 969 11.50 119.79 70.17
N TYR A 970 12.63 119.51 70.83
CA TYR A 970 12.88 118.21 71.46
C TYR A 970 11.83 117.85 72.51
N LEU A 971 11.23 116.67 72.35
CA LEU A 971 10.17 116.17 73.24
C LEU A 971 9.03 117.15 73.47
N ARG A 972 8.51 117.72 72.39
CA ARG A 972 7.34 118.59 72.48
C ARG A 972 6.39 118.33 71.30
N SER A 973 5.11 118.25 71.59
CA SER A 973 4.09 117.96 70.59
C SER A 973 3.48 119.22 69.98
N LEU A 974 3.99 120.38 70.41
CA LEU A 974 3.48 121.66 69.93
C LEU A 974 3.70 121.82 68.42
N MET A 975 2.63 122.12 67.70
CA MET A 975 2.69 122.29 66.25
C MET A 975 1.83 123.46 65.79
N ASP A 976 2.40 124.29 64.91
CA ASP A 976 1.68 125.41 64.33
C ASP A 976 1.64 125.30 62.80
N MET A 977 0.59 125.83 62.19
CA MET A 977 0.44 125.73 60.74
C MET A 977 0.26 127.09 60.07
N THR A 978 1.25 127.47 59.27
CA THR A 978 1.19 128.68 58.45
C THR A 978 1.81 128.41 57.09
N ARG A 979 1.08 128.73 56.02
CA ARG A 979 1.56 128.42 54.68
C ARG A 979 1.75 129.67 53.81
N GLU A 980 3.01 129.97 53.50
CA GLU A 980 3.34 131.01 52.53
C GLU A 980 3.62 130.38 51.18
N ARG A 981 3.44 129.06 51.10
CA ARG A 981 3.66 128.27 49.89
C ARG A 981 5.12 128.38 49.41
N THR A 982 6.03 127.80 50.18
CA THR A 982 7.43 127.71 49.80
C THR A 982 7.67 126.55 48.83
N GLN A 983 8.73 126.65 48.03
CA GLN A 983 9.13 125.57 47.15
C GLN A 983 10.03 124.58 47.88
N LEU A 984 11.25 125.02 48.17
CA LEU A 984 12.21 124.22 48.92
C LEU A 984 12.85 125.05 50.03
N LEU A 985 12.76 124.56 51.26
CA LEU A 985 13.20 125.33 52.42
C LEU A 985 14.61 124.95 52.89
N ALA A 986 15.41 125.98 53.16
CA ALA A 986 16.74 125.79 53.73
C ALA A 986 16.87 126.61 55.02
N VAL A 987 17.86 126.28 55.84
CA VAL A 987 18.01 126.94 57.13
C VAL A 987 19.44 127.47 57.32
N ASP A 988 19.55 128.68 57.87
CA ASP A 988 20.86 129.29 58.14
C ASP A 988 21.51 128.59 59.35
N SER A 989 22.72 128.99 59.69
CA SER A 989 23.43 128.39 60.82
C SER A 989 22.90 128.91 62.14
N LYS A 990 22.48 130.16 62.15
CA LYS A 990 21.92 130.78 63.35
C LYS A 990 20.39 130.72 63.33
N GLU A 991 19.77 131.39 64.29
CA GLU A 991 18.31 131.39 64.40
C GLU A 991 17.66 132.21 63.29
N ARG A 992 18.48 132.89 62.49
CA ARG A 992 18.01 133.68 61.36
C ARG A 992 17.28 132.80 60.35
N ILE A 993 16.14 133.28 59.85
CA ILE A 993 15.33 132.51 58.92
C ILE A 993 15.61 132.83 57.45
N HIS A 994 15.97 131.78 56.72
CA HIS A 994 16.19 131.83 55.28
C HIS A 994 15.06 131.09 54.59
N LEU A 995 14.37 131.74 53.67
CA LEU A 995 13.24 131.09 53.00
C LEU A 995 13.07 131.50 51.54
N ILE A 996 12.08 130.90 50.89
CA ILE A 996 11.85 131.11 49.46
C ILE A 996 10.38 131.47 49.21
N LYS A 997 10.16 132.36 48.25
CA LYS A 997 8.82 132.77 47.87
C LYS A 997 8.71 132.52 46.36
N PRO A 998 7.48 132.25 45.86
CA PRO A 998 7.41 132.04 44.41
C PRO A 998 8.02 133.19 43.62
N ALA A 999 8.93 132.83 42.71
CA ALA A 999 9.66 133.77 41.87
C ALA A 999 10.53 134.78 42.64
N ILE A 1000 11.06 134.36 43.80
CA ILE A 1000 12.01 135.22 44.55
C ILE A 1000 12.55 134.52 45.80
N SER A 1001 13.67 135.01 46.33
CA SER A 1001 14.28 134.45 47.53
C SER A 1001 14.29 135.48 48.65
N ARG A 1002 14.12 135.03 49.90
CA ARG A 1002 14.01 135.95 51.02
C ARG A 1002 14.89 135.55 52.21
N ILE A 1003 15.58 136.54 52.79
CA ILE A 1003 16.44 136.33 53.93
C ILE A 1003 16.08 137.31 55.04
N SER A 1004 15.72 136.81 56.22
CA SER A 1004 15.25 137.69 57.27
C SER A 1004 15.55 137.19 58.68
N GLU A 1005 15.70 138.12 59.63
CA GLU A 1005 15.81 137.78 61.03
C GLU A 1005 14.58 137.01 61.47
N TRP A 1006 13.44 137.68 61.49
CA TRP A 1006 12.15 137.00 61.61
C TRP A 1006 11.34 137.37 60.37
N SER A 1007 10.16 136.79 60.21
CA SER A 1007 9.39 137.04 58.99
C SER A 1007 8.12 137.83 59.25
N THR A 1008 8.12 139.09 58.82
CA THR A 1008 6.92 139.91 58.81
C THR A 1008 6.67 140.45 57.41
N ILE A 1009 7.45 141.46 57.03
CA ILE A 1009 7.40 142.00 55.67
C ILE A 1009 8.44 141.33 54.78
N THR A 1010 9.33 140.57 55.41
CA THR A 1010 10.42 139.86 54.72
C THR A 1010 11.14 140.68 53.64
N PRO A 1011 11.94 141.68 54.07
CA PRO A 1011 12.69 142.51 53.12
C PRO A 1011 13.72 141.72 52.32
N THR A 1012 13.97 142.15 51.08
CA THR A 1012 14.95 141.51 50.20
C THR A 1012 15.10 142.25 48.88
N HIS A 1013 16.20 141.98 48.18
CA HIS A 1013 16.45 142.56 46.86
C HIS A 1013 17.16 141.55 45.97
N ALA A 1014 16.72 141.44 44.72
CA ALA A 1014 17.31 140.47 43.80
C ALA A 1014 17.28 140.94 42.36
N ALA A 1015 18.33 140.61 41.62
CA ALA A 1015 18.41 140.93 40.19
C ALA A 1015 17.97 139.75 39.34
N SER A 1016 17.49 138.70 40.00
CA SER A 1016 17.09 137.46 39.34
C SER A 1016 16.08 137.68 38.22
N ASN A 1017 16.32 137.03 37.08
CA ASN A 1017 15.47 137.19 35.91
C ASN A 1017 14.16 136.40 36.00
N CYS A 1018 14.24 135.20 36.56
CA CYS A 1018 13.08 134.31 36.61
C CYS A 1018 12.94 133.62 37.97
N LYS A 1019 11.98 132.70 38.05
CA LYS A 1019 11.70 131.97 39.28
C LYS A 1019 12.86 131.07 39.68
N ILE A 1020 13.16 131.04 40.98
CA ILE A 1020 14.23 130.19 41.49
C ILE A 1020 13.66 128.87 42.02
N ASN A 1021 14.33 127.77 41.71
CA ASN A 1021 13.90 126.46 42.16
C ASN A 1021 14.23 126.20 43.62
N ALA A 1022 15.46 126.51 44.01
CA ALA A 1022 15.90 126.30 45.39
C ALA A 1022 16.97 127.30 45.78
N ILE A 1023 17.00 127.66 47.06
CA ILE A 1023 17.97 128.61 47.58
C ILE A 1023 18.43 128.20 48.98
N SER A 1024 19.72 128.41 49.26
CA SER A 1024 20.30 127.98 50.53
C SER A 1024 21.22 129.04 51.13
N ALA A 1025 21.60 128.83 52.39
CA ALA A 1025 22.43 129.79 53.10
C ALA A 1025 23.66 129.13 53.74
N PHE A 1026 24.78 129.84 53.71
CA PHE A 1026 26.01 129.36 54.35
C PHE A 1026 25.96 129.48 55.86
N ASN A 1027 27.03 129.05 56.51
CA ASN A 1027 27.21 129.25 57.94
C ASN A 1027 27.64 130.69 58.20
N ASP A 1028 28.79 131.06 57.65
CA ASP A 1028 29.27 132.43 57.69
C ASP A 1028 28.38 133.36 56.86
N GLU A 1029 28.48 134.66 57.12
CA GLU A 1029 27.61 135.65 56.48
C GLU A 1029 28.07 136.04 55.07
N GLN A 1030 29.16 135.44 54.62
CA GLN A 1030 29.72 135.76 53.31
C GLN A 1030 28.82 135.30 52.17
N ILE A 1031 28.45 136.25 51.31
CA ILE A 1031 27.65 136.05 50.09
C ILE A 1031 26.46 135.09 50.28
N PHE A 1032 26.26 134.21 49.28
CA PHE A 1032 25.23 133.17 49.20
C PHE A 1032 25.35 132.42 47.87
N VAL A 1033 24.74 131.23 47.80
CA VAL A 1033 24.70 130.45 46.56
C VAL A 1033 23.32 129.85 46.35
N GLY A 1034 23.07 129.35 45.14
CA GLY A 1034 21.83 128.67 44.83
C GLY A 1034 21.70 128.45 43.33
N TYR A 1035 20.81 127.57 42.92
CA TYR A 1035 20.57 127.33 41.50
C TYR A 1035 19.21 127.87 41.08
N VAL A 1036 19.23 128.80 40.12
CA VAL A 1036 18.02 129.44 39.65
C VAL A 1036 17.68 128.84 38.27
N ASP A 1037 16.57 129.24 37.68
CA ASP A 1037 16.21 128.84 36.33
C ASP A 1037 17.04 129.58 35.30
N GLY A 1038 17.87 130.51 35.77
CA GLY A 1038 18.65 131.37 34.88
C GLY A 1038 19.97 131.80 35.48
N VAL A 1039 20.70 132.61 34.72
CA VAL A 1039 22.08 132.97 35.04
C VAL A 1039 22.24 133.70 36.38
N ILE A 1040 21.45 134.73 36.61
CA ILE A 1040 21.61 135.60 37.78
C ILE A 1040 21.40 134.88 39.11
N ILE A 1041 22.38 135.00 40.00
CA ILE A 1041 22.28 134.44 41.34
C ILE A 1041 22.28 135.56 42.38
N ASP A 1042 21.18 135.67 43.12
CA ASP A 1042 20.98 136.78 44.05
C ASP A 1042 21.65 136.59 45.41
N VAL A 1043 22.11 137.70 46.00
CA VAL A 1043 22.65 137.70 47.35
C VAL A 1043 22.12 138.91 48.12
N ILE A 1044 22.26 138.91 49.43
CA ILE A 1044 21.77 140.00 50.27
C ILE A 1044 22.85 140.47 51.25
N HIS A 1045 22.80 141.75 51.59
CA HIS A 1045 23.68 142.37 52.59
C HIS A 1045 25.14 142.43 52.12
N ASP A 1046 25.43 141.79 51.00
CA ASP A 1046 26.79 141.75 50.47
C ASP A 1046 26.85 142.24 49.02
N THR A 1047 27.94 142.91 48.70
CA THR A 1047 28.18 143.39 47.34
C THR A 1047 28.97 142.35 46.54
N ALA A 1048 29.45 142.76 45.37
CA ALA A 1048 30.29 141.92 44.51
C ALA A 1048 29.59 140.63 44.09
N LEU A 1049 28.61 140.77 43.21
CA LEU A 1049 27.88 139.63 42.65
C LEU A 1049 28.84 138.64 41.98
N PRO A 1050 28.45 137.35 41.91
CA PRO A 1050 29.32 136.34 41.29
C PRO A 1050 29.58 136.63 39.81
N GLN A 1051 30.61 136.01 39.26
CA GLN A 1051 31.06 136.30 37.90
C GLN A 1051 30.22 135.54 36.85
N GLN A 1052 29.52 134.50 37.30
CA GLN A 1052 28.73 133.64 36.43
C GLN A 1052 29.55 133.03 35.28
N PHE A 1053 29.18 133.39 34.05
CA PHE A 1053 29.69 132.74 32.84
C PHE A 1053 29.37 131.26 32.82
N ILE A 1054 28.12 130.92 33.12
CA ILE A 1054 27.64 129.55 33.05
C ILE A 1054 26.16 129.54 32.68
N GLU A 1055 25.75 128.54 31.89
CA GLU A 1055 24.36 128.43 31.46
C GLU A 1055 23.39 128.32 32.65
N GLU A 1056 23.39 127.19 33.35
CA GLU A 1056 22.57 127.06 34.55
C GLU A 1056 23.29 126.16 35.56
N PRO A 1057 23.24 126.52 36.86
CA PRO A 1057 23.91 125.76 37.93
C PRO A 1057 23.13 124.53 38.40
N ILE A 1058 23.84 123.50 38.88
CA ILE A 1058 23.15 122.30 39.35
C ILE A 1058 23.44 121.97 40.83
N ASP A 1059 24.68 121.69 41.18
CA ASP A 1059 25.01 121.22 42.52
C ASP A 1059 25.76 122.29 43.33
N TYR A 1060 25.15 122.72 44.42
CA TYR A 1060 25.77 123.69 45.32
C TYR A 1060 26.28 123.00 46.58
N LEU A 1061 26.81 123.79 47.52
CA LEU A 1061 27.40 123.27 48.75
C LEU A 1061 27.81 124.41 49.67
N LYS A 1062 28.19 124.06 50.90
CA LYS A 1062 28.52 125.05 51.92
C LYS A 1062 29.95 124.89 52.43
N GLN A 1063 30.69 125.99 52.49
CA GLN A 1063 32.05 125.99 53.02
C GLN A 1063 32.30 127.22 53.90
N VAL A 1064 33.12 127.03 54.92
CA VAL A 1064 33.47 128.13 55.82
C VAL A 1064 34.61 128.96 55.24
N SER A 1065 35.24 128.44 54.20
CA SER A 1065 36.32 129.13 53.52
C SER A 1065 35.79 130.26 52.64
N PRO A 1066 36.58 131.34 52.49
CA PRO A 1066 36.21 132.49 51.66
C PRO A 1066 35.90 132.11 50.21
N ASN A 1067 36.57 131.09 49.70
CA ASN A 1067 36.32 130.61 48.34
C ASN A 1067 35.32 129.47 48.30
N ILE A 1068 34.45 129.48 47.30
CA ILE A 1068 33.41 128.46 47.18
C ILE A 1068 33.38 127.86 45.77
N LEU A 1069 33.53 126.54 45.69
CA LEU A 1069 33.49 125.84 44.41
C LEU A 1069 32.06 125.40 44.08
N VAL A 1070 31.61 125.71 42.87
CA VAL A 1070 30.25 125.39 42.47
C VAL A 1070 30.19 124.54 41.20
N ALA A 1071 29.49 123.42 41.26
CA ALA A 1071 29.31 122.54 40.11
C ALA A 1071 28.34 123.15 39.11
N SER A 1072 28.41 122.70 37.86
CA SER A 1072 27.57 123.26 36.80
C SER A 1072 27.04 122.19 35.85
N ALA A 1073 25.97 122.54 35.12
CA ALA A 1073 25.37 121.64 34.15
C ALA A 1073 26.29 121.41 32.96
N HIS A 1074 27.08 122.43 32.64
CA HIS A 1074 28.09 122.33 31.58
C HIS A 1074 29.30 121.54 32.08
N SER A 1075 29.26 121.20 33.37
CA SER A 1075 30.31 120.42 34.04
C SER A 1075 31.62 121.18 34.10
N ALA A 1076 31.53 122.50 34.25
CA ALA A 1076 32.71 123.33 34.48
C ALA A 1076 32.61 123.96 35.87
N GLN A 1077 33.49 123.51 36.77
CA GLN A 1077 33.47 124.00 38.15
C GLN A 1077 33.83 125.48 38.22
N LYS A 1078 33.15 126.19 39.10
CA LYS A 1078 33.35 127.64 39.23
C LYS A 1078 33.96 127.99 40.58
N THR A 1079 34.96 128.87 40.55
CA THR A 1079 35.61 129.32 41.78
C THR A 1079 35.09 130.71 42.17
N VAL A 1080 34.35 130.77 43.27
CA VAL A 1080 33.77 132.03 43.73
C VAL A 1080 34.59 132.63 44.86
N ILE A 1081 35.19 133.79 44.62
CA ILE A 1081 36.00 134.48 45.61
C ILE A 1081 35.21 135.63 46.22
N PHE A 1082 35.25 135.74 47.54
CA PHE A 1082 34.44 136.72 48.26
C PHE A 1082 34.94 138.15 48.06
N GLN A 1083 34.03 139.01 47.57
CA GLN A 1083 34.24 140.46 47.51
C GLN A 1083 35.45 140.84 46.64
N LEU A 1084 35.80 139.97 45.69
CA LEU A 1084 36.92 140.20 44.79
C LEU A 1084 37.03 139.05 43.79
N GLU A 1085 37.72 139.28 42.68
CA GLU A 1085 37.95 138.24 41.69
C GLU A 1085 39.44 138.06 41.40
N LYS A 1086 40.01 138.99 40.64
CA LYS A 1086 41.42 138.98 40.27
C LYS A 1086 41.89 137.67 39.64
N ILE A 1087 41.00 137.03 38.89
CA ILE A 1087 41.16 135.67 38.36
C ILE A 1087 39.99 135.44 37.40
N ASP A 1088 40.12 134.49 36.48
CA ASP A 1088 39.05 134.17 35.53
C ASP A 1088 38.51 132.77 35.81
N PRO A 1089 37.27 132.68 36.30
CA PRO A 1089 36.65 131.40 36.68
C PRO A 1089 36.21 130.56 35.48
N LEU A 1090 37.12 130.29 34.56
CA LEU A 1090 36.82 129.44 33.40
C LEU A 1090 37.63 128.16 33.44
N GLN A 1091 36.95 127.04 33.70
CA GLN A 1091 37.60 125.74 33.75
C GLN A 1091 36.74 124.64 33.14
N PRO A 1092 36.70 124.59 31.79
CA PRO A 1092 35.91 123.57 31.08
C PRO A 1092 36.66 122.25 30.94
N ASN A 1093 36.85 121.55 32.06
CA ASN A 1093 37.59 120.29 32.07
C ASN A 1093 36.98 119.24 31.13
N ASP A 1094 35.81 118.73 31.50
CA ASP A 1094 35.14 117.70 30.72
C ASP A 1094 33.66 118.02 30.52
N GLN A 1095 33.01 117.30 29.60
CA GLN A 1095 31.59 117.47 29.37
C GLN A 1095 30.77 116.46 30.18
N TRP A 1096 31.47 115.59 30.91
CA TRP A 1096 30.80 114.69 31.83
C TRP A 1096 30.52 115.43 33.14
N PRO A 1097 29.29 115.30 33.66
CA PRO A 1097 28.81 116.06 34.83
C PRO A 1097 29.67 115.88 36.08
N LEU A 1098 29.88 116.97 36.81
CA LEU A 1098 30.70 116.95 38.02
C LEU A 1098 29.86 116.99 39.30
N MET A 1099 30.28 116.19 40.28
CA MET A 1099 29.74 116.28 41.63
C MET A 1099 30.89 116.12 42.62
N MET A 1100 30.95 117.00 43.61
CA MET A 1100 32.17 117.11 44.41
C MET A 1100 31.96 117.06 45.92
N ASP A 1101 32.99 116.56 46.61
CA ASP A 1101 33.06 116.58 48.07
C ASP A 1101 34.39 117.20 48.49
N VAL A 1102 34.61 117.29 49.80
CA VAL A 1102 35.86 117.83 50.32
C VAL A 1102 36.20 117.18 51.66
N SER A 1103 37.49 116.96 51.91
CA SER A 1103 37.91 116.40 53.19
C SER A 1103 38.50 117.47 54.10
N THR A 1104 39.74 117.85 53.86
CA THR A 1104 40.34 118.98 54.59
C THR A 1104 41.02 119.98 53.67
N LYS A 1105 42.19 119.60 53.16
CA LYS A 1105 42.97 120.48 52.29
C LYS A 1105 42.72 120.19 50.81
N TYR A 1106 42.03 119.09 50.54
CA TYR A 1106 41.88 118.62 49.16
C TYR A 1106 40.45 118.72 48.65
N ALA A 1107 40.29 119.32 47.48
CA ALA A 1107 39.00 119.36 46.80
C ALA A 1107 38.82 118.09 45.99
N SER A 1108 37.74 117.36 46.28
CA SER A 1108 37.50 116.07 45.63
C SER A 1108 36.45 116.19 44.54
N LEU A 1109 36.87 116.04 43.29
CA LEU A 1109 35.95 116.11 42.16
C LEU A 1109 35.63 114.72 41.62
N GLN A 1110 34.37 114.33 41.70
CA GLN A 1110 33.91 113.08 41.13
C GLN A 1110 33.15 113.34 39.83
N GLU A 1111 33.74 112.93 38.71
CA GLU A 1111 33.16 113.16 37.41
C GLU A 1111 32.43 111.92 36.89
N GLY A 1112 31.95 111.99 35.66
CA GLY A 1112 31.32 110.85 35.01
C GLY A 1112 32.35 109.95 34.37
N GLN A 1113 33.63 110.33 34.52
CA GLN A 1113 34.73 109.57 33.96
C GLN A 1113 35.69 109.11 35.06
N TYR A 1114 36.35 110.06 35.71
CA TYR A 1114 37.30 109.75 36.76
C TYR A 1114 37.15 110.68 37.95
N ILE A 1115 37.97 110.45 38.97
CA ILE A 1115 37.95 111.29 40.18
C ILE A 1115 39.29 112.01 40.33
N ILE A 1116 39.25 113.34 40.37
CA ILE A 1116 40.47 114.13 40.44
C ILE A 1116 40.51 114.97 41.72
N LEU A 1117 41.72 115.12 42.28
CA LEU A 1117 41.89 115.88 43.51
C LEU A 1117 42.67 117.16 43.27
N PHE A 1118 42.23 118.26 43.87
CA PHE A 1118 42.94 119.53 43.78
C PHE A 1118 43.54 119.95 45.11
N SER A 1119 44.67 120.65 45.05
CA SER A 1119 45.33 121.19 46.24
C SER A 1119 45.18 122.70 46.27
N ASP A 1120 44.44 123.19 47.27
CA ASP A 1120 44.18 124.62 47.39
C ASP A 1120 45.43 125.41 47.74
N HIS A 1121 45.71 126.45 46.96
CA HIS A 1121 46.86 127.31 47.20
C HIS A 1121 46.60 128.23 48.38
N GLY A 1122 45.35 128.68 48.50
CA GLY A 1122 44.95 129.54 49.61
C GLY A 1122 43.45 129.58 49.77
N VAL A 1123 42.99 129.91 50.97
CA VAL A 1123 41.57 129.99 51.26
C VAL A 1123 40.95 131.29 50.73
N CYS A 1124 41.81 132.30 50.54
CA CYS A 1124 41.35 133.59 50.05
C CYS A 1124 41.04 133.55 48.56
N HIS A 1125 41.96 132.96 47.79
CA HIS A 1125 41.79 132.88 46.34
C HIS A 1125 42.39 131.59 45.80
N LEU A 1126 41.74 131.02 44.78
CA LEU A 1126 42.21 129.80 44.15
C LEU A 1126 42.56 130.03 42.69
N ASP A 1127 43.83 129.90 42.36
CA ASP A 1127 44.29 130.10 40.99
C ASP A 1127 44.74 128.80 40.33
N ILE A 1128 45.79 128.19 40.87
CA ILE A 1128 46.32 126.94 40.31
C ILE A 1128 45.96 125.74 41.19
N ALA A 1129 45.76 124.59 40.56
CA ALA A 1129 45.39 123.38 41.27
C ALA A 1129 46.28 122.21 40.84
N ASN A 1130 47.03 121.66 41.80
CA ASN A 1130 47.93 120.55 41.53
C ASN A 1130 47.23 119.21 41.62
N PRO A 1131 47.25 118.43 40.52
CA PRO A 1131 46.64 117.10 40.48
C PRO A 1131 47.38 116.09 41.34
N SER A 1132 46.65 115.20 42.00
CA SER A 1132 47.26 114.23 42.91
C SER A 1132 46.84 112.80 42.54
N ALA A 1133 45.57 112.49 42.73
CA ALA A 1133 45.08 111.13 42.49
C ALA A 1133 43.99 111.11 41.41
N PHE A 1134 44.30 110.48 40.29
CA PHE A 1134 43.33 110.30 39.21
C PHE A 1134 43.43 108.91 38.62
N VAL A 1135 42.29 108.23 38.48
CA VAL A 1135 42.26 106.88 37.94
C VAL A 1135 40.91 106.60 37.27
N LYS A 1136 40.93 105.79 36.22
CA LYS A 1136 39.70 105.39 35.54
C LYS A 1136 39.19 104.07 36.08
N PRO A 1137 38.03 104.11 36.77
CA PRO A 1137 37.46 102.93 37.42
C PRO A 1137 36.82 101.94 36.43
N LYS A 1138 36.16 100.91 36.98
CA LYS A 1138 35.52 99.89 36.17
C LYS A 1138 34.28 100.42 35.47
N ASP A 1139 33.84 99.70 34.44
CA ASP A 1139 32.67 100.09 33.66
C ASP A 1139 31.41 100.12 34.54
N SER A 1140 30.42 100.92 34.12
CA SER A 1140 29.24 101.21 34.94
C SER A 1140 29.67 101.82 36.26
N GLU A 1141 30.20 103.04 36.19
CA GLU A 1141 30.82 103.70 37.32
C GLU A 1141 29.80 104.14 38.37
N GLU A 1142 30.27 104.35 39.60
CA GLU A 1142 29.41 104.75 40.70
C GLU A 1142 29.06 106.23 40.61
N TYR A 1143 27.80 106.55 40.90
CA TYR A 1143 27.32 107.93 40.86
C TYR A 1143 28.07 108.84 41.83
N ILE A 1144 27.90 108.62 43.12
CA ILE A 1144 28.50 109.48 44.13
C ILE A 1144 28.92 108.70 45.38
N VAL A 1145 30.03 109.11 45.98
CA VAL A 1145 30.55 108.48 47.19
C VAL A 1145 30.75 109.54 48.27
N GLY A 1146 31.34 109.13 49.40
CA GLY A 1146 31.58 110.05 50.50
C GLY A 1146 32.83 109.72 51.29
N PHE A 1147 33.29 110.67 52.08
CA PHE A 1147 34.51 110.53 52.86
C PHE A 1147 34.26 110.71 54.36
N ASP A 1148 35.20 110.26 55.17
CA ASP A 1148 35.09 110.39 56.62
C ASP A 1148 35.68 111.72 57.10
N LEU A 1149 35.76 111.87 58.42
CA LEU A 1149 36.33 113.07 59.02
C LEU A 1149 37.55 112.71 59.87
N LYS A 1150 38.51 113.64 59.94
CA LYS A 1150 39.75 113.44 60.68
C LYS A 1150 40.53 112.25 60.16
N ASN A 1151 40.31 111.91 58.89
CA ASN A 1151 40.99 110.79 58.25
C ASN A 1151 41.61 111.20 56.92
N SER A 1152 40.76 111.61 55.98
CA SER A 1152 41.19 112.07 54.67
C SER A 1152 41.97 111.00 53.91
N LEU A 1153 41.28 109.91 53.54
CA LEU A 1153 41.90 108.84 52.78
C LEU A 1153 41.22 108.68 51.43
N LEU A 1154 41.68 107.73 50.63
CA LEU A 1154 41.12 107.47 49.32
C LEU A 1154 40.07 106.36 49.39
N PHE A 1155 38.88 106.65 48.88
CA PHE A 1155 37.79 105.67 48.89
C PHE A 1155 37.09 105.60 47.54
N LEU A 1156 37.10 104.42 46.93
CA LEU A 1156 36.40 104.20 45.67
C LEU A 1156 35.62 102.89 45.74
N ALA A 1157 34.30 102.98 45.59
CA ALA A 1157 33.44 101.81 45.70
C ALA A 1157 32.56 101.65 44.46
N TYR A 1158 32.59 100.45 43.88
CA TYR A 1158 31.77 100.15 42.72
C TYR A 1158 30.30 100.12 43.14
N GLU A 1159 29.39 100.35 42.19
CA GLU A 1159 27.98 100.55 42.54
C GLU A 1159 27.24 99.26 42.90
N ASN A 1160 27.64 98.14 42.32
CA ASN A 1160 26.89 96.89 42.51
C ASN A 1160 27.56 95.89 43.44
N ASN A 1161 26.98 95.75 44.63
CA ASN A 1161 27.29 94.67 45.57
C ASN A 1161 28.76 94.55 45.99
N ILE A 1162 29.52 95.64 45.87
CA ILE A 1162 30.88 95.66 46.39
C ILE A 1162 31.32 97.07 46.79
N ILE A 1163 32.05 97.17 47.89
CA ILE A 1163 32.63 98.44 48.32
C ILE A 1163 34.07 98.23 48.78
N ASP A 1164 34.95 99.14 48.39
CA ASP A 1164 36.38 98.98 48.67
C ASP A 1164 36.99 100.22 49.32
N VAL A 1165 37.81 100.00 50.34
CA VAL A 1165 38.53 101.08 50.99
C VAL A 1165 40.00 101.07 50.55
N PHE A 1166 40.48 102.21 50.07
CA PHE A 1166 41.83 102.30 49.52
C PHE A 1166 42.75 103.17 50.36
N ARG A 1167 44.00 103.28 49.93
CA ARG A 1167 44.98 104.17 50.56
C ARG A 1167 45.26 105.33 49.63
N LEU A 1168 45.58 106.49 50.20
CA LEU A 1168 45.74 107.71 49.41
C LEU A 1168 46.80 107.56 48.31
N ILE A 1169 48.07 107.54 48.70
CA ILE A 1169 49.22 107.33 47.80
C ILE A 1169 49.06 108.06 46.46
N PHE A 1170 49.30 107.37 45.36
CA PHE A 1170 48.93 107.88 44.05
C PHE A 1170 47.58 107.31 43.65
N SER A 1171 47.56 106.02 43.31
CA SER A 1171 46.32 105.29 43.10
C SER A 1171 46.49 103.81 43.45
N CYS A 1172 45.47 103.23 44.09
CA CYS A 1172 45.50 101.81 44.40
C CYS A 1172 44.18 101.12 44.06
N ASN A 1173 44.23 100.22 43.08
CA ASN A 1173 43.09 99.37 42.77
C ASN A 1173 43.24 97.98 43.38
N GLN A 1174 44.34 97.77 44.09
CA GLN A 1174 44.71 96.45 44.59
C GLN A 1174 44.10 96.14 45.95
N LEU A 1175 43.48 94.96 46.05
CA LEU A 1175 42.93 94.46 47.31
C LEU A 1175 43.44 93.04 47.55
N ARG A 1176 43.02 92.13 46.68
CA ARG A 1176 43.46 90.74 46.69
C ARG A 1176 43.20 90.02 48.02
N TYR A 1177 44.16 89.22 48.45
CA TYR A 1177 44.01 88.38 49.64
C TYR A 1177 44.61 89.03 50.88
N GLU A 1178 45.20 90.20 50.72
CA GLU A 1178 45.81 90.93 51.82
C GLU A 1178 44.83 91.16 52.97
N GLN A 1179 43.79 91.96 52.68
CA GLN A 1179 42.76 92.23 53.67
C GLN A 1179 41.38 92.25 53.01
N ILE A 1180 40.34 92.08 53.82
CA ILE A 1180 38.97 92.14 53.33
C ILE A 1180 38.28 93.39 53.84
N CYS A 1181 37.86 94.26 52.92
CA CYS A 1181 37.26 95.53 53.31
C CYS A 1181 35.73 95.52 53.18
N GLU A 1182 35.07 95.51 54.34
CA GLU A 1182 33.61 95.52 54.45
C GLU A 1182 32.95 94.48 53.55
N GLU A 1183 31.80 94.87 52.97
CA GLU A 1183 30.96 94.07 52.08
C GLU A 1183 29.80 94.93 51.60
N GLU A 1184 29.17 94.53 50.51
CA GLU A 1184 27.89 95.14 50.11
C GLU A 1184 26.91 94.05 49.70
N ILE A 1185 25.86 93.85 50.49
CA ILE A 1185 24.88 92.80 50.21
C ILE A 1185 23.58 93.28 49.56
N ALA A 1186 23.41 94.59 49.41
CA ALA A 1186 22.13 95.12 48.97
C ALA A 1186 22.21 96.12 47.83
N GLN A 1187 22.78 97.29 48.11
CA GLN A 1187 22.75 98.44 47.21
C GLN A 1187 23.27 98.13 45.82
N LYS A 1188 22.57 98.66 44.81
CA LYS A 1188 22.97 98.47 43.41
C LYS A 1188 23.03 99.82 42.69
N ALA A 1189 21.90 100.53 42.61
CA ALA A 1189 21.84 101.82 41.94
C ALA A 1189 21.71 102.95 42.95
N LYS A 1190 22.26 104.11 42.60
CA LYS A 1190 22.19 105.31 43.43
C LYS A 1190 22.79 105.15 44.81
N ILE A 1191 24.03 104.69 44.88
CA ILE A 1191 24.77 104.70 46.14
C ILE A 1191 24.93 106.16 46.59
N SER A 1192 24.86 106.41 47.89
CA SER A 1192 24.77 107.78 48.37
C SER A 1192 26.04 108.32 49.02
N TYR A 1193 26.26 107.94 50.28
CA TYR A 1193 27.27 108.60 51.11
C TYR A 1193 27.87 107.68 52.18
N LEU A 1194 28.65 108.30 53.06
CA LEU A 1194 29.15 107.69 54.29
C LEU A 1194 29.94 108.75 55.06
N VAL A 1195 30.09 108.55 56.36
CA VAL A 1195 30.71 109.56 57.24
C VAL A 1195 31.49 108.94 58.38
N ALA A 1196 32.27 109.77 59.06
CA ALA A 1196 32.95 109.38 60.29
C ALA A 1196 31.92 109.08 61.38
N THR A 1197 32.33 108.30 62.37
CA THR A 1197 31.42 107.83 63.41
C THR A 1197 32.18 107.54 64.70
N ASP A 1198 31.51 106.85 65.62
CA ASP A 1198 32.12 106.46 66.89
C ASP A 1198 33.20 105.41 66.61
N ASP A 1199 33.79 104.86 67.67
CA ASP A 1199 34.98 104.01 67.58
C ASP A 1199 34.95 102.98 66.46
N GLY A 1200 34.01 102.04 66.53
CA GLY A 1200 33.92 100.99 65.53
C GLY A 1200 33.64 101.46 64.10
N THR A 1201 34.55 101.10 63.20
CA THR A 1201 34.43 101.26 61.74
C THR A 1201 33.87 102.60 61.25
N MET A 1202 32.98 102.57 60.26
CA MET A 1202 32.38 103.76 59.67
C MET A 1202 30.99 103.47 59.12
N LEU A 1203 30.13 104.47 59.10
CA LEU A 1203 28.73 104.30 58.72
C LEU A 1203 28.38 104.92 57.36
N ALA A 1204 27.52 104.24 56.62
CA ALA A 1204 27.01 104.73 55.34
C ALA A 1204 25.50 104.95 55.42
N MET A 1205 24.96 105.79 54.54
CA MET A 1205 23.55 106.19 54.68
C MET A 1205 22.77 106.28 53.37
N GLY A 1206 21.53 106.76 53.50
CA GLY A 1206 20.62 107.02 52.40
C GLY A 1206 19.58 105.93 52.23
N PHE A 1207 18.36 106.34 51.88
CA PHE A 1207 17.26 105.40 51.64
C PHE A 1207 16.96 105.17 50.16
N GLU A 1208 17.70 105.84 49.28
CA GLU A 1208 17.36 105.81 47.85
C GLU A 1208 17.66 104.44 47.21
N ASN A 1209 16.64 103.88 46.57
CA ASN A 1209 16.75 102.60 45.87
C ASN A 1209 17.33 101.48 46.72
N GLY A 1210 17.00 101.48 48.02
CA GLY A 1210 17.52 100.48 48.92
C GLY A 1210 17.57 100.98 50.36
N THR A 1211 18.46 100.39 51.15
CA THR A 1211 18.62 100.78 52.54
C THR A 1211 20.06 101.12 52.87
N LEU A 1212 20.31 101.53 54.12
CA LEU A 1212 21.66 101.83 54.57
C LEU A 1212 22.20 100.70 55.45
N GLU A 1213 23.49 100.44 55.35
CA GLU A 1213 24.10 99.31 56.05
C GLU A 1213 25.40 99.68 56.75
N LEU A 1214 25.81 98.84 57.70
CA LEU A 1214 27.04 99.04 58.46
C LEU A 1214 27.97 97.84 58.32
N PHE A 1215 29.25 98.11 58.07
CA PHE A 1215 30.25 97.06 57.96
C PHE A 1215 31.58 97.52 58.54
N ALA A 1216 32.48 96.58 58.78
CA ALA A 1216 33.76 96.87 59.42
C ALA A 1216 34.91 96.87 58.43
N VAL A 1217 35.93 97.67 58.71
CA VAL A 1217 37.08 97.79 57.83
C VAL A 1217 37.78 96.45 57.59
N GLU A 1218 38.22 95.82 58.68
CA GLU A 1218 38.95 94.56 58.57
C GLU A 1218 38.06 93.33 58.78
N ASN A 1219 36.78 93.56 59.09
CA ASN A 1219 35.87 92.47 59.40
C ASN A 1219 34.44 92.75 58.93
N ARG A 1220 33.50 91.91 59.37
CA ARG A 1220 32.09 92.14 59.10
C ARG A 1220 31.31 92.25 60.40
N LYS A 1221 30.35 93.19 60.44
CA LYS A 1221 29.59 93.44 61.65
C LYS A 1221 28.11 93.67 61.37
N VAL A 1222 27.37 94.04 62.41
CA VAL A 1222 25.93 94.26 62.30
C VAL A 1222 25.64 95.54 61.51
N GLN A 1223 24.43 95.65 60.97
CA GLN A 1223 24.04 96.82 60.21
C GLN A 1223 22.82 97.50 60.84
N LEU A 1224 22.60 98.76 60.46
CA LEU A 1224 21.59 99.60 61.13
C LEU A 1224 20.18 99.33 60.65
N ILE A 1225 19.26 100.22 61.03
CA ILE A 1225 17.83 100.07 60.81
C ILE A 1225 17.40 100.12 59.35
N TYR A 1226 16.19 99.64 59.08
CA TYR A 1226 15.58 99.70 57.76
C TYR A 1226 15.36 101.14 57.33
N SER A 1227 15.17 101.35 56.03
CA SER A 1227 14.49 102.55 55.55
C SER A 1227 13.15 102.58 56.27
N ILE A 1228 12.76 103.75 56.77
CA ILE A 1228 11.67 103.85 57.74
C ILE A 1228 10.42 103.08 57.35
N GLU A 1229 9.66 103.58 56.38
CA GLU A 1229 8.58 102.79 55.79
C GLU A 1229 8.54 102.90 54.27
N GLU A 1230 8.21 104.10 53.80
CA GLU A 1230 7.93 104.35 52.40
C GLU A 1230 9.19 104.37 51.52
N VAL A 1231 9.00 104.14 50.23
CA VAL A 1231 10.06 104.29 49.25
C VAL A 1231 10.06 105.71 48.72
N HIS A 1232 10.87 105.95 47.69
CA HIS A 1232 10.95 107.28 47.06
C HIS A 1232 11.33 108.34 48.08
N GLU A 1233 12.57 108.29 48.56
CA GLU A 1233 13.07 109.20 49.57
C GLU A 1233 13.00 110.64 49.07
N HIS A 1234 12.78 111.58 49.99
CA HIS A 1234 12.67 112.99 49.64
C HIS A 1234 14.01 113.55 49.16
N CYS A 1235 13.96 114.69 48.49
CA CYS A 1235 15.10 115.26 47.78
C CYS A 1235 16.40 115.30 48.58
N ILE A 1236 16.33 115.68 49.85
CA ILE A 1236 17.51 115.67 50.70
C ILE A 1236 17.61 114.36 51.49
N ARG A 1237 18.62 113.57 51.17
CA ARG A 1237 18.83 112.27 51.82
C ARG A 1237 19.82 112.36 52.97
N GLN A 1238 20.28 113.57 53.27
CA GLN A 1238 21.26 113.78 54.33
C GLN A 1238 20.72 113.37 55.70
N LEU A 1239 21.58 112.80 56.52
CA LEU A 1239 21.21 112.38 57.88
C LEU A 1239 21.69 113.39 58.91
N LEU A 1240 20.93 113.52 59.98
CA LEU A 1240 21.19 114.54 61.00
C LEU A 1240 22.05 113.97 62.13
N PHE A 1241 23.30 114.45 62.22
CA PHE A 1241 24.22 113.94 63.23
C PHE A 1241 25.37 114.90 63.53
N SER A 1242 25.95 114.73 64.72
CA SER A 1242 27.24 115.33 65.06
C SER A 1242 28.26 114.19 65.12
N PRO A 1243 29.37 114.31 64.38
CA PRO A 1243 30.23 113.15 64.13
C PRO A 1243 30.80 112.47 65.38
N CYS A 1244 31.40 113.22 66.31
CA CYS A 1244 31.89 112.63 67.55
C CYS A 1244 30.88 112.75 68.68
N LYS A 1245 29.87 113.58 68.48
CA LYS A 1245 28.87 113.86 69.51
C LYS A 1245 27.57 113.07 69.33
N LEU A 1246 27.56 112.16 68.35
CA LEU A 1246 26.32 111.53 67.89
C LEU A 1246 25.49 110.90 69.00
N LEU A 1247 24.23 111.34 69.08
CA LEU A 1247 23.26 110.79 70.00
C LEU A 1247 21.95 110.51 69.27
N LEU A 1248 21.31 111.57 68.80
CA LEU A 1248 20.05 111.46 68.07
C LEU A 1248 20.26 111.15 66.59
N ILE A 1249 19.35 110.36 66.03
CA ILE A 1249 19.35 110.05 64.60
C ILE A 1249 17.95 110.23 64.02
N SER A 1250 17.82 111.08 63.01
CA SER A 1250 16.52 111.41 62.44
C SER A 1250 16.38 111.02 60.97
N CYS A 1251 15.42 110.16 60.68
CA CYS A 1251 15.15 109.75 59.30
C CYS A 1251 13.64 109.58 59.06
N ALA A 1252 13.16 110.11 57.94
CA ALA A 1252 11.76 109.99 57.55
C ALA A 1252 11.58 110.20 56.05
N GLU A 1253 10.43 109.77 55.53
CA GLU A 1253 10.13 109.98 54.12
C GLU A 1253 9.13 111.11 53.90
N GLN A 1254 7.86 110.86 54.20
CA GLN A 1254 6.82 111.85 53.92
C GLN A 1254 5.99 112.23 55.15
N LEU A 1255 5.11 111.32 55.57
CA LEU A 1255 4.13 111.63 56.61
C LEU A 1255 4.60 111.14 58.00
N CYS A 1256 5.81 110.58 58.04
CA CYS A 1256 6.34 109.97 59.26
C CYS A 1256 6.40 110.95 60.45
N PHE A 1257 6.21 110.40 61.65
CA PHE A 1257 6.18 111.18 62.87
C PHE A 1257 7.60 111.49 63.37
N TRP A 1258 7.69 111.97 64.61
CA TRP A 1258 8.96 112.35 65.21
C TRP A 1258 10.02 111.25 65.09
N ASN A 1259 11.20 111.63 64.64
CA ASN A 1259 12.24 110.69 64.27
C ASN A 1259 13.25 110.38 65.37
N VAL A 1260 13.05 110.97 66.54
CA VAL A 1260 14.06 110.92 67.59
C VAL A 1260 14.40 109.49 68.05
N THR A 1261 15.68 109.16 67.97
CA THR A 1261 16.23 107.90 68.47
C THR A 1261 17.59 108.17 69.11
N HIS A 1262 17.77 107.74 70.36
CA HIS A 1262 19.03 108.02 71.05
C HIS A 1262 19.60 106.78 71.73
N MET A 1263 20.77 106.96 72.35
CA MET A 1263 21.43 105.88 73.06
C MET A 1263 21.63 106.24 74.53
N ARG A 1264 21.72 105.23 75.38
CA ARG A 1264 21.88 105.44 76.81
C ARG A 1264 23.35 105.31 77.23
N HIS B 8 -45.25 4.16 18.71
CA HIS B 8 -44.62 5.47 18.85
C HIS B 8 -45.65 6.54 19.07
N GLN B 9 -46.82 6.33 18.50
CA GLN B 9 -47.61 7.45 18.01
C GLN B 9 -47.74 8.53 19.06
N TYR B 10 -47.42 9.74 18.65
CA TYR B 10 -47.41 10.88 19.52
C TYR B 10 -48.84 11.29 19.81
N GLN B 11 -49.01 12.30 20.62
CA GLN B 11 -50.31 12.63 21.20
C GLN B 11 -50.41 14.13 21.27
N TYR B 12 -51.52 14.69 20.80
CA TYR B 12 -51.56 16.11 20.51
C TYR B 12 -50.97 16.94 21.64
N LYS B 13 -51.36 16.67 22.89
CA LYS B 13 -50.85 17.50 23.97
C LYS B 13 -49.35 17.32 24.12
N ASP B 14 -48.79 16.24 23.61
CA ASP B 14 -47.33 16.18 23.57
C ASP B 14 -46.80 17.22 22.60
N ILE B 15 -47.28 17.17 21.37
CA ILE B 15 -46.67 17.92 20.29
C ILE B 15 -47.15 19.35 20.27
N LEU B 16 -48.36 19.62 20.76
CA LEU B 16 -48.99 20.91 20.53
C LEU B 16 -48.07 22.05 20.93
N SER B 17 -47.37 21.90 22.03
CA SER B 17 -46.57 23.00 22.53
C SER B 17 -45.46 23.41 21.60
N VAL B 18 -45.22 22.68 20.52
CA VAL B 18 -44.02 22.97 19.77
C VAL B 18 -44.21 24.26 19.03
N PHE B 19 -45.01 24.25 17.99
CA PHE B 19 -45.14 25.46 17.19
C PHE B 19 -46.10 26.37 17.92
N GLU B 20 -45.63 27.57 18.20
CA GLU B 20 -46.41 28.66 18.75
C GLU B 20 -46.36 29.85 17.82
N ASP B 21 -45.16 30.28 17.43
CA ASP B 21 -45.00 31.55 16.74
C ASP B 21 -46.04 31.71 15.65
N ALA B 22 -46.12 30.75 14.74
CA ALA B 22 -47.21 30.73 13.79
C ALA B 22 -48.53 30.86 14.51
N PHE B 23 -48.75 29.99 15.49
CA PHE B 23 -49.98 30.01 16.24
C PHE B 23 -50.13 31.31 16.99
N VAL B 24 -49.00 31.86 17.44
CA VAL B 24 -49.00 33.16 18.12
C VAL B 24 -49.54 34.24 17.19
N ASP B 25 -48.75 34.57 16.18
CA ASP B 25 -48.91 35.80 15.42
C ASP B 25 -50.28 35.93 14.80
N ASN B 26 -50.60 35.04 13.88
CA ASN B 26 -51.72 35.20 12.98
C ASN B 26 -53.05 34.80 13.59
N PHE B 27 -53.07 34.44 14.86
CA PHE B 27 -54.29 34.05 15.54
C PHE B 27 -54.38 34.66 16.93
N ASP B 28 -55.60 35.03 17.32
CA ASP B 28 -55.85 35.56 18.66
C ASP B 28 -57.03 34.82 19.24
N CYS B 29 -56.92 34.45 20.52
CA CYS B 29 -58.03 33.76 21.16
C CYS B 29 -59.32 34.57 21.12
N LYS B 30 -59.25 35.85 21.51
CA LYS B 30 -60.45 36.67 21.57
C LYS B 30 -61.22 36.63 20.27
N ASP B 31 -60.51 36.42 19.17
CA ASP B 31 -61.12 36.33 17.86
C ASP B 31 -62.24 35.31 17.91
N VAL B 32 -62.00 34.21 18.62
CA VAL B 32 -62.91 33.08 18.64
C VAL B 32 -63.21 32.70 20.07
N GLN B 33 -64.45 32.89 20.48
CA GLN B 33 -65.02 32.06 21.52
C GLN B 33 -66.17 31.29 20.87
N ASP B 34 -65.87 30.07 20.44
CA ASP B 34 -66.95 29.14 20.12
C ASP B 34 -67.38 28.39 21.37
N MET B 35 -66.40 27.95 22.15
CA MET B 35 -66.60 27.51 23.51
C MET B 35 -67.53 26.31 23.66
N PRO B 36 -67.27 25.18 23.02
CA PRO B 36 -67.94 23.97 23.46
C PRO B 36 -67.55 23.71 24.91
N LYS B 37 -68.54 23.59 25.77
CA LYS B 37 -68.29 23.84 27.18
C LYS B 37 -67.38 22.82 27.81
N SER B 38 -67.41 21.57 27.35
CA SER B 38 -66.54 20.57 27.93
C SER B 38 -65.07 20.91 27.70
N ILE B 39 -64.78 21.49 26.54
CA ILE B 39 -63.37 21.62 26.16
C ILE B 39 -62.73 22.80 26.88
N LEU B 40 -63.51 23.82 27.22
CA LEU B 40 -63.02 24.96 27.97
C LEU B 40 -64.14 25.43 28.86
N SER B 41 -63.84 25.71 30.13
CA SER B 41 -64.91 26.26 30.91
C SER B 41 -65.15 27.71 30.52
N LYS B 42 -66.21 28.29 31.07
CA LYS B 42 -66.48 29.69 30.79
C LYS B 42 -65.41 30.56 31.41
N GLU B 43 -65.20 30.41 32.71
CA GLU B 43 -64.15 31.13 33.42
C GLU B 43 -62.82 31.05 32.70
N GLU B 44 -62.55 29.94 32.03
CA GLU B 44 -61.31 29.79 31.30
C GLU B 44 -61.14 30.93 30.33
N ILE B 45 -61.95 30.92 29.28
CA ILE B 45 -61.80 31.94 28.25
C ILE B 45 -62.17 33.30 28.82
N ASP B 46 -62.92 33.32 29.90
CA ASP B 46 -63.10 34.57 30.63
C ASP B 46 -61.74 35.13 31.02
N HIS B 47 -60.82 34.26 31.42
CA HIS B 47 -59.54 34.72 31.88
C HIS B 47 -58.57 35.04 30.75
N ILE B 48 -58.59 34.26 29.69
CA ILE B 48 -57.58 34.41 28.64
C ILE B 48 -57.62 35.80 28.05
N ILE B 49 -58.79 36.19 27.54
CA ILE B 49 -58.87 37.45 26.80
C ILE B 49 -58.40 38.62 27.65
N MET B 50 -58.53 38.50 28.96
CA MET B 50 -58.09 39.56 29.85
C MET B 50 -56.62 39.88 29.70
N SER B 51 -55.82 38.98 29.12
CA SER B 51 -54.42 39.27 28.93
C SER B 51 -54.24 40.38 27.92
N LYS B 52 -53.13 41.11 28.03
CA LYS B 52 -53.02 42.38 27.33
C LYS B 52 -52.43 42.23 25.95
N ASP B 53 -51.83 41.08 25.64
CA ASP B 53 -51.17 40.94 24.35
C ASP B 53 -51.03 39.48 23.99
N ALA B 54 -50.81 39.26 22.68
CA ALA B 54 -50.70 37.91 22.15
C ALA B 54 -49.69 37.08 22.91
N VAL B 55 -48.46 37.59 23.02
CA VAL B 55 -47.40 36.82 23.67
C VAL B 55 -47.83 36.38 25.05
N SER B 56 -48.66 37.17 25.70
CA SER B 56 -49.40 36.64 26.84
C SER B 56 -50.61 35.86 26.38
N GLY B 57 -51.38 36.42 25.47
CA GLY B 57 -52.66 35.83 25.14
C GLY B 57 -52.51 34.44 24.59
N THR B 58 -51.80 34.29 23.48
CA THR B 58 -51.64 32.96 22.91
C THR B 58 -51.05 32.02 23.94
N LEU B 59 -50.20 32.54 24.81
CA LEU B 59 -49.49 31.65 25.72
C LEU B 59 -50.46 31.02 26.70
N ARG B 60 -51.23 31.82 27.44
CA ARG B 60 -52.04 31.24 28.49
C ARG B 60 -52.99 30.22 27.92
N LEU B 61 -53.23 30.27 26.62
CA LEU B 61 -54.02 29.22 26.00
C LEU B 61 -53.41 27.85 26.28
N PHE B 62 -52.20 27.64 25.78
CA PHE B 62 -51.60 26.32 25.87
C PHE B 62 -51.63 25.79 27.28
N TRP B 63 -51.09 26.55 28.22
CA TRP B 63 -51.05 26.08 29.60
C TRP B 63 -52.41 25.66 30.09
N THR B 64 -53.47 26.25 29.58
CA THR B 64 -54.76 25.72 29.96
C THR B 64 -54.99 24.37 29.32
N LEU B 65 -54.82 24.27 28.01
CA LEU B 65 -55.07 23.01 27.34
C LEU B 65 -54.25 21.88 27.93
N LEU B 66 -52.95 22.04 28.03
CA LEU B 66 -52.09 20.95 28.45
C LEU B 66 -52.41 20.45 29.84
N SER B 67 -53.27 21.14 30.57
CA SER B 67 -53.73 20.71 31.87
C SER B 67 -54.94 19.80 31.78
N LYS B 68 -55.33 19.41 30.58
CA LYS B 68 -56.56 18.66 30.37
C LYS B 68 -56.26 17.30 29.79
N GLN B 69 -57.26 16.44 29.83
CA GLN B 69 -57.11 15.12 29.25
C GLN B 69 -57.18 15.19 27.73
N GLU B 70 -56.51 14.24 27.10
CA GLU B 70 -56.22 14.30 25.68
C GLU B 70 -57.46 14.41 24.81
N GLU B 71 -58.56 13.77 25.22
CA GLU B 71 -59.78 13.82 24.41
C GLU B 71 -60.14 15.25 24.06
N MET B 72 -60.23 16.11 25.06
CA MET B 72 -60.58 17.51 24.82
C MET B 72 -59.69 18.10 23.75
N VAL B 73 -58.38 18.07 23.99
CA VAL B 73 -57.43 18.51 22.98
C VAL B 73 -57.69 17.78 21.67
N GLN B 74 -57.80 16.46 21.74
CA GLN B 74 -58.07 15.68 20.54
C GLN B 74 -59.27 16.23 19.80
N LYS B 75 -60.24 16.77 20.52
CA LYS B 75 -61.31 17.46 19.83
C LYS B 75 -60.91 18.85 19.42
N PHE B 76 -60.03 19.51 20.17
CA PHE B 76 -59.73 20.89 19.89
C PHE B 76 -59.02 21.03 18.56
N VAL B 77 -58.13 20.10 18.24
CA VAL B 77 -57.45 20.18 16.97
C VAL B 77 -58.44 20.04 15.83
N GLU B 78 -59.56 19.36 16.07
CA GLU B 78 -60.64 19.32 15.10
C GLU B 78 -61.47 20.60 15.09
N GLU B 79 -61.69 21.17 16.27
CA GLU B 79 -62.60 22.30 16.39
C GLU B 79 -62.14 23.49 15.54
N VAL B 80 -60.82 23.69 15.42
CA VAL B 80 -60.32 24.82 14.66
C VAL B 80 -60.76 24.72 13.21
N LEU B 81 -60.83 23.50 12.68
CA LEU B 81 -61.33 23.29 11.33
C LEU B 81 -62.63 24.00 11.07
N ARG B 82 -63.62 23.80 11.94
CA ARG B 82 -64.92 24.42 11.75
C ARG B 82 -64.82 25.93 11.74
N ILE B 83 -63.84 26.47 12.45
CA ILE B 83 -63.63 27.90 12.44
C ILE B 83 -63.16 28.25 11.04
N ASN B 84 -63.28 29.53 10.67
CA ASN B 84 -62.95 29.96 9.32
C ASN B 84 -61.59 29.43 8.90
N TYR B 85 -60.64 29.42 9.82
CA TYR B 85 -59.27 29.13 9.44
C TYR B 85 -58.90 27.73 9.87
N LYS B 86 -58.75 26.84 8.89
CA LYS B 86 -58.09 25.58 9.13
C LYS B 86 -56.63 25.60 8.75
N PHE B 87 -56.16 26.63 8.05
CA PHE B 87 -54.80 26.59 7.53
C PHE B 87 -53.82 26.30 8.64
N LEU B 88 -54.12 26.77 9.83
CA LEU B 88 -53.29 26.54 10.99
C LEU B 88 -53.24 25.07 11.37
N MET B 89 -54.34 24.35 11.19
CA MET B 89 -54.36 22.98 11.68
C MET B 89 -53.88 21.97 10.65
N SER B 90 -53.58 22.38 9.43
CA SER B 90 -53.01 21.38 8.57
C SER B 90 -51.62 21.00 9.06
N PRO B 91 -50.75 21.96 9.43
CA PRO B 91 -49.44 21.52 9.93
C PRO B 91 -49.57 20.65 11.15
N ILE B 92 -50.37 21.08 12.13
CA ILE B 92 -50.51 20.32 13.35
C ILE B 92 -50.97 18.91 13.09
N LYS B 93 -51.55 18.67 11.93
CA LYS B 93 -51.90 17.32 11.56
C LYS B 93 -50.70 16.59 11.00
N THR B 94 -49.54 17.23 10.96
CA THR B 94 -48.31 16.54 10.64
C THR B 94 -47.65 15.95 11.88
N GLU B 95 -48.34 15.96 13.01
CA GLU B 95 -48.07 14.95 14.02
C GLU B 95 -47.85 13.61 13.38
N GLN B 96 -48.92 13.07 12.80
CA GLN B 96 -48.98 11.66 12.46
C GLN B 96 -47.90 11.31 11.46
N ARG B 97 -47.06 10.36 11.86
CA ARG B 97 -45.94 9.88 11.05
C ARG B 97 -45.06 11.01 10.58
N GLN B 98 -45.15 12.16 11.19
CA GLN B 98 -44.15 13.11 10.77
C GLN B 98 -43.74 14.02 11.91
N PRO B 99 -43.17 13.49 12.98
CA PRO B 99 -42.38 14.36 13.84
C PRO B 99 -41.20 14.84 13.03
N SER B 100 -41.02 16.15 12.99
CA SER B 100 -39.87 16.60 12.23
C SER B 100 -38.60 16.13 12.91
N MET B 101 -37.65 15.69 12.08
CA MET B 101 -36.46 15.01 12.60
C MET B 101 -35.83 15.78 13.74
N MET B 102 -35.94 17.09 13.70
CA MET B 102 -35.66 17.89 14.89
C MET B 102 -36.62 17.50 16.01
N THR B 103 -37.89 17.78 15.83
CA THR B 103 -38.82 17.88 16.96
C THR B 103 -38.69 16.72 17.92
N ARG B 104 -38.40 15.53 17.40
CA ARG B 104 -38.22 14.41 18.31
C ARG B 104 -37.17 14.71 19.36
N MET B 105 -36.12 15.42 18.98
CA MET B 105 -35.13 15.82 19.96
C MET B 105 -35.80 16.50 21.14
N TYR B 106 -36.55 17.56 20.86
CA TYR B 106 -37.34 18.21 21.88
C TYR B 106 -38.21 17.22 22.61
N ILE B 107 -39.22 16.69 21.91
CA ILE B 107 -40.28 15.95 22.58
C ILE B 107 -39.69 14.84 23.42
N GLU B 108 -38.52 14.34 23.04
CA GLU B 108 -37.82 13.45 23.94
C GLU B 108 -37.39 14.22 25.18
N GLN B 109 -36.61 15.27 24.97
CA GLN B 109 -35.79 15.72 26.08
C GLN B 109 -36.62 16.24 27.24
N ARG B 110 -37.68 16.97 26.97
CA ARG B 110 -38.50 17.43 28.08
C ARG B 110 -38.88 16.28 28.99
N ASP B 111 -39.05 15.10 28.44
CA ASP B 111 -39.30 13.97 29.31
C ASP B 111 -38.12 13.74 30.23
N ARG B 112 -36.91 13.64 29.68
CA ARG B 112 -35.75 13.56 30.54
C ARG B 112 -35.69 14.77 31.46
N LEU B 113 -36.37 15.84 31.12
CA LEU B 113 -36.50 16.92 32.08
C LEU B 113 -37.58 16.62 33.10
N TYR B 114 -38.76 16.18 32.67
CA TYR B 114 -39.75 15.78 33.66
C TYR B 114 -39.30 14.62 34.52
N ASN B 115 -38.25 13.92 34.16
CA ASN B 115 -37.84 12.87 35.07
C ASN B 115 -37.04 13.41 36.22
N ASP B 116 -36.99 14.73 36.32
CA ASP B 116 -36.99 15.40 37.60
C ASP B 116 -38.26 15.09 38.40
N ASN B 117 -39.23 14.40 37.80
CA ASN B 117 -40.41 13.86 38.50
C ASN B 117 -41.22 14.87 39.25
N GLN B 118 -41.23 14.77 40.58
CA GLN B 118 -42.23 15.45 41.38
C GLN B 118 -42.55 16.80 40.82
N VAL B 119 -41.48 17.44 40.40
CA VAL B 119 -41.44 18.86 40.19
C VAL B 119 -42.64 19.30 39.41
N PHE B 120 -42.63 19.08 38.13
CA PHE B 120 -43.74 19.52 37.33
C PHE B 120 -44.72 18.40 37.14
N ALA B 121 -44.44 17.26 37.74
CA ALA B 121 -45.35 16.13 37.67
C ALA B 121 -46.71 16.59 38.12
N LYS B 122 -46.86 16.80 39.41
CA LYS B 122 -48.13 17.30 39.92
C LYS B 122 -48.08 18.82 39.93
N TYR B 123 -47.22 19.35 40.76
CA TYR B 123 -47.41 20.68 41.30
C TYR B 123 -46.64 21.69 40.47
N ASN B 124 -47.38 22.58 39.83
CA ASN B 124 -47.04 23.99 39.79
C ASN B 124 -48.14 24.61 38.98
N VAL B 125 -48.34 25.90 39.17
CA VAL B 125 -49.08 26.67 38.20
C VAL B 125 -48.10 27.72 37.69
N SER B 126 -47.34 27.36 36.68
CA SER B 126 -46.66 28.28 35.79
C SER B 126 -46.14 29.53 36.50
N ARG B 127 -46.35 30.65 35.84
CA ARG B 127 -46.57 32.01 36.30
C ARG B 127 -46.53 32.76 35.00
N LEU B 128 -46.77 34.05 34.99
CA LEU B 128 -46.62 34.72 33.72
C LEU B 128 -45.49 35.73 33.77
N GLN B 129 -45.64 36.80 34.52
CA GLN B 129 -44.64 37.84 34.53
C GLN B 129 -43.23 37.29 34.73
N PRO B 130 -42.93 36.59 35.82
CA PRO B 130 -41.54 36.18 36.00
C PRO B 130 -41.09 35.30 34.88
N TYR B 131 -41.97 34.43 34.41
CA TYR B 131 -41.66 33.68 33.21
C TYR B 131 -41.25 34.62 32.11
N LEU B 132 -42.12 35.57 31.79
CA LEU B 132 -42.00 36.27 30.53
C LEU B 132 -40.73 37.09 30.43
N LYS B 133 -40.41 37.89 31.45
CA LYS B 133 -39.13 38.59 31.41
C LYS B 133 -38.01 37.64 31.15
N LEU B 134 -38.06 36.47 31.77
CA LEU B 134 -36.87 35.63 31.72
C LEU B 134 -36.63 35.12 30.32
N ARG B 135 -37.64 34.52 29.71
CA ARG B 135 -37.45 34.01 28.36
C ARG B 135 -36.86 35.10 27.47
N GLN B 136 -37.38 36.30 27.61
CA GLN B 136 -36.81 37.45 26.92
C GLN B 136 -35.31 37.47 27.06
N ALA B 137 -34.82 37.61 28.28
CA ALA B 137 -33.38 37.65 28.48
C ALA B 137 -32.74 36.35 28.02
N LEU B 138 -33.16 35.24 28.60
CA LEU B 138 -32.45 34.00 28.38
C LEU B 138 -32.48 33.58 26.92
N LEU B 139 -33.37 34.13 26.13
CA LEU B 139 -33.25 33.92 24.70
C LEU B 139 -32.04 34.63 24.13
N GLU B 140 -31.69 35.80 24.67
CA GLU B 140 -30.68 36.61 24.03
C GLU B 140 -29.26 36.12 24.28
N LEU B 141 -28.88 35.92 25.54
CA LEU B 141 -27.49 36.01 25.94
C LEU B 141 -26.57 35.17 25.07
N ARG B 142 -25.40 35.71 24.80
CA ARG B 142 -24.39 35.12 23.94
C ARG B 142 -23.27 34.53 24.79
N PRO B 143 -22.30 33.83 24.23
CA PRO B 143 -21.60 32.85 25.05
C PRO B 143 -20.54 33.37 25.98
N ALA B 144 -20.75 34.49 26.66
CA ALA B 144 -20.34 34.59 28.04
C ALA B 144 -21.25 35.62 28.68
N LYS B 145 -22.13 35.21 29.56
CA LYS B 145 -23.11 36.11 30.14
C LYS B 145 -23.71 35.41 31.33
N ASN B 146 -24.73 36.00 31.93
CA ASN B 146 -25.37 35.40 33.08
C ASN B 146 -26.77 35.95 33.18
N VAL B 147 -27.62 35.22 33.88
CA VAL B 147 -28.87 35.77 34.37
C VAL B 147 -29.01 35.32 35.80
N LEU B 148 -29.00 36.27 36.72
CA LEU B 148 -29.32 35.86 38.06
C LEU B 148 -30.80 35.60 38.17
N ILE B 149 -31.14 34.79 39.15
CA ILE B 149 -32.48 34.79 39.66
C ILE B 149 -32.37 34.88 41.17
N ASP B 150 -32.80 35.99 41.73
CA ASP B 150 -32.73 36.18 43.16
C ASP B 150 -34.10 36.03 43.77
N GLY B 151 -34.15 35.34 44.89
CA GLY B 151 -35.37 35.29 45.66
C GLY B 151 -35.09 35.05 47.12
N VAL B 152 -36.00 35.51 47.94
CA VAL B 152 -35.97 35.21 49.35
C VAL B 152 -36.36 33.76 49.56
N LEU B 153 -36.09 33.25 50.76
CA LEU B 153 -36.19 31.82 51.01
C LEU B 153 -37.49 31.26 50.46
N GLY B 154 -37.38 30.12 49.81
CA GLY B 154 -38.48 29.67 48.99
C GLY B 154 -38.65 30.59 47.81
N SER B 155 -39.85 31.12 47.64
CA SER B 155 -40.19 32.02 46.55
C SER B 155 -39.94 31.40 45.20
N GLY B 156 -39.84 30.08 45.15
CA GLY B 156 -39.91 29.32 43.91
C GLY B 156 -39.03 29.77 42.78
N LYS B 157 -37.76 29.99 43.04
CA LYS B 157 -36.87 30.30 41.93
C LYS B 157 -36.53 29.03 41.16
N THR B 158 -36.15 27.96 41.86
CA THR B 158 -35.74 26.73 41.20
C THR B 158 -36.76 26.24 40.20
N TRP B 159 -38.00 26.64 40.34
CA TRP B 159 -39.04 26.18 39.43
C TRP B 159 -39.12 27.06 38.21
N VAL B 160 -39.42 28.34 38.40
CA VAL B 160 -39.39 29.26 37.28
C VAL B 160 -38.11 29.09 36.50
N ALA B 161 -37.03 28.75 37.20
CA ALA B 161 -35.83 28.28 36.55
C ALA B 161 -36.14 27.20 35.53
N LEU B 162 -36.61 26.05 36.00
CA LEU B 162 -36.93 24.98 35.08
C LEU B 162 -37.89 25.46 34.02
N ASP B 163 -39.08 25.87 34.45
CA ASP B 163 -40.20 25.95 33.53
C ASP B 163 -39.84 26.67 32.24
N VAL B 164 -39.16 27.81 32.32
CA VAL B 164 -38.78 28.44 31.07
C VAL B 164 -37.84 27.57 30.27
N CYS B 165 -36.90 26.91 30.92
CA CYS B 165 -35.99 26.03 30.23
C CYS B 165 -36.70 24.86 29.55
N LEU B 166 -37.97 24.64 29.87
CA LEU B 166 -38.74 23.63 29.19
C LEU B 166 -39.32 24.12 27.88
N SER B 167 -39.59 25.42 27.78
CA SER B 167 -40.33 25.92 26.64
C SER B 167 -39.53 25.77 25.35
N TYR B 168 -40.21 25.31 24.30
CA TYR B 168 -39.54 24.92 23.08
C TYR B 168 -38.57 25.97 22.61
N LYS B 169 -39.07 27.14 22.25
CA LYS B 169 -38.29 28.10 21.50
C LYS B 169 -36.94 28.33 22.16
N VAL B 170 -36.87 28.29 23.48
CA VAL B 170 -35.59 28.19 24.14
C VAL B 170 -34.87 26.93 23.70
N GLN B 171 -35.45 25.79 24.03
CA GLN B 171 -34.77 24.52 23.91
C GLN B 171 -34.14 24.35 22.54
N CYS B 172 -34.71 24.98 21.53
CA CYS B 172 -34.14 24.91 20.19
C CYS B 172 -33.00 25.89 20.02
N LYS B 173 -33.09 27.04 20.68
CA LYS B 173 -32.02 28.01 20.59
C LYS B 173 -30.70 27.43 21.07
N MET B 174 -30.76 26.61 22.10
CA MET B 174 -29.57 26.16 22.78
C MET B 174 -29.11 24.80 22.36
N ASP B 175 -29.74 24.21 21.35
CA ASP B 175 -29.37 22.92 20.79
C ASP B 175 -29.49 21.79 21.79
N PHE B 176 -30.56 21.72 22.56
CA PHE B 176 -30.94 20.49 23.22
C PHE B 176 -29.86 19.98 24.13
N LYS B 177 -28.97 20.85 24.57
CA LYS B 177 -27.96 20.50 25.55
C LYS B 177 -28.18 21.41 26.74
N ILE B 178 -28.62 20.86 27.85
CA ILE B 178 -28.82 21.63 29.06
C ILE B 178 -28.40 20.81 30.25
N PHE B 179 -27.46 21.34 31.04
CA PHE B 179 -26.84 20.56 32.09
C PHE B 179 -27.19 21.15 33.44
N TRP B 180 -27.72 20.34 34.31
CA TRP B 180 -28.15 20.81 35.61
C TRP B 180 -27.11 20.42 36.63
N LEU B 181 -26.91 21.27 37.63
CA LEU B 181 -26.11 20.91 38.78
C LEU B 181 -26.84 21.34 40.04
N ASN B 182 -26.20 21.07 41.17
CA ASN B 182 -26.57 21.71 42.41
C ASN B 182 -25.30 22.01 43.17
N LEU B 183 -25.12 23.25 43.55
CA LEU B 183 -24.07 23.59 44.47
C LEU B 183 -24.57 23.55 45.89
N LYS B 184 -25.77 23.01 46.09
CA LYS B 184 -26.47 23.02 47.36
C LYS B 184 -25.55 22.67 48.50
N ASN B 185 -24.65 21.73 48.31
CA ASN B 185 -23.52 21.57 49.20
C ASN B 185 -22.29 21.89 48.38
N CYS B 186 -21.77 23.09 48.56
CA CYS B 186 -20.49 23.45 47.97
C CYS B 186 -19.70 24.28 48.96
N ASN B 187 -18.60 23.75 49.45
CA ASN B 187 -17.70 24.48 50.32
C ASN B 187 -16.32 23.88 50.20
N SER B 188 -15.29 24.70 50.29
CA SER B 188 -13.92 24.21 50.35
C SER B 188 -13.54 23.60 49.01
N PRO B 189 -12.26 23.46 48.71
CA PRO B 189 -11.88 22.88 47.43
C PRO B 189 -12.42 21.49 47.21
N GLU B 190 -12.32 20.60 48.19
CA GLU B 190 -12.68 19.20 47.97
C GLU B 190 -14.04 19.10 47.32
N THR B 191 -15.08 19.57 48.01
CA THR B 191 -16.43 19.43 47.51
C THR B 191 -16.54 19.94 46.09
N VAL B 192 -15.99 21.12 45.81
CA VAL B 192 -16.06 21.68 44.47
C VAL B 192 -15.59 20.65 43.46
N LEU B 193 -14.43 20.05 43.70
CA LEU B 193 -13.92 19.06 42.77
C LEU B 193 -14.99 18.05 42.44
N GLU B 194 -15.67 17.53 43.46
CA GLU B 194 -16.75 16.60 43.22
C GLU B 194 -17.75 17.23 42.28
N MET B 195 -18.51 18.17 42.79
CA MET B 195 -19.68 18.62 42.06
C MET B 195 -19.27 19.24 40.74
N LEU B 196 -17.98 19.54 40.61
CA LEU B 196 -17.46 19.82 39.28
C LEU B 196 -17.25 18.55 38.50
N GLN B 197 -16.61 17.56 39.12
CA GLN B 197 -16.20 16.42 38.33
C GLN B 197 -17.40 15.70 37.75
N LYS B 198 -18.51 15.67 38.49
CA LYS B 198 -19.74 15.11 37.92
C LYS B 198 -20.02 15.76 36.57
N LEU B 199 -20.05 17.08 36.55
CA LEU B 199 -20.36 17.78 35.31
C LEU B 199 -19.51 17.25 34.19
N LEU B 200 -18.28 16.87 34.48
CA LEU B 200 -17.43 16.41 33.41
C LEU B 200 -18.02 15.19 32.72
N TYR B 201 -18.45 14.21 33.50
CA TYR B 201 -18.91 12.98 32.87
C TYR B 201 -20.09 13.23 31.94
N GLN B 202 -21.04 14.06 32.36
CA GLN B 202 -22.20 14.25 31.51
C GLN B 202 -21.82 14.75 30.13
N ILE B 203 -20.72 15.47 30.02
CA ILE B 203 -20.38 16.01 28.71
C ILE B 203 -19.82 14.91 27.82
N ASP B 204 -18.88 14.18 28.26
CA ASP B 204 -18.38 13.04 27.51
C ASP B 204 -18.16 11.93 28.51
N PRO B 205 -18.51 10.70 28.18
CA PRO B 205 -18.12 9.61 29.06
C PRO B 205 -16.72 9.11 28.77
N ASN B 206 -15.76 10.02 28.59
CA ASN B 206 -14.37 9.63 28.63
C ASN B 206 -13.60 10.69 29.41
N TRP B 207 -13.09 10.32 30.57
CA TRP B 207 -12.04 11.14 31.11
C TRP B 207 -11.01 10.26 31.79
N THR B 208 -9.78 10.32 31.31
CA THR B 208 -8.67 9.63 31.94
C THR B 208 -8.16 10.52 33.06
N SER B 209 -7.73 9.88 34.13
CA SER B 209 -7.13 10.53 35.29
C SER B 209 -5.83 11.24 34.97
N ARG B 210 -5.41 11.19 33.71
CA ARG B 210 -4.02 11.33 33.31
C ARG B 210 -3.31 12.48 34.01
N SER B 211 -3.98 13.62 34.16
CA SER B 211 -3.40 14.69 34.96
C SER B 211 -3.20 14.19 36.39
N ASP B 212 -1.96 14.31 36.87
CA ASP B 212 -1.54 13.50 37.99
C ASP B 212 -2.39 13.74 39.23
N HIS B 213 -2.36 12.76 40.12
CA HIS B 213 -3.21 12.71 41.29
C HIS B 213 -2.57 13.51 42.41
N SER B 214 -1.57 14.32 42.06
CA SER B 214 -0.73 15.03 43.01
C SER B 214 -1.57 15.67 44.09
N SER B 215 -1.14 15.48 45.34
CA SER B 215 -1.97 15.71 46.49
C SER B 215 -2.46 17.15 46.60
N ASN B 216 -1.95 18.04 45.75
CA ASN B 216 -2.40 19.41 45.87
C ASN B 216 -3.76 19.53 45.21
N ILE B 217 -4.76 19.67 46.06
CA ILE B 217 -6.15 19.80 45.64
C ILE B 217 -6.35 21.06 44.83
N LYS B 218 -5.69 22.14 45.25
CA LYS B 218 -5.86 23.40 44.56
C LYS B 218 -5.37 23.31 43.13
N LEU B 219 -4.18 22.75 42.95
CA LEU B 219 -3.72 22.52 41.59
C LEU B 219 -4.72 21.69 40.82
N ARG B 220 -5.17 20.60 41.44
CA ARG B 220 -5.81 19.53 40.68
C ARG B 220 -7.01 20.05 39.91
N ILE B 221 -7.92 20.75 40.57
CA ILE B 221 -9.09 21.22 39.84
C ILE B 221 -8.64 22.08 38.70
N HIS B 222 -7.66 22.95 38.93
CA HIS B 222 -7.29 23.88 37.89
C HIS B 222 -6.75 23.14 36.68
N SER B 223 -6.46 21.85 36.84
CA SER B 223 -6.22 21.03 35.67
C SER B 223 -7.53 20.61 35.02
N ILE B 224 -8.47 20.11 35.81
CA ILE B 224 -9.77 19.75 35.26
C ILE B 224 -10.37 20.95 34.57
N GLN B 225 -10.53 22.02 35.32
CA GLN B 225 -11.17 23.22 34.81
C GLN B 225 -10.56 23.63 33.48
N ALA B 226 -9.26 23.45 33.33
CA ALA B 226 -8.68 23.59 32.01
C ALA B 226 -9.31 22.59 31.05
N GLU B 227 -9.06 21.30 31.27
CA GLU B 227 -9.50 20.27 30.33
C GLU B 227 -10.95 20.49 29.93
N LEU B 228 -11.76 20.91 30.87
CA LEU B 228 -13.12 21.28 30.54
C LEU B 228 -13.17 22.46 29.58
N ARG B 229 -12.55 23.58 29.98
CA ARG B 229 -12.77 24.82 29.26
C ARG B 229 -12.59 24.64 27.77
N ARG B 230 -11.49 24.02 27.37
CA ARG B 230 -11.31 23.77 25.95
C ARG B 230 -12.49 23.01 25.39
N LEU B 231 -12.74 21.83 25.95
CA LEU B 231 -13.73 20.92 25.37
C LEU B 231 -15.05 21.61 25.16
N LEU B 232 -15.50 22.37 26.14
CA LEU B 232 -16.81 22.98 26.06
C LEU B 232 -16.92 23.86 24.83
N LYS B 233 -16.23 25.00 24.85
CA LYS B 233 -16.37 25.93 23.74
C LYS B 233 -15.84 25.37 22.45
N SER B 234 -15.09 24.28 22.50
CA SER B 234 -14.45 23.75 21.30
C SER B 234 -15.48 23.43 20.23
N LYS B 235 -16.20 22.37 20.44
CA LYS B 235 -16.88 21.68 19.36
C LYS B 235 -18.33 22.11 19.33
N PRO B 236 -19.13 21.56 18.42
CA PRO B 236 -20.56 21.43 18.73
C PRO B 236 -20.66 20.90 20.13
N TYR B 237 -21.69 21.32 20.87
CA TYR B 237 -21.54 21.91 22.20
C TYR B 237 -21.08 23.36 22.13
N GLU B 238 -21.33 24.06 21.03
CA GLU B 238 -20.92 25.46 21.01
C GLU B 238 -21.87 26.31 21.83
N ASN B 239 -23.15 25.99 21.76
CA ASN B 239 -24.16 26.68 22.56
C ASN B 239 -24.70 25.69 23.57
N CYS B 240 -24.29 25.84 24.81
CA CYS B 240 -24.88 25.07 25.89
C CYS B 240 -25.13 26.04 26.99
N LEU B 241 -25.89 25.62 28.00
CA LEU B 241 -25.91 26.38 29.23
C LEU B 241 -25.81 25.44 30.39
N LEU B 242 -24.87 25.71 31.27
CA LEU B 242 -24.95 25.17 32.60
C LEU B 242 -26.14 25.80 33.28
N VAL B 243 -26.59 25.18 34.35
CA VAL B 243 -27.49 25.86 35.26
C VAL B 243 -26.97 25.56 36.64
N LEU B 244 -27.03 26.53 37.52
CA LEU B 244 -26.55 26.36 38.88
C LEU B 244 -27.71 26.66 39.80
N LEU B 245 -28.08 25.71 40.61
CA LEU B 245 -29.15 25.93 41.54
C LEU B 245 -28.55 26.12 42.93
N ASN B 246 -29.01 27.16 43.61
CA ASN B 246 -28.61 27.42 44.98
C ASN B 246 -27.12 27.63 45.10
N VAL B 247 -26.58 28.55 44.30
CA VAL B 247 -25.18 28.88 44.44
C VAL B 247 -24.94 29.31 45.87
N GLN B 248 -24.10 28.57 46.59
CA GLN B 248 -23.84 28.86 48.00
C GLN B 248 -22.52 29.52 48.36
N ASN B 249 -21.56 29.46 47.46
CA ASN B 249 -20.25 30.05 47.73
C ASN B 249 -19.97 31.17 46.73
N ALA B 250 -19.61 32.34 47.23
CA ALA B 250 -19.36 33.40 46.36
C ALA B 250 -18.27 33.16 45.56
N ALA B 252 -17.17 29.70 44.67
CA ALA B 252 -17.75 28.69 43.93
C ALA B 252 -17.82 29.22 42.59
N TRP B 253 -18.89 30.12 42.53
CA TRP B 253 -18.97 30.65 41.18
C TRP B 253 -17.69 30.40 40.42
N ASN B 254 -16.59 31.00 40.88
CA ASN B 254 -15.38 31.06 40.08
C ASN B 254 -14.86 29.69 39.72
N ALA B 255 -15.40 28.67 40.35
CA ALA B 255 -15.22 27.34 39.82
C ALA B 255 -15.54 27.34 38.34
N PHE B 256 -16.77 27.66 38.01
CA PHE B 256 -17.35 27.30 36.73
C PHE B 256 -17.19 28.37 35.66
N ASN B 257 -16.49 29.46 35.97
CA ASN B 257 -16.45 30.65 35.12
C ASN B 257 -16.27 30.32 33.65
N LEU B 258 -15.46 29.30 33.39
CA LEU B 258 -14.94 29.00 32.06
C LEU B 258 -16.01 28.99 30.97
N SER B 259 -17.25 28.71 31.33
CA SER B 259 -18.24 28.26 30.38
C SER B 259 -18.82 29.41 29.60
N CYS B 260 -19.94 29.11 28.99
CA CYS B 260 -20.81 30.09 28.40
C CYS B 260 -22.21 29.97 28.96
N LYS B 261 -22.98 31.03 28.79
CA LYS B 261 -24.44 30.98 28.87
C LYS B 261 -24.94 30.48 30.22
N ILE B 262 -24.17 30.60 31.29
CA ILE B 262 -24.61 29.95 32.50
C ILE B 262 -25.76 30.73 33.12
N LEU B 263 -26.29 30.24 34.21
CA LEU B 263 -27.50 30.78 34.82
C LEU B 263 -27.44 30.50 36.31
N LEU B 264 -28.02 31.38 37.11
CA LEU B 264 -27.85 31.25 38.55
C LEU B 264 -29.18 31.28 39.27
N THR B 265 -29.12 30.88 40.52
CA THR B 265 -30.17 31.10 41.49
C THR B 265 -29.48 31.35 42.80
N THR B 266 -29.87 32.28 43.50
CA THR B 266 -29.18 32.57 44.74
C THR B 266 -30.08 33.20 45.76
N ARG B 267 -29.96 32.72 47.00
CA ARG B 267 -30.52 33.43 48.13
C ARG B 267 -29.67 34.64 48.47
N PHE B 268 -28.38 34.43 48.65
CA PHE B 268 -27.55 35.36 49.39
C PHE B 268 -27.36 36.67 48.65
N LYS B 269 -27.55 37.76 49.37
CA LYS B 269 -27.30 39.10 48.88
C LYS B 269 -25.90 39.21 48.28
N GLN B 270 -24.91 38.65 48.95
CA GLN B 270 -23.53 38.91 48.55
C GLN B 270 -23.24 38.40 47.16
N VAL B 271 -23.99 37.44 46.66
CA VAL B 271 -23.82 37.05 45.27
C VAL B 271 -24.39 38.11 44.35
N THR B 272 -25.70 38.34 44.41
CA THR B 272 -26.31 39.29 43.50
C THR B 272 -25.65 40.65 43.57
N ASP B 273 -24.93 40.94 44.65
CA ASP B 273 -24.13 42.15 44.69
C ASP B 273 -22.81 41.95 43.97
N PHE B 274 -22.19 40.78 44.13
CA PHE B 274 -20.88 40.51 43.56
C PHE B 274 -20.88 40.64 42.05
N LEU B 275 -21.93 40.14 41.41
CA LEU B 275 -22.13 40.38 39.99
C LEU B 275 -22.57 41.82 39.76
N SER B 276 -22.45 42.28 38.53
CA SER B 276 -22.79 43.64 38.18
C SER B 276 -23.48 43.71 36.83
N ALA B 277 -24.41 44.65 36.68
CA ALA B 277 -25.28 44.67 35.52
C ALA B 277 -24.50 44.81 34.23
N ALA B 278 -23.22 45.15 34.31
CA ALA B 278 -22.41 45.27 33.11
C ALA B 278 -22.44 43.98 32.30
N THR B 279 -22.03 42.87 32.92
CA THR B 279 -21.94 41.63 32.16
C THR B 279 -23.15 40.74 32.37
N THR B 280 -24.05 41.11 33.28
CA THR B 280 -25.17 40.23 33.59
C THR B 280 -26.45 41.06 33.66
N THR B 281 -27.57 40.35 33.68
CA THR B 281 -28.86 40.94 33.98
C THR B 281 -29.30 40.48 35.35
N HIS B 282 -30.50 40.89 35.75
CA HIS B 282 -31.12 40.40 36.97
C HIS B 282 -32.53 39.92 36.66
N ILE B 283 -33.02 39.00 37.47
CA ILE B 283 -34.44 38.80 37.69
C ILE B 283 -34.65 38.70 39.19
N SER B 284 -35.38 39.65 39.75
CA SER B 284 -35.66 39.59 41.16
C SER B 284 -37.04 39.01 41.33
N LEU B 285 -37.22 38.14 42.31
CA LEU B 285 -38.57 37.68 42.57
C LEU B 285 -39.23 38.40 43.75
N ASP B 286 -38.54 39.31 44.40
CA ASP B 286 -39.17 40.09 45.47
C ASP B 286 -39.97 41.26 44.92
N HIS B 287 -39.51 41.79 43.79
CA HIS B 287 -40.12 42.96 43.17
C HIS B 287 -41.61 42.68 43.00
N HIS B 288 -42.42 43.56 43.56
CA HIS B 288 -43.80 43.22 43.86
C HIS B 288 -44.56 42.84 42.60
N SER B 289 -44.16 43.39 41.46
CA SER B 289 -44.88 43.08 40.23
C SER B 289 -44.63 41.65 39.79
N MET B 290 -43.56 41.04 40.29
CA MET B 290 -43.17 39.73 39.80
C MET B 290 -43.93 38.61 40.51
N THR B 291 -44.53 38.91 41.66
CA THR B 291 -44.86 37.83 42.58
C THR B 291 -46.32 37.46 42.79
N LEU B 292 -46.79 36.22 42.34
CA LEU B 292 -48.00 35.54 42.76
C LEU B 292 -49.18 36.51 42.87
N THR B 293 -49.68 36.88 41.70
CA THR B 293 -50.98 37.51 41.61
C THR B 293 -51.97 36.71 42.43
N PRO B 294 -52.71 37.34 43.33
CA PRO B 294 -53.61 36.57 44.20
C PRO B 294 -54.50 35.63 43.45
N ASP B 295 -54.76 35.92 42.18
CA ASP B 295 -55.47 34.96 41.35
C ASP B 295 -54.68 33.67 41.21
N GLU B 296 -53.36 33.77 41.18
CA GLU B 296 -52.56 32.56 41.06
C GLU B 296 -52.73 31.67 42.26
N VAL B 297 -52.61 32.24 43.46
CA VAL B 297 -52.69 31.45 44.68
C VAL B 297 -53.89 30.53 44.64
N LYS B 298 -55.00 31.03 44.12
CA LYS B 298 -56.15 30.17 43.90
C LYS B 298 -55.74 28.91 43.15
N SER B 299 -55.12 29.06 42.00
CA SER B 299 -54.82 27.89 41.19
C SER B 299 -53.85 26.97 41.91
N LEU B 300 -52.76 27.50 42.43
CA LEU B 300 -51.83 26.67 43.18
C LEU B 300 -52.51 26.01 44.36
N LEU B 301 -53.08 26.82 45.25
CA LEU B 301 -53.69 26.26 46.44
C LEU B 301 -54.80 25.30 46.08
N LEU B 302 -55.24 25.33 44.83
CA LEU B 302 -56.26 24.40 44.39
C LEU B 302 -55.70 22.99 44.30
N LYS B 303 -54.63 22.82 43.53
CA LYS B 303 -54.24 21.48 43.08
C LYS B 303 -53.93 20.56 44.24
N TYR B 304 -53.63 21.10 45.42
CA TYR B 304 -53.44 20.22 46.56
C TYR B 304 -54.77 19.81 47.18
N LEU B 305 -55.66 20.76 47.38
CA LEU B 305 -56.86 20.43 48.12
C LEU B 305 -57.90 19.70 47.29
N ASP B 306 -57.91 19.87 45.98
CA ASP B 306 -58.82 19.15 45.10
C ASP B 306 -60.27 19.40 45.47
N CYS B 307 -60.64 20.68 45.52
CA CYS B 307 -61.99 21.07 45.90
C CYS B 307 -62.37 22.36 45.19
N ARG B 308 -63.65 22.55 45.06
CA ARG B 308 -64.21 23.63 44.27
C ARG B 308 -63.71 24.98 44.76
N PRO B 309 -63.78 26.02 43.92
CA PRO B 309 -63.32 27.34 44.36
C PRO B 309 -64.11 27.90 45.53
N GLN B 310 -65.29 27.35 45.81
CA GLN B 310 -65.96 27.70 47.05
C GLN B 310 -65.15 27.27 48.26
N ASP B 311 -64.29 26.27 48.10
CA ASP B 311 -63.50 25.72 49.18
C ASP B 311 -62.13 26.38 49.32
N LEU B 312 -61.94 27.47 48.57
CA LEU B 312 -60.69 28.23 48.60
C LEU B 312 -60.56 29.05 49.89
N PRO B 313 -59.27 29.24 50.37
CA PRO B 313 -59.19 30.04 51.62
C PRO B 313 -59.52 31.53 51.44
N ARG B 314 -60.07 32.14 52.48
CA ARG B 314 -60.43 33.56 52.46
C ARG B 314 -59.67 34.34 53.53
N GLU B 315 -59.11 35.49 53.17
CA GLU B 315 -58.34 36.30 54.11
C GLU B 315 -56.89 36.55 53.65
N VAL B 316 -56.49 35.88 52.57
CA VAL B 316 -55.15 35.98 51.97
C VAL B 316 -53.97 35.66 52.89
N LEU B 317 -53.47 34.44 52.73
CA LEU B 317 -52.36 33.88 53.50
C LEU B 317 -50.90 34.39 53.33
N THR B 318 -50.49 34.70 52.10
CA THR B 318 -49.10 35.05 51.85
C THR B 318 -48.84 34.79 50.38
N THR B 319 -47.81 35.36 49.73
CA THR B 319 -47.27 34.84 48.49
C THR B 319 -45.84 34.45 48.78
N ASN B 320 -45.63 33.15 48.99
CA ASN B 320 -44.38 32.53 48.75
C ASN B 320 -44.91 31.18 48.34
N PRO B 321 -44.36 30.55 47.34
CA PRO B 321 -44.75 29.17 47.11
C PRO B 321 -44.34 28.28 48.26
N ARG B 322 -43.10 28.38 48.69
CA ARG B 322 -42.77 27.72 49.92
C ARG B 322 -43.60 28.32 51.04
N ARG B 323 -43.89 27.49 52.03
CA ARG B 323 -44.78 27.83 53.14
C ARG B 323 -46.20 27.96 52.64
N LEU B 324 -46.37 28.11 51.34
CA LEU B 324 -47.73 27.97 50.90
C LEU B 324 -48.05 26.50 50.73
N SER B 325 -47.12 25.76 50.16
CA SER B 325 -47.33 24.33 50.03
C SER B 325 -47.54 23.69 51.39
N ILE B 326 -46.64 23.93 52.34
CA ILE B 326 -46.76 23.27 53.63
C ILE B 326 -48.16 23.40 54.17
N ILE B 327 -48.73 24.59 54.10
CA ILE B 327 -50.15 24.74 54.40
C ILE B 327 -50.95 23.80 53.51
N ALA B 328 -50.90 24.03 52.21
CA ALA B 328 -51.70 23.25 51.27
C ALA B 328 -51.52 21.77 51.51
N GLU B 329 -50.31 21.36 51.86
CA GLU B 329 -50.09 19.95 52.08
C GLU B 329 -50.64 19.52 53.43
N SER B 330 -50.37 20.29 54.47
CA SER B 330 -50.81 19.90 55.80
C SER B 330 -52.32 19.67 55.83
N ILE B 331 -53.05 20.34 54.96
CA ILE B 331 -54.49 20.16 54.98
C ILE B 331 -54.90 18.92 54.23
N ARG B 332 -54.32 18.66 53.07
CA ARG B 332 -54.71 17.46 52.34
C ARG B 332 -54.44 16.21 53.16
N ASP B 333 -53.64 16.32 54.20
CA ASP B 333 -53.35 15.16 55.00
C ASP B 333 -53.54 15.41 56.48
N GLY B 334 -52.66 16.20 57.07
CA GLY B 334 -52.51 16.24 58.51
C GLY B 334 -53.54 17.14 59.14
N LEU B 335 -53.12 17.78 60.23
CA LEU B 335 -54.02 18.62 60.98
C LEU B 335 -54.16 19.98 60.32
N ALA B 336 -54.70 20.92 61.09
CA ALA B 336 -54.92 22.34 60.83
C ALA B 336 -56.27 22.64 60.19
N THR B 337 -57.03 21.64 59.79
CA THR B 337 -58.45 21.83 59.47
C THR B 337 -58.64 22.79 58.31
N TRP B 338 -57.54 23.40 57.89
CA TRP B 338 -57.47 24.54 57.00
C TRP B 338 -58.02 25.77 57.71
N ASP B 339 -58.78 25.57 58.78
CA ASP B 339 -59.25 26.67 59.60
C ASP B 339 -58.48 26.81 60.91
N ASN B 340 -57.57 25.90 61.22
CA ASN B 340 -56.97 25.89 62.56
C ASN B 340 -55.70 26.72 62.65
N TRP B 341 -54.82 26.37 61.73
CA TRP B 341 -53.43 26.72 61.58
C TRP B 341 -52.83 27.92 62.28
N LYS B 342 -52.13 27.52 63.34
CA LYS B 342 -51.31 28.32 64.21
C LYS B 342 -50.02 27.50 64.18
N HIS B 343 -50.18 26.19 64.39
CA HIS B 343 -49.08 25.22 64.37
C HIS B 343 -48.42 25.10 62.99
N VAL B 344 -49.21 25.03 61.92
CA VAL B 344 -48.56 24.96 60.61
C VAL B 344 -47.32 24.06 60.67
N ASN B 345 -47.53 22.76 60.90
CA ASN B 345 -46.59 21.71 60.55
C ASN B 345 -45.16 22.12 60.83
N CYS B 346 -44.95 22.60 62.06
CA CYS B 346 -43.73 23.33 62.37
C CYS B 346 -42.50 22.62 61.84
N ASP B 347 -42.48 21.29 61.94
CA ASP B 347 -41.29 20.51 61.61
C ASP B 347 -40.71 20.88 60.25
N LYS B 348 -41.43 20.59 59.16
CA LYS B 348 -40.94 20.94 57.84
C LYS B 348 -40.61 22.41 57.77
N LEU B 349 -41.57 23.25 58.11
CA LEU B 349 -41.33 24.68 58.21
C LEU B 349 -40.07 24.95 59.02
N THR B 350 -39.95 24.33 60.19
CA THR B 350 -38.72 24.45 60.94
C THR B 350 -37.54 23.86 60.18
N THR B 351 -37.62 22.58 59.85
CA THR B 351 -36.46 21.88 59.33
C THR B 351 -35.89 22.60 58.12
N ILE B 352 -36.75 23.27 57.35
CA ILE B 352 -36.25 24.10 56.26
C ILE B 352 -35.66 25.39 56.80
N ILE B 353 -36.41 26.09 57.64
CA ILE B 353 -35.92 27.38 58.12
C ILE B 353 -34.72 27.18 59.04
N GLU B 354 -34.69 26.07 59.77
CA GLU B 354 -33.64 25.89 60.75
C GLU B 354 -32.28 25.79 60.08
N SER B 355 -32.09 24.80 59.23
CA SER B 355 -30.81 24.66 58.54
C SER B 355 -30.49 25.93 57.76
N SER B 356 -31.54 26.61 57.27
CA SER B 356 -31.35 27.81 56.48
C SER B 356 -30.62 28.87 57.28
N LEU B 357 -30.63 28.75 58.60
CA LEU B 357 -29.89 29.70 59.42
C LEU B 357 -28.53 29.18 59.81
N ASN B 358 -28.21 27.94 59.42
CA ASN B 358 -27.02 27.29 59.93
C ASN B 358 -25.73 27.99 59.54
N VAL B 359 -25.82 29.02 58.71
CA VAL B 359 -24.61 29.63 58.19
C VAL B 359 -23.86 30.43 59.25
N LEU B 360 -24.58 31.00 60.19
CA LEU B 360 -24.06 32.08 61.01
C LEU B 360 -23.13 31.57 62.12
N GLU B 361 -22.33 32.50 62.68
CA GLU B 361 -21.49 32.27 63.85
C GLU B 361 -22.37 32.16 65.09
N PRO B 362 -22.43 31.00 65.74
CA PRO B 362 -23.56 30.73 66.65
C PRO B 362 -23.62 31.67 67.84
N ALA B 363 -22.53 31.82 68.58
CA ALA B 363 -22.58 32.70 69.74
C ALA B 363 -22.45 34.15 69.32
N GLU B 364 -21.54 34.41 68.39
CA GLU B 364 -21.41 35.70 67.76
C GLU B 364 -22.74 36.21 67.21
N TYR B 365 -23.55 35.34 66.64
CA TYR B 365 -24.73 35.79 65.91
C TYR B 365 -26.00 35.06 66.31
N ARG B 366 -26.07 33.74 66.16
CA ARG B 366 -27.35 33.08 66.35
C ARG B 366 -27.97 33.41 67.71
N LYS B 367 -27.16 33.80 68.68
CA LYS B 367 -27.71 34.43 69.87
C LYS B 367 -28.59 35.62 69.51
N MET B 368 -28.27 36.30 68.42
CA MET B 368 -28.81 37.62 68.20
C MET B 368 -30.22 37.63 67.62
N PHE B 369 -30.53 36.72 66.69
CA PHE B 369 -31.92 36.55 66.29
C PHE B 369 -32.80 36.38 67.51
N ASP B 370 -32.40 35.49 68.42
CA ASP B 370 -33.18 35.22 69.61
C ASP B 370 -33.63 36.51 70.26
N ARG B 371 -32.77 37.52 70.25
CA ARG B 371 -33.19 38.83 70.67
C ARG B 371 -34.33 39.36 69.81
N LEU B 372 -34.21 39.24 68.49
CA LEU B 372 -35.14 39.94 67.61
C LEU B 372 -36.58 39.55 67.86
N SER B 373 -36.85 38.45 68.54
CA SER B 373 -38.23 38.09 68.84
C SER B 373 -38.92 39.15 69.69
N VAL B 374 -38.13 40.04 70.29
CA VAL B 374 -38.69 41.15 71.06
C VAL B 374 -39.72 41.92 70.27
N PHE B 375 -39.57 41.95 68.99
CA PHE B 375 -40.27 42.99 68.24
C PHE B 375 -41.63 42.52 67.75
N PRO B 376 -42.63 43.40 67.80
CA PRO B 376 -43.92 43.10 67.20
C PRO B 376 -43.79 43.02 65.70
N PRO B 377 -44.42 42.04 65.07
CA PRO B 377 -44.14 41.74 63.66
C PRO B 377 -44.43 42.91 62.72
N SER B 378 -43.79 42.84 61.54
CA SER B 378 -44.05 43.65 60.35
C SER B 378 -43.62 45.12 60.47
N ALA B 379 -43.18 45.58 61.64
CA ALA B 379 -42.89 46.99 61.82
C ALA B 379 -41.50 47.34 61.30
N HIS B 380 -41.05 48.55 61.64
CA HIS B 380 -39.66 48.94 61.47
C HIS B 380 -39.03 49.12 62.84
N ILE B 381 -37.74 48.88 62.93
CA ILE B 381 -37.03 49.03 64.18
C ILE B 381 -35.92 50.05 64.01
N PRO B 382 -35.92 51.13 64.78
CA PRO B 382 -34.80 52.07 64.72
C PRO B 382 -33.49 51.40 65.10
N THR B 383 -32.49 51.55 64.24
CA THR B 383 -31.18 51.01 64.55
C THR B 383 -30.63 51.53 65.86
N ILE B 384 -30.75 52.83 66.11
CA ILE B 384 -30.35 53.37 67.40
C ILE B 384 -30.97 52.58 68.54
N LEU B 385 -32.26 52.30 68.44
CA LEU B 385 -32.92 51.48 69.44
C LEU B 385 -32.27 50.12 69.53
N LEU B 386 -31.91 49.55 68.38
CA LEU B 386 -31.31 48.23 68.35
C LEU B 386 -30.08 48.13 69.24
N SER B 387 -29.43 49.26 69.50
CA SER B 387 -28.19 49.24 70.25
C SER B 387 -28.38 48.64 71.64
N LEU B 388 -29.57 48.82 72.22
CA LEU B 388 -29.80 48.37 73.59
C LEU B 388 -29.78 46.85 73.71
N ILE B 389 -30.48 46.17 72.81
CA ILE B 389 -30.83 44.78 72.98
C ILE B 389 -29.63 43.92 73.34
N TRP B 390 -28.66 43.83 72.45
CA TRP B 390 -27.61 42.85 72.70
C TRP B 390 -26.67 43.30 73.81
N PHE B 391 -25.85 44.29 73.51
CA PHE B 391 -24.85 44.78 74.45
C PHE B 391 -23.91 43.66 74.88
N ASP B 392 -23.87 42.56 74.11
CA ASP B 392 -22.83 41.55 74.27
C ASP B 392 -21.58 41.94 73.50
N VAL B 393 -21.74 42.44 72.27
CA VAL B 393 -20.70 43.14 71.55
C VAL B 393 -21.18 44.57 71.37
N ILE B 394 -20.22 45.48 71.25
CA ILE B 394 -20.42 46.87 71.68
C ILE B 394 -20.22 47.84 70.53
N LYS B 395 -20.79 49.03 70.71
CA LYS B 395 -20.50 50.27 69.96
C LYS B 395 -20.92 50.11 68.50
N SER B 396 -20.08 50.53 67.55
CA SER B 396 -20.44 50.56 66.14
C SER B 396 -20.80 49.19 65.60
N ASP B 397 -20.47 48.13 66.34
CA ASP B 397 -20.72 46.78 65.87
C ASP B 397 -22.16 46.62 65.43
N VAL B 398 -23.07 47.40 66.00
CA VAL B 398 -24.46 47.41 65.55
C VAL B 398 -24.53 47.47 64.03
N MET B 399 -24.12 48.59 63.45
CA MET B 399 -24.12 48.69 62.00
C MET B 399 -23.24 47.61 61.38
N VAL B 400 -22.17 47.23 62.07
CA VAL B 400 -21.37 46.12 61.58
C VAL B 400 -22.21 44.85 61.57
N VAL B 401 -22.92 44.60 62.67
CA VAL B 401 -23.77 43.41 62.73
C VAL B 401 -24.75 43.40 61.57
N VAL B 402 -25.67 44.37 61.54
CA VAL B 402 -26.74 44.32 60.55
C VAL B 402 -26.16 44.04 59.19
N ASN B 403 -25.11 44.76 58.81
CA ASN B 403 -24.43 44.45 57.57
C ASN B 403 -24.02 43.00 57.54
N LYS B 404 -23.12 42.60 58.45
CA LYS B 404 -22.70 41.21 58.51
C LYS B 404 -23.89 40.29 58.50
N LEU B 405 -24.97 40.73 59.13
CA LEU B 405 -26.20 39.97 59.03
C LEU B 405 -26.84 40.17 57.67
N HIS B 406 -27.02 41.42 57.27
CA HIS B 406 -27.79 41.74 56.07
C HIS B 406 -27.32 40.97 54.85
N LYS B 407 -26.02 40.75 54.72
CA LYS B 407 -25.52 40.09 53.52
C LYS B 407 -26.21 38.77 53.31
N TYR B 408 -26.56 38.08 54.38
CA TYR B 408 -27.40 36.90 54.23
C TYR B 408 -28.82 37.34 53.99
N SER B 409 -29.49 36.68 53.07
CA SER B 409 -30.61 37.30 52.37
C SER B 409 -31.65 37.79 53.35
N LEU B 410 -31.86 39.11 53.35
CA LEU B 410 -32.88 39.80 54.13
C LEU B 410 -33.02 39.20 55.52
N VAL B 411 -31.95 38.59 56.03
CA VAL B 411 -32.09 38.09 57.38
C VAL B 411 -32.16 39.27 58.32
N GLU B 412 -31.59 40.40 57.92
CA GLU B 412 -31.97 41.67 58.50
C GLU B 412 -33.13 42.34 57.75
N LYS B 413 -33.10 42.37 56.42
CA LYS B 413 -34.04 43.12 55.59
C LYS B 413 -33.94 44.64 55.80
N GLN B 414 -32.90 45.21 55.19
CA GLN B 414 -32.65 46.67 55.21
C GLN B 414 -33.81 47.47 54.61
N PRO B 415 -33.99 48.59 55.55
CA PRO B 415 -34.79 49.70 55.01
C PRO B 415 -33.87 50.85 54.57
N LYS B 416 -32.74 50.95 55.25
CA LYS B 416 -31.70 51.97 55.03
C LYS B 416 -32.09 53.41 55.39
N GLU B 417 -33.07 53.58 56.29
CA GLU B 417 -33.18 54.87 56.97
C GLU B 417 -33.29 54.70 58.50
N SER B 418 -32.20 55.07 59.18
CA SER B 418 -32.11 55.15 60.64
C SER B 418 -32.76 53.98 61.39
N THR B 419 -32.77 52.80 60.77
CA THR B 419 -33.54 51.66 61.27
C THR B 419 -33.09 50.32 60.68
N ILE B 420 -33.78 49.26 61.12
CA ILE B 420 -33.70 47.95 60.50
C ILE B 420 -35.13 47.48 60.31
N SER B 421 -35.34 46.51 59.41
CA SER B 421 -36.69 46.01 59.15
C SER B 421 -36.80 44.52 59.42
N ILE B 422 -38.00 44.05 59.75
CA ILE B 422 -38.12 42.63 60.06
C ILE B 422 -37.57 41.82 58.91
N PRO B 423 -36.80 40.70 59.30
CA PRO B 423 -36.25 39.95 58.16
C PRO B 423 -37.40 39.45 57.31
N SER B 424 -38.46 38.99 57.95
CA SER B 424 -39.62 38.55 57.20
C SER B 424 -40.53 37.87 58.21
N ILE B 425 -41.63 37.32 57.71
CA ILE B 425 -42.41 36.44 58.56
C ILE B 425 -41.61 35.21 58.93
N TYR B 426 -40.93 34.61 57.96
CA TYR B 426 -40.25 33.34 58.16
C TYR B 426 -39.28 33.36 59.30
N LEU B 427 -38.16 34.05 59.09
CA LEU B 427 -37.11 34.02 60.08
C LEU B 427 -37.62 34.52 61.42
N GLU B 428 -38.79 35.15 61.41
CA GLU B 428 -39.57 35.34 62.62
C GLU B 428 -40.40 34.12 63.00
N LEU B 429 -41.16 33.84 61.97
CA LEU B 429 -42.23 32.89 62.26
C LEU B 429 -41.75 31.66 63.02
N LYS B 430 -40.45 31.37 63.05
CA LYS B 430 -39.99 30.04 63.42
C LYS B 430 -40.54 29.55 64.75
N VAL B 431 -39.99 30.03 65.87
CA VAL B 431 -40.44 29.57 67.18
C VAL B 431 -40.24 30.61 68.27
N LYS B 432 -41.23 30.73 69.15
CA LYS B 432 -40.97 30.60 70.59
C LYS B 432 -39.67 31.24 71.05
N LEU B 433 -39.70 32.55 71.24
CA LEU B 433 -38.54 33.39 71.54
C LEU B 433 -37.56 32.79 72.53
N GLU B 434 -38.06 32.09 73.56
CA GLU B 434 -37.20 31.57 74.63
C GLU B 434 -36.41 32.70 75.26
N ASN B 435 -35.09 32.65 75.10
CA ASN B 435 -34.18 33.74 75.42
C ASN B 435 -34.14 33.95 76.92
N GLU B 436 -35.01 33.25 77.65
CA GLU B 436 -34.92 33.09 79.10
C GLU B 436 -34.94 34.47 79.77
N TYR B 437 -33.88 34.88 80.46
CA TYR B 437 -33.88 36.08 81.28
C TYR B 437 -34.38 37.31 80.54
N ALA B 438 -34.25 37.32 79.21
CA ALA B 438 -34.29 38.55 78.44
C ALA B 438 -35.48 39.43 78.79
N LEU B 439 -36.67 38.84 78.86
CA LEU B 439 -37.92 39.58 78.63
C LEU B 439 -38.00 40.91 79.38
N HIS B 440 -38.23 40.88 80.69
CA HIS B 440 -38.49 42.11 81.44
C HIS B 440 -37.46 43.18 81.15
N ARG B 441 -36.22 42.98 81.60
CA ARG B 441 -35.18 43.97 81.43
C ARG B 441 -35.05 44.41 79.98
N SER B 442 -35.10 43.46 79.04
CA SER B 442 -34.98 43.80 77.63
C SER B 442 -36.21 44.56 77.16
N ILE B 443 -37.45 44.03 77.51
CA ILE B 443 -38.66 44.81 77.22
C ILE B 443 -38.74 46.03 78.10
N VAL B 444 -38.57 45.86 79.41
CA VAL B 444 -38.56 46.98 80.34
C VAL B 444 -37.51 48.03 80.00
N ASP B 445 -36.22 47.69 80.03
CA ASP B 445 -35.19 48.71 79.88
C ASP B 445 -35.28 49.39 78.52
N HIS B 446 -35.80 48.70 77.51
CA HIS B 446 -35.95 49.33 76.21
C HIS B 446 -37.04 50.40 76.24
N TYR B 447 -37.72 50.53 77.37
CA TYR B 447 -38.58 51.69 77.60
C TYR B 447 -37.72 52.92 77.83
N ASN B 448 -36.40 52.75 77.78
CA ASN B 448 -35.47 53.76 78.26
C ASN B 448 -35.83 55.19 77.88
N ILE B 449 -36.32 55.39 76.65
CA ILE B 449 -36.48 56.74 76.13
C ILE B 449 -37.47 57.66 76.89
N PRO B 450 -38.77 57.34 76.95
CA PRO B 450 -39.75 58.40 77.31
C PRO B 450 -39.61 59.01 78.69
N LYS B 451 -39.53 58.20 79.76
CA LYS B 451 -39.81 58.71 81.10
C LYS B 451 -39.00 59.97 81.44
N THR B 452 -37.96 60.06 80.67
CA THR B 452 -37.15 61.28 80.70
C THR B 452 -38.04 62.49 80.40
N PHE B 453 -38.54 62.56 79.17
CA PHE B 453 -39.51 63.60 78.83
C PHE B 453 -40.86 63.28 79.45
N ASP B 454 -41.40 64.21 80.23
CA ASP B 454 -42.74 64.00 80.73
C ASP B 454 -43.68 65.13 80.28
N SER B 455 -43.54 66.31 80.89
CA SER B 455 -44.43 67.43 80.62
C SER B 455 -43.61 68.68 80.38
N ASP B 456 -43.90 69.37 79.28
CA ASP B 456 -43.22 70.61 78.89
C ASP B 456 -44.02 71.31 77.81
N ASP B 457 -43.41 72.37 77.29
CA ASP B 457 -44.03 73.19 76.25
C ASP B 457 -43.96 72.49 74.89
N LEU B 458 -44.84 72.90 73.98
CA LEU B 458 -44.70 72.67 72.56
C LEU B 458 -44.68 71.19 72.20
N ILE B 459 -43.78 70.79 71.30
CA ILE B 459 -43.75 69.46 70.70
C ILE B 459 -42.50 68.72 71.15
N PRO B 460 -42.70 67.60 71.84
CA PRO B 460 -41.62 66.82 72.46
C PRO B 460 -40.65 66.06 71.56
N PRO B 461 -39.38 65.87 72.10
CA PRO B 461 -38.49 65.10 71.24
C PRO B 461 -38.83 63.66 71.57
N TYR B 462 -39.66 63.10 70.70
CA TYR B 462 -40.19 61.75 70.82
C TYR B 462 -39.91 61.01 69.51
N LEU B 463 -39.68 59.71 69.60
CA LEU B 463 -38.87 59.03 68.60
C LEU B 463 -39.75 58.54 67.44
N ASP B 464 -39.61 59.23 66.32
CA ASP B 464 -39.98 58.86 64.95
C ASP B 464 -41.38 58.28 64.89
N GLN B 465 -41.59 57.30 64.02
CA GLN B 465 -42.88 56.64 63.86
C GLN B 465 -42.97 55.29 64.54
N TYR B 466 -41.89 54.79 65.15
CA TYR B 466 -41.98 53.53 65.85
C TYR B 466 -42.67 53.69 67.20
N PHE B 467 -42.27 54.66 68.00
CA PHE B 467 -42.86 54.80 69.32
C PHE B 467 -44.35 55.04 69.41
N TYR B 468 -44.88 55.80 68.48
CA TYR B 468 -46.30 56.07 68.48
C TYR B 468 -47.08 54.76 68.35
N SER B 469 -46.48 53.76 67.69
CA SER B 469 -47.20 52.52 67.49
C SER B 469 -47.07 51.59 68.67
N HIS B 470 -45.91 50.95 68.80
CA HIS B 470 -45.80 49.76 69.62
C HIS B 470 -45.25 50.01 71.00
N ILE B 471 -44.98 51.26 71.36
CA ILE B 471 -44.41 51.53 72.68
C ILE B 471 -45.22 50.84 73.76
N GLY B 472 -46.52 50.72 73.56
CA GLY B 472 -47.35 50.02 74.51
C GLY B 472 -47.04 48.54 74.55
N HIS B 473 -46.64 47.96 73.42
CA HIS B 473 -46.24 46.57 73.47
C HIS B 473 -45.13 46.35 74.48
N HIS B 474 -44.10 47.17 74.43
CA HIS B 474 -43.07 47.07 75.45
C HIS B 474 -43.64 47.23 76.85
N LEU B 475 -44.72 47.97 76.99
CA LEU B 475 -45.37 48.04 78.28
C LEU B 475 -45.93 46.69 78.70
N LYS B 476 -46.25 45.82 77.74
CA LYS B 476 -46.89 44.55 78.04
C LYS B 476 -46.11 43.76 79.09
N ASN B 477 -44.80 43.94 79.14
CA ASN B 477 -43.97 43.25 80.11
C ASN B 477 -43.71 44.07 81.36
N ILE B 478 -44.35 45.22 81.51
CA ILE B 478 -43.98 46.13 82.59
C ILE B 478 -45.14 46.21 83.59
N GLU B 479 -44.92 46.91 84.70
CA GLU B 479 -45.95 47.09 85.72
C GLU B 479 -47.14 47.86 85.15
N HIS B 480 -48.32 47.28 85.30
CA HIS B 480 -49.53 47.81 84.70
C HIS B 480 -49.90 49.16 85.31
N PRO B 481 -50.00 49.28 86.64
CA PRO B 481 -50.23 50.63 87.19
C PRO B 481 -49.14 51.58 86.76
N GLU B 482 -47.89 51.12 86.78
CA GLU B 482 -46.81 51.94 86.28
C GLU B 482 -47.03 52.28 84.82
N ARG B 483 -47.69 51.41 84.06
CA ARG B 483 -48.05 51.86 82.72
C ARG B 483 -49.30 52.74 82.78
N MET B 484 -50.32 52.31 83.53
CA MET B 484 -51.56 53.08 83.58
C MET B 484 -51.28 54.53 83.95
N THR B 485 -50.24 54.75 84.76
CA THR B 485 -49.63 56.07 84.86
C THR B 485 -49.18 56.55 83.50
N LEU B 486 -48.16 55.90 82.93
CA LEU B 486 -47.48 56.35 81.74
C LEU B 486 -48.00 55.72 80.46
N PHE B 487 -49.05 54.91 80.52
CA PHE B 487 -49.61 54.38 79.28
C PHE B 487 -50.19 55.50 78.43
N ARG B 488 -50.41 56.66 79.04
CA ARG B 488 -50.79 57.86 78.33
C ARG B 488 -52.11 57.70 77.59
N MET B 489 -52.92 56.72 78.02
CA MET B 489 -54.35 56.96 78.08
C MET B 489 -54.60 58.25 78.84
N VAL B 490 -53.88 58.41 79.94
CA VAL B 490 -53.97 59.60 80.76
C VAL B 490 -53.50 60.82 79.98
N PHE B 491 -52.36 60.71 79.30
CA PHE B 491 -51.68 61.88 78.78
C PHE B 491 -52.28 62.22 77.42
N LEU B 492 -52.87 63.39 77.32
CA LEU B 492 -53.44 63.87 76.06
C LEU B 492 -52.38 64.47 75.15
N ASP B 493 -51.28 64.96 75.74
CA ASP B 493 -50.20 65.61 75.01
C ASP B 493 -49.57 64.69 73.98
N PHE B 494 -48.81 63.69 74.46
CA PHE B 494 -48.18 62.72 73.56
C PHE B 494 -49.18 62.09 72.61
N ARG B 495 -50.36 61.74 73.13
CA ARG B 495 -51.19 60.73 72.50
C ARG B 495 -51.61 61.14 71.09
N PHE B 496 -52.10 62.37 70.93
CA PHE B 496 -52.59 62.82 69.63
C PHE B 496 -51.51 62.75 68.56
N LEU B 497 -50.25 62.86 68.96
CA LEU B 497 -49.17 62.97 68.00
C LEU B 497 -49.01 61.71 67.16
N GLU B 498 -49.65 60.62 67.57
CA GLU B 498 -49.70 59.43 66.71
C GLU B 498 -50.37 59.73 65.38
N GLN B 499 -51.67 59.99 65.40
CA GLN B 499 -52.46 60.24 64.20
C GLN B 499 -52.06 61.53 63.49
N LYS B 500 -51.17 62.30 64.09
CA LYS B 500 -50.54 63.45 63.47
C LYS B 500 -50.14 63.12 62.04
N ILE B 501 -49.22 62.17 61.88
CA ILE B 501 -48.75 61.72 60.57
C ILE B 501 -49.87 61.12 59.74
N ARG B 502 -50.91 60.63 60.40
CA ARG B 502 -51.97 59.85 59.74
C ARG B 502 -52.85 60.79 58.94
N HIS B 503 -53.01 60.46 57.67
CA HIS B 503 -53.87 61.20 56.77
C HIS B 503 -54.54 60.21 55.83
N ASP B 504 -55.38 60.73 54.95
CA ASP B 504 -55.95 59.94 53.89
C ASP B 504 -55.47 60.44 52.54
N SER B 505 -55.13 59.51 51.67
CA SER B 505 -55.06 59.84 50.26
C SER B 505 -56.34 60.51 49.78
N THR B 506 -57.50 59.97 50.15
CA THR B 506 -58.74 60.28 49.46
C THR B 506 -59.84 60.65 50.44
N ALA B 507 -60.78 61.48 49.97
CA ALA B 507 -61.99 61.91 50.64
C ALA B 507 -61.80 62.48 52.04
N TRP B 508 -62.76 62.23 52.90
CA TRP B 508 -62.76 62.72 54.27
C TRP B 508 -62.36 61.70 55.30
N ASN B 509 -61.98 60.51 54.82
CA ASN B 509 -61.61 59.34 55.63
C ASN B 509 -60.12 59.01 55.80
N ALA B 510 -59.86 57.77 56.20
CA ALA B 510 -58.50 57.27 56.45
C ALA B 510 -58.01 56.19 55.46
N SER B 511 -56.75 56.35 55.04
CA SER B 511 -56.05 55.48 54.10
C SER B 511 -56.34 55.94 52.67
N GLY B 512 -56.33 55.00 51.73
CA GLY B 512 -55.73 55.26 50.46
C GLY B 512 -54.27 55.59 50.62
N SER B 513 -53.87 55.94 51.84
CA SER B 513 -52.53 56.18 52.33
C SER B 513 -52.39 55.46 53.66
N ILE B 514 -53.01 55.99 54.70
CA ILE B 514 -52.76 55.58 56.08
C ILE B 514 -54.04 55.65 56.91
N LEU B 515 -54.26 54.66 57.79
CA LEU B 515 -55.43 54.71 58.66
C LEU B 515 -55.22 55.74 59.76
N ASN B 516 -56.34 56.14 60.35
CA ASN B 516 -56.37 57.09 61.43
C ASN B 516 -57.30 56.60 62.52
N THR B 517 -56.81 55.62 63.32
CA THR B 517 -57.54 54.99 64.46
C THR B 517 -57.63 53.47 64.71
N LEU B 518 -58.43 52.71 63.96
CA LEU B 518 -58.59 51.30 64.39
C LEU B 518 -57.40 50.79 65.17
N GLN B 519 -56.20 51.02 64.68
CA GLN B 519 -55.01 50.70 65.43
C GLN B 519 -55.17 51.30 66.81
N GLN B 520 -55.27 52.62 66.83
CA GLN B 520 -55.67 53.31 68.04
C GLN B 520 -56.79 52.54 68.70
N LEU B 521 -57.95 52.50 68.03
CA LEU B 521 -59.07 51.78 68.60
C LEU B 521 -58.66 50.39 69.05
N LYS B 522 -57.92 49.69 68.19
CA LYS B 522 -57.53 48.33 68.50
C LYS B 522 -56.74 48.28 69.80
N PHE B 523 -55.95 49.32 70.08
CA PHE B 523 -55.29 49.37 71.39
C PHE B 523 -56.30 49.36 72.52
N TYR B 524 -57.49 49.88 72.27
CA TYR B 524 -58.31 50.29 73.39
C TYR B 524 -59.07 49.15 74.00
N LYS B 525 -59.26 48.06 73.27
CA LYS B 525 -59.84 46.87 73.88
C LYS B 525 -58.86 46.21 74.85
N PRO B 526 -57.64 45.83 74.44
CA PRO B 526 -56.78 45.10 75.39
C PRO B 526 -56.31 45.94 76.55
N TYR B 527 -55.93 47.18 76.31
CA TYR B 527 -55.06 47.91 77.21
C TYR B 527 -55.78 48.53 78.39
N ILE B 528 -57.06 48.24 78.56
CA ILE B 528 -57.85 48.66 79.71
C ILE B 528 -57.55 47.73 80.88
N CYS B 529 -56.50 46.90 80.74
CA CYS B 529 -56.29 45.74 81.61
C CYS B 529 -56.54 46.04 83.08
N ASP B 530 -55.92 47.08 83.61
CA ASP B 530 -56.17 47.53 84.99
C ASP B 530 -56.67 48.95 84.95
N ASN B 531 -57.95 49.16 85.26
CA ASN B 531 -58.56 50.49 85.31
C ASN B 531 -59.91 50.39 85.99
N ASP B 532 -60.56 51.54 86.14
CA ASP B 532 -61.83 51.65 86.83
C ASP B 532 -62.81 52.40 85.95
N PRO B 533 -64.10 52.49 86.31
CA PRO B 533 -65.06 53.21 85.45
C PRO B 533 -64.63 54.61 85.09
N LYS B 534 -63.92 55.28 85.98
CA LYS B 534 -63.35 56.59 85.68
C LYS B 534 -62.62 56.54 84.35
N TYR B 535 -61.51 55.81 84.32
CA TYR B 535 -60.71 55.72 83.11
C TYR B 535 -61.48 55.03 82.00
N GLU B 536 -62.32 54.05 82.34
CA GLU B 536 -62.97 53.21 81.35
C GLU B 536 -63.99 54.01 80.54
N ARG B 537 -64.91 54.67 81.23
CA ARG B 537 -65.83 55.54 80.52
C ARG B 537 -65.13 56.71 79.88
N LEU B 538 -64.05 57.19 80.50
CA LEU B 538 -63.21 58.22 79.89
C LEU B 538 -62.84 57.84 78.47
N VAL B 539 -62.26 56.65 78.28
CA VAL B 539 -61.97 56.16 76.93
C VAL B 539 -63.27 55.98 76.16
N ASN B 540 -64.21 55.24 76.75
CA ASN B 540 -65.49 55.00 76.10
C ASN B 540 -66.05 56.28 75.53
N ALA B 541 -66.03 57.34 76.33
CA ALA B 541 -66.20 58.66 75.80
C ALA B 541 -65.25 58.92 74.66
N ILE B 542 -63.94 59.02 74.94
CA ILE B 542 -62.99 59.52 73.96
C ILE B 542 -63.17 58.84 72.61
N LEU B 543 -63.68 57.63 72.62
CA LEU B 543 -64.13 57.01 71.40
C LEU B 543 -64.95 57.99 70.56
N ASP B 544 -65.77 58.81 71.20
CA ASP B 544 -66.49 59.85 70.50
C ASP B 544 -65.60 60.78 69.70
N PHE B 545 -64.58 61.38 70.32
CA PHE B 545 -63.76 62.34 69.60
C PHE B 545 -63.24 61.73 68.34
N LEU B 546 -63.03 60.42 68.37
CA LEU B 546 -62.29 59.77 67.30
C LEU B 546 -62.92 60.01 65.95
N PRO B 547 -64.20 59.71 65.72
CA PRO B 547 -64.85 60.36 64.57
C PRO B 547 -64.83 61.85 64.75
N LYS B 548 -65.27 62.31 65.91
CA LYS B 548 -65.58 63.70 66.12
C LYS B 548 -64.40 64.60 65.77
N ILE B 549 -63.19 64.19 66.16
CA ILE B 549 -62.02 64.98 65.82
C ILE B 549 -61.93 65.20 64.32
N GLU B 550 -61.42 66.36 63.95
CA GLU B 550 -61.26 66.78 62.58
C GLU B 550 -59.79 66.76 62.20
N GLU B 551 -59.56 66.41 60.94
CA GLU B 551 -58.22 66.57 60.39
C GLU B 551 -58.09 67.96 59.78
N ASN B 552 -56.89 68.51 59.89
CA ASN B 552 -56.68 69.94 60.00
C ASN B 552 -55.30 70.23 59.44
N LEU B 553 -54.78 71.41 59.72
CA LEU B 553 -53.34 71.49 59.89
C LEU B 553 -52.96 70.70 61.12
N ILE B 554 -52.06 69.73 60.96
CA ILE B 554 -51.90 68.71 61.98
C ILE B 554 -51.10 69.29 63.14
N CYS B 555 -51.70 69.28 64.32
CA CYS B 555 -51.07 69.69 65.57
C CYS B 555 -50.71 71.16 65.55
N SER B 556 -50.62 71.72 64.34
CA SER B 556 -50.66 73.15 64.20
C SER B 556 -52.12 73.47 64.09
N LYS B 557 -52.66 74.13 65.12
CA LYS B 557 -54.00 73.84 65.59
C LYS B 557 -54.06 72.41 66.13
N TYR B 558 -53.47 72.27 67.30
CA TYR B 558 -53.81 71.24 68.26
C TYR B 558 -54.76 71.76 69.34
N THR B 559 -55.13 73.04 69.28
CA THR B 559 -55.57 73.80 70.44
C THR B 559 -56.95 73.42 70.95
N ASP B 560 -58.28 73.48 70.28
CA ASP B 560 -59.66 73.02 70.45
C ASP B 560 -59.78 71.66 71.15
N LEU B 561 -59.00 70.68 70.72
CA LEU B 561 -59.11 69.31 71.22
C LEU B 561 -59.12 69.22 72.75
N LEU B 562 -58.14 69.89 73.37
CA LEU B 562 -57.98 69.90 74.82
C LEU B 562 -59.26 70.31 75.54
N ARG B 563 -59.83 71.43 75.15
CA ARG B 563 -60.98 72.00 75.85
C ARG B 563 -62.29 71.33 75.47
N ILE B 564 -62.36 70.80 74.24
CA ILE B 564 -63.58 70.13 73.80
C ILE B 564 -63.58 68.68 74.28
N ALA B 565 -62.48 68.28 74.92
CA ALA B 565 -62.47 67.02 75.64
C ALA B 565 -63.33 67.15 76.90
N LEU B 566 -63.64 68.39 77.25
CA LEU B 566 -64.41 68.71 78.46
C LEU B 566 -65.90 68.90 78.20
N MET B 567 -66.34 68.71 76.96
CA MET B 567 -67.75 68.85 76.59
C MET B 567 -68.65 68.05 77.52
N ALA B 568 -68.55 66.73 77.44
CA ALA B 568 -69.14 65.86 78.45
C ALA B 568 -68.01 65.35 79.33
N GLU B 569 -67.95 65.83 80.57
CA GLU B 569 -66.78 65.60 81.39
C GLU B 569 -67.00 64.64 82.55
N ASP B 570 -66.48 63.43 82.40
CA ASP B 570 -66.25 62.53 83.53
C ASP B 570 -64.78 62.58 83.89
N GLU B 571 -64.03 63.41 83.16
CA GLU B 571 -62.58 63.35 83.15
C GLU B 571 -61.90 64.44 83.97
N ALA B 572 -60.86 64.05 84.70
CA ALA B 572 -60.02 65.00 85.43
C ALA B 572 -58.79 65.38 84.61
N ILE B 573 -58.75 64.90 83.37
CA ILE B 573 -57.60 65.07 82.47
C ILE B 573 -57.13 66.52 82.32
N PHE B 574 -58.03 67.42 81.94
CA PHE B 574 -57.66 68.80 81.70
C PHE B 574 -57.24 69.49 83.00
N GLU B 575 -57.77 68.99 84.11
CA GLU B 575 -57.38 69.50 85.42
C GLU B 575 -55.94 69.09 85.73
N GLU B 576 -55.52 67.97 85.14
CA GLU B 576 -54.14 67.51 85.27
C GLU B 576 -53.29 68.20 84.22
N ALA B 577 -53.95 68.81 83.23
CA ALA B 577 -53.25 69.57 82.20
C ALA B 577 -52.99 71.00 82.65
N HIS B 578 -53.36 71.28 83.89
CA HIS B 578 -53.16 72.60 84.50
C HIS B 578 -51.68 72.96 84.64
N LYS B 579 -50.82 71.94 84.52
CA LYS B 579 -49.38 72.15 84.64
C LYS B 579 -48.73 72.41 83.29
N GLN B 580 -49.53 72.38 82.24
CA GLN B 580 -49.02 72.59 80.88
C GLN B 580 -49.77 73.70 80.13
N VAL B 581 -51.09 73.55 79.97
CA VAL B 581 -51.90 74.41 79.11
C VAL B 581 -51.79 75.91 79.44
N GLN B 582 -51.38 76.23 80.65
CA GLN B 582 -51.34 77.62 81.11
C GLN B 582 -49.98 78.32 80.96
N ARG B 583 -49.01 77.66 80.32
CA ARG B 583 -47.62 78.10 80.48
C ARG B 583 -47.29 79.36 79.66
N PHE B 584 -46.95 80.41 80.39
CA PHE B 584 -46.45 81.68 79.87
C PHE B 584 -47.22 82.26 78.69
N ASP B 585 -46.49 82.93 77.80
CA ASP B 585 -47.03 83.43 76.55
C ASP B 585 -46.62 82.53 75.38
N ASP B 586 -45.81 81.52 75.67
CA ASP B 586 -45.21 80.70 74.62
C ASP B 586 -46.23 79.78 73.98
N ARG B 587 -46.74 78.84 74.77
CA ARG B 587 -47.80 77.95 74.30
C ARG B 587 -49.13 78.62 74.67
N VAL B 588 -50.23 77.90 74.54
CA VAL B 588 -51.57 78.49 74.64
C VAL B 588 -51.86 79.11 76.01
N TRP B 589 -52.84 80.02 76.02
CA TRP B 589 -53.31 80.63 77.25
C TRP B 589 -54.74 80.14 77.48
N PHE B 590 -55.37 80.54 78.59
CA PHE B 590 -56.68 79.99 78.90
C PHE B 590 -57.75 80.69 78.08
N THR B 591 -58.39 79.91 77.20
CA THR B 591 -59.38 80.39 76.24
C THR B 591 -60.27 79.21 75.88
N ASN B 592 -61.05 79.33 74.80
CA ASN B 592 -61.55 78.14 74.11
C ASN B 592 -62.70 77.44 74.86
N HIS B 593 -63.14 78.05 75.95
CA HIS B 593 -63.97 77.42 76.99
C HIS B 593 -65.04 76.45 76.48
N GLY B 594 -65.94 76.90 75.62
CA GLY B 594 -66.98 76.02 75.15
C GLY B 594 -68.04 75.71 76.19
N ARG B 595 -68.19 74.44 76.55
CA ARG B 595 -69.30 73.99 77.40
C ARG B 595 -70.63 74.24 76.70
N PHE B 596 -70.95 73.32 75.78
CA PHE B 596 -72.02 73.45 74.79
C PHE B 596 -71.71 74.56 73.80
N HIS B 597 -70.69 74.30 72.98
CA HIS B 597 -70.29 75.17 71.88
C HIS B 597 -69.75 74.29 70.76
N GLN B 598 -69.77 74.82 69.53
CA GLN B 598 -69.16 74.18 68.37
C GLN B 598 -69.88 72.93 67.87
N HIS B 599 -70.94 72.50 68.58
CA HIS B 599 -71.79 71.39 68.14
C HIS B 599 -70.98 70.14 67.75
N ARG B 600 -70.98 69.82 66.46
CA ARG B 600 -70.32 68.63 65.92
C ARG B 600 -70.94 67.31 66.34
N GLN B 601 -70.12 66.46 66.98
CA GLN B 601 -70.36 65.02 67.03
C GLN B 601 -70.32 64.55 65.57
N ILE B 602 -69.26 64.98 64.90
CA ILE B 602 -69.09 64.80 63.47
C ILE B 602 -68.03 63.72 63.19
N ILE B 603 -68.36 62.80 62.27
CA ILE B 603 -67.54 61.60 62.07
C ILE B 603 -66.55 61.72 60.89
N ASN B 604 -66.62 62.81 60.14
CA ASN B 604 -65.78 62.94 58.94
C ASN B 604 -64.54 63.84 59.11
N LEU B 605 -63.36 63.21 59.11
CA LEU B 605 -62.13 63.97 59.30
C LEU B 605 -61.45 64.39 58.00
N GLY B 606 -61.90 63.85 56.87
CA GLY B 606 -61.20 64.11 55.61
C GLY B 606 -61.61 65.39 54.91
N ASP B 607 -60.62 66.09 54.35
CA ASP B 607 -60.86 67.24 53.48
C ASP B 607 -60.72 66.90 52.00
N ASN B 608 -60.37 65.65 51.70
CA ASN B 608 -59.90 65.29 50.36
C ASN B 608 -60.97 65.24 49.28
N GLU B 609 -60.53 64.97 48.06
CA GLU B 609 -61.39 64.93 46.88
C GLU B 609 -62.18 63.62 46.76
N GLY B 610 -63.28 63.68 46.03
CA GLY B 610 -64.09 62.51 45.74
C GLY B 610 -65.08 62.80 44.63
N ARG B 611 -65.62 61.75 44.03
CA ARG B 611 -66.57 61.90 42.93
C ARG B 611 -67.87 61.18 43.20
N HIS B 612 -67.82 59.84 43.29
CA HIS B 612 -69.01 59.05 43.55
C HIS B 612 -68.90 58.24 44.84
N ALA B 613 -70.05 58.08 45.51
CA ALA B 613 -70.11 57.34 46.76
C ALA B 613 -71.51 56.82 47.04
N VAL B 614 -71.60 55.80 47.91
CA VAL B 614 -72.87 55.22 48.34
C VAL B 614 -72.60 54.13 49.39
N TYR B 615 -73.62 53.83 50.20
CA TYR B 615 -73.54 52.80 51.23
C TYR B 615 -73.78 51.39 50.72
N LEU B 616 -73.23 50.41 51.43
CA LEU B 616 -73.51 49.01 51.15
C LEU B 616 -74.87 48.63 51.73
N HIS B 617 -75.59 47.75 51.03
CA HIS B 617 -76.95 47.38 51.42
C HIS B 617 -76.98 46.56 52.71
N ASN B 618 -75.85 45.94 53.06
CA ASN B 618 -75.77 45.15 54.28
C ASN B 618 -75.45 46.00 55.51
N ASP B 619 -75.32 47.30 55.29
CA ASP B 619 -74.95 48.27 56.32
C ASP B 619 -73.62 47.86 56.94
N PHE B 620 -72.68 47.46 56.09
CA PHE B 620 -71.34 47.10 56.53
C PHE B 620 -70.32 48.12 56.06
N CYS B 621 -70.15 48.22 54.74
CA CYS B 621 -69.13 49.10 54.19
C CYS B 621 -69.73 50.39 53.61
N LEU B 622 -68.84 51.29 53.19
CA LEU B 622 -69.23 52.51 52.49
C LEU B 622 -68.26 52.74 51.33
N ILE B 623 -68.77 52.73 50.10
CA ILE B 623 -67.86 52.91 48.97
C ILE B 623 -67.82 54.38 48.54
N ALA B 624 -66.61 54.89 48.37
CA ALA B 624 -66.40 56.26 47.91
C ALA B 624 -65.10 56.34 47.12
N LEU B 625 -65.09 57.14 46.05
CA LEU B 625 -63.93 57.22 45.17
C LEU B 625 -64.10 58.23 44.04
N ALA B 626 -62.97 58.65 43.47
CA ALA B 626 -62.98 59.47 42.27
C ALA B 626 -62.11 58.85 41.18
N SER B 627 -60.80 59.01 41.33
CA SER B 627 -59.83 58.44 40.40
C SER B 627 -59.20 57.15 40.94
N GLY B 628 -59.56 56.78 42.16
CA GLY B 628 -58.92 55.66 42.83
C GLY B 628 -59.58 54.31 42.61
N GLN B 629 -60.88 54.33 42.31
CA GLN B 629 -61.68 53.11 42.17
C GLN B 629 -61.48 52.17 43.36
N ILE B 630 -61.60 52.70 44.57
CA ILE B 630 -61.33 51.93 45.78
C ILE B 630 -62.57 51.74 46.65
N LEU B 631 -62.73 50.54 47.18
CA LEU B 631 -63.80 50.24 48.13
C LEU B 631 -63.36 50.57 49.55
N LEU B 632 -64.18 51.35 50.25
CA LEU B 632 -63.85 51.75 51.62
C LEU B 632 -64.88 51.21 52.61
N THR B 633 -64.73 51.55 53.89
CA THR B 633 -65.65 51.07 54.94
C THR B 633 -66.52 52.14 55.63
N ASP B 634 -67.72 51.74 56.06
CA ASP B 634 -68.69 52.58 56.76
C ASP B 634 -68.79 52.12 58.22
N VAL B 635 -68.69 53.06 59.17
CA VAL B 635 -68.77 52.77 60.61
C VAL B 635 -70.12 53.27 61.17
N SER B 636 -70.82 52.41 61.93
CA SER B 636 -72.13 52.73 62.54
C SER B 636 -71.91 52.98 64.05
N LEU B 637 -72.50 54.03 64.61
CA LEU B 637 -72.20 54.33 66.01
C LEU B 637 -71.99 52.99 66.71
N GLU B 638 -70.99 52.94 67.59
CA GLU B 638 -70.66 51.71 68.28
C GLU B 638 -69.13 51.71 68.35
N GLY B 639 -68.57 51.06 69.37
CA GLY B 639 -67.14 51.06 69.53
C GLY B 639 -66.36 50.53 68.33
N GLU B 640 -66.79 49.38 67.81
CA GLU B 640 -66.06 48.72 66.73
C GLU B 640 -66.24 49.43 65.39
N ASP B 641 -65.15 49.49 64.63
CA ASP B 641 -65.15 50.11 63.30
C ASP B 641 -64.32 49.22 62.37
N THR B 642 -64.36 49.49 61.07
CA THR B 642 -63.62 48.68 60.10
C THR B 642 -63.02 49.55 58.99
N TYR B 643 -61.79 49.24 58.59
CA TYR B 643 -61.17 49.89 57.44
C TYR B 643 -60.76 48.85 56.40
N LEU B 644 -60.78 49.22 55.13
CA LEU B 644 -60.42 48.28 54.06
C LEU B 644 -59.83 48.99 52.85
N LEU B 645 -58.91 48.31 52.17
CA LEU B 645 -58.30 48.84 50.94
C LEU B 645 -58.63 47.92 49.76
N ARG B 646 -58.78 48.52 48.58
CA ARG B 646 -59.19 47.77 47.40
C ARG B 646 -58.28 48.01 46.19
N ASP B 647 -58.32 49.24 45.68
CA ASP B 647 -57.53 49.65 44.51
C ASP B 647 -57.84 48.81 43.27
N GLU B 648 -59.05 48.96 42.76
CA GLU B 648 -59.45 48.30 41.51
C GLU B 648 -58.85 49.00 40.29
N SER B 649 -58.85 48.30 39.16
CA SER B 649 -58.38 48.88 37.90
C SER B 649 -59.27 50.06 37.53
N ASP B 650 -58.76 50.95 36.69
CA ASP B 650 -59.41 52.24 36.48
C ASP B 650 -60.69 52.16 35.65
N SER B 651 -61.78 52.60 36.28
CA SER B 651 -63.07 52.74 35.62
C SER B 651 -63.28 54.18 35.19
N SER B 652 -62.24 55.00 35.30
CA SER B 652 -62.34 56.45 35.28
C SER B 652 -63.09 57.03 34.07
N ASP B 653 -63.71 58.18 34.31
CA ASP B 653 -64.56 58.90 33.36
C ASP B 653 -65.88 58.18 33.06
N ILE B 654 -66.47 57.56 34.08
CA ILE B 654 -67.85 57.10 34.02
C ILE B 654 -68.82 58.25 34.26
N LEU B 655 -70.03 58.14 33.72
CA LEU B 655 -71.05 59.17 33.91
C LEU B 655 -71.72 59.07 35.28
N ARG B 656 -72.11 57.86 35.67
CA ARG B 656 -72.75 57.64 36.97
C ARG B 656 -72.40 56.24 37.47
N MET B 657 -72.82 55.91 38.69
CA MET B 657 -72.48 54.62 39.29
C MET B 657 -73.57 54.15 40.25
N ALA B 658 -73.76 52.85 40.34
CA ALA B 658 -74.76 52.28 41.24
C ALA B 658 -74.25 50.99 41.88
N VAL B 659 -75.13 50.33 42.64
CA VAL B 659 -74.78 49.09 43.33
C VAL B 659 -75.95 48.09 43.21
N PHE B 660 -75.62 46.81 43.09
CA PHE B 660 -76.65 45.79 42.91
C PHE B 660 -76.98 45.18 44.27
N ASN B 661 -77.97 44.28 44.32
CA ASN B 661 -78.48 43.78 45.59
C ASN B 661 -77.63 42.69 46.24
N GLN B 662 -77.06 41.80 45.43
CA GLN B 662 -76.28 40.68 45.96
C GLN B 662 -74.78 41.00 45.99
N GLN B 663 -74.44 42.23 45.63
CA GLN B 663 -73.09 42.83 45.76
C GLN B 663 -72.02 42.10 44.94
N LYS B 664 -72.37 40.97 44.34
CA LYS B 664 -71.43 40.21 43.53
C LYS B 664 -71.37 40.80 42.12
N HIS B 665 -72.35 41.64 41.80
CA HIS B 665 -72.40 42.30 40.49
C HIS B 665 -72.31 43.81 40.65
N LEU B 666 -71.59 44.45 39.73
CA LEU B 666 -71.44 45.89 39.75
C LEU B 666 -71.70 46.50 38.37
N ILE B 667 -72.72 47.35 38.29
CA ILE B 667 -73.07 47.98 37.03
C ILE B 667 -72.17 49.18 36.74
N THR B 668 -71.72 49.30 35.50
CA THR B 668 -70.84 50.39 35.10
C THR B 668 -71.14 50.81 33.67
N LEU B 669 -71.15 52.13 33.43
CA LEU B 669 -71.37 52.66 32.09
C LEU B 669 -70.41 53.82 31.80
N HIS B 670 -70.02 53.96 30.54
CA HIS B 670 -69.01 54.95 30.17
C HIS B 670 -69.59 56.06 29.29
N CYS B 671 -68.72 56.97 28.87
CA CYS B 671 -69.10 58.06 27.97
C CYS B 671 -69.69 57.52 26.67
N ASN B 672 -68.87 56.82 25.89
CA ASN B 672 -69.33 56.16 24.68
C ASN B 672 -70.19 54.94 25.00
N GLY B 673 -70.12 54.51 26.25
CA GLY B 673 -70.91 53.39 26.74
C GLY B 673 -70.14 52.09 26.81
N SER B 674 -70.48 51.28 27.80
CA SER B 674 -69.84 49.99 28.05
C SER B 674 -70.48 49.33 29.27
N VAL B 675 -70.20 48.05 29.46
CA VAL B 675 -70.67 47.33 30.65
C VAL B 675 -69.50 46.60 31.31
N LYS B 676 -69.15 47.02 32.52
CA LYS B 676 -68.02 46.43 33.23
C LYS B 676 -68.44 45.91 34.60
N LEU B 677 -68.29 44.61 34.80
CA LEU B 677 -68.70 43.96 36.04
C LEU B 677 -67.52 43.74 36.98
N TRP B 678 -67.77 43.90 38.28
CA TRP B 678 -66.74 43.68 39.29
C TRP B 678 -67.27 42.81 40.43
N SER B 679 -66.35 42.31 41.25
CA SER B 679 -66.71 41.51 42.41
C SER B 679 -66.07 42.08 43.68
N LEU B 680 -66.90 42.32 44.69
CA LEU B 680 -66.41 42.90 45.94
C LEU B 680 -65.58 41.91 46.74
N TRP B 681 -65.70 40.63 46.39
CA TRP B 681 -64.90 39.58 47.03
C TRP B 681 -63.43 39.74 46.67
N PRO B 682 -62.57 39.96 47.67
CA PRO B 682 -61.14 40.16 47.45
C PRO B 682 -60.44 38.90 46.96
N ASN B 699 -64.31 41.61 30.14
CA ASN B 699 -65.48 41.78 31.00
C ASN B 699 -66.49 42.74 30.41
N SER B 700 -66.20 43.24 29.21
CA SER B 700 -67.08 44.19 28.54
C SER B 700 -67.32 43.82 27.08
N VAL B 701 -68.58 43.63 26.72
CA VAL B 701 -68.92 43.29 25.34
C VAL B 701 -70.01 44.21 24.76
N VAL B 702 -69.61 45.00 23.77
CA VAL B 702 -70.52 45.89 23.06
C VAL B 702 -70.96 45.20 21.77
N LYS B 703 -70.44 43.99 21.56
CA LYS B 703 -70.58 43.28 20.30
C LYS B 703 -71.97 42.67 20.10
N ARG B 704 -72.09 41.85 19.06
CA ARG B 704 -73.35 41.22 18.66
C ARG B 704 -74.40 42.25 18.25
N PHE B 705 -75.60 42.12 18.79
CA PHE B 705 -76.73 42.97 18.43
C PHE B 705 -76.45 44.45 18.73
N ILE B 706 -76.95 45.31 17.85
CA ILE B 706 -76.79 46.77 17.95
C ILE B 706 -75.29 47.07 18.06
N GLY B 707 -74.85 47.63 19.18
CA GLY B 707 -73.45 47.98 19.35
C GLY B 707 -73.01 49.09 18.42
N SER B 708 -73.88 50.09 18.24
CA SER B 708 -73.58 51.21 17.36
C SER B 708 -72.50 52.11 17.94
N TYR B 709 -71.87 52.90 17.08
CA TYR B 709 -70.80 53.80 17.50
C TYR B 709 -71.33 55.22 17.66
N ALA B 710 -71.39 55.70 18.90
CA ALA B 710 -71.94 57.00 19.24
C ALA B 710 -71.80 57.28 20.73
N ASN B 711 -72.15 58.49 21.14
CA ASN B 711 -72.05 58.89 22.54
C ASN B 711 -73.28 58.46 23.34
N LEU B 712 -73.03 57.89 24.52
CA LEU B 712 -74.12 57.45 25.40
C LEU B 712 -74.53 58.55 26.37
N LYS B 713 -75.84 58.72 26.54
CA LYS B 713 -76.37 59.74 27.45
C LYS B 713 -76.42 59.23 28.89
N ILE B 714 -77.07 60.01 29.74
CA ILE B 714 -77.22 59.67 31.16
C ILE B 714 -78.31 58.59 31.31
N VAL B 715 -79.06 58.38 30.23
CA VAL B 715 -80.20 57.47 30.24
C VAL B 715 -79.86 56.06 30.71
N ALA B 716 -80.61 55.59 31.71
CA ALA B 716 -80.48 54.25 32.27
C ALA B 716 -81.54 54.03 33.33
N PHE B 717 -81.79 52.75 33.64
CA PHE B 717 -82.83 52.38 34.61
C PHE B 717 -82.90 50.86 34.80
N TYR B 718 -83.73 50.43 35.75
CA TYR B 718 -83.87 49.02 36.06
C TYR B 718 -85.30 48.54 35.80
N LEU B 719 -85.43 47.38 35.18
CA LEU B 719 -86.74 46.80 34.90
C LEU B 719 -87.06 45.64 35.84
N ASN B 720 -88.26 45.07 35.68
CA ASN B 720 -88.66 43.88 36.43
C ASN B 720 -88.31 42.62 35.66
N GLU B 721 -88.76 41.48 36.16
CA GLU B 721 -88.49 40.21 35.50
C GLU B 721 -89.62 39.83 34.55
N ASP B 722 -89.32 39.88 33.24
CA ASP B 722 -90.31 39.54 32.23
C ASP B 722 -90.14 38.11 31.72
N ALA B 723 -89.13 37.41 32.24
CA ALA B 723 -88.82 36.06 31.78
C ALA B 723 -89.27 35.00 32.79
N GLY B 724 -88.57 34.93 33.92
CA GLY B 724 -88.86 33.95 34.94
C GLY B 724 -90.21 34.14 35.59
N LEU B 725 -90.46 35.34 36.10
CA LEU B 725 -91.73 35.64 36.75
C LEU B 725 -92.00 37.14 36.76
N ILE B 730 -86.56 36.68 40.60
CA ILE B 730 -85.25 36.13 40.32
C ILE B 730 -84.17 37.21 40.33
N GLN B 731 -84.45 38.30 39.61
CA GLN B 731 -83.48 39.39 39.45
C GLN B 731 -84.13 40.53 38.65
N LEU B 732 -83.54 41.72 38.75
CA LEU B 732 -84.04 42.88 38.02
C LEU B 732 -83.13 43.19 36.83
N HIS B 733 -83.73 43.32 35.65
CA HIS B 733 -82.96 43.56 34.44
C HIS B 733 -82.49 45.00 34.33
N VAL B 734 -81.75 45.29 33.27
CA VAL B 734 -81.21 46.63 33.03
C VAL B 734 -81.48 47.05 31.59
N ALA B 735 -81.93 48.29 31.40
CA ALA B 735 -82.19 48.79 30.05
C ALA B 735 -81.88 50.28 29.95
N PHE B 736 -81.43 50.70 28.77
CA PHE B 736 -81.08 52.11 28.54
C PHE B 736 -81.14 52.46 27.05
N ILE B 737 -80.88 53.73 26.74
CA ILE B 737 -80.98 54.21 25.37
C ILE B 737 -79.66 54.83 24.88
N ASN B 738 -79.14 54.30 23.77
CA ASN B 738 -77.91 54.81 23.18
C ASN B 738 -78.16 56.04 22.30
N GLY B 739 -77.13 56.44 21.56
CA GLY B 739 -77.26 57.53 20.61
C GLY B 739 -77.84 57.08 19.29
N ASP B 740 -78.34 55.84 19.27
CA ASP B 740 -78.95 55.26 18.09
C ASP B 740 -80.45 55.53 18.05
N VAL B 741 -80.90 56.37 18.99
CA VAL B 741 -82.31 56.75 19.19
C VAL B 741 -83.25 55.53 19.12
N SER B 742 -82.83 54.46 19.79
CA SER B 742 -83.63 53.25 19.90
C SER B 742 -83.41 52.61 21.27
N ILE B 743 -84.46 52.02 21.83
CA ILE B 743 -84.38 51.43 23.16
C ILE B 743 -83.52 50.16 23.16
N LEU B 744 -82.74 49.99 24.22
CA LEU B 744 -81.87 48.82 24.35
C LEU B 744 -82.14 48.10 25.67
N ASN B 745 -82.47 46.82 25.59
CA ASN B 745 -82.77 46.01 26.76
C ASN B 745 -81.70 44.94 27.00
N TRP B 746 -81.46 44.64 28.27
CA TRP B 746 -80.50 43.60 28.66
C TRP B 746 -81.14 42.60 29.61
N ASP B 747 -81.12 41.33 29.21
CA ASP B 747 -81.71 40.28 30.04
C ASP B 747 -80.65 39.51 30.81
N GLU B 748 -80.61 39.70 32.11
CA GLU B 748 -79.66 39.02 32.98
C GLU B 748 -80.33 38.34 34.17
N GLN B 749 -80.39 37.01 34.15
CA GLN B 749 -80.88 36.27 35.32
C GLN B 749 -79.84 35.54 36.16
N ASP B 750 -78.61 35.40 35.67
CA ASP B 750 -77.62 34.60 36.41
C ASP B 750 -76.22 35.22 36.50
N GLN B 751 -75.49 35.16 35.40
CA GLN B 751 -74.07 35.54 35.38
C GLN B 751 -73.71 36.46 34.23
N GLU B 752 -73.81 35.93 33.01
CA GLU B 752 -73.44 36.66 31.80
C GLU B 752 -74.67 36.98 30.97
N PHE B 753 -74.61 38.08 30.23
CA PHE B 753 -75.76 38.58 29.47
C PHE B 753 -76.21 37.62 28.38
N LYS B 754 -77.49 37.68 28.04
CA LYS B 754 -78.10 36.76 27.09
C LYS B 754 -78.48 37.46 25.78
N LEU B 755 -79.37 38.44 25.87
CA LEU B 755 -79.92 39.13 24.71
C LEU B 755 -80.67 38.15 23.81
N SER B 756 -81.79 37.65 24.29
CA SER B 756 -82.58 36.67 23.55
C SER B 756 -83.39 37.31 22.42
N HIS B 757 -83.15 36.82 21.21
CA HIS B 757 -83.87 37.25 20.01
C HIS B 757 -83.86 38.76 19.79
N VAL B 758 -85.00 39.29 19.37
CA VAL B 758 -85.12 40.70 19.00
C VAL B 758 -85.57 41.57 20.18
N PRO B 759 -85.23 42.88 20.13
CA PRO B 759 -85.73 43.87 21.09
C PRO B 759 -87.25 44.03 21.03
N VAL B 760 -87.85 43.54 19.94
CA VAL B 760 -89.30 43.46 19.75
C VAL B 760 -89.91 44.84 19.41
N LEU B 761 -89.17 45.91 19.67
CA LEU B 761 -89.65 47.27 19.44
C LEU B 761 -88.56 48.30 19.74
N LYS B 762 -88.72 49.51 19.22
CA LYS B 762 -87.80 50.61 19.48
C LYS B 762 -88.53 51.81 20.08
N THR B 763 -87.79 52.88 20.34
CA THR B 763 -88.37 54.09 20.92
C THR B 763 -88.03 55.31 20.07
N MET B 764 -89.03 56.14 19.79
CA MET B 764 -88.85 57.33 18.97
C MET B 764 -87.96 58.36 19.66
N GLN B 765 -87.03 58.93 18.89
CA GLN B 765 -86.08 59.93 19.37
C GLN B 765 -85.32 59.46 20.61
N SER B 766 -85.11 60.37 21.55
CA SER B 766 -84.42 60.03 22.79
C SER B 766 -84.85 60.95 23.94
N GLY B 767 -84.89 60.39 25.15
CA GLY B 767 -85.18 61.18 26.34
C GLY B 767 -83.95 61.34 27.22
N ILE B 768 -84.18 61.73 28.47
CA ILE B 768 -83.10 61.78 29.46
C ILE B 768 -83.42 60.87 30.64
N ARG B 769 -84.53 61.12 31.34
CA ARG B 769 -84.89 60.28 32.48
C ARG B 769 -86.04 59.34 32.13
N CYS B 770 -85.74 58.06 32.02
CA CYS B 770 -86.73 57.07 31.62
C CYS B 770 -86.82 55.95 32.66
N PHE B 771 -88.02 55.51 32.98
CA PHE B 771 -88.16 54.42 33.94
C PHE B 771 -89.51 53.70 33.77
N VAL B 772 -89.63 52.51 34.35
CA VAL B 772 -90.85 51.71 34.22
C VAL B 772 -91.90 52.06 35.30
N GLN B 773 -93.16 52.10 34.90
CA GLN B 773 -94.25 52.32 35.85
C GLN B 773 -94.54 51.05 36.66
N VAL B 774 -95.62 51.09 37.43
CA VAL B 774 -96.06 49.93 38.19
C VAL B 774 -96.48 48.80 37.27
N LEU B 775 -96.82 49.14 36.03
CA LEU B 775 -97.12 48.16 35.01
C LEU B 775 -95.95 48.02 34.05
N LYS B 776 -95.61 46.78 33.70
CA LYS B 776 -94.47 46.51 32.83
C LYS B 776 -94.76 46.85 31.37
N ARG B 777 -96.02 47.17 31.06
CA ARG B 777 -96.42 47.48 29.70
C ARG B 777 -96.21 48.94 29.33
N TYR B 778 -95.93 49.77 30.33
CA TYR B 778 -95.77 51.21 30.11
C TYR B 778 -94.45 51.74 30.65
N TYR B 779 -93.83 52.64 29.90
CA TYR B 779 -92.55 53.23 30.30
C TYR B 779 -92.63 54.75 30.26
N VAL B 780 -92.39 55.42 31.39
CA VAL B 780 -92.36 56.87 31.39
C VAL B 780 -91.03 57.39 30.85
N VAL B 781 -91.12 58.36 29.94
CA VAL B 781 -89.97 58.91 29.25
C VAL B 781 -89.92 60.43 29.42
N CYS B 782 -88.77 60.93 29.87
CA CYS B 782 -88.58 62.36 30.04
C CYS B 782 -87.38 62.83 29.23
N THR B 783 -87.59 63.90 28.46
CA THR B 783 -86.55 64.44 27.59
C THR B 783 -85.88 65.67 28.20
N SER B 784 -84.96 66.27 27.44
CA SER B 784 -84.23 67.43 27.90
C SER B 784 -85.05 68.72 27.71
N ASN B 785 -86.20 68.58 27.09
CA ASN B 785 -87.09 69.72 26.85
C ASN B 785 -88.06 69.92 28.02
N CYS B 786 -87.88 69.11 29.06
CA CYS B 786 -88.72 69.17 30.26
C CYS B 786 -90.20 68.97 29.94
N THR B 787 -90.48 67.98 29.10
CA THR B 787 -91.86 67.65 28.76
C THR B 787 -92.18 66.21 29.12
N LEU B 788 -93.46 65.90 29.27
CA LEU B 788 -93.88 64.55 29.63
C LEU B 788 -94.40 63.80 28.42
N THR B 789 -93.66 62.78 28.00
CA THR B 789 -94.05 61.95 26.86
C THR B 789 -93.96 60.48 27.21
N VAL B 790 -94.68 59.65 26.48
CA VAL B 790 -94.70 58.21 26.74
C VAL B 790 -94.80 57.38 25.46
N TRP B 791 -94.00 56.32 25.40
CA TRP B 791 -94.12 55.32 24.33
C TRP B 791 -94.45 53.97 24.93
N ASP B 792 -95.63 53.46 24.61
CA ASP B 792 -96.11 52.20 25.16
C ASP B 792 -95.31 51.01 24.63
N LEU B 793 -95.02 50.06 25.52
CA LEU B 793 -94.31 48.85 25.14
C LEU B 793 -95.19 47.97 24.27
N THR B 794 -96.41 47.70 24.76
CA THR B 794 -97.38 46.95 23.98
C THR B 794 -98.44 47.88 23.41
N ASN B 795 -99.36 47.33 22.63
CA ASN B 795 -100.44 48.10 22.00
C ASN B 795 -99.92 49.34 21.28
N GLY B 796 -99.12 49.13 20.23
CA GLY B 796 -98.52 50.24 19.50
C GLY B 796 -97.34 50.83 20.22
N SER B 797 -96.84 51.96 19.73
CA SER B 797 -95.70 52.63 20.35
C SER B 797 -96.12 53.95 20.98
N SER B 798 -96.37 54.95 20.15
CA SER B 798 -96.83 56.26 20.63
C SER B 798 -98.36 56.31 20.60
N ASN B 799 -98.96 56.61 21.74
CA ASN B 799 -100.42 56.61 21.84
C ASN B 799 -100.99 57.99 22.13
N THR B 800 -100.88 58.44 23.38
CA THR B 800 -101.53 59.67 23.81
C THR B 800 -100.92 60.33 25.04
N LEU B 801 -101.65 61.29 25.58
CA LEU B 801 -101.31 61.99 26.82
C LEU B 801 -99.99 62.74 26.78
N GLU B 802 -99.92 63.74 25.91
CA GLU B 802 -98.83 64.71 25.91
C GLU B 802 -99.31 65.96 26.65
N LEU B 803 -100.56 65.92 27.07
CA LEU B 803 -101.28 67.11 27.55
C LEU B 803 -100.96 67.55 28.98
N HIS B 804 -101.18 68.84 29.24
CA HIS B 804 -101.17 69.43 30.58
C HIS B 804 -99.89 69.24 31.38
N VAL B 805 -98.83 69.93 30.98
CA VAL B 805 -97.64 70.06 31.80
C VAL B 805 -97.70 71.38 32.58
N PHE B 806 -97.31 71.34 33.84
CA PHE B 806 -97.46 72.50 34.73
C PHE B 806 -96.63 73.71 34.29
N ASN B 807 -95.32 73.54 34.20
CA ASN B 807 -94.44 74.65 33.83
C ASN B 807 -93.36 74.24 32.83
N VAL B 808 -93.34 74.90 31.68
CA VAL B 808 -92.33 74.66 30.67
C VAL B 808 -91.14 75.60 30.82
N GLU B 809 -91.27 76.58 31.70
CA GLU B 809 -90.22 77.56 31.91
C GLU B 809 -89.37 77.24 33.14
N ASN B 810 -88.11 76.89 32.90
CA ASN B 810 -87.17 76.60 33.98
C ASN B 810 -86.58 77.87 34.56
N ASP B 811 -86.18 77.82 35.84
CA ASP B 811 -85.47 78.94 36.46
C ASP B 811 -84.09 79.09 35.84
N THR B 812 -83.41 77.96 35.67
CA THR B 812 -82.12 77.91 34.98
C THR B 812 -82.15 76.77 33.97
N PRO B 813 -81.53 76.97 32.80
CA PRO B 813 -81.56 75.92 31.77
C PRO B 813 -80.91 74.62 32.24
N LEU B 814 -81.65 73.52 32.12
CA LEU B 814 -81.20 72.21 32.57
C LEU B 814 -82.00 71.11 31.87
N ALA B 815 -81.80 69.88 32.30
CA ALA B 815 -82.62 68.76 31.85
C ALA B 815 -83.69 68.47 32.90
N LEU B 816 -84.55 67.49 32.64
CA LEU B 816 -85.59 67.14 33.59
C LEU B 816 -84.97 66.36 34.76
N ASP B 817 -85.59 66.44 35.92
CA ASP B 817 -85.02 65.88 37.14
C ASP B 817 -85.16 64.36 37.21
N VAL B 818 -84.79 63.79 38.35
CA VAL B 818 -84.81 62.35 38.54
C VAL B 818 -86.18 61.82 38.91
N PHE B 819 -86.64 60.82 38.18
CA PHE B 819 -87.92 60.16 38.46
C PHE B 819 -87.74 59.14 39.58
N ASP B 820 -88.76 59.00 40.44
CA ASP B 820 -88.64 58.14 41.62
C ASP B 820 -89.75 57.09 41.71
N GLU B 821 -89.75 56.34 42.81
CA GLU B 821 -90.75 55.32 43.07
C GLU B 821 -91.29 55.36 44.50
N ARG B 822 -92.38 54.64 44.73
CA ARG B 822 -92.97 54.52 46.06
C ARG B 822 -93.06 53.06 46.47
N SER B 823 -93.55 52.81 47.68
CA SER B 823 -93.72 51.45 48.16
C SER B 823 -95.08 50.89 47.74
N LYS B 824 -95.93 51.78 47.23
CA LYS B 824 -97.25 51.39 46.77
C LYS B 824 -97.20 50.77 45.39
N THR B 825 -98.20 49.94 45.07
CA THR B 825 -98.27 49.27 43.77
C THR B 825 -99.04 50.12 42.76
N ALA B 826 -99.45 51.31 43.18
CA ALA B 826 -100.19 52.22 42.30
C ALA B 826 -99.56 53.61 42.27
N THR B 827 -99.58 54.29 43.41
CA THR B 827 -99.03 55.64 43.53
C THR B 827 -97.53 55.67 43.26
N VAL B 828 -97.10 56.53 42.35
CA VAL B 828 -95.68 56.69 42.07
C VAL B 828 -95.20 58.09 42.45
N LEU B 829 -93.89 58.32 42.30
CA LEU B 829 -93.27 59.54 42.79
C LEU B 829 -92.41 60.22 41.73
N LEU B 830 -92.42 61.55 41.75
CA LEU B 830 -91.64 62.36 40.83
C LEU B 830 -91.30 63.70 41.48
N ILE B 831 -90.21 64.32 41.06
CA ILE B 831 -89.84 65.64 41.56
C ILE B 831 -89.37 66.53 40.41
N PHE B 832 -89.88 67.76 40.37
CA PHE B 832 -89.47 68.71 39.34
C PHE B 832 -89.08 70.05 39.96
N LYS B 833 -87.79 70.37 39.87
CA LYS B 833 -87.26 71.63 40.40
C LYS B 833 -87.65 71.88 41.85
N TYR B 834 -88.39 72.97 42.08
CA TYR B 834 -88.75 73.37 43.44
C TYR B 834 -90.07 72.73 43.89
N SER B 835 -90.67 71.94 43.01
CA SER B 835 -91.95 71.31 43.32
C SER B 835 -91.84 69.79 43.30
N VAL B 836 -92.73 69.13 44.05
CA VAL B 836 -92.74 67.67 44.09
C VAL B 836 -94.06 67.14 43.53
N TRP B 837 -93.95 66.28 42.52
CA TRP B 837 -95.14 65.74 41.85
C TRP B 837 -95.37 64.29 42.23
N ARG B 838 -96.41 64.03 43.02
CA ARG B 838 -96.79 62.67 43.38
C ARG B 838 -97.91 62.20 42.44
N LEU B 839 -97.65 61.10 41.74
CA LEU B 839 -98.55 60.67 40.67
C LEU B 839 -99.27 59.35 40.98
N ASN B 840 -100.15 58.96 40.07
CA ASN B 840 -101.05 57.84 40.25
C ASN B 840 -101.50 57.27 38.91
N PHE B 841 -102.13 56.09 38.95
CA PHE B 841 -102.74 55.53 37.75
C PHE B 841 -103.83 56.48 37.27
N LEU B 842 -104.20 56.35 35.98
CA LEU B 842 -104.97 57.33 35.21
C LEU B 842 -103.99 58.41 34.72
N PRO B 843 -104.36 59.19 33.68
CA PRO B 843 -103.40 60.08 32.99
C PRO B 843 -102.49 60.93 33.87
N GLY B 844 -103.01 61.52 34.94
CA GLY B 844 -102.17 62.29 35.82
C GLY B 844 -102.83 63.43 36.55
N LEU B 845 -102.01 64.38 36.99
CA LEU B 845 -102.45 65.55 37.77
C LEU B 845 -103.18 65.05 39.02
N SER B 846 -102.42 64.51 39.95
CA SER B 846 -102.98 63.95 41.18
C SER B 846 -102.55 64.74 42.41
N VAL B 847 -101.29 64.58 42.81
CA VAL B 847 -100.80 65.25 44.01
C VAL B 847 -99.62 66.16 43.71
N SER B 848 -99.66 67.38 44.25
CA SER B 848 -98.56 68.32 44.11
C SER B 848 -98.20 68.92 45.47
N LEU B 849 -96.97 68.68 45.92
CA LEU B 849 -96.55 69.11 47.25
C LEU B 849 -95.24 69.89 47.24
N GLN B 850 -95.12 70.81 48.19
CA GLN B 850 -93.88 71.56 48.41
C GLN B 850 -93.65 71.72 49.92
N SER B 851 -92.43 71.45 50.36
CA SER B 851 -92.11 71.57 51.78
C SER B 851 -92.11 73.03 52.21
N GLU B 852 -91.32 73.85 51.53
CA GLU B 852 -91.27 75.29 51.78
C GLU B 852 -90.46 75.99 50.68
N ALA B 853 -90.31 77.30 50.82
CA ALA B 853 -89.57 78.08 49.84
C ALA B 853 -88.07 77.93 50.03
N VAL B 854 -87.29 78.61 49.19
CA VAL B 854 -85.84 78.55 49.27
C VAL B 854 -85.31 79.39 50.42
N GLY B 859 -80.14 78.42 44.21
CA GLY B 859 -79.38 78.00 43.05
C GLY B 859 -80.11 76.97 42.21
N SER B 860 -79.39 76.35 41.29
CA SER B 860 -79.97 75.33 40.42
C SER B 860 -80.14 74.01 41.17
N PHE B 861 -81.12 73.21 40.74
CA PHE B 861 -81.38 71.92 41.37
C PHE B 861 -80.58 70.81 40.70
N ILE B 862 -79.71 70.17 41.47
CA ILE B 862 -78.87 69.09 40.95
C ILE B 862 -78.97 67.81 41.77
N THR B 863 -78.59 67.86 43.05
CA THR B 863 -78.52 66.66 43.89
C THR B 863 -79.83 66.40 44.64
N CYS B 864 -80.17 65.13 44.78
CA CYS B 864 -81.38 64.72 45.49
C CYS B 864 -81.19 63.34 46.12
N GLY B 865 -81.86 63.12 47.24
CA GLY B 865 -81.76 61.85 47.94
C GLY B 865 -82.98 60.98 47.73
N LYS B 866 -83.13 59.96 48.57
CA LYS B 866 -84.22 58.99 48.47
C LYS B 866 -84.13 58.01 49.63
N ARG B 867 -85.23 57.31 49.93
CA ARG B 867 -85.27 56.33 51.00
C ARG B 867 -86.11 55.14 50.60
N SER B 868 -85.87 53.98 51.23
CA SER B 868 -86.60 52.76 50.91
C SER B 868 -87.19 52.09 52.15
N THR B 869 -86.30 51.56 53.00
CA THR B 869 -86.70 50.83 54.19
C THR B 869 -87.18 51.80 55.27
N ASP B 870 -86.79 53.06 55.15
CA ASP B 870 -87.10 54.08 56.16
C ASP B 870 -88.59 54.45 56.12
N GLY B 871 -89.34 53.87 55.18
CA GLY B 871 -90.74 54.22 55.00
C GLY B 871 -90.97 55.09 53.78
N ARG B 872 -89.98 55.16 52.91
CA ARG B 872 -90.08 55.86 51.63
C ARG B 872 -90.37 57.35 51.85
N TYR B 873 -89.54 57.99 52.67
CA TYR B 873 -89.63 59.43 52.88
C TYR B 873 -88.65 60.12 51.92
N LEU B 874 -89.10 61.18 51.26
CA LEU B 874 -88.33 61.74 50.16
C LEU B 874 -87.42 62.90 50.56
N LEU B 875 -86.11 62.67 50.46
CA LEU B 875 -85.12 63.73 50.66
C LEU B 875 -85.17 64.71 49.49
N LEU B 876 -85.25 66.01 49.78
CA LEU B 876 -85.39 67.00 48.72
C LEU B 876 -85.04 68.42 49.14
N GLY B 877 -85.09 69.34 48.19
CA GLY B 877 -84.94 70.76 48.48
C GLY B 877 -84.65 71.59 47.24
N THR B 878 -84.81 72.91 47.37
CA THR B 878 -84.45 73.84 46.32
C THR B 878 -82.96 73.76 45.97
N SER B 879 -82.14 74.28 46.89
CA SER B 879 -80.69 74.25 46.76
C SER B 879 -80.09 73.71 48.06
N GLU B 880 -80.32 74.46 49.14
CA GLU B 880 -79.94 74.04 50.49
C GLU B 880 -78.46 73.71 50.64
N GLY B 881 -77.62 74.73 50.60
CA GLY B 881 -76.23 74.59 50.99
C GLY B 881 -76.15 74.43 52.49
N LEU B 882 -77.28 74.64 53.16
CA LEU B 882 -77.40 74.44 54.59
C LEU B 882 -78.76 73.83 54.94
N ILE B 883 -78.75 72.85 55.83
CA ILE B 883 -79.97 72.21 56.31
C ILE B 883 -80.78 71.58 55.16
N VAL B 884 -80.27 70.47 54.64
CA VAL B 884 -80.99 69.69 53.62
C VAL B 884 -82.31 69.18 54.20
N TYR B 885 -83.37 69.25 53.39
CA TYR B 885 -84.71 68.95 53.88
C TYR B 885 -85.17 67.53 53.56
N ASP B 886 -85.91 66.94 54.50
CA ASP B 886 -86.54 65.64 54.29
C ASP B 886 -88.06 65.78 54.36
N LEU B 887 -88.77 65.07 53.48
CA LEU B 887 -90.21 65.14 53.43
C LEU B 887 -90.87 63.80 53.80
N LYS B 888 -91.63 63.82 54.89
CA LYS B 888 -92.40 62.66 55.32
C LYS B 888 -93.68 62.57 54.50
N ILE B 889 -94.15 61.35 54.29
CA ILE B 889 -95.34 61.11 53.46
C ILE B 889 -96.57 61.87 53.96
N SER B 890 -97.19 62.63 53.06
CA SER B 890 -98.46 63.32 53.28
C SER B 890 -98.42 64.43 54.34
N ASP B 891 -97.27 64.58 55.02
CA ASP B 891 -97.16 65.60 56.06
C ASP B 891 -95.98 66.54 55.80
N PRO B 892 -96.18 67.83 56.08
CA PRO B 892 -95.14 68.85 55.93
C PRO B 892 -94.33 69.09 57.20
N VAL B 893 -93.51 68.11 57.58
CA VAL B 893 -92.71 68.23 58.79
C VAL B 893 -91.24 67.85 58.52
N LEU B 894 -90.32 68.57 59.16
CA LEU B 894 -88.90 68.31 58.98
C LEU B 894 -88.29 67.71 60.25
N ARG B 895 -87.92 66.43 60.17
CA ARG B 895 -87.31 65.75 61.31
C ARG B 895 -85.79 65.70 61.20
N SER B 896 -85.26 66.27 60.12
CA SER B 896 -83.82 66.21 59.86
C SER B 896 -83.16 67.57 60.04
N ASN B 897 -81.90 67.57 60.46
CA ASN B 897 -81.15 68.80 60.66
C ASN B 897 -79.69 68.64 60.24
N VAL B 898 -79.12 69.69 59.65
CA VAL B 898 -77.72 69.65 59.21
C VAL B 898 -76.88 70.73 59.90
N SER B 899 -75.97 70.28 60.77
CA SER B 899 -75.05 71.20 61.44
C SER B 899 -73.69 71.24 60.74
N GLU B 900 -73.53 70.44 59.69
CA GLU B 900 -72.25 70.33 59.00
C GLU B 900 -72.19 71.22 57.77
N HIS B 901 -73.28 71.97 57.54
CA HIS B 901 -73.50 72.74 56.32
C HIS B 901 -73.39 71.79 55.12
N ILE B 902 -72.82 72.27 54.01
CA ILE B 902 -72.46 71.44 52.85
C ILE B 902 -71.99 72.34 51.70
N GLU B 903 -71.33 71.75 50.71
CA GLU B 903 -71.01 72.46 49.47
C GLU B 903 -71.81 71.77 48.36
N CYS B 904 -71.75 72.30 47.14
CA CYS B 904 -72.51 71.70 46.04
C CYS B 904 -71.68 71.45 44.79
N VAL B 905 -71.47 70.18 44.46
CA VAL B 905 -70.80 69.81 43.22
C VAL B 905 -71.56 68.71 42.45
N ASP B 906 -71.72 67.54 43.06
CA ASP B 906 -72.29 66.38 42.37
C ASP B 906 -73.66 65.98 42.90
N ILE B 907 -74.23 64.93 42.32
CA ILE B 907 -75.63 64.56 42.54
C ILE B 907 -75.80 63.47 43.60
N TYR B 908 -74.70 62.93 44.12
CA TYR B 908 -74.79 61.74 44.95
C TYR B 908 -75.26 62.04 46.38
N GLU B 909 -76.39 61.43 46.74
CA GLU B 909 -76.90 61.47 48.12
C GLU B 909 -77.79 60.26 48.38
N LEU B 910 -77.78 59.76 49.62
CA LEU B 910 -78.61 58.62 50.00
C LEU B 910 -78.43 58.29 51.49
N PHE B 911 -79.42 57.61 52.07
CA PHE B 911 -79.39 57.23 53.48
C PHE B 911 -79.50 55.72 53.69
N ASP B 912 -78.74 55.22 54.66
CA ASP B 912 -78.72 53.80 55.00
C ASP B 912 -80.04 53.29 55.60
N PRO B 913 -80.35 51.97 55.32
CA PRO B 913 -81.61 51.51 55.92
C PRO B 913 -81.61 51.54 57.44
N VAL B 914 -80.46 51.20 58.04
CA VAL B 914 -80.27 51.16 59.49
C VAL B 914 -80.52 49.79 60.12
N TYR B 915 -80.94 48.82 59.32
CA TYR B 915 -81.18 47.45 59.81
C TYR B 915 -81.81 47.46 61.19
N LYS B 916 -83.11 47.70 61.29
CA LYS B 916 -83.71 47.71 62.62
C LYS B 916 -83.62 49.06 63.33
N TYR B 917 -82.56 49.24 64.13
CA TYR B 917 -82.34 50.46 64.91
C TYR B 917 -82.24 51.71 64.03
N ILE B 918 -82.74 52.83 64.55
CA ILE B 918 -82.78 54.09 63.81
C ILE B 918 -81.82 55.23 64.17
N VAL B 919 -81.21 55.74 63.11
CA VAL B 919 -80.27 56.88 63.08
C VAL B 919 -79.93 57.00 61.60
N LEU B 920 -79.38 58.13 61.17
CA LEU B 920 -79.11 58.27 59.74
C LEU B 920 -77.71 58.80 59.42
N CYS B 921 -77.20 58.37 58.28
CA CYS B 921 -75.90 58.81 57.78
C CYS B 921 -75.92 58.93 56.24
N GLY B 922 -75.32 59.99 55.71
CA GLY B 922 -75.33 60.19 54.27
C GLY B 922 -74.19 61.03 53.71
N ALA B 923 -73.92 60.88 52.42
CA ALA B 923 -72.81 61.59 51.79
C ALA B 923 -73.29 62.59 50.74
N LYS B 924 -72.58 63.73 50.63
CA LYS B 924 -72.94 64.77 49.68
C LYS B 924 -71.72 65.42 49.02
N GLY B 925 -71.96 66.51 48.29
CA GLY B 925 -70.96 67.18 47.47
C GLY B 925 -69.64 67.57 48.10
N LYS B 926 -69.66 67.97 49.37
CA LYS B 926 -68.44 68.39 50.06
C LYS B 926 -67.47 67.21 50.23
N GLN B 927 -67.92 66.02 49.84
CA GLN B 927 -67.23 64.77 50.10
C GLN B 927 -67.04 64.62 51.60
N VAL B 928 -68.17 64.54 52.30
CA VAL B 928 -68.21 64.34 53.73
C VAL B 928 -69.39 63.43 54.06
N VAL B 929 -69.65 63.23 55.34
CA VAL B 929 -70.79 62.43 55.76
C VAL B 929 -71.52 63.03 56.97
N HIS B 930 -72.83 63.18 56.83
CA HIS B 930 -73.69 63.70 57.88
C HIS B 930 -74.26 62.55 58.70
N VAL B 931 -74.26 62.70 60.01
CA VAL B 931 -74.87 61.73 60.92
C VAL B 931 -75.88 62.44 61.82
N HIS B 932 -77.13 61.98 61.80
CA HIS B 932 -78.19 62.68 62.52
C HIS B 932 -79.21 61.74 63.14
N THR B 933 -79.78 62.19 64.27
CA THR B 933 -80.83 61.47 64.98
C THR B 933 -82.12 62.27 64.97
N LEU B 934 -83.19 61.68 64.44
CA LEU B 934 -84.45 62.39 64.22
C LEU B 934 -85.20 62.71 65.51
N ARG B 935 -84.72 62.18 66.63
CA ARG B 935 -85.37 62.44 67.91
C ARG B 935 -85.06 63.84 68.42
N SER B 936 -86.12 64.60 68.69
CA SER B 936 -86.00 65.99 69.15
C SER B 936 -87.38 66.56 69.45
N VAL B 937 -87.41 67.67 70.20
CA VAL B 937 -88.65 68.28 70.62
C VAL B 937 -89.28 69.18 69.54
N SER B 938 -88.46 69.92 68.80
CA SER B 938 -88.98 70.86 67.82
C SER B 938 -88.05 71.06 66.64
N GLY B 939 -88.64 71.22 65.46
CA GLY B 939 -87.90 71.49 64.24
C GLY B 939 -87.93 72.95 63.84
N SER B 940 -87.90 73.20 62.53
CA SER B 940 -88.02 74.53 61.94
C SER B 940 -86.93 75.48 62.41
N ASN B 941 -85.68 75.02 62.36
CA ASN B 941 -84.54 75.86 62.67
C ASN B 941 -83.92 76.47 61.41
N SER B 942 -84.55 76.19 60.27
CA SER B 942 -84.03 76.58 58.97
C SER B 942 -83.81 78.09 58.81
N HIS B 943 -84.91 78.85 58.77
CA HIS B 943 -84.84 80.26 58.42
C HIS B 943 -84.65 81.18 59.63
N GLN B 944 -84.58 80.61 60.83
CA GLN B 944 -84.43 81.42 62.03
C GLN B 944 -82.98 81.88 62.21
N ASN B 945 -82.03 81.05 61.77
CA ASN B 945 -80.62 81.36 61.94
C ASN B 945 -79.80 81.15 60.67
N ARG B 946 -79.23 82.23 60.16
CA ARG B 946 -78.28 82.13 59.04
C ARG B 946 -76.98 82.87 59.37
N GLU B 947 -77.04 84.20 59.54
CA GLU B 947 -75.86 84.96 59.93
C GLU B 947 -75.97 85.37 61.40
N ILE B 948 -74.94 86.05 61.90
CA ILE B 948 -74.91 86.49 63.29
C ILE B 948 -74.37 87.91 63.43
N ALA B 949 -75.12 88.76 64.10
CA ALA B 949 -74.68 90.11 64.41
C ALA B 949 -74.49 90.27 65.91
N TRP B 950 -74.10 91.46 66.35
CA TRP B 950 -73.83 91.71 67.77
C TRP B 950 -74.15 93.15 68.17
N VAL B 951 -74.65 93.30 69.39
CA VAL B 951 -75.03 94.61 69.90
C VAL B 951 -73.82 95.39 70.39
N HIS B 952 -73.60 96.56 69.81
CA HIS B 952 -72.47 97.40 70.18
C HIS B 952 -72.71 98.07 71.54
N SER B 953 -71.77 97.86 72.46
CA SER B 953 -71.89 98.42 73.80
C SER B 953 -70.54 98.37 74.52
N ALA B 954 -70.54 98.78 75.79
CA ALA B 954 -69.31 98.78 76.58
C ALA B 954 -69.30 97.63 77.58
N ASP B 955 -68.42 96.66 77.35
CA ASP B 955 -68.25 95.50 78.22
C ASP B 955 -69.56 94.73 78.43
N GLU B 956 -70.39 94.70 77.40
CA GLU B 956 -71.66 93.97 77.45
C GLU B 956 -71.86 93.18 76.16
N ILE B 957 -72.08 91.87 76.30
CA ILE B 957 -72.18 91.00 75.14
C ILE B 957 -73.62 90.58 74.85
N SER B 958 -74.16 91.08 73.75
CA SER B 958 -75.50 90.69 73.30
C SER B 958 -75.48 90.40 71.80
N VAL B 959 -75.82 89.17 71.44
CA VAL B 959 -75.75 88.74 70.05
C VAL B 959 -77.12 88.64 69.41
N MET B 960 -77.18 88.92 68.11
CA MET B 960 -78.44 88.85 67.36
C MET B 960 -78.30 87.91 66.17
N THR B 961 -79.44 87.48 65.63
CA THR B 961 -79.46 86.51 64.54
C THR B 961 -80.45 86.91 63.44
N LYS B 962 -80.66 85.98 62.50
CA LYS B 962 -81.63 86.17 61.43
C LYS B 962 -83.04 86.28 62.03
N ALA B 963 -83.97 86.85 61.27
CA ALA B 963 -85.30 87.21 61.77
C ALA B 963 -85.16 88.26 62.87
N CYS B 964 -84.46 89.34 62.54
CA CYS B 964 -84.23 90.50 63.38
C CYS B 964 -83.80 90.16 64.81
N LEU B 965 -84.44 90.79 65.79
CA LEU B 965 -83.98 90.72 67.17
C LEU B 965 -84.42 89.44 67.88
N GLU B 966 -83.45 88.64 68.27
CA GLU B 966 -83.68 87.54 69.20
C GLU B 966 -82.87 87.78 70.45
N PRO B 967 -83.53 88.09 71.57
CA PRO B 967 -82.86 88.51 72.80
C PRO B 967 -81.86 87.46 73.32
N ASN B 968 -80.63 87.90 73.56
CA ASN B 968 -79.61 87.04 74.15
C ASN B 968 -78.70 87.84 75.08
N VAL B 969 -78.43 87.29 76.26
CA VAL B 969 -77.54 87.94 77.23
C VAL B 969 -76.60 86.93 77.87
N TYR B 970 -75.61 87.45 78.58
CA TYR B 970 -74.53 86.65 79.15
C TYR B 970 -75.02 85.57 80.12
N LEU B 971 -74.62 84.33 79.85
CA LEU B 971 -75.03 83.16 80.62
C LEU B 971 -76.53 83.04 80.84
N ARG B 972 -77.30 83.18 79.76
CA ARG B 972 -78.75 82.96 79.82
C ARG B 972 -79.23 82.23 78.57
N SER B 973 -80.10 81.24 78.78
CA SER B 973 -80.60 80.42 77.68
C SER B 973 -81.92 80.94 77.12
N LEU B 974 -82.37 82.08 77.64
CA LEU B 974 -83.63 82.68 77.20
C LEU B 974 -83.58 83.09 75.73
N MET B 975 -84.55 82.62 74.96
CA MET B 975 -84.62 82.91 73.53
C MET B 975 -86.04 83.19 73.07
N ASP B 976 -86.21 84.24 72.29
CA ASP B 976 -87.52 84.59 71.73
C ASP B 976 -87.45 84.62 70.20
N MET B 977 -88.57 84.33 69.55
CA MET B 977 -88.60 84.27 68.09
C MET B 977 -89.68 85.17 67.50
N THR B 978 -89.23 86.21 66.78
CA THR B 978 -90.12 87.09 66.05
C THR B 978 -89.48 87.45 64.70
N ARG B 979 -90.22 87.27 63.61
CA ARG B 979 -89.66 87.50 62.28
C ARG B 979 -90.38 88.60 61.50
N GLU B 980 -89.69 89.72 61.30
CA GLU B 980 -90.18 90.78 60.42
C GLU B 980 -89.54 90.65 59.05
N ARG B 981 -88.73 89.59 58.90
CA ARG B 981 -88.01 89.29 57.66
C ARG B 981 -87.06 90.42 57.28
N THR B 982 -86.01 90.58 58.08
CA THR B 982 -84.93 91.53 57.77
C THR B 982 -83.95 90.95 56.76
N GLN B 983 -83.26 91.83 56.05
CA GLN B 983 -82.21 91.42 55.13
C GLN B 983 -80.87 91.30 55.86
N LEU B 984 -80.31 92.43 56.24
CA LEU B 984 -79.07 92.46 57.01
C LEU B 984 -79.21 93.40 58.21
N LEU B 985 -78.93 92.88 59.40
CA LEU B 985 -79.16 93.63 60.63
C LEU B 985 -77.90 94.30 61.17
N ALA B 986 -78.04 95.57 61.57
CA ALA B 986 -76.97 96.31 62.20
C ALA B 986 -77.46 96.86 63.54
N VAL B 987 -76.53 97.25 64.41
CA VAL B 987 -76.89 97.72 65.74
C VAL B 987 -76.24 99.07 66.05
N ASP B 988 -77.01 99.96 66.68
CA ASP B 988 -76.52 101.27 67.08
C ASP B 988 -75.57 101.13 68.28
N SER B 989 -74.98 102.23 68.72
CA SER B 989 -74.07 102.20 69.85
C SER B 989 -74.81 102.08 71.17
N LYS B 990 -76.00 102.67 71.23
CA LYS B 990 -76.84 102.62 72.42
C LYS B 990 -77.88 101.50 72.30
N GLU B 991 -78.80 101.47 73.25
CA GLU B 991 -79.85 100.44 73.27
C GLU B 991 -80.88 100.66 72.16
N ARG B 992 -80.76 101.80 71.46
CA ARG B 992 -81.64 102.12 70.35
C ARG B 992 -81.55 101.08 69.24
N ILE B 993 -82.69 100.68 68.70
CA ILE B 993 -82.72 99.64 67.67
C ILE B 993 -82.73 100.20 66.25
N HIS B 994 -81.74 99.77 65.48
CA HIS B 994 -81.60 100.08 64.07
C HIS B 994 -81.89 98.82 63.26
N LEU B 995 -82.84 98.88 62.33
CA LEU B 995 -83.18 97.70 61.55
C LEU B 995 -83.59 98.00 60.11
N ILE B 996 -83.85 96.94 59.36
CA ILE B 996 -84.16 97.06 57.94
C ILE B 996 -85.46 96.32 57.61
N LYS B 997 -86.24 96.87 56.69
CA LYS B 997 -87.48 96.27 56.24
C LYS B 997 -87.38 96.14 54.73
N PRO B 998 -88.05 95.14 54.13
CA PRO B 998 -87.95 95.07 52.66
C PRO B 998 -88.32 96.39 51.99
N ALA B 999 -87.41 96.84 51.12
CA ALA B 999 -87.54 98.10 50.39
C ALA B 999 -87.63 99.34 51.27
N ILE B 1000 -86.98 99.32 52.44
CA ILE B 1000 -86.91 100.52 53.29
C ILE B 1000 -86.02 100.29 54.54
N SER B 1001 -85.58 101.38 55.17
CA SER B 1001 -84.77 101.29 56.38
C SER B 1001 -85.49 101.94 57.55
N ARG B 1002 -85.30 101.38 58.75
CA ARG B 1002 -86.03 101.87 59.92
C ARG B 1002 -85.13 102.09 61.14
N ILE B 1003 -85.33 103.22 61.82
CA ILE B 1003 -84.57 103.58 63.01
C ILE B 1003 -85.53 103.92 64.15
N SER B 1004 -85.44 103.21 65.26
CA SER B 1004 -86.40 103.41 66.34
C SER B 1004 -85.83 103.15 67.73
N GLU B 1005 -86.39 103.83 68.73
CA GLU B 1005 -86.09 103.54 70.13
C GLU B 1005 -86.42 102.09 70.44
N TRP B 1006 -87.71 101.76 70.40
CA TRP B 1006 -88.15 100.38 70.41
C TRP B 1006 -88.98 100.18 69.14
N SER B 1007 -89.42 98.96 68.87
CA SER B 1007 -90.13 98.70 67.63
C SER B 1007 -91.60 98.36 67.84
N THR B 1008 -92.48 99.30 67.48
CA THR B 1008 -93.91 99.04 67.44
C THR B 1008 -94.46 99.38 66.06
N ILE B 1009 -94.60 100.68 65.79
CA ILE B 1009 -95.02 101.14 64.47
C ILE B 1009 -93.79 101.47 63.61
N THR B 1010 -92.63 101.50 64.25
CA THR B 1010 -91.35 101.81 63.60
C THR B 1010 -91.40 102.99 62.63
N PRO B 1011 -91.54 104.22 63.15
CA PRO B 1011 -91.58 105.42 62.31
C PRO B 1011 -90.29 105.65 61.53
N THR B 1012 -90.40 106.24 60.34
CA THR B 1012 -89.25 106.55 59.50
C THR B 1012 -89.65 107.30 58.23
N HIS B 1013 -88.68 107.93 57.59
CA HIS B 1013 -88.89 108.64 56.33
C HIS B 1013 -87.67 108.50 55.43
N ALA B 1014 -87.90 108.22 54.15
CA ALA B 1014 -86.80 108.02 53.22
C ALA B 1014 -87.15 108.46 51.80
N ALA B 1015 -86.16 109.03 51.11
CA ALA B 1015 -86.31 109.44 49.72
C ALA B 1015 -85.80 108.36 48.77
N SER B 1016 -85.40 107.23 49.34
CA SER B 1016 -84.82 106.13 48.58
C SER B 1016 -85.69 105.69 47.41
N ASN B 1017 -85.05 105.48 46.25
CA ASN B 1017 -85.77 105.11 45.04
C ASN B 1017 -86.14 103.63 45.00
N CYS B 1018 -85.25 102.77 45.49
CA CYS B 1018 -85.46 101.34 45.42
C CYS B 1018 -85.08 100.62 46.71
N LYS B 1019 -85.12 99.29 46.67
CA LYS B 1019 -84.82 98.47 47.83
C LYS B 1019 -83.35 98.60 48.26
N ILE B 1020 -83.13 98.68 49.57
CA ILE B 1020 -81.78 98.77 50.11
C ILE B 1020 -81.26 97.39 50.52
N ASN B 1021 -80.00 97.11 50.18
CA ASN B 1021 -79.40 95.83 50.52
C ASN B 1021 -78.99 95.75 51.99
N ALA B 1022 -78.32 96.79 52.48
CA ALA B 1022 -77.88 96.82 53.87
C ALA B 1022 -77.82 98.26 54.39
N ILE B 1023 -78.06 98.42 55.68
CA ILE B 1023 -78.04 99.72 56.33
C ILE B 1023 -77.43 99.63 57.73
N SER B 1024 -76.66 100.65 58.11
CA SER B 1024 -75.95 100.63 59.37
C SER B 1024 -76.04 101.97 60.11
N ALA B 1025 -75.64 101.98 61.36
CA ALA B 1025 -75.72 103.18 62.19
C ALA B 1025 -74.38 103.52 62.86
N PHE B 1026 -74.07 104.80 62.96
CA PHE B 1026 -72.87 105.26 63.64
C PHE B 1026 -73.00 105.17 65.16
N ASN B 1027 -71.94 105.56 65.85
CA ASN B 1027 -71.95 105.70 67.30
C ASN B 1027 -72.66 107.01 67.66
N ASP B 1028 -72.10 108.11 67.21
CA ASP B 1028 -72.72 109.42 67.38
C ASP B 1028 -74.00 109.54 66.54
N GLU B 1029 -74.84 110.51 66.88
CA GLU B 1029 -76.15 110.65 66.25
C GLU B 1029 -76.08 111.38 64.90
N GLN B 1030 -74.88 111.76 64.48
CA GLN B 1030 -74.70 112.50 63.24
C GLN B 1030 -75.01 111.64 62.01
N ILE B 1031 -75.95 112.13 61.19
CA ILE B 1031 -76.36 111.53 59.91
C ILE B 1031 -76.53 110.00 59.95
N PHE B 1032 -76.06 109.33 58.91
CA PHE B 1032 -76.06 107.88 58.69
C PHE B 1032 -75.44 107.55 57.33
N VAL B 1033 -75.05 106.29 57.15
CA VAL B 1033 -74.53 105.82 55.86
C VAL B 1033 -75.08 104.44 55.52
N GLY B 1034 -74.90 104.02 54.27
CA GLY B 1034 -75.30 102.70 53.84
C GLY B 1034 -75.23 102.60 52.32
N TYR B 1035 -75.26 101.37 51.82
CA TYR B 1035 -75.24 101.17 50.37
C TYR B 1035 -76.59 100.64 49.89
N VAL B 1036 -77.22 101.39 48.99
CA VAL B 1036 -78.53 101.06 48.48
C VAL B 1036 -78.35 100.52 47.05
N ASP B 1037 -79.42 100.06 46.41
CA ASP B 1037 -79.38 99.65 45.01
C ASP B 1037 -79.31 100.85 44.08
N GLY B 1038 -79.37 102.05 44.66
CA GLY B 1038 -79.40 103.27 43.88
C GLY B 1038 -78.76 104.46 44.59
N VAL B 1039 -78.81 105.61 43.93
CA VAL B 1039 -78.09 106.80 44.37
C VAL B 1039 -78.48 107.31 45.76
N ILE B 1040 -79.78 107.47 45.98
CA ILE B 1040 -80.29 108.09 47.21
C ILE B 1040 -79.92 107.31 48.48
N ILE B 1041 -79.33 108.01 49.44
CA ILE B 1041 -79.01 107.43 50.75
C ILE B 1041 -79.81 108.13 51.84
N ASP B 1042 -80.67 107.37 52.52
CA ASP B 1042 -81.60 107.94 53.49
C ASP B 1042 -80.99 108.15 54.88
N VAL B 1043 -81.45 109.20 55.56
CA VAL B 1043 -81.07 109.47 56.94
C VAL B 1043 -82.30 109.89 57.74
N ILE B 1044 -82.20 109.87 59.06
CA ILE B 1044 -83.33 110.23 59.93
C ILE B 1044 -82.89 111.23 61.00
N HIS B 1045 -83.83 112.07 61.42
CA HIS B 1045 -83.64 113.04 62.51
C HIS B 1045 -82.64 114.14 62.14
N ASP B 1046 -81.97 113.99 61.00
CA ASP B 1046 -80.97 114.95 60.56
C ASP B 1046 -81.27 115.47 59.16
N THR B 1047 -80.96 116.74 58.94
CA THR B 1047 -81.11 117.37 57.63
C THR B 1047 -79.82 117.25 56.83
N ALA B 1048 -79.75 117.98 55.72
CA ALA B 1048 -78.56 118.04 54.87
C ALA B 1048 -78.15 116.68 54.33
N LEU B 1049 -78.95 116.17 53.39
CA LEU B 1049 -78.66 114.90 52.72
C LEU B 1049 -77.28 114.93 52.06
N PRO B 1050 -76.65 113.75 51.89
CA PRO B 1050 -75.33 113.69 51.27
C PRO B 1050 -75.33 114.21 49.84
N GLN B 1051 -74.15 114.54 49.31
CA GLN B 1051 -74.04 115.17 48.00
C GLN B 1051 -74.10 114.16 46.87
N GLN B 1052 -73.87 112.88 47.21
CA GLN B 1052 -73.82 111.79 46.23
C GLN B 1052 -72.80 112.04 45.11
N PHE B 1053 -73.31 112.13 43.87
CA PHE B 1053 -72.48 112.14 42.66
C PHE B 1053 -71.68 110.86 42.54
N ILE B 1054 -72.33 109.73 42.74
CA ILE B 1054 -71.71 108.42 42.55
C ILE B 1054 -72.75 107.41 42.08
N GLU B 1055 -72.34 106.50 41.21
CA GLU B 1055 -73.25 105.49 40.68
C GLU B 1055 -73.88 104.62 41.79
N GLU B 1056 -73.10 103.75 42.42
CA GLU B 1056 -73.59 102.99 43.56
C GLU B 1056 -72.45 102.76 44.56
N PRO B 1057 -72.75 102.87 45.87
CA PRO B 1057 -71.75 102.70 46.93
C PRO B 1057 -71.44 101.23 47.28
N ILE B 1058 -70.23 100.96 47.75
CA ILE B 1058 -69.86 99.58 48.10
C ILE B 1058 -69.44 99.41 49.56
N ASP B 1059 -68.36 100.06 49.98
CA ASP B 1059 -67.80 99.84 51.32
C ASP B 1059 -68.02 101.04 52.22
N TYR B 1060 -68.77 100.83 53.31
CA TYR B 1060 -69.00 101.87 54.30
C TYR B 1060 -68.17 101.62 55.55
N LEU B 1061 -68.35 102.46 56.56
CA LEU B 1061 -67.58 102.40 57.80
C LEU B 1061 -68.08 103.41 58.81
N LYS B 1062 -67.58 103.31 60.05
CA LYS B 1062 -68.04 104.17 61.14
C LYS B 1062 -66.91 105.00 61.73
N GLN B 1063 -67.17 106.30 61.91
CA GLN B 1063 -66.20 107.19 62.52
C GLN B 1063 -66.88 108.16 63.49
N VAL B 1064 -66.17 108.52 64.55
CA VAL B 1064 -66.70 109.46 65.54
C VAL B 1064 -66.47 110.90 65.08
N SER B 1065 -65.64 111.05 64.05
CA SER B 1065 -65.35 112.37 63.49
C SER B 1065 -66.51 112.88 62.64
N PRO B 1066 -66.71 114.21 62.61
CA PRO B 1066 -67.77 114.84 61.83
C PRO B 1066 -67.73 114.48 60.35
N ASN B 1067 -66.52 114.27 59.82
CA ASN B 1067 -66.36 113.88 58.42
C ASN B 1067 -66.27 112.37 58.25
N ILE B 1068 -66.89 111.86 57.19
CA ILE B 1068 -66.91 110.43 56.94
C ILE B 1068 -66.51 110.10 55.50
N LEU B 1069 -65.48 109.28 55.35
CA LEU B 1069 -65.02 108.86 54.03
C LEU B 1069 -65.71 107.58 53.59
N VAL B 1070 -66.24 107.59 52.37
CA VAL B 1070 -67.00 106.45 51.86
C VAL B 1070 -66.43 105.92 50.53
N ALA B 1071 -66.15 104.63 50.49
CA ALA B 1071 -65.65 103.98 49.28
C ALA B 1071 -66.76 103.83 48.25
N SER B 1072 -66.39 103.66 46.98
CA SER B 1072 -67.38 103.57 45.91
C SER B 1072 -67.00 102.53 44.86
N ALA B 1073 -67.99 102.10 44.09
CA ALA B 1073 -67.79 101.11 43.03
C ALA B 1073 -66.97 101.70 41.89
N HIS B 1074 -67.11 103.02 41.68
CA HIS B 1074 -66.33 103.73 40.69
C HIS B 1074 -64.92 103.98 41.22
N SER B 1075 -64.71 103.59 42.47
CA SER B 1075 -63.42 103.71 43.17
C SER B 1075 -63.01 105.17 43.37
N ALA B 1076 -64.01 106.02 43.59
CA ALA B 1076 -63.75 107.41 43.94
C ALA B 1076 -64.26 107.67 45.36
N GLN B 1077 -63.33 107.88 46.28
CA GLN B 1077 -63.68 108.10 47.69
C GLN B 1077 -64.47 109.39 47.87
N LYS B 1078 -65.47 109.35 48.75
CA LYS B 1078 -66.34 110.50 48.98
C LYS B 1078 -66.15 111.06 50.38
N THR B 1079 -66.06 112.38 50.47
CA THR B 1079 -65.93 113.05 51.77
C THR B 1079 -67.26 113.64 52.20
N VAL B 1080 -67.85 113.07 53.25
CA VAL B 1080 -69.14 113.52 53.74
C VAL B 1080 -68.98 114.41 54.97
N ILE B 1081 -69.37 115.68 54.81
CA ILE B 1081 -69.29 116.65 55.91
C ILE B 1081 -70.66 116.86 56.53
N PHE B 1082 -70.72 116.84 57.86
CA PHE B 1082 -71.97 116.92 58.58
C PHE B 1082 -72.63 118.31 58.49
N GLN B 1083 -73.87 118.32 57.99
CA GLN B 1083 -74.73 119.49 58.04
C GLN B 1083 -74.14 120.69 57.28
N LEU B 1084 -73.27 120.40 56.30
CA LEU B 1084 -72.63 121.43 55.50
C LEU B 1084 -71.74 120.78 54.43
N GLU B 1085 -71.41 121.53 53.38
CA GLU B 1085 -70.49 121.03 52.35
C GLU B 1085 -69.30 121.96 52.15
N LYS B 1086 -69.56 123.10 51.49
CA LYS B 1086 -68.54 124.11 51.21
C LYS B 1086 -67.28 123.55 50.55
N ILE B 1087 -67.46 122.54 49.69
CA ILE B 1087 -66.39 121.74 49.10
C ILE B 1087 -67.07 120.84 48.05
N ASP B 1088 -66.30 120.34 47.09
CA ASP B 1088 -66.82 119.45 46.06
C ASP B 1088 -66.22 118.05 46.20
N PRO B 1089 -67.05 117.08 46.61
CA PRO B 1089 -66.60 115.71 46.88
C PRO B 1089 -66.33 114.91 45.61
N LEU B 1090 -65.48 115.44 44.72
CA LEU B 1090 -65.10 114.73 43.52
C LEU B 1090 -63.61 114.37 43.52
N GLN B 1091 -63.31 113.09 43.67
CA GLN B 1091 -61.93 112.61 43.69
C GLN B 1091 -61.78 111.28 42.95
N PRO B 1092 -61.77 111.33 41.60
CA PRO B 1092 -61.60 110.12 40.80
C PRO B 1092 -60.14 109.72 40.62
N ASN B 1093 -59.52 109.25 41.70
CA ASN B 1093 -58.11 108.86 41.69
C ASN B 1093 -57.82 107.79 40.65
N ASP B 1094 -58.29 106.57 40.91
CA ASP B 1094 -58.04 105.43 40.03
C ASP B 1094 -59.32 104.66 39.75
N GLN B 1095 -59.27 103.78 38.76
CA GLN B 1095 -60.41 102.93 38.44
C GLN B 1095 -60.29 101.57 39.12
N TRP B 1096 -59.19 101.37 39.84
CA TRP B 1096 -59.03 100.18 40.67
C TRP B 1096 -59.76 100.39 42.00
N PRO B 1097 -60.55 99.39 42.43
CA PRO B 1097 -61.43 99.50 43.59
C PRO B 1097 -60.70 99.86 44.88
N LEU B 1098 -61.32 100.72 45.70
CA LEU B 1098 -60.73 101.16 46.95
C LEU B 1098 -61.36 100.50 48.18
N MET B 1099 -60.51 100.14 49.13
CA MET B 1099 -60.97 99.70 50.45
C MET B 1099 -60.04 100.29 51.50
N MET B 1100 -60.62 100.88 52.54
CA MET B 1100 -59.83 101.74 53.43
C MET B 1100 -59.95 101.42 54.92
N ASP B 1101 -58.87 101.72 55.64
CA ASP B 1101 -58.85 101.66 57.10
C ASP B 1101 -58.34 102.98 57.65
N VAL B 1102 -58.25 103.09 58.97
CA VAL B 1102 -57.74 104.30 59.61
C VAL B 1102 -57.05 103.96 60.93
N SER B 1103 -55.98 104.68 61.25
CA SER B 1103 -55.29 104.45 62.51
C SER B 1103 -55.62 105.54 63.52
N THR B 1104 -55.00 106.71 63.39
CA THR B 1104 -55.38 107.85 64.22
C THR B 1104 -55.59 109.13 63.41
N LYS B 1105 -54.48 109.72 62.96
CA LYS B 1105 -54.53 110.97 62.20
C LYS B 1105 -54.51 110.71 60.69
N TYR B 1106 -54.22 109.48 60.31
CA TYR B 1106 -53.99 109.16 58.90
C TYR B 1106 -55.08 108.27 58.30
N ALA B 1107 -55.60 108.70 57.16
CA ALA B 1107 -56.54 107.89 56.40
C ALA B 1107 -55.78 106.93 55.50
N SER B 1108 -56.04 105.63 55.68
CA SER B 1108 -55.31 104.61 54.94
C SER B 1108 -56.14 104.05 53.79
N LEU B 1109 -55.72 104.35 52.57
CA LEU B 1109 -56.41 103.86 51.38
C LEU B 1109 -55.67 102.71 50.73
N GLN B 1110 -56.30 101.53 50.72
CA GLN B 1110 -55.74 100.36 50.04
C GLN B 1110 -56.46 100.14 48.72
N GLU B 1111 -55.75 100.37 47.62
CA GLU B 1111 -56.31 100.24 46.28
C GLU B 1111 -55.96 98.89 45.66
N GLY B 1112 -56.35 98.73 44.39
CA GLY B 1112 -55.99 97.53 43.64
C GLY B 1112 -54.62 97.67 43.01
N GLN B 1113 -53.98 98.82 43.27
CA GLN B 1113 -52.65 99.09 42.75
C GLN B 1113 -51.66 99.33 43.87
N TYR B 1114 -51.86 100.42 44.62
CA TYR B 1114 -50.96 100.77 45.71
C TYR B 1114 -51.73 101.21 46.95
N ILE B 1115 -50.99 101.53 48.01
CA ILE B 1115 -51.60 102.01 49.25
C ILE B 1115 -51.16 103.44 49.54
N ILE B 1116 -52.12 104.35 49.65
CA ILE B 1116 -51.79 105.76 49.86
C ILE B 1116 -52.36 106.27 51.18
N LEU B 1117 -51.62 107.17 51.83
CA LEU B 1117 -52.03 107.72 53.11
C LEU B 1117 -52.37 109.21 53.00
N PHE B 1118 -53.47 109.62 53.64
CA PHE B 1118 -53.83 111.03 53.67
C PHE B 1118 -53.71 111.63 55.06
N SER B 1119 -53.40 112.93 55.11
CA SER B 1119 -53.31 113.66 56.36
C SER B 1119 -54.49 114.62 56.48
N ASP B 1120 -55.36 114.37 57.45
CA ASP B 1120 -56.56 115.18 57.64
C ASP B 1120 -56.21 116.60 58.12
N HIS B 1121 -56.73 117.60 57.41
CA HIS B 1121 -56.52 118.99 57.79
C HIS B 1121 -57.35 119.35 59.00
N GLY B 1122 -58.56 118.79 59.08
CA GLY B 1122 -59.45 119.02 60.19
C GLY B 1122 -60.56 117.99 60.26
N VAL B 1123 -61.13 117.80 61.44
CA VAL B 1123 -62.20 116.84 61.63
C VAL B 1123 -63.54 117.39 61.15
N CYS B 1124 -63.64 118.71 61.08
CA CYS B 1124 -64.87 119.36 60.64
C CYS B 1124 -65.05 119.24 59.13
N HIS B 1125 -63.99 119.53 58.38
CA HIS B 1125 -64.03 119.49 56.92
C HIS B 1125 -62.70 119.04 56.35
N LEU B 1126 -62.77 118.27 55.27
CA LEU B 1126 -61.56 117.78 54.59
C LEU B 1126 -61.47 118.32 53.17
N ASP B 1127 -60.46 119.15 52.92
CA ASP B 1127 -60.27 119.74 51.59
C ASP B 1127 -59.03 119.18 50.89
N ILE B 1128 -57.85 119.42 51.46
CA ILE B 1128 -56.61 118.96 50.88
C ILE B 1128 -56.03 117.78 51.65
N ALA B 1129 -55.36 116.88 50.94
CA ALA B 1129 -54.78 115.70 51.56
C ALA B 1129 -53.31 115.52 51.12
N ASN B 1130 -52.41 115.57 52.09
CA ASN B 1130 -50.98 115.43 51.81
C ASN B 1130 -50.54 113.97 51.78
N PRO B 1131 -49.97 113.54 50.64
CA PRO B 1131 -49.48 112.17 50.47
C PRO B 1131 -48.25 111.90 51.33
N SER B 1132 -48.15 110.70 51.89
CA SER B 1132 -47.04 110.34 52.76
C SER B 1132 -46.33 109.08 52.29
N ALA B 1133 -47.02 107.95 52.38
CA ALA B 1133 -46.43 106.66 52.03
C ALA B 1133 -47.17 105.99 50.88
N PHE B 1134 -46.51 105.86 49.74
CA PHE B 1134 -47.08 105.14 48.60
C PHE B 1134 -46.01 104.28 47.93
N VAL B 1135 -46.35 103.01 47.68
CA VAL B 1135 -45.43 102.09 47.05
C VAL B 1135 -46.18 101.00 46.29
N LYS B 1136 -45.60 100.53 45.18
CA LYS B 1136 -46.19 99.45 44.40
C LYS B 1136 -45.63 98.10 44.83
N PRO B 1137 -46.48 97.27 45.44
CA PRO B 1137 -46.07 95.96 45.98
C PRO B 1137 -45.83 94.91 44.90
N LYS B 1138 -45.58 93.68 45.34
CA LYS B 1138 -45.32 92.56 44.44
C LYS B 1138 -46.57 92.14 43.68
N ASP B 1139 -46.38 91.42 42.58
CA ASP B 1139 -47.48 90.94 41.75
C ASP B 1139 -48.40 90.01 42.54
N SER B 1140 -49.66 89.93 42.12
CA SER B 1140 -50.72 89.24 42.85
C SER B 1140 -50.84 89.85 44.25
N GLU B 1141 -51.32 91.10 44.27
CA GLU B 1141 -51.35 91.89 45.49
C GLU B 1141 -52.39 91.40 46.50
N GLU B 1142 -52.20 91.77 47.76
CA GLU B 1142 -53.12 91.35 48.83
C GLU B 1142 -54.40 92.17 48.79
N TYR B 1143 -55.52 91.49 49.01
CA TYR B 1143 -56.83 92.14 49.03
C TYR B 1143 -56.93 93.23 50.09
N ILE B 1144 -56.91 92.83 51.36
CA ILE B 1144 -57.09 93.78 52.46
C ILE B 1144 -56.25 93.40 53.68
N VAL B 1145 -55.75 94.42 54.37
CA VAL B 1145 -54.96 94.23 55.58
C VAL B 1145 -55.55 95.03 56.74
N GLY B 1146 -54.86 95.04 57.87
CA GLY B 1146 -55.34 95.76 59.03
C GLY B 1146 -54.22 96.33 59.89
N PHE B 1147 -54.57 97.27 60.77
CA PHE B 1147 -53.59 97.94 61.61
C PHE B 1147 -53.92 97.77 63.09
N ASP B 1148 -52.93 98.03 63.94
CA ASP B 1148 -53.10 97.92 65.38
C ASP B 1148 -53.62 99.23 65.98
N LEU B 1149 -53.68 99.27 67.31
CA LEU B 1149 -54.11 100.47 68.02
C LEU B 1149 -53.00 100.99 68.92
N LYS B 1150 -52.97 102.31 69.11
CA LYS B 1150 -51.96 102.98 69.92
C LYS B 1150 -50.55 102.71 69.39
N ASN B 1151 -50.47 102.43 68.08
CA ASN B 1151 -49.20 102.16 67.42
C ASN B 1151 -49.04 103.02 66.18
N SER B 1152 -49.92 102.80 65.21
CA SER B 1152 -49.92 103.53 63.94
C SER B 1152 -48.61 103.38 63.18
N LEU B 1153 -48.34 102.17 62.71
CA LEU B 1153 -47.14 101.90 61.93
C LEU B 1153 -47.51 101.44 60.52
N LEU B 1154 -46.49 101.16 59.71
CA LEU B 1154 -46.72 100.69 58.35
C LEU B 1154 -46.68 99.17 58.28
N PHE B 1155 -47.74 98.58 57.71
CA PHE B 1155 -47.82 97.13 57.59
C PHE B 1155 -48.27 96.71 56.20
N LEU B 1156 -47.43 95.94 55.52
CA LEU B 1156 -47.77 95.40 54.21
C LEU B 1156 -47.40 93.92 54.15
N ALA B 1157 -48.41 93.08 53.92
CA ALA B 1157 -48.20 91.64 53.90
C ALA B 1157 -48.71 91.02 52.60
N TYR B 1158 -47.85 90.23 51.95
CA TYR B 1158 -48.22 89.55 50.71
C TYR B 1158 -49.25 88.46 51.04
N GLU B 1159 -50.05 88.08 50.05
CA GLU B 1159 -51.20 87.21 50.31
C GLU B 1159 -50.81 85.75 50.55
N ASN B 1160 -49.75 85.28 49.92
CA ASN B 1160 -49.42 83.85 49.98
C ASN B 1160 -48.23 83.52 50.90
N ASN B 1161 -48.55 82.91 52.04
CA ASN B 1161 -47.58 82.28 52.93
C ASN B 1161 -46.46 83.18 53.45
N ILE B 1162 -46.68 84.49 53.44
CA ILE B 1162 -45.73 85.41 54.06
C ILE B 1162 -46.40 86.69 54.55
N ILE B 1163 -45.96 87.17 55.71
CA ILE B 1163 -46.44 88.44 56.25
C ILE B 1163 -45.27 89.26 56.80
N ASP B 1164 -45.26 90.55 56.51
CA ASP B 1164 -44.15 91.42 56.88
C ASP B 1164 -44.59 92.66 57.65
N VAL B 1165 -43.86 92.99 58.70
CA VAL B 1165 -44.09 94.21 59.46
C VAL B 1165 -43.03 95.25 59.12
N PHE B 1166 -43.49 96.44 58.75
CA PHE B 1166 -42.59 97.50 58.29
C PHE B 1166 -42.55 98.69 59.24
N ARG B 1167 -41.73 99.67 58.89
CA ARG B 1167 -41.65 100.92 59.64
C ARG B 1167 -42.26 102.04 58.80
N LEU B 1168 -42.85 103.03 59.46
CA LEU B 1168 -43.58 104.08 58.76
C LEU B 1168 -42.73 104.81 57.72
N ILE B 1169 -41.81 105.66 58.20
CA ILE B 1169 -40.83 106.39 57.37
C ILE B 1169 -41.46 106.91 56.06
N PHE B 1170 -40.79 106.69 54.93
CA PHE B 1170 -41.40 106.91 53.63
C PHE B 1170 -41.96 105.58 53.12
N SER B 1171 -41.06 104.69 52.71
CA SER B 1171 -41.45 103.33 52.36
C SER B 1171 -40.30 102.36 52.64
N CYS B 1172 -40.62 101.19 53.18
CA CYS B 1172 -39.60 100.16 53.41
C CYS B 1172 -40.04 98.78 52.94
N ASN B 1173 -39.38 98.26 51.91
CA ASN B 1173 -39.59 96.90 51.47
C ASN B 1173 -38.52 95.96 52.01
N GLN B 1174 -37.59 96.52 52.78
CA GLN B 1174 -36.40 95.78 53.22
C GLN B 1174 -36.62 95.01 54.52
N LEU B 1175 -36.25 93.74 54.50
CA LEU B 1175 -36.29 92.90 55.70
C LEU B 1175 -34.94 92.21 55.89
N ARG B 1176 -34.59 91.35 54.93
CA ARG B 1176 -33.30 90.67 54.89
C ARG B 1176 -33.00 89.85 56.15
N TYR B 1177 -31.74 89.92 56.59
CA TYR B 1177 -31.28 89.12 57.72
C TYR B 1177 -31.31 89.88 59.04
N GLU B 1178 -31.72 91.15 58.98
CA GLU B 1178 -31.79 91.99 60.17
C GLU B 1178 -32.67 91.37 61.26
N GLN B 1179 -33.95 91.24 60.95
CA GLN B 1179 -34.89 90.61 61.88
C GLN B 1179 -35.89 89.73 61.14
N ILE B 1180 -36.52 88.81 61.86
CA ILE B 1180 -37.53 87.94 61.29
C ILE B 1180 -38.90 88.30 61.83
N CYS B 1181 -39.80 88.71 60.94
CA CYS B 1181 -41.13 89.16 61.35
C CYS B 1181 -42.21 88.10 61.13
N GLU B 1182 -42.68 87.52 62.23
CA GLU B 1182 -43.73 86.51 62.24
C GLU B 1182 -43.47 85.38 61.25
N GLU B 1183 -44.55 84.91 60.62
CA GLU B 1183 -44.58 83.83 59.63
C GLU B 1183 -46.02 83.69 59.13
N GLU B 1184 -46.18 83.05 57.97
CA GLU B 1184 -47.50 82.63 57.52
C GLU B 1184 -47.45 81.20 56.99
N ILE B 1185 -48.07 80.26 57.69
CA ILE B 1185 -48.03 78.86 57.29
C ILE B 1185 -49.28 78.35 56.58
N ALA B 1186 -50.32 79.18 56.49
CA ALA B 1186 -51.60 78.69 55.99
C ALA B 1186 -52.24 79.56 54.93
N GLN B 1187 -52.65 80.77 55.33
CA GLN B 1187 -53.47 81.64 54.49
C GLN B 1187 -52.87 81.91 53.12
N LYS B 1188 -53.74 81.89 52.10
CA LYS B 1188 -53.32 82.16 50.73
C LYS B 1188 -54.21 83.23 50.09
N ALA B 1189 -55.51 82.95 49.97
CA ALA B 1189 -56.46 83.88 49.38
C ALA B 1189 -57.35 84.51 50.44
N LYS B 1190 -57.77 85.74 50.19
CA LYS B 1190 -58.67 86.48 51.08
C LYS B 1190 -58.13 86.65 52.50
N ILE B 1191 -56.92 87.19 52.63
CA ILE B 1191 -56.42 87.60 53.94
C ILE B 1191 -57.33 88.70 54.48
N SER B 1192 -57.56 88.72 55.78
CA SER B 1192 -58.59 89.60 56.33
C SER B 1192 -58.06 90.80 57.09
N TYR B 1193 -57.65 90.57 58.34
CA TYR B 1193 -57.39 91.67 59.28
C TYR B 1193 -56.34 91.35 60.32
N LEU B 1194 -56.21 92.25 61.29
CA LEU B 1194 -55.44 92.06 62.52
C LEU B 1194 -55.63 93.30 63.39
N VAL B 1195 -55.39 93.14 64.70
CA VAL B 1195 -55.66 94.21 65.66
C VAL B 1195 -54.67 94.21 66.82
N ALA B 1196 -54.70 95.30 67.59
CA ALA B 1196 -53.95 95.38 68.84
C ALA B 1196 -54.48 94.35 69.84
N THR B 1197 -53.64 93.99 70.80
CA THR B 1197 -53.97 92.93 71.76
C THR B 1197 -53.24 93.15 73.07
N ASP B 1198 -53.24 92.10 73.91
CA ASP B 1198 -52.54 92.14 75.19
C ASP B 1198 -51.02 92.16 74.92
N ASP B 1199 -50.22 92.10 75.98
CA ASP B 1199 -48.78 92.33 75.93
C ASP B 1199 -48.08 91.67 74.74
N GLY B 1200 -48.10 90.35 74.69
CA GLY B 1200 -47.41 89.62 73.62
C GLY B 1200 -47.93 89.88 72.22
N THR B 1201 -47.03 90.35 71.36
CA THR B 1201 -47.21 90.50 69.90
C THR B 1201 -48.56 91.12 69.46
N MET B 1202 -49.15 90.55 68.42
CA MET B 1202 -50.40 91.04 67.86
C MET B 1202 -51.19 89.91 67.19
N LEU B 1203 -52.52 90.04 67.17
CA LEU B 1203 -53.39 88.96 66.70
C LEU B 1203 -54.07 89.28 65.35
N ALA B 1204 -54.21 88.26 64.52
CA ALA B 1204 -54.90 88.37 63.24
C ALA B 1204 -56.13 87.46 63.23
N MET B 1205 -57.10 87.76 62.37
CA MET B 1205 -58.38 87.05 62.44
C MET B 1205 -59.00 86.69 61.08
N GLY B 1206 -60.21 86.16 61.17
CA GLY B 1206 -61.04 85.79 60.03
C GLY B 1206 -61.01 84.30 59.71
N PHE B 1207 -62.16 83.78 59.32
CA PHE B 1207 -62.30 82.37 58.95
C PHE B 1207 -62.34 82.12 57.44
N GLU B 1208 -62.28 83.19 56.64
CA GLU B 1208 -62.49 83.05 55.21
C GLU B 1208 -61.32 82.36 54.51
N ASN B 1209 -61.63 81.30 53.76
CA ASN B 1209 -60.67 80.53 53.00
C ASN B 1209 -59.47 80.07 53.82
N GLY B 1210 -59.71 79.72 55.09
CA GLY B 1210 -58.65 79.29 55.97
C GLY B 1210 -58.97 79.56 57.43
N THR B 1211 -57.93 79.68 58.24
CA THR B 1211 -58.09 79.95 59.66
C THR B 1211 -57.30 81.17 60.10
N LEU B 1212 -57.42 81.52 61.38
CA LEU B 1212 -56.68 82.64 61.94
C LEU B 1212 -55.51 82.13 62.79
N GLU B 1213 -54.40 82.86 62.76
CA GLU B 1213 -53.18 82.42 63.43
C GLU B 1213 -52.51 83.54 64.23
N LEU B 1214 -51.63 83.13 65.16
CA LEU B 1214 -50.91 84.06 66.01
C LEU B 1214 -49.41 83.87 65.87
N PHE B 1215 -48.68 84.98 65.72
CA PHE B 1215 -47.22 84.94 65.61
C PHE B 1215 -46.61 86.15 66.31
N ALA B 1216 -45.30 86.08 66.55
CA ALA B 1216 -44.60 87.13 67.29
C ALA B 1216 -43.77 88.02 66.37
N VAL B 1217 -43.62 89.27 66.76
CA VAL B 1217 -42.86 90.25 65.97
C VAL B 1217 -41.43 89.81 65.71
N GLU B 1218 -40.68 89.56 66.79
CA GLU B 1218 -39.27 89.18 66.66
C GLU B 1218 -39.05 87.67 66.74
N ASN B 1219 -40.12 86.91 66.97
CA ASN B 1219 -40.01 85.47 67.15
C ASN B 1219 -41.22 84.71 66.61
N ARG B 1220 -41.30 83.43 66.93
CA ARG B 1220 -42.47 82.63 66.57
C ARG B 1220 -43.12 82.05 67.83
N LYS B 1221 -44.45 82.04 67.87
CA LYS B 1221 -45.19 81.58 69.03
C LYS B 1221 -46.40 80.73 68.66
N VAL B 1222 -47.19 80.38 69.67
CA VAL B 1222 -48.37 79.55 69.49
C VAL B 1222 -49.46 80.32 68.76
N GLN B 1223 -50.41 79.61 68.14
CA GLN B 1223 -51.50 80.24 67.42
C GLN B 1223 -52.85 79.82 68.00
N LEU B 1224 -53.89 80.59 67.70
CA LEU B 1224 -55.19 80.43 68.34
C LEU B 1224 -56.02 79.28 67.76
N ILE B 1225 -57.30 79.25 68.13
CA ILE B 1225 -58.21 78.16 67.81
C ILE B 1225 -58.54 78.03 66.32
N TYR B 1226 -59.07 76.86 65.95
CA TYR B 1226 -59.54 76.61 64.60
C TYR B 1226 -60.71 77.51 64.23
N SER B 1227 -60.97 77.63 62.94
CA SER B 1227 -62.29 78.06 62.50
C SER B 1227 -63.28 77.08 63.12
N ILE B 1228 -64.38 77.59 63.65
CA ILE B 1228 -65.24 76.82 64.56
C ILE B 1228 -65.58 75.43 64.04
N GLU B 1229 -66.47 75.35 63.06
CA GLU B 1229 -66.69 74.09 62.35
C GLU B 1229 -66.78 74.27 60.84
N GLU B 1230 -67.85 74.94 60.42
CA GLU B 1230 -68.22 75.05 59.02
C GLU B 1230 -67.32 76.00 58.24
N VAL B 1231 -67.29 75.82 56.92
CA VAL B 1231 -66.63 76.76 56.03
C VAL B 1231 -67.63 77.82 55.57
N HIS B 1232 -67.22 78.65 54.61
CA HIS B 1232 -68.08 79.70 54.08
C HIS B 1232 -68.57 80.63 55.18
N GLU B 1233 -67.64 81.42 55.73
CA GLU B 1233 -67.94 82.33 56.83
C GLU B 1233 -69.00 83.35 56.41
N HIS B 1234 -69.81 83.78 57.37
CA HIS B 1234 -70.88 84.73 57.10
C HIS B 1234 -70.30 86.11 56.74
N CYS B 1235 -71.15 86.95 56.13
CA CYS B 1235 -70.73 88.22 55.53
C CYS B 1235 -69.82 89.07 56.43
N ILE B 1236 -70.15 89.18 57.71
CA ILE B 1236 -69.31 89.92 58.63
C ILE B 1236 -68.33 88.99 59.35
N ARG B 1237 -67.05 89.17 59.07
CA ARG B 1237 -66.00 88.33 59.64
C ARG B 1237 -65.35 88.98 60.85
N GLN B 1238 -65.88 90.14 61.25
CA GLN B 1238 -65.32 90.88 62.38
C GLN B 1238 -65.45 90.09 63.69
N LEU B 1239 -64.43 90.20 64.54
CA LEU B 1239 -64.41 89.53 65.83
C LEU B 1239 -64.78 90.49 66.96
N LEU B 1240 -65.43 89.96 67.98
CA LEU B 1240 -65.95 90.77 69.08
C LEU B 1240 -64.95 90.87 70.22
N PHE B 1241 -64.39 92.07 70.42
CA PHE B 1241 -63.39 92.27 71.46
C PHE B 1241 -63.25 93.72 71.90
N SER B 1242 -62.72 93.90 73.10
CA SER B 1242 -62.22 95.19 73.56
C SER B 1242 -60.70 95.09 73.63
N PRO B 1243 -59.99 96.02 72.97
CA PRO B 1243 -58.56 95.82 72.71
C PRO B 1243 -57.68 95.61 73.96
N CYS B 1244 -57.78 96.49 74.95
CA CYS B 1244 -57.03 96.29 76.19
C CYS B 1244 -57.84 95.58 77.27
N LYS B 1245 -59.15 95.49 77.05
CA LYS B 1245 -60.05 94.89 78.02
C LYS B 1245 -60.42 93.44 77.71
N LEU B 1246 -59.79 92.87 76.68
CA LEU B 1246 -60.23 91.60 76.10
C LEU B 1246 -60.40 90.47 77.11
N LEU B 1247 -61.59 89.91 77.13
CA LEU B 1247 -61.91 88.75 77.96
C LEU B 1247 -62.64 87.70 77.12
N LEU B 1248 -63.84 88.05 76.67
CA LEU B 1248 -64.66 87.15 75.85
C LEU B 1248 -64.27 87.21 74.38
N ILE B 1249 -64.37 86.07 73.70
CA ILE B 1249 -64.15 85.97 72.27
C ILE B 1249 -65.27 85.18 71.61
N SER B 1250 -65.95 85.78 70.64
CA SER B 1250 -67.10 85.15 70.02
C SER B 1250 -66.92 84.92 68.52
N CYS B 1251 -67.00 83.66 68.10
CA CYS B 1251 -66.89 83.30 66.69
C CYS B 1251 -67.85 82.15 66.34
N ALA B 1252 -68.55 82.30 65.22
CA ALA B 1252 -69.47 81.27 64.74
C ALA B 1252 -69.74 81.42 63.24
N GLU B 1253 -70.26 80.36 62.62
CA GLU B 1253 -70.60 80.42 61.20
C GLU B 1253 -72.11 80.55 60.99
N GLN B 1254 -72.84 79.46 61.19
CA GLN B 1254 -74.28 79.45 60.90
C GLN B 1254 -75.14 79.04 62.09
N LEU B 1255 -75.13 77.75 62.41
CA LEU B 1255 -76.05 77.19 63.40
C LEU B 1255 -75.39 77.06 64.77
N CYS B 1256 -74.13 77.49 64.87
CA CYS B 1256 -73.34 77.33 66.08
C CYS B 1256 -73.99 77.94 67.32
N PHE B 1257 -73.74 77.32 68.47
CA PHE B 1257 -74.32 77.75 69.74
C PHE B 1257 -73.53 78.91 70.35
N TRP B 1258 -73.81 79.20 71.62
CA TRP B 1258 -73.17 80.31 72.33
C TRP B 1258 -71.65 80.27 72.21
N ASN B 1259 -71.07 81.41 71.86
CA ASN B 1259 -69.66 81.50 71.51
C ASN B 1259 -68.73 81.90 72.65
N VAL B 1260 -69.29 82.06 73.84
CA VAL B 1260 -68.54 82.64 74.95
C VAL B 1260 -67.30 81.82 75.35
N THR B 1261 -66.16 82.49 75.32
CA THR B 1261 -64.89 81.93 75.79
C THR B 1261 -64.12 83.01 76.53
N HIS B 1262 -63.69 82.72 77.76
CA HIS B 1262 -63.00 83.74 78.55
C HIS B 1262 -61.72 83.19 79.19
N MET B 1263 -61.01 84.08 79.90
CA MET B 1263 -59.78 83.71 80.59
C MET B 1263 -59.91 83.98 82.08
N ARG B 1264 -59.14 83.25 82.88
CA ARG B 1264 -59.18 83.39 84.33
C ARG B 1264 -58.05 84.28 84.84
N HIS C 8 -34.51 -30.23 15.57
CA HIS C 8 -34.99 -28.89 15.83
C HIS C 8 -36.48 -28.87 16.03
N GLN C 9 -37.16 -29.79 15.36
CA GLN C 9 -38.50 -29.52 14.87
C GLN C 9 -39.37 -28.94 15.96
N TYR C 10 -39.98 -27.82 15.64
CA TYR C 10 -40.80 -27.09 16.58
C TYR C 10 -42.11 -27.84 16.77
N GLN C 11 -42.96 -27.32 17.63
CA GLN C 11 -44.11 -28.05 18.12
C GLN C 11 -45.26 -27.07 18.25
N TYR C 12 -46.43 -27.41 17.73
CA TYR C 12 -47.46 -26.41 17.52
C TYR C 12 -47.65 -25.51 18.74
N LYS C 13 -47.75 -26.10 19.94
CA LYS C 13 -47.98 -25.25 21.09
C LYS C 13 -46.81 -24.33 21.35
N ASP C 14 -45.64 -24.65 20.82
CA ASP C 14 -44.57 -23.67 20.90
C ASP C 14 -44.90 -22.47 20.03
N ILE C 15 -45.20 -22.73 18.77
CA ILE C 15 -45.27 -21.68 17.77
C ILE C 15 -46.62 -21.01 17.79
N LEU C 16 -47.68 -21.71 18.20
CA LEU C 16 -49.02 -21.21 17.98
C LEU C 16 -49.19 -19.81 18.51
N SER C 17 -48.61 -19.52 19.66
CA SER C 17 -48.83 -18.23 20.29
C SER C 17 -48.32 -17.07 19.46
N VAL C 18 -47.62 -17.33 18.37
CA VAL C 18 -46.96 -16.21 17.73
C VAL C 18 -48.00 -15.36 17.04
N PHE C 19 -48.53 -15.82 15.94
CA PHE C 19 -49.47 -15.00 15.20
C PHE C 19 -50.81 -15.10 15.90
N GLU C 20 -51.32 -13.95 16.29
CA GLU C 20 -52.65 -13.78 16.83
C GLU C 20 -53.44 -12.82 15.97
N ASP C 21 -52.90 -11.64 15.69
CA ASP C 21 -53.67 -10.56 15.08
C ASP C 21 -54.50 -11.08 13.94
N ALA C 22 -53.86 -11.74 12.98
CA ALA C 22 -54.61 -12.42 11.93
C ALA C 22 -55.64 -13.33 12.55
N PHE C 23 -55.19 -14.18 13.48
CA PHE C 23 -56.09 -15.11 14.13
C PHE C 23 -57.13 -14.35 14.94
N VAL C 24 -56.73 -13.21 15.50
CA VAL C 24 -57.67 -12.37 16.24
C VAL C 24 -58.79 -11.90 15.33
N ASP C 25 -58.45 -11.02 14.40
CA ASP C 25 -59.42 -10.19 13.71
C ASP C 25 -60.47 -11.01 12.99
N ASN C 26 -60.05 -11.78 12.00
CA ASN C 26 -60.94 -12.37 11.03
C ASN C 26 -61.61 -13.64 11.52
N PHE C 27 -61.40 -14.02 12.76
CA PHE C 27 -61.99 -15.23 13.32
C PHE C 27 -62.50 -14.99 14.74
N ASP C 28 -63.63 -15.61 15.04
CA ASP C 28 -64.20 -15.54 16.38
C ASP C 28 -64.52 -16.95 16.83
N CYS C 29 -64.22 -17.25 18.09
CA CYS C 29 -64.52 -18.57 18.62
C CYS C 29 -66.01 -18.90 18.51
N LYS C 30 -66.86 -17.99 18.98
CA LYS C 30 -68.29 -18.26 19.00
C LYS C 30 -68.78 -18.71 17.63
N ASP C 31 -68.12 -18.25 16.58
CA ASP C 31 -68.46 -18.63 15.23
C ASP C 31 -68.53 -20.14 15.14
N VAL C 32 -67.60 -20.81 15.81
CA VAL C 32 -67.45 -22.25 15.69
C VAL C 32 -67.41 -22.86 17.07
N GLN C 33 -68.43 -23.64 17.41
CA GLN C 33 -68.26 -24.73 18.35
C GLN C 33 -68.52 -26.00 17.57
N ASP C 34 -67.44 -26.63 17.10
CA ASP C 34 -67.54 -28.00 16.64
C ASP C 34 -67.33 -28.95 17.82
N MET C 35 -66.35 -28.65 18.65
CA MET C 35 -66.19 -29.23 19.96
C MET C 35 -66.01 -30.74 19.97
N PRO C 36 -65.01 -31.29 19.30
CA PRO C 36 -64.63 -32.66 19.62
C PRO C 36 -64.20 -32.69 21.08
N LYS C 37 -64.84 -33.56 21.86
CA LYS C 37 -64.86 -33.33 23.29
C LYS C 37 -63.50 -33.47 23.94
N SER C 38 -62.63 -34.33 23.41
CA SER C 38 -61.31 -34.47 24.01
C SER C 38 -60.51 -33.18 23.90
N ILE C 39 -60.70 -32.46 22.80
CA ILE C 39 -59.80 -31.34 22.53
C ILE C 39 -60.18 -30.14 23.36
N LEU C 40 -61.45 -29.99 23.70
CA LEU C 40 -61.93 -28.91 24.55
C LEU C 40 -63.08 -29.45 25.37
N SER C 41 -63.08 -29.15 26.66
CA SER C 41 -64.25 -29.59 27.40
C SER C 41 -65.43 -28.70 27.07
N LYS C 42 -66.60 -29.09 27.56
CA LYS C 42 -67.77 -28.26 27.35
C LYS C 42 -67.64 -26.95 28.08
N GLU C 43 -67.41 -27.03 29.39
CA GLU C 43 -67.19 -25.85 30.21
C GLU C 43 -66.18 -24.91 29.59
N GLU C 44 -65.19 -25.44 28.88
CA GLU C 44 -64.19 -24.61 28.25
C GLU C 44 -64.86 -23.59 27.35
N ILE C 45 -65.42 -24.07 26.24
CA ILE C 45 -66.02 -23.16 25.29
C ILE C 45 -67.24 -22.51 25.90
N ASP C 46 -67.81 -23.13 26.93
CA ASP C 46 -68.83 -22.44 27.70
C ASP C 46 -68.27 -21.11 28.21
N HIS C 47 -67.01 -21.12 28.64
CA HIS C 47 -66.44 -19.93 29.22
C HIS C 47 -65.96 -18.93 28.19
N ILE C 48 -65.41 -19.40 27.08
CA ILE C 48 -64.78 -18.48 26.13
C ILE C 48 -65.79 -17.48 25.61
N ILE C 49 -66.87 -17.96 25.03
CA ILE C 49 -67.82 -17.08 24.36
C ILE C 49 -68.32 -16.00 25.30
N MET C 50 -68.35 -16.30 26.60
CA MET C 50 -68.80 -15.32 27.58
C MET C 50 -67.98 -14.04 27.54
N SER C 51 -66.78 -14.07 26.98
CA SER C 51 -65.98 -12.86 26.92
C SER C 51 -66.63 -11.85 25.98
N LYS C 52 -66.36 -10.58 26.21
CA LYS C 52 -67.17 -9.54 25.60
C LYS C 52 -66.62 -9.10 24.26
N ASP C 53 -65.39 -9.46 23.94
CA ASP C 53 -64.79 -8.98 22.69
C ASP C 53 -63.65 -9.87 22.26
N ALA C 54 -63.32 -9.76 20.98
CA ALA C 54 -62.29 -10.59 20.37
C ALA C 54 -61.00 -10.53 21.17
N VAL C 55 -60.49 -9.32 21.40
CA VAL C 55 -59.20 -9.16 22.08
C VAL C 55 -59.22 -9.91 23.40
N SER C 56 -60.38 -10.00 24.03
CA SER C 56 -60.56 -10.99 25.08
C SER C 56 -60.84 -12.35 24.49
N GLY C 57 -61.77 -12.42 23.55
CA GLY C 57 -62.25 -13.69 23.09
C GLY C 57 -61.16 -14.54 22.49
N THR C 58 -60.53 -14.03 21.43
CA THR C 58 -59.46 -14.79 20.80
C THR C 58 -58.40 -15.14 21.81
N LEU C 59 -58.18 -14.27 22.78
CA LEU C 59 -57.08 -14.47 23.69
C LEU C 59 -57.32 -15.69 24.56
N ARG C 60 -58.44 -15.72 25.28
CA ARG C 60 -58.62 -16.81 26.24
C ARG C 60 -58.56 -18.15 25.54
N LEU C 61 -58.75 -18.17 24.23
CA LEU C 61 -58.55 -19.40 23.50
C LEU C 61 -57.16 -19.95 23.75
N PHE C 62 -56.14 -19.21 23.33
CA PHE C 62 -54.78 -19.72 23.39
C PHE C 62 -54.45 -20.25 24.77
N TRP C 63 -54.63 -19.42 25.79
CA TRP C 63 -54.30 -19.86 27.14
C TRP C 63 -54.97 -21.15 27.51
N THR C 64 -56.13 -21.43 26.95
CA THR C 64 -56.67 -22.74 27.19
C THR C 64 -55.86 -23.80 26.47
N LEU C 65 -55.65 -23.63 25.17
CA LEU C 65 -54.91 -24.64 24.42
C LEU C 65 -53.56 -24.91 25.01
N LEU C 66 -52.75 -23.89 25.22
CA LEU C 66 -51.38 -24.10 25.64
C LEU C 66 -51.28 -24.81 26.98
N SER C 67 -52.39 -24.98 27.67
CA SER C 67 -52.42 -25.73 28.91
C SER C 67 -52.64 -27.22 28.68
N LYS C 68 -52.61 -27.66 27.43
CA LYS C 68 -52.95 -29.03 27.10
C LYS C 68 -51.77 -29.72 26.46
N GLN C 69 -51.87 -31.04 26.39
CA GLN C 69 -50.83 -31.82 25.74
C GLN C 69 -50.89 -31.67 24.24
N GLU C 70 -49.74 -31.81 23.61
CA GLU C 70 -49.56 -31.43 22.22
C GLU C 70 -50.50 -32.16 21.26
N GLU C 71 -50.83 -33.42 21.55
CA GLU C 71 -51.71 -34.16 20.65
C GLU C 71 -52.97 -33.37 20.34
N MET C 72 -53.66 -32.92 21.39
CA MET C 72 -54.88 -32.16 21.19
C MET C 72 -54.66 -31.02 20.24
N VAL C 73 -53.71 -30.14 20.57
CA VAL C 73 -53.34 -29.07 19.65
C VAL C 73 -52.99 -29.65 18.30
N GLN C 74 -52.13 -30.66 18.29
CA GLN C 74 -51.75 -31.29 17.04
C GLN C 74 -52.98 -31.67 16.23
N LYS C 75 -54.05 -32.04 16.90
CA LYS C 75 -55.28 -32.26 16.16
C LYS C 75 -55.99 -30.95 15.87
N PHE C 76 -55.83 -29.95 16.72
CA PHE C 76 -56.60 -28.72 16.53
C PHE C 76 -56.18 -28.00 15.26
N VAL C 77 -54.88 -28.00 14.98
CA VAL C 77 -54.44 -27.35 13.76
C VAL C 77 -55.02 -28.05 12.55
N GLU C 78 -55.34 -29.33 12.67
CA GLU C 78 -56.05 -30.04 11.60
C GLU C 78 -57.54 -29.71 11.60
N GLU C 79 -58.13 -29.58 12.79
CA GLU C 79 -59.57 -29.42 12.91
C GLU C 79 -60.07 -28.19 12.16
N VAL C 80 -59.28 -27.12 12.15
CA VAL C 80 -59.72 -25.90 11.49
C VAL C 80 -59.93 -26.14 10.00
N LEU C 81 -59.11 -27.00 9.41
CA LEU C 81 -59.28 -27.38 8.01
C LEU C 81 -60.71 -27.76 7.69
N ARG C 82 -61.27 -28.68 8.48
CA ARG C 82 -62.63 -29.14 8.22
C ARG C 82 -63.62 -28.01 8.30
N ILE C 83 -63.32 -27.00 9.10
CA ILE C 83 -64.20 -25.84 9.20
C ILE C 83 -64.08 -25.13 7.85
N ASN C 84 -65.06 -24.29 7.55
CA ASN C 84 -65.12 -23.63 6.25
C ASN C 84 -63.78 -23.00 5.90
N TYR C 85 -63.10 -22.42 6.89
CA TYR C 85 -61.93 -21.63 6.60
C TYR C 85 -60.69 -22.40 6.98
N LYS C 86 -59.94 -22.84 5.98
CA LYS C 86 -58.58 -23.28 6.19
C LYS C 86 -57.55 -22.20 5.92
N PHE C 87 -57.94 -21.08 5.32
CA PHE C 87 -56.93 -20.11 4.91
C PHE C 87 -56.06 -19.73 6.06
N LEU C 88 -56.62 -19.71 7.26
CA LEU C 88 -55.89 -19.41 8.46
C LEU C 88 -54.83 -20.43 8.77
N MET C 89 -55.09 -21.71 8.47
CA MET C 89 -54.15 -22.72 8.88
C MET C 89 -53.08 -22.99 7.84
N SER C 90 -53.14 -22.39 6.67
CA SER C 90 -52.01 -22.63 5.80
C SER C 90 -50.77 -21.95 6.37
N PRO C 91 -50.83 -20.71 6.86
CA PRO C 91 -49.61 -20.14 7.44
C PRO C 91 -49.11 -20.95 8.60
N ILE C 92 -49.98 -21.30 9.54
CA ILE C 92 -49.56 -22.04 10.70
C ILE C 92 -48.89 -23.34 10.33
N LYS C 93 -49.12 -23.82 9.12
CA LYS C 93 -48.41 -24.97 8.65
C LYS C 93 -47.03 -24.60 8.14
N THR C 94 -46.67 -23.33 8.22
CA THR C 94 -45.30 -22.91 7.96
C THR C 94 -44.44 -22.98 9.21
N GLU C 95 -44.95 -23.56 10.30
CA GLU C 95 -44.06 -24.17 11.27
C GLU C 95 -42.95 -24.92 10.57
N GLN C 96 -43.31 -25.98 9.88
CA GLN C 96 -42.36 -26.99 9.47
C GLN C 96 -41.33 -26.39 8.54
N ARG C 97 -40.06 -26.50 8.93
CA ARG C 97 -38.91 -25.99 8.20
C ARG C 97 -39.09 -24.52 7.85
N GLN C 98 -39.97 -23.83 8.52
CA GLN C 98 -39.94 -22.42 8.23
C GLN C 98 -40.30 -21.60 9.45
N PRO C 99 -39.53 -21.66 10.52
CA PRO C 99 -39.61 -20.58 11.49
C PRO C 99 -39.11 -19.33 10.80
N SER C 100 -39.90 -18.28 10.85
CA SER C 100 -39.40 -17.09 10.19
C SER C 100 -38.18 -16.58 10.94
N MET C 101 -37.17 -16.15 10.18
CA MET C 101 -35.87 -15.85 10.74
C MET C 101 -35.98 -14.97 11.96
N MET C 102 -36.99 -14.11 11.98
CA MET C 102 -37.38 -13.47 13.22
C MET C 102 -37.80 -14.51 14.26
N THR C 103 -38.90 -15.20 13.99
CA THR C 103 -39.64 -15.88 15.05
C THR C 103 -38.74 -16.69 15.95
N ARG C 104 -37.68 -17.28 15.40
CA ARG C 104 -36.79 -18.02 16.26
C ARG C 104 -36.27 -17.18 17.40
N MET C 105 -36.03 -15.90 17.14
CA MET C 105 -35.62 -15.01 18.21
C MET C 105 -36.61 -15.12 19.37
N TYR C 106 -37.87 -14.87 19.09
CA TYR C 106 -38.91 -15.05 20.08
C TYR C 106 -38.83 -16.43 20.68
N ILE C 107 -39.16 -17.45 19.89
CA ILE C 107 -39.40 -18.78 20.44
C ILE C 107 -38.21 -19.23 21.25
N GLU C 108 -37.03 -18.73 20.93
CA GLU C 108 -35.92 -18.94 21.85
C GLU C 108 -36.18 -18.21 23.14
N GLN C 109 -36.37 -16.90 23.06
CA GLN C 109 -36.12 -16.11 24.25
C GLN C 109 -37.09 -16.42 25.37
N ARG C 110 -38.36 -16.63 25.05
CA ARG C 110 -39.28 -16.99 26.12
C ARG C 110 -38.75 -18.14 26.94
N ASP C 111 -38.02 -19.06 26.32
CA ASP C 111 -37.42 -20.11 27.10
C ASP C 111 -36.44 -19.52 28.10
N ARG C 112 -35.51 -18.69 27.64
CA ARG C 112 -34.65 -18.01 28.58
C ARG C 112 -35.45 -17.19 29.56
N LEU C 113 -36.70 -16.89 29.23
CA LEU C 113 -37.57 -16.31 30.23
C LEU C 113 -38.14 -17.37 31.15
N TYR C 114 -38.66 -18.47 30.61
CA TYR C 114 -39.08 -19.54 31.50
C TYR C 114 -37.97 -20.12 32.33
N ASN C 115 -36.71 -19.85 32.02
CA ASN C 115 -35.70 -20.39 32.89
C ASN C 115 -35.54 -19.54 34.13
N ASP C 116 -36.43 -18.59 34.30
CA ASP C 116 -36.94 -18.22 35.60
C ASP C 116 -37.62 -19.42 36.29
N ASN C 117 -37.80 -20.53 35.59
CA ASN C 117 -38.27 -21.81 36.16
C ASN C 117 -39.57 -21.73 36.90
N GLN C 118 -39.53 -21.93 38.22
CA GLN C 118 -40.73 -22.23 38.98
C GLN C 118 -41.90 -21.45 38.47
N VAL C 119 -41.59 -20.20 38.16
CA VAL C 119 -42.56 -19.15 38.03
C VAL C 119 -43.72 -19.62 37.19
N PHE C 120 -43.53 -19.66 35.91
CA PHE C 120 -44.61 -20.05 35.05
C PHE C 120 -44.51 -21.51 34.73
N ALA C 121 -43.52 -22.17 35.28
CA ALA C 121 -43.36 -23.59 35.08
C ALA C 121 -44.66 -24.27 35.45
N LYS C 122 -44.93 -24.35 36.73
CA LYS C 122 -46.20 -24.93 37.17
C LYS C 122 -47.23 -23.82 37.26
N TYR C 123 -47.01 -22.92 38.19
CA TYR C 123 -48.09 -22.17 38.78
C TYR C 123 -48.24 -20.85 38.08
N ASN C 124 -49.39 -20.68 37.43
CA ASN C 124 -50.15 -19.45 37.48
C ASN C 124 -51.36 -19.70 36.62
N VAL C 125 -52.40 -18.94 36.86
CA VAL C 125 -53.46 -18.83 35.88
C VAL C 125 -53.51 -17.37 35.51
N SER C 126 -52.69 -16.99 34.53
CA SER C 126 -52.85 -15.77 33.76
C SER C 126 -53.37 -14.60 34.56
N ARG C 127 -54.30 -13.90 33.95
CA ARG C 127 -55.42 -13.14 34.47
C ARG C 127 -55.91 -12.46 33.22
N LEU C 128 -56.99 -11.72 33.26
CA LEU C 128 -57.33 -11.02 32.04
C LEU C 128 -57.25 -9.52 32.23
N GLN C 129 -58.12 -8.94 33.02
CA GLN C 129 -58.15 -7.51 33.17
C GLN C 129 -56.78 -6.92 33.43
N PRO C 130 -56.09 -7.29 34.51
CA PRO C 130 -54.82 -6.63 34.77
C PRO C 130 -53.86 -6.83 33.65
N TYR C 131 -53.86 -8.02 33.07
CA TYR C 131 -53.09 -8.22 31.85
C TYR C 131 -53.45 -7.17 30.84
N LEU C 132 -54.72 -7.08 30.51
CA LEU C 132 -55.12 -6.39 29.30
C LEU C 132 -54.79 -4.90 29.34
N LYS C 133 -55.15 -4.21 30.42
CA LYS C 133 -54.74 -2.82 30.52
C LYS C 133 -53.27 -2.67 30.30
N LEU C 134 -52.48 -3.58 30.84
CA LEU C 134 -51.05 -3.33 30.85
C LEU C 134 -50.50 -3.41 29.44
N ARG C 135 -50.78 -4.48 28.71
CA ARG C 135 -50.26 -4.58 27.36
C ARG C 135 -50.60 -3.33 26.58
N GLN C 136 -51.82 -2.85 26.74
CA GLN C 136 -52.22 -1.57 26.17
C GLN C 136 -51.18 -0.51 26.41
N ALA C 137 -50.94 -0.19 27.67
CA ALA C 137 -49.97 0.83 27.98
C ALA C 137 -48.59 0.42 27.51
N LEU C 138 -48.10 -0.72 28.00
CA LEU C 138 -46.72 -1.07 27.76
C LEU C 138 -46.42 -1.27 26.29
N LEU C 139 -47.44 -1.43 25.46
CA LEU C 139 -47.17 -1.36 24.04
C LEU C 139 -46.80 0.05 23.60
N GLU C 140 -47.39 1.06 24.23
CA GLU C 140 -47.24 2.42 23.72
C GLU C 140 -45.90 3.03 24.04
N LEU C 141 -45.51 3.04 25.31
CA LEU C 141 -44.61 4.05 25.83
C LEU C 141 -43.34 4.18 24.99
N ARG C 142 -42.89 5.42 24.83
CA ARG C 142 -41.74 5.78 24.01
C ARG C 142 -40.55 6.08 24.92
N PRO C 143 -39.36 6.32 24.39
CA PRO C 143 -38.19 6.04 25.22
C PRO C 143 -37.82 7.07 26.25
N ALA C 144 -38.76 7.65 26.97
CA ALA C 144 -38.58 7.88 28.39
C ALA C 144 -39.95 7.92 29.01
N LYS C 145 -40.30 6.92 29.79
CA LYS C 145 -41.64 6.82 30.34
C LYS C 145 -41.58 5.79 31.46
N ASN C 146 -42.74 5.44 31.99
CA ASN C 146 -42.78 4.46 33.05
C ASN C 146 -44.16 3.85 33.09
N VAL C 147 -44.26 2.68 33.67
CA VAL C 147 -45.54 2.15 34.09
C VAL C 147 -45.35 1.59 35.48
N LEU C 148 -46.02 2.19 36.44
CA LEU C 148 -45.98 1.54 37.73
C LEU C 148 -46.85 0.31 37.74
N ILE C 149 -46.54 -0.58 38.63
CA ILE C 149 -47.48 -1.59 39.05
C ILE C 149 -47.50 -1.57 40.55
N ASP C 150 -48.59 -1.14 41.14
CA ASP C 150 -48.70 -1.09 42.57
C ASP C 150 -49.58 -2.23 43.07
N GLY C 151 -49.14 -2.84 44.15
CA GLY C 151 -49.99 -3.81 44.82
C GLY C 151 -49.63 -3.91 46.27
N VAL C 152 -50.63 -4.30 47.05
CA VAL C 152 -50.41 -4.62 48.44
C VAL C 152 -49.67 -5.94 48.54
N LEU C 153 -49.13 -6.22 49.73
CA LEU C 153 -48.19 -7.32 49.89
C LEU C 153 -48.71 -8.57 49.23
N GLY C 154 -47.82 -9.24 48.52
CA GLY C 154 -48.26 -10.26 47.60
C GLY C 154 -49.01 -9.62 46.45
N SER C 155 -50.23 -10.08 46.23
CA SER C 155 -51.09 -9.58 45.16
C SER C 155 -50.45 -9.72 43.80
N GLY C 156 -49.45 -10.57 43.69
CA GLY C 156 -48.94 -11.04 42.42
C GLY C 156 -48.61 -10.01 41.37
N LYS C 157 -47.88 -8.98 41.75
CA LYS C 157 -47.45 -8.04 40.73
C LYS C 157 -46.30 -8.61 39.92
N THR C 158 -45.29 -9.17 40.58
CA THR C 158 -44.12 -9.69 39.90
C THR C 158 -44.48 -10.67 38.79
N TRP C 159 -45.64 -11.27 38.86
CA TRP C 159 -46.03 -12.24 37.85
C TRP C 159 -46.69 -11.56 36.68
N VAL C 160 -47.81 -10.89 36.91
CA VAL C 160 -48.42 -10.11 35.84
C VAL C 160 -47.38 -9.25 35.16
N ALA C 161 -46.39 -8.82 35.92
CA ALA C 161 -45.20 -8.24 35.34
C ALA C 161 -44.64 -9.13 34.24
N LEU C 162 -44.16 -10.31 34.61
CA LEU C 162 -43.62 -11.21 33.61
C LEU C 162 -44.63 -11.43 32.51
N ASP C 163 -45.76 -12.02 32.86
CA ASP C 163 -46.60 -12.67 31.88
C ASP C 163 -46.82 -11.80 30.66
N VAL C 164 -47.16 -10.53 30.84
CA VAL C 164 -47.32 -9.70 29.67
C VAL C 164 -46.02 -9.58 28.89
N CYS C 165 -44.90 -9.45 29.58
CA CYS C 165 -43.61 -9.37 28.91
C CYS C 165 -43.29 -10.62 28.12
N LEU C 166 -44.03 -11.69 28.34
CA LEU C 166 -43.85 -12.89 27.55
C LEU C 166 -44.59 -12.82 26.22
N SER C 167 -45.69 -12.10 26.16
CA SER C 167 -46.56 -12.16 24.99
C SER C 167 -45.86 -11.58 23.77
N TYR C 168 -45.99 -12.29 22.65
CA TYR C 168 -45.22 -11.98 21.46
C TYR C 168 -45.26 -10.51 21.12
N LYS C 169 -46.45 -10.01 20.79
CA LYS C 169 -46.56 -8.71 20.16
C LYS C 169 -45.78 -7.66 20.92
N VAL C 170 -45.74 -7.77 22.25
CA VAL C 170 -44.76 -7.00 23.00
C VAL C 170 -43.36 -7.34 22.55
N GLN C 171 -42.97 -8.58 22.76
CA GLN C 171 -41.58 -8.99 22.63
C GLN C 171 -41.00 -8.53 21.31
N CYS C 172 -41.83 -8.40 20.29
CA CYS C 172 -41.36 -7.93 19.00
C CYS C 172 -41.24 -6.42 18.97
N LYS C 173 -42.13 -5.74 19.68
CA LYS C 173 -42.05 -4.29 19.73
C LYS C 173 -40.73 -3.82 20.28
N MET C 174 -40.20 -4.53 21.25
CA MET C 174 -39.05 -4.06 22.00
C MET C 174 -37.75 -4.68 21.54
N ASP C 175 -37.77 -5.44 20.46
CA ASP C 175 -36.58 -6.03 19.86
C ASP C 175 -35.89 -7.00 20.78
N PHE C 176 -36.61 -7.87 21.46
CA PHE C 176 -36.02 -9.07 22.02
C PHE C 176 -34.90 -8.75 22.99
N LYS C 177 -34.90 -7.55 23.54
CA LYS C 177 -33.96 -7.17 24.57
C LYS C 177 -34.77 -6.81 25.78
N ILE C 178 -34.71 -7.61 26.83
CA ILE C 178 -35.42 -7.30 28.06
C ILE C 178 -34.55 -7.70 29.23
N PHE C 179 -34.28 -6.75 30.11
CA PHE C 179 -33.32 -6.95 31.17
C PHE C 179 -34.01 -6.90 32.51
N TRP C 180 -33.81 -7.93 33.30
CA TRP C 180 -34.47 -8.02 34.58
C TRP C 180 -33.48 -7.65 35.67
N LEU C 181 -33.96 -7.02 36.72
CA LEU C 181 -33.16 -6.81 37.91
C LEU C 181 -33.99 -7.12 39.13
N ASN C 182 -33.37 -6.97 40.29
CA ASN C 182 -34.09 -6.89 41.53
C ASN C 182 -33.43 -5.86 42.41
N LEU C 183 -34.19 -4.89 42.85
CA LEU C 183 -33.69 -4.01 43.87
C LEU C 183 -34.05 -4.52 45.24
N LYS C 184 -34.52 -5.75 45.32
CA LYS C 184 -35.04 -6.36 46.53
C LYS C 184 -34.16 -6.05 47.73
N ASN C 185 -32.86 -6.08 47.54
CA ASN C 185 -31.96 -5.48 48.52
C ASN C 185 -31.30 -4.31 47.82
N CYS C 186 -31.78 -3.10 48.10
CA CYS C 186 -31.12 -1.89 47.62
C CYS C 186 -31.18 -0.84 48.71
N ASN C 187 -30.03 -0.49 49.25
CA ASN C 187 -29.93 0.57 50.24
C ASN C 187 -28.53 1.13 50.17
N SER C 188 -28.37 2.42 50.40
CA SER C 188 -27.06 3.02 50.53
C SER C 188 -26.33 2.99 49.19
N PRO C 189 -25.32 3.82 49.00
CA PRO C 189 -24.63 3.80 47.71
C PRO C 189 -24.02 2.46 47.38
N GLU C 190 -23.34 1.82 48.32
CA GLU C 190 -22.61 0.60 48.00
C GLU C 190 -23.48 -0.37 47.23
N THR C 191 -24.56 -0.83 47.87
CA THR C 191 -25.40 -1.84 47.25
C THR C 191 -25.83 -1.42 45.86
N VAL C 192 -26.26 -0.17 45.70
CA VAL C 192 -26.68 0.28 44.38
C VAL C 192 -25.61 -0.02 43.35
N LEU C 193 -24.37 0.35 43.66
CA LEU C 193 -23.29 0.10 42.72
C LEU C 193 -23.33 -1.34 42.25
N GLU C 194 -23.46 -2.26 43.19
CA GLU C 194 -23.57 -3.66 42.81
C GLU C 194 -24.70 -3.84 41.83
N MET C 195 -25.92 -3.76 42.34
CA MET C 195 -27.05 -4.20 41.55
C MET C 195 -27.17 -3.35 40.30
N LEU C 196 -26.47 -2.22 40.27
CA LEU C 196 -26.28 -1.54 39.01
C LEU C 196 -25.22 -2.22 38.19
N GLN C 197 -24.08 -2.53 38.79
CA GLN C 197 -22.96 -2.96 37.97
C GLN C 197 -23.29 -4.27 37.27
N LYS C 198 -24.07 -5.13 37.91
CA LYS C 198 -24.53 -6.33 37.23
C LYS C 198 -25.17 -5.96 35.90
N LEU C 199 -26.13 -5.04 35.94
CA LEU C 199 -26.82 -4.65 34.73
C LEU C 199 -25.83 -4.32 33.65
N LEU C 200 -24.69 -3.76 34.01
CA LEU C 200 -23.75 -3.38 32.98
C LEU C 200 -23.30 -4.59 32.19
N TYR C 201 -22.92 -5.67 32.88
CA TYR C 201 -22.35 -6.80 32.15
C TYR C 201 -23.36 -7.35 31.15
N GLN C 202 -24.61 -7.48 31.53
CA GLN C 202 -25.56 -8.08 30.61
C GLN C 202 -25.62 -7.34 29.30
N ILE C 203 -25.35 -6.04 29.30
CA ILE C 203 -25.46 -5.31 28.06
C ILE C 203 -24.29 -5.61 27.15
N ASP C 204 -23.11 -5.51 27.63
CA ASP C 204 -21.95 -5.88 26.85
C ASP C 204 -21.01 -6.60 27.80
N PRO C 205 -20.39 -7.69 27.39
CA PRO C 205 -19.35 -8.26 28.25
C PRO C 205 -18.00 -7.60 28.02
N ASN C 206 -17.98 -6.27 27.97
CA ASN C 206 -16.71 -5.58 28.11
C ASN C 206 -16.93 -4.35 28.98
N TRP C 207 -16.34 -4.37 30.17
CA TRP C 207 -16.17 -3.09 30.83
C TRP C 207 -14.84 -3.06 31.54
N THR C 208 -14.00 -2.11 31.15
CA THR C 208 -12.74 -1.87 31.83
C THR C 208 -13.03 -0.99 33.03
N SER C 209 -12.28 -1.23 34.10
CA SER C 209 -12.34 -0.46 35.33
C SER C 209 -11.92 0.99 35.15
N ARG C 210 -11.57 1.36 33.91
CA ARG C 210 -10.67 2.48 33.64
C ARG C 210 -11.00 3.72 34.46
N SER C 211 -12.28 4.03 34.62
CA SER C 211 -12.63 5.12 35.51
C SER C 211 -12.18 4.79 36.92
N ASP C 212 -11.39 5.70 37.49
CA ASP C 212 -10.53 5.32 38.61
C ASP C 212 -11.32 4.79 39.78
N HIS C 213 -10.62 4.02 40.61
CA HIS C 213 -11.21 3.29 41.72
C HIS C 213 -11.34 4.20 42.92
N SER C 214 -11.20 5.51 42.69
CA SER C 214 -11.12 6.50 43.74
C SER C 214 -12.18 6.27 44.79
N SER C 215 -11.76 6.33 46.05
CA SER C 215 -12.54 5.79 47.15
C SER C 215 -13.90 6.46 47.30
N ASN C 216 -14.16 7.52 46.54
CA ASN C 216 -15.45 8.17 46.69
C ASN C 216 -16.49 7.35 45.94
N ILE C 217 -17.31 6.67 46.72
CA ILE C 217 -18.36 5.82 46.20
C ILE C 217 -19.39 6.65 45.45
N LYS C 218 -19.69 7.83 45.97
CA LYS C 218 -20.70 8.67 45.34
C LYS C 218 -20.25 9.08 43.96
N LEU C 219 -19.02 9.54 43.82
CA LEU C 219 -18.51 9.82 42.50
C LEU C 219 -18.61 8.60 41.61
N ARG C 220 -18.18 7.46 42.13
CA ARG C 220 -17.87 6.33 41.28
C ARG C 220 -19.06 5.92 40.44
N ILE C 221 -20.21 5.70 41.08
CA ILE C 221 -21.36 5.28 40.28
C ILE C 221 -21.64 6.31 39.22
N HIS C 222 -21.56 7.59 39.57
CA HIS C 222 -21.93 8.61 38.62
C HIS C 222 -21.01 8.57 37.41
N SER C 223 -19.90 7.85 37.53
CA SER C 223 -19.13 7.55 36.34
C SER C 223 -19.75 6.39 35.57
N ILE C 224 -20.06 5.31 36.26
CA ILE C 224 -20.72 4.19 35.59
C ILE C 224 -21.98 4.68 34.92
N GLN C 225 -22.87 5.25 35.71
CA GLN C 225 -24.15 5.69 35.22
C GLN C 225 -23.99 6.54 33.97
N ALA C 226 -22.94 7.33 33.90
CA ALA C 226 -22.61 7.95 32.64
C ALA C 226 -22.34 6.90 31.59
N GLU C 227 -21.25 6.15 31.75
CA GLU C 227 -20.82 5.20 30.72
C GLU C 227 -21.99 4.37 30.23
N LEU C 228 -22.88 4.02 31.14
CA LEU C 228 -24.10 3.34 30.72
C LEU C 228 -24.95 4.23 29.82
N ARG C 229 -25.32 5.41 30.32
CA ARG C 229 -26.34 6.22 29.65
C ARG C 229 -26.05 6.34 28.18
N ARG C 230 -24.82 6.71 27.83
CA ARG C 230 -24.49 6.79 26.42
C ARG C 230 -24.78 5.47 25.73
N LEU C 231 -24.14 4.42 26.20
CA LEU C 231 -24.19 3.14 25.50
C LEU C 231 -25.61 2.72 25.23
N LEU C 232 -26.48 2.84 26.22
CA LEU C 232 -27.83 2.36 26.06
C LEU C 232 -28.52 3.02 24.88
N LYS C 233 -28.83 4.31 25.00
CA LYS C 233 -29.57 4.96 23.95
C LYS C 233 -28.77 5.06 22.66
N SER C 234 -27.48 4.81 22.72
CA SER C 234 -26.64 4.99 21.55
C SER C 234 -27.11 4.14 20.39
N LYS C 235 -26.87 2.86 20.48
CA LYS C 235 -26.86 2.01 19.32
C LYS C 235 -28.18 1.29 19.19
N PRO C 236 -28.35 0.42 18.21
CA PRO C 236 -29.27 -0.69 18.38
C PRO C 236 -28.99 -1.27 19.75
N TYR C 237 -30.02 -1.76 20.44
CA TYR C 237 -30.36 -1.36 21.80
C TYR C 237 -31.06 -0.01 21.85
N GLU C 238 -31.72 0.41 20.77
CA GLU C 238 -32.40 1.69 20.85
C GLU C 238 -33.69 1.53 21.64
N ASN C 239 -34.37 0.42 21.46
CA ASN C 239 -35.58 0.13 22.22
C ASN C 239 -35.29 -1.04 23.12
N CYS C 240 -35.13 -0.78 24.41
CA CYS C 240 -35.01 -1.83 25.38
C CYS C 240 -35.90 -1.42 26.52
N LEU C 241 -36.16 -2.34 27.44
CA LEU C 241 -36.72 -1.93 28.71
C LEU C 241 -36.00 -2.63 29.82
N LEU C 242 -35.54 -1.86 30.78
CA LEU C 242 -35.25 -2.41 32.06
C LEU C 242 -36.55 -2.88 32.68
N VAL C 243 -36.44 -3.72 33.68
CA VAL C 243 -37.57 -3.96 34.56
C VAL C 243 -37.02 -3.94 35.97
N LEU C 244 -37.75 -3.37 36.88
CA LEU C 244 -37.32 -3.28 38.26
C LEU C 244 -38.37 -3.97 39.11
N LEU C 245 -37.96 -4.97 39.84
CA LEU C 245 -38.90 -5.65 40.70
C LEU C 245 -38.64 -5.23 42.13
N ASN C 246 -39.70 -4.87 42.83
CA ASN C 246 -39.63 -4.54 44.24
C ASN C 246 -38.72 -3.35 44.48
N VAL C 247 -38.99 -2.26 43.77
CA VAL C 247 -38.22 -1.05 44.04
C VAL C 247 -38.38 -0.71 45.50
N GLN C 248 -37.28 -0.71 46.24
CA GLN C 248 -37.33 -0.45 47.68
C GLN C 248 -36.86 0.92 48.18
N ASN C 249 -36.12 1.64 47.36
CA ASN C 249 -35.63 2.95 47.75
C ASN C 249 -36.21 4.02 46.84
N ALA C 250 -36.78 5.06 47.43
CA ALA C 250 -37.33 6.06 46.63
C ALA C 250 -36.38 6.73 45.91
N ALA C 252 -33.14 5.14 44.92
CA ALA C 252 -32.83 4.08 44.09
C ALA C 252 -33.23 4.54 42.77
N TRP C 253 -34.63 4.41 42.68
CA TRP C 253 -35.05 4.87 41.37
C TRP C 253 -33.94 5.66 40.69
N ASN C 254 -33.60 6.82 41.25
CA ASN C 254 -32.77 7.78 40.56
C ASN C 254 -31.43 7.21 40.16
N ALA C 255 -31.10 6.05 40.70
CA ALA C 255 -30.02 5.30 40.11
C ALA C 255 -30.22 5.20 38.62
N PHE C 256 -31.31 4.59 38.22
CA PHE C 256 -31.45 4.05 36.87
C PHE C 256 -32.08 5.01 35.88
N ASN C 257 -32.36 6.25 36.30
CA ASN C 257 -33.15 7.19 35.52
C ASN C 257 -32.77 7.23 34.05
N LEU C 258 -31.48 7.09 33.80
CA LEU C 258 -30.88 7.37 32.49
C LEU C 258 -31.60 6.71 31.33
N SER C 259 -32.28 5.60 31.59
CA SER C 259 -32.64 4.68 30.53
C SER C 259 -33.86 5.16 29.78
N CYS C 260 -34.43 4.21 29.07
CA CYS C 260 -35.74 4.35 28.46
C CYS C 260 -36.64 3.23 28.91
N LYS C 261 -37.94 3.44 28.73
CA LYS C 261 -38.93 2.38 28.71
C LYS C 261 -38.95 1.56 29.99
N ILE C 262 -38.50 2.08 31.11
CA ILE C 262 -38.38 1.20 32.25
C ILE C 262 -39.77 0.89 32.81
N LEU C 263 -39.80 0.07 33.84
CA LEU C 263 -41.04 -0.46 34.38
C LEU C 263 -40.83 -0.76 35.85
N LEU C 264 -41.87 -0.61 36.65
CA LEU C 264 -41.69 -0.72 38.09
C LEU C 264 -42.66 -1.69 38.71
N THR C 265 -42.35 -2.05 39.95
CA THR C 265 -43.27 -2.73 40.83
C THR C 265 -42.99 -2.18 42.21
N THR C 266 -43.94 -1.86 42.92
CA THR C 266 -43.66 -1.29 44.22
C THR C 266 -44.77 -1.57 45.21
N ARG C 267 -44.37 -1.93 46.43
CA ARG C 267 -45.27 -1.93 47.55
C ARG C 267 -45.53 -0.51 48.01
N PHE C 268 -44.47 0.23 48.29
CA PHE C 268 -44.56 1.41 49.14
C PHE C 268 -45.34 2.52 48.47
N LYS C 269 -46.26 3.10 49.25
CA LYS C 269 -47.02 4.27 48.83
C LYS C 269 -46.11 5.38 48.36
N GLN C 270 -45.01 5.61 49.07
CA GLN C 270 -44.21 6.80 48.79
C GLN C 270 -43.62 6.78 47.40
N VAL C 271 -43.47 5.61 46.80
CA VAL C 271 -43.05 5.59 45.40
C VAL C 271 -44.19 6.03 44.50
N THR C 272 -45.27 5.26 44.47
CA THR C 272 -46.37 5.59 43.56
C THR C 272 -46.86 7.00 43.76
N ASP C 273 -46.58 7.60 44.91
CA ASP C 273 -46.86 9.03 45.07
C ASP C 273 -45.78 9.88 44.45
N PHE C 274 -44.52 9.47 44.59
CA PHE C 274 -43.39 10.25 44.11
C PHE C 274 -43.46 10.48 42.61
N LEU C 275 -43.84 9.45 41.87
CA LEU C 275 -44.13 9.62 40.45
C LEU C 275 -45.44 10.34 40.26
N SER C 276 -45.67 10.86 39.07
CA SER C 276 -46.87 11.62 38.77
C SER C 276 -47.38 11.29 37.38
N ALA C 277 -48.70 11.33 37.21
CA ALA C 277 -49.31 10.84 35.99
C ALA C 277 -48.83 11.60 34.77
N ALA C 278 -48.17 12.74 34.98
CA ALA C 278 -47.67 13.49 33.84
C ALA C 278 -46.76 12.64 32.97
N THR C 279 -45.70 12.09 33.55
CA THR C 279 -44.75 11.35 32.73
C THR C 279 -44.97 9.85 32.81
N THR C 280 -45.89 9.39 33.66
CA THR C 280 -46.07 7.95 33.84
C THR C 280 -47.56 7.63 33.86
N THR C 281 -47.85 6.35 33.75
CA THR C 281 -49.18 5.83 33.98
C THR C 281 -49.20 5.07 35.30
N HIS C 282 -50.34 4.47 35.62
CA HIS C 282 -50.44 3.58 36.76
C HIS C 282 -51.10 2.28 36.32
N ILE C 283 -50.81 1.22 37.04
CA ILE C 283 -51.68 0.05 37.14
C ILE C 283 -51.77 -0.30 38.61
N SER C 284 -52.97 -0.18 39.16
CA SER C 284 -53.14 -0.56 40.55
C SER C 284 -53.72 -1.96 40.57
N LEU C 285 -53.24 -2.79 41.49
CA LEU C 285 -53.88 -4.09 41.63
C LEU C 285 -54.88 -4.15 42.78
N ASP C 286 -55.05 -3.08 43.54
CA ASP C 286 -56.06 -3.07 44.59
C ASP C 286 -57.44 -2.76 44.04
N HIS C 287 -57.47 -1.96 42.98
CA HIS C 287 -58.72 -1.50 42.38
C HIS C 287 -59.58 -2.73 42.09
N HIS C 288 -60.78 -2.73 42.63
CA HIS C 288 -61.52 -3.98 42.80
C HIS C 288 -61.78 -4.67 41.47
N SER C 289 -61.86 -3.89 40.40
CA SER C 289 -62.13 -4.49 39.09
C SER C 289 -60.93 -5.29 38.61
N MET C 290 -59.75 -5.01 39.15
CA MET C 290 -58.54 -5.62 38.62
C MET C 290 -58.30 -7.00 39.21
N THR C 291 -58.94 -7.32 40.33
CA THR C 291 -58.44 -8.40 41.17
C THR C 291 -59.21 -9.71 41.24
N LEU C 292 -58.66 -10.87 40.68
CA LEU C 292 -59.04 -12.25 40.98
C LEU C 292 -60.56 -12.40 41.06
N THR C 293 -61.15 -12.38 39.87
CA THR C 293 -62.52 -12.85 39.71
C THR C 293 -62.67 -14.18 40.41
N PRO C 294 -63.65 -14.34 41.28
CA PRO C 294 -63.75 -15.59 42.05
C PRO C 294 -63.71 -16.82 41.17
N ASP C 295 -64.08 -16.68 39.91
CA ASP C 295 -63.89 -17.77 38.97
C ASP C 295 -62.42 -18.11 38.82
N GLU C 296 -61.55 -17.10 38.91
CA GLU C 296 -60.12 -17.39 38.77
C GLU C 296 -59.64 -18.25 39.92
N VAL C 297 -59.98 -17.88 41.15
CA VAL C 297 -59.50 -18.59 42.32
C VAL C 297 -59.69 -20.08 42.14
N LYS C 298 -60.82 -20.46 41.56
CA LYS C 298 -61.02 -21.85 41.20
C LYS C 298 -59.84 -22.39 40.43
N SER C 299 -59.48 -21.74 39.33
CA SER C 299 -58.43 -22.29 38.49
C SER C 299 -57.10 -22.32 39.24
N LEU C 300 -56.72 -21.22 39.86
CA LEU C 300 -55.47 -21.23 40.63
C LEU C 300 -55.51 -22.28 41.72
N LEU C 301 -56.51 -22.19 42.60
CA LEU C 301 -56.55 -23.12 43.72
C LEU C 301 -56.67 -24.55 43.22
N LEU C 302 -56.97 -24.72 41.93
CA LEU C 302 -57.02 -26.06 41.38
C LEU C 302 -55.64 -26.65 41.25
N LYS C 303 -54.74 -25.95 40.57
CA LYS C 303 -53.52 -26.57 40.07
C LYS C 303 -52.66 -27.12 41.20
N TYR C 304 -52.86 -26.63 42.42
CA TYR C 304 -52.11 -27.21 43.53
C TYR C 304 -52.77 -28.49 44.02
N LEU C 305 -54.08 -28.48 44.21
CA LEU C 305 -54.71 -29.63 44.83
C LEU C 305 -54.92 -30.80 43.90
N ASP C 306 -55.02 -30.55 42.59
CA ASP C 306 -55.13 -31.62 41.61
C ASP C 306 -56.35 -32.49 41.88
N CYS C 307 -57.51 -31.86 41.97
CA CYS C 307 -58.74 -32.57 42.27
C CYS C 307 -59.91 -31.87 41.59
N ARG C 308 -60.95 -32.62 41.38
CA ARG C 308 -62.11 -32.18 40.61
C ARG C 308 -62.71 -30.92 41.22
N PRO C 309 -63.47 -30.15 40.43
CA PRO C 309 -64.10 -28.94 40.96
C PRO C 309 -65.07 -29.21 42.10
N GLN C 310 -65.52 -30.45 42.27
CA GLN C 310 -66.26 -30.80 43.46
C GLN C 310 -65.40 -30.64 44.71
N ASP C 311 -64.08 -30.72 44.56
CA ASP C 311 -63.15 -30.66 45.67
C ASP C 311 -62.66 -29.24 45.94
N LEU C 312 -63.28 -28.26 45.28
CA LEU C 312 -62.94 -26.85 45.45
C LEU C 312 -63.46 -26.30 46.78
N PRO C 313 -62.68 -25.31 47.37
CA PRO C 313 -63.21 -24.79 48.65
C PRO C 313 -64.49 -23.97 48.53
N ARG C 314 -65.33 -24.02 49.56
CA ARG C 314 -66.59 -23.27 49.58
C ARG C 314 -66.62 -22.28 50.75
N GLU C 315 -67.02 -21.04 50.48
CA GLU C 315 -67.07 -20.01 51.53
C GLU C 315 -66.22 -18.78 51.19
N VAL C 316 -65.44 -18.88 50.12
CA VAL C 316 -64.56 -17.80 49.63
C VAL C 316 -63.51 -17.29 50.62
N LEU C 317 -62.29 -17.79 50.44
CA LEU C 317 -61.12 -17.46 51.25
C LEU C 317 -60.46 -16.07 51.22
N THR C 318 -60.36 -15.44 50.04
CA THR C 318 -59.62 -14.19 49.91
C THR C 318 -59.23 -14.06 48.46
N THR C 319 -58.89 -12.87 47.91
CA THR C 319 -58.12 -12.75 46.69
C THR C 319 -56.84 -12.05 47.08
N ASN C 320 -55.78 -12.83 47.23
CA ASN C 320 -54.45 -12.37 47.07
C ASN C 320 -53.87 -13.66 46.54
N PRO C 321 -53.01 -13.62 45.55
CA PRO C 321 -52.31 -14.85 45.22
C PRO C 321 -51.41 -15.30 46.34
N ARG C 322 -50.61 -14.38 46.88
CA ARG C 322 -49.93 -14.73 48.10
C ARG C 322 -50.96 -14.99 49.17
N ARG C 323 -50.60 -15.87 50.10
CA ARG C 323 -51.48 -16.36 51.15
C ARG C 323 -52.57 -17.23 50.54
N LEU C 324 -52.78 -17.11 49.25
CA LEU C 324 -53.63 -18.14 48.70
C LEU C 324 -52.81 -19.38 48.43
N SER C 325 -51.61 -19.20 47.89
CA SER C 325 -50.74 -20.34 47.68
C SER C 325 -50.48 -21.07 48.97
N ILE C 326 -50.03 -20.35 50.00
CA ILE C 326 -49.66 -21.02 51.24
C ILE C 326 -50.76 -21.96 51.68
N ILE C 327 -52.01 -21.52 51.63
CA ILE C 327 -53.12 -22.44 51.83
C ILE C 327 -53.00 -23.58 50.84
N ALA C 328 -53.10 -23.26 49.56
CA ALA C 328 -53.12 -24.30 48.52
C ALA C 328 -51.94 -25.23 48.69
N GLU C 329 -50.80 -24.70 49.12
CA GLU C 329 -49.65 -25.56 49.27
C GLU C 329 -49.75 -26.38 50.55
N SER C 330 -50.12 -25.73 51.65
CA SER C 330 -50.18 -26.44 52.91
C SER C 330 -51.08 -27.66 52.82
N ILE C 331 -52.07 -27.63 51.93
CA ILE C 331 -52.95 -28.77 51.84
C ILE C 331 -52.36 -29.88 50.99
N ARG C 332 -51.74 -29.53 49.87
CA ARG C 332 -51.15 -30.58 49.04
C ARG C 332 -50.11 -31.35 49.81
N ASP C 333 -49.62 -30.81 50.92
CA ASP C 333 -48.61 -31.50 51.67
C ASP C 333 -48.94 -31.60 53.15
N GLY C 334 -48.90 -30.47 53.84
CA GLY C 334 -48.84 -30.46 55.28
C GLY C 334 -50.21 -30.61 55.88
N LEU C 335 -50.39 -29.98 57.03
CA LEU C 335 -51.63 -30.08 57.76
C LEU C 335 -52.68 -29.15 57.16
N ALA C 336 -53.74 -28.94 57.94
CA ALA C 336 -54.90 -28.06 57.75
C ALA C 336 -56.05 -28.74 57.02
N THR C 337 -55.88 -29.96 56.50
CA THR C 337 -57.01 -30.79 56.10
C THR C 337 -57.80 -30.14 54.97
N TRP C 338 -57.45 -28.90 54.67
CA TRP C 338 -58.20 -27.97 53.86
C TRP C 338 -59.46 -27.55 54.58
N ASP C 339 -59.87 -28.32 55.58
CA ASP C 339 -60.99 -27.95 56.41
C ASP C 339 -60.58 -27.43 57.79
N ASN C 340 -59.29 -27.46 58.12
CA ASN C 340 -58.87 -27.18 59.49
C ASN C 340 -58.58 -25.71 59.73
N TRP C 341 -57.69 -25.24 58.85
CA TRP C 341 -56.95 -24.00 58.84
C TRP C 341 -57.38 -22.80 59.64
N LYS C 342 -56.63 -22.69 60.73
CA LYS C 342 -56.62 -21.62 61.70
C LYS C 342 -55.12 -21.30 61.71
N HIS C 343 -54.32 -22.35 61.84
CA HIS C 343 -52.87 -22.26 61.86
C HIS C 343 -52.28 -21.75 60.54
N VAL C 344 -52.78 -22.25 59.40
CA VAL C 344 -52.24 -21.73 58.14
C VAL C 344 -50.74 -21.50 58.26
N ASN C 345 -49.97 -22.58 58.40
CA ASN C 345 -48.55 -22.64 58.06
C ASN C 345 -47.84 -21.36 58.48
N CYS C 346 -48.06 -20.99 59.74
CA CYS C 346 -47.71 -19.64 60.19
C CYS C 346 -46.33 -19.23 59.71
N ASP C 347 -45.38 -20.17 59.73
CA ASP C 347 -43.97 -19.85 59.46
C ASP C 347 -43.81 -19.05 58.17
N LYS C 348 -44.10 -19.67 57.02
CA LYS C 348 -43.97 -18.95 55.76
C LYS C 348 -44.79 -17.67 55.78
N LEU C 349 -46.06 -17.80 56.11
CA LEU C 349 -46.89 -16.63 56.29
C LEU C 349 -46.21 -15.63 57.21
N THR C 350 -45.72 -16.09 58.35
CA THR C 350 -44.94 -15.20 59.20
C THR C 350 -43.68 -14.73 58.50
N THR C 351 -42.82 -15.66 58.09
CA THR C 351 -41.49 -15.28 57.63
C THR C 351 -41.57 -14.26 56.51
N ILE C 352 -42.65 -14.32 55.72
CA ILE C 352 -42.86 -13.29 54.71
C ILE C 352 -43.38 -12.01 55.36
N ILE C 353 -44.41 -12.12 56.18
CA ILE C 353 -44.98 -10.91 56.76
C ILE C 353 -44.01 -10.30 57.74
N GLU C 354 -43.22 -11.12 58.42
CA GLU C 354 -42.35 -10.59 59.47
C GLU C 354 -41.33 -9.64 58.90
N SER C 355 -40.46 -10.14 58.02
CA SER C 355 -39.46 -9.26 57.43
C SER C 355 -40.11 -8.09 56.74
N SER C 356 -41.32 -8.29 56.20
CA SER C 356 -42.02 -7.24 55.50
C SER C 356 -42.27 -6.05 56.41
N LEU C 357 -42.22 -6.26 57.72
CA LEU C 357 -42.38 -5.15 58.63
C LEU C 357 -41.06 -4.61 59.10
N ASN C 358 -39.95 -5.21 58.67
CA ASN C 358 -38.65 -4.88 59.23
C ASN C 358 -38.24 -3.45 58.99
N VAL C 359 -39.00 -2.70 58.21
CA VAL C 359 -38.57 -1.37 57.81
C VAL C 359 -38.63 -0.38 58.96
N LEU C 360 -39.57 -0.57 59.88
CA LEU C 360 -39.97 0.48 60.79
C LEU C 360 -38.97 0.67 61.94
N GLU C 361 -39.08 1.84 62.61
CA GLU C 361 -38.34 2.16 63.83
C GLU C 361 -38.90 1.35 64.99
N PRO C 362 -38.13 0.43 65.56
CA PRO C 362 -38.75 -0.63 66.37
C PRO C 362 -39.48 -0.13 67.61
N ALA C 363 -38.84 0.68 68.43
CA ALA C 363 -39.51 1.16 69.63
C ALA C 363 -40.43 2.30 69.30
N GLU C 364 -39.96 3.22 68.45
CA GLU C 364 -40.77 4.28 67.91
C GLU C 364 -42.05 3.76 67.29
N TYR C 365 -42.00 2.62 66.60
CA TYR C 365 -43.15 2.18 65.82
C TYR C 365 -43.53 0.73 66.08
N ARG C 366 -42.65 -0.23 65.84
CA ARG C 366 -43.09 -1.62 65.91
C ARG C 366 -43.78 -1.94 67.23
N LYS C 367 -43.50 -1.19 68.29
CA LYS C 367 -44.36 -1.24 69.46
C LYS C 367 -45.81 -1.00 69.10
N MET C 368 -46.05 -0.19 68.06
CA MET C 368 -47.37 0.39 67.88
C MET C 368 -48.35 -0.54 67.20
N PHE C 369 -47.91 -1.31 66.20
CA PHE C 369 -48.77 -2.38 65.70
C PHE C 369 -49.29 -3.23 66.83
N ASP C 370 -48.40 -3.65 67.72
CA ASP C 370 -48.77 -4.50 68.83
C ASP C 370 -50.02 -3.98 69.51
N ARG C 371 -50.13 -2.66 69.61
CA ARG C 371 -51.36 -2.07 70.07
C ARG C 371 -52.52 -2.41 69.16
N LEU C 372 -52.33 -2.29 67.85
CA LEU C 372 -53.46 -2.37 66.94
C LEU C 372 -54.22 -3.69 67.05
N SER C 373 -53.63 -4.71 67.66
CA SER C 373 -54.36 -5.96 67.83
C SER C 373 -55.60 -5.78 68.68
N VAL C 374 -55.70 -4.65 69.38
CA VAL C 374 -56.88 -4.33 70.17
C VAL C 374 -58.15 -4.44 69.33
N PHE C 375 -58.05 -4.20 68.08
CA PHE C 375 -59.26 -3.88 67.33
C PHE C 375 -59.88 -5.13 66.72
N PRO C 376 -61.21 -5.23 66.75
CA PRO C 376 -61.90 -6.27 66.03
C PRO C 376 -61.73 -6.11 64.53
N PRO C 377 -61.48 -7.19 63.81
CA PRO C 377 -61.04 -7.07 62.41
C PRO C 377 -62.05 -6.36 61.52
N SER C 378 -61.54 -5.86 60.38
CA SER C 378 -62.27 -5.35 59.23
C SER C 378 -63.00 -4.02 59.46
N ALA C 379 -63.03 -3.50 60.68
CA ALA C 379 -63.84 -2.32 60.96
C ALA C 379 -63.09 -1.04 60.57
N HIS C 380 -63.63 0.09 61.00
CA HIS C 380 -62.93 1.36 60.95
C HIS C 380 -62.64 1.80 62.38
N ILE C 381 -61.56 2.53 62.56
CA ILE C 381 -61.17 3.03 63.86
C ILE C 381 -61.11 4.54 63.84
N PRO C 382 -61.88 5.23 64.65
CA PRO C 382 -61.76 6.69 64.74
C PRO C 382 -60.36 7.09 65.17
N THR C 383 -59.75 7.99 64.40
CA THR C 383 -58.43 8.50 64.78
C THR C 383 -58.44 9.13 66.16
N ILE C 384 -59.46 9.93 66.47
CA ILE C 384 -59.57 10.49 67.81
C ILE C 384 -59.47 9.39 68.84
N LEU C 385 -60.19 8.29 68.64
CA LEU C 385 -60.09 7.16 69.54
C LEU C 385 -58.66 6.64 69.61
N LEU C 386 -57.99 6.61 68.46
CA LEU C 386 -56.63 6.10 68.40
C LEU C 386 -55.70 6.81 69.38
N SER C 387 -56.05 8.04 69.75
CA SER C 387 -55.18 8.84 70.60
C SER C 387 -54.91 8.14 71.93
N LEU C 388 -55.88 7.37 72.42
CA LEU C 388 -55.75 6.78 73.74
C LEU C 388 -54.66 5.72 73.78
N ILE C 389 -54.66 4.82 72.81
CA ILE C 389 -53.92 3.58 72.87
C ILE C 389 -52.47 3.78 73.28
N TRP C 390 -51.70 4.49 72.46
CA TRP C 390 -50.28 4.52 72.74
C TRP C 390 -49.96 5.38 73.93
N PHE C 391 -50.06 6.70 73.75
CA PHE C 391 -49.73 7.64 74.78
C PHE C 391 -48.27 7.48 75.23
N ASP C 392 -47.46 6.80 74.41
CA ASP C 392 -46.01 6.81 74.59
C ASP C 392 -45.38 8.03 73.94
N VAL C 393 -45.84 8.38 72.74
CA VAL C 393 -45.58 9.67 72.13
C VAL C 393 -46.93 10.36 71.99
N ILE C 394 -46.90 11.70 72.00
CA ILE C 394 -48.03 12.48 72.48
C ILE C 394 -48.56 13.42 71.39
N LYS C 395 -49.80 13.85 71.61
CA LYS C 395 -50.47 14.99 70.94
C LYS C 395 -50.62 14.72 69.44
N SER C 396 -50.31 15.69 68.59
CA SER C 396 -50.55 15.58 67.15
C SER C 396 -49.83 14.41 66.52
N ASP C 397 -48.86 13.83 67.22
CA ASP C 397 -48.09 12.75 66.67
C ASP C 397 -48.98 11.65 66.11
N VAL C 398 -50.19 11.53 66.65
CA VAL C 398 -51.16 10.59 66.09
C VAL C 398 -51.24 10.73 64.58
N MET C 399 -51.73 11.86 64.10
CA MET C 399 -51.77 12.06 62.65
C MET C 399 -50.39 11.97 62.05
N VAL C 400 -49.37 12.39 62.79
CA VAL C 400 -48.00 12.21 62.31
C VAL C 400 -47.70 10.74 62.17
N VAL C 401 -48.05 9.96 63.20
CA VAL C 401 -47.80 8.52 63.12
C VAL C 401 -48.46 7.93 61.90
N VAL C 402 -49.80 7.96 61.85
CA VAL C 402 -50.51 7.27 60.78
C VAL C 402 -49.88 7.61 59.44
N ASN C 403 -49.64 8.89 59.20
CA ASN C 403 -48.92 9.27 57.99
C ASN C 403 -47.60 8.54 57.92
N LYS C 404 -46.71 8.79 58.88
CA LYS C 404 -45.42 8.11 58.90
C LYS C 404 -45.61 6.62 58.74
N LEU C 405 -46.69 6.11 59.31
CA LEU C 405 -47.02 4.72 59.08
C LEU C 405 -47.60 4.53 57.69
N HIS C 406 -48.61 5.32 57.33
CA HIS C 406 -49.35 5.12 56.10
C HIS C 406 -48.47 5.02 54.89
N LYS C 407 -47.38 5.79 54.85
CA LYS C 407 -46.55 5.79 53.65
C LYS C 407 -46.08 4.39 53.31
N TYR C 408 -45.87 3.56 54.32
CA TYR C 408 -45.62 2.16 54.05
C TYR C 408 -46.94 1.49 53.73
N SER C 409 -46.93 0.62 52.71
CA SER C 409 -48.14 0.35 51.97
C SER C 409 -49.25 -0.13 52.89
N LEU C 410 -50.32 0.65 52.94
CA LEU C 410 -51.54 0.35 53.68
C LEU C 410 -51.25 -0.30 55.02
N VAL C 411 -50.07 -0.03 55.58
CA VAL C 411 -49.83 -0.61 56.89
C VAL C 411 -50.73 0.10 57.87
N GLU C 412 -51.12 1.33 57.58
CA GLU C 412 -52.30 1.90 58.21
C GLU C 412 -53.58 1.64 57.41
N LYS C 413 -53.55 1.80 56.08
CA LYS C 413 -54.74 1.75 55.22
C LYS C 413 -55.74 2.88 55.52
N GLN C 414 -55.41 4.06 55.01
CA GLN C 414 -56.26 5.26 55.15
C GLN C 414 -57.63 5.06 54.50
N PRO C 415 -58.57 5.64 55.47
CA PRO C 415 -59.91 5.91 54.93
C PRO C 415 -60.07 7.41 54.63
N LYS C 416 -59.34 8.22 55.40
CA LYS C 416 -59.33 9.67 55.31
C LYS C 416 -60.64 10.38 55.72
N GLU C 417 -61.46 9.75 56.55
CA GLU C 417 -62.46 10.50 57.29
C GLU C 417 -62.44 10.18 58.79
N SER C 418 -61.94 11.14 59.57
CA SER C 418 -61.97 11.12 61.03
C SER C 418 -61.61 9.77 61.67
N THR C 419 -60.78 8.99 60.99
CA THR C 419 -60.52 7.60 61.36
C THR C 419 -59.25 7.01 60.75
N ILE C 420 -58.98 5.76 61.07
CA ILE C 420 -57.99 4.94 60.39
C ILE C 420 -58.67 3.62 60.06
N SER C 421 -58.12 2.87 59.11
CA SER C 421 -58.72 1.60 58.72
C SER C 421 -57.74 0.44 58.89
N ILE C 422 -58.26 -0.76 59.11
CA ILE C 422 -57.35 -1.88 59.34
C ILE C 422 -56.36 -1.96 58.20
N PRO C 423 -55.05 -2.24 58.57
CA PRO C 423 -54.10 -2.29 57.44
C PRO C 423 -54.55 -3.36 56.48
N SER C 424 -54.99 -4.50 57.02
CA SER C 424 -55.48 -5.56 56.16
C SER C 424 -55.67 -6.75 57.06
N ILE C 425 -56.04 -7.88 56.45
CA ILE C 425 -55.99 -9.13 57.18
C ILE C 425 -54.55 -9.46 57.55
N TYR C 426 -53.63 -9.32 56.60
CA TYR C 426 -52.26 -9.76 56.79
C TYR C 426 -51.60 -9.15 58.00
N LEU C 427 -51.30 -7.88 57.91
CA LEU C 427 -50.55 -7.24 58.97
C LEU C 427 -51.28 -7.38 60.29
N GLU C 428 -52.56 -7.76 60.23
CA GLU C 428 -53.27 -8.28 61.40
C GLU C 428 -53.00 -9.75 61.63
N LEU C 429 -53.32 -10.40 60.54
CA LEU C 429 -53.40 -11.83 60.70
C LEU C 429 -52.21 -12.44 61.43
N LYS C 430 -51.09 -11.73 61.53
CA LYS C 430 -49.83 -12.38 61.87
C LYS C 430 -49.90 -13.23 63.13
N VAL C 431 -49.86 -12.62 64.31
CA VAL C 431 -49.88 -13.38 65.56
C VAL C 431 -50.49 -12.60 66.70
N LYS C 432 -51.29 -13.29 67.52
CA LYS C 432 -51.04 -13.34 68.95
C LYS C 432 -50.58 -12.01 69.55
N LEU C 433 -51.53 -11.11 69.81
CA LEU C 433 -51.30 -9.73 70.24
C LEU C 433 -50.20 -9.57 71.28
N GLU C 434 -50.07 -10.51 72.22
CA GLU C 434 -49.12 -10.37 73.32
C GLU C 434 -49.37 -9.07 74.07
N ASN C 435 -48.40 -8.16 74.00
CA ASN C 435 -48.54 -6.79 74.46
C ASN C 435 -48.68 -6.74 75.97
N GLU C 436 -48.81 -7.91 76.59
CA GLU C 436 -48.66 -8.09 78.03
C GLU C 436 -49.66 -7.22 78.77
N TYR C 437 -49.20 -6.23 79.56
CA TYR C 437 -50.07 -5.46 80.45
C TYR C 437 -51.28 -4.88 79.73
N ALA C 438 -51.18 -4.66 78.41
CA ALA C 438 -52.06 -3.75 77.71
C ALA C 438 -53.53 -4.00 78.02
N LEU C 439 -53.97 -5.26 77.95
CA LEU C 439 -55.36 -5.59 77.68
C LEU C 439 -56.36 -4.78 78.48
N HIS C 440 -56.53 -5.09 79.77
CA HIS C 440 -57.60 -4.47 80.56
C HIS C 440 -57.62 -2.95 80.41
N ARG C 441 -56.61 -2.27 80.95
CA ARG C 441 -56.57 -0.81 80.90
C ARG C 441 -56.76 -0.29 79.49
N SER C 442 -56.11 -0.91 78.51
CA SER C 442 -56.25 -0.45 77.14
C SER C 442 -57.64 -0.74 76.60
N ILE C 443 -58.15 -2.03 76.82
CA ILE C 443 -59.55 -2.30 76.49
C ILE C 443 -60.49 -1.56 77.44
N VAL C 444 -60.27 -1.68 78.74
CA VAL C 444 -61.07 -0.99 79.73
C VAL C 444 -61.07 0.53 79.51
N ASP C 445 -59.91 1.19 79.63
CA ASP C 445 -59.90 2.65 79.62
C ASP C 445 -60.42 3.21 78.29
N HIS C 446 -60.28 2.43 77.21
CA HIS C 446 -60.82 2.89 75.93
C HIS C 446 -62.34 2.88 75.94
N TYR C 447 -62.94 2.38 77.02
CA TYR C 447 -64.37 2.57 77.24
C TYR C 447 -64.64 4.03 77.61
N ASN C 448 -63.59 4.84 77.65
CA ASN C 448 -63.64 6.17 78.26
C ASN C 448 -64.91 6.95 77.92
N ILE C 449 -65.36 6.87 76.67
CA ILE C 449 -66.44 7.75 76.21
C ILE C 449 -67.80 7.64 76.95
N PRO C 450 -68.49 6.49 76.88
CA PRO C 450 -69.93 6.51 77.23
C PRO C 450 -70.29 6.92 78.65
N LYS C 451 -69.68 6.31 79.67
CA LYS C 451 -70.27 6.35 81.01
C LYS C 451 -70.58 7.77 81.48
N THR C 452 -69.89 8.64 80.79
CA THR C 452 -70.19 10.06 80.95
C THR C 452 -71.66 10.32 80.65
N PHE C 453 -72.06 10.12 79.39
CA PHE C 453 -73.46 10.21 79.03
C PHE C 453 -74.21 8.99 79.52
N ASP C 454 -75.26 9.18 80.31
CA ASP C 454 -76.07 8.04 80.70
C ASP C 454 -77.52 8.23 80.24
N SER C 455 -78.26 9.10 80.91
CA SER C 455 -79.68 9.29 80.64
C SER C 455 -79.99 10.77 80.54
N ASP C 456 -80.66 11.16 79.45
CA ASP C 456 -81.04 12.54 79.19
C ASP C 456 -82.09 12.58 78.08
N ASP C 457 -82.41 13.80 77.66
CA ASP C 457 -83.39 14.04 76.62
C ASP C 457 -82.83 13.72 75.25
N LEU C 458 -83.73 13.46 74.30
CA LEU C 458 -83.45 13.53 72.87
C LEU C 458 -82.38 12.54 72.44
N ILE C 459 -81.45 12.98 71.59
CA ILE C 459 -80.48 12.11 70.93
C ILE C 459 -79.07 12.42 71.43
N PRO C 460 -78.44 11.43 72.04
CA PRO C 460 -77.14 11.59 72.70
C PRO C 460 -75.90 11.81 71.84
N PRO C 461 -74.88 12.52 72.47
CA PRO C 461 -73.68 12.68 71.64
C PRO C 461 -72.91 11.39 71.86
N TYR C 462 -73.09 10.50 70.91
CA TYR C 462 -72.51 9.16 70.89
C TYR C 462 -71.77 8.96 69.59
N LEU C 463 -70.69 8.19 69.62
CA LEU C 463 -69.62 8.37 68.65
C LEU C 463 -69.87 7.53 67.41
N ASP C 464 -70.24 8.20 66.34
CA ASP C 464 -70.22 7.81 64.92
C ASP C 464 -70.80 6.42 64.73
N GLN C 465 -70.24 5.66 63.80
CA GLN C 465 -70.69 4.31 63.50
C GLN C 465 -69.80 3.22 64.10
N TYR C 466 -68.70 3.58 64.77
CA TYR C 466 -67.88 2.55 65.39
C TYR C 466 -68.51 2.06 66.68
N PHE C 467 -68.92 2.96 67.55
CA PHE C 467 -69.45 2.52 68.84
C PHE C 467 -70.68 1.63 68.83
N TYR C 468 -71.58 1.88 67.90
CA TYR C 468 -72.78 1.08 67.81
C TYR C 468 -72.39 -0.38 67.55
N SER C 469 -71.26 -0.61 66.89
CA SER C 469 -70.89 -1.97 66.56
C SER C 469 -70.15 -2.64 67.70
N HIS C 470 -68.89 -2.29 67.88
CA HIS C 470 -67.97 -3.12 68.63
C HIS C 470 -67.79 -2.69 70.08
N ILE C 471 -68.49 -1.65 70.53
CA ILE C 471 -68.30 -1.18 71.89
C ILE C 471 -68.40 -2.33 72.87
N GLY C 472 -69.24 -3.32 72.56
CA GLY C 472 -69.34 -4.48 73.41
C GLY C 472 -68.08 -5.32 73.40
N HIS C 473 -67.36 -5.33 72.27
CA HIS C 473 -66.09 -6.05 72.28
C HIS C 473 -65.18 -5.51 73.35
N HIS C 474 -65.02 -4.20 73.42
CA HIS C 474 -64.24 -3.65 74.51
C HIS C 474 -64.78 -4.05 75.86
N LEU C 475 -66.07 -4.30 75.97
CA LEU C 475 -66.59 -4.84 77.21
C LEU C 475 -66.05 -6.22 77.51
N LYS C 476 -65.65 -6.96 76.48
CA LYS C 476 -65.19 -8.34 76.68
C LYS C 476 -64.11 -8.44 77.73
N ASN C 477 -63.31 -7.39 77.89
CA ASN C 477 -62.25 -7.39 78.88
C ASN C 477 -62.66 -6.75 80.20
N ILE C 478 -63.94 -6.40 80.36
CA ILE C 478 -64.34 -5.59 81.51
C ILE C 478 -65.23 -6.45 82.42
N GLU C 479 -65.59 -5.90 83.58
CA GLU C 479 -66.45 -6.59 84.52
C GLU C 479 -67.84 -6.83 83.91
N HIS C 480 -68.26 -8.08 83.94
CA HIS C 480 -69.49 -8.50 83.27
C HIS C 480 -70.70 -7.87 83.92
N PRO C 481 -70.89 -7.97 85.25
CA PRO C 481 -72.01 -7.23 85.85
C PRO C 481 -71.91 -5.76 85.54
N GLU C 482 -70.70 -5.22 85.65
CA GLU C 482 -70.50 -3.82 85.27
C GLU C 482 -70.88 -3.60 83.82
N ARG C 483 -70.72 -4.61 82.96
CA ARG C 483 -71.27 -4.41 81.63
C ARG C 483 -72.77 -4.68 81.64
N MET C 484 -73.21 -5.78 82.28
CA MET C 484 -74.63 -6.11 82.27
C MET C 484 -75.46 -4.92 82.75
N THR C 485 -74.89 -4.12 83.65
CA THR C 485 -75.40 -2.77 83.86
C THR C 485 -75.40 -1.99 82.57
N LEU C 486 -74.21 -1.68 82.05
CA LEU C 486 -74.03 -0.76 80.93
C LEU C 486 -73.92 -1.46 79.58
N PHE C 487 -74.10 -2.78 79.52
CA PHE C 487 -74.10 -3.43 78.21
C PHE C 487 -75.28 -2.97 77.40
N ARG C 488 -76.26 -2.36 78.04
CA ARG C 488 -77.37 -1.72 77.37
C ARG C 488 -78.19 -2.69 76.53
N MET C 489 -78.07 -3.99 76.84
CA MET C 489 -79.25 -4.84 76.80
C MET C 489 -80.35 -4.18 77.61
N VAL C 490 -79.97 -3.66 78.77
CA VAL C 490 -80.89 -2.95 79.64
C VAL C 490 -81.41 -1.69 78.96
N PHE C 491 -80.51 -0.90 78.38
CA PHE C 491 -80.86 0.45 77.97
C PHE C 491 -81.49 0.39 76.58
N LEU C 492 -82.75 0.82 76.50
CA LEU C 492 -83.47 0.86 75.23
C LEU C 492 -83.12 2.11 74.43
N ASP C 493 -82.69 3.18 75.13
CA ASP C 493 -82.39 4.47 74.52
C ASP C 493 -81.27 4.36 73.50
N PHE C 494 -80.04 4.14 73.97
CA PHE C 494 -78.89 3.98 73.08
C PHE C 494 -79.13 2.92 72.03
N ARG C 495 -79.73 1.80 72.43
CA ARG C 495 -79.59 0.56 71.68
C ARG C 495 -80.16 0.68 70.28
N PHE C 496 -81.37 1.21 70.14
CA PHE C 496 -82.01 1.31 68.84
C PHE C 496 -81.19 2.11 67.85
N LEU C 497 -80.37 3.04 68.35
CA LEU C 497 -79.67 3.97 67.48
C LEU C 497 -78.66 3.27 66.59
N GLU C 498 -78.34 2.01 66.88
CA GLU C 498 -77.53 1.22 65.97
C GLU C 498 -78.18 1.08 64.61
N GLN C 499 -79.29 0.33 64.53
CA GLN C 499 -80.00 0.07 63.29
C GLN C 499 -80.63 1.33 62.69
N LYS C 500 -80.56 2.44 63.40
CA LYS C 500 -80.91 3.76 62.88
C LYS C 500 -80.37 3.94 61.48
N ILE C 501 -79.05 3.93 61.33
CA ILE C 501 -78.38 4.07 60.05
C ILE C 501 -78.73 2.92 59.10
N ARG C 502 -79.13 1.78 59.66
CA ARG C 502 -79.31 0.56 58.88
C ARG C 502 -80.59 0.67 58.06
N HIS C 503 -80.44 0.45 56.76
CA HIS C 503 -81.56 0.44 55.84
C HIS C 503 -81.32 -0.64 54.80
N ASP C 504 -82.28 -0.78 53.90
CA ASP C 504 -82.10 -1.65 52.74
C ASP C 504 -82.09 -0.83 51.47
N SER C 505 -81.18 -1.17 50.57
CA SER C 505 -81.33 -0.76 49.20
C SER C 505 -82.71 -1.14 48.67
N THR C 506 -83.15 -2.37 48.91
CA THR C 506 -84.24 -2.97 48.14
C THR C 506 -85.30 -3.57 49.06
N ALA C 507 -86.52 -3.59 48.56
CA ALA C 507 -87.70 -4.21 49.16
C ALA C 507 -88.00 -3.79 50.59
N TRP C 508 -88.51 -4.73 51.37
CA TRP C 508 -88.87 -4.50 52.75
C TRP C 508 -87.89 -5.04 53.76
N ASN C 509 -86.78 -5.57 53.25
CA ASN C 509 -85.70 -6.20 54.03
C ASN C 509 -84.42 -5.40 54.29
N ALA C 510 -83.36 -6.13 54.64
CA ALA C 510 -82.04 -5.56 54.96
C ALA C 510 -80.93 -5.88 53.95
N SER C 511 -80.14 -4.84 53.64
CA SER C 511 -79.02 -4.88 52.71
C SER C 511 -79.52 -4.64 51.30
N GLY C 512 -78.84 -5.21 50.31
CA GLY C 512 -78.57 -4.47 49.10
C GLY C 512 -77.78 -3.23 49.39
N SER C 513 -77.77 -2.82 50.66
CA SER C 513 -76.99 -1.75 51.26
C SER C 513 -76.40 -2.28 52.55
N ILE C 514 -77.24 -2.44 53.58
CA ILE C 514 -76.80 -2.68 54.95
C ILE C 514 -77.76 -3.61 55.68
N LEU C 515 -77.23 -4.54 56.48
CA LEU C 515 -78.11 -5.40 57.27
C LEU C 515 -78.71 -4.62 58.43
N ASN C 516 -79.78 -5.19 58.96
CA ASN C 516 -80.50 -4.64 60.07
C ASN C 516 -80.82 -5.74 61.07
N THR C 517 -79.81 -6.17 61.83
CA THR C 517 -79.89 -7.22 62.88
C THR C 517 -78.89 -8.37 63.06
N LEU C 518 -78.89 -9.40 62.21
CA LEU C 518 -78.04 -10.55 62.55
C LEU C 518 -76.84 -10.16 63.39
N GLN C 519 -76.15 -9.10 63.00
CA GLN C 519 -75.09 -8.55 63.83
C GLN C 519 -75.64 -8.38 65.21
N GLN C 520 -76.65 -7.52 65.30
CA GLN C 520 -77.44 -7.42 66.50
C GLN C 520 -77.70 -8.81 67.03
N LEU C 521 -78.47 -9.59 66.28
CA LEU C 521 -78.76 -10.94 66.72
C LEU C 521 -77.51 -11.67 67.12
N LYS C 522 -76.47 -11.58 66.29
CA LYS C 522 -75.23 -12.28 66.56
C LYS C 522 -74.66 -11.87 67.92
N PHE C 523 -74.86 -10.62 68.32
CA PHE C 523 -74.44 -10.24 69.66
C PHE C 523 -75.17 -11.06 70.71
N TYR C 524 -76.38 -11.50 70.40
CA TYR C 524 -77.26 -11.89 71.48
C TYR C 524 -77.00 -13.30 71.97
N LYS C 525 -76.36 -14.12 71.16
CA LYS C 525 -75.93 -15.43 71.67
C LYS C 525 -74.78 -15.29 72.66
N PRO C 526 -73.65 -14.67 72.34
CA PRO C 526 -72.54 -14.66 73.30
C PRO C 526 -72.82 -13.85 74.54
N TYR C 527 -73.44 -12.68 74.40
CA TYR C 527 -73.33 -11.64 75.40
C TYR C 527 -74.31 -11.82 76.56
N ILE C 528 -75.01 -12.94 76.60
CA ILE C 528 -75.88 -13.29 77.71
C ILE C 528 -75.03 -13.85 78.85
N CYS C 529 -73.71 -13.69 78.75
CA CYS C 529 -72.76 -14.43 79.57
C CYS C 529 -73.17 -14.54 81.04
N ASP C 530 -73.48 -13.41 81.67
CA ASP C 530 -73.98 -13.40 83.05
C ASP C 530 -75.35 -12.74 83.04
N ASN C 531 -76.40 -13.53 83.25
CA ASN C 531 -77.77 -13.02 83.34
C ASN C 531 -78.67 -14.10 83.91
N ASP C 532 -79.94 -13.76 84.07
CA ASP C 532 -80.93 -14.64 84.67
C ASP C 532 -82.15 -14.73 83.74
N PRO C 533 -83.12 -15.59 84.02
CA PRO C 533 -84.29 -15.69 83.12
C PRO C 533 -84.97 -14.37 82.87
N LYS C 534 -84.96 -13.47 83.85
CA LYS C 534 -85.48 -12.12 83.67
C LYS C 534 -84.90 -11.53 82.39
N TYR C 535 -83.60 -11.25 82.40
CA TYR C 535 -82.96 -10.65 81.26
C TYR C 535 -82.99 -11.57 80.04
N GLU C 536 -82.90 -12.88 80.29
CA GLU C 536 -82.75 -13.83 79.19
C GLU C 536 -84.01 -13.92 78.36
N ARG C 537 -85.14 -14.16 79.01
CA ARG C 537 -86.40 -14.14 78.29
C ARG C 537 -86.73 -12.75 77.76
N LEU C 538 -86.31 -11.72 78.48
CA LEU C 538 -86.44 -10.34 77.99
C LEU C 538 -85.88 -10.23 76.58
N VAL C 539 -84.62 -10.63 76.38
CA VAL C 539 -84.07 -10.66 75.03
C VAL C 539 -84.83 -11.62 74.16
N ASN C 540 -84.99 -12.86 74.63
CA ASN C 540 -85.71 -13.87 73.88
C ASN C 540 -87.00 -13.31 73.34
N ALA C 541 -87.75 -12.63 74.19
CA ALA C 541 -88.80 -11.76 73.71
C ALA C 541 -88.29 -10.80 72.66
N ILE C 542 -87.43 -9.84 73.05
CA ILE C 542 -87.10 -8.73 72.17
C ILE C 542 -86.72 -9.21 70.79
N LEU C 543 -86.23 -10.43 70.69
CA LEU C 543 -86.09 -11.07 69.40
C LEU C 543 -87.35 -10.87 68.56
N ASP C 544 -88.52 -10.93 69.18
CA ASP C 544 -89.76 -10.64 68.49
C ASP C 544 -89.77 -9.28 67.81
N PHE C 545 -89.49 -8.21 68.53
CA PHE C 545 -89.57 -6.88 67.94
C PHE C 545 -88.75 -6.84 66.68
N LEU C 546 -87.68 -7.61 66.65
CA LEU C 546 -86.67 -7.45 65.61
C LEU C 546 -87.27 -7.60 64.22
N PRO C 547 -87.96 -8.69 63.88
CA PRO C 547 -88.85 -8.58 62.73
C PRO C 547 -89.91 -7.54 62.98
N LYS C 548 -90.55 -7.63 64.14
CA LYS C 548 -91.77 -6.88 64.39
C LYS C 548 -91.55 -5.39 64.19
N ILE C 549 -90.42 -4.87 64.64
CA ILE C 549 -90.15 -3.44 64.44
C ILE C 549 -90.22 -3.10 62.96
N GLU C 550 -90.66 -1.88 62.69
CA GLU C 550 -90.83 -1.35 61.36
C GLU C 550 -89.77 -0.30 61.10
N GLU C 551 -89.34 -0.27 59.84
CA GLU C 551 -88.50 0.84 59.40
C GLU C 551 -89.37 1.96 58.87
N ASN C 552 -88.92 3.18 59.10
CA ASN C 552 -89.78 4.33 59.31
C ASN C 552 -89.00 5.56 58.87
N LEU C 553 -89.47 6.74 59.27
CA LEU C 553 -88.51 7.79 59.53
C LEU C 553 -87.71 7.39 60.76
N ILE C 554 -86.38 7.34 60.61
CA ILE C 554 -85.57 6.64 61.59
C ILE C 554 -85.42 7.52 62.82
N CYS C 555 -85.87 6.97 63.96
CA CYS C 555 -85.73 7.59 65.28
C CYS C 555 -86.52 8.89 65.35
N SER C 556 -86.83 9.46 64.19
CA SER C 556 -87.87 10.46 64.12
C SER C 556 -89.12 9.66 63.92
N LYS C 557 -89.98 9.65 64.93
CA LYS C 557 -90.73 8.46 65.29
C LYS C 557 -89.77 7.36 65.74
N TYR C 558 -89.28 7.58 66.96
CA TYR C 558 -88.81 6.51 67.83
C TYR C 558 -89.87 6.11 68.86
N THR C 559 -91.03 6.76 68.83
CA THR C 559 -91.90 6.88 69.99
C THR C 559 -92.61 5.59 70.38
N ASP C 560 -93.58 4.76 69.61
CA ASP C 560 -94.23 3.46 69.66
C ASP C 560 -93.38 2.34 70.28
N LEU C 561 -92.13 2.24 69.85
CA LEU C 561 -91.23 1.14 70.27
C LEU C 561 -91.21 0.95 71.79
N LEU C 562 -91.00 2.05 72.51
CA LEU C 562 -90.92 2.03 73.97
C LEU C 562 -92.12 1.35 74.61
N ARG C 563 -93.31 1.78 74.24
CA ARG C 563 -94.54 1.32 74.88
C ARG C 563 -94.98 -0.05 74.35
N ILE C 564 -94.64 -0.35 73.10
CA ILE C 564 -95.01 -1.64 72.53
C ILE C 564 -93.99 -2.71 72.93
N ALA C 565 -92.95 -2.28 73.63
CA ALA C 565 -92.07 -3.23 74.29
C ALA C 565 -92.78 -3.86 75.48
N LEU C 566 -93.89 -3.22 75.88
CA LEU C 566 -94.67 -3.66 77.03
C LEU C 566 -95.87 -4.55 76.67
N MET C 567 -96.01 -4.87 75.39
CA MET C 567 -97.11 -5.74 74.93
C MET C 567 -97.20 -7.01 75.75
N ALA C 568 -96.19 -7.87 75.60
CA ALA C 568 -96.01 -8.99 76.52
C ALA C 568 -94.86 -8.63 77.45
N GLU C 569 -95.18 -8.38 78.72
CA GLU C 569 -94.20 -7.78 79.60
C GLU C 569 -93.71 -8.72 80.70
N ASP C 570 -92.48 -9.20 80.53
CA ASP C 570 -91.70 -9.78 81.61
C ASP C 570 -90.69 -8.74 82.09
N GLU C 571 -90.74 -7.56 81.46
CA GLU C 571 -89.67 -6.58 81.57
C GLU C 571 -89.98 -5.41 82.49
N ALA C 572 -88.98 -5.01 83.27
CA ALA C 572 -89.07 -3.82 84.12
C ALA C 572 -88.46 -2.62 83.41
N ILE C 573 -88.07 -2.81 82.15
CA ILE C 573 -87.36 -1.80 81.36
C ILE C 573 -88.05 -0.44 81.32
N PHE C 574 -89.31 -0.41 80.92
CA PHE C 574 -90.02 0.86 80.78
C PHE C 574 -90.23 1.52 82.14
N GLU C 575 -90.27 0.69 83.18
CA GLU C 575 -90.38 1.20 84.54
C GLU C 575 -89.08 1.89 84.94
N GLU C 576 -87.98 1.46 84.33
CA GLU C 576 -86.68 2.09 84.54
C GLU C 576 -86.54 3.28 83.59
N ALA C 577 -87.43 3.34 82.60
CA ALA C 577 -87.46 4.45 81.65
C ALA C 577 -88.29 5.60 82.21
N HIS C 578 -88.78 5.43 83.43
CA HIS C 578 -89.58 6.44 84.11
C HIS C 578 -88.78 7.72 84.39
N LYS C 579 -87.46 7.63 84.28
CA LYS C 579 -86.59 8.76 84.53
C LYS C 579 -86.29 9.53 83.24
N GLN C 580 -86.82 9.06 82.12
CA GLN C 580 -86.58 9.67 80.82
C GLN C 580 -87.89 10.00 80.08
N VAL C 581 -88.70 8.98 79.82
CA VAL C 581 -89.87 9.10 78.94
C VAL C 581 -90.86 10.20 79.35
N GLN C 582 -90.82 10.62 80.62
CA GLN C 582 -91.79 11.57 81.15
C GLN C 582 -91.32 13.03 81.14
N ARG C 583 -90.15 13.31 80.55
CA ARG C 583 -89.49 14.58 80.82
C ARG C 583 -90.11 15.77 80.10
N PHE C 584 -90.64 16.69 80.91
CA PHE C 584 -91.18 17.99 80.51
C PHE C 584 -92.12 17.96 79.30
N ASP C 585 -92.06 19.03 78.50
CA ASP C 585 -92.77 19.11 77.24
C ASP C 585 -91.83 18.88 76.06
N ASP C 586 -90.54 18.70 76.36
CA ASP C 586 -89.51 18.65 75.32
C ASP C 586 -89.58 17.34 74.56
N ARG C 587 -89.28 16.25 75.24
CA ARG C 587 -89.40 14.92 74.66
C ARG C 587 -90.82 14.42 74.96
N VAL C 588 -91.09 13.15 74.71
CA VAL C 588 -92.45 12.62 74.74
C VAL C 588 -93.12 12.72 76.10
N TRP C 589 -94.45 12.68 76.10
CA TRP C 589 -95.25 12.67 77.32
C TRP C 589 -95.90 11.30 77.41
N PHE C 590 -96.66 11.03 78.48
CA PHE C 590 -97.20 9.70 78.67
C PHE C 590 -98.44 9.51 77.80
N THR C 591 -98.33 8.59 76.84
CA THR C 591 -99.34 8.32 75.82
C THR C 591 -99.13 6.89 75.34
N ASN C 592 -99.75 6.53 74.22
CA ASN C 592 -99.25 5.40 73.43
C ASN C 592 -99.58 4.03 74.04
N HIS C 593 -100.34 4.05 75.14
CA HIS C 593 -100.50 2.93 76.07
C HIS C 593 -100.56 1.54 75.43
N GLY C 594 -101.51 1.31 74.53
CA GLY C 594 -101.62 -0.01 73.92
C GLY C 594 -102.16 -1.07 74.87
N ARG C 595 -101.37 -2.10 75.15
CA ARG C 595 -101.86 -3.28 75.90
C ARG C 595 -102.96 -3.98 75.10
N PHE C 596 -102.52 -4.77 74.12
CA PHE C 596 -103.36 -5.32 73.05
C PHE C 596 -103.90 -4.23 72.14
N HIS C 597 -102.98 -3.62 71.40
CA HIS C 597 -103.30 -2.64 70.38
C HIS C 597 -102.28 -2.78 69.25
N GLN C 598 -102.64 -2.30 68.07
CA GLN C 598 -101.74 -2.21 66.91
C GLN C 598 -101.37 -3.56 66.29
N HIS C 599 -101.81 -4.66 66.90
CA HIS C 599 -101.62 -6.01 66.35
C HIS C 599 -100.16 -6.29 65.95
N ARG C 600 -99.90 -6.40 64.65
CA ARG C 600 -98.59 -6.72 64.09
C ARG C 600 -98.10 -8.13 64.40
N GLN C 601 -96.94 -8.21 65.05
CA GLN C 601 -96.09 -9.41 65.00
C GLN C 601 -95.70 -9.56 63.53
N ILE C 602 -95.24 -8.45 62.96
CA ILE C 602 -94.97 -8.33 61.54
C ILE C 602 -93.46 -8.32 61.28
N ILE C 603 -93.03 -9.12 60.31
CA ILE C 603 -91.60 -9.36 60.11
C ILE C 603 -90.96 -8.48 59.01
N ASN C 604 -91.77 -7.69 58.31
CA ASN C 604 -91.25 -6.90 57.20
C ASN C 604 -91.01 -5.42 57.50
N LEU C 605 -89.74 -5.03 57.55
CA LEU C 605 -89.39 -3.65 57.88
C LEU C 605 -89.19 -2.75 56.65
N GLY C 606 -89.11 -3.34 55.47
CA GLY C 606 -88.79 -2.56 54.29
C GLY C 606 -89.97 -1.87 53.62
N ASP C 607 -89.75 -0.64 53.18
CA ASP C 607 -90.72 0.09 52.36
C ASP C 607 -90.36 0.09 50.88
N ASN C 608 -89.23 -0.52 50.54
CA ASN C 608 -88.61 -0.32 49.22
C ASN C 608 -89.31 -1.02 48.06
N GLU C 609 -88.79 -0.78 46.86
CA GLU C 609 -89.35 -1.32 45.62
C GLU C 609 -88.98 -2.77 45.38
N GLY C 610 -89.79 -3.44 44.57
CA GLY C 610 -89.53 -4.81 44.16
C GLY C 610 -90.42 -5.20 42.99
N ARG C 611 -90.04 -6.27 42.29
CA ARG C 611 -90.81 -6.72 41.13
C ARG C 611 -91.22 -8.19 41.26
N HIS C 612 -90.24 -9.08 41.28
CA HIS C 612 -90.52 -10.51 41.42
C HIS C 612 -89.90 -11.12 42.66
N ALA C 613 -90.60 -12.10 43.23
CA ALA C 613 -90.15 -12.77 44.45
C ALA C 613 -90.77 -14.17 44.59
N VAL C 614 -90.13 -15.01 45.39
CA VAL C 614 -90.63 -16.36 45.69
C VAL C 614 -89.69 -17.04 46.70
N TYR C 615 -90.21 -18.05 47.40
CA TYR C 615 -89.44 -18.81 48.38
C TYR C 615 -88.60 -19.92 47.77
N LEU C 616 -87.54 -20.29 48.48
CA LEU C 616 -86.73 -21.45 48.10
C LEU C 616 -87.44 -22.73 48.55
N HIS C 617 -87.31 -23.79 47.76
CA HIS C 617 -88.01 -25.04 48.02
C HIS C 617 -87.48 -25.76 49.26
N ASN C 618 -86.26 -25.43 49.66
CA ASN C 618 -85.65 -26.05 50.85
C ASN C 618 -86.05 -25.34 52.13
N ASP C 619 -86.88 -24.30 51.98
CA ASP C 619 -87.31 -23.46 53.10
C ASP C 619 -86.10 -22.86 53.80
N PHE C 620 -85.14 -22.40 52.99
CA PHE C 620 -83.94 -21.76 53.52
C PHE C 620 -83.93 -20.27 53.18
N CYS C 621 -83.86 -19.97 51.89
CA CYS C 621 -83.77 -18.58 51.47
C CYS C 621 -85.08 -18.04 50.92
N LEU C 622 -85.09 -16.75 50.61
CA LEU C 622 -86.20 -16.09 49.95
C LEU C 622 -85.67 -15.14 48.89
N ILE C 623 -85.99 -15.38 47.62
CA ILE C 623 -85.47 -14.53 46.57
C ILE C 623 -86.46 -13.43 46.22
N ALA C 624 -85.97 -12.19 46.18
CA ALA C 624 -86.78 -11.04 45.80
C ALA C 624 -85.91 -10.00 45.12
N LEU C 625 -86.45 -9.33 44.10
CA LEU C 625 -85.66 -8.39 43.31
C LEU C 625 -86.48 -7.68 42.24
N ALA C 626 -85.98 -6.54 41.77
CA ALA C 626 -86.54 -5.87 40.62
C ALA C 626 -85.47 -5.58 39.57
N SER C 627 -84.67 -4.56 39.82
CA SER C 627 -83.56 -4.19 38.94
C SER C 627 -82.21 -4.70 39.46
N GLY C 628 -82.22 -5.33 40.62
CA GLY C 628 -80.99 -5.74 41.28
C GLY C 628 -80.50 -7.14 40.95
N GLN C 629 -81.43 -8.00 40.55
CA GLN C 629 -81.13 -9.41 40.29
C GLN C 629 -80.34 -10.05 41.43
N ILE C 630 -80.82 -9.87 42.66
CA ILE C 630 -80.10 -10.34 43.84
C ILE C 630 -80.86 -11.41 44.60
N LEU C 631 -80.14 -12.43 45.05
CA LEU C 631 -80.69 -13.48 45.90
C LEU C 631 -80.64 -13.07 47.37
N LEU C 632 -81.77 -13.15 48.05
CA LEU C 632 -81.86 -12.77 49.44
C LEU C 632 -82.21 -13.96 50.33
N THR C 633 -82.37 -13.73 51.64
CA THR C 633 -82.71 -14.81 52.58
C THR C 633 -84.08 -14.74 53.26
N ASP C 634 -84.65 -15.90 53.57
CA ASP C 634 -85.95 -16.05 54.24
C ASP C 634 -85.71 -16.58 55.67
N VAL C 635 -86.33 -15.94 56.66
CA VAL C 635 -86.19 -16.32 58.09
C VAL C 635 -87.51 -16.98 58.56
N SER C 636 -87.41 -18.14 59.22
CA SER C 636 -88.58 -18.90 59.75
C SER C 636 -88.63 -18.71 61.28
N LEU C 637 -89.80 -18.43 61.85
CA LEU C 637 -89.81 -18.13 63.28
C LEU C 637 -88.74 -19.00 63.93
N GLU C 638 -88.00 -18.41 64.87
CA GLU C 638 -86.91 -19.11 65.52
C GLU C 638 -85.84 -18.04 65.71
N GLY C 639 -85.00 -18.19 66.72
CA GLY C 639 -83.98 -17.20 67.00
C GLY C 639 -83.04 -16.91 65.84
N GLU C 640 -82.52 -17.97 65.23
CA GLU C 640 -81.53 -17.84 64.18
C GLU C 640 -82.12 -17.35 62.85
N ASP C 641 -81.39 -16.47 62.18
CA ASP C 641 -81.80 -15.91 60.90
C ASP C 641 -80.57 -15.87 59.99
N THR C 642 -80.77 -15.58 58.70
CA THR C 642 -79.67 -15.55 57.75
C THR C 642 -79.83 -14.42 56.74
N TYR C 643 -78.74 -13.73 56.42
CA TYR C 643 -78.75 -12.72 55.36
C TYR C 643 -77.69 -13.08 54.30
N LEU C 644 -77.95 -12.71 53.05
CA LEU C 644 -77.03 -13.03 51.96
C LEU C 644 -77.08 -12.00 50.83
N LEU C 645 -75.94 -11.76 50.19
CA LEU C 645 -75.85 -10.86 49.04
C LEU C 645 -75.43 -11.63 47.80
N ARG C 646 -75.93 -11.21 46.64
CA ARG C 646 -75.67 -11.92 45.39
C ARG C 646 -75.19 -11.00 44.28
N ASP C 647 -76.07 -10.10 43.83
CA ASP C 647 -75.78 -9.15 42.75
C ASP C 647 -75.38 -9.84 41.44
N GLU C 648 -76.33 -10.56 40.84
CA GLU C 648 -76.14 -11.17 39.53
C GLU C 648 -76.18 -10.15 38.41
N SER C 649 -75.67 -10.53 37.24
CA SER C 649 -75.73 -9.69 36.06
C SER C 649 -77.18 -9.44 35.68
N ASP C 650 -77.43 -8.37 34.94
CA ASP C 650 -78.80 -7.91 34.75
C ASP C 650 -79.65 -8.78 33.83
N SER C 651 -80.73 -9.30 34.38
CA SER C 651 -81.74 -10.06 33.64
C SER C 651 -82.90 -9.15 33.26
N SER C 652 -82.73 -7.85 33.50
CA SER C 652 -83.84 -6.89 33.55
C SER C 652 -84.75 -6.91 32.32
N ASP C 653 -86.02 -6.55 32.58
CA ASP C 653 -87.11 -6.56 31.60
C ASP C 653 -87.53 -7.95 31.16
N ILE C 654 -87.53 -8.90 32.10
CA ILE C 654 -88.17 -10.19 31.91
C ILE C 654 -89.68 -10.09 32.14
N LEU C 655 -90.45 -10.97 31.50
CA LEU C 655 -91.90 -10.98 31.67
C LEU C 655 -92.32 -11.64 32.97
N ARG C 656 -91.75 -12.81 33.26
CA ARG C 656 -92.07 -13.53 34.50
C ARG C 656 -90.84 -14.32 34.95
N MET C 657 -90.91 -14.96 36.11
CA MET C 657 -89.78 -15.69 36.67
C MET C 657 -90.24 -16.86 37.52
N ALA C 658 -89.44 -17.92 37.53
CA ALA C 658 -89.76 -19.12 38.32
C ALA C 658 -88.51 -19.73 38.93
N VAL C 659 -88.67 -20.87 39.58
CA VAL C 659 -87.56 -21.58 40.21
C VAL C 659 -87.68 -23.07 39.96
N PHE C 660 -86.54 -23.75 39.80
CA PHE C 660 -86.53 -25.17 39.48
C PHE C 660 -86.37 -25.97 40.79
N ASN C 661 -86.43 -27.29 40.71
CA ASN C 661 -86.46 -28.12 41.92
C ASN C 661 -85.10 -28.35 42.57
N GLN C 662 -84.05 -28.51 41.76
CA GLN C 662 -82.72 -28.79 42.28
C GLN C 662 -81.88 -27.53 42.45
N GLN C 663 -82.50 -26.38 42.18
CA GLN C 663 -81.98 -25.02 42.43
C GLN C 663 -80.70 -24.70 41.66
N LYS C 664 -80.14 -25.70 40.99
CA LYS C 664 -78.93 -25.49 40.20
C LYS C 664 -79.27 -24.91 38.84
N HIS C 665 -80.55 -24.97 38.48
CA HIS C 665 -81.03 -24.43 37.22
C HIS C 665 -82.04 -23.31 37.46
N LEU C 666 -81.97 -22.27 36.63
CA LEU C 666 -82.88 -21.14 36.75
C LEU C 666 -83.47 -20.78 35.39
N ILE C 667 -84.79 -20.88 35.27
CA ILE C 667 -85.47 -20.57 34.02
C ILE C 667 -85.67 -19.06 33.87
N THR C 668 -85.42 -18.56 32.67
CA THR C 668 -85.56 -17.13 32.39
C THR C 668 -86.05 -16.90 30.97
N LEU C 669 -86.98 -15.97 30.80
CA LEU C 669 -87.49 -15.63 29.48
C LEU C 669 -87.62 -14.10 29.33
N HIS C 670 -87.42 -13.61 28.12
CA HIS C 670 -87.41 -12.17 27.86
C HIS C 670 -88.59 -11.72 27.01
N CYS C 671 -88.62 -10.43 26.70
CA CYS C 671 -89.64 -9.85 25.83
C CYS C 671 -89.65 -10.52 24.47
N ASN C 672 -88.56 -10.36 23.72
CA ASN C 672 -88.41 -11.05 22.44
C ASN C 672 -88.16 -12.54 22.63
N GLY C 673 -87.82 -12.91 23.87
CA GLY C 673 -87.60 -14.30 24.23
C GLY C 673 -86.14 -14.68 24.28
N SER C 674 -85.81 -15.59 25.20
CA SER C 674 -84.45 -16.07 25.43
C SER C 674 -84.46 -17.09 26.56
N VAL C 675 -83.36 -17.82 26.70
CA VAL C 675 -83.20 -18.75 27.82
C VAL C 675 -81.88 -18.51 28.53
N LYS C 676 -81.94 -18.08 29.78
CA LYS C 676 -80.74 -17.76 30.55
C LYS C 676 -80.69 -18.55 31.85
N LEU C 677 -79.67 -19.38 31.99
CA LEU C 677 -79.52 -20.25 33.16
C LEU C 677 -78.55 -19.66 34.17
N TRP C 678 -78.86 -19.84 35.46
CA TRP C 678 -78.00 -19.36 36.53
C TRP C 678 -77.76 -20.45 37.57
N SER C 679 -76.78 -20.22 38.44
CA SER C 679 -76.47 -21.16 39.52
C SER C 679 -76.45 -20.41 40.85
N LEU C 680 -77.22 -20.93 41.82
CA LEU C 680 -77.32 -20.29 43.13
C LEU C 680 -76.04 -20.49 43.95
N TRP C 681 -75.20 -21.43 43.52
CA TRP C 681 -73.92 -21.67 44.16
C TRP C 681 -72.97 -20.48 43.91
N PRO C 682 -72.55 -19.82 44.99
CA PRO C 682 -71.67 -18.65 44.89
C PRO C 682 -70.27 -19.00 44.38
N ASN C 699 -74.66 -18.28 27.49
CA ASN C 699 -75.62 -19.05 28.27
C ASN C 699 -77.01 -19.03 27.65
N SER C 700 -77.13 -18.37 26.50
CA SER C 700 -78.42 -18.25 25.83
C SER C 700 -78.29 -18.55 24.33
N VAL C 701 -79.04 -19.54 23.86
CA VAL C 701 -79.03 -19.90 22.45
C VAL C 701 -80.44 -19.95 21.84
N VAL C 702 -80.69 -19.02 20.92
CA VAL C 702 -81.96 -18.97 20.20
C VAL C 702 -81.76 -19.66 18.84
N LYS C 703 -80.53 -20.12 18.61
CA LYS C 703 -80.10 -20.61 17.30
C LYS C 703 -80.66 -21.99 16.97
N ARG C 704 -80.14 -22.56 15.88
CA ARG C 704 -80.58 -23.85 15.35
C ARG C 704 -82.05 -23.82 14.92
N PHE C 705 -82.81 -24.83 15.37
CA PHE C 705 -84.20 -24.97 14.96
C PHE C 705 -85.06 -23.77 15.36
N ILE C 706 -86.01 -23.43 14.49
CA ILE C 706 -86.92 -22.30 14.68
C ILE C 706 -86.08 -21.04 14.92
N GLY C 707 -86.18 -20.44 16.10
CA GLY C 707 -85.45 -19.22 16.39
C GLY C 707 -85.90 -18.04 15.56
N SER C 708 -87.22 -17.94 15.36
CA SER C 708 -87.79 -16.86 14.57
C SER C 708 -87.67 -15.50 15.28
N TYR C 709 -87.77 -14.43 14.52
CA TYR C 709 -87.66 -13.09 15.07
C TYR C 709 -89.04 -12.46 15.25
N ALA C 710 -89.43 -12.30 16.51
CA ALA C 710 -90.76 -11.79 16.86
C ALA C 710 -90.87 -11.63 18.37
N ASN C 711 -91.99 -11.07 18.82
CA ASN C 711 -92.22 -10.84 20.25
C ASN C 711 -92.80 -12.08 20.94
N LEU C 712 -92.24 -12.41 22.10
CA LEU C 712 -92.71 -13.56 22.86
C LEU C 712 -93.80 -13.17 23.86
N LYS C 713 -94.85 -13.98 23.95
CA LYS C 713 -95.95 -13.72 24.85
C LYS C 713 -95.66 -14.25 26.26
N ILE C 714 -96.68 -14.24 27.10
CA ILE C 714 -96.57 -14.72 28.47
C ILE C 714 -96.58 -16.24 28.49
N VAL C 715 -96.94 -16.83 27.35
CA VAL C 715 -97.11 -18.28 27.22
C VAL C 715 -95.88 -19.07 27.64
N ALA C 716 -96.09 -20.02 28.55
CA ALA C 716 -95.05 -20.92 29.05
C ALA C 716 -95.66 -21.92 30.02
N PHE C 717 -94.96 -23.03 30.24
CA PHE C 717 -95.44 -24.12 31.10
C PHE C 717 -94.42 -25.25 31.21
N TYR C 718 -94.71 -26.22 32.06
CA TYR C 718 -93.82 -27.35 32.28
C TYR C 718 -94.50 -28.67 31.90
N LEU C 719 -93.75 -29.52 31.20
CA LEU C 719 -94.26 -30.83 30.79
C LEU C 719 -93.69 -31.96 31.64
N ASN C 720 -94.11 -33.18 31.36
CA ASN C 720 -93.58 -34.37 32.02
C ASN C 720 -92.42 -34.95 31.21
N GLU C 721 -91.94 -36.11 31.61
CA GLU C 721 -90.84 -36.75 30.90
C GLU C 721 -91.35 -37.73 29.85
N ASP C 722 -91.17 -37.37 28.58
CA ASP C 722 -91.61 -38.20 27.47
C ASP C 722 -90.47 -39.05 26.90
N ALA C 723 -89.27 -38.88 27.46
CA ALA C 723 -88.09 -39.57 26.96
C ALA C 723 -87.68 -40.72 27.87
N GLY C 724 -87.15 -40.38 29.04
CA GLY C 724 -86.67 -41.37 29.99
C GLY C 724 -87.77 -42.26 30.54
N LEU C 725 -88.80 -41.63 31.10
CA LEU C 725 -89.93 -42.37 31.67
C LEU C 725 -91.18 -41.50 31.74
N ILE C 730 -87.08 -38.36 35.94
CA ILE C 730 -85.74 -37.80 35.73
C ILE C 730 -85.75 -36.28 35.89
N GLN C 731 -86.70 -35.64 35.22
CA GLN C 731 -86.79 -34.17 35.19
C GLN C 731 -88.03 -33.75 34.40
N LEU C 732 -88.46 -32.51 34.60
CA LEU C 732 -89.63 -31.98 33.90
C LEU C 732 -89.19 -31.01 32.81
N HIS C 733 -89.68 -31.23 31.59
CA HIS C 733 -89.28 -30.40 30.45
C HIS C 733 -89.97 -29.05 30.46
N VAL C 734 -89.64 -28.22 29.47
CA VAL C 734 -90.21 -26.88 29.34
C VAL C 734 -90.66 -26.64 27.91
N ALA C 735 -91.85 -26.07 27.76
CA ALA C 735 -92.38 -25.77 26.42
C ALA C 735 -93.20 -24.49 26.42
N PHE C 736 -93.16 -23.77 25.31
CA PHE C 736 -93.91 -22.52 25.17
C PHE C 736 -94.19 -22.18 23.71
N ILE C 737 -94.88 -21.07 23.49
CA ILE C 737 -95.26 -20.66 22.13
C ILE C 737 -94.77 -19.27 21.80
N ASN C 738 -94.01 -19.17 20.70
CA ASN C 738 -93.49 -17.88 20.23
C ASN C 738 -94.52 -17.12 19.40
N GLY C 739 -94.07 -16.05 18.76
CA GLY C 739 -94.91 -15.27 17.86
C GLY C 739 -94.98 -15.89 16.48
N ASP C 740 -94.46 -17.10 16.36
CA ASP C 740 -94.46 -17.84 15.11
C ASP C 740 -95.72 -18.70 14.96
N VAL C 741 -96.64 -18.51 15.90
CA VAL C 741 -97.91 -19.26 16.02
C VAL C 741 -97.71 -20.77 15.82
N SER C 742 -96.66 -21.29 16.46
CA SER C 742 -96.37 -22.72 16.44
C SER C 742 -95.79 -23.14 17.78
N ILE C 743 -96.12 -24.34 18.23
CA ILE C 743 -95.67 -24.82 19.53
C ILE C 743 -94.17 -25.12 19.53
N LEU C 744 -93.51 -24.78 20.63
CA LEU C 744 -92.08 -25.01 20.77
C LEU C 744 -91.78 -25.82 22.03
N ASN C 745 -91.10 -26.95 21.84
CA ASN C 745 -90.76 -27.84 22.96
C ASN C 745 -89.26 -27.87 23.22
N TRP C 746 -88.89 -28.03 24.48
CA TRP C 746 -87.49 -28.12 24.89
C TRP C 746 -87.24 -29.37 25.72
N ASP C 747 -86.32 -30.22 25.27
CA ASP C 747 -86.02 -31.44 25.99
C ASP C 747 -84.73 -31.30 26.79
N GLU C 748 -84.87 -31.26 28.12
CA GLU C 748 -83.73 -31.15 29.01
C GLU C 748 -83.74 -32.22 30.11
N GLN C 749 -82.84 -33.20 30.01
CA GLN C 749 -82.69 -34.16 31.09
C GLN C 749 -81.44 -34.02 31.98
N ASP C 750 -80.46 -33.21 31.57
CA ASP C 750 -79.22 -33.15 32.34
C ASP C 750 -78.66 -31.74 32.59
N GLN C 751 -78.09 -31.15 31.54
CA GLN C 751 -77.34 -29.90 31.65
C GLN C 751 -77.73 -28.89 30.56
N GLU C 752 -77.40 -29.22 29.32
CA GLU C 752 -77.64 -28.34 28.19
C GLU C 752 -78.73 -28.90 27.29
N PHE C 753 -79.45 -28.01 26.60
CA PHE C 753 -80.59 -28.40 25.78
C PHE C 753 -80.21 -29.30 24.62
N LYS C 754 -81.16 -30.12 24.19
CA LYS C 754 -80.93 -31.11 23.14
C LYS C 754 -81.67 -30.76 21.85
N LEU C 755 -82.99 -30.70 21.93
CA LEU C 755 -83.86 -30.50 20.76
C LEU C 755 -83.67 -31.63 19.76
N SER C 756 -84.12 -32.83 20.12
CA SER C 756 -83.97 -34.00 19.27
C SER C 756 -84.97 -34.01 18.13
N HIS C 757 -84.44 -34.08 16.91
CA HIS C 757 -85.24 -34.17 15.68
C HIS C 757 -86.29 -33.08 15.54
N VAL C 758 -87.46 -33.47 15.06
CA VAL C 758 -88.54 -32.53 14.77
C VAL C 758 -89.49 -32.33 15.95
N PRO C 759 -90.17 -31.17 16.00
CA PRO C 759 -91.24 -30.91 16.97
C PRO C 759 -92.44 -31.85 16.80
N VAL C 760 -92.50 -32.53 15.65
CA VAL C 760 -93.47 -33.58 15.33
C VAL C 760 -94.86 -33.02 15.02
N LEU C 761 -95.10 -31.76 15.40
CA LEU C 761 -96.40 -31.12 15.21
C LEU C 761 -96.36 -29.66 15.65
N LYS C 762 -97.32 -28.87 15.18
CA LYS C 762 -97.45 -27.46 15.57
C LYS C 762 -98.82 -27.19 16.17
N THR C 763 -99.06 -25.94 16.54
CA THR C 763 -100.34 -25.55 17.14
C THR C 763 -100.95 -24.36 16.39
N MET C 764 -102.24 -24.47 16.08
CA MET C 764 -102.93 -23.42 15.34
C MET C 764 -103.05 -22.14 16.15
N GLN C 765 -102.78 -21.01 15.48
CA GLN C 765 -102.82 -19.68 16.09
C GLN C 765 -101.97 -19.59 17.34
N SER C 766 -102.48 -18.88 18.35
CA SER C 766 -101.78 -18.75 19.62
C SER C 766 -102.75 -18.51 20.78
N GLY C 767 -102.41 -19.04 21.95
CA GLY C 767 -103.19 -18.81 23.16
C GLY C 767 -102.44 -17.90 24.13
N ILE C 768 -102.90 -17.90 25.39
CA ILE C 768 -102.19 -17.20 26.45
C ILE C 768 -101.79 -18.18 27.56
N ARG C 769 -102.75 -18.85 28.18
CA ARG C 769 -102.44 -19.79 29.24
C ARG C 769 -102.59 -21.23 28.76
N CYS C 770 -101.47 -21.91 28.60
CA CYS C 770 -101.46 -23.28 28.08
C CYS C 770 -100.75 -24.21 29.05
N PHE C 771 -101.29 -25.41 29.25
CA PHE C 771 -100.63 -26.37 30.14
C PHE C 771 -101.07 -27.79 29.83
N VAL C 772 -100.33 -28.78 30.33
CA VAL C 772 -100.63 -30.18 30.07
C VAL C 772 -101.63 -30.78 31.07
N GLN C 773 -102.54 -31.60 30.59
CA GLN C 773 -103.48 -32.30 31.47
C GLN C 773 -102.81 -33.46 32.17
N VAL C 774 -103.61 -34.27 32.86
CA VAL C 774 -103.12 -35.46 33.53
C VAL C 774 -102.60 -36.47 32.52
N LEU C 775 -103.06 -36.35 31.27
CA LEU C 775 -102.56 -37.18 30.18
C LEU C 775 -101.61 -36.36 29.31
N LYS C 776 -100.50 -36.97 28.92
CA LYS C 776 -99.49 -36.27 28.13
C LYS C 776 -99.91 -36.11 26.67
N ARG C 777 -101.02 -36.73 26.29
CA ARG C 777 -101.50 -36.68 24.91
C ARG C 777 -102.38 -35.46 24.64
N TYR C 778 -102.78 -34.77 25.70
CA TYR C 778 -103.68 -33.62 25.56
C TYR C 778 -103.13 -32.37 26.24
N TYR C 779 -103.32 -31.23 25.60
CA TYR C 779 -102.84 -29.95 26.11
C TYR C 779 -103.97 -28.93 26.14
N VAL C 780 -104.29 -28.39 27.32
CA VAL C 780 -105.30 -27.34 27.41
C VAL C 780 -104.72 -26.00 27.01
N VAL C 781 -105.44 -25.30 26.14
CA VAL C 781 -105.01 -24.03 25.57
C VAL C 781 -106.05 -22.94 25.82
N CYS C 782 -105.60 -21.82 26.38
CA CYS C 782 -106.49 -20.70 26.64
C CYS C 782 -105.96 -19.44 25.95
N THR C 783 -106.84 -18.77 25.22
CA THR C 783 -106.47 -17.58 24.47
C THR C 783 -106.88 -16.30 25.18
N SER C 784 -106.64 -15.16 24.54
CA SER C 784 -106.96 -13.86 25.12
C SER C 784 -108.43 -13.52 24.94
N ASN C 785 -109.15 -14.37 24.21
CA ASN C 785 -110.58 -14.17 23.97
C ASN C 785 -111.43 -14.81 25.07
N CYS C 786 -110.75 -15.36 26.08
CA CYS C 786 -111.40 -16.02 27.22
C CYS C 786 -112.30 -17.16 26.78
N THR C 787 -111.79 -17.98 25.86
CA THR C 787 -112.52 -19.16 25.39
C THR C 787 -111.73 -20.42 25.66
N LEU C 788 -112.42 -21.56 25.69
CA LEU C 788 -111.78 -22.84 25.96
C LEU C 788 -111.59 -23.62 24.66
N THR C 789 -110.34 -23.79 24.26
CA THR C 789 -110.01 -24.53 23.04
C THR C 789 -108.90 -25.54 23.32
N VAL C 790 -108.83 -26.58 22.49
CA VAL C 790 -107.83 -27.62 22.67
C VAL C 790 -107.28 -28.15 21.34
N TRP C 791 -105.97 -28.34 21.29
CA TRP C 791 -105.33 -29.03 20.17
C TRP C 791 -104.61 -30.27 20.66
N ASP C 792 -105.08 -31.43 20.22
CA ASP C 792 -104.54 -32.70 20.68
C ASP C 792 -103.13 -32.94 20.15
N LEU C 793 -102.27 -33.48 21.00
CA LEU C 793 -100.90 -33.80 20.60
C LEU C 793 -100.88 -34.97 19.63
N THR C 794 -101.55 -36.05 20.01
CA THR C 794 -101.71 -37.20 19.11
C THR C 794 -103.11 -37.23 18.52
N ASN C 795 -103.36 -38.20 17.64
CA ASN C 795 -104.65 -38.35 16.97
C ASN C 795 -105.15 -37.05 16.36
N GLY C 796 -104.42 -36.54 15.37
CA GLY C 796 -104.77 -35.28 14.74
C GLY C 796 -104.36 -34.09 15.59
N SER C 797 -104.80 -32.90 15.19
CA SER C 797 -104.48 -31.68 15.94
C SER C 797 -105.72 -31.11 16.60
N SER C 798 -106.59 -30.50 15.81
CA SER C 798 -107.85 -29.94 16.31
C SER C 798 -108.96 -30.97 16.17
N ASN C 799 -109.62 -31.29 17.29
CA ASN C 799 -110.65 -32.32 17.27
C ASN C 799 -112.04 -31.78 17.59
N THR C 800 -112.29 -31.50 18.86
CA THR C 800 -113.64 -31.13 19.31
C THR C 800 -113.68 -30.35 20.62
N LEU C 801 -114.89 -30.23 21.16
CA LEU C 801 -115.16 -29.61 22.45
C LEU C 801 -114.76 -28.14 22.55
N GLU C 802 -115.41 -27.32 21.73
CA GLU C 802 -115.32 -25.86 21.87
C GLU C 802 -116.56 -25.39 22.64
N LEU C 803 -117.43 -26.34 22.96
CA LEU C 803 -118.78 -26.05 23.45
C LEU C 803 -118.89 -25.65 24.92
N HIS C 804 -119.96 -24.91 25.23
CA HIS C 804 -120.39 -24.62 26.59
C HIS C 804 -119.36 -23.92 27.48
N VAL C 805 -119.10 -22.65 27.19
CA VAL C 805 -118.36 -21.81 28.12
C VAL C 805 -119.35 -20.98 28.95
N PHE C 806 -119.07 -20.85 30.25
CA PHE C 806 -120.01 -20.21 31.17
C PHE C 806 -120.27 -18.74 30.86
N ASN C 807 -119.21 -17.93 30.87
CA ASN C 807 -119.38 -16.50 30.62
C ASN C 807 -118.31 -15.94 29.69
N VAL C 808 -118.75 -15.34 28.58
CA VAL C 808 -117.84 -14.72 27.63
C VAL C 808 -117.66 -13.24 27.93
N GLU C 809 -118.46 -12.72 28.85
CA GLU C 809 -118.42 -11.30 29.19
C GLU C 809 -117.62 -11.04 30.46
N ASN C 810 -116.47 -10.38 30.30
CA ASN C 810 -115.63 -10.03 31.44
C ASN C 810 -116.12 -8.77 32.13
N ASP C 811 -115.81 -8.64 33.42
CA ASP C 811 -116.11 -7.42 34.15
C ASP C 811 -115.23 -6.27 33.66
N THR C 812 -113.94 -6.57 33.48
CA THR C 812 -113.00 -5.63 32.87
C THR C 812 -112.19 -6.37 31.81
N PRO C 813 -111.87 -5.70 30.71
CA PRO C 813 -111.14 -6.36 29.62
C PRO C 813 -109.77 -6.86 30.07
N LEU C 814 -109.51 -8.15 29.84
CA LEU C 814 -108.27 -8.80 30.25
C LEU C 814 -108.05 -10.06 29.43
N ALA C 815 -107.04 -10.84 29.82
CA ALA C 815 -106.83 -12.17 29.24
C ALA C 815 -107.41 -13.21 30.19
N LEU C 816 -107.30 -14.49 29.82
CA LEU C 816 -107.81 -15.56 30.67
C LEU C 816 -106.84 -15.77 31.82
N ASP C 817 -107.36 -16.25 32.95
CA ASP C 817 -106.58 -16.37 34.18
C ASP C 817 -105.60 -17.54 34.15
N VAL C 818 -104.96 -17.79 35.29
CA VAL C 818 -103.94 -18.83 35.39
C VAL C 818 -104.55 -20.21 35.63
N PHE C 819 -104.15 -21.18 34.81
CA PHE C 819 -104.59 -22.56 34.96
C PHE C 819 -103.77 -23.25 36.04
N ASP C 820 -104.40 -24.14 36.80
CA ASP C 820 -103.74 -24.78 37.93
C ASP C 820 -103.79 -26.31 37.90
N GLU C 821 -103.27 -26.93 38.96
CA GLU C 821 -103.25 -28.38 39.08
C GLU C 821 -103.69 -28.86 40.47
N ARG C 822 -103.95 -30.16 40.57
CA ARG C 822 -104.31 -30.78 41.83
C ARG C 822 -103.33 -31.90 42.17
N SER C 823 -103.53 -32.54 43.32
CA SER C 823 -102.70 -33.66 43.72
C SER C 823 -103.26 -34.97 43.17
N LYS C 824 -104.48 -34.91 42.64
CA LYS C 824 -105.13 -36.06 42.06
C LYS C 824 -104.64 -36.34 40.65
N THR C 825 -104.75 -37.60 40.22
CA THR C 825 -104.31 -37.99 38.88
C THR C 825 -105.43 -37.85 37.86
N ALA C 826 -106.57 -37.33 38.31
CA ALA C 826 -107.72 -37.14 37.43
C ALA C 826 -108.25 -35.71 37.52
N THR C 827 -108.77 -35.35 38.69
CA THR C 827 -109.35 -34.02 38.91
C THR C 827 -108.29 -32.92 38.77
N VAL C 828 -108.59 -31.93 37.94
CA VAL C 828 -107.70 -30.79 37.78
C VAL C 828 -108.35 -29.50 38.27
N LEU C 829 -107.58 -28.41 38.24
CA LEU C 829 -108.02 -27.15 38.83
C LEU C 829 -107.87 -25.97 37.88
N LEU C 830 -108.82 -25.04 37.97
CA LEU C 830 -108.82 -23.83 37.15
C LEU C 830 -109.53 -22.72 37.90
N ILE C 831 -109.20 -21.47 37.60
CA ILE C 831 -109.89 -20.33 38.18
C ILE C 831 -110.17 -19.26 37.12
N PHE C 832 -111.39 -18.76 37.11
CA PHE C 832 -111.76 -17.70 36.18
C PHE C 832 -112.43 -16.53 36.88
N LYS C 833 -111.76 -15.39 36.92
CA LYS C 833 -112.27 -14.18 37.55
C LYS C 833 -112.76 -14.42 38.98
N TYR C 834 -114.05 -14.18 39.21
CA TYR C 834 -114.61 -14.28 40.56
C TYR C 834 -115.09 -15.69 40.87
N SER C 835 -114.95 -16.60 39.91
CA SER C 835 -115.41 -17.98 40.08
C SER C 835 -114.26 -18.97 39.99
N VAL C 836 -114.43 -20.12 40.64
CA VAL C 836 -113.41 -21.17 40.60
C VAL C 836 -113.96 -22.41 39.91
N TRP C 837 -113.25 -22.86 38.88
CA TRP C 837 -113.70 -24.00 38.09
C TRP C 837 -112.85 -25.24 38.36
N ARG C 838 -113.41 -26.22 39.06
CA ARG C 838 -112.73 -27.48 39.31
C ARG C 838 -113.17 -28.50 38.27
N LEU C 839 -112.20 -29.03 37.53
CA LEU C 839 -112.52 -29.88 36.38
C LEU C 839 -112.09 -31.34 36.56
N ASN C 840 -112.42 -32.15 35.57
CA ASN C 840 -112.27 -33.59 35.62
C ASN C 840 -112.16 -34.19 34.22
N PHE C 841 -111.78 -35.46 34.14
CA PHE C 841 -111.80 -36.18 32.87
C PHE C 841 -113.23 -36.23 32.36
N LEU C 842 -113.37 -36.47 31.05
CA LEU C 842 -114.61 -36.24 30.27
C LEU C 842 -114.66 -34.74 29.92
N PRO C 843 -115.45 -34.36 28.89
CA PRO C 843 -115.40 -33.00 28.33
C PRO C 843 -115.37 -31.84 29.31
N GLY C 844 -116.17 -31.88 30.37
CA GLY C 844 -116.13 -30.82 31.36
C GLY C 844 -117.43 -30.55 32.10
N LEU C 845 -117.52 -29.35 32.66
CA LEU C 845 -118.67 -28.91 33.45
C LEU C 845 -118.86 -29.89 34.62
N SER C 846 -117.94 -29.82 35.57
CA SER C 846 -117.98 -30.72 36.72
C SER C 846 -118.24 -29.97 38.02
N VAL C 847 -117.25 -29.24 38.50
CA VAL C 847 -117.39 -28.54 39.77
C VAL C 847 -117.20 -27.03 39.62
N SER C 848 -118.09 -26.25 40.21
CA SER C 848 -117.98 -24.80 40.21
C SER C 848 -118.17 -24.24 41.62
N LEU C 849 -117.15 -23.60 42.14
CA LEU C 849 -117.18 -23.11 43.52
C LEU C 849 -116.80 -21.65 43.66
N GLN C 850 -117.37 -21.00 44.66
CA GLN C 850 -117.03 -19.62 45.03
C GLN C 850 -117.01 -19.48 46.54
N SER C 851 -115.97 -18.86 47.07
CA SER C 851 -115.85 -18.68 48.51
C SER C 851 -116.89 -17.69 49.02
N GLU C 852 -116.89 -16.49 48.44
CA GLU C 852 -117.88 -15.46 48.77
C GLU C 852 -117.78 -14.30 47.78
N ALA C 853 -118.61 -13.28 47.99
CA ALA C 853 -118.62 -12.11 47.12
C ALA C 853 -117.45 -11.19 47.41
N VAL C 854 -117.38 -10.09 46.67
CA VAL C 854 -116.31 -9.10 46.85
C VAL C 854 -116.55 -8.26 48.09
N GLY C 859 -112.10 -4.73 42.25
CA GLY C 859 -111.25 -4.38 41.13
C GLY C 859 -111.03 -5.55 40.19
N SER C 860 -110.06 -5.41 39.29
CA SER C 860 -109.74 -6.45 38.33
C SER C 860 -108.93 -7.57 38.99
N PHE C 861 -109.05 -8.77 38.44
CA PHE C 861 -108.34 -9.93 38.98
C PHE C 861 -106.98 -10.08 38.32
N ILE C 862 -105.92 -10.01 39.12
CA ILE C 862 -104.55 -10.12 38.61
C ILE C 862 -103.73 -11.18 39.35
N THR C 863 -103.52 -10.99 40.65
CA THR C 863 -102.65 -11.86 41.43
C THR C 863 -103.40 -13.03 42.07
N CYS C 864 -102.74 -14.18 42.11
CA CYS C 864 -103.31 -15.38 42.70
C CYS C 864 -102.21 -16.28 43.26
N GLY C 865 -102.55 -17.01 44.33
CA GLY C 865 -101.59 -17.91 44.96
C GLY C 865 -101.84 -19.35 44.61
N LYS C 866 -101.23 -20.26 45.38
CA LYS C 866 -101.33 -21.69 45.15
C LYS C 866 -100.57 -22.44 46.26
N ARG C 867 -100.88 -23.72 46.44
CA ARG C 867 -100.22 -24.54 47.45
C ARG C 867 -99.97 -25.94 46.92
N SER C 868 -99.00 -26.64 47.51
CA SER C 868 -98.64 -27.99 47.07
C SER C 868 -98.60 -28.98 48.22
N THR C 869 -97.62 -28.81 49.10
CA THR C 869 -97.40 -29.71 50.23
C THR C 869 -98.44 -29.48 51.31
N ASP C 870 -99.05 -28.29 51.29
CA ASP C 870 -100.02 -27.89 52.31
C ASP C 870 -101.33 -28.67 52.19
N GLY C 871 -101.43 -29.52 51.17
CA GLY C 871 -102.66 -30.23 50.91
C GLY C 871 -103.43 -29.68 49.72
N ARG C 872 -102.75 -28.86 48.93
CA ARG C 872 -103.30 -28.32 47.68
C ARG C 872 -104.57 -27.49 47.95
N TYR C 873 -104.45 -26.53 48.87
CA TYR C 873 -105.53 -25.60 49.14
C TYR C 873 -105.30 -24.34 48.31
N LEU C 874 -106.36 -23.83 47.67
CA LEU C 874 -106.20 -22.80 46.66
C LEU C 874 -106.38 -21.38 47.20
N LEU C 875 -105.30 -20.61 47.18
CA LEU C 875 -105.35 -19.19 47.51
C LEU C 875 -106.06 -18.42 46.39
N LEU C 876 -107.02 -17.59 46.74
CA LEU C 876 -107.82 -16.90 45.73
C LEU C 876 -108.58 -15.69 46.26
N GLY C 877 -109.26 -14.99 45.36
CA GLY C 877 -110.15 -13.90 45.73
C GLY C 877 -110.51 -13.00 44.57
N THR C 878 -111.56 -12.19 44.75
CA THR C 878 -111.95 -11.19 43.77
C THR C 878 -110.84 -10.16 43.54
N SER C 879 -110.63 -9.31 44.54
CA SER C 879 -109.59 -8.29 44.53
C SER C 879 -108.80 -8.37 45.83
N GLU C 880 -109.51 -8.10 46.94
CA GLU C 880 -108.98 -8.25 48.28
C GLU C 880 -107.69 -7.46 48.53
N GLY C 881 -107.81 -6.14 48.61
CA GLY C 881 -106.74 -5.30 49.10
C GLY C 881 -106.59 -5.50 50.59
N LEU C 882 -107.56 -6.20 51.18
CA LEU C 882 -107.53 -6.56 52.58
C LEU C 882 -108.06 -7.98 52.78
N ILE C 883 -107.38 -8.76 53.63
CA ILE C 883 -107.79 -10.11 53.99
C ILE C 883 -107.90 -11.01 52.74
N VAL C 884 -106.74 -11.38 52.20
CA VAL C 884 -106.68 -12.34 51.10
C VAL C 884 -107.27 -13.69 51.53
N TYR C 885 -108.05 -14.31 50.66
CA TYR C 885 -108.80 -15.51 51.03
C TYR C 885 -108.11 -16.81 50.60
N ASP C 886 -108.24 -17.83 51.44
CA ASP C 886 -107.77 -19.17 51.12
C ASP C 886 -108.93 -20.15 51.08
N LEU C 887 -108.91 -21.07 50.11
CA LEU C 887 -109.98 -22.03 49.95
C LEU C 887 -109.51 -23.46 50.20
N LYS C 888 -110.08 -24.08 51.23
CA LYS C 888 -109.81 -25.48 51.54
C LYS C 888 -110.64 -26.37 50.62
N ILE C 889 -110.11 -27.55 50.31
CA ILE C 889 -110.77 -28.48 49.39
C ILE C 889 -112.18 -28.85 49.83
N SER C 890 -113.13 -28.66 48.92
CA SER C 890 -114.53 -29.09 49.08
C SER C 890 -115.29 -28.38 50.20
N ASP C 891 -114.61 -27.54 50.97
CA ASP C 891 -115.27 -26.83 52.06
C ASP C 891 -115.10 -25.32 51.94
N PRO C 892 -116.15 -24.56 52.28
CA PRO C 892 -116.14 -23.09 52.25
C PRO C 892 -115.76 -22.49 53.61
N VAL C 893 -114.49 -22.63 53.99
CA VAL C 893 -114.02 -22.09 55.27
C VAL C 893 -112.73 -21.30 55.09
N LEU C 894 -112.59 -20.21 55.83
CA LEU C 894 -111.39 -19.38 55.75
C LEU C 894 -110.55 -19.48 57.03
N ARG C 895 -109.39 -20.12 56.91
CA ARG C 895 -108.49 -20.28 58.05
C ARG C 895 -107.39 -19.23 58.06
N SER C 896 -107.39 -18.36 57.05
CA SER C 896 -106.33 -17.36 56.90
C SER C 896 -106.84 -15.95 57.19
N ASN C 897 -105.94 -15.11 57.71
CA ASN C 897 -106.28 -13.73 58.04
C ASN C 897 -105.13 -12.77 57.72
N VAL C 898 -105.46 -11.58 57.24
CA VAL C 898 -104.44 -10.60 56.91
C VAL C 898 -104.61 -9.31 57.72
N SER C 899 -103.67 -9.06 58.62
CA SER C 899 -103.68 -7.83 59.40
C SER C 899 -102.74 -6.77 58.83
N GLU C 900 -102.04 -7.13 57.75
CA GLU C 900 -101.05 -6.24 57.15
C GLU C 900 -101.62 -5.46 55.97
N HIS C 901 -102.90 -5.68 55.71
CA HIS C 901 -103.60 -5.18 54.52
C HIS C 901 -102.82 -5.66 53.28
N ILE C 902 -102.74 -4.83 52.24
CA ILE C 902 -101.88 -5.05 51.07
C ILE C 902 -102.17 -3.98 50.00
N GLU C 903 -101.27 -3.83 49.04
CA GLU C 903 -101.52 -3.00 47.87
C GLU C 903 -101.58 -3.94 46.66
N CYS C 904 -101.89 -3.42 45.47
CA CYS C 904 -102.00 -4.28 44.30
C CYS C 904 -101.21 -3.75 43.10
N VAL C 905 -100.15 -4.46 42.73
CA VAL C 905 -99.39 -4.15 41.51
C VAL C 905 -99.15 -5.39 40.64
N ASP C 906 -98.44 -6.39 41.17
CA ASP C 906 -98.01 -7.53 40.37
C ASP C 906 -98.71 -8.83 40.78
N ILE C 907 -98.36 -9.92 40.10
CA ILE C 907 -99.09 -11.18 40.20
C ILE C 907 -98.46 -12.17 41.18
N TYR C 908 -97.31 -11.83 41.75
CA TYR C 908 -96.54 -12.81 42.51
C TYR C 908 -97.11 -13.06 43.91
N GLU C 909 -97.49 -14.31 44.16
CA GLU C 909 -97.89 -14.76 45.50
C GLU C 909 -97.68 -16.27 45.61
N LEU C 910 -97.33 -16.73 46.82
CA LEU C 910 -97.13 -18.15 47.08
C LEU C 910 -96.79 -18.39 48.56
N PHE C 911 -97.00 -19.62 49.02
CA PHE C 911 -96.74 -20.00 50.41
C PHE C 911 -95.76 -21.16 50.53
N ASP C 912 -94.88 -21.07 51.53
CA ASP C 912 -93.87 -22.09 51.79
C ASP C 912 -94.45 -23.42 52.27
N PRO C 913 -93.73 -24.55 51.89
CA PRO C 913 -94.31 -25.83 52.36
C PRO C 913 -94.35 -25.94 53.88
N VAL C 914 -93.31 -25.42 54.55
CA VAL C 914 -93.17 -25.45 56.01
C VAL C 914 -92.39 -26.66 56.54
N TYR C 915 -91.99 -27.56 55.65
CA TYR C 915 -91.20 -28.73 56.06
C TYR C 915 -91.68 -29.29 57.38
N LYS C 916 -92.76 -30.06 57.40
CA LYS C 916 -93.21 -30.59 58.68
C LYS C 916 -94.12 -29.63 59.47
N TYR C 917 -93.50 -28.83 60.34
CA TYR C 917 -94.23 -27.88 61.20
C TYR C 917 -95.03 -26.86 60.41
N ILE C 918 -96.18 -26.48 60.95
CA ILE C 918 -97.09 -25.55 60.27
C ILE C 918 -97.21 -24.10 60.76
N VAL C 919 -97.13 -23.21 59.79
CA VAL C 919 -97.28 -21.75 59.88
C VAL C 919 -97.09 -21.29 58.45
N LEU C 920 -97.50 -20.06 58.11
CA LEU C 920 -97.39 -19.63 56.73
C LEU C 920 -96.76 -18.26 56.53
N CYS C 921 -96.08 -18.09 55.42
CA CYS C 921 -95.47 -16.82 55.04
C CYS C 921 -95.54 -16.62 53.53
N GLY C 922 -95.85 -15.40 53.08
CA GLY C 922 -95.98 -15.14 51.66
C GLY C 922 -95.76 -13.70 51.24
N ALA C 923 -95.44 -13.48 49.97
CA ALA C 923 -95.15 -12.14 49.46
C ALA C 923 -96.18 -11.67 48.44
N LYS C 924 -96.47 -10.38 48.44
CA LYS C 924 -97.45 -9.80 47.51
C LYS C 924 -97.04 -8.42 46.99
N GLY C 925 -97.97 -7.76 46.31
CA GLY C 925 -97.72 -6.51 45.60
C GLY C 925 -97.07 -5.36 46.35
N LYS C 926 -97.39 -5.21 47.63
CA LYS C 926 -96.83 -4.11 48.43
C LYS C 926 -95.32 -4.28 48.62
N GLN C 927 -94.79 -5.41 48.13
CA GLN C 927 -93.42 -5.82 48.38
C GLN C 927 -93.20 -5.94 49.88
N VAL C 928 -93.96 -6.84 50.48
CA VAL C 928 -93.88 -7.15 51.90
C VAL C 928 -94.06 -8.65 52.09
N VAL C 929 -94.14 -9.09 53.33
CA VAL C 929 -94.38 -10.49 53.62
C VAL C 929 -95.34 -10.69 54.80
N HIS C 930 -96.37 -11.49 54.56
CA HIS C 930 -97.35 -11.84 55.58
C HIS C 930 -96.95 -13.12 56.28
N VAL C 931 -97.09 -13.13 57.60
CA VAL C 931 -96.85 -14.33 58.40
C VAL C 931 -98.08 -14.62 59.27
N HIS C 932 -98.64 -15.82 59.12
CA HIS C 932 -99.89 -16.14 59.78
C HIS C 932 -99.97 -17.58 60.29
N THR C 933 -100.70 -17.76 61.39
CA THR C 933 -100.94 -19.08 61.97
C THR C 933 -102.42 -19.41 61.90
N LEU C 934 -102.75 -20.53 61.27
CA LEU C 934 -104.14 -20.90 60.99
C LEU C 934 -104.92 -21.31 62.23
N ARG C 935 -104.23 -21.45 63.36
CA ARG C 935 -104.88 -21.85 64.60
C ARG C 935 -105.67 -20.70 65.20
N SER C 936 -106.96 -20.93 65.43
CA SER C 936 -107.87 -19.91 65.97
C SER C 936 -109.26 -20.49 66.20
N VAL C 937 -110.06 -19.80 67.01
CA VAL C 937 -111.39 -20.28 67.36
C VAL C 937 -112.45 -20.00 66.29
N SER C 938 -112.38 -18.84 65.66
CA SER C 938 -113.40 -18.44 64.69
C SER C 938 -112.85 -17.55 63.58
N GLY C 939 -113.38 -17.73 62.37
CA GLY C 939 -113.02 -16.91 61.23
C GLY C 939 -114.07 -15.87 60.90
N SER C 940 -114.20 -15.56 59.61
CA SER C 940 -115.21 -14.65 59.09
C SER C 940 -115.13 -13.25 59.70
N ASN C 941 -113.91 -12.69 59.71
CA ASN C 941 -113.71 -11.31 60.16
C ASN C 941 -113.67 -10.35 58.99
N SER C 942 -113.91 -10.88 57.78
CA SER C 942 -113.79 -10.11 56.55
C SER C 942 -114.70 -8.89 56.49
N HIS C 943 -116.01 -9.12 56.41
CA HIS C 943 -116.96 -8.03 56.14
C HIS C 943 -117.49 -7.37 57.40
N GLN C 944 -117.06 -7.84 58.57
CA GLN C 944 -117.55 -7.27 59.82
C GLN C 944 -116.85 -5.95 60.14
N ASN C 945 -115.60 -5.82 59.74
CA ASN C 945 -114.81 -4.62 60.03
C ASN C 945 -114.07 -4.08 58.81
N ARG C 946 -114.42 -2.86 58.40
CA ARG C 946 -113.65 -2.17 57.37
C ARG C 946 -113.26 -0.75 57.83
N GLU C 947 -114.24 0.11 58.06
CA GLU C 947 -113.96 1.44 58.58
C GLU C 947 -114.35 1.53 60.06
N ILE C 948 -114.11 2.68 60.67
CA ILE C 948 -114.43 2.88 62.07
C ILE C 948 -115.04 4.25 62.33
N ALA C 949 -116.19 4.26 63.00
CA ALA C 949 -116.85 5.50 63.40
C ALA C 949 -116.84 5.60 64.92
N TRP C 950 -117.42 6.69 65.44
CA TRP C 950 -117.43 6.92 66.89
C TRP C 950 -118.68 7.66 67.35
N VAL C 951 -119.16 7.31 68.53
CA VAL C 951 -120.36 7.92 69.08
C VAL C 951 -120.07 9.27 69.70
N HIS C 952 -120.72 10.31 69.20
CA HIS C 952 -120.53 11.66 69.70
C HIS C 952 -121.19 11.84 71.07
N SER C 953 -120.40 12.28 72.05
CA SER C 953 -120.89 12.46 73.41
C SER C 953 -119.92 13.30 74.23
N ALA C 954 -120.23 13.48 75.51
CA ALA C 954 -119.37 14.26 76.39
C ALA C 954 -118.57 13.38 77.32
N ASP C 955 -117.26 13.34 77.11
CA ASP C 955 -116.33 12.56 77.92
C ASP C 955 -116.72 11.08 77.99
N GLU C 956 -117.28 10.56 76.91
CA GLU C 956 -117.65 9.15 76.83
C GLU C 956 -117.21 8.56 75.48
N ILE C 957 -116.44 7.49 75.53
CA ILE C 957 -115.88 6.90 74.32
C ILE C 957 -116.60 5.62 73.91
N SER C 958 -117.31 5.68 72.79
CA SER C 958 -117.98 4.52 72.22
C SER C 958 -117.73 4.47 70.72
N VAL C 959 -117.09 3.39 70.26
CA VAL C 959 -116.72 3.26 68.87
C VAL C 959 -117.61 2.28 68.11
N MET C 960 -117.83 2.55 66.83
CA MET C 960 -118.65 1.70 65.99
C MET C 960 -117.88 1.24 64.76
N THR C 961 -118.37 0.18 64.12
CA THR C 961 -117.67 -0.42 62.98
C THR C 961 -118.63 -0.73 61.83
N LYS C 962 -118.12 -1.44 60.83
CA LYS C 962 -118.92 -1.90 59.69
C LYS C 962 -120.00 -2.86 60.19
N ALA C 963 -121.05 -3.05 59.40
CA ALA C 963 -122.26 -3.76 59.82
C ALA C 963 -122.92 -3.04 60.98
N CYS C 964 -123.18 -1.75 60.75
CA CYS C 964 -123.86 -0.84 61.67
C CYS C 964 -123.33 -0.92 63.10
N LEU C 965 -124.25 -1.01 64.06
CA LEU C 965 -123.88 -0.87 65.47
C LEU C 965 -123.32 -2.14 66.07
N GLU C 966 -122.06 -2.07 66.49
CA GLU C 966 -121.46 -3.09 67.34
C GLU C 966 -121.07 -2.45 68.67
N PRO C 967 -121.80 -2.81 69.75
CA PRO C 967 -121.62 -2.15 71.05
C PRO C 967 -120.20 -2.24 71.59
N ASN C 968 -119.63 -1.09 71.94
CA ASN C 968 -118.31 -1.02 72.55
C ASN C 968 -118.26 0.09 73.60
N VAL C 969 -117.69 -0.21 74.76
CA VAL C 969 -117.55 0.78 75.83
C VAL C 969 -116.17 0.67 76.49
N TYR C 970 -115.85 1.68 77.30
CA TYR C 970 -114.52 1.82 77.90
C TYR C 970 -114.13 0.62 78.77
N LEU C 971 -112.96 0.05 78.47
CA LEU C 971 -112.43 -1.13 79.15
C LEU C 971 -113.41 -2.30 79.25
N ARG C 972 -114.04 -2.64 78.11
CA ARG C 972 -114.91 -3.81 78.05
C ARG C 972 -114.72 -4.56 76.73
N SER C 973 -114.63 -5.88 76.82
CA SER C 973 -114.39 -6.72 75.65
C SER C 973 -115.69 -7.22 75.01
N LEU C 974 -116.82 -6.78 75.56
CA LEU C 974 -118.13 -7.21 75.06
C LEU C 974 -118.35 -6.76 73.63
N MET C 975 -118.69 -7.70 72.75
CA MET C 975 -118.92 -7.40 71.34
C MET C 975 -120.12 -8.17 70.79
N ASP C 976 -120.98 -7.47 70.05
CA ASP C 976 -122.13 -8.09 69.42
C ASP C 976 -122.08 -7.88 67.90
N MET C 977 -122.65 -8.83 67.15
CA MET C 977 -122.61 -8.75 65.69
C MET C 977 -124.00 -8.80 65.06
N THR C 978 -124.41 -7.70 64.45
CA THR C 978 -125.65 -7.64 63.68
C THR C 978 -125.43 -6.81 62.43
N ARG C 979 -125.81 -7.35 61.27
CA ARG C 979 -125.55 -6.67 60.01
C ARG C 979 -126.82 -6.35 59.23
N GLU C 980 -127.13 -5.06 59.15
CA GLU C 980 -128.20 -4.57 58.29
C GLU C 980 -127.62 -4.08 56.95
N ARG C 981 -126.31 -4.25 56.81
CA ARG C 981 -125.58 -3.84 55.62
C ARG C 981 -125.69 -2.33 55.37
N THR C 982 -125.08 -1.55 56.25
CA THR C 982 -124.98 -0.11 56.09
C THR C 982 -123.86 0.28 55.13
N GLN C 983 -124.00 1.45 54.51
CA GLN C 983 -122.94 1.98 53.65
C GLN C 983 -121.91 2.76 54.47
N LEU C 984 -122.33 3.92 54.97
CA LEU C 984 -121.48 4.74 55.83
C LEU C 984 -122.26 5.20 57.05
N LEU C 985 -121.72 4.92 58.23
CA LEU C 985 -122.43 5.17 59.49
C LEU C 985 -122.03 6.49 60.15
N ALA C 986 -123.03 7.24 60.60
CA ALA C 986 -122.81 8.46 61.36
C ALA C 986 -123.56 8.39 62.69
N VAL C 987 -123.19 9.23 63.64
CA VAL C 987 -123.80 9.18 64.96
C VAL C 987 -124.31 10.56 65.39
N ASP C 988 -125.49 10.59 66.01
CA ASP C 988 -126.08 11.84 66.51
C ASP C 988 -125.33 12.29 67.77
N SER C 989 -125.70 13.44 68.31
CA SER C 989 -125.04 13.97 69.51
C SER C 989 -125.51 13.21 70.76
N LYS C 990 -126.77 12.80 70.76
CA LYS C 990 -127.34 12.07 71.87
C LYS C 990 -127.29 10.57 71.62
N GLU C 991 -127.92 9.79 72.49
CA GLU C 991 -127.94 8.34 72.38
C GLU C 991 -128.81 7.87 71.20
N ARG C 992 -129.51 8.81 70.58
CA ARG C 992 -130.35 8.53 69.43
C ARG C 992 -129.53 7.96 68.27
N ILE C 993 -130.05 6.93 67.63
CA ILE C 993 -129.32 6.27 66.55
C ILE C 993 -129.70 6.78 65.15
N HIS C 994 -128.68 7.25 64.45
CA HIS C 994 -128.79 7.69 63.06
C HIS C 994 -128.07 6.68 62.17
N LEU C 995 -128.78 6.15 61.17
CA LEU C 995 -128.16 5.13 60.31
C LEU C 995 -128.65 5.20 58.87
N ILE C 996 -128.08 4.33 58.03
CA ILE C 996 -128.36 4.32 56.60
C ILE C 996 -128.74 2.92 56.13
N LYS C 997 -129.67 2.85 55.20
CA LYS C 997 -130.11 1.59 54.62
C LYS C 997 -129.92 1.70 53.11
N PRO C 998 -129.69 0.58 52.41
CA PRO C 998 -129.54 0.74 50.96
C PRO C 998 -130.71 1.47 50.32
N ALA C 999 -130.38 2.51 49.56
CA ALA C 999 -131.35 3.36 48.89
C ALA C 999 -132.31 4.11 49.82
N ILE C 1000 -131.85 4.44 51.03
CA ILE C 1000 -132.66 5.27 51.96
C ILE C 1000 -131.90 5.61 53.26
N SER C 1001 -132.36 6.63 53.96
CA SER C 1001 -131.75 7.03 55.23
C SER C 1001 -132.73 6.87 56.38
N ARG C 1002 -132.22 6.51 57.56
CA ARG C 1002 -133.10 6.22 58.69
C ARG C 1002 -132.64 6.90 59.99
N ILE C 1003 -133.59 7.49 60.70
CA ILE C 1003 -133.32 8.16 61.97
C ILE C 1003 -134.27 7.64 63.05
N SER C 1004 -133.72 7.09 64.13
CA SER C 1004 -134.56 6.46 65.14
C SER C 1004 -134.00 6.54 66.55
N GLU C 1005 -134.89 6.54 67.53
CA GLU C 1005 -134.50 6.43 68.94
C GLU C 1005 -133.71 5.14 69.15
N TRP C 1006 -134.39 4.01 68.99
CA TRP C 1006 -133.73 2.71 68.89
C TRP C 1006 -134.15 2.11 67.56
N SER C 1007 -133.59 0.97 67.18
CA SER C 1007 -133.89 0.40 65.88
C SER C 1007 -134.69 -0.90 65.97
N THR C 1008 -135.97 -0.82 65.59
CA THR C 1008 -136.80 -2.00 65.42
C THR C 1008 -137.40 -2.02 64.02
N ILE C 1009 -138.42 -1.18 63.82
CA ILE C 1009 -139.01 -1.03 62.49
C ILE C 1009 -138.37 0.14 61.75
N THR C 1010 -137.58 0.93 62.48
CA THR C 1010 -136.89 2.10 61.94
C THR C 1010 -137.75 2.99 61.03
N PRO C 1011 -138.72 3.71 61.61
CA PRO C 1011 -139.58 4.60 60.84
C PRO C 1011 -138.82 5.74 60.17
N THR C 1012 -139.29 6.19 59.01
CA THR C 1012 -138.68 7.30 58.27
C THR C 1012 -139.48 7.65 57.03
N HIS C 1013 -139.22 8.85 56.49
CA HIS C 1013 -139.85 9.30 55.26
C HIS C 1013 -138.88 10.15 54.45
N ALA C 1014 -138.82 9.91 53.14
CA ALA C 1014 -137.89 10.64 52.28
C ALA C 1014 -138.42 10.84 50.87
N ALA C 1015 -138.12 11.99 50.29
CA ALA C 1015 -138.49 12.30 48.92
C ALA C 1015 -137.35 11.98 47.95
N SER C 1016 -136.28 11.41 48.49
CA SER C 1016 -135.07 11.12 47.71
C SER C 1016 -135.35 10.30 46.46
N ASN C 1017 -134.75 10.71 45.35
CA ASN C 1017 -134.96 10.06 44.06
C ASN C 1017 -134.18 8.75 43.91
N CYS C 1018 -132.96 8.73 44.43
CA CYS C 1018 -132.08 7.57 44.26
C CYS C 1018 -131.33 7.22 45.54
N LYS C 1019 -130.42 6.26 45.43
CA LYS C 1019 -129.64 5.78 46.57
C LYS C 1019 -128.71 6.86 47.11
N ILE C 1020 -128.62 6.96 48.44
CA ILE C 1020 -127.75 7.93 49.07
C ILE C 1020 -126.41 7.28 49.45
N ASN C 1021 -125.32 7.99 49.21
CA ASN C 1021 -123.99 7.49 49.51
C ASN C 1021 -123.67 7.58 51.01
N ALA C 1022 -123.94 8.73 51.60
CA ALA C 1022 -123.68 8.95 53.02
C ALA C 1022 -124.66 9.95 53.63
N ILE C 1023 -124.95 9.77 54.91
CA ILE C 1023 -125.88 10.65 55.60
C ILE C 1023 -125.41 10.89 57.04
N SER C 1024 -125.58 12.11 57.53
CA SER C 1024 -125.09 12.48 58.85
C SER C 1024 -126.12 13.30 59.64
N ALA C 1025 -125.85 13.47 60.93
CA ALA C 1025 -126.78 14.19 61.81
C ALA C 1025 -126.08 15.30 62.59
N PHE C 1026 -126.78 16.42 62.78
CA PHE C 1026 -126.26 17.52 63.58
C PHE C 1026 -126.32 17.22 65.08
N ASN C 1027 -125.85 18.19 65.86
CA ASN C 1027 -125.98 18.15 67.31
C ASN C 1027 -127.40 18.53 67.69
N ASP C 1028 -127.79 19.76 67.35
CA ASP C 1028 -129.16 20.22 67.52
C ASP C 1028 -130.13 19.48 66.61
N GLU C 1029 -131.42 19.54 66.94
CA GLU C 1029 -132.43 18.79 66.21
C GLU C 1029 -132.88 19.46 64.92
N GLN C 1030 -132.29 20.61 64.61
CA GLN C 1030 -132.66 21.38 63.42
C GLN C 1030 -132.26 20.67 62.13
N ILE C 1031 -133.25 20.44 61.26
CA ILE C 1031 -133.10 19.83 59.93
C ILE C 1031 -132.15 18.63 59.88
N PHE C 1032 -131.31 18.59 58.84
CA PHE C 1032 -130.28 17.57 58.54
C PHE C 1032 -129.60 17.91 57.22
N VAL C 1033 -128.42 17.31 57.00
CA VAL C 1033 -127.69 17.47 55.73
C VAL C 1033 -127.11 16.13 55.29
N GLY C 1034 -126.67 16.09 54.03
CA GLY C 1034 -126.01 14.90 53.49
C GLY C 1034 -125.86 15.02 51.99
N TYR C 1035 -125.00 14.18 51.42
CA TYR C 1035 -124.83 14.19 49.97
C TYR C 1035 -125.40 12.90 49.35
N VAL C 1036 -126.36 13.08 48.46
CA VAL C 1036 -127.05 11.97 47.82
C VAL C 1036 -126.50 11.84 46.39
N ASP C 1037 -126.94 10.83 45.65
CA ASP C 1037 -126.59 10.69 44.24
C ASP C 1037 -127.38 11.68 43.38
N GLY C 1038 -128.28 12.42 44.01
CA GLY C 1038 -129.15 13.33 43.30
C GLY C 1038 -129.55 14.55 44.12
N VAL C 1039 -130.38 15.40 43.52
CA VAL C 1039 -130.73 16.71 44.07
C VAL C 1039 -131.39 16.66 45.45
N ILE C 1040 -132.42 15.83 45.59
CA ILE C 1040 -133.23 15.81 46.80
C ILE C 1040 -132.45 15.40 48.06
N ILE C 1041 -132.53 16.23 49.10
CA ILE C 1041 -131.92 15.91 50.39
C ILE C 1041 -133.00 15.74 51.46
N ASP C 1042 -133.09 14.54 52.02
CA ASP C 1042 -134.16 14.20 52.95
C ASP C 1042 -133.90 14.65 54.39
N VAL C 1043 -134.97 15.02 55.09
CA VAL C 1043 -134.92 15.34 56.51
C VAL C 1043 -136.10 14.69 57.23
N ILE C 1044 -136.04 14.64 58.56
CA ILE C 1044 -137.10 14.02 59.34
C ILE C 1044 -137.52 14.92 60.50
N HIS C 1045 -138.79 14.82 60.90
CA HIS C 1045 -139.35 15.54 62.05
C HIS C 1045 -139.42 17.06 61.81
N ASP C 1046 -138.82 17.52 60.72
CA ASP C 1046 -138.78 18.94 60.41
C ASP C 1046 -139.35 19.23 59.02
N THR C 1047 -140.02 20.36 58.89
CA THR C 1047 -140.55 20.81 57.61
C THR C 1047 -139.54 21.72 56.90
N ALA C 1048 -139.99 22.39 55.85
CA ALA C 1048 -139.18 23.34 55.09
C ALA C 1048 -137.91 22.72 54.51
N LEU C 1049 -138.10 21.88 53.49
CA LEU C 1049 -136.99 21.25 52.78
C LEU C 1049 -136.03 22.30 52.22
N PRO C 1050 -134.75 21.93 52.05
CA PRO C 1050 -133.75 22.88 51.52
C PRO C 1050 -134.10 23.37 50.13
N GLN C 1051 -133.49 24.48 49.71
CA GLN C 1051 -133.84 25.13 48.45
C GLN C 1051 -133.14 24.47 47.26
N GLN C 1052 -132.09 23.71 47.54
CA GLN C 1052 -131.27 23.06 46.52
C GLN C 1052 -130.70 24.05 45.49
N PHE C 1053 -131.11 23.88 44.23
CA PHE C 1053 -130.51 24.57 43.09
C PHE C 1053 -129.03 24.24 42.95
N ILE C 1054 -128.70 22.97 43.05
CA ILE C 1054 -127.34 22.50 42.83
C ILE C 1054 -127.34 21.10 42.24
N GLU C 1055 -126.39 20.82 41.35
CA GLU C 1055 -126.32 19.51 40.70
C GLU C 1055 -126.16 18.37 41.72
N GLU C 1056 -125.00 18.25 42.35
CA GLU C 1056 -124.84 17.26 43.41
C GLU C 1056 -123.89 17.80 44.48
N PRO C 1057 -124.19 17.56 45.77
CA PRO C 1057 -123.38 18.04 46.90
C PRO C 1057 -122.14 17.19 47.18
N ILE C 1058 -121.08 17.80 47.72
CA ILE C 1058 -119.87 17.05 48.04
C ILE C 1058 -119.47 17.09 49.52
N ASP C 1059 -119.17 18.28 50.05
CA ASP C 1059 -118.64 18.38 51.41
C ASP C 1059 -119.66 19.00 52.36
N TYR C 1060 -120.06 18.23 53.37
CA TYR C 1060 -120.97 18.71 54.40
C TYR C 1060 -120.22 19.00 55.69
N LEU C 1061 -120.96 19.38 56.73
CA LEU C 1061 -120.40 19.76 58.02
C LEU C 1061 -121.49 20.03 59.04
N LYS C 1062 -121.08 20.20 60.30
CA LYS C 1062 -122.03 20.38 61.40
C LYS C 1062 -121.83 21.71 62.12
N GLN C 1063 -122.93 22.43 62.34
CA GLN C 1063 -122.89 23.68 63.07
C GLN C 1063 -124.07 23.79 64.04
N VAL C 1064 -123.84 24.45 65.18
CA VAL C 1064 -124.90 24.66 66.16
C VAL C 1064 -125.74 25.87 65.80
N SER C 1065 -125.25 26.65 64.84
CA SER C 1065 -125.97 27.84 64.37
C SER C 1065 -127.14 27.46 63.48
N PRO C 1066 -128.21 28.26 63.50
CA PRO C 1066 -129.40 28.03 62.68
C PRO C 1066 -129.08 27.95 61.18
N ASN C 1067 -128.08 28.69 60.73
CA ASN C 1067 -127.67 28.66 59.34
C ASN C 1067 -126.53 27.67 59.09
N ILE C 1068 -126.59 26.97 57.97
CA ILE C 1068 -125.59 25.97 57.63
C ILE C 1068 -125.05 26.15 56.21
N LEU C 1069 -123.74 26.31 56.10
CA LEU C 1069 -123.09 26.47 54.81
C LEU C 1069 -122.68 25.11 54.24
N VAL C 1070 -123.03 24.86 52.98
CA VAL C 1070 -122.76 23.57 52.35
C VAL C 1070 -121.97 23.72 51.06
N ALA C 1071 -120.84 23.01 50.96
CA ALA C 1071 -120.02 23.01 49.76
C ALA C 1071 -120.68 22.21 48.64
N SER C 1072 -120.28 22.47 47.40
CA SER C 1072 -120.89 21.82 46.25
C SER C 1072 -119.88 21.45 45.18
N ALA C 1073 -120.26 20.51 44.32
CA ALA C 1073 -119.41 20.06 43.22
C ALA C 1073 -119.22 21.16 42.18
N HIS C 1074 -120.24 21.99 42.04
CA HIS C 1074 -120.18 23.14 41.14
C HIS C 1074 -119.36 24.26 41.79
N SER C 1075 -118.96 24.02 43.04
CA SER C 1075 -118.14 24.94 43.84
C SER C 1075 -118.89 26.24 44.14
N ALA C 1076 -120.20 26.13 44.33
CA ALA C 1076 -121.01 27.25 44.78
C ALA C 1076 -121.57 26.95 46.16
N GLN C 1077 -121.09 27.68 47.16
CA GLN C 1077 -121.51 27.44 48.54
C GLN C 1077 -122.98 27.79 48.74
N LYS C 1078 -123.68 26.98 49.53
CA LYS C 1078 -125.11 27.15 49.76
C LYS C 1078 -125.39 27.55 51.20
N THR C 1079 -126.27 28.54 51.38
CA THR C 1079 -126.66 28.98 52.70
C THR C 1079 -128.03 28.43 53.06
N VAL C 1080 -128.06 27.51 54.03
CA VAL C 1080 -129.31 26.88 54.44
C VAL C 1080 -129.84 27.51 55.73
N ILE C 1081 -131.01 28.13 55.62
CA ILE C 1081 -131.64 28.79 56.76
C ILE C 1081 -132.78 27.91 57.28
N PHE C 1082 -132.83 27.74 58.61
CA PHE C 1082 -133.80 26.84 59.22
C PHE C 1082 -135.23 27.36 59.17
N GLN C 1083 -136.11 26.55 58.58
CA GLN C 1083 -137.55 26.77 58.62
C GLN C 1083 -137.96 28.10 57.96
N LEU C 1084 -137.13 28.59 57.05
CA LEU C 1084 -137.38 29.84 56.35
C LEU C 1084 -136.28 30.11 55.32
N GLU C 1085 -136.55 30.97 54.35
CA GLU C 1085 -135.55 31.34 53.36
C GLU C 1085 -135.36 32.86 53.30
N LYS C 1086 -136.33 33.55 52.68
CA LYS C 1086 -136.32 35.00 52.54
C LYS C 1086 -135.03 35.56 51.94
N ILE C 1087 -134.42 34.79 51.02
CA ILE C 1087 -133.09 35.03 50.47
C ILE C 1087 -132.91 34.02 49.32
N ASP C 1088 -132.01 34.30 48.40
CA ASP C 1088 -131.73 33.39 47.29
C ASP C 1088 -130.32 32.81 47.41
N PRO C 1089 -130.23 31.50 47.70
CA PRO C 1089 -128.94 30.84 47.92
C PRO C 1089 -128.16 30.58 46.63
N LEU C 1090 -127.91 31.63 45.85
CA LEU C 1090 -127.12 31.51 44.63
C LEU C 1090 -125.83 32.29 44.74
N GLN C 1091 -124.71 31.59 44.84
CA GLN C 1091 -123.40 32.22 44.94
C GLN C 1091 -122.34 31.46 44.15
N PRO C 1092 -122.34 31.63 42.81
CA PRO C 1092 -121.36 30.96 41.94
C PRO C 1092 -120.03 31.73 41.87
N ASN C 1093 -119.29 31.73 42.97
CA ASN C 1093 -118.02 32.45 43.04
C ASN C 1093 -117.03 32.00 41.97
N ASP C 1094 -116.51 30.78 42.12
CA ASP C 1094 -115.51 30.24 41.21
C ASP C 1094 -115.86 28.82 40.79
N GLN C 1095 -115.18 28.32 39.76
CA GLN C 1095 -115.38 26.95 39.30
C GLN C 1095 -114.35 26.01 39.93
N TRP C 1096 -113.45 26.57 40.72
CA TRP C 1096 -112.51 25.78 41.50
C TRP C 1096 -113.19 25.29 42.77
N PRO C 1097 -113.05 23.99 43.09
CA PRO C 1097 -113.78 23.34 44.18
C PRO C 1097 -113.53 23.99 45.55
N LEU C 1098 -114.59 24.08 46.35
CA LEU C 1098 -114.50 24.70 47.68
C LEU C 1098 -114.50 23.68 48.81
N MET C 1099 -113.66 23.93 49.80
CA MET C 1099 -113.69 23.18 51.05
C MET C 1099 -113.47 24.15 52.21
N MET C 1100 -114.32 24.07 53.23
CA MET C 1100 -114.39 25.14 54.22
C MET C 1100 -114.27 24.70 55.68
N ASP C 1101 -113.73 25.60 56.49
CA ASP C 1101 -113.70 25.44 57.94
C ASP C 1101 -114.27 26.69 58.59
N VAL C 1102 -114.31 26.70 59.93
CA VAL C 1102 -114.81 27.85 60.67
C VAL C 1102 -114.11 27.98 62.01
N SER C 1103 -113.86 29.21 62.46
CA SER C 1103 -113.24 29.42 63.75
C SER C 1103 -114.26 29.86 64.80
N THR C 1104 -114.65 31.13 64.77
CA THR C 1104 -115.73 31.60 65.63
C THR C 1104 -116.77 32.42 64.88
N LYS C 1105 -116.40 33.66 64.54
CA LYS C 1105 -117.31 34.57 63.85
C LYS C 1105 -117.09 34.56 62.34
N TYR C 1106 -116.00 33.91 61.91
CA TYR C 1106 -115.59 33.98 60.51
C TYR C 1106 -115.73 32.65 59.79
N ALA C 1107 -116.38 32.68 58.63
CA ALA C 1107 -116.46 31.51 57.76
C ALA C 1107 -115.22 31.46 56.87
N SER C 1108 -114.49 30.35 56.95
CA SER C 1108 -113.24 30.21 56.22
C SER C 1108 -113.41 29.34 54.99
N LEU C 1109 -113.31 29.95 53.81
CA LEU C 1109 -113.44 29.23 52.56
C LEU C 1109 -112.08 29.00 51.91
N GLN C 1110 -111.69 27.73 51.78
CA GLN C 1110 -110.47 27.36 51.09
C GLN C 1110 -110.81 26.82 49.69
N GLU C 1111 -110.44 27.58 48.67
CA GLU C 1111 -110.72 27.21 47.29
C GLU C 1111 -109.50 26.57 46.62
N GLY C 1112 -109.63 26.29 45.32
CA GLY C 1112 -108.53 25.77 44.55
C GLY C 1112 -107.65 26.90 44.03
N GLN C 1113 -108.01 28.12 44.40
CA GLN C 1113 -107.26 29.30 43.99
C GLN C 1113 -106.75 30.07 45.20
N TYR C 1114 -107.67 30.62 45.99
CA TYR C 1114 -107.30 31.40 47.16
C TYR C 1114 -108.18 31.06 48.36
N ILE C 1115 -107.91 31.71 49.49
CA ILE C 1115 -108.69 31.50 50.70
C ILE C 1115 -109.38 32.80 51.10
N ILE C 1116 -110.71 32.76 51.19
CA ILE C 1116 -111.49 33.96 51.48
C ILE C 1116 -112.27 33.80 52.79
N LEU C 1117 -112.40 34.89 53.54
CA LEU C 1117 -113.10 34.89 54.82
C LEU C 1117 -114.38 35.70 54.75
N PHE C 1118 -115.46 35.16 55.33
CA PHE C 1118 -116.72 35.89 55.40
C PHE C 1118 -117.08 36.27 56.83
N SER C 1119 -117.77 37.40 56.98
CA SER C 1119 -118.25 37.86 58.27
C SER C 1119 -119.76 37.71 58.35
N ASP C 1120 -120.22 36.83 59.24
CA ASP C 1120 -121.64 36.54 59.38
C ASP C 1120 -122.40 37.73 59.95
N HIS C 1121 -123.47 38.13 59.27
CA HIS C 1121 -124.31 39.23 59.73
C HIS C 1121 -125.18 38.79 60.89
N GLY C 1122 -125.64 37.55 60.84
CA GLY C 1122 -126.45 36.98 61.90
C GLY C 1122 -126.50 35.47 61.83
N VAL C 1123 -126.79 34.83 62.95
CA VAL C 1123 -126.87 33.38 63.01
C VAL C 1123 -128.19 32.87 62.45
N CYS C 1124 -129.20 33.74 62.45
CA CYS C 1124 -130.52 33.37 61.95
C CYS C 1124 -130.54 33.30 60.43
N HIS C 1125 -129.99 34.32 59.78
CA HIS C 1125 -129.97 34.39 58.33
C HIS C 1125 -128.68 35.06 57.82
N LEU C 1126 -128.17 34.57 56.70
CA LEU C 1126 -126.97 35.14 56.10
C LEU C 1126 -127.26 35.70 54.72
N ASP C 1127 -127.13 37.02 54.59
CA ASP C 1127 -127.39 37.69 53.32
C ASP C 1127 -126.11 38.24 52.68
N ILE C 1128 -125.45 39.18 53.35
CA ILE C 1128 -124.24 39.78 52.84
C ILE C 1128 -123.01 39.29 53.60
N ALA C 1129 -121.89 39.19 52.89
CA ALA C 1129 -120.65 38.72 53.48
C ALA C 1129 -119.48 39.65 53.15
N ASN C 1130 -118.90 40.24 54.19
CA ASN C 1130 -117.78 41.17 54.01
C ASN C 1130 -116.44 40.46 53.93
N PRO C 1131 -115.71 40.65 52.82
CA PRO C 1131 -114.39 40.05 52.62
C PRO C 1131 -113.35 40.66 53.55
N SER C 1132 -112.44 39.81 54.06
CA SER C 1132 -111.41 40.26 54.99
C SER C 1132 -110.01 39.92 54.50
N ALA C 1133 -109.70 38.63 54.48
CA ALA C 1133 -108.36 38.17 54.11
C ALA C 1133 -108.40 37.27 52.87
N PHE C 1134 -107.81 37.75 51.78
CA PHE C 1134 -107.69 36.96 50.57
C PHE C 1134 -106.31 37.15 49.93
N VAL C 1135 -105.66 36.05 49.59
CA VAL C 1135 -104.34 36.10 48.98
C VAL C 1135 -104.09 34.88 48.11
N LYS C 1136 -103.34 35.05 47.03
CA LYS C 1136 -102.98 33.95 46.15
C LYS C 1136 -101.64 33.35 46.55
N PRO C 1137 -101.65 32.10 47.05
CA PRO C 1137 -100.45 31.43 47.54
C PRO C 1137 -99.52 30.95 46.43
N LYS C 1138 -98.47 30.21 46.82
CA LYS C 1138 -97.49 29.70 45.89
C LYS C 1138 -98.06 28.60 45.01
N ASP C 1139 -97.40 28.32 43.89
CA ASP C 1139 -97.82 27.28 42.96
C ASP C 1139 -97.83 25.90 43.63
N SER C 1140 -98.66 25.00 43.10
CA SER C 1140 -98.92 23.70 43.73
C SER C 1140 -99.47 23.92 45.13
N GLU C 1141 -100.69 24.46 45.19
CA GLU C 1141 -101.30 24.89 46.44
C GLU C 1141 -101.70 23.72 47.34
N GLU C 1142 -101.85 23.99 48.63
CA GLU C 1142 -102.23 22.97 49.59
C GLU C 1142 -103.71 22.64 49.50
N TYR C 1143 -104.03 21.35 49.61
CA TYR C 1143 -105.40 20.88 49.55
C TYR C 1143 -106.27 21.49 50.67
N ILE C 1144 -105.98 21.11 51.91
CA ILE C 1144 -106.80 21.54 53.04
C ILE C 1144 -105.97 21.75 54.30
N VAL C 1145 -106.34 22.77 55.08
CA VAL C 1145 -105.66 23.08 56.33
C VAL C 1145 -106.66 23.11 57.49
N GLY C 1146 -106.21 23.51 58.67
CA GLY C 1146 -107.07 23.57 59.83
C GLY C 1146 -106.70 24.69 60.79
N PHE C 1147 -107.62 25.01 61.69
CA PHE C 1147 -107.42 26.11 62.64
C PHE C 1147 -107.56 25.61 64.08
N ASP C 1148 -107.06 26.42 65.02
CA ASP C 1148 -107.12 26.09 66.44
C ASP C 1148 -108.41 26.59 67.06
N LEU C 1149 -108.51 26.46 68.38
CA LEU C 1149 -109.68 26.93 69.12
C LEU C 1149 -109.28 27.99 70.13
N LYS C 1150 -110.20 28.93 70.40
CA LYS C 1150 -109.97 30.05 71.31
C LYS C 1150 -108.78 30.90 70.87
N ASN C 1151 -108.50 30.87 69.57
CA ASN C 1151 -107.40 31.64 68.99
C ASN C 1151 -107.87 32.47 67.80
N SER C 1152 -108.31 31.78 66.76
CA SER C 1152 -108.82 32.41 65.54
C SER C 1152 -107.78 33.30 64.88
N LEU C 1153 -106.72 32.67 64.36
CA LEU C 1153 -105.67 33.40 63.65
C LEU C 1153 -105.58 32.94 62.21
N LEU C 1154 -104.66 33.53 61.46
CA LEU C 1154 -104.46 33.18 60.06
C LEU C 1154 -103.36 32.13 59.91
N PHE C 1155 -103.67 31.03 59.24
CA PHE C 1155 -102.71 29.96 59.03
C PHE C 1155 -102.70 29.47 57.59
N LEU C 1156 -101.55 29.58 56.94
CA LEU C 1156 -101.39 29.09 55.58
C LEU C 1156 -100.09 28.30 55.48
N ALA C 1157 -100.19 27.03 55.11
CA ALA C 1157 -99.03 26.15 55.04
C ALA C 1157 -98.93 25.48 53.67
N TYR C 1158 -97.76 25.58 53.05
CA TYR C 1158 -97.51 24.96 51.76
C TYR C 1158 -97.48 23.44 51.95
N GLU C 1159 -97.76 22.70 50.88
CA GLU C 1159 -97.95 21.26 51.00
C GLU C 1159 -96.65 20.47 51.19
N ASN C 1160 -95.55 20.95 50.61
CA ASN C 1160 -94.32 20.18 50.64
C ASN C 1160 -93.27 20.68 51.62
N ASN C 1161 -93.08 19.92 52.70
CA ASN C 1161 -91.95 20.08 53.62
C ASN C 1161 -91.81 21.46 54.26
N ILE C 1162 -92.89 22.23 54.31
CA ILE C 1162 -92.88 23.49 55.05
C ILE C 1162 -94.26 23.87 55.56
N ILE C 1163 -94.32 24.42 56.77
CA ILE C 1163 -95.56 24.93 57.34
C ILE C 1163 -95.32 26.28 58.02
N ASP C 1164 -96.23 27.22 57.80
CA ASP C 1164 -96.06 28.57 58.30
C ASP C 1164 -97.25 29.07 59.09
N VAL C 1165 -96.99 29.72 60.22
CA VAL C 1165 -98.03 30.34 61.03
C VAL C 1165 -98.02 31.86 60.82
N PHE C 1166 -99.18 32.41 60.48
CA PHE C 1166 -99.27 33.83 60.14
C PHE C 1166 -100.10 34.62 61.17
N ARG C 1167 -100.22 35.91 60.93
CA ARG C 1167 -101.06 36.78 61.75
C ARG C 1167 -102.26 37.21 60.92
N LEU C 1168 -103.40 37.44 61.58
CA LEU C 1168 -104.64 37.73 60.88
C LEU C 1168 -104.53 38.95 59.96
N ILE C 1169 -104.49 40.14 60.55
CA ILE C 1169 -104.30 41.41 59.83
C ILE C 1169 -105.10 41.47 58.52
N PHE C 1170 -104.45 41.88 57.44
CA PHE C 1170 -105.02 41.73 56.11
C PHE C 1170 -104.46 40.45 55.49
N SER C 1171 -103.20 40.48 55.08
CA SER C 1171 -102.49 39.28 54.64
C SER C 1171 -101.00 39.39 54.97
N CYS C 1172 -100.40 38.29 55.41
CA CYS C 1172 -98.97 38.26 55.65
C CYS C 1172 -98.30 37.02 55.08
N ASN C 1173 -97.45 37.22 54.09
CA ASN C 1173 -96.62 36.13 53.56
C ASN C 1173 -95.20 36.19 54.12
N GLN C 1174 -94.96 37.16 54.99
CA GLN C 1174 -93.61 37.43 55.48
C GLN C 1174 -93.24 36.62 56.72
N LEU C 1175 -92.07 35.98 56.66
CA LEU C 1175 -91.52 35.25 57.80
C LEU C 1175 -90.10 35.70 58.06
N ARG C 1176 -89.22 35.43 57.09
CA ARG C 1176 -87.83 35.86 57.11
C ARG C 1176 -87.06 35.38 58.34
N TYR C 1177 -86.22 36.26 58.89
CA TYR C 1177 -85.35 35.92 60.00
C TYR C 1177 -85.92 36.32 61.36
N GLU C 1178 -87.10 36.93 61.33
CA GLU C 1178 -87.78 37.37 62.55
C GLU C 1178 -87.98 36.21 63.54
N GLN C 1179 -88.79 35.24 63.13
CA GLN C 1179 -89.03 34.06 63.95
C GLN C 1179 -89.09 32.81 63.09
N ILE C 1180 -88.91 31.65 63.71
CA ILE C 1180 -88.99 30.38 63.01
C ILE C 1180 -90.23 29.61 63.46
N CYS C 1181 -91.14 29.35 62.53
CA CYS C 1181 -92.40 28.70 62.86
C CYS C 1181 -92.41 27.21 62.50
N GLU C 1182 -92.35 26.38 63.54
CA GLU C 1182 -92.38 24.93 63.42
C GLU C 1182 -91.38 24.40 62.38
N GLU C 1183 -91.80 23.36 61.65
CA GLU C 1183 -91.05 22.66 60.60
C GLU C 1183 -91.95 21.60 59.98
N GLU C 1184 -91.60 21.15 58.79
CA GLU C 1184 -92.23 19.95 58.22
C GLU C 1184 -91.16 19.04 57.62
N ILE C 1185 -90.95 17.88 58.23
CA ILE C 1185 -89.92 16.96 57.75
C ILE C 1185 -90.44 15.78 56.92
N ALA C 1186 -91.76 15.64 56.80
CA ALA C 1186 -92.31 14.44 56.18
C ALA C 1186 -93.36 14.71 55.11
N GLN C 1187 -94.51 15.23 55.54
CA GLN C 1187 -95.70 15.34 54.69
C GLN C 1187 -95.44 16.09 53.38
N LYS C 1188 -96.02 15.55 52.30
CA LYS C 1188 -95.90 16.16 50.98
C LYS C 1188 -97.27 16.34 50.33
N ALA C 1189 -97.98 15.25 50.10
CA ALA C 1189 -99.31 15.29 49.50
C ALA C 1189 -100.40 15.01 50.52
N LYS C 1190 -101.57 15.61 50.31
CA LYS C 1190 -102.74 15.40 51.16
C LYS C 1190 -102.50 15.78 52.63
N ILE C 1191 -102.03 17.00 52.88
CA ILE C 1191 -101.98 17.53 54.23
C ILE C 1191 -103.41 17.62 54.75
N SER C 1192 -103.61 17.34 56.04
CA SER C 1192 -104.97 17.19 56.54
C SER C 1192 -105.46 18.33 57.42
N TYR C 1193 -105.03 18.35 58.68
CA TYR C 1193 -105.64 19.22 59.70
C TYR C 1193 -104.67 19.65 60.80
N LEU C 1194 -105.24 20.27 61.82
CA LEU C 1194 -104.58 20.57 63.08
C LEU C 1194 -105.60 21.24 64.01
N VAL C 1195 -105.34 21.17 65.32
CA VAL C 1195 -106.30 21.65 66.32
C VAL C 1195 -105.63 22.24 67.55
N ALA C 1196 -106.43 22.92 68.38
CA ALA C 1196 -105.97 23.38 69.67
C ALA C 1196 -105.65 22.19 70.57
N THR C 1197 -104.82 22.44 71.58
CA THR C 1197 -104.32 21.37 72.44
C THR C 1197 -103.97 21.91 73.83
N ASP C 1198 -103.24 21.11 74.60
CA ASP C 1198 -102.80 21.51 75.93
C ASP C 1198 -101.74 22.61 75.78
N ASP C 1199 -101.14 23.04 76.89
CA ASP C 1199 -100.29 24.22 76.96
C ASP C 1199 -99.31 24.36 75.80
N GLY C 1200 -98.38 23.42 75.67
CA GLY C 1200 -97.37 23.48 74.63
C GLY C 1200 -97.90 23.43 73.21
N THR C 1201 -97.57 24.47 72.44
CA THR C 1201 -97.79 24.59 70.99
C THR C 1201 -99.16 24.11 70.47
N MET C 1202 -99.16 23.39 69.36
CA MET C 1202 -100.39 22.90 68.73
C MET C 1202 -100.13 21.61 67.95
N LEU C 1203 -101.16 20.77 67.84
CA LEU C 1203 -101.01 19.45 67.24
C LEU C 1203 -101.70 19.32 65.88
N ALA C 1204 -101.05 18.58 64.97
CA ALA C 1204 -101.61 18.28 63.66
C ALA C 1204 -101.83 16.78 63.51
N MET C 1205 -102.72 16.38 62.59
CA MET C 1205 -103.12 14.98 62.51
C MET C 1205 -103.28 14.41 61.11
N GLY C 1206 -103.77 13.17 61.06
CA GLY C 1206 -104.07 12.45 59.85
C GLY C 1206 -102.99 11.45 59.46
N PHE C 1207 -103.43 10.30 58.95
CA PHE C 1207 -102.53 9.24 58.50
C PHE C 1207 -102.35 9.18 56.98
N GLU C 1208 -103.05 10.05 56.25
CA GLU C 1208 -103.08 9.94 54.79
C GLU C 1208 -101.75 10.34 54.15
N ASN C 1209 -101.22 9.43 53.33
CA ASN C 1209 -99.97 9.65 52.60
C ASN C 1209 -98.81 10.08 53.49
N GLY C 1210 -98.76 9.55 54.71
CA GLY C 1210 -97.71 9.91 55.64
C GLY C 1210 -98.16 9.75 57.08
N THR C 1211 -97.52 10.49 57.98
CA THR C 1211 -97.85 10.43 59.40
C THR C 1211 -98.16 11.81 59.97
N LEU C 1212 -98.51 11.85 61.25
CA LEU C 1212 -98.78 13.12 61.92
C LEU C 1212 -97.62 13.50 62.83
N GLU C 1213 -97.35 14.80 62.92
CA GLU C 1213 -96.19 15.28 63.66
C GLU C 1213 -96.51 16.45 64.58
N LEU C 1214 -95.63 16.71 65.53
CA LEU C 1214 -95.79 17.80 66.49
C LEU C 1214 -94.58 18.74 66.45
N PHE C 1215 -94.85 20.04 66.41
CA PHE C 1215 -93.79 21.05 66.43
C PHE C 1215 -94.22 22.27 67.22
N ALA C 1216 -93.26 23.12 67.56
CA ALA C 1216 -93.51 24.28 68.41
C ALA C 1216 -93.54 25.58 67.60
N VAL C 1217 -94.33 26.54 68.07
CA VAL C 1217 -94.47 27.82 67.39
C VAL C 1217 -93.13 28.54 67.22
N GLU C 1218 -92.45 28.80 68.33
CA GLU C 1218 -91.18 29.53 68.29
C GLU C 1218 -89.96 28.62 68.30
N ASN C 1219 -90.19 27.31 68.41
CA ASN C 1219 -89.09 26.35 68.52
C ASN C 1219 -89.40 25.02 67.86
N ARG C 1220 -88.56 24.02 68.10
CA ARG C 1220 -88.81 22.67 67.62
C ARG C 1220 -88.89 21.70 68.79
N LYS C 1221 -89.82 20.75 68.71
CA LYS C 1221 -90.03 19.80 69.80
C LYS C 1221 -90.29 18.39 69.30
N VAL C 1222 -90.62 17.49 70.22
CA VAL C 1222 -90.85 16.08 69.90
C VAL C 1222 -92.16 15.93 69.13
N GLN C 1223 -92.31 14.82 68.41
CA GLN C 1223 -93.52 14.55 67.64
C GLN C 1223 -94.19 13.26 68.11
N LEU C 1224 -95.46 13.10 67.76
CA LEU C 1224 -96.28 12.01 68.29
C LEU C 1224 -96.05 10.68 67.59
N ILE C 1225 -96.93 9.73 67.86
CA ILE C 1225 -96.80 8.35 67.41
C ILE C 1225 -96.92 8.15 65.90
N TYR C 1226 -96.46 7.00 65.42
CA TYR C 1226 -96.59 6.61 64.03
C TYR C 1226 -98.04 6.45 63.63
N SER C 1227 -98.31 6.48 62.31
CA SER C 1227 -99.53 5.89 61.80
C SER C 1227 -99.54 4.45 62.29
N ILE C 1228 -100.69 3.98 62.77
CA ILE C 1228 -100.77 2.75 63.57
C ILE C 1228 -100.03 1.57 62.95
N GLU C 1229 -100.58 0.99 61.90
CA GLU C 1229 -99.83 0.01 61.10
C GLU C 1229 -100.00 0.22 59.61
N GLU C 1230 -101.23 -0.03 59.14
CA GLU C 1230 -101.54 -0.09 57.72
C GLU C 1230 -101.56 1.29 57.06
N VAL C 1231 -101.40 1.30 55.75
CA VAL C 1231 -101.57 2.51 54.96
C VAL C 1231 -103.02 2.59 54.49
N HIS C 1232 -103.30 3.55 53.60
CA HIS C 1232 -104.65 3.75 53.06
C HIS C 1232 -105.67 3.96 54.18
N GLU C 1233 -105.58 5.11 54.83
CA GLU C 1233 -106.45 5.44 55.96
C GLU C 1233 -107.91 5.46 55.52
N HIS C 1234 -108.81 5.10 56.42
CA HIS C 1234 -110.24 5.05 56.13
C HIS C 1234 -110.79 6.45 55.89
N CYS C 1235 -111.97 6.51 55.26
CA CYS C 1235 -112.56 7.76 54.77
C CYS C 1235 -112.54 8.91 55.77
N ILE C 1236 -112.87 8.64 57.02
CA ILE C 1236 -112.82 9.67 58.05
C ILE C 1236 -111.48 9.63 58.79
N ARG C 1237 -110.69 10.69 58.61
CA ARG C 1237 -109.36 10.79 59.21
C ARG C 1237 -109.39 11.58 60.51
N GLN C 1238 -110.58 12.00 60.93
CA GLN C 1238 -110.74 12.80 62.14
C GLN C 1238 -110.28 12.04 63.39
N LEU C 1239 -109.66 12.76 64.31
CA LEU C 1239 -109.19 12.18 65.57
C LEU C 1239 -110.16 12.49 66.71
N LEU C 1240 -110.25 11.57 67.66
CA LEU C 1240 -111.21 11.67 68.74
C LEU C 1240 -110.59 12.35 69.96
N PHE C 1241 -111.05 13.56 70.28
CA PHE C 1241 -110.50 14.31 71.40
C PHE C 1241 -111.43 15.40 71.92
N SER C 1242 -111.22 15.79 73.18
CA SER C 1242 -111.77 17.01 73.73
C SER C 1242 -110.63 18.00 73.91
N PRO C 1243 -110.77 19.21 73.36
CA PRO C 1243 -109.61 20.10 73.21
C PRO C 1243 -108.87 20.46 74.50
N CYS C 1244 -109.58 20.91 75.53
CA CYS C 1244 -108.92 21.19 76.81
C CYS C 1244 -109.01 20.02 77.78
N LYS C 1245 -109.86 19.05 77.45
CA LYS C 1245 -110.10 17.90 78.32
C LYS C 1245 -109.34 16.66 77.90
N LEU C 1246 -108.48 16.79 76.90
CA LEU C 1246 -107.87 15.64 76.22
C LEU C 1246 -107.20 14.63 77.16
N LEU C 1247 -107.66 13.39 77.06
CA LEU C 1247 -107.07 12.28 77.79
C LEU C 1247 -106.83 11.10 76.85
N LEU C 1248 -107.92 10.54 76.33
CA LEU C 1248 -107.85 9.42 75.40
C LEU C 1248 -107.60 9.85 73.96
N ILE C 1249 -106.85 9.04 73.23
CA ILE C 1249 -106.60 9.27 71.81
C ILE C 1249 -106.82 7.97 71.02
N SER C 1250 -107.71 8.02 70.04
CA SER C 1250 -108.07 6.82 69.30
C SER C 1250 -107.75 6.92 67.81
N CYS C 1251 -106.91 6.01 67.32
CA CYS C 1251 -106.56 5.96 65.90
C CYS C 1251 -106.42 4.51 65.42
N ALA C 1252 -107.00 4.22 64.26
CA ALA C 1252 -106.91 2.89 63.66
C ALA C 1252 -107.18 2.95 62.16
N GLU C 1253 -106.79 1.89 61.45
CA GLU C 1253 -107.06 1.82 60.01
C GLU C 1253 -108.21 0.87 59.69
N GLN C 1254 -107.96 -0.43 59.77
CA GLN C 1254 -108.96 -1.41 59.37
C GLN C 1254 -109.30 -2.42 60.48
N LEU C 1255 -108.40 -3.36 60.71
CA LEU C 1255 -108.66 -4.49 61.61
C LEU C 1255 -108.12 -4.23 63.01
N CYS C 1256 -107.54 -3.06 63.23
CA CYS C 1256 -106.88 -2.73 64.49
C CYS C 1256 -107.80 -2.85 65.70
N PHE C 1257 -107.20 -3.24 66.84
CA PHE C 1257 -107.93 -3.45 68.08
C PHE C 1257 -108.20 -2.14 68.80
N TRP C 1258 -108.63 -2.24 70.06
CA TRP C 1258 -108.97 -1.08 70.88
C TRP C 1258 -107.86 -0.02 70.88
N ASN C 1259 -108.26 1.23 70.63
CA ASN C 1259 -107.32 2.30 70.38
C ASN C 1259 -106.97 3.13 71.62
N VAL C 1260 -107.50 2.74 72.78
CA VAL C 1260 -107.38 3.58 73.98
C VAL C 1260 -105.94 3.84 74.41
N THR C 1261 -105.60 5.12 74.52
CA THR C 1261 -104.32 5.57 75.04
C THR C 1261 -104.55 6.81 75.90
N HIS C 1262 -104.07 6.80 77.14
CA HIS C 1262 -104.30 7.93 78.03
C HIS C 1262 -103.03 8.38 78.74
N MET C 1263 -103.17 9.43 79.54
CA MET C 1263 -102.05 9.98 80.30
C MET C 1263 -102.36 9.94 81.79
N ARG C 1264 -101.30 9.89 82.61
CA ARG C 1264 -101.45 9.83 84.06
C ARG C 1264 -101.30 11.22 84.69
N HIS D 8 -3.51 -47.23 11.35
CA HIS D 8 -4.81 -46.66 11.65
C HIS D 8 -5.88 -47.70 11.75
N GLN D 9 -5.70 -48.77 10.99
CA GLN D 9 -6.84 -49.48 10.44
C GLN D 9 -7.87 -49.77 11.49
N TYR D 10 -9.10 -49.39 11.20
CA TYR D 10 -10.20 -49.53 12.13
C TYR D 10 -10.60 -51.00 12.19
N GLN D 11 -11.56 -51.30 13.02
CA GLN D 11 -11.88 -52.66 13.40
C GLN D 11 -13.38 -52.79 13.52
N TYR D 12 -13.96 -53.81 12.90
CA TYR D 12 -15.40 -53.81 12.69
C TYR D 12 -16.17 -53.42 13.94
N LYS D 13 -15.83 -54.00 15.08
CA LYS D 13 -16.60 -53.67 16.28
C LYS D 13 -16.42 -52.21 16.66
N ASP D 14 -15.37 -51.57 16.19
CA ASP D 14 -15.30 -50.13 16.39
C ASP D 14 -16.38 -49.45 15.57
N ILE D 15 -16.39 -49.73 14.28
CA ILE D 15 -17.19 -48.96 13.34
C ILE D 15 -18.62 -49.43 13.31
N LEU D 16 -18.87 -50.71 13.61
CA LEU D 16 -20.17 -51.28 13.34
C LEU D 16 -21.29 -50.46 13.93
N SER D 17 -21.08 -49.94 15.14
CA SER D 17 -22.16 -49.25 15.82
C SER D 17 -22.60 -48.00 15.10
N VAL D 18 -21.93 -47.58 14.03
CA VAL D 18 -22.24 -46.28 13.49
C VAL D 18 -23.58 -46.35 12.80
N PHE D 19 -23.62 -46.97 11.63
CA PHE D 19 -24.86 -46.98 10.90
C PHE D 19 -25.75 -48.05 11.49
N GLU D 20 -26.93 -47.63 11.91
CA GLU D 20 -27.98 -48.49 12.38
C GLU D 20 -29.23 -48.30 11.53
N ASP D 21 -29.67 -47.06 11.35
CA ASP D 21 -30.97 -46.79 10.76
C ASP D 21 -31.19 -47.65 9.54
N ALA D 22 -30.27 -47.58 8.58
CA ALA D 22 -30.31 -48.49 7.45
C ALA D 22 -30.40 -49.92 7.96
N PHE D 23 -29.49 -50.29 8.85
CA PHE D 23 -29.48 -51.62 9.40
C PHE D 23 -30.74 -51.89 10.18
N VAL D 24 -31.27 -50.85 10.83
CA VAL D 24 -32.53 -50.97 11.55
C VAL D 24 -33.65 -51.36 10.61
N ASP D 25 -34.03 -50.42 9.75
CA ASP D 25 -35.29 -50.45 9.04
C ASP D 25 -35.46 -51.71 8.22
N ASN D 26 -34.61 -51.88 7.21
CA ASN D 26 -34.82 -52.84 6.16
C ASN D 26 -34.41 -54.25 6.53
N PHE D 27 -33.99 -54.47 7.76
CA PHE D 27 -33.55 -55.78 8.22
C PHE D 27 -34.10 -56.10 9.60
N ASP D 28 -34.47 -57.36 9.81
CA ASP D 28 -34.92 -57.83 11.10
C ASP D 28 -34.15 -59.08 11.46
N CYS D 29 -33.73 -59.18 12.71
CA CYS D 29 -33.02 -60.38 13.14
C CYS D 29 -33.83 -61.64 12.92
N LYS D 30 -35.08 -61.64 13.39
CA LYS D 30 -35.91 -62.84 13.29
C LYS D 30 -35.93 -63.39 11.89
N ASP D 31 -35.78 -62.51 10.90
CA ASP D 31 -35.75 -62.91 9.51
C ASP D 31 -34.73 -64.02 9.33
N VAL D 32 -33.60 -63.88 10.02
CA VAL D 32 -32.48 -64.78 9.83
C VAL D 32 -32.02 -65.30 11.18
N GLN D 33 -32.20 -66.59 11.40
CA GLN D 33 -31.32 -67.33 12.29
C GLN D 33 -30.58 -68.35 11.42
N ASP D 34 -29.39 -67.98 10.99
CA ASP D 34 -28.47 -68.98 10.45
C ASP D 34 -27.67 -69.61 11.57
N MET D 35 -27.19 -68.78 12.49
CA MET D 35 -26.68 -69.19 13.78
C MET D 35 -25.49 -70.12 13.72
N PRO D 36 -24.38 -69.75 13.08
CA PRO D 36 -23.15 -70.48 13.34
C PRO D 36 -22.82 -70.32 14.82
N LYS D 37 -22.67 -71.45 15.51
CA LYS D 37 -22.85 -71.43 16.95
C LYS D 37 -21.79 -70.61 17.67
N SER D 38 -20.57 -70.57 17.15
CA SER D 38 -19.53 -69.80 17.82
C SER D 38 -19.89 -68.31 17.83
N ILE D 39 -20.52 -67.84 16.77
CA ILE D 39 -20.66 -66.40 16.62
C ILE D 39 -21.80 -65.89 17.50
N LEU D 40 -22.81 -66.71 17.75
CA LEU D 40 -23.91 -66.35 18.62
C LEU D 40 -24.34 -67.61 19.35
N SER D 41 -24.56 -67.51 20.65
CA SER D 41 -25.08 -68.70 21.29
C SER D 41 -26.54 -68.88 20.93
N LYS D 42 -27.10 -70.01 21.33
CA LYS D 42 -28.51 -70.25 21.08
C LYS D 42 -29.34 -69.28 21.91
N GLU D 43 -29.14 -69.29 23.21
CA GLU D 43 -29.82 -68.37 24.11
C GLU D 43 -29.77 -66.94 23.61
N GLU D 44 -28.68 -66.57 22.94
CA GLU D 44 -28.57 -65.22 22.42
C GLU D 44 -29.75 -64.90 21.54
N ILE D 45 -29.80 -65.54 20.38
CA ILE D 45 -30.87 -65.23 19.44
C ILE D 45 -32.19 -65.68 20.00
N ASP D 46 -32.17 -66.60 20.96
CA ASP D 46 -33.38 -66.89 21.70
C ASP D 46 -33.92 -65.62 22.32
N HIS D 47 -33.03 -64.78 22.82
CA HIS D 47 -33.47 -63.58 23.51
C HIS D 47 -33.83 -62.45 22.57
N ILE D 48 -33.10 -62.29 21.47
CA ILE D 48 -33.30 -61.13 20.62
C ILE D 48 -34.71 -61.08 20.09
N ILE D 49 -35.14 -62.16 19.41
CA ILE D 49 -36.43 -62.13 18.75
C ILE D 49 -37.55 -61.80 19.71
N MET D 50 -37.37 -62.14 20.99
CA MET D 50 -38.38 -61.86 21.98
C MET D 50 -38.71 -60.37 22.08
N SER D 51 -37.84 -59.49 21.59
CA SER D 51 -38.12 -58.07 21.64
C SER D 51 -39.29 -57.75 20.72
N LYS D 52 -40.01 -56.67 21.06
CA LYS D 52 -41.31 -56.46 20.45
C LYS D 52 -41.22 -55.65 19.16
N ASP D 53 -40.09 -55.00 18.90
CA ASP D 53 -40.01 -54.15 17.73
C ASP D 53 -38.56 -53.93 17.32
N ALA D 54 -38.40 -53.51 16.07
CA ALA D 54 -37.08 -53.32 15.49
C ALA D 54 -36.22 -52.43 16.36
N VAL D 55 -36.71 -51.24 16.70
CA VAL D 55 -35.91 -50.29 17.45
C VAL D 55 -35.40 -50.93 18.73
N SER D 56 -36.17 -51.87 19.28
CA SER D 56 -35.59 -52.77 20.27
C SER D 56 -34.83 -53.90 19.58
N GLY D 57 -35.44 -54.51 18.58
CA GLY D 57 -34.87 -55.72 18.02
C GLY D 57 -33.50 -55.48 17.44
N THR D 58 -33.41 -54.60 16.46
CA THR D 58 -32.11 -54.34 15.85
C THR D 58 -31.11 -53.92 16.91
N LEU D 59 -31.59 -53.23 17.93
CA LEU D 59 -30.66 -52.68 18.89
C LEU D 59 -29.97 -53.78 19.69
N ARG D 60 -30.76 -54.65 20.32
CA ARG D 60 -30.13 -55.63 21.20
C ARG D 60 -29.13 -56.48 20.45
N LEU D 61 -29.24 -56.51 19.13
CA LEU D 61 -28.23 -57.18 18.34
C LEU D 61 -26.85 -56.61 18.64
N PHE D 62 -26.65 -55.33 18.33
CA PHE D 62 -25.33 -54.74 18.45
C PHE D 62 -24.73 -55.00 19.81
N TRP D 63 -25.45 -54.63 20.87
CA TRP D 63 -24.91 -54.81 22.20
C TRP D 63 -24.48 -56.24 22.45
N THR D 64 -25.10 -57.19 21.81
CA THR D 64 -24.55 -58.53 21.94
C THR D 64 -23.22 -58.64 21.22
N LEU D 65 -23.19 -58.26 19.94
CA LEU D 65 -21.96 -58.39 19.19
C LEU D 65 -20.81 -57.68 19.85
N LEU D 66 -20.96 -56.41 20.16
CA LEU D 66 -19.85 -55.63 20.66
C LEU D 66 -19.28 -56.17 21.96
N SER D 67 -19.94 -57.13 22.57
CA SER D 67 -19.44 -57.78 23.76
C SER D 67 -18.55 -58.97 23.43
N LYS D 68 -18.20 -59.16 22.17
CA LYS D 68 -17.48 -60.34 21.73
C LYS D 68 -16.15 -59.94 21.13
N GLN D 69 -15.29 -60.94 20.97
CA GLN D 69 -14.00 -60.69 20.37
C GLN D 69 -14.14 -60.51 18.86
N GLU D 70 -13.22 -59.74 18.29
CA GLU D 70 -13.36 -59.23 16.95
C GLU D 70 -13.51 -60.31 15.90
N GLU D 71 -12.85 -61.47 16.09
CA GLU D 71 -12.94 -62.54 15.10
C GLU D 71 -14.39 -62.85 14.76
N MET D 72 -15.20 -63.09 15.78
CA MET D 72 -16.61 -63.40 15.56
C MET D 72 -17.25 -62.36 14.67
N VAL D 73 -17.20 -61.10 15.11
CA VAL D 73 -17.68 -60.01 14.29
C VAL D 73 -17.02 -60.06 12.93
N GLN D 74 -15.70 -60.16 12.91
CA GLN D 74 -14.99 -60.24 11.65
C GLN D 74 -15.58 -61.30 10.75
N LYS D 75 -16.08 -62.37 11.34
CA LYS D 75 -16.80 -63.33 10.52
C LYS D 75 -18.22 -62.87 10.24
N PHE D 76 -18.82 -62.13 11.15
CA PHE D 76 -20.23 -61.79 11.00
C PHE D 76 -20.43 -60.88 9.80
N VAL D 77 -19.52 -59.94 9.58
CA VAL D 77 -19.65 -59.07 8.44
C VAL D 77 -19.56 -59.86 7.16
N GLU D 78 -18.89 -61.01 7.18
CA GLU D 78 -18.88 -61.92 6.05
C GLU D 78 -20.17 -62.73 5.97
N GLU D 79 -20.69 -63.14 7.12
CA GLU D 79 -21.81 -64.07 7.15
C GLU D 79 -23.04 -63.48 6.44
N VAL D 80 -23.24 -62.16 6.55
CA VAL D 80 -24.40 -61.55 5.93
C VAL D 80 -24.38 -61.76 4.42
N LEU D 81 -23.18 -61.73 3.84
CA LEU D 81 -23.04 -62.00 2.41
C LEU D 81 -23.77 -63.26 1.98
N ARG D 82 -23.53 -64.37 2.67
CA ARG D 82 -24.16 -65.62 2.31
C ARG D 82 -25.67 -65.53 2.39
N ILE D 83 -26.17 -64.68 3.26
CA ILE D 83 -27.60 -64.48 3.36
C ILE D 83 -28.01 -63.79 2.07
N ASN D 84 -29.31 -63.86 1.75
CA ASN D 84 -29.80 -63.32 0.49
C ASN D 84 -29.30 -61.90 0.26
N TYR D 85 -29.24 -61.11 1.33
CA TYR D 85 -28.96 -59.69 1.17
C TYR D 85 -27.53 -59.40 1.58
N LYS D 86 -26.70 -59.08 0.59
CA LYS D 86 -25.42 -58.47 0.87
C LYS D 86 -25.46 -56.96 0.73
N PHE D 87 -26.52 -56.39 0.17
CA PHE D 87 -26.48 -54.97 -0.13
C PHE D 87 -26.15 -54.17 1.10
N LEU D 88 -26.56 -54.66 2.26
CA LEU D 88 -26.27 -54.03 3.52
C LEU D 88 -24.79 -54.05 3.84
N MET D 89 -24.08 -55.10 3.45
CA MET D 89 -22.69 -55.18 3.86
C MET D 89 -21.73 -54.53 2.87
N SER D 90 -22.20 -54.05 1.75
CA SER D 90 -21.23 -53.34 0.93
C SER D 90 -20.84 -52.04 1.61
N PRO D 91 -21.76 -51.25 2.18
CA PRO D 91 -21.30 -50.04 2.86
C PRO D 91 -20.37 -50.36 3.99
N ILE D 92 -20.75 -51.31 4.86
CA ILE D 92 -19.94 -51.64 6.00
C ILE D 92 -18.55 -52.05 5.60
N LYS D 93 -18.36 -52.43 4.36
CA LYS D 93 -17.03 -52.72 3.86
C LYS D 93 -16.32 -51.43 3.47
N THR D 94 -16.97 -50.29 3.64
CA THR D 94 -16.29 -49.02 3.50
C THR D 94 -15.64 -48.56 4.80
N GLU D 95 -15.59 -49.42 5.80
CA GLU D 95 -14.54 -49.32 6.80
C GLU D 95 -13.22 -49.00 6.13
N GLN D 96 -12.72 -49.95 5.36
CA GLN D 96 -11.33 -49.95 4.95
C GLN D 96 -11.02 -48.72 4.13
N ARG D 97 -10.05 -47.94 4.59
CA ARG D 97 -9.61 -46.71 3.96
C ARG D 97 -10.75 -45.77 3.69
N GLN D 98 -11.87 -45.97 4.34
CA GLN D 98 -12.83 -44.92 4.13
C GLN D 98 -13.68 -44.70 5.37
N PRO D 99 -13.11 -44.30 6.48
CA PRO D 99 -13.93 -43.66 7.49
C PRO D 99 -14.45 -42.38 6.91
N SER D 100 -15.75 -42.19 6.97
CA SER D 100 -16.23 -40.94 6.42
C SER D 100 -15.73 -39.78 7.27
N MET D 101 -15.33 -38.72 6.59
CA MET D 101 -14.61 -37.63 7.25
C MET D 101 -15.32 -37.19 8.52
N MET D 102 -16.64 -37.30 8.53
CA MET D 102 -17.38 -37.23 9.78
C MET D 102 -16.95 -38.34 10.72
N THR D 103 -17.24 -39.58 10.35
CA THR D 103 -17.28 -40.67 11.31
C THR D 103 -16.08 -40.69 12.22
N ARG D 104 -14.91 -40.31 11.71
CA ARG D 104 -13.75 -40.29 12.57
C ARG D 104 -14.00 -39.41 13.78
N MET D 105 -14.73 -38.31 13.62
CA MET D 105 -15.06 -37.50 14.78
C MET D 105 -15.70 -38.36 15.85
N TYR D 106 -16.77 -39.06 15.50
CA TYR D 106 -17.38 -40.00 16.42
C TYR D 106 -16.35 -40.98 16.94
N ILE D 107 -15.86 -41.86 16.07
CA ILE D 107 -15.09 -43.00 16.53
C ILE D 107 -13.93 -42.55 17.39
N GLU D 108 -13.45 -41.34 17.18
CA GLU D 108 -12.53 -40.79 18.15
C GLU D 108 -13.23 -40.56 19.46
N GLN D 109 -14.28 -39.77 19.44
CA GLN D 109 -14.68 -39.13 20.69
C GLN D 109 -15.15 -40.13 21.72
N ARG D 110 -15.90 -41.14 21.32
CA ARG D 110 -16.30 -42.14 22.30
C ARG D 110 -15.11 -42.65 23.09
N ASP D 111 -13.95 -42.72 22.46
CA ASP D 111 -12.78 -43.11 23.22
C ASP D 111 -12.50 -42.10 24.31
N ARG D 112 -12.43 -40.82 23.95
CA ARG D 112 -12.31 -39.80 24.99
C ARG D 112 -13.47 -39.89 25.96
N LEU D 113 -14.56 -40.52 25.56
CA LEU D 113 -15.59 -40.80 26.54
C LEU D 113 -15.25 -42.03 27.36
N TYR D 114 -14.83 -43.13 26.73
CA TYR D 114 -14.39 -44.26 27.53
C TYR D 114 -13.19 -43.95 28.40
N ASN D 115 -12.49 -42.86 28.18
CA ASN D 115 -11.40 -42.59 29.08
C ASN D 115 -11.89 -41.99 30.37
N ASP D 116 -13.20 -41.95 30.54
CA ASP D 116 -13.81 -42.17 31.83
C ASP D 116 -13.46 -43.54 32.41
N ASN D 117 -12.79 -44.41 31.63
CA ASN D 117 -12.23 -45.68 32.10
C ASN D 117 -13.21 -46.61 32.76
N GLN D 118 -13.05 -46.82 34.06
CA GLN D 118 -13.69 -47.95 34.72
C GLN D 118 -15.07 -48.18 34.19
N VAL D 119 -15.72 -47.05 33.98
CA VAL D 119 -17.15 -46.99 33.85
C VAL D 119 -17.64 -48.06 32.90
N PHE D 120 -17.47 -47.83 31.64
CA PHE D 120 -17.96 -48.81 30.69
C PHE D 120 -16.85 -49.75 30.29
N ALA D 121 -15.68 -49.55 30.87
CA ALA D 121 -14.57 -50.43 30.60
C ALA D 121 -15.00 -51.85 30.85
N LYS D 122 -15.15 -52.21 32.11
CA LYS D 122 -15.63 -53.54 32.43
C LYS D 122 -17.15 -53.50 32.53
N TYR D 123 -17.64 -52.79 33.50
CA TYR D 123 -18.93 -53.06 34.06
C TYR D 123 -19.98 -52.18 33.42
N ASN D 124 -20.90 -52.81 32.72
CA ASN D 124 -22.31 -52.48 32.80
C ASN D 124 -22.98 -53.43 31.85
N VAL D 125 -24.26 -53.65 32.07
CA VAL D 125 -25.08 -54.24 31.03
C VAL D 125 -26.15 -53.21 30.74
N SER D 126 -25.83 -52.29 29.84
CA SER D 126 -26.80 -51.48 29.12
C SER D 126 -28.01 -51.08 29.96
N ARG D 127 -29.16 -51.19 29.33
CA ARG D 127 -30.49 -51.49 29.81
C ARG D 127 -31.30 -51.24 28.58
N LEU D 128 -32.59 -51.48 28.59
CA LEU D 128 -33.32 -51.13 27.40
C LEU D 128 -34.33 -50.02 27.67
N GLN D 129 -35.35 -50.30 28.44
CA GLN D 129 -36.39 -49.31 28.66
C GLN D 129 -35.83 -47.96 29.05
N PRO D 130 -35.08 -47.83 30.14
CA PRO D 130 -34.66 -46.49 30.52
C PRO D 130 -33.82 -45.86 29.45
N TYR D 131 -32.99 -46.65 28.81
CA TYR D 131 -32.30 -46.15 27.63
C TYR D 131 -33.29 -45.57 26.66
N LEU D 132 -34.25 -46.38 26.26
CA LEU D 132 -35.01 -46.06 25.07
C LEU D 132 -35.83 -44.79 25.21
N LYS D 133 -36.58 -44.65 26.30
CA LYS D 133 -37.28 -43.40 26.51
C LYS D 133 -36.33 -42.23 26.39
N LEU D 134 -35.13 -42.37 26.93
CA LEU D 134 -34.31 -41.19 27.04
C LEU D 134 -33.85 -40.72 25.67
N ARG D 135 -33.29 -41.63 24.86
CA ARG D 135 -32.84 -41.21 23.54
C ARG D 135 -33.96 -40.50 22.82
N GLN D 136 -35.17 -41.03 22.93
CA GLN D 136 -36.34 -40.37 22.40
C GLN D 136 -36.36 -38.91 22.77
N ALA D 137 -36.43 -38.62 24.07
CA ALA D 137 -36.46 -37.23 24.49
C ALA D 137 -35.18 -36.52 24.08
N LEU D 138 -34.04 -37.03 24.54
CA LEU D 138 -32.81 -36.28 24.37
C LEU D 138 -32.46 -36.08 22.91
N LEU D 139 -33.06 -36.83 22.01
CA LEU D 139 -32.91 -36.48 20.61
C LEU D 139 -33.65 -35.20 20.28
N GLU D 140 -34.78 -34.94 20.92
CA GLU D 140 -35.63 -33.84 20.50
C GLU D 140 -35.12 -32.49 20.94
N LEU D 141 -34.85 -32.32 22.23
CA LEU D 141 -34.93 -31.00 22.86
C LEU D 141 -34.12 -29.96 22.11
N ARG D 142 -34.67 -28.76 22.06
CA ARG D 142 -34.11 -27.62 21.33
C ARG D 142 -33.48 -26.66 22.33
N PRO D 143 -32.81 -25.60 21.89
CA PRO D 143 -31.79 -25.04 22.77
C PRO D 143 -32.26 -24.14 23.89
N ALA D 144 -33.34 -24.46 24.57
CA ALA D 144 -33.38 -24.28 26.01
C ALA D 144 -34.38 -25.28 26.54
N LYS D 145 -33.92 -26.29 27.25
CA LYS D 145 -34.80 -27.36 27.70
C LYS D 145 -34.04 -28.13 28.76
N ASN D 146 -34.62 -29.23 29.20
CA ASN D 146 -33.97 -30.05 30.20
C ASN D 146 -34.51 -31.45 30.12
N VAL D 147 -33.76 -32.40 30.62
CA VAL D 147 -34.28 -33.72 30.93
C VAL D 147 -33.76 -34.09 32.30
N LEU D 148 -34.66 -34.22 33.25
CA LEU D 148 -34.19 -34.75 34.50
C LEU D 148 -33.94 -36.24 34.37
N ILE D 149 -33.08 -36.73 35.24
CA ILE D 149 -33.05 -38.13 35.53
C ILE D 149 -33.07 -38.26 37.04
N ASP D 150 -34.16 -38.78 37.57
CA ASP D 150 -34.28 -38.94 39.00
C ASP D 150 -34.10 -40.40 39.37
N GLY D 151 -33.36 -40.62 40.44
CA GLY D 151 -33.28 -41.94 41.00
C GLY D 151 -32.96 -41.90 42.46
N VAL D 152 -33.40 -42.94 43.16
CA VAL D 152 -33.03 -43.13 44.54
C VAL D 152 -31.57 -43.54 44.61
N LEU D 153 -31.00 -43.46 45.81
CA LEU D 153 -29.56 -43.60 45.98
C LEU D 153 -29.03 -44.79 45.20
N GLY D 154 -27.93 -44.57 44.52
CA GLY D 154 -27.52 -45.52 43.51
C GLY D 154 -28.50 -45.50 42.37
N SER D 155 -29.03 -46.67 42.04
CA SER D 155 -29.98 -46.84 40.95
C SER D 155 -29.43 -46.36 39.62
N GLY D 156 -28.12 -46.25 39.53
CA GLY D 156 -27.42 -46.12 38.27
C GLY D 156 -27.92 -45.07 37.31
N LYS D 157 -28.12 -43.86 37.79
CA LYS D 157 -28.47 -42.81 36.84
C LYS D 157 -27.25 -42.34 36.08
N THR D 158 -26.15 -42.08 36.77
CA THR D 158 -24.94 -41.56 36.13
C THR D 158 -24.51 -42.40 34.96
N TRP D 159 -24.91 -43.66 34.92
CA TRP D 159 -24.49 -44.52 33.84
C TRP D 159 -25.43 -44.41 32.66
N VAL D 160 -26.69 -44.75 32.86
CA VAL D 160 -27.68 -44.54 31.80
C VAL D 160 -27.54 -43.15 31.24
N ALA D 161 -27.15 -42.20 32.08
CA ALA D 161 -26.72 -40.90 31.61
C ALA D 161 -25.68 -41.05 30.50
N LEU D 162 -24.51 -41.57 30.84
CA LEU D 162 -23.49 -41.74 29.82
C LEU D 162 -24.04 -42.52 28.64
N ASP D 163 -24.42 -43.77 28.89
CA ASP D 163 -24.56 -44.73 27.81
C ASP D 163 -25.32 -44.17 26.63
N VAL D 164 -26.46 -43.52 26.88
CA VAL D 164 -27.15 -42.94 25.74
C VAL D 164 -26.32 -41.88 25.06
N CYS D 165 -25.62 -41.06 25.82
CA CYS D 165 -24.76 -40.04 25.24
C CYS D 165 -23.64 -40.63 24.41
N LEU D 166 -23.41 -41.93 24.51
CA LEU D 166 -22.44 -42.58 23.66
C LEU D 166 -22.99 -42.94 22.30
N SER D 167 -24.29 -43.20 22.22
CA SER D 167 -24.85 -43.76 20.99
C SER D 167 -24.76 -42.76 19.85
N TYR D 168 -24.36 -43.25 18.69
CA TYR D 168 -24.02 -42.39 17.56
C TYR D 168 -25.09 -41.35 17.31
N LYS D 169 -26.28 -41.81 16.93
CA LYS D 169 -27.27 -40.92 16.37
C LYS D 169 -27.47 -39.69 17.24
N VAL D 170 -27.35 -39.84 18.55
CA VAL D 170 -27.22 -38.68 19.41
C VAL D 170 -25.98 -37.89 19.03
N GLN D 171 -24.84 -38.52 19.20
CA GLN D 171 -23.56 -37.81 19.14
C GLN D 171 -23.46 -36.98 17.88
N CYS D 172 -24.14 -37.38 16.81
CA CYS D 172 -24.13 -36.60 15.59
C CYS D 172 -25.11 -35.46 15.65
N LYS D 173 -26.23 -35.66 16.34
CA LYS D 173 -27.20 -34.58 16.48
C LYS D 173 -26.60 -33.37 17.14
N MET D 174 -25.73 -33.57 18.10
CA MET D 174 -25.25 -32.50 18.94
C MET D 174 -23.89 -31.98 18.52
N ASP D 175 -23.35 -32.45 17.40
CA ASP D 175 -22.11 -31.98 16.85
C ASP D 175 -20.93 -32.25 17.76
N PHE D 176 -20.83 -33.43 18.35
CA PHE D 176 -19.57 -33.91 18.87
C PHE D 176 -19.00 -32.99 19.93
N LYS D 177 -19.85 -32.18 20.55
CA LYS D 177 -19.45 -31.33 21.65
C LYS D 177 -20.31 -31.75 22.83
N ILE D 178 -19.69 -32.36 23.82
CA ILE D 178 -20.42 -32.76 25.03
C ILE D 178 -19.53 -32.53 26.24
N PHE D 179 -20.01 -31.74 27.18
CA PHE D 179 -19.19 -31.29 28.28
C PHE D 179 -19.73 -31.84 29.58
N TRP D 180 -18.86 -32.51 30.31
CA TRP D 180 -19.27 -33.14 31.55
C TRP D 180 -18.83 -32.28 32.71
N LEU D 181 -19.62 -32.25 33.76
CA LEU D 181 -19.21 -31.65 35.01
C LEU D 181 -19.59 -32.56 36.16
N ASN D 182 -19.25 -32.11 37.36
CA ASN D 182 -19.84 -32.68 38.56
C ASN D 182 -20.10 -31.55 39.53
N LEU D 183 -21.32 -31.44 39.98
CA LEU D 183 -21.61 -30.56 41.08
C LEU D 183 -21.49 -31.27 42.39
N LYS D 184 -20.96 -32.49 42.37
CA LYS D 184 -20.90 -33.38 43.51
C LYS D 184 -20.50 -32.65 44.78
N ASN D 185 -19.57 -31.73 44.68
CA ASN D 185 -19.35 -30.76 45.73
C ASN D 185 -19.71 -29.41 45.14
N CYS D 186 -20.91 -28.93 45.46
CA CYS D 186 -21.29 -27.58 45.09
C CYS D 186 -22.07 -26.96 46.24
N ASN D 187 -21.51 -25.95 46.88
CA ASN D 187 -22.20 -25.21 47.92
C ASN D 187 -21.60 -23.82 47.98
N SER D 188 -22.41 -22.83 48.28
CA SER D 188 -21.91 -21.48 48.52
C SER D 188 -21.37 -20.88 47.24
N PRO D 189 -21.23 -19.58 47.16
CA PRO D 189 -20.71 -18.99 45.91
C PRO D 189 -19.34 -19.48 45.54
N GLU D 190 -18.40 -19.53 46.49
CA GLU D 190 -17.02 -19.86 46.15
C GLU D 190 -16.96 -21.09 45.28
N THR D 191 -17.40 -22.22 45.82
CA THR D 191 -17.28 -23.48 45.09
C THR D 191 -17.86 -23.36 43.70
N VAL D 192 -19.05 -22.78 43.58
CA VAL D 192 -19.67 -22.63 42.27
C VAL D 192 -18.70 -22.01 41.30
N LEU D 193 -18.08 -20.90 41.70
CA LEU D 193 -17.13 -20.24 40.81
C LEU D 193 -16.14 -21.24 40.26
N GLU D 194 -15.58 -22.07 41.14
CA GLU D 194 -14.67 -23.09 40.67
C GLU D 194 -15.34 -23.93 39.62
N MET D 195 -16.27 -24.77 40.06
CA MET D 195 -16.75 -25.81 39.17
C MET D 195 -17.42 -25.20 37.96
N LEU D 196 -17.73 -23.91 38.05
CA LEU D 196 -18.07 -23.19 36.84
C LEU D 196 -16.84 -22.84 36.05
N GLN D 197 -15.82 -22.31 36.71
CA GLN D 197 -14.72 -21.77 35.94
C GLN D 197 -14.03 -22.86 35.14
N LYS D 198 -13.96 -24.07 35.68
CA LYS D 198 -13.44 -25.18 34.90
C LYS D 198 -14.15 -25.26 33.57
N LEU D 199 -15.47 -25.29 33.60
CA LEU D 199 -16.23 -25.39 32.36
C LEU D 199 -15.76 -24.37 31.36
N LEU D 200 -15.36 -23.21 31.84
CA LEU D 200 -14.95 -22.19 30.88
C LEU D 200 -13.77 -22.66 30.06
N TYR D 201 -12.75 -23.21 30.71
CA TYR D 201 -11.55 -23.56 29.96
C TYR D 201 -11.85 -24.57 28.87
N GLN D 202 -12.67 -25.57 29.16
CA GLN D 202 -12.90 -26.58 28.15
C GLN D 202 -13.46 -25.99 26.88
N ILE D 203 -14.19 -24.88 26.97
CA ILE D 203 -14.78 -24.34 25.76
C ILE D 203 -13.73 -23.65 24.93
N ASP D 204 -12.97 -22.79 25.48
CA ASP D 204 -11.87 -22.17 24.75
C ASP D 204 -10.71 -22.10 25.73
N PRO D 205 -9.50 -22.39 25.29
CA PRO D 205 -8.36 -22.14 26.16
C PRO D 205 -7.88 -20.71 26.08
N ASN D 206 -8.80 -19.75 26.10
CA ASN D 206 -8.40 -18.38 26.35
C ASN D 206 -9.41 -17.74 27.28
N TRP D 207 -8.99 -17.43 28.50
CA TRP D 207 -9.79 -16.47 29.24
C TRP D 207 -8.86 -15.57 30.04
N THR D 208 -8.94 -14.28 29.75
CA THR D 208 -8.21 -13.28 30.53
C THR D 208 -9.05 -12.96 31.75
N SER D 209 -8.35 -12.70 32.85
CA SER D 209 -8.94 -12.31 34.12
C SER D 209 -9.67 -10.97 34.04
N ARG D 210 -9.67 -10.35 32.85
CA ARG D 210 -9.83 -8.91 32.71
C ARG D 210 -10.95 -8.34 33.56
N SER D 211 -12.08 -9.03 33.66
CA SER D 211 -13.10 -8.58 34.60
C SER D 211 -12.54 -8.62 36.01
N ASP D 212 -12.63 -7.47 36.68
CA ASP D 212 -11.77 -7.22 37.82
C ASP D 212 -11.95 -8.26 38.91
N HIS D 213 -10.93 -8.38 39.75
CA HIS D 213 -10.82 -9.40 40.78
C HIS D 213 -11.57 -8.96 42.02
N SER D 214 -12.39 -7.92 41.86
CA SER D 214 -13.05 -7.24 42.97
C SER D 214 -13.64 -8.25 43.93
N SER D 215 -13.39 -8.02 45.22
CA SER D 215 -13.57 -9.04 46.24
C SER D 215 -15.00 -9.53 46.34
N ASN D 216 -15.92 -8.90 45.63
CA ASN D 216 -17.29 -9.36 45.72
C ASN D 216 -17.45 -10.61 44.87
N ILE D 217 -17.56 -11.73 45.56
CA ILE D 217 -17.70 -13.03 44.92
C ILE D 217 -19.01 -13.10 44.16
N LYS D 218 -20.06 -12.52 44.72
CA LYS D 218 -21.36 -12.58 44.08
C LYS D 218 -21.32 -11.87 42.74
N LEU D 219 -20.78 -10.67 42.72
CA LEU D 219 -20.61 -9.99 41.45
C LEU D 219 -19.82 -10.85 40.50
N ARG D 220 -18.71 -11.40 40.97
CA ARG D 220 -17.68 -11.91 40.08
C ARG D 220 -18.23 -12.96 39.14
N ILE D 221 -18.90 -13.98 39.69
CA ILE D 221 -19.41 -15.01 38.81
C ILE D 221 -20.33 -14.39 37.79
N HIS D 222 -21.18 -13.47 38.22
CA HIS D 222 -22.16 -12.94 37.29
C HIS D 222 -21.48 -12.21 36.16
N SER D 223 -20.18 -11.95 36.30
CA SER D 223 -19.41 -11.52 35.14
C SER D 223 -19.04 -12.70 34.27
N ILE D 224 -18.49 -13.75 34.88
CA ILE D 224 -18.16 -14.94 34.11
C ILE D 224 -19.40 -15.43 33.39
N GLN D 225 -20.44 -15.71 34.16
CA GLN D 225 -21.66 -16.26 33.61
C GLN D 225 -22.13 -15.45 32.42
N ALA D 226 -21.95 -14.14 32.46
CA ALA D 226 -22.15 -13.36 31.26
C ALA D 226 -21.21 -13.84 30.17
N GLU D 227 -19.91 -13.61 30.36
CA GLU D 227 -18.93 -13.90 29.31
C GLU D 227 -19.16 -15.25 28.70
N LEU D 228 -19.55 -16.21 29.52
CA LEU D 228 -19.93 -17.50 28.99
C LEU D 228 -21.16 -17.39 28.10
N ARG D 229 -22.26 -16.86 28.64
CA ARG D 229 -23.54 -16.96 27.95
C ARG D 229 -23.42 -16.54 26.51
N ARG D 230 -22.81 -15.40 26.25
CA ARG D 230 -22.63 -14.99 24.88
C ARG D 230 -21.90 -16.05 24.10
N LEU D 231 -20.70 -16.39 24.55
CA LEU D 231 -19.83 -17.27 23.78
C LEU D 231 -20.54 -18.54 23.39
N LEU D 232 -21.24 -19.15 24.33
CA LEU D 232 -21.86 -20.43 24.07
C LEU D 232 -22.81 -20.34 22.88
N LYS D 233 -23.94 -19.67 23.07
CA LYS D 233 -24.92 -19.64 21.99
C LYS D 233 -24.42 -18.91 20.76
N SER D 234 -23.33 -18.17 20.89
CA SER D 234 -22.85 -17.34 19.79
C SER D 234 -22.58 -18.19 18.56
N LYS D 235 -21.51 -18.93 18.59
CA LYS D 235 -20.89 -19.42 17.39
C LYS D 235 -21.32 -20.85 17.13
N PRO D 236 -20.81 -21.49 16.10
CA PRO D 236 -20.68 -22.94 16.15
C PRO D 236 -20.09 -23.27 17.49
N TYR D 237 -20.47 -24.40 18.09
CA TYR D 237 -21.00 -24.47 19.45
C TYR D 237 -22.44 -24.02 19.52
N GLU D 238 -23.20 -24.09 18.43
CA GLU D 238 -24.60 -23.68 18.55
C GLU D 238 -25.40 -24.76 19.24
N ASN D 239 -25.10 -26.01 18.95
CA ASN D 239 -25.76 -27.13 19.62
C ASN D 239 -24.72 -27.83 20.47
N CYS D 240 -24.81 -27.63 21.78
CA CYS D 240 -23.98 -28.38 22.70
C CYS D 240 -24.90 -28.80 23.79
N LEU D 241 -24.44 -29.71 24.64
CA LEU D 241 -25.14 -29.93 25.89
C LEU D 241 -24.13 -30.02 27.01
N LEU D 242 -24.37 -29.23 28.04
CA LEU D 242 -23.76 -29.52 29.31
C LEU D 242 -24.36 -30.81 29.82
N VAL D 243 -23.70 -31.43 30.77
CA VAL D 243 -24.34 -32.45 31.56
C VAL D 243 -23.97 -32.17 32.99
N LEU D 244 -24.90 -32.36 33.89
CA LEU D 244 -24.66 -32.12 35.30
C LEU D 244 -24.92 -33.41 36.03
N LEU D 245 -23.92 -33.89 36.73
CA LEU D 245 -24.11 -35.10 37.50
C LEU D 245 -24.23 -34.74 38.96
N ASN D 246 -25.24 -35.30 39.61
CA ASN D 246 -25.42 -35.14 41.04
C ASN D 246 -25.62 -33.67 41.41
N VAL D 247 -26.58 -33.03 40.75
CA VAL D 247 -26.90 -31.67 41.13
C VAL D 247 -27.27 -31.65 42.59
N GLN D 248 -26.48 -30.93 43.40
CA GLN D 248 -26.70 -30.92 44.85
C GLN D 248 -27.34 -29.67 45.45
N ASN D 249 -27.32 -28.57 44.71
CA ASN D 249 -27.90 -27.33 45.21
C ASN D 249 -29.06 -26.91 44.34
N ALA D 250 -30.21 -26.62 44.95
CA ALA D 250 -31.29 -26.25 44.16
C ALA D 250 -31.09 -25.03 43.54
N ALA D 252 -27.68 -23.80 42.67
CA ALA D 252 -26.70 -24.26 41.80
C ALA D 252 -27.31 -24.10 40.49
N TRP D 253 -28.21 -25.16 40.31
CA TRP D 253 -28.81 -25.03 39.00
C TRP D 253 -28.59 -23.64 38.44
N ASN D 254 -29.16 -22.63 39.09
CA ASN D 254 -29.26 -21.30 38.50
C ASN D 254 -27.90 -20.73 38.16
N ALA D 255 -26.85 -21.36 38.65
CA ALA D 255 -25.55 -21.08 38.10
C ALA D 255 -25.63 -21.16 36.59
N PHE D 256 -25.96 -22.34 36.07
CA PHE D 256 -25.66 -22.69 34.70
C PHE D 256 -26.80 -22.37 33.73
N ASN D 257 -27.86 -21.73 34.20
CA ASN D 257 -29.09 -21.55 33.43
C ASN D 257 -28.82 -21.14 31.98
N LEU D 258 -27.82 -20.31 31.80
CA LEU D 258 -27.58 -19.58 30.56
C LEU D 258 -27.62 -20.45 29.32
N SER D 259 -27.34 -21.74 29.47
CA SER D 259 -26.93 -22.55 28.34
C SER D 259 -28.12 -23.01 27.54
N CYS D 260 -27.86 -24.02 26.74
CA CYS D 260 -28.87 -24.78 26.07
C CYS D 260 -28.72 -26.26 26.39
N LYS D 261 -29.79 -27.00 26.14
CA LYS D 261 -29.74 -28.44 26.00
C LYS D 261 -29.18 -29.15 27.22
N ILE D 262 -29.25 -28.56 28.40
CA ILE D 262 -28.54 -29.20 29.50
C ILE D 262 -29.31 -30.43 29.95
N LEU D 263 -28.75 -31.12 30.93
CA LEU D 263 -29.26 -32.41 31.36
C LEU D 263 -28.91 -32.60 32.82
N LEU D 264 -29.75 -33.30 33.57
CA LEU D 264 -29.56 -33.36 35.00
C LEU D 264 -29.56 -34.79 35.50
N THR D 265 -29.10 -34.93 36.72
CA THR D 265 -29.27 -36.13 37.52
C THR D 265 -29.46 -35.65 38.94
N THR D 266 -30.36 -36.16 39.60
CA THR D 266 -30.58 -35.67 40.95
C THR D 266 -31.17 -36.74 41.86
N ARG D 267 -30.63 -36.81 43.06
CA ARG D 267 -31.29 -37.54 44.12
C ARG D 267 -32.48 -36.76 44.65
N PHE D 268 -32.25 -35.51 45.04
CA PHE D 268 -33.15 -34.82 45.94
C PHE D 268 -34.49 -34.53 45.30
N LYS D 269 -35.54 -34.82 46.04
CA LYS D 269 -36.90 -34.51 45.65
C LYS D 269 -37.03 -33.04 45.29
N GLN D 270 -36.43 -32.16 46.09
CA GLN D 270 -36.71 -30.73 45.92
C GLN D 270 -36.27 -30.22 44.57
N VAL D 271 -35.33 -30.88 43.92
CA VAL D 271 -35.01 -30.49 42.55
C VAL D 271 -36.12 -30.91 41.61
N THR D 272 -36.34 -32.21 41.46
CA THR D 272 -37.35 -32.67 40.52
C THR D 272 -38.70 -32.03 40.76
N ASP D 273 -38.93 -31.52 41.95
CA ASP D 273 -40.13 -30.73 42.18
C ASP D 273 -39.96 -29.30 41.68
N PHE D 274 -38.79 -28.72 41.87
CA PHE D 274 -38.54 -27.33 41.52
C PHE D 274 -38.74 -27.09 40.02
N LEU D 275 -38.28 -28.02 39.19
CA LEU D 275 -38.59 -27.99 37.78
C LEU D 275 -40.03 -28.39 37.55
N SER D 276 -40.56 -28.08 36.38
CA SER D 276 -41.94 -28.36 36.04
C SER D 276 -42.07 -28.82 34.61
N ALA D 277 -43.02 -29.72 34.36
CA ALA D 277 -43.10 -30.39 33.07
C ALA D 277 -43.29 -29.41 31.94
N ALA D 278 -43.63 -28.17 32.24
CA ALA D 278 -43.80 -27.19 31.19
C ALA D 278 -42.56 -27.07 30.33
N THR D 279 -41.42 -26.76 30.94
CA THR D 279 -40.22 -26.56 30.14
C THR D 279 -39.31 -27.77 30.12
N THR D 280 -39.64 -28.81 30.90
CA THR D 280 -38.76 -29.97 30.97
C THR D 280 -39.58 -31.24 30.89
N THR D 281 -38.88 -32.34 30.68
CA THR D 281 -39.46 -33.68 30.80
C THR D 281 -38.94 -34.32 32.06
N HIS D 282 -39.33 -35.57 32.28
CA HIS D 282 -38.78 -36.38 33.36
C HIS D 282 -38.33 -37.71 32.81
N ILE D 283 -37.37 -38.33 33.48
CA ILE D 283 -37.17 -39.76 33.46
C ILE D 283 -36.99 -40.21 34.90
N SER D 284 -37.92 -41.01 35.38
CA SER D 284 -37.79 -41.52 36.73
C SER D 284 -37.20 -42.92 36.64
N LEU D 285 -36.28 -43.24 37.54
CA LEU D 285 -35.82 -44.63 37.56
C LEU D 285 -36.49 -45.46 38.64
N ASP D 286 -37.37 -44.89 39.45
CA ASP D 286 -38.10 -45.69 40.44
C ASP D 286 -39.29 -46.39 39.82
N HIS D 287 -39.88 -45.76 38.81
CA HIS D 287 -41.08 -46.27 38.15
C HIS D 287 -40.81 -47.70 37.73
N HIS D 288 -41.67 -48.60 38.20
CA HIS D 288 -41.31 -50.02 38.26
C HIS D 288 -41.00 -50.56 36.88
N SER D 289 -41.61 -49.99 35.83
CA SER D 289 -41.36 -50.49 34.49
C SER D 289 -39.95 -50.17 34.04
N MET D 290 -39.32 -49.19 34.67
CA MET D 290 -38.02 -48.73 34.18
C MET D 290 -36.87 -49.58 34.71
N THR D 291 -37.12 -50.35 35.76
CA THR D 291 -36.00 -50.82 36.57
C THR D 291 -35.62 -52.31 36.53
N LEU D 292 -34.41 -52.68 35.94
CA LEU D 292 -33.71 -53.95 36.13
C LEU D 292 -34.68 -55.13 36.09
N THR D 293 -35.10 -55.45 34.88
CA THR D 293 -35.74 -56.71 34.60
C THR D 293 -34.91 -57.82 35.22
N PRO D 294 -35.49 -58.70 36.02
CA PRO D 294 -34.69 -59.71 36.70
C PRO D 294 -33.79 -60.47 35.77
N ASP D 295 -34.14 -60.53 34.49
CA ASP D 295 -33.23 -61.09 33.51
C ASP D 295 -31.95 -60.28 33.43
N GLU D 296 -32.04 -58.97 33.62
CA GLU D 296 -30.83 -58.16 33.57
C GLU D 296 -29.88 -58.51 34.69
N VAL D 297 -30.40 -58.60 35.92
CA VAL D 297 -29.56 -58.86 37.07
C VAL D 297 -28.64 -60.04 36.80
N LYS D 298 -29.17 -61.05 36.12
CA LYS D 298 -28.33 -62.15 35.68
C LYS D 298 -27.11 -61.63 34.95
N SER D 299 -27.30 -60.82 33.92
CA SER D 299 -26.17 -60.39 33.12
C SER D 299 -25.20 -59.55 33.94
N LEU D 300 -25.72 -58.55 34.65
CA LEU D 300 -24.84 -57.75 35.50
C LEU D 300 -24.13 -58.62 36.53
N LEU D 301 -24.90 -59.32 37.34
CA LEU D 301 -24.29 -60.11 38.39
C LEU D 301 -23.35 -61.15 37.82
N LEU D 302 -23.44 -61.39 36.50
CA LEU D 302 -22.53 -62.31 35.88
C LEU D 302 -21.13 -61.74 35.80
N LYS D 303 -20.99 -60.56 35.22
CA LYS D 303 -19.67 -60.10 34.76
C LYS D 303 -18.70 -59.98 35.92
N TYR D 304 -19.19 -59.87 37.14
CA TYR D 304 -18.25 -59.87 38.25
C TYR D 304 -17.81 -61.26 38.63
N LEU D 305 -18.76 -62.19 38.74
CA LEU D 305 -18.39 -63.49 39.26
C LEU D 305 -17.70 -64.39 38.24
N ASP D 306 -17.94 -64.18 36.96
CA ASP D 306 -17.27 -64.93 35.90
C ASP D 306 -17.51 -66.42 36.05
N CYS D 307 -18.78 -66.81 36.11
CA CYS D 307 -19.15 -68.20 36.28
C CYS D 307 -20.47 -68.46 35.58
N ARG D 308 -20.68 -69.71 35.26
CA ARG D 308 -21.80 -70.14 34.44
C ARG D 308 -23.13 -69.73 35.08
N PRO D 309 -24.20 -69.66 34.28
CA PRO D 309 -25.50 -69.29 34.86
C PRO D 309 -26.00 -70.26 35.90
N GLN D 310 -25.45 -71.46 35.97
CA GLN D 310 -25.73 -72.33 37.10
C GLN D 310 -25.24 -71.72 38.40
N ASP D 311 -24.25 -70.84 38.33
CA ASP D 311 -23.64 -70.23 39.50
C ASP D 311 -24.30 -68.91 39.89
N LEU D 312 -25.42 -68.60 39.24
CA LEU D 312 -26.17 -67.38 39.50
C LEU D 312 -26.94 -67.46 40.84
N PRO D 313 -27.10 -66.27 41.52
CA PRO D 313 -27.83 -66.39 42.80
C PRO D 313 -29.33 -66.69 42.65
N ARG D 314 -29.89 -67.41 43.61
CA ARG D 314 -31.31 -67.76 43.60
C ARG D 314 -32.04 -67.18 44.81
N GLU D 315 -33.20 -66.57 44.60
CA GLU D 315 -33.97 -65.98 45.69
C GLU D 315 -34.22 -64.47 45.48
N VAL D 316 -33.60 -63.90 44.45
CA VAL D 316 -33.74 -62.49 44.07
C VAL D 316 -33.36 -61.48 45.16
N LEU D 317 -32.15 -60.95 45.03
CA LEU D 317 -31.55 -59.96 45.93
C LEU D 317 -32.07 -58.51 46.03
N THR D 318 -32.43 -57.90 44.89
CA THR D 318 -32.79 -56.49 44.88
C THR D 318 -32.61 -56.00 43.46
N THR D 319 -33.19 -54.88 43.01
CA THR D 319 -32.73 -54.14 41.85
C THR D 319 -32.32 -52.78 42.36
N ASN D 320 -31.03 -52.59 42.53
CA ASN D 320 -30.40 -51.32 42.48
C ASN D 320 -29.08 -51.78 41.92
N PRO D 321 -28.49 -51.07 40.99
CA PRO D 321 -27.12 -51.42 40.63
C PRO D 321 -26.18 -51.18 41.78
N ARG D 322 -26.26 -50.03 42.41
CA ARG D 322 -25.54 -49.90 43.65
C ARG D 322 -26.08 -50.90 44.64
N ARG D 323 -25.22 -51.34 45.54
CA ARG D 323 -25.51 -52.40 46.50
C ARG D 323 -25.66 -53.71 45.79
N LEU D 324 -25.88 -53.68 44.49
CA LEU D 324 -25.76 -54.96 43.83
C LEU D 324 -24.30 -55.24 43.55
N SER D 325 -23.58 -54.22 43.09
CA SER D 325 -22.16 -54.40 42.86
C SER D 325 -21.46 -54.83 44.14
N ILE D 326 -21.64 -54.09 45.22
CA ILE D 326 -20.92 -54.40 46.45
C ILE D 326 -21.03 -55.89 46.76
N ILE D 327 -22.24 -56.44 46.66
CA ILE D 327 -22.37 -57.89 46.73
C ILE D 327 -21.48 -58.54 45.69
N ALA D 328 -21.77 -58.28 44.42
CA ALA D 328 -21.04 -58.92 43.34
C ALA D 328 -19.55 -58.77 43.52
N GLU D 329 -19.12 -57.63 44.05
CA GLU D 329 -17.70 -57.44 44.24
C GLU D 329 -17.20 -58.19 45.45
N SER D 330 -17.92 -58.10 46.56
CA SER D 330 -17.47 -58.75 47.78
C SER D 330 -17.25 -60.24 47.56
N ILE D 331 -17.96 -60.82 46.62
CA ILE D 331 -17.79 -62.24 46.39
C ILE D 331 -16.58 -62.54 45.53
N ARG D 332 -16.38 -61.77 44.46
CA ARG D 332 -15.22 -62.03 43.63
C ARG D 332 -13.93 -61.90 44.41
N ASP D 333 -13.98 -61.27 45.58
CA ASP D 333 -12.78 -61.11 46.36
C ASP D 333 -12.96 -61.54 47.80
N GLY D 334 -13.72 -60.77 48.55
CA GLY D 334 -13.69 -60.84 49.99
C GLY D 334 -14.56 -61.97 50.50
N LEU D 335 -15.14 -61.73 51.66
CA LEU D 335 -15.96 -62.75 52.32
C LEU D 335 -17.35 -62.78 51.70
N ALA D 336 -18.25 -63.44 52.42
CA ALA D 336 -19.69 -63.62 52.20
C ALA D 336 -20.02 -64.85 51.36
N THR D 337 -19.03 -65.54 50.79
CA THR D 337 -19.25 -66.89 50.27
C THR D 337 -20.26 -66.90 49.14
N TRP D 338 -20.89 -65.74 48.93
CA TRP D 338 -22.08 -65.54 48.12
C TRP D 338 -23.27 -66.20 48.79
N ASP D 339 -23.02 -67.11 49.71
CA ASP D 339 -24.09 -67.72 50.49
C ASP D 339 -24.16 -67.17 51.92
N ASN D 340 -23.23 -66.32 52.32
CA ASN D 340 -23.14 -65.94 53.73
C ASN D 340 -23.97 -64.71 54.08
N TRP D 341 -23.67 -63.69 53.29
CA TRP D 341 -24.02 -62.29 53.38
C TRP D 341 -25.18 -61.81 54.23
N LYS D 342 -24.73 -61.30 55.36
CA LYS D 342 -25.48 -60.62 56.39
C LYS D 342 -24.65 -59.34 56.53
N HIS D 343 -23.34 -59.52 56.64
CA HIS D 343 -22.37 -58.45 56.75
C HIS D 343 -22.30 -57.56 55.50
N VAL D 344 -22.30 -58.16 54.31
CA VAL D 344 -22.29 -57.32 53.12
C VAL D 344 -21.39 -56.11 53.34
N ASN D 345 -20.08 -56.34 53.48
CA ASN D 345 -19.03 -55.35 53.22
C ASN D 345 -19.43 -53.98 53.76
N CYS D 346 -19.85 -53.98 55.02
CA CYS D 346 -20.56 -52.83 55.56
C CYS D 346 -19.87 -51.52 55.20
N ASP D 347 -18.54 -51.51 55.23
CA ASP D 347 -17.76 -50.28 55.07
C ASP D 347 -18.21 -49.49 53.84
N LYS D 348 -17.97 -50.03 52.63
CA LYS D 348 -18.38 -49.33 51.43
C LYS D 348 -19.86 -49.00 51.47
N LEU D 349 -20.67 -50.02 51.71
CA LEU D 349 -22.09 -49.79 51.90
C LEU D 349 -22.32 -48.69 52.92
N THR D 350 -21.65 -48.76 54.06
CA THR D 350 -21.72 -47.65 55.01
C THR D 350 -21.16 -46.37 54.43
N THR D 351 -19.90 -46.39 54.01
CA THR D 351 -19.22 -45.16 53.66
C THR D 351 -20.01 -44.40 52.59
N ILE D 352 -20.71 -45.13 51.73
CA ILE D 352 -21.59 -44.47 50.77
C ILE D 352 -22.86 -43.98 51.46
N ILE D 353 -23.52 -44.85 52.21
CA ILE D 353 -24.78 -44.45 52.81
C ILE D 353 -24.53 -43.42 53.90
N GLU D 354 -23.39 -43.51 54.57
CA GLU D 354 -23.16 -42.61 55.69
C GLU D 354 -23.10 -41.17 55.25
N SER D 355 -22.13 -40.84 54.40
CA SER D 355 -22.04 -39.47 53.93
C SER D 355 -23.33 -39.04 53.26
N SER D 356 -24.03 -39.99 52.65
CA SER D 356 -25.27 -39.68 51.96
C SER D 356 -26.30 -39.09 52.91
N LEU D 357 -26.11 -39.31 54.21
CA LEU D 357 -27.01 -38.72 55.17
C LEU D 357 -26.46 -37.44 55.75
N ASN D 358 -25.25 -37.06 55.36
CA ASN D 358 -24.57 -35.96 56.02
C ASN D 358 -25.29 -34.63 55.89
N VAL D 359 -26.36 -34.58 55.10
CA VAL D 359 -26.98 -33.30 54.80
C VAL D 359 -27.73 -32.74 56.00
N LEU D 360 -28.26 -33.61 56.86
CA LEU D 360 -29.30 -33.22 57.80
C LEU D 360 -28.73 -32.49 59.01
N GLU D 361 -29.63 -31.80 59.74
CA GLU D 361 -29.34 -31.16 61.01
C GLU D 361 -29.17 -32.22 62.09
N PRO D 362 -27.98 -32.37 62.67
CA PRO D 362 -27.67 -33.63 63.37
C PRO D 362 -28.56 -33.90 64.58
N ALA D 363 -28.67 -32.94 65.48
CA ALA D 363 -29.49 -33.18 66.66
C ALA D 363 -30.95 -32.98 66.33
N GLU D 364 -31.25 -31.94 65.58
CA GLU D 364 -32.58 -31.72 65.05
C GLU D 364 -33.12 -32.94 64.32
N TYR D 365 -32.27 -33.65 63.58
CA TYR D 365 -32.77 -34.69 62.69
C TYR D 365 -32.02 -36.00 62.86
N ARG D 366 -30.71 -36.04 62.62
CA ARG D 366 -30.05 -37.34 62.58
C ARG D 366 -30.32 -38.16 63.83
N LYS D 367 -30.65 -37.52 64.94
CA LYS D 367 -31.22 -38.26 66.05
C LYS D 367 -32.43 -39.08 65.62
N MET D 368 -33.16 -38.60 64.62
CA MET D 368 -34.50 -39.09 64.39
C MET D 368 -34.54 -40.39 63.58
N PHE D 369 -33.68 -40.54 62.58
CA PHE D 369 -33.53 -41.85 61.96
C PHE D 369 -33.30 -42.93 63.01
N ASP D 370 -32.37 -42.67 63.92
CA ASP D 370 -32.04 -43.62 64.96
C ASP D 370 -33.30 -44.18 65.59
N ARG D 371 -34.31 -43.34 65.77
CA ARG D 371 -35.61 -43.83 66.18
C ARG D 371 -36.17 -44.82 65.17
N LEU D 372 -36.12 -44.48 63.89
CA LEU D 372 -36.86 -45.26 62.91
C LEU D 372 -36.48 -46.73 62.89
N SER D 373 -35.33 -47.08 63.47
CA SER D 373 -34.96 -48.49 63.53
C SER D 373 -35.98 -49.31 64.30
N VAL D 374 -36.85 -48.64 65.07
CA VAL D 374 -37.92 -49.31 65.79
C VAL D 374 -38.73 -50.21 64.87
N PHE D 375 -38.83 -49.87 63.64
CA PHE D 375 -39.89 -50.44 62.85
C PHE D 375 -39.46 -51.70 62.13
N PRO D 376 -40.33 -52.70 62.05
CA PRO D 376 -40.07 -53.87 61.24
C PRO D 376 -40.07 -53.49 59.77
N PRO D 377 -39.12 -54.03 59.01
CA PRO D 377 -38.89 -53.52 57.65
C PRO D 377 -40.09 -53.65 56.73
N SER D 378 -40.09 -52.85 55.67
CA SER D 378 -40.96 -52.90 54.50
C SER D 378 -42.41 -52.49 54.75
N ALA D 379 -42.81 -52.26 55.99
CA ALA D 379 -44.21 -52.01 56.29
C ALA D 379 -44.58 -50.55 56.02
N HIS D 380 -45.77 -50.17 56.48
CA HIS D 380 -46.17 -48.78 56.55
C HIS D 380 -46.28 -48.38 58.02
N ILE D 381 -46.03 -47.12 58.30
CA ILE D 381 -46.11 -46.62 59.66
C ILE D 381 -47.14 -45.50 59.71
N PRO D 382 -48.18 -45.62 60.53
CA PRO D 382 -49.12 -44.51 60.70
C PRO D 382 -48.43 -43.28 61.25
N THR D 383 -48.62 -42.15 60.56
CA THR D 383 -48.05 -40.90 61.05
C THR D 383 -48.51 -40.58 62.46
N ILE D 384 -49.79 -40.75 62.75
CA ILE D 384 -50.28 -40.55 64.11
C ILE D 384 -49.43 -41.35 65.09
N LEU D 385 -49.17 -42.61 64.77
CA LEU D 385 -48.30 -43.41 65.62
C LEU D 385 -46.92 -42.78 65.74
N LEU D 386 -46.42 -42.24 64.64
CA LEU D 386 -45.09 -41.63 64.64
C LEU D 386 -44.96 -40.56 65.72
N SER D 387 -46.07 -39.97 66.14
CA SER D 387 -46.00 -38.86 67.08
C SER D 387 -45.33 -39.28 68.37
N LEU D 388 -45.48 -40.54 68.76
CA LEU D 388 -44.98 -40.98 70.06
C LEU D 388 -43.47 -40.97 70.11
N ILE D 389 -42.83 -41.52 69.08
CA ILE D 389 -41.42 -41.89 69.12
C ILE D 389 -40.54 -40.75 69.64
N TRP D 390 -40.49 -39.65 68.91
CA TRP D 390 -39.50 -38.65 69.27
C TRP D 390 -39.89 -37.91 70.53
N PHE D 391 -40.90 -37.05 70.42
CA PHE D 391 -41.33 -36.22 71.53
C PHE D 391 -40.19 -35.36 72.05
N ASP D 392 -39.13 -35.19 71.24
CA ASP D 392 -38.11 -34.19 71.52
C ASP D 392 -38.53 -32.82 70.98
N VAL D 393 -39.08 -32.79 69.77
CA VAL D 393 -39.81 -31.65 69.25
C VAL D 393 -41.25 -32.11 69.07
N ILE D 394 -42.18 -31.14 69.15
CA ILE D 394 -43.53 -31.42 69.61
C ILE D 394 -44.56 -31.04 68.55
N LYS D 395 -45.75 -31.62 68.70
CA LYS D 395 -47.02 -31.23 68.06
C LYS D 395 -46.93 -31.40 66.54
N SER D 396 -47.39 -30.42 65.77
CA SER D 396 -47.48 -30.55 64.32
C SER D 396 -46.15 -30.81 63.66
N ASP D 397 -45.05 -30.61 64.40
CA ASP D 397 -43.73 -30.78 63.83
C ASP D 397 -43.59 -32.13 63.15
N VAL D 398 -44.36 -33.12 63.60
CA VAL D 398 -44.38 -34.42 62.94
C VAL D 398 -44.52 -34.24 61.43
N MET D 399 -45.67 -33.76 60.99
CA MET D 399 -45.83 -33.52 59.56
C MET D 399 -44.80 -32.55 59.04
N VAL D 400 -44.37 -31.59 59.87
CA VAL D 400 -43.28 -30.73 59.46
C VAL D 400 -42.02 -31.55 59.26
N VAL D 401 -41.71 -32.42 60.21
CA VAL D 401 -40.53 -33.26 60.08
C VAL D 401 -40.57 -34.04 58.78
N VAL D 402 -41.54 -34.96 58.65
CA VAL D 402 -41.55 -35.86 57.50
C VAL D 402 -41.33 -35.06 56.23
N ASN D 403 -42.07 -33.97 56.07
CA ASN D 403 -41.82 -33.10 54.93
C ASN D 403 -40.37 -32.67 54.90
N LYS D 404 -39.93 -31.94 55.93
CA LYS D 404 -38.54 -31.52 56.00
C LYS D 404 -37.61 -32.70 55.75
N LEU D 405 -38.02 -33.87 56.21
CA LEU D 405 -37.27 -35.06 55.88
C LEU D 405 -37.55 -35.48 54.45
N HIS D 406 -38.81 -35.60 54.08
CA HIS D 406 -39.20 -36.16 52.79
C HIS D 406 -38.49 -35.49 51.63
N LYS D 407 -38.26 -34.19 51.69
CA LYS D 407 -37.66 -33.51 50.56
C LYS D 407 -36.35 -34.14 50.18
N TYR D 408 -35.62 -34.66 51.15
CA TYR D 408 -34.44 -35.45 50.82
C TYR D 408 -34.90 -36.83 50.36
N SER D 409 -34.28 -37.34 49.32
CA SER D 409 -34.95 -38.33 48.49
C SER D 409 -35.39 -39.52 49.30
N LEU D 410 -36.70 -39.74 49.33
CA LEU D 410 -37.37 -40.86 49.97
C LEU D 410 -36.70 -41.22 51.28
N VAL D 411 -36.06 -40.26 51.93
CA VAL D 411 -35.50 -40.60 53.21
C VAL D 411 -36.62 -40.82 54.19
N GLU D 412 -37.77 -40.20 53.93
CA GLU D 412 -39.02 -40.68 54.51
C GLU D 412 -39.73 -41.70 53.62
N LYS D 413 -39.82 -41.45 52.32
CA LYS D 413 -40.62 -42.27 51.38
C LYS D 413 -42.12 -42.20 51.67
N GLN D 414 -42.73 -41.07 51.27
CA GLN D 414 -44.18 -40.84 51.40
C GLN D 414 -45.01 -41.90 50.67
N PRO D 415 -46.09 -42.22 51.61
CA PRO D 415 -47.22 -42.93 51.00
C PRO D 415 -48.38 -41.97 50.78
N LYS D 416 -48.44 -40.95 51.63
CA LYS D 416 -49.47 -39.90 51.63
C LYS D 416 -50.89 -40.35 51.99
N GLU D 417 -51.03 -41.46 52.73
CA GLU D 417 -52.28 -41.68 53.45
C GLU D 417 -52.04 -42.03 54.92
N SER D 418 -52.37 -41.07 55.79
CA SER D 418 -52.38 -41.22 57.25
C SER D 418 -51.18 -41.97 57.83
N THR D 419 -50.03 -41.89 57.16
CA THR D 419 -48.87 -42.72 57.47
C THR D 419 -47.57 -42.17 56.90
N ILE D 420 -46.48 -42.90 57.17
CA ILE D 420 -45.20 -42.73 56.51
C ILE D 420 -44.74 -44.12 56.05
N SER D 421 -43.83 -44.17 55.10
CA SER D 421 -43.35 -45.46 54.61
C SER D 421 -41.84 -45.60 54.78
N ILE D 422 -41.35 -46.83 54.90
CA ILE D 422 -39.92 -47.01 55.11
C ILE D 422 -39.16 -46.27 54.03
N PRO D 423 -38.04 -45.58 54.47
CA PRO D 423 -37.33 -44.84 53.40
C PRO D 423 -36.88 -45.84 52.36
N SER D 424 -36.40 -46.99 52.80
CA SER D 424 -35.99 -48.00 51.85
C SER D 424 -35.28 -49.06 52.67
N ILE D 425 -34.75 -50.06 51.97
CA ILE D 425 -33.83 -50.97 52.64
C ILE D 425 -32.59 -50.23 53.08
N TYR D 426 -32.02 -49.40 52.21
CA TYR D 426 -30.74 -48.76 52.45
C TYR D 426 -30.70 -47.97 53.73
N LEU D 427 -31.40 -46.85 53.73
CA LEU D 427 -31.32 -45.96 54.87
C LEU D 427 -31.76 -46.69 56.13
N GLU D 428 -32.39 -47.85 55.98
CA GLU D 428 -32.53 -48.82 57.05
C GLU D 428 -31.29 -49.69 57.23
N LEU D 429 -31.06 -50.27 56.09
CA LEU D 429 -30.10 -51.36 56.16
C LEU D 429 -28.83 -51.02 56.92
N LYS D 430 -28.55 -49.73 57.14
CA LYS D 430 -27.20 -49.33 57.52
C LYS D 430 -26.64 -50.09 58.72
N VAL D 431 -27.07 -49.72 59.93
CA VAL D 431 -26.54 -50.38 61.13
C VAL D 431 -27.54 -50.36 62.28
N LYS D 432 -27.62 -51.48 63.00
CA LYS D 432 -27.41 -51.45 64.44
C LYS D 432 -28.02 -50.25 65.15
N LEU D 433 -29.33 -50.31 65.39
CA LEU D 433 -30.15 -49.22 65.92
C LEU D 433 -29.48 -48.40 67.03
N GLU D 434 -28.75 -49.06 67.93
CA GLU D 434 -28.17 -48.39 69.08
C GLU D 434 -29.27 -47.71 69.89
N ASN D 435 -29.22 -46.38 69.93
CA ASN D 435 -30.29 -45.55 70.45
C ASN D 435 -30.43 -45.74 71.96
N GLU D 436 -29.70 -46.71 72.50
CA GLU D 436 -29.47 -46.86 73.94
C GLU D 436 -30.80 -46.99 74.67
N TYR D 437 -31.18 -46.06 75.53
CA TYR D 437 -32.35 -46.19 76.40
C TYR D 437 -33.61 -46.57 75.65
N ALA D 438 -33.68 -46.23 74.35
CA ALA D 438 -34.95 -46.16 73.64
C ALA D 438 -35.82 -47.39 73.85
N LEU D 439 -35.23 -48.58 73.68
CA LEU D 439 -35.98 -49.77 73.30
C LEU D 439 -37.28 -49.97 74.09
N HIS D 440 -37.18 -50.41 75.34
CA HIS D 440 -38.37 -50.80 76.10
C HIS D 440 -39.46 -49.74 76.03
N ARG D 441 -39.23 -48.59 76.66
CA ARG D 441 -40.23 -47.53 76.71
C ARG D 441 -40.73 -47.17 75.32
N SER D 442 -39.82 -47.06 74.35
CA SER D 442 -40.24 -46.72 72.99
C SER D 442 -41.02 -47.86 72.36
N ILE D 443 -40.47 -49.15 72.48
CA ILE D 443 -41.27 -50.29 72.05
C ILE D 443 -42.46 -50.52 72.97
N VAL D 444 -42.22 -50.56 74.28
CA VAL D 444 -43.29 -50.71 75.24
C VAL D 444 -44.35 -49.62 75.12
N ASP D 445 -44.01 -48.35 75.34
CA ASP D 445 -45.03 -47.32 75.41
C ASP D 445 -45.78 -47.18 74.09
N HIS D 446 -45.13 -47.54 72.99
CA HIS D 446 -45.83 -47.49 71.70
C HIS D 446 -46.91 -48.56 71.60
N TYR D 447 -46.99 -49.42 72.62
CA TYR D 447 -48.13 -50.31 72.76
C TYR D 447 -49.34 -49.50 73.20
N ASN D 448 -49.18 -48.19 73.34
CA ASN D 448 -50.15 -47.35 74.01
C ASN D 448 -51.61 -47.66 73.64
N ILE D 449 -51.86 -47.93 72.38
CA ILE D 449 -53.24 -48.02 71.89
C ILE D 449 -54.13 -49.12 72.54
N PRO D 450 -53.80 -50.42 72.37
CA PRO D 450 -54.84 -51.45 72.61
C PRO D 450 -55.39 -51.52 74.03
N LYS D 451 -54.54 -51.62 75.05
CA LYS D 451 -54.99 -52.11 76.36
C LYS D 451 -56.21 -51.38 76.88
N THR D 452 -56.34 -50.21 76.29
CA THR D 452 -57.55 -49.44 76.51
C THR D 452 -58.77 -50.26 76.13
N PHE D 453 -58.91 -50.57 74.84
CA PHE D 453 -59.97 -51.47 74.40
C PHE D 453 -59.63 -52.90 74.77
N ASP D 454 -60.52 -53.56 75.51
CA ASP D 454 -60.30 -54.97 75.77
C ASP D 454 -61.44 -55.82 75.24
N SER D 455 -62.59 -55.79 75.91
CA SER D 455 -63.72 -56.63 75.55
C SER D 455 -64.99 -55.79 75.52
N ASP D 456 -65.73 -55.90 74.41
CA ASP D 456 -66.98 -55.17 74.21
C ASP D 456 -67.74 -55.79 73.04
N ASP D 457 -68.83 -55.12 72.67
CA ASP D 457 -69.69 -55.55 71.59
C ASP D 457 -69.06 -55.26 70.23
N LEU D 458 -69.50 -56.00 69.22
CA LEU D 458 -69.35 -55.62 67.81
C LEU D 458 -67.88 -55.54 67.39
N ILE D 459 -67.54 -54.51 66.64
CA ILE D 459 -66.24 -54.38 65.99
C ILE D 459 -65.47 -53.21 66.60
N PRO D 460 -64.31 -53.52 67.19
CA PRO D 460 -63.51 -52.55 67.94
C PRO D 460 -62.79 -51.45 67.17
N PRO D 461 -62.56 -50.29 67.90
CA PRO D 461 -61.83 -49.26 67.16
C PRO D 461 -60.38 -49.64 67.36
N TYR D 462 -59.86 -50.32 66.34
CA TYR D 462 -58.52 -50.84 66.29
C TYR D 462 -57.84 -50.36 65.02
N LEU D 463 -56.52 -50.15 65.09
CA LEU D 463 -55.89 -49.19 64.19
C LEU D 463 -55.47 -49.85 62.90
N ASP D 464 -56.21 -49.54 61.83
CA ASP D 464 -55.90 -49.69 60.42
C ASP D 464 -55.33 -51.07 60.10
N GLN D 465 -54.40 -51.13 59.16
CA GLN D 465 -53.75 -52.37 58.77
C GLN D 465 -52.37 -52.57 59.36
N TYR D 466 -51.85 -51.59 60.11
CA TYR D 466 -50.54 -51.80 60.73
C TYR D 466 -50.65 -52.69 61.95
N PHE D 467 -51.58 -52.42 62.85
CA PHE D 467 -51.65 -53.22 64.07
C PHE D 467 -51.89 -54.71 63.93
N TYR D 468 -52.70 -55.08 62.96
CA TYR D 468 -52.97 -56.48 62.74
C TYR D 468 -51.68 -57.22 62.43
N SER D 469 -50.71 -56.52 61.83
CA SER D 469 -49.49 -57.20 61.45
C SER D 469 -48.49 -57.25 62.59
N HIS D 470 -47.85 -56.13 62.87
CA HIS D 470 -46.62 -56.14 63.64
C HIS D 470 -46.79 -55.83 65.10
N ILE D 471 -48.02 -55.62 65.56
CA ILE D 471 -48.23 -55.27 66.98
C ILE D 471 -47.49 -56.24 67.87
N GLY D 472 -47.39 -57.49 67.46
CA GLY D 472 -46.63 -58.46 68.24
C GLY D 472 -45.15 -58.16 68.25
N HIS D 473 -44.63 -57.58 67.17
CA HIS D 473 -43.24 -57.18 67.22
C HIS D 473 -42.97 -56.25 68.38
N HIS D 474 -43.79 -55.22 68.53
CA HIS D 474 -43.63 -54.37 69.70
C HIS D 474 -43.74 -55.16 70.99
N LEU D 475 -44.47 -56.26 71.00
CA LEU D 475 -44.47 -57.10 72.17
C LEU D 475 -43.11 -57.72 72.42
N LYS D 476 -42.29 -57.88 71.38
CA LYS D 476 -41.00 -58.55 71.53
C LYS D 476 -40.16 -57.94 72.65
N ASN D 477 -40.34 -56.66 72.92
CA ASN D 477 -39.60 -55.99 73.96
C ASN D 477 -40.35 -55.94 75.28
N ILE D 478 -41.51 -56.60 75.39
CA ILE D 478 -42.36 -56.42 76.55
C ILE D 478 -42.39 -57.72 77.35
N GLU D 479 -43.04 -57.69 78.52
CA GLU D 479 -43.17 -58.87 79.36
C GLU D 479 -43.97 -59.95 78.65
N HIS D 480 -43.39 -61.14 78.58
CA HIS D 480 -43.96 -62.23 77.82
C HIS D 480 -45.28 -62.70 78.44
N PRO D 481 -45.33 -63.02 79.73
CA PRO D 481 -46.65 -63.33 80.30
C PRO D 481 -47.62 -62.20 80.09
N GLU D 482 -47.15 -60.97 80.30
CA GLU D 482 -47.99 -59.82 80.01
C GLU D 482 -48.41 -59.81 78.56
N ARG D 483 -47.57 -60.32 77.66
CA ARG D 483 -48.09 -60.48 76.30
C ARG D 483 -48.96 -61.72 76.20
N MET D 484 -48.52 -62.84 76.75
CA MET D 484 -49.28 -64.08 76.63
C MET D 484 -50.71 -63.87 77.12
N THR D 485 -50.88 -62.98 78.10
CA THR D 485 -52.18 -62.40 78.35
C THR D 485 -52.74 -61.73 77.11
N LEU D 486 -52.11 -60.64 76.69
CA LEU D 486 -52.63 -59.78 75.63
C LEU D 486 -52.06 -60.07 74.26
N PHE D 487 -51.24 -61.13 74.12
CA PHE D 487 -50.78 -61.47 72.78
C PHE D 487 -51.93 -61.92 71.90
N ARG D 488 -53.07 -62.23 72.53
CA ARG D 488 -54.31 -62.50 71.82
C ARG D 488 -54.19 -63.68 70.88
N MET D 489 -53.19 -64.55 71.12
CA MET D 489 -53.43 -65.97 70.96
C MET D 489 -54.67 -66.35 71.73
N VAL D 490 -54.78 -65.81 72.94
CA VAL D 490 -55.94 -66.04 73.79
C VAL D 490 -57.18 -65.46 73.16
N PHE D 491 -57.10 -64.22 72.67
CA PHE D 491 -58.30 -63.47 72.33
C PHE D 491 -58.70 -63.84 70.90
N LEU D 492 -59.89 -64.42 70.75
CA LEU D 492 -60.42 -64.78 69.45
C LEU D 492 -61.05 -63.58 68.75
N ASP D 493 -61.51 -62.60 69.53
CA ASP D 493 -62.21 -61.43 69.02
C ASP D 493 -61.33 -60.63 68.06
N PHE D 494 -60.31 -59.95 68.60
CA PHE D 494 -59.38 -59.18 67.77
C PHE D 494 -58.79 -60.01 66.65
N ARG D 495 -58.42 -61.25 66.95
CA ARG D 495 -57.45 -61.97 66.15
C ARG D 495 -57.93 -62.17 64.71
N PHE D 496 -59.17 -62.63 64.53
CA PHE D 496 -59.68 -62.91 63.19
C PHE D 496 -59.66 -61.67 62.31
N LEU D 497 -59.74 -60.49 62.91
CA LEU D 497 -59.90 -59.27 62.15
C LEU D 497 -58.69 -58.97 61.28
N GLU D 498 -57.57 -59.66 61.52
CA GLU D 498 -56.43 -59.57 60.63
C GLU D 498 -56.80 -60.02 59.21
N GLN D 499 -57.05 -61.31 59.03
CA GLN D 499 -57.37 -61.89 57.74
C GLN D 499 -58.68 -61.39 57.17
N LYS D 500 -59.43 -60.61 57.94
CA LYS D 500 -60.60 -59.90 57.48
C LYS D 500 -60.35 -59.27 56.12
N ILE D 501 -59.40 -58.34 56.06
CA ILE D 501 -59.02 -57.65 54.83
C ILE D 501 -58.45 -58.62 53.80
N ARG D 502 -57.93 -59.76 54.26
CA ARG D 502 -57.20 -60.69 53.40
C ARG D 502 -58.17 -61.44 52.51
N HIS D 503 -57.91 -61.38 51.23
CA HIS D 503 -58.69 -62.10 50.23
C HIS D 503 -57.75 -62.60 49.15
N ASP D 504 -58.32 -63.30 48.17
CA ASP D 504 -57.57 -63.69 47.00
C ASP D 504 -58.14 -63.00 45.77
N SER D 505 -57.25 -62.52 44.91
CA SER D 505 -57.65 -62.22 43.56
C SER D 505 -58.34 -63.41 42.91
N THR D 506 -57.79 -64.60 43.06
CA THR D 506 -58.14 -65.73 42.20
C THR D 506 -58.47 -66.98 43.00
N ALA D 507 -59.32 -67.82 42.42
CA ALA D 507 -59.71 -69.13 42.93
C ALA D 507 -60.23 -69.17 44.36
N TRP D 508 -59.93 -70.26 45.04
CA TRP D 508 -60.36 -70.47 46.41
C TRP D 508 -59.28 -70.24 47.44
N ASN D 509 -58.12 -69.79 46.98
CA ASN D 509 -56.92 -69.55 47.78
C ASN D 509 -56.58 -68.10 48.17
N ALA D 510 -55.31 -67.90 48.55
CA ALA D 510 -54.79 -66.60 48.98
C ALA D 510 -53.76 -65.95 48.03
N SER D 511 -53.93 -64.64 47.83
CA SER D 511 -53.11 -63.80 46.97
C SER D 511 -53.63 -63.85 45.54
N GLY D 512 -52.75 -63.70 44.57
CA GLY D 512 -53.07 -62.90 43.43
C GLY D 512 -53.39 -61.48 43.83
N SER D 513 -53.67 -61.29 45.12
CA SER D 513 -53.89 -60.05 45.83
C SER D 513 -53.10 -60.10 47.12
N ILE D 514 -53.58 -60.89 48.08
CA ILE D 514 -53.11 -60.87 49.47
C ILE D 514 -53.13 -62.27 50.08
N LEU D 515 -52.11 -62.62 50.86
CA LEU D 515 -52.12 -63.91 51.54
C LEU D 515 -53.10 -63.89 52.70
N ASN D 516 -53.46 -65.09 53.12
CA ASN D 516 -54.37 -65.30 54.23
C ASN D 516 -53.82 -66.39 55.13
N THR D 517 -52.81 -66.03 55.94
CA THR D 517 -52.13 -66.92 56.93
C THR D 517 -50.61 -67.05 57.08
N LEU D 518 -49.88 -67.71 56.18
CA LEU D 518 -48.46 -67.94 56.51
C LEU D 518 -47.89 -66.89 57.45
N GLN D 519 -48.15 -65.62 57.16
CA GLN D 519 -47.79 -64.57 58.08
C GLN D 519 -48.31 -64.95 59.44
N GLN D 520 -49.64 -65.06 59.51
CA GLN D 520 -50.26 -65.65 60.67
C GLN D 520 -49.47 -66.86 61.10
N LEU D 521 -49.47 -67.89 60.26
CA LEU D 521 -48.72 -69.08 60.60
C LEU D 521 -47.31 -68.75 61.04
N LYS D 522 -46.64 -67.89 60.28
CA LYS D 522 -45.28 -67.53 60.59
C LYS D 522 -45.16 -66.96 61.99
N PHE D 523 -46.18 -66.24 62.46
CA PHE D 523 -46.16 -65.80 63.84
C PHE D 523 -46.10 -66.98 64.80
N TYR D 524 -46.65 -68.11 64.38
CA TYR D 524 -47.01 -69.10 65.38
C TYR D 524 -45.83 -69.94 65.81
N LYS D 525 -44.79 -70.01 65.00
CA LYS D 525 -43.57 -70.67 65.46
C LYS D 525 -42.86 -69.86 66.54
N PRO D 526 -42.50 -68.58 66.31
CA PRO D 526 -41.72 -67.89 67.34
C PRO D 526 -42.50 -67.61 68.60
N TYR D 527 -43.76 -67.22 68.50
CA TYR D 527 -44.43 -66.49 69.56
C TYR D 527 -45.00 -67.40 70.64
N ILE D 528 -44.70 -68.69 70.57
CA ILE D 528 -45.07 -69.64 71.61
C ILE D 528 -44.08 -69.54 72.76
N CYS D 529 -43.26 -68.48 72.75
CA CYS D 529 -42.06 -68.40 73.58
C CYS D 529 -42.28 -68.90 75.01
N ASP D 530 -43.30 -68.38 75.69
CA ASP D 530 -43.67 -68.84 77.03
C ASP D 530 -45.11 -69.33 76.98
N ASN D 531 -45.30 -70.65 77.08
CA ASN D 531 -46.64 -71.25 77.10
C ASN D 531 -46.50 -72.70 77.55
N ASP D 532 -47.65 -73.37 77.65
CA ASP D 532 -47.73 -74.74 78.13
C ASP D 532 -48.52 -75.58 77.13
N PRO D 533 -48.60 -76.90 77.30
CA PRO D 533 -49.36 -77.71 76.33
C PRO D 533 -50.78 -77.23 76.11
N LYS D 534 -51.41 -76.67 77.13
CA LYS D 534 -52.72 -76.06 76.99
C LYS D 534 -52.73 -75.15 75.79
N TYR D 535 -52.00 -74.03 75.91
CA TYR D 535 -51.96 -73.05 74.84
C TYR D 535 -51.34 -73.63 73.58
N GLU D 536 -50.34 -74.50 73.75
CA GLU D 536 -49.56 -74.98 72.61
C GLU D 536 -50.39 -75.87 71.69
N ARG D 537 -51.02 -76.89 72.26
CA ARG D 537 -51.93 -77.69 71.46
C ARG D 537 -53.13 -76.90 71.00
N LEU D 538 -53.57 -75.93 71.80
CA LEU D 538 -54.62 -75.01 71.38
C LEU D 538 -54.31 -74.42 70.02
N VAL D 539 -53.14 -73.81 69.88
CA VAL D 539 -52.72 -73.31 68.57
C VAL D 539 -52.57 -74.47 67.59
N ASN D 540 -51.81 -75.49 67.99
CA ASN D 540 -51.60 -76.65 67.13
C ASN D 540 -52.91 -77.11 66.54
N ALA D 541 -53.93 -77.24 67.38
CA ALA D 541 -55.28 -77.31 66.89
C ALA D 541 -55.59 -76.18 65.92
N ILE D 542 -55.66 -74.94 66.42
CA ILE D 542 -56.21 -73.84 65.63
C ILE D 542 -55.61 -73.80 64.24
N LEU D 543 -54.38 -74.32 64.12
CA LEU D 543 -53.84 -74.56 62.80
C LEU D 543 -54.86 -75.23 61.89
N ASP D 544 -55.65 -76.15 62.44
CA ASP D 544 -56.72 -76.76 61.68
C ASP D 544 -57.68 -75.74 61.08
N PHE D 545 -58.25 -74.85 61.88
CA PHE D 545 -59.24 -73.92 61.35
C PHE D 545 -58.69 -73.21 60.16
N LEU D 546 -57.38 -72.99 60.15
CA LEU D 546 -56.78 -72.09 59.19
C LEU D 546 -57.08 -72.50 57.76
N PRO D 547 -56.81 -73.73 57.33
CA PRO D 547 -57.51 -74.18 56.12
C PRO D 547 -58.99 -74.21 56.36
N LYS D 548 -59.39 -74.81 57.47
CA LYS D 548 -60.78 -75.17 57.69
C LYS D 548 -61.69 -73.95 57.58
N ILE D 549 -61.25 -72.82 58.14
CA ILE D 549 -62.06 -71.61 58.04
C ILE D 549 -62.35 -71.29 56.58
N GLU D 550 -63.52 -70.73 56.35
CA GLU D 550 -64.00 -70.34 55.05
C GLU D 550 -64.00 -68.83 54.91
N GLU D 551 -63.71 -68.41 53.68
CA GLU D 551 -63.89 -67.00 53.35
C GLU D 551 -65.30 -66.78 52.85
N ASN D 552 -65.85 -65.62 53.17
CA ASN D 552 -67.27 -65.43 53.39
C ASN D 552 -67.58 -63.98 53.07
N LEU D 553 -68.75 -63.51 53.50
CA LEU D 553 -68.82 -62.11 53.88
C LEU D 553 -67.96 -61.94 55.13
N ILE D 554 -66.99 -61.03 55.06
CA ILE D 554 -65.93 -61.02 56.05
C ILE D 554 -66.45 -60.41 57.34
N CYS D 555 -66.39 -61.19 58.41
CA CYS D 555 -66.74 -60.78 59.77
C CYS D 555 -68.21 -60.44 59.86
N SER D 556 -68.82 -60.14 58.73
CA SER D 556 -70.26 -60.17 58.65
C SER D 556 -70.59 -61.60 58.32
N LYS D 557 -71.20 -62.29 59.27
CA LYS D 557 -70.88 -63.69 59.52
C LYS D 557 -69.43 -63.83 59.97
N TYR D 558 -69.24 -63.44 61.22
CA TYR D 558 -68.16 -63.92 62.06
C TYR D 558 -68.63 -65.03 63.00
N THR D 559 -69.92 -65.39 62.93
CA THR D 559 -70.62 -66.03 64.04
C THR D 559 -70.22 -67.46 64.31
N ASP D 560 -70.32 -68.67 63.44
CA ASP D 560 -69.85 -70.05 63.36
C ASP D 560 -68.47 -70.29 63.97
N LEU D 561 -67.50 -69.45 63.62
CA LEU D 561 -66.10 -69.62 64.03
C LEU D 561 -65.95 -69.88 65.53
N LEU D 562 -66.57 -69.02 66.33
CA LEU D 562 -66.52 -69.10 67.78
C LEU D 562 -66.89 -70.48 68.32
N ARG D 563 -68.05 -70.98 67.89
CA ARG D 563 -68.58 -72.22 68.43
C ARG D 563 -67.93 -73.44 67.80
N ILE D 564 -67.47 -73.32 66.55
CA ILE D 564 -66.82 -74.45 65.89
C ILE D 564 -65.35 -74.52 66.30
N ALA D 565 -64.92 -73.53 67.08
CA ALA D 565 -63.62 -73.64 67.73
C ALA D 565 -63.70 -74.68 68.84
N LEU D 566 -64.92 -75.06 69.20
CA LEU D 566 -65.18 -76.01 70.28
C LEU D 566 -65.39 -77.44 69.80
N MET D 567 -65.26 -77.67 68.49
CA MET D 567 -65.43 -79.01 67.91
C MET D 567 -64.59 -80.04 68.65
N ALA D 568 -63.27 -79.93 68.52
CA ALA D 568 -62.35 -80.67 69.38
C ALA D 568 -61.80 -79.69 70.41
N GLU D 569 -62.21 -79.83 71.66
CA GLU D 569 -61.94 -78.81 72.64
C GLU D 569 -60.94 -79.21 73.72
N ASP D 570 -59.72 -78.67 73.59
CA ASP D 570 -58.77 -78.62 74.69
C ASP D 570 -58.79 -77.22 75.28
N GLU D 571 -59.66 -76.38 74.72
CA GLU D 571 -59.59 -74.93 74.95
C GLU D 571 -60.64 -74.41 75.92
N ALA D 572 -60.22 -73.49 76.78
CA ALA D 572 -61.12 -72.78 77.68
C ALA D 572 -61.54 -71.44 77.08
N ILE D 573 -61.12 -71.20 75.84
CA ILE D 573 -61.33 -69.93 75.16
C ILE D 573 -62.78 -69.44 75.16
N PHE D 574 -63.69 -70.27 74.68
CA PHE D 574 -65.09 -69.87 74.57
C PHE D 574 -65.71 -69.67 75.94
N GLU D 575 -65.17 -70.37 76.93
CA GLU D 575 -65.60 -70.20 78.32
C GLU D 575 -65.18 -68.82 78.82
N GLU D 576 -64.09 -68.31 78.26
CA GLU D 576 -63.62 -66.96 78.59
C GLU D 576 -64.35 -65.95 77.71
N ALA D 577 -65.02 -66.45 76.68
CA ALA D 577 -65.82 -65.61 75.79
C ALA D 577 -67.23 -65.42 76.36
N HIS D 578 -67.45 -65.99 77.54
CA HIS D 578 -68.74 -65.90 78.22
C HIS D 578 -69.07 -64.47 78.63
N LYS D 579 -68.07 -63.58 78.59
CA LYS D 579 -68.27 -62.19 78.96
C LYS D 579 -68.59 -61.32 77.74
N GLN D 580 -68.62 -61.95 76.58
CA GLN D 580 -68.88 -61.23 75.33
C GLN D 580 -70.02 -61.86 74.52
N VAL D 581 -69.89 -63.12 74.16
CA VAL D 581 -70.80 -63.79 73.21
C VAL D 581 -72.28 -63.74 73.62
N GLN D 582 -72.54 -63.53 74.90
CA GLN D 582 -73.91 -63.58 75.42
C GLN D 582 -74.61 -62.22 75.53
N ARG D 583 -73.98 -61.16 75.03
CA ARG D 583 -74.41 -59.80 75.41
C ARG D 583 -75.69 -59.35 74.73
N PHE D 584 -76.71 -59.14 75.56
CA PHE D 584 -78.01 -58.57 75.19
C PHE D 584 -78.65 -59.15 73.93
N ASP D 585 -79.35 -58.28 73.20
CA ASP D 585 -79.91 -58.61 71.89
C ASP D 585 -79.07 -58.03 70.77
N ASP D 586 -78.04 -57.26 71.14
CA ASP D 586 -77.28 -56.49 70.16
C ASP D 586 -76.39 -57.40 69.32
N ARG D 587 -75.41 -58.02 69.96
CA ARG D 587 -74.55 -58.98 69.30
C ARG D 587 -75.20 -60.36 69.48
N VAL D 588 -74.50 -61.43 69.14
CA VAL D 588 -75.09 -62.76 69.05
C VAL D 588 -75.64 -63.28 70.38
N TRP D 589 -76.55 -64.24 70.29
CA TRP D 589 -77.11 -64.91 71.45
C TRP D 589 -76.61 -66.35 71.43
N PHE D 590 -76.97 -67.15 72.43
CA PHE D 590 -76.41 -68.50 72.51
C PHE D 590 -77.15 -69.43 71.56
N THR D 591 -76.42 -69.92 70.56
CA THR D 591 -76.93 -70.74 69.46
C THR D 591 -75.77 -71.55 68.91
N ASN D 592 -75.94 -72.14 67.73
CA ASN D 592 -74.80 -72.54 66.91
C ASN D 592 -74.07 -73.78 67.42
N HIS D 593 -74.62 -74.39 68.47
CA HIS D 593 -73.95 -75.38 69.33
C HIS D 593 -73.01 -76.35 68.60
N GLY D 594 -73.51 -77.10 67.64
CA GLY D 594 -72.66 -78.05 66.95
C GLY D 594 -72.30 -79.26 67.80
N ARG D 595 -71.01 -79.46 68.07
CA ARG D 595 -70.53 -80.69 68.71
C ARG D 595 -70.81 -81.89 67.81
N PHE D 596 -69.93 -82.07 66.82
CA PHE D 596 -70.12 -82.96 65.67
C PHE D 596 -71.29 -82.49 64.80
N HIS D 597 -71.05 -81.35 64.15
CA HIS D 597 -71.98 -80.78 63.17
C HIS D 597 -71.14 -80.08 62.10
N GLN D 598 -71.73 -79.89 60.93
CA GLN D 598 -71.15 -79.10 59.83
C GLN D 598 -69.92 -79.74 59.17
N HIS D 599 -69.46 -80.88 59.68
CA HIS D 599 -68.38 -81.65 59.06
C HIS D 599 -67.15 -80.79 58.74
N ARG D 600 -66.90 -80.58 57.46
CA ARG D 600 -65.73 -79.83 56.96
C ARG D 600 -64.39 -80.50 57.22
N GLN D 601 -63.50 -79.80 57.94
CA GLN D 601 -62.06 -80.04 57.88
C GLN D 601 -61.67 -79.76 56.43
N ILE D 602 -62.13 -78.60 55.96
CA ILE D 602 -62.01 -78.20 54.57
C ILE D 602 -60.94 -77.11 54.40
N ILE D 603 -60.07 -77.28 53.41
CA ILE D 603 -58.89 -76.44 53.29
C ILE D 603 -59.05 -75.28 52.29
N ASN D 604 -60.18 -75.22 51.58
CA ASN D 604 -60.36 -74.21 50.55
C ASN D 604 -61.24 -73.01 50.96
N LEU D 605 -60.62 -71.85 51.11
CA LEU D 605 -61.36 -70.66 51.53
C LEU D 605 -61.84 -69.79 50.38
N GLY D 606 -61.35 -70.04 49.17
CA GLY D 606 -61.68 -69.17 48.05
C GLY D 606 -62.99 -69.45 47.36
N ASP D 607 -63.71 -68.39 47.00
CA ASP D 607 -64.90 -68.50 46.16
C ASP D 607 -64.64 -68.12 44.70
N ASN D 608 -63.41 -67.72 44.40
CA ASN D 608 -63.11 -67.03 43.15
C ASN D 608 -63.11 -67.92 41.90
N GLU D 609 -62.90 -67.28 40.76
CA GLU D 609 -62.91 -67.94 39.46
C GLU D 609 -61.62 -68.70 39.15
N GLY D 610 -61.72 -69.68 38.25
CA GLY D 610 -60.56 -70.41 37.79
C GLY D 610 -60.91 -71.22 36.55
N ARG D 611 -59.89 -71.65 35.81
CA ARG D 611 -60.11 -72.41 34.58
C ARG D 611 -59.37 -73.75 34.60
N HIS D 612 -58.03 -73.69 34.64
CA HIS D 612 -57.23 -74.91 34.67
C HIS D 612 -56.37 -75.01 35.91
N ALA D 613 -56.17 -76.24 36.39
CA ALA D 613 -55.37 -76.50 37.58
C ALA D 613 -54.84 -77.93 37.60
N VAL D 614 -53.79 -78.14 38.39
CA VAL D 614 -53.19 -79.47 38.59
C VAL D 614 -52.06 -79.38 39.62
N TYR D 615 -51.71 -80.51 40.22
CA TYR D 615 -50.64 -80.60 41.21
C TYR D 615 -49.25 -80.73 40.59
N LEU D 616 -48.24 -80.31 41.34
CA LEU D 616 -46.86 -80.53 40.96
C LEU D 616 -46.45 -81.97 41.29
N HIS D 617 -45.61 -82.55 40.44
CA HIS D 617 -45.23 -83.95 40.59
C HIS D 617 -44.34 -84.20 41.82
N ASN D 618 -43.72 -83.13 42.32
CA ASN D 618 -42.85 -83.24 43.49
C ASN D 618 -43.65 -83.14 44.79
N ASP D 619 -44.96 -82.97 44.65
CA ASP D 619 -45.87 -82.78 45.78
C ASP D 619 -45.42 -81.56 46.59
N PHE D 620 -45.07 -80.50 45.88
CA PHE D 620 -44.68 -79.25 46.51
C PHE D 620 -45.72 -78.16 46.25
N CYS D 621 -45.88 -77.78 44.99
CA CYS D 621 -46.79 -76.70 44.65
C CYS D 621 -48.10 -77.20 44.06
N LEU D 622 -49.02 -76.26 43.82
CA LEU D 622 -50.27 -76.53 43.13
C LEU D 622 -50.56 -75.39 42.16
N ILE D 623 -50.61 -75.70 40.85
CA ILE D 623 -50.84 -74.62 39.90
C ILE D 623 -52.32 -74.51 39.55
N ALA D 624 -52.83 -73.30 39.61
CA ALA D 624 -54.22 -73.02 39.24
C ALA D 624 -54.34 -71.61 38.69
N LEU D 625 -55.18 -71.44 37.67
CA LEU D 625 -55.30 -70.15 36.98
C LEU D 625 -56.37 -70.13 35.90
N ALA D 626 -56.82 -68.94 35.55
CA ALA D 626 -57.69 -68.76 34.39
C ALA D 626 -57.12 -67.72 33.43
N SER D 627 -57.28 -66.45 33.79
CA SER D 627 -56.74 -65.34 33.01
C SER D 627 -55.44 -64.80 33.57
N GLY D 628 -55.00 -65.35 34.70
CA GLY D 628 -53.84 -64.82 35.41
C GLY D 628 -52.51 -65.43 35.03
N GLN D 629 -52.56 -66.66 34.52
CA GLN D 629 -51.34 -67.43 34.20
C GLN D 629 -50.34 -67.42 35.35
N ILE D 630 -50.81 -67.73 36.55
CA ILE D 630 -49.99 -67.66 37.75
C ILE D 630 -49.76 -69.03 38.40
N LEU D 631 -48.53 -69.26 38.85
CA LEU D 631 -48.19 -70.47 39.59
C LEU D 631 -48.46 -70.26 41.08
N LEU D 632 -49.20 -71.19 41.68
CA LEU D 632 -49.53 -71.08 43.09
C LEU D 632 -48.95 -72.25 43.88
N THR D 633 -49.23 -72.31 45.19
CA THR D 633 -48.71 -73.38 46.05
C THR D 633 -49.75 -74.36 46.64
N ASP D 634 -49.32 -75.61 46.85
CA ASP D 634 -50.14 -76.69 47.43
C ASP D 634 -49.60 -77.01 48.83
N VAL D 635 -50.50 -77.08 49.82
CA VAL D 635 -50.14 -77.37 51.23
C VAL D 635 -50.62 -78.81 51.58
N SER D 636 -49.73 -79.62 52.18
CA SER D 636 -50.01 -81.01 52.58
C SER D 636 -50.20 -81.04 54.11
N LEU D 637 -51.22 -81.71 54.63
CA LEU D 637 -51.44 -81.64 56.07
C LEU D 637 -50.08 -81.54 56.73
N GLU D 638 -49.97 -80.70 57.75
CA GLU D 638 -48.71 -80.47 58.43
C GLU D 638 -48.71 -78.98 58.74
N GLY D 639 -48.02 -78.59 59.80
CA GLY D 639 -47.99 -77.19 60.20
C GLY D 639 -47.53 -76.24 59.11
N GLU D 640 -46.40 -76.56 58.48
CA GLU D 640 -45.79 -75.67 57.50
C GLU D 640 -46.56 -75.64 56.17
N ASP D 641 -46.66 -74.45 55.61
CA ASP D 641 -47.33 -74.24 54.33
C ASP D 641 -46.49 -73.26 53.50
N THR D 642 -46.82 -73.10 52.22
CA THR D 642 -46.06 -72.21 51.35
C THR D 642 -46.97 -71.44 50.39
N TYR D 643 -46.69 -70.16 50.17
CA TYR D 643 -47.40 -69.36 49.17
C TYR D 643 -46.39 -68.79 48.17
N LEU D 644 -46.82 -68.60 46.93
CA LEU D 644 -45.95 -68.08 45.89
C LEU D 644 -46.70 -67.30 44.81
N LEU D 645 -46.06 -66.27 44.27
CA LEU D 645 -46.63 -65.49 43.18
C LEU D 645 -45.78 -65.62 41.92
N ARG D 646 -46.43 -65.58 40.76
CA ARG D 646 -45.74 -65.79 39.49
C ARG D 646 -46.04 -64.71 38.46
N ASP D 647 -47.29 -64.65 38.01
CA ASP D 647 -47.75 -63.69 37.00
C ASP D 647 -46.98 -63.79 35.69
N GLU D 648 -47.14 -64.91 34.99
CA GLU D 648 -46.56 -65.10 33.66
C GLU D 648 -47.31 -64.31 32.61
N SER D 649 -46.68 -64.13 31.45
CA SER D 649 -47.30 -63.47 30.31
C SER D 649 -48.51 -64.29 29.85
N ASP D 650 -49.44 -63.65 29.16
CA ASP D 650 -50.73 -64.26 28.92
C ASP D 650 -50.71 -65.40 27.89
N SER D 651 -51.11 -66.58 28.35
CA SER D 651 -51.28 -67.75 27.50
C SER D 651 -52.75 -67.89 27.11
N SER D 652 -53.55 -66.89 27.43
CA SER D 652 -55.01 -67.00 27.46
C SER D 652 -55.65 -67.54 26.18
N ASP D 653 -56.80 -68.20 26.37
CA ASP D 653 -57.56 -68.89 25.33
C ASP D 653 -56.86 -70.13 24.78
N ILE D 654 -56.20 -70.87 25.67
CA ILE D 654 -55.75 -72.23 25.36
C ILE D 654 -56.89 -73.23 25.51
N LEU D 655 -56.80 -74.34 24.77
CA LEU D 655 -57.82 -75.38 24.84
C LEU D 655 -57.66 -76.26 26.08
N ARG D 656 -56.43 -76.70 26.34
CA ARG D 656 -56.15 -77.54 27.51
C ARG D 656 -54.73 -77.27 27.99
N MET D 657 -54.33 -77.87 29.11
CA MET D 657 -53.02 -77.63 29.69
C MET D 657 -52.52 -78.86 30.45
N ALA D 658 -51.20 -79.06 30.44
CA ALA D 658 -50.59 -80.19 31.14
C ALA D 658 -49.28 -79.78 31.79
N VAL D 659 -48.58 -80.77 32.37
CA VAL D 659 -47.31 -80.53 33.04
C VAL D 659 -46.33 -81.65 32.69
N PHE D 660 -45.06 -81.31 32.56
CA PHE D 660 -44.04 -82.29 32.17
C PHE D 660 -43.37 -82.84 33.43
N ASN D 661 -42.48 -83.81 33.27
CA ASN D 661 -41.91 -84.52 34.42
C ASN D 661 -40.79 -83.78 35.15
N GLN D 662 -39.95 -83.09 34.40
CA GLN D 662 -38.79 -82.39 34.99
C GLN D 662 -39.09 -80.92 35.28
N GLN D 663 -40.35 -80.53 35.04
CA GLN D 663 -40.94 -79.22 35.41
C GLN D 663 -40.26 -78.03 34.74
N LYS D 664 -39.15 -78.28 34.04
CA LYS D 664 -38.43 -77.21 33.34
C LYS D 664 -39.07 -76.94 31.99
N HIS D 665 -39.94 -77.85 31.56
CA HIS D 665 -40.65 -77.69 30.30
C HIS D 665 -42.16 -77.63 30.54
N LEU D 666 -42.84 -76.78 29.78
CA LEU D 666 -44.29 -76.64 29.90
C LEU D 666 -44.95 -76.68 28.53
N ILE D 667 -45.81 -77.68 28.33
CA ILE D 667 -46.51 -77.82 27.05
C ILE D 667 -47.71 -76.90 26.98
N THR D 668 -47.89 -76.25 25.82
CA THR D 668 -48.99 -75.33 25.62
C THR D 668 -49.49 -75.39 24.18
N LEU D 669 -50.81 -75.37 24.01
CA LEU D 669 -51.41 -75.37 22.68
C LEU D 669 -52.57 -74.38 22.61
N HIS D 670 -52.78 -73.79 21.44
CA HIS D 670 -53.78 -72.74 21.27
C HIS D 670 -54.93 -73.18 20.37
N CYS D 671 -55.86 -72.26 20.13
CA CYS D 671 -57.00 -72.50 19.24
C CYS D 671 -56.52 -72.87 17.84
N ASN D 672 -55.85 -71.94 17.17
CA ASN D 672 -55.26 -72.19 15.86
C ASN D 672 -54.02 -73.08 15.99
N GLY D 673 -53.53 -73.21 17.22
CA GLY D 673 -52.40 -74.07 17.52
C GLY D 673 -51.09 -73.31 17.64
N SER D 674 -50.24 -73.81 18.53
CA SER D 674 -48.94 -73.21 18.82
C SER D 674 -48.21 -74.03 19.87
N VAL D 675 -46.91 -73.78 20.05
CA VAL D 675 -46.15 -74.42 21.12
C VAL D 675 -45.39 -73.38 21.92
N LYS D 676 -45.75 -73.23 23.20
CA LYS D 676 -45.13 -72.22 24.04
C LYS D 676 -44.54 -72.86 25.31
N LEU D 677 -43.23 -72.73 25.46
CA LEU D 677 -42.52 -73.33 26.59
C LEU D 677 -42.25 -72.33 27.69
N TRP D 678 -42.34 -72.78 28.94
CA TRP D 678 -42.08 -71.93 30.10
C TRP D 678 -41.16 -72.62 31.09
N SER D 679 -40.62 -71.84 32.02
CA SER D 679 -39.76 -72.38 33.07
C SER D 679 -40.27 -71.96 34.45
N LEU D 680 -40.46 -72.93 35.33
CA LEU D 680 -40.98 -72.66 36.67
C LEU D 680 -39.93 -71.97 37.54
N TRP D 681 -38.68 -72.01 37.12
CA TRP D 681 -37.60 -71.33 37.83
C TRP D 681 -37.78 -69.82 37.71
N PRO D 682 -37.94 -69.13 38.84
CA PRO D 682 -38.15 -67.68 38.86
C PRO D 682 -36.91 -66.92 38.43
N ASN D 699 -40.44 -68.05 21.36
CA ASN D 699 -40.57 -69.33 22.03
C ASN D 699 -41.57 -70.25 21.32
N SER D 700 -42.12 -69.77 20.22
CA SER D 700 -43.11 -70.54 19.46
C SER D 700 -42.81 -70.53 17.96
N VAL D 701 -42.64 -71.72 17.40
CA VAL D 701 -42.37 -71.84 15.96
C VAL D 701 -43.32 -72.81 15.26
N VAL D 702 -44.15 -72.27 14.38
CA VAL D 702 -45.08 -73.06 13.59
C VAL D 702 -44.45 -73.28 12.21
N LYS D 703 -43.26 -72.73 12.03
CA LYS D 703 -42.60 -72.66 10.73
C LYS D 703 -42.02 -74.00 10.28
N ARG D 704 -41.24 -73.95 9.20
CA ARG D 704 -40.64 -75.13 8.57
C ARG D 704 -41.69 -76.10 8.06
N PHE D 705 -41.53 -77.38 8.38
CA PHE D 705 -42.41 -78.43 7.89
C PHE D 705 -43.87 -78.22 8.30
N ILE D 706 -44.77 -78.57 7.39
CA ILE D 706 -46.22 -78.43 7.60
C ILE D 706 -46.52 -76.97 7.95
N GLY D 707 -47.02 -76.72 9.15
CA GLY D 707 -47.36 -75.36 9.56
C GLY D 707 -48.51 -74.78 8.77
N SER D 708 -49.51 -75.62 8.51
CA SER D 708 -50.68 -75.19 7.73
C SER D 708 -51.54 -74.21 8.52
N TYR D 709 -52.37 -73.45 7.81
CA TYR D 709 -53.25 -72.48 8.45
C TYR D 709 -54.66 -73.03 8.58
N ALA D 710 -55.08 -73.29 9.81
CA ALA D 710 -56.37 -73.90 10.12
C ALA D 710 -56.57 -73.99 11.63
N ASN D 711 -57.77 -74.41 12.04
CA ASN D 711 -58.09 -74.55 13.45
C ASN D 711 -57.63 -75.87 14.03
N LEU D 712 -57.01 -75.83 15.20
CA LEU D 712 -56.53 -77.03 15.87
C LEU D 712 -57.59 -77.60 16.82
N LYS D 713 -57.75 -78.92 16.79
CA LYS D 713 -58.72 -79.59 17.64
C LYS D 713 -58.15 -79.87 19.03
N ILE D 714 -58.88 -80.66 19.81
CA ILE D 714 -58.48 -81.03 21.15
C ILE D 714 -57.39 -82.11 21.08
N VAL D 715 -57.23 -82.69 19.90
CA VAL D 715 -56.33 -83.82 19.67
C VAL D 715 -54.90 -83.55 20.12
N ALA D 716 -54.39 -84.45 20.97
CA ALA D 716 -53.02 -84.40 21.47
C ALA D 716 -52.75 -85.62 22.34
N PHE D 717 -51.47 -85.91 22.55
CA PHE D 717 -51.05 -87.09 23.30
C PHE D 717 -49.53 -87.18 23.42
N TYR D 718 -49.05 -88.15 24.21
CA TYR D 718 -47.62 -88.34 24.41
C TYR D 718 -47.17 -89.71 23.90
N LEU D 719 -46.03 -89.72 23.21
CA LEU D 719 -45.47 -90.97 22.70
C LEU D 719 -44.28 -91.44 23.52
N ASN D 720 -43.71 -92.58 23.15
CA ASN D 720 -42.49 -93.10 23.77
C ASN D 720 -41.27 -92.63 23.00
N GLU D 721 -40.10 -93.15 23.36
CA GLU D 721 -38.87 -92.76 22.69
C GLU D 721 -38.54 -93.72 21.55
N ASP D 722 -38.65 -93.22 20.32
CA ASP D 722 -38.37 -94.03 19.14
C ASP D 722 -36.96 -93.78 18.60
N ALA D 723 -36.24 -92.87 19.24
CA ALA D 723 -34.91 -92.48 18.78
C ALA D 723 -33.81 -93.07 19.64
N GLY D 724 -33.68 -92.57 20.86
CA GLY D 724 -32.65 -93.02 21.78
C GLY D 724 -32.81 -94.46 22.21
N LEU D 725 -33.98 -94.79 22.74
CA LEU D 725 -34.25 -96.15 23.20
C LEU D 725 -35.76 -96.43 23.23
N ILE D 730 -35.10 -91.67 27.87
CA ILE D 730 -34.55 -90.32 27.77
C ILE D 730 -35.63 -89.27 28.00
N GLN D 731 -36.75 -89.42 27.31
CA GLN D 731 -37.85 -88.46 27.35
C GLN D 731 -39.02 -88.96 26.52
N LEU D 732 -40.20 -88.41 26.76
CA LEU D 732 -41.40 -88.79 26.02
C LEU D 732 -41.76 -87.71 25.01
N HIS D 733 -41.95 -88.11 23.76
CA HIS D 733 -42.25 -87.15 22.70
C HIS D 733 -43.69 -86.68 22.74
N VAL D 734 -44.04 -85.77 21.82
CA VAL D 734 -45.38 -85.21 21.74
C VAL D 734 -45.87 -85.24 20.30
N ALA D 735 -47.11 -85.67 20.09
CA ALA D 735 -47.68 -85.71 18.75
C ALA D 735 -49.17 -85.39 18.77
N PHE D 736 -49.65 -84.76 17.71
CA PHE D 736 -51.06 -84.40 17.60
C PHE D 736 -51.49 -84.22 16.15
N ILE D 737 -52.77 -83.91 15.93
CA ILE D 737 -53.32 -83.78 14.59
C ILE D 737 -53.95 -82.40 14.36
N ASN D 738 -53.48 -81.71 13.32
CA ASN D 738 -54.01 -80.41 12.95
C ASN D 738 -55.28 -80.52 12.10
N GLY D 739 -55.72 -79.39 11.55
CA GLY D 739 -56.86 -79.36 10.66
C GLY D 739 -56.46 -79.73 9.24
N ASP D 740 -55.23 -80.21 9.08
CA ASP D 740 -54.70 -80.62 7.78
C ASP D 740 -54.99 -82.09 7.52
N VAL D 741 -55.79 -82.69 8.41
CA VAL D 741 -56.15 -84.12 8.41
C VAL D 741 -54.94 -85.02 8.13
N SER D 742 -53.84 -84.71 8.80
CA SER D 742 -52.63 -85.53 8.72
C SER D 742 -51.92 -85.53 10.08
N ILE D 743 -51.31 -86.64 10.43
CA ILE D 743 -50.65 -86.78 11.73
C ILE D 743 -49.39 -85.92 11.81
N LEU D 744 -49.16 -85.32 12.96
CA LEU D 744 -47.98 -84.48 13.18
C LEU D 744 -47.21 -84.95 14.41
N ASN D 745 -45.93 -85.26 14.20
CA ASN D 745 -45.07 -85.74 15.27
C ASN D 745 -43.98 -84.72 15.64
N TRP D 746 -43.61 -84.69 16.91
CA TRP D 746 -42.56 -83.80 17.39
C TRP D 746 -41.51 -84.58 18.18
N ASP D 747 -40.26 -84.50 17.74
CA ASP D 747 -39.18 -85.21 18.41
C ASP D 747 -38.37 -84.27 19.29
N GLU D 748 -38.50 -84.45 20.60
CA GLU D 748 -37.77 -83.65 21.58
C GLU D 748 -37.03 -84.50 22.61
N GLN D 749 -35.71 -84.55 22.51
CA GLN D 749 -34.93 -85.22 23.55
C GLN D 749 -34.15 -84.31 24.51
N ASP D 750 -34.03 -83.02 24.21
CA ASP D 750 -33.19 -82.16 25.06
C ASP D 750 -33.79 -80.80 25.42
N GLN D 751 -33.79 -79.89 24.44
CA GLN D 751 -34.15 -78.50 24.67
C GLN D 751 -35.14 -77.96 23.63
N GLU D 752 -34.66 -77.86 22.39
CA GLU D 752 -35.46 -77.31 21.30
C GLU D 752 -35.82 -78.40 20.29
N PHE D 753 -36.95 -78.21 19.62
CA PHE D 753 -37.49 -79.22 18.72
C PHE D 753 -36.58 -79.49 17.52
N LYS D 754 -36.67 -80.70 16.99
CA LYS D 754 -35.80 -81.15 15.91
C LYS D 754 -36.55 -81.31 14.59
N LEU D 755 -37.53 -82.21 14.58
CA LEU D 755 -38.28 -82.58 13.38
C LEU D 755 -37.35 -83.16 12.33
N SER D 756 -36.83 -84.35 12.60
CA SER D 756 -35.89 -85.00 11.70
C SER D 756 -36.59 -85.62 10.49
N HIS D 757 -36.16 -85.19 9.30
CA HIS D 757 -36.65 -85.71 8.03
C HIS D 757 -38.17 -85.67 7.88
N VAL D 758 -38.71 -86.73 7.30
CA VAL D 758 -40.14 -86.80 7.00
C VAL D 758 -40.97 -87.43 8.13
N PRO D 759 -42.26 -87.09 8.20
CA PRO D 759 -43.21 -87.75 9.11
C PRO D 759 -43.39 -89.23 8.81
N VAL D 760 -42.95 -89.65 7.62
CA VAL D 760 -42.89 -91.05 7.19
C VAL D 760 -44.28 -91.60 6.83
N LEU D 761 -45.34 -90.91 7.26
CA LEU D 761 -46.70 -91.36 7.01
C LEU D 761 -47.71 -90.35 7.54
N LYS D 762 -48.94 -90.43 7.06
CA LYS D 762 -50.02 -89.56 7.51
C LYS D 762 -51.20 -90.38 8.05
N THR D 763 -52.26 -89.70 8.48
CA THR D 763 -53.43 -90.36 9.00
C THR D 763 -54.69 -89.90 8.29
N MET D 764 -55.54 -90.85 7.89
CA MET D 764 -56.77 -90.54 7.17
C MET D 764 -57.77 -89.78 8.04
N GLN D 765 -58.37 -88.74 7.46
CA GLN D 765 -59.34 -87.89 8.13
C GLN D 765 -58.80 -87.33 9.45
N SER D 766 -59.66 -87.27 10.46
CA SER D 766 -59.27 -86.79 11.78
C SER D 766 -60.13 -87.41 12.88
N GLY D 767 -59.52 -87.63 14.05
CA GLY D 767 -60.24 -88.12 15.20
C GLY D 767 -60.36 -87.05 16.28
N ILE D 768 -60.69 -87.47 17.49
CA ILE D 768 -60.69 -86.57 18.63
C ILE D 768 -59.71 -87.07 19.71
N ARG D 769 -59.94 -88.27 20.24
CA ARG D 769 -59.06 -88.81 21.26
C ARG D 769 -58.14 -89.89 20.69
N CYS D 770 -56.86 -89.56 20.56
CA CYS D 770 -55.88 -90.48 19.98
C CYS D 770 -54.73 -90.73 20.92
N PHE D 771 -54.27 -91.97 21.02
CA PHE D 771 -53.14 -92.25 21.90
C PHE D 771 -52.43 -93.55 21.48
N VAL D 772 -51.22 -93.76 21.98
CA VAL D 772 -50.43 -94.93 21.61
C VAL D 772 -50.73 -96.14 22.52
N GLN D 773 -50.79 -97.33 21.93
CA GLN D 773 -50.97 -98.56 22.70
C GLN D 773 -49.67 -98.97 23.39
N VAL D 774 -49.67 -100.15 23.98
CA VAL D 774 -48.48 -100.71 24.61
C VAL D 774 -47.40 -100.97 23.57
N LEU D 775 -47.80 -101.11 22.31
CA LEU D 775 -46.86 -101.24 21.21
C LEU D 775 -46.77 -99.92 20.45
N LYS D 776 -45.54 -99.54 20.09
CA LYS D 776 -45.31 -98.27 19.40
C LYS D 776 -45.72 -98.32 17.93
N ARG D 777 -46.07 -99.51 17.46
CA ARG D 777 -46.43 -99.70 16.05
C ARG D 777 -47.92 -99.43 15.80
N TYR D 778 -48.69 -99.32 16.86
CA TYR D 778 -50.14 -99.14 16.74
C TYR D 778 -50.64 -97.92 17.52
N TYR D 779 -51.57 -97.18 16.93
CA TYR D 779 -52.14 -96.00 17.54
C TYR D 779 -53.67 -96.07 17.56
N VAL D 780 -54.27 -96.02 18.75
CA VAL D 780 -55.73 -95.99 18.82
C VAL D 780 -56.26 -94.60 18.53
N VAL D 781 -57.27 -94.55 17.66
CA VAL D 781 -57.86 -93.30 17.20
C VAL D 781 -59.36 -93.29 17.45
N CYS D 782 -59.83 -92.23 18.10
CA CYS D 782 -61.26 -92.08 18.36
C CYS D 782 -61.77 -90.76 17.78
N THR D 783 -62.86 -90.84 17.04
CA THR D 783 -63.45 -89.68 16.37
C THR D 783 -64.64 -89.12 17.13
N SER D 784 -65.27 -88.10 16.57
CA SER D 784 -66.42 -87.46 17.20
C SER D 784 -67.71 -88.24 16.95
N ASN D 785 -67.60 -89.29 16.14
CA ASN D 785 -68.75 -90.12 15.82
C ASN D 785 -68.91 -91.26 16.82
N CYS D 786 -68.04 -91.26 17.83
CA CYS D 786 -68.05 -92.27 18.89
C CYS D 786 -67.87 -93.68 18.33
N THR D 787 -66.93 -93.82 17.41
CA THR D 787 -66.62 -95.13 16.82
C THR D 787 -65.16 -95.49 17.07
N LEU D 788 -64.85 -96.79 16.99
CA LEU D 788 -63.49 -97.25 17.23
C LEU D 788 -62.80 -97.57 15.90
N THR D 789 -61.80 -96.76 15.57
CA THR D 789 -61.03 -96.96 14.34
C THR D 789 -59.53 -96.92 14.63
N VAL D 790 -58.74 -97.51 13.74
CA VAL D 790 -57.30 -97.57 13.94
C VAL D 790 -56.53 -97.45 12.61
N TRP D 791 -55.47 -96.65 12.63
CA TRP D 791 -54.54 -96.59 11.52
C TRP D 791 -53.14 -97.01 11.98
N ASP D 792 -52.65 -98.12 11.45
CA ASP D 792 -51.38 -98.68 11.86
C ASP D 792 -50.21 -97.81 11.41
N LEU D 793 -49.21 -97.65 12.29
CA LEU D 793 -48.02 -96.88 11.96
C LEU D 793 -47.18 -97.61 10.92
N THR D 794 -46.89 -98.88 11.19
CA THR D 794 -46.18 -99.72 10.24
C THR D 794 -47.15 -100.68 9.55
N ASN D 795 -46.63 -101.46 8.61
CA ASN D 795 -47.44 -102.41 7.84
C ASN D 795 -48.71 -101.81 7.27
N GLY D 796 -48.56 -100.85 6.36
CA GLY D 796 -49.69 -100.15 5.78
C GLY D 796 -50.25 -99.10 6.73
N SER D 797 -51.39 -98.53 6.37
CA SER D 797 -52.03 -97.51 7.20
C SER D 797 -53.32 -98.03 7.82
N SER D 798 -54.36 -98.15 7.00
CA SER D 798 -55.64 -98.69 7.47
C SER D 798 -55.71 -100.19 7.19
N ASN D 799 -55.95 -100.96 8.24
CA ASN D 799 -55.95 -102.41 8.11
C ASN D 799 -57.32 -103.04 8.36
N THR D 800 -57.71 -103.13 9.64
CA THR D 800 -58.92 -103.85 10.01
C THR D 800 -59.51 -103.44 11.36
N LEU D 801 -60.46 -104.25 11.83
CA LEU D 801 -61.08 -104.12 13.14
C LEU D 801 -61.84 -102.80 13.34
N GLU D 802 -62.88 -102.60 12.54
CA GLU D 802 -63.85 -101.53 12.76
C GLU D 802 -65.06 -102.13 13.48
N LEU D 803 -65.01 -103.44 13.68
CA LEU D 803 -66.16 -104.22 14.10
C LEU D 803 -66.53 -104.15 15.59
N HIS D 804 -67.81 -104.40 15.86
CA HIS D 804 -68.34 -104.61 17.21
C HIS D 804 -68.10 -103.48 18.20
N VAL D 805 -68.81 -102.38 18.01
CA VAL D 805 -68.90 -101.33 19.03
C VAL D 805 -70.17 -101.52 19.84
N PHE D 806 -70.08 -101.35 21.15
CA PHE D 806 -71.20 -101.62 22.05
C PHE D 806 -72.41 -100.75 21.81
N ASN D 807 -72.24 -99.44 21.92
CA ASN D 807 -73.37 -98.51 21.75
C ASN D 807 -73.00 -97.29 20.92
N VAL D 808 -73.73 -97.09 19.83
CA VAL D 808 -73.52 -95.93 18.97
C VAL D 808 -74.45 -94.78 19.36
N GLU D 809 -75.39 -95.04 20.26
CA GLU D 809 -76.36 -94.05 20.68
C GLU D 809 -75.98 -93.41 22.01
N ASN D 810 -75.63 -92.13 21.96
CA ASN D 810 -75.29 -91.38 23.16
C ASN D 810 -76.53 -90.89 23.89
N ASP D 811 -76.41 -90.70 25.21
CA ASP D 811 -77.49 -90.11 25.99
C ASP D 811 -77.67 -88.64 25.62
N THR D 812 -76.55 -87.94 25.50
CA THR D 812 -76.53 -86.56 25.02
C THR D 812 -75.44 -86.42 23.97
N PRO D 813 -75.69 -85.62 22.93
CA PRO D 813 -74.69 -85.48 21.85
C PRO D 813 -73.37 -84.90 22.35
N LEU D 814 -72.28 -85.61 22.07
CA LEU D 814 -70.94 -85.24 22.51
C LEU D 814 -69.89 -85.91 21.64
N ALA D 815 -68.63 -85.78 22.04
CA ALA D 815 -67.54 -86.51 21.42
C ALA D 815 -67.22 -87.74 22.26
N LEU D 816 -66.24 -88.53 21.82
CA LEU D 816 -65.85 -89.71 22.58
C LEU D 816 -65.01 -89.28 23.78
N ASP D 817 -65.05 -90.09 24.85
CA ASP D 817 -64.42 -89.71 26.11
C ASP D 817 -62.91 -89.86 26.08
N VAL D 818 -62.28 -89.68 27.24
CA VAL D 818 -60.82 -89.71 27.35
C VAL D 818 -60.28 -91.13 27.48
N PHE D 819 -59.32 -91.46 26.62
CA PHE D 819 -58.65 -92.77 26.66
C PHE D 819 -57.58 -92.76 27.75
N ASP D 820 -57.39 -93.90 28.42
CA ASP D 820 -56.49 -93.98 29.56
C ASP D 820 -55.44 -95.09 29.43
N GLU D 821 -54.64 -95.25 30.48
CA GLU D 821 -53.60 -96.28 30.53
C GLU D 821 -53.58 -97.03 31.85
N ARG D 822 -52.86 -98.15 31.87
CA ARG D 822 -52.68 -98.95 33.07
C ARG D 822 -51.19 -99.08 33.40
N SER D 823 -50.89 -99.77 34.50
CA SER D 823 -49.51 -100.01 34.88
C SER D 823 -48.98 -101.28 34.22
N LYS D 824 -49.88 -102.04 33.63
CA LYS D 824 -49.53 -103.28 32.94
C LYS D 824 -48.97 -103.00 31.55
N THR D 825 -48.16 -103.92 31.04
CA THR D 825 -47.56 -103.79 29.72
C THR D 825 -48.46 -104.38 28.64
N ALA D 826 -49.64 -104.86 29.04
CA ALA D 826 -50.58 -105.45 28.11
C ALA D 826 -51.96 -104.83 28.24
N THR D 827 -52.60 -105.04 29.39
CA THR D 827 -53.94 -104.53 29.66
C THR D 827 -53.97 -103.00 29.65
N VAL D 828 -54.88 -102.43 28.85
CA VAL D 828 -55.04 -100.99 28.82
C VAL D 828 -56.42 -100.57 29.33
N LEU D 829 -56.65 -99.27 29.41
CA LEU D 829 -57.85 -98.74 30.05
C LEU D 829 -58.57 -97.73 29.16
N LEU D 830 -59.90 -97.73 29.26
CA LEU D 830 -60.75 -96.82 28.51
C LEU D 830 -62.05 -96.60 29.27
N ILE D 831 -62.69 -95.45 29.06
CA ILE D 831 -63.98 -95.18 29.67
C ILE D 831 -64.92 -94.53 28.66
N PHE D 832 -66.16 -95.04 28.60
CA PHE D 832 -67.15 -94.47 27.70
C PHE D 832 -68.46 -94.19 28.43
N LYS D 833 -68.79 -92.92 28.57
CA LYS D 833 -70.01 -92.47 29.23
C LYS D 833 -70.19 -93.10 30.62
N TYR D 834 -71.27 -93.86 30.78
CA TYR D 834 -71.62 -94.44 32.07
C TYR D 834 -70.96 -95.80 32.28
N SER D 835 -70.22 -96.26 31.28
CA SER D 835 -69.57 -97.57 31.35
C SER D 835 -68.05 -97.45 31.27
N VAL D 836 -67.35 -98.44 31.84
CA VAL D 836 -65.90 -98.47 31.81
C VAL D 836 -65.40 -99.66 31.02
N TRP D 837 -64.58 -99.40 30.00
CA TRP D 837 -64.09 -100.46 29.12
C TRP D 837 -62.62 -100.74 29.39
N ARG D 838 -62.33 -101.89 29.99
CA ARG D 838 -60.95 -102.32 30.21
C ARG D 838 -60.53 -103.26 29.08
N LEU D 839 -59.47 -102.89 28.38
CA LEU D 839 -59.09 -103.62 27.16
C LEU D 839 -57.76 -104.36 27.30
N ASN D 840 -57.42 -105.08 26.24
CA ASN D 840 -56.29 -106.00 26.22
C ASN D 840 -55.80 -106.23 24.80
N PHE D 841 -54.62 -106.85 24.67
CA PHE D 841 -54.12 -107.26 23.37
C PHE D 841 -55.09 -108.26 22.76
N LEU D 842 -55.03 -108.42 21.42
CA LEU D 842 -56.05 -109.06 20.59
C LEU D 842 -57.15 -108.01 20.32
N PRO D 843 -57.98 -108.22 19.27
CA PRO D 843 -58.88 -107.17 18.78
C PRO D 843 -59.69 -106.41 19.83
N GLY D 844 -60.24 -107.10 20.83
CA GLY D 844 -60.96 -106.41 21.88
C GLY D 844 -62.07 -107.19 22.56
N LEU D 845 -63.00 -106.45 23.17
CA LEU D 845 -64.12 -107.03 23.92
C LEU D 845 -63.56 -107.94 25.01
N SER D 846 -62.98 -107.32 26.03
CA SER D 846 -62.37 -108.08 27.11
C SER D 846 -63.09 -107.86 28.44
N VAL D 847 -62.91 -106.68 29.03
CA VAL D 847 -63.51 -106.40 30.31
C VAL D 847 -64.44 -105.18 30.25
N SER D 848 -65.63 -105.31 30.84
CA SER D 848 -66.57 -104.21 30.92
C SER D 848 -67.10 -104.07 32.35
N LEU D 849 -66.84 -102.93 32.97
CA LEU D 849 -67.20 -102.73 34.37
C LEU D 849 -67.97 -101.43 34.61
N GLN D 850 -68.84 -101.47 35.62
CA GLN D 850 -69.58 -100.30 36.07
C GLN D 850 -69.67 -100.30 37.60
N SER D 851 -69.37 -99.18 38.22
CA SER D 851 -69.42 -99.08 39.68
C SER D 851 -70.86 -99.17 40.18
N GLU D 852 -71.70 -98.27 39.66
CA GLU D 852 -73.13 -98.26 39.98
C GLU D 852 -73.88 -97.30 39.07
N ALA D 853 -75.19 -97.19 39.29
CA ALA D 853 -76.01 -96.29 38.49
C ALA D 853 -75.84 -94.84 38.90
N VAL D 854 -76.56 -93.94 38.23
CA VAL D 854 -76.50 -92.52 38.53
C VAL D 854 -77.28 -92.20 39.81
N GLY D 859 -76.59 -86.08 34.46
CA GLY D 859 -76.23 -85.15 33.42
C GLY D 859 -75.24 -85.73 32.43
N SER D 860 -74.66 -84.87 31.60
CA SER D 860 -73.68 -85.30 30.61
C SER D 860 -72.33 -85.58 31.26
N PHE D 861 -71.56 -86.46 30.64
CA PHE D 861 -70.24 -86.82 31.15
C PHE D 861 -69.16 -85.92 30.57
N ILE D 862 -68.47 -85.19 31.44
CA ILE D 862 -67.43 -84.27 31.00
C ILE D 862 -66.10 -84.49 31.75
N THR D 863 -66.09 -84.32 33.06
CA THR D 863 -64.86 -84.38 33.84
C THR D 863 -64.56 -85.80 34.36
N CYS D 864 -63.29 -86.15 34.38
CA CYS D 864 -62.85 -87.45 34.86
C CYS D 864 -61.44 -87.37 35.44
N GLY D 865 -61.16 -88.20 36.45
CA GLY D 865 -59.86 -88.20 37.09
C GLY D 865 -59.01 -89.38 36.63
N LYS D 866 -57.94 -89.65 37.39
CA LYS D 866 -57.00 -90.71 37.07
C LYS D 866 -55.95 -90.81 38.18
N ARG D 867 -55.25 -91.93 38.27
CA ARG D 867 -54.22 -92.14 39.28
C ARG D 867 -53.04 -92.90 38.69
N SER D 868 -51.87 -92.77 39.29
CA SER D 868 -50.67 -93.43 38.80
C SER D 868 -49.93 -94.20 39.89
N THR D 869 -49.37 -93.46 40.84
CA THR D 869 -48.57 -94.05 41.93
C THR D 869 -49.48 -94.70 42.96
N ASP D 870 -50.75 -94.29 42.97
CA ASP D 870 -51.73 -94.77 43.95
C ASP D 870 -52.10 -96.24 43.69
N GLY D 871 -51.57 -96.82 42.62
CA GLY D 871 -51.93 -98.18 42.24
C GLY D 871 -52.86 -98.22 41.05
N ARG D 872 -52.97 -97.09 40.34
CA ARG D 872 -53.72 -97.00 39.10
C ARG D 872 -55.20 -97.32 39.34
N TYR D 873 -55.80 -96.64 40.31
CA TYR D 873 -57.23 -96.77 40.56
C TYR D 873 -57.97 -95.65 39.83
N LEU D 874 -59.06 -95.99 39.15
CA LEU D 874 -59.67 -95.05 38.21
C LEU D 874 -60.81 -94.22 38.81
N LEU D 875 -60.58 -92.92 38.91
CA LEU D 875 -61.63 -91.97 39.31
C LEU D 875 -62.66 -91.84 38.20
N LEU D 876 -63.94 -91.96 38.53
CA LEU D 876 -64.98 -91.94 37.52
C LEU D 876 -66.38 -91.67 38.06
N GLY D 877 -67.34 -91.57 37.16
CA GLY D 877 -68.74 -91.47 37.53
C GLY D 877 -69.63 -90.99 36.40
N THR D 878 -70.94 -91.17 36.57
CA THR D 878 -71.92 -90.66 35.62
C THR D 878 -71.87 -89.13 35.52
N SER D 879 -72.33 -88.47 36.58
CA SER D 879 -72.31 -87.01 36.69
C SER D 879 -71.70 -86.63 38.03
N GLU D 880 -72.39 -87.03 39.10
CA GLU D 880 -71.92 -86.88 40.47
C GLU D 880 -71.56 -85.44 40.84
N GLY D 881 -72.59 -84.60 40.98
CA GLY D 881 -72.42 -83.29 41.59
C GLY D 881 -72.18 -83.46 43.08
N LEU D 882 -72.38 -84.68 43.56
CA LEU D 882 -72.10 -85.03 44.95
C LEU D 882 -71.49 -86.43 45.04
N ILE D 883 -70.46 -86.55 45.87
CA ILE D 883 -69.79 -87.84 46.12
C ILE D 883 -69.23 -88.44 44.83
N VAL D 884 -68.15 -87.85 44.34
CA VAL D 884 -67.41 -88.39 43.19
C VAL D 884 -66.88 -89.79 43.52
N TYR D 885 -67.00 -90.70 42.56
CA TYR D 885 -66.67 -92.11 42.81
C TYR D 885 -65.28 -92.51 42.35
N ASP D 886 -64.64 -93.37 43.13
CA ASP D 886 -63.36 -93.97 42.75
C ASP D 886 -63.50 -95.48 42.59
N LEU D 887 -62.83 -96.02 41.57
CA LEU D 887 -62.91 -97.45 41.29
C LEU D 887 -61.57 -98.15 41.49
N LYS D 888 -61.53 -99.08 42.45
CA LYS D 888 -60.35 -99.90 42.69
C LYS D 888 -60.31 -101.03 41.67
N ILE D 889 -59.10 -101.47 41.33
CA ILE D 889 -58.91 -102.50 40.32
C ILE D 889 -59.64 -103.80 40.64
N SER D 890 -60.45 -104.26 39.70
CA SER D 890 -61.13 -105.56 39.75
C SER D 890 -62.18 -105.68 40.84
N ASP D 891 -62.30 -104.67 41.71
CA ASP D 891 -63.27 -104.74 42.79
C ASP D 891 -64.22 -103.54 42.78
N PRO D 892 -65.50 -103.78 43.08
CA PRO D 892 -66.53 -102.72 43.14
C PRO D 892 -66.68 -102.15 44.55
N VAL D 893 -65.70 -101.38 45.00
CA VAL D 893 -65.75 -100.78 46.33
C VAL D 893 -65.38 -99.30 46.28
N LEU D 894 -66.07 -98.49 47.09
CA LEU D 894 -65.81 -97.05 47.13
C LEU D 894 -65.15 -96.65 48.44
N ARG D 895 -63.88 -96.27 48.37
CA ARG D 895 -63.13 -95.85 49.56
C ARG D 895 -63.09 -94.34 49.69
N SER D 896 -63.70 -93.64 48.74
CA SER D 896 -63.65 -92.18 48.71
C SER D 896 -65.00 -91.56 49.06
N ASN D 897 -64.97 -90.38 49.67
CA ASN D 897 -66.19 -89.68 50.06
C ASN D 897 -66.05 -88.17 49.87
N VAL D 898 -67.12 -87.52 49.43
CA VAL D 898 -67.09 -86.07 49.22
C VAL D 898 -68.13 -85.36 50.08
N SER D 899 -67.65 -84.59 51.06
CA SER D 899 -68.52 -83.79 51.91
C SER D 899 -68.59 -82.33 51.46
N GLU D 900 -67.85 -82.00 50.41
CA GLU D 900 -67.76 -80.63 49.92
C GLU D 900 -68.72 -80.38 48.76
N HIS D 901 -69.47 -81.42 48.39
CA HIS D 901 -70.32 -81.45 47.20
C HIS D 901 -69.42 -81.14 45.99
N ILE D 902 -69.94 -80.41 45.01
CA ILE D 902 -69.17 -79.86 43.88
C ILE D 902 -70.12 -79.22 42.86
N GLU D 903 -69.58 -78.40 41.97
CA GLU D 903 -70.34 -77.89 40.83
C GLU D 903 -69.72 -78.50 39.57
N CYS D 904 -70.29 -78.25 38.40
CA CYS D 904 -69.75 -78.82 37.17
C CYS D 904 -69.56 -77.80 36.06
N VAL D 905 -68.32 -77.52 35.71
CA VAL D 905 -68.00 -76.67 34.57
C VAL D 905 -66.94 -77.30 33.64
N ASP D 906 -65.74 -77.54 34.15
CA ASP D 906 -64.62 -77.99 33.33
C ASP D 906 -64.21 -79.44 33.61
N ILE D 907 -63.19 -79.89 32.89
CA ILE D 907 -62.81 -81.29 32.88
C ILE D 907 -61.67 -81.64 33.84
N TYR D 908 -61.10 -80.64 34.50
CA TYR D 908 -59.87 -80.86 35.25
C TYR D 908 -60.10 -81.55 36.60
N GLU D 909 -59.49 -82.72 36.75
CA GLU D 909 -59.46 -83.43 38.02
C GLU D 909 -58.25 -84.36 38.08
N LEU D 910 -57.68 -84.53 39.27
CA LEU D 910 -56.53 -85.43 39.47
C LEU D 910 -56.12 -85.48 40.94
N PHE D 911 -55.42 -86.54 41.32
CA PHE D 911 -54.98 -86.74 42.70
C PHE D 911 -53.46 -86.88 42.83
N ASP D 912 -52.91 -86.28 43.88
CA ASP D 912 -51.47 -86.31 44.14
C ASP D 912 -50.94 -87.70 44.50
N PRO D 913 -49.63 -87.96 44.11
CA PRO D 913 -49.14 -89.31 44.47
C PRO D 913 -49.11 -89.54 45.98
N VAL D 914 -48.73 -88.51 46.74
CA VAL D 914 -48.63 -88.54 48.19
C VAL D 914 -47.22 -88.90 48.71
N TYR D 915 -46.29 -89.18 47.80
CA TYR D 915 -44.91 -89.48 48.18
C TYR D 915 -44.85 -90.33 49.44
N LYS D 916 -45.08 -91.63 49.35
CA LYS D 916 -45.03 -92.43 50.57
C LYS D 916 -46.36 -92.46 51.35
N TYR D 917 -46.49 -91.54 52.30
CA TYR D 917 -47.67 -91.45 53.16
C TYR D 917 -48.96 -91.23 52.37
N ILE D 918 -50.05 -91.81 52.87
CA ILE D 918 -51.35 -91.73 52.19
C ILE D 918 -52.46 -90.85 52.76
N VAL D 919 -53.03 -90.07 51.83
CA VAL D 919 -54.16 -89.16 52.01
C VAL D 919 -54.35 -88.58 50.61
N LEU D 920 -55.49 -87.97 50.33
CA LEU D 920 -55.72 -87.48 48.97
C LEU D 920 -56.25 -86.05 48.90
N CYS D 921 -55.87 -85.35 47.84
CA CYS D 921 -56.34 -83.99 47.57
C CYS D 921 -56.52 -83.78 46.07
N GLY D 922 -57.60 -83.10 45.69
CA GLY D 922 -57.87 -82.87 44.27
C GLY D 922 -58.73 -81.67 43.94
N ALA D 923 -58.65 -81.18 42.71
CA ALA D 923 -59.39 -79.99 42.30
C ALA D 923 -60.44 -80.30 41.23
N LYS D 924 -61.57 -79.59 41.30
CA LYS D 924 -62.67 -79.80 40.35
C LYS D 924 -63.35 -78.49 39.93
N GLY D 925 -64.46 -78.62 39.23
CA GLY D 925 -65.16 -77.50 38.61
C GLY D 925 -65.53 -76.30 39.45
N LYS D 926 -65.86 -76.52 40.72
CA LYS D 926 -66.24 -75.43 41.62
C LYS D 926 -65.06 -74.49 41.89
N GLN D 927 -63.89 -74.87 41.38
CA GLN D 927 -62.62 -74.22 41.69
C GLN D 927 -62.39 -74.28 43.19
N VAL D 928 -62.30 -75.51 43.69
CA VAL D 928 -62.02 -75.78 45.09
C VAL D 928 -61.11 -76.99 45.18
N VAL D 929 -60.85 -77.45 46.40
CA VAL D 929 -60.02 -78.64 46.59
C VAL D 929 -60.57 -79.55 47.68
N HIS D 930 -60.73 -80.83 47.34
CA HIS D 930 -61.19 -81.85 48.26
C HIS D 930 -60.01 -82.54 48.93
N VAL D 931 -60.10 -82.74 50.24
CA VAL D 931 -59.10 -83.49 50.98
C VAL D 931 -59.76 -84.64 51.74
N HIS D 932 -59.31 -85.86 51.50
CA HIS D 932 -59.97 -87.03 52.06
C HIS D 932 -59.02 -88.14 52.48
N THR D 933 -59.40 -88.87 53.53
CA THR D 933 -58.65 -90.02 54.01
C THR D 933 -59.47 -91.30 53.83
N LEU D 934 -58.90 -92.26 53.11
CA LEU D 934 -59.62 -93.48 52.72
C LEU D 934 -59.89 -94.42 53.90
N ARG D 935 -59.30 -94.13 55.05
CA ARG D 935 -59.50 -94.98 56.22
C ARG D 935 -60.87 -94.77 56.84
N SER D 936 -61.62 -95.86 56.97
CA SER D 936 -62.99 -95.82 57.51
C SER D 936 -63.56 -97.23 57.62
N VAL D 937 -64.62 -97.37 58.41
CA VAL D 937 -65.22 -98.69 58.65
C VAL D 937 -66.16 -99.14 57.52
N SER D 938 -66.94 -98.20 56.97
CA SER D 938 -67.93 -98.57 55.96
C SER D 938 -68.18 -97.46 54.95
N GLY D 939 -68.41 -97.86 53.70
CA GLY D 939 -68.73 -96.92 52.63
C GLY D 939 -70.20 -96.90 52.30
N SER D 940 -70.51 -96.67 51.02
CA SER D 940 -71.88 -96.69 50.49
C SER D 940 -72.80 -95.69 51.17
N ASN D 941 -72.34 -94.45 51.29
CA ASN D 941 -73.15 -93.37 51.83
C ASN D 941 -73.82 -92.56 50.72
N SER D 942 -73.59 -93.00 49.48
CA SER D 942 -74.05 -92.28 48.30
C SER D 942 -75.56 -92.05 48.25
N HIS D 943 -76.33 -93.12 48.08
CA HIS D 943 -77.76 -93.01 47.81
C HIS D 943 -78.62 -93.02 49.07
N GLN D 944 -77.98 -93.15 50.23
CA GLN D 944 -78.73 -93.19 51.48
C GLN D 944 -79.18 -91.80 51.92
N ASN D 945 -78.38 -90.78 51.60
CA ASN D 945 -78.68 -89.41 52.01
C ASN D 945 -78.52 -88.41 50.88
N ARG D 946 -79.62 -87.76 50.51
CA ARG D 946 -79.57 -86.64 49.57
C ARG D 946 -80.29 -85.41 50.13
N GLU D 947 -81.60 -85.50 50.35
CA GLU D 947 -82.34 -84.42 50.97
C GLU D 947 -82.69 -84.76 52.42
N ILE D 948 -83.33 -83.81 53.11
CA ILE D 948 -83.71 -84.02 54.50
C ILE D 948 -85.11 -83.51 54.80
N ALA D 949 -85.94 -84.37 55.38
CA ALA D 949 -87.27 -83.99 55.82
C ALA D 949 -87.36 -84.04 57.34
N TRP D 950 -88.53 -83.73 57.88
CA TRP D 950 -88.71 -83.70 59.33
C TRP D 950 -90.12 -84.08 59.75
N VAL D 951 -90.22 -84.78 60.88
CA VAL D 951 -91.50 -85.24 61.38
C VAL D 951 -92.25 -84.12 62.11
N HIS D 952 -93.45 -83.81 61.62
CA HIS D 952 -94.27 -82.76 62.22
C HIS D 952 -94.87 -83.22 63.53
N SER D 953 -94.62 -82.44 64.59
CA SER D 953 -95.10 -82.77 65.92
C SER D 953 -95.02 -81.56 66.85
N ALA D 954 -95.36 -81.76 68.12
CA ALA D 954 -95.32 -80.69 69.10
C ALA D 954 -94.13 -80.82 70.03
N ASP D 955 -93.17 -79.91 69.89
CA ASP D 955 -91.96 -79.88 70.71
C ASP D 955 -91.20 -81.21 70.68
N GLU D 956 -91.22 -81.86 69.53
CA GLU D 956 -90.48 -83.11 69.35
C GLU D 956 -89.76 -83.11 68.00
N ILE D 957 -88.45 -83.32 68.04
CA ILE D 957 -87.63 -83.25 66.84
C ILE D 957 -87.24 -84.62 66.31
N SER D 958 -87.79 -84.99 65.15
CA SER D 958 -87.43 -86.22 64.48
C SER D 958 -87.21 -85.96 62.99
N VAL D 959 -85.99 -86.24 62.52
CA VAL D 959 -85.62 -85.94 61.14
C VAL D 959 -85.57 -87.19 60.28
N MET D 960 -85.91 -87.05 59.00
CA MET D 960 -85.88 -88.16 58.07
C MET D 960 -85.00 -87.83 56.86
N THR D 961 -84.60 -88.87 56.13
CA THR D 961 -83.68 -88.71 55.00
C THR D 961 -84.14 -89.51 53.78
N LYS D 962 -83.26 -89.57 52.78
CA LYS D 962 -83.50 -90.36 51.57
C LYS D 962 -83.58 -91.84 51.95
N ALA D 963 -84.20 -92.64 51.08
CA ALA D 963 -84.54 -94.03 51.38
C ALA D 963 -85.53 -94.08 52.54
N CYS D 964 -86.63 -93.34 52.36
CA CYS D 964 -87.75 -93.24 53.30
C CYS D 964 -87.33 -93.06 54.75
N LEU D 965 -87.93 -93.84 55.64
CA LEU D 965 -87.77 -93.60 57.06
C LEU D 965 -86.48 -94.16 57.63
N GLU D 966 -85.64 -93.25 58.14
CA GLU D 966 -84.50 -93.63 58.97
C GLU D 966 -84.68 -93.02 60.35
N PRO D 967 -84.93 -93.87 61.36
CA PRO D 967 -85.30 -93.39 62.70
C PRO D 967 -84.23 -92.50 63.32
N ASN D 968 -84.63 -91.33 63.78
CA ASN D 968 -83.75 -90.39 64.47
C ASN D 968 -84.50 -89.66 65.58
N VAL D 969 -83.89 -89.58 66.76
CA VAL D 969 -84.49 -88.86 67.89
C VAL D 969 -83.45 -88.03 68.63
N TYR D 970 -83.93 -87.16 69.51
CA TYR D 970 -83.11 -86.18 70.20
C TYR D 970 -81.99 -86.83 71.03
N LEU D 971 -80.75 -86.38 70.76
CA LEU D 971 -79.54 -86.90 71.41
C LEU D 971 -79.41 -88.42 71.38
N ARG D 972 -79.61 -89.01 70.20
CA ARG D 972 -79.40 -90.44 70.01
C ARG D 972 -78.73 -90.72 68.67
N SER D 973 -77.74 -91.60 68.69
CA SER D 973 -76.98 -91.92 67.48
C SER D 973 -77.52 -93.13 66.75
N LEU D 974 -78.64 -93.67 67.24
CA LEU D 974 -79.26 -94.84 66.63
C LEU D 974 -79.74 -94.55 65.21
N MET D 975 -79.31 -95.39 64.27
CA MET D 975 -79.67 -95.22 62.87
C MET D 975 -79.98 -96.57 62.20
N ASP D 976 -81.07 -96.60 61.45
CA ASP D 976 -81.45 -97.81 60.71
C ASP D 976 -81.54 -97.50 59.21
N MET D 977 -81.29 -98.50 58.38
CA MET D 977 -81.31 -98.29 56.93
C MET D 977 -82.24 -99.26 56.21
N THR D 978 -83.31 -98.71 55.64
CA THR D 978 -84.24 -99.48 54.80
C THR D 978 -84.65 -98.64 53.61
N ARG D 979 -84.52 -99.18 52.39
CA ARG D 979 -84.82 -98.42 51.20
C ARG D 979 -85.95 -99.02 50.36
N GLU D 980 -87.08 -98.30 50.33
CA GLU D 980 -88.18 -98.66 49.43
C GLU D 980 -88.11 -97.79 48.17
N ARG D 981 -87.06 -96.97 48.10
CA ARG D 981 -86.82 -96.06 46.97
C ARG D 981 -87.97 -95.06 46.82
N THR D 982 -88.08 -94.15 47.77
CA THR D 982 -89.04 -93.05 47.70
C THR D 982 -88.51 -91.91 46.83
N GLN D 983 -89.43 -91.12 46.28
CA GLN D 983 -89.06 -89.94 45.52
C GLN D 983 -88.89 -88.73 46.44
N LEU D 984 -90.00 -88.25 46.98
CA LEU D 984 -89.99 -87.14 47.93
C LEU D 984 -90.87 -87.48 49.13
N LEU D 985 -90.29 -87.39 50.33
CA LEU D 985 -90.98 -87.82 51.54
C LEU D 985 -91.63 -86.66 52.31
N ALA D 986 -92.86 -86.87 52.74
CA ALA D 986 -93.59 -85.92 53.57
C ALA D 986 -94.07 -86.62 54.84
N VAL D 987 -94.40 -85.84 55.86
CA VAL D 987 -94.81 -86.42 57.14
C VAL D 987 -96.15 -85.83 57.61
N ASP D 988 -97.00 -86.69 58.16
CA ASP D 988 -98.30 -86.27 58.69
C ASP D 988 -98.09 -85.54 60.02
N SER D 989 -99.17 -85.02 60.60
CA SER D 989 -99.08 -84.30 61.87
C SER D 989 -98.90 -85.26 63.04
N LYS D 990 -99.49 -86.43 62.92
CA LYS D 990 -99.39 -87.46 63.97
C LYS D 990 -98.29 -88.45 63.63
N GLU D 991 -98.20 -89.53 64.41
CA GLU D 991 -97.18 -90.55 64.21
C GLU D 991 -97.46 -91.39 62.97
N ARG D 992 -98.62 -91.16 62.35
CA ARG D 992 -99.00 -91.86 61.14
C ARG D 992 -98.02 -91.59 60.00
N ILE D 993 -97.65 -92.63 59.27
CA ILE D 993 -96.66 -92.50 58.20
C ILE D 993 -97.28 -92.28 56.83
N HIS D 994 -96.89 -91.16 56.20
CA HIS D 994 -97.27 -90.81 54.85
C HIS D 994 -96.05 -90.96 53.94
N LEU D 995 -96.17 -91.74 52.87
CA LEU D 995 -95.02 -91.95 52.00
C LEU D 995 -95.39 -92.12 50.53
N ILE D 996 -94.37 -92.27 49.70
CA ILE D 996 -94.56 -92.34 48.25
C ILE D 996 -93.83 -93.56 47.68
N LYS D 997 -94.44 -94.18 46.68
CA LYS D 997 -93.86 -95.34 46.01
C LYS D 997 -93.80 -95.00 44.53
N PRO D 998 -92.83 -95.56 43.78
CA PRO D 998 -92.83 -95.22 42.35
C PRO D 998 -94.19 -95.48 41.68
N ALA D 999 -94.68 -94.45 40.99
CA ALA D 999 -95.97 -94.46 40.31
C ALA D 999 -97.17 -94.70 41.24
N ILE D 1000 -97.10 -94.25 42.49
CA ILE D 1000 -98.25 -94.32 43.40
C ILE D 1000 -97.96 -93.65 44.76
N SER D 1001 -99.01 -93.31 45.49
CA SER D 1001 -98.87 -92.70 46.82
C SER D 1001 -99.46 -93.60 47.90
N ARG D 1002 -98.84 -93.60 49.07
CA ARG D 1002 -99.27 -94.52 50.14
C ARG D 1002 -99.43 -93.82 51.50
N ILE D 1003 -100.52 -94.14 52.18
CA ILE D 1003 -100.82 -93.58 53.50
C ILE D 1003 -101.12 -94.71 54.49
N SER D 1004 -100.35 -94.80 55.56
CA SER D 1004 -100.50 -95.92 56.48
C SER D 1004 -100.17 -95.58 57.92
N GLU D 1005 -100.80 -96.30 58.86
CA GLU D 1005 -100.46 -96.22 60.26
C GLU D 1005 -98.98 -96.59 60.45
N TRP D 1006 -98.67 -97.85 60.20
CA TRP D 1006 -97.28 -98.29 60.06
C TRP D 1006 -97.15 -98.90 58.67
N SER D 1007 -95.94 -99.29 58.27
CA SER D 1007 -95.75 -99.79 56.92
C SER D 1007 -95.41 -101.27 56.88
N THR D 1008 -96.37 -102.08 56.43
CA THR D 1008 -96.11 -103.49 56.15
C THR D 1008 -96.52 -103.81 54.72
N ILE D 1009 -97.83 -103.92 54.49
CA ILE D 1009 -98.36 -104.11 53.14
C ILE D 1009 -98.72 -102.77 52.51
N THR D 1010 -98.72 -101.73 53.33
CA THR D 1010 -99.05 -100.36 52.91
C THR D 1010 -100.28 -100.26 51.99
N PRO D 1011 -101.49 -100.48 52.55
CA PRO D 1011 -102.73 -100.40 51.77
C PRO D 1011 -102.98 -99.00 51.22
N THR D 1012 -103.63 -98.92 50.06
CA THR D 1012 -103.98 -97.65 49.43
C THR D 1012 -104.79 -97.85 48.15
N HIS D 1013 -105.45 -96.78 47.70
CA HIS D 1013 -106.21 -96.80 46.46
C HIS D 1013 -106.12 -95.45 45.76
N ALA D 1014 -105.90 -95.46 44.45
CA ALA D 1014 -105.75 -94.22 43.70
C ALA D 1014 -106.25 -94.34 42.27
N ALA D 1015 -106.85 -93.26 41.78
CA ALA D 1015 -107.34 -93.20 40.40
C ALA D 1015 -106.30 -92.54 39.50
N SER D 1016 -105.14 -92.22 40.07
CA SER D 1016 -104.07 -91.52 39.35
C SER D 1016 -103.69 -92.19 38.04
N ASN D 1017 -103.54 -91.38 37.00
CA ASN D 1017 -103.22 -91.88 35.66
C ASN D 1017 -101.74 -92.24 35.48
N CYS D 1018 -100.87 -91.44 36.08
CA CYS D 1018 -99.44 -91.62 35.90
C CYS D 1018 -98.65 -91.45 37.20
N LYS D 1019 -97.33 -91.49 37.10
CA LYS D 1019 -96.45 -91.36 38.25
C LYS D 1019 -96.56 -89.99 38.91
N ILE D 1020 -96.57 -89.98 40.24
CA ILE D 1020 -96.64 -88.73 40.99
C ILE D 1020 -95.24 -88.28 41.42
N ASN D 1021 -94.96 -86.99 41.28
CA ASN D 1021 -93.67 -86.43 41.65
C ASN D 1021 -93.51 -86.28 43.15
N ALA D 1022 -94.52 -85.70 43.79
CA ALA D 1022 -94.50 -85.49 45.24
C ALA D 1022 -95.90 -85.51 45.83
N ILE D 1023 -95.99 -85.96 47.08
CA ILE D 1023 -97.27 -86.05 47.77
C ILE D 1023 -97.11 -85.67 49.25
N SER D 1024 -98.10 -84.97 49.79
CA SER D 1024 -98.03 -84.47 51.16
C SER D 1024 -99.33 -84.68 51.93
N ALA D 1025 -99.28 -84.49 53.24
CA ALA D 1025 -100.44 -84.71 54.09
C ALA D 1025 -100.73 -83.50 54.99
N PHE D 1026 -102.01 -83.22 55.19
CA PHE D 1026 -102.44 -82.15 56.08
C PHE D 1026 -102.28 -82.51 57.55
N ASN D 1027 -102.63 -81.58 58.42
CA ASN D 1027 -102.70 -81.83 59.84
C ASN D 1027 -103.98 -82.59 60.16
N ASP D 1028 -105.11 -81.96 59.87
CA ASP D 1028 -106.42 -82.60 59.99
C ASP D 1028 -106.57 -83.73 58.96
N GLU D 1029 -107.53 -84.62 59.21
CA GLU D 1029 -107.71 -85.81 58.39
C GLU D 1029 -108.49 -85.54 57.10
N GLN D 1030 -108.89 -84.29 56.90
CA GLN D 1030 -109.69 -83.92 55.73
C GLN D 1030 -108.89 -84.02 54.43
N ILE D 1031 -109.43 -84.81 53.49
CA ILE D 1031 -108.89 -85.01 52.14
C ILE D 1031 -107.37 -85.19 52.08
N PHE D 1032 -106.74 -84.54 51.09
CA PHE D 1032 -105.30 -84.50 50.81
C PHE D 1032 -105.04 -83.67 49.56
N VAL D 1033 -103.78 -83.25 49.38
CA VAL D 1033 -103.37 -82.53 48.17
C VAL D 1033 -102.01 -83.01 47.69
N GLY D 1034 -101.66 -82.63 46.46
CA GLY D 1034 -100.36 -82.96 45.90
C GLY D 1034 -100.32 -82.64 44.42
N TYR D 1035 -99.13 -82.59 43.84
CA TYR D 1035 -99.00 -82.34 42.41
C TYR D 1035 -98.49 -83.59 41.70
N VAL D 1036 -99.30 -84.06 40.75
CA VAL D 1036 -98.98 -85.28 40.02
C VAL D 1036 -98.51 -84.86 38.61
N ASP D 1037 -98.10 -85.82 37.79
CA ASP D 1037 -97.75 -85.55 36.40
C ASP D 1037 -99.00 -85.34 35.56
N GLY D 1038 -100.17 -85.50 36.17
CA GLY D 1038 -101.43 -85.42 35.45
C GLY D 1038 -102.57 -84.90 36.30
N VAL D 1039 -103.76 -84.84 35.72
CA VAL D 1039 -104.92 -84.20 36.31
C VAL D 1039 -105.36 -84.82 37.65
N ILE D 1040 -105.52 -86.14 37.67
CA ILE D 1040 -106.08 -86.83 38.83
C ILE D 1040 -105.24 -86.68 40.10
N ILE D 1041 -105.88 -86.24 41.18
CA ILE D 1041 -105.24 -86.14 42.48
C ILE D 1041 -105.89 -87.11 43.47
N ASP D 1042 -105.10 -88.06 43.96
CA ASP D 1042 -105.63 -89.13 44.80
C ASP D 1042 -105.77 -88.77 46.27
N VAL D 1043 -106.79 -89.32 46.92
CA VAL D 1043 -106.99 -89.18 48.36
C VAL D 1043 -107.37 -90.53 48.97
N ILE D 1044 -107.29 -90.63 50.30
CA ILE D 1044 -107.62 -91.88 50.98
C ILE D 1044 -108.55 -91.64 52.15
N HIS D 1045 -109.39 -92.63 52.46
CA HIS D 1045 -110.30 -92.62 53.61
C HIS D 1045 -111.41 -91.58 53.46
N ASP D 1046 -111.31 -90.74 52.44
CA ASP D 1046 -112.29 -89.69 52.21
C ASP D 1046 -112.88 -89.75 50.80
N THR D 1047 -114.16 -89.42 50.70
CA THR D 1047 -114.84 -89.36 49.42
C THR D 1047 -114.76 -87.96 48.83
N ALA D 1048 -115.54 -87.72 47.78
CA ALA D 1048 -115.64 -86.41 47.14
C ALA D 1048 -114.30 -85.91 46.60
N LEU D 1049 -113.85 -86.54 45.53
CA LEU D 1049 -112.61 -86.14 44.85
C LEU D 1049 -112.67 -84.68 44.41
N PRO D 1050 -111.49 -84.02 44.30
CA PRO D 1050 -111.46 -82.62 43.90
C PRO D 1050 -112.05 -82.39 42.50
N GLN D 1051 -112.39 -81.15 42.19
CA GLN D 1051 -113.09 -80.83 40.95
C GLN D 1051 -112.12 -80.69 39.77
N GLN D 1052 -110.85 -80.52 40.08
CA GLN D 1052 -109.80 -80.31 39.07
C GLN D 1052 -110.09 -79.13 38.15
N PHE D 1053 -110.26 -79.43 36.86
CA PHE D 1053 -110.32 -78.42 35.79
C PHE D 1053 -109.05 -77.59 35.73
N ILE D 1054 -107.90 -78.28 35.77
CA ILE D 1054 -106.61 -77.63 35.62
C ILE D 1054 -105.62 -78.57 34.94
N GLU D 1055 -104.75 -78.02 34.11
CA GLU D 1055 -103.77 -78.84 33.40
C GLU D 1055 -102.85 -79.63 34.34
N GLU D 1056 -101.95 -78.95 35.05
CA GLU D 1056 -101.13 -79.63 36.06
C GLU D 1056 -100.86 -78.66 37.21
N PRO D 1057 -100.90 -79.15 38.47
CA PRO D 1057 -100.68 -78.33 39.67
C PRO D 1057 -99.20 -78.08 39.98
N ILE D 1058 -98.88 -76.96 40.62
CA ILE D 1058 -97.50 -76.66 40.97
C ILE D 1058 -97.25 -76.48 42.47
N ASP D 1059 -97.88 -75.47 43.09
CA ASP D 1059 -97.59 -75.14 44.48
C ASP D 1059 -98.75 -75.51 45.40
N TYR D 1060 -98.49 -76.42 46.33
CA TYR D 1060 -99.48 -76.81 47.33
C TYR D 1060 -99.17 -76.18 48.68
N LEU D 1061 -99.97 -76.53 49.69
CA LEU D 1061 -99.84 -75.96 51.03
C LEU D 1061 -100.81 -76.63 52.01
N LYS D 1062 -100.64 -76.33 53.28
CA LYS D 1062 -101.44 -76.96 54.33
C LYS D 1062 -102.25 -75.95 55.13
N GLN D 1063 -103.53 -76.23 55.33
CA GLN D 1063 -104.39 -75.38 56.14
C GLN D 1063 -105.31 -76.21 57.03
N VAL D 1064 -105.62 -75.69 58.21
CA VAL D 1064 -106.52 -76.36 59.14
C VAL D 1064 -107.98 -76.07 58.79
N SER D 1065 -108.18 -75.10 57.92
CA SER D 1065 -109.52 -74.72 57.48
C SER D 1065 -110.07 -75.74 56.48
N PRO D 1066 -111.40 -75.93 56.49
CA PRO D 1066 -112.07 -76.86 55.57
C PRO D 1066 -111.78 -76.56 54.10
N ASN D 1067 -111.59 -75.30 53.77
CA ASN D 1067 -111.28 -74.91 52.39
C ASN D 1067 -109.77 -74.79 52.16
N ILE D 1068 -109.31 -75.23 50.99
CA ILE D 1068 -107.90 -75.21 50.68
C ILE D 1068 -107.63 -74.58 49.30
N LEU D 1069 -106.82 -73.53 49.29
CA LEU D 1069 -106.47 -72.86 48.04
C LEU D 1069 -105.21 -73.47 47.43
N VAL D 1070 -105.28 -73.79 46.14
CA VAL D 1070 -104.17 -74.46 45.46
C VAL D 1070 -103.71 -73.68 44.22
N ALA D 1071 -102.41 -73.39 44.16
CA ALA D 1071 -101.82 -72.70 43.01
C ALA D 1071 -101.73 -73.64 41.81
N SER D 1072 -101.61 -73.07 40.62
CA SER D 1072 -101.59 -73.86 39.40
C SER D 1072 -100.58 -73.32 38.37
N ALA D 1073 -100.20 -74.18 37.44
CA ALA D 1073 -99.28 -73.81 36.37
C ALA D 1073 -99.91 -72.81 35.42
N HIS D 1074 -101.22 -72.93 35.25
CA HIS D 1074 -101.99 -72.00 34.43
C HIS D 1074 -102.21 -70.68 35.19
N SER D 1075 -101.76 -70.67 36.44
CA SER D 1075 -101.83 -69.52 37.34
C SER D 1075 -103.28 -69.15 37.67
N ALA D 1076 -104.12 -70.17 37.76
CA ALA D 1076 -105.49 -69.99 38.23
C ALA D 1076 -105.69 -70.72 39.56
N GLN D 1077 -105.86 -69.95 40.62
CA GLN D 1077 -106.00 -70.53 41.95
C GLN D 1077 -107.29 -71.34 42.08
N LYS D 1078 -107.21 -72.46 42.78
CA LYS D 1078 -108.35 -73.36 42.92
C LYS D 1078 -108.84 -73.41 44.36
N THR D 1079 -110.16 -73.34 44.53
CA THR D 1079 -110.76 -73.42 45.86
C THR D 1079 -111.33 -74.81 46.10
N VAL D 1080 -110.72 -75.55 47.02
CA VAL D 1080 -111.15 -76.90 47.31
C VAL D 1080 -111.98 -76.95 48.59
N ILE D 1081 -113.25 -77.31 48.44
CA ILE D 1081 -114.17 -77.41 49.58
C ILE D 1081 -114.36 -78.87 49.98
N PHE D 1082 -114.27 -79.13 51.29
CA PHE D 1082 -114.33 -80.50 51.79
C PHE D 1082 -115.71 -81.13 51.67
N GLN D 1083 -115.75 -82.28 50.99
CA GLN D 1083 -116.93 -83.15 50.94
C GLN D 1083 -118.16 -82.44 50.34
N LEU D 1084 -117.90 -81.43 49.51
CA LEU D 1084 -118.98 -80.66 48.86
C LEU D 1084 -118.37 -79.61 47.93
N GLU D 1085 -119.16 -79.12 46.98
CA GLU D 1085 -118.72 -78.06 46.09
C GLU D 1085 -119.66 -76.85 46.13
N LYS D 1086 -120.83 -77.00 45.49
CA LYS D 1086 -121.84 -75.94 45.43
C LYS D 1086 -121.32 -74.60 44.95
N ILE D 1087 -120.35 -74.63 44.03
CA ILE D 1087 -119.57 -73.47 43.57
C ILE D 1087 -118.73 -73.98 42.39
N ASP D 1088 -118.27 -73.06 41.53
CA ASP D 1088 -117.43 -73.42 40.40
C ASP D 1088 -116.03 -72.84 40.57
N PRO D 1089 -115.04 -73.72 40.80
CA PRO D 1089 -113.66 -73.31 41.06
C PRO D 1089 -112.92 -72.82 39.81
N LEU D 1090 -113.48 -71.85 39.11
CA LEU D 1090 -112.83 -71.28 37.93
C LEU D 1090 -112.47 -69.82 38.17
N GLN D 1091 -111.17 -69.53 38.31
CA GLN D 1091 -110.70 -68.18 38.52
C GLN D 1091 -109.41 -67.90 37.75
N PRO D 1092 -109.52 -67.67 36.43
CA PRO D 1092 -108.35 -67.38 35.60
C PRO D 1092 -107.95 -65.91 35.64
N ASN D 1093 -107.43 -65.46 36.78
CA ASN D 1093 -107.05 -64.07 36.98
C ASN D 1093 -106.01 -63.61 35.95
N ASP D 1094 -104.79 -64.11 36.07
CA ASP D 1094 -103.69 -63.71 35.19
C ASP D 1094 -102.93 -64.92 34.66
N GLN D 1095 -102.10 -64.71 33.65
CA GLN D 1095 -101.27 -65.78 33.11
C GLN D 1095 -99.88 -65.78 33.74
N TRP D 1096 -99.64 -64.80 34.63
CA TRP D 1096 -98.42 -64.77 35.41
C TRP D 1096 -98.56 -65.71 36.61
N PRO D 1097 -97.55 -66.55 36.85
CA PRO D 1097 -97.60 -67.61 37.88
C PRO D 1097 -97.90 -67.10 39.29
N LEU D 1098 -98.72 -67.84 40.03
CA LEU D 1098 -99.10 -67.46 41.37
C LEU D 1098 -98.38 -68.27 42.44
N MET D 1099 -97.97 -67.59 43.51
CA MET D 1099 -97.47 -68.25 44.71
C MET D 1099 -98.01 -67.51 45.93
N MET D 1100 -98.54 -68.25 46.89
CA MET D 1100 -99.36 -67.61 47.94
C MET D 1100 -98.98 -67.97 49.37
N ASP D 1101 -99.23 -67.03 50.27
CA ASP D 1101 -99.10 -67.24 51.71
C ASP D 1101 -100.40 -66.82 52.39
N VAL D 1102 -100.43 -66.95 53.71
CA VAL D 1102 -101.62 -66.55 54.48
C VAL D 1102 -101.21 -66.08 55.88
N SER D 1103 -101.91 -65.08 56.41
CA SER D 1103 -101.62 -64.59 57.75
C SER D 1103 -102.65 -65.10 58.75
N THR D 1104 -103.83 -64.47 58.76
CA THR D 1104 -104.94 -64.98 59.58
C THR D 1104 -106.24 -65.06 58.81
N LYS D 1105 -106.86 -63.90 58.57
CA LYS D 1105 -108.14 -63.84 57.88
C LYS D 1105 -107.95 -63.56 56.38
N TYR D 1106 -106.74 -63.22 55.98
CA TYR D 1106 -106.49 -62.77 54.62
C TYR D 1106 -105.64 -63.73 53.82
N ALA D 1107 -106.12 -64.08 52.62
CA ALA D 1107 -105.35 -64.88 51.69
C ALA D 1107 -104.44 -63.98 50.87
N SER D 1108 -103.13 -64.24 50.95
CA SER D 1108 -102.14 -63.41 50.28
C SER D 1108 -101.64 -64.04 49.00
N LEU D 1109 -102.00 -63.43 47.87
CA LEU D 1109 -101.57 -63.93 46.57
C LEU D 1109 -100.44 -63.08 45.99
N GLN D 1110 -99.27 -63.70 45.82
CA GLN D 1110 -98.14 -63.03 45.18
C GLN D 1110 -97.98 -63.53 43.75
N GLU D 1111 -98.26 -62.64 42.80
CA GLU D 1111 -98.20 -62.99 41.38
C GLU D 1111 -96.88 -62.53 40.75
N GLY D 1112 -96.77 -62.71 39.44
CA GLY D 1112 -95.61 -62.24 38.70
C GLY D 1112 -95.78 -60.79 38.30
N GLN D 1113 -96.90 -60.20 38.71
CA GLN D 1113 -97.21 -58.81 38.43
C GLN D 1113 -97.39 -58.01 39.71
N TYR D 1114 -98.44 -58.33 40.47
CA TYR D 1114 -98.73 -57.62 41.70
C TYR D 1114 -99.12 -58.58 42.83
N ILE D 1115 -99.39 -58.02 44.00
CA ILE D 1115 -99.80 -58.82 45.15
C ILE D 1115 -101.23 -58.43 45.57
N ILE D 1116 -102.13 -59.41 45.57
CA ILE D 1116 -103.53 -59.13 45.89
C ILE D 1116 -103.98 -59.90 47.14
N LEU D 1117 -104.84 -59.28 47.94
CA LEU D 1117 -105.33 -59.89 49.16
C LEU D 1117 -106.82 -60.21 49.06
N PHE D 1118 -107.20 -61.40 49.54
CA PHE D 1118 -108.61 -61.78 49.58
C PHE D 1118 -109.14 -61.88 51.00
N SER D 1119 -110.43 -61.59 51.16
CA SER D 1119 -111.11 -61.70 52.44
C SER D 1119 -112.06 -62.89 52.43
N ASP D 1120 -111.77 -63.90 53.23
CA ASP D 1120 -112.58 -65.11 53.26
C ASP D 1120 -113.96 -64.85 53.86
N HIS D 1121 -114.99 -65.26 53.13
CA HIS D 1121 -116.37 -65.12 53.59
C HIS D 1121 -116.67 -66.14 54.67
N GLY D 1122 -116.12 -67.34 54.52
CA GLY D 1122 -116.30 -68.40 55.50
C GLY D 1122 -115.27 -69.50 55.33
N VAL D 1123 -115.02 -70.25 56.40
CA VAL D 1123 -114.05 -71.34 56.37
C VAL D 1123 -114.63 -72.57 55.70
N CYS D 1124 -115.96 -72.67 55.68
CA CYS D 1124 -116.63 -73.82 55.07
C CYS D 1124 -116.59 -73.76 53.55
N HIS D 1125 -116.91 -72.58 53.01
CA HIS D 1125 -116.94 -72.40 51.56
C HIS D 1125 -116.50 -70.99 51.18
N LEU D 1126 -115.79 -70.87 50.06
CA LEU D 1126 -115.34 -69.59 49.57
C LEU D 1126 -115.94 -69.27 48.21
N ASP D 1127 -116.77 -68.23 48.17
CA ASP D 1127 -117.43 -67.83 46.93
C ASP D 1127 -116.91 -66.49 46.40
N ILE D 1128 -117.11 -65.43 47.16
CA ILE D 1128 -116.68 -64.10 46.76
C ILE D 1128 -115.46 -63.65 47.56
N ALA D 1129 -114.59 -62.87 46.92
CA ALA D 1129 -113.38 -62.38 47.57
C ALA D 1129 -113.22 -60.88 47.37
N ASN D 1130 -113.21 -60.14 48.47
CA ASN D 1130 -113.09 -58.68 48.41
C ASN D 1130 -111.63 -58.23 48.38
N PRO D 1131 -111.25 -57.49 47.33
CA PRO D 1131 -109.89 -56.96 47.19
C PRO D 1131 -109.58 -55.89 48.21
N SER D 1132 -108.35 -55.88 48.72
CA SER D 1132 -107.94 -54.92 49.74
C SER D 1132 -106.70 -54.13 49.33
N ALA D 1133 -105.57 -54.83 49.26
CA ALA D 1133 -104.30 -54.18 48.93
C ALA D 1133 -103.69 -54.74 47.66
N PHE D 1134 -103.61 -53.89 46.63
CA PHE D 1134 -102.95 -54.26 45.39
C PHE D 1134 -102.11 -53.11 44.85
N VAL D 1135 -100.87 -53.39 44.49
CA VAL D 1135 -99.96 -52.38 43.97
C VAL D 1135 -98.92 -52.99 43.04
N LYS D 1136 -98.51 -52.24 42.03
CA LYS D 1136 -97.47 -52.70 41.10
C LYS D 1136 -96.09 -52.21 41.56
N PRO D 1137 -95.23 -53.15 41.99
CA PRO D 1137 -93.91 -52.82 42.52
C PRO D 1137 -92.90 -52.40 41.44
N LYS D 1138 -91.64 -52.22 41.85
CA LYS D 1138 -90.58 -51.81 40.95
C LYS D 1138 -90.20 -52.92 39.98
N ASP D 1139 -89.53 -52.55 38.90
CA ASP D 1139 -89.09 -53.51 37.88
C ASP D 1139 -88.13 -54.54 38.47
N SER D 1140 -88.08 -55.72 37.84
CA SER D 1140 -87.35 -56.87 38.37
C SER D 1140 -87.90 -57.21 39.75
N GLU D 1141 -89.13 -57.70 39.76
CA GLU D 1141 -89.88 -57.93 41.00
C GLU D 1141 -89.34 -59.11 41.79
N GLU D 1142 -89.65 -59.13 43.09
CA GLU D 1142 -89.19 -60.21 43.97
C GLU D 1142 -90.01 -61.47 43.77
N TYR D 1143 -89.33 -62.61 43.77
CA TYR D 1143 -89.98 -63.91 43.62
C TYR D 1143 -91.01 -64.19 44.70
N ILE D 1144 -90.55 -64.36 45.93
CA ILE D 1144 -91.44 -64.73 47.03
C ILE D 1144 -91.02 -64.09 48.35
N VAL D 1145 -91.99 -63.71 49.17
CA VAL D 1145 -91.74 -63.12 50.48
C VAL D 1145 -92.48 -63.90 51.56
N GLY D 1146 -92.44 -63.39 52.79
CA GLY D 1146 -93.11 -64.06 53.90
C GLY D 1146 -93.62 -63.09 54.94
N PHE D 1147 -94.52 -63.58 55.79
CA PHE D 1147 -95.15 -62.76 56.82
C PHE D 1147 -94.91 -63.32 58.22
N ASP D 1148 -95.12 -62.47 59.23
CA ASP D 1148 -94.95 -62.88 60.62
C ASP D 1148 -96.23 -63.49 61.19
N LEU D 1149 -96.20 -63.76 62.49
CA LEU D 1149 -97.37 -64.31 63.18
C LEU D 1149 -97.84 -63.36 64.27
N LYS D 1150 -99.15 -63.37 64.53
CA LYS D 1150 -99.78 -62.49 65.52
C LYS D 1150 -99.53 -61.02 65.20
N ASN D 1151 -99.31 -60.73 63.92
CA ASN D 1151 -99.08 -59.37 63.46
C ASN D 1151 -99.99 -59.01 62.30
N SER D 1152 -99.82 -59.73 61.18
CA SER D 1152 -100.61 -59.54 59.98
C SER D 1152 -100.50 -58.11 59.43
N LEU D 1153 -99.30 -57.77 58.95
CA LEU D 1153 -99.07 -56.46 58.35
C LEU D 1153 -98.68 -56.59 56.89
N LEU D 1154 -98.43 -55.46 56.24
CA LEU D 1154 -98.04 -55.46 54.84
C LEU D 1154 -96.52 -55.41 54.69
N PHE D 1155 -95.96 -56.36 53.94
CA PHE D 1155 -94.52 -56.41 53.74
C PHE D 1155 -94.17 -56.64 52.28
N LEU D 1156 -93.42 -55.69 51.71
CA LEU D 1156 -92.96 -55.81 50.33
C LEU D 1156 -91.48 -55.44 50.26
N ALA D 1157 -90.65 -56.38 49.83
CA ALA D 1157 -89.21 -56.18 49.77
C ALA D 1157 -88.65 -56.45 48.38
N TYR D 1158 -87.90 -55.50 47.84
CA TYR D 1158 -87.27 -55.67 46.54
C TYR D 1158 -86.18 -56.74 46.64
N GLU D 1159 -85.85 -57.36 45.51
CA GLU D 1159 -84.97 -58.53 45.55
C GLU D 1159 -83.50 -58.19 45.77
N ASN D 1160 -83.05 -57.03 45.30
CA ASN D 1160 -81.62 -56.70 45.35
C ASN D 1160 -81.25 -55.69 46.42
N ASN D 1161 -80.58 -56.19 47.46
CA ASN D 1161 -79.91 -55.37 48.47
C ASN D 1161 -80.77 -54.34 49.20
N ILE D 1162 -82.08 -54.56 49.22
CA ILE D 1162 -82.97 -53.72 50.02
C ILE D 1162 -84.22 -54.47 50.47
N ILE D 1163 -84.66 -54.24 51.71
CA ILE D 1163 -85.90 -54.80 52.22
C ILE D 1163 -86.68 -53.74 52.99
N ASP D 1164 -87.99 -53.69 52.77
CA ASP D 1164 -88.82 -52.65 53.36
C ASP D 1164 -90.04 -53.21 54.10
N VAL D 1165 -90.30 -52.65 55.27
CA VAL D 1165 -91.49 -53.02 56.04
C VAL D 1165 -92.55 -51.93 55.93
N PHE D 1166 -93.77 -52.32 55.54
CA PHE D 1166 -94.82 -51.36 55.28
C PHE D 1166 -95.97 -51.48 56.29
N ARG D 1167 -96.97 -50.62 56.13
CA ARG D 1167 -98.18 -50.67 56.94
C ARG D 1167 -99.34 -51.14 56.07
N LEU D 1168 -100.30 -51.83 56.66
CA LEU D 1168 -101.39 -52.45 55.90
C LEU D 1168 -102.16 -51.44 55.05
N ILE D 1169 -102.98 -50.61 55.71
CA ILE D 1169 -103.75 -49.52 55.09
C ILE D 1169 -104.33 -49.93 53.73
N PHE D 1170 -104.16 -49.09 52.71
CA PHE D 1170 -104.45 -49.48 51.34
C PHE D 1170 -103.16 -49.95 50.69
N SER D 1171 -102.28 -49.00 50.38
CA SER D 1171 -100.93 -49.31 49.91
C SER D 1171 -99.95 -48.21 50.33
N CYS D 1172 -98.75 -48.61 50.74
CA CYS D 1172 -97.72 -47.63 51.08
C CYS D 1172 -96.37 -48.00 50.48
N ASN D 1173 -95.90 -47.17 49.55
CA ASN D 1173 -94.55 -47.31 49.02
C ASN D 1173 -93.59 -46.33 49.68
N GLN D 1174 -94.10 -45.54 50.61
CA GLN D 1174 -93.34 -44.44 51.20
C GLN D 1174 -92.51 -44.86 52.40
N LEU D 1175 -91.24 -44.48 52.39
CA LEU D 1175 -90.34 -44.71 53.52
C LEU D 1175 -89.64 -43.41 53.90
N ARG D 1176 -88.83 -42.90 52.96
CA ARG D 1176 -88.14 -41.62 53.10
C ARG D 1176 -87.27 -41.51 54.35
N TYR D 1177 -87.31 -40.35 54.99
CA TYR D 1177 -86.44 -40.07 56.14
C TYR D 1177 -87.14 -40.32 57.47
N GLU D 1178 -88.41 -40.71 57.41
CA GLU D 1178 -89.20 -40.98 58.62
C GLU D 1178 -88.54 -42.02 59.51
N GLN D 1179 -88.42 -43.24 59.01
CA GLN D 1179 -87.76 -44.31 59.73
C GLN D 1179 -86.91 -45.17 58.80
N ILE D 1180 -85.97 -45.91 59.37
CA ILE D 1180 -85.12 -46.80 58.60
C ILE D 1180 -85.46 -48.26 58.93
N CYS D 1181 -85.92 -49.00 57.92
CA CYS D 1181 -86.35 -50.37 58.14
C CYS D 1181 -85.31 -51.40 57.69
N GLU D 1182 -84.68 -52.04 58.68
CA GLU D 1182 -83.67 -53.07 58.48
C GLU D 1182 -82.59 -52.65 57.48
N GLU D 1183 -82.16 -53.62 56.67
CA GLU D 1183 -81.12 -53.49 55.63
C GLU D 1183 -81.00 -54.82 54.90
N GLU D 1184 -80.43 -54.80 53.71
CA GLU D 1184 -80.03 -56.03 53.02
C GLU D 1184 -78.64 -55.88 52.43
N ILE D 1185 -77.67 -56.60 53.00
CA ILE D 1185 -76.28 -56.49 52.53
C ILE D 1185 -75.81 -57.61 51.61
N ALA D 1186 -76.65 -58.62 51.39
CA ALA D 1186 -76.19 -59.81 50.68
C ALA D 1186 -77.12 -60.27 49.56
N GLN D 1187 -78.31 -60.74 49.95
CA GLN D 1187 -79.21 -61.43 49.03
C GLN D 1187 -79.55 -60.62 47.79
N LYS D 1188 -79.58 -61.31 46.65
CA LYS D 1188 -79.91 -60.68 45.37
C LYS D 1188 -81.01 -61.46 44.64
N ALA D 1189 -80.75 -62.72 44.32
CA ALA D 1189 -81.71 -63.56 43.62
C ALA D 1189 -82.29 -64.62 44.56
N LYS D 1190 -83.53 -65.01 44.31
CA LYS D 1190 -84.22 -66.04 45.07
C LYS D 1190 -84.33 -65.73 46.57
N ILE D 1191 -84.86 -64.55 46.91
CA ILE D 1191 -85.20 -64.26 48.30
C ILE D 1191 -86.28 -65.25 48.74
N SER D 1192 -86.24 -65.70 49.99
CA SER D 1192 -87.09 -66.81 50.40
C SER D 1192 -88.26 -66.42 51.31
N TYR D 1193 -87.97 -66.21 52.59
CA TYR D 1193 -89.01 -66.10 53.61
C TYR D 1193 -88.63 -65.22 54.79
N LEU D 1194 -89.49 -65.27 55.81
CA LEU D 1194 -89.24 -64.70 57.13
C LEU D 1194 -90.43 -65.02 58.02
N VAL D 1195 -90.21 -65.00 59.34
CA VAL D 1195 -91.23 -65.42 60.30
C VAL D 1195 -91.18 -64.64 61.61
N ALA D 1196 -92.23 -64.79 62.41
CA ALA D 1196 -92.24 -64.25 63.76
C ALA D 1196 -91.18 -64.93 64.61
N THR D 1197 -90.76 -64.27 65.68
CA THR D 1197 -89.66 -64.74 66.52
C THR D 1197 -89.80 -64.23 67.94
N ASP D 1198 -88.73 -64.35 68.72
CA ASP D 1198 -88.70 -63.87 70.09
C ASP D 1198 -88.73 -62.33 70.07
N ASP D 1199 -88.61 -61.71 71.25
CA ASP D 1199 -88.84 -60.28 71.43
C ASP D 1199 -88.24 -59.39 70.34
N GLY D 1200 -86.92 -59.39 70.22
CA GLY D 1200 -86.24 -58.55 69.25
C GLY D 1200 -86.58 -58.83 67.80
N THR D 1201 -87.07 -57.80 67.11
CA THR D 1201 -87.30 -57.76 65.66
C THR D 1201 -87.94 -59.01 65.03
N MET D 1202 -87.43 -59.43 63.88
CA MET D 1202 -87.94 -60.58 63.15
C MET D 1202 -86.85 -61.25 62.32
N LEU D 1203 -86.98 -62.55 62.09
CA LEU D 1203 -85.93 -63.33 61.43
C LEU D 1203 -86.32 -63.78 60.02
N ALA D 1204 -85.34 -63.78 59.11
CA ALA D 1204 -85.52 -64.27 57.75
C ALA D 1204 -84.62 -65.47 57.51
N MET D 1205 -84.96 -66.29 56.52
CA MET D 1205 -84.25 -67.57 56.34
C MET D 1205 -83.95 -67.96 54.89
N GLY D 1206 -83.42 -69.17 54.75
CA GLY D 1206 -83.12 -69.80 53.48
C GLY D 1206 -81.65 -69.72 53.10
N PHE D 1207 -81.15 -70.79 52.50
CA PHE D 1207 -79.76 -70.86 52.05
C PHE D 1207 -79.58 -70.65 50.54
N GLU D 1208 -80.69 -70.48 49.82
CA GLU D 1208 -80.62 -70.45 48.36
C GLU D 1208 -79.96 -69.17 47.83
N ASN D 1209 -78.93 -69.37 47.00
CA ASN D 1209 -78.20 -68.28 46.35
C ASN D 1209 -77.70 -67.22 47.34
N GLY D 1210 -77.29 -67.68 48.52
CA GLY D 1210 -76.81 -66.77 49.55
C GLY D 1210 -77.01 -67.31 50.95
N THR D 1211 -77.09 -66.41 51.92
CA THR D 1211 -77.29 -66.81 53.31
C THR D 1211 -78.48 -66.10 53.93
N LEU D 1212 -78.77 -66.43 55.19
CA LEU D 1212 -79.86 -65.79 55.92
C LEU D 1212 -79.31 -64.77 56.91
N GLU D 1213 -80.04 -63.67 57.10
CA GLU D 1213 -79.56 -62.57 57.93
C GLU D 1213 -80.62 -62.05 58.89
N LEU D 1214 -80.18 -61.33 59.92
CA LEU D 1214 -81.07 -60.75 60.92
C LEU D 1214 -80.88 -59.24 61.02
N PHE D 1215 -81.98 -58.52 61.03
CA PHE D 1215 -81.95 -57.06 61.16
C PHE D 1215 -83.12 -56.57 62.01
N ALA D 1216 -83.04 -55.32 62.45
CA ALA D 1216 -84.05 -54.75 63.34
C ALA D 1216 -84.97 -53.79 62.61
N VAL D 1217 -86.21 -53.69 63.09
CA VAL D 1217 -87.22 -52.83 62.47
C VAL D 1217 -86.78 -51.37 62.42
N GLU D 1218 -86.49 -50.80 63.59
CA GLU D 1218 -86.10 -49.39 63.66
C GLU D 1218 -84.59 -49.18 63.71
N ASN D 1219 -83.84 -50.26 63.72
CA ASN D 1219 -82.38 -50.18 63.86
C ASN D 1219 -81.65 -51.28 63.09
N ARG D 1220 -80.36 -51.42 63.34
CA ARG D 1220 -79.58 -52.51 62.77
C ARG D 1220 -78.95 -53.35 63.87
N LYS D 1221 -78.93 -54.67 63.68
CA LYS D 1221 -78.42 -55.58 64.70
C LYS D 1221 -77.60 -56.71 64.10
N VAL D 1222 -77.21 -57.66 64.95
CA VAL D 1222 -76.38 -58.79 64.53
C VAL D 1222 -77.20 -59.75 63.67
N GLN D 1223 -76.52 -60.58 62.89
CA GLN D 1223 -77.18 -61.55 62.03
C GLN D 1223 -76.74 -62.97 62.37
N LEU D 1224 -77.53 -63.95 61.94
CA LEU D 1224 -77.34 -65.35 62.35
C LEU D 1224 -76.23 -66.06 61.59
N ILE D 1225 -76.18 -67.38 61.75
CA ILE D 1225 -75.11 -68.22 61.23
C ILE D 1225 -75.06 -68.31 59.71
N TYR D 1226 -73.91 -68.76 59.20
CA TYR D 1226 -73.71 -69.01 57.78
C TYR D 1226 -74.64 -70.12 57.28
N SER D 1227 -74.84 -70.17 55.96
CA SER D 1227 -75.29 -71.40 55.34
C SER D 1227 -74.28 -72.46 55.75
N ILE D 1228 -74.76 -73.65 56.12
CA ILE D 1228 -73.96 -74.63 56.84
C ILE D 1228 -72.59 -74.89 56.20
N GLU D 1229 -72.56 -75.61 55.08
CA GLU D 1229 -71.34 -75.70 54.30
C GLU D 1229 -71.60 -75.55 52.80
N GLU D 1230 -72.28 -76.55 52.25
CA GLU D 1230 -72.46 -76.68 50.81
C GLU D 1230 -73.45 -75.68 50.23
N VAL D 1231 -73.33 -75.44 48.93
CA VAL D 1231 -74.31 -74.64 48.20
C VAL D 1231 -75.40 -75.56 47.64
N HIS D 1232 -76.26 -75.01 46.80
CA HIS D 1232 -77.36 -75.77 46.19
C HIS D 1232 -78.22 -76.43 47.25
N GLU D 1233 -78.98 -75.62 47.97
CA GLU D 1233 -79.84 -76.09 49.05
C GLU D 1233 -80.89 -77.07 48.52
N HIS D 1234 -81.27 -78.03 49.35
CA HIS D 1234 -82.25 -79.04 48.96
C HIS D 1234 -83.63 -78.43 48.76
N CYS D 1235 -84.50 -79.16 48.07
CA CYS D 1235 -85.79 -78.65 47.61
C CYS D 1235 -86.60 -77.91 48.68
N ILE D 1236 -86.65 -78.44 49.89
CA ILE D 1236 -87.34 -77.76 50.97
C ILE D 1236 -86.37 -76.90 51.80
N ARG D 1237 -86.56 -75.59 51.72
CA ARG D 1237 -85.69 -74.65 52.42
C ARG D 1237 -86.28 -74.21 53.76
N GLN D 1238 -87.42 -74.78 54.12
CA GLN D 1238 -88.10 -74.43 55.36
C GLN D 1238 -87.25 -74.76 56.59
N LEU D 1239 -87.32 -73.89 57.59
CA LEU D 1239 -86.58 -74.07 58.84
C LEU D 1239 -87.49 -74.62 59.93
N LEU D 1240 -86.91 -75.42 60.82
CA LEU D 1240 -87.68 -76.12 61.85
C LEU D 1240 -87.72 -75.32 63.14
N PHE D 1241 -88.90 -74.81 63.48
CA PHE D 1241 -89.04 -73.99 64.68
C PHE D 1241 -90.48 -73.92 65.21
N SER D 1242 -90.60 -73.59 66.50
CA SER D 1242 -91.86 -73.17 67.08
C SER D 1242 -91.75 -71.68 67.38
N PRO D 1243 -92.71 -70.88 66.90
CA PRO D 1243 -92.51 -69.42 66.87
C PRO D 1243 -92.25 -68.76 68.22
N CYS D 1244 -93.07 -69.03 69.24
CA CYS D 1244 -92.81 -68.48 70.56
C CYS D 1244 -92.05 -69.45 71.45
N LYS D 1245 -91.97 -70.71 71.02
CA LYS D 1245 -91.34 -71.76 71.81
C LYS D 1245 -89.91 -72.06 71.37
N LEU D 1246 -89.38 -71.27 70.43
CA LEU D 1246 -88.15 -71.60 69.73
C LEU D 1246 -86.96 -71.92 70.65
N LEU D 1247 -86.40 -73.11 70.45
CA LEU D 1247 -85.21 -73.55 71.15
C LEU D 1247 -84.21 -74.12 70.16
N LEU D 1248 -84.59 -75.25 69.55
CA LEU D 1248 -83.73 -75.91 68.56
C LEU D 1248 -83.85 -75.31 67.17
N ILE D 1249 -82.75 -75.29 66.44
CA ILE D 1249 -82.72 -74.83 65.05
C ILE D 1249 -81.96 -75.84 64.19
N SER D 1250 -82.62 -76.35 63.15
CA SER D 1250 -82.02 -77.39 62.32
C SER D 1250 -81.86 -76.96 60.86
N CYS D 1251 -80.62 -76.97 60.38
CA CYS D 1251 -80.33 -76.64 58.99
C CYS D 1251 -79.21 -77.52 58.43
N ALA D 1252 -79.41 -78.04 57.23
CA ALA D 1252 -78.40 -78.86 56.55
C ALA D 1252 -78.62 -78.88 55.04
N GLU D 1253 -77.60 -79.29 54.30
CA GLU D 1253 -77.73 -79.41 52.85
C GLU D 1253 -77.88 -80.87 52.40
N GLN D 1254 -76.78 -81.61 52.43
CA GLN D 1254 -76.79 -82.97 51.91
C GLN D 1254 -76.34 -84.02 52.93
N LEU D 1255 -75.02 -84.07 53.17
CA LEU D 1255 -74.42 -85.12 53.97
C LEU D 1255 -74.21 -84.69 55.44
N CYS D 1256 -74.64 -83.46 55.75
CA CYS D 1256 -74.41 -82.87 57.07
C CYS D 1256 -74.98 -83.72 58.22
N PHE D 1257 -74.30 -83.66 59.36
CA PHE D 1257 -74.67 -84.43 60.54
C PHE D 1257 -75.79 -83.76 61.31
N TRP D 1258 -76.02 -84.23 62.54
CA TRP D 1258 -77.09 -83.72 63.39
C TRP D 1258 -77.06 -82.20 63.52
N ASN D 1259 -78.21 -81.58 63.32
CA ASN D 1259 -78.31 -80.12 63.20
C ASN D 1259 -78.64 -79.40 64.50
N VAL D 1260 -78.76 -80.15 65.59
CA VAL D 1260 -79.28 -79.59 66.84
C VAL D 1260 -78.43 -78.43 67.38
N THR D 1261 -79.11 -77.29 67.59
CA THR D 1261 -78.52 -76.11 68.21
C THR D 1261 -79.56 -75.47 69.12
N HIS D 1262 -79.21 -75.25 70.39
CA HIS D 1262 -80.18 -74.69 71.32
C HIS D 1262 -79.60 -73.53 72.13
N MET D 1263 -80.45 -72.95 72.99
CA MET D 1263 -80.05 -71.85 73.85
C MET D 1263 -80.25 -72.21 75.32
N ARG D 1264 -79.47 -71.58 76.19
CA ARG D 1264 -79.54 -71.86 77.62
C ARG D 1264 -80.40 -70.83 78.34
N HIS E 8 30.53 -37.05 8.30
CA HIS E 8 29.20 -37.56 8.55
C HIS E 8 29.17 -39.06 8.53
N GLN E 9 30.05 -39.63 7.72
CA GLN E 9 29.75 -40.87 7.05
C GLN E 9 29.21 -41.91 8.03
N TYR E 10 28.06 -42.47 7.67
CA TYR E 10 27.38 -43.41 8.52
C TYR E 10 28.12 -44.73 8.47
N GLN E 11 27.64 -45.70 9.22
CA GLN E 11 28.38 -46.91 9.50
C GLN E 11 27.40 -48.06 9.52
N TYR E 12 27.71 -49.15 8.81
CA TYR E 12 26.68 -50.14 8.50
C TYR E 12 25.84 -50.50 9.72
N LYS E 13 26.49 -50.77 10.85
CA LYS E 13 25.70 -51.18 12.00
C LYS E 13 24.80 -50.05 12.48
N ASP E 14 25.10 -48.82 12.11
CA ASP E 14 24.14 -47.77 12.39
C ASP E 14 22.90 -47.97 11.55
N ILE E 15 23.10 -48.07 10.25
CA ILE E 15 22.00 -48.00 9.31
C ILE E 15 21.31 -49.33 9.16
N LEU E 16 22.02 -50.43 9.38
CA LEU E 16 21.51 -51.73 8.99
C LEU E 16 20.13 -51.98 9.55
N SER E 17 19.90 -51.57 10.79
CA SER E 17 18.64 -51.89 11.44
C SER E 17 17.45 -51.25 10.76
N VAL E 18 17.66 -50.39 9.77
CA VAL E 18 16.52 -49.64 9.29
C VAL E 18 15.61 -50.57 8.50
N PHE E 19 16.03 -50.94 7.31
CA PHE E 19 15.16 -51.75 6.48
C PHE E 19 15.28 -53.18 6.97
N GLU E 20 14.14 -53.73 7.33
CA GLU E 20 13.99 -55.13 7.68
C GLU E 20 12.97 -55.79 6.76
N ASP E 21 11.79 -55.21 6.63
CA ASP E 21 10.69 -55.87 5.97
C ASP E 21 11.14 -56.53 4.69
N ALA E 22 11.74 -55.75 3.80
CA ALA E 22 12.37 -56.33 2.63
C ALA E 22 13.30 -57.46 3.04
N PHE E 23 14.20 -57.15 3.97
CA PHE E 23 15.15 -58.15 4.43
C PHE E 23 14.42 -59.29 5.12
N VAL E 24 13.32 -58.97 5.79
CA VAL E 24 12.50 -60.00 6.42
C VAL E 24 11.97 -60.97 5.40
N ASP E 25 11.05 -60.50 4.57
CA ASP E 25 10.18 -61.35 3.78
C ASP E 25 10.96 -62.29 2.86
N ASN E 26 11.68 -61.73 1.92
CA ASN E 26 12.22 -62.47 0.80
C ASN E 26 13.50 -63.21 1.12
N PHE E 27 13.94 -63.17 2.36
CA PHE E 27 15.17 -63.85 2.76
C PHE E 27 15.00 -64.56 4.09
N ASP E 28 15.62 -65.73 4.20
CA ASP E 28 15.62 -66.49 5.44
C ASP E 28 17.04 -66.89 5.77
N CYS E 29 17.40 -66.76 7.04
CA CYS E 29 18.75 -67.15 7.44
C CYS E 29 19.06 -68.60 7.11
N LYS E 30 18.17 -69.51 7.50
CA LYS E 30 18.41 -70.93 7.28
C LYS E 30 18.80 -71.22 5.84
N ASP E 31 18.29 -70.41 4.92
CA ASP E 31 18.61 -70.55 3.51
C ASP E 31 20.11 -70.61 3.34
N VAL E 32 20.82 -69.78 4.11
CA VAL E 32 22.25 -69.61 3.95
C VAL E 32 22.93 -69.78 5.29
N GLN E 33 23.71 -70.85 5.42
CA GLN E 33 24.84 -70.83 6.32
C GLN E 33 26.08 -70.96 5.45
N ASP E 34 26.69 -69.83 5.11
CA ASP E 34 28.04 -69.85 4.59
C ASP E 34 29.05 -69.83 5.72
N MET E 35 28.79 -68.98 6.70
CA MET E 35 29.45 -69.02 7.99
C MET E 35 30.95 -68.85 7.96
N PRO E 36 31.48 -67.77 7.41
CA PRO E 36 32.87 -67.45 7.72
C PRO E 36 32.97 -67.22 9.21
N LYS E 37 33.87 -67.97 9.84
CA LYS E 37 33.72 -68.20 11.28
C LYS E 37 33.90 -66.96 12.10
N SER E 38 34.75 -66.02 11.67
CA SER E 38 34.93 -64.81 12.44
C SER E 38 33.65 -64.00 12.52
N ILE E 39 32.86 -64.02 11.44
CA ILE E 39 31.75 -63.09 11.38
C ILE E 39 30.57 -63.58 12.20
N LEU E 40 30.43 -64.90 12.34
CA LEU E 40 29.39 -65.49 13.16
C LEU E 40 29.96 -66.75 13.79
N SER E 41 29.72 -66.94 15.07
CA SER E 41 30.19 -68.20 15.61
C SER E 41 29.27 -69.32 15.15
N LYS E 42 29.68 -70.55 15.45
CA LYS E 42 28.84 -71.68 15.10
C LYS E 42 27.56 -71.65 15.92
N GLU E 43 27.71 -71.62 17.23
CA GLU E 43 26.57 -71.52 18.13
C GLU E 43 25.60 -70.43 17.72
N GLU E 44 26.11 -69.35 17.14
CA GLU E 44 25.26 -68.26 16.71
C GLU E 44 24.19 -68.79 15.77
N ILE E 45 24.61 -69.18 14.58
CA ILE E 45 23.64 -69.63 13.59
C ILE E 45 23.01 -70.93 14.03
N ASP E 46 23.67 -71.64 14.93
CA ASP E 46 23.02 -72.76 15.60
C ASP E 46 21.73 -72.29 16.24
N HIS E 47 21.77 -71.10 16.84
CA HIS E 47 20.61 -70.62 17.57
C HIS E 47 19.57 -70.00 16.68
N ILE E 48 19.98 -69.28 15.64
CA ILE E 48 19.02 -68.52 14.83
C ILE E 48 17.99 -69.43 14.23
N ILE E 49 18.44 -70.43 13.46
CA ILE E 49 17.51 -71.25 12.71
C ILE E 49 16.48 -71.89 13.62
N MET E 50 16.84 -72.11 14.88
CA MET E 50 15.90 -72.71 15.82
C MET E 50 14.64 -71.89 15.98
N SER E 51 14.65 -70.62 15.61
CA SER E 51 13.44 -69.81 15.72
C SER E 51 12.39 -70.31 14.74
N LYS E 52 11.12 -70.08 15.09
CA LYS E 52 10.04 -70.79 14.41
C LYS E 52 9.54 -70.04 13.18
N ASP E 53 9.90 -68.78 13.03
CA ASP E 53 9.36 -68.00 11.92
C ASP E 53 10.24 -66.81 11.62
N ALA E 54 10.08 -66.30 10.40
CA ALA E 54 10.88 -65.19 9.92
C ALA E 54 10.87 -64.03 10.89
N VAL E 55 9.68 -63.55 11.26
CA VAL E 55 9.58 -62.38 12.13
C VAL E 55 10.39 -62.59 13.40
N SER E 56 10.49 -63.84 13.84
CA SER E 56 11.53 -64.16 14.80
C SER E 56 12.86 -64.37 14.11
N GLY E 57 12.87 -65.15 13.04
CA GLY E 57 14.12 -65.55 12.44
C GLY E 57 14.94 -64.38 11.97
N THR E 58 14.39 -63.61 11.05
CA THR E 58 15.13 -62.46 10.54
C THR E 58 15.54 -61.56 11.69
N LEU E 59 14.72 -61.49 12.71
CA LEU E 59 14.98 -60.53 13.77
C LEU E 59 16.23 -60.90 14.53
N ARG E 60 16.29 -62.11 15.07
CA ARG E 60 17.42 -62.44 15.93
C ARG E 60 18.73 -62.28 15.19
N LEU E 61 18.68 -62.27 13.87
CA LEU E 61 19.87 -61.97 13.12
C LEU E 61 20.45 -60.63 13.53
N PHE E 62 19.70 -59.56 13.31
CA PHE E 62 20.23 -58.23 13.55
C PHE E 62 20.83 -58.11 14.93
N TRP E 63 20.05 -58.44 15.96
CA TRP E 63 20.55 -58.30 17.32
C TRP E 63 21.85 -59.03 17.51
N THR E 64 22.09 -60.09 16.78
CA THR E 64 23.41 -60.66 16.87
C THR E 64 24.45 -59.76 16.23
N LEU E 65 24.21 -59.36 14.98
CA LEU E 65 25.18 -58.53 14.29
C LEU E 65 25.50 -57.27 15.06
N LEU E 66 24.49 -56.50 15.44
CA LEU E 66 24.74 -55.21 16.05
C LEU E 66 25.51 -55.31 17.36
N SER E 67 25.71 -56.50 17.86
CA SER E 67 26.53 -56.72 19.05
C SER E 67 27.99 -56.91 18.71
N LYS E 68 28.38 -56.69 17.47
CA LYS E 68 29.73 -56.99 17.02
C LYS E 68 30.40 -55.72 16.52
N GLN E 69 31.71 -55.81 16.36
CA GLN E 69 32.46 -54.69 15.85
C GLN E 69 32.25 -54.53 14.35
N GLU E 70 32.36 -53.30 13.89
CA GLU E 70 31.91 -52.91 12.57
C GLU E 70 32.59 -53.70 11.45
N GLU E 71 33.85 -54.07 11.62
CA GLU E 71 34.54 -54.81 10.57
C GLU E 71 33.73 -56.01 10.12
N MET E 72 33.32 -56.84 11.07
CA MET E 72 32.54 -58.03 10.74
C MET E 72 31.35 -57.67 9.87
N VAL E 73 30.50 -56.77 10.39
CA VAL E 73 29.40 -56.27 9.60
C VAL E 73 29.90 -55.72 8.29
N GLN E 74 30.92 -54.88 8.35
CA GLN E 74 31.50 -54.31 7.13
C GLN E 74 31.83 -55.41 6.14
N LYS E 75 32.23 -56.57 6.63
CA LYS E 75 32.38 -57.67 5.71
C LYS E 75 31.05 -58.32 5.37
N PHE E 76 30.10 -58.30 6.28
CA PHE E 76 28.86 -59.02 6.05
C PHE E 76 28.08 -58.42 4.90
N VAL E 77 28.08 -57.10 4.80
CA VAL E 77 27.38 -56.47 3.70
C VAL E 77 28.01 -56.87 2.38
N GLU E 78 29.29 -57.21 2.39
CA GLU E 78 29.93 -57.76 1.20
C GLU E 78 29.60 -59.23 1.00
N GLU E 79 29.51 -59.98 2.08
CA GLU E 79 29.34 -61.42 1.99
C GLU E 79 28.08 -61.81 1.25
N VAL E 80 27.01 -61.02 1.41
CA VAL E 80 25.75 -61.35 0.75
C VAL E 80 25.92 -61.35 -0.76
N LEU E 81 26.77 -60.44 -1.27
CA LEU E 81 27.06 -60.41 -2.70
C LEU E 81 27.42 -61.78 -3.23
N ARG E 82 28.37 -62.46 -2.59
CA ARG E 82 28.81 -63.75 -3.07
C ARG E 82 27.67 -64.75 -3.08
N ILE E 83 26.71 -64.58 -2.19
CA ILE E 83 25.54 -65.44 -2.18
C ILE E 83 24.77 -65.13 -3.45
N ASN E 84 23.91 -66.05 -3.86
CA ASN E 84 23.18 -65.91 -5.11
C ASN E 84 22.54 -64.53 -5.22
N TYR E 85 22.02 -64.02 -4.12
CA TYR E 85 21.23 -62.81 -4.19
C TYR E 85 22.04 -61.64 -3.67
N LYS E 86 22.41 -60.75 -4.58
CA LYS E 86 22.90 -59.44 -4.18
C LYS E 86 21.81 -58.38 -4.24
N PHE E 87 20.66 -58.68 -4.84
CA PHE E 87 19.68 -57.61 -5.05
C PHE E 87 19.36 -56.92 -3.75
N LEU E 88 19.40 -57.65 -2.66
CA LEU E 88 19.15 -57.11 -1.34
C LEU E 88 20.22 -56.11 -0.94
N MET E 89 21.46 -56.33 -1.34
CA MET E 89 22.51 -55.45 -0.85
C MET E 89 22.75 -54.24 -1.73
N SER E 90 22.09 -54.13 -2.85
CA SER E 90 22.28 -52.88 -3.56
C SER E 90 21.65 -51.73 -2.79
N PRO E 91 20.42 -51.87 -2.25
CA PRO E 91 19.90 -50.75 -1.47
C PRO E 91 20.77 -50.43 -0.29
N ILE E 92 21.16 -51.42 0.49
CA ILE E 92 21.96 -51.19 1.67
C ILE E 92 23.25 -50.48 1.33
N LYS E 93 23.66 -50.52 0.08
CA LYS E 93 24.80 -49.74 -0.34
C LYS E 93 24.42 -48.31 -0.61
N THR E 94 23.15 -47.96 -0.41
CA THR E 94 22.75 -46.57 -0.45
C THR E 94 22.88 -45.90 0.92
N GLU E 95 23.51 -46.56 1.87
CA GLU E 95 24.17 -45.83 2.94
C GLU E 95 24.89 -44.63 2.38
N GLN E 96 25.92 -44.89 1.59
CA GLN E 96 26.92 -43.89 1.27
C GLN E 96 26.28 -42.73 0.53
N ARG E 97 26.42 -41.53 1.11
CA ARG E 97 25.88 -40.30 0.58
C ARG E 97 24.40 -40.41 0.28
N GLN E 98 23.74 -41.38 0.85
CA GLN E 98 22.31 -41.30 0.63
C GLN E 98 21.55 -41.84 1.83
N PRO E 99 21.67 -41.25 3.00
CA PRO E 99 20.63 -41.46 3.99
C PRO E 99 19.37 -40.86 3.45
N SER E 100 18.30 -41.65 3.44
CA SER E 100 17.09 -41.05 2.93
C SER E 100 16.63 -39.95 3.87
N MET E 101 16.17 -38.85 3.28
CA MET E 101 15.91 -37.63 4.05
C MET E 101 15.09 -37.93 5.28
N MET E 102 14.22 -38.93 5.20
CA MET E 102 13.65 -39.50 6.40
C MET E 102 14.72 -40.06 7.31
N THR E 103 15.39 -41.12 6.85
CA THR E 103 16.12 -42.00 7.74
C THR E 103 16.98 -41.25 8.73
N ARG E 104 17.55 -40.13 8.31
CA ARG E 104 18.35 -39.37 9.25
C ARG E 104 17.57 -39.03 10.49
N MET E 105 16.27 -38.75 10.34
CA MET E 105 15.45 -38.50 11.52
C MET E 105 15.60 -39.65 12.50
N TYR E 106 15.32 -40.86 12.05
CA TYR E 106 15.55 -42.04 12.86
C TYR E 106 16.96 -42.04 13.40
N ILE E 107 17.93 -42.26 12.51
CA ILE E 107 19.29 -42.57 12.96
C ILE E 107 19.79 -41.52 13.91
N GLU E 108 19.28 -40.31 13.80
CA GLU E 108 19.54 -39.35 14.85
C GLU E 108 18.89 -39.79 16.13
N GLN E 109 17.58 -39.96 16.09
CA GLN E 109 16.84 -39.89 17.34
C GLN E 109 17.21 -41.02 18.28
N ARG E 110 17.37 -42.22 17.78
CA ARG E 110 17.78 -43.30 18.67
C ARG E 110 18.99 -42.90 19.51
N ASP E 111 19.87 -42.09 18.95
CA ASP E 111 20.96 -41.60 19.77
C ASP E 111 20.44 -40.78 20.92
N ARG E 112 19.60 -39.79 20.64
CA ARG E 112 18.96 -39.08 21.74
C ARG E 112 18.19 -40.03 22.64
N LEU E 113 17.86 -41.21 22.13
CA LEU E 113 17.32 -42.22 23.02
C LEU E 113 18.42 -42.92 23.79
N TYR E 114 19.49 -43.35 23.13
CA TYR E 114 20.60 -43.91 23.89
C TYR E 114 21.22 -42.93 24.84
N ASN E 115 20.95 -41.65 24.74
CA ASN E 115 21.55 -40.77 25.72
C ASN E 115 20.76 -40.79 27.01
N ASP E 116 19.81 -41.69 27.09
CA ASP E 116 19.52 -42.38 28.33
C ASP E 116 20.72 -43.17 28.85
N ASN E 117 21.81 -43.25 28.07
CA ASN E 117 23.10 -43.80 28.49
C ASN E 117 23.05 -45.20 29.05
N GLN E 118 23.31 -45.35 30.34
CA GLN E 118 23.64 -46.65 30.89
C GLN E 118 22.82 -47.74 30.26
N VAL E 119 21.57 -47.37 30.07
CA VAL E 119 20.50 -48.32 29.85
C VAL E 119 20.91 -49.34 28.82
N PHE E 120 20.89 -48.95 27.58
CA PHE E 120 21.24 -49.90 26.55
C PHE E 120 22.68 -49.76 26.17
N ALA E 121 23.37 -48.86 26.83
CA ALA E 121 24.78 -48.67 26.59
C ALA E 121 25.47 -50.01 26.73
N LYS E 122 25.61 -50.48 27.95
CA LYS E 122 26.19 -51.79 28.16
C LYS E 122 25.08 -52.83 28.17
N TYR E 123 24.23 -52.74 29.15
CA TYR E 123 23.51 -53.90 29.61
C TYR E 123 22.14 -53.95 28.96
N ASN E 124 21.94 -54.98 28.16
CA ASN E 124 20.70 -55.73 28.16
C ASN E 124 20.89 -56.80 27.12
N VAL E 125 20.14 -57.86 27.24
CA VAL E 125 19.97 -58.77 26.13
C VAL E 125 18.48 -58.76 25.82
N SER E 126 18.07 -57.81 25.00
CA SER E 126 16.81 -57.84 24.26
C SER E 126 15.67 -58.47 25.05
N ARG E 127 14.93 -59.31 24.34
CA ARG E 127 14.19 -60.49 24.72
C ARG E 127 13.45 -60.78 23.46
N LEU E 128 12.70 -61.86 23.37
CA LEU E 128 11.94 -62.01 22.15
C LEU E 128 10.45 -61.96 22.43
N GLN E 129 9.91 -62.94 23.10
CA GLN E 129 8.48 -62.98 23.32
C GLN E 129 7.91 -61.66 23.81
N PRO E 130 8.35 -61.14 24.95
CA PRO E 130 7.72 -59.92 25.44
C PRO E 130 7.87 -58.80 24.47
N TYR E 131 9.03 -58.72 23.83
CA TYR E 131 9.18 -57.79 22.74
C TYR E 131 8.07 -57.98 21.73
N LEU E 132 7.95 -59.20 21.23
CA LEU E 132 7.20 -59.41 20.00
C LEU E 132 5.72 -59.09 20.16
N LYS E 133 5.09 -59.60 21.21
CA LYS E 133 3.69 -59.21 21.45
C LYS E 133 3.56 -57.71 21.45
N LEU E 134 4.51 -57.02 22.07
CA LEU E 134 4.27 -55.61 22.29
C LEU E 134 4.27 -54.85 20.98
N ARG E 135 5.32 -55.02 20.17
CA ARG E 135 5.35 -54.31 18.90
C ARG E 135 4.05 -54.53 18.15
N GLN E 136 3.57 -55.76 18.14
CA GLN E 136 2.27 -56.06 17.58
C GLN E 136 1.23 -55.07 18.03
N ALA E 137 0.97 -55.02 19.33
CA ALA E 137 -0.03 -54.10 19.84
C ALA E 137 0.38 -52.67 19.55
N LEU E 138 1.54 -52.27 20.05
CA LEU E 138 1.90 -50.86 20.00
C LEU E 138 2.02 -50.34 18.58
N LEU E 139 2.13 -51.23 17.60
CA LEU E 139 1.99 -50.76 16.23
C LEU E 139 0.57 -50.33 15.93
N GLU E 140 -0.41 -51.00 16.52
CA GLU E 140 -1.79 -50.76 16.09
C GLU E 140 -2.38 -49.49 16.65
N LEU E 141 -2.32 -49.29 17.96
CA LEU E 141 -3.30 -48.46 18.65
C LEU E 141 -3.46 -47.10 18.02
N ARG E 142 -4.70 -46.62 17.99
CA ARG E 142 -5.08 -45.37 17.38
C ARG E 142 -5.33 -44.32 18.47
N PRO E 143 -5.58 -43.07 18.14
CA PRO E 143 -5.26 -42.03 19.11
C PRO E 143 -6.23 -41.81 20.24
N ALA E 144 -6.78 -42.86 20.83
CA ALA E 144 -6.94 -42.89 22.28
C ALA E 144 -6.96 -44.34 22.68
N LYS E 145 -5.93 -44.80 23.35
CA LYS E 145 -5.80 -46.20 23.70
C LYS E 145 -4.72 -46.31 24.75
N ASN E 146 -4.37 -47.55 25.10
CA ASN E 146 -3.34 -47.74 26.09
C ASN E 146 -2.73 -49.11 25.89
N VAL E 147 -1.53 -49.30 26.39
CA VAL E 147 -0.99 -50.63 26.59
C VAL E 147 -0.37 -50.65 27.96
N LEU E 148 -0.92 -51.45 28.84
CA LEU E 148 -0.22 -51.60 30.09
C LEU E 148 1.01 -52.47 29.90
N ILE E 149 1.95 -52.29 30.79
CA ILE E 149 2.95 -53.30 31.01
C ILE E 149 3.02 -53.53 32.49
N ASP E 150 2.61 -54.70 32.93
CA ASP E 150 2.63 -55.02 34.33
C ASP E 150 3.77 -55.96 34.63
N GLY E 151 4.45 -55.70 35.74
CA GLY E 151 5.43 -56.63 36.22
C GLY E 151 5.62 -56.50 37.71
N VAL E 152 6.03 -57.60 38.31
CA VAL E 152 6.43 -57.59 39.70
C VAL E 152 7.76 -56.87 39.84
N LEU E 153 8.09 -56.52 41.08
CA LEU E 153 9.22 -55.62 41.33
C LEU E 153 10.43 -56.03 40.52
N GLY E 154 11.07 -55.05 39.93
CA GLY E 154 12.03 -55.35 38.89
C GLY E 154 11.34 -55.92 37.70
N SER E 155 11.77 -57.10 37.26
CA SER E 155 11.21 -57.79 36.11
C SER E 155 11.29 -56.95 34.85
N GLY E 156 12.15 -55.94 34.84
CA GLY E 156 12.56 -55.26 33.64
C GLY E 156 11.47 -54.77 32.72
N LYS E 157 10.47 -54.10 33.24
CA LYS E 157 9.49 -53.53 32.34
C LYS E 157 10.03 -52.27 31.69
N THR E 158 10.63 -51.37 32.47
CA THR E 158 11.13 -50.11 31.93
C THR E 158 12.04 -50.30 30.74
N TRP E 159 12.64 -51.47 30.60
CA TRP E 159 13.55 -51.70 29.50
C TRP E 159 12.81 -52.17 28.28
N VAL E 160 12.15 -53.32 28.38
CA VAL E 160 11.31 -53.77 27.27
C VAL E 160 10.43 -52.63 26.79
N ALA E 161 10.03 -51.76 27.72
CA ALA E 161 9.44 -50.49 27.35
C ALA E 161 10.28 -49.79 26.30
N LEU E 162 11.48 -49.37 26.68
CA LEU E 162 12.33 -48.68 25.72
C LEU E 162 12.50 -49.52 24.47
N ASP E 163 13.10 -50.69 24.63
CA ASP E 163 13.69 -51.38 23.49
C ASP E 163 12.75 -51.42 22.30
N VAL E 164 11.50 -51.77 22.50
CA VAL E 164 10.60 -51.75 21.36
C VAL E 164 10.45 -50.35 20.79
N CYS E 165 10.36 -49.35 21.64
CA CYS E 165 10.26 -47.98 21.17
C CYS E 165 11.48 -47.54 20.39
N LEU E 166 12.56 -48.31 20.43
CA LEU E 166 13.72 -48.02 19.61
C LEU E 166 13.58 -48.55 18.20
N SER E 167 12.83 -49.63 18.02
CA SER E 167 12.84 -50.32 16.73
C SER E 167 12.20 -49.44 15.66
N TYR E 168 12.85 -49.41 14.49
CA TYR E 168 12.49 -48.47 13.44
C TYR E 168 11.00 -48.47 13.18
N LYS E 169 10.48 -49.59 12.70
CA LYS E 169 9.15 -49.59 12.13
C LYS E 169 8.15 -48.93 13.05
N VAL E 170 8.32 -49.08 14.36
CA VAL E 170 7.60 -48.24 15.29
C VAL E 170 7.92 -46.78 15.03
N GLN E 171 9.18 -46.43 15.24
CA GLN E 171 9.59 -45.04 15.29
C GLN E 171 9.09 -44.26 14.10
N CYS E 172 8.90 -44.94 12.97
CA CYS E 172 8.36 -44.28 11.79
C CYS E 172 6.85 -44.15 11.86
N LYS E 173 6.19 -45.13 12.46
CA LYS E 173 4.75 -45.06 12.59
C LYS E 173 4.33 -43.83 13.36
N MET E 174 5.09 -43.46 14.36
CA MET E 174 4.67 -42.43 15.28
C MET E 174 5.27 -41.07 14.99
N ASP E 175 5.98 -40.94 13.89
CA ASP E 175 6.56 -39.68 13.43
C ASP E 175 7.57 -39.13 14.41
N PHE E 176 8.47 -39.94 14.93
CA PHE E 176 9.70 -39.45 15.51
C PHE E 176 9.44 -38.49 16.65
N LYS E 177 8.27 -38.57 17.25
CA LYS E 177 7.95 -37.78 18.43
C LYS E 177 7.63 -38.77 19.52
N ILE E 178 8.49 -38.86 20.53
CA ILE E 178 8.24 -39.75 21.65
C ILE E 178 8.70 -39.08 22.92
N PHE E 179 7.80 -38.93 23.88
CA PHE E 179 8.06 -38.13 25.05
C PHE E 179 8.07 -39.01 26.28
N TRP E 180 9.15 -38.93 27.04
CA TRP E 180 9.29 -39.78 28.21
C TRP E 180 8.99 -38.96 29.43
N LEU E 181 8.39 -39.58 30.44
CA LEU E 181 8.25 -38.97 31.74
C LEU E 181 8.61 -39.97 32.81
N ASN E 182 8.54 -39.53 34.05
CA ASN E 182 8.51 -40.44 35.18
C ASN E 182 7.52 -39.90 36.19
N LEU E 183 6.58 -40.72 36.56
CA LEU E 183 5.74 -40.38 37.69
C LEU E 183 6.32 -40.93 38.97
N LYS E 184 7.55 -41.42 38.91
CA LYS E 184 8.22 -42.11 40.00
C LYS E 184 7.98 -41.42 41.32
N ASN E 185 8.00 -40.10 41.34
CA ASN E 185 7.46 -39.36 42.46
C ASN E 185 6.26 -38.60 41.93
N CYS E 186 5.07 -39.11 42.20
CA CYS E 186 3.85 -38.39 41.88
C CYS E 186 2.86 -38.60 43.01
N ASN E 187 2.54 -37.54 43.73
CA ASN E 187 1.53 -37.59 44.76
C ASN E 187 0.98 -36.19 44.93
N SER E 188 -0.30 -36.07 45.26
CA SER E 188 -0.89 -34.79 45.60
C SER E 188 -0.92 -33.88 44.38
N PRO E 189 -1.74 -32.84 44.38
CA PRO E 189 -1.77 -31.97 43.22
C PRO E 189 -0.44 -31.32 42.91
N GLU E 190 0.26 -30.78 43.91
CA GLU E 190 1.46 -30.02 43.63
C GLU E 190 2.39 -30.78 42.71
N THR E 191 2.86 -31.93 43.15
CA THR E 191 3.83 -32.68 42.36
C THR E 191 3.35 -32.89 40.95
N VAL E 192 2.09 -33.29 40.79
CA VAL E 192 1.56 -33.50 39.44
C VAL E 192 1.82 -32.30 38.58
N LEU E 193 1.48 -31.11 39.08
CA LEU E 193 1.69 -29.91 38.30
C LEU E 193 3.10 -29.88 37.76
N GLU E 194 4.08 -30.15 38.61
CA GLU E 194 5.44 -30.20 38.15
C GLU E 194 5.57 -31.18 37.02
N MET E 195 5.50 -32.46 37.34
CA MET E 195 5.88 -33.46 36.37
C MET E 195 4.98 -33.39 35.17
N LEU E 196 3.86 -32.69 35.29
CA LEU E 196 3.12 -32.32 34.11
C LEU E 196 3.76 -31.14 33.42
N GLN E 197 4.10 -30.11 34.17
CA GLN E 197 4.51 -28.89 33.51
C GLN E 197 5.78 -29.11 32.70
N LYS E 198 6.67 -29.98 33.17
CA LYS E 198 7.83 -30.34 32.36
C LYS E 198 7.39 -30.78 30.99
N LEU E 199 6.46 -31.73 30.94
CA LEU E 199 6.00 -32.22 29.65
C LEU E 199 5.63 -31.08 28.74
N LEU E 200 5.10 -30.01 29.30
CA LEU E 200 4.68 -28.92 28.43
C LEU E 200 5.85 -28.36 27.66
N TYR E 201 6.96 -28.09 28.34
CA TYR E 201 8.06 -27.44 27.65
C TYR E 201 8.56 -28.28 26.49
N GLN E 202 8.69 -29.58 26.68
CA GLN E 202 9.24 -30.37 25.59
C GLN E 202 8.43 -30.24 24.33
N ILE E 203 7.14 -29.98 24.44
CA ILE E 203 6.34 -29.90 23.22
C ILE E 203 6.61 -28.60 22.49
N ASP E 204 6.55 -27.50 23.14
CA ASP E 204 6.89 -26.23 22.52
C ASP E 204 7.67 -25.45 23.57
N PRO E 205 8.73 -24.78 23.19
CA PRO E 205 9.37 -23.88 24.16
C PRO E 205 8.71 -22.52 24.18
N ASN E 206 7.38 -22.48 24.20
CA ASN E 206 6.69 -21.25 24.56
C ASN E 206 5.52 -21.59 25.44
N TRP E 207 5.60 -21.18 26.71
CA TRP E 207 4.35 -21.11 27.44
C TRP E 207 4.37 -19.89 28.35
N THR E 208 3.41 -19.01 28.13
CA THR E 208 3.22 -17.86 29.01
C THR E 208 2.39 -18.32 30.20
N SER E 209 2.69 -17.74 31.35
CA SER E 209 1.99 -17.99 32.59
C SER E 209 0.54 -17.54 32.55
N ARG E 210 0.11 -17.00 31.40
CA ARG E 210 -1.02 -16.07 31.32
C ARG E 210 -2.22 -16.52 32.13
N SER E 211 -2.53 -17.82 32.13
CA SER E 211 -3.58 -18.29 33.01
C SER E 211 -3.17 -18.05 34.46
N ASP E 212 -4.05 -17.36 35.19
CA ASP E 212 -3.61 -16.67 36.39
C ASP E 212 -3.02 -17.63 37.40
N HIS E 213 -2.21 -17.06 38.30
CA HIS E 213 -1.43 -17.81 39.27
C HIS E 213 -2.28 -18.11 40.48
N SER E 214 -3.59 -17.94 40.34
CA SER E 214 -4.54 -18.01 41.43
C SER E 214 -4.27 -19.22 42.30
N SER E 215 -4.26 -18.99 43.61
CA SER E 215 -3.67 -19.93 44.56
C SER E 215 -4.34 -21.29 44.54
N ASN E 216 -5.44 -21.43 43.80
CA ASN E 216 -6.10 -22.73 43.79
C ASN E 216 -5.33 -23.64 42.85
N ILE E 217 -4.62 -24.58 43.47
CA ILE E 217 -3.81 -25.54 42.75
C ILE E 217 -4.68 -26.45 41.90
N LYS E 218 -5.84 -26.82 42.43
CA LYS E 218 -6.72 -27.71 41.71
C LYS E 218 -7.19 -27.07 40.42
N LEU E 219 -7.64 -25.83 40.50
CA LEU E 219 -7.98 -25.12 39.28
C LEU E 219 -6.81 -25.10 38.33
N ARG E 220 -5.65 -24.75 38.85
CA ARG E 220 -4.54 -24.32 37.99
C ARG E 220 -4.18 -25.37 36.97
N ILE E 221 -3.95 -26.61 37.41
CA ILE E 221 -3.60 -27.62 36.44
C ILE E 221 -4.67 -27.74 35.40
N HIS E 222 -5.93 -27.71 35.83
CA HIS E 222 -7.00 -27.94 34.88
C HIS E 222 -7.02 -26.86 33.82
N SER E 223 -6.28 -25.77 34.07
CA SER E 223 -6.03 -24.83 32.98
C SER E 223 -4.92 -25.33 32.08
N ILE E 224 -3.79 -25.75 32.66
CA ILE E 224 -2.72 -26.31 31.84
C ILE E 224 -3.24 -27.45 31.02
N GLN E 225 -3.80 -28.45 31.71
CA GLN E 225 -4.27 -29.64 31.05
C GLN E 225 -5.18 -29.29 29.87
N ALA E 226 -5.97 -28.24 30.01
CA ALA E 226 -6.65 -27.73 28.84
C ALA E 226 -5.64 -27.31 27.78
N GLU E 227 -4.87 -26.26 28.07
CA GLU E 227 -3.97 -25.68 27.07
C GLU E 227 -3.18 -26.76 26.37
N LEU E 228 -2.79 -27.78 27.11
CA LEU E 228 -2.15 -28.92 26.49
C LEU E 228 -3.09 -29.62 25.53
N ARG E 229 -4.25 -30.06 26.02
CA ARG E 229 -5.08 -30.97 25.25
C ARG E 229 -5.30 -30.47 23.84
N ARG E 230 -5.66 -29.20 23.70
CA ARG E 230 -5.82 -28.67 22.35
C ARG E 230 -4.53 -28.85 21.57
N LEU E 231 -3.44 -28.29 22.08
CA LEU E 231 -2.21 -28.23 21.31
C LEU E 231 -1.81 -29.61 20.81
N LEU E 232 -1.89 -30.60 21.67
CA LEU E 232 -1.44 -31.93 21.29
C LEU E 232 -2.16 -32.43 20.05
N LYS E 233 -3.45 -32.75 20.20
CA LYS E 233 -4.16 -33.33 19.07
C LYS E 233 -4.31 -32.35 17.93
N SER E 234 -4.05 -31.07 18.17
CA SER E 234 -4.28 -30.07 17.14
C SER E 234 -3.49 -30.37 15.88
N LYS E 235 -2.20 -30.15 15.94
CA LYS E 235 -1.40 -29.96 14.75
C LYS E 235 -0.71 -31.26 14.40
N PRO E 236 0.10 -31.27 13.36
CA PRO E 236 1.22 -32.21 13.34
C PRO E 236 1.86 -32.14 14.71
N TYR E 237 2.38 -33.26 15.21
CA TYR E 237 2.05 -33.80 16.52
C TYR E 237 0.70 -34.49 16.52
N GLU E 238 0.22 -34.98 15.39
CA GLU E 238 -1.06 -35.68 15.43
C GLU E 238 -0.89 -37.07 16.01
N ASN E 239 0.21 -37.72 15.68
CA ASN E 239 0.52 -39.02 16.23
C ASN E 239 1.75 -38.88 17.11
N CYS E 240 1.54 -38.90 18.41
CA CYS E 240 2.64 -38.93 19.34
C CYS E 240 2.29 -39.98 20.36
N LEU E 241 3.24 -40.37 21.17
CA LEU E 241 2.90 -41.12 22.37
C LEU E 241 3.67 -40.58 23.54
N LEU E 242 2.93 -40.26 24.59
CA LEU E 242 3.56 -40.15 25.88
C LEU E 242 4.03 -41.54 26.28
N VAL E 243 4.94 -41.58 27.23
CA VAL E 243 5.20 -42.83 27.92
C VAL E 243 5.25 -42.49 29.40
N LEU E 244 4.73 -43.36 30.22
CA LEU E 244 4.71 -43.13 31.64
C LEU E 244 5.42 -44.29 32.29
N LEU E 245 6.48 -44.01 33.02
CA LEU E 245 7.19 -45.06 33.70
C LEU E 245 6.84 -45.01 35.17
N ASN E 246 6.50 -46.17 35.73
CA ASN E 246 6.25 -46.30 37.15
C ASN E 246 5.07 -45.44 37.58
N VAL E 247 3.94 -45.59 36.89
CA VAL E 247 2.77 -44.88 37.34
C VAL E 247 2.48 -45.25 38.78
N GLN E 248 2.52 -44.26 39.67
CA GLN E 248 2.35 -44.53 41.09
C GLN E 248 1.01 -44.13 41.73
N ASN E 249 0.26 -43.28 41.05
CA ASN E 249 -1.02 -42.85 41.59
C ASN E 249 -2.15 -43.29 40.65
N ALA E 250 -3.16 -43.94 41.21
CA ALA E 250 -4.20 -44.36 40.39
C ALA E 250 -4.89 -43.31 39.84
N ALA E 252 -3.33 -39.97 39.27
CA ALA E 252 -2.31 -39.54 38.43
C ALA E 252 -2.84 -39.74 37.10
N TRP E 253 -2.74 -41.11 36.80
CA TRP E 253 -3.25 -41.32 35.46
C TRP E 253 -4.07 -40.13 35.01
N ASN E 254 -5.18 -39.87 35.67
CA ASN E 254 -6.18 -38.95 35.15
C ASN E 254 -5.62 -37.57 34.93
N ALA E 255 -4.43 -37.33 35.45
CA ALA E 255 -3.70 -36.16 35.00
C ALA E 255 -3.68 -36.15 33.48
N PHE E 256 -3.09 -37.17 32.88
CA PHE E 256 -2.63 -37.10 31.52
C PHE E 256 -3.64 -37.58 30.49
N ASN E 257 -4.86 -37.90 30.92
CA ASN E 257 -5.85 -38.57 30.09
C ASN E 257 -5.95 -37.98 28.69
N LEU E 258 -5.82 -36.66 28.63
CA LEU E 258 -6.15 -35.88 27.45
C LEU E 258 -5.55 -36.43 26.15
N SER E 259 -4.44 -37.14 26.25
CA SER E 259 -3.58 -37.34 25.11
C SER E 259 -4.10 -38.43 24.21
N CYS E 260 -3.20 -38.89 23.37
CA CYS E 260 -3.38 -40.09 22.58
C CYS E 260 -2.24 -41.06 22.83
N LYS E 261 -2.48 -42.31 22.48
CA LYS E 261 -1.44 -43.29 22.26
C LYS E 261 -0.55 -43.51 23.47
N ILE E 262 -1.01 -43.23 24.68
CA ILE E 262 -0.07 -43.28 25.78
C ILE E 262 0.25 -44.73 26.12
N LEU E 263 1.13 -44.92 27.08
CA LEU E 263 1.66 -46.23 27.41
C LEU E 263 2.04 -46.24 28.88
N LEU E 264 1.92 -47.38 29.53
CA LEU E 264 2.09 -47.42 30.97
C LEU E 264 3.09 -48.47 31.39
N THR E 265 3.51 -48.36 32.63
CA THR E 265 4.22 -49.39 33.34
C THR E 265 3.75 -49.31 34.77
N THR E 266 3.46 -50.35 35.35
CA THR E 266 2.96 -50.28 36.70
C THR E 266 3.28 -51.52 37.50
N ARG E 267 3.70 -51.30 38.73
CA ARG E 267 3.74 -52.38 39.71
C ARG E 267 2.34 -52.69 40.21
N PHE E 268 1.62 -51.68 40.67
CA PHE E 268 0.50 -51.90 41.55
C PHE E 268 -0.66 -52.57 40.85
N LYS E 269 -1.20 -53.59 41.49
CA LYS E 269 -2.40 -54.27 41.04
C LYS E 269 -3.52 -53.29 40.75
N GLN E 270 -3.71 -52.32 41.63
CA GLN E 270 -4.91 -51.49 41.53
C GLN E 270 -4.96 -50.69 40.25
N VAL E 271 -3.82 -50.46 39.61
CA VAL E 271 -3.85 -49.84 38.30
C VAL E 271 -4.35 -50.83 37.26
N THR E 272 -3.59 -51.90 37.03
CA THR E 272 -3.97 -52.85 35.99
C THR E 272 -5.38 -53.37 36.19
N ASP E 273 -5.93 -53.25 37.39
CA ASP E 273 -7.34 -53.55 37.58
C ASP E 273 -8.21 -52.38 37.17
N PHE E 274 -7.78 -51.16 37.48
CA PHE E 274 -8.58 -49.98 37.21
C PHE E 274 -8.88 -49.82 35.73
N LEU E 275 -7.89 -50.09 34.89
CA LEU E 275 -8.12 -50.16 33.45
C LEU E 275 -8.88 -51.43 33.11
N SER E 276 -9.45 -51.47 31.93
CA SER E 276 -10.24 -52.62 31.49
C SER E 276 -9.99 -52.91 30.02
N ALA E 277 -10.04 -54.20 29.67
CA ALA E 277 -9.61 -54.62 28.34
C ALA E 277 -10.43 -53.97 27.25
N ALA E 278 -11.55 -53.34 27.60
CA ALA E 278 -12.36 -52.67 26.59
C ALA E 278 -11.54 -51.64 25.83
N THR E 279 -10.96 -50.69 26.54
CA THR E 279 -10.25 -49.63 25.83
C THR E 279 -8.75 -49.86 25.79
N THR E 280 -8.25 -50.89 26.48
CA THR E 280 -6.82 -51.11 26.56
C THR E 280 -6.50 -52.57 26.33
N THR E 281 -5.23 -52.86 26.12
CA THR E 281 -4.71 -54.20 26.13
C THR E 281 -3.89 -54.42 27.38
N HIS E 282 -3.29 -55.59 27.51
CA HIS E 282 -2.34 -55.87 28.57
C HIS E 282 -1.08 -56.45 27.97
N ILE E 283 0.03 -56.28 28.67
CA ILE E 283 1.19 -57.14 28.59
C ILE E 283 1.61 -57.46 29.99
N SER E 284 1.51 -58.73 30.38
CA SER E 284 1.95 -59.12 31.70
C SER E 284 3.35 -59.68 31.56
N LEU E 285 4.22 -59.35 32.51
CA LEU E 285 5.52 -60.01 32.48
C LEU E 285 5.63 -61.16 33.46
N ASP E 286 4.60 -61.45 34.24
CA ASP E 286 4.63 -62.60 35.14
C ASP E 286 4.28 -63.89 34.40
N HIS E 287 3.43 -63.76 33.39
CA HIS E 287 2.94 -64.90 32.64
C HIS E 287 4.14 -65.70 32.16
N HIS E 288 4.15 -66.98 32.52
CA HIS E 288 5.40 -67.73 32.52
C HIS E 288 6.01 -67.79 31.13
N SER E 289 5.18 -67.71 30.09
CA SER E 289 5.73 -67.79 28.74
C SER E 289 6.51 -66.53 28.40
N MET E 290 6.27 -65.44 29.12
CA MET E 290 6.86 -64.17 28.75
C MET E 290 8.28 -64.03 29.30
N THR E 291 8.64 -64.83 30.28
CA THR E 291 9.77 -64.45 31.13
C THR E 291 11.07 -65.24 31.03
N LEU E 292 12.21 -64.61 30.50
CA LEU E 292 13.59 -65.03 30.66
C LEU E 292 13.73 -66.55 30.50
N THR E 293 13.65 -66.97 29.25
CA THR E 293 14.10 -68.28 28.86
C THR E 293 15.46 -68.54 29.47
N PRO E 294 15.66 -69.65 30.17
CA PRO E 294 16.94 -69.85 30.86
C PRO E 294 18.12 -69.69 29.94
N ASP E 295 17.92 -69.87 28.64
CA ASP E 295 18.96 -69.54 27.69
C ASP E 295 19.31 -68.07 27.74
N GLU E 296 18.32 -67.22 28.00
CA GLU E 296 18.61 -65.79 28.07
C GLU E 296 19.53 -65.47 29.22
N VAL E 297 19.21 -66.00 30.41
CA VAL E 297 19.99 -65.69 31.60
C VAL E 297 21.48 -65.86 31.32
N LYS E 298 21.81 -66.90 30.56
CA LYS E 298 23.18 -67.04 30.11
C LYS E 298 23.70 -65.76 29.49
N SER E 299 22.99 -65.24 28.49
CA SER E 299 23.50 -64.07 27.79
C SER E 299 23.59 -62.88 28.72
N LEU E 300 22.51 -62.59 29.45
CA LEU E 300 22.58 -61.48 30.39
C LEU E 300 23.68 -61.67 31.42
N LEU E 301 23.63 -62.78 32.15
CA LEU E 301 24.61 -63.01 33.19
C LEU E 301 26.01 -63.05 32.61
N LEU E 302 26.12 -63.16 31.29
CA LEU E 302 27.43 -63.13 30.66
C LEU E 302 28.02 -61.74 30.71
N LYS E 303 27.29 -60.75 30.21
CA LYS E 303 27.91 -59.47 29.87
C LYS E 303 28.51 -58.79 31.08
N TYR E 304 28.09 -59.16 32.28
CA TYR E 304 28.74 -58.60 33.45
C TYR E 304 30.02 -59.32 33.78
N LEU E 305 30.01 -60.65 33.77
CA LEU E 305 31.18 -61.36 34.24
C LEU E 305 32.30 -61.43 33.22
N ASP E 306 31.99 -61.34 31.93
CA ASP E 306 33.01 -61.31 30.89
C ASP E 306 33.89 -62.55 30.93
N CYS E 307 33.24 -63.71 30.88
CA CYS E 307 33.96 -64.98 30.96
C CYS E 307 33.21 -66.02 30.16
N ARG E 308 33.93 -67.03 29.75
CA ARG E 308 33.45 -68.04 28.84
C ARG E 308 32.21 -68.74 29.42
N PRO E 309 31.41 -69.37 28.56
CA PRO E 309 30.21 -70.07 29.06
C PRO E 309 30.53 -71.20 30.02
N GLN E 310 31.78 -71.67 30.06
CA GLN E 310 32.17 -72.58 31.12
C GLN E 310 32.08 -71.92 32.48
N ASP E 311 32.18 -70.59 32.52
CA ASP E 311 32.17 -69.83 33.76
C ASP E 311 30.77 -69.39 34.17
N LEU E 312 29.76 -69.89 33.48
CA LEU E 312 28.36 -69.58 33.76
C LEU E 312 27.87 -70.29 35.03
N PRO E 313 26.91 -69.61 35.78
CA PRO E 313 26.47 -70.32 37.00
C PRO E 313 25.62 -71.56 36.73
N ARG E 314 25.71 -72.55 37.61
CA ARG E 314 24.95 -73.80 37.49
C ARG E 314 24.02 -74.00 38.69
N GLU E 315 22.77 -74.36 38.43
CA GLU E 315 21.79 -74.56 39.50
C GLU E 315 20.56 -73.66 39.36
N VAL E 316 20.61 -72.73 38.41
CA VAL E 316 19.51 -71.78 38.10
C VAL E 316 19.07 -70.90 39.27
N LEU E 317 19.56 -69.66 39.24
CA LEU E 317 19.28 -68.63 40.24
C LEU E 317 17.90 -67.95 40.37
N THR E 318 17.22 -67.69 39.26
CA THR E 318 15.97 -66.94 39.31
C THR E 318 15.77 -66.34 37.93
N THR E 319 14.56 -65.92 37.51
CA THR E 319 14.38 -64.97 36.42
C THR E 319 13.71 -63.75 37.03
N ASN E 320 14.51 -62.74 37.30
CA ASN E 320 14.06 -61.39 37.36
C ASN E 320 15.33 -60.74 36.86
N PRO E 321 15.25 -59.76 36.00
CA PRO E 321 16.47 -59.01 35.71
C PRO E 321 16.98 -58.29 36.94
N ARG E 322 16.10 -57.58 37.63
CA ARG E 322 16.51 -57.08 38.92
C ARG E 322 16.82 -58.26 39.82
N ARG E 323 17.75 -58.04 40.74
CA ARG E 323 18.27 -59.08 41.63
C ARG E 323 19.09 -60.06 40.82
N LEU E 324 18.92 -60.07 39.52
CA LEU E 324 19.91 -60.84 38.80
C LEU E 324 21.14 -60.00 38.59
N SER E 325 20.95 -58.73 38.24
CA SER E 325 22.09 -57.84 38.09
C SER E 325 22.88 -57.77 39.38
N ILE E 326 22.22 -57.47 40.50
CA ILE E 326 22.94 -57.29 41.75
C ILE E 326 23.91 -58.45 41.97
N ILE E 327 23.44 -59.68 41.76
CA ILE E 327 24.36 -60.80 41.74
C ILE E 327 25.46 -60.55 40.73
N ALA E 328 25.07 -60.46 39.45
CA ALA E 328 26.05 -60.32 38.38
C ALA E 328 27.01 -59.18 38.68
N GLU E 329 26.51 -58.12 39.29
CA GLU E 329 27.38 -57.00 39.58
C GLU E 329 28.27 -57.30 40.78
N SER E 330 27.68 -57.82 41.84
CA SER E 330 28.45 -58.08 43.05
C SER E 330 29.65 -58.95 42.76
N ILE E 331 29.56 -59.79 41.74
CA ILE E 331 30.69 -60.66 41.45
C ILE E 331 31.75 -59.95 40.66
N ARG E 332 31.37 -59.17 39.65
CA ARG E 332 32.38 -58.47 38.87
C ARG E 332 33.20 -57.55 39.75
N ASP E 333 32.72 -57.24 40.94
CA ASP E 333 33.45 -56.34 41.81
C ASP E 333 33.62 -56.90 43.21
N GLY E 334 32.53 -56.95 43.95
CA GLY E 334 32.59 -57.11 45.39
C GLY E 334 32.75 -58.55 45.77
N LEU E 335 32.17 -58.89 46.90
CA LEU E 335 32.30 -60.24 47.44
C LEU E 335 31.34 -61.19 46.75
N ALA E 336 31.16 -62.35 47.37
CA ALA E 336 30.27 -63.46 47.05
C ALA E 336 30.89 -64.49 46.12
N THR E 337 32.08 -64.25 45.57
CA THR E 337 32.89 -65.31 44.96
C THR E 337 32.17 -65.94 43.77
N TRP E 338 30.92 -65.52 43.58
CA TRP E 338 29.93 -66.15 42.71
C TRP E 338 29.54 -67.50 43.27
N ASP E 339 30.36 -68.05 44.16
CA ASP E 339 30.02 -69.29 44.83
C ASP E 339 29.57 -69.08 46.27
N ASN E 340 29.63 -67.86 46.79
CA ASN E 340 29.42 -67.65 48.21
C ASN E 340 27.96 -67.38 48.58
N TRP E 341 27.46 -66.38 47.86
CA TRP E 341 26.24 -65.63 48.02
C TRP E 341 25.07 -66.19 48.81
N LYS E 342 25.02 -65.60 50.00
CA LYS E 342 24.00 -65.74 51.02
C LYS E 342 23.69 -64.26 51.27
N HIS E 343 24.76 -63.48 51.46
CA HIS E 343 24.68 -62.04 51.70
C HIS E 343 24.12 -61.27 50.50
N VAL E 344 24.55 -61.59 49.28
CA VAL E 344 23.97 -60.88 48.14
C VAL E 344 23.76 -59.41 48.49
N ASN E 345 24.86 -58.67 48.69
CA ASN E 345 24.91 -57.21 48.56
C ASN E 345 23.67 -56.57 49.15
N CYS E 346 23.36 -56.97 50.37
CA CYS E 346 22.04 -56.70 50.94
C CYS E 346 21.61 -55.26 50.70
N ASP E 347 22.56 -54.31 50.81
CA ASP E 347 22.25 -52.89 50.76
C ASP E 347 21.38 -52.54 49.55
N LYS E 348 21.94 -52.64 48.34
CA LYS E 348 21.16 -52.34 47.15
C LYS E 348 19.88 -53.14 47.13
N LEU E 349 20.01 -54.45 47.24
CA LEU E 349 18.84 -55.30 47.37
C LEU E 349 17.90 -54.76 48.42
N THR E 350 18.41 -54.44 49.61
CA THR E 350 17.58 -53.79 50.60
C THR E 350 17.08 -52.44 50.13
N THR E 351 18.00 -51.53 49.80
CA THR E 351 17.62 -50.16 49.56
C THR E 351 16.54 -50.07 48.49
N ILE E 352 16.54 -51.01 47.54
CA ILE E 352 15.46 -51.07 46.57
C ILE E 352 14.22 -51.67 47.19
N ILE E 353 14.36 -52.82 47.85
CA ILE E 353 13.17 -53.47 48.40
C ILE E 353 12.62 -52.65 49.55
N GLU E 354 13.49 -51.97 50.29
CA GLU E 354 13.02 -51.28 51.48
C GLU E 354 12.05 -50.16 51.13
N SER E 355 12.51 -49.19 50.35
CA SER E 355 11.62 -48.11 49.96
C SER E 355 10.40 -48.65 49.25
N SER E 356 10.57 -49.76 48.53
CA SER E 356 9.48 -50.34 47.78
C SER E 356 8.32 -50.72 48.69
N LEU E 357 8.60 -50.87 49.99
CA LEU E 357 7.55 -51.16 50.93
C LEU E 357 7.03 -49.91 51.61
N ASN E 358 7.62 -48.77 51.32
CA ASN E 358 7.34 -47.57 52.09
C ASN E 358 5.90 -47.11 51.98
N VAL E 359 5.10 -47.75 51.13
CA VAL E 359 3.76 -47.26 50.87
C VAL E 359 2.83 -47.50 52.05
N LEU E 360 3.05 -48.55 52.80
CA LEU E 360 2.04 -49.08 53.71
C LEU E 360 1.92 -48.27 54.99
N GLU E 361 0.79 -48.46 55.69
CA GLU E 361 0.54 -47.92 57.02
C GLU E 361 1.39 -48.65 58.05
N PRO E 362 2.35 -47.97 58.68
CA PRO E 362 3.44 -48.71 59.34
C PRO E 362 3.00 -49.62 60.46
N ALA E 363 2.22 -49.10 61.43
CA ALA E 363 1.81 -49.94 62.53
C ALA E 363 0.63 -50.79 62.12
N GLU E 364 -0.30 -50.20 61.40
CA GLU E 364 -1.40 -50.92 60.80
C GLU E 364 -0.93 -52.10 59.97
N TYR E 365 0.18 -51.95 59.24
CA TYR E 365 0.57 -52.97 58.28
C TYR E 365 2.02 -53.40 58.42
N ARG E 366 2.98 -52.48 58.27
CA ARG E 366 4.37 -52.93 58.19
C ARG E 366 4.74 -53.82 59.37
N LYS E 367 4.05 -53.69 60.50
CA LYS E 367 4.15 -54.71 61.53
C LYS E 367 3.86 -56.09 60.97
N MET E 368 3.02 -56.18 59.95
CA MET E 368 2.42 -57.45 59.60
C MET E 368 3.30 -58.33 58.73
N PHE E 369 4.03 -57.74 57.78
CA PHE E 369 5.06 -58.52 57.10
C PHE E 369 5.96 -59.21 58.09
N ASP E 370 6.44 -58.45 59.08
CA ASP E 370 7.33 -58.99 60.09
C ASP E 370 6.82 -60.32 60.60
N ARG E 371 5.52 -60.45 60.75
CA ARG E 371 4.94 -61.73 61.05
C ARG E 371 5.23 -62.74 59.96
N LEU E 372 5.04 -62.36 58.70
CA LEU E 372 5.07 -63.34 57.63
C LEU E 372 6.38 -64.11 57.56
N SER E 373 7.44 -63.63 58.20
CA SER E 373 8.69 -64.37 58.19
C SER E 373 8.53 -65.73 58.86
N VAL E 374 7.44 -65.92 59.60
CA VAL E 374 7.15 -67.21 60.21
C VAL E 374 7.21 -68.35 59.20
N PHE E 375 6.90 -68.05 57.98
CA PHE E 375 6.54 -69.14 57.09
C PHE E 375 7.75 -69.67 56.33
N PRO E 376 7.83 -70.98 56.15
CA PRO E 376 8.84 -71.56 55.29
C PRO E 376 8.60 -71.17 53.84
N PRO E 377 9.65 -70.82 53.11
CA PRO E 377 9.46 -70.18 51.80
C PRO E 377 8.70 -71.04 50.80
N SER E 378 8.15 -70.37 49.78
CA SER E 378 7.57 -70.92 48.56
C SER E 378 6.25 -71.67 48.74
N ALA E 379 5.79 -71.89 49.97
CA ALA E 379 4.62 -72.71 50.18
C ALA E 379 3.34 -71.92 49.98
N HIS E 380 2.22 -72.52 50.37
CA HIS E 380 0.96 -71.82 50.50
C HIS E 380 0.59 -71.74 51.98
N ILE E 381 -0.12 -70.68 52.35
CA ILE E 381 -0.54 -70.50 53.72
C ILE E 381 -2.06 -70.43 53.78
N PRO E 382 -2.72 -71.32 54.51
CA PRO E 382 -4.17 -71.21 54.68
C PRO E 382 -4.54 -69.89 55.34
N THR E 383 -5.47 -69.16 54.71
CA THR E 383 -5.94 -67.92 55.31
C THR E 383 -6.50 -68.14 56.70
N ILE E 384 -7.30 -69.18 56.89
CA ILE E 384 -7.79 -69.49 58.23
C ILE E 384 -6.64 -69.54 59.22
N LEU E 385 -5.56 -70.23 58.85
CA LEU E 385 -4.38 -70.26 59.70
C LEU E 385 -3.85 -68.87 59.94
N LEU E 386 -3.86 -68.03 58.91
CA LEU E 386 -3.35 -66.67 59.04
C LEU E 386 -4.01 -65.91 60.17
N SER E 387 -5.23 -66.31 60.55
CA SER E 387 -5.96 -65.56 61.55
C SER E 387 -5.19 -65.49 62.87
N LEU E 388 -4.41 -66.53 63.17
CA LEU E 388 -3.75 -66.59 64.47
C LEU E 388 -2.69 -65.54 64.62
N ILE E 389 -1.84 -65.39 63.61
CA ILE E 389 -0.58 -64.67 63.72
C ILE E 389 -0.76 -63.30 64.35
N TRP E 390 -1.49 -62.42 63.70
CA TRP E 390 -1.48 -61.05 64.17
C TRP E 390 -2.30 -60.90 65.44
N PHE E 391 -3.62 -60.98 65.32
CA PHE E 391 -4.52 -60.80 66.44
C PHE E 391 -4.31 -59.43 67.08
N ASP E 392 -3.67 -58.50 66.36
CA ASP E 392 -3.66 -57.09 66.76
C ASP E 392 -4.90 -56.37 66.26
N VAL E 393 -5.31 -56.64 65.02
CA VAL E 393 -6.63 -56.30 64.52
C VAL E 393 -7.34 -57.61 64.23
N ILE E 394 -8.67 -57.58 64.30
CA ILE E 394 -9.44 -58.76 64.65
C ILE E 394 -10.43 -59.12 63.56
N LYS E 395 -10.87 -60.38 63.60
CA LYS E 395 -12.04 -60.94 62.90
C LYS E 395 -11.85 -60.87 61.38
N SER E 396 -12.86 -60.42 60.63
CA SER E 396 -12.83 -60.47 59.17
C SER E 396 -11.68 -59.66 58.59
N ASP E 397 -11.06 -58.80 59.41
CA ASP E 397 -9.99 -57.95 58.91
C ASP E 397 -8.94 -58.75 58.18
N VAL E 398 -8.79 -60.04 58.52
CA VAL E 398 -7.89 -60.91 57.79
C VAL E 398 -8.11 -60.77 56.29
N MET E 399 -9.27 -61.18 55.79
CA MET E 399 -9.53 -61.01 54.38
C MET E 399 -9.47 -59.55 53.98
N VAL E 400 -9.84 -58.65 54.88
CA VAL E 400 -9.68 -57.23 54.60
C VAL E 400 -8.20 -56.91 54.44
N VAL E 401 -7.39 -57.41 55.35
CA VAL E 401 -5.95 -57.16 55.24
C VAL E 401 -5.42 -57.64 53.90
N VAL E 402 -5.47 -58.95 53.67
CA VAL E 402 -4.83 -59.49 52.47
C VAL E 402 -5.24 -58.67 51.26
N ASN E 403 -6.52 -58.39 51.12
CA ASN E 403 -6.95 -57.51 50.05
C ASN E 403 -6.21 -56.18 50.13
N LYS E 404 -6.42 -55.45 51.23
CA LYS E 404 -5.72 -54.18 51.41
C LYS E 404 -4.24 -54.35 51.15
N LEU E 405 -3.72 -55.50 51.53
CA LEU E 405 -2.34 -55.80 51.18
C LEU E 405 -2.23 -56.16 49.71
N HIS E 406 -3.04 -57.10 49.26
CA HIS E 406 -2.91 -57.66 47.91
C HIS E 406 -2.87 -56.59 46.84
N LYS E 407 -3.63 -55.53 47.00
CA LYS E 407 -3.67 -54.52 45.94
C LYS E 407 -2.29 -54.01 45.60
N TYR E 408 -1.41 -53.96 46.59
CA TYR E 408 -0.02 -53.67 46.29
C TYR E 408 0.62 -54.93 45.74
N SER E 409 1.43 -54.77 44.70
CA SER E 409 1.66 -55.86 43.77
C SER E 409 2.17 -57.09 44.50
N LEU E 410 1.39 -58.16 44.42
CA LEU E 410 1.71 -59.47 44.96
C LEU E 410 2.43 -59.38 46.29
N VAL E 411 2.20 -58.30 47.02
CA VAL E 411 2.84 -58.26 48.33
C VAL E 411 2.17 -59.29 49.21
N GLU E 412 0.93 -59.63 48.92
CA GLU E 412 0.37 -60.89 49.39
C GLU E 412 0.59 -62.04 48.40
N LYS E 413 0.36 -61.82 47.10
CA LYS E 413 0.36 -62.87 46.07
C LYS E 413 -0.76 -63.90 46.27
N GLN E 414 -1.96 -63.49 45.89
CA GLN E 414 -3.17 -64.35 45.95
C GLN E 414 -3.02 -65.61 45.10
N PRO E 415 -3.56 -66.68 45.95
CA PRO E 415 -3.87 -67.92 45.23
C PRO E 415 -5.37 -68.03 44.98
N LYS E 416 -6.13 -67.43 45.89
CA LYS E 416 -7.60 -67.40 45.89
C LYS E 416 -8.30 -68.75 46.13
N GLU E 417 -7.62 -69.69 46.79
CA GLU E 417 -8.36 -70.79 47.41
C GLU E 417 -7.96 -70.99 48.88
N SER E 418 -8.87 -70.61 49.78
CA SER E 418 -8.78 -70.86 51.22
C SER E 418 -7.40 -70.60 51.83
N THR E 419 -6.64 -69.67 51.24
CA THR E 419 -5.23 -69.48 51.59
C THR E 419 -4.68 -68.13 51.13
N ILE E 420 -3.39 -67.92 51.43
CA ILE E 420 -2.60 -66.84 50.86
C ILE E 420 -1.30 -67.47 50.37
N SER E 421 -0.60 -66.78 49.47
CA SER E 421 0.64 -67.32 48.93
C SER E 421 1.82 -66.38 49.19
N ILE E 422 3.02 -66.92 49.28
CA ILE E 422 4.17 -66.07 49.57
C ILE E 422 4.20 -64.92 48.58
N PRO E 423 4.51 -63.67 49.13
CA PRO E 423 4.51 -62.57 48.15
C PRO E 423 5.53 -62.87 47.09
N SER E 424 6.69 -63.39 47.50
CA SER E 424 7.69 -63.75 46.52
C SER E 424 8.93 -64.07 47.32
N ILE E 425 10.01 -64.35 46.61
CA ILE E 425 11.30 -64.41 47.27
C ILE E 425 11.67 -63.05 47.84
N TYR E 426 11.49 -62.00 47.04
CA TYR E 426 11.95 -60.67 47.41
C TYR E 426 11.42 -60.19 48.74
N LEU E 427 10.14 -59.88 48.75
CA LEU E 427 9.56 -59.29 49.95
C LEU E 427 9.76 -60.22 51.14
N GLU E 428 10.12 -61.47 50.87
CA GLU E 428 10.69 -62.34 51.88
C GLU E 428 12.18 -62.12 52.08
N LEU E 429 12.76 -62.27 50.92
CA LEU E 429 14.22 -62.38 51.00
C LEU E 429 14.86 -61.31 51.87
N LYS E 430 14.16 -60.22 52.18
CA LYS E 430 14.85 -59.02 52.66
C LYS E 430 15.76 -59.28 53.85
N VAL E 431 15.20 -59.41 55.05
CA VAL E 431 16.03 -59.62 56.24
C VAL E 431 15.29 -60.40 57.32
N LYS E 432 16.02 -61.30 57.98
CA LYS E 432 16.14 -61.26 59.43
C LYS E 432 14.85 -60.90 60.16
N LEU E 433 13.96 -61.88 60.32
CA LEU E 433 12.61 -61.72 60.84
C LEU E 433 12.50 -60.78 62.04
N GLU E 434 13.48 -60.80 62.93
CA GLU E 434 13.41 -60.02 64.17
C GLU E 434 12.15 -60.38 64.95
N ASN E 435 11.25 -59.40 65.06
CA ASN E 435 9.90 -59.60 65.55
C ASN E 435 9.93 -59.97 67.04
N GLU E 436 11.12 -60.19 67.57
CA GLU E 436 11.38 -60.25 69.01
C GLU E 436 10.52 -61.35 69.63
N TYR E 437 9.59 -61.01 70.52
CA TYR E 437 8.85 -62.00 71.31
C TYR E 437 8.22 -63.09 70.46
N ALA E 438 7.95 -62.79 69.19
CA ALA E 438 6.99 -63.56 68.40
C ALA E 438 7.24 -65.06 68.47
N LEU E 439 8.49 -65.48 68.29
CA LEU E 439 8.80 -66.82 67.79
C LEU E 439 8.01 -67.93 68.48
N HIS E 440 8.38 -68.28 69.72
CA HIS E 440 7.80 -69.46 70.37
C HIS E 440 6.27 -69.47 70.29
N ARG E 441 5.63 -68.54 71.00
CA ARG E 441 4.18 -68.50 71.04
C ARG E 441 3.58 -68.46 69.65
N SER E 442 4.16 -67.68 68.74
CA SER E 442 3.63 -67.61 67.38
C SER E 442 3.88 -68.91 66.64
N ILE E 443 5.17 -69.45 66.72
CA ILE E 443 5.41 -70.78 66.17
C ILE E 443 4.71 -71.86 67.00
N VAL E 444 4.90 -71.83 68.32
CA VAL E 444 4.24 -72.77 69.20
C VAL E 444 2.72 -72.73 69.07
N ASP E 445 2.07 -71.60 69.39
CA ASP E 445 0.62 -71.59 69.45
C ASP E 445 0.00 -71.90 68.10
N HIS E 446 0.71 -71.61 67.00
CA HIS E 446 0.19 -71.94 65.69
C HIS E 446 0.18 -73.45 65.47
N TYR E 447 0.73 -74.21 66.43
CA TYR E 447 0.53 -75.65 66.44
C TYR E 447 -0.91 -75.96 66.83
N ASN E 448 -1.71 -74.94 67.07
CA ASN E 448 -2.99 -75.07 67.72
C ASN E 448 -3.81 -76.27 67.25
N ILE E 449 -3.79 -76.54 65.94
CA ILE E 449 -4.71 -77.53 65.37
C ILE E 449 -4.58 -78.99 65.89
N PRO E 450 -3.43 -79.67 65.68
CA PRO E 450 -3.45 -81.14 65.80
C PRO E 450 -3.80 -81.70 67.16
N LYS E 451 -3.13 -81.26 68.23
CA LYS E 451 -3.10 -82.04 69.48
C LYS E 451 -4.50 -82.42 69.97
N THR E 452 -5.41 -81.62 69.44
CA THR E 452 -6.81 -81.95 69.62
C THR E 452 -7.11 -83.35 69.11
N PHE E 453 -6.98 -83.56 67.80
CA PHE E 453 -7.10 -84.89 67.25
C PHE E 453 -5.85 -85.70 67.56
N ASP E 454 -6.03 -86.86 68.19
CA ASP E 454 -4.88 -87.73 68.40
C ASP E 454 -5.09 -89.08 67.74
N SER E 455 -5.94 -89.92 68.35
CA SER E 455 -6.15 -91.28 67.86
C SER E 455 -7.64 -91.57 67.79
N ASP E 456 -8.09 -92.07 66.64
CA ASP E 456 -9.49 -92.41 66.39
C ASP E 456 -9.59 -93.28 65.15
N ASP E 457 -10.83 -93.53 64.75
CA ASP E 457 -11.13 -94.35 63.59
C ASP E 457 -10.88 -93.59 62.30
N LEU E 458 -10.67 -94.34 61.22
CA LEU E 458 -10.81 -93.85 59.85
C LEU E 458 -9.82 -92.72 59.53
N ILE E 459 -10.30 -91.68 58.86
CA ILE E 459 -9.46 -90.62 58.29
C ILE E 459 -9.73 -89.31 59.02
N PRO E 460 -8.70 -88.77 59.66
CA PRO E 460 -8.81 -87.59 60.52
C PRO E 460 -9.06 -86.23 59.86
N PRO E 461 -9.73 -85.31 60.67
CA PRO E 461 -9.93 -84.01 60.03
C PRO E 461 -8.62 -83.28 60.30
N TYR E 462 -7.78 -83.31 59.28
CA TYR E 462 -6.44 -82.75 59.31
C TYR E 462 -6.29 -81.82 58.10
N LEU E 463 -5.51 -80.76 58.27
CA LEU E 463 -5.73 -79.56 57.46
C LEU E 463 -4.95 -79.63 56.16
N ASP E 464 -5.69 -79.83 55.08
CA ASP E 464 -5.36 -79.59 53.67
C ASP E 464 -3.99 -80.16 53.32
N GLN E 465 -3.27 -79.45 52.45
CA GLN E 465 -1.94 -79.85 52.02
C GLN E 465 -0.82 -79.07 52.69
N TYR E 466 -1.14 -78.08 53.52
CA TYR E 466 -0.07 -77.37 54.21
C TYR E 466 0.48 -78.18 55.37
N PHE E 467 -0.38 -78.72 56.22
CA PHE E 467 0.12 -79.43 57.39
C PHE E 467 1.00 -80.65 57.16
N TYR E 468 0.69 -81.39 56.11
CA TYR E 468 1.48 -82.57 55.80
C TYR E 468 2.92 -82.16 55.53
N SER E 469 3.14 -80.94 55.03
CA SER E 469 4.48 -80.53 54.70
C SER E 469 5.21 -79.97 55.90
N HIS E 470 4.88 -78.74 56.28
CA HIS E 470 5.76 -77.96 57.12
C HIS E 470 5.41 -77.98 58.60
N ILE E 471 4.38 -78.74 58.98
CA ILE E 471 3.98 -78.75 60.38
C ILE E 471 5.18 -79.00 61.28
N GLY E 472 6.14 -79.78 60.80
CA GLY E 472 7.35 -80.01 61.56
C GLY E 472 8.19 -78.75 61.70
N HIS E 473 8.16 -77.90 60.69
CA HIS E 473 8.88 -76.64 60.84
C HIS E 473 8.40 -75.89 62.06
N HIS E 474 7.10 -75.74 62.24
CA HIS E 474 6.60 -75.13 63.45
C HIS E 474 7.08 -75.87 64.69
N LEU E 475 7.32 -77.16 64.58
CA LEU E 475 7.91 -77.86 65.71
C LEU E 475 9.31 -77.37 66.02
N LYS E 476 10.02 -76.82 65.02
CA LYS E 476 11.40 -76.41 65.21
C LYS E 476 11.56 -75.49 66.41
N ASN E 477 10.53 -74.73 66.74
CA ASN E 477 10.58 -73.82 67.87
C ASN E 477 10.01 -74.42 69.14
N ILE E 478 9.66 -75.71 69.13
CA ILE E 478 8.91 -76.28 70.25
C ILE E 478 9.78 -77.29 70.97
N GLU E 479 9.30 -77.82 72.09
CA GLU E 479 10.03 -78.81 72.86
C GLU E 479 10.23 -80.08 72.04
N HIS E 480 11.48 -80.51 71.94
CA HIS E 480 11.84 -81.63 71.08
C HIS E 480 11.23 -82.93 71.57
N PRO E 481 11.40 -83.31 72.85
CA PRO E 481 10.69 -84.50 73.32
C PRO E 481 9.20 -84.35 73.11
N GLU E 482 8.67 -83.18 73.41
CA GLU E 482 7.27 -82.92 73.14
C GLU E 482 6.97 -83.08 71.67
N ARG E 483 7.93 -82.80 70.79
CA ARG E 483 7.67 -83.14 69.40
C ARG E 483 7.92 -84.62 69.18
N MET E 484 9.04 -85.16 69.70
CA MET E 484 9.36 -86.56 69.46
C MET E 484 8.19 -87.46 69.86
N THR E 485 7.44 -87.02 70.87
CA THR E 485 6.10 -87.55 71.08
C THR E 485 5.24 -87.36 69.83
N LEU E 486 4.93 -86.10 69.52
CA LEU E 486 3.96 -85.76 68.49
C LEU E 486 4.58 -85.45 67.13
N PHE E 487 5.90 -85.62 66.99
CA PHE E 487 6.48 -85.43 65.66
C PHE E 487 5.98 -86.48 64.70
N ARG E 488 5.39 -87.55 65.21
CA ARG E 488 4.70 -88.54 64.43
C ARG E 488 5.62 -89.22 63.43
N MET E 489 6.94 -89.15 63.68
CA MET E 489 7.78 -90.32 63.42
C MET E 489 7.14 -91.53 64.10
N VAL E 490 6.68 -91.32 65.33
CA VAL E 490 6.01 -92.36 66.08
C VAL E 490 4.71 -92.77 65.40
N PHE E 491 3.91 -91.79 64.99
CA PHE E 491 2.53 -92.07 64.61
C PHE E 491 2.52 -92.49 63.15
N LEU E 492 2.08 -93.72 62.90
CA LEU E 492 1.97 -94.24 61.54
C LEU E 492 0.67 -93.77 60.87
N ASP E 493 -0.34 -93.46 61.67
CA ASP E 493 -1.66 -93.06 61.18
C ASP E 493 -1.59 -91.80 60.32
N PHE E 494 -1.34 -90.66 60.96
CA PHE E 494 -1.22 -89.39 60.25
C PHE E 494 -0.21 -89.48 59.12
N ARG E 495 0.92 -90.13 59.38
CA ARG E 495 2.12 -89.89 58.60
C ARG E 495 1.94 -90.24 57.13
N PHE E 496 1.38 -91.42 56.84
CA PHE E 496 1.21 -91.86 55.46
C PHE E 496 0.37 -90.88 54.65
N LEU E 497 -0.52 -90.16 55.32
CA LEU E 497 -1.49 -89.34 54.60
C LEU E 497 -0.83 -88.21 53.83
N GLU E 498 0.44 -87.93 54.11
CA GLU E 498 1.20 -87.00 53.29
C GLU E 498 1.27 -87.45 51.83
N GLN E 499 1.99 -88.53 51.57
CA GLN E 499 2.18 -89.05 50.22
C GLN E 499 0.91 -89.57 49.60
N LYS E 500 -0.18 -89.60 50.37
CA LYS E 500 -1.51 -89.88 49.88
C LYS E 500 -1.77 -89.13 48.56
N ILE E 501 -1.75 -87.81 48.62
CA ILE E 501 -1.94 -86.94 47.46
C ILE E 501 -0.85 -87.15 46.41
N ARG E 502 0.31 -87.64 46.85
CA ARG E 502 1.49 -87.70 46.00
C ARG E 502 1.33 -88.85 44.99
N HIS E 503 1.48 -88.51 43.73
CA HIS E 503 1.44 -89.48 42.65
C HIS E 503 2.47 -89.09 41.60
N ASP E 504 2.56 -89.90 40.56
CA ASP E 504 3.37 -89.55 39.41
C ASP E 504 2.49 -89.36 38.19
N SER E 505 2.79 -88.32 37.42
CA SER E 505 2.32 -88.28 36.06
C SER E 505 2.65 -89.56 35.31
N THR E 506 3.88 -90.03 35.42
CA THR E 506 4.44 -90.99 34.49
C THR E 506 5.08 -92.18 35.19
N ALA E 507 5.06 -93.33 34.51
CA ALA E 507 5.69 -94.58 34.90
C ALA E 507 5.34 -95.08 36.30
N TRP E 508 6.32 -95.70 36.94
CA TRP E 508 6.15 -96.27 38.27
C TRP E 508 6.75 -95.44 39.38
N ASN E 509 7.27 -94.27 39.02
CA ASN E 509 7.95 -93.33 39.91
C ASN E 509 7.17 -92.09 40.39
N ALA E 510 7.93 -91.09 40.87
CA ALA E 510 7.38 -89.85 41.40
C ALA E 510 7.67 -88.58 40.56
N SER E 511 6.63 -87.76 40.42
CA SER E 511 6.62 -86.51 39.67
C SER E 511 6.30 -86.80 38.21
N GLY E 512 6.83 -85.98 37.31
CA GLY E 512 6.05 -85.54 36.19
C GLY E 512 4.83 -84.79 36.66
N SER E 513 4.47 -84.97 37.92
CA SER E 513 3.45 -84.29 38.69
C SER E 513 4.04 -83.89 40.03
N ILE E 514 4.25 -84.88 40.90
CA ILE E 514 4.56 -84.64 42.31
C ILE E 514 5.51 -85.71 42.85
N LEU E 515 6.48 -85.31 43.66
CA LEU E 515 7.39 -86.29 44.27
C LEU E 515 6.65 -87.05 45.37
N ASN E 516 7.24 -88.20 45.70
CA ASN E 516 6.74 -89.07 46.73
C ASN E 516 7.88 -89.54 47.61
N THR E 517 8.36 -88.65 48.50
CA THR E 517 9.46 -88.89 49.47
C THR E 517 10.63 -87.92 49.73
N LEU E 518 11.61 -87.81 48.83
CA LEU E 518 12.79 -87.01 49.24
C LEU E 518 12.44 -85.95 50.27
N GLN E 519 11.37 -85.20 50.04
CA GLN E 519 10.88 -84.28 51.05
C GLN E 519 10.76 -85.04 52.34
N GLN E 520 9.90 -86.05 52.32
CA GLN E 520 9.86 -87.01 53.40
C GLN E 520 11.27 -87.35 53.81
N LEU E 521 12.00 -88.00 52.91
CA LEU E 521 13.38 -88.36 53.23
C LEU E 521 14.14 -87.17 53.78
N LYS E 522 14.01 -86.03 53.11
CA LYS E 522 14.74 -84.84 53.53
C LYS E 522 14.40 -84.48 54.97
N PHE E 523 13.17 -84.73 55.41
CA PHE E 523 12.86 -84.52 56.82
C PHE E 523 13.72 -85.38 57.70
N TYR E 524 14.14 -86.54 57.19
CA TYR E 524 14.57 -87.58 58.11
C TYR E 524 16.00 -87.39 58.56
N LYS E 525 16.79 -86.64 57.81
CA LYS E 525 18.12 -86.29 58.31
C LYS E 525 18.05 -85.31 59.48
N PRO E 526 17.42 -84.14 59.36
CA PRO E 526 17.47 -83.18 60.47
C PRO E 526 16.71 -83.64 61.70
N TYR E 527 15.54 -84.23 61.52
CA TYR E 527 14.55 -84.27 62.59
C TYR E 527 14.77 -85.41 63.57
N ILE E 528 15.90 -86.12 63.45
CA ILE E 528 16.30 -87.14 64.40
C ILE E 528 16.92 -86.48 65.62
N CYS E 529 16.76 -85.15 65.72
CA CYS E 529 17.55 -84.32 66.63
C CYS E 529 17.73 -84.95 68.02
N ASP E 530 16.63 -85.35 68.65
CA ASP E 530 16.69 -86.05 69.94
C ASP E 530 16.02 -87.40 69.77
N ASN E 531 16.79 -88.48 69.79
CA ASN E 531 16.28 -89.83 69.70
C ASN E 531 17.38 -90.81 70.06
N ASP E 532 17.03 -92.10 70.05
CA ASP E 532 17.93 -93.17 70.45
C ASP E 532 17.96 -94.23 69.36
N PRO E 533 18.84 -95.24 69.44
CA PRO E 533 18.87 -96.26 68.38
C PRO E 533 17.53 -96.89 68.09
N LYS E 534 16.69 -97.03 69.11
CA LYS E 534 15.32 -97.51 68.91
C LYS E 534 14.67 -96.75 67.77
N TYR E 535 14.41 -95.46 67.99
CA TYR E 535 13.75 -94.65 66.99
C TYR E 535 14.62 -94.51 65.75
N GLU E 536 15.94 -94.46 65.92
CA GLU E 536 16.84 -94.15 64.82
C GLU E 536 16.87 -95.28 63.80
N ARG E 537 17.14 -96.49 64.26
CA ARG E 537 17.07 -97.64 63.37
C ARG E 537 15.65 -97.88 62.87
N LEU E 538 14.65 -97.56 63.69
CA LEU E 538 13.26 -97.61 63.26
C LEU E 538 13.07 -96.85 61.95
N VAL E 539 13.49 -95.58 61.93
CA VAL E 539 13.45 -94.83 60.68
C VAL E 539 14.36 -95.46 59.65
N ASN E 540 15.62 -95.69 60.03
CA ASN E 540 16.58 -96.29 59.13
C ASN E 540 15.98 -97.49 58.43
N ALA E 541 15.35 -98.35 59.20
CA ALA E 541 14.44 -99.32 58.62
C ALA E 541 13.43 -98.65 57.70
N ILE E 542 12.50 -97.86 58.25
CA ILE E 542 11.35 -97.40 57.50
C ILE E 542 11.76 -96.83 56.16
N LEU E 543 12.99 -96.33 56.08
CA LEU E 543 13.56 -96.00 54.79
C LEU E 543 13.31 -97.11 53.79
N ASP E 544 13.39 -98.37 54.23
CA ASP E 544 13.06 -99.49 53.36
C ASP E 544 11.67 -99.39 52.76
N PHE E 545 10.63 -99.22 53.58
CA PHE E 545 9.28 -99.22 53.04
C PHE E 545 9.17 -98.21 51.91
N LEU E 546 9.96 -97.15 52.01
CA LEU E 546 9.75 -96.00 51.14
C LEU E 546 9.83 -96.39 49.68
N PRO E 547 10.90 -97.02 49.19
CA PRO E 547 10.72 -97.73 47.92
C PRO E 547 9.68 -98.81 48.06
N LYS E 548 9.82 -99.62 49.11
CA LYS E 548 9.07 -100.86 49.21
C LYS E 548 7.58 -100.61 49.12
N ILE E 549 7.09 -99.56 49.76
CA ILE E 549 5.66 -99.26 49.67
C ILE E 549 5.24 -99.11 48.23
N GLU E 550 4.02 -99.51 47.95
CA GLU E 550 3.41 -99.47 46.64
C GLU E 550 2.35 -98.38 46.58
N GLU E 551 2.28 -97.76 45.41
CA GLU E 551 1.15 -96.86 45.16
C GLU E 551 -0.01 -97.66 44.57
N ASN E 552 -1.20 -97.24 44.92
CA ASN E 552 -2.35 -98.12 45.05
C ASN E 552 -3.60 -97.27 44.80
N LEU E 553 -4.76 -97.80 45.18
CA LEU E 553 -5.79 -96.88 45.64
C LEU E 553 -5.31 -96.27 46.95
N ILE E 554 -5.26 -94.95 46.99
CA ILE E 554 -4.51 -94.28 48.04
C ILE E 554 -5.31 -94.32 49.33
N CYS E 555 -4.72 -94.93 50.36
CA CYS E 555 -5.28 -94.99 51.71
C CYS E 555 -6.58 -95.78 51.73
N SER E 556 -7.20 -95.91 50.57
CA SER E 556 -8.20 -96.93 50.41
C SER E 556 -7.43 -98.14 49.97
N LYS E 557 -7.39 -99.14 50.85
CA LYS E 557 -6.19 -99.93 51.03
C LYS E 557 -5.06 -99.05 51.57
N TYR E 558 -5.21 -98.74 52.85
CA TYR E 558 -4.10 -98.41 53.73
C TYR E 558 -3.66 -99.61 54.56
N THR E 559 -4.33 -100.76 54.40
CA THR E 559 -4.38 -101.80 55.41
C THR E 559 -3.09 -102.56 55.64
N ASP E 560 -2.32 -103.41 54.69
CA ASP E 560 -1.01 -104.05 54.58
C ASP E 560 0.14 -103.31 55.25
N LEU E 561 0.24 -102.00 55.01
CA LEU E 561 1.35 -101.18 55.51
C LEU E 561 1.63 -101.39 57.00
N LEU E 562 0.57 -101.28 57.80
CA LEU E 562 0.66 -101.43 59.25
C LEU E 562 1.36 -102.71 59.67
N ARG E 563 0.89 -103.84 59.14
CA ARG E 563 1.37 -105.13 59.58
C ARG E 563 2.71 -105.50 58.92
N ILE E 564 2.96 -104.98 57.72
CA ILE E 564 4.22 -105.27 57.04
C ILE E 564 5.31 -104.33 57.53
N ALA E 565 4.93 -103.40 58.40
CA ALA E 565 5.92 -102.62 59.13
C ALA E 565 6.59 -103.51 60.17
N LEU E 566 5.97 -104.65 60.43
CA LEU E 566 6.46 -105.60 61.43
C LEU E 566 7.32 -106.73 60.85
N MET E 567 7.58 -106.69 59.55
CA MET E 567 8.40 -107.71 58.89
C MET E 567 9.72 -107.91 59.62
N ALA E 568 10.58 -106.90 59.58
CA ALA E 568 11.75 -106.86 60.46
C ALA E 568 11.44 -105.86 61.56
N GLU E 569 11.25 -106.36 62.78
CA GLU E 569 10.71 -105.53 63.84
C GLU E 569 11.71 -105.19 64.94
N ASP E 570 12.19 -103.96 64.93
CA ASP E 570 12.83 -103.35 66.08
C ASP E 570 11.82 -102.43 66.76
N GLU E 571 10.62 -102.38 66.20
CA GLU E 571 9.65 -101.33 66.50
C GLU E 571 8.52 -101.77 67.43
N ALA E 572 8.17 -100.90 68.37
CA ALA E 572 7.04 -101.11 69.25
C ALA E 572 5.79 -100.40 68.70
N ILE E 573 5.93 -99.83 67.51
CA ILE E 573 4.89 -99.01 66.89
C ILE E 573 3.51 -99.68 66.81
N PHE E 574 3.45 -100.86 66.23
CA PHE E 574 2.18 -101.55 66.05
C PHE E 574 1.59 -101.96 67.39
N GLU E 575 2.46 -102.15 68.38
CA GLU E 575 2.02 -102.46 69.73
C GLU E 575 1.35 -101.23 70.35
N GLU E 576 1.77 -100.06 69.89
CA GLU E 576 1.16 -98.81 70.31
C GLU E 576 -0.07 -98.52 69.46
N ALA E 577 -0.18 -99.25 68.36
CA ALA E 577 -1.34 -99.14 67.47
C ALA E 577 -2.47 -100.03 67.95
N HIS E 578 -2.24 -100.70 69.07
CA HIS E 578 -3.23 -101.59 69.68
C HIS E 578 -4.48 -100.84 70.15
N LYS E 579 -4.38 -99.52 70.23
CA LYS E 579 -5.50 -98.69 70.65
C LYS E 579 -6.33 -98.20 69.47
N GLN E 580 -5.91 -98.57 68.26
CA GLN E 580 -6.59 -98.13 67.05
C GLN E 580 -6.96 -99.31 66.14
N VAL E 581 -5.97 -100.08 65.70
CA VAL E 581 -6.14 -101.11 64.68
C VAL E 581 -7.23 -102.15 64.98
N GLN E 582 -7.58 -102.29 66.26
CA GLN E 582 -8.52 -103.32 66.70
C GLN E 582 -9.98 -102.85 66.82
N ARG E 583 -10.27 -101.62 66.43
CA ARG E 583 -11.52 -100.99 66.86
C ARG E 583 -12.76 -101.51 66.12
N PHE E 584 -13.64 -102.15 66.89
CA PHE E 584 -14.96 -102.62 66.47
C PHE E 584 -15.00 -103.37 65.14
N ASP E 585 -16.11 -103.18 64.41
CA ASP E 585 -16.27 -103.70 63.06
C ASP E 585 -16.07 -102.60 62.02
N ASP E 586 -15.87 -101.37 62.50
CA ASP E 586 -15.86 -100.20 61.63
C ASP E 586 -14.59 -100.15 60.79
N ARG E 587 -13.46 -99.96 61.46
CA ARG E 587 -12.16 -99.99 60.80
C ARG E 587 -11.66 -101.44 60.86
N VAL E 588 -10.41 -101.68 60.51
CA VAL E 588 -9.89 -103.03 60.31
C VAL E 588 -9.93 -103.90 61.56
N TRP E 589 -9.91 -105.20 61.36
CA TRP E 589 -9.84 -106.17 62.45
C TRP E 589 -8.47 -106.85 62.38
N PHE E 590 -8.16 -107.74 63.31
CA PHE E 590 -6.82 -108.32 63.35
C PHE E 590 -6.69 -109.41 62.30
N THR E 591 -5.82 -109.16 61.32
CA THR E 591 -5.61 -110.01 60.15
C THR E 591 -4.21 -109.73 59.63
N ASN E 592 -3.90 -110.17 58.41
CA ASN E 592 -2.81 -109.58 57.64
C ASN E 592 -1.42 -109.99 58.14
N HIS E 593 -1.39 -110.90 59.11
CA HIS E 593 -0.23 -111.21 59.96
C HIS E 593 1.13 -111.18 59.24
N GLY E 594 1.31 -111.98 58.19
CA GLY E 594 2.60 -111.99 57.51
C GLY E 594 3.69 -112.68 58.32
N ARG E 595 4.75 -111.94 58.66
CA ARG E 595 5.95 -112.54 59.26
C ARG E 595 6.60 -113.51 58.28
N PHE E 596 7.35 -112.93 57.33
CA PHE E 596 7.84 -113.60 56.13
C PHE E 596 6.70 -114.00 55.21
N HIS E 597 6.06 -112.98 54.64
CA HIS E 597 5.02 -113.14 53.63
C HIS E 597 5.12 -111.96 52.66
N GLN E 598 4.59 -112.14 51.46
CA GLN E 598 4.44 -111.08 50.46
C GLN E 598 5.77 -110.62 49.85
N HIS E 599 6.89 -111.16 50.33
CA HIS E 599 8.22 -110.89 49.73
C HIS E 599 8.49 -109.39 49.54
N ARG E 600 8.53 -108.94 48.28
CA ARG E 600 8.84 -107.56 47.91
C ARG E 600 10.27 -107.13 48.22
N GLN E 601 10.39 -106.08 49.02
CA GLN E 601 11.59 -105.23 49.05
C GLN E 601 11.68 -104.63 47.65
N ILE E 602 10.55 -104.09 47.21
CA ILE E 602 10.35 -103.61 45.86
C ILE E 602 10.35 -102.07 45.82
N ILE E 603 11.10 -101.50 44.88
CA ILE E 603 11.35 -100.06 44.88
C ILE E 603 10.42 -99.27 43.93
N ASN E 604 9.58 -99.96 43.17
CA ASN E 604 8.75 -99.28 42.18
C ASN E 604 7.28 -99.07 42.60
N LEU E 605 6.91 -97.83 42.86
CA LEU E 605 5.55 -97.54 43.30
C LEU E 605 4.59 -97.16 42.17
N GLY E 606 5.13 -96.90 40.98
CA GLY E 606 4.29 -96.40 39.89
C GLY E 606 3.56 -97.47 39.10
N ASP E 607 2.31 -97.19 38.75
CA ASP E 607 1.53 -98.03 37.84
C ASP E 607 1.46 -97.45 36.43
N ASN E 608 2.07 -96.28 36.23
CA ASN E 608 1.81 -95.48 35.04
C ASN E 608 2.44 -95.99 33.75
N GLU E 609 2.14 -95.30 32.65
CA GLU E 609 2.61 -95.67 31.32
C GLU E 609 4.06 -95.28 31.06
N GLY E 610 4.68 -95.95 30.10
CA GLY E 610 6.03 -95.64 29.67
C GLY E 610 6.36 -96.34 28.36
N ARG E 611 7.39 -95.87 27.67
CA ARG E 611 7.77 -96.46 26.39
C ARG E 611 9.24 -96.90 26.38
N HIS E 612 10.14 -95.93 26.50
CA HIS E 612 11.58 -96.23 26.52
C HIS E 612 12.26 -95.80 27.81
N ALA E 613 13.25 -96.58 28.23
CA ALA E 613 13.99 -96.31 29.46
C ALA E 613 15.38 -96.95 29.43
N VAL E 614 16.28 -96.44 30.28
CA VAL E 614 17.62 -96.98 30.44
C VAL E 614 18.37 -96.20 31.53
N TYR E 615 19.40 -96.82 32.10
CA TYR E 615 20.21 -96.22 33.14
C TYR E 615 21.31 -95.29 32.61
N LEU E 616 21.72 -94.34 33.44
CA LEU E 616 22.87 -93.50 33.14
C LEU E 616 24.16 -94.26 33.41
N HIS E 617 25.18 -94.02 32.60
CA HIS E 617 26.44 -94.75 32.70
C HIS E 617 27.22 -94.41 33.95
N ASN E 618 26.92 -93.27 34.55
CA ASN E 618 27.61 -92.84 35.77
C ASN E 618 26.95 -93.44 37.02
N ASP E 619 25.91 -94.23 36.81
CA ASP E 619 25.12 -94.82 37.88
C ASP E 619 24.57 -93.71 38.79
N PHE E 620 24.08 -92.64 38.16
CA PHE E 620 23.48 -91.54 38.89
C PHE E 620 21.98 -91.47 38.63
N CYS E 621 21.60 -91.21 37.38
CA CYS E 621 20.19 -91.05 37.04
C CYS E 621 19.62 -92.27 36.34
N LEU E 622 18.31 -92.23 36.10
CA LEU E 622 17.62 -93.23 35.31
C LEU E 622 16.62 -92.55 34.38
N ILE E 623 16.80 -92.67 33.07
CA ILE E 623 15.89 -91.99 32.16
C ILE E 623 14.76 -92.93 31.71
N ALA E 624 13.54 -92.43 31.81
CA ALA E 624 12.36 -93.18 31.38
C ALA E 624 11.29 -92.21 30.90
N LEU E 625 10.58 -92.60 29.84
CA LEU E 625 9.60 -91.70 29.22
C LEU E 625 8.83 -92.35 28.07
N ALA E 626 7.67 -91.78 27.75
CA ALA E 626 6.93 -92.16 26.56
C ALA E 626 6.61 -90.95 25.69
N SER E 627 5.61 -90.18 26.12
CA SER E 627 5.22 -88.96 25.43
C SER E 627 5.76 -87.70 26.12
N GLY E 628 6.45 -87.89 27.24
CA GLY E 628 6.90 -86.76 28.04
C GLY E 628 8.28 -86.24 27.72
N GLN E 629 9.12 -87.10 27.13
CA GLN E 629 10.52 -86.77 26.85
C GLN E 629 11.22 -86.16 28.06
N ILE E 630 11.09 -86.81 29.22
CA ILE E 630 11.62 -86.27 30.46
C ILE E 630 12.73 -87.15 31.05
N LEU E 631 13.77 -86.50 31.56
CA LEU E 631 14.86 -87.18 32.26
C LEU E 631 14.52 -87.35 33.74
N LEU E 632 14.63 -88.57 34.23
CA LEU E 632 14.31 -88.86 35.63
C LEU E 632 15.54 -89.34 36.38
N THR E 633 15.38 -89.68 37.66
CA THR E 633 16.50 -90.15 38.49
C THR E 633 16.44 -91.62 38.96
N ASP E 634 17.62 -92.23 39.13
CA ASP E 634 17.79 -93.62 39.59
C ASP E 634 18.39 -93.60 41.01
N VAL E 635 17.80 -94.35 41.93
CA VAL E 635 18.25 -94.44 43.33
C VAL E 635 18.91 -95.81 43.58
N SER E 636 20.11 -95.81 44.18
CA SER E 636 20.88 -97.04 44.49
C SER E 636 20.77 -97.31 46.00
N LEU E 637 20.50 -98.56 46.42
CA LEU E 637 20.28 -98.79 47.84
C LEU E 637 21.18 -97.81 48.59
N GLU E 638 20.65 -97.23 49.67
CA GLU E 638 21.39 -96.24 50.43
C GLU E 638 20.34 -95.21 50.83
N GLY E 639 20.56 -94.54 51.96
CA GLY E 639 19.58 -93.56 52.42
C GLY E 639 19.26 -92.47 51.43
N GLU E 640 20.30 -91.86 50.85
CA GLU E 640 20.11 -90.72 49.97
C GLU E 640 19.55 -91.12 48.59
N ASP E 641 18.64 -90.29 48.09
CA ASP E 641 18.02 -90.50 46.78
C ASP E 641 17.94 -89.15 46.07
N THR E 642 17.60 -89.16 44.79
CA THR E 642 17.52 -87.93 44.01
C THR E 642 16.34 -87.94 43.04
N TYR E 643 15.65 -86.81 42.92
CA TYR E 643 14.60 -86.65 41.92
C TYR E 643 14.91 -85.46 41.02
N LEU E 644 14.47 -85.52 39.76
CA LEU E 644 14.74 -84.45 38.82
C LEU E 644 13.66 -84.33 37.74
N LEU E 645 13.40 -83.11 37.30
CA LEU E 645 12.45 -82.86 36.21
C LEU E 645 13.15 -82.25 35.00
N ARG E 646 12.67 -82.57 33.81
CA ARG E 646 13.32 -82.14 32.57
C ARG E 646 12.35 -81.48 31.59
N ASP E 647 11.42 -82.29 31.06
CA ASP E 647 10.43 -81.85 30.09
C ASP E 647 11.06 -81.26 28.82
N GLU E 648 11.73 -82.11 28.06
CA GLU E 648 12.29 -81.73 26.76
C GLU E 648 11.20 -81.59 25.70
N SER E 649 11.54 -80.92 24.60
CA SER E 649 10.64 -80.80 23.46
C SER E 649 10.36 -82.19 22.88
N ASP E 650 9.25 -82.32 22.16
CA ASP E 650 8.76 -83.64 21.80
C ASP E 650 9.58 -84.34 20.72
N SER E 651 10.13 -85.50 21.08
CA SER E 651 10.83 -86.38 20.17
C SER E 651 9.88 -87.48 19.66
N SER E 652 8.60 -87.35 20.00
CA SER E 652 7.64 -88.45 19.92
C SER E 652 7.58 -89.16 18.58
N ASP E 653 7.22 -90.45 18.66
CA ASP E 653 7.18 -91.39 17.52
C ASP E 653 8.55 -91.74 16.97
N ILE E 654 9.54 -91.88 17.85
CA ILE E 654 10.81 -92.50 17.49
C ILE E 654 10.70 -94.02 17.51
N LEU E 655 11.54 -94.68 16.72
CA LEU E 655 11.55 -96.13 16.66
C LEU E 655 12.27 -96.75 17.86
N ARG E 656 13.46 -96.23 18.18
CA ARG E 656 14.24 -96.74 19.30
C ARG E 656 15.06 -95.59 19.90
N MET E 657 15.76 -95.84 21.00
CA MET E 657 16.51 -94.80 21.68
C MET E 657 17.73 -95.38 22.39
N ALA E 658 18.81 -94.59 22.47
CA ALA E 658 20.02 -95.04 23.14
C ALA E 658 20.67 -93.88 23.90
N VAL E 659 21.86 -94.14 24.46
CA VAL E 659 22.60 -93.14 25.22
C VAL E 659 24.08 -93.23 24.88
N PHE E 660 24.75 -92.08 24.84
CA PHE E 660 26.16 -92.03 24.47
C PHE E 660 27.03 -92.06 25.73
N ASN E 661 28.34 -92.12 25.58
CA ASN E 661 29.23 -92.33 26.73
C ASN E 661 29.50 -91.07 27.56
N GLN E 662 29.62 -89.92 26.91
CA GLN E 662 29.95 -88.68 27.61
C GLN E 662 28.70 -87.87 27.96
N GLN E 663 27.53 -88.44 27.67
CA GLN E 663 26.20 -87.96 28.07
C GLN E 663 25.86 -86.58 27.51
N LYS E 664 26.82 -85.92 26.88
CA LYS E 664 26.59 -84.60 26.29
C LYS E 664 25.95 -84.75 24.92
N HIS E 665 25.96 -85.96 24.37
CA HIS E 665 25.35 -86.24 23.08
C HIS E 665 24.25 -87.27 23.22
N LEU E 666 23.16 -87.08 22.47
CA LEU E 666 22.03 -88.00 22.51
C LEU E 666 21.60 -88.38 21.09
N ILE E 667 21.69 -89.67 20.78
CA ILE E 667 21.30 -90.15 19.46
C ILE E 667 19.79 -90.33 19.35
N THR E 668 19.22 -89.89 18.24
CA THR E 668 17.78 -89.99 18.02
C THR E 668 17.49 -90.27 16.54
N LEU E 669 16.54 -91.16 16.29
CA LEU E 669 16.12 -91.47 14.93
C LEU E 669 14.59 -91.57 14.84
N HIS E 670 14.04 -91.20 13.69
CA HIS E 670 12.60 -91.14 13.52
C HIS E 670 12.08 -92.18 12.52
N CYS E 671 10.78 -92.16 12.27
CA CYS E 671 10.15 -93.04 11.30
C CYS E 671 10.76 -92.85 9.91
N ASN E 672 10.57 -91.66 9.34
CA ASN E 672 11.19 -91.33 8.07
C ASN E 672 12.69 -91.10 8.22
N GLY E 673 13.12 -90.95 9.47
CA GLY E 673 14.54 -90.79 9.79
C GLY E 673 14.94 -89.35 10.03
N SER E 674 15.89 -89.18 10.95
CA SER E 674 16.39 -87.87 11.35
C SER E 674 17.47 -88.04 12.42
N VAL E 675 18.22 -86.97 12.68
CA VAL E 675 19.21 -86.98 13.76
C VAL E 675 19.01 -85.79 14.67
N LYS E 676 18.64 -86.04 15.92
CA LYS E 676 18.37 -84.96 16.86
C LYS E 676 19.23 -85.10 18.12
N LEU E 677 20.08 -84.10 18.37
CA LEU E 677 20.99 -84.14 19.50
C LEU E 677 20.47 -83.33 20.68
N TRP E 678 20.71 -83.83 21.90
CA TRP E 678 20.30 -83.13 23.11
C TRP E 678 21.43 -83.06 24.12
N SER E 679 21.27 -82.21 25.13
CA SER E 679 22.25 -82.07 26.20
C SER E 679 21.58 -82.26 27.56
N LEU E 680 22.13 -83.15 28.37
CA LEU E 680 21.56 -83.44 29.68
C LEU E 680 21.80 -82.30 30.66
N TRP E 681 22.73 -81.41 30.32
CA TRP E 681 23.01 -80.24 31.13
C TRP E 681 21.83 -79.26 31.08
N PRO E 682 21.22 -79.00 32.25
CA PRO E 682 20.05 -78.12 32.34
C PRO E 682 20.40 -76.66 32.03
N ASN E 699 18.79 -78.49 14.72
CA ASN E 699 19.60 -79.55 15.32
C ASN E 699 19.54 -80.84 14.50
N SER E 700 18.82 -80.79 13.38
CA SER E 700 18.65 -81.96 12.53
C SER E 700 18.87 -81.62 11.05
N VAL E 701 19.84 -82.29 10.43
CA VAL E 701 20.12 -82.06 9.02
C VAL E 701 20.14 -83.37 8.21
N VAL E 702 19.17 -83.48 7.29
CA VAL E 702 19.06 -84.63 6.41
C VAL E 702 19.68 -84.23 5.06
N LYS E 703 20.14 -82.98 4.99
CA LYS E 703 20.57 -82.37 3.74
C LYS E 703 21.93 -82.88 3.26
N ARG E 704 22.45 -82.20 2.23
CA ARG E 704 23.71 -82.56 1.58
C ARG E 704 23.64 -83.95 0.94
N PHE E 705 24.66 -84.77 1.21
CA PHE E 705 24.78 -86.09 0.60
C PHE E 705 23.58 -86.99 0.93
N ILE E 706 23.18 -87.79 -0.06
CA ILE E 706 22.06 -88.73 0.06
C ILE E 706 20.82 -87.93 0.48
N GLY E 707 20.28 -88.20 1.66
CA GLY E 707 19.08 -87.52 2.12
C GLY E 707 17.86 -87.84 1.29
N SER E 708 17.74 -89.11 0.90
CA SER E 708 16.61 -89.56 0.09
C SER E 708 15.30 -89.53 0.88
N TYR E 709 14.19 -89.52 0.16
CA TYR E 709 12.88 -89.49 0.79
C TYR E 709 12.25 -90.87 0.80
N ALA E 710 12.13 -91.46 1.99
CA ALA E 710 11.64 -92.83 2.18
C ALA E 710 11.55 -93.16 3.66
N ASN E 711 11.00 -94.32 3.97
CA ASN E 711 10.84 -94.77 5.35
C ASN E 711 12.10 -95.43 5.88
N LEU E 712 12.50 -95.06 7.09
CA LEU E 712 13.69 -95.65 7.72
C LEU E 712 13.33 -96.87 8.56
N LYS E 713 14.14 -97.92 8.45
CA LYS E 713 13.92 -99.14 9.20
C LYS E 713 14.51 -99.06 10.60
N ILE E 714 14.54 -100.21 11.28
CA ILE E 714 15.08 -100.29 12.63
C ILE E 714 16.61 -100.30 12.57
N VAL E 715 17.13 -100.50 11.36
CA VAL E 715 18.56 -100.65 11.13
C VAL E 715 19.40 -99.49 11.69
N ALA E 716 20.39 -99.85 12.52
CA ALA E 716 21.32 -98.89 13.12
C ALA E 716 22.37 -99.64 13.93
N PHE E 717 23.49 -98.98 14.20
CA PHE E 717 24.61 -99.59 14.91
C PHE E 717 25.75 -98.60 15.12
N TYR E 718 26.76 -99.02 15.88
CA TYR E 718 27.91 -98.17 16.17
C TYR E 718 29.20 -98.78 15.62
N LEU E 719 30.03 -97.94 15.00
CA LEU E 719 31.30 -98.39 14.45
C LEU E 719 32.48 -97.95 15.32
N ASN E 720 33.68 -98.35 14.91
CA ASN E 720 34.90 -97.90 15.58
C ASN E 720 35.46 -96.64 14.93
N GLU E 721 36.65 -96.23 15.33
CA GLU E 721 37.26 -95.04 14.77
C GLU E 721 38.18 -95.39 13.60
N ASP E 722 37.76 -95.02 12.39
CA ASP E 722 38.53 -95.29 11.19
C ASP E 722 39.35 -94.08 10.77
N ALA E 723 39.23 -92.98 11.50
CA ALA E 723 39.91 -91.74 11.14
C ALA E 723 41.11 -91.46 12.05
N GLY E 724 40.83 -91.12 13.29
CA GLY E 724 41.87 -90.79 14.25
C GLY E 724 42.77 -91.96 14.59
N LEU E 725 42.17 -93.06 15.01
CA LEU E 725 42.92 -94.26 15.38
C LEU E 725 42.04 -95.50 15.30
N ILE E 730 39.15 -92.07 20.23
CA ILE E 730 38.59 -90.72 20.24
C ILE E 730 37.09 -90.75 20.47
N GLN E 731 36.40 -91.59 19.70
CA GLN E 731 34.94 -91.66 19.73
C GLN E 731 34.46 -92.77 18.79
N LEU E 732 33.23 -93.23 18.98
CA LEU E 732 32.65 -94.27 18.15
C LEU E 732 31.64 -93.67 17.18
N HIS E 733 31.79 -93.98 15.90
CA HIS E 733 30.91 -93.42 14.87
C HIS E 733 29.55 -94.10 14.85
N VAL E 734 28.69 -93.62 13.96
CA VAL E 734 27.33 -94.15 13.83
C VAL E 734 27.01 -94.40 12.36
N ALA E 735 26.43 -95.55 12.04
CA ALA E 735 26.06 -95.86 10.67
C ALA E 735 24.77 -96.68 10.61
N PHE E 736 23.99 -96.48 9.56
CA PHE E 736 22.74 -97.19 9.38
C PHE E 736 22.32 -97.24 7.91
N ILE E 737 21.19 -97.90 7.64
CA ILE E 737 20.72 -98.07 6.27
C ILE E 737 19.31 -97.53 6.07
N ASN E 738 19.17 -96.62 5.11
CA ASN E 738 17.86 -96.04 4.78
C ASN E 738 17.05 -96.93 3.85
N GLY E 739 15.95 -96.38 3.33
CA GLY E 739 15.12 -97.09 2.37
C GLY E 739 15.67 -96.95 0.96
N ASP E 740 16.88 -96.41 0.86
CA ASP E 740 17.56 -96.23 -0.41
C ASP E 740 18.39 -97.45 -0.79
N VAL E 741 18.25 -98.51 0.02
CA VAL E 741 18.98 -99.77 -0.09
C VAL E 741 20.48 -99.56 -0.33
N SER E 742 21.04 -98.61 0.41
CA SER E 742 22.47 -98.33 0.37
C SER E 742 22.97 -97.96 1.77
N ILE E 743 24.19 -98.35 2.09
CA ILE E 743 24.74 -98.11 3.42
C ILE E 743 25.04 -96.62 3.63
N LEU E 744 24.77 -96.13 4.83
CA LEU E 744 25.02 -94.73 5.18
C LEU E 744 25.89 -94.62 6.42
N ASN E 745 27.02 -93.93 6.28
CA ASN E 745 27.97 -93.76 7.38
C ASN E 745 28.02 -92.31 7.87
N TRP E 746 28.26 -92.14 9.16
CA TRP E 746 28.38 -90.82 9.75
C TRP E 746 29.66 -90.70 10.56
N ASP E 747 30.49 -89.72 10.21
CA ASP E 747 31.76 -89.53 10.90
C ASP E 747 31.68 -88.37 11.89
N GLU E 748 31.69 -88.71 13.18
CA GLU E 748 31.64 -87.70 14.24
C GLU E 748 32.77 -87.88 15.27
N GLN E 749 33.74 -86.99 15.25
CA GLN E 749 34.77 -87.00 16.30
C GLN E 749 34.67 -85.89 17.36
N ASP E 750 33.86 -84.86 17.14
CA ASP E 750 33.84 -83.75 18.09
C ASP E 750 32.45 -83.23 18.48
N GLN E 751 31.83 -82.51 17.56
CA GLN E 751 30.58 -81.79 17.85
C GLN E 751 29.52 -82.00 16.78
N GLU E 752 29.79 -81.49 15.58
CA GLU E 752 28.85 -81.57 14.47
C GLU E 752 29.36 -82.50 13.39
N PHE E 753 28.43 -83.11 12.65
CA PHE E 753 28.77 -84.13 11.66
C PHE E 753 29.61 -83.57 10.51
N LYS E 754 30.39 -84.46 9.90
CA LYS E 754 31.34 -84.08 8.86
C LYS E 754 30.92 -84.60 7.49
N LEU E 755 30.85 -85.93 7.38
CA LEU E 755 30.59 -86.61 6.11
C LEU E 755 31.66 -86.28 5.08
N SER E 756 32.87 -86.79 5.32
CA SER E 756 34.01 -86.51 4.45
C SER E 756 33.95 -87.33 3.16
N HIS E 757 33.96 -86.63 2.03
CA HIS E 757 33.99 -87.23 0.70
C HIS E 757 32.88 -88.25 0.45
N VAL E 758 33.23 -89.34 -0.22
CA VAL E 758 32.27 -90.37 -0.62
C VAL E 758 32.12 -91.48 0.43
N PRO E 759 30.96 -92.15 0.43
CA PRO E 759 30.74 -93.35 1.24
C PRO E 759 31.65 -94.51 0.84
N VAL E 760 32.27 -94.40 -0.33
CA VAL E 760 33.31 -95.31 -0.83
C VAL E 760 32.70 -96.66 -1.32
N LEU E 761 31.46 -96.93 -0.92
CA LEU E 761 30.80 -98.19 -1.27
C LEU E 761 29.37 -98.22 -0.75
N LYS E 762 28.55 -99.10 -1.32
CA LYS E 762 27.17 -99.28 -0.88
C LYS E 762 26.91 -100.73 -0.48
N THR E 763 25.67 -101.01 -0.09
CA THR E 763 25.30 -102.36 0.33
C THR E 763 24.07 -102.85 -0.43
N MET E 764 24.15 -104.08 -0.94
CA MET E 764 23.06 -104.66 -1.73
C MET E 764 21.81 -104.89 -0.88
N GLN E 765 20.66 -104.52 -1.44
CA GLN E 765 19.36 -104.65 -0.78
C GLN E 765 19.34 -103.99 0.60
N SER E 766 18.68 -104.65 1.55
CA SER E 766 18.62 -104.14 2.92
C SER E 766 18.42 -105.27 3.93
N GLY E 767 19.01 -105.11 5.11
CA GLY E 767 18.84 -106.06 6.20
C GLY E 767 17.99 -105.47 7.31
N ILE E 768 18.04 -106.10 8.48
CA ILE E 768 17.40 -105.55 9.68
C ILE E 768 18.45 -105.33 10.78
N ARG E 769 19.13 -106.38 11.21
CA ARG E 769 20.13 -106.23 12.28
C ARG E 769 21.54 -106.30 11.69
N CYS E 770 22.23 -105.17 11.67
CA CYS E 770 23.56 -105.09 11.10
C CYS E 770 24.55 -104.53 12.10
N PHE E 771 25.75 -105.10 12.16
CA PHE E 771 26.75 -104.59 13.09
C PHE E 771 28.16 -104.98 12.65
N VAL E 772 29.18 -104.32 13.20
CA VAL E 772 30.57 -104.58 12.83
C VAL E 772 31.20 -105.72 13.64
N GLN E 773 31.99 -106.56 12.98
CA GLN E 773 32.72 -107.61 13.67
C GLN E 773 33.93 -107.06 14.41
N VAL E 774 34.75 -107.95 14.94
CA VAL E 774 35.98 -107.56 15.62
C VAL E 774 36.96 -106.90 14.64
N LEU E 775 36.77 -107.18 13.35
CA LEU E 775 37.54 -106.52 12.30
C LEU E 775 36.69 -105.45 11.62
N LYS E 776 37.28 -104.29 11.36
CA LYS E 776 36.57 -103.18 10.76
C LYS E 776 36.32 -103.37 9.27
N ARG E 777 36.91 -104.42 8.71
CA ARG E 777 36.79 -104.69 7.27
C ARG E 777 35.55 -105.52 6.95
N TYR E 778 34.90 -106.07 7.97
CA TYR E 778 33.75 -106.93 7.76
C TYR E 778 32.53 -106.49 8.58
N TYR E 779 31.36 -106.58 7.96
CA TYR E 779 30.12 -106.19 8.60
C TYR E 779 29.09 -107.30 8.52
N VAL E 780 28.61 -107.79 9.67
CA VAL E 780 27.55 -108.80 9.65
C VAL E 780 26.20 -108.15 9.41
N VAL E 781 25.45 -108.75 8.47
CA VAL E 781 24.16 -108.24 8.05
C VAL E 781 23.07 -109.29 8.19
N CYS E 782 21.99 -108.93 8.87
CA CYS E 782 20.86 -109.84 9.05
C CYS E 782 19.58 -109.21 8.52
N THR E 783 18.86 -109.98 7.70
CA THR E 783 17.64 -109.50 7.06
C THR E 783 16.40 -110.01 7.78
N SER E 784 15.23 -109.68 7.23
CA SER E 784 13.95 -110.07 7.83
C SER E 784 13.60 -111.51 7.44
N ASN E 785 14.40 -112.10 6.58
CA ASN E 785 14.18 -113.48 6.15
C ASN E 785 14.87 -114.48 7.07
N CYS E 786 15.47 -113.96 8.13
CA CYS E 786 16.17 -114.78 9.13
C CYS E 786 17.28 -115.60 8.51
N THR E 787 18.06 -114.97 7.63
CA THR E 787 19.20 -115.62 7.01
C THR E 787 20.49 -114.88 7.33
N LEU E 788 21.62 -115.57 7.19
CA LEU E 788 22.92 -114.98 7.48
C LEU E 788 23.64 -114.61 6.20
N THR E 789 23.80 -113.31 5.97
CA THR E 789 24.49 -112.80 4.79
C THR E 789 25.52 -111.75 5.17
N VAL E 790 26.51 -111.55 4.30
CA VAL E 790 27.57 -110.59 4.59
C VAL E 790 28.05 -109.86 3.33
N TRP E 791 28.24 -108.56 3.45
CA TRP E 791 28.87 -107.76 2.41
C TRP E 791 30.15 -107.12 2.94
N ASP E 792 31.29 -107.53 2.39
CA ASP E 792 32.58 -107.06 2.85
C ASP E 792 32.80 -105.59 2.51
N LEU E 793 33.39 -104.86 3.46
CA LEU E 793 33.71 -103.45 3.25
C LEU E 793 34.83 -103.30 2.24
N THR E 794 35.92 -104.01 2.45
CA THR E 794 37.03 -104.03 1.50
C THR E 794 37.00 -105.33 0.70
N ASN E 795 37.93 -105.45 -0.26
CA ASN E 795 38.04 -106.63 -1.12
C ASN E 795 36.70 -107.03 -1.73
N GLY E 796 36.14 -106.17 -2.58
CA GLY E 796 34.85 -106.41 -3.18
C GLY E 796 33.71 -106.13 -2.22
N SER E 797 32.49 -106.50 -2.62
CA SER E 797 31.32 -106.29 -1.78
C SER E 797 30.77 -107.62 -1.27
N SER E 798 30.11 -108.36 -2.16
CA SER E 798 29.58 -109.68 -1.81
C SER E 798 30.58 -110.76 -2.17
N ASN E 799 30.95 -111.57 -1.18
CA ASN E 799 31.97 -112.60 -1.41
C ASN E 799 31.44 -114.02 -1.27
N THR E 800 31.21 -114.46 -0.03
CA THR E 800 30.86 -115.85 0.22
C THR E 800 30.14 -116.09 1.55
N LEU E 801 30.03 -117.37 1.91
CA LEU E 801 29.48 -117.83 3.18
C LEU E 801 28.03 -117.43 3.40
N GLU E 802 27.14 -117.96 2.55
CA GLU E 802 25.71 -117.89 2.77
C GLU E 802 25.26 -119.22 3.37
N LEU E 803 26.21 -120.13 3.51
CA LEU E 803 25.94 -121.53 3.82
C LEU E 803 25.60 -121.87 5.27
N HIS E 804 24.88 -122.96 5.44
CA HIS E 804 24.64 -123.59 6.74
C HIS E 804 24.01 -122.71 7.81
N VAL E 805 22.73 -122.40 7.64
CA VAL E 805 21.93 -121.80 8.70
C VAL E 805 21.14 -122.91 9.42
N PHE E 806 21.08 -122.82 10.75
CA PHE E 806 20.48 -123.88 11.55
C PHE E 806 18.99 -124.10 11.28
N ASN E 807 18.19 -123.06 11.48
CA ASN E 807 16.75 -123.17 11.29
C ASN E 807 16.15 -121.97 10.55
N VAL E 808 15.51 -122.25 9.43
CA VAL E 808 14.84 -121.21 8.65
C VAL E 808 13.37 -121.07 9.05
N GLU E 809 12.89 -122.00 9.86
CA GLU E 809 11.49 -122.00 10.27
C GLU E 809 11.30 -121.40 11.66
N ASN E 810 10.66 -120.23 11.71
CA ASN E 810 10.37 -119.57 12.98
C ASN E 810 9.12 -120.15 13.65
N ASP E 811 9.06 -120.05 14.97
CA ASP E 811 7.88 -120.45 15.71
C ASP E 811 6.72 -119.50 15.41
N THR E 812 7.03 -118.20 15.41
CA THR E 812 6.08 -117.18 15.01
C THR E 812 6.77 -116.22 14.05
N PRO E 813 6.03 -115.74 13.03
CA PRO E 813 6.65 -114.85 12.03
C PRO E 813 7.18 -113.56 12.65
N LEU E 814 8.46 -113.28 12.40
CA LEU E 814 9.15 -112.11 12.95
C LEU E 814 10.37 -111.78 12.11
N ALA E 815 11.18 -110.84 12.60
CA ALA E 815 12.47 -110.55 12.00
C ALA E 815 13.56 -111.26 12.80
N LEU E 816 14.81 -111.10 12.38
CA LEU E 816 15.91 -111.73 13.09
C LEU E 816 16.20 -110.95 14.37
N ASP E 817 16.73 -111.64 15.38
CA ASP E 817 16.91 -111.04 16.70
C ASP E 817 18.09 -110.08 16.76
N VAL E 818 18.40 -109.61 17.97
CA VAL E 818 19.46 -108.63 18.17
C VAL E 818 20.84 -109.27 18.25
N PHE E 819 21.77 -108.74 17.45
CA PHE E 819 23.15 -109.21 17.46
C PHE E 819 23.91 -108.56 18.61
N ASP E 820 24.83 -109.29 19.22
CA ASP E 820 25.53 -108.81 20.41
C ASP E 820 27.06 -108.85 20.28
N GLU E 821 27.73 -108.50 21.38
CA GLU E 821 29.19 -108.51 21.43
C GLU E 821 29.73 -109.14 22.71
N ARG E 822 31.02 -109.43 22.71
CA ARG E 822 31.71 -109.96 23.88
C ARG E 822 32.86 -109.06 24.29
N SER E 823 33.55 -109.43 25.37
CA SER E 823 34.69 -108.66 25.83
C SER E 823 35.97 -109.13 25.13
N LYS E 824 35.86 -110.26 24.44
CA LYS E 824 36.99 -110.82 23.70
C LYS E 824 37.20 -110.11 22.37
N THR E 825 38.43 -110.17 21.87
CA THR E 825 38.77 -109.54 20.60
C THR E 825 38.56 -110.51 19.43
N ALA E 826 38.05 -111.69 19.73
CA ALA E 826 37.81 -112.70 18.70
C ALA E 826 36.37 -113.23 18.78
N THR E 827 36.08 -113.92 19.87
CA THR E 827 34.75 -114.52 20.08
C THR E 827 33.66 -113.47 20.15
N VAL E 828 32.62 -113.63 19.33
CA VAL E 828 31.49 -112.71 19.37
C VAL E 828 30.21 -113.43 19.82
N LEU E 829 29.13 -112.66 19.95
CA LEU E 829 27.90 -113.18 20.54
C LEU E 829 26.68 -112.89 19.68
N LEU E 830 25.74 -113.83 19.68
CA LEU E 830 24.50 -113.71 18.93
C LEU E 830 23.41 -114.54 19.62
N ILE E 831 22.15 -114.15 19.43
CA ILE E 831 21.04 -114.92 19.96
C ILE E 831 19.91 -115.03 18.94
N PHE E 832 19.39 -116.24 18.76
CA PHE E 832 18.29 -116.46 17.84
C PHE E 832 17.16 -117.23 18.50
N LYS E 833 16.03 -116.57 18.68
CA LYS E 833 14.84 -117.17 19.30
C LYS E 833 15.15 -117.86 20.63
N TYR E 834 14.91 -119.18 20.68
CA TYR E 834 15.06 -119.93 21.91
C TYR E 834 16.49 -120.46 22.09
N SER E 835 17.35 -120.18 21.12
CA SER E 835 18.72 -120.66 21.15
C SER E 835 19.72 -119.51 21.18
N VAL E 836 20.91 -119.77 21.73
CA VAL E 836 21.96 -118.77 21.79
C VAL E 836 23.17 -119.21 20.97
N TRP E 837 23.57 -118.36 20.03
CA TRP E 837 24.67 -118.68 19.12
C TRP E 837 25.92 -117.88 19.47
N ARG E 838 26.92 -118.55 20.02
CA ARG E 838 28.21 -117.91 20.29
C ARG E 838 29.17 -118.19 19.15
N LEU E 839 29.68 -117.13 18.54
CA LEU E 839 30.46 -117.27 17.32
C LEU E 839 31.92 -116.88 17.49
N ASN E 840 32.68 -117.07 16.41
CA ASN E 840 34.14 -116.92 16.42
C ASN E 840 34.66 -116.61 15.02
N PHE E 841 35.92 -116.22 14.93
CA PHE E 841 36.58 -116.05 13.64
C PHE E 841 36.60 -117.40 12.92
N LEU E 842 36.76 -117.34 11.59
CA LEU E 842 36.49 -118.44 10.65
C LEU E 842 34.98 -118.45 10.38
N PRO E 843 34.54 -119.08 9.26
CA PRO E 843 33.16 -118.92 8.78
C PRO E 843 32.04 -119.05 9.82
N GLY E 844 32.13 -120.00 10.74
CA GLY E 844 31.12 -120.10 11.78
C GLY E 844 30.88 -121.50 12.33
N LEU E 845 29.69 -121.67 12.93
CA LEU E 845 29.29 -122.92 13.56
C LEU E 845 30.32 -123.28 14.63
N SER E 846 30.30 -122.52 15.73
CA SER E 846 31.26 -122.73 16.80
C SER E 846 30.58 -123.18 18.09
N VAL E 847 29.88 -122.27 18.74
CA VAL E 847 29.24 -122.60 20.01
C VAL E 847 27.73 -122.38 19.96
N SER E 848 26.97 -123.35 20.46
CA SER E 848 25.52 -123.24 20.54
C SER E 848 25.04 -123.63 21.94
N LEU E 849 24.42 -122.69 22.64
CA LEU E 849 24.02 -122.93 24.02
C LEU E 849 22.56 -122.57 24.29
N GLN E 850 21.95 -123.29 25.23
CA GLN E 850 20.59 -123.00 25.70
C GLN E 850 20.54 -123.20 27.21
N SER E 851 19.95 -122.25 27.92
CA SER E 851 19.84 -122.34 29.37
C SER E 851 18.87 -123.45 29.77
N GLU E 852 17.64 -123.36 29.26
CA GLU E 852 16.62 -124.38 29.48
C GLU E 852 15.42 -124.14 28.58
N ALA E 853 14.40 -124.99 28.72
CA ALA E 853 13.19 -124.88 27.91
C ALA E 853 12.28 -123.75 28.43
N VAL E 854 11.16 -123.56 27.76
CA VAL E 854 10.20 -122.53 28.15
C VAL E 854 9.42 -122.96 29.38
N GLY E 859 5.64 -117.68 24.45
CA GLY E 859 5.25 -116.67 23.47
C GLY E 859 6.36 -116.31 22.52
N SER E 860 6.19 -115.22 21.78
CA SER E 860 7.19 -114.76 20.83
C SER E 860 8.34 -114.07 21.54
N PHE E 861 9.52 -114.11 20.93
CA PHE E 861 10.70 -113.48 21.51
C PHE E 861 10.84 -112.03 21.05
N ILE E 862 10.81 -111.11 22.00
CA ILE E 862 10.91 -109.69 21.69
C ILE E 862 12.02 -108.98 22.49
N THR E 863 11.89 -108.98 23.82
CA THR E 863 12.80 -108.22 24.67
C THR E 863 14.00 -109.06 25.13
N CYS E 864 15.16 -108.42 25.21
CA CYS E 864 16.38 -109.08 25.65
C CYS E 864 17.32 -108.08 26.33
N GLY E 865 18.09 -108.56 27.29
CA GLY E 865 19.03 -107.72 28.02
C GLY E 865 20.45 -107.91 27.56
N LYS E 866 21.40 -107.43 28.36
CA LYS E 866 22.82 -107.49 28.05
C LYS E 866 23.63 -106.92 29.21
N ARG E 867 24.92 -107.24 29.28
CA ARG E 867 25.79 -106.75 30.34
C ARG E 867 27.17 -106.42 29.78
N SER E 868 27.90 -105.54 30.47
CA SER E 868 29.23 -105.13 30.02
C SER E 868 30.28 -105.26 31.12
N THR E 869 30.16 -104.42 32.14
CA THR E 869 31.13 -104.37 33.23
C THR E 869 30.94 -105.57 34.17
N ASP E 870 29.75 -106.16 34.12
CA ASP E 870 29.39 -107.26 35.01
C ASP E 870 30.14 -108.55 34.65
N GLY E 871 30.93 -108.50 33.58
CA GLY E 871 31.63 -109.68 33.10
C GLY E 871 31.02 -110.26 31.85
N ARG E 872 30.15 -109.47 31.20
CA ARG E 872 29.55 -109.84 29.92
C ARG E 872 28.72 -111.12 30.05
N TYR E 873 27.81 -111.14 31.01
CA TYR E 873 26.88 -112.25 31.17
C TYR E 873 25.59 -111.90 30.45
N LEU E 874 25.04 -112.85 29.69
CA LEU E 874 23.96 -112.53 28.76
C LEU E 874 22.56 -112.79 29.34
N LEU E 875 21.80 -111.72 29.51
CA LEU E 875 20.40 -111.81 29.91
C LEU E 875 19.58 -112.34 28.73
N LEU E 876 18.75 -113.35 28.99
CA LEU E 876 18.01 -113.98 27.90
C LEU E 876 16.81 -114.82 28.37
N GLY E 877 16.06 -115.35 27.42
CA GLY E 877 14.99 -116.29 27.71
C GLY E 877 14.02 -116.47 26.55
N THR E 878 13.23 -117.52 26.61
CA THR E 878 12.16 -117.76 25.65
C THR E 878 11.14 -116.63 25.63
N SER E 879 10.34 -116.57 26.70
CA SER E 879 9.33 -115.54 26.89
C SER E 879 9.48 -114.96 28.28
N GLU E 880 9.27 -115.81 29.28
CA GLU E 880 9.48 -115.48 30.69
C GLU E 880 8.73 -114.25 31.16
N GLY E 881 7.41 -114.39 31.29
CA GLY E 881 6.60 -113.40 31.97
C GLY E 881 6.88 -113.47 33.46
N LEU E 882 7.60 -114.51 33.86
CA LEU E 882 8.03 -114.69 35.23
C LEU E 882 9.44 -115.26 35.29
N ILE E 883 10.27 -114.70 36.18
CA ILE E 883 11.64 -115.16 36.40
C ILE E 883 12.46 -115.10 35.11
N VAL E 884 12.83 -113.87 34.73
CA VAL E 884 13.73 -113.65 33.60
C VAL E 884 15.09 -114.30 33.88
N TYR E 885 15.66 -114.94 32.87
CA TYR E 885 16.87 -115.74 33.06
C TYR E 885 18.15 -115.00 32.67
N ASP E 886 19.21 -115.25 33.44
CA ASP E 886 20.54 -114.73 33.11
C ASP E 886 21.50 -115.89 32.85
N LEU E 887 22.37 -115.72 31.85
CA LEU E 887 23.32 -116.77 31.49
C LEU E 887 24.76 -116.34 31.73
N LYS E 888 25.43 -117.05 32.63
CA LYS E 888 26.84 -116.83 32.92
C LYS E 888 27.68 -117.52 31.84
N ILE E 889 28.85 -116.96 31.55
CA ILE E 889 29.72 -117.47 30.49
C ILE E 889 30.11 -118.93 30.70
N SER E 890 29.86 -119.74 29.68
CA SER E 890 30.28 -121.14 29.61
C SER E 890 29.62 -122.06 30.63
N ASP E 891 28.82 -121.50 31.53
CA ASP E 891 28.17 -122.31 32.55
C ASP E 891 26.65 -122.13 32.54
N PRO E 892 25.90 -123.22 32.75
CA PRO E 892 24.44 -123.19 32.80
C PRO E 892 23.90 -123.02 34.23
N VAL E 893 24.06 -121.82 34.79
CA VAL E 893 23.60 -121.55 36.14
C VAL E 893 22.83 -120.23 36.19
N LEU E 894 21.77 -120.20 37.01
CA LEU E 894 20.94 -119.01 37.15
C LEU E 894 21.11 -118.37 38.52
N ARG E 895 21.76 -117.21 38.55
CA ARG E 895 21.99 -116.49 39.80
C ARG E 895 20.95 -115.40 40.02
N SER E 896 20.02 -115.24 39.07
CA SER E 896 19.04 -114.17 39.13
C SER E 896 17.64 -114.70 39.42
N ASN E 897 16.83 -113.90 40.11
CA ASN E 897 15.47 -114.28 40.45
C ASN E 897 14.51 -113.10 40.36
N VAL E 898 13.29 -113.34 39.89
CA VAL E 898 12.30 -112.29 39.76
C VAL E 898 11.05 -112.58 40.59
N SER E 899 10.85 -111.78 41.63
CA SER E 899 9.66 -111.89 42.48
C SER E 899 8.59 -110.88 42.10
N GLU E 900 8.90 -110.03 41.12
CA GLU E 900 8.00 -108.96 40.72
C GLU E 900 7.15 -109.35 39.50
N HIS E 901 7.34 -110.59 39.04
CA HIS E 901 6.78 -111.09 37.80
C HIS E 901 7.19 -110.14 36.67
N ILE E 902 6.32 -109.90 35.69
CA ILE E 902 6.49 -108.88 34.65
C ILE E 902 5.37 -109.01 33.62
N GLU E 903 5.18 -107.97 32.80
CA GLU E 903 4.30 -108.05 31.65
C GLU E 903 5.17 -107.92 30.40
N CYS E 904 4.60 -108.06 29.21
CA CYS E 904 5.39 -107.99 27.99
C CYS E 904 4.81 -107.02 26.95
N VAL E 905 5.52 -105.92 26.69
CA VAL E 905 5.14 -105.00 25.63
C VAL E 905 6.34 -104.63 24.73
N ASP E 906 7.37 -104.01 25.31
CA ASP E 906 8.49 -103.47 24.53
C ASP E 906 9.79 -104.23 24.77
N ILE E 907 10.84 -103.78 24.09
CA ILE E 907 12.10 -104.52 24.02
C ILE E 907 13.15 -104.04 25.03
N TYR E 908 12.84 -102.99 25.79
CA TYR E 908 13.87 -102.34 26.60
C TYR E 908 14.18 -103.12 27.89
N GLU E 909 15.44 -103.53 28.01
CA GLU E 909 15.95 -104.12 29.24
C GLU E 909 17.47 -103.94 29.32
N LEU E 910 17.99 -103.77 30.54
CA LEU E 910 19.43 -103.62 30.76
C LEU E 910 19.74 -103.49 32.25
N PHE E 911 20.99 -103.78 32.62
CA PHE E 911 21.44 -103.73 34.01
C PHE E 911 22.62 -102.78 34.22
N ASP E 912 22.58 -102.07 35.34
CA ASP E 912 23.62 -101.10 35.69
C ASP E 912 24.97 -101.75 36.00
N PRO E 913 26.09 -100.98 35.69
CA PRO E 913 27.38 -101.63 36.00
C PRO E 913 27.56 -101.90 37.50
N VAL E 914 27.10 -100.97 38.33
CA VAL E 914 27.19 -101.04 39.79
C VAL E 914 28.43 -100.35 40.37
N TYR E 915 29.29 -99.83 39.50
CA TYR E 915 30.49 -99.11 39.96
C TYR E 915 31.11 -99.77 41.17
N LYS E 916 31.87 -100.85 40.99
CA LYS E 916 32.46 -101.49 42.16
C LYS E 916 31.53 -102.50 42.86
N TYR E 917 30.78 -102.03 43.85
CA TYR E 917 29.87 -102.86 44.64
C TYR E 917 28.80 -103.54 43.78
N ILE E 918 28.43 -104.76 44.17
CA ILE E 918 27.46 -105.55 43.42
C ILE E 918 26.04 -105.74 43.96
N VAL E 919 25.11 -105.52 43.04
CA VAL E 919 23.65 -105.67 43.19
C VAL E 919 23.12 -105.27 41.82
N LEU E 920 21.88 -105.62 41.51
CA LEU E 920 21.38 -105.31 40.17
C LEU E 920 20.00 -104.66 40.15
N CYS E 921 19.79 -103.82 39.15
CA CYS E 921 18.51 -103.15 38.92
C CYS E 921 18.23 -103.00 37.43
N GLY E 922 16.99 -103.24 37.01
CA GLY E 922 16.65 -103.15 35.60
C GLY E 922 15.19 -102.87 35.29
N ALA E 923 14.92 -102.36 34.09
CA ALA E 923 13.56 -102.00 33.70
C ALA E 923 13.04 -102.87 32.56
N LYS E 924 11.73 -103.15 32.58
CA LYS E 924 11.10 -103.99 31.55
C LYS E 924 9.70 -103.50 31.17
N GLY E 925 9.01 -104.32 30.39
CA GLY E 925 7.73 -103.96 29.79
C GLY E 925 6.62 -103.42 30.68
N LYS E 926 6.52 -103.92 31.91
CA LYS E 926 5.48 -103.49 32.84
C LYS E 926 5.66 -102.02 33.23
N GLN E 927 6.77 -101.43 32.78
CA GLN E 927 7.21 -100.12 33.20
C GLN E 927 7.41 -100.12 34.71
N VAL E 928 8.34 -100.96 35.15
CA VAL E 928 8.71 -101.09 36.55
C VAL E 928 10.21 -101.30 36.62
N VAL E 929 10.71 -101.56 37.83
CA VAL E 929 12.13 -101.85 38.01
C VAL E 929 12.37 -102.97 39.02
N HIS E 930 13.16 -103.96 38.59
CA HIS E 930 13.54 -105.08 39.42
C HIS E 930 14.86 -104.80 40.12
N VAL E 931 14.94 -105.13 41.40
CA VAL E 931 16.16 -105.02 42.18
C VAL E 931 16.49 -106.36 42.82
N HIS E 932 17.68 -106.89 42.54
CA HIS E 932 18.02 -108.24 42.99
C HIS E 932 19.49 -108.38 43.41
N THR E 933 19.71 -109.27 44.38
CA THR E 933 21.05 -109.59 44.85
C THR E 933 21.36 -111.06 44.55
N LEU E 934 22.45 -111.28 43.82
CA LEU E 934 22.79 -112.62 43.32
C LEU E 934 23.26 -113.58 44.41
N ARG E 935 23.46 -113.06 45.62
CA ARG E 935 23.92 -113.89 46.72
C ARG E 935 22.78 -114.76 47.27
N SER E 936 23.02 -116.07 47.28
CA SER E 936 22.01 -117.05 47.73
C SER E 936 22.60 -118.45 47.73
N VAL E 937 21.93 -119.36 48.43
CA VAL E 937 22.42 -120.74 48.56
C VAL E 937 22.07 -121.62 47.36
N SER E 938 20.88 -121.45 46.81
CA SER E 938 20.43 -122.31 45.72
C SER E 938 19.49 -121.62 44.75
N GLY E 939 19.61 -121.95 43.47
CA GLY E 939 18.74 -121.42 42.44
C GLY E 939 17.67 -122.42 42.02
N SER E 940 17.29 -122.35 40.74
CA SER E 940 16.34 -123.28 40.12
C SER E 940 14.98 -123.27 40.80
N ASN E 941 14.44 -122.08 41.02
CA ASN E 941 13.09 -121.93 41.56
C ASN E 941 12.06 -121.73 40.45
N SER E 942 12.53 -121.78 39.21
CA SER E 942 11.70 -121.49 38.05
C SER E 942 10.47 -122.37 37.90
N HIS E 943 10.68 -123.65 37.63
CA HIS E 943 9.59 -124.55 37.27
C HIS E 943 8.97 -125.27 38.48
N GLN E 944 9.50 -125.01 39.66
CA GLN E 944 9.00 -125.67 40.87
C GLN E 944 7.69 -125.04 41.35
N ASN E 945 7.56 -123.73 41.14
CA ASN E 945 6.38 -123.00 41.61
C ASN E 945 5.78 -122.08 40.54
N ARG E 946 4.55 -122.36 40.14
CA ARG E 946 3.82 -121.45 39.27
C ARG E 946 2.43 -121.13 39.85
N GLU E 947 1.56 -122.13 39.98
CA GLU E 947 0.26 -121.92 40.61
C GLU E 947 0.24 -122.53 42.01
N ILE E 948 -0.87 -122.39 42.71
CA ILE E 948 -1.01 -122.91 44.06
C ILE E 948 -2.37 -123.55 44.30
N ALA E 949 -2.35 -124.79 44.78
CA ALA E 949 -3.58 -125.49 45.15
C ALA E 949 -3.61 -125.72 46.66
N TRP E 950 -4.66 -126.36 47.14
CA TRP E 950 -4.82 -126.58 48.58
C TRP E 950 -5.56 -127.88 48.88
N VAL E 951 -5.15 -128.54 49.97
CA VAL E 951 -5.74 -129.81 50.35
C VAL E 951 -7.07 -129.60 51.08
N HIS E 952 -8.13 -130.17 50.54
CA HIS E 952 -9.46 -130.05 51.14
C HIS E 952 -9.57 -130.91 52.39
N SER E 953 -9.95 -130.27 53.50
CA SER E 953 -10.07 -130.95 54.79
C SER E 953 -10.87 -130.11 55.77
N ALA E 954 -10.98 -130.60 57.00
CA ALA E 954 -11.71 -129.90 58.05
C ALA E 954 -10.76 -129.25 59.04
N ASP E 955 -10.73 -127.91 59.02
CA ASP E 955 -9.89 -127.12 59.92
C ASP E 955 -8.42 -127.52 59.87
N GLU E 956 -7.97 -127.90 58.67
CA GLU E 956 -6.57 -128.26 58.47
C GLU E 956 -6.04 -127.64 57.18
N ILE E 957 -4.96 -126.88 57.29
CA ILE E 957 -4.42 -126.15 56.14
C ILE E 957 -3.17 -126.80 55.56
N SER E 958 -3.31 -127.34 54.36
CA SER E 958 -2.17 -127.92 53.64
C SER E 958 -2.19 -127.45 52.19
N VAL E 959 -1.13 -126.75 51.78
CA VAL E 959 -1.07 -126.17 50.45
C VAL E 959 -0.14 -126.95 49.52
N MET E 960 -0.48 -126.97 48.24
CA MET E 960 0.34 -127.66 47.25
C MET E 960 0.74 -126.71 46.12
N THR E 961 1.75 -127.11 45.36
CA THR E 961 2.31 -126.26 44.30
C THR E 961 2.55 -127.04 43.01
N LYS E 962 3.23 -126.38 42.06
CA LYS E 962 3.61 -127.01 40.80
C LYS E 962 4.59 -128.15 41.09
N ALA E 963 4.73 -129.06 40.14
CA ALA E 963 5.45 -130.33 40.34
C ALA E 963 4.77 -131.15 41.42
N CYS E 964 3.48 -131.37 41.22
CA CYS E 964 2.61 -132.18 42.08
C CYS E 964 2.76 -131.87 43.57
N LEU E 965 2.88 -132.92 44.38
CA LEU E 965 2.81 -132.76 45.83
C LEU E 965 4.13 -132.30 46.44
N GLU E 966 4.08 -131.11 47.05
CA GLU E 966 5.16 -130.65 47.92
C GLU E 966 4.58 -130.47 49.32
N PRO E 967 4.99 -131.35 50.26
CA PRO E 967 4.40 -131.36 51.60
C PRO E 967 4.52 -130.03 52.34
N ASN E 968 3.40 -129.53 52.84
CA ASN E 968 3.37 -128.31 53.64
C ASN E 968 2.31 -128.39 54.74
N VAL E 969 2.68 -128.02 55.96
CA VAL E 969 1.75 -128.03 57.08
C VAL E 969 1.90 -126.78 57.93
N TYR E 970 0.94 -126.58 58.83
CA TYR E 970 0.84 -125.35 59.63
C TYR E 970 2.08 -125.09 60.49
N LEU E 971 2.65 -123.90 60.32
CA LEU E 971 3.87 -123.48 61.02
C LEU E 971 5.03 -124.46 60.91
N ARG E 972 5.31 -124.92 59.69
CA ARG E 972 6.47 -125.77 59.43
C ARG E 972 7.15 -125.38 58.12
N SER E 973 8.48 -125.32 58.16
CA SER E 973 9.25 -124.90 56.99
C SER E 973 9.72 -126.10 56.15
N LEU E 974 9.29 -127.29 56.55
CA LEU E 974 9.68 -128.51 55.84
C LEU E 974 9.15 -128.52 54.40
N MET E 975 10.05 -128.73 53.44
CA MET E 975 9.68 -128.74 52.03
C MET E 975 10.41 -129.86 51.28
N ASP E 976 9.67 -130.59 50.45
CA ASP E 976 10.24 -131.64 49.62
C ASP E 976 9.96 -131.36 48.15
N MET E 977 10.86 -131.82 47.28
CA MET E 977 10.71 -131.57 45.84
C MET E 977 10.73 -132.84 45.01
N THR E 978 9.59 -133.15 44.39
CA THR E 978 9.48 -134.26 43.46
C THR E 978 8.59 -133.86 42.29
N ARG E 979 9.07 -134.06 41.07
CA ARG E 979 8.33 -133.62 39.89
C ARG E 979 7.95 -134.76 38.95
N GLU E 980 6.66 -135.05 38.89
CA GLU E 980 6.12 -135.98 37.91
C GLU E 980 5.57 -135.21 36.71
N ARG E 981 5.74 -133.89 36.74
CA ARG E 981 5.28 -132.98 35.69
C ARG E 981 3.76 -133.06 35.51
N THR E 982 3.04 -132.57 36.52
CA THR E 982 1.58 -132.46 36.44
C THR E 982 1.16 -131.21 35.67
N GLN E 983 -0.04 -131.24 35.11
CA GLN E 983 -0.60 -130.07 34.44
C GLN E 983 -1.33 -129.18 35.44
N LEU E 984 -2.48 -129.66 35.92
CA LEU E 984 -3.24 -128.95 36.94
C LEU E 984 -3.65 -129.91 38.07
N LEU E 985 -3.31 -129.55 39.30
CA LEU E 985 -3.50 -130.43 40.44
C LEU E 985 -4.77 -130.13 41.22
N ALA E 986 -5.51 -131.19 41.55
CA ALA E 986 -6.70 -131.08 42.40
C ALA E 986 -6.56 -132.01 43.59
N VAL E 987 -7.35 -131.79 44.63
CA VAL E 987 -7.25 -132.59 45.84
C VAL E 987 -8.61 -133.15 46.27
N ASP E 988 -8.62 -134.40 46.70
CA ASP E 988 -9.84 -135.06 47.17
C ASP E 988 -10.22 -134.51 48.55
N SER E 989 -11.35 -134.95 49.09
CA SER E 989 -11.81 -134.48 50.39
C SER E 989 -11.01 -135.13 51.52
N LYS E 990 -10.60 -136.38 51.31
CA LYS E 990 -9.81 -137.11 52.30
C LYS E 990 -8.32 -137.02 51.98
N GLU E 991 -7.53 -137.79 52.70
CA GLU E 991 -6.08 -137.78 52.51
C GLU E 991 -5.68 -138.47 51.20
N ARG E 992 -6.66 -139.07 50.52
CA ARG E 992 -6.43 -139.74 49.25
C ARG E 992 -5.92 -138.74 48.20
N ILE E 993 -4.92 -139.17 47.44
CA ILE E 993 -4.31 -138.29 46.45
C ILE E 993 -4.89 -138.45 45.04
N HIS E 994 -5.39 -137.34 44.52
CA HIS E 994 -5.89 -137.24 43.15
C HIS E 994 -4.92 -136.41 42.32
N LEU E 995 -4.45 -136.95 41.21
CA LEU E 995 -3.47 -136.23 40.40
C LEU E 995 -3.61 -136.49 38.90
N ILE E 996 -2.77 -135.80 38.13
CA ILE E 996 -2.84 -135.86 36.67
C ILE E 996 -1.46 -136.17 36.08
N LYS E 997 -1.46 -136.95 35.01
CA LYS E 997 -0.23 -137.31 34.32
C LYS E 997 -0.42 -136.90 32.86
N PRO E 998 0.67 -136.56 32.15
CA PRO E 998 0.44 -136.20 30.74
C PRO E 998 -0.34 -137.27 29.98
N ALA E 999 -1.40 -136.82 29.32
CA ALA E 999 -2.31 -137.68 28.55
C ALA E 999 -3.00 -138.77 29.38
N ILE E 1000 -3.28 -138.50 30.66
CA ILE E 1000 -4.07 -139.43 31.49
C ILE E 1000 -4.33 -138.87 32.89
N SER E 1001 -5.32 -139.43 33.58
CA SER E 1001 -5.66 -139.01 34.95
C SER E 1001 -5.44 -140.15 35.93
N ARG E 1002 -5.02 -139.82 37.14
CA ARG E 1002 -4.69 -140.86 38.13
C ARG E 1002 -5.30 -140.60 39.51
N ILE E 1003 -5.86 -141.64 40.10
CA ILE E 1003 -6.47 -141.57 41.43
C ILE E 1003 -5.89 -142.66 42.32
N SER E 1004 -5.29 -142.28 43.44
CA SER E 1004 -4.62 -143.26 44.28
C SER E 1004 -4.63 -142.91 45.76
N GLU E 1005 -4.58 -143.94 46.61
CA GLU E 1005 -4.40 -143.76 48.05
C GLU E 1005 -3.09 -143.01 48.30
N TRP E 1006 -1.98 -143.67 48.00
CA TRP E 1006 -0.69 -143.00 47.93
C TRP E 1006 -0.15 -143.23 46.52
N SER E 1007 0.98 -142.61 46.17
CA SER E 1007 1.48 -142.72 44.81
C SER E 1007 2.77 -143.53 44.71
N THR E 1008 2.66 -144.73 44.16
CA THR E 1008 3.83 -145.54 43.81
C THR E 1008 3.77 -145.93 42.34
N ILE E 1009 2.92 -146.90 42.02
CA ILE E 1009 2.68 -147.29 40.65
C ILE E 1009 1.49 -146.55 40.06
N THR E 1010 0.74 -145.87 40.94
CA THR E 1010 -0.44 -145.09 40.57
C THR E 1010 -1.39 -145.80 39.59
N PRO E 1011 -2.09 -146.86 40.06
CA PRO E 1011 -3.03 -147.60 39.20
C PRO E 1011 -4.19 -146.73 38.71
N THR E 1012 -4.70 -147.04 37.52
CA THR E 1012 -5.83 -146.32 36.94
C THR E 1012 -6.26 -146.91 35.61
N HIS E 1013 -7.48 -146.58 35.18
CA HIS E 1013 -8.00 -147.02 33.89
C HIS E 1013 -8.88 -145.94 33.27
N ALA E 1014 -8.71 -145.69 31.98
CA ALA E 1014 -9.46 -144.64 31.31
C ALA E 1014 -9.73 -144.95 29.84
N ALA E 1015 -10.91 -144.56 29.37
CA ALA E 1015 -11.30 -144.73 27.98
C ALA E 1015 -11.01 -143.46 27.18
N SER E 1016 -10.41 -142.48 27.84
CA SER E 1016 -10.14 -141.17 27.24
C SER E 1016 -9.38 -141.26 25.92
N ASN E 1017 -9.84 -140.50 24.93
CA ASN E 1017 -9.26 -140.52 23.59
C ASN E 1017 -7.96 -139.73 23.50
N CYS E 1018 -7.90 -138.60 24.19
CA CYS E 1018 -6.74 -137.71 24.09
C CYS E 1018 -6.32 -137.15 25.45
N LYS E 1019 -5.35 -136.24 25.43
CA LYS E 1019 -4.82 -135.64 26.64
C LYS E 1019 -5.86 -134.80 27.37
N ILE E 1020 -5.89 -134.91 28.69
CA ILE E 1020 -6.81 -134.14 29.50
C ILE E 1020 -6.14 -132.88 30.05
N ASN E 1021 -6.85 -131.76 30.00
CA ASN E 1021 -6.32 -130.48 30.48
C ASN E 1021 -6.33 -130.39 31.99
N ALA E 1022 -7.46 -130.75 32.61
CA ALA E 1022 -7.60 -130.70 34.05
C ALA E 1022 -8.58 -131.74 34.55
N ILE E 1023 -8.34 -132.24 35.77
CA ILE E 1023 -9.20 -133.26 36.36
C ILE E 1023 -9.35 -133.00 37.87
N SER E 1024 -10.55 -133.25 38.39
CA SER E 1024 -10.86 -132.95 39.79
C SER E 1024 -11.65 -134.08 40.45
N ALA E 1025 -11.75 -134.02 41.77
CA ALA E 1025 -12.43 -135.06 42.54
C ALA E 1025 -13.49 -134.47 43.48
N PHE E 1026 -14.61 -135.19 43.61
CA PHE E 1026 -15.66 -134.80 44.54
C PHE E 1026 -15.30 -135.07 45.99
N ASN E 1027 -16.22 -134.73 46.88
CA ASN E 1027 -16.10 -135.08 48.29
C ASN E 1027 -16.48 -136.54 48.48
N ASP E 1028 -17.72 -136.86 48.14
CA ASP E 1028 -18.20 -138.24 48.15
C ASP E 1028 -17.50 -139.07 47.05
N GLU E 1029 -17.57 -140.39 47.19
CA GLU E 1029 -16.85 -141.29 46.29
C GLU E 1029 -17.60 -141.53 44.97
N GLN E 1030 -18.76 -140.90 44.82
CA GLN E 1030 -19.59 -141.10 43.62
C GLN E 1030 -18.94 -140.51 42.37
N ILE E 1031 -18.76 -141.36 41.36
CA ILE E 1031 -18.22 -141.02 40.03
C ILE E 1031 -17.01 -140.07 40.07
N PHE E 1032 -17.01 -139.09 39.16
CA PHE E 1032 -16.01 -138.02 38.97
C PHE E 1032 -16.40 -137.15 37.78
N VAL E 1033 -15.80 -135.95 37.71
CA VAL E 1033 -16.01 -135.06 36.57
C VAL E 1033 -14.70 -134.41 36.15
N GLY E 1034 -14.71 -133.79 34.98
CA GLY E 1034 -13.55 -133.06 34.48
C GLY E 1034 -13.73 -132.69 33.02
N TYR E 1035 -12.93 -131.76 32.54
CA TYR E 1035 -13.00 -131.37 31.13
C TYR E 1035 -11.75 -131.85 30.38
N VAL E 1036 -11.98 -132.66 29.36
CA VAL E 1036 -10.90 -133.25 28.58
C VAL E 1036 -10.85 -132.50 27.23
N ASP E 1037 -9.87 -132.82 26.39
CA ASP E 1037 -9.81 -132.27 25.04
C ASP E 1037 -10.85 -132.92 24.13
N GLY E 1038 -11.56 -133.90 24.65
CA GLY E 1038 -12.52 -134.66 23.87
C GLY E 1038 -13.69 -135.17 24.68
N VAL E 1039 -14.58 -135.91 24.00
CA VAL E 1039 -15.86 -136.31 24.57
C VAL E 1039 -15.75 -137.18 25.83
N ILE E 1040 -14.94 -138.22 25.77
CA ILE E 1040 -14.85 -139.21 26.85
C ILE E 1040 -14.37 -138.63 28.17
N ILE E 1041 -15.15 -138.86 29.24
CA ILE E 1041 -14.77 -138.45 30.58
C ILE E 1041 -14.56 -139.67 31.47
N ASP E 1042 -13.33 -139.83 31.96
CA ASP E 1042 -12.95 -141.04 32.70
C ASP E 1042 -13.33 -140.99 34.19
N VAL E 1043 -13.67 -142.16 34.72
CA VAL E 1043 -13.92 -142.32 36.16
C VAL E 1043 -13.25 -143.60 36.66
N ILE E 1044 -13.12 -143.73 37.97
CA ILE E 1044 -12.48 -144.90 38.57
C ILE E 1044 -13.33 -145.48 39.70
N HIS E 1045 -13.23 -146.80 39.89
CA HIS E 1045 -13.89 -147.52 40.98
C HIS E 1045 -15.42 -147.55 40.82
N ASP E 1046 -15.93 -146.80 39.85
CA ASP E 1046 -17.36 -146.71 39.62
C ASP E 1046 -17.72 -147.06 38.18
N THR E 1047 -18.87 -147.71 38.01
CA THR E 1047 -19.39 -148.04 36.69
C THR E 1047 -20.31 -146.93 36.19
N ALA E 1048 -21.04 -147.23 35.11
CA ALA E 1048 -22.02 -146.31 34.54
C ALA E 1048 -21.41 -144.96 34.12
N LEU E 1049 -20.63 -145.00 33.04
CA LEU E 1049 -20.02 -143.80 32.47
C LEU E 1049 -21.10 -142.76 32.12
N PRO E 1050 -20.71 -141.47 32.11
CA PRO E 1050 -21.68 -140.41 31.79
C PRO E 1050 -22.25 -140.55 30.38
N GLN E 1051 -23.37 -139.87 30.12
CA GLN E 1051 -24.08 -140.03 28.85
C GLN E 1051 -23.48 -139.16 27.74
N GLN E 1052 -22.69 -138.16 28.15
CA GLN E 1052 -22.09 -137.20 27.22
C GLN E 1052 -23.11 -136.48 26.34
N PHE E 1053 -23.02 -136.70 25.03
CA PHE E 1053 -23.76 -135.95 24.02
C PHE E 1053 -23.43 -134.47 24.10
N ILE E 1054 -22.14 -134.15 24.16
CA ILE E 1054 -21.68 -132.77 24.14
C ILE E 1054 -20.31 -132.70 23.47
N GLU E 1055 -20.06 -131.63 22.72
CA GLU E 1055 -18.79 -131.45 22.03
C GLU E 1055 -17.59 -131.46 23.00
N GLU E 1056 -17.42 -130.41 23.79
CA GLU E 1056 -16.38 -130.40 24.81
C GLU E 1056 -16.87 -129.62 26.03
N PRO E 1057 -16.56 -130.10 27.25
CA PRO E 1057 -16.98 -129.47 28.51
C PRO E 1057 -16.11 -128.29 28.94
N ILE E 1058 -16.68 -127.33 29.65
CA ILE E 1058 -15.91 -126.17 30.10
C ILE E 1058 -15.87 -126.00 31.63
N ASP E 1059 -17.02 -125.77 32.26
CA ASP E 1059 -17.06 -125.45 33.68
C ASP E 1059 -17.63 -126.60 34.50
N TYR E 1060 -16.81 -127.15 35.40
CA TYR E 1060 -17.25 -128.20 36.30
C TYR E 1060 -17.48 -127.66 37.71
N LEU E 1061 -17.81 -128.55 38.65
CA LEU E 1061 -18.13 -128.17 40.02
C LEU E 1061 -18.35 -129.40 40.89
N LYS E 1062 -18.45 -129.18 42.19
CA LYS E 1062 -18.58 -130.28 43.15
C LYS E 1062 -19.88 -130.19 43.96
N GLN E 1063 -20.59 -131.31 44.05
CA GLN E 1063 -21.82 -131.38 44.85
C GLN E 1063 -21.89 -132.68 45.63
N VAL E 1064 -22.47 -132.63 46.81
CA VAL E 1064 -22.65 -133.81 47.65
C VAL E 1064 -23.89 -134.60 47.22
N SER E 1065 -24.72 -133.97 46.39
CA SER E 1065 -25.93 -134.61 45.89
C SER E 1065 -25.60 -135.63 44.81
N PRO E 1066 -26.41 -136.69 44.71
CA PRO E 1066 -26.23 -137.75 43.70
C PRO E 1066 -26.22 -137.22 42.27
N ASN E 1067 -26.98 -136.16 42.02
CA ASN E 1067 -27.02 -135.54 40.70
C ASN E 1067 -26.03 -134.38 40.57
N ILE E 1068 -25.38 -134.27 39.41
CA ILE E 1068 -24.39 -133.23 39.19
C ILE E 1068 -24.64 -132.49 37.87
N LEU E 1069 -24.79 -131.17 37.97
CA LEU E 1069 -25.00 -130.35 36.79
C LEU E 1069 -23.67 -129.85 36.22
N VAL E 1070 -23.49 -130.02 34.92
CA VAL E 1070 -22.23 -129.66 34.27
C VAL E 1070 -22.43 -128.68 33.12
N ALA E 1071 -21.71 -127.56 33.16
CA ALA E 1071 -21.78 -126.57 32.09
C ALA E 1071 -21.04 -127.06 30.85
N SER E 1072 -21.35 -126.47 29.69
CA SER E 1072 -20.77 -126.90 28.43
C SER E 1072 -20.43 -125.74 27.50
N ALA E 1073 -19.55 -126.00 26.55
CA ALA E 1073 -19.14 -124.99 25.58
C ALA E 1073 -20.29 -124.65 24.63
N HIS E 1074 -21.15 -125.64 24.38
CA HIS E 1074 -22.33 -125.44 23.56
C HIS E 1074 -23.41 -124.73 24.38
N SER E 1075 -23.10 -124.52 25.66
CA SER E 1075 -23.99 -123.82 26.61
C SER E 1075 -25.26 -124.60 26.87
N ALA E 1076 -25.16 -125.92 26.85
CA ALA E 1076 -26.26 -126.79 27.24
C ALA E 1076 -25.90 -127.56 28.50
N GLN E 1077 -26.56 -127.22 29.60
CA GLN E 1077 -26.27 -127.85 30.88
C GLN E 1077 -26.62 -129.33 30.88
N LYS E 1078 -25.78 -130.14 31.51
CA LYS E 1078 -25.96 -131.58 31.53
C LYS E 1078 -26.28 -132.08 32.94
N THR E 1079 -27.27 -132.97 33.02
CA THR E 1079 -27.66 -133.55 34.30
C THR E 1079 -27.09 -134.97 34.43
N VAL E 1080 -26.13 -135.13 35.34
CA VAL E 1080 -25.49 -136.43 35.53
C VAL E 1080 -26.06 -137.15 36.75
N ILE E 1081 -26.70 -138.29 36.50
CA ILE E 1081 -27.30 -139.09 37.57
C ILE E 1081 -26.42 -140.29 37.88
N PHE E 1082 -26.18 -140.53 39.16
CA PHE E 1082 -25.26 -141.58 39.58
C PHE E 1082 -25.80 -142.99 39.34
N GLN E 1083 -25.03 -143.78 38.60
CA GLN E 1083 -25.25 -145.21 38.43
C GLN E 1083 -26.61 -145.51 37.79
N LEU E 1084 -27.15 -144.55 37.03
CA LEU E 1084 -28.44 -144.70 36.37
C LEU E 1084 -28.73 -143.46 35.53
N GLU E 1085 -29.65 -143.58 34.57
CA GLU E 1085 -30.07 -142.44 33.77
C GLU E 1085 -31.59 -142.24 33.81
N LYS E 1086 -32.30 -143.11 33.10
CA LYS E 1086 -33.76 -143.07 33.02
C LYS E 1086 -34.34 -141.70 32.65
N ILE E 1087 -33.61 -140.97 31.80
CA ILE E 1087 -33.87 -139.57 31.46
C ILE E 1087 -32.91 -139.23 30.31
N ASP E 1088 -33.23 -138.19 29.53
CA ASP E 1088 -32.37 -137.76 28.44
C ASP E 1088 -31.77 -136.38 28.73
N PRO E 1089 -30.46 -136.33 28.96
CA PRO E 1089 -29.76 -135.09 29.34
C PRO E 1089 -29.56 -134.13 28.18
N LEU E 1090 -30.65 -133.78 27.49
CA LEU E 1090 -30.58 -132.81 26.40
C LEU E 1090 -31.35 -131.55 26.74
N GLN E 1091 -30.62 -130.45 26.97
CA GLN E 1091 -31.24 -129.17 27.29
C GLN E 1091 -30.51 -128.00 26.63
N PRO E 1092 -30.74 -127.81 25.31
CA PRO E 1092 -30.11 -126.71 24.57
C PRO E 1092 -30.86 -125.40 24.73
N ASN E 1093 -30.81 -124.81 25.92
CA ASN E 1093 -31.52 -123.57 26.23
C ASN E 1093 -31.10 -122.43 25.29
N ASP E 1094 -29.88 -121.94 25.46
CA ASP E 1094 -29.38 -120.82 24.67
C ASP E 1094 -27.97 -121.11 24.14
N GLN E 1095 -27.53 -120.29 23.19
CA GLN E 1095 -26.18 -120.42 22.64
C GLN E 1095 -25.20 -119.50 23.37
N TRP E 1096 -25.72 -118.72 24.32
CA TRP E 1096 -24.87 -117.90 25.18
C TRP E 1096 -24.33 -118.77 26.30
N PRO E 1097 -23.01 -118.68 26.58
CA PRO E 1097 -22.31 -119.56 27.52
C PRO E 1097 -22.89 -119.52 28.93
N LEU E 1098 -22.96 -120.68 29.58
CA LEU E 1098 -23.51 -120.79 30.93
C LEU E 1098 -22.43 -120.96 31.99
N MET E 1099 -22.63 -120.29 33.11
CA MET E 1099 -21.81 -120.51 34.31
C MET E 1099 -22.73 -120.45 35.53
N MET E 1100 -22.60 -121.44 36.41
CA MET E 1100 -23.62 -121.65 37.43
C MET E 1100 -23.11 -121.75 38.86
N ASP E 1101 -23.96 -121.33 39.80
CA ASP E 1101 -23.73 -121.52 41.23
C ASP E 1101 -24.95 -122.18 41.85
N VAL E 1102 -24.90 -122.41 43.16
CA VAL E 1102 -26.02 -123.02 43.87
C VAL E 1102 -26.07 -122.53 45.32
N SER E 1103 -27.28 -122.35 45.85
CA SER E 1103 -27.42 -121.92 47.24
C SER E 1103 -27.81 -123.08 48.14
N THR E 1104 -29.09 -123.47 48.11
CA THR E 1104 -29.52 -124.66 48.83
C THR E 1104 -30.39 -125.58 47.97
N LYS E 1105 -31.64 -125.16 47.76
CA LYS E 1105 -32.59 -125.95 46.98
C LYS E 1105 -32.65 -125.51 45.52
N TYR E 1106 -32.02 -124.37 45.23
CA TYR E 1106 -32.15 -123.75 43.91
C TYR E 1106 -30.86 -123.79 43.10
N ALA E 1107 -30.95 -124.26 41.87
CA ALA E 1107 -29.83 -124.22 40.94
C ALA E 1107 -29.81 -122.86 40.23
N SER E 1108 -28.69 -122.15 40.38
CA SER E 1108 -28.57 -120.81 39.84
C SER E 1108 -27.77 -120.80 38.54
N LEU E 1109 -28.44 -120.51 37.43
CA LEU E 1109 -27.78 -120.46 36.13
C LEU E 1109 -27.56 -119.02 35.68
N GLN E 1110 -26.30 -118.62 35.55
CA GLN E 1110 -25.96 -117.31 35.02
C GLN E 1110 -25.49 -117.43 33.58
N GLU E 1111 -26.30 -116.91 32.66
CA GLU E 1111 -26.00 -116.99 31.24
C GLU E 1111 -25.39 -115.70 30.72
N GLY E 1112 -25.17 -115.63 29.41
CA GLY E 1112 -24.68 -114.43 28.77
C GLY E 1112 -25.82 -113.48 28.45
N GLN E 1113 -27.03 -113.88 28.83
CA GLN E 1113 -28.22 -113.08 28.59
C GLN E 1113 -28.92 -112.74 29.90
N TYR E 1114 -29.44 -113.77 30.57
CA TYR E 1114 -30.15 -113.58 31.83
C TYR E 1114 -29.77 -114.63 32.87
N ILE E 1115 -30.35 -114.53 34.05
CA ILE E 1115 -30.11 -115.48 35.12
C ILE E 1115 -31.38 -116.23 35.47
N ILE E 1116 -31.34 -117.55 35.37
CA ILE E 1116 -32.53 -118.36 35.61
C ILE E 1116 -32.32 -119.33 36.77
N LEU E 1117 -33.38 -119.56 37.54
CA LEU E 1117 -33.30 -120.44 38.71
C LEU E 1117 -34.14 -121.71 38.49
N PHE E 1118 -33.59 -122.85 38.88
CA PHE E 1118 -34.32 -124.11 38.80
C PHE E 1118 -34.64 -124.68 40.18
N SER E 1119 -35.76 -125.38 40.27
CA SER E 1119 -36.16 -126.05 41.50
C SER E 1119 -36.02 -127.55 41.35
N ASP E 1120 -35.11 -128.14 42.12
CA ASP E 1120 -34.83 -129.57 42.03
C ASP E 1120 -36.00 -130.40 42.54
N HIS E 1121 -36.44 -131.35 41.73
CA HIS E 1121 -37.52 -132.25 42.12
C HIS E 1121 -37.03 -133.29 43.12
N GLY E 1122 -35.79 -133.73 42.93
CA GLY E 1122 -35.18 -134.69 43.83
C GLY E 1122 -33.68 -134.74 43.67
N VAL E 1123 -32.99 -135.20 44.70
CA VAL E 1123 -31.54 -135.28 44.68
C VAL E 1123 -31.06 -136.51 43.91
N CYS E 1124 -31.94 -137.50 43.80
CA CYS E 1124 -31.61 -138.74 43.09
C CYS E 1124 -31.62 -138.53 41.58
N HIS E 1125 -32.66 -137.88 41.08
CA HIS E 1125 -32.81 -137.64 39.65
C HIS E 1125 -33.49 -136.31 39.38
N LEU E 1126 -33.05 -135.63 38.31
CA LEU E 1126 -33.63 -134.35 37.93
C LEU E 1126 -34.27 -134.44 36.55
N ASP E 1127 -35.59 -134.28 36.51
CA ASP E 1127 -36.33 -134.35 35.25
C ASP E 1127 -36.89 -132.98 34.84
N ILE E 1128 -37.79 -132.44 35.65
CA ILE E 1128 -38.42 -131.16 35.35
C ILE E 1128 -37.87 -130.05 36.25
N ALA E 1129 -37.79 -128.84 35.71
CA ALA E 1129 -37.28 -127.71 36.46
C ALA E 1129 -38.22 -126.51 36.35
N ASN E 1130 -38.75 -126.07 37.50
CA ASN E 1130 -39.68 -124.95 37.53
C ASN E 1130 -38.95 -123.61 37.61
N PRO E 1131 -39.20 -122.72 36.64
CA PRO E 1131 -38.59 -121.39 36.61
C PRO E 1131 -39.13 -120.49 37.71
N SER E 1132 -38.27 -119.67 38.30
CA SER E 1132 -38.66 -118.80 39.39
C SER E 1132 -38.33 -117.33 39.11
N ALA E 1133 -37.04 -117.03 39.07
CA ALA E 1133 -36.59 -115.66 38.87
C ALA E 1133 -35.75 -115.50 37.60
N PHE E 1134 -36.28 -114.76 36.64
CA PHE E 1134 -35.55 -114.46 35.41
C PHE E 1134 -35.75 -113.01 35.00
N VAL E 1135 -34.67 -112.31 34.70
CA VAL E 1135 -34.73 -110.92 34.30
C VAL E 1135 -33.55 -110.54 33.40
N LYS E 1136 -33.78 -109.63 32.47
CA LYS E 1136 -32.71 -109.15 31.59
C LYS E 1136 -32.08 -107.88 32.16
N PRO E 1137 -30.81 -107.98 32.58
CA PRO E 1137 -30.10 -106.86 33.21
C PRO E 1137 -29.66 -105.78 32.23
N LYS E 1138 -28.91 -104.81 32.74
CA LYS E 1138 -28.43 -103.69 31.93
C LYS E 1138 -27.37 -104.14 30.92
N ASP E 1139 -27.14 -103.30 29.91
CA ASP E 1139 -26.16 -103.60 28.87
C ASP E 1139 -24.75 -103.71 29.46
N SER E 1140 -23.88 -104.44 28.77
CA SER E 1140 -22.56 -104.81 29.28
C SER E 1140 -22.71 -105.56 30.60
N GLU E 1141 -23.25 -106.76 30.50
CA GLU E 1141 -23.64 -107.55 31.68
C GLU E 1141 -22.42 -108.08 32.44
N GLU E 1142 -22.64 -108.42 33.70
CA GLU E 1142 -21.57 -108.94 34.55
C GLU E 1142 -21.26 -110.40 34.23
N TYR E 1143 -19.97 -110.73 34.22
CA TYR E 1143 -19.51 -112.09 33.94
C TYR E 1143 -20.07 -113.10 34.94
N ILE E 1144 -19.63 -113.00 36.19
CA ILE E 1144 -20.02 -113.98 37.20
C ILE E 1144 -20.16 -113.34 38.58
N VAL E 1145 -21.13 -113.83 39.35
CA VAL E 1145 -21.37 -113.34 40.71
C VAL E 1145 -21.36 -114.51 41.70
N GLY E 1146 -21.70 -114.22 42.95
CA GLY E 1146 -21.71 -115.25 43.98
C GLY E 1146 -22.77 -115.02 45.03
N PHE E 1147 -23.06 -116.07 45.80
CA PHE E 1147 -24.10 -116.02 46.83
C PHE E 1147 -23.54 -116.35 48.20
N ASP E 1148 -24.29 -116.00 49.25
CA ASP E 1148 -23.90 -116.28 50.62
C ASP E 1148 -24.38 -117.65 51.07
N LEU E 1149 -24.19 -117.94 52.35
CA LEU E 1149 -24.63 -119.21 52.93
C LEU E 1149 -25.64 -118.96 54.05
N LYS E 1150 -26.57 -119.90 54.22
CA LYS E 1150 -27.63 -119.80 55.21
C LYS E 1150 -28.50 -118.56 54.99
N ASN E 1151 -28.53 -118.09 53.75
CA ASN E 1151 -29.31 -116.91 53.39
C ASN E 1151 -30.21 -117.20 52.19
N SER E 1152 -29.58 -117.50 51.05
CA SER E 1152 -30.27 -117.81 49.80
C SER E 1152 -31.19 -116.68 49.34
N LEU E 1153 -30.57 -115.56 48.96
CA LEU E 1153 -31.32 -114.41 48.47
C LEU E 1153 -30.94 -114.11 47.01
N LEU E 1154 -31.55 -113.08 46.45
CA LEU E 1154 -31.26 -112.69 45.07
C LEU E 1154 -30.22 -111.57 45.04
N PHE E 1155 -29.16 -111.79 44.28
CA PHE E 1155 -28.08 -110.80 44.16
C PHE E 1155 -27.68 -110.59 42.71
N LEU E 1156 -27.80 -109.35 42.24
CA LEU E 1156 -27.37 -108.99 40.90
C LEU E 1156 -26.58 -107.68 40.94
N ALA E 1157 -25.32 -107.74 40.51
CA ALA E 1157 -24.44 -106.58 40.55
C ALA E 1157 -23.85 -106.28 39.19
N TYR E 1158 -23.97 -105.02 38.76
CA TYR E 1158 -23.41 -104.59 37.50
C TYR E 1158 -21.88 -104.59 37.60
N GLU E 1159 -21.19 -104.71 36.47
CA GLU E 1159 -19.75 -104.93 36.49
C GLU E 1159 -18.93 -103.68 36.83
N ASN E 1160 -19.43 -102.50 36.45
CA ASN E 1160 -18.65 -101.28 36.62
C ASN E 1160 -19.10 -100.39 37.76
N ASN E 1161 -18.28 -100.36 38.81
CA ASN E 1161 -18.38 -99.39 39.90
C ASN E 1161 -19.73 -99.34 40.63
N ILE E 1162 -20.50 -100.42 40.56
CA ILE E 1162 -21.73 -100.50 41.35
C ILE E 1162 -22.10 -101.95 41.67
N ILE E 1163 -22.59 -102.19 42.89
CA ILE E 1163 -23.08 -103.50 43.29
C ILE E 1163 -24.38 -103.36 44.07
N ASP E 1164 -25.35 -104.23 43.77
CA ASP E 1164 -26.67 -104.11 44.36
C ASP E 1164 -27.15 -105.43 44.98
N VAL E 1165 -27.74 -105.32 46.16
CA VAL E 1165 -28.32 -106.48 46.84
C VAL E 1165 -29.85 -106.43 46.71
N PHE E 1166 -30.43 -107.52 46.23
CA PHE E 1166 -31.86 -107.56 45.97
C PHE E 1166 -32.60 -108.54 46.88
N ARG E 1167 -33.91 -108.62 46.71
CA ARG E 1167 -34.75 -109.56 47.42
C ARG E 1167 -35.24 -110.63 46.46
N LEU E 1168 -35.44 -111.85 46.96
CA LEU E 1168 -35.78 -112.97 46.10
C LEU E 1168 -37.03 -112.73 45.25
N ILE E 1169 -38.20 -112.77 45.90
CA ILE E 1169 -39.50 -112.48 45.29
C ILE E 1169 -39.62 -113.06 43.87
N PHE E 1170 -40.09 -112.26 42.92
CA PHE E 1170 -40.01 -112.62 41.52
C PHE E 1170 -38.75 -111.99 40.92
N SER E 1171 -38.80 -110.68 40.72
CA SER E 1171 -37.61 -109.92 40.32
C SER E 1171 -37.69 -108.50 40.86
N CYS E 1172 -36.56 -107.97 41.34
CA CYS E 1172 -36.51 -106.59 41.79
C CYS E 1172 -35.29 -105.84 41.26
N ASN E 1173 -35.52 -104.85 40.41
CA ASN E 1173 -34.47 -103.96 39.96
C ASN E 1173 -34.47 -102.64 40.74
N GLN E 1174 -35.40 -102.53 41.67
CA GLN E 1174 -35.64 -101.26 42.37
C GLN E 1174 -34.76 -101.09 43.61
N LEU E 1175 -34.12 -99.92 43.70
CA LEU E 1175 -33.32 -99.55 44.86
C LEU E 1175 -33.75 -98.17 45.36
N ARG E 1176 -33.52 -97.18 44.51
CA ARG E 1176 -33.93 -95.79 44.76
C ARG E 1176 -33.39 -95.21 46.07
N TYR E 1177 -34.24 -94.46 46.78
CA TYR E 1177 -33.82 -93.76 47.99
C TYR E 1177 -34.17 -94.54 49.26
N GLU E 1178 -34.78 -95.71 49.09
CA GLU E 1178 -35.17 -96.54 50.22
C GLU E 1178 -33.97 -96.90 51.10
N GLN E 1179 -33.03 -97.64 50.54
CA GLN E 1179 -31.81 -98.00 51.24
C GLN E 1179 -30.60 -97.93 50.32
N ILE E 1180 -29.41 -97.84 50.91
CA ILE E 1180 -28.17 -97.83 50.14
C ILE E 1180 -27.40 -99.13 50.36
N CYS E 1181 -27.19 -99.89 49.29
CA CYS E 1181 -26.54 -101.19 49.40
C CYS E 1181 -25.07 -101.14 48.97
N GLU E 1182 -24.19 -101.24 49.96
CA GLU E 1182 -22.74 -101.25 49.76
C GLU E 1182 -22.26 -100.11 48.87
N GLU E 1183 -21.26 -100.42 48.03
CA GLU E 1183 -20.61 -99.52 47.07
C GLU E 1183 -19.59 -100.32 46.27
N GLU E 1184 -19.19 -99.80 45.12
CA GLU E 1184 -18.04 -100.34 44.41
C GLU E 1184 -17.15 -99.21 43.91
N ILE E 1185 -15.96 -99.08 44.49
CA ILE E 1185 -15.04 -98.00 44.12
C ILE E 1185 -13.92 -98.39 43.17
N ALA E 1186 -13.78 -99.67 42.84
CA ALA E 1186 -12.63 -100.14 42.09
C ALA E 1186 -12.96 -101.01 40.89
N GLN E 1187 -13.47 -102.21 41.18
CA GLN E 1187 -13.63 -103.26 40.18
C GLN E 1187 -14.44 -102.81 38.95
N LYS E 1188 -13.97 -103.22 37.78
CA LYS E 1188 -14.63 -102.90 36.52
C LYS E 1188 -14.86 -104.16 35.68
N ALA E 1189 -13.78 -104.85 35.30
CA ALA E 1189 -13.87 -106.06 34.50
C ALA E 1189 -13.55 -107.29 35.35
N LYS E 1190 -14.18 -108.41 34.99
CA LYS E 1190 -13.95 -109.69 35.65
C LYS E 1190 -14.24 -109.68 37.15
N ILE E 1191 -15.45 -109.25 37.52
CA ILE E 1191 -15.90 -109.40 38.90
C ILE E 1191 -15.98 -110.89 39.21
N SER E 1192 -15.64 -111.28 40.43
CA SER E 1192 -15.48 -112.70 40.73
C SER E 1192 -16.59 -113.32 41.58
N TYR E 1193 -16.53 -113.07 42.88
CA TYR E 1193 -17.36 -113.82 43.83
C TYR E 1193 -17.72 -113.03 45.08
N LEU E 1194 -18.30 -113.75 46.04
CA LEU E 1194 -18.53 -113.28 47.41
C LEU E 1194 -19.16 -114.42 48.21
N VAL E 1195 -19.03 -114.37 49.53
CA VAL E 1195 -19.46 -115.46 50.41
C VAL E 1195 -19.99 -114.98 51.75
N ALA E 1196 -20.62 -115.89 52.48
CA ALA E 1196 -21.02 -115.63 53.85
C ALA E 1196 -19.79 -115.44 54.73
N THR E 1197 -19.97 -114.77 55.86
CA THR E 1197 -18.87 -114.40 56.74
C THR E 1197 -19.33 -114.26 58.17
N ASP E 1198 -18.49 -113.66 59.00
CA ASP E 1198 -18.81 -113.41 60.41
C ASP E 1198 -19.91 -112.35 60.47
N ASP E 1199 -20.27 -111.92 61.68
CA ASP E 1199 -21.45 -111.08 61.93
C ASP E 1199 -21.63 -109.94 60.94
N GLY E 1200 -20.68 -109.01 60.90
CA GLY E 1200 -20.80 -107.86 60.03
C GLY E 1200 -20.82 -108.17 58.55
N THR E 1201 -21.89 -107.72 57.89
CA THR E 1201 -22.08 -107.73 56.43
C THR E 1201 -21.65 -109.01 55.69
N MET E 1202 -20.98 -108.85 54.55
CA MET E 1202 -20.53 -109.97 53.73
C MET E 1202 -19.29 -109.60 52.93
N LEU E 1203 -18.46 -110.60 52.62
CA LEU E 1203 -17.17 -110.36 51.99
C LEU E 1203 -17.11 -110.83 50.53
N ALA E 1204 -16.41 -110.07 49.70
CA ALA E 1204 -16.19 -110.42 48.30
C ALA E 1204 -14.69 -110.63 48.04
N MET E 1205 -14.35 -111.37 46.99
CA MET E 1205 -12.96 -111.76 46.78
C MET E 1205 -12.46 -111.70 45.34
N GLY E 1206 -11.23 -112.19 45.17
CA GLY E 1206 -10.56 -112.31 43.87
C GLY E 1206 -9.57 -111.19 43.60
N PHE E 1207 -8.46 -111.55 42.98
CA PHE E 1207 -7.42 -110.59 42.61
C PHE E 1207 -7.43 -110.20 41.14
N GLU E 1208 -8.34 -110.78 40.35
CA GLU E 1208 -8.31 -110.59 38.91
C GLU E 1208 -8.72 -109.18 38.49
N ASN E 1209 -7.85 -108.53 37.72
CA ASN E 1209 -8.09 -107.18 37.19
C ASN E 1209 -8.47 -106.18 38.26
N GLY E 1210 -7.87 -106.30 39.44
CA GLY E 1210 -8.18 -105.41 40.54
C GLY E 1210 -7.96 -106.06 41.89
N THR E 1211 -8.64 -105.56 42.90
CA THR E 1211 -8.51 -106.10 44.25
C THR E 1211 -9.87 -106.48 44.84
N LEU E 1212 -9.85 -107.02 46.05
CA LEU E 1212 -11.09 -107.39 46.74
C LEU E 1212 -11.41 -106.37 47.83
N GLU E 1213 -12.70 -106.11 48.03
CA GLU E 1213 -13.13 -105.07 48.96
C GLU E 1213 -14.28 -105.53 49.87
N LEU E 1214 -14.46 -104.79 50.96
CA LEU E 1214 -15.51 -105.09 51.93
C LEU E 1214 -16.43 -103.89 52.13
N PHE E 1215 -17.74 -104.15 52.10
CA PHE E 1215 -18.73 -103.10 52.32
C PHE E 1215 -19.92 -103.65 53.11
N ALA E 1216 -20.74 -102.74 53.63
CA ALA E 1216 -21.86 -103.11 54.49
C ALA E 1216 -23.19 -103.02 53.76
N VAL E 1217 -24.14 -103.87 54.15
CA VAL E 1217 -25.46 -103.90 53.52
C VAL E 1217 -26.17 -102.56 53.59
N GLU E 1218 -26.37 -102.04 54.80
CA GLU E 1218 -27.09 -100.79 54.99
C GLU E 1218 -26.16 -99.57 55.13
N ASN E 1219 -24.86 -99.82 55.14
CA ASN E 1219 -23.89 -98.75 55.37
C ASN E 1219 -22.59 -98.96 54.59
N ARG E 1220 -21.57 -98.17 54.91
CA ARG E 1220 -20.24 -98.35 54.32
C ARG E 1220 -19.21 -98.60 55.42
N LYS E 1221 -18.28 -99.52 55.16
CA LYS E 1221 -17.29 -99.89 56.17
C LYS E 1221 -15.90 -100.07 55.55
N VAL E 1222 -14.96 -100.53 56.37
CA VAL E 1222 -13.58 -100.73 55.95
C VAL E 1222 -13.47 -101.91 54.98
N GLN E 1223 -12.40 -101.95 54.20
CA GLN E 1223 -12.18 -103.03 53.25
C GLN E 1223 -10.88 -103.76 53.54
N LEU E 1224 -10.74 -104.97 53.00
CA LEU E 1224 -9.64 -105.86 53.34
C LEU E 1224 -8.34 -105.53 52.62
N ILE E 1225 -7.39 -106.45 52.71
CA ILE E 1225 -6.03 -106.26 52.21
C ILE E 1225 -5.91 -106.15 50.69
N TYR E 1226 -4.78 -105.62 50.24
CA TYR E 1226 -4.46 -105.55 48.81
C TYR E 1226 -4.33 -106.92 48.20
N SER E 1227 -4.43 -106.99 46.87
CA SER E 1227 -3.88 -108.12 46.15
C SER E 1227 -2.42 -108.21 46.56
N ILE E 1228 -1.94 -109.43 46.84
CA ILE E 1228 -0.68 -109.63 47.55
C ILE E 1228 0.48 -108.80 46.99
N GLU E 1229 1.02 -109.19 45.84
CA GLU E 1229 1.96 -108.33 45.12
C GLU E 1229 1.67 -108.28 43.63
N GLU E 1230 1.89 -109.42 42.98
CA GLU E 1230 1.87 -109.51 41.52
C GLU E 1230 0.46 -109.45 40.94
N VAL E 1231 0.39 -109.09 39.66
CA VAL E 1231 -0.86 -109.14 38.92
C VAL E 1231 -0.98 -110.49 38.24
N HIS E 1232 -1.99 -110.64 37.38
CA HIS E 1232 -2.22 -111.90 36.65
C HIS E 1232 -2.38 -113.07 37.61
N GLU E 1233 -3.51 -113.08 38.33
CA GLU E 1233 -3.80 -114.10 39.33
C GLU E 1233 -3.85 -115.48 38.68
N HIS E 1234 -3.44 -116.51 39.43
CA HIS E 1234 -3.42 -117.87 38.92
C HIS E 1234 -4.85 -118.39 38.67
N CYS E 1235 -4.94 -119.45 37.88
CA CYS E 1235 -6.22 -119.96 37.36
C CYS E 1235 -7.31 -120.09 38.42
N ILE E 1236 -6.98 -120.61 39.59
CA ILE E 1236 -7.97 -120.69 40.67
C ILE E 1236 -7.88 -119.49 41.60
N ARG E 1237 -8.94 -118.68 41.58
CA ARG E 1237 -8.99 -117.46 42.38
C ARG E 1237 -9.72 -117.67 43.70
N GLN E 1238 -10.13 -118.91 43.96
CA GLN E 1238 -10.87 -119.24 45.18
C GLN E 1238 -10.04 -118.98 46.44
N LEU E 1239 -10.71 -118.51 47.48
CA LEU E 1239 -10.07 -118.23 48.76
C LEU E 1239 -10.33 -119.34 49.76
N LEU E 1240 -9.36 -119.58 50.64
CA LEU E 1240 -9.42 -120.69 51.57
C LEU E 1240 -10.03 -120.27 52.90
N PHE E 1241 -11.23 -120.75 53.20
CA PHE E 1241 -11.92 -120.38 54.43
C PHE E 1241 -12.99 -121.37 54.87
N SER E 1242 -13.31 -121.34 56.15
CA SER E 1242 -14.51 -121.97 56.68
C SER E 1242 -15.48 -120.87 57.08
N PRO E 1243 -16.72 -120.93 56.58
CA PRO E 1243 -17.60 -119.75 56.63
C PRO E 1243 -17.89 -119.22 58.04
N CYS E 1244 -18.30 -120.07 58.98
CA CYS E 1244 -18.52 -119.61 60.35
C CYS E 1244 -17.28 -119.84 61.24
N LYS E 1245 -16.35 -120.64 60.74
CA LYS E 1245 -15.16 -121.02 61.51
C LYS E 1245 -13.93 -120.19 61.15
N LEU E 1246 -14.11 -119.19 60.29
CA LEU E 1246 -12.99 -118.49 59.66
C LEU E 1246 -11.93 -117.97 60.62
N LEU E 1247 -10.69 -118.40 60.39
CA LEU E 1247 -9.54 -117.94 61.15
C LEU E 1247 -8.42 -117.56 60.19
N LEU E 1248 -7.89 -118.57 59.49
CA LEU E 1248 -6.80 -118.36 58.53
C LEU E 1248 -7.32 -117.90 57.17
N ILE E 1249 -6.53 -117.05 56.52
CA ILE E 1249 -6.83 -116.59 55.16
C ILE E 1249 -5.58 -116.70 54.29
N SER E 1250 -5.68 -117.43 53.18
CA SER E 1250 -4.52 -117.68 52.34
C SER E 1250 -4.69 -117.14 50.92
N CYS E 1251 -3.80 -116.24 50.52
CA CYS E 1251 -3.81 -115.68 49.17
C CYS E 1251 -2.40 -115.48 48.63
N ALA E 1252 -2.17 -115.88 47.39
CA ALA E 1252 -0.87 -115.70 46.74
C ALA E 1252 -1.00 -115.75 45.22
N GLU E 1253 0.02 -115.26 44.52
CA GLU E 1253 0.02 -115.31 43.06
C GLU E 1253 0.94 -116.40 42.52
N GLN E 1254 2.25 -116.17 42.58
CA GLN E 1254 3.20 -117.10 41.99
C GLN E 1254 4.25 -117.61 42.98
N LEU E 1255 5.22 -116.75 43.30
CA LEU E 1255 6.39 -117.14 44.08
C LEU E 1255 6.21 -116.82 45.57
N CYS E 1256 5.05 -116.27 45.92
CA CYS E 1256 4.79 -115.80 47.28
C CYS E 1256 4.98 -116.89 48.34
N PHE E 1257 5.41 -116.48 49.53
CA PHE E 1257 5.68 -117.39 50.64
C PHE E 1257 4.40 -117.76 51.38
N TRP E 1258 4.56 -118.36 52.55
CA TRP E 1258 3.44 -118.82 53.37
C TRP E 1258 2.39 -117.73 53.59
N ASN E 1259 1.13 -118.07 53.35
CA ASN E 1259 0.05 -117.11 53.30
C ASN E 1259 -0.71 -116.94 54.61
N VAL E 1260 -0.27 -117.64 55.65
CA VAL E 1260 -1.04 -117.70 56.90
C VAL E 1260 -1.27 -116.34 57.56
N THR E 1261 -2.54 -116.02 57.77
CA THR E 1261 -2.95 -114.83 58.51
C THR E 1261 -4.15 -115.18 59.38
N HIS E 1262 -4.07 -114.88 60.67
CA HIS E 1262 -5.16 -115.24 61.58
C HIS E 1262 -5.57 -114.10 62.49
N MET E 1263 -6.58 -114.34 63.31
CA MET E 1263 -7.07 -113.35 64.25
C MET E 1263 -6.97 -113.87 65.69
N ARG E 1264 -6.86 -112.96 66.64
CA ARG E 1264 -6.73 -113.32 68.05
C ARG E 1264 -8.08 -113.26 68.77
N HIS F 8 47.17 -5.34 8.20
CA HIS F 8 46.59 -6.67 8.32
C HIS F 8 47.63 -7.73 8.22
N GLN F 9 48.67 -7.43 7.43
CA GLN F 9 49.33 -8.48 6.66
C GLN F 9 49.68 -9.66 7.53
N TYR F 10 49.27 -10.83 7.07
CA TYR F 10 49.45 -12.05 7.80
C TYR F 10 50.91 -12.46 7.72
N GLN F 11 51.26 -13.55 8.38
CA GLN F 11 52.64 -13.91 8.63
C GLN F 11 52.75 -15.41 8.50
N TYR F 12 53.75 -15.88 7.75
CA TYR F 12 53.72 -17.27 7.32
C TYR F 12 53.39 -18.23 8.44
N LYS F 13 54.03 -18.07 9.59
CA LYS F 13 53.76 -19.03 10.67
C LYS F 13 52.32 -18.91 11.15
N ASP F 14 51.66 -17.80 10.88
CA ASP F 14 50.24 -17.77 11.16
C ASP F 14 49.51 -18.70 10.22
N ILE F 15 49.72 -18.52 8.93
CA ILE F 15 48.90 -19.15 7.93
C ILE F 15 49.36 -20.56 7.64
N LEU F 16 50.64 -20.85 7.83
CA LEU F 16 51.20 -22.10 7.33
C LEU F 16 50.40 -23.29 7.79
N SER F 17 49.95 -23.28 9.03
CA SER F 17 49.28 -24.46 9.56
C SER F 17 47.99 -24.77 8.85
N VAL F 18 47.53 -23.94 7.93
CA VAL F 18 46.19 -24.17 7.42
C VAL F 18 46.22 -25.38 6.51
N PHE F 19 46.78 -25.24 5.34
CA PHE F 19 46.74 -26.34 4.40
C PHE F 19 47.83 -27.31 4.80
N GLU F 20 47.43 -28.54 5.05
CA GLU F 20 48.30 -29.66 5.29
C GLU F 20 48.07 -30.75 4.27
N ASP F 21 46.81 -31.16 4.09
CA ASP F 21 46.51 -32.35 3.32
C ASP F 21 47.30 -32.37 2.02
N ALA F 22 47.18 -31.31 1.24
CA ALA F 22 48.04 -31.17 0.07
C ALA F 22 49.49 -31.35 0.48
N PHE F 23 49.91 -30.58 1.49
CA PHE F 23 51.27 -30.66 1.96
C PHE F 23 51.57 -32.03 2.51
N VAL F 24 50.56 -32.65 3.13
CA VAL F 24 50.71 -34.01 3.63
C VAL F 24 51.04 -34.98 2.50
N ASP F 25 50.05 -35.21 1.65
CA ASP F 25 50.04 -36.35 0.76
C ASP F 25 51.26 -36.38 -0.16
N ASN F 26 51.37 -35.38 -1.02
CA ASN F 26 52.28 -35.43 -2.15
C ASN F 26 53.71 -35.06 -1.78
N PHE F 27 54.00 -34.85 -0.52
CA PHE F 27 55.33 -34.49 -0.08
C PHE F 27 55.71 -35.25 1.19
N ASP F 28 56.99 -35.63 1.27
CA ASP F 28 57.52 -36.29 2.46
C ASP F 28 58.80 -35.59 2.86
N CYS F 29 58.96 -35.37 4.16
CA CYS F 29 60.18 -34.73 4.63
C CYS F 29 61.43 -35.50 4.22
N LYS F 30 61.44 -36.81 4.49
CA LYS F 30 62.63 -37.61 4.20
C LYS F 30 63.11 -37.40 2.78
N ASP F 31 62.18 -37.10 1.88
CA ASP F 31 62.50 -36.85 0.49
C ASP F 31 63.60 -35.81 0.42
N VAL F 32 63.52 -34.81 1.28
CA VAL F 32 64.42 -33.67 1.22
C VAL F 32 65.01 -33.44 2.59
N GLN F 33 66.31 -33.64 2.72
CA GLN F 33 67.09 -32.91 3.70
C GLN F 33 68.07 -32.05 2.90
N ASP F 34 67.70 -30.80 2.69
CA ASP F 34 68.67 -29.81 2.26
C ASP F 34 69.36 -29.19 3.46
N MET F 35 68.57 -28.87 4.46
CA MET F 35 69.06 -28.56 5.80
C MET F 35 70.00 -27.38 5.88
N PRO F 36 69.60 -26.19 5.44
CA PRO F 36 70.35 -25.01 5.86
C PRO F 36 70.27 -24.92 7.37
N LYS F 37 71.44 -24.87 8.02
CA LYS F 37 71.48 -25.28 9.41
C LYS F 37 70.72 -24.35 10.33
N SER F 38 70.66 -23.06 10.01
CA SER F 38 69.92 -22.15 10.88
C SER F 38 68.45 -22.49 10.92
N ILE F 39 67.91 -22.95 9.79
CA ILE F 39 66.47 -23.08 9.70
C ILE F 39 65.99 -24.33 10.41
N LEU F 40 66.81 -25.37 10.45
CA LEU F 40 66.50 -26.60 11.17
C LEU F 40 67.79 -27.14 11.75
N SER F 41 67.75 -27.56 13.00
CA SER F 41 68.97 -28.17 13.49
C SER F 41 69.12 -29.56 12.90
N LYS F 42 70.27 -30.17 13.14
CA LYS F 42 70.47 -31.52 12.66
C LYS F 42 69.55 -32.48 13.39
N GLU F 43 69.63 -32.48 14.72
CA GLU F 43 68.76 -33.29 15.54
C GLU F 43 67.30 -33.17 15.12
N GLU F 44 66.90 -32.00 14.66
CA GLU F 44 65.53 -31.79 14.24
C GLU F 44 65.16 -32.83 13.19
N ILE F 45 65.73 -32.70 12.00
CA ILE F 45 65.37 -33.60 10.93
C ILE F 45 65.84 -35.00 11.25
N ASP F 46 66.82 -35.12 12.15
CA ASP F 46 67.13 -36.43 12.68
C ASP F 46 65.89 -37.07 13.27
N HIS F 47 65.07 -36.26 13.95
CA HIS F 47 63.91 -36.81 14.62
C HIS F 47 62.73 -37.02 13.70
N ILE F 48 62.53 -36.13 12.74
CA ILE F 48 61.32 -36.20 11.92
C ILE F 48 61.24 -37.50 11.18
N ILE F 49 62.27 -37.82 10.39
CA ILE F 49 62.19 -38.99 9.53
C ILE F 49 61.91 -40.25 10.32
N MET F 50 62.32 -40.27 11.58
CA MET F 50 62.07 -41.42 12.42
C MET F 50 60.60 -41.77 12.54
N SER F 51 59.71 -40.83 12.24
CA SER F 51 58.29 -41.12 12.32
C SER F 51 57.91 -42.13 11.25
N LYS F 52 56.85 -42.88 11.52
CA LYS F 52 56.58 -44.08 10.73
C LYS F 52 55.71 -43.80 9.52
N ASP F 53 55.07 -42.64 9.48
CA ASP F 53 54.15 -42.37 8.38
C ASP F 53 53.92 -40.87 8.21
N ALA F 54 53.44 -40.52 7.02
CA ALA F 54 53.23 -39.12 6.67
C ALA F 54 52.40 -38.41 7.72
N VAL F 55 51.22 -38.95 8.03
CA VAL F 55 50.31 -38.29 8.96
C VAL F 55 51.03 -37.98 10.26
N SER F 56 51.98 -38.82 10.63
CA SER F 56 52.95 -38.41 11.64
C SER F 56 54.03 -37.55 11.03
N GLY F 57 54.59 -37.99 9.92
CA GLY F 57 55.76 -37.34 9.39
C GLY F 57 55.52 -35.90 9.05
N THR F 58 54.58 -35.65 8.14
CA THR F 58 54.30 -34.27 7.77
C THR F 58 53.94 -33.46 8.99
N LEU F 59 53.31 -34.09 9.95
CA LEU F 59 52.80 -33.33 11.09
C LEU F 59 53.96 -32.77 11.91
N ARG F 60 54.85 -33.63 12.38
CA ARG F 60 55.87 -33.15 13.28
C ARG F 60 56.69 -32.06 12.65
N LEU F 61 56.65 -31.95 11.33
CA LEU F 61 57.29 -30.83 10.68
C LEU F 61 56.74 -29.52 11.23
N PHE F 62 55.45 -29.28 11.01
CA PHE F 62 54.89 -27.99 11.37
C PHE F 62 55.22 -27.61 12.80
N TRP F 63 54.89 -28.49 13.75
CA TRP F 63 55.15 -28.17 15.14
C TRP F 63 56.58 -27.78 15.39
N THR F 64 57.50 -28.28 14.60
CA THR F 64 58.84 -27.76 14.75
C THR F 64 58.93 -26.35 14.23
N LEU F 65 58.48 -26.11 13.00
CA LEU F 65 58.60 -24.77 12.44
C LEU F 65 57.92 -23.74 13.31
N LEU F 66 56.67 -23.94 13.66
CA LEU F 66 55.92 -22.93 14.37
C LEU F 66 56.52 -22.57 15.72
N SER F 67 57.51 -23.31 16.16
CA SER F 67 58.24 -23.00 17.38
C SER F 67 59.41 -22.07 17.13
N LYS F 68 59.53 -21.53 15.93
CA LYS F 68 60.70 -20.75 15.56
C LYS F 68 60.28 -19.34 15.20
N GLN F 69 61.27 -18.46 15.12
CA GLN F 69 61.00 -17.09 14.74
C GLN F 69 60.75 -17.00 13.24
N GLU F 70 59.96 -16.00 12.88
CA GLU F 70 59.37 -15.92 11.54
C GLU F 70 60.40 -15.90 10.43
N GLU F 71 61.56 -15.28 10.67
CA GLU F 71 62.58 -15.22 9.62
C GLU F 71 62.85 -16.59 9.04
N MET F 72 63.16 -17.56 9.90
CA MET F 72 63.45 -18.91 9.45
C MET F 72 62.35 -19.41 8.53
N VAL F 73 61.12 -19.43 9.04
CA VAL F 73 59.98 -19.78 8.20
C VAL F 73 59.96 -18.91 6.96
N GLN F 74 60.07 -17.60 7.15
CA GLN F 74 60.09 -16.69 6.02
C GLN F 74 61.10 -17.13 4.98
N LYS F 75 62.21 -17.72 5.42
CA LYS F 75 63.10 -18.30 4.44
C LYS F 75 62.62 -19.65 3.97
N PHE F 76 61.93 -20.39 4.82
CA PHE F 76 61.57 -21.76 4.46
C PHE F 76 60.60 -21.77 3.29
N VAL F 77 59.66 -20.84 3.28
CA VAL F 77 58.72 -20.79 2.17
C VAL F 77 59.46 -20.50 0.88
N GLU F 78 60.61 -19.84 0.96
CA GLU F 78 61.45 -19.65 -0.21
C GLU F 78 62.25 -20.91 -0.54
N GLU F 79 62.72 -21.60 0.49
CA GLU F 79 63.63 -22.72 0.30
C GLU F 79 63.00 -23.81 -0.56
N VAL F 80 61.69 -24.03 -0.42
CA VAL F 80 61.04 -25.09 -1.18
C VAL F 80 61.17 -24.82 -2.67
N LEU F 81 61.13 -23.55 -3.06
CA LEU F 81 61.32 -23.18 -4.46
C LEU F 81 62.55 -23.83 -5.07
N ARG F 82 63.69 -23.70 -4.40
CA ARG F 82 64.92 -24.26 -4.92
C ARG F 82 64.82 -25.77 -5.08
N ILE F 83 64.01 -26.41 -4.25
CA ILE F 83 63.80 -27.84 -4.38
C ILE F 83 63.04 -28.04 -5.67
N ASN F 84 63.09 -29.26 -6.20
CA ASN F 84 62.48 -29.55 -7.49
C ASN F 84 61.06 -29.02 -7.55
N TYR F 85 60.33 -29.13 -6.45
CA TYR F 85 58.90 -28.83 -6.50
C TYR F 85 58.65 -27.49 -5.86
N LYS F 86 58.28 -26.51 -6.68
CA LYS F 86 57.69 -25.30 -6.17
C LYS F 86 56.18 -25.30 -6.23
N PHE F 87 55.57 -26.26 -6.93
CA PHE F 87 54.13 -26.20 -7.14
C PHE F 87 53.41 -26.05 -5.83
N LEU F 88 53.96 -26.64 -4.78
CA LEU F 88 53.39 -26.56 -3.46
C LEU F 88 53.43 -25.15 -2.91
N MET F 89 54.47 -24.38 -3.24
CA MET F 89 54.58 -23.07 -2.62
C MET F 89 53.89 -21.97 -3.41
N SER F 90 53.35 -22.26 -4.57
CA SER F 90 52.61 -21.17 -5.18
C SER F 90 51.34 -20.89 -4.38
N PRO F 91 50.58 -21.90 -3.93
CA PRO F 91 49.42 -21.55 -3.12
C PRO F 91 49.80 -20.81 -1.86
N ILE F 92 50.78 -21.33 -1.13
CA ILE F 92 51.17 -20.70 0.11
C ILE F 92 51.57 -19.26 -0.09
N LYS F 93 51.90 -18.88 -1.30
CA LYS F 93 52.16 -17.49 -1.60
C LYS F 93 50.87 -16.73 -1.80
N THR F 94 49.73 -17.40 -1.67
CA THR F 94 48.45 -16.70 -1.64
C THR F 94 48.07 -16.27 -0.24
N GLU F 95 48.98 -16.39 0.72
CA GLU F 95 48.93 -15.50 1.87
C GLU F 95 48.59 -14.09 1.44
N GLN F 96 49.51 -13.48 0.71
CA GLN F 96 49.49 -12.04 0.52
C GLN F 96 48.22 -11.61 -0.18
N ARG F 97 47.48 -10.72 0.48
CA ARG F 97 46.22 -10.18 -0.02
C ARG F 97 45.26 -11.28 -0.42
N GLN F 98 45.49 -12.48 0.04
CA GLN F 98 44.42 -13.40 -0.27
C GLN F 98 44.26 -14.43 0.83
N PRO F 99 43.92 -14.04 2.05
CA PRO F 99 43.33 -15.02 2.95
C PRO F 99 42.01 -15.44 2.36
N SER F 100 41.82 -16.74 2.22
CA SER F 100 40.54 -17.14 1.68
C SER F 100 39.43 -16.77 2.65
N MET F 101 38.33 -16.25 2.09
CA MET F 101 37.28 -15.66 2.92
C MET F 101 36.91 -16.56 4.08
N MET F 102 37.01 -17.87 3.87
CA MET F 102 36.99 -18.79 5.00
C MET F 102 38.16 -18.51 5.93
N THR F 103 39.37 -18.74 5.45
CA THR F 103 40.51 -18.94 6.33
C THR F 103 40.59 -17.88 7.43
N ARG F 104 40.20 -16.66 7.12
CA ARG F 104 40.21 -15.65 8.16
C ARG F 104 39.41 -16.08 9.37
N MET F 105 38.30 -16.78 9.15
CA MET F 105 37.54 -17.29 10.27
C MET F 105 38.45 -18.09 11.18
N TYR F 106 39.13 -19.09 10.64
CA TYR F 106 40.11 -19.84 11.39
C TYR F 106 41.12 -18.90 12.02
N ILE F 107 41.95 -18.28 11.19
CA ILE F 107 43.13 -17.59 11.71
C ILE F 107 42.73 -16.59 12.77
N GLU F 108 41.51 -16.08 12.70
CA GLU F 108 41.02 -15.31 13.83
C GLU F 108 40.86 -16.21 15.02
N GLN F 109 40.05 -17.26 14.88
CA GLN F 109 39.49 -17.85 16.07
C GLN F 109 40.54 -18.46 16.97
N ARG F 110 41.52 -19.14 16.41
CA ARG F 110 42.56 -19.70 17.25
C ARG F 110 43.12 -18.65 18.19
N ASP F 111 43.17 -17.40 17.75
CA ASP F 111 43.60 -16.37 18.67
C ASP F 111 42.64 -16.27 19.84
N ARG F 112 41.34 -16.15 19.56
CA ARG F 112 40.39 -16.19 20.65
C ARG F 112 40.52 -17.48 21.43
N LEU F 113 41.12 -18.50 20.83
CA LEU F 113 41.45 -19.67 21.62
C LEU F 113 42.72 -19.46 22.43
N TYR F 114 43.78 -18.94 21.80
CA TYR F 114 44.96 -18.63 22.60
C TYR F 114 44.70 -17.59 23.66
N ASN F 115 43.60 -16.87 23.61
CA ASN F 115 43.39 -15.93 24.69
C ASN F 115 42.86 -16.62 25.92
N ASP F 116 42.82 -17.94 25.88
CA ASP F 116 43.10 -18.75 27.05
C ASP F 116 44.50 -18.49 27.60
N ASN F 117 45.33 -17.71 26.89
CA ASN F 117 46.62 -17.22 27.37
C ASN F 117 47.58 -18.30 27.82
N GLN F 118 47.87 -18.34 29.12
CA GLN F 118 49.02 -19.08 29.61
C GLN F 118 49.21 -20.35 28.85
N VAL F 119 48.08 -20.97 28.60
CA VAL F 119 47.99 -22.36 28.25
C VAL F 119 49.00 -22.69 27.18
N PHE F 120 48.72 -22.32 25.98
CA PHE F 120 49.64 -22.65 24.93
C PHE F 120 50.56 -21.49 24.65
N ALA F 121 50.41 -20.43 25.42
CA ALA F 121 51.28 -19.29 25.28
C ALA F 121 52.70 -19.75 25.38
N LYS F 122 53.13 -20.10 26.57
CA LYS F 122 54.47 -20.63 26.75
C LYS F 122 54.42 -22.13 26.60
N TYR F 123 53.76 -22.78 27.53
CA TYR F 123 54.07 -24.14 27.87
C TYR F 123 53.14 -25.07 27.12
N ASN F 124 53.72 -25.87 26.25
CA ASN F 124 53.39 -27.28 26.11
C ASN F 124 54.29 -27.79 25.03
N VAL F 125 54.51 -29.09 25.02
CA VAL F 125 55.03 -29.73 23.85
C VAL F 125 53.98 -30.75 23.45
N SER F 126 53.01 -30.29 22.66
CA SER F 126 52.16 -31.13 21.83
C SER F 126 51.80 -32.45 22.49
N ARG F 127 51.87 -33.49 21.68
CA ARG F 127 52.18 -34.88 21.94
C ARG F 127 51.87 -35.50 20.60
N LEU F 128 52.10 -36.77 20.40
CA LEU F 128 51.68 -37.30 19.12
C LEU F 128 50.59 -38.34 19.30
N GLN F 129 50.90 -39.48 19.88
CA GLN F 129 49.92 -40.53 19.98
C GLN F 129 48.58 -40.05 20.52
N PRO F 130 48.52 -39.48 21.73
CA PRO F 130 47.20 -39.12 22.24
C PRO F 130 46.52 -38.13 21.34
N TYR F 131 47.29 -37.20 20.80
CA TYR F 131 46.73 -36.33 19.78
C TYR F 131 46.09 -37.16 18.69
N LEU F 132 46.88 -38.04 18.10
CA LEU F 132 46.49 -38.61 16.82
C LEU F 132 45.23 -39.44 16.90
N LYS F 133 45.13 -40.35 17.86
CA LYS F 133 43.88 -41.07 18.02
C LYS F 133 42.72 -40.13 18.12
N LEU F 134 42.90 -39.02 18.83
CA LEU F 134 41.73 -38.22 19.13
C LEU F 134 41.20 -37.56 17.88
N ARG F 135 42.06 -36.88 17.13
CA ARG F 135 41.58 -36.23 15.92
C ARG F 135 40.83 -37.23 15.07
N GLN F 136 41.35 -38.43 14.96
CA GLN F 136 40.66 -39.51 14.28
C GLN F 136 39.22 -39.58 14.72
N ALA F 137 39.00 -39.87 16.00
CA ALA F 137 37.64 -39.96 16.49
C ALA F 137 36.91 -38.63 16.33
N LEU F 138 37.44 -37.57 16.92
CA LEU F 138 36.70 -36.33 17.00
C LEU F 138 36.43 -35.76 15.63
N LEU F 139 37.13 -36.21 14.60
CA LEU F 139 36.71 -35.85 13.27
C LEU F 139 35.40 -36.51 12.88
N GLU F 140 35.18 -37.74 13.36
CA GLU F 140 34.05 -38.51 12.85
C GLU F 140 32.72 -38.08 13.45
N LEU F 141 32.63 -38.02 14.77
CA LEU F 141 31.34 -38.20 15.45
C LEU F 141 30.26 -37.28 14.89
N ARG F 142 29.06 -37.81 14.81
CA ARG F 142 27.89 -37.16 14.25
C ARG F 142 26.98 -36.69 15.38
N PRO F 143 25.91 -35.96 15.11
CA PRO F 143 25.40 -35.09 16.17
C PRO F 143 24.56 -35.73 17.23
N ALA F 144 24.91 -36.91 17.73
CA ALA F 144 24.79 -37.18 19.15
C ALA F 144 25.81 -38.25 19.46
N LYS F 145 26.87 -37.91 20.18
CA LYS F 145 27.95 -38.85 20.44
C LYS F 145 28.78 -38.25 21.55
N ASN F 146 29.90 -38.90 21.84
CA ASN F 146 30.77 -38.41 22.89
C ASN F 146 32.17 -38.93 22.64
N VAL F 147 33.15 -38.26 23.21
CA VAL F 147 34.47 -38.83 23.36
C VAL F 147 34.92 -38.54 24.77
N LEU F 148 35.09 -39.57 25.56
CA LEU F 148 35.70 -39.30 26.85
C LEU F 148 37.16 -39.03 26.68
N ILE F 149 37.70 -38.33 27.65
CA ILE F 149 39.13 -38.34 27.87
C ILE F 149 39.33 -38.60 29.34
N ASP F 150 39.87 -39.75 29.67
CA ASP F 150 40.11 -40.09 31.05
C ASP F 150 41.58 -39.97 31.37
N GLY F 151 41.86 -39.42 32.53
CA GLY F 151 43.22 -39.41 33.03
C GLY F 151 43.24 -39.34 34.53
N VAL F 152 44.32 -39.87 35.08
CA VAL F 152 44.58 -39.72 36.49
C VAL F 152 45.01 -38.30 36.78
N LEU F 153 45.00 -37.92 38.06
CA LEU F 153 45.15 -36.53 38.43
C LEU F 153 46.30 -35.88 37.69
N GLY F 154 46.07 -34.68 37.21
CA GLY F 154 46.96 -34.11 36.23
C GLY F 154 46.88 -34.90 34.94
N SER F 155 48.02 -35.38 34.47
CA SER F 155 48.12 -36.15 33.24
C SER F 155 47.59 -35.40 32.03
N GLY F 156 47.48 -34.08 32.16
CA GLY F 156 47.28 -33.20 31.04
C GLY F 156 46.18 -33.53 30.07
N LYS F 157 44.99 -33.82 30.57
CA LYS F 157 43.90 -34.02 29.63
C LYS F 157 43.40 -32.69 29.10
N THR F 158 43.18 -31.71 29.98
CA THR F 158 42.64 -30.42 29.56
C THR F 158 43.42 -29.80 28.42
N TRP F 159 44.67 -30.19 28.25
CA TRP F 159 45.48 -29.60 27.21
C TRP F 159 45.30 -30.34 25.91
N VAL F 160 45.64 -31.63 25.89
CA VAL F 160 45.37 -32.43 24.70
C VAL F 160 43.94 -32.20 24.24
N ALA F 161 43.05 -31.96 25.18
CA ALA F 161 41.73 -31.46 24.85
C ALA F 161 41.83 -30.27 23.91
N LEU F 162 42.38 -29.15 24.41
CA LEU F 162 42.49 -27.99 23.55
C LEU F 162 43.22 -28.34 22.27
N ASP F 163 44.47 -28.76 22.39
CA ASP F 163 45.37 -28.71 21.25
C ASP F 163 44.74 -29.29 20.00
N VAL F 164 44.11 -30.45 20.09
CA VAL F 164 43.46 -30.95 18.89
C VAL F 164 42.38 -30.02 18.41
N CYS F 165 41.59 -29.46 19.31
CA CYS F 165 40.56 -28.53 18.92
C CYS F 165 41.12 -27.28 18.25
N LEU F 166 42.41 -27.08 18.33
CA LEU F 166 43.03 -25.97 17.61
C LEU F 166 43.31 -26.32 16.16
N SER F 167 43.56 -27.58 15.85
CA SER F 167 44.05 -27.93 14.53
C SER F 167 42.99 -27.67 13.47
N TYR F 168 43.43 -27.08 12.36
CA TYR F 168 42.51 -26.58 11.36
C TYR F 168 41.46 -27.59 10.99
N LYS F 169 41.89 -28.70 10.40
CA LYS F 169 40.95 -29.59 9.73
C LYS F 169 39.77 -29.93 10.63
N VAL F 170 40.00 -30.03 11.93
CA VAL F 170 38.88 -30.03 12.86
C VAL F 170 38.08 -28.76 12.73
N GLN F 171 38.72 -27.64 13.04
CA GLN F 171 38.03 -26.38 13.21
C GLN F 171 37.12 -26.08 12.03
N CYS F 172 37.46 -26.58 10.85
CA CYS F 172 36.63 -26.38 9.69
C CYS F 172 35.48 -27.37 9.66
N LYS F 173 35.71 -28.57 10.15
CA LYS F 173 34.63 -29.56 10.18
C LYS F 173 33.46 -29.06 10.99
N MET F 174 33.72 -28.35 12.07
CA MET F 174 32.70 -28.01 13.02
C MET F 174 32.17 -26.61 12.86
N ASP F 175 32.57 -25.91 11.82
CA ASP F 175 32.09 -24.58 11.49
C ASP F 175 32.42 -23.56 12.56
N PHE F 176 33.63 -23.56 13.09
CA PHE F 176 34.14 -22.39 13.78
C PHE F 176 33.28 -22.01 14.97
N LYS F 177 32.50 -22.94 15.48
CA LYS F 177 31.71 -22.73 16.68
C LYS F 177 32.18 -23.75 17.69
N ILE F 178 32.86 -23.31 18.73
CA ILE F 178 33.30 -24.21 19.78
C ILE F 178 33.14 -23.53 21.13
N PHE F 179 32.39 -24.15 22.03
CA PHE F 179 32.01 -23.51 23.26
C PHE F 179 32.63 -24.24 24.43
N TRP F 180 33.34 -23.51 25.25
CA TRP F 180 34.03 -24.11 26.38
C TRP F 180 33.24 -23.86 27.63
N LEU F 181 33.26 -24.81 28.55
CA LEU F 181 32.72 -24.60 29.88
C LEU F 181 33.68 -25.16 30.90
N ASN F 182 33.31 -25.01 32.16
CA ASN F 182 33.92 -25.78 33.23
C ASN F 182 32.85 -26.19 34.19
N LEU F 183 32.76 -27.46 34.45
CA LEU F 183 31.93 -27.92 35.53
C LEU F 183 32.72 -28.02 36.81
N LYS F 184 33.93 -27.49 36.81
CA LYS F 184 34.88 -27.61 37.90
C LYS F 184 34.21 -27.41 39.25
N ASN F 185 33.30 -26.48 39.34
CA ASN F 185 32.39 -26.43 40.47
C ASN F 185 31.01 -26.70 39.90
N CYS F 186 30.53 -27.92 40.06
CA CYS F 186 29.15 -28.25 39.70
C CYS F 186 28.60 -29.20 40.74
N ASN F 187 27.63 -28.75 41.50
CA ASN F 187 26.93 -29.59 42.46
C ASN F 187 25.56 -29.01 42.69
N SER F 188 24.57 -29.86 42.92
CA SER F 188 23.24 -29.41 43.31
C SER F 188 22.59 -28.67 42.15
N PRO F 189 21.28 -28.52 42.16
CA PRO F 189 20.63 -27.82 41.05
C PRO F 189 21.11 -26.41 40.88
N GLU F 190 21.22 -25.63 41.96
CA GLU F 190 21.53 -24.22 41.82
C GLU F 190 22.73 -24.00 40.91
N THR F 191 23.88 -24.52 41.32
CA THR F 191 25.10 -24.29 40.55
C THR F 191 24.91 -24.65 39.09
N VAL F 192 24.30 -25.81 38.82
CA VAL F 192 24.09 -26.20 37.43
C VAL F 192 23.42 -25.09 36.66
N LEU F 193 22.34 -24.55 37.21
CA LEU F 193 21.64 -23.47 36.52
C LEU F 193 22.61 -22.41 36.09
N GLU F 194 23.49 -21.99 37.00
CA GLU F 194 24.50 -21.02 36.63
C GLU F 194 25.28 -21.51 35.44
N MET F 195 26.14 -22.49 35.68
CA MET F 195 27.12 -22.83 34.67
C MET F 195 26.44 -23.31 33.41
N LEU F 196 25.15 -23.62 33.51
CA LEU F 196 24.37 -23.78 32.31
C LEU F 196 24.00 -22.43 31.73
N GLN F 197 23.51 -21.52 32.57
CA GLN F 197 22.94 -20.32 32.02
C GLN F 197 23.99 -19.51 31.28
N LYS F 198 25.22 -19.53 31.76
CA LYS F 198 26.29 -18.89 31.01
C LYS F 198 26.30 -19.38 29.59
N LEU F 199 26.32 -20.70 29.41
CA LEU F 199 26.35 -21.25 28.07
C LEU F 199 25.29 -20.62 27.21
N LEU F 200 24.15 -20.29 27.80
CA LEU F 200 23.09 -19.75 26.98
C LEU F 200 23.52 -18.45 26.32
N TYR F 201 24.11 -17.55 27.09
CA TYR F 201 24.43 -16.25 26.53
C TYR F 201 25.37 -16.37 25.35
N GLN F 202 26.39 -17.22 25.47
CA GLN F 202 27.35 -17.28 24.37
C GLN F 202 26.68 -17.64 23.07
N ILE F 203 25.58 -18.38 23.10
CA ILE F 203 24.98 -18.76 21.84
C ILE F 203 24.24 -17.60 21.22
N ASP F 204 23.42 -16.93 21.92
CA ASP F 204 22.78 -15.74 21.41
C ASP F 204 22.76 -14.75 22.56
N PRO F 205 23.04 -13.48 22.30
CA PRO F 205 22.84 -12.50 23.36
C PRO F 205 21.41 -12.01 23.43
N ASN F 206 20.44 -12.91 23.35
CA ASN F 206 19.09 -12.57 23.74
C ASN F 206 18.49 -13.72 24.52
N TRP F 207 18.25 -13.50 25.81
CA TRP F 207 17.32 -14.39 26.46
C TRP F 207 16.48 -13.61 27.44
N THR F 208 15.17 -13.64 27.22
CA THR F 208 14.22 -13.05 28.15
C THR F 208 13.97 -14.07 29.25
N SER F 209 13.76 -13.56 30.44
CA SER F 209 13.43 -14.35 31.62
C SER F 209 12.09 -15.05 31.50
N ARG F 210 11.41 -14.87 30.37
CA ARG F 210 9.96 -15.01 30.27
C ARG F 210 9.42 -16.23 30.97
N SER F 211 10.11 -17.36 30.86
CA SER F 211 9.71 -18.53 31.63
C SER F 211 9.82 -18.20 33.12
N ASP F 212 8.72 -18.40 33.82
CA ASP F 212 8.52 -17.72 35.10
C ASP F 212 9.61 -18.07 36.09
N HIS F 213 9.79 -17.20 37.07
CA HIS F 213 10.86 -17.26 38.04
C HIS F 213 10.47 -18.19 39.17
N SER F 214 9.42 -18.97 38.95
CA SER F 214 8.80 -19.79 39.97
C SER F 214 9.85 -20.53 40.78
N SER F 215 9.69 -20.49 42.10
CA SER F 215 10.76 -20.83 43.02
C SER F 215 11.25 -22.26 42.87
N ASN F 216 10.58 -23.07 42.05
CA ASN F 216 11.04 -24.43 41.91
C ASN F 216 12.22 -24.44 40.97
N ILE F 217 13.39 -24.66 41.58
CA ILE F 217 14.64 -24.70 40.86
C ILE F 217 14.67 -25.87 39.90
N LYS F 218 14.11 -26.99 40.32
CA LYS F 218 14.14 -28.18 39.47
C LYS F 218 13.35 -27.93 38.20
N LEU F 219 12.15 -27.38 38.33
CA LEU F 219 11.42 -27.03 37.14
C LEU F 219 12.23 -26.09 36.27
N ARG F 220 12.81 -25.07 36.89
CA ARG F 220 13.28 -23.91 36.14
C ARG F 220 14.28 -24.31 35.08
N ILE F 221 15.31 -25.05 35.46
CA ILE F 221 16.30 -25.42 34.45
C ILE F 221 15.62 -26.16 33.34
N HIS F 222 14.71 -27.08 33.67
CA HIS F 222 14.13 -27.89 32.64
C HIS F 222 13.35 -27.04 31.66
N SER F 223 13.10 -25.79 32.02
CA SER F 223 12.61 -24.84 31.02
C SER F 223 13.76 -24.33 30.17
N ILE F 224 14.84 -23.89 30.79
CA ILE F 224 15.99 -23.44 30.02
C ILE F 224 16.44 -24.55 29.10
N GLN F 225 16.75 -25.70 29.67
CA GLN F 225 17.27 -26.81 28.90
C GLN F 225 16.39 -27.09 27.71
N ALA F 226 15.08 -26.93 27.85
CA ALA F 226 14.24 -26.93 26.67
C ALA F 226 14.66 -25.83 25.72
N GLU F 227 14.46 -24.57 26.12
CA GLU F 227 14.69 -23.44 25.24
C GLU F 227 16.01 -23.57 24.52
N LEU F 228 17.02 -24.09 25.21
CA LEU F 228 18.28 -24.38 24.57
C LEU F 228 18.11 -25.44 23.50
N ARG F 229 17.61 -26.62 23.88
CA ARG F 229 17.66 -27.78 23.00
C ARG F 229 17.16 -27.43 21.61
N ARG F 230 16.01 -26.79 21.52
CA ARG F 230 15.53 -26.40 20.21
C ARG F 230 16.56 -25.55 19.51
N LEU F 231 16.93 -24.44 20.13
CA LEU F 231 17.77 -23.45 19.45
C LEU F 231 19.03 -24.09 18.89
N LEU F 232 19.67 -24.93 19.68
CA LEU F 232 20.93 -25.50 19.25
C LEU F 232 20.78 -26.24 17.93
N LYS F 233 20.11 -27.39 17.97
CA LYS F 233 20.00 -28.19 16.76
C LYS F 233 19.22 -27.51 15.67
N SER F 234 18.49 -26.45 16.01
CA SER F 234 17.62 -25.81 15.03
C SER F 234 18.40 -25.34 13.82
N LYS F 235 19.16 -24.29 13.98
CA LYS F 235 19.58 -23.48 12.86
C LYS F 235 21.00 -23.87 12.48
N PRO F 236 21.59 -23.21 11.50
CA PRO F 236 23.04 -23.08 11.50
C PRO F 236 23.44 -22.70 12.91
N TYR F 237 24.59 -23.17 13.37
CA TYR F 237 24.74 -23.91 14.62
C TYR F 237 24.28 -25.36 14.49
N GLU F 238 24.28 -25.94 13.30
CA GLU F 238 23.87 -27.33 13.20
C GLU F 238 24.98 -28.23 13.70
N ASN F 239 26.22 -27.88 13.41
CA ASN F 239 27.36 -28.63 13.90
C ASN F 239 28.11 -27.75 14.86
N CYS F 240 27.98 -28.04 16.14
CA CYS F 240 28.78 -27.36 17.15
C CYS F 240 29.26 -28.45 18.07
N LEU F 241 30.22 -28.12 18.92
CA LEU F 241 30.50 -29.01 20.03
C LEU F 241 30.65 -28.19 21.29
N LEU F 242 29.90 -28.59 22.31
CA LEU F 242 30.27 -28.20 23.64
C LEU F 242 31.57 -28.87 23.99
N VAL F 243 32.24 -28.36 24.99
CA VAL F 243 33.31 -29.11 25.63
C VAL F 243 33.10 -28.97 27.11
N LEU F 244 33.34 -30.03 27.84
CA LEU F 244 33.16 -30.01 29.27
C LEU F 244 34.49 -30.39 29.90
N LEU F 245 35.02 -29.52 30.71
CA LEU F 245 36.26 -29.82 31.37
C LEU F 245 35.98 -30.17 32.81
N ASN F 246 36.56 -31.27 33.27
CA ASN F 246 36.47 -31.68 34.65
C ASN F 246 35.03 -31.94 35.06
N VAL F 247 34.35 -32.77 34.29
CA VAL F 247 33.00 -33.14 34.69
C VAL F 247 33.06 -33.75 36.08
N GLN F 248 32.39 -33.10 37.03
CA GLN F 248 32.45 -33.56 38.43
C GLN F 248 31.23 -34.27 38.99
N ASN F 249 30.09 -34.14 38.32
CA ASN F 249 28.88 -34.80 38.79
C ASN F 249 28.40 -35.80 37.76
N ALA F 250 28.15 -37.03 38.20
CA ALA F 250 27.71 -37.98 37.27
C ALA F 250 26.48 -37.68 36.75
N ALA F 252 25.22 -34.18 36.50
CA ALA F 252 25.64 -33.08 35.77
C ALA F 252 25.41 -33.46 34.40
N TRP F 253 26.45 -34.33 34.02
CA TRP F 253 26.25 -34.71 32.64
C TRP F 253 24.83 -34.40 32.19
N ASN F 254 23.85 -35.08 32.80
CA ASN F 254 22.49 -35.08 32.28
C ASN F 254 21.92 -33.69 32.18
N ALA F 255 22.58 -32.72 32.80
CA ALA F 255 22.28 -31.36 32.47
C ALA F 255 22.29 -31.20 30.97
N PHE F 256 23.42 -31.44 30.34
CA PHE F 256 23.71 -30.93 29.01
C PHE F 256 23.34 -31.89 27.90
N ASN F 257 22.71 -33.02 28.22
CA ASN F 257 22.50 -34.11 27.28
C ASN F 257 22.01 -33.63 25.92
N LEU F 258 21.17 -32.61 25.94
CA LEU F 258 20.38 -32.18 24.80
C LEU F 258 21.20 -32.02 23.52
N SER F 259 22.48 -31.75 23.65
CA SER F 259 23.23 -31.18 22.56
C SER F 259 23.65 -32.23 21.56
N CYS F 260 24.61 -31.84 20.75
CA CYS F 260 25.33 -32.73 19.89
C CYS F 260 26.82 -32.63 20.16
N LYS F 261 27.55 -33.65 19.71
CA LYS F 261 28.98 -33.58 19.50
C LYS F 261 29.76 -33.22 20.75
N ILE F 262 29.22 -33.47 21.94
CA ILE F 262 29.92 -32.94 23.09
C ILE F 262 31.17 -33.76 23.36
N LEU F 263 31.92 -33.37 24.37
CA LEU F 263 33.22 -33.95 24.65
C LEU F 263 33.49 -33.83 26.14
N LEU F 264 34.22 -34.78 26.70
CA LEU F 264 34.36 -34.81 28.14
C LEU F 264 35.81 -34.89 28.57
N THR F 265 36.01 -34.63 29.84
CA THR F 265 37.25 -34.91 30.53
C THR F 265 36.85 -35.33 31.93
N THR F 266 37.38 -36.33 32.41
CA THR F 266 36.97 -36.76 33.73
C THR F 266 38.07 -37.47 34.47
N ARG F 267 38.21 -37.13 35.74
CA ARG F 267 39.00 -37.95 36.65
C ARG F 267 38.23 -39.21 37.02
N PHE F 268 37.01 -39.04 37.50
CA PHE F 268 36.36 -40.08 38.29
C PHE F 268 36.03 -41.30 37.46
N LYS F 269 36.36 -42.46 38.00
CA LYS F 269 36.00 -43.74 37.43
C LYS F 269 34.52 -43.82 37.12
N GLN F 270 33.69 -43.35 38.05
CA GLN F 270 32.25 -43.60 37.92
C GLN F 270 31.66 -42.95 36.68
N VAL F 271 32.30 -41.92 36.15
CA VAL F 271 31.84 -41.39 34.88
C VAL F 271 32.20 -42.34 33.75
N THR F 272 33.50 -42.53 33.50
CA THR F 272 33.90 -43.38 32.38
C THR F 272 33.27 -44.75 32.45
N ASP F 273 32.80 -45.17 33.61
CA ASP F 273 32.02 -46.38 33.69
C ASP F 273 30.58 -46.14 33.29
N PHE F 274 30.01 -45.01 33.70
CA PHE F 274 28.61 -44.72 33.46
C PHE F 274 28.30 -44.68 31.97
N LEU F 275 29.18 -44.09 31.18
CA LEU F 275 29.07 -44.17 29.74
C LEU F 275 29.45 -45.56 29.26
N SER F 276 29.08 -45.89 28.04
CA SER F 276 29.33 -47.21 27.48
C SER F 276 29.73 -47.10 26.01
N ALA F 277 30.60 -48.01 25.58
CA ALA F 277 31.20 -47.88 24.26
C ALA F 277 30.17 -47.89 23.16
N ALA F 278 28.93 -48.28 23.48
CA ALA F 278 27.90 -48.28 22.45
C ALA F 278 27.74 -46.92 21.81
N THR F 279 27.48 -45.89 22.62
CA THR F 279 27.23 -44.58 22.03
C THR F 279 28.46 -43.69 22.08
N THR F 280 29.53 -44.12 22.74
CA THR F 280 30.70 -43.27 22.90
C THR F 280 31.96 -44.06 22.61
N THR F 281 33.05 -43.34 22.47
CA THR F 281 34.38 -43.92 22.42
C THR F 281 35.11 -43.61 23.72
N HIS F 282 36.36 -44.03 23.80
CA HIS F 282 37.22 -43.65 24.91
C HIS F 282 38.53 -43.11 24.37
N ILE F 283 39.19 -42.28 25.15
CA ILE F 283 40.62 -42.06 25.09
C ILE F 283 41.14 -42.12 26.51
N SER F 284 41.97 -43.11 26.80
CA SER F 284 42.54 -43.20 28.12
C SER F 284 43.94 -42.60 28.05
N LEU F 285 44.31 -41.84 29.07
CA LEU F 285 45.69 -41.39 29.09
C LEU F 285 46.59 -42.21 30.01
N ASP F 286 46.05 -43.21 30.69
CA ASP F 286 46.89 -44.09 31.51
C ASP F 286 47.55 -45.17 30.67
N HIS F 287 46.86 -45.59 29.61
CA HIS F 287 47.33 -46.66 28.76
C HIS F 287 48.74 -46.33 28.31
N HIS F 288 49.66 -47.25 28.59
CA HIS F 288 51.07 -46.90 28.63
C HIS F 288 51.55 -46.38 27.29
N SER F 289 50.92 -46.82 26.20
CA SER F 289 51.36 -46.36 24.89
C SER F 289 51.02 -44.89 24.67
N MET F 290 50.07 -44.37 25.45
CA MET F 290 49.60 -43.01 25.20
C MET F 290 50.49 -41.97 25.86
N THR F 291 51.32 -42.38 26.82
CA THR F 291 51.84 -41.40 27.76
C THR F 291 53.32 -41.01 27.70
N LEU F 292 53.67 -39.71 27.29
CA LEU F 292 54.95 -39.06 27.51
C LEU F 292 56.12 -40.01 27.28
N THR F 293 56.36 -40.23 25.99
CA THR F 293 57.62 -40.82 25.55
C THR F 293 58.76 -40.09 26.25
N PRO F 294 59.67 -40.80 26.89
CA PRO F 294 60.73 -40.11 27.63
C PRO F 294 61.45 -39.07 26.82
N ASP F 295 61.44 -39.22 25.50
CA ASP F 295 61.95 -38.16 24.64
C ASP F 295 61.15 -36.88 24.81
N GLU F 296 59.84 -37.00 25.05
CA GLU F 296 59.04 -35.81 25.24
C GLU F 296 59.46 -35.04 26.48
N VAL F 297 59.61 -35.75 27.59
CA VAL F 297 59.93 -35.09 28.85
C VAL F 297 61.10 -34.15 28.66
N LYS F 298 62.07 -34.57 27.86
CA LYS F 298 63.15 -33.66 27.51
C LYS F 298 62.59 -32.34 27.01
N SER F 299 61.74 -32.37 26.00
CA SER F 299 61.27 -31.13 25.41
C SER F 299 60.49 -30.31 26.42
N LEU F 300 59.52 -30.93 27.09
CA LEU F 300 58.78 -30.20 28.10
C LEU F 300 59.69 -29.66 29.19
N LEU F 301 60.44 -30.54 29.84
CA LEU F 301 61.28 -30.10 30.93
C LEU F 301 62.30 -29.09 30.45
N LEU F 302 62.46 -28.97 29.14
CA LEU F 302 63.36 -27.97 28.60
C LEU F 302 62.80 -26.58 28.78
N LYS F 303 61.59 -26.35 28.28
CA LYS F 303 61.12 -24.98 28.07
C LYS F 303 61.06 -24.19 29.37
N TYR F 304 61.02 -24.87 30.51
CA TYR F 304 61.06 -24.13 31.75
C TYR F 304 62.49 -23.75 32.13
N LEU F 305 63.41 -24.69 32.03
CA LEU F 305 64.74 -24.41 32.53
C LEU F 305 65.59 -23.57 31.59
N ASP F 306 65.31 -23.60 30.29
CA ASP F 306 66.02 -22.77 29.33
C ASP F 306 67.51 -23.03 29.35
N CYS F 307 67.88 -24.29 29.19
CA CYS F 307 69.28 -24.68 29.23
C CYS F 307 69.50 -25.88 28.31
N ARG F 308 70.72 -26.04 27.90
CA ARG F 308 71.11 -27.01 26.89
C ARG F 308 70.72 -28.42 27.33
N PRO F 309 70.60 -29.35 26.39
CA PRO F 309 70.26 -30.73 26.76
C PRO F 309 71.28 -31.39 27.66
N GLN F 310 72.48 -30.85 27.76
CA GLN F 310 73.41 -31.31 28.79
C GLN F 310 72.87 -31.03 30.18
N ASP F 311 72.00 -30.04 30.30
CA ASP F 311 71.45 -29.62 31.59
C ASP F 311 70.15 -30.34 31.94
N LEU F 312 69.79 -31.34 31.13
CA LEU F 312 68.58 -32.14 31.35
C LEU F 312 68.74 -33.10 32.53
N PRO F 313 67.57 -33.36 33.25
CA PRO F 313 67.76 -34.30 34.39
C PRO F 313 68.05 -35.74 33.98
N ARG F 314 68.80 -36.46 34.80
CA ARG F 314 69.15 -37.85 34.55
C ARG F 314 68.63 -38.76 35.66
N GLU F 315 68.00 -39.87 35.30
CA GLU F 315 67.45 -40.80 36.29
C GLU F 315 65.94 -41.03 36.12
N VAL F 316 65.32 -40.26 35.23
CA VAL F 316 63.88 -40.33 34.91
C VAL F 316 62.93 -40.14 36.10
N LEU F 317 62.41 -38.91 36.18
CA LEU F 317 61.48 -38.47 37.22
C LEU F 317 60.03 -38.99 37.30
N THR F 318 59.35 -39.18 36.16
CA THR F 318 57.94 -39.53 36.17
C THR F 318 57.38 -39.12 34.82
N THR F 319 56.24 -39.64 34.35
CA THR F 319 55.44 -39.00 33.32
C THR F 319 54.11 -38.68 33.95
N ASN F 320 53.95 -37.42 34.33
CA ASN F 320 52.68 -36.80 34.44
C ASN F 320 53.11 -35.41 34.08
N PRO F 321 52.35 -34.68 33.29
CA PRO F 321 52.70 -33.27 33.14
C PRO F 321 52.53 -32.52 34.43
N ARG F 322 51.41 -32.71 35.11
CA ARG F 322 51.34 -32.18 36.45
C ARG F 322 52.40 -32.88 37.29
N ARG F 323 52.89 -32.16 38.29
CA ARG F 323 53.99 -32.60 39.13
C ARG F 323 55.28 -32.64 38.33
N LEU F 324 55.16 -32.65 37.03
CA LEU F 324 56.41 -32.43 36.32
C LEU F 324 56.68 -30.94 36.26
N SER F 325 55.65 -30.16 35.97
CA SER F 325 55.83 -28.72 35.97
C SER F 325 56.33 -28.22 37.31
N ILE F 326 55.65 -28.58 38.39
CA ILE F 326 56.02 -28.07 39.69
C ILE F 326 57.52 -28.22 39.91
N ILE F 327 58.06 -29.39 39.59
CA ILE F 327 59.51 -29.52 39.56
C ILE F 327 60.11 -28.49 38.65
N ALA F 328 59.78 -28.57 37.36
CA ALA F 328 60.37 -27.68 36.37
C ALA F 328 60.25 -26.23 36.81
N GLU F 329 59.13 -25.90 37.44
CA GLU F 329 58.96 -24.53 37.87
C GLU F 329 59.78 -24.21 39.10
N SER F 330 59.74 -25.11 40.08
CA SER F 330 60.45 -24.86 41.32
C SER F 330 61.93 -24.60 41.07
N ILE F 331 62.46 -25.15 39.99
CA ILE F 331 63.88 -24.94 39.73
C ILE F 331 64.13 -23.61 39.05
N ARG F 332 63.31 -23.25 38.07
CA ARG F 332 63.53 -21.97 37.41
C ARG F 332 63.45 -20.83 38.40
N ASP F 333 62.88 -21.06 39.57
CA ASP F 333 62.77 -20.00 40.54
C ASP F 333 63.27 -20.41 41.91
N GLY F 334 62.54 -21.28 42.58
CA GLY F 334 62.69 -21.47 44.00
C GLY F 334 63.83 -22.41 44.30
N LEU F 335 63.66 -23.16 45.37
CA LEU F 335 64.69 -24.07 45.83
C LEU F 335 64.69 -25.35 45.00
N ALA F 336 65.38 -26.35 45.53
CA ALA F 336 65.54 -27.73 45.08
C ALA F 336 66.72 -27.93 44.15
N THR F 337 67.38 -26.87 43.69
CA THR F 337 68.70 -26.99 43.07
C THR F 337 68.65 -27.82 41.81
N TRP F 338 67.48 -28.40 41.55
CA TRP F 338 67.23 -29.45 40.58
C TRP F 338 67.90 -30.74 41.01
N ASP F 339 68.87 -30.63 41.92
CA ASP F 339 69.51 -31.80 42.50
C ASP F 339 69.04 -32.11 43.91
N ASN F 340 68.21 -31.25 44.50
CA ASN F 340 67.90 -31.39 45.93
C ASN F 340 66.69 -32.26 46.21
N TRP F 341 65.62 -31.84 45.53
CA TRP F 341 64.24 -32.20 45.64
C TRP F 341 63.79 -33.48 46.31
N LYS F 342 63.35 -33.22 47.53
CA LYS F 342 62.72 -34.12 48.46
C LYS F 342 61.45 -33.33 48.79
N HIS F 343 61.65 -32.04 49.10
CA HIS F 343 60.57 -31.11 49.42
C HIS F 343 59.64 -30.86 48.25
N VAL F 344 60.17 -30.65 47.03
CA VAL F 344 59.26 -30.45 45.90
C VAL F 344 58.07 -29.60 46.33
N ASN F 345 58.33 -28.33 46.66
CA ASN F 345 57.34 -27.26 46.62
C ASN F 345 55.98 -27.74 47.16
N CYS F 346 56.05 -28.36 48.34
CA CYS F 346 54.93 -29.15 48.82
C CYS F 346 53.61 -28.41 48.64
N ASP F 347 53.61 -27.09 48.89
CA ASP F 347 52.38 -26.31 48.91
C ASP F 347 51.53 -26.55 47.66
N LYS F 348 52.00 -26.13 46.49
CA LYS F 348 51.23 -26.34 45.27
C LYS F 348 50.90 -27.81 45.10
N LEU F 349 51.92 -28.65 45.14
CA LEU F 349 51.69 -30.08 45.13
C LEU F 349 50.64 -30.48 46.15
N THR F 350 50.78 -29.99 47.38
CA THR F 350 49.73 -30.22 48.37
C THR F 350 48.42 -29.57 47.94
N THR F 351 48.42 -28.26 47.73
CA THR F 351 47.17 -27.54 47.55
C THR F 351 46.36 -28.13 46.41
N ILE F 352 47.04 -28.70 45.43
CA ILE F 352 46.32 -29.42 44.37
C ILE F 352 45.86 -30.77 44.87
N ILE F 353 46.77 -31.55 45.46
CA ILE F 353 46.39 -32.89 45.89
C ILE F 353 45.42 -32.82 47.04
N GLU F 354 45.54 -31.80 47.89
CA GLU F 354 44.71 -31.75 49.08
C GLU F 354 43.24 -31.61 48.72
N SER F 355 42.88 -30.53 48.04
CA SER F 355 41.48 -30.36 47.68
C SER F 355 41.02 -31.53 46.83
N SER F 356 41.92 -32.13 46.07
CA SER F 356 41.57 -33.25 45.20
C SER F 356 41.02 -34.41 46.02
N LEU F 357 41.32 -34.43 47.31
CA LEU F 357 40.77 -35.48 48.15
C LEU F 357 39.52 -35.02 48.88
N ASN F 358 39.13 -33.77 48.70
CA ASN F 358 38.08 -33.20 49.53
C ASN F 358 36.74 -33.89 49.35
N VAL F 359 36.63 -34.82 48.41
CA VAL F 359 35.34 -35.40 48.08
C VAL F 359 34.84 -36.32 49.18
N LEU F 360 35.75 -36.98 49.88
CA LEU F 360 35.41 -38.15 50.67
C LEU F 360 34.74 -37.78 52.00
N GLU F 361 34.08 -38.79 52.60
CA GLU F 361 33.51 -38.71 53.94
C GLU F 361 34.63 -38.71 54.97
N PRO F 362 34.81 -37.63 55.72
CA PRO F 362 36.11 -37.44 56.40
C PRO F 362 36.43 -38.49 57.44
N ALA F 363 35.52 -38.76 58.37
CA ALA F 363 35.81 -39.75 59.39
C ALA F 363 35.59 -41.14 58.85
N GLU F 364 34.51 -41.31 58.10
CA GLU F 364 34.25 -42.55 57.39
C GLU F 364 35.42 -42.95 56.51
N TYR F 365 36.10 -42.00 55.88
CA TYR F 365 37.09 -42.35 54.88
C TYR F 365 38.43 -41.64 55.08
N ARG F 366 38.46 -40.31 55.06
CA ARG F 366 39.76 -39.65 55.05
C ARG F 366 40.65 -40.11 56.20
N LYS F 367 40.05 -40.62 57.27
CA LYS F 367 40.85 -41.36 58.25
C LYS F 367 41.63 -42.48 57.58
N MET F 368 41.09 -43.03 56.51
CA MET F 368 41.57 -44.33 56.04
C MET F 368 42.82 -44.23 55.18
N PHE F 369 42.93 -43.23 54.31
CA PHE F 369 44.21 -42.98 53.66
C PHE F 369 45.33 -42.93 54.67
N ASP F 370 45.13 -42.15 55.73
CA ASP F 370 46.14 -41.98 56.76
C ASP F 370 46.72 -43.33 57.16
N ARG F 371 45.88 -44.35 57.21
CA ARG F 371 46.38 -45.70 57.38
C ARG F 371 47.31 -46.09 56.25
N LEU F 372 46.91 -45.84 55.01
CA LEU F 372 47.63 -46.42 53.88
C LEU F 372 49.10 -46.03 53.86
N SER F 373 49.49 -44.99 54.59
CA SER F 373 50.92 -44.63 54.63
C SER F 373 51.76 -45.76 55.20
N VAL F 374 51.13 -46.73 55.85
CA VAL F 374 51.83 -47.91 56.35
C VAL F 374 52.68 -48.56 55.27
N PHE F 375 52.26 -48.46 54.06
CA PHE F 375 52.78 -49.39 53.08
C PHE F 375 54.01 -48.84 52.37
N PRO F 376 55.00 -49.70 52.11
CA PRO F 376 56.12 -49.31 51.29
C PRO F 376 55.67 -49.07 49.86
N PRO F 377 56.18 -48.02 49.22
CA PRO F 377 55.60 -47.57 47.95
C PRO F 377 55.67 -48.62 46.84
N SER F 378 54.81 -48.45 45.85
CA SER F 378 54.80 -49.12 44.54
C SER F 378 54.41 -50.59 44.59
N ALA F 379 54.23 -51.19 45.77
CA ALA F 379 53.99 -52.62 45.84
C ALA F 379 52.52 -52.94 45.61
N HIS F 380 52.14 -54.19 45.88
CA HIS F 380 50.75 -54.59 45.97
C HIS F 380 50.44 -54.94 47.42
N ILE F 381 49.19 -54.73 47.80
CA ILE F 381 48.75 -55.03 49.16
C ILE F 381 47.64 -56.06 49.11
N PRO F 382 47.80 -57.21 49.73
CA PRO F 382 46.70 -58.17 49.80
C PRO F 382 45.49 -57.57 50.53
N THR F 383 44.33 -57.66 49.88
CA THR F 383 43.11 -57.18 50.51
C THR F 383 42.86 -57.85 51.85
N ILE F 384 43.03 -59.17 51.92
CA ILE F 384 42.91 -59.86 53.20
C ILE F 384 43.75 -59.18 54.26
N LEU F 385 45.00 -58.86 53.93
CA LEU F 385 45.85 -58.13 54.85
C LEU F 385 45.24 -56.80 55.23
N LEU F 386 44.64 -56.13 54.25
CA LEU F 386 44.04 -54.82 54.48
C LEU F 386 43.03 -54.85 55.62
N SER F 387 42.45 -56.03 55.89
CA SER F 387 41.40 -56.10 56.89
C SER F 387 41.89 -55.64 58.25
N LEU F 388 43.17 -55.86 58.54
CA LEU F 388 43.67 -55.57 59.88
C LEU F 388 43.68 -54.08 60.17
N ILE F 389 44.18 -53.28 59.23
CA ILE F 389 44.56 -51.91 59.47
C ILE F 389 43.46 -51.11 60.17
N TRP F 390 42.32 -50.96 59.52
CA TRP F 390 41.35 -50.03 60.09
C TRP F 390 40.67 -50.62 61.30
N PHE F 391 39.79 -51.59 61.08
CA PHE F 391 39.03 -52.20 62.15
C PHE F 391 38.20 -51.15 62.90
N ASP F 392 38.00 -49.98 62.28
CA ASP F 392 37.01 -49.03 62.77
C ASP F 392 35.63 -49.35 62.23
N VAL F 393 35.53 -49.71 60.95
CA VAL F 393 34.36 -50.35 60.38
C VAL F 393 34.79 -51.75 59.96
N ILE F 394 33.83 -52.67 59.94
CA ILE F 394 34.12 -54.08 60.17
C ILE F 394 33.68 -54.93 58.98
N LYS F 395 34.26 -56.12 58.91
CA LYS F 395 33.83 -57.29 58.10
C LYS F 395 33.92 -56.95 56.61
N SER F 396 32.89 -57.29 55.82
CA SER F 396 32.95 -57.15 54.37
C SER F 396 33.19 -55.72 53.92
N ASP F 397 33.02 -54.76 54.83
CA ASP F 397 33.17 -53.36 54.46
C ASP F 397 34.49 -53.11 53.75
N VAL F 398 35.50 -53.94 54.03
CA VAL F 398 36.76 -53.86 53.30
C VAL F 398 36.50 -53.76 51.80
N MET F 399 35.98 -54.83 51.20
CA MET F 399 35.68 -54.76 49.79
C MET F 399 34.69 -53.65 49.49
N VAL F 400 33.79 -53.37 50.41
CA VAL F 400 32.91 -52.22 50.23
C VAL F 400 33.72 -50.95 50.19
N VAL F 401 34.65 -50.80 51.13
CA VAL F 401 35.49 -49.61 51.14
C VAL F 401 36.20 -49.44 49.81
N VAL F 402 37.10 -50.37 49.49
CA VAL F 402 37.93 -50.20 48.31
C VAL F 402 37.08 -49.79 47.13
N ASN F 403 35.97 -50.49 46.91
CA ASN F 403 35.05 -50.07 45.88
C ASN F 403 34.62 -48.63 46.09
N LYS F 404 33.95 -48.36 47.21
CA LYS F 404 33.55 -46.99 47.52
C LYS F 404 34.71 -46.04 47.36
N LEU F 405 35.90 -46.52 47.70
CA LEU F 405 37.08 -45.72 47.43
C LEU F 405 37.42 -45.76 45.95
N HIS F 406 37.52 -46.96 45.38
CA HIS F 406 38.00 -47.13 44.02
C HIS F 406 37.29 -46.25 43.02
N LYS F 407 35.99 -46.05 43.19
CA LYS F 407 35.25 -45.28 42.20
C LYS F 407 35.88 -43.91 41.99
N TYR F 408 36.45 -43.34 43.04
CA TYR F 408 37.23 -42.14 42.85
C TYR F 408 38.58 -42.51 42.27
N SER F 409 39.04 -41.73 41.30
CA SER F 409 39.98 -42.25 40.33
C SER F 409 41.21 -42.82 41.00
N LEU F 410 41.41 -44.12 40.80
CA LEU F 410 42.57 -44.88 41.27
C LEU F 410 43.00 -44.42 42.66
N VAL F 411 42.07 -43.89 43.45
CA VAL F 411 42.50 -43.53 44.79
C VAL F 411 42.75 -44.81 45.56
N GLU F 412 42.11 -45.90 45.16
CA GLU F 412 42.61 -47.22 45.51
C GLU F 412 43.58 -47.79 44.46
N LYS F 413 43.26 -47.66 43.17
CA LYS F 413 44.02 -48.31 42.08
C LYS F 413 43.95 -49.84 42.14
N GLN F 414 42.82 -50.37 41.70
CA GLN F 414 42.58 -51.83 41.62
C GLN F 414 43.58 -52.53 40.71
N PRO F 415 43.95 -53.74 41.44
CA PRO F 415 44.62 -54.77 40.63
C PRO F 415 43.63 -55.88 40.28
N LYS F 416 42.67 -56.08 41.16
CA LYS F 416 41.61 -57.10 41.06
C LYS F 416 42.08 -58.55 41.16
N GLU F 417 43.21 -58.80 41.81
CA GLU F 417 43.47 -60.15 42.31
C GLU F 417 43.88 -60.14 43.79
N SER F 418 42.97 -60.61 44.64
CA SER F 418 43.20 -60.85 46.06
C SER F 418 43.99 -59.76 46.79
N THR F 419 43.87 -58.51 46.31
CA THR F 419 44.73 -57.41 46.76
C THR F 419 44.17 -56.03 46.44
N ILE F 420 44.93 -55.01 46.84
CA ILE F 420 44.72 -53.65 46.39
C ILE F 420 46.09 -53.11 45.95
N SER F 421 46.10 -52.06 45.14
CA SER F 421 47.36 -51.51 44.66
C SER F 421 47.52 -50.04 45.07
N ILE F 422 48.75 -49.58 45.20
CA ILE F 422 48.96 -48.20 45.62
C ILE F 422 48.17 -47.28 44.72
N PRO F 423 47.51 -46.24 45.37
CA PRO F 423 46.72 -45.38 44.46
C PRO F 423 47.67 -44.76 43.45
N SER F 424 48.84 -44.35 43.90
CA SER F 424 49.82 -43.80 42.98
C SER F 424 50.92 -43.23 43.84
N ILE F 425 51.88 -42.59 43.19
CA ILE F 425 52.83 -41.80 43.94
C ILE F 425 52.12 -40.63 44.62
N TYR F 426 51.25 -39.95 43.88
CA TYR F 426 50.63 -38.71 44.35
C TYR F 426 49.92 -38.89 45.67
N LEU F 427 48.78 -39.57 45.62
CA LEU F 427 47.96 -39.67 46.81
C LEU F 427 48.75 -40.29 47.94
N GLU F 428 49.89 -40.90 47.62
CA GLU F 428 50.91 -41.21 48.62
C GLU F 428 51.80 -40.01 48.93
N LEU F 429 52.33 -39.60 47.81
CA LEU F 429 53.43 -38.67 47.98
C LEU F 429 53.13 -37.53 48.95
N LYS F 430 51.86 -37.28 49.28
CA LYS F 430 51.49 -36.01 49.88
C LYS F 430 52.31 -35.66 51.11
N VAL F 431 52.01 -36.27 52.27
CA VAL F 431 52.73 -35.94 53.49
C VAL F 431 52.76 -37.10 54.47
N LYS F 432 53.91 -37.30 55.12
CA LYS F 432 53.97 -37.31 56.57
C LYS F 432 52.79 -38.03 57.23
N LEU F 433 52.86 -39.36 57.27
CA LEU F 433 51.79 -40.25 57.70
C LEU F 433 51.05 -39.78 58.94
N GLU F 434 51.75 -39.18 59.91
CA GLU F 434 51.13 -38.81 61.18
C GLU F 434 50.50 -40.01 61.85
N ASN F 435 49.17 -39.98 61.97
CA ASN F 435 48.35 -41.12 62.35
C ASN F 435 48.63 -41.50 63.80
N GLU F 436 49.64 -40.86 64.40
CA GLU F 436 49.85 -40.85 65.85
C GLU F 436 50.01 -42.29 66.34
N TYR F 437 49.12 -42.80 67.18
CA TYR F 437 49.29 -44.09 67.85
C TYR F 437 49.63 -45.22 66.89
N ALA F 438 49.22 -45.08 65.63
CA ALA F 438 49.10 -46.22 64.74
C ALA F 438 50.34 -47.11 64.73
N LEU F 439 51.51 -46.50 64.60
CA LEU F 439 52.68 -47.19 64.04
C LEU F 439 52.91 -48.58 64.60
N HIS F 440 53.42 -48.68 65.83
CA HIS F 440 53.83 -49.99 66.36
C HIS F 440 52.77 -51.05 66.18
N ARG F 441 51.65 -50.92 66.91
CA ARG F 441 50.60 -51.92 66.85
C ARG F 441 50.16 -52.19 65.42
N SER F 442 50.01 -51.14 64.60
CA SER F 442 49.60 -51.34 63.23
C SER F 442 50.70 -52.01 62.42
N ILE F 443 51.98 -51.49 62.56
CA ILE F 443 53.11 -52.20 61.94
C ILE F 443 53.37 -53.52 62.64
N VAL F 444 53.47 -53.49 63.97
CA VAL F 444 53.67 -54.71 64.75
C VAL F 444 52.57 -55.74 64.52
N ASP F 445 51.32 -55.43 64.86
CA ASP F 445 50.28 -56.45 64.82
C ASP F 445 50.07 -56.98 63.41
N HIS F 446 50.37 -56.17 62.40
CA HIS F 446 50.25 -56.65 61.03
C HIS F 446 51.31 -57.70 60.71
N TYR F 447 52.23 -57.94 61.65
CA TYR F 447 53.11 -59.09 61.56
C TYR F 447 52.32 -60.36 61.84
N ASN F 448 51.02 -60.23 62.08
CA ASN F 448 50.20 -61.29 62.63
C ASN F 448 50.48 -62.66 62.02
N ILE F 449 50.69 -62.72 60.71
CA ILE F 449 50.75 -64.00 60.02
C ILE F 449 51.88 -64.98 60.45
N PRO F 450 53.16 -64.63 60.27
CA PRO F 450 54.19 -65.70 60.29
C PRO F 450 54.34 -66.47 61.59
N LYS F 451 54.49 -65.78 62.74
CA LYS F 451 55.05 -66.43 63.93
C LYS F 451 54.34 -67.73 64.29
N THR F 452 53.14 -67.76 63.75
CA THR F 452 52.36 -68.99 63.82
C THR F 452 53.16 -70.14 63.20
N PHE F 453 53.40 -70.07 61.89
CA PHE F 453 54.27 -71.04 61.25
C PHE F 453 55.73 -70.76 61.60
N ASP F 454 56.41 -71.75 62.14
CA ASP F 454 57.84 -71.58 62.36
C ASP F 454 58.65 -72.63 61.61
N SER F 455 58.65 -73.86 62.10
CA SER F 455 59.46 -74.92 61.53
C SER F 455 58.62 -76.17 61.33
N ASP F 456 58.66 -76.72 60.12
CA ASP F 456 57.91 -77.92 59.75
C ASP F 456 58.46 -78.49 58.45
N ASP F 457 57.76 -79.51 57.96
CA ASP F 457 58.14 -80.19 56.72
C ASP F 457 57.78 -79.35 55.51
N LEU F 458 58.47 -79.63 54.40
CA LEU F 458 58.02 -79.26 53.05
C LEU F 458 57.92 -77.74 52.87
N ILE F 459 56.85 -77.28 52.24
CA ILE F 459 56.69 -75.89 51.80
C ILE F 459 55.58 -75.23 52.59
N PRO F 460 55.92 -74.19 53.35
CA PRO F 460 54.99 -73.51 54.26
C PRO F 460 53.86 -72.68 53.67
N PRO F 461 52.74 -72.58 54.49
CA PRO F 461 51.68 -71.73 53.92
C PRO F 461 52.08 -70.33 54.33
N TYR F 462 52.70 -69.66 53.37
CA TYR F 462 53.25 -68.32 53.52
C TYR F 462 52.70 -67.45 52.40
N LEU F 463 52.50 -66.17 52.68
CA LEU F 463 51.49 -65.41 51.94
C LEU F 463 52.10 -64.78 50.69
N ASP F 464 51.73 -65.34 49.55
CA ASP F 464 51.80 -64.82 48.19
C ASP F 464 53.17 -64.20 47.90
N GLN F 465 53.18 -63.13 47.13
CA GLN F 465 54.40 -62.43 46.77
C GLN F 465 54.64 -61.15 47.56
N TYR F 466 53.71 -60.76 48.43
CA TYR F 466 53.95 -59.57 49.23
C TYR F 466 54.91 -59.87 50.38
N PHE F 467 54.68 -60.93 51.13
CA PHE F 467 55.54 -61.19 52.28
C PHE F 467 57.01 -61.40 52.03
N TYR F 468 57.33 -62.04 50.92
CA TYR F 468 58.72 -62.28 50.59
C TYR F 468 59.45 -60.95 50.45
N SER F 469 58.74 -59.89 50.05
CA SER F 469 59.39 -58.63 49.83
C SER F 469 59.51 -57.83 51.12
N HIS F 470 58.42 -57.24 51.55
CA HIS F 470 58.48 -56.15 52.49
C HIS F 470 58.24 -56.55 53.94
N ILE F 471 58.05 -57.84 54.21
CA ILE F 471 57.76 -58.27 55.57
C ILE F 471 58.79 -57.68 56.53
N GLY F 472 60.02 -57.51 56.08
CA GLY F 472 61.03 -56.88 56.90
C GLY F 472 60.74 -55.43 57.17
N HIS F 473 60.11 -54.75 56.22
CA HIS F 473 59.72 -53.38 56.50
C HIS F 473 58.85 -53.29 57.74
N HIS F 474 57.83 -54.13 57.83
CA HIS F 474 57.04 -54.16 59.04
C HIS F 474 57.89 -54.46 60.26
N LEU F 475 58.98 -55.19 60.09
CA LEU F 475 59.89 -55.38 61.20
C LEU F 475 60.53 -54.06 61.64
N LYS F 476 60.64 -53.10 60.72
CA LYS F 476 61.32 -51.85 61.04
C LYS F 476 60.78 -51.20 62.30
N ASN F 477 59.51 -51.42 62.60
CA ASN F 477 58.91 -50.85 63.79
C ASN F 477 58.92 -51.81 64.99
N ILE F 478 59.58 -52.95 64.87
CA ILE F 478 59.45 -53.98 65.89
C ILE F 478 60.78 -54.14 66.61
N GLU F 479 60.81 -54.96 67.66
CA GLU F 479 62.03 -55.22 68.41
C GLU F 479 63.07 -55.90 67.53
N HIS F 480 64.26 -55.31 67.49
CA HIS F 480 65.31 -55.75 66.59
C HIS F 480 65.80 -57.15 66.95
N PRO F 481 66.19 -57.41 68.21
CA PRO F 481 66.52 -58.80 68.55
C PRO F 481 65.37 -59.73 68.25
N GLU F 482 64.15 -59.30 68.59
CA GLU F 482 62.99 -60.08 68.23
C GLU F 482 62.89 -60.27 66.73
N ARG F 483 63.37 -59.30 65.95
CA ARG F 483 63.44 -59.60 64.53
C ARG F 483 64.68 -60.44 64.23
N MET F 484 65.84 -60.09 64.78
CA MET F 484 67.06 -60.82 64.49
C MET F 484 66.86 -62.31 64.75
N THR F 485 66.02 -62.63 65.72
CA THR F 485 65.45 -63.97 65.81
C THR F 485 64.72 -64.32 64.52
N LEU F 486 63.60 -63.63 64.27
CA LEU F 486 62.69 -63.97 63.20
C LEU F 486 62.92 -63.19 61.91
N PHE F 487 63.96 -62.36 61.83
CA PHE F 487 64.24 -61.69 60.57
C PHE F 487 64.63 -62.70 59.51
N ARG F 488 64.97 -63.91 59.92
CA ARG F 488 65.19 -65.03 59.02
C ARG F 488 66.33 -64.75 58.05
N MET F 489 67.20 -63.80 58.40
CA MET F 489 68.62 -64.01 58.13
C MET F 489 69.03 -65.37 58.68
N VAL F 490 68.55 -65.67 59.88
CA VAL F 490 68.81 -66.94 60.53
C VAL F 490 68.19 -68.07 59.73
N PHE F 491 66.94 -67.92 59.33
CA PHE F 491 66.17 -69.05 58.83
C PHE F 491 66.45 -69.22 57.34
N LEU F 492 67.02 -70.37 56.99
CA LEU F 492 67.31 -70.68 55.60
C LEU F 492 66.07 -71.20 54.87
N ASP F 493 65.12 -71.78 55.62
CA ASP F 493 63.92 -72.38 55.07
C ASP F 493 63.08 -71.36 54.30
N PHE F 494 62.43 -70.45 55.03
CA PHE F 494 61.63 -69.40 54.40
C PHE F 494 62.41 -68.64 53.35
N ARG F 495 63.67 -68.33 53.64
CA ARG F 495 64.34 -67.24 52.96
C ARG F 495 64.47 -67.48 51.45
N PHE F 496 64.91 -68.67 51.06
CA PHE F 496 65.11 -68.97 49.64
C PHE F 496 63.83 -68.81 48.84
N LEU F 497 62.68 -68.99 49.49
CA LEU F 497 61.43 -69.02 48.77
C LEU F 497 61.09 -67.69 48.12
N GLU F 498 61.80 -66.62 48.50
CA GLU F 498 61.68 -65.36 47.79
C GLU F 498 62.04 -65.49 46.33
N GLN F 499 63.32 -65.71 46.04
CA GLN F 499 63.84 -65.82 44.68
C GLN F 499 63.30 -67.03 43.94
N LYS F 500 62.56 -67.89 44.62
CA LYS F 500 61.81 -68.98 44.02
C LYS F 500 61.11 -68.51 42.76
N ILE F 501 60.18 -67.57 42.89
CA ILE F 501 59.44 -67.00 41.77
C ILE F 501 60.36 -66.27 40.80
N ARG F 502 61.53 -65.84 41.28
CA ARG F 502 62.42 -64.97 40.51
C ARG F 502 63.11 -65.79 39.43
N HIS F 503 62.99 -65.32 38.20
CA HIS F 503 63.64 -65.94 37.06
C HIS F 503 64.10 -64.84 36.11
N ASP F 504 64.73 -65.25 35.04
CA ASP F 504 65.07 -64.32 33.96
C ASP F 504 64.31 -64.69 32.70
N SER F 505 63.79 -63.68 32.03
CA SER F 505 63.44 -63.86 30.63
C SER F 505 64.59 -64.44 29.84
N THR F 506 65.79 -63.93 30.00
CA THR F 506 66.85 -64.12 29.04
C THR F 506 68.15 -64.57 29.72
N ALA F 507 68.95 -65.32 28.96
CA ALA F 507 70.28 -65.79 29.32
C ALA F 507 70.39 -66.52 30.65
N TRP F 508 71.51 -66.33 31.33
CA TRP F 508 71.80 -66.98 32.59
C TRP F 508 71.63 -66.08 33.80
N ASN F 509 71.16 -64.85 33.54
CA ASN F 509 70.97 -63.79 34.54
C ASN F 509 69.55 -63.52 35.05
N ALA F 510 69.37 -62.33 35.64
CA ALA F 510 68.10 -61.88 36.21
C ALA F 510 67.41 -60.72 35.47
N SER F 511 66.10 -60.86 35.31
CA SER F 511 65.21 -59.91 34.64
C SER F 511 65.19 -60.20 33.14
N GLY F 512 64.99 -59.17 32.34
CA GLY F 512 64.12 -59.31 31.19
C GLY F 512 62.74 -59.69 31.63
N SER F 513 62.61 -60.18 32.85
CA SER F 513 61.41 -60.50 33.59
C SER F 513 61.53 -59.92 34.98
N ILE F 514 62.37 -60.56 35.81
CA ILE F 514 62.42 -60.31 37.25
C ILE F 514 63.85 -60.43 37.78
N LEU F 515 64.24 -59.54 38.69
CA LEU F 515 65.57 -59.66 39.29
C LEU F 515 65.60 -60.81 40.28
N ASN F 516 66.81 -61.24 40.59
CA ASN F 516 67.07 -62.30 41.52
C ASN F 516 68.21 -61.90 42.44
N THR F 517 67.92 -61.03 43.41
CA THR F 517 68.86 -60.51 44.44
C THR F 517 69.00 -59.03 44.84
N LEU F 518 69.61 -58.18 44.03
CA LEU F 518 69.87 -56.83 44.57
C LEU F 518 68.87 -56.41 45.64
N GLN F 519 67.60 -56.63 45.38
CA GLN F 519 66.59 -56.41 46.40
C GLN F 519 67.03 -57.15 47.63
N GLN F 520 67.14 -58.46 47.49
CA GLN F 520 67.79 -59.27 48.51
C GLN F 520 69.02 -58.56 48.99
N LEU F 521 70.01 -58.41 48.11
CA LEU F 521 71.23 -57.73 48.49
C LEU F 521 70.92 -56.41 49.17
N LYS F 522 70.02 -55.63 48.57
CA LYS F 522 69.71 -54.33 49.12
C LYS F 522 69.20 -54.44 50.55
N PHE F 523 68.50 -55.52 50.87
CA PHE F 523 68.13 -55.72 52.27
C PHE F 523 69.35 -55.81 53.15
N TYR F 524 70.46 -56.28 52.60
CA TYR F 524 71.50 -56.79 53.48
C TYR F 524 72.37 -55.70 54.04
N LYS F 525 72.41 -54.54 53.40
CA LYS F 525 73.10 -53.40 54.01
C LYS F 525 72.35 -52.87 55.23
N PRO F 526 71.07 -52.48 55.13
CA PRO F 526 70.43 -51.88 56.31
C PRO F 526 70.21 -52.85 57.45
N TYR F 527 69.80 -54.08 57.16
CA TYR F 527 69.13 -54.91 58.15
C TYR F 527 70.09 -55.64 59.07
N ILE F 528 71.37 -55.34 58.98
CA ILE F 528 72.39 -55.86 59.89
C ILE F 528 72.34 -55.07 61.19
N CYS F 529 71.29 -54.25 61.37
CA CYS F 529 71.27 -53.20 62.39
C CYS F 529 71.83 -53.65 63.73
N ASP F 530 71.34 -54.77 64.27
CA ASP F 530 71.87 -55.34 65.50
C ASP F 530 72.34 -56.75 65.21
N ASN F 531 73.66 -56.95 65.20
CA ASN F 531 74.26 -58.26 64.98
C ASN F 531 75.73 -58.20 65.37
N ASP F 532 76.40 -59.35 65.26
CA ASP F 532 77.79 -59.51 65.65
C ASP F 532 78.56 -60.13 64.50
N PRO F 533 79.90 -60.23 64.57
CA PRO F 533 80.64 -60.83 63.45
C PRO F 533 80.15 -62.19 63.04
N LYS F 534 79.64 -62.98 63.98
CA LYS F 534 79.02 -64.26 63.66
C LYS F 534 78.04 -64.07 62.52
N TYR F 535 76.94 -63.38 62.82
CA TYR F 535 75.90 -63.18 61.82
C TYR F 535 76.42 -62.35 60.64
N GLU F 536 77.31 -61.40 60.92
CA GLU F 536 77.72 -60.44 59.90
C GLU F 536 78.56 -61.12 58.82
N ARG F 537 79.61 -61.83 59.22
CA ARG F 537 80.37 -62.60 58.25
C ARG F 537 79.54 -63.72 57.64
N LEU F 538 78.61 -64.27 58.41
CA LEU F 538 77.67 -65.25 57.88
C LEU F 538 77.00 -64.73 56.61
N VAL F 539 76.39 -63.55 56.70
CA VAL F 539 75.84 -62.92 55.50
C VAL F 539 76.93 -62.63 54.50
N ASN F 540 77.98 -61.94 54.95
CA ASN F 540 79.09 -61.59 54.08
C ASN F 540 79.52 -62.80 53.28
N ALA F 541 79.68 -63.92 53.93
CA ALA F 541 79.72 -65.19 53.23
C ALA F 541 78.54 -65.34 52.29
N ILE F 542 77.33 -65.50 52.83
CA ILE F 542 76.19 -65.91 52.03
C ILE F 542 76.08 -65.09 50.76
N LEU F 543 76.60 -63.86 50.79
CA LEU F 543 76.77 -63.11 49.58
C LEU F 543 77.39 -63.98 48.49
N ASP F 544 78.32 -64.85 48.85
CA ASP F 544 78.88 -65.79 47.89
C ASP F 544 77.84 -66.64 47.20
N PHE F 545 76.98 -67.34 47.95
CA PHE F 545 76.03 -68.23 47.33
C PHE F 545 75.25 -67.49 46.26
N LEU F 546 75.04 -66.20 46.49
CA LEU F 546 74.09 -65.45 45.68
C LEU F 546 74.43 -65.53 44.20
N PRO F 547 75.63 -65.18 43.74
CA PRO F 547 76.03 -65.69 42.43
C PRO F 547 76.05 -67.19 42.43
N LYS F 548 76.71 -67.76 43.43
CA LYS F 548 77.06 -69.17 43.41
C LYS F 548 75.84 -70.04 43.21
N ILE F 549 74.74 -69.70 43.89
CA ILE F 549 73.52 -70.49 43.72
C ILE F 549 73.12 -70.54 42.26
N GLU F 550 72.54 -71.66 41.88
CA GLU F 550 72.09 -71.94 40.54
C GLU F 550 70.58 -71.91 40.48
N GLU F 551 70.09 -71.43 39.34
CA GLU F 551 68.67 -71.57 39.06
C GLU F 551 68.41 -72.88 38.35
N ASN F 552 67.26 -73.47 38.65
CA ASN F 552 67.07 -74.91 38.64
C ASN F 552 65.60 -75.17 38.36
N LEU F 553 65.15 -76.39 38.61
CA LEU F 553 63.78 -76.52 39.06
C LEU F 553 63.68 -75.88 40.43
N ILE F 554 62.77 -74.91 40.57
CA ILE F 554 62.83 -74.02 41.71
C ILE F 554 62.28 -74.72 42.94
N CYS F 555 63.12 -74.84 43.96
CA CYS F 555 62.77 -75.40 45.27
C CYS F 555 62.41 -76.87 45.14
N SER F 556 62.07 -77.29 43.94
CA SER F 556 62.08 -78.70 43.64
C SER F 556 63.48 -78.97 43.19
N LYS F 557 64.22 -79.72 43.99
CA LYS F 557 65.63 -79.45 44.22
C LYS F 557 65.80 -78.08 44.88
N TYR F 558 65.48 -78.09 46.16
CA TYR F 558 66.02 -77.15 47.13
C TYR F 558 67.17 -77.77 47.92
N THR F 559 67.51 -79.03 47.64
CA THR F 559 68.21 -79.90 48.58
C THR F 559 69.65 -79.54 48.85
N ASP F 560 70.81 -79.50 47.90
CA ASP F 560 72.19 -79.02 47.84
C ASP F 560 72.47 -77.75 48.63
N LEU F 561 71.61 -76.74 48.49
CA LEU F 561 71.82 -75.43 49.11
C LEU F 561 72.15 -75.52 50.60
N LEU F 562 71.33 -76.26 51.33
CA LEU F 562 71.49 -76.44 52.77
C LEU F 562 72.88 -76.89 53.17
N ARG F 563 73.36 -77.97 52.53
CA ARG F 563 74.63 -78.57 52.91
C ARG F 563 75.83 -77.83 52.34
N ILE F 564 75.64 -77.17 51.18
CA ILE F 564 76.73 -76.42 50.58
C ILE F 564 76.83 -75.04 51.20
N ALA F 565 75.90 -74.73 52.09
CA ALA F 565 76.04 -73.56 52.94
C ALA F 565 77.14 -73.81 53.97
N LEU F 566 77.52 -75.08 54.11
CA LEU F 566 78.53 -75.49 55.08
C LEU F 566 79.94 -75.63 54.49
N MET F 567 80.09 -75.29 53.22
CA MET F 567 81.40 -75.37 52.55
C MET F 567 82.48 -74.65 53.36
N ALA F 568 82.36 -73.33 53.45
CA ALA F 568 83.16 -72.56 54.40
C ALA F 568 82.24 -72.17 55.54
N GLU F 569 82.45 -72.78 56.71
CA GLU F 569 81.47 -72.67 57.78
C GLU F 569 81.93 -71.84 58.97
N ASP F 570 81.40 -70.63 59.07
CA ASP F 570 81.41 -69.86 60.30
C ASP F 570 80.04 -69.98 60.96
N GLU F 571 79.16 -70.75 60.32
CA GLU F 571 77.73 -70.72 60.62
C GLU F 571 77.25 -71.91 61.44
N ALA F 572 76.38 -71.63 62.41
CA ALA F 572 75.71 -72.67 63.19
C ALA F 572 74.34 -72.99 62.61
N ILE F 573 74.04 -72.38 61.47
CA ILE F 573 72.73 -72.48 60.82
C ILE F 573 72.24 -73.91 60.62
N PHE F 574 73.04 -74.74 59.95
CA PHE F 574 72.61 -76.10 59.64
C PHE F 574 72.49 -76.93 60.92
N GLU F 575 73.24 -76.55 61.94
CA GLU F 575 73.14 -77.20 63.24
C GLU F 575 71.79 -76.86 63.88
N GLU F 576 71.27 -75.69 63.53
CA GLU F 576 69.94 -75.28 63.99
C GLU F 576 68.87 -75.87 63.07
N ALA F 577 69.31 -76.36 61.91
CA ALA F 577 68.43 -77.02 60.96
C ALA F 577 68.26 -78.50 61.31
N HIS F 578 68.89 -78.91 62.40
CA HIS F 578 68.82 -80.28 62.88
C HIS F 578 67.40 -80.68 63.30
N LYS F 579 66.53 -79.69 63.47
CA LYS F 579 65.15 -79.94 63.87
C LYS F 579 64.23 -80.06 62.67
N GLN F 580 64.78 -79.91 61.48
CA GLN F 580 64.01 -79.97 60.24
C GLN F 580 64.58 -80.98 59.23
N VAL F 581 65.83 -80.78 58.82
CA VAL F 581 66.44 -81.52 57.72
C VAL F 581 66.41 -83.05 57.89
N GLN F 582 66.26 -83.52 59.13
CA GLN F 582 66.32 -84.95 59.43
C GLN F 582 64.96 -85.65 59.49
N ARG F 583 63.88 -84.97 59.15
CA ARG F 583 62.55 -85.45 59.53
C ARG F 583 62.04 -86.61 58.68
N PHE F 584 61.87 -87.75 59.35
CA PHE F 584 61.28 -88.97 58.81
C PHE F 584 61.79 -89.40 57.43
N ASP F 585 60.87 -89.98 56.65
CA ASP F 585 61.14 -90.32 55.26
C ASP F 585 60.50 -89.32 54.31
N ASP F 586 59.77 -88.36 54.87
CA ASP F 586 58.96 -87.45 54.07
C ASP F 586 59.82 -86.45 53.34
N ARG F 587 60.48 -85.57 54.09
CA ARG F 587 61.42 -84.62 53.52
C ARG F 587 62.80 -85.29 53.53
N VAL F 588 63.85 -84.54 53.24
CA VAL F 588 65.17 -85.11 53.00
C VAL F 588 65.75 -85.86 54.19
N TRP F 589 66.70 -86.74 53.91
CA TRP F 589 67.42 -87.48 54.93
C TRP F 589 68.87 -86.98 54.92
N PHE F 590 69.71 -87.48 55.80
CA PHE F 590 71.06 -86.95 55.90
C PHE F 590 71.94 -87.52 54.79
N THR F 591 72.39 -86.65 53.90
CA THR F 591 73.14 -86.98 52.69
C THR F 591 73.93 -85.75 52.29
N ASN F 592 74.47 -85.73 51.07
CA ASN F 592 74.82 -84.47 50.42
C ASN F 592 76.09 -83.83 50.98
N HIS F 593 76.76 -84.54 51.89
CA HIS F 593 77.79 -84.02 52.80
C HIS F 593 78.73 -82.97 52.18
N GLY F 594 79.42 -83.30 51.10
CA GLY F 594 80.35 -82.34 50.51
C GLY F 594 81.60 -82.13 51.34
N ARG F 595 81.83 -80.89 51.81
CA ARG F 595 83.09 -80.53 52.45
C ARG F 595 84.24 -80.66 51.46
N PHE F 596 84.37 -79.64 50.60
CA PHE F 596 85.19 -79.64 49.39
C PHE F 596 84.67 -80.65 48.37
N HIS F 597 83.51 -80.32 47.83
CA HIS F 597 82.89 -81.08 46.74
C HIS F 597 82.13 -80.09 45.86
N GLN F 598 81.88 -80.48 44.61
CA GLN F 598 81.04 -79.74 43.67
C GLN F 598 81.65 -78.43 43.18
N HIS F 599 82.82 -78.05 43.70
CA HIS F 599 83.57 -76.88 43.22
C HIS F 599 82.69 -75.62 43.14
N ARG F 600 82.41 -75.15 41.93
CA ARG F 600 81.65 -73.92 41.66
C ARG F 600 82.35 -72.64 42.09
N GLN F 601 81.70 -71.89 42.98
CA GLN F 601 81.94 -70.45 43.14
C GLN F 601 81.58 -69.84 41.79
N ILE F 602 80.40 -70.21 41.31
CA ILE F 602 79.93 -69.87 39.97
C ILE F 602 78.85 -68.80 40.04
N ILE F 603 78.96 -67.79 39.19
CA ILE F 603 78.13 -66.60 39.30
C ILE F 603 76.91 -66.61 38.35
N ASN F 604 76.81 -67.62 37.48
CA ASN F 604 75.74 -67.63 36.48
C ASN F 604 74.57 -68.56 36.81
N LEU F 605 73.41 -67.97 37.12
CA LEU F 605 72.25 -68.76 37.47
C LEU F 605 71.31 -69.06 36.31
N GLY F 606 71.51 -68.39 35.18
CA GLY F 606 70.57 -68.54 34.08
C GLY F 606 70.81 -69.72 33.16
N ASP F 607 69.73 -70.38 32.76
CA ASP F 607 69.77 -71.43 31.74
C ASP F 607 69.33 -70.94 30.36
N ASN F 608 68.92 -69.67 30.28
CA ASN F 608 68.18 -69.18 29.13
C ASN F 608 69.00 -68.98 27.85
N GLU F 609 68.30 -68.60 26.78
CA GLU F 609 68.90 -68.40 25.47
C GLU F 609 69.64 -67.08 25.33
N GLY F 610 70.57 -67.03 24.37
CA GLY F 610 71.30 -65.81 24.06
C GLY F 610 72.03 -65.95 22.74
N ARG F 611 72.43 -64.83 22.15
CA ARG F 611 73.13 -64.85 20.87
C ARG F 611 74.46 -64.12 20.93
N HIS F 612 74.42 -62.81 21.18
CA HIS F 612 75.65 -62.03 21.28
C HIS F 612 75.82 -61.36 22.64
N ALA F 613 77.06 -61.24 23.07
CA ALA F 613 77.40 -60.65 24.35
C ALA F 613 78.83 -60.12 24.39
N VAL F 614 79.09 -59.21 25.33
CA VAL F 614 80.43 -58.65 25.55
C VAL F 614 80.40 -57.69 26.74
N TYR F 615 81.56 -57.45 27.34
CA TYR F 615 81.71 -56.54 28.48
C TYR F 615 81.81 -55.07 28.08
N LEU F 616 81.44 -54.19 29.00
CA LEU F 616 81.65 -52.75 28.82
C LEU F 616 83.10 -52.41 29.13
N HIS F 617 83.66 -51.45 28.40
CA HIS F 617 85.07 -51.09 28.55
C HIS F 617 85.38 -50.41 29.88
N ASN F 618 84.35 -49.86 30.52
CA ASN F 618 84.52 -49.21 31.82
C ASN F 618 84.48 -50.20 32.98
N ASP F 619 84.29 -51.48 32.63
CA ASP F 619 84.16 -52.55 33.62
C ASP F 619 82.98 -52.24 34.55
N PHE F 620 81.88 -51.77 33.96
CA PHE F 620 80.67 -51.49 34.71
C PHE F 620 79.57 -52.49 34.35
N CYS F 621 79.12 -52.45 33.10
CA CYS F 621 78.01 -53.30 32.68
C CYS F 621 78.48 -54.49 31.86
N LEU F 622 77.52 -55.36 31.54
CA LEU F 622 77.75 -56.48 30.64
C LEU F 622 76.57 -56.61 29.68
N ILE F 623 76.79 -56.46 28.39
CA ILE F 623 75.67 -56.53 27.46
C ILE F 623 75.53 -57.94 26.88
N ALA F 624 74.32 -58.46 26.92
CA ALA F 624 74.02 -59.78 26.36
C ALA F 624 72.58 -59.81 25.87
N LEU F 625 72.35 -60.48 24.74
CA LEU F 625 71.03 -60.49 24.12
C LEU F 625 70.95 -61.37 22.88
N ALA F 626 69.72 -61.76 22.51
CA ALA F 626 69.48 -62.43 21.25
C ALA F 626 68.39 -61.73 20.45
N SER F 627 67.16 -61.94 20.85
CA SER F 627 66.01 -61.29 20.22
C SER F 627 65.50 -60.09 21.01
N GLY F 628 66.11 -59.84 22.16
CA GLY F 628 65.63 -58.81 23.07
C GLY F 628 66.24 -57.43 22.87
N GLN F 629 67.44 -57.39 22.29
CA GLN F 629 68.20 -56.15 22.13
C GLN F 629 68.25 -55.34 23.43
N ILE F 630 68.62 -56.00 24.52
CA ILE F 630 68.60 -55.36 25.84
C ILE F 630 70.01 -55.25 26.44
N LEU F 631 70.28 -54.11 27.06
CA LEU F 631 71.53 -53.88 27.79
C LEU F 631 71.39 -54.38 29.23
N LEU F 632 72.33 -55.20 29.65
CA LEU F 632 72.32 -55.76 31.00
C LEU F 632 73.52 -55.31 31.80
N THR F 633 73.64 -55.79 33.04
CA THR F 633 74.76 -55.41 33.93
C THR F 633 75.77 -56.52 34.29
N ASP F 634 77.03 -56.14 34.51
CA ASP F 634 78.13 -57.03 34.89
C ASP F 634 78.53 -56.73 36.34
N VAL F 635 78.64 -57.77 37.17
CA VAL F 635 79.02 -57.63 38.60
C VAL F 635 80.46 -58.15 38.79
N SER F 636 81.29 -57.37 39.48
CA SER F 636 82.71 -57.72 39.76
C SER F 636 82.83 -58.13 41.24
N LEU F 637 83.51 -59.24 41.56
CA LEU F 637 83.51 -59.67 42.94
C LEU F 637 83.46 -58.44 43.82
N GLU F 638 82.67 -58.49 44.88
CA GLU F 638 82.48 -57.36 45.76
C GLU F 638 81.02 -57.41 46.15
N GLY F 639 80.68 -56.89 47.32
CA GLY F 639 79.31 -56.93 47.80
C GLY F 639 78.30 -56.30 46.85
N GLU F 640 78.60 -55.09 46.38
CA GLU F 640 77.67 -54.33 45.55
C GLU F 640 77.56 -54.88 44.13
N ASP F 641 76.33 -54.89 43.62
CA ASP F 641 76.05 -55.35 42.26
C ASP F 641 75.04 -54.39 41.63
N THR F 642 74.82 -54.52 40.32
CA THR F 642 73.89 -53.63 39.63
C THR F 642 73.06 -54.38 38.58
N TYR F 643 71.78 -54.07 38.49
CA TYR F 643 70.92 -54.61 37.42
C TYR F 643 70.30 -53.46 36.62
N LEU F 644 70.05 -53.70 35.33
CA LEU F 644 69.49 -52.66 34.48
C LEU F 644 68.64 -53.24 33.34
N LEU F 645 67.59 -52.52 32.96
CA LEU F 645 66.74 -52.92 31.83
C LEU F 645 66.82 -51.88 30.72
N ARG F 646 66.71 -52.33 29.47
CA ARG F 646 66.87 -51.46 28.33
C ARG F 646 65.72 -51.59 27.32
N ASP F 647 65.65 -52.75 26.67
CA ASP F 647 64.63 -53.05 25.66
C ASP F 647 64.66 -52.07 24.48
N GLU F 648 65.75 -52.13 23.71
CA GLU F 648 65.87 -51.34 22.49
C GLU F 648 65.02 -51.92 21.36
N SER F 649 64.78 -51.10 20.34
CA SER F 649 64.07 -51.55 19.15
C SER F 649 64.84 -52.66 18.46
N ASP F 650 64.17 -53.47 17.66
CA ASP F 650 64.76 -54.72 17.18
C ASP F 650 65.83 -54.53 16.11
N SER F 651 67.03 -55.00 16.45
CA SER F 651 68.17 -55.03 15.52
C SER F 651 68.28 -56.42 14.89
N SER F 652 67.28 -57.26 15.14
CA SER F 652 67.38 -58.70 14.93
C SER F 652 67.85 -59.13 13.54
N ASP F 653 68.51 -60.29 13.52
CA ASP F 653 69.14 -60.87 12.33
C ASP F 653 70.36 -60.10 11.83
N ILE F 654 71.15 -59.59 12.78
CA ILE F 654 72.49 -59.09 12.47
C ILE F 654 73.50 -60.24 12.39
N LEU F 655 74.56 -60.03 11.61
CA LEU F 655 75.61 -61.05 11.47
C LEU F 655 76.54 -61.08 12.67
N ARG F 656 77.00 -59.91 13.10
CA ARG F 656 77.90 -59.82 14.25
C ARG F 656 77.67 -58.49 14.97
N MET F 657 78.33 -58.28 16.10
CA MET F 657 78.13 -57.08 16.89
C MET F 657 79.41 -56.70 17.65
N ALA F 658 79.61 -55.39 17.85
CA ALA F 658 80.78 -54.90 18.58
C ALA F 658 80.41 -53.70 19.44
N VAL F 659 81.44 -53.11 20.07
CA VAL F 659 81.24 -51.96 20.94
C VAL F 659 82.35 -50.93 20.70
N PHE F 660 82.00 -49.65 20.79
CA PHE F 660 82.96 -48.59 20.51
C PHE F 660 83.60 -48.13 21.82
N ASN F 661 84.56 -47.22 21.76
CA ASN F 661 85.34 -46.85 22.95
C ASN F 661 84.64 -45.85 23.88
N GLN F 662 83.91 -44.90 23.32
CA GLN F 662 83.26 -43.86 24.12
C GLN F 662 81.81 -44.21 24.43
N GLN F 663 81.40 -45.40 24.01
CA GLN F 663 80.10 -46.04 24.36
C GLN F 663 78.88 -45.26 23.87
N LYS F 664 79.10 -44.07 23.34
CA LYS F 664 78.01 -43.25 22.82
C LYS F 664 77.65 -43.67 21.40
N HIS F 665 78.53 -44.46 20.79
CA HIS F 665 78.31 -44.97 19.45
C HIS F 665 78.26 -46.49 19.44
N LEU F 666 77.36 -47.04 18.64
CA LEU F 666 77.21 -48.49 18.53
C LEU F 666 77.19 -48.93 17.07
N ILE F 667 78.15 -49.75 16.67
CA ILE F 667 78.23 -50.22 15.30
C ILE F 667 77.29 -51.41 15.09
N THR F 668 76.58 -51.40 13.96
CA THR F 668 75.64 -52.45 13.64
C THR F 668 75.63 -52.73 12.13
N LEU F 669 75.59 -54.00 11.75
CA LEU F 669 75.52 -54.38 10.35
C LEU F 669 74.52 -55.52 10.15
N HIS F 670 73.87 -55.53 8.99
CA HIS F 670 72.81 -56.51 8.73
C HIS F 670 73.19 -57.50 7.62
N CYS F 671 72.26 -58.38 7.30
CA CYS F 671 72.43 -59.35 6.22
C CYS F 671 72.74 -58.66 4.90
N ASN F 672 71.77 -57.90 4.40
CA ASN F 672 71.97 -57.11 3.19
C ASN F 672 72.87 -55.91 3.47
N GLY F 673 73.06 -55.61 4.74
CA GLY F 673 73.95 -54.54 5.17
C GLY F 673 73.21 -53.27 5.54
N SER F 674 73.75 -52.56 6.52
CA SER F 674 73.18 -51.32 7.05
C SER F 674 74.05 -50.78 8.16
N VAL F 675 73.84 -49.53 8.55
CA VAL F 675 74.53 -48.95 9.68
C VAL F 675 73.54 -48.32 10.66
N LYS F 676 73.45 -48.88 11.86
CA LYS F 676 72.50 -48.40 12.86
C LYS F 676 73.19 -48.02 14.15
N LEU F 677 73.09 -46.74 14.53
CA LEU F 677 73.76 -46.23 15.71
C LEU F 677 72.81 -46.13 16.90
N TRP F 678 73.32 -46.42 18.09
CA TRP F 678 72.53 -46.34 19.32
C TRP F 678 73.28 -45.59 20.41
N SER F 679 72.56 -45.21 21.45
CA SER F 679 73.15 -44.52 22.60
C SER F 679 72.80 -45.24 23.89
N LEU F 680 73.81 -45.56 24.67
CA LEU F 680 73.62 -46.29 25.92
C LEU F 680 72.98 -45.41 26.99
N TRP F 681 73.01 -44.10 26.77
CA TRP F 681 72.37 -43.15 27.67
C TRP F 681 70.85 -43.30 27.60
N PRO F 682 70.23 -43.64 28.74
CA PRO F 682 68.77 -43.85 28.81
C PRO F 682 67.99 -42.56 28.62
N ASN F 699 68.22 -43.35 11.16
CA ASN F 699 69.54 -43.58 11.73
C ASN F 699 70.40 -44.46 10.83
N SER F 700 69.87 -44.83 9.68
CA SER F 700 70.59 -45.69 8.74
C SER F 700 70.50 -45.15 7.32
N VAL F 701 71.66 -44.89 6.71
CA VAL F 701 71.71 -44.39 5.34
C VAL F 701 72.64 -45.23 4.45
N VAL F 702 72.04 -45.91 3.47
CA VAL F 702 72.79 -46.70 2.51
C VAL F 702 72.95 -45.85 1.24
N LYS F 703 72.39 -44.66 1.28
CA LYS F 703 72.26 -43.80 0.09
C LYS F 703 73.58 -43.15 -0.32
N ARG F 704 73.47 -42.22 -1.26
CA ARG F 704 74.62 -41.52 -1.85
C ARG F 704 75.56 -42.47 -2.58
N PHE F 705 76.85 -42.36 -2.29
CA PHE F 705 77.88 -43.16 -2.96
C PHE F 705 77.67 -44.66 -2.78
N ILE F 706 77.97 -45.41 -3.84
CA ILE F 706 77.83 -46.86 -3.87
C ILE F 706 76.39 -47.23 -3.49
N GLY F 707 76.19 -47.91 -2.36
CA GLY F 707 74.86 -48.31 -1.95
C GLY F 707 74.24 -49.33 -2.87
N SER F 708 75.05 -50.26 -3.35
CA SER F 708 74.58 -51.30 -4.26
C SER F 708 73.63 -52.28 -3.56
N TYR F 709 72.83 -52.98 -4.36
CA TYR F 709 71.88 -53.95 -3.82
C TYR F 709 72.44 -55.37 -3.94
N ALA F 710 72.75 -55.97 -2.80
CA ALA F 710 73.37 -57.29 -2.73
C ALA F 710 73.54 -57.73 -1.28
N ASN F 711 73.97 -58.97 -1.10
CA ASN F 711 74.17 -59.52 0.24
C ASN F 711 75.54 -59.15 0.82
N LEU F 712 75.55 -58.72 2.08
CA LEU F 712 76.79 -58.36 2.74
C LEU F 712 77.40 -59.55 3.48
N LYS F 713 78.72 -59.71 3.35
CA LYS F 713 79.43 -60.79 4.01
C LYS F 713 79.79 -60.45 5.45
N ILE F 714 80.60 -61.30 6.06
CA ILE F 714 81.05 -61.11 7.44
C ILE F 714 82.14 -60.03 7.48
N VAL F 715 82.65 -59.69 6.30
CA VAL F 715 83.77 -58.76 6.16
C VAL F 715 83.54 -57.41 6.85
N ALA F 716 84.48 -57.04 7.71
CA ALA F 716 84.45 -55.77 8.44
C ALA F 716 85.73 -55.63 9.27
N PHE F 717 86.05 -54.40 9.66
CA PHE F 717 87.27 -54.10 10.41
C PHE F 717 87.37 -52.62 10.77
N TYR F 718 88.38 -52.27 11.56
CA TYR F 718 88.59 -50.89 11.98
C TYR F 718 89.93 -50.36 11.48
N LEU F 719 89.93 -49.13 10.98
CA LEU F 719 91.15 -48.49 10.50
C LEU F 719 91.67 -47.45 11.47
N ASN F 720 92.79 -46.83 11.12
CA ASN F 720 93.34 -45.72 11.90
C ASN F 720 92.84 -44.39 11.37
N GLU F 721 93.39 -43.30 11.88
CA GLU F 721 92.97 -41.97 11.44
C GLU F 721 93.88 -41.46 10.32
N ASP F 722 93.32 -41.38 9.11
CA ASP F 722 94.06 -40.91 7.95
C ASP F 722 93.80 -39.45 7.65
N ALA F 723 92.92 -38.83 8.44
CA ALA F 723 92.52 -37.45 8.22
C ALA F 723 93.17 -36.50 9.21
N GLY F 724 92.72 -36.56 10.46
CA GLY F 724 93.23 -35.68 11.50
C GLY F 724 94.68 -35.91 11.82
N LEU F 725 95.04 -37.15 12.14
CA LEU F 725 96.41 -37.49 12.48
C LEU F 725 96.67 -38.99 12.26
N ILE F 730 92.18 -39.06 17.19
CA ILE F 730 90.83 -38.51 17.26
C ILE F 730 89.78 -39.62 17.37
N GLN F 731 89.89 -40.62 16.49
CA GLN F 731 88.93 -41.70 16.43
C GLN F 731 89.38 -42.73 15.39
N LEU F 732 88.84 -43.94 15.47
CA LEU F 732 89.17 -45.00 14.53
C LEU F 732 88.03 -45.21 13.53
N HIS F 733 88.37 -45.20 12.25
CA HIS F 733 87.35 -45.32 11.20
C HIS F 733 86.87 -46.75 11.04
N VAL F 734 85.92 -46.95 10.13
CA VAL F 734 85.35 -48.26 9.86
C VAL F 734 85.30 -48.52 8.36
N ALA F 735 85.70 -49.72 7.94
CA ALA F 735 85.67 -50.07 6.52
C ALA F 735 85.34 -51.55 6.32
N PHE F 736 84.65 -51.85 5.23
CA PHE F 736 84.27 -53.22 4.92
C PHE F 736 84.02 -53.41 3.43
N ILE F 737 83.68 -54.64 3.03
CA ILE F 737 83.49 -54.97 1.63
C ILE F 737 82.10 -55.56 1.37
N ASN F 738 81.36 -54.94 0.46
CA ASN F 738 80.03 -55.41 0.08
C ASN F 738 80.09 -56.52 -0.96
N GLY F 739 78.93 -56.87 -1.51
CA GLY F 739 78.85 -57.85 -2.58
C GLY F 739 79.14 -57.23 -3.93
N ASP F 740 79.62 -56.00 -3.92
CA ASP F 740 79.97 -55.27 -5.12
C ASP F 740 81.43 -55.51 -5.52
N VAL F 741 82.07 -56.43 -4.79
CA VAL F 741 83.49 -56.80 -4.93
C VAL F 741 84.39 -55.56 -5.05
N SER F 742 84.12 -54.57 -4.21
CA SER F 742 84.93 -53.36 -4.13
C SER F 742 85.01 -52.88 -2.69
N ILE F 743 86.15 -52.33 -2.30
CA ILE F 743 86.36 -51.89 -0.93
C ILE F 743 85.51 -50.65 -0.60
N LEU F 744 84.97 -50.61 0.60
CA LEU F 744 84.16 -49.48 1.05
C LEU F 744 84.69 -48.91 2.36
N ASN F 745 85.00 -47.61 2.34
CA ASN F 745 85.53 -46.93 3.51
C ASN F 745 84.55 -45.92 4.08
N TRP F 746 84.58 -45.76 5.41
CA TRP F 746 83.72 -44.80 6.09
C TRP F 746 84.55 -43.88 6.99
N ASP F 747 84.45 -42.57 6.76
CA ASP F 747 85.20 -41.62 7.55
C ASP F 747 84.32 -40.95 8.60
N GLU F 748 84.57 -41.29 9.86
CA GLU F 748 83.82 -40.72 10.98
C GLU F 748 84.73 -40.16 12.07
N GLN F 749 84.79 -38.83 12.18
CA GLN F 749 85.52 -38.23 13.29
C GLN F 749 84.66 -37.61 14.41
N ASP F 750 83.35 -37.44 14.21
CA ASP F 750 82.55 -36.76 15.22
C ASP F 750 81.21 -37.40 15.55
N GLN F 751 80.25 -37.26 14.63
CA GLN F 751 78.87 -37.65 14.87
C GLN F 751 78.27 -38.46 13.72
N GLU F 752 78.10 -37.80 12.58
CA GLU F 752 77.50 -38.40 11.40
C GLU F 752 78.52 -38.60 10.30
N PHE F 753 78.30 -39.62 9.47
CA PHE F 753 79.26 -40.01 8.44
C PHE F 753 79.47 -38.91 7.39
N LYS F 754 80.65 -38.91 6.79
CA LYS F 754 81.05 -37.89 5.83
C LYS F 754 81.14 -38.43 4.41
N LEU F 755 82.03 -39.39 4.20
CA LEU F 755 82.34 -39.94 2.88
C LEU F 755 82.86 -38.86 1.95
N SER F 756 84.07 -38.38 2.24
CA SER F 756 84.68 -37.31 1.47
C SER F 756 85.22 -37.80 0.13
N HIS F 757 84.74 -37.19 -0.95
CA HIS F 757 85.19 -37.46 -2.31
C HIS F 757 85.13 -38.95 -2.68
N VAL F 758 86.16 -39.40 -3.40
CA VAL F 758 86.20 -40.76 -3.93
C VAL F 758 86.89 -41.74 -2.98
N PRO F 759 86.54 -43.04 -3.09
CA PRO F 759 87.23 -44.11 -2.38
C PRO F 759 88.70 -44.25 -2.78
N VAL F 760 89.06 -43.63 -3.90
CA VAL F 760 90.45 -43.50 -4.39
C VAL F 760 90.97 -44.81 -5.00
N LEU F 761 90.30 -45.92 -4.71
CA LEU F 761 90.71 -47.23 -5.19
C LEU F 761 89.72 -48.32 -4.77
N LYS F 762 89.77 -49.46 -5.45
CA LYS F 762 88.92 -50.59 -5.12
C LYS F 762 89.75 -51.84 -4.82
N THR F 763 89.09 -52.95 -4.54
CA THR F 763 89.78 -54.20 -4.23
C THR F 763 89.27 -55.33 -5.12
N MET F 764 90.18 -56.10 -5.70
CA MET F 764 89.83 -57.20 -6.59
C MET F 764 89.11 -58.32 -5.85
N GLN F 765 88.04 -58.82 -6.46
CA GLN F 765 87.21 -59.89 -5.90
C GLN F 765 86.73 -59.57 -4.49
N SER F 766 86.72 -60.59 -3.63
CA SER F 766 86.32 -60.40 -2.24
C SER F 766 86.98 -61.43 -1.31
N GLY F 767 87.27 -61.00 -0.09
CA GLY F 767 87.81 -61.90 0.92
C GLY F 767 86.80 -62.19 2.02
N ILE F 768 87.27 -62.71 3.14
CA ILE F 768 86.43 -62.89 4.32
C ILE F 768 87.00 -62.09 5.50
N ARG F 769 88.22 -62.39 5.92
CA ARG F 769 88.82 -61.69 7.05
C ARG F 769 89.87 -60.69 6.56
N CYS F 770 89.55 -59.40 6.66
CA CYS F 770 90.44 -58.35 6.19
C CYS F 770 90.74 -57.35 7.30
N PHE F 771 91.99 -56.92 7.40
CA PHE F 771 92.33 -55.94 8.43
C PHE F 771 93.61 -55.17 8.05
N VAL F 772 93.85 -54.05 8.72
CA VAL F 772 95.02 -53.22 8.43
C VAL F 772 96.27 -53.65 9.22
N GLN F 773 97.42 -53.62 8.56
CA GLN F 773 98.68 -53.91 9.23
C GLN F 773 99.13 -52.74 10.09
N VAL F 774 100.35 -52.84 10.61
CA VAL F 774 100.94 -51.76 11.39
C VAL F 774 101.16 -50.52 10.53
N LEU F 775 101.23 -50.72 9.22
CA LEU F 775 101.31 -49.62 8.27
C LEU F 775 99.96 -49.41 7.60
N LYS F 776 99.56 -48.15 7.46
CA LYS F 776 98.27 -47.81 6.88
C LYS F 776 98.24 -47.98 5.37
N ARG F 777 99.40 -48.25 4.78
CA ARG F 777 99.51 -48.39 3.33
C ARG F 777 99.22 -49.81 2.86
N TYR F 778 99.16 -50.75 3.80
CA TYR F 778 98.96 -52.15 3.45
C TYR F 778 97.78 -52.77 4.21
N TYR F 779 97.01 -53.60 3.51
CA TYR F 779 95.85 -54.27 4.09
C TYR F 779 95.91 -55.77 3.87
N VAL F 780 95.92 -56.55 4.94
CA VAL F 780 95.89 -58.01 4.79
C VAL F 780 94.48 -58.49 4.49
N VAL F 781 94.38 -59.34 3.48
CA VAL F 781 93.10 -59.86 3.00
C VAL F 781 93.09 -61.38 3.00
N CYS F 782 92.06 -61.96 3.63
CA CYS F 782 91.91 -63.40 3.66
C CYS F 782 90.57 -63.82 3.08
N THR F 783 90.60 -64.78 2.17
CA THR F 783 89.41 -65.24 1.48
C THR F 783 88.88 -66.55 2.07
N SER F 784 87.83 -67.08 1.48
CA SER F 784 87.20 -68.32 1.95
C SER F 784 87.96 -69.54 1.45
N ASN F 785 88.96 -69.31 0.62
CA ASN F 785 89.78 -70.40 0.08
C ASN F 785 90.96 -70.70 0.98
N CYS F 786 91.02 -70.02 2.12
CA CYS F 786 92.09 -70.19 3.10
C CYS F 786 93.48 -69.92 2.51
N THR F 787 93.57 -68.85 1.74
CA THR F 787 94.84 -68.44 1.14
C THR F 787 95.23 -67.04 1.60
N LEU F 788 96.52 -66.72 1.50
CA LEU F 788 97.01 -65.42 1.92
C LEU F 788 97.26 -64.52 0.71
N THR F 789 96.45 -63.48 0.58
CA THR F 789 96.58 -62.53 -0.52
C THR F 789 96.57 -61.10 0.00
N VAL F 790 97.13 -60.18 -0.78
CA VAL F 790 97.19 -58.78 -0.36
C VAL F 790 97.02 -57.81 -1.54
N TRP F 791 96.23 -56.77 -1.31
CA TRP F 791 96.12 -55.67 -2.26
C TRP F 791 96.56 -54.37 -1.60
N ASP F 792 97.65 -53.81 -2.11
CA ASP F 792 98.24 -52.61 -1.52
C ASP F 792 97.35 -51.38 -1.74
N LEU F 793 97.25 -50.54 -0.72
CA LEU F 793 96.47 -49.31 -0.80
C LEU F 793 97.15 -48.31 -1.74
N THR F 794 98.44 -48.07 -1.50
CA THR F 794 99.23 -47.21 -2.37
C THR F 794 100.15 -48.07 -3.24
N ASN F 795 100.88 -47.41 -4.14
CA ASN F 795 101.79 -48.08 -5.07
C ASN F 795 101.14 -49.25 -5.80
N GLY F 796 100.14 -48.95 -6.61
CA GLY F 796 99.40 -49.98 -7.33
C GLY F 796 98.40 -50.68 -6.44
N SER F 797 97.80 -51.75 -6.94
CA SER F 797 96.82 -52.51 -6.17
C SER F 797 97.37 -53.89 -5.79
N SER F 798 97.43 -54.78 -6.76
CA SER F 798 97.99 -56.12 -6.54
C SER F 798 99.47 -56.15 -6.90
N ASN F 799 100.30 -56.55 -5.94
CA ASN F 799 101.74 -56.53 -6.15
C ASN F 799 102.37 -57.92 -6.14
N THR F 800 102.52 -58.49 -4.96
CA THR F 800 103.25 -59.75 -4.82
C THR F 800 102.91 -60.54 -3.56
N LEU F 801 103.74 -61.55 -3.29
CA LEU F 801 103.67 -62.39 -2.09
C LEU F 801 102.36 -63.16 -1.94
N GLU F 802 102.12 -64.07 -2.88
CA GLU F 802 101.05 -65.05 -2.75
C GLU F 802 101.67 -66.36 -2.28
N LEU F 803 103.00 -66.35 -2.13
CA LEU F 803 103.79 -67.55 -1.94
C LEU F 803 103.79 -68.16 -0.53
N HIS F 804 104.05 -69.46 -0.48
CA HIS F 804 104.33 -70.19 0.76
C HIS F 804 103.25 -70.11 1.84
N VAL F 805 102.13 -70.78 1.59
CA VAL F 805 101.13 -71.03 2.63
C VAL F 805 101.36 -72.42 3.22
N PHE F 806 101.25 -72.54 4.54
CA PHE F 806 101.58 -73.77 5.23
C PHE F 806 100.68 -74.95 4.85
N ASN F 807 99.38 -74.81 5.05
CA ASN F 807 98.44 -75.88 4.76
C ASN F 807 97.17 -75.39 4.06
N VAL F 808 96.91 -75.93 2.88
CA VAL F 808 95.71 -75.60 2.13
C VAL F 808 94.58 -76.58 2.43
N GLU F 809 94.88 -77.64 3.15
CA GLU F 809 93.90 -78.67 3.46
C GLU F 809 93.33 -78.51 4.87
N ASN F 810 92.05 -78.15 4.95
CA ASN F 810 91.38 -78.01 6.22
C ASN F 810 90.91 -79.36 6.77
N ASP F 811 90.79 -79.45 8.10
CA ASP F 811 90.23 -80.64 8.73
C ASP F 811 88.75 -80.75 8.40
N THR F 812 88.05 -79.64 8.51
CA THR F 812 86.64 -79.54 8.10
C THR F 812 86.46 -78.30 7.25
N PRO F 813 85.61 -78.38 6.22
CA PRO F 813 85.42 -77.23 5.33
C PRO F 813 84.87 -76.00 6.06
N LEU F 814 85.57 -74.88 5.92
CA LEU F 814 85.24 -73.63 6.59
C LEU F 814 85.86 -72.45 5.86
N ALA F 815 85.76 -71.27 6.46
CA ALA F 815 86.48 -70.10 5.98
C ALA F 815 87.75 -69.90 6.80
N LEU F 816 88.51 -68.87 6.48
CA LEU F 816 89.74 -68.60 7.22
C LEU F 816 89.38 -67.97 8.56
N ASP F 817 90.24 -68.17 9.57
CA ASP F 817 89.94 -67.75 10.93
C ASP F 817 90.09 -66.24 11.14
N VAL F 818 89.98 -65.81 12.38
CA VAL F 818 90.02 -64.39 12.72
C VAL F 818 91.45 -63.88 12.86
N PHE F 819 91.74 -62.79 12.15
CA PHE F 819 93.05 -62.14 12.23
C PHE F 819 93.11 -61.25 13.47
N ASP F 820 94.28 -61.17 14.10
CA ASP F 820 94.43 -60.45 15.36
C ASP F 820 95.54 -59.40 15.35
N GLU F 821 95.75 -58.77 16.50
CA GLU F 821 96.79 -57.76 16.65
C GLU F 821 97.61 -57.94 17.93
N ARG F 822 98.74 -57.23 17.99
CA ARG F 822 99.59 -57.24 19.17
C ARG F 822 99.76 -55.82 19.71
N SER F 823 100.50 -55.69 20.81
CA SER F 823 100.77 -54.39 21.40
C SER F 823 102.01 -53.77 20.77
N LYS F 824 102.73 -54.57 20.00
CA LYS F 824 103.93 -54.10 19.31
C LYS F 824 103.59 -53.33 18.04
N THR F 825 104.49 -52.46 17.62
CA THR F 825 104.29 -51.65 16.42
C THR F 825 104.83 -52.37 15.18
N ALA F 826 105.32 -53.59 15.37
CA ALA F 826 105.85 -54.37 14.27
C ALA F 826 105.22 -55.76 14.20
N THR F 827 105.49 -56.57 15.24
CA THR F 827 104.99 -57.93 15.31
C THR F 827 103.46 -57.97 15.37
N VAL F 828 102.84 -58.74 14.48
CA VAL F 828 101.40 -58.90 14.49
C VAL F 828 101.01 -60.35 14.81
N LEU F 829 99.70 -60.58 14.92
CA LEU F 829 99.19 -61.87 15.38
C LEU F 829 98.13 -62.45 14.45
N LEU F 830 98.14 -63.77 14.33
CA LEU F 830 97.18 -64.49 13.51
C LEU F 830 96.98 -65.90 14.06
N ILE F 831 95.83 -66.49 13.81
CA ILE F 831 95.58 -67.87 14.22
C ILE F 831 94.88 -68.64 13.11
N PHE F 832 95.37 -69.85 12.83
CA PHE F 832 94.75 -70.69 11.81
C PHE F 832 94.50 -72.10 12.34
N LYS F 833 93.22 -72.45 12.50
CA LYS F 833 92.81 -73.76 12.98
C LYS F 833 93.51 -74.16 14.28
N TYR F 834 94.27 -75.25 14.24
CA TYR F 834 94.91 -75.79 15.43
C TYR F 834 96.29 -75.18 15.66
N SER F 835 96.70 -74.27 14.77
CA SER F 835 98.02 -73.65 14.87
C SER F 835 97.91 -72.14 15.05
N VAL F 836 98.93 -71.55 15.66
CA VAL F 836 98.96 -70.10 15.86
C VAL F 836 100.12 -69.48 15.09
N TRP F 837 99.80 -68.52 14.23
CA TRP F 837 100.82 -67.88 13.40
C TRP F 837 101.12 -66.47 13.88
N ARG F 838 102.32 -66.28 14.45
CA ARG F 838 102.76 -64.96 14.85
C ARG F 838 103.65 -64.36 13.77
N LEU F 839 103.25 -63.19 13.26
CA LEU F 839 103.91 -62.64 12.09
C LEU F 839 104.67 -61.34 12.39
N ASN F 840 105.34 -60.83 11.36
CA ASN F 840 106.26 -59.71 11.46
C ASN F 840 106.42 -58.99 10.14
N PHE F 841 107.04 -57.82 10.16
CA PHE F 841 107.39 -57.11 8.93
C PHE F 841 108.35 -57.98 8.13
N LEU F 842 108.43 -57.70 6.82
CA LEU F 842 109.02 -58.59 5.79
C LEU F 842 107.95 -59.63 5.41
N PRO F 843 108.11 -60.28 4.24
CA PRO F 843 107.02 -61.10 3.67
C PRO F 843 106.32 -62.07 4.62
N GLY F 844 107.06 -62.76 5.48
CA GLY F 844 106.41 -63.64 6.44
C GLY F 844 107.22 -64.84 6.89
N LEU F 845 106.51 -65.85 7.38
CA LEU F 845 107.11 -67.07 7.90
C LEU F 845 108.08 -66.71 9.02
N SER F 846 107.53 -66.29 10.16
CA SER F 846 108.35 -65.85 11.28
C SER F 846 108.18 -66.77 12.48
N VAL F 847 107.04 -66.69 13.16
CA VAL F 847 106.82 -67.49 14.35
C VAL F 847 105.59 -68.40 14.20
N SER F 848 105.75 -69.66 14.59
CA SER F 848 104.64 -70.62 14.58
C SER F 848 104.58 -71.36 15.91
N LEU F 849 103.47 -71.20 16.62
CA LEU F 849 103.34 -71.78 17.96
C LEU F 849 102.05 -72.58 18.15
N GLN F 850 102.14 -73.61 19.00
CA GLN F 850 100.98 -74.40 19.39
C GLN F 850 101.07 -74.73 20.87
N SER F 851 99.98 -74.54 21.60
CA SER F 851 99.97 -74.81 23.03
C SER F 851 100.06 -76.32 23.29
N GLU F 852 99.13 -77.07 22.71
CA GLU F 852 99.13 -78.53 22.79
C GLU F 852 98.12 -79.13 21.82
N ALA F 853 98.00 -80.45 21.83
CA ALA F 853 97.07 -81.14 20.96
C ALA F 853 95.64 -81.05 21.47
N VAL F 854 94.71 -81.65 20.74
CA VAL F 854 93.30 -81.63 21.13
C VAL F 854 93.03 -82.61 22.27
N GLY F 859 86.66 -81.09 17.43
CA GLY F 859 85.67 -80.57 16.52
C GLY F 859 86.21 -79.44 15.66
N SER F 860 85.31 -78.73 14.98
CA SER F 860 85.70 -77.61 14.13
C SER F 860 86.02 -76.37 14.97
N PHE F 861 86.88 -75.51 14.44
CA PHE F 861 87.26 -74.29 15.14
C PHE F 861 86.34 -73.14 14.78
N ILE F 862 85.66 -72.59 15.78
CA ILE F 862 84.73 -71.50 15.57
C ILE F 862 85.01 -70.30 16.49
N THR F 863 84.90 -70.50 17.80
CA THR F 863 85.02 -69.41 18.76
C THR F 863 86.45 -69.21 19.25
N CYS F 864 86.81 -67.94 19.45
CA CYS F 864 88.14 -67.58 19.93
C CYS F 864 88.09 -66.28 20.73
N GLY F 865 88.97 -66.17 21.71
CA GLY F 865 89.04 -64.99 22.55
C GLY F 865 90.18 -64.06 22.18
N LYS F 866 90.51 -63.14 23.09
CA LYS F 866 91.55 -62.15 22.86
C LYS F 866 91.71 -61.29 24.12
N ARG F 867 92.84 -60.62 24.25
CA ARG F 867 93.11 -59.75 25.40
C ARG F 867 93.85 -58.49 24.95
N SER F 868 93.75 -57.43 25.75
CA SER F 868 94.40 -56.16 25.42
C SER F 868 95.23 -55.62 26.58
N THR F 869 94.54 -55.21 27.64
CA THR F 869 95.18 -54.59 28.80
C THR F 869 95.89 -55.66 29.65
N ASP F 870 95.48 -56.91 29.47
CA ASP F 870 96.00 -58.03 30.25
C ASP F 870 97.45 -58.35 29.87
N GLY F 871 97.98 -57.66 28.87
CA GLY F 871 99.30 -57.96 28.36
C GLY F 871 99.28 -58.68 27.04
N ARG F 872 98.12 -58.67 26.38
CA ARG F 872 97.96 -59.24 25.04
C ARG F 872 98.27 -60.73 25.03
N TYR F 873 97.65 -61.47 25.93
CA TYR F 873 97.77 -62.92 25.95
C TYR F 873 96.62 -63.53 25.16
N LEU F 874 96.91 -64.51 24.31
CA LEU F 874 95.93 -64.96 23.33
C LEU F 874 95.12 -66.18 23.79
N LEU F 875 93.82 -65.97 23.99
CA LEU F 875 92.89 -67.07 24.27
C LEU F 875 92.70 -67.91 23.02
N LEU F 876 92.82 -69.23 23.14
CA LEU F 876 92.75 -70.10 21.97
C LEU F 876 92.50 -71.57 22.31
N GLY F 877 92.35 -72.38 21.26
CA GLY F 877 92.26 -73.82 21.42
C GLY F 877 91.71 -74.52 20.19
N THR F 878 91.89 -75.83 20.13
CA THR F 878 91.31 -76.66 19.07
C THR F 878 89.79 -76.59 19.06
N SER F 879 89.18 -77.21 20.07
CA SER F 879 87.73 -77.21 20.26
C SER F 879 87.42 -76.83 21.70
N GLU F 880 87.88 -77.67 22.63
CA GLU F 880 87.79 -77.42 24.06
C GLU F 880 86.38 -77.13 24.55
N GLY F 881 85.55 -78.16 24.58
CA GLY F 881 84.27 -78.10 25.26
C GLY F 881 84.51 -78.11 26.76
N LEU F 882 85.76 -78.37 27.15
CA LEU F 882 86.18 -78.32 28.54
C LEU F 882 87.58 -77.72 28.65
N ILE F 883 87.77 -76.83 29.63
CA ILE F 883 89.06 -76.22 29.91
C ILE F 883 89.59 -75.46 28.70
N VAL F 884 88.99 -74.31 28.41
CA VAL F 884 89.48 -73.41 27.37
C VAL F 884 90.89 -72.93 27.70
N TYR F 885 91.76 -72.88 26.69
CA TYR F 885 93.18 -72.61 26.91
C TYR F 885 93.56 -71.15 26.66
N ASP F 886 94.48 -70.65 27.49
CA ASP F 886 95.06 -69.33 27.29
C ASP F 886 96.56 -69.44 27.03
N LEU F 887 97.05 -68.61 26.10
CA LEU F 887 98.46 -68.65 25.73
C LEU F 887 99.17 -67.35 26.10
N LYS F 888 100.15 -67.46 27.00
CA LYS F 888 100.99 -66.34 27.39
C LYS F 888 102.07 -66.13 26.33
N ILE F 889 102.49 -64.88 26.16
CA ILE F 889 103.47 -64.53 25.13
C ILE F 889 104.79 -65.30 25.28
N SER F 890 105.20 -65.96 24.19
CA SER F 890 106.48 -66.63 24.06
C SER F 890 106.67 -67.85 24.97
N ASP F 891 105.70 -68.10 25.87
CA ASP F 891 105.80 -69.23 26.78
C ASP F 891 104.60 -70.16 26.67
N PRO F 892 104.85 -71.48 26.76
CA PRO F 892 103.79 -72.50 26.71
C PRO F 892 103.28 -72.88 28.10
N VAL F 893 102.55 -71.98 28.75
CA VAL F 893 102.03 -72.24 30.08
C VAL F 893 100.55 -71.88 30.16
N LEU F 894 99.78 -72.67 30.90
CA LEU F 894 98.34 -72.44 31.06
C LEU F 894 98.01 -71.99 32.47
N ARG F 895 97.65 -70.72 32.62
CA ARG F 895 97.29 -70.17 33.93
C ARG F 895 95.78 -70.15 34.16
N SER F 896 95.03 -70.60 33.15
CA SER F 896 93.57 -70.56 33.22
C SER F 896 92.96 -71.95 33.36
N ASN F 897 91.82 -72.01 34.04
CA ASN F 897 91.11 -73.27 34.27
C ASN F 897 89.61 -73.11 34.18
N VAL F 898 88.93 -74.10 33.62
CA VAL F 898 87.48 -74.04 33.49
C VAL F 898 86.80 -75.20 34.21
N SER F 899 86.09 -74.89 35.29
CA SER F 899 85.32 -75.89 36.04
C SER F 899 83.85 -75.89 35.65
N GLU F 900 83.47 -74.99 34.75
CA GLU F 900 82.07 -74.83 34.36
C GLU F 900 81.76 -75.58 33.06
N HIS F 901 82.78 -76.27 32.54
CA HIS F 901 82.73 -76.91 31.23
C HIS F 901 82.36 -75.84 30.20
N ILE F 902 81.58 -76.21 29.17
CA ILE F 902 80.99 -75.26 28.22
C ILE F 902 80.28 -76.05 27.10
N GLU F 903 79.42 -75.37 26.34
CA GLU F 903 78.85 -75.94 25.13
C GLU F 903 79.39 -75.12 23.95
N CYS F 904 79.09 -75.52 22.72
CA CYS F 904 79.60 -74.78 21.56
C CYS F 904 78.51 -74.42 20.55
N VAL F 905 78.23 -73.13 20.41
CA VAL F 905 77.32 -72.64 19.39
C VAL F 905 77.90 -71.44 18.61
N ASP F 906 78.19 -70.34 19.29
CA ASP F 906 78.60 -69.11 18.62
C ASP F 906 80.05 -68.74 18.89
N ILE F 907 80.48 -67.62 18.33
CA ILE F 907 81.90 -67.25 18.29
C ILE F 907 82.29 -66.26 19.41
N TYR F 908 81.33 -65.81 20.20
CA TYR F 908 81.60 -64.71 21.12
C TYR F 908 82.36 -65.15 22.37
N GLU F 909 83.54 -64.57 22.56
CA GLU F 909 84.31 -64.74 23.78
C GLU F 909 85.25 -63.55 23.98
N LEU F 910 85.50 -63.17 25.25
CA LEU F 910 86.40 -62.07 25.57
C LEU F 910 86.53 -61.90 27.09
N PHE F 911 87.62 -61.27 27.52
CA PHE F 911 87.89 -61.05 28.94
C PHE F 911 88.04 -59.57 29.29
N ASP F 912 87.51 -59.19 30.45
CA ASP F 912 87.56 -57.81 30.93
C ASP F 912 88.97 -57.35 31.29
N PRO F 913 89.22 -55.99 31.11
CA PRO F 913 90.58 -55.57 31.47
C PRO F 913 90.90 -55.77 32.95
N VAL F 914 89.90 -55.52 33.80
CA VAL F 914 90.03 -55.64 35.26
C VAL F 914 90.40 -54.34 35.97
N TYR F 915 90.64 -53.28 35.21
CA TYR F 915 90.98 -51.97 35.79
C TYR F 915 91.89 -52.12 36.98
N LYS F 916 93.18 -52.32 36.80
CA LYS F 916 94.06 -52.47 37.97
C LYS F 916 94.10 -53.90 38.52
N TYR F 917 93.24 -54.18 39.49
CA TYR F 917 93.19 -55.48 40.16
C TYR F 917 92.91 -56.63 39.19
N ILE F 918 93.51 -57.79 39.48
CA ILE F 918 93.39 -58.95 38.60
C ILE F 918 92.53 -60.15 39.04
N VAL F 919 91.70 -60.57 38.07
CA VAL F 919 90.79 -61.71 38.12
C VAL F 919 90.14 -61.67 36.75
N LEU F 920 89.51 -62.76 36.31
CA LEU F 920 88.93 -62.77 34.97
C LEU F 920 87.51 -63.29 34.89
N CYS F 921 86.76 -62.75 33.93
CA CYS F 921 85.39 -63.17 33.66
C CYS F 921 85.10 -63.12 32.17
N GLY F 922 84.39 -64.12 31.65
CA GLY F 922 84.09 -64.16 30.23
C GLY F 922 82.86 -64.96 29.83
N ALA F 923 82.31 -64.68 28.66
CA ALA F 923 81.10 -65.35 28.20
C ALA F 923 81.34 -66.23 26.97
N LYS F 924 80.64 -67.35 26.88
CA LYS F 924 80.78 -68.28 25.77
C LYS F 924 79.45 -68.89 25.32
N GLY F 925 79.54 -69.88 24.43
CA GLY F 925 78.39 -70.47 23.77
C GLY F 925 77.22 -70.97 24.61
N LYS F 926 77.51 -71.49 25.80
CA LYS F 926 76.46 -72.02 26.69
C LYS F 926 75.55 -70.89 27.19
N GLN F 927 75.91 -69.66 26.85
CA GLN F 927 75.29 -68.45 27.39
C GLN F 927 75.42 -68.47 28.89
N VAL F 928 76.67 -68.45 29.34
CA VAL F 928 77.01 -68.40 30.76
C VAL F 928 78.23 -67.51 30.92
N VAL F 929 78.76 -67.44 32.14
CA VAL F 929 79.97 -66.66 32.40
C VAL F 929 80.93 -67.38 33.34
N HIS F 930 82.19 -67.48 32.91
CA HIS F 930 83.25 -68.08 33.70
C HIS F 930 83.98 -67.01 34.50
N VAL F 931 84.25 -67.31 35.76
CA VAL F 931 85.05 -66.43 36.62
C VAL F 931 86.22 -67.21 37.20
N HIS F 932 87.44 -66.72 36.97
CA HIS F 932 88.63 -67.47 37.36
C HIS F 932 89.77 -66.58 37.87
N THR F 933 90.55 -67.13 38.79
CA THR F 933 91.73 -66.46 39.34
C THR F 933 92.99 -67.23 38.97
N LEU F 934 93.92 -66.56 38.29
CA LEU F 934 95.10 -67.21 37.74
C LEU F 934 96.11 -67.66 38.80
N ARG F 935 95.88 -67.27 40.04
CA ARG F 935 96.79 -67.63 41.13
C ARG F 935 96.60 -69.10 41.53
N SER F 936 97.69 -69.86 41.49
CA SER F 936 97.67 -71.29 41.79
C SER F 936 99.08 -71.86 41.74
N VAL F 937 99.25 -73.04 42.35
CA VAL F 937 100.56 -73.67 42.42
C VAL F 937 100.95 -74.42 41.14
N SER F 938 99.99 -75.10 40.52
CA SER F 938 100.30 -75.92 39.35
C SER F 938 99.13 -76.01 38.37
N GLY F 939 99.46 -76.03 37.08
CA GLY F 939 98.48 -76.18 36.02
C GLY F 939 98.43 -77.60 35.47
N SER F 940 98.13 -77.68 34.18
CA SER F 940 98.12 -78.95 33.43
C SER F 940 97.14 -79.98 34.01
N ASN F 941 95.92 -79.54 34.27
CA ASN F 941 94.86 -80.43 34.73
C ASN F 941 93.99 -80.91 33.56
N SER F 942 94.37 -80.50 32.36
CA SER F 942 93.58 -80.77 31.16
C SER F 942 93.34 -82.25 30.88
N HIS F 943 94.39 -82.97 30.53
CA HIS F 943 94.26 -84.35 30.05
C HIS F 943 94.32 -85.39 31.16
N GLN F 944 94.51 -84.95 32.39
CA GLN F 944 94.62 -85.89 33.51
C GLN F 944 93.25 -86.40 33.94
N ASN F 945 92.23 -85.56 33.81
CA ASN F 945 90.89 -85.92 34.24
C ASN F 945 89.82 -85.60 33.20
N ARG F 946 89.14 -86.63 32.69
CA ARG F 946 87.98 -86.42 31.83
C ARG F 946 86.78 -87.23 32.34
N GLU F 947 86.87 -88.55 32.35
CA GLU F 947 85.81 -89.39 32.88
C GLU F 947 86.22 -89.94 34.24
N ILE F 948 85.31 -90.70 34.87
CA ILE F 948 85.59 -91.29 36.18
C ILE F 948 85.08 -92.72 36.27
N ALA F 949 85.97 -93.63 36.67
CA ALA F 949 85.60 -95.02 36.92
C ALA F 949 85.73 -95.34 38.40
N TRP F 950 85.44 -96.59 38.77
CA TRP F 950 85.48 -96.98 40.17
C TRP F 950 85.88 -98.45 40.34
N VAL F 951 86.63 -98.73 41.40
CA VAL F 951 87.11 -100.07 41.67
C VAL F 951 86.03 -100.93 42.32
N HIS F 952 85.68 -102.03 41.67
CA HIS F 952 84.66 -102.94 42.18
C HIS F 952 85.18 -103.73 43.37
N SER F 953 84.46 -103.66 44.48
CA SER F 953 84.85 -104.35 45.71
C SER F 953 83.68 -104.41 46.69
N ALA F 954 83.96 -104.95 47.88
CA ALA F 954 82.94 -105.07 48.91
C ALA F 954 83.13 -104.03 50.01
N ASP F 955 82.22 -103.07 50.07
CA ASP F 955 82.24 -102.01 51.08
C ASP F 955 83.57 -101.24 51.10
N GLU F 956 84.16 -101.08 49.92
CA GLU F 956 85.40 -100.33 49.79
C GLU F 956 85.33 -99.40 48.59
N ILE F 957 85.56 -98.11 48.82
CA ILE F 957 85.43 -97.12 47.76
C ILE F 957 86.78 -96.64 47.23
N SER F 958 87.07 -97.00 45.98
CA SER F 958 88.28 -96.54 45.31
C SER F 958 87.94 -96.08 43.90
N VAL F 959 88.20 -94.80 43.61
CA VAL F 959 87.83 -94.23 42.32
C VAL F 959 89.04 -94.04 41.42
N MET F 960 88.82 -94.17 40.11
CA MET F 960 89.89 -93.99 39.14
C MET F 960 89.51 -92.94 38.11
N THR F 961 90.50 -92.42 37.39
CA THR F 961 90.30 -91.34 36.43
C THR F 961 91.03 -91.59 35.11
N LYS F 962 91.04 -90.57 34.26
CA LYS F 962 91.77 -90.61 32.99
C LYS F 962 93.26 -90.76 33.27
N ALA F 963 94.02 -91.21 32.27
CA ALA F 963 95.42 -91.61 32.44
C ALA F 963 95.51 -92.77 33.42
N CYS F 964 94.76 -93.82 33.12
CA CYS F 964 94.71 -95.08 33.87
C CYS F 964 94.59 -94.89 35.39
N LEU F 965 95.43 -95.62 36.12
CA LEU F 965 95.26 -95.70 37.57
C LEU F 965 95.85 -94.50 38.31
N GLU F 966 94.98 -93.76 38.98
CA GLU F 966 95.41 -92.76 39.95
C GLU F 966 94.87 -93.16 41.32
N PRO F 967 95.77 -93.57 42.22
CA PRO F 967 95.36 -94.13 43.52
C PRO F 967 94.50 -93.18 44.35
N ASN F 968 93.35 -93.66 44.80
CA ASN F 968 92.47 -92.90 45.67
C ASN F 968 91.79 -93.81 46.68
N VAL F 969 91.76 -93.40 47.94
CA VAL F 969 91.11 -94.17 49.00
C VAL F 969 90.32 -93.27 49.93
N TYR F 970 89.49 -93.88 50.78
CA TYR F 970 88.57 -93.17 51.64
C TYR F 970 89.25 -92.20 52.60
N LEU F 971 88.80 -90.94 52.56
CA LEU F 971 89.36 -89.84 53.36
C LEU F 971 90.88 -89.71 53.26
N ARG F 972 91.40 -89.72 52.04
CA ARG F 972 92.83 -89.48 51.81
C ARG F 972 93.04 -88.60 50.58
N SER F 973 93.93 -87.63 50.71
CA SER F 973 94.19 -86.67 49.63
C SER F 973 95.36 -87.11 48.76
N LEU F 974 95.91 -88.28 49.04
CA LEU F 974 97.05 -88.81 48.28
C LEU F 974 96.69 -89.05 46.81
N MET F 975 97.48 -88.47 45.92
CA MET F 975 97.23 -88.61 44.48
C MET F 975 98.54 -88.81 43.70
N ASP F 976 98.54 -89.77 42.79
CA ASP F 976 99.69 -90.02 41.94
C ASP F 976 99.31 -89.89 40.46
N MET F 977 100.27 -89.50 39.63
CA MET F 977 99.98 -89.29 38.21
C MET F 977 100.90 -90.09 37.30
N THR F 978 100.32 -91.05 36.59
CA THR F 978 101.03 -91.83 35.59
C THR F 978 100.12 -92.06 34.38
N ARG F 979 100.61 -91.75 33.19
CA ARG F 979 99.78 -91.84 31.99
C ARG F 979 100.33 -92.83 30.95
N GLU F 980 99.62 -93.94 30.79
CA GLU F 980 99.90 -94.88 29.71
C GLU F 980 98.98 -94.62 28.53
N ARG F 981 98.17 -93.57 28.66
CA ARG F 981 97.20 -93.16 27.64
C ARG F 981 96.18 -94.27 27.35
N THR F 982 95.32 -94.53 28.33
CA THR F 982 94.21 -95.47 28.15
C THR F 982 93.03 -94.82 27.45
N GLN F 983 92.22 -95.63 26.79
CA GLN F 983 90.99 -95.14 26.17
C GLN F 983 89.84 -95.12 27.17
N LEU F 984 89.38 -96.31 27.54
CA LEU F 984 88.32 -96.44 28.55
C LEU F 984 88.71 -97.51 29.57
N LEU F 985 88.68 -97.13 30.84
CA LEU F 985 89.18 -98.00 31.91
C LEU F 985 88.06 -98.75 32.62
N ALA F 986 88.29 -100.05 32.84
CA ALA F 986 87.36 -100.89 33.60
C ALA F 986 88.13 -101.56 34.75
N VAL F 987 87.40 -102.06 35.74
CA VAL F 987 88.04 -102.67 36.90
C VAL F 987 87.48 -104.07 37.19
N ASP F 988 88.35 -104.99 37.55
CA ASP F 988 87.95 -106.35 37.89
C ASP F 988 87.29 -106.36 39.27
N SER F 989 86.79 -107.52 39.70
CA SER F 989 86.14 -107.64 41.00
C SER F 989 87.16 -107.64 42.13
N LYS F 990 88.32 -108.20 41.87
CA LYS F 990 89.40 -108.26 42.86
C LYS F 990 90.39 -107.12 42.65
N GLU F 991 91.50 -107.15 43.38
CA GLU F 991 92.52 -106.12 43.28
C GLU F 991 93.29 -106.19 41.97
N ARG F 992 93.03 -107.25 41.20
CA ARG F 992 93.66 -107.43 39.89
C ARG F 992 93.33 -106.28 38.95
N ILE F 993 94.33 -105.80 38.23
CA ILE F 993 94.15 -104.66 37.35
C ILE F 993 93.85 -105.05 35.89
N HIS F 994 92.72 -104.56 35.40
CA HIS F 994 92.30 -104.72 34.03
C HIS F 994 92.40 -103.38 33.32
N LEU F 995 93.13 -103.32 32.21
CA LEU F 995 93.29 -102.05 31.52
C LEU F 995 93.39 -102.19 30.00
N ILE F 996 93.50 -101.05 29.32
CA ILE F 996 93.50 -101.00 27.87
C ILE F 996 94.69 -100.19 27.35
N LYS F 997 95.25 -100.64 26.24
CA LYS F 997 96.38 -99.96 25.61
C LYS F 997 95.96 -99.67 24.17
N PRO F 998 96.49 -98.59 23.56
CA PRO F 998 96.08 -98.36 22.17
C PRO F 998 96.29 -99.60 21.29
N ALA F 999 95.23 -99.98 20.58
CA ALA F 999 95.21 -101.14 19.71
C ALA F 999 95.47 -102.47 20.41
N ILE F 1000 95.09 -102.59 21.68
CA ILE F 1000 95.18 -103.88 22.40
C ILE F 1000 94.60 -103.81 23.81
N SER F 1001 94.29 -104.97 24.40
CA SER F 1001 93.75 -105.03 25.76
C SER F 1001 94.70 -105.78 26.67
N ARG F 1002 94.77 -105.36 27.94
CA ARG F 1002 95.73 -105.95 28.87
C ARG F 1002 95.11 -106.32 30.22
N ILE F 1003 95.45 -107.51 30.71
CA ILE F 1003 94.97 -108.01 31.99
C ILE F 1003 96.14 -108.47 32.85
N SER F 1004 96.29 -107.87 34.03
CA SER F 1004 97.46 -108.17 34.86
C SER F 1004 97.20 -108.06 36.35
N GLU F 1005 97.96 -108.84 37.13
CA GLU F 1005 97.95 -108.71 38.58
C GLU F 1005 98.34 -107.30 38.97
N TRP F 1006 99.59 -106.94 38.71
CA TRP F 1006 100.03 -105.55 38.78
C TRP F 1006 100.57 -105.21 37.39
N SER F 1007 100.94 -103.95 37.16
CA SER F 1007 101.38 -103.54 35.84
C SER F 1007 102.86 -103.19 35.77
N THR F 1008 103.64 -104.07 35.14
CA THR F 1008 105.03 -103.77 34.83
C THR F 1008 105.27 -103.94 33.34
N ILE F 1009 105.35 -105.20 32.90
CA ILE F 1009 105.48 -105.51 31.48
C ILE F 1009 104.11 -105.78 30.86
N THR F 1010 103.11 -105.90 31.72
CA THR F 1010 101.72 -106.17 31.33
C THR F 1010 101.57 -107.24 30.24
N PRO F 1011 101.80 -108.52 30.59
CA PRO F 1011 101.67 -109.61 29.63
C PRO F 1011 100.25 -109.78 29.12
N THR F 1012 100.11 -110.24 27.87
CA THR F 1012 98.79 -110.48 27.27
C THR F 1012 98.92 -111.08 25.87
N HIS F 1013 97.84 -111.66 25.38
CA HIS F 1013 97.78 -112.22 24.03
C HIS F 1013 96.39 -112.01 23.43
N ALA F 1014 96.35 -111.60 22.17
CA ALA F 1014 95.07 -111.33 21.51
C ALA F 1014 95.11 -111.61 20.02
N ALA F 1015 93.99 -112.12 19.49
CA ALA F 1015 93.86 -112.37 18.07
C ALA F 1015 93.15 -111.21 17.37
N SER F 1016 92.89 -110.15 18.13
CA SER F 1016 92.15 -108.99 17.63
C SER F 1016 92.75 -108.40 16.36
N ASN F 1017 91.89 -108.09 15.40
CA ASN F 1017 92.33 -107.57 14.11
C ASN F 1017 92.68 -106.08 14.15
N CYS F 1018 91.92 -105.31 14.92
CA CYS F 1018 92.11 -103.87 14.96
C CYS F 1018 92.01 -103.31 16.38
N LYS F 1019 92.04 -101.98 16.48
CA LYS F 1019 91.99 -101.29 17.76
C LYS F 1019 90.65 -101.51 18.47
N ILE F 1020 90.71 -101.72 19.77
CA ILE F 1020 89.50 -101.92 20.57
C ILE F 1020 89.09 -100.60 21.24
N ASN F 1021 87.79 -100.31 21.21
CA ASN F 1021 87.26 -99.09 21.80
C ASN F 1021 87.18 -99.17 23.33
N ALA F 1022 86.64 -100.28 23.83
CA ALA F 1022 86.50 -100.47 25.26
C ALA F 1022 86.54 -101.96 25.63
N ILE F 1023 87.05 -102.24 26.82
CA ILE F 1023 87.17 -103.62 27.29
C ILE F 1023 86.87 -103.69 28.79
N SER F 1024 86.19 -104.76 29.21
CA SER F 1024 85.77 -104.90 30.59
C SER F 1024 86.01 -106.31 31.13
N ALA F 1025 85.88 -106.46 32.45
CA ALA F 1025 86.13 -107.74 33.10
C ALA F 1025 84.97 -108.17 33.99
N PHE F 1026 84.70 -109.47 34.01
CA PHE F 1026 83.67 -110.03 34.88
C PHE F 1026 84.11 -110.10 36.33
N ASN F 1027 83.22 -110.59 37.18
CA ASN F 1027 83.54 -110.89 38.56
C ASN F 1027 84.31 -112.19 38.63
N ASP F 1028 83.66 -113.27 38.20
CA ASP F 1028 84.30 -114.58 38.07
C ASP F 1028 85.38 -114.57 36.98
N GLU F 1029 86.28 -115.55 37.03
CA GLU F 1029 87.42 -115.60 36.12
C GLU F 1029 87.08 -116.17 34.74
N GLN F 1030 85.80 -116.53 34.56
CA GLN F 1030 85.37 -117.13 33.30
C GLN F 1030 85.41 -116.15 32.13
N ILE F 1031 86.14 -116.53 31.09
CA ILE F 1031 86.28 -115.78 29.82
C ILE F 1031 86.47 -114.26 30.00
N PHE F 1032 85.77 -113.49 29.16
CA PHE F 1032 85.73 -112.02 29.10
C PHE F 1032 84.84 -111.56 27.95
N VAL F 1033 84.41 -110.30 27.99
CA VAL F 1033 83.64 -109.71 26.91
C VAL F 1033 84.11 -108.29 26.61
N GLY F 1034 83.66 -107.75 25.49
CA GLY F 1034 83.97 -106.37 25.12
C GLY F 1034 83.59 -106.11 23.68
N TYR F 1035 83.50 -104.84 23.31
CA TYR F 1035 83.18 -104.47 21.94
C TYR F 1035 84.39 -103.87 21.25
N VAL F 1036 84.81 -104.50 20.15
CA VAL F 1036 85.99 -104.08 19.42
C VAL F 1036 85.50 -103.40 18.14
N ASP F 1037 86.43 -102.85 17.33
CA ASP F 1037 86.09 -102.29 16.03
C ASP F 1037 85.82 -103.39 15.01
N GLY F 1038 86.00 -104.64 15.43
CA GLY F 1038 85.87 -105.77 14.52
C GLY F 1038 85.39 -107.03 15.21
N VAL F 1039 85.30 -108.11 14.45
CA VAL F 1039 84.69 -109.36 14.88
C VAL F 1039 85.36 -110.01 16.10
N ILE F 1040 86.68 -110.16 16.02
CA ILE F 1040 87.43 -110.90 17.04
C ILE F 1040 87.35 -110.27 18.43
N ILE F 1041 86.96 -111.08 19.42
CA ILE F 1041 86.93 -110.65 20.81
C ILE F 1041 87.95 -111.45 21.64
N ASP F 1042 88.93 -110.74 22.19
CA ASP F 1042 90.04 -111.39 22.89
C ASP F 1042 89.75 -111.76 24.34
N VAL F 1043 90.33 -112.87 24.78
CA VAL F 1043 90.26 -113.30 26.18
C VAL F 1043 91.64 -113.77 26.65
N ILE F 1044 91.81 -113.90 27.96
CA ILE F 1044 93.09 -114.33 28.51
C ILE F 1044 92.90 -115.44 29.55
N HIS F 1045 93.90 -116.30 29.67
CA HIS F 1045 93.94 -117.39 30.65
C HIS F 1045 92.90 -118.47 30.39
N ASP F 1046 92.01 -118.21 29.43
CA ASP F 1046 90.93 -119.14 29.12
C ASP F 1046 90.92 -119.50 27.63
N THR F 1047 90.58 -120.75 27.34
CA THR F 1047 90.45 -121.22 25.97
C THR F 1047 89.01 -121.05 25.48
N ALA F 1048 88.71 -121.66 24.33
CA ALA F 1048 87.36 -121.66 23.75
C ALA F 1048 86.85 -120.25 23.46
N LEU F 1049 87.43 -119.62 22.44
CA LEU F 1049 87.01 -118.30 21.99
C LEU F 1049 85.52 -118.29 21.63
N PRO F 1050 84.87 -117.11 21.73
CA PRO F 1050 83.44 -117.01 21.41
C PRO F 1050 83.15 -117.38 19.96
N GLN F 1051 81.89 -117.68 19.67
CA GLN F 1051 81.50 -118.17 18.35
C GLN F 1051 81.30 -117.03 17.34
N GLN F 1052 81.16 -115.81 17.86
CA GLN F 1052 80.91 -114.61 17.05
C GLN F 1052 79.67 -114.76 16.14
N PHE F 1053 79.91 -114.73 14.83
CA PHE F 1053 78.85 -114.61 13.82
C PHE F 1053 78.02 -113.35 14.01
N ILE F 1054 78.71 -112.23 14.19
CA ILE F 1054 78.07 -110.93 14.28
C ILE F 1054 78.99 -109.85 13.72
N GLU F 1055 78.41 -108.85 13.06
CA GLU F 1055 79.18 -107.77 12.46
C GLU F 1055 80.03 -107.01 13.51
N GLU F 1056 79.39 -106.23 14.38
CA GLU F 1056 80.11 -105.59 15.47
C GLU F 1056 79.22 -105.49 16.70
N PRO F 1057 79.78 -105.74 17.90
CA PRO F 1057 79.03 -105.71 19.17
C PRO F 1057 78.81 -104.30 19.73
N ILE F 1058 77.72 -104.09 20.47
CA ILE F 1058 77.44 -102.78 21.04
C ILE F 1058 77.34 -102.77 22.57
N ASP F 1059 76.37 -103.49 23.13
CA ASP F 1059 76.11 -103.42 24.57
C ASP F 1059 76.51 -104.71 25.27
N TYR F 1060 77.47 -104.60 26.19
CA TYR F 1060 77.91 -105.74 26.99
C TYR F 1060 77.35 -105.65 28.41
N LEU F 1061 77.75 -106.59 29.26
CA LEU F 1061 77.24 -106.68 30.63
C LEU F 1061 77.95 -107.79 31.40
N LYS F 1062 77.73 -107.83 32.71
CA LYS F 1062 78.41 -108.78 33.58
C LYS F 1062 77.42 -109.70 34.30
N GLN F 1063 77.72 -111.01 34.28
CA GLN F 1063 76.90 -111.99 34.97
C GLN F 1063 77.77 -113.03 35.66
N VAL F 1064 77.31 -113.52 36.81
CA VAL F 1064 78.03 -114.56 37.55
C VAL F 1064 77.71 -115.94 37.00
N SER F 1065 76.68 -116.00 36.15
CA SER F 1065 76.27 -117.25 35.53
C SER F 1065 77.24 -117.64 34.41
N PRO F 1066 77.42 -118.95 34.19
CA PRO F 1066 78.29 -119.48 33.13
C PRO F 1066 77.93 -118.96 31.74
N ASN F 1067 76.65 -118.72 31.50
CA ASN F 1067 76.19 -118.19 30.22
C ASN F 1067 76.07 -116.68 30.24
N ILE F 1068 76.45 -116.03 29.14
CA ILE F 1068 76.43 -114.57 29.04
C ILE F 1068 75.72 -114.11 27.77
N LEU F 1069 74.68 -113.30 27.93
CA LEU F 1069 73.95 -112.75 26.80
C LEU F 1069 74.55 -111.41 26.36
N VAL F 1070 74.79 -111.28 25.06
CA VAL F 1070 75.43 -110.08 24.53
C VAL F 1070 74.59 -109.43 23.42
N ALA F 1071 74.31 -108.14 23.58
CA ALA F 1071 73.57 -107.38 22.58
C ALA F 1071 74.44 -107.10 21.36
N SER F 1072 73.81 -106.79 20.23
CA SER F 1072 74.54 -106.56 18.99
C SER F 1072 73.95 -105.42 18.17
N ALA F 1073 74.77 -104.90 17.26
CA ALA F 1073 74.34 -103.80 16.38
C ALA F 1073 73.29 -104.29 15.38
N HIS F 1074 73.39 -105.56 15.01
CA HIS F 1074 72.41 -106.19 14.13
C HIS F 1074 71.14 -106.52 14.92
N SER F 1075 71.21 -106.28 16.22
CA SER F 1075 70.10 -106.49 17.15
C SER F 1075 69.74 -107.97 17.27
N ALA F 1076 70.75 -108.83 17.18
CA ALA F 1076 70.58 -110.25 17.42
C ALA F 1076 71.37 -110.65 18.67
N GLN F 1077 70.66 -110.99 19.73
CA GLN F 1077 71.31 -111.34 20.99
C GLN F 1077 72.11 -112.63 20.87
N LYS F 1078 73.27 -112.66 21.51
CA LYS F 1078 74.17 -113.80 21.42
C LYS F 1078 74.29 -114.52 22.76
N THR F 1079 74.22 -115.84 22.74
CA THR F 1079 74.36 -116.65 23.94
C THR F 1079 75.76 -117.25 24.01
N VAL F 1080 76.55 -116.79 24.97
CA VAL F 1080 77.92 -117.26 25.13
C VAL F 1080 78.02 -118.28 26.26
N ILE F 1081 78.38 -119.52 25.89
CA ILE F 1081 78.52 -120.59 26.85
C ILE F 1081 80.00 -120.84 27.15
N PHE F 1082 80.33 -120.96 28.44
CA PHE F 1082 81.72 -121.10 28.85
C PHE F 1082 82.33 -122.44 28.48
N GLN F 1083 83.44 -122.38 27.75
CA GLN F 1083 84.31 -123.53 27.47
C GLN F 1083 83.56 -124.65 26.72
N LEU F 1084 82.50 -124.27 26.00
CA LEU F 1084 81.69 -125.22 25.23
C LEU F 1084 80.61 -124.48 24.45
N GLU F 1085 80.06 -125.13 23.43
CA GLU F 1085 78.95 -124.54 22.67
C GLU F 1085 77.75 -125.48 22.62
N LYS F 1086 77.85 -126.53 21.81
CA LYS F 1086 76.80 -127.52 21.63
C LYS F 1086 75.42 -126.93 21.31
N ILE F 1087 75.42 -125.82 20.56
CA ILE F 1087 74.24 -124.99 20.29
C ILE F 1087 74.68 -123.97 19.24
N ASP F 1088 73.73 -123.38 18.51
CA ASP F 1088 74.03 -122.37 17.50
C ASP F 1088 73.48 -121.02 17.92
N PRO F 1089 74.37 -120.08 18.25
CA PRO F 1089 73.98 -118.75 18.76
C PRO F 1089 73.45 -117.82 17.67
N LEU F 1090 72.43 -118.27 16.93
CA LEU F 1090 71.81 -117.45 15.91
C LEU F 1090 70.35 -117.12 16.27
N GLN F 1091 70.10 -115.87 16.63
CA GLN F 1091 68.75 -115.43 16.99
C GLN F 1091 68.45 -114.04 16.45
N PRO F 1092 68.15 -113.94 15.14
CA PRO F 1092 67.82 -112.66 14.52
C PRO F 1092 66.35 -112.28 14.70
N ASN F 1093 65.98 -111.94 15.93
CA ASN F 1093 64.60 -111.60 16.26
C ASN F 1093 64.09 -110.41 15.43
N ASP F 1094 64.60 -109.22 15.72
CA ASP F 1094 64.17 -108.00 15.04
C ASP F 1094 65.36 -107.16 14.58
N GLN F 1095 65.10 -106.18 13.72
CA GLN F 1095 66.14 -105.28 13.27
C GLN F 1095 66.18 -104.01 14.11
N TRP F 1096 65.26 -103.92 15.07
CA TRP F 1096 65.27 -102.82 16.04
C TRP F 1096 66.27 -103.16 17.15
N PRO F 1097 67.14 -102.19 17.50
CA PRO F 1097 68.25 -102.41 18.44
C PRO F 1097 67.80 -102.92 19.81
N LEU F 1098 68.58 -103.84 20.38
CA LEU F 1098 68.26 -104.43 21.67
C LEU F 1098 69.13 -103.90 22.80
N MET F 1099 68.52 -103.66 23.95
CA MET F 1099 69.25 -103.36 25.18
C MET F 1099 68.55 -104.08 26.33
N MET F 1100 69.34 -104.77 27.15
CA MET F 1100 68.76 -105.72 28.09
C MET F 1100 69.19 -105.58 29.54
N ASP F 1101 68.29 -105.96 30.44
CA ASP F 1101 68.57 -106.07 31.86
C ASP F 1101 68.19 -107.46 32.36
N VAL F 1102 68.38 -107.71 33.65
CA VAL F 1102 68.02 -108.99 34.24
C VAL F 1102 67.62 -108.81 35.71
N SER F 1103 66.64 -109.59 36.17
CA SER F 1103 66.24 -109.52 37.57
C SER F 1103 66.78 -110.70 38.36
N THR F 1104 66.15 -111.86 38.23
CA THR F 1104 66.69 -113.07 38.84
C THR F 1104 66.72 -114.26 37.86
N LYS F 1105 65.55 -114.82 37.59
CA LYS F 1105 65.44 -115.98 36.70
C LYS F 1105 65.09 -115.56 35.27
N TYR F 1106 64.73 -114.29 35.10
CA TYR F 1106 64.21 -113.83 33.81
C TYR F 1106 65.14 -112.87 33.10
N ALA F 1107 65.41 -113.16 31.83
CA ALA F 1107 66.18 -112.25 30.98
C ALA F 1107 65.24 -111.21 30.38
N SER F 1108 65.52 -109.93 30.64
CA SER F 1108 64.66 -108.85 30.19
C SER F 1108 65.22 -108.15 28.96
N LEU F 1109 64.56 -108.33 27.82
CA LEU F 1109 64.99 -107.70 26.58
C LEU F 1109 64.12 -106.49 26.23
N GLN F 1110 64.74 -105.31 26.22
CA GLN F 1110 64.05 -104.10 25.81
C GLN F 1110 64.47 -103.72 24.38
N GLU F 1111 63.53 -103.84 23.46
CA GLU F 1111 63.80 -103.55 22.05
C GLU F 1111 63.33 -102.16 21.66
N GLY F 1112 63.44 -101.84 20.37
CA GLY F 1112 62.94 -100.58 19.85
C GLY F 1112 61.46 -100.69 19.52
N GLN F 1113 60.90 -101.86 19.77
CA GLN F 1113 59.48 -102.11 19.51
C GLN F 1113 58.75 -102.50 20.80
N TYR F 1114 59.10 -103.65 21.35
CA TYR F 1114 58.46 -104.13 22.57
C TYR F 1114 59.47 -104.69 23.56
N ILE F 1115 58.97 -105.15 24.71
CA ILE F 1115 59.83 -105.74 25.73
C ILE F 1115 59.45 -107.20 25.94
N ILE F 1116 60.42 -108.10 25.75
CA ILE F 1116 60.15 -109.53 25.86
C ILE F 1116 60.98 -110.17 26.97
N LEU F 1117 60.40 -111.15 27.65
CA LEU F 1117 61.07 -111.83 28.76
C LEU F 1117 61.38 -113.28 28.40
N PHE F 1118 62.58 -113.73 28.76
CA PHE F 1118 62.95 -115.13 28.55
C PHE F 1118 63.12 -115.88 29.87
N SER F 1119 62.82 -117.18 29.83
CA SER F 1119 63.01 -118.05 30.98
C SER F 1119 64.18 -119.00 30.75
N ASP F 1120 65.24 -118.83 31.54
CA ASP F 1120 66.45 -119.63 31.38
C ASP F 1120 66.21 -121.09 31.76
N HIS F 1121 66.58 -121.99 30.86
CA HIS F 1121 66.44 -123.41 31.11
C HIS F 1121 67.52 -123.90 32.08
N GLY F 1122 68.71 -123.32 31.96
CA GLY F 1122 69.82 -123.65 32.83
C GLY F 1122 70.91 -122.61 32.77
N VAL F 1123 71.71 -122.53 33.82
CA VAL F 1123 72.81 -121.57 33.89
C VAL F 1123 74.01 -122.02 33.08
N CYS F 1124 74.10 -123.34 32.84
CA CYS F 1124 75.20 -123.90 32.08
C CYS F 1124 75.06 -123.62 30.59
N HIS F 1125 73.86 -123.85 30.06
CA HIS F 1125 73.60 -123.65 28.64
C HIS F 1125 72.18 -123.17 28.41
N LEU F 1126 72.01 -122.30 27.43
CA LEU F 1126 70.69 -121.76 27.08
C LEU F 1126 70.31 -122.14 25.66
N ASP F 1127 69.27 -122.96 25.53
CA ASP F 1127 68.80 -123.41 24.23
C ASP F 1127 67.43 -122.81 23.86
N ILE F 1128 66.41 -123.14 24.64
CA ILE F 1128 65.07 -122.65 24.39
C ILE F 1128 64.67 -121.57 25.39
N ALA F 1129 63.86 -120.61 24.93
CA ALA F 1129 63.42 -119.52 25.79
C ALA F 1129 61.90 -119.33 25.69
N ASN F 1130 61.22 -119.51 26.82
CA ASN F 1130 59.77 -119.37 26.86
C ASN F 1130 59.33 -117.93 27.08
N PRO F 1131 58.53 -117.40 26.14
CA PRO F 1131 58.01 -116.02 26.24
C PRO F 1131 56.99 -115.87 27.36
N SER F 1132 57.02 -114.74 28.06
CA SER F 1132 56.12 -114.51 29.17
C SER F 1132 55.32 -113.22 29.01
N ALA F 1133 56.01 -112.08 29.08
CA ALA F 1133 55.36 -110.79 28.99
C ALA F 1133 55.85 -109.98 27.81
N PHE F 1134 54.95 -109.74 26.85
CA PHE F 1134 55.27 -108.89 25.70
C PHE F 1134 54.09 -107.97 25.36
N VAL F 1135 54.36 -106.69 25.19
CA VAL F 1135 53.33 -105.72 24.88
C VAL F 1135 53.91 -104.54 24.10
N LYS F 1136 53.10 -103.98 23.20
CA LYS F 1136 53.52 -102.81 22.43
C LYS F 1136 53.06 -101.53 23.12
N PRO F 1137 54.03 -100.73 23.62
CA PRO F 1137 53.74 -99.51 24.38
C PRO F 1137 53.27 -98.35 23.51
N LYS F 1138 53.13 -97.17 24.11
CA LYS F 1138 52.67 -95.98 23.42
C LYS F 1138 53.73 -95.45 22.46
N ASP F 1139 53.31 -94.61 21.51
CA ASP F 1139 54.22 -94.02 20.53
C ASP F 1139 55.29 -93.16 21.21
N SER F 1140 56.43 -93.01 20.54
CA SER F 1140 57.62 -92.37 21.12
C SER F 1140 58.03 -93.13 22.37
N GLU F 1141 58.51 -94.36 22.16
CA GLU F 1141 58.79 -95.28 23.25
C GLU F 1141 60.02 -94.88 24.06
N GLU F 1142 60.10 -95.39 25.28
CA GLU F 1142 61.21 -95.07 26.17
C GLU F 1142 62.47 -95.86 25.78
N TYR F 1143 63.62 -95.17 25.84
CA TYR F 1143 64.90 -95.79 25.51
C TYR F 1143 65.22 -96.98 26.40
N ILE F 1144 65.47 -96.72 27.67
CA ILE F 1144 65.88 -97.77 28.60
C ILE F 1144 65.32 -97.55 30.01
N VAL F 1145 64.97 -98.65 30.67
CA VAL F 1145 64.45 -98.61 32.04
C VAL F 1145 65.28 -99.52 32.94
N GLY F 1146 64.85 -99.67 34.19
CA GLY F 1146 65.55 -100.50 35.14
C GLY F 1146 64.64 -101.19 36.14
N PHE F 1147 65.17 -102.20 36.81
CA PHE F 1147 64.40 -102.99 37.77
C PHE F 1147 65.03 -102.97 39.16
N ASP F 1148 64.23 -103.34 40.16
CA ASP F 1148 64.72 -103.38 41.54
C ASP F 1148 65.35 -104.73 41.87
N LEU F 1149 65.69 -104.92 43.14
CA LEU F 1149 66.26 -106.17 43.61
C LEU F 1149 65.36 -106.82 44.66
N LYS F 1150 65.37 -108.15 44.71
CA LYS F 1150 64.55 -108.92 45.63
C LYS F 1150 63.06 -108.64 45.43
N ASN F 1151 62.71 -108.23 44.22
CA ASN F 1151 61.32 -107.91 43.87
C ASN F 1151 60.90 -108.63 42.60
N SER F 1152 61.56 -108.28 41.49
CA SER F 1152 61.30 -108.88 40.19
C SER F 1152 59.85 -108.68 39.75
N LEU F 1153 59.50 -107.43 39.47
CA LEU F 1153 58.15 -107.10 38.99
C LEU F 1153 58.22 -106.49 37.60
N LEU F 1154 57.05 -106.14 37.06
CA LEU F 1154 56.99 -105.52 35.74
C LEU F 1154 56.94 -104.01 35.84
N PHE F 1155 57.84 -103.34 35.13
CA PHE F 1155 57.90 -101.88 35.17
C PHE F 1155 58.05 -101.30 33.76
N LEU F 1156 57.09 -100.48 33.36
CA LEU F 1156 57.14 -99.80 32.08
C LEU F 1156 56.77 -98.33 32.27
N ALA F 1157 57.70 -97.44 31.92
CA ALA F 1157 57.50 -96.01 32.10
C ALA F 1157 57.72 -95.25 30.81
N TYR F 1158 56.74 -94.41 30.44
CA TYR F 1158 56.83 -93.58 29.25
C TYR F 1158 57.91 -92.53 29.45
N GLU F 1159 58.49 -92.02 28.37
CA GLU F 1159 59.66 -91.16 28.48
C GLU F 1159 59.34 -89.73 28.94
N ASN F 1160 58.16 -89.23 28.61
CA ASN F 1160 57.85 -87.82 28.91
C ASN F 1160 56.89 -87.62 30.08
N ASN F 1161 57.45 -87.13 31.19
CA ASN F 1161 56.68 -86.62 32.32
C ASN F 1161 55.69 -87.60 32.96
N ILE F 1162 55.91 -88.90 32.77
CA ILE F 1162 55.10 -89.89 33.46
C ILE F 1162 55.87 -91.21 33.66
N ILE F 1163 55.68 -91.82 34.83
CA ILE F 1163 56.27 -93.13 35.11
C ILE F 1163 55.24 -94.03 35.80
N ASP F 1164 55.18 -95.29 35.38
CA ASP F 1164 54.16 -96.21 35.89
C ASP F 1164 54.75 -97.51 36.39
N VAL F 1165 54.25 -97.97 37.53
CA VAL F 1165 54.65 -99.26 38.09
C VAL F 1165 53.55 -100.30 37.86
N PHE F 1166 53.91 -101.42 37.27
CA PHE F 1166 52.93 -102.44 36.90
C PHE F 1166 53.10 -103.73 37.71
N ARG F 1167 52.22 -104.69 37.43
CA ARG F 1167 52.31 -106.01 38.03
C ARG F 1167 52.72 -107.01 36.96
N LEU F 1168 53.44 -108.06 37.37
CA LEU F 1168 54.01 -109.02 36.42
C LEU F 1168 52.94 -109.64 35.51
N ILE F 1169 52.16 -110.56 36.08
CA ILE F 1169 51.03 -111.22 35.39
C ILE F 1169 51.35 -111.58 33.94
N PHE F 1170 50.46 -111.25 33.01
CA PHE F 1170 50.79 -111.32 31.59
C PHE F 1170 51.23 -109.94 31.12
N SER F 1171 50.26 -109.02 31.01
CA SER F 1171 50.57 -107.62 30.74
C SER F 1171 49.50 -106.72 31.37
N CYS F 1172 49.93 -105.60 31.95
CA CYS F 1172 48.98 -104.64 32.49
C CYS F 1172 49.32 -103.20 32.10
N ASN F 1173 48.45 -102.59 31.30
CA ASN F 1173 48.57 -101.17 30.98
C ASN F 1173 47.63 -100.33 31.83
N GLN F 1174 46.88 -100.99 32.71
CA GLN F 1174 45.82 -100.34 33.47
C GLN F 1174 46.31 -99.71 34.77
N LEU F 1175 45.94 -98.45 34.98
CA LEU F 1175 46.23 -97.73 36.21
C LEU F 1175 44.96 -97.11 36.76
N ARG F 1176 44.41 -96.16 36.01
CA ARG F 1176 43.14 -95.50 36.31
C ARG F 1176 43.11 -94.84 37.68
N TYR F 1177 41.98 -94.98 38.38
CA TYR F 1177 41.76 -94.31 39.65
C TYR F 1177 42.07 -95.22 40.85
N GLU F 1178 42.46 -96.45 40.56
CA GLU F 1178 42.78 -97.42 41.61
C GLU F 1178 43.87 -96.91 42.55
N GLN F 1179 45.07 -96.70 42.00
CA GLN F 1179 46.18 -96.16 42.77
C GLN F 1179 46.99 -95.18 41.94
N ILE F 1180 47.76 -94.34 42.61
CA ILE F 1180 48.63 -93.39 41.94
C ILE F 1180 50.09 -93.77 42.13
N CYS F 1181 50.78 -94.06 41.03
CA CYS F 1181 52.16 -94.52 41.11
C CYS F 1181 53.16 -93.42 40.77
N GLU F 1182 53.86 -92.96 41.81
CA GLU F 1182 54.89 -91.92 41.72
C GLU F 1182 54.42 -90.70 40.93
N GLU F 1183 55.34 -90.15 40.14
CA GLU F 1183 55.17 -88.95 39.30
C GLU F 1183 56.47 -88.72 38.52
N GLU F 1184 56.39 -87.97 37.43
CA GLU F 1184 57.59 -87.47 36.77
C GLU F 1184 57.41 -85.99 36.42
N ILE F 1185 58.17 -85.12 37.08
CA ILE F 1185 58.04 -83.69 36.84
C ILE F 1185 59.12 -83.08 35.96
N ALA F 1186 60.11 -83.86 35.56
CA ALA F 1186 61.26 -83.29 34.85
C ALA F 1186 61.65 -84.04 33.58
N GLN F 1187 62.14 -85.26 33.75
CA GLN F 1187 62.78 -86.01 32.68
C GLN F 1187 61.90 -86.15 31.43
N LYS F 1188 62.52 -86.00 30.27
CA LYS F 1188 61.83 -86.13 28.99
C LYS F 1188 62.56 -87.11 28.07
N ALA F 1189 63.81 -86.78 27.71
CA ALA F 1189 64.61 -87.62 26.83
C ALA F 1189 65.71 -88.34 27.61
N LYS F 1190 66.07 -89.53 27.15
CA LYS F 1190 67.13 -90.34 27.74
C LYS F 1190 66.91 -90.67 29.21
N ILE F 1191 65.75 -91.26 29.52
CA ILE F 1191 65.52 -91.81 30.86
C ILE F 1191 66.53 -92.94 31.07
N SER F 1192 67.04 -93.09 32.29
CA SER F 1192 68.16 -94.00 32.49
C SER F 1192 67.81 -95.30 33.23
N TYR F 1193 67.67 -95.22 34.55
CA TYR F 1193 67.61 -96.41 35.39
C TYR F 1193 66.80 -96.23 36.66
N LEU F 1194 66.89 -97.23 37.54
CA LEU F 1194 66.39 -97.20 38.91
C LEU F 1194 66.75 -98.51 39.58
N VAL F 1195 66.80 -98.50 40.91
CA VAL F 1195 67.26 -99.66 41.68
C VAL F 1195 66.55 -99.81 43.02
N ALA F 1196 66.74 -100.98 43.64
CA ALA F 1196 66.26 -101.20 45.00
C ALA F 1196 67.01 -100.29 45.97
N THR F 1197 66.39 -100.05 47.12
CA THR F 1197 66.91 -99.09 48.09
C THR F 1197 66.48 -99.46 49.51
N ASP F 1198 66.64 -98.52 50.43
CA ASP F 1198 66.23 -98.71 51.81
C ASP F 1198 64.70 -98.74 51.87
N ASP F 1199 64.15 -98.80 53.08
CA ASP F 1199 62.72 -99.07 53.29
C ASP F 1199 61.78 -98.30 52.37
N GLY F 1200 61.78 -96.98 52.46
CA GLY F 1200 60.89 -96.16 51.66
C GLY F 1200 61.11 -96.26 50.15
N THR F 1201 60.04 -96.64 49.46
CA THR F 1201 59.92 -96.64 47.99
C THR F 1201 61.13 -97.16 47.20
N MET F 1202 61.50 -96.48 46.12
CA MET F 1202 62.60 -96.87 45.26
C MET F 1202 63.23 -95.66 44.59
N LEU F 1203 64.52 -95.75 44.27
CA LEU F 1203 65.27 -94.61 43.74
C LEU F 1203 65.64 -94.77 42.26
N ALA F 1204 65.61 -93.65 41.53
CA ALA F 1204 66.02 -93.62 40.13
C ALA F 1204 67.22 -92.69 39.96
N MET F 1205 67.99 -92.87 38.90
CA MET F 1205 69.25 -92.14 38.77
C MET F 1205 69.57 -91.61 37.36
N GLY F 1206 70.77 -91.07 37.25
CA GLY F 1206 71.34 -90.56 36.00
C GLY F 1206 71.25 -89.06 35.87
N PHE F 1207 72.29 -88.46 35.30
CA PHE F 1207 72.34 -87.02 35.07
C PHE F 1207 72.05 -86.61 33.62
N GLU F 1208 71.84 -87.58 32.74
CA GLU F 1208 71.73 -87.30 31.32
C GLU F 1208 70.44 -86.55 30.96
N ASN F 1209 70.60 -85.42 30.29
CA ASN F 1209 69.49 -84.59 29.84
C ASN F 1209 68.49 -84.24 30.94
N GLY F 1210 69.00 -84.03 32.15
CA GLY F 1210 68.14 -83.72 33.28
C GLY F 1210 68.76 -84.14 34.60
N THR F 1211 67.92 -84.38 35.59
CA THR F 1211 68.39 -84.79 36.91
C THR F 1211 67.70 -86.07 37.38
N LEU F 1212 68.09 -86.55 38.56
CA LEU F 1212 67.48 -87.74 39.13
C LEU F 1212 66.52 -87.36 40.26
N GLU F 1213 65.42 -88.11 40.38
CA GLU F 1213 64.37 -87.77 41.33
C GLU F 1213 63.90 -88.97 42.13
N LEU F 1214 63.23 -88.69 43.27
CA LEU F 1214 62.70 -89.73 44.14
C LEU F 1214 61.20 -89.56 44.35
N PHE F 1215 60.46 -90.65 44.21
CA PHE F 1215 59.02 -90.64 44.43
C PHE F 1215 58.56 -91.94 45.09
N ALA F 1216 57.34 -91.92 45.61
CA ALA F 1216 56.80 -93.05 46.37
C ALA F 1216 55.80 -93.86 45.55
N VAL F 1217 55.73 -95.16 45.83
CA VAL F 1217 54.83 -96.06 45.11
C VAL F 1217 53.37 -95.63 45.21
N GLU F 1218 52.87 -95.52 46.43
CA GLU F 1218 51.47 -95.16 46.64
C GLU F 1218 51.26 -93.67 46.94
N ASN F 1219 52.35 -92.91 47.02
CA ASN F 1219 52.28 -91.50 47.38
C ASN F 1219 53.36 -90.67 46.68
N ARG F 1220 53.51 -89.42 47.12
CA ARG F 1220 54.57 -88.56 46.62
C ARG F 1220 55.47 -88.11 47.77
N LYS F 1221 56.78 -88.07 47.52
CA LYS F 1221 57.75 -87.72 48.55
C LYS F 1221 58.85 -86.81 48.03
N VAL F 1222 59.85 -86.56 48.88
CA VAL F 1222 60.96 -85.67 48.54
C VAL F 1222 61.87 -86.34 47.51
N GLN F 1223 62.66 -85.54 46.81
CA GLN F 1223 63.58 -86.06 45.80
C GLN F 1223 65.02 -85.68 46.13
N LEU F 1224 65.98 -86.39 45.53
CA LEU F 1224 67.38 -86.27 45.90
C LEU F 1224 68.07 -85.06 45.29
N ILE F 1225 69.39 -85.03 45.38
CA ILE F 1225 70.22 -83.88 45.00
C ILE F 1225 70.23 -83.60 43.50
N TYR F 1226 70.66 -82.38 43.16
CA TYR F 1226 70.83 -81.96 41.76
C TYR F 1226 71.91 -82.79 41.07
N SER F 1227 71.89 -82.78 39.75
CA SER F 1227 73.09 -83.12 38.99
C SER F 1227 74.17 -82.20 39.50
N ILE F 1228 75.37 -82.73 39.73
CA ILE F 1228 76.39 -82.04 40.52
C ILE F 1228 76.63 -80.59 40.09
N GLU F 1229 77.30 -80.39 38.95
CA GLU F 1229 77.35 -79.06 38.37
C GLU F 1229 77.12 -79.08 36.86
N GLU F 1230 78.09 -79.67 36.15
CA GLU F 1230 78.14 -79.61 34.70
C GLU F 1230 77.10 -80.50 34.02
N VAL F 1231 76.80 -80.18 32.76
CA VAL F 1231 75.96 -81.02 31.94
C VAL F 1231 76.84 -82.00 31.17
N HIS F 1232 76.24 -82.73 30.24
CA HIS F 1232 76.96 -83.71 29.41
C HIS F 1232 77.67 -84.74 30.29
N GLU F 1233 76.88 -85.60 30.93
CA GLU F 1233 77.41 -86.62 31.83
C GLU F 1233 78.34 -87.57 31.09
N HIS F 1234 79.35 -88.08 31.80
CA HIS F 1234 80.34 -88.97 31.21
C HIS F 1234 79.71 -90.31 30.83
N CYS F 1235 80.39 -91.06 29.96
CA CYS F 1235 79.85 -92.26 29.34
C CYS F 1235 79.16 -93.24 30.30
N ILE F 1236 79.76 -93.46 31.46
CA ILE F 1236 79.12 -94.33 32.45
C ILE F 1236 78.32 -93.50 33.47
N ARG F 1237 77.00 -93.68 33.43
CA ARG F 1237 76.10 -92.94 34.29
C ARG F 1237 75.72 -93.72 35.55
N GLN F 1238 76.32 -94.91 35.69
CA GLN F 1238 76.03 -95.77 36.84
C GLN F 1238 76.42 -95.12 38.16
N LEU F 1239 75.61 -95.36 39.19
CA LEU F 1239 75.85 -94.83 40.52
C LEU F 1239 76.46 -95.89 41.43
N LEU F 1240 77.31 -95.46 42.35
CA LEU F 1240 78.05 -96.37 43.21
C LEU F 1240 77.32 -96.63 44.52
N PHE F 1241 76.81 -97.84 44.70
CA PHE F 1241 76.06 -98.18 45.90
C PHE F 1241 76.00 -99.67 46.20
N SER F 1242 75.75 -100.00 47.46
CA SER F 1242 75.35 -101.34 47.87
C SER F 1242 73.88 -101.28 48.26
N PRO F 1243 73.05 -102.16 47.67
CA PRO F 1243 71.59 -101.96 47.74
C PRO F 1243 71.00 -101.92 49.16
N CYS F 1244 71.31 -102.88 50.01
CA CYS F 1244 70.84 -102.84 51.39
C CYS F 1244 71.85 -102.23 52.34
N LYS F 1245 73.09 -102.08 51.86
CA LYS F 1245 74.19 -101.58 52.68
C LYS F 1245 74.48 -100.09 52.46
N LEU F 1246 73.64 -99.43 51.66
CA LEU F 1246 73.94 -98.10 51.14
C LEU F 1246 74.32 -97.07 52.22
N LEU F 1247 75.50 -96.49 52.04
CA LEU F 1247 75.98 -95.42 52.91
C LEU F 1247 76.51 -94.27 52.06
N LEU F 1248 77.60 -94.54 51.33
CA LEU F 1248 78.22 -93.54 50.46
C LEU F 1248 77.54 -93.46 49.10
N ILE F 1249 77.49 -92.24 48.56
CA ILE F 1249 76.97 -92.00 47.22
C ILE F 1249 77.92 -91.10 46.44
N SER F 1250 78.38 -91.59 45.29
CA SER F 1250 79.37 -90.86 44.50
C SER F 1250 78.88 -90.48 43.11
N CYS F 1251 78.87 -89.18 42.83
CA CYS F 1251 78.48 -88.67 41.52
C CYS F 1251 79.32 -87.48 41.10
N ALA F 1252 79.78 -87.48 39.85
CA ALA F 1252 80.58 -86.38 39.31
C ALA F 1252 80.52 -86.36 37.79
N GLU F 1253 80.90 -85.24 37.19
CA GLU F 1253 80.93 -85.13 35.73
C GLU F 1253 82.36 -85.21 35.19
N GLN F 1254 83.12 -84.12 35.35
CA GLN F 1254 84.45 -84.05 34.77
C GLN F 1254 85.55 -83.75 35.80
N LEU F 1255 85.62 -82.51 36.24
CA LEU F 1255 86.72 -82.04 37.07
C LEU F 1255 86.37 -82.06 38.56
N CYS F 1256 85.16 -82.53 38.86
CA CYS F 1256 84.64 -82.52 40.24
C CYS F 1256 85.53 -83.26 41.23
N PHE F 1257 85.54 -82.76 42.47
CA PHE F 1257 86.37 -83.31 43.54
C PHE F 1257 85.73 -84.55 44.16
N TRP F 1258 86.27 -84.97 45.30
CA TRP F 1258 85.79 -86.16 46.01
C TRP F 1258 84.28 -86.15 46.22
N ASN F 1259 83.64 -87.25 45.87
CA ASN F 1259 82.19 -87.34 45.81
C ASN F 1259 81.53 -87.87 47.08
N VAL F 1260 82.33 -88.16 48.10
CA VAL F 1260 81.82 -88.87 49.28
C VAL F 1260 80.70 -88.12 50.01
N THR F 1261 79.57 -88.81 50.16
CA THR F 1261 78.44 -88.34 50.94
C THR F 1261 77.83 -89.51 51.70
N HIS F 1262 77.68 -89.37 53.01
CA HIS F 1262 77.17 -90.48 53.81
C HIS F 1262 76.05 -90.04 54.77
N MET F 1263 75.52 -91.01 55.49
CA MET F 1263 74.46 -90.74 56.46
C MET F 1263 74.89 -91.17 57.87
N ARG F 1264 74.31 -90.55 58.88
CA ARG F 1264 74.66 -90.85 60.26
C ARG F 1264 73.67 -91.81 60.90
N HIS G 8 37.71 28.71 11.19
CA HIS G 8 38.22 27.35 11.19
C HIS G 8 39.72 27.32 11.11
N GLN G 9 40.26 28.32 10.41
CA GLN G 9 41.47 28.11 9.64
C GLN G 9 42.53 27.43 10.47
N TYR G 10 43.07 26.36 9.91
CA TYR G 10 44.04 25.54 10.59
C TYR G 10 45.37 26.28 10.59
N GLN G 11 46.36 25.67 11.21
CA GLN G 11 47.60 26.36 11.53
C GLN G 11 48.74 25.38 11.34
N TYR G 12 49.79 25.79 10.64
CA TYR G 12 50.74 24.82 10.12
C TYR G 12 51.16 23.81 11.17
N LYS G 13 51.50 24.27 12.37
CA LYS G 13 51.95 23.30 13.37
C LYS G 13 50.84 22.34 13.75
N ASP G 14 49.59 22.70 13.50
CA ASP G 14 48.54 21.71 13.68
C ASP G 14 48.69 20.62 12.65
N ILE G 15 48.73 21.02 11.37
CA ILE G 15 48.59 20.07 10.29
C ILE G 15 49.91 19.42 9.96
N LEU G 16 51.03 20.08 10.23
CA LEU G 16 52.31 19.63 9.70
C LEU G 16 52.56 18.18 10.03
N SER G 17 52.21 17.76 11.24
CA SER G 17 52.54 16.42 11.65
C SER G 17 51.86 15.35 10.83
N VAL G 18 50.96 15.71 9.94
CA VAL G 18 50.17 14.66 9.32
C VAL G 18 51.04 13.90 8.36
N PHE G 19 51.36 14.49 7.22
CA PHE G 19 52.13 13.76 6.24
C PHE G 19 53.57 13.79 6.65
N GLU G 20 54.13 12.61 6.81
CA GLU G 20 55.55 12.40 7.05
C GLU G 20 56.15 11.55 5.96
N ASP G 21 55.54 10.40 5.67
CA ASP G 21 56.16 9.41 4.80
C ASP G 21 56.76 10.05 3.58
N ALA G 22 55.95 10.80 2.84
CA ALA G 22 56.48 11.60 1.76
C ALA G 22 57.63 12.45 2.26
N PHE G 23 57.40 13.18 3.33
CA PHE G 23 58.41 14.05 3.89
C PHE G 23 59.58 13.22 4.39
N VAL G 24 59.28 12.02 4.89
CA VAL G 24 60.33 11.11 5.34
C VAL G 24 61.25 10.76 4.19
N ASP G 25 60.72 9.97 3.25
CA ASP G 25 61.52 9.23 2.29
C ASP G 25 62.42 10.15 1.46
N ASN G 26 61.82 11.01 0.68
CA ASN G 26 62.52 11.71 -0.38
C ASN G 26 63.28 12.93 0.10
N PHE G 27 63.31 13.17 1.39
CA PHE G 27 64.02 14.31 1.95
C PHE G 27 64.80 13.92 3.19
N ASP G 28 65.98 14.52 3.35
CA ASP G 28 66.80 14.32 4.53
C ASP G 28 67.22 15.67 5.06
N CYS G 29 67.17 15.83 6.37
CA CYS G 29 67.59 17.09 6.97
C CYS G 29 69.03 17.44 6.61
N LYS G 30 69.95 16.50 6.81
CA LYS G 30 71.36 16.77 6.56
C LYS G 30 71.58 17.38 5.18
N ASP G 31 70.72 17.03 4.24
CA ASP G 31 70.79 17.56 2.89
C ASP G 31 70.86 19.07 2.96
N VAL G 32 70.09 19.65 3.86
CA VAL G 32 69.93 21.09 3.94
C VAL G 32 70.17 21.55 5.36
N GLN G 33 71.24 22.29 5.56
CA GLN G 33 71.28 23.28 6.63
C GLN G 33 71.39 24.63 5.96
N ASP G 34 70.25 25.30 5.79
CA ASP G 34 70.26 26.71 5.48
C ASP G 34 70.31 27.53 6.76
N MET G 35 69.51 27.12 7.72
CA MET G 35 69.62 27.56 9.11
C MET G 35 69.46 29.05 9.30
N PRO G 36 68.36 29.66 8.91
CA PRO G 36 68.07 30.98 9.45
C PRO G 36 67.93 30.86 10.95
N LYS G 37 68.71 31.64 11.68
CA LYS G 37 69.01 31.26 13.06
C LYS G 37 67.81 31.32 13.96
N SER G 38 66.87 32.22 13.71
CA SER G 38 65.69 32.28 14.57
C SER G 38 64.88 31.00 14.48
N ILE G 39 64.83 30.41 13.29
CA ILE G 39 63.89 29.32 13.10
C ILE G 39 64.41 28.03 13.70
N LEU G 40 65.72 27.86 13.76
CA LEU G 40 66.35 26.70 14.37
C LEU G 40 67.64 27.16 15.01
N SER G 41 67.89 26.72 16.24
CA SER G 41 69.18 27.09 16.78
C SER G 41 70.27 26.26 16.12
N LYS G 42 71.52 26.60 16.41
CA LYS G 42 72.61 25.82 15.88
C LYS G 42 72.61 24.44 16.48
N GLU G 43 72.65 24.37 17.81
CA GLU G 43 72.58 23.11 18.52
C GLU G 43 71.46 22.22 18.02
N GLU G 44 70.36 22.82 17.58
CA GLU G 44 69.24 22.05 17.07
C GLU G 44 69.72 21.14 15.95
N ILE G 45 70.04 21.74 14.82
CA ILE G 45 70.43 20.94 13.67
C ILE G 45 71.74 20.24 13.95
N ASP G 46 72.51 20.76 14.91
CA ASP G 46 73.65 19.99 15.39
C ASP G 46 73.19 18.62 15.85
N HIS G 47 72.04 18.56 16.51
CA HIS G 47 71.58 17.32 17.07
C HIS G 47 70.90 16.43 16.06
N ILE G 48 70.13 17.01 15.13
CA ILE G 48 69.33 16.19 14.22
C ILE G 48 70.20 15.27 13.41
N ILE G 49 71.17 15.82 12.68
CA ILE G 49 71.94 15.01 11.75
C ILE G 49 72.61 13.85 12.46
N MET G 50 72.89 14.01 13.74
CA MET G 50 73.52 12.93 14.50
C MET G 50 72.70 11.66 14.50
N SER G 51 71.41 11.74 14.19
CA SER G 51 70.60 10.53 14.15
C SER G 51 71.04 9.64 13.00
N LYS G 52 70.80 8.34 13.15
CA LYS G 52 71.46 7.38 12.28
C LYS G 52 70.65 7.08 11.02
N ASP G 53 69.39 7.46 10.99
CA ASP G 53 68.56 7.11 9.85
C ASP G 53 67.36 8.04 9.76
N ALA G 54 66.78 8.06 8.55
CA ALA G 54 65.66 8.95 8.26
C ALA G 54 64.55 8.78 9.28
N VAL G 55 64.09 7.55 9.48
CA VAL G 55 62.96 7.31 10.37
C VAL G 55 63.24 7.91 11.75
N SER G 56 64.50 7.94 12.13
CA SER G 56 64.88 8.81 13.24
C SER G 56 65.07 10.24 12.75
N GLY G 57 65.80 10.40 11.66
CA GLY G 57 66.19 11.73 11.25
C GLY G 57 65.01 12.62 10.97
N THR G 58 64.18 12.23 10.01
CA THR G 58 63.02 13.05 9.69
C THR G 58 62.18 13.27 10.92
N LEU G 59 62.15 12.30 11.82
CA LEU G 59 61.25 12.40 12.93
C LEU G 59 61.67 13.51 13.88
N ARG G 60 62.91 13.48 14.35
CA ARG G 60 63.29 14.46 15.36
C ARG G 60 63.11 15.86 14.85
N LEU G 61 63.03 16.02 13.54
CA LEU G 61 62.71 17.33 13.00
C LEU G 61 61.41 17.84 13.57
N PHE G 62 60.32 17.14 13.28
CA PHE G 62 59.00 17.63 13.66
C PHE G 62 58.96 17.99 15.14
N TRP G 63 59.33 17.07 16.01
CA TRP G 63 59.26 17.34 17.43
C TRP G 63 60.01 18.60 17.80
N THR G 64 61.04 18.94 17.06
CA THR G 64 61.64 20.23 17.33
C THR G 64 60.72 21.35 16.90
N LEU G 65 60.25 21.32 15.65
CA LEU G 65 59.40 22.40 15.17
C LEU G 65 58.18 22.60 16.05
N LEU G 66 57.42 21.55 16.30
CA LEU G 66 56.17 21.69 17.00
C LEU G 66 56.34 22.24 18.40
N SER G 67 57.56 22.36 18.88
CA SER G 67 57.84 22.97 20.16
C SER G 67 58.03 24.47 20.05
N LYS G 68 57.76 25.06 18.89
CA LYS G 68 58.05 26.46 18.65
C LYS G 68 56.77 27.21 18.33
N GLN G 69 56.87 28.53 18.38
CA GLN G 69 55.72 29.34 18.05
C GLN G 69 55.50 29.37 16.54
N GLU G 70 54.23 29.57 16.18
CA GLU G 70 53.79 29.34 14.82
C GLU G 70 54.52 30.17 13.78
N GLU G 71 54.92 31.39 14.13
CA GLU G 71 55.62 32.24 13.16
C GLU G 71 56.78 31.50 12.53
N MET G 72 57.66 30.94 13.36
CA MET G 72 58.82 30.22 12.85
C MET G 72 58.39 29.19 11.83
N VAL G 73 57.51 28.27 12.25
CA VAL G 73 56.96 27.31 11.32
C VAL G 73 56.36 28.02 10.14
N GLN G 74 55.51 29.02 10.40
CA GLN G 74 54.91 29.78 9.32
C GLN G 74 55.96 30.26 8.34
N LYS G 75 57.15 30.57 8.81
CA LYS G 75 58.21 30.86 7.89
C LYS G 75 58.83 29.60 7.31
N PHE G 76 58.84 28.51 8.06
CA PHE G 76 59.53 27.33 7.60
C PHE G 76 58.87 26.75 6.37
N VAL G 77 57.53 26.75 6.33
CA VAL G 77 56.84 26.25 5.17
C VAL G 77 57.19 27.08 3.96
N GLU G 78 57.54 28.34 4.15
CA GLU G 78 58.04 29.16 3.05
C GLU G 78 59.49 28.85 2.72
N GLU G 79 60.29 28.59 3.75
CA GLU G 79 61.74 28.44 3.55
C GLU G 79 62.06 27.30 2.59
N VAL G 80 61.27 26.23 2.63
CA VAL G 80 61.56 25.08 1.76
C VAL G 80 61.48 25.50 0.29
N LEU G 81 60.56 26.41 -0.02
CA LEU G 81 60.47 26.94 -1.38
C LEU G 81 61.81 27.37 -1.92
N ARG G 82 62.53 28.20 -1.19
CA ARG G 82 63.80 28.70 -1.65
C ARG G 82 64.78 27.57 -1.89
N ILE G 83 64.64 26.48 -1.16
CA ILE G 83 65.50 25.33 -1.37
C ILE G 83 65.11 24.77 -2.72
N ASN G 84 66.00 23.97 -3.31
CA ASN G 84 65.79 23.46 -4.66
C ASN G 84 64.41 22.86 -4.80
N TYR G 85 63.94 22.17 -3.77
CA TYR G 85 62.72 21.40 -3.89
C TYR G 85 61.58 22.12 -3.19
N LYS G 86 60.65 22.65 -3.98
CA LYS G 86 59.37 23.05 -3.46
C LYS G 86 58.29 22.00 -3.62
N PHE G 87 58.54 20.96 -4.41
CA PHE G 87 57.46 20.03 -4.73
C PHE G 87 56.83 19.51 -3.47
N LEU G 88 57.62 19.38 -2.42
CA LEU G 88 57.14 18.92 -1.13
C LEU G 88 56.18 19.91 -0.51
N MET G 89 56.38 21.21 -0.72
CA MET G 89 55.54 22.17 -0.02
C MET G 89 54.30 22.54 -0.80
N SER G 90 54.12 22.06 -2.01
CA SER G 90 52.83 22.37 -2.61
C SER G 90 51.73 21.62 -1.88
N PRO G 91 51.87 20.34 -1.56
CA PRO G 91 50.79 19.71 -0.81
C PRO G 91 50.53 20.38 0.51
N ILE G 92 51.58 20.64 1.28
CA ILE G 92 51.41 21.24 2.58
C ILE G 92 50.69 22.56 2.49
N LYS G 93 50.68 23.18 1.32
CA LYS G 93 49.90 24.37 1.13
C LYS G 93 48.44 24.04 0.87
N THR G 94 48.09 22.76 0.88
CA THR G 94 46.70 22.37 0.86
C THR G 94 46.10 22.29 2.25
N GLU G 95 46.82 22.75 3.26
CA GLU G 95 46.15 23.24 4.45
C GLU G 95 44.92 24.05 4.08
N GLN G 96 45.16 25.19 3.45
CA GLN G 96 44.15 26.23 3.35
C GLN G 96 42.95 25.72 2.58
N ARG G 97 41.80 25.77 3.22
CA ARG G 97 40.52 25.32 2.68
C ARG G 97 40.60 23.91 2.15
N GLN G 98 41.60 23.17 2.55
CA GLN G 98 41.48 21.79 2.12
C GLN G 98 42.07 20.84 3.15
N PRO G 99 41.54 20.78 4.35
CA PRO G 99 41.79 19.60 5.16
C PRO G 99 41.15 18.44 4.45
N SER G 100 41.92 17.39 4.23
CA SER G 100 41.29 16.27 3.57
C SER G 100 40.23 15.67 4.49
N MET G 101 39.10 15.32 3.88
CA MET G 101 37.91 14.95 4.66
C MET G 101 38.27 13.93 5.73
N MET G 102 39.25 13.09 5.46
CA MET G 102 39.87 12.33 6.54
C MET G 102 40.49 13.25 7.56
N THR G 103 41.52 13.97 7.17
CA THR G 103 42.47 14.55 8.12
C THR G 103 41.77 15.25 9.27
N ARG G 104 40.64 15.88 9.00
CA ARG G 104 39.93 16.53 10.09
C ARG G 104 39.64 15.55 11.21
N MET G 105 39.34 14.30 10.87
CA MET G 105 39.15 13.30 11.91
C MET G 105 40.34 13.30 12.84
N TYR G 106 41.53 13.09 12.29
CA TYR G 106 42.74 13.18 13.07
C TYR G 106 42.79 14.49 13.83
N ILE G 107 42.97 15.59 13.10
CA ILE G 107 43.33 16.85 13.73
C ILE G 107 42.33 17.20 14.80
N GLU G 108 41.10 16.72 14.67
CA GLU G 108 40.20 16.81 15.81
C GLU G 108 40.69 15.95 16.94
N GLN G 109 40.86 14.67 16.68
CA GLN G 109 40.84 13.75 17.80
C GLN G 109 42.01 13.96 18.74
N ARG G 110 43.20 14.20 18.20
CA ARG G 110 44.32 14.45 19.10
C ARG G 110 43.97 15.52 20.12
N ASP G 111 43.14 16.48 19.75
CA ASP G 111 42.71 17.43 20.76
C ASP G 111 41.94 16.73 21.85
N ARG G 112 40.93 15.94 21.49
CA ARG G 112 40.26 15.16 22.52
C ARG G 112 41.24 14.25 23.23
N LEU G 113 42.40 14.00 22.62
CA LEU G 113 43.45 13.32 23.36
C LEU G 113 44.20 14.28 24.27
N TYR G 114 44.60 15.43 23.75
CA TYR G 114 45.21 16.41 24.65
C TYR G 114 44.29 16.88 25.74
N ASN G 115 43.00 16.63 25.66
CA ASN G 115 42.18 17.07 26.76
C ASN G 115 42.25 16.09 27.91
N ASP G 116 43.16 15.14 27.80
CA ASP G 116 43.90 14.64 28.94
C ASP G 116 44.72 15.74 29.60
N ASN G 117 44.78 16.94 29.00
CA ASN G 117 45.36 18.15 29.59
C ASN G 117 46.79 18.00 30.06
N GLN G 118 47.01 18.06 31.37
CA GLN G 118 48.34 18.29 31.90
C GLN G 118 49.37 17.58 31.09
N VAL G 119 48.99 16.38 30.72
CA VAL G 119 49.91 15.36 30.28
C VAL G 119 50.88 15.91 29.29
N PHE G 120 50.44 16.09 28.07
CA PHE G 120 51.35 16.59 27.07
C PHE G 120 51.20 18.08 26.94
N ALA G 121 50.33 18.66 27.74
CA ALA G 121 50.16 20.09 27.74
C ALA G 121 51.51 20.75 27.91
N LYS G 122 52.04 20.68 29.12
CA LYS G 122 53.37 21.22 29.35
C LYS G 122 54.39 20.12 29.12
N TYR G 123 54.34 19.13 29.96
CA TYR G 123 55.51 18.33 30.25
C TYR G 123 55.51 17.10 29.38
N ASN G 124 56.50 17.00 28.51
CA ASN G 124 57.24 15.78 28.29
C ASN G 124 58.26 16.14 27.23
N VAL G 125 59.31 15.37 27.18
CA VAL G 125 60.16 15.38 26.01
C VAL G 125 60.12 13.95 25.47
N SER G 126 59.12 13.68 24.64
CA SER G 126 59.11 12.55 23.73
C SER G 126 59.76 11.31 24.29
N ARG G 127 60.55 10.69 23.43
CA ARG G 127 61.75 9.89 23.62
C ARG G 127 61.96 9.35 22.24
N LEU G 128 63.03 8.62 21.99
CA LEU G 128 63.11 8.06 20.65
C LEU G 128 63.05 6.55 20.69
N GLN G 129 64.06 5.90 21.23
CA GLN G 129 64.09 4.45 21.21
C GLN G 129 62.79 3.83 21.68
N PRO G 130 62.33 4.08 22.90
CA PRO G 130 61.13 3.38 23.34
C PRO G 130 59.97 3.69 22.45
N TYR G 131 59.87 4.93 22.01
CA TYR G 131 58.88 5.25 21.01
C TYR G 131 59.03 4.32 19.83
N LEU G 132 60.21 4.28 19.26
CA LEU G 132 60.34 3.73 17.92
C LEU G 132 60.02 2.25 17.87
N LYS G 133 60.57 1.45 18.77
CA LYS G 133 60.18 0.04 18.79
C LYS G 133 58.68 -0.09 18.86
N LEU G 134 58.03 0.75 19.64
CA LEU G 134 56.63 0.49 19.90
C LEU G 134 55.81 0.71 18.65
N ARG G 135 55.95 1.86 18.00
CA ARG G 135 55.18 2.10 16.80
C ARG G 135 55.34 0.94 15.84
N GLN G 136 56.56 0.46 15.70
CA GLN G 136 56.83 -0.74 14.92
C GLN G 136 55.85 -1.84 15.26
N ALA G 137 55.87 -2.30 16.50
CA ALA G 137 54.95 -3.36 16.88
C ALA G 137 53.51 -2.90 16.74
N LEU G 138 53.15 -1.83 17.43
CA LEU G 138 51.75 -1.47 17.52
C LEU G 138 51.16 -1.12 16.16
N LEU G 139 52.00 -0.86 15.17
CA LEU G 139 51.46 -0.78 13.83
C LEU G 139 51.00 -2.14 13.32
N GLU G 140 51.67 -3.20 13.70
CA GLU G 140 51.42 -4.49 13.09
C GLU G 140 50.16 -5.16 13.60
N LEU G 141 50.03 -5.31 14.92
CA LEU G 141 49.23 -6.38 15.49
C LEU G 141 47.82 -6.42 14.90
N ARG G 142 47.33 -7.64 14.71
CA ARG G 142 46.05 -7.93 14.10
C ARG G 142 45.05 -8.33 15.19
N PRO G 143 43.78 -8.53 14.89
CA PRO G 143 42.79 -8.36 15.95
C PRO G 143 42.63 -9.49 16.92
N ALA G 144 43.69 -10.14 17.37
CA ALA G 144 43.79 -10.53 18.76
C ALA G 144 45.26 -10.61 19.09
N LYS G 145 45.77 -9.70 19.89
CA LYS G 145 47.19 -9.64 20.18
C LYS G 145 47.36 -8.74 21.38
N ASN G 146 48.60 -8.45 21.71
CA ASN G 146 48.87 -7.59 22.85
C ASN G 146 50.24 -6.96 22.67
N VAL G 147 50.47 -5.87 23.35
CA VAL G 147 51.80 -5.37 23.56
C VAL G 147 51.90 -4.97 25.01
N LEU G 148 52.74 -5.65 25.76
CA LEU G 148 52.96 -5.15 27.10
C LEU G 148 53.83 -3.93 27.05
N ILE G 149 53.71 -3.13 28.08
CA ILE G 149 54.73 -2.18 28.40
C ILE G 149 55.04 -2.35 29.87
N ASP G 150 56.22 -2.83 30.18
CA ASP G 150 56.61 -3.03 31.55
C ASP G 150 57.59 -1.95 31.98
N GLY G 151 57.38 -1.46 33.19
CA GLY G 151 58.35 -0.57 33.77
C GLY G 151 58.29 -0.62 35.28
N VAL G 152 59.42 -0.31 35.88
CA VAL G 152 59.49 -0.14 37.31
C VAL G 152 58.80 1.15 37.70
N LEU G 153 58.51 1.30 38.99
CA LEU G 153 57.64 2.37 39.46
C LEU G 153 58.02 3.69 38.83
N GLY G 154 57.01 4.42 38.40
CA GLY G 154 57.28 5.54 37.52
C GLY G 154 57.79 5.03 36.19
N SER G 155 58.95 5.53 35.78
CA SER G 155 59.57 5.16 34.52
C SER G 155 58.67 5.43 33.33
N GLY G 156 57.68 6.28 33.51
CA GLY G 156 56.94 6.88 32.42
C GLY G 156 56.39 5.96 31.36
N LYS G 157 55.74 4.89 31.75
CA LYS G 157 55.11 4.07 30.75
C LYS G 157 53.82 4.71 30.25
N THR G 158 52.97 5.18 31.16
CA THR G 158 51.69 5.76 30.77
C THR G 158 51.84 6.85 29.73
N TRP G 159 53.00 7.46 29.63
CA TRP G 159 53.19 8.53 28.68
C TRP G 159 53.60 7.99 27.33
N VAL G 160 54.74 7.32 27.27
CA VAL G 160 55.12 6.66 26.03
C VAL G 160 53.94 5.88 25.47
N ALA G 161 53.13 5.34 26.36
CA ALA G 161 51.84 4.81 25.96
C ALA G 161 51.08 5.82 25.10
N LEU G 162 50.70 6.94 25.69
CA LEU G 162 49.98 7.93 24.92
C LEU G 162 50.76 8.29 23.67
N ASP G 163 51.94 8.86 23.85
CA ASP G 163 52.58 9.62 22.79
C ASP G 163 52.54 8.88 21.46
N VAL G 164 52.90 7.60 21.45
CA VAL G 164 52.80 6.90 20.18
C VAL G 164 51.38 6.85 19.67
N CYS G 165 50.41 6.64 20.54
CA CYS G 165 49.03 6.61 20.13
C CYS G 165 48.57 7.95 19.57
N LEU G 166 49.35 8.99 19.75
CA LEU G 166 49.03 10.27 19.14
C LEU G 166 49.48 10.36 17.69
N SER G 167 50.55 9.65 17.34
CA SER G 167 51.17 9.85 16.04
C SER G 167 50.25 9.40 14.92
N TYR G 168 50.15 10.23 13.89
CA TYR G 168 49.16 10.04 12.84
C TYR G 168 49.12 8.61 12.35
N LYS G 169 50.21 8.17 11.74
CA LYS G 169 50.18 6.94 10.96
C LYS G 169 49.55 5.81 11.74
N VAL G 170 49.77 5.77 13.05
CA VAL G 170 48.95 4.91 13.90
C VAL G 170 47.49 5.29 13.77
N GLN G 171 47.17 6.50 14.20
CA GLN G 171 45.79 6.90 14.37
C GLN G 171 44.95 6.59 13.15
N CYS G 172 45.57 6.58 11.98
CA CYS G 172 44.84 6.24 10.77
C CYS G 172 44.70 4.74 10.60
N LYS G 173 45.70 3.99 11.05
CA LYS G 173 45.62 2.54 10.95
C LYS G 173 44.43 2.00 11.70
N MET G 174 44.11 2.60 12.83
CA MET G 174 43.12 2.05 13.73
C MET G 174 41.76 2.69 13.61
N ASP G 175 41.58 3.57 12.64
CA ASP G 175 40.31 4.21 12.34
C ASP G 175 39.82 5.07 13.48
N PHE G 176 40.67 5.87 14.10
CA PHE G 176 40.21 6.99 14.89
C PHE G 176 39.31 6.56 16.03
N LYS G 177 39.41 5.31 16.43
CA LYS G 177 38.67 4.81 17.58
C LYS G 177 39.71 4.32 18.56
N ILE G 178 39.86 5.01 19.68
CA ILE G 178 40.81 4.58 20.70
C ILE G 178 40.19 4.84 22.06
N PHE G 179 40.09 3.79 22.87
CA PHE G 179 39.35 3.87 24.11
C PHE G 179 40.29 3.68 25.28
N TRP G 180 40.27 4.62 26.20
CA TRP G 180 41.17 4.57 27.33
C TRP G 180 40.41 4.08 28.53
N LEU G 181 41.07 3.33 29.40
CA LEU G 181 40.53 3.00 30.70
C LEU G 181 41.59 3.18 31.75
N ASN G 182 41.21 2.91 32.99
CA ASN G 182 42.17 2.70 34.05
C ASN G 182 41.67 1.57 34.92
N LEU G 183 42.49 0.57 35.10
CA LEU G 183 42.20 -0.43 36.09
C LEU G 183 42.82 -0.06 37.42
N LYS G 184 43.31 1.16 37.53
CA LYS G 184 44.06 1.64 38.67
C LYS G 184 43.43 1.20 39.98
N ASN G 185 42.12 1.23 40.06
CA ASN G 185 41.43 0.52 41.12
C ASN G 185 40.63 -0.57 40.45
N CYS G 186 41.15 -1.80 40.50
CA CYS G 186 40.39 -2.95 40.03
C CYS G 186 40.65 -4.11 40.97
N ASN G 187 39.62 -4.53 41.69
CA ASN G 187 39.70 -5.70 42.54
C ASN G 187 38.31 -6.26 42.71
N SER G 188 38.20 -7.58 42.82
CA SER G 188 36.92 -8.21 43.13
C SER G 188 35.96 -8.03 41.98
N PRO G 189 34.92 -8.84 41.90
CA PRO G 189 33.97 -8.69 40.79
C PRO G 189 33.33 -7.33 40.72
N GLU G 190 32.85 -6.80 41.84
CA GLU G 190 32.09 -5.56 41.81
C GLU G 190 32.81 -4.50 41.00
N THR G 191 34.00 -4.10 41.46
CA THR G 191 34.71 -3.03 40.80
C THR G 191 34.84 -3.29 39.31
N VAL G 192 35.23 -4.50 38.93
CA VAL G 192 35.36 -4.81 37.51
C VAL G 192 34.12 -4.41 36.76
N LEU G 193 32.96 -4.83 37.26
CA LEU G 193 31.72 -4.49 36.58
C LEU G 193 31.68 -3.00 36.27
N GLU G 194 32.01 -2.18 37.26
CA GLU G 194 32.05 -0.76 37.02
C GLU G 194 32.97 -0.46 35.87
N MET G 195 34.27 -0.58 36.12
CA MET G 195 35.22 -0.06 35.17
C MET G 195 35.08 -0.76 33.84
N LEU G 196 34.38 -1.88 33.83
CA LEU G 196 33.94 -2.43 32.56
C LEU G 196 32.74 -1.68 32.04
N GLN G 197 31.75 -1.45 32.89
CA GLN G 197 30.50 -0.94 32.36
C GLN G 197 30.70 0.43 31.74
N LYS G 198 31.59 1.24 32.32
CA LYS G 198 31.93 2.51 31.68
C LYS G 198 32.29 2.29 30.23
N LEU G 199 33.23 1.38 29.98
CA LEU G 199 33.65 1.13 28.61
C LEU G 199 32.47 0.92 27.72
N LEU G 200 31.42 0.30 28.24
CA LEU G 200 30.29 0.02 27.38
C LEU G 200 29.70 1.31 26.83
N TYR G 201 29.48 2.31 27.69
CA TYR G 201 28.80 3.50 27.21
C TYR G 201 29.59 4.17 26.11
N GLN G 202 30.90 4.26 26.25
CA GLN G 202 31.65 4.98 25.22
C GLN G 202 31.44 4.38 23.85
N ILE G 203 31.16 3.08 23.77
CA ILE G 203 31.03 2.49 22.45
C ILE G 203 29.70 2.88 21.84
N ASP G 204 28.63 2.72 22.53
CA ASP G 204 27.34 3.17 22.04
C ASP G 204 26.62 3.76 23.23
N PRO G 205 25.93 4.88 23.06
CA PRO G 205 25.10 5.35 24.16
C PRO G 205 23.73 4.70 24.14
N ASN G 206 23.68 3.38 23.95
CA ASN G 206 22.46 2.66 24.26
C ASN G 206 22.82 1.36 24.94
N TRP G 207 22.47 1.24 26.22
CA TRP G 207 22.43 -0.11 26.75
C TRP G 207 21.26 -0.22 27.70
N THR G 208 20.36 -1.13 27.38
CA THR G 208 19.24 -1.46 28.28
C THR G 208 19.75 -2.47 29.29
N SER G 209 19.25 -2.35 30.50
CA SER G 209 19.54 -3.24 31.61
C SER G 209 19.07 -4.66 31.36
N ARG G 210 18.47 -4.91 30.19
CA ARG G 210 17.53 -6.00 29.98
C ARG G 210 18.00 -7.32 30.57
N SER G 211 19.28 -7.63 30.44
CA SER G 211 19.80 -8.81 31.12
C SER G 211 19.63 -8.63 32.63
N ASP G 212 18.96 -9.60 33.25
CA ASP G 212 18.34 -9.36 34.53
C ASP G 212 19.35 -8.95 35.58
N HIS G 213 18.85 -8.30 36.61
CA HIS G 213 19.65 -7.67 37.66
C HIS G 213 20.00 -8.71 38.71
N SER G 214 19.81 -9.97 38.37
CA SER G 214 19.91 -11.09 39.29
C SER G 214 21.17 -10.95 40.13
N SER G 215 21.01 -11.16 41.44
CA SER G 215 22.00 -10.74 42.42
C SER G 215 23.35 -11.40 42.22
N ASN G 216 23.44 -12.36 41.32
CA ASN G 216 24.73 -13.02 41.13
C ASN G 216 25.60 -12.11 40.29
N ILE G 217 26.57 -11.51 40.96
CA ILE G 217 27.52 -10.61 40.33
C ILE G 217 28.36 -11.33 39.31
N LYS G 218 28.75 -12.56 39.63
CA LYS G 218 29.60 -13.31 38.73
C LYS G 218 28.89 -13.58 37.42
N LEU G 219 27.64 -14.03 37.49
CA LEU G 219 26.88 -14.18 36.26
C LEU G 219 26.82 -12.86 35.52
N ARG G 220 26.50 -11.79 36.23
CA ARG G 220 26.05 -10.58 35.58
C ARG G 220 27.06 -10.06 34.58
N ILE G 221 28.31 -9.91 34.99
CA ILE G 221 29.29 -9.40 34.04
C ILE G 221 29.33 -10.31 32.84
N HIS G 222 29.32 -11.62 33.06
CA HIS G 222 29.48 -12.51 31.94
C HIS G 222 28.35 -12.36 30.95
N SER G 223 27.28 -11.67 31.35
CA SER G 223 26.29 -11.25 30.38
C SER G 223 26.77 -10.00 29.64
N ILE G 224 27.22 -9.00 30.37
CA ILE G 224 27.75 -7.81 29.70
C ILE G 224 28.85 -8.20 28.75
N GLN G 225 29.87 -8.86 29.30
CA GLN G 225 31.02 -9.23 28.50
C GLN G 225 30.60 -9.93 27.23
N ALA G 226 29.56 -10.73 27.28
CA ALA G 226 28.98 -11.21 26.05
C ALA G 226 28.52 -10.05 25.19
N GLU G 227 27.49 -9.33 25.65
CA GLU G 227 26.88 -8.29 24.84
C GLU G 227 27.92 -7.40 24.21
N LEU G 228 28.99 -7.13 24.95
CA LEU G 228 30.11 -6.40 24.38
C LEU G 228 30.76 -7.18 23.24
N ARG G 229 31.20 -8.41 23.53
CA ARG G 229 32.05 -9.12 22.59
C ARG G 229 31.48 -9.10 21.20
N ARG G 230 30.21 -9.43 21.06
CA ARG G 230 29.61 -9.37 19.74
C ARG G 230 29.77 -7.98 19.15
N LEU G 231 29.24 -6.99 19.86
CA LEU G 231 29.16 -5.65 19.30
C LEU G 231 30.52 -5.18 18.80
N LEU G 232 31.56 -5.40 19.58
CA LEU G 232 32.86 -4.89 19.21
C LEU G 232 33.29 -5.42 17.86
N LYS G 233 33.61 -6.71 17.79
CA LYS G 233 34.11 -7.23 16.53
C LYS G 233 33.08 -7.20 15.42
N SER G 234 31.82 -6.97 15.76
CA SER G 234 30.76 -7.03 14.77
C SER G 234 31.01 -6.06 13.63
N LYS G 235 30.82 -4.80 13.91
CA LYS G 235 30.58 -3.82 12.87
C LYS G 235 31.86 -3.08 12.57
N PRO G 236 31.83 -2.11 11.67
CA PRO G 236 32.78 -1.01 11.78
C PRO G 236 32.79 -0.59 13.23
N TYR G 237 33.93 -0.16 13.75
CA TYR G 237 34.54 -0.70 14.97
C TYR G 237 35.22 -2.04 14.72
N GLU G 238 35.64 -2.34 13.51
CA GLU G 238 36.32 -3.61 13.31
C GLU G 238 37.73 -3.53 13.84
N ASN G 239 38.38 -2.41 13.65
CA ASN G 239 39.72 -2.18 14.18
C ASN G 239 39.63 -1.12 15.25
N CYS G 240 39.71 -1.52 16.49
CA CYS G 240 39.81 -0.59 17.59
C CYS G 240 40.90 -1.10 18.48
N LEU G 241 41.34 -0.28 19.42
CA LEU G 241 42.14 -0.81 20.49
C LEU G 241 41.68 -0.25 21.80
N LEU G 242 41.40 -1.13 22.74
CA LEU G 242 41.36 -0.72 24.11
C LEU G 242 42.77 -0.32 24.51
N VAL G 243 42.88 0.42 25.60
CA VAL G 243 44.16 0.57 26.26
C VAL G 243 43.89 0.39 27.73
N LEU G 244 44.79 -0.26 28.41
CA LEU G 244 44.64 -0.51 29.84
C LEU G 244 45.83 0.10 30.52
N LEU G 245 45.60 1.01 31.42
CA LEU G 245 46.69 1.61 32.15
C LEU G 245 46.71 1.03 33.55
N ASN G 246 47.89 0.61 33.99
CA ASN G 246 48.09 0.13 35.34
C ASN G 246 47.23 -1.10 35.63
N VAL G 247 47.34 -2.10 34.76
CA VAL G 247 46.64 -3.33 35.05
C VAL G 247 47.08 -3.84 36.40
N GLN G 248 46.13 -3.93 37.34
CA GLN G 248 46.47 -4.34 38.71
C GLN G 248 46.09 -5.75 39.14
N ASN G 249 45.19 -6.38 38.40
CA ASN G 249 44.78 -7.73 38.74
C ASN G 249 45.15 -8.69 37.63
N ALA G 250 45.82 -9.79 37.98
CA ALA G 250 46.20 -10.69 36.98
C ALA G 250 45.10 -11.29 36.39
N ALA G 252 41.76 -9.63 36.24
CA ALA G 252 41.30 -8.49 35.60
C ALA G 252 41.43 -8.80 34.20
N TRP G 253 42.78 -8.67 33.84
CA TRP G 253 42.92 -8.96 32.43
C TRP G 253 41.70 -9.68 31.91
N ASN G 254 41.46 -10.90 32.41
CA ASN G 254 40.49 -11.79 31.79
C ASN G 254 39.11 -11.20 31.72
N ALA G 255 38.91 -10.11 32.44
CA ALA G 255 37.74 -9.30 32.16
C ALA G 255 37.64 -9.05 30.67
N PHE G 256 38.65 -8.38 30.13
CA PHE G 256 38.52 -7.70 28.85
C PHE G 256 38.92 -8.54 27.66
N ASN G 257 39.27 -9.81 27.87
CA ASN G 257 39.89 -10.66 26.86
C ASN G 257 39.21 -10.54 25.50
N LEU G 258 37.90 -10.39 25.52
CA LEU G 258 37.06 -10.54 24.34
C LEU G 258 37.54 -9.74 23.13
N SER G 259 38.27 -8.67 23.37
CA SER G 259 38.43 -7.63 22.37
C SER G 259 39.47 -8.01 21.35
N CYS G 260 39.91 -6.99 20.64
CA CYS G 260 41.06 -7.04 19.77
C CYS G 260 42.05 -5.97 20.15
N LYS G 261 43.27 -6.15 19.70
CA LYS G 261 44.26 -5.09 19.60
C LYS G 261 44.54 -4.40 20.92
N ILE G 262 44.33 -5.05 22.06
CA ILE G 262 44.44 -4.29 23.29
C ILE G 262 45.91 -4.04 23.59
N LEU G 263 46.16 -3.32 24.68
CA LEU G 263 47.49 -2.86 25.02
C LEU G 263 47.57 -2.72 26.52
N LEU G 264 48.75 -2.94 27.08
CA LEU G 264 48.86 -2.99 28.53
C LEU G 264 49.95 -2.08 29.05
N THR G 265 49.89 -1.86 30.35
CA THR G 265 50.97 -1.28 31.11
C THR G 265 50.95 -1.96 32.44
N THR G 266 52.02 -2.35 32.91
CA THR G 266 52.00 -3.06 34.18
C THR G 266 53.28 -2.87 34.95
N ARG G 267 53.13 -2.66 36.25
CA ARG G 267 54.25 -2.77 37.16
C ARG G 267 54.58 -4.23 37.41
N PHE G 268 53.59 -5.01 37.81
CA PHE G 268 53.82 -6.26 38.49
C PHE G 268 54.45 -7.29 37.58
N LYS G 269 55.49 -7.94 38.08
CA LYS G 269 56.14 -9.05 37.41
C LYS G 269 55.14 -10.11 37.00
N GLN G 270 54.20 -10.44 37.88
CA GLN G 270 53.35 -11.60 37.65
C GLN G 270 52.50 -11.44 36.41
N VAL G 271 52.24 -10.21 35.98
CA VAL G 271 51.57 -10.04 34.70
C VAL G 271 52.49 -10.37 33.56
N THR G 272 53.56 -9.58 33.39
CA THR G 272 54.45 -9.80 32.25
C THR G 272 54.96 -11.23 32.20
N ASP G 273 54.90 -11.95 33.31
CA ASP G 273 55.20 -13.38 33.26
C ASP G 273 53.99 -14.16 32.77
N PHE G 274 52.80 -13.79 33.21
CA PHE G 274 51.58 -14.54 32.88
C PHE G 274 51.36 -14.59 31.38
N LEU G 275 51.60 -13.49 30.69
CA LEU G 275 51.58 -13.49 29.23
C LEU G 275 52.84 -14.17 28.71
N SER G 276 52.82 -14.56 27.44
CA SER G 276 53.93 -15.28 26.85
C SER G 276 54.15 -14.80 25.42
N ALA G 277 55.41 -14.80 25.00
CA ALA G 277 55.77 -14.17 23.72
C ALA G 277 55.06 -14.80 22.55
N ALA G 278 54.44 -15.96 22.76
CA ALA G 278 53.71 -16.60 21.67
C ALA G 278 52.65 -15.67 21.10
N THR G 279 51.73 -15.19 21.93
CA THR G 279 50.66 -14.37 21.40
C THR G 279 50.91 -12.89 21.59
N THR G 280 51.97 -12.52 22.30
CA THR G 280 52.21 -11.11 22.59
C THR G 280 53.67 -10.78 22.35
N THR G 281 53.96 -9.48 22.33
CA THR G 281 55.32 -8.98 22.34
C THR G 281 55.59 -8.37 23.70
N HIS G 282 56.78 -7.80 23.86
CA HIS G 282 57.12 -7.03 25.04
C HIS G 282 57.69 -5.69 24.62
N ILE G 283 57.57 -4.70 25.49
CA ILE G 283 58.44 -3.55 25.55
C ILE G 283 58.83 -3.36 27.00
N SER G 284 60.12 -3.52 27.29
CA SER G 284 60.57 -3.30 28.64
C SER G 284 61.15 -1.90 28.71
N LEU G 285 60.87 -1.18 29.78
CA LEU G 285 61.54 0.11 29.92
C LEU G 285 62.74 0.05 30.86
N ASP G 286 63.05 -1.10 31.45
CA ASP G 286 64.25 -1.21 32.28
C ASP G 286 65.50 -1.45 31.43
N HIS G 287 65.30 -2.12 30.31
CA HIS G 287 66.41 -2.49 29.43
C HIS G 287 67.19 -1.24 29.10
N HIS G 288 68.49 -1.28 29.40
CA HIS G 288 69.25 -0.06 29.56
C HIS G 288 69.25 0.77 28.28
N SER G 289 69.12 0.12 27.13
CA SER G 289 69.13 0.86 25.88
C SER G 289 67.86 1.70 25.73
N MET G 290 66.81 1.35 26.45
CA MET G 290 65.53 2.00 26.25
C MET G 290 65.43 3.30 27.03
N THR G 291 66.29 3.51 28.00
CA THR G 291 65.97 4.48 29.04
C THR G 291 66.76 5.79 29.11
N LEU G 292 66.11 7.00 28.80
CA LEU G 292 66.57 8.33 29.15
C LEU G 292 68.07 8.49 28.95
N THR G 293 68.42 8.62 27.67
CA THR G 293 69.73 9.10 27.29
C THR G 293 70.03 10.35 28.10
N PRO G 294 71.17 10.44 28.77
CA PRO G 294 71.43 11.59 29.63
C PRO G 294 71.23 12.90 28.92
N ASP G 295 71.34 12.91 27.60
CA ASP G 295 70.98 14.09 26.85
C ASP G 295 69.51 14.44 27.03
N GLU G 296 68.67 13.42 27.16
CA GLU G 296 67.26 13.70 27.35
C GLU G 296 67.01 14.42 28.66
N VAL G 297 67.59 13.92 29.75
CA VAL G 297 67.34 14.51 31.05
C VAL G 297 67.53 16.01 30.99
N LYS G 298 68.52 16.46 30.25
CA LYS G 298 68.66 17.89 30.02
C LYS G 298 67.35 18.50 29.56
N SER G 299 66.78 17.96 28.49
CA SER G 299 65.58 18.58 27.93
C SER G 299 64.44 18.52 28.93
N LEU G 300 64.16 17.35 29.49
CA LEU G 300 63.10 17.27 30.49
C LEU G 300 63.37 18.19 31.66
N LEU G 301 64.51 18.02 32.31
CA LEU G 301 64.79 18.82 33.49
C LEU G 301 64.82 20.30 33.13
N LEU G 302 64.87 20.61 31.84
CA LEU G 302 64.83 22.00 31.43
C LEU G 302 63.45 22.59 31.65
N LYS G 303 62.43 21.95 31.08
CA LYS G 303 61.14 22.62 30.91
C LYS G 303 60.53 23.03 32.24
N TYR G 304 60.96 22.41 33.34
CA TYR G 304 60.46 22.87 34.62
C TYR G 304 61.20 24.09 35.11
N LEU G 305 62.53 24.07 35.04
CA LEU G 305 63.28 25.15 35.64
C LEU G 305 63.31 26.42 34.81
N ASP G 306 63.15 26.32 33.50
CA ASP G 306 63.09 27.49 32.63
C ASP G 306 64.34 28.34 32.74
N CYS G 307 65.49 27.71 32.54
CA CYS G 307 66.77 28.39 32.67
C CYS G 307 67.76 27.79 31.69
N ARG G 308 68.75 28.56 31.37
CA ARG G 308 69.72 28.22 30.35
C ARG G 308 70.43 26.90 30.67
N PRO G 309 71.00 26.24 29.67
CA PRO G 309 71.72 24.98 29.95
C PRO G 309 72.89 25.14 30.89
N GLN G 310 73.39 26.36 31.09
CA GLN G 310 74.36 26.58 32.15
C GLN G 310 73.75 26.28 33.52
N ASP G 311 72.43 26.36 33.64
CA ASP G 311 71.73 26.17 34.90
C ASP G 311 71.29 24.72 35.12
N LEU G 312 71.75 23.83 34.24
CA LEU G 312 71.44 22.41 34.31
C LEU G 312 72.20 21.72 35.45
N PRO G 313 71.55 20.66 36.08
CA PRO G 313 72.31 20.02 37.17
C PRO G 313 73.53 19.22 36.70
N ARG G 314 74.56 19.17 37.54
CA ARG G 314 75.79 18.43 37.24
C ARG G 314 76.04 17.32 38.27
N GLU G 315 76.37 16.13 37.79
CA GLU G 315 76.61 15.00 38.68
C GLU G 315 75.69 13.80 38.40
N VAL G 316 74.72 14.00 37.51
CA VAL G 316 73.75 12.98 37.09
C VAL G 316 72.91 12.35 38.21
N LEU G 317 71.69 12.85 38.32
CA LEU G 317 70.69 12.42 39.32
C LEU G 317 70.02 11.04 39.26
N THR G 318 69.68 10.54 38.07
CA THR G 318 68.92 9.31 37.96
C THR G 318 68.25 9.33 36.61
N THR G 319 67.80 8.21 36.02
CA THR G 319 66.80 8.20 34.96
C THR G 319 65.61 7.46 35.51
N ASN G 320 64.60 8.20 35.96
CA ASN G 320 63.26 7.75 36.01
C ASN G 320 62.61 9.09 35.76
N PRO G 321 61.58 9.14 34.95
CA PRO G 321 60.84 10.40 34.90
C PRO G 321 60.18 10.71 36.22
N ARG G 322 59.50 9.74 36.79
CA ARG G 322 59.06 9.95 38.16
C ARG G 322 60.29 10.10 39.04
N ARG G 323 60.13 10.87 40.10
CA ARG G 323 61.21 11.25 41.01
C ARG G 323 62.17 12.18 40.29
N LEU G 324 62.12 12.21 38.98
CA LEU G 324 62.86 13.30 38.39
C LEU G 324 62.01 14.56 38.42
N SER G 325 60.73 14.42 38.11
CA SER G 325 59.85 15.57 38.19
C SER G 325 59.85 16.16 39.58
N ILE G 326 59.60 15.32 40.60
CA ILE G 326 59.50 15.85 41.95
C ILE G 326 60.67 16.76 42.27
N ILE G 327 61.88 16.33 41.93
CA ILE G 327 63.01 17.24 41.99
C ILE G 327 62.73 18.48 41.17
N ALA G 328 62.57 18.30 39.87
CA ALA G 328 62.39 19.43 38.98
C ALA G 328 61.28 20.34 39.47
N GLU G 329 60.24 19.75 40.05
CA GLU G 329 59.14 20.57 40.53
C GLU G 329 59.51 21.26 41.84
N SER G 330 60.09 20.50 42.77
CA SER G 330 60.41 21.07 44.06
C SER G 330 61.28 22.30 43.93
N ILE G 331 62.07 22.38 42.86
CA ILE G 331 62.93 23.53 42.72
C ILE G 331 62.19 24.70 42.13
N ARG G 332 61.36 24.49 41.12
CA ARG G 332 60.64 25.61 40.55
C ARG G 332 59.76 26.29 41.59
N ASP G 333 59.51 25.62 42.69
CA ASP G 333 58.67 26.22 43.71
C ASP G 333 59.30 26.14 45.09
N GLY G 334 59.37 24.95 45.65
CA GLY G 334 59.60 24.80 47.07
C GLY G 334 61.07 24.90 47.41
N LEU G 335 61.45 24.13 48.41
CA LEU G 335 62.82 24.16 48.90
C LEU G 335 63.73 23.33 48.01
N ALA G 336 64.91 23.05 48.54
CA ALA G 336 66.00 22.21 48.02
C ALA G 336 67.00 22.97 47.16
N THR G 337 66.73 24.24 46.81
CA THR G 337 67.77 25.12 46.29
C THR G 337 68.33 24.61 44.97
N TRP G 338 67.90 23.40 44.61
CA TRP G 338 68.46 22.56 43.56
C TRP G 338 69.85 22.08 43.97
N ASP G 339 70.44 22.75 44.95
CA ASP G 339 71.71 22.30 45.50
C ASP G 339 71.56 21.62 46.86
N ASN G 340 70.37 21.61 47.45
CA ASN G 340 70.22 21.18 48.83
C ASN G 340 69.97 19.68 48.97
N TRP G 341 68.92 19.30 48.24
CA TRP G 341 68.17 18.07 48.24
C TRP G 341 68.75 16.79 48.80
N LYS G 342 68.23 16.56 50.00
CA LYS G 342 68.39 15.39 50.84
C LYS G 342 66.93 15.05 51.11
N HIS G 343 66.18 16.08 51.51
CA HIS G 343 64.75 15.97 51.80
C HIS G 343 63.91 15.60 50.58
N VAL G 344 64.18 16.23 49.43
CA VAL G 344 63.40 15.84 48.24
C VAL G 344 61.95 15.58 48.63
N ASN G 345 61.23 16.64 49.03
CA ASN G 345 59.77 16.71 48.99
C ASN G 345 59.15 15.39 49.40
N CYS G 346 59.60 14.89 50.55
CA CYS G 346 59.34 13.51 50.91
C CYS G 346 57.89 13.13 50.68
N ASP G 347 56.96 14.05 50.99
CA ASP G 347 55.53 13.75 50.96
C ASP G 347 55.11 13.09 49.65
N LYS G 348 55.16 13.83 48.53
CA LYS G 348 54.79 13.25 47.25
C LYS G 348 55.58 11.99 46.98
N LEU G 349 56.90 12.09 47.06
CA LEU G 349 57.73 10.91 46.95
C LEU G 349 57.23 9.81 47.87
N THR G 350 56.98 10.14 49.13
CA THR G 350 56.37 9.17 50.03
C THR G 350 54.99 8.75 49.54
N THR G 351 54.08 9.71 49.41
CA THR G 351 52.68 9.38 49.17
C THR G 351 52.54 8.48 47.95
N ILE G 352 53.43 8.64 46.98
CA ILE G 352 53.43 7.73 45.84
C ILE G 352 54.05 6.38 46.24
N ILE G 353 55.22 6.41 46.84
CA ILE G 353 55.88 5.16 47.17
C ILE G 353 55.11 4.44 48.26
N GLU G 354 54.48 5.18 49.16
CA GLU G 354 53.84 4.53 50.29
C GLU G 354 52.71 3.63 49.84
N SER G 355 51.69 4.21 49.20
CA SER G 355 50.58 3.40 48.73
C SER G 355 51.08 2.30 47.81
N SER G 356 52.16 2.58 47.07
CA SER G 356 52.69 1.62 46.13
C SER G 356 53.11 0.33 46.83
N LEU G 357 53.31 0.41 48.14
CA LEU G 357 53.64 -0.79 48.89
C LEU G 357 52.42 -1.40 49.54
N ASN G 358 51.26 -0.76 49.41
CA ASN G 358 50.10 -1.16 50.19
C ASN G 358 49.63 -2.57 49.88
N VAL G 359 50.21 -3.22 48.87
CA VAL G 359 49.70 -4.50 48.42
C VAL G 359 49.98 -5.61 49.43
N LEU G 360 51.07 -5.51 50.17
CA LEU G 360 51.63 -6.65 50.86
C LEU G 360 50.88 -6.97 52.15
N GLU G 361 51.10 -8.20 52.66
CA GLU G 361 50.61 -8.66 53.96
C GLU G 361 51.41 -7.98 55.06
N PRO G 362 50.77 -7.13 55.88
CA PRO G 362 51.56 -6.16 56.66
C PRO G 362 52.52 -6.78 57.66
N ALA G 363 52.03 -7.69 58.51
CA ALA G 363 52.91 -8.28 59.49
C ALA G 363 53.74 -9.38 58.85
N GLU G 364 53.10 -10.20 58.03
CA GLU G 364 53.78 -11.19 57.23
C GLU G 364 54.93 -10.59 56.42
N TYR G 365 54.75 -9.38 55.89
CA TYR G 365 55.72 -8.84 54.94
C TYR G 365 56.17 -7.44 55.28
N ARG G 366 55.26 -6.47 55.33
CA ARG G 366 55.73 -5.08 55.46
C ARG G 366 56.68 -4.90 56.64
N LYS G 367 56.59 -5.77 57.64
CA LYS G 367 57.67 -5.83 58.62
C LYS G 367 59.01 -6.02 57.95
N MET G 368 59.04 -6.70 56.82
CA MET G 368 60.29 -7.25 56.31
C MET G 368 61.13 -6.24 55.56
N PHE G 369 60.51 -5.37 54.75
CA PHE G 369 61.26 -4.24 54.20
C PHE G 369 62.01 -3.51 55.30
N ASP G 370 61.31 -3.19 56.38
CA ASP G 370 61.92 -2.48 57.48
C ASP G 370 63.26 -3.06 57.85
N ARG G 371 63.37 -4.38 57.78
CA ARG G 371 64.67 -5.00 57.92
C ARG G 371 65.63 -4.54 56.84
N LEU G 372 65.17 -4.53 55.59
CA LEU G 372 66.11 -4.34 54.49
C LEU G 372 66.89 -3.04 54.59
N SER G 373 66.44 -2.09 55.41
CA SER G 373 67.21 -0.86 55.56
C SER G 373 68.58 -1.12 56.13
N VAL G 374 68.81 -2.32 56.67
CA VAL G 374 70.12 -2.71 57.17
C VAL G 374 71.20 -2.50 56.12
N PHE G 375 70.85 -2.61 54.89
CA PHE G 375 71.88 -2.83 53.89
C PHE G 375 72.40 -1.51 53.30
N PRO G 376 73.70 -1.41 53.07
CA PRO G 376 74.24 -0.28 52.35
C PRO G 376 73.77 -0.29 50.91
N PRO G 377 73.41 0.87 50.37
CA PRO G 377 72.70 0.89 49.08
C PRO G 377 73.51 0.29 47.94
N SER G 378 72.77 -0.08 46.89
CA SER G 378 73.26 -0.46 45.56
C SER G 378 74.00 -1.79 45.49
N ALA G 379 74.28 -2.44 46.61
CA ALA G 379 75.10 -3.64 46.60
C ALA G 379 74.27 -4.87 46.24
N HIS G 380 74.88 -6.04 46.43
CA HIS G 380 74.17 -7.31 46.39
C HIS G 380 74.15 -7.90 47.78
N ILE G 381 73.11 -8.66 48.09
CA ILE G 381 72.99 -9.29 49.39
C ILE G 381 72.91 -10.79 49.21
N PRO G 382 73.83 -11.56 49.78
CA PRO G 382 73.70 -13.03 49.73
C PRO G 382 72.42 -13.49 50.38
N THR G 383 71.65 -14.31 49.65
CA THR G 383 70.43 -14.86 50.23
C THR G 383 70.70 -15.64 51.50
N ILE G 384 71.75 -16.46 51.52
CA ILE G 384 72.12 -17.15 52.74
C ILE G 384 72.24 -16.18 53.90
N LEU G 385 72.92 -15.06 53.67
CA LEU G 385 73.01 -14.03 54.69
C LEU G 385 71.63 -13.54 55.08
N LEU G 386 70.75 -13.39 54.11
CA LEU G 386 69.41 -12.89 54.37
C LEU G 386 68.68 -13.72 55.43
N SER G 387 69.09 -14.97 55.59
CA SER G 387 68.38 -15.86 56.51
C SER G 387 68.39 -15.31 57.93
N LEU G 388 69.45 -14.59 58.30
CA LEU G 388 69.59 -14.16 59.68
C LEU G 388 68.55 -13.11 60.05
N ILE G 389 68.37 -12.11 59.20
CA ILE G 389 67.66 -10.89 59.54
C ILE G 389 66.33 -11.16 60.21
N TRP G 390 65.40 -11.78 59.48
CA TRP G 390 64.05 -11.84 60.02
C TRP G 390 63.97 -12.84 61.15
N PHE G 391 64.02 -14.12 60.82
CA PHE G 391 63.88 -15.18 61.79
C PHE G 391 62.54 -15.08 62.53
N ASP G 392 61.60 -14.33 61.96
CA ASP G 392 60.21 -14.37 62.43
C ASP G 392 59.46 -15.53 61.79
N VAL G 393 59.66 -15.73 60.49
CA VAL G 393 59.27 -16.96 59.81
C VAL G 393 60.56 -17.61 59.34
N ILE G 394 60.52 -18.94 59.20
CA ILE G 394 61.70 -19.76 59.36
C ILE G 394 62.00 -20.57 58.10
N LYS G 395 63.25 -21.01 58.00
CA LYS G 395 63.76 -22.06 57.11
C LYS G 395 63.62 -21.63 55.65
N SER G 396 63.13 -22.51 54.77
CA SER G 396 63.10 -22.24 53.33
C SER G 396 62.27 -21.02 52.99
N ASP G 397 61.47 -20.53 53.93
CA ASP G 397 60.60 -19.40 53.66
C ASP G 397 61.38 -18.24 53.05
N VAL G 398 62.69 -18.16 53.35
CA VAL G 398 63.54 -17.16 52.72
C VAL G 398 63.31 -17.13 51.22
N MET G 399 63.68 -18.20 50.53
CA MET G 399 63.44 -18.24 49.09
C MET G 399 61.96 -18.10 48.79
N VAL G 400 61.11 -18.62 49.67
CA VAL G 400 59.67 -18.39 49.49
C VAL G 400 59.37 -16.91 49.57
N VAL G 401 59.92 -16.24 50.58
CA VAL G 401 59.68 -14.81 50.72
C VAL G 401 60.10 -14.09 49.46
N VAL G 402 61.39 -14.09 49.14
CA VAL G 402 61.88 -13.29 48.04
C VAL G 402 61.01 -13.48 46.83
N ASN G 403 60.71 -14.73 46.49
CA ASN G 403 59.77 -14.99 45.41
C ASN G 403 58.46 -14.27 45.68
N LYS G 404 57.76 -14.64 46.76
CA LYS G 404 56.52 -13.97 47.11
C LYS G 404 56.69 -12.47 47.09
N LEU G 405 57.87 -12.01 47.48
CA LEU G 405 58.17 -10.61 47.34
C LEU G 405 58.46 -10.27 45.89
N HIS G 406 59.37 -11.01 45.26
CA HIS G 406 59.85 -10.67 43.94
C HIS G 406 58.74 -10.44 42.94
N LYS G 407 57.66 -11.21 43.03
CA LYS G 407 56.61 -11.09 42.03
C LYS G 407 56.11 -9.67 41.95
N TYR G 408 56.11 -8.95 43.05
CA TYR G 408 55.83 -7.54 42.99
C TYR G 408 57.06 -6.82 42.49
N SER G 409 56.85 -5.85 41.59
CA SER G 409 57.91 -5.49 40.66
C SER G 409 59.18 -5.10 41.39
N LEU G 410 60.23 -5.86 41.14
CA LEU G 410 61.58 -5.64 41.65
C LEU G 410 61.55 -5.14 43.09
N VAL G 411 60.52 -5.48 43.84
CA VAL G 411 60.55 -5.05 45.22
C VAL G 411 61.61 -5.84 45.93
N GLU G 412 61.92 -7.04 45.43
CA GLU G 412 63.20 -7.66 45.75
C GLU G 412 64.30 -7.30 44.75
N LYS G 413 64.00 -7.32 43.44
CA LYS G 413 65.01 -7.16 42.37
C LYS G 413 66.03 -8.30 42.34
N GLN G 414 65.59 -9.43 41.80
CA GLN G 414 66.43 -10.63 41.62
C GLN G 414 67.66 -10.35 40.74
N PRO G 415 68.77 -11.01 41.44
CA PRO G 415 69.96 -11.22 40.62
C PRO G 415 70.04 -12.66 40.14
N LYS G 416 69.48 -13.57 40.94
CA LYS G 416 69.43 -15.01 40.70
C LYS G 416 70.78 -15.73 40.76
N GLU G 417 71.76 -15.18 41.48
CA GLU G 417 72.88 -16.01 41.92
C GLU G 417 73.15 -15.84 43.42
N SER G 418 72.81 -16.88 44.18
CA SER G 418 73.13 -17.03 45.60
C SER G 418 72.91 -15.77 46.44
N THR G 419 71.97 -14.92 46.02
CA THR G 419 71.81 -13.57 46.60
C THR G 419 70.45 -12.95 46.30
N ILE G 420 70.27 -11.73 46.80
CA ILE G 420 69.17 -10.85 46.42
C ILE G 420 69.79 -9.50 46.11
N SER G 421 69.07 -8.66 45.38
CA SER G 421 69.59 -7.35 45.01
C SER G 421 68.68 -6.22 45.51
N ILE G 422 69.24 -5.05 45.75
CA ILE G 422 68.42 -3.97 46.26
C ILE G 422 67.22 -3.76 45.35
N PRO G 423 66.01 -3.55 46.00
CA PRO G 423 64.86 -3.39 45.09
C PRO G 423 65.12 -2.21 44.20
N SER G 424 65.67 -1.15 44.75
CA SER G 424 65.99 0.00 43.92
C SER G 424 66.37 1.11 44.89
N ILE G 425 66.63 2.29 44.34
CA ILE G 425 66.74 3.45 45.21
C ILE G 425 65.40 3.73 45.89
N TYR G 426 64.31 3.68 45.14
CA TYR G 426 63.00 4.08 45.64
C TYR G 426 62.59 3.35 46.88
N LEU G 427 62.27 2.08 46.71
CA LEU G 427 61.73 1.33 47.82
C LEU G 427 62.72 1.33 48.98
N GLU G 428 63.96 1.72 48.72
CA GLU G 428 64.89 2.13 49.76
C GLU G 428 64.69 3.57 50.20
N LEU G 429 64.80 4.32 49.15
CA LEU G 429 64.92 5.74 49.44
C LEU G 429 63.91 6.25 50.45
N LYS G 430 62.82 5.52 50.71
CA LYS G 430 61.67 6.12 51.34
C LYS G 430 61.98 6.83 52.65
N VAL G 431 62.18 6.09 53.74
CA VAL G 431 62.45 6.71 55.03
C VAL G 431 63.27 5.82 55.94
N LYS G 432 64.21 6.42 56.66
CA LYS G 432 64.25 6.31 58.11
C LYS G 432 63.91 4.93 58.65
N LEU G 433 64.88 4.02 58.62
CA LEU G 433 64.73 2.61 58.93
C LEU G 433 63.85 2.31 60.14
N GLU G 434 63.92 3.14 61.19
CA GLU G 434 63.21 2.88 62.42
C GLU G 434 63.58 1.51 62.96
N ASN G 435 62.61 0.60 63.00
CA ASN G 435 62.82 -0.81 63.26
C ASN G 435 63.25 -1.02 64.70
N GLU G 436 63.52 0.08 65.41
CA GLU G 436 63.65 0.11 66.87
C GLU G 436 64.77 -0.85 67.29
N TYR G 437 64.47 -1.91 68.04
CA TYR G 437 65.49 -2.77 68.64
C TYR G 437 66.52 -3.26 67.65
N ALA G 438 66.16 -3.33 66.37
CA ALA G 438 66.88 -4.15 65.40
C ALA G 438 68.39 -3.92 65.44
N LEU G 439 68.81 -2.65 65.44
CA LEU G 439 70.13 -2.29 64.93
C LEU G 439 71.27 -3.17 65.42
N HIS G 440 71.68 -3.00 66.68
CA HIS G 440 72.87 -3.68 67.17
C HIS G 440 72.86 -5.18 66.86
N ARG G 441 71.96 -5.92 67.51
CA ARG G 441 71.91 -7.36 67.31
C ARG G 441 71.80 -7.73 65.84
N SER G 442 70.97 -7.01 65.08
CA SER G 442 70.83 -7.32 63.66
C SER G 442 72.10 -6.96 62.90
N ILE G 443 72.66 -5.71 63.17
CA ILE G 443 73.96 -5.39 62.59
C ILE G 443 75.06 -6.21 63.24
N VAL G 444 75.10 -6.24 64.58
CA VAL G 444 76.08 -7.03 65.30
C VAL G 444 76.02 -8.51 64.93
N ASP G 445 74.90 -9.19 65.20
CA ASP G 445 74.87 -10.64 65.02
C ASP G 445 75.11 -11.03 63.58
N HIS G 446 74.78 -10.16 62.63
CA HIS G 446 75.04 -10.46 61.23
C HIS G 446 76.54 -10.45 60.93
N TYR G 447 77.34 -10.06 61.93
CA TYR G 447 78.78 -10.26 61.84
C TYR G 447 79.10 -11.75 61.99
N ASN G 448 78.07 -12.57 62.15
CA ASN G 448 78.22 -13.95 62.58
C ASN G 448 79.39 -14.68 61.92
N ILE G 449 79.60 -14.46 60.63
CA ILE G 449 80.54 -15.27 59.86
C ILE G 449 82.02 -15.23 60.32
N PRO G 450 82.71 -14.07 60.26
CA PRO G 450 84.19 -14.12 60.30
C PRO G 450 84.81 -14.67 61.56
N LYS G 451 84.42 -14.18 62.75
CA LYS G 451 85.26 -14.36 63.94
C LYS G 451 85.65 -15.81 64.17
N THR G 452 84.83 -16.62 63.55
CA THR G 452 85.14 -18.05 63.50
C THR G 452 86.51 -18.26 62.87
N PHE G 453 86.66 -17.92 61.60
CA PHE G 453 87.96 -17.96 60.97
C PHE G 453 88.80 -16.78 61.43
N ASP G 454 89.98 -17.06 61.96
CA ASP G 454 90.87 -15.96 62.30
C ASP G 454 92.19 -16.08 61.56
N SER G 455 93.05 -17.00 61.97
CA SER G 455 94.38 -17.15 61.40
C SER G 455 94.65 -18.60 61.08
N ASP G 456 95.08 -18.87 59.84
CA ASP G 456 95.39 -20.21 59.37
C ASP G 456 96.20 -20.12 58.08
N ASP G 457 96.41 -21.28 57.48
CA ASP G 457 97.17 -21.40 56.25
C ASP G 457 96.35 -20.94 55.05
N LEU G 458 97.05 -20.57 53.97
CA LEU G 458 96.49 -20.49 52.63
C LEU G 458 95.38 -19.46 52.52
N ILE G 459 94.29 -19.82 51.84
CA ILE G 459 93.21 -18.90 51.47
C ILE G 459 91.93 -19.28 52.22
N PRO G 460 91.44 -18.36 53.04
CA PRO G 460 90.29 -18.60 53.92
C PRO G 460 88.91 -18.74 53.30
N PRO G 461 88.03 -19.52 54.04
CA PRO G 461 86.69 -19.60 53.45
C PRO G 461 85.99 -18.36 53.96
N TYR G 462 85.98 -17.37 53.09
CA TYR G 462 85.43 -16.05 53.34
C TYR G 462 84.45 -15.71 52.23
N LEU G 463 83.41 -14.95 52.56
CA LEU G 463 82.16 -15.04 51.80
C LEU G 463 82.17 -14.06 50.64
N ASP G 464 82.31 -14.62 49.44
CA ASP G 464 82.02 -14.08 48.11
C ASP G 464 82.57 -12.66 47.96
N GLN G 465 81.83 -11.81 47.25
CA GLN G 465 82.24 -10.44 47.01
C GLN G 465 81.50 -9.44 47.90
N TYR G 466 80.54 -9.87 48.72
CA TYR G 466 79.88 -8.92 49.59
C TYR G 466 80.76 -8.57 50.79
N PHE G 467 81.32 -9.56 51.46
CA PHE G 467 82.10 -9.25 52.66
C PHE G 467 83.31 -8.36 52.50
N TYR G 468 84.01 -8.49 51.39
CA TYR G 468 85.17 -7.67 51.15
C TYR G 468 84.76 -6.20 51.13
N SER G 469 83.52 -5.91 50.74
CA SER G 469 83.12 -4.53 50.63
C SER G 469 82.62 -3.98 51.96
N HIS G 470 81.41 -4.37 52.35
CA HIS G 470 80.68 -3.63 53.36
C HIS G 470 80.78 -4.21 54.75
N ILE G 471 81.54 -5.29 54.94
CA ILE G 471 81.62 -5.92 56.25
C ILE G 471 81.92 -4.86 57.32
N GLY G 472 82.70 -3.85 56.96
CA GLY G 472 82.97 -2.78 57.88
C GLY G 472 81.74 -1.96 58.22
N HIS G 473 80.82 -1.83 57.25
CA HIS G 473 79.58 -1.15 57.59
C HIS G 473 78.90 -1.80 58.75
N HIS G 474 78.74 -3.11 58.72
CA HIS G 474 78.18 -3.78 59.88
C HIS G 474 78.99 -3.53 61.14
N LEU G 475 80.28 -3.26 61.01
CA LEU G 475 81.04 -2.88 62.17
C LEU G 475 80.58 -1.53 62.72
N LYS G 476 79.99 -0.67 61.87
CA LYS G 476 79.60 0.65 62.30
C LYS G 476 78.75 0.63 63.55
N ASN G 477 77.99 -0.43 63.76
CA ASN G 477 77.14 -0.56 64.93
C ASN G 477 77.80 -1.33 66.06
N ILE G 478 79.08 -1.69 65.93
CA ILE G 478 79.69 -2.60 66.88
C ILE G 478 80.75 -1.85 67.69
N GLU G 479 81.32 -2.51 68.68
CA GLU G 479 82.37 -1.91 69.51
C GLU G 479 83.60 -1.59 68.67
N HIS G 480 84.03 -0.35 68.74
CA HIS G 480 85.11 0.15 67.90
C HIS G 480 86.43 -0.54 68.23
N PRO G 481 86.88 -0.57 69.49
CA PRO G 481 88.08 -1.35 69.78
C PRO G 481 87.91 -2.79 69.34
N GLU G 482 86.74 -3.36 69.61
CA GLU G 482 86.45 -4.71 69.15
C GLU G 482 86.53 -4.77 67.62
N ARG G 483 86.21 -3.67 66.93
CA ARG G 483 86.49 -3.71 65.50
C ARG G 483 87.96 -3.43 65.25
N MET G 484 88.54 -2.42 65.91
CA MET G 484 89.93 -2.07 65.66
C MET G 484 90.82 -3.28 65.82
N THR G 485 90.44 -4.19 66.72
CA THR G 485 90.96 -5.54 66.69
C THR G 485 90.69 -6.19 65.33
N LEU G 486 89.42 -6.45 65.04
CA LEU G 486 89.02 -7.24 63.89
C LEU G 486 88.65 -6.41 62.67
N PHE G 487 88.82 -5.09 62.72
CA PHE G 487 88.58 -4.30 61.52
C PHE G 487 89.57 -4.65 60.43
N ARG G 488 90.66 -5.31 60.80
CA ARG G 488 91.60 -5.87 59.86
C ARG G 488 92.24 -4.80 58.98
N MET G 489 92.20 -3.55 59.45
CA MET G 489 93.37 -2.69 59.26
C MET G 489 94.60 -3.42 59.77
N VAL G 490 94.45 -4.07 60.92
CA VAL G 490 95.51 -4.86 61.51
C VAL G 490 95.88 -6.03 60.61
N PHE G 491 94.87 -6.76 60.12
CA PHE G 491 95.11 -8.06 59.52
C PHE G 491 95.46 -7.84 58.05
N LEU G 492 96.67 -8.25 57.67
CA LEU G 492 97.12 -8.14 56.29
C LEU G 492 96.60 -9.31 55.45
N ASP G 493 96.33 -10.44 56.10
CA ASP G 493 95.88 -11.66 55.42
C ASP G 493 94.58 -11.46 54.65
N PHE G 494 93.47 -11.31 55.39
CA PHE G 494 92.17 -11.06 54.76
C PHE G 494 92.22 -9.89 53.81
N ARG G 495 92.89 -8.81 54.21
CA ARG G 495 92.63 -7.51 53.64
C ARG G 495 92.90 -7.46 52.13
N PHE G 496 94.06 -7.97 51.71
CA PHE G 496 94.43 -7.92 50.30
C PHE G 496 93.41 -8.62 49.41
N LEU G 497 92.71 -9.60 49.96
CA LEU G 497 91.84 -10.44 49.15
C LEU G 497 90.68 -9.65 48.56
N GLU G 498 90.44 -8.45 49.05
CA GLU G 498 89.47 -7.56 48.41
C GLU G 498 89.85 -7.28 46.96
N GLN G 499 90.92 -6.52 46.75
CA GLN G 499 91.38 -6.11 45.43
C GLN G 499 91.86 -7.29 44.59
N LYS G 500 91.91 -8.48 45.17
CA LYS G 500 92.14 -9.72 44.46
C LYS G 500 91.33 -9.76 43.17
N ILE G 501 90.01 -9.74 43.29
CA ILE G 501 89.09 -9.75 42.16
C ILE G 501 89.27 -8.51 41.29
N ARG G 502 89.79 -7.43 41.88
CA ARG G 502 89.82 -6.13 41.22
C ARG G 502 90.91 -6.13 40.15
N HIS G 503 90.51 -5.78 38.94
CA HIS G 503 91.43 -5.65 37.83
C HIS G 503 91.00 -4.47 36.97
N ASP G 504 91.75 -4.22 35.92
CA ASP G 504 91.36 -3.24 34.93
C ASP G 504 91.10 -3.92 33.60
N SER G 505 90.03 -3.48 32.94
CA SER G 505 89.91 -3.75 31.52
C SER G 505 91.15 -3.30 30.78
N THR G 506 91.65 -2.10 31.05
CA THR G 506 92.57 -1.42 30.17
C THR G 506 93.80 -0.90 30.90
N ALA G 507 94.91 -0.80 30.18
CA ALA G 507 96.19 -0.25 30.60
C ALA G 507 96.75 -0.82 31.89
N TRP G 508 97.41 0.04 32.65
CA TRP G 508 98.05 -0.34 33.91
C TRP G 508 97.29 0.08 35.13
N ASN G 509 96.10 0.65 34.92
CA ASN G 509 95.21 1.18 35.95
C ASN G 509 93.99 0.35 36.38
N ALA G 510 93.03 1.03 37.01
CA ALA G 510 91.80 0.41 37.52
C ALA G 510 90.50 0.82 36.79
N SER G 511 89.66 -0.17 36.53
CA SER G 511 88.37 -0.05 35.85
C SER G 511 88.59 -0.14 34.34
N GLY G 512 87.73 0.52 33.58
CA GLY G 512 87.22 -0.07 32.38
C GLY G 512 86.49 -1.35 32.69
N SER G 513 86.73 -1.90 33.87
CA SER G 513 86.07 -3.03 34.50
C SER G 513 85.75 -2.64 35.92
N ILE G 514 86.77 -2.59 36.78
CA ILE G 514 86.62 -2.50 38.23
C ILE G 514 87.72 -1.65 38.85
N LEU G 515 87.37 -0.82 39.83
CA LEU G 515 88.39 -0.04 40.52
C LEU G 515 89.20 -0.93 41.45
N ASN G 516 90.37 -0.41 41.81
CA ASN G 516 91.29 -1.07 42.70
C ASN G 516 91.81 -0.08 43.72
N THR G 517 90.97 0.24 44.72
CA THR G 517 91.27 1.18 45.84
C THR G 517 90.33 2.30 46.33
N LEU G 518 90.19 3.41 45.61
CA LEU G 518 89.42 4.51 46.23
C LEU G 518 88.41 4.01 47.25
N GLN G 519 87.65 3.00 46.89
CA GLN G 519 86.77 2.36 47.85
C GLN G 519 87.58 2.03 49.07
N GLN G 520 88.57 1.18 48.87
CA GLN G 520 89.58 0.97 49.88
C GLN G 520 89.96 2.30 50.49
N LEU G 521 90.58 3.15 49.68
CA LEU G 521 90.97 4.46 50.20
C LEU G 521 89.82 5.13 50.92
N LYS G 522 88.64 5.11 50.30
CA LYS G 522 87.49 5.77 50.89
C LYS G 522 87.19 5.22 52.27
N PHE G 523 87.44 3.93 52.49
CA PHE G 523 87.30 3.41 53.85
C PHE G 523 88.23 4.11 54.80
N TYR G 524 89.35 4.59 54.32
CA TYR G 524 90.44 4.87 55.24
C TYR G 524 90.30 6.21 55.92
N LYS G 525 89.52 7.11 55.35
CA LYS G 525 89.21 8.35 56.06
C LYS G 525 88.29 8.10 57.25
N PRO G 526 87.11 7.50 57.08
CA PRO G 526 86.21 7.37 58.24
C PRO G 526 86.72 6.43 59.32
N TYR G 527 87.28 5.30 58.92
CA TYR G 527 87.37 4.15 59.81
C TYR G 527 88.56 4.21 60.76
N ILE G 528 89.26 5.34 60.78
CA ILE G 528 90.34 5.58 61.73
C ILE G 528 89.74 6.00 63.07
N CYS G 529 88.42 5.84 63.22
CA CYS G 529 87.65 6.48 64.29
C CYS G 529 88.35 6.43 65.64
N ASP G 530 88.77 5.25 66.08
CA ASP G 530 89.53 5.09 67.32
C ASP G 530 90.86 4.45 66.97
N ASN G 531 91.95 5.22 67.05
CA ASN G 531 93.30 4.71 66.81
C ASN G 531 94.31 5.74 67.31
N ASP G 532 95.58 5.40 67.17
CA ASP G 532 96.68 6.21 67.65
C ASP G 532 97.69 6.41 66.53
N PRO G 533 98.71 7.26 66.69
CA PRO G 533 99.68 7.46 65.60
C PRO G 533 100.28 6.17 65.08
N LYS G 534 100.45 5.18 65.93
CA LYS G 534 100.91 3.87 65.51
C LYS G 534 100.08 3.41 64.32
N TYR G 535 98.82 3.12 64.56
CA TYR G 535 97.94 2.63 63.51
C TYR G 535 97.76 3.69 62.42
N GLU G 536 97.72 4.96 62.81
CA GLU G 536 97.37 6.02 61.87
C GLU G 536 98.45 6.22 60.82
N ARG G 537 99.69 6.40 61.26
CA ARG G 537 100.78 6.46 60.30
C ARG G 537 100.98 5.15 59.57
N LEU G 538 100.69 4.03 60.25
CA LEU G 538 100.71 2.73 59.60
C LEU G 538 99.88 2.75 58.32
N VAL G 539 98.62 3.16 58.42
CA VAL G 539 97.80 3.33 57.23
C VAL G 539 98.39 4.39 56.32
N ASN G 540 98.66 5.57 56.89
CA ASN G 540 99.22 6.67 56.12
C ASN G 540 100.38 6.17 55.27
N ALA G 541 101.27 5.42 55.88
CA ALA G 541 102.20 4.62 55.12
C ALA G 541 101.47 3.77 54.09
N ILE G 542 100.70 2.77 54.53
CA ILE G 542 100.18 1.75 53.63
C ILE G 542 99.55 2.37 52.40
N LEU G 543 99.06 3.60 52.54
CA LEU G 543 98.68 4.37 51.37
C LEU G 543 99.75 4.28 50.29
N ASP G 544 101.02 4.27 50.67
CA ASP G 544 102.09 4.07 49.71
C ASP G 544 101.94 2.81 48.91
N PHE G 545 101.80 1.64 49.55
CA PHE G 545 101.75 0.40 48.81
C PHE G 545 100.70 0.48 47.74
N LEU G 546 99.64 1.24 48.01
CA LEU G 546 98.46 1.18 47.18
C LEU G 546 98.77 1.50 45.73
N PRO G 547 99.40 2.62 45.37
CA PRO G 547 100.05 2.64 44.07
C PRO G 547 101.11 1.59 43.99
N LYS G 548 101.97 1.55 45.00
CA LYS G 548 103.20 0.80 44.93
C LYS G 548 102.94 -0.66 44.61
N ILE G 549 101.91 -1.25 45.21
CA ILE G 549 101.59 -2.63 44.92
C ILE G 549 101.36 -2.82 43.43
N GLU G 550 101.73 -3.99 42.95
CA GLU G 550 101.62 -4.38 41.57
C GLU G 550 100.52 -5.41 41.40
N GLU G 551 99.85 -5.30 40.25
CA GLU G 551 98.92 -6.36 39.88
C GLU G 551 99.67 -7.41 39.07
N ASN G 552 99.26 -8.66 39.26
CA ASN G 552 100.12 -9.81 39.15
C ASN G 552 99.26 -10.99 38.75
N LEU G 553 99.79 -12.21 38.92
CA LEU G 553 98.89 -13.29 39.25
C LEU G 553 98.34 -13.03 40.65
N ILE G 554 97.02 -12.98 40.76
CA ILE G 554 96.42 -12.40 41.96
C ILE G 554 96.51 -13.40 43.10
N CYS G 555 97.17 -12.98 44.18
CA CYS G 555 97.29 -13.74 45.42
C CYS G 555 98.07 -15.03 45.19
N SER G 556 98.14 -15.47 43.94
CA SER G 556 99.13 -16.44 43.57
C SER G 556 100.34 -15.61 43.20
N LYS G 557 101.37 -15.71 44.02
CA LYS G 557 102.19 -14.56 44.36
C LYS G 557 101.35 -13.52 45.11
N TYR G 558 101.10 -13.87 46.36
CA TYR G 558 100.83 -12.91 47.42
C TYR G 558 102.07 -12.62 48.25
N THR G 559 103.20 -13.25 47.93
CA THR G 559 104.29 -13.48 48.87
C THR G 559 105.07 -12.23 49.25
N ASP G 560 105.89 -11.32 48.40
CA ASP G 560 106.54 -10.01 48.46
C ASP G 560 105.84 -8.98 49.35
N LEU G 561 104.53 -8.85 49.19
CA LEU G 561 103.75 -7.82 49.89
C LEU G 561 104.03 -7.78 51.39
N LEU G 562 103.95 -8.95 52.02
CA LEU G 562 104.16 -9.10 53.46
C LEU G 562 105.48 -8.48 53.92
N ARG G 563 106.57 -8.86 53.27
CA ARG G 563 107.90 -8.45 53.71
C ARG G 563 108.24 -7.03 53.26
N ILE G 564 107.67 -6.60 52.14
CA ILE G 564 107.94 -5.24 51.65
C ILE G 564 107.03 -4.25 52.36
N ALA G 565 106.14 -4.76 53.20
CA ALA G 565 105.41 -3.89 54.11
C ALA G 565 106.36 -3.39 55.21
N LEU G 566 107.51 -4.05 55.30
CA LEU G 566 108.51 -3.74 56.32
C LEU G 566 109.62 -2.80 55.83
N MET G 567 109.52 -2.33 54.58
CA MET G 567 110.52 -1.42 54.02
C MET G 567 110.77 -0.24 54.93
N ALA G 568 109.77 0.62 55.08
CA ALA G 568 109.79 1.63 56.12
C ALA G 568 108.85 1.17 57.23
N GLU G 569 109.40 0.77 58.37
CA GLU G 569 108.60 0.08 59.37
C GLU G 569 108.35 0.89 60.63
N ASP G 570 107.11 1.38 60.76
CA ASP G 570 106.57 1.82 62.03
C ASP G 570 105.67 0.73 62.58
N GLU G 571 105.58 -0.37 61.84
CA GLU G 571 104.53 -1.38 62.04
C GLU G 571 105.01 -2.64 62.76
N ALA G 572 104.18 -3.11 63.67
CA ALA G 572 104.42 -4.39 64.35
C ALA G 572 103.67 -5.52 63.65
N ILE G 573 103.04 -5.19 62.52
CA ILE G 573 102.18 -6.12 61.79
C ILE G 573 102.82 -7.47 61.46
N PHE G 574 103.99 -7.44 60.82
CA PHE G 574 104.65 -8.68 60.40
C PHE G 574 105.11 -9.48 61.62
N GLU G 575 105.37 -8.77 62.72
CA GLU G 575 105.73 -9.42 63.96
C GLU G 575 104.53 -10.17 64.53
N GLU G 576 103.34 -9.68 64.20
CA GLU G 576 102.11 -10.34 64.59
C GLU G 576 101.76 -11.42 63.56
N ALA G 577 102.43 -11.37 62.42
CA ALA G 577 102.26 -12.37 61.36
C ALA G 577 103.18 -13.56 61.62
N HIS G 578 103.89 -13.52 62.73
CA HIS G 578 104.80 -14.59 63.13
C HIS G 578 104.06 -15.90 63.42
N LYS G 579 102.75 -15.81 63.58
CA LYS G 579 101.93 -16.98 63.88
C LYS G 579 101.37 -17.60 62.60
N GLN G 580 101.68 -17.01 61.46
CA GLN G 580 101.18 -17.49 60.18
C GLN G 580 102.31 -17.70 59.16
N VAL G 581 103.07 -16.67 58.85
CA VAL G 581 104.04 -16.67 57.75
C VAL G 581 105.08 -17.80 57.85
N GLN G 582 105.28 -18.34 59.03
CA GLN G 582 106.32 -19.35 59.26
C GLN G 582 105.84 -20.80 59.18
N ARG G 583 104.58 -21.03 58.81
CA ARG G 583 103.97 -22.33 59.07
C ARG G 583 104.43 -23.43 58.12
N PHE G 584 105.09 -24.43 58.71
CA PHE G 584 105.53 -25.67 58.06
C PHE G 584 106.21 -25.50 56.70
N ASP G 585 105.97 -26.47 55.83
CA ASP G 585 106.43 -26.42 54.45
C ASP G 585 105.27 -26.05 53.51
N ASP G 586 104.07 -25.94 54.07
CA ASP G 586 102.86 -25.78 53.26
C ASP G 586 102.80 -24.40 52.65
N ARG G 587 102.65 -23.38 53.49
CA ARG G 587 102.66 -22.00 53.05
C ARG G 587 104.11 -21.52 53.11
N VAL G 588 104.36 -20.23 52.95
CA VAL G 588 105.70 -19.69 52.76
C VAL G 588 106.62 -19.94 53.95
N TRP G 589 107.92 -19.87 53.69
CA TRP G 589 108.94 -20.00 54.73
C TRP G 589 109.62 -18.63 54.83
N PHE G 590 110.57 -18.47 55.76
CA PHE G 590 111.16 -17.16 55.98
C PHE G 590 112.21 -16.88 54.90
N THR G 591 111.92 -15.86 54.10
CA THR G 591 112.72 -15.46 52.93
C THR G 591 112.43 -13.99 52.66
N ASN G 592 112.81 -13.50 51.48
CA ASN G 592 112.19 -12.30 50.92
C ASN G 592 112.64 -11.01 51.61
N HIS G 593 113.61 -11.14 52.52
CA HIS G 593 113.96 -10.12 53.52
C HIS G 593 113.92 -8.68 53.03
N GLY G 594 114.66 -8.33 52.00
CA GLY G 594 114.66 -6.96 51.53
C GLY G 594 115.40 -6.00 52.45
N ARG G 595 114.69 -5.01 52.99
CA ARG G 595 115.33 -3.92 53.75
C ARG G 595 116.25 -3.13 52.83
N PHE G 596 115.65 -2.24 52.05
CA PHE G 596 116.26 -1.56 50.90
C PHE G 596 116.59 -2.55 49.80
N HIS G 597 115.54 -3.08 49.18
CA HIS G 597 115.64 -3.95 48.03
C HIS G 597 114.42 -3.70 47.14
N GLN G 598 114.54 -4.03 45.86
CA GLN G 598 113.42 -4.01 44.91
C GLN G 598 112.95 -2.61 44.52
N HIS G 599 113.52 -1.58 45.15
CA HIS G 599 113.24 -0.17 44.79
C HIS G 599 111.74 0.13 44.72
N ARG G 600 111.23 0.38 43.52
CA ARG G 600 109.84 0.75 43.27
C ARG G 600 109.43 2.10 43.81
N GLN G 601 108.42 2.11 44.68
CA GLN G 601 107.59 3.29 44.94
C GLN G 601 106.92 3.61 43.61
N ILE G 602 106.36 2.56 43.02
CA ILE G 602 105.79 2.59 41.68
C ILE G 602 104.26 2.59 41.72
N ILE G 603 103.66 3.48 40.94
CA ILE G 603 102.22 3.73 41.04
C ILE G 603 101.37 2.97 40.01
N ASN G 604 102.02 2.26 39.09
CA ASN G 604 101.28 1.60 38.01
C ASN G 604 101.09 0.09 38.21
N LEU G 605 99.83 -0.32 38.46
CA LEU G 605 99.56 -1.73 38.70
C LEU G 605 99.11 -2.49 37.45
N GLY G 606 98.80 -1.78 36.38
CA GLY G 606 98.24 -2.44 35.20
C GLY G 606 99.26 -3.04 34.25
N ASP G 607 98.94 -4.22 33.72
CA ASP G 607 99.72 -4.84 32.66
C ASP G 607 99.07 -4.68 31.29
N ASN G 608 97.91 -4.04 31.24
CA ASN G 608 97.04 -4.12 30.07
C ASN G 608 97.51 -3.29 28.87
N GLU G 609 96.75 -3.40 27.78
CA GLU G 609 97.06 -2.74 26.52
C GLU G 609 96.68 -1.25 26.51
N GLY G 610 97.32 -0.49 25.63
CA GLY G 610 97.00 0.91 25.43
C GLY G 610 97.64 1.43 24.17
N ARG G 611 97.14 2.56 23.67
CA ARG G 611 97.67 3.15 22.43
C ARG G 611 98.12 4.59 22.64
N HIS G 612 97.17 5.47 22.95
CA HIS G 612 97.50 6.87 23.17
C HIS G 612 97.13 7.34 24.58
N ALA G 613 97.94 8.27 25.10
CA ALA G 613 97.74 8.80 26.44
C ALA G 613 98.40 10.17 26.61
N VAL G 614 97.95 10.92 27.61
CA VAL G 614 98.50 12.23 27.95
C VAL G 614 97.79 12.79 29.19
N TYR G 615 98.45 13.72 29.88
CA TYR G 615 97.91 14.36 31.08
C TYR G 615 96.97 15.53 30.77
N LEU G 616 96.07 15.81 31.70
CA LEU G 616 95.22 16.99 31.62
C LEU G 616 96.02 18.22 32.06
N HIS G 617 95.75 19.35 31.42
CA HIS G 617 96.51 20.58 31.67
C HIS G 617 96.23 21.16 33.06
N ASN G 618 95.11 20.78 33.66
CA ASN G 618 94.76 21.26 35.00
C ASN G 618 95.39 20.41 36.10
N ASP G 619 96.17 19.40 35.68
CA ASP G 619 96.80 18.45 36.59
C ASP G 619 95.74 17.78 37.45
N PHE G 620 94.63 17.40 36.81
CA PHE G 620 93.56 16.68 37.49
C PHE G 620 93.47 15.25 36.99
N CYS G 621 93.13 15.08 35.72
CA CYS G 621 92.94 13.74 35.17
C CYS G 621 94.13 13.28 34.32
N LEU G 622 94.05 12.03 33.89
CA LEU G 622 95.01 11.47 32.94
C LEU G 622 94.26 10.62 31.91
N ILE G 623 94.33 11.01 30.64
CA ILE G 623 93.59 10.26 29.63
C ILE G 623 94.49 9.21 28.97
N ALA G 624 93.98 7.99 28.89
CA ALA G 624 94.70 6.89 28.24
C ALA G 624 93.69 5.92 27.64
N LEU G 625 94.01 5.38 26.47
CA LEU G 625 93.08 4.51 25.76
C LEU G 625 93.66 3.93 24.47
N ALA G 626 93.06 2.84 24.01
CA ALA G 626 93.38 2.30 22.68
C ALA G 626 92.12 2.13 21.84
N SER G 627 91.36 1.07 22.14
CA SER G 627 90.10 0.80 21.46
C SER G 627 88.89 1.24 22.29
N GLY G 628 89.13 1.74 23.49
CA GLY G 628 88.07 2.05 24.41
C GLY G 628 87.53 3.48 24.34
N GLN G 629 88.37 4.38 23.85
CA GLN G 629 88.05 5.81 23.81
C GLN G 629 87.50 6.31 25.16
N ILE G 630 88.22 6.01 26.23
CA ILE G 630 87.75 6.33 27.57
C ILE G 630 88.66 7.34 28.28
N LEU G 631 88.05 8.28 28.98
CA LEU G 631 88.78 9.24 29.80
C LEU G 631 89.01 8.68 31.20
N LEU G 632 90.26 8.70 31.64
CA LEU G 632 90.61 8.17 32.96
C LEU G 632 91.15 9.27 33.88
N THR G 633 91.55 8.89 35.09
CA THR G 633 92.07 9.87 36.07
C THR G 633 93.57 9.73 36.44
N ASP G 634 94.20 10.87 36.76
CA ASP G 634 95.61 10.96 37.17
C ASP G 634 95.66 11.33 38.67
N VAL G 635 96.45 10.59 39.45
CA VAL G 635 96.61 10.81 40.90
C VAL G 635 98.00 11.43 41.18
N SER G 636 98.05 12.51 41.97
CA SER G 636 99.30 13.21 42.32
C SER G 636 99.64 12.87 43.78
N LEU G 637 100.90 12.53 44.09
CA LEU G 637 101.20 12.10 45.44
C LEU G 637 100.28 12.87 46.38
N GLU G 638 99.74 12.18 47.38
CA GLU G 638 98.81 12.79 48.31
C GLU G 638 97.79 11.69 48.58
N GLY G 639 97.16 11.73 49.76
CA GLY G 639 96.21 10.70 50.12
C GLY G 639 95.06 10.54 49.14
N GLU G 640 94.43 11.65 48.77
CA GLU G 640 93.25 11.61 47.91
C GLU G 640 93.57 11.27 46.46
N ASP G 641 92.71 10.47 45.85
CA ASP G 641 92.85 10.06 44.47
C ASP G 641 91.47 10.10 43.82
N THR G 642 91.40 9.96 42.49
CA THR G 642 90.13 10.01 41.78
C THR G 642 90.08 9.00 40.64
N TYR G 643 88.93 8.34 40.46
CA TYR G 643 88.72 7.46 39.32
C TYR G 643 87.49 7.91 38.54
N LEU G 644 87.48 7.68 37.23
CA LEU G 644 86.37 8.11 36.39
C LEU G 644 86.20 7.20 35.17
N LEU G 645 84.94 7.03 34.74
CA LEU G 645 84.63 6.25 33.55
C LEU G 645 83.97 7.14 32.50
N ARG G 646 84.23 6.86 31.22
CA ARG G 646 83.73 7.70 30.13
C ARG G 646 83.02 6.90 29.05
N ASP G 647 83.80 6.06 28.34
CA ASP G 647 83.29 5.24 27.25
C ASP G 647 82.65 6.06 26.12
N GLU G 648 83.47 6.84 25.42
CA GLU G 648 83.03 7.59 24.26
C GLU G 648 82.83 6.69 23.04
N SER G 649 82.11 7.20 22.05
CA SER G 649 81.92 6.49 20.79
C SER G 649 83.27 6.31 20.10
N ASP G 650 83.36 5.32 19.21
CA ASP G 650 84.66 4.89 18.71
C ASP G 650 85.31 5.87 17.74
N SER G 651 86.49 6.35 18.12
CA SER G 651 87.33 7.18 17.29
C SER G 651 88.39 6.33 16.59
N SER G 652 88.26 5.02 16.72
CA SER G 652 89.34 4.07 16.44
C SER G 652 90.00 4.22 15.07
N ASP G 653 91.28 3.85 15.02
CA ASP G 653 92.16 3.97 13.86
C ASP G 653 92.50 5.42 13.50
N ILE G 654 92.70 6.25 14.52
CA ILE G 654 93.31 7.56 14.34
C ILE G 654 94.83 7.45 14.27
N LEU G 655 95.46 8.40 13.58
CA LEU G 655 96.92 8.41 13.46
C LEU G 655 97.60 8.93 14.71
N ARG G 656 97.11 10.05 15.24
CA ARG G 656 97.68 10.64 16.45
C ARG G 656 96.56 11.37 17.23
N MET G 657 96.88 11.88 18.41
CA MET G 657 95.88 12.53 19.26
C MET G 657 96.52 13.61 20.12
N ALA G 658 95.75 14.66 20.40
CA ALA G 658 96.23 15.76 21.24
C ALA G 658 95.13 16.29 22.15
N VAL G 659 95.44 17.37 22.87
CA VAL G 659 94.47 17.97 23.79
C VAL G 659 94.56 19.49 23.68
N PHE G 660 93.41 20.17 23.82
CA PHE G 660 93.38 21.62 23.66
C PHE G 660 93.47 22.26 25.04
N ASN G 661 93.54 23.60 25.10
CA ASN G 661 93.81 24.29 26.37
C ASN G 661 92.60 24.43 27.30
N GLN G 662 91.43 24.66 26.73
CA GLN G 662 90.22 24.88 27.53
C GLN G 662 89.42 23.60 27.72
N GLN G 663 89.96 22.49 27.21
CA GLN G 663 89.48 21.11 27.43
C GLN G 663 88.07 20.86 26.90
N LYS G 664 87.40 21.91 26.45
CA LYS G 664 86.06 21.79 25.90
C LYS G 664 86.12 21.36 24.44
N HIS G 665 87.30 21.47 23.85
CA HIS G 665 87.51 21.07 22.47
C HIS G 665 88.54 19.94 22.37
N LEU G 666 88.29 19.00 21.48
CA LEU G 666 89.20 17.87 21.28
C LEU G 666 89.51 17.66 19.81
N ILE G 667 90.78 17.79 19.44
CA ILE G 667 91.19 17.62 18.05
C ILE G 667 91.35 16.14 17.70
N THR G 668 90.85 15.77 16.53
CA THR G 668 90.92 14.38 16.09
C THR G 668 91.12 14.32 14.57
N LEU G 669 91.98 13.41 14.12
CA LEU G 669 92.22 13.21 12.70
C LEU G 669 92.30 11.73 12.37
N HIS G 670 91.86 11.37 11.16
CA HIS G 670 91.78 9.97 10.76
C HIS G 670 92.76 9.61 9.65
N CYS G 671 92.72 8.36 9.21
CA CYS G 671 93.54 7.89 8.10
C CYS G 671 93.30 8.71 6.84
N ASN G 672 92.08 8.63 6.31
CA ASN G 672 91.68 9.44 5.17
C ASN G 672 91.48 10.89 5.56
N GLY G 673 91.40 11.13 6.87
CA GLY G 673 91.27 12.46 7.42
C GLY G 673 89.86 12.83 7.80
N SER G 674 89.73 13.63 8.86
CA SER G 674 88.45 14.06 9.40
C SER G 674 88.68 14.96 10.61
N VAL G 675 87.64 15.66 11.04
CA VAL G 675 87.72 16.46 12.26
C VAL G 675 86.56 16.14 13.19
N LYS G 676 86.87 15.57 14.35
CA LYS G 676 85.84 15.16 15.30
C LYS G 676 86.06 15.81 16.66
N LEU G 677 85.08 16.61 17.09
CA LEU G 677 85.19 17.33 18.36
C LEU G 677 84.42 16.64 19.47
N TRP G 678 84.98 16.67 20.68
CA TRP G 678 84.35 16.08 21.85
C TRP G 678 84.34 17.04 23.03
N SER G 679 83.54 16.72 24.04
CA SER G 679 83.46 17.52 25.25
C SER G 679 83.71 16.65 26.48
N LEU G 680 84.65 17.05 27.33
CA LEU G 680 85.00 16.28 28.51
C LEU G 680 83.91 16.37 29.57
N TRP G 681 83.02 17.35 29.43
CA TRP G 681 81.89 17.50 30.33
C TRP G 681 80.91 16.35 30.15
N PRO G 682 80.68 15.56 31.21
CA PRO G 682 79.79 14.40 31.16
C PRO G 682 78.33 14.79 30.99
N ASN G 699 79.28 15.94 13.58
CA ASN G 699 80.38 16.64 14.24
C ASN G 699 81.63 16.70 13.36
N SER G 700 81.51 16.17 12.14
CA SER G 700 82.63 16.14 11.22
C SER G 700 82.22 16.60 9.81
N VAL G 701 82.88 17.63 9.31
CA VAL G 701 82.59 18.14 7.98
C VAL G 701 83.85 18.27 7.11
N VAL G 702 83.90 17.46 6.06
CA VAL G 702 85.00 17.50 5.10
C VAL G 702 84.54 18.32 3.90
N LYS G 703 83.30 18.79 3.96
CA LYS G 703 82.63 19.41 2.83
C LYS G 703 83.12 20.83 2.54
N ARG G 704 82.41 21.51 1.64
CA ARG G 704 82.75 22.86 1.18
C ARG G 704 84.11 22.88 0.47
N PHE G 705 84.95 23.84 0.85
CA PHE G 705 86.24 24.05 0.21
C PHE G 705 87.14 22.81 0.30
N ILE G 706 87.90 22.59 -0.78
CA ILE G 706 88.81 21.45 -0.89
C ILE G 706 88.03 20.15 -0.63
N GLY G 707 88.35 19.43 0.43
CA GLY G 707 87.67 18.19 0.74
C GLY G 707 87.95 17.11 -0.29
N SER G 708 89.18 17.04 -0.75
CA SER G 708 89.59 16.05 -1.76
C SER G 708 89.59 14.64 -1.19
N TYR G 709 89.51 13.65 -2.07
CA TYR G 709 89.51 12.25 -1.65
C TYR G 709 90.89 11.63 -1.81
N ALA G 710 91.52 11.33 -0.68
CA ALA G 710 92.89 10.81 -0.65
C ALA G 710 93.29 10.48 0.78
N ASN G 711 94.47 9.88 0.93
CA ASN G 711 94.98 9.51 2.25
C ASN G 711 95.69 10.66 2.94
N LEU G 712 95.39 10.87 4.22
CA LEU G 712 96.01 11.94 4.99
C LEU G 712 97.26 11.45 5.70
N LYS G 713 98.31 12.26 5.67
CA LYS G 713 99.58 11.91 6.31
C LYS G 713 99.57 12.28 7.79
N ILE G 714 100.75 12.19 8.41
CA ILE G 714 100.91 12.51 9.83
C ILE G 714 100.93 14.03 10.00
N VAL G 715 101.08 14.74 8.89
CA VAL G 715 101.24 16.19 8.88
C VAL G 715 100.12 16.93 9.62
N ALA G 716 100.52 17.78 10.56
CA ALA G 716 99.61 18.60 11.36
C ALA G 716 100.41 19.51 12.29
N PHE G 717 99.77 20.58 12.77
CA PHE G 717 100.43 21.57 13.62
C PHE G 717 99.46 22.67 14.05
N TYR G 718 99.93 23.54 14.94
CA TYR G 718 99.12 24.64 15.44
C TYR G 718 99.71 26.00 15.07
N LEU G 719 98.85 26.92 14.64
CA LEU G 719 99.29 28.26 14.27
C LEU G 719 98.91 29.28 15.35
N ASN G 720 99.29 30.54 15.11
CA ASN G 720 98.90 31.63 15.99
C ASN G 720 97.62 32.29 15.49
N GLU G 721 97.24 33.41 16.10
CA GLU G 721 96.02 34.10 15.70
C GLU G 721 96.34 35.19 14.68
N ASP G 722 95.90 34.97 13.44
CA ASP G 722 96.12 35.92 12.35
C ASP G 722 94.90 36.81 12.13
N ALA G 723 93.83 36.58 12.89
CA ALA G 723 92.59 37.31 12.71
C ALA G 723 92.37 38.35 13.80
N GLY G 724 92.08 37.87 15.01
CA GLY G 724 91.81 38.76 16.13
C GLY G 724 93.02 39.59 16.54
N LEU G 725 94.13 38.92 16.81
CA LEU G 725 95.35 39.59 17.23
C LEU G 725 96.58 38.73 16.96
N ILE G 730 93.35 35.11 21.53
CA ILE G 730 92.00 34.57 21.53
C ILE G 730 92.02 33.04 21.50
N GLN G 731 92.81 32.48 20.59
CA GLN G 731 92.87 31.04 20.39
C GLN G 731 93.93 30.71 19.33
N LEU G 732 94.38 29.46 19.31
CA LEU G 732 95.37 29.02 18.35
C LEU G 732 94.72 28.17 17.26
N HIS G 733 94.96 28.53 16.00
CA HIS G 733 94.35 27.83 14.88
C HIS G 733 95.01 26.49 14.60
N VAL G 734 94.47 25.76 13.62
CA VAL G 734 94.99 24.45 13.24
C VAL G 734 95.14 24.37 11.73
N ALA G 735 96.27 23.84 11.27
CA ALA G 735 96.52 23.69 9.85
C ALA G 735 97.32 22.42 9.55
N PHE G 736 97.05 21.82 8.39
CA PHE G 736 97.74 20.61 7.98
C PHE G 736 97.72 20.42 6.47
N ILE G 737 98.34 19.34 5.98
CA ILE G 737 98.44 19.11 4.55
C ILE G 737 97.88 17.74 4.16
N ASN G 738 96.92 17.76 3.23
CA ASN G 738 96.30 16.52 2.74
C ASN G 738 97.13 15.87 1.65
N GLY G 739 96.55 14.86 0.99
CA GLY G 739 97.20 14.20 -0.12
C GLY G 739 96.99 14.96 -1.43
N ASP G 740 96.47 16.18 -1.31
CA ASP G 740 96.24 17.05 -2.44
C ASP G 740 97.45 17.93 -2.74
N VAL G 741 98.54 17.65 -2.03
CA VAL G 741 99.82 18.39 -2.08
C VAL G 741 99.59 19.91 -2.07
N SER G 742 98.70 20.35 -1.20
CA SER G 742 98.43 21.76 -0.99
C SER G 742 98.13 22.03 0.47
N ILE G 743 98.56 23.19 0.97
CA ILE G 743 98.38 23.53 2.38
C ILE G 743 96.91 23.79 2.70
N LEU G 744 96.47 23.34 3.88
CA LEU G 744 95.10 23.53 4.32
C LEU G 744 95.06 24.20 5.69
N ASN G 745 94.38 25.34 5.76
CA ASN G 745 94.28 26.10 7.00
C ASN G 745 92.86 26.08 7.56
N TRP G 746 92.75 26.11 8.90
CA TRP G 746 91.45 26.13 9.57
C TRP G 746 91.39 27.28 10.57
N ASP G 747 90.41 28.16 10.40
CA ASP G 747 90.27 29.30 11.29
C ASP G 747 89.16 29.07 12.32
N GLU G 748 89.56 28.88 13.57
CA GLU G 748 88.61 28.67 14.66
C GLU G 748 88.85 29.61 15.85
N GLN G 749 87.97 30.59 16.03
CA GLN G 749 88.04 31.43 17.22
C GLN G 749 86.99 31.17 18.31
N ASP G 750 85.95 30.41 18.01
CA ASP G 750 84.88 30.25 19.00
C ASP G 750 84.36 28.82 19.20
N GLN G 751 83.59 28.34 18.23
CA GLN G 751 82.87 27.08 18.35
C GLN G 751 83.02 26.20 17.11
N GLU G 752 82.46 26.65 16.01
CA GLU G 752 82.46 25.90 14.76
C GLU G 752 83.35 26.57 13.71
N PHE G 753 83.91 25.76 12.82
CA PHE G 753 84.88 26.25 11.84
C PHE G 753 84.28 27.26 10.88
N LYS G 754 85.14 28.13 10.35
CA LYS G 754 84.72 29.23 9.49
C LYS G 754 85.17 29.04 8.04
N LEU G 755 86.49 28.98 7.85
CA LEU G 755 87.10 28.92 6.53
C LEU G 755 86.74 30.14 5.70
N SER G 756 87.27 31.30 6.10
CA SER G 756 86.97 32.55 5.44
C SER G 756 87.72 32.69 4.11
N HIS G 757 86.96 32.89 3.04
CA HIS G 757 87.49 33.12 1.70
C HIS G 757 88.50 32.06 1.24
N VAL G 758 89.55 32.51 0.58
CA VAL G 758 90.55 31.63 -0.02
C VAL G 758 91.71 31.31 0.92
N PRO G 759 92.36 30.16 0.71
CA PRO G 759 93.60 29.81 1.42
C PRO G 759 94.75 30.77 1.11
N VAL G 760 94.59 31.57 0.05
CA VAL G 760 95.50 32.66 -0.33
C VAL G 760 96.79 32.14 -0.97
N LEU G 761 97.08 30.86 -0.78
CA LEU G 761 98.31 30.26 -1.30
C LEU G 761 98.35 28.75 -1.02
N LYS G 762 99.19 28.03 -1.75
CA LYS G 762 99.37 26.59 -1.55
C LYS G 762 100.84 26.27 -1.26
N THR G 763 101.13 24.99 -1.08
CA THR G 763 102.48 24.54 -0.79
C THR G 763 102.92 23.45 -1.77
N MET G 764 104.12 23.61 -2.32
CA MET G 764 104.66 22.65 -3.30
C MET G 764 104.91 21.29 -2.67
N GLN G 765 104.50 20.23 -3.39
CA GLN G 765 104.65 18.85 -2.95
C GLN G 765 104.06 18.61 -1.56
N SER G 766 104.75 17.81 -0.76
CA SER G 766 104.31 17.53 0.61
C SER G 766 105.49 17.18 1.52
N GLY G 767 105.39 17.57 2.78
CA GLY G 767 106.38 17.22 3.78
C GLY G 767 105.85 16.21 4.78
N ILE G 768 106.54 16.08 5.91
CA ILE G 768 106.04 15.26 7.01
C ILE G 768 105.88 16.11 8.27
N ARG G 769 106.96 16.72 8.76
CA ARG G 769 106.88 17.54 9.97
C ARG G 769 106.94 19.02 9.61
N CYS G 770 105.81 19.71 9.76
CA CYS G 770 105.72 21.12 9.40
C CYS G 770 105.23 21.94 10.58
N PHE G 771 105.82 23.12 10.80
CA PHE G 771 105.35 23.96 11.90
C PHE G 771 105.74 25.42 11.66
N VAL G 772 105.12 26.33 12.41
CA VAL G 772 105.39 27.76 12.24
C VAL G 772 106.57 28.25 13.09
N GLN G 773 107.38 29.13 12.52
CA GLN G 773 108.48 29.74 13.27
C GLN G 773 107.97 30.82 14.21
N VAL G 774 108.90 31.55 14.81
CA VAL G 774 108.57 32.66 15.69
C VAL G 774 107.87 33.77 14.92
N LEU G 775 108.07 33.79 13.60
CA LEU G 775 107.37 34.72 12.73
C LEU G 775 106.27 34.00 11.98
N LYS G 776 105.11 34.63 11.87
CA LYS G 776 103.95 34.01 11.23
C LYS G 776 104.07 34.01 9.71
N ARG G 777 105.10 34.68 9.19
CA ARG G 777 105.29 34.79 7.74
C ARG G 777 106.08 33.61 7.18
N TYR G 778 106.69 32.81 8.06
CA TYR G 778 107.53 31.70 7.63
C TYR G 778 107.10 30.37 8.26
N TYR G 779 107.14 29.31 7.46
CA TYR G 779 106.76 27.98 7.92
C TYR G 779 107.87 26.97 7.62
N VAL G 780 108.40 26.32 8.66
CA VAL G 780 109.40 25.28 8.42
C VAL G 780 108.72 23.97 7.99
N VAL G 781 109.27 23.38 6.94
CA VAL G 781 108.72 22.17 6.33
C VAL G 781 109.77 21.07 6.25
N CYS G 782 109.43 19.90 6.77
CA CYS G 782 110.33 18.76 6.73
C CYS G 782 109.66 17.58 6.02
N THR G 783 110.39 17.00 5.06
CA THR G 783 109.86 15.89 4.26
C THR G 783 110.38 14.55 4.76
N SER G 784 110.01 13.48 4.04
CA SER G 784 110.42 12.13 4.41
C SER G 784 111.83 11.83 3.91
N ASN G 785 112.40 12.76 3.15
CA ASN G 785 113.74 12.60 2.61
C ASN G 785 114.80 13.13 3.59
N CYS G 786 114.34 13.55 4.76
CA CYS G 786 115.21 14.09 5.81
C CYS G 786 116.03 15.29 5.33
N THR G 787 115.36 16.20 4.62
CA THR G 787 115.99 17.42 4.15
C THR G 787 115.28 18.65 4.70
N LEU G 788 115.98 19.78 4.72
CA LEU G 788 115.41 21.02 5.24
C LEU G 788 114.98 21.93 4.10
N THR G 789 113.67 22.12 3.97
CA THR G 789 113.13 23.00 2.93
C THR G 789 112.12 23.97 3.53
N VAL G 790 111.88 25.08 2.84
CA VAL G 790 110.94 26.08 3.34
C VAL G 790 110.16 26.76 2.21
N TRP G 791 108.86 26.93 2.43
CA TRP G 791 108.02 27.73 1.55
C TRP G 791 107.43 28.91 2.30
N ASP G 792 107.82 30.10 1.91
CA ASP G 792 107.39 31.33 2.59
C ASP G 792 105.91 31.59 2.38
N LEU G 793 105.23 32.03 3.44
CA LEU G 793 103.82 32.39 3.35
C LEU G 793 103.63 33.65 2.54
N THR G 794 104.38 34.69 2.89
CA THR G 794 104.36 35.93 2.11
C THR G 794 105.61 36.04 1.26
N ASN G 795 105.70 37.10 0.47
CA ASN G 795 106.83 37.33 -0.43
C ASN G 795 107.18 36.11 -1.27
N GLY G 796 106.27 35.70 -2.15
CA GLY G 796 106.47 34.52 -2.96
C GLY G 796 106.23 33.24 -2.19
N SER G 797 106.56 32.11 -2.79
CA SER G 797 106.38 30.81 -2.13
C SER G 797 107.72 30.18 -1.78
N SER G 798 108.42 29.67 -2.80
CA SER G 798 109.73 29.08 -2.61
C SER G 798 110.82 30.13 -2.85
N ASN G 799 111.69 30.33 -1.87
CA ASN G 799 112.70 31.37 -1.97
C ASN G 799 114.12 30.81 -1.99
N THR G 800 114.62 30.40 -0.83
CA THR G 800 116.02 30.00 -0.71
C THR G 800 116.32 29.08 0.47
N LEU G 801 117.61 28.92 0.74
CA LEU G 801 118.12 28.16 1.89
C LEU G 801 117.73 26.69 1.90
N GLU G 802 118.19 25.95 0.89
CA GLU G 802 118.12 24.51 0.89
C GLU G 802 119.47 23.96 1.35
N LEU G 803 120.40 24.88 1.58
CA LEU G 803 121.82 24.55 1.77
C LEU G 803 122.21 24.00 3.14
N HIS G 804 123.31 23.24 3.13
CA HIS G 804 124.01 22.80 4.35
C HIS G 804 123.16 22.01 5.35
N VAL G 805 122.83 20.77 4.98
CA VAL G 805 122.28 19.82 5.94
C VAL G 805 123.41 18.92 6.47
N PHE G 806 123.38 18.65 7.77
CA PHE G 806 124.48 17.93 8.42
C PHE G 806 124.66 16.50 7.90
N ASN G 807 123.62 15.68 8.02
CA ASN G 807 123.71 14.29 7.61
C ASN G 807 122.47 13.82 6.85
N VAL G 808 122.68 13.35 5.62
CA VAL G 808 121.59 12.82 4.80
C VAL G 808 121.46 11.31 4.96
N GLU G 809 122.41 10.71 5.65
CA GLU G 809 122.43 9.26 5.84
C GLU G 809 121.89 8.86 7.21
N ASN G 810 120.73 8.22 7.20
CA ASN G 810 120.12 7.73 8.44
C ASN G 810 120.73 6.40 8.89
N ASP G 811 120.68 6.14 10.19
CA ASP G 811 121.11 4.84 10.71
C ASP G 811 120.13 3.75 10.27
N THR G 812 118.84 4.05 10.38
CA THR G 812 117.78 3.18 9.89
C THR G 812 116.78 4.02 9.10
N PRO G 813 116.25 3.46 8.00
CA PRO G 813 115.32 4.23 7.17
C PRO G 813 114.07 4.67 7.92
N LEU G 814 113.79 5.96 7.89
CA LEU G 814 112.66 6.56 8.61
C LEU G 814 112.30 7.90 7.98
N ALA G 815 111.39 8.63 8.64
CA ALA G 815 111.09 10.00 8.27
C ALA G 815 111.85 10.95 9.19
N LEU G 816 111.69 12.25 8.99
CA LEU G 816 112.37 13.23 9.83
C LEU G 816 111.65 13.31 11.17
N ASP G 817 112.39 13.67 12.21
CA ASP G 817 111.87 13.64 13.58
C ASP G 817 110.92 14.80 13.88
N VAL G 818 110.52 14.91 15.14
CA VAL G 818 109.55 15.93 15.55
C VAL G 818 110.21 17.28 15.82
N PHE G 819 109.67 18.33 15.20
CA PHE G 819 110.16 19.69 15.40
C PHE G 819 109.56 20.26 16.70
N ASP G 820 110.34 21.07 17.40
CA ASP G 820 109.92 21.57 18.71
C ASP G 820 109.98 23.10 18.83
N GLU G 821 109.68 23.60 20.03
CA GLU G 821 109.71 25.02 20.31
C GLU G 821 110.41 25.36 21.63
N ARG G 822 110.72 26.64 21.82
CA ARG G 822 111.32 27.12 23.05
C ARG G 822 110.45 28.19 23.68
N SER G 823 110.88 28.71 24.83
CA SER G 823 110.15 29.77 25.51
C SER G 823 110.60 31.13 25.00
N LYS G 824 111.70 31.14 24.25
CA LYS G 824 112.24 32.36 23.67
C LYS G 824 111.46 32.79 22.42
N THR G 825 111.50 34.07 22.12
CA THR G 825 110.81 34.61 20.95
C THR G 825 111.71 34.59 19.72
N ALA G 826 112.92 34.04 19.87
CA ALA G 826 113.86 33.95 18.77
C ALA G 826 114.39 32.53 18.59
N THR G 827 115.13 32.05 19.59
CA THR G 827 115.72 30.71 19.55
C THR G 827 114.65 29.63 19.51
N VAL G 828 114.76 28.73 18.53
CA VAL G 828 113.84 27.60 18.42
C VAL G 828 114.56 26.27 18.63
N LEU G 829 113.80 25.18 18.64
CA LEU G 829 114.32 23.88 19.00
C LEU G 829 113.98 22.80 17.96
N LEU G 830 114.91 21.88 17.77
CA LEU G 830 114.73 20.77 16.84
C LEU G 830 115.58 19.58 17.31
N ILE G 831 115.17 18.38 16.95
CA ILE G 831 115.94 17.18 17.26
C ILE G 831 115.99 16.24 16.06
N PHE G 832 117.19 15.75 15.75
CA PHE G 832 117.36 14.80 14.65
C PHE G 832 118.14 13.57 15.08
N LYS G 833 117.47 12.43 15.12
CA LYS G 833 118.09 11.16 15.50
C LYS G 833 118.85 11.25 16.83
N TYR G 834 120.16 11.00 16.78
CA TYR G 834 120.98 10.96 17.98
C TYR G 834 121.53 12.34 18.35
N SER G 835 121.21 13.34 17.54
CA SER G 835 121.71 14.69 17.77
C SER G 835 120.57 15.68 18.02
N VAL G 836 120.88 16.75 18.73
CA VAL G 836 119.89 17.79 19.01
C VAL G 836 120.30 19.11 18.36
N TRP G 837 119.42 19.66 17.54
CA TRP G 837 119.71 20.88 16.81
C TRP G 837 118.93 22.07 17.38
N ARG G 838 119.65 22.97 18.05
CA ARG G 838 119.04 24.19 18.56
C ARG G 838 119.26 25.33 17.57
N LEU G 839 118.18 25.93 17.11
CA LEU G 839 118.28 26.90 16.01
C LEU G 839 117.91 28.32 16.44
N ASN G 840 118.05 29.24 15.49
CA ASN G 840 117.93 30.67 15.72
C ASN G 840 117.55 31.41 14.44
N PHE G 841 117.18 32.68 14.58
CA PHE G 841 116.95 33.53 13.42
C PHE G 841 118.25 33.65 12.64
N LEU G 842 118.14 34.02 11.36
CA LEU G 842 119.20 33.90 10.34
C LEU G 842 119.17 32.45 9.82
N PRO G 843 119.74 32.19 8.62
CA PRO G 843 119.54 30.90 7.93
C PRO G 843 119.70 29.63 8.78
N GLY G 844 120.70 29.57 9.65
CA GLY G 844 120.85 28.42 10.51
C GLY G 844 122.26 28.08 10.95
N LEU G 845 122.44 26.82 11.33
CA LEU G 845 123.72 26.32 11.84
C LEU G 845 124.14 27.16 13.04
N SER G 846 123.43 26.98 14.15
CA SER G 846 123.70 27.76 15.35
C SER G 846 124.22 26.87 16.49
N VAL G 847 123.33 26.08 17.08
CA VAL G 847 123.71 25.25 18.21
C VAL G 847 123.47 23.76 17.93
N SER G 848 124.46 22.93 18.25
CA SER G 848 124.34 21.49 18.11
C SER G 848 124.79 20.79 19.40
N LEU G 849 123.88 20.07 20.04
CA LEU G 849 124.18 19.45 21.32
C LEU G 849 123.82 17.96 21.37
N GLN G 850 124.58 17.22 22.17
CA GLN G 850 124.30 15.81 22.43
C GLN G 850 124.58 15.51 23.91
N SER G 851 123.64 14.82 24.56
CA SER G 851 123.81 14.49 25.97
C SER G 851 124.92 13.45 26.15
N GLU G 852 124.79 12.33 25.46
CA GLU G 852 125.81 11.29 25.47
C GLU G 852 125.52 10.24 24.40
N ALA G 853 126.35 9.21 24.33
CA ALA G 853 126.18 8.14 23.36
C ALA G 853 125.09 7.17 23.77
N VAL G 854 124.85 6.16 22.94
CA VAL G 854 123.83 5.16 23.23
C VAL G 854 124.30 4.18 24.30
N GLY G 859 118.74 1.26 19.10
CA GLY G 859 117.68 1.03 18.14
C GLY G 859 117.29 2.29 17.40
N SER G 860 116.16 2.23 16.69
CA SER G 860 115.67 3.37 15.93
C SER G 860 115.02 4.40 16.85
N PHE G 861 115.05 5.67 16.43
CA PHE G 861 114.47 6.73 17.23
C PHE G 861 113.00 6.95 16.86
N ILE G 862 112.12 6.78 17.85
CA ILE G 862 110.68 6.94 17.62
C ILE G 862 110.03 7.90 18.63
N THR G 863 110.09 7.57 19.91
CA THR G 863 109.39 8.34 20.94
C THR G 863 110.26 9.44 21.54
N CYS G 864 109.65 10.58 21.84
CA CYS G 864 110.34 11.71 22.42
C CYS G 864 109.38 12.53 23.29
N GLY G 865 109.92 13.14 24.33
CA GLY G 865 109.12 13.96 25.24
C GLY G 865 109.32 15.44 25.01
N LYS G 866 108.89 16.24 25.97
CA LYS G 866 108.95 17.70 25.88
C LYS G 866 108.44 18.31 27.20
N ARG G 867 108.78 19.57 27.44
CA ARG G 867 108.35 20.27 28.65
C ARG G 867 108.01 21.72 28.33
N SER G 868 107.18 22.34 29.18
CA SER G 868 106.77 23.72 28.96
C SER G 868 106.96 24.59 30.20
N THR G 869 106.17 24.30 31.23
CA THR G 869 106.19 25.09 32.46
C THR G 869 107.43 24.74 33.30
N ASP G 870 108.00 23.58 33.03
CA ASP G 870 109.14 23.08 33.80
C ASP G 870 110.42 23.87 33.50
N GLY G 871 110.33 24.82 32.57
CA GLY G 871 111.49 25.59 32.15
C GLY G 871 112.00 25.18 30.79
N ARG G 872 111.17 24.43 30.06
CA ARG G 872 111.46 24.04 28.68
C ARG G 872 112.74 23.19 28.60
N TYR G 873 112.80 22.15 29.41
CA TYR G 873 113.91 21.19 29.36
C TYR G 873 113.50 20.03 28.47
N LEU G 874 114.41 19.61 27.58
CA LEU G 874 114.03 18.68 26.51
C LEU G 874 114.30 17.21 26.84
N LEU G 875 113.23 16.44 26.96
CA LEU G 875 113.32 14.99 27.11
C LEU G 875 113.79 14.36 25.80
N LEU G 876 114.80 13.51 25.87
CA LEU G 876 115.36 12.93 24.65
C LEU G 876 116.20 11.68 24.89
N GLY G 877 116.68 11.10 23.80
CA GLY G 877 117.62 9.98 23.86
C GLY G 877 117.73 9.21 22.56
N THR G 878 118.79 8.40 22.45
CA THR G 878 118.96 7.51 21.31
C THR G 878 117.82 6.51 21.20
N SER G 879 117.81 5.54 22.12
CA SER G 879 116.77 4.52 22.20
C SER G 879 116.26 4.46 23.63
N GLU G 880 117.16 4.08 24.54
CA GLU G 880 116.91 4.07 25.98
C GLU G 880 115.69 3.26 26.39
N GLY G 881 115.82 1.94 26.29
CA GLY G 881 114.85 1.04 26.89
C GLY G 881 115.00 1.07 28.40
N LEU G 882 116.06 1.72 28.85
CA LEU G 882 116.32 1.91 30.27
C LEU G 882 116.90 3.31 30.52
N ILE G 883 116.40 3.98 31.56
CA ILE G 883 116.89 5.29 31.97
C ILE G 883 116.76 6.32 30.83
N VAL G 884 115.53 6.75 30.57
CA VAL G 884 115.26 7.82 29.62
C VAL G 884 115.95 9.11 30.07
N TYR G 885 116.55 9.83 29.13
CA TYR G 885 117.36 11.00 29.46
C TYR G 885 116.62 12.33 29.32
N ASP G 886 116.91 13.25 30.24
CA ASP G 886 116.40 14.62 30.15
C ASP G 886 117.55 15.60 29.99
N LEU G 887 117.35 16.61 29.16
CA LEU G 887 118.39 17.61 28.89
C LEU G 887 117.99 18.99 29.38
N LYS G 888 118.75 19.51 30.34
CA LYS G 888 118.56 20.86 30.84
C LYS G 888 119.21 21.86 29.88
N ILE G 889 118.64 23.06 29.81
CA ILE G 889 119.11 24.08 28.88
C ILE G 889 120.59 24.42 29.07
N SER G 890 121.35 24.34 27.98
CA SER G 890 122.75 24.77 27.90
C SER G 890 123.71 23.93 28.76
N ASP G 891 123.18 23.02 29.57
CA ASP G 891 124.04 22.20 30.42
C ASP G 891 123.83 20.71 30.18
N PRO G 892 124.92 19.93 30.21
CA PRO G 892 124.88 18.48 30.04
C PRO G 892 124.77 17.73 31.36
N VAL G 893 123.61 17.80 32.00
CA VAL G 893 123.40 17.12 33.28
C VAL G 893 122.08 16.36 33.27
N LEU G 894 122.07 15.19 33.90
CA LEU G 894 120.88 14.34 33.97
C LEU G 894 120.31 14.31 35.39
N ARG G 895 119.16 14.95 35.58
CA ARG G 895 118.50 14.98 36.88
C ARG G 895 117.41 13.92 37.00
N SER G 896 117.20 13.16 35.92
CA SER G 896 116.12 12.17 35.88
C SER G 896 116.65 10.75 35.92
N ASN G 897 115.87 9.85 36.50
CA ASN G 897 116.26 8.45 36.61
C ASN G 897 115.05 7.52 36.42
N VAL G 898 115.27 6.40 35.76
CA VAL G 898 114.19 5.43 35.53
C VAL G 898 114.51 4.07 36.14
N SER G 899 113.76 3.71 37.18
CA SER G 899 113.91 2.40 37.81
C SER G 899 112.85 1.40 37.32
N GLU G 900 111.96 1.87 36.44
CA GLU G 900 110.86 1.04 35.97
C GLU G 900 111.18 0.40 34.62
N HIS G 901 112.39 0.66 34.13
CA HIS G 901 112.83 0.30 32.78
C HIS G 901 111.83 0.89 31.78
N ILE G 902 111.54 0.18 30.70
CA ILE G 902 110.47 0.52 29.75
C ILE G 902 110.53 -0.42 28.54
N GLU G 903 109.45 -0.46 27.76
CA GLU G 903 109.46 -1.17 26.48
C GLU G 903 109.29 -0.10 25.40
N CYS G 904 109.36 -0.49 24.12
CA CYS G 904 109.23 0.49 23.05
C CYS G 904 108.21 0.09 21.98
N VAL G 905 107.11 0.83 21.90
CA VAL G 905 106.13 0.64 20.83
C VAL G 905 105.72 1.96 20.16
N ASP G 906 105.15 2.89 20.93
CA ASP G 906 104.59 4.11 20.36
C ASP G 906 105.37 5.36 20.76
N ILE G 907 104.91 6.51 20.27
CA ILE G 907 105.65 7.75 20.37
C ILE G 907 105.24 8.63 21.56
N TYR G 908 104.22 8.21 22.30
CA TYR G 908 103.63 9.11 23.30
C TYR G 908 104.47 9.21 24.59
N GLU G 909 104.91 10.43 24.88
CA GLU G 909 105.57 10.74 26.15
C GLU G 909 105.40 12.22 26.48
N LEU G 910 105.30 12.55 27.76
CA LEU G 910 105.17 13.93 28.22
C LEU G 910 105.12 14.01 29.75
N PHE G 911 105.45 15.18 30.29
CA PHE G 911 105.47 15.40 31.73
C PHE G 911 104.55 16.54 32.18
N ASP G 912 103.89 16.32 33.31
CA ASP G 912 102.95 17.30 33.87
C ASP G 912 103.63 18.58 34.36
N PRO G 913 102.87 19.74 34.27
CA PRO G 913 103.54 20.96 34.75
C PRO G 913 103.88 20.90 36.23
N VAL G 914 102.99 20.31 37.03
CA VAL G 914 103.14 20.18 38.48
C VAL G 914 102.50 21.32 39.29
N TYR G 915 101.94 22.30 38.59
CA TYR G 915 101.25 23.41 39.27
C TYR G 915 101.99 23.83 40.52
N LYS G 916 103.07 24.61 40.41
CA LYS G 916 103.77 25.01 41.63
C LYS G 916 104.80 23.97 42.11
N TYR G 917 104.37 23.08 43.00
CA TYR G 917 105.23 22.05 43.59
C TYR G 917 105.84 21.13 42.54
N ILE G 918 107.08 20.69 42.80
CA ILE G 918 107.83 19.86 41.86
C ILE G 918 108.03 18.37 42.17
N VAL G 919 107.75 17.58 41.13
CA VAL G 919 107.89 16.13 41.05
C VAL G 919 107.42 15.81 39.63
N LEU G 920 107.74 14.65 39.10
CA LEU G 920 107.35 14.36 37.72
C LEU G 920 106.69 13.01 37.51
N CYS G 921 105.78 12.96 36.54
CA CYS G 921 105.10 11.74 36.15
C CYS G 921 104.87 11.70 34.64
N GLY G 922 105.08 10.53 34.02
CA GLY G 922 104.92 10.43 32.58
C GLY G 922 104.60 9.03 32.05
N ALA G 923 104.02 8.96 30.86
CA ALA G 923 103.63 7.67 30.28
C ALA G 923 104.43 7.34 29.02
N LYS G 924 104.71 6.05 28.83
CA LYS G 924 105.48 5.58 27.68
C LYS G 924 104.96 4.25 27.10
N GLY G 925 105.72 3.70 26.18
CA GLY G 925 105.33 2.52 25.40
C GLY G 925 104.83 1.29 26.13
N LYS G 926 105.38 1.01 27.30
CA LYS G 926 104.99 -0.17 28.08
C LYS G 926 103.54 -0.04 28.57
N GLN G 927 102.94 1.11 28.32
CA GLN G 927 101.65 1.49 28.88
C GLN G 927 101.74 1.45 30.40
N VAL G 928 102.61 2.30 30.93
CA VAL G 928 102.80 2.44 32.36
C VAL G 928 103.04 3.91 32.67
N VAL G 929 103.37 4.21 33.92
CA VAL G 929 103.68 5.58 34.30
C VAL G 929 104.85 5.66 35.28
N HIS G 930 105.83 6.50 34.93
CA HIS G 930 107.00 6.73 35.77
C HIS G 930 106.76 7.94 36.67
N VAL G 931 107.16 7.80 37.93
CA VAL G 931 107.10 8.91 38.89
C VAL G 931 108.47 9.11 39.52
N HIS G 932 109.01 10.33 39.40
CA HIS G 932 110.38 10.58 39.82
C HIS G 932 110.56 11.97 40.46
N THR G 933 111.50 12.03 41.41
CA THR G 933 111.86 13.28 42.07
C THR G 933 113.31 13.64 41.75
N LEU G 934 113.51 14.82 41.19
CA LEU G 934 114.82 15.23 40.68
C LEU G 934 115.84 15.52 41.78
N ARG G 935 115.39 15.53 43.03
CA ARG G 935 116.27 15.80 44.16
C ARG G 935 117.16 14.59 44.46
N SER G 936 118.47 14.81 44.45
CA SER G 936 119.45 13.75 44.68
C SER G 936 120.86 14.32 44.71
N VAL G 937 121.80 13.55 45.25
CA VAL G 937 123.19 14.01 45.38
C VAL G 937 124.00 13.85 44.10
N SER G 938 123.80 12.75 43.37
CA SER G 938 124.60 12.48 42.18
C SER G 938 123.84 11.70 41.12
N GLY G 939 124.11 12.03 39.85
CA GLY G 939 123.52 11.32 38.73
C GLY G 939 124.49 10.33 38.09
N SER G 940 124.35 10.17 36.78
CA SER G 940 125.24 9.33 35.96
C SER G 940 125.24 7.87 36.42
N ASN G 941 124.06 7.31 36.62
CA ASN G 941 123.92 5.89 36.95
C ASN G 941 123.65 5.05 35.70
N SER G 942 123.65 5.71 34.55
CA SER G 942 123.29 5.08 33.28
C SER G 942 124.15 3.88 32.90
N HIS G 943 125.42 4.13 32.60
CA HIS G 943 126.28 3.10 32.03
C HIS G 943 127.05 2.30 33.09
N GLN G 944 126.86 2.64 34.35
CA GLN G 944 127.58 1.95 35.42
C GLN G 944 126.95 0.58 35.72
N ASN G 945 125.63 0.48 35.57
CA ASN G 945 124.91 -0.74 35.87
C ASN G 945 123.94 -1.16 34.78
N ARG G 946 124.18 -2.32 34.18
CA ARG G 946 123.22 -2.90 33.25
C ARG G 946 122.91 -4.36 33.62
N GLU G 947 123.90 -5.24 33.56
CA GLU G 947 123.72 -6.63 33.98
C GLU G 947 124.39 -6.87 35.33
N ILE G 948 124.26 -8.08 35.85
CA ILE G 948 124.85 -8.42 37.14
C ILE G 948 125.49 -9.81 37.13
N ALA G 949 126.74 -9.88 37.54
CA ALA G 949 127.45 -11.15 37.68
C ALA G 949 127.75 -11.42 39.14
N TRP G 950 128.41 -12.54 39.42
CA TRP G 950 128.70 -12.92 40.80
C TRP G 950 130.00 -13.71 40.92
N VAL G 951 130.71 -13.47 42.01
CA VAL G 951 132.00 -14.13 42.25
C VAL G 951 131.81 -15.55 42.77
N HIS G 952 132.35 -16.52 42.03
CA HIS G 952 132.23 -17.92 42.42
C HIS G 952 133.15 -18.22 43.59
N SER G 953 132.57 -18.78 44.66
CA SER G 953 133.31 -19.10 45.87
C SER G 953 132.51 -20.04 46.76
N ALA G 954 133.06 -20.35 47.94
CA ALA G 954 132.40 -21.24 48.89
C ALA G 954 131.81 -20.45 50.06
N ASP G 955 130.47 -20.41 50.10
CA ASP G 955 129.74 -19.73 51.17
C ASP G 955 130.15 -18.27 51.32
N GLU G 956 130.48 -17.62 50.20
CA GLU G 956 130.84 -16.22 50.20
C GLU G 956 130.16 -15.49 49.04
N ILE G 957 129.43 -14.43 49.35
CA ILE G 957 128.64 -13.72 48.35
C ILE G 957 129.29 -12.39 47.94
N SER G 958 129.77 -12.34 46.70
CA SER G 958 130.31 -11.12 46.14
C SER G 958 129.78 -10.90 44.74
N VAL G 959 129.08 -9.79 44.54
CA VAL G 959 128.42 -9.52 43.26
C VAL G 959 129.17 -8.45 42.46
N MET G 960 129.13 -8.58 41.14
CA MET G 960 129.78 -7.63 40.25
C MET G 960 128.77 -7.05 39.24
N THR G 961 129.14 -5.93 38.63
CA THR G 961 128.24 -5.21 37.73
C THR G 961 128.97 -4.77 36.46
N LYS G 962 128.27 -3.95 35.66
CA LYS G 962 128.83 -3.37 34.44
C LYS G 962 130.01 -2.46 34.82
N ALA G 963 130.88 -2.17 33.86
CA ALA G 963 132.16 -1.49 34.10
C ALA G 963 133.02 -2.34 35.03
N CYS G 964 133.22 -3.59 34.62
CA CYS G 964 134.06 -4.59 35.29
C CYS G 964 133.83 -4.66 36.79
N LEU G 965 134.92 -4.67 37.56
CA LEU G 965 134.83 -4.97 38.98
C LEU G 965 134.41 -3.77 39.81
N GLU G 966 133.26 -3.91 40.48
CA GLU G 966 132.85 -2.98 41.52
C GLU G 966 132.73 -3.77 42.83
N PRO G 967 133.65 -3.52 43.77
CA PRO G 967 133.73 -4.32 45.00
C PRO G 967 132.44 -4.31 45.82
N ASN G 968 131.95 -5.49 46.16
CA ASN G 968 130.77 -5.64 47.01
C ASN G 968 130.90 -6.86 47.91
N VAL G 969 130.59 -6.69 49.19
CA VAL G 969 130.64 -7.79 50.14
C VAL G 969 129.43 -7.77 51.08
N TYR G 970 129.27 -8.86 51.82
CA TYR G 970 128.08 -9.07 52.66
C TYR G 970 127.88 -7.98 53.71
N LEU G 971 126.69 -7.39 53.70
CA LEU G 971 126.31 -6.30 54.60
C LEU G 971 127.31 -5.14 54.62
N ARG G 972 127.70 -4.67 53.44
CA ARG G 972 128.56 -3.50 53.33
C ARG G 972 128.12 -2.61 52.17
N SER G 973 128.07 -1.31 52.41
CA SER G 973 127.61 -0.35 51.41
C SER G 973 128.75 0.23 50.59
N LEU G 974 129.97 -0.24 50.85
CA LEU G 974 131.16 0.24 50.15
C LEU G 974 131.09 -0.06 48.65
N MET G 975 131.27 0.98 47.84
CA MET G 975 131.20 0.85 46.39
C MET G 975 132.28 1.67 45.70
N ASP G 976 132.96 1.07 44.73
CA ASP G 976 133.98 1.77 43.96
C ASP G 976 133.63 1.73 42.47
N MET G 977 134.05 2.75 41.73
CA MET G 977 133.72 2.83 40.30
C MET G 977 134.96 2.97 39.42
N THR G 978 135.22 1.94 38.62
CA THR G 978 136.29 1.97 37.63
C THR G 978 135.82 1.28 36.35
N ARG G 979 135.96 1.96 35.21
CA ARG G 979 135.45 1.41 33.96
C ARG G 979 136.54 1.18 32.91
N GLU G 980 136.81 -0.09 32.63
CA GLU G 980 137.69 -0.47 31.53
C GLU G 980 136.86 -0.82 30.29
N ARG G 981 135.55 -0.65 30.43
CA ARG G 981 134.58 -0.94 29.37
C ARG G 981 134.63 -2.41 28.94
N THR G 982 134.19 -3.28 29.84
CA THR G 982 134.05 -4.70 29.54
C THR G 982 132.75 -4.99 28.78
N GLN G 983 132.74 -6.09 28.04
CA GLN G 983 131.54 -6.53 27.34
C GLN G 983 130.68 -7.41 28.26
N LEU G 984 131.17 -8.61 28.54
CA LEU G 984 130.51 -9.53 29.45
C LEU G 984 131.51 -10.11 30.45
N LEU G 985 131.22 -9.97 31.73
CA LEU G 985 132.16 -10.34 32.78
C LEU G 985 131.88 -11.72 33.37
N ALA G 986 132.94 -12.51 33.53
CA ALA G 986 132.86 -13.81 34.18
C ALA G 986 133.86 -13.86 35.33
N VAL G 987 133.67 -14.82 36.25
CA VAL G 987 134.54 -14.91 37.42
C VAL G 987 135.11 -16.32 37.59
N ASP G 988 136.38 -16.40 37.96
CA ASP G 988 137.04 -17.69 38.20
C ASP G 988 136.54 -18.28 39.51
N SER G 989 137.00 -19.48 39.85
CA SER G 989 136.60 -20.13 41.09
C SER G 989 137.31 -19.53 42.30
N LYS G 990 138.54 -19.10 42.09
CA LYS G 990 139.34 -18.48 43.15
C LYS G 990 139.25 -16.96 43.07
N GLU G 991 140.06 -16.28 43.88
CA GLU G 991 140.07 -14.83 43.91
C GLU G 991 140.69 -14.23 42.66
N ARG G 992 141.25 -15.09 41.81
CA ARG G 992 141.85 -14.67 40.55
C ARG G 992 140.82 -13.99 39.65
N ILE G 993 141.21 -12.88 39.02
CA ILE G 993 140.29 -12.11 38.18
C ILE G 993 140.38 -12.48 36.70
N HIS G 994 139.24 -12.87 36.17
CA HIS G 994 139.05 -13.16 34.75
C HIS G 994 138.21 -12.07 34.12
N LEU G 995 138.70 -11.43 33.07
CA LEU G 995 137.95 -10.34 32.46
C LEU G 995 138.13 -10.24 30.95
N ILE G 996 137.41 -9.29 30.35
CA ILE G 996 137.40 -9.13 28.91
C ILE G 996 137.70 -7.67 28.52
N LYS G 997 138.44 -7.50 27.43
CA LYS G 997 138.76 -6.17 26.92
C LYS G 997 138.28 -6.13 25.47
N PRO G 998 137.92 -4.94 24.95
CA PRO G 998 137.49 -4.94 23.56
C PRO G 998 138.51 -5.59 22.62
N ALA G 999 138.02 -6.54 21.83
CA ALA G 999 138.83 -7.31 20.88
C ALA G 999 139.95 -8.14 21.54
N ILE G 1000 139.73 -8.61 22.77
CA ILE G 1000 140.70 -9.51 23.42
C ILE G 1000 140.20 -10.01 24.79
N SER G 1001 140.78 -11.10 25.29
CA SER G 1001 140.43 -11.63 26.59
C SER G 1001 141.62 -11.59 27.55
N ARG G 1002 141.37 -11.36 28.83
CA ARG G 1002 142.45 -11.19 29.79
C ARG G 1002 142.25 -12.01 31.07
N ILE G 1003 143.32 -12.66 31.51
CA ILE G 1003 143.30 -13.47 32.73
C ILE G 1003 144.44 -13.06 33.65
N SER G 1004 144.11 -12.63 34.87
CA SER G 1004 145.15 -12.11 35.75
C SER G 1004 144.88 -12.35 37.24
N GLU G 1005 145.94 -12.44 38.02
CA GLU G 1005 145.83 -12.49 39.48
C GLU G 1005 145.12 -11.23 39.97
N TRP G 1006 145.77 -10.09 39.82
CA TRP G 1006 145.11 -8.80 39.99
C TRP G 1006 145.28 -8.05 38.67
N SER G 1007 144.66 -6.88 38.54
CA SER G 1007 144.70 -6.17 37.26
C SER G 1007 145.53 -4.89 37.33
N THR G 1008 146.70 -4.91 36.71
CA THR G 1008 147.50 -3.71 36.51
C THR G 1008 147.81 -3.53 35.03
N ILE G 1009 148.75 -4.32 34.53
CA ILE G 1009 149.08 -4.34 33.11
C ILE G 1009 148.29 -5.43 32.39
N THR G 1010 147.65 -6.29 33.16
CA THR G 1010 146.85 -7.41 32.66
C THR G 1010 147.50 -8.18 31.50
N PRO G 1011 148.55 -8.95 31.81
CA PRO G 1011 149.25 -9.75 30.77
C PRO G 1011 148.35 -10.82 30.15
N THR G 1012 148.58 -11.13 28.88
CA THR G 1012 147.83 -12.15 28.17
C THR G 1012 148.35 -12.37 26.75
N HIS G 1013 147.98 -13.51 26.16
CA HIS G 1013 148.35 -13.82 24.79
C HIS G 1013 147.23 -14.58 24.10
N ALA G 1014 146.92 -14.21 22.86
CA ALA G 1014 145.82 -14.84 22.13
C ALA G 1014 146.06 -14.87 20.63
N ALA G 1015 145.64 -15.96 20.00
CA ALA G 1015 145.74 -16.12 18.55
C ALA G 1015 144.43 -15.71 17.87
N SER G 1016 143.48 -15.21 18.66
CA SER G 1016 142.15 -14.86 18.18
C SER G 1016 142.19 -13.90 16.99
N ASN G 1017 141.37 -14.19 15.99
CA ASN G 1017 141.34 -13.40 14.76
C ASN G 1017 140.55 -12.10 14.91
N CYS G 1018 139.46 -12.15 15.66
CA CYS G 1018 138.58 -10.99 15.79
C CYS G 1018 138.11 -10.78 17.23
N LYS G 1019 137.20 -9.83 17.40
CA LYS G 1019 136.67 -9.49 18.72
C LYS G 1019 135.84 -10.63 19.30
N ILE G 1020 136.03 -10.86 20.60
CA ILE G 1020 135.28 -11.90 21.30
C ILE G 1020 134.06 -11.31 22.01
N ASN G 1021 132.92 -12.01 21.90
CA ASN G 1021 131.69 -11.55 22.51
C ASN G 1021 131.67 -11.80 24.02
N ALA G 1022 132.04 -13.02 24.42
CA ALA G 1022 132.06 -13.38 25.83
C ALA G 1022 133.12 -14.44 26.11
N ILE G 1023 133.68 -14.39 27.33
CA ILE G 1023 134.71 -15.33 27.73
C ILE G 1023 134.52 -15.73 29.20
N SER G 1024 134.78 -16.99 29.51
CA SER G 1024 134.56 -17.52 30.85
C SER G 1024 135.70 -18.41 31.34
N ALA G 1025 135.71 -18.72 32.63
CA ALA G 1025 136.77 -19.51 33.22
C ALA G 1025 136.23 -20.71 34.01
N PHE G 1026 136.94 -21.84 33.93
CA PHE G 1026 136.58 -23.03 34.69
C PHE G 1026 136.93 -22.90 36.17
N ASN G 1027 136.61 -23.93 36.92
CA ASN G 1027 137.04 -24.05 38.31
C ASN G 1027 138.51 -24.45 38.36
N ASP G 1028 138.79 -25.63 37.81
CA ASP G 1028 140.17 -26.11 37.67
C ASP G 1028 140.94 -25.26 36.66
N GLU G 1029 142.27 -25.34 36.72
CA GLU G 1029 143.13 -24.49 35.90
C GLU G 1029 143.30 -25.02 34.48
N GLN G 1030 142.65 -26.15 34.17
CA GLN G 1030 142.78 -26.77 32.85
C GLN G 1030 142.13 -25.93 31.75
N ILE G 1031 142.93 -25.60 30.74
CA ILE G 1031 142.54 -24.86 29.53
C ILE G 1031 141.60 -23.67 29.80
N PHE G 1032 140.58 -23.53 28.95
CA PHE G 1032 139.52 -22.49 28.98
C PHE G 1032 138.59 -22.69 27.79
N VAL G 1033 137.40 -22.09 27.87
CA VAL G 1033 136.43 -22.11 26.77
C VAL G 1033 135.79 -20.74 26.59
N GLY G 1034 135.11 -20.56 25.46
CA GLY G 1034 134.37 -19.33 25.19
C GLY G 1034 133.93 -19.29 23.75
N TYR G 1035 132.98 -18.40 23.45
CA TYR G 1035 132.53 -18.25 22.07
C TYR G 1035 132.98 -16.90 21.49
N VAL G 1036 133.73 -16.98 20.40
CA VAL G 1036 134.29 -15.78 19.78
C VAL G 1036 133.48 -15.52 18.51
N ASP G 1037 133.77 -14.43 17.80
CA ASP G 1037 133.16 -14.14 16.52
C ASP G 1037 133.75 -15.02 15.41
N GLY G 1038 134.75 -15.83 15.77
CA GLY G 1038 135.45 -16.64 14.81
C GLY G 1038 135.99 -17.94 15.39
N VAL G 1039 136.68 -18.70 14.56
CA VAL G 1039 137.11 -20.07 14.89
C VAL G 1039 138.03 -20.16 16.11
N ILE G 1040 139.08 -19.35 16.12
CA ILE G 1040 140.12 -19.44 17.15
C ILE G 1040 139.61 -19.17 18.57
N ILE G 1041 139.87 -20.10 19.47
CA ILE G 1041 139.53 -19.94 20.89
C ILE G 1041 140.81 -19.88 21.73
N ASP G 1042 141.01 -18.74 22.40
CA ASP G 1042 142.26 -18.49 23.13
C ASP G 1042 142.28 -19.10 24.53
N VAL G 1043 143.47 -19.53 24.96
CA VAL G 1043 143.70 -20.00 26.32
C VAL G 1043 145.00 -19.42 26.86
N ILE G 1044 145.20 -19.51 28.17
CA ILE G 1044 146.41 -18.98 28.79
C ILE G 1044 147.03 -19.99 29.75
N HIS G 1045 148.36 -19.92 29.89
CA HIS G 1045 149.13 -20.76 30.82
C HIS G 1045 149.13 -22.24 30.42
N ASP G 1046 148.32 -22.58 29.42
CA ASP G 1046 148.21 -23.96 28.98
C ASP G 1046 148.49 -24.10 27.48
N THR G 1047 149.11 -25.20 27.10
CA THR G 1047 149.36 -25.51 25.69
C THR G 1047 148.23 -26.34 25.11
N ALA G 1048 148.45 -26.88 23.92
CA ALA G 1048 147.49 -27.76 23.25
C ALA G 1048 146.15 -27.09 22.99
N LEU G 1049 146.14 -26.15 22.06
CA LEU G 1049 144.93 -25.46 21.65
C LEU G 1049 143.85 -26.45 21.18
N PRO G 1050 142.56 -26.08 21.30
CA PRO G 1050 141.47 -26.96 20.89
C PRO G 1050 141.54 -27.30 19.40
N GLN G 1051 140.85 -28.37 19.00
CA GLN G 1051 140.93 -28.88 17.63
C GLN G 1051 140.01 -28.09 16.68
N GLN G 1052 139.05 -27.39 17.24
CA GLN G 1052 138.04 -26.63 16.48
C GLN G 1052 137.28 -27.51 15.48
N PHE G 1053 137.43 -27.20 14.20
CA PHE G 1053 136.62 -27.78 13.12
C PHE G 1053 135.14 -27.45 13.32
N ILE G 1054 134.85 -26.19 13.61
CA ILE G 1054 133.48 -25.72 13.72
C ILE G 1054 133.39 -24.25 13.30
N GLU G 1055 132.28 -23.90 12.65
CA GLU G 1055 132.09 -22.53 12.18
C GLU G 1055 132.15 -21.50 13.31
N GLU G 1056 131.14 -21.47 14.18
CA GLU G 1056 131.20 -20.59 15.35
C GLU G 1056 130.48 -21.26 16.52
N PRO G 1057 131.02 -21.15 17.74
CA PRO G 1057 130.45 -21.76 18.94
C PRO G 1057 129.30 -20.96 19.56
N ILE G 1058 128.36 -21.64 20.23
CA ILE G 1058 127.24 -20.95 20.85
C ILE G 1058 127.15 -21.14 22.37
N ASP G 1059 126.94 -22.38 22.83
CA ASP G 1059 126.69 -22.65 24.24
C ASP G 1059 127.87 -23.34 24.91
N TYR G 1060 128.47 -22.68 25.89
CA TYR G 1060 129.57 -23.26 26.66
C TYR G 1060 129.08 -23.70 28.03
N LEU G 1061 130.01 -24.18 28.86
CA LEU G 1061 129.71 -24.71 30.18
C LEU G 1061 130.97 -25.08 30.94
N LYS G 1062 130.82 -25.38 32.23
CA LYS G 1062 131.96 -25.67 33.09
C LYS G 1062 131.89 -27.07 33.69
N GLN G 1063 133.01 -27.79 33.61
CA GLN G 1063 133.10 -29.13 34.20
C GLN G 1063 134.45 -29.33 34.89
N VAL G 1064 134.44 -30.10 35.98
CA VAL G 1064 135.67 -30.40 36.71
C VAL G 1064 136.41 -31.57 36.05
N SER G 1065 135.74 -32.25 35.13
CA SER G 1065 136.33 -33.37 34.41
C SER G 1065 137.30 -32.88 33.35
N PRO G 1066 138.36 -33.67 33.07
CA PRO G 1066 139.36 -33.34 32.06
C PRO G 1066 138.75 -33.10 30.67
N ASN G 1067 137.67 -33.80 30.35
CA ASN G 1067 136.99 -33.63 29.07
C ASN G 1067 135.84 -32.63 29.17
N ILE G 1068 135.68 -31.81 28.13
CA ILE G 1068 134.65 -30.79 28.11
C ILE G 1068 133.83 -30.82 26.82
N LEU G 1069 132.53 -30.98 26.95
CA LEU G 1069 131.63 -31.00 25.80
C LEU G 1069 131.13 -29.60 25.48
N VAL G 1070 131.24 -29.21 24.21
CA VAL G 1070 130.86 -27.86 23.79
C VAL G 1070 129.82 -27.88 22.66
N ALA G 1071 128.72 -27.17 22.88
CA ALA G 1071 127.67 -27.05 21.86
C ALA G 1071 128.11 -26.13 20.73
N SER G 1072 127.46 -26.26 19.57
CA SER G 1072 127.84 -25.48 18.41
C SER G 1072 126.64 -25.00 17.60
N ALA G 1073 126.86 -23.98 16.78
CA ALA G 1073 125.80 -23.42 15.93
C ALA G 1073 125.41 -24.40 14.84
N HIS G 1074 126.37 -25.21 14.41
CA HIS G 1074 126.11 -26.26 13.42
C HIS G 1074 125.44 -27.44 14.10
N SER G 1075 125.29 -27.34 15.42
CA SER G 1075 124.64 -28.36 16.26
C SER G 1075 125.40 -29.67 16.27
N ALA G 1076 126.73 -29.56 16.20
CA ALA G 1076 127.60 -30.72 16.35
C ALA G 1076 128.43 -30.57 17.63
N GLN G 1077 128.15 -31.40 18.63
CA GLN G 1077 128.84 -31.31 19.91
C GLN G 1077 130.31 -31.66 19.77
N LYS G 1078 131.16 -30.93 20.49
CA LYS G 1078 132.61 -31.12 20.40
C LYS G 1078 133.17 -31.66 21.72
N THR G 1079 134.04 -32.66 21.60
CA THR G 1079 134.69 -33.24 22.77
C THR G 1079 136.11 -32.70 22.91
N VAL G 1080 136.34 -31.91 23.95
CA VAL G 1080 137.64 -31.30 24.18
C VAL G 1080 138.42 -32.07 25.25
N ILE G 1081 139.54 -32.67 24.84
CA ILE G 1081 140.37 -33.43 25.76
C ILE G 1081 141.61 -32.61 26.15
N PHE G 1082 141.91 -32.57 27.44
CA PHE G 1082 143.00 -31.74 27.95
C PHE G 1082 144.38 -32.24 27.56
N GLN G 1083 145.14 -31.36 26.90
CA GLN G 1083 146.56 -31.56 26.63
C GLN G 1083 146.82 -32.81 25.77
N LEU G 1084 145.81 -33.20 24.99
CA LEU G 1084 145.91 -34.38 24.12
C LEU G 1084 144.63 -34.54 23.31
N GLU G 1085 144.69 -35.28 22.21
CA GLU G 1085 143.51 -35.57 21.40
C GLU G 1085 143.29 -37.07 21.22
N LYS G 1086 144.11 -37.67 20.36
CA LYS G 1086 144.06 -39.10 20.07
C LYS G 1086 142.67 -39.61 19.67
N ILE G 1087 141.90 -38.75 18.99
CA ILE G 1087 140.47 -38.94 18.67
C ILE G 1087 140.10 -37.82 17.71
N ASP G 1088 139.01 -38.00 16.95
CA ASP G 1088 138.54 -36.99 16.02
C ASP G 1088 137.19 -36.44 16.48
N PRO G 1089 137.16 -35.17 16.93
CA PRO G 1089 135.96 -34.53 17.46
C PRO G 1089 134.93 -34.16 16.39
N LEU G 1090 134.54 -35.12 15.56
CA LEU G 1090 133.52 -34.87 14.55
C LEU G 1090 132.26 -35.68 14.82
N GLN G 1091 131.19 -35.00 15.22
CA GLN G 1091 129.91 -35.65 15.51
C GLN G 1091 128.73 -34.82 15.03
N PRO G 1092 128.47 -34.84 13.71
CA PRO G 1092 127.35 -34.10 13.13
C PRO G 1092 126.03 -34.85 13.23
N ASN G 1093 125.50 -35.00 14.46
CA ASN G 1093 124.27 -35.73 14.70
C ASN G 1093 123.09 -35.17 13.89
N ASP G 1094 122.63 -33.98 14.29
CA ASP G 1094 121.48 -33.36 13.65
C ASP G 1094 121.75 -31.90 13.33
N GLN G 1095 120.89 -31.30 12.50
CA GLN G 1095 121.01 -29.89 12.17
C GLN G 1095 120.14 -29.03 13.08
N TRP G 1096 119.40 -29.68 13.97
CA TRP G 1096 118.64 -28.97 15.00
C TRP G 1096 119.57 -28.62 16.16
N PRO G 1097 119.50 -27.37 16.63
CA PRO G 1097 120.44 -26.84 17.63
C PRO G 1097 120.46 -27.63 18.94
N LEU G 1098 121.65 -27.80 19.50
CA LEU G 1098 121.84 -28.56 20.74
C LEU G 1098 122.06 -27.67 21.95
N MET G 1099 121.43 -28.03 23.06
CA MET G 1099 121.73 -27.42 24.36
C MET G 1099 121.72 -28.52 25.42
N MET G 1100 122.75 -28.54 26.26
CA MET G 1100 123.00 -29.70 27.10
C MET G 1100 123.18 -29.42 28.59
N ASP G 1101 122.80 -30.41 29.39
CA ASP G 1101 123.05 -30.41 30.83
C ASP G 1101 123.74 -31.72 31.22
N VAL G 1102 124.03 -31.87 32.50
CA VAL G 1102 124.66 -33.10 32.99
C VAL G 1102 124.24 -33.37 34.44
N SER G 1103 124.07 -34.65 34.78
CA SER G 1103 123.71 -35.01 36.15
C SER G 1103 124.91 -35.54 36.92
N THR G 1104 125.27 -36.80 36.67
CA THR G 1104 126.50 -37.34 37.25
C THR G 1104 127.36 -38.07 36.22
N LYS G 1105 126.92 -39.27 35.83
CA LYS G 1105 127.66 -40.09 34.88
C LYS G 1105 127.14 -39.91 33.45
N TYR G 1106 126.00 -39.24 33.32
CA TYR G 1106 125.32 -39.16 32.03
C TYR G 1106 125.32 -37.76 31.44
N ALA G 1107 125.74 -37.66 30.18
CA ALA G 1107 125.66 -36.41 29.45
C ALA G 1107 124.27 -36.26 28.82
N SER G 1108 123.59 -35.18 29.18
CA SER G 1108 122.22 -34.98 28.72
C SER G 1108 122.15 -33.97 27.58
N LEU G 1109 121.81 -34.45 26.39
CA LEU G 1109 121.70 -33.60 25.22
C LEU G 1109 120.24 -33.31 24.87
N GLN G 1110 119.85 -32.04 24.97
CA GLN G 1110 118.52 -31.61 24.57
C GLN G 1110 118.57 -30.92 23.21
N GLU G 1111 118.00 -31.57 22.21
CA GLU G 1111 118.01 -31.06 20.85
C GLU G 1111 116.70 -30.36 20.50
N GLY G 1112 116.57 -29.94 19.25
CA GLY G 1112 115.35 -29.35 18.75
C GLY G 1112 114.37 -30.42 18.31
N GLN G 1113 114.78 -31.68 18.46
CA GLN G 1113 113.95 -32.81 18.08
C GLN G 1113 113.67 -33.71 19.28
N TYR G 1114 114.72 -34.33 19.81
CA TYR G 1114 114.59 -35.23 20.95
C TYR G 1114 115.69 -35.02 21.98
N ILE G 1115 115.64 -35.79 23.05
CA ILE G 1115 116.65 -35.71 24.11
C ILE G 1115 117.39 -37.03 24.22
N ILE G 1116 118.71 -36.99 24.05
CA ILE G 1116 119.52 -38.21 24.06
C ILE G 1116 120.55 -38.18 25.19
N LEU G 1117 120.80 -39.35 25.77
CA LEU G 1117 121.74 -39.46 26.88
C LEU G 1117 122.98 -40.26 26.47
N PHE G 1118 124.15 -39.78 26.88
CA PHE G 1118 125.40 -40.50 26.63
C PHE G 1118 126.03 -41.03 27.91
N SER G 1119 126.72 -42.15 27.78
CA SER G 1119 127.44 -42.75 28.90
C SER G 1119 128.95 -42.59 28.71
N ASP G 1120 129.57 -41.81 29.57
CA ASP G 1120 131.00 -41.53 29.46
C ASP G 1120 131.85 -42.77 29.73
N HIS G 1121 132.75 -43.08 28.82
CA HIS G 1121 133.66 -44.21 28.97
C HIS G 1121 134.74 -43.89 30.00
N GLY G 1122 135.19 -42.64 29.99
CA GLY G 1122 136.21 -42.18 30.92
C GLY G 1122 136.27 -40.67 30.99
N VAL G 1123 136.77 -40.16 32.10
CA VAL G 1123 136.88 -38.71 32.30
C VAL G 1123 138.07 -38.13 31.55
N CYS G 1124 139.05 -38.98 31.26
CA CYS G 1124 140.25 -38.56 30.55
C CYS G 1124 139.97 -38.32 29.07
N HIS G 1125 139.29 -39.27 28.45
CA HIS G 1125 138.97 -39.18 27.02
C HIS G 1125 137.62 -39.80 26.71
N LEU G 1126 136.90 -39.21 25.77
CA LEU G 1126 135.59 -39.71 25.36
C LEU G 1126 135.60 -40.13 23.89
N ASP G 1127 135.43 -41.42 23.66
CA ASP G 1127 135.43 -41.95 22.30
C ASP G 1127 134.04 -42.44 21.87
N ILE G 1128 133.52 -43.46 22.55
CA ILE G 1128 132.22 -44.02 22.22
C ILE G 1128 131.17 -43.62 23.25
N ALA G 1129 129.93 -43.45 22.80
CA ALA G 1129 128.83 -43.06 23.68
C ALA G 1129 127.62 -43.96 23.48
N ASN G 1130 127.24 -44.67 24.54
CA ASN G 1130 126.11 -45.58 24.49
C ASN G 1130 124.78 -44.88 24.76
N PRO G 1131 123.85 -44.96 23.79
CA PRO G 1131 122.52 -44.36 23.93
C PRO G 1131 121.67 -45.06 24.98
N SER G 1132 120.89 -44.29 25.74
CA SER G 1132 120.07 -44.86 26.80
C SER G 1132 118.59 -44.47 26.64
N ALA G 1133 118.30 -43.19 26.82
CA ALA G 1133 116.93 -42.71 26.77
C ALA G 1133 116.72 -41.68 25.66
N PHE G 1134 115.93 -42.05 24.66
CA PHE G 1134 115.57 -41.13 23.58
C PHE G 1134 114.11 -41.27 23.21
N VAL G 1135 113.41 -40.14 23.14
CA VAL G 1135 111.99 -40.14 22.80
C VAL G 1135 111.59 -38.83 22.12
N LYS G 1136 110.63 -38.90 21.20
CA LYS G 1136 110.12 -37.70 20.53
C LYS G 1136 108.90 -37.17 21.25
N PRO G 1137 109.02 -35.98 21.87
CA PRO G 1137 107.95 -35.37 22.67
C PRO G 1137 106.82 -34.79 21.82
N LYS G 1138 105.89 -34.11 22.48
CA LYS G 1138 104.74 -33.51 21.82
C LYS G 1138 105.14 -32.31 20.97
N ASP G 1139 104.27 -31.92 20.05
CA ASP G 1139 104.52 -30.78 19.17
C ASP G 1139 104.68 -29.49 19.96
N SER G 1140 105.39 -28.52 19.38
CA SER G 1140 105.79 -27.30 20.08
C SER G 1140 106.60 -27.66 21.31
N GLU G 1141 107.79 -28.19 21.08
CA GLU G 1141 108.64 -28.75 22.13
C GLU G 1141 109.22 -27.68 23.04
N GLU G 1142 109.61 -28.09 24.24
CA GLU G 1142 110.19 -27.17 25.22
C GLU G 1142 111.63 -26.82 24.87
N TYR G 1143 111.98 -25.55 25.05
CA TYR G 1143 113.33 -25.06 24.78
C TYR G 1143 114.38 -25.77 25.63
N ILE G 1144 114.35 -25.53 26.94
CA ILE G 1144 115.37 -26.07 27.83
C ILE G 1144 114.80 -26.44 29.20
N VAL G 1145 115.31 -27.52 29.78
CA VAL G 1145 114.89 -27.96 31.10
C VAL G 1145 116.10 -28.11 32.02
N GLY G 1146 115.88 -28.65 33.21
CA GLY G 1146 116.96 -28.82 34.17
C GLY G 1146 116.76 -30.04 35.07
N PHE G 1147 117.84 -30.46 35.72
CA PHE G 1147 117.83 -31.64 36.57
C PHE G 1147 118.25 -31.31 38.00
N ASP G 1148 117.93 -32.21 38.93
CA ASP G 1148 118.29 -32.04 40.33
C ASP G 1148 119.67 -32.59 40.63
N LEU G 1149 120.03 -32.60 41.91
CA LEU G 1149 121.32 -33.14 42.35
C LEU G 1149 121.11 -34.32 43.29
N LYS G 1150 122.05 -35.26 43.28
CA LYS G 1150 121.98 -36.47 44.09
C LYS G 1150 120.72 -37.28 43.80
N ASN G 1151 120.19 -37.12 42.59
CA ASN G 1151 118.99 -37.83 42.17
C ASN G 1151 119.20 -38.52 40.83
N SER G 1152 119.46 -37.72 39.79
CA SER G 1152 119.69 -38.21 38.44
C SER G 1152 118.53 -39.03 37.90
N LEU G 1153 117.41 -38.37 37.68
CA LEU G 1153 116.22 -39.02 37.12
C LEU G 1153 115.86 -38.41 35.77
N LEU G 1154 114.79 -38.92 35.16
CA LEU G 1154 114.33 -38.42 33.88
C LEU G 1154 113.23 -37.38 34.07
N PHE G 1155 113.43 -36.21 33.46
CA PHE G 1155 112.45 -35.13 33.57
C PHE G 1155 112.17 -34.50 32.21
N LEU G 1156 110.90 -34.54 31.80
CA LEU G 1156 110.48 -33.90 30.56
C LEU G 1156 109.19 -33.12 30.79
N ALA G 1157 109.25 -31.81 30.57
CA ALA G 1157 108.10 -30.95 30.81
C ALA G 1157 107.73 -30.14 29.57
N TYR G 1158 106.47 -30.19 29.18
CA TYR G 1158 105.98 -29.43 28.05
C TYR G 1158 105.99 -27.94 28.40
N GLU G 1159 106.06 -27.08 27.38
CA GLU G 1159 106.30 -25.66 27.63
C GLU G 1159 105.07 -24.91 28.15
N ASN G 1160 103.88 -25.33 27.76
CA ASN G 1160 102.68 -24.58 28.10
C ASN G 1160 101.84 -25.20 29.21
N ASN G 1161 101.88 -24.57 30.38
CA ASN G 1161 100.95 -24.84 31.48
C ASN G 1161 100.92 -26.27 32.00
N ILE G 1162 101.99 -27.03 31.75
CA ILE G 1162 102.09 -28.37 32.33
C ILE G 1162 103.56 -28.80 32.51
N ILE G 1163 103.84 -29.46 33.63
CA ILE G 1163 105.17 -30.03 33.87
C ILE G 1163 105.05 -31.43 34.44
N ASP G 1164 105.89 -32.34 33.95
CA ASP G 1164 105.80 -33.74 34.33
C ASP G 1164 107.12 -34.31 34.80
N VAL G 1165 107.08 -35.08 35.88
CA VAL G 1165 108.25 -35.78 36.40
C VAL G 1165 108.18 -37.26 36.03
N PHE G 1166 109.24 -37.76 35.41
CA PHE G 1166 109.25 -39.14 34.92
C PHE G 1166 110.26 -40.01 35.66
N ARG G 1167 110.32 -41.28 35.27
CA ARG G 1167 111.29 -42.22 35.81
C ARG G 1167 112.30 -42.56 34.72
N LEU G 1168 113.54 -42.84 35.12
CA LEU G 1168 114.62 -43.04 34.16
C LEU G 1168 114.32 -44.14 33.14
N ILE G 1169 114.38 -45.40 33.59
CA ILE G 1169 114.04 -46.60 32.80
C ILE G 1169 114.55 -46.49 31.36
N PHE G 1170 113.70 -46.79 30.39
CA PHE G 1170 113.99 -46.49 28.99
C PHE G 1170 113.34 -45.16 28.64
N SER G 1171 112.02 -45.16 28.49
CA SER G 1171 111.26 -43.93 28.34
C SER G 1171 109.86 -44.08 28.93
N CYS G 1172 109.38 -43.05 29.60
CA CYS G 1172 108.02 -43.06 30.12
C CYS G 1172 107.27 -41.76 29.83
N ASN G 1173 106.23 -41.86 29.00
CA ASN G 1173 105.33 -40.74 28.77
C ASN G 1173 104.05 -40.87 29.60
N GLN G 1174 103.97 -41.93 30.38
CA GLN G 1174 102.74 -42.27 31.10
C GLN G 1174 102.63 -41.60 32.46
N LEU G 1175 101.49 -40.98 32.72
CA LEU G 1175 101.19 -40.37 34.01
C LEU G 1175 99.83 -40.86 34.50
N ARG G 1176 98.78 -40.50 33.76
CA ARG G 1176 97.42 -40.94 34.01
C ARG G 1176 96.91 -40.60 35.41
N TYR G 1177 96.18 -41.55 36.01
CA TYR G 1177 95.55 -41.33 37.30
C TYR G 1177 96.38 -41.88 38.47
N GLU G 1178 97.53 -42.46 38.14
CA GLU G 1178 98.42 -43.02 39.16
C GLU G 1178 98.82 -41.99 40.19
N GLN G 1179 99.55 -40.97 39.75
CA GLN G 1179 99.97 -39.88 40.62
C GLN G 1179 99.86 -38.54 39.91
N ILE G 1180 99.82 -37.46 40.68
CA ILE G 1180 99.78 -36.11 40.12
C ILE G 1180 101.10 -35.39 40.39
N CYS G 1181 101.81 -35.02 39.32
CA CYS G 1181 103.12 -34.40 39.47
C CYS G 1181 103.06 -32.88 39.28
N GLU G 1182 103.22 -32.16 40.39
CA GLU G 1182 103.25 -30.70 40.43
C GLU G 1182 102.07 -30.09 39.67
N GLU G 1183 102.35 -28.97 38.99
CA GLU G 1183 101.41 -28.17 38.19
C GLU G 1183 102.18 -27.04 37.53
N GLU G 1184 101.61 -26.46 36.48
CA GLU G 1184 102.13 -25.21 35.93
C GLU G 1184 100.98 -24.25 35.65
N ILE G 1185 100.91 -23.15 36.41
CA ILE G 1185 99.81 -22.20 36.24
C ILE G 1185 100.18 -20.93 35.46
N ALA G 1186 101.44 -20.77 35.10
CA ALA G 1186 101.87 -19.50 34.52
C ALA G 1186 102.69 -19.64 33.23
N GLN G 1187 103.89 -20.20 33.37
CA GLN G 1187 104.89 -20.20 32.31
C GLN G 1187 104.37 -20.80 31.00
N LYS G 1188 104.72 -20.15 29.89
CA LYS G 1188 104.34 -20.62 28.56
C LYS G 1188 105.56 -20.71 27.63
N ALA G 1189 106.23 -19.59 27.39
CA ALA G 1189 107.40 -19.55 26.53
C ALA G 1189 108.67 -19.38 27.35
N LYS G 1190 109.77 -19.93 26.84
CA LYS G 1190 111.09 -19.82 27.47
C LYS G 1190 111.14 -20.35 28.89
N ILE G 1191 110.72 -21.60 29.10
CA ILE G 1191 110.93 -22.26 30.38
C ILE G 1191 112.44 -22.40 30.59
N SER G 1192 112.89 -22.26 31.84
CA SER G 1192 114.32 -22.15 32.08
C SER G 1192 114.96 -23.37 32.71
N TYR G 1193 114.79 -23.54 34.02
CA TYR G 1193 115.58 -24.50 34.79
C TYR G 1193 114.84 -25.05 36.02
N LEU G 1194 115.60 -25.78 36.82
CA LEU G 1194 115.20 -26.22 38.16
C LEU G 1194 116.37 -26.97 38.79
N VAL G 1195 116.38 -27.05 40.13
CA VAL G 1195 117.51 -27.62 40.85
C VAL G 1195 117.09 -28.35 42.13
N ALA G 1196 118.03 -29.10 42.69
CA ALA G 1196 117.83 -29.70 44.01
C ALA G 1196 117.70 -28.63 45.07
N THR G 1197 117.08 -28.98 46.19
CA THR G 1197 116.77 -28.04 47.24
C THR G 1197 116.70 -28.72 48.60
N ASP G 1198 116.14 -28.02 49.58
CA ASP G 1198 115.97 -28.56 50.93
C ASP G 1198 114.89 -29.65 50.87
N ASP G 1199 114.52 -30.19 52.03
CA ASP G 1199 113.69 -31.38 52.13
C ASP G 1199 112.49 -31.41 51.18
N GLY G 1200 111.57 -30.46 51.34
CA GLY G 1200 110.37 -30.44 50.52
C GLY G 1200 110.61 -30.23 49.04
N THR G 1201 110.12 -31.18 48.24
CA THR G 1201 110.05 -31.13 46.77
C THR G 1201 111.30 -30.59 46.05
N MET G 1202 111.09 -29.75 45.04
CA MET G 1202 112.18 -29.19 44.24
C MET G 1202 111.79 -27.82 43.67
N LEU G 1203 112.78 -26.96 43.44
CA LEU G 1203 112.53 -25.58 43.03
C LEU G 1203 112.93 -25.30 41.59
N ALA G 1204 112.13 -24.47 40.91
CA ALA G 1204 112.42 -24.04 39.54
C ALA G 1204 112.63 -22.52 39.52
N MET G 1205 113.32 -22.02 38.50
CA MET G 1205 113.71 -20.61 38.50
C MET G 1205 113.59 -19.89 37.15
N GLY G 1206 114.08 -18.66 37.15
CA GLY G 1206 114.14 -17.80 35.98
C GLY G 1206 113.02 -16.77 35.93
N PHE G 1207 113.37 -15.57 35.47
CA PHE G 1207 112.40 -14.49 35.31
C PHE G 1207 111.93 -14.26 33.88
N GLU G 1208 112.47 -15.03 32.94
CA GLU G 1208 112.21 -14.77 31.52
C GLU G 1208 110.77 -15.10 31.12
N ASN G 1209 110.09 -14.12 30.53
CA ASN G 1209 108.73 -14.26 30.04
C ASN G 1209 107.76 -14.81 31.09
N GLY G 1210 107.95 -14.41 32.34
CA GLY G 1210 107.12 -14.89 33.42
C GLY G 1210 107.84 -14.88 34.75
N THR G 1211 107.38 -15.71 35.67
CA THR G 1211 107.99 -15.81 36.99
C THR G 1211 108.39 -17.23 37.33
N LEU G 1212 108.98 -17.42 38.51
CA LEU G 1212 109.37 -18.74 38.98
C LEU G 1212 108.40 -19.23 40.04
N GLU G 1213 108.14 -20.54 40.05
CA GLU G 1213 107.14 -21.10 40.95
C GLU G 1213 107.62 -22.37 41.64
N LEU G 1214 106.94 -22.73 42.73
CA LEU G 1214 107.27 -23.92 43.51
C LEU G 1214 106.08 -24.86 43.62
N PHE G 1215 106.32 -26.14 43.38
CA PHE G 1215 105.28 -27.16 43.49
C PHE G 1215 105.84 -28.46 44.05
N ALA G 1216 104.95 -29.35 44.48
CA ALA G 1216 105.35 -30.59 45.14
C ALA G 1216 105.20 -31.78 44.20
N VAL G 1217 106.06 -32.79 44.40
CA VAL G 1217 106.04 -33.99 43.57
C VAL G 1217 104.70 -34.70 43.59
N GLU G 1218 104.24 -35.08 44.79
CA GLU G 1218 102.98 -35.82 44.92
C GLU G 1218 101.80 -34.92 45.27
N ASN G 1219 102.06 -33.64 45.46
CA ASN G 1219 101.02 -32.71 45.91
C ASN G 1219 101.20 -31.30 45.33
N ARG G 1220 100.44 -30.35 45.84
CA ARG G 1220 100.61 -28.95 45.47
C ARG G 1220 100.93 -28.11 46.70
N LYS G 1221 101.84 -27.15 46.55
CA LYS G 1221 102.26 -26.32 47.66
C LYS G 1221 102.43 -24.86 47.27
N VAL G 1222 102.95 -24.06 48.20
CA VAL G 1222 103.13 -22.63 48.00
C VAL G 1222 104.27 -22.38 47.01
N GLN G 1223 104.28 -21.20 46.40
CA GLN G 1223 105.32 -20.84 45.43
C GLN G 1223 106.09 -19.60 45.89
N LEU G 1224 107.27 -19.39 45.32
CA LEU G 1224 108.18 -18.35 45.79
C LEU G 1224 107.83 -16.95 45.29
N ILE G 1225 108.76 -16.03 45.49
CA ILE G 1225 108.56 -14.60 45.22
C ILE G 1225 108.38 -14.25 43.75
N TYR G 1226 107.85 -13.05 43.51
CA TYR G 1226 107.71 -12.52 42.15
C TYR G 1226 109.05 -12.30 41.50
N SER G 1227 109.05 -12.19 40.18
CA SER G 1227 110.16 -11.53 39.49
C SER G 1227 110.29 -10.15 40.12
N ILE G 1228 111.51 -9.74 40.41
CA ILE G 1228 111.76 -8.59 41.30
C ILE G 1228 110.92 -7.36 40.97
N GLU G 1229 111.26 -6.66 39.91
CA GLU G 1229 110.38 -5.61 39.39
C GLU G 1229 110.26 -5.65 37.87
N GLU G 1230 111.36 -5.35 37.21
CA GLU G 1230 111.38 -5.13 35.77
C GLU G 1230 111.27 -6.43 34.97
N VAL G 1231 110.85 -6.30 33.72
CA VAL G 1231 110.85 -7.42 32.78
C VAL G 1231 112.17 -7.43 32.03
N HIS G 1232 112.27 -8.29 31.02
CA HIS G 1232 113.47 -8.41 30.20
C HIS G 1232 114.69 -8.72 31.06
N GLU G 1233 114.72 -9.95 31.60
CA GLU G 1233 115.79 -10.39 32.48
C GLU G 1233 117.14 -10.35 31.76
N HIS G 1234 118.20 -10.07 32.51
CA HIS G 1234 119.54 -9.98 31.94
C HIS G 1234 120.02 -11.34 31.44
N CYS G 1235 121.06 -11.32 30.59
CA CYS G 1235 121.52 -12.50 29.86
C CYS G 1235 121.68 -13.75 30.71
N ILE G 1236 122.26 -13.62 31.90
CA ILE G 1236 122.40 -14.76 32.80
C ILE G 1236 121.23 -14.82 33.79
N ARG G 1237 120.41 -15.85 33.66
CA ARG G 1237 119.23 -16.03 34.50
C ARG G 1237 119.50 -16.95 35.67
N GLN G 1238 120.74 -17.40 35.80
CA GLN G 1238 121.13 -18.33 36.87
C GLN G 1238 120.94 -17.72 38.25
N LEU G 1239 120.51 -18.54 39.19
CA LEU G 1239 120.30 -18.10 40.58
C LEU G 1239 121.46 -18.52 41.46
N LEU G 1240 121.75 -17.70 42.47
CA LEU G 1240 122.92 -17.92 43.33
C LEU G 1240 122.54 -18.72 44.57
N PHE G 1241 123.04 -19.96 44.64
CA PHE G 1241 122.71 -20.83 45.77
C PHE G 1241 123.72 -21.96 45.97
N SER G 1242 123.74 -22.48 47.20
CA SER G 1242 124.38 -23.75 47.51
C SER G 1242 123.28 -24.77 47.79
N PRO G 1243 123.31 -25.92 47.10
CA PRO G 1243 122.12 -26.79 47.07
C PRO G 1243 121.65 -27.30 48.44
N CYS G 1244 122.55 -27.85 49.27
CA CYS G 1244 122.16 -28.28 50.60
C CYS G 1244 122.45 -27.21 51.66
N LYS G 1245 123.23 -26.21 51.28
CA LYS G 1245 123.65 -25.15 52.21
C LYS G 1245 122.82 -23.87 52.08
N LEU G 1246 121.78 -23.91 51.26
CA LEU G 1246 121.08 -22.70 50.85
C LEU G 1246 120.61 -21.81 51.99
N LEU G 1247 121.05 -20.56 51.94
CA LEU G 1247 120.64 -19.54 52.89
C LEU G 1247 120.23 -18.27 52.15
N LEU G 1248 121.20 -17.65 51.49
CA LEU G 1248 120.96 -16.42 50.72
C LEU G 1248 120.43 -16.71 49.32
N ILE G 1249 119.55 -15.83 48.84
CA ILE G 1249 119.02 -15.90 47.48
C ILE G 1249 119.10 -14.54 46.82
N SER G 1250 119.78 -14.46 45.67
CA SER G 1250 120.00 -13.18 45.01
C SER G 1250 119.39 -13.13 43.60
N CYS G 1251 118.48 -12.18 43.40
CA CYS G 1251 117.86 -11.97 42.09
C CYS G 1251 117.64 -10.49 41.80
N ALA G 1252 117.98 -10.07 40.59
CA ALA G 1252 117.79 -8.68 40.17
C ALA G 1252 117.76 -8.58 38.64
N GLU G 1253 117.25 -7.46 38.13
CA GLU G 1253 117.23 -7.22 36.70
C GLU G 1253 118.30 -6.24 36.26
N GLN G 1254 118.09 -4.95 36.53
CA GLN G 1254 119.01 -3.92 36.05
C GLN G 1254 119.57 -3.04 37.17
N LEU G 1255 118.74 -2.14 37.68
CA LEU G 1255 119.18 -1.10 38.61
C LEU G 1255 118.93 -1.51 40.07
N CYS G 1256 118.39 -2.71 40.26
CA CYS G 1256 117.99 -3.18 41.58
C CYS G 1256 119.13 -3.17 42.60
N PHE G 1257 118.78 -2.93 43.86
CA PHE G 1257 119.74 -2.84 44.95
C PHE G 1257 120.14 -4.22 45.46
N TRP G 1258 120.80 -4.25 46.62
CA TRP G 1258 121.28 -5.50 47.23
C TRP G 1258 120.19 -6.55 47.32
N ASN G 1259 120.51 -7.76 46.88
CA ASN G 1259 119.53 -8.83 46.70
C ASN G 1259 119.41 -9.78 47.89
N VAL G 1260 120.17 -9.52 48.95
CA VAL G 1260 120.29 -10.47 50.05
C VAL G 1260 118.95 -10.79 50.73
N THR G 1261 118.64 -12.08 50.77
CA THR G 1261 117.47 -12.60 51.48
C THR G 1261 117.85 -13.93 52.14
N HIS G 1262 117.62 -14.05 53.44
CA HIS G 1262 118.02 -15.26 54.14
C HIS G 1262 116.90 -15.81 55.03
N MET G 1263 117.18 -16.94 55.68
CA MET G 1263 116.23 -17.57 56.58
C MET G 1263 116.83 -17.70 57.98
N ARG G 1264 115.96 -17.75 58.98
CA ARG G 1264 116.40 -17.84 60.37
C ARG G 1264 116.35 -19.28 60.87
N HIS H 8 6.40 45.74 15.37
CA HIS H 8 7.72 45.14 15.33
C HIS H 8 8.80 46.18 15.33
N GLN H 9 8.49 47.33 14.74
CA GLN H 9 9.50 48.09 14.04
C GLN H 9 10.73 48.28 14.90
N TYR H 10 11.87 47.94 14.32
CA TYR H 10 13.13 47.99 15.02
C TYR H 10 13.56 49.44 15.15
N GLN H 11 14.68 49.66 15.81
CA GLN H 11 15.07 50.97 16.26
C GLN H 11 16.57 51.10 16.08
N TYR H 12 17.03 52.19 15.49
CA TYR H 12 18.40 52.23 14.97
C TYR H 12 19.40 51.70 15.99
N LYS H 13 19.30 52.16 17.24
CA LYS H 13 20.30 51.70 18.21
C LYS H 13 20.18 50.21 18.46
N ASP H 14 19.04 49.61 18.15
CA ASP H 14 19.00 48.16 18.18
C ASP H 14 19.88 47.58 17.10
N ILE H 15 19.64 48.00 15.87
CA ILE H 15 20.21 47.34 14.72
C ILE H 15 21.61 47.83 14.45
N LEU H 16 21.94 49.06 14.84
CA LEU H 16 23.17 49.68 14.37
C LEU H 16 24.37 48.81 14.63
N SER H 17 24.40 48.16 15.78
CA SER H 17 25.59 47.40 16.15
C SER H 17 25.86 46.24 15.22
N VAL H 18 24.97 45.95 14.28
CA VAL H 18 25.15 44.70 13.55
C VAL H 18 26.32 44.86 12.61
N PHE H 19 26.14 45.61 11.54
CA PHE H 19 27.20 45.71 10.56
C PHE H 19 28.20 46.71 11.09
N GLU H 20 29.44 46.25 11.20
CA GLU H 20 30.58 47.07 11.54
C GLU H 20 31.63 46.99 10.44
N ASP H 21 32.01 45.78 10.05
CA ASP H 21 33.15 45.59 9.17
C ASP H 21 33.13 46.58 8.03
N ALA H 22 32.04 46.60 7.28
CA ALA H 22 31.86 47.63 6.28
C ALA H 22 32.07 49.00 6.91
N PHE H 23 31.37 49.26 8.01
CA PHE H 23 31.48 50.53 8.68
C PHE H 23 32.89 50.72 9.22
N VAL H 24 33.52 49.62 9.62
CA VAL H 24 34.90 49.67 10.09
C VAL H 24 35.82 50.16 8.98
N ASP H 25 35.99 49.33 7.97
CA ASP H 25 37.09 49.45 7.03
C ASP H 25 37.11 50.80 6.33
N ASN H 26 36.07 51.07 5.54
CA ASN H 26 36.08 52.14 4.57
C ASN H 26 35.77 53.49 5.18
N PHE H 27 35.61 53.57 6.49
CA PHE H 27 35.30 54.82 7.16
C PHE H 27 36.11 54.98 8.43
N ASP H 28 36.53 56.22 8.70
CA ASP H 28 37.25 56.55 9.92
C ASP H 28 36.59 57.75 10.55
N CYS H 29 36.43 57.71 11.87
CA CYS H 29 35.84 58.85 12.57
C CYS H 29 36.62 60.13 12.32
N LYS H 30 37.92 60.09 12.53
CA LYS H 30 38.74 61.30 12.40
C LYS H 30 38.47 62.00 11.08
N ASP H 31 38.11 61.23 10.05
CA ASP H 31 37.81 61.78 8.74
C ASP H 31 36.79 62.89 8.91
N VAL H 32 35.83 62.67 9.79
CA VAL H 32 34.71 63.58 9.93
C VAL H 32 34.54 63.95 11.39
N GLN H 33 34.77 65.22 11.71
CA GLN H 33 34.10 65.83 12.85
C GLN H 33 33.22 66.93 12.25
N ASP H 34 31.95 66.61 12.03
CA ASP H 34 30.97 67.65 11.81
C ASP H 34 30.42 68.15 13.13
N MET H 35 30.13 67.21 14.03
CA MET H 35 29.89 67.48 15.43
C MET H 35 28.72 68.41 15.71
N PRO H 36 27.51 68.09 15.28
CA PRO H 36 26.37 68.79 15.87
C PRO H 36 26.35 68.46 17.35
N LYS H 37 26.34 69.50 18.17
CA LYS H 37 26.82 69.32 19.53
C LYS H 37 25.91 68.43 20.36
N SER H 38 24.61 68.44 20.10
CA SER H 38 23.72 67.58 20.88
C SER H 38 24.05 66.12 20.65
N ILE H 39 24.45 65.76 19.44
CA ILE H 39 24.53 64.36 19.12
C ILE H 39 25.82 63.75 19.68
N LEU H 40 26.87 64.55 19.81
CA LEU H 40 28.12 64.11 20.40
C LEU H 40 28.71 65.27 21.16
N SER H 41 29.18 65.03 22.37
CA SER H 41 29.83 66.16 23.01
C SER H 41 31.20 66.39 22.38
N LYS H 42 31.84 67.48 22.79
CA LYS H 42 33.17 67.74 22.28
C LYS H 42 34.14 66.70 22.81
N GLU H 43 34.20 66.56 24.13
CA GLU H 43 35.04 65.56 24.76
C GLU H 43 34.87 64.18 24.12
N GLU H 44 33.67 63.88 23.65
CA GLU H 44 33.42 62.60 23.03
C GLU H 44 34.41 62.39 21.89
N ILE H 45 34.22 63.15 20.82
CA ILE H 45 35.07 62.95 19.66
C ILE H 45 36.50 63.35 19.98
N ASP H 46 36.67 64.17 21.02
CA ASP H 46 38.02 64.39 21.53
C ASP H 46 38.66 63.06 21.89
N HIS H 47 37.88 62.15 22.46
CA HIS H 47 38.42 60.88 22.92
C HIS H 47 38.58 59.87 21.80
N ILE H 48 37.63 59.83 20.86
CA ILE H 48 37.64 58.77 19.87
C ILE H 48 38.92 58.79 19.06
N ILE H 49 39.21 59.94 18.44
CA ILE H 49 40.34 59.99 17.51
C ILE H 49 41.63 59.57 18.19
N MET H 50 41.71 59.77 19.51
CA MET H 50 42.90 59.38 20.24
C MET H 50 43.22 57.90 20.10
N SER H 51 42.25 57.08 19.71
CA SER H 51 42.52 55.66 19.54
C SER H 51 43.47 55.45 18.38
N LYS H 52 44.22 54.35 18.44
CA LYS H 52 45.38 54.21 17.56
C LYS H 52 45.02 53.54 16.23
N ASP H 53 43.85 52.93 16.14
CA ASP H 53 43.52 52.20 14.93
C ASP H 53 42.02 52.03 14.80
N ALA H 54 41.61 51.74 13.56
CA ALA H 54 40.19 51.60 13.25
C ALA H 54 39.50 50.62 14.18
N VAL H 55 40.04 49.40 14.27
CA VAL H 55 39.40 48.37 15.08
C VAL H 55 39.17 48.86 16.49
N SER H 56 40.04 49.74 16.97
CA SER H 56 39.69 50.53 18.13
C SER H 56 38.82 51.71 17.76
N GLY H 57 39.23 52.44 16.72
CA GLY H 57 38.58 53.69 16.42
C GLY H 57 37.11 53.52 16.11
N THR H 58 36.80 52.74 15.07
CA THR H 58 35.41 52.53 14.72
C THR H 58 34.65 51.99 15.91
N LEU H 59 35.30 51.21 16.74
CA LEU H 59 34.58 50.54 17.80
C LEU H 59 34.09 51.54 18.82
N ARG H 60 34.99 52.34 19.39
CA ARG H 60 34.57 53.22 20.48
C ARG H 60 33.45 54.12 20.03
N LEU H 61 33.29 54.30 18.72
CA LEU H 61 32.15 55.05 18.24
C LEU H 61 30.86 54.44 18.75
N PHE H 62 30.58 53.20 18.35
CA PHE H 62 29.30 52.60 18.66
C PHE H 62 29.00 52.70 20.15
N TRP H 63 29.90 52.21 20.99
CA TRP H 63 29.65 52.25 22.41
C TRP H 63 29.30 53.62 22.91
N THR H 64 29.79 54.66 22.26
CA THR H 64 29.31 55.96 22.64
C THR H 64 27.86 56.15 22.22
N LEU H 65 27.56 55.91 20.95
CA LEU H 65 26.21 56.12 20.47
C LEU H 65 25.20 55.33 21.27
N LEU H 66 25.40 54.03 21.40
CA LEU H 66 24.39 53.19 22.03
C LEU H 66 24.11 53.58 23.47
N SER H 67 24.90 54.47 24.04
CA SER H 67 24.65 54.99 25.36
C SER H 67 23.73 56.20 25.35
N LYS H 68 23.14 56.52 24.21
CA LYS H 68 22.37 57.73 24.08
C LYS H 68 20.93 57.39 23.71
N GLN H 69 20.07 58.39 23.85
CA GLN H 69 18.68 58.20 23.48
C GLN H 69 18.51 58.20 21.97
N GLU H 70 17.49 57.49 21.53
CA GLU H 70 17.34 57.12 20.12
C GLU H 70 17.28 58.32 19.19
N GLU H 71 16.70 59.44 19.63
CA GLU H 71 16.61 60.61 18.78
C GLU H 71 17.96 60.97 18.19
N MET H 72 18.97 61.11 19.04
CA MET H 72 20.30 61.46 18.57
C MET H 72 20.74 60.51 17.46
N VAL H 73 20.76 59.22 17.77
CA VAL H 73 21.05 58.23 16.75
C VAL H 73 20.13 58.42 15.57
N GLN H 74 18.83 58.52 15.83
CA GLN H 74 17.87 58.73 14.76
C GLN H 74 18.29 59.88 13.87
N LYS H 75 18.92 60.89 14.46
CA LYS H 75 19.47 61.93 13.61
C LYS H 75 20.79 61.52 13.01
N PHE H 76 21.56 60.69 13.70
CA PHE H 76 22.89 60.38 13.22
C PHE H 76 22.84 59.61 11.92
N VAL H 77 21.89 58.70 11.79
CA VAL H 77 21.78 57.96 10.56
C VAL H 77 21.44 58.89 9.41
N GLU H 78 20.80 60.01 9.70
CA GLU H 78 20.59 61.04 8.69
C GLU H 78 21.83 61.87 8.45
N GLU H 79 22.59 62.16 9.51
CA GLU H 79 23.70 63.08 9.41
C GLU H 79 24.76 62.58 8.41
N VAL H 80 24.96 61.27 8.33
CA VAL H 80 25.96 60.74 7.41
C VAL H 80 25.64 61.11 5.98
N LEU H 81 24.34 61.14 5.65
CA LEU H 81 23.91 61.56 4.32
C LEU H 81 24.56 62.86 3.89
N ARG H 82 24.48 63.89 4.74
CA ARG H 82 25.04 65.18 4.39
C ARG H 82 26.53 65.08 4.16
N ILE H 83 27.19 64.15 4.81
CA ILE H 83 28.62 63.96 4.59
C ILE H 83 28.75 63.41 3.18
N ASN H 84 29.95 63.53 2.61
CA ASN H 84 30.17 63.13 1.23
C ASN H 84 29.61 61.74 0.96
N TYR H 85 29.75 60.83 1.91
CA TYR H 85 29.43 59.45 1.66
C TYR H 85 28.11 59.10 2.31
N LYS H 86 27.09 58.89 1.50
CA LYS H 86 25.88 58.24 1.96
C LYS H 86 25.87 56.75 1.65
N PHE H 87 26.79 56.26 0.82
CA PHE H 87 26.68 54.87 0.38
C PHE H 87 26.58 53.94 1.57
N LEU H 88 27.23 54.31 2.65
CA LEU H 88 27.19 53.54 3.87
C LEU H 88 25.80 53.50 4.49
N MET H 89 25.05 54.59 4.36
CA MET H 89 23.77 54.62 5.06
C MET H 89 22.63 54.08 4.22
N SER H 90 22.85 53.73 2.97
CA SER H 90 21.72 53.10 2.30
C SER H 90 21.45 51.73 2.91
N PRO H 91 22.46 50.89 3.17
CA PRO H 91 22.13 49.62 3.80
C PRO H 91 21.46 49.79 5.13
N ILE H 92 22.02 50.65 5.99
CA ILE H 92 21.46 50.84 7.31
C ILE H 92 20.02 51.28 7.24
N LYS H 93 19.59 51.80 6.12
CA LYS H 93 18.20 52.12 5.94
C LYS H 93 17.41 50.89 5.56
N THR H 94 18.05 49.73 5.47
CA THR H 94 17.34 48.48 5.34
C THR H 94 16.95 47.87 6.67
N GLU H 95 17.13 48.62 7.76
CA GLU H 95 16.30 48.40 8.92
C GLU H 95 14.86 48.15 8.51
N GLN H 96 14.23 49.17 7.97
CA GLN H 96 12.80 49.20 7.85
C GLN H 96 12.30 48.07 6.97
N ARG H 97 11.44 47.24 7.54
CA ARG H 97 10.85 46.08 6.88
C ARG H 97 11.91 45.19 6.27
N GLN H 98 13.15 45.32 6.71
CA GLN H 98 14.03 44.31 6.19
C GLN H 98 15.11 43.96 7.20
N PRO H 99 14.76 43.44 8.36
CA PRO H 99 15.77 42.70 9.12
C PRO H 99 16.13 41.49 8.29
N SER H 100 17.42 41.31 8.07
CA SER H 100 17.76 40.13 7.30
C SER H 100 17.43 38.89 8.11
N MET H 101 16.87 37.89 7.41
CA MET H 101 16.30 36.74 8.07
C MET H 101 17.25 36.17 9.11
N MET H 102 18.53 36.28 8.86
CA MET H 102 19.50 36.08 9.93
C MET H 102 19.30 37.08 11.05
N THR H 103 19.52 38.35 10.77
CA THR H 103 19.78 39.34 11.81
C THR H 103 18.78 39.23 12.95
N ARG H 104 17.53 38.91 12.64
CA ARG H 104 16.57 38.78 13.72
C ARG H 104 17.04 37.78 14.76
N MET H 105 17.70 36.72 14.32
CA MET H 105 18.26 35.79 15.29
C MET H 105 19.11 36.52 16.30
N TYR H 106 20.09 37.26 15.82
CA TYR H 106 20.90 38.11 16.69
C TYR H 106 20.00 39.01 17.52
N ILE H 107 19.37 39.98 16.87
CA ILE H 107 18.72 41.06 17.59
C ILE H 107 17.76 40.50 18.62
N GLU H 108 17.22 39.32 18.38
CA GLU H 108 16.50 38.66 19.45
C GLU H 108 17.46 38.30 20.56
N GLN H 109 18.47 37.52 20.25
CA GLN H 109 19.10 36.76 21.30
C GLN H 109 19.78 37.64 22.32
N ARG H 110 20.45 38.69 21.90
CA ARG H 110 21.06 39.57 22.87
C ARG H 110 20.06 39.99 23.93
N ASP H 111 18.80 40.13 23.57
CA ASP H 111 17.82 40.41 24.59
C ASP H 111 17.75 39.27 25.59
N ARG H 112 17.59 38.04 25.12
CA ARG H 112 17.66 36.92 26.04
C ARG H 112 19.00 36.91 26.76
N LEU H 113 19.99 37.59 26.22
CA LEU H 113 21.21 37.78 26.99
C LEU H 113 21.05 38.90 28.01
N TYR H 114 20.53 40.05 27.59
CA TYR H 114 20.28 41.09 28.58
C TYR H 114 19.28 40.68 29.63
N ASN H 115 18.53 39.61 29.44
CA ASN H 115 17.64 39.24 30.52
C ASN H 115 18.37 38.50 31.61
N ASP H 116 19.69 38.46 31.50
CA ASP H 116 20.55 38.53 32.66
C ASP H 116 20.34 39.83 33.44
N ASN H 117 19.55 40.77 32.91
CA ASN H 117 19.11 41.98 33.61
C ASN H 117 20.21 42.83 34.17
N GLN H 118 20.33 42.91 35.49
CA GLN H 118 21.10 43.96 36.12
C GLN H 118 22.35 44.25 35.34
N VAL H 119 22.93 43.17 34.88
CA VAL H 119 24.30 43.13 34.46
C VAL H 119 24.61 44.30 33.56
N PHE H 120 24.18 44.22 32.34
CA PHE H 120 24.47 45.29 31.43
C PHE H 120 23.33 46.26 31.36
N ALA H 121 22.29 45.99 32.14
CA ALA H 121 21.16 46.88 32.21
C ALA H 121 21.66 48.28 32.51
N LYS H 122 22.06 48.49 33.74
CA LYS H 122 22.63 49.79 34.10
C LYS H 122 24.13 49.74 33.89
N TYR H 123 24.80 48.94 34.66
CA TYR H 123 26.18 49.17 34.98
C TYR H 123 27.06 48.36 34.05
N ASN H 124 27.83 49.07 33.24
CA ASN H 124 29.22 48.75 32.99
C ASN H 124 29.70 49.80 32.04
N VAL H 125 30.99 50.01 32.02
CA VAL H 125 31.60 50.71 30.91
C VAL H 125 32.58 49.72 30.29
N SER H 126 32.06 48.91 29.38
CA SER H 126 32.85 48.19 28.40
C SER H 126 34.19 47.71 28.93
N ARG H 127 35.20 47.90 28.09
CA ARG H 127 36.61 48.15 28.33
C ARG H 127 37.16 48.04 26.93
N LEU H 128 38.43 48.30 26.71
CA LEU H 128 38.89 48.08 25.35
C LEU H 128 39.91 46.96 25.31
N GLN H 129 41.08 47.17 25.87
CA GLN H 129 42.13 46.17 25.77
C GLN H 129 41.64 44.77 26.12
N PRO H 130 41.12 44.52 27.31
CA PRO H 130 40.76 43.14 27.63
C PRO H 130 39.72 42.62 26.68
N TYR H 131 38.78 43.47 26.31
CA TYR H 131 37.86 43.10 25.26
C TYR H 131 38.63 42.64 24.05
N LEU H 132 39.50 43.50 23.54
CA LEU H 132 40.00 43.32 22.20
C LEU H 132 40.81 42.05 22.03
N LYS H 133 41.76 41.79 22.92
CA LYS H 133 42.48 40.52 22.85
C LYS H 133 41.50 39.38 22.79
N LEU H 134 40.44 39.44 23.58
CA LEU H 134 39.63 38.26 23.72
C LEU H 134 38.90 37.94 22.43
N ARG H 135 38.20 38.93 21.86
CA ARG H 135 37.50 38.64 20.62
C ARG H 135 38.44 38.03 19.62
N GLN H 136 39.64 38.55 19.53
CA GLN H 136 40.67 37.97 18.71
C GLN H 136 40.75 36.47 18.91
N ALA H 137 41.08 36.04 20.12
CA ALA H 137 41.17 34.62 20.37
C ALA H 137 39.83 33.95 20.15
N LEU H 138 38.81 34.39 20.89
CA LEU H 138 37.56 33.66 20.90
C LEU H 138 36.91 33.62 19.52
N LEU H 139 37.34 34.47 18.61
CA LEU H 139 36.90 34.27 17.24
C LEU H 139 37.53 33.04 16.63
N GLU H 140 38.77 32.73 17.00
CA GLU H 140 39.50 31.69 16.29
C GLU H 140 39.07 30.28 16.68
N LEU H 141 39.07 29.97 17.96
CA LEU H 141 39.25 28.60 18.41
C LEU H 141 38.29 27.63 17.73
N ARG H 142 38.80 26.45 17.45
CA ARG H 142 38.10 25.40 16.73
C ARG H 142 37.66 24.32 17.72
N PRO H 143 36.91 23.32 17.32
CA PRO H 143 36.07 22.65 18.32
C PRO H 143 36.75 21.64 19.21
N ALA H 144 37.94 21.90 19.68
CA ALA H 144 38.28 21.56 21.06
C ALA H 144 39.38 22.49 21.49
N LYS H 145 39.10 23.42 22.38
CA LYS H 145 40.06 24.43 22.76
C LYS H 145 39.53 25.09 24.02
N ASN H 146 40.21 26.14 24.46
CA ASN H 146 39.78 26.83 25.65
C ASN H 146 40.31 28.24 25.61
N VAL H 147 39.69 29.12 26.36
CA VAL H 147 40.29 30.39 26.70
C VAL H 147 40.06 30.61 28.17
N LEU H 148 41.14 30.65 28.93
CA LEU H 148 40.94 31.04 30.30
C LEU H 148 40.68 32.52 30.39
N ILE H 149 40.03 32.91 31.46
CA ILE H 149 40.08 34.27 31.91
C ILE H 149 40.40 34.23 33.38
N ASP H 150 41.59 34.70 33.74
CA ASP H 150 41.99 34.71 35.12
C ASP H 150 41.92 36.11 35.68
N GLY H 151 41.42 36.20 36.90
CA GLY H 151 41.47 37.46 37.60
C GLY H 151 41.45 37.25 39.09
N VAL H 152 42.04 38.21 39.78
CA VAL H 152 41.95 38.24 41.22
C VAL H 152 40.55 38.64 41.64
N LEU H 153 40.23 38.43 42.91
CA LEU H 153 38.85 38.53 43.38
C LEU H 153 38.20 39.80 42.87
N GLY H 154 36.98 39.64 42.40
CA GLY H 154 36.39 40.69 41.60
C GLY H 154 37.11 40.81 40.29
N SER H 155 37.58 42.01 39.99
CA SER H 155 38.30 42.31 38.75
C SER H 155 37.48 41.97 37.52
N GLY H 156 36.17 41.86 37.68
CA GLY H 156 35.24 41.86 36.59
C GLY H 156 35.51 40.92 35.44
N LYS H 157 35.79 39.67 35.73
CA LYS H 157 35.93 38.74 34.63
C LYS H 157 34.57 38.34 34.08
N THR H 158 33.62 38.00 34.96
CA THR H 158 32.32 37.54 34.51
C THR H 158 31.66 38.51 33.55
N TRP H 159 32.06 39.77 33.56
CA TRP H 159 31.45 40.74 32.69
C TRP H 159 32.13 40.77 31.35
N VAL H 160 33.42 41.10 31.32
CA VAL H 160 34.15 41.00 30.07
C VAL H 160 33.88 39.68 29.39
N ALA H 161 33.67 38.64 30.19
CA ALA H 161 33.12 37.40 29.68
C ALA H 161 31.89 37.67 28.83
N LEU H 162 30.82 38.14 29.45
CA LEU H 162 29.62 38.41 28.69
C LEU H 162 29.93 39.31 27.52
N ASP H 163 30.37 40.54 27.81
CA ASP H 163 30.30 41.61 26.84
C ASP H 163 30.80 41.19 25.48
N VAL H 164 31.95 40.53 25.41
CA VAL H 164 32.39 40.08 24.10
C VAL H 164 31.42 39.10 23.50
N CYS H 165 30.88 38.19 24.29
CA CYS H 165 29.91 37.24 23.78
C CYS H 165 28.66 37.91 23.26
N LEU H 166 28.47 39.19 23.56
CA LEU H 166 27.35 39.92 23.01
C LEU H 166 27.63 40.43 21.61
N SER H 167 28.89 40.70 21.28
CA SER H 167 29.19 41.40 20.04
C SER H 167 28.86 40.52 18.84
N TYR H 168 28.23 41.15 17.85
CA TYR H 168 27.67 40.41 16.73
C TYR H 168 28.65 39.42 16.14
N LYS H 169 29.73 39.92 15.59
CA LYS H 169 30.58 39.09 14.74
C LYS H 169 30.93 37.78 15.41
N VAL H 170 31.10 37.79 16.73
CA VAL H 170 31.12 36.54 17.47
C VAL H 170 29.83 35.79 17.26
N GLN H 171 28.73 36.38 17.73
CA GLN H 171 27.47 35.68 17.84
C GLN H 171 27.10 34.99 16.55
N CYS H 172 27.56 35.51 15.43
CA CYS H 172 27.29 34.88 14.14
C CYS H 172 28.25 33.73 13.89
N LYS H 173 29.48 33.86 14.35
CA LYS H 173 30.45 32.79 14.16
C LYS H 173 29.97 31.51 14.79
N MET H 174 29.32 31.60 15.93
CA MET H 174 29.00 30.44 16.73
C MET H 174 27.58 29.96 16.54
N ASP H 175 26.84 30.53 15.62
CA ASP H 175 25.49 30.13 15.28
C ASP H 175 24.53 30.28 16.43
N PHE H 176 24.56 31.40 17.15
CA PHE H 176 23.44 31.80 17.98
C PHE H 176 23.09 30.76 19.01
N LYS H 177 24.03 29.90 19.35
CA LYS H 177 23.86 28.93 20.41
C LYS H 177 24.93 29.22 21.44
N ILE H 178 24.55 29.72 22.60
CA ILE H 178 25.51 29.98 23.66
C ILE H 178 24.88 29.61 24.99
N PHE H 179 25.53 28.73 25.73
CA PHE H 179 24.94 28.16 26.91
C PHE H 179 25.74 28.57 28.13
N TRP H 180 25.04 29.14 29.10
CA TRP H 180 25.71 29.64 30.29
C TRP H 180 25.50 28.65 31.40
N LEU H 181 26.50 28.51 32.27
CA LEU H 181 26.34 27.77 33.50
C LEU H 181 26.94 28.55 34.64
N ASN H 182 26.87 27.97 35.83
CA ASN H 182 27.68 28.40 36.94
C ASN H 182 28.11 27.18 37.70
N LEU H 183 29.40 27.04 37.88
CA LEU H 183 29.89 26.04 38.79
C LEU H 183 30.05 26.61 40.17
N LYS H 184 29.55 27.81 40.39
CA LYS H 184 29.73 28.57 41.61
C LYS H 184 29.59 27.71 42.85
N ASN H 185 28.64 26.79 42.84
CA ASN H 185 28.63 25.71 43.81
C ASN H 185 28.85 24.44 43.01
N CYS H 186 30.07 23.93 43.03
CA CYS H 186 30.35 22.62 42.44
C CYS H 186 31.34 21.89 43.33
N ASN H 187 30.90 20.82 43.95
CA ASN H 187 31.78 19.98 44.75
C ASN H 187 31.18 18.59 44.77
N SER H 188 32.02 17.56 44.80
CA SER H 188 31.56 16.20 44.99
C SER H 188 30.76 15.74 43.79
N PRO H 189 30.59 14.45 43.58
CA PRO H 189 29.83 14.00 42.43
C PRO H 189 28.41 14.52 42.39
N GLU H 190 27.68 14.46 43.51
CA GLU H 190 26.27 14.80 43.49
C GLU H 190 26.05 16.14 42.80
N THR H 191 26.60 17.20 43.35
CA THR H 191 26.36 18.52 42.82
C THR H 191 26.65 18.57 41.32
N VAL H 192 27.79 18.01 40.90
CA VAL H 192 28.12 18.02 39.48
C VAL H 192 26.95 17.50 38.67
N LEU H 193 26.42 16.34 39.06
CA LEU H 193 25.30 15.78 38.32
C LEU H 193 24.23 16.82 38.10
N GLU H 194 23.88 17.54 39.15
CA GLU H 194 22.90 18.60 39.00
C GLU H 194 23.36 19.56 37.93
N MET H 195 24.37 20.36 38.26
CA MET H 195 24.68 21.50 37.41
C MET H 195 25.09 21.02 36.04
N LEU H 196 25.38 19.73 35.91
CA LEU H 196 25.46 19.14 34.59
C LEU H 196 24.09 18.88 34.03
N GLN H 197 23.21 18.27 34.81
CA GLN H 197 21.98 17.81 34.23
C GLN H 197 21.15 18.97 33.72
N LYS H 198 21.22 20.12 34.40
CA LYS H 198 20.57 21.30 33.85
C LYS H 198 20.99 21.54 32.42
N LEU H 199 22.30 21.57 32.19
CA LEU H 199 22.79 21.82 30.84
C LEU H 199 22.11 20.92 29.86
N LEU H 200 21.79 19.69 30.27
CA LEU H 200 21.19 18.78 29.32
C LEU H 200 19.86 19.33 28.80
N TYR H 201 19.01 19.80 29.70
CA TYR H 201 17.69 20.22 29.25
C TYR H 201 17.78 21.35 28.23
N GLN H 202 18.65 22.32 28.48
CA GLN H 202 18.68 23.44 27.55
C GLN H 202 18.98 23.00 26.14
N ILE H 203 19.69 21.89 25.96
CA ILE H 203 20.02 21.49 24.61
C ILE H 203 18.81 20.89 23.92
N ASP H 204 18.16 19.96 24.53
CA ASP H 204 16.93 19.42 23.97
C ASP H 204 15.99 19.23 25.14
N PRO H 205 14.72 19.57 24.99
CA PRO H 205 13.78 19.20 26.06
C PRO H 205 13.26 17.79 25.91
N ASN H 206 14.16 16.84 25.64
CA ASN H 206 13.80 15.45 25.82
C ASN H 206 14.97 14.72 26.44
N TRP H 207 14.80 14.27 27.69
CA TRP H 207 15.72 13.24 28.14
C TRP H 207 14.95 12.26 29.00
N THR H 208 14.95 11.00 28.56
CA THR H 208 14.38 9.92 29.35
C THR H 208 15.46 9.48 30.35
N SER H 209 14.99 9.09 31.52
CA SER H 209 15.82 8.57 32.59
C SER H 209 16.49 7.25 32.23
N ARG H 210 16.24 6.76 31.01
CA ARG H 210 16.35 5.35 30.67
C ARG H 210 17.61 4.69 31.22
N SER H 211 18.74 5.39 31.16
CA SER H 211 19.93 4.85 31.80
C SER H 211 19.67 4.72 33.30
N ASP H 212 19.88 3.51 33.82
CA ASP H 212 19.26 3.13 35.07
C ASP H 212 19.67 4.04 36.22
N HIS H 213 18.84 4.05 37.25
CA HIS H 213 18.96 4.96 38.37
C HIS H 213 19.93 4.38 39.38
N SER H 214 20.70 3.38 38.95
CA SER H 214 21.55 2.59 39.82
C SER H 214 22.34 3.48 40.75
N SER H 215 22.35 3.12 42.03
CA SER H 215 22.75 4.01 43.10
C SER H 215 24.18 4.51 42.95
N ASN H 216 24.94 3.97 42.01
CA ASN H 216 26.30 4.42 41.88
C ASN H 216 26.29 5.75 41.15
N ILE H 217 26.56 6.80 41.92
CA ILE H 217 26.59 8.16 41.41
C ILE H 217 27.72 8.33 40.41
N LYS H 218 28.85 7.70 40.69
CA LYS H 218 30.00 7.84 39.80
C LYS H 218 29.68 7.28 38.43
N LEU H 219 29.12 6.08 38.39
CA LEU H 219 28.70 5.56 37.11
C LEU H 219 27.72 6.50 36.44
N ARG H 220 26.75 6.99 37.18
CA ARG H 220 25.57 7.57 36.58
C ARG H 220 25.93 8.74 35.68
N ILE H 221 26.71 9.70 36.18
CA ILE H 221 27.06 10.82 35.33
C ILE H 221 27.74 10.32 34.09
N HIS H 222 28.64 9.37 34.23
CA HIS H 222 29.41 8.94 33.07
C HIS H 222 28.50 8.34 32.03
N SER H 223 27.26 8.05 32.40
CA SER H 223 26.26 7.75 31.38
C SER H 223 25.73 9.02 30.74
N ILE H 224 25.34 9.99 31.56
CA ILE H 224 24.88 11.25 31.00
C ILE H 224 25.95 11.83 30.11
N GLN H 225 27.13 12.04 30.68
CA GLN H 225 28.22 12.66 29.96
C GLN H 225 28.43 11.98 28.62
N ALA H 226 28.25 10.67 28.56
CA ALA H 226 28.18 10.04 27.25
C ALA H 226 27.05 10.61 26.43
N GLU H 227 25.82 10.36 26.86
CA GLU H 227 24.64 10.74 26.08
C GLU H 227 24.77 12.17 25.58
N LEU H 228 25.33 13.04 26.40
CA LEU H 228 25.62 14.39 25.95
C LEU H 228 26.63 14.38 24.82
N ARG H 229 27.81 13.80 25.07
CA ARG H 229 28.93 13.99 24.15
C ARG H 229 28.51 13.73 22.72
N ARG H 230 27.84 12.61 22.47
CA ARG H 230 27.39 12.35 21.12
C ARG H 230 26.53 13.49 20.63
N LEU H 231 25.45 13.78 21.36
CA LEU H 231 24.45 14.72 20.87
C LEU H 231 25.09 16.03 20.49
N LEU H 232 25.97 16.54 21.33
CA LEU H 232 26.55 17.85 21.08
C LEU H 232 27.23 17.89 19.73
N LYS H 233 28.36 17.22 19.60
CA LYS H 233 29.11 17.31 18.36
C LYS H 233 28.36 16.72 17.19
N SER H 234 27.31 15.95 17.45
CA SER H 234 26.61 15.26 16.38
C SER H 234 26.10 16.23 15.33
N LYS H 235 25.07 16.96 15.66
CA LYS H 235 24.22 17.57 14.67
C LYS H 235 24.62 19.02 14.50
N PRO H 236 23.93 19.77 13.65
CA PRO H 236 23.83 21.20 13.89
C PRO H 236 23.52 21.38 15.37
N TYR H 237 24.03 22.44 15.98
CA TYR H 237 24.82 22.36 17.21
C TYR H 237 26.25 21.92 16.93
N GLU H 238 26.78 22.11 15.73
CA GLU H 238 28.15 21.71 15.52
C GLU H 238 29.11 22.70 16.15
N ASN H 239 28.76 23.98 16.07
CA ASN H 239 29.56 25.02 16.70
C ASN H 239 28.72 25.62 17.81
N CYS H 240 29.07 25.28 19.04
CA CYS H 240 28.47 25.91 20.18
C CYS H 240 29.59 26.24 21.12
N LEU H 241 29.33 27.04 22.14
CA LEU H 241 30.26 27.12 23.23
C LEU H 241 29.51 27.07 24.54
N LEU H 242 29.94 26.18 25.40
CA LEU H 242 29.61 26.33 26.79
C LEU H 242 30.31 27.55 27.31
N VAL H 243 29.86 28.05 28.44
CA VAL H 243 30.66 28.99 29.20
C VAL H 243 30.58 28.55 30.63
N LEU H 244 31.68 28.66 31.34
CA LEU H 244 31.73 28.25 32.73
C LEU H 244 32.15 29.46 33.54
N LEU H 245 31.32 29.85 34.46
CA LEU H 245 31.68 30.97 35.30
C LEU H 245 32.08 30.45 36.66
N ASN H 246 33.22 30.95 37.15
CA ASN H 246 33.68 30.62 38.48
C ASN H 246 33.93 29.13 38.64
N VAL H 247 34.72 28.57 37.73
CA VAL H 247 35.09 27.18 37.90
C VAL H 247 35.75 27.01 39.25
N GLN H 248 35.14 26.20 40.11
CA GLN H 248 35.65 26.03 41.47
C GLN H 248 36.37 24.72 41.79
N ASN H 249 36.19 23.71 40.96
CA ASN H 249 36.85 22.43 41.19
C ASN H 249 37.79 22.11 40.06
N ALA H 250 39.03 21.77 40.39
CA ALA H 250 39.94 21.49 39.36
C ALA H 250 39.60 20.36 38.67
N ALA H 252 36.05 19.19 38.38
CA ALA H 252 34.94 19.74 37.78
C ALA H 252 35.25 19.73 36.37
N TRP H 253 36.12 20.81 36.11
CA TRP H 253 36.44 20.83 34.70
C TRP H 253 36.09 19.51 34.05
N ASN H 254 36.78 18.43 34.47
CA ASN H 254 36.72 17.18 33.73
C ASN H 254 35.32 16.64 33.60
N ALA H 255 34.40 17.21 34.37
CA ALA H 255 33.00 16.98 34.06
C ALA H 255 32.78 17.22 32.58
N PHE H 256 33.02 18.45 32.15
CA PHE H 256 32.46 18.95 30.91
C PHE H 256 33.35 18.75 29.71
N ASN H 257 34.49 18.08 29.86
CA ASN H 257 35.54 18.00 28.85
C ASN H 257 34.98 17.74 27.46
N LEU H 258 33.95 16.92 27.40
CA LEU H 258 33.45 16.33 26.15
C LEU H 258 33.25 17.34 25.03
N SER H 259 33.02 18.60 25.38
CA SER H 259 32.41 19.52 24.45
C SER H 259 33.42 20.08 23.48
N CYS H 260 33.01 21.18 22.87
CA CYS H 260 33.87 22.01 22.09
C CYS H 260 33.83 23.44 22.59
N LYS H 261 34.83 24.21 22.22
CA LYS H 261 34.78 25.66 22.24
C LYS H 261 34.49 26.23 23.62
N ILE H 262 34.77 25.51 24.70
CA ILE H 262 34.31 26.02 25.98
C ILE H 262 35.16 27.20 26.39
N LEU H 263 34.84 27.77 27.54
CA LEU H 263 35.45 29.01 27.99
C LEU H 263 35.40 29.03 29.50
N LEU H 264 36.38 29.66 30.14
CA LEU H 264 36.49 29.56 31.58
C LEU H 264 36.61 30.92 32.22
N THR H 265 36.41 30.92 33.53
CA THR H 265 36.75 32.02 34.40
C THR H 265 37.22 31.40 35.68
N THR H 266 38.25 31.84 36.20
CA THR H 266 38.72 31.21 37.42
C THR H 266 39.49 32.17 38.29
N ARG H 267 39.22 32.11 39.58
CA ARG H 267 40.09 32.73 40.56
C ARG H 267 41.35 31.89 40.75
N PHE H 268 41.18 30.61 41.03
CA PHE H 268 42.23 29.84 41.66
C PHE H 268 43.41 29.62 40.73
N LYS H 269 44.60 29.86 41.26
CA LYS H 269 45.85 29.58 40.58
C LYS H 269 45.89 28.17 40.04
N GLN H 270 45.44 27.20 40.84
CA GLN H 270 45.66 25.81 40.47
C GLN H 270 44.95 25.43 39.18
N VAL H 271 43.91 26.16 38.81
CA VAL H 271 43.31 25.92 37.51
C VAL H 271 44.21 26.44 36.41
N THR H 272 44.42 27.76 36.37
CA THR H 272 45.22 28.33 35.29
C THR H 272 46.58 27.68 35.18
N ASP H 273 47.05 27.03 36.24
CA ASP H 273 48.25 26.23 36.13
C ASP H 273 47.97 24.87 35.52
N PHE H 274 46.85 24.26 35.88
CA PHE H 274 46.51 22.91 35.43
C PHE H 274 46.41 22.85 33.92
N LEU H 275 45.80 23.85 33.31
CA LEU H 275 45.81 23.99 31.86
C LEU H 275 47.19 24.42 31.39
N SER H 276 47.46 24.24 30.11
CA SER H 276 48.75 24.57 29.54
C SER H 276 48.59 25.20 28.16
N ALA H 277 49.49 26.12 27.83
CA ALA H 277 49.32 26.93 26.63
C ALA H 277 49.26 26.09 25.38
N ALA H 278 49.64 24.82 25.47
CA ALA H 278 49.57 23.95 24.30
C ALA H 278 48.18 23.93 23.70
N THR H 279 47.18 23.55 24.50
CA THR H 279 45.85 23.41 23.95
C THR H 279 44.98 24.62 24.25
N THR H 280 45.47 25.57 25.04
CA THR H 280 44.63 26.70 25.42
C THR H 280 45.43 27.98 25.31
N THR H 281 44.73 29.10 25.38
CA THR H 281 45.34 30.41 25.52
C THR H 281 45.09 30.92 26.92
N HIS H 282 45.54 32.13 27.19
CA HIS H 282 45.24 32.81 28.44
C HIS H 282 44.69 34.20 28.14
N ILE H 283 43.90 34.72 29.06
CA ILE H 283 43.71 36.16 29.24
C ILE H 283 43.84 36.43 30.72
N SER H 284 44.86 37.19 31.10
CA SER H 284 45.01 37.55 32.48
C SER H 284 44.44 38.93 32.66
N LEU H 285 43.73 39.15 33.77
CA LEU H 285 43.30 40.51 34.03
C LEU H 285 44.18 41.24 35.03
N ASP H 286 45.21 40.59 35.57
CA ASP H 286 46.13 41.28 36.48
C ASP H 286 47.19 42.06 35.71
N HIS H 287 47.54 41.55 34.54
CA HIS H 287 48.58 42.13 33.72
C HIS H 287 48.26 43.60 33.52
N HIS H 288 49.21 44.45 33.91
CA HIS H 288 48.89 45.84 34.19
C HIS H 288 48.31 46.54 32.97
N SER H 289 48.69 46.09 31.77
CA SER H 289 48.18 46.74 30.57
C SER H 289 46.70 46.46 30.37
N MET H 290 46.20 45.41 31.01
CA MET H 290 44.82 44.99 30.75
C MET H 290 43.83 45.77 31.59
N THR H 291 44.29 46.43 32.65
CA THR H 291 43.36 46.80 33.71
C THR H 291 43.00 48.26 33.91
N LEU H 292 41.70 48.70 33.61
CA LEU H 292 41.07 49.93 34.08
C LEU H 292 42.04 51.12 33.98
N THR H 293 42.21 51.57 32.75
CA THR H 293 42.80 52.86 32.49
C THR H 293 42.12 53.88 33.39
N PRO H 294 42.87 54.68 34.14
CA PRO H 294 42.24 55.60 35.07
C PRO H 294 41.18 56.46 34.43
N ASP H 295 41.26 56.66 33.13
CA ASP H 295 40.18 57.31 32.42
C ASP H 295 38.90 56.51 32.52
N GLU H 296 39.01 55.19 32.54
CA GLU H 296 37.81 54.37 32.65
C GLU H 296 37.11 54.60 33.96
N VAL H 297 37.86 54.55 35.06
CA VAL H 297 37.27 54.68 36.38
C VAL H 297 36.33 55.87 36.43
N LYS H 298 36.73 56.96 35.78
CA LYS H 298 35.83 58.08 35.64
C LYS H 298 34.48 57.64 35.12
N SER H 299 34.45 56.95 33.99
CA SER H 299 33.18 56.60 33.39
C SER H 299 32.39 55.67 34.30
N LEU H 300 33.02 54.60 34.78
CA LEU H 300 32.32 53.71 35.69
C LEU H 300 31.84 54.44 36.93
N LEU H 301 32.77 55.07 37.64
CA LEU H 301 32.39 55.72 38.88
C LEU H 301 31.38 56.82 38.61
N LEU H 302 31.21 57.19 37.35
CA LEU H 302 30.20 58.18 37.02
C LEU H 302 28.80 57.61 37.17
N LYS H 303 28.53 56.49 36.50
CA LYS H 303 27.15 56.09 36.29
C LYS H 303 26.42 55.83 37.59
N TYR H 304 27.14 55.58 38.67
CA TYR H 304 26.45 55.45 39.94
C TYR H 304 26.12 56.80 40.55
N LEU H 305 27.08 57.71 40.56
CA LEU H 305 26.85 58.95 41.29
C LEU H 305 25.98 59.94 40.53
N ASP H 306 25.95 59.88 39.20
CA ASP H 306 25.09 60.74 38.41
C ASP H 306 25.38 62.21 38.66
N CYS H 307 26.64 62.59 38.50
CA CYS H 307 27.06 63.95 38.75
C CYS H 307 28.21 64.31 37.82
N ARG H 308 28.37 65.59 37.60
CA ARG H 308 29.31 66.11 36.63
C ARG H 308 30.73 65.64 36.94
N PRO H 309 31.62 65.67 35.94
CA PRO H 309 33.01 65.25 36.19
C PRO H 309 33.73 66.10 37.22
N GLN H 310 33.21 67.29 37.53
CA GLN H 310 33.73 68.03 38.66
C GLN H 310 33.51 67.28 39.96
N ASP H 311 32.50 66.40 40.00
CA ASP H 311 32.14 65.66 41.19
C ASP H 311 32.84 64.31 41.29
N LEU H 312 33.80 64.08 40.39
CA LEU H 312 34.58 62.84 40.37
C LEU H 312 35.59 62.79 41.51
N PRO H 313 35.87 61.53 42.03
CA PRO H 313 36.86 61.51 43.13
C PRO H 313 38.29 61.84 42.71
N ARG H 314 39.05 62.45 43.61
CA ARG H 314 40.44 62.82 43.36
C ARG H 314 41.39 62.12 44.34
N GLU H 315 42.47 61.54 43.81
CA GLU H 315 43.44 60.83 44.66
C GLU H 315 43.63 59.37 44.24
N VAL H 316 42.80 58.91 43.30
CA VAL H 316 42.84 57.53 42.75
C VAL H 316 42.67 56.41 43.77
N LEU H 317 41.45 55.89 43.83
CA LEU H 317 41.04 54.80 44.73
C LEU H 317 41.54 53.36 44.55
N THR H 318 41.65 52.88 43.31
CA THR H 318 41.98 51.48 43.07
C THR H 318 41.50 51.15 41.67
N THR H 319 41.98 50.09 40.99
CA THR H 319 41.29 49.48 39.87
C THR H 319 40.96 48.07 40.30
N ASN H 320 39.72 47.85 40.71
CA ASN H 320 39.09 46.59 40.65
C ASN H 320 37.69 47.10 40.43
N PRO H 321 36.91 46.49 39.56
CA PRO H 321 35.50 46.86 39.52
C PRO H 321 34.81 46.50 40.82
N ARG H 322 35.00 45.28 41.28
CA ARG H 322 34.54 45.01 42.62
C ARG H 322 35.29 45.90 43.59
N ARG H 323 34.63 46.24 44.69
CA ARG H 323 35.13 47.19 45.68
C ARG H 323 35.15 48.57 45.09
N LEU H 324 35.10 48.68 43.78
CA LEU H 324 34.87 50.02 43.31
C LEU H 324 33.38 50.32 43.36
N SER H 325 32.57 49.35 42.95
CA SER H 325 31.13 49.53 43.03
C SER H 325 30.71 49.83 44.45
N ILE H 326 31.11 48.97 45.40
CA ILE H 326 30.65 49.15 46.77
C ILE H 326 30.84 50.58 47.22
N ILE H 327 32.01 51.16 46.94
CA ILE H 327 32.17 52.59 47.14
C ILE H 327 31.10 53.34 46.38
N ALA H 328 31.12 53.22 45.05
CA ALA H 328 30.20 53.97 44.21
C ALA H 328 28.78 53.79 44.69
N GLU H 329 28.45 52.60 45.15
CA GLU H 329 27.08 52.38 45.60
C GLU H 329 26.86 52.99 46.97
N SER H 330 27.79 52.79 47.89
CA SER H 330 27.60 53.29 49.24
C SER H 330 27.37 54.78 49.24
N ILE H 331 27.88 55.48 48.24
CA ILE H 331 27.68 56.92 48.22
C ILE H 331 26.33 57.29 47.65
N ARG H 332 25.90 56.64 46.56
CA ARG H 332 24.60 56.99 46.01
C ARG H 332 23.50 56.76 47.03
N ASP H 333 23.77 56.01 48.08
CA ASP H 333 22.76 55.75 49.07
C ASP H 333 23.23 56.02 50.48
N GLY H 334 24.12 55.18 50.98
CA GLY H 334 24.38 55.09 52.39
C GLY H 334 25.35 56.16 52.83
N LEU H 335 26.15 55.81 53.82
CA LEU H 335 27.10 56.74 54.40
C LEU H 335 28.34 56.86 53.52
N ALA H 336 29.38 57.45 54.11
CA ALA H 336 30.74 57.66 53.63
C ALA H 336 30.92 58.98 52.89
N THR H 337 29.84 59.72 52.60
CA THR H 337 29.96 61.12 52.20
C THR H 337 30.73 61.26 50.90
N TRP H 338 31.28 60.15 50.44
CA TRP H 338 32.28 60.03 49.38
C TRP H 338 33.59 60.63 49.86
N ASP H 339 33.55 61.43 50.91
CA ASP H 339 34.75 61.96 51.52
C ASP H 339 35.12 61.25 52.84
N ASN H 340 34.27 60.35 53.33
CA ASN H 340 34.46 59.82 54.68
C ASN H 340 35.33 58.57 54.71
N TRP H 341 34.86 57.63 53.88
CA TRP H 341 35.20 56.23 53.76
C TRP H 341 36.50 55.68 54.29
N LYS H 342 36.28 55.04 55.43
CA LYS H 342 37.22 54.26 56.20
C LYS H 342 36.42 52.97 56.37
N HIS H 343 35.15 53.13 56.77
CA HIS H 343 34.21 52.03 56.96
C HIS H 343 33.89 51.29 55.65
N VAL H 344 33.64 52.03 54.56
CA VAL H 344 33.37 51.31 53.30
C VAL H 344 32.52 50.08 53.57
N ASN H 345 31.28 50.29 53.99
CA ASN H 345 30.18 49.32 53.85
C ASN H 345 30.66 47.90 54.14
N CYS H 346 31.33 47.77 55.28
CA CYS H 346 32.12 46.57 55.54
C CYS H 346 31.35 45.31 55.19
N ASP H 347 30.05 45.28 55.49
CA ASP H 347 29.24 44.07 55.35
C ASP H 347 29.41 43.42 53.97
N LYS H 348 28.95 44.09 52.91
CA LYS H 348 29.10 43.53 51.58
C LYS H 348 30.55 43.22 51.29
N LEU H 349 31.41 44.21 51.45
CA LEU H 349 32.84 43.97 51.33
C LEU H 349 33.25 42.76 52.15
N THR H 350 32.83 42.71 53.42
CA THR H 350 33.08 41.51 54.20
C THR H 350 32.39 40.29 53.61
N THR H 351 31.06 40.34 53.46
CA THR H 351 30.32 39.14 53.11
C THR H 351 30.85 38.52 51.84
N ILE H 352 31.39 39.34 50.94
CA ILE H 352 32.04 38.80 49.75
C ILE H 352 33.41 38.25 50.12
N ILE H 353 34.22 39.04 50.80
CA ILE H 353 35.57 38.59 51.10
C ILE H 353 35.53 37.44 52.09
N GLU H 354 34.55 37.44 52.98
CA GLU H 354 34.55 36.43 54.03
C GLU H 354 34.37 35.03 53.45
N SER H 355 33.25 34.80 52.77
CA SER H 355 33.04 33.48 52.19
C SER H 355 34.17 33.14 51.24
N SER H 356 34.75 34.16 50.60
CA SER H 356 35.81 33.93 49.63
C SER H 356 37.00 33.26 50.30
N LEU H 357 37.08 33.34 51.62
CA LEU H 357 38.15 32.64 52.31
C LEU H 357 37.71 31.30 52.84
N ASN H 358 36.44 30.95 52.66
CA ASN H 358 35.89 29.79 53.33
C ASN H 358 36.55 28.49 52.91
N VAL H 359 37.44 28.53 51.92
CA VAL H 359 37.97 27.30 51.36
C VAL H 359 38.94 26.62 52.33
N LEU H 360 39.64 27.39 53.13
CA LEU H 360 40.84 26.91 53.80
C LEU H 360 40.52 26.04 55.01
N GLU H 361 41.54 25.28 55.46
CA GLU H 361 41.50 24.51 56.70
C GLU H 361 41.58 25.44 57.89
N PRO H 362 40.52 25.51 58.71
CA PRO H 362 40.39 26.69 59.59
C PRO H 362 41.50 26.83 60.62
N ALA H 363 41.79 25.78 61.38
CA ALA H 363 42.83 25.89 62.39
C ALA H 363 44.19 25.74 61.74
N GLU H 364 44.32 24.79 60.83
CA GLU H 364 45.50 24.64 60.03
C GLU H 364 45.90 25.93 59.34
N TYR H 365 44.93 26.71 58.86
CA TYR H 365 45.25 27.85 58.02
C TYR H 365 44.58 29.14 58.48
N ARG H 366 43.25 29.20 58.52
CA ARG H 366 42.60 30.48 58.75
C ARG H 366 43.14 31.16 60.00
N LYS H 367 43.68 30.41 60.94
CA LYS H 367 44.48 31.03 61.99
C LYS H 367 45.57 31.89 61.41
N MET H 368 46.08 31.53 60.24
CA MET H 368 47.36 32.07 59.80
C MET H 368 47.25 33.44 59.16
N PHE H 369 46.21 33.69 58.36
CA PHE H 369 45.95 35.07 57.94
C PHE H 369 45.96 36.01 59.12
N ASP H 370 45.23 35.65 60.17
CA ASP H 370 45.13 36.48 61.36
C ASP H 370 46.50 36.97 61.77
N ARG H 371 47.51 36.13 61.64
CA ARG H 371 48.87 36.59 61.84
C ARG H 371 49.24 37.68 60.84
N LEU H 372 48.93 37.48 59.57
CA LEU H 372 49.46 38.37 58.55
C LEU H 372 49.09 39.83 58.78
N SER H 373 48.10 40.11 59.61
CA SER H 373 47.77 41.50 59.90
C SER H 373 48.94 42.24 60.54
N VAL H 374 49.93 41.49 61.03
CA VAL H 374 51.14 42.10 61.59
C VAL H 374 51.76 43.10 60.64
N PHE H 375 51.60 42.88 59.37
CA PHE H 375 52.49 43.55 58.45
C PHE H 375 51.94 44.88 57.98
N PRO H 376 52.79 45.88 57.84
CA PRO H 376 52.39 47.14 57.23
C PRO H 376 52.08 46.93 55.76
N PRO H 377 51.01 47.53 55.26
CA PRO H 377 50.50 47.18 53.93
C PRO H 377 51.50 47.42 52.80
N SER H 378 51.26 46.74 51.68
CA SER H 378 51.88 46.93 50.37
C SER H 378 53.34 46.51 50.29
N ALA H 379 53.99 46.14 51.39
CA ALA H 379 55.42 45.87 51.36
C ALA H 379 55.70 44.45 50.86
N HIS H 380 56.95 44.03 51.02
CA HIS H 380 57.34 42.64 50.87
C HIS H 380 57.74 42.09 52.23
N ILE H 381 57.53 40.80 52.42
CA ILE H 381 57.88 40.15 53.67
C ILE H 381 58.88 39.04 53.39
N PRO H 382 60.07 39.08 53.98
CA PRO H 382 61.01 37.97 53.84
C PRO H 382 60.41 36.69 54.37
N THR H 383 60.45 35.64 53.54
CA THR H 383 59.98 34.33 54.01
C THR H 383 60.71 33.86 55.24
N ILE H 384 62.02 34.01 55.29
CA ILE H 384 62.76 33.67 56.49
C ILE H 384 62.15 34.34 57.70
N LEU H 385 61.85 35.63 57.59
CA LEU H 385 61.18 36.33 58.67
C LEU H 385 59.85 35.68 59.00
N LEU H 386 59.12 35.25 57.97
CA LEU H 386 57.82 34.63 58.17
C LEU H 386 57.89 33.46 59.13
N SER H 387 59.06 32.83 59.24
CA SER H 387 59.16 31.63 60.05
C SER H 387 58.77 31.89 61.50
N LEU H 388 59.02 33.10 61.98
CA LEU H 388 58.79 33.40 63.39
C LEU H 388 57.31 33.38 63.76
N ILE H 389 56.50 34.03 62.94
CA ILE H 389 55.13 34.37 63.31
C ILE H 389 54.36 33.18 63.86
N TRP H 390 54.15 32.16 63.04
CA TRP H 390 53.23 31.12 63.49
C TRP H 390 53.87 30.25 64.55
N PHE H 391 54.80 29.41 64.14
CA PHE H 391 55.45 28.48 65.04
C PHE H 391 54.42 27.55 65.69
N ASP H 392 53.23 27.47 65.11
CA ASP H 392 52.27 26.42 65.47
C ASP H 392 52.55 25.13 64.72
N VAL H 393 52.84 25.25 63.41
CA VAL H 393 53.43 24.18 62.64
C VAL H 393 54.82 24.65 62.23
N ILE H 394 55.72 23.70 62.01
CA ILE H 394 57.14 23.93 62.21
C ILE H 394 57.94 23.69 60.93
N LYS H 395 59.13 24.26 60.89
CA LYS H 395 60.25 23.95 59.97
C LYS H 395 59.85 24.29 58.53
N SER H 396 60.13 23.41 57.57
CA SER H 396 59.94 23.69 56.16
C SER H 396 58.49 24.01 55.82
N ASP H 397 57.57 23.71 56.74
CA ASP H 397 56.16 23.93 56.47
C ASP H 397 55.91 25.35 55.99
N VAL H 398 56.76 26.29 56.39
CA VAL H 398 56.67 27.65 55.88
C VAL H 398 56.50 27.65 54.36
N MET H 399 57.52 27.22 53.64
CA MET H 399 57.40 27.15 52.19
C MET H 399 56.26 26.23 51.80
N VAL H 400 56.00 25.19 52.58
CA VAL H 400 54.83 24.36 52.31
C VAL H 400 53.57 25.18 52.46
N VAL H 401 53.48 25.96 53.54
CA VAL H 401 52.31 26.79 53.75
C VAL H 401 52.09 27.71 52.56
N VAL H 402 53.03 28.65 52.33
CA VAL H 402 52.82 29.66 51.31
C VAL H 402 52.34 29.01 50.04
N ASN H 403 53.01 27.95 49.61
CA ASN H 403 52.53 27.20 48.46
C ASN H 403 51.09 26.76 48.68
N LYS H 404 50.85 25.93 49.68
CA LYS H 404 49.50 25.50 49.98
C LYS H 404 48.56 26.69 50.05
N LEU H 405 49.08 27.80 50.55
CA LEU H 405 48.29 29.01 50.52
C LEU H 405 48.27 29.58 49.11
N HIS H 406 49.45 29.76 48.51
CA HIS H 406 49.57 30.46 47.24
C HIS H 406 48.63 29.93 46.19
N LYS H 407 48.40 28.62 46.15
CA LYS H 407 47.58 28.06 45.10
C LYS H 407 46.22 28.72 45.05
N TYR H 408 45.70 29.12 46.20
CA TYR H 408 44.50 29.94 46.20
C TYR H 408 44.88 31.35 45.83
N SER H 409 44.06 31.98 44.98
CA SER H 409 44.57 33.06 44.14
C SER H 409 45.18 34.15 44.98
N LEU H 410 46.47 34.37 44.76
CA LEU H 410 47.27 35.43 45.38
C LEU H 410 46.89 35.64 46.83
N VAL H 411 46.38 34.60 47.49
CA VAL H 411 46.08 34.80 48.89
C VAL H 411 47.40 34.92 49.63
N GLU H 412 48.46 34.34 49.09
CA GLU H 412 49.80 34.76 49.45
C GLU H 412 50.34 35.88 48.55
N LYS H 413 50.16 35.78 47.23
CA LYS H 413 50.77 36.69 46.24
C LYS H 413 52.30 36.61 46.22
N GLN H 414 52.79 35.55 45.58
CA GLN H 414 54.23 35.31 45.39
C GLN H 414 54.90 36.44 44.62
N PRO H 415 56.16 36.68 45.35
CA PRO H 415 57.16 37.45 44.61
C PRO H 415 58.24 36.53 44.06
N LYS H 416 58.46 35.43 44.76
CA LYS H 416 59.44 34.38 44.44
C LYS H 416 60.92 34.81 44.55
N GLU H 417 61.22 35.83 45.36
CA GLU H 417 62.59 35.99 45.83
C GLU H 417 62.65 36.16 47.35
N SER H 418 63.14 35.11 48.02
CA SER H 418 63.45 35.11 49.46
C SER H 418 62.41 35.77 50.35
N THR H 419 61.14 35.75 49.91
CA THR H 419 60.07 36.54 50.55
C THR H 419 58.68 36.05 50.20
N ILE H 420 57.69 36.74 50.76
CA ILE H 420 56.29 36.63 50.36
C ILE H 420 55.77 38.05 50.17
N SER H 421 54.68 38.20 49.43
CA SER H 421 54.13 39.54 49.18
C SER H 421 52.69 39.65 49.68
N ILE H 422 52.26 40.86 50.02
CA ILE H 422 50.91 41.00 50.54
C ILE H 422 49.93 40.37 49.56
N PRO H 423 48.90 39.63 50.14
CA PRO H 423 47.99 39.01 49.16
C PRO H 423 47.35 40.11 48.35
N SER H 424 46.98 41.20 49.01
CA SER H 424 46.41 42.31 48.27
C SER H 424 45.89 43.27 49.32
N ILE H 425 45.25 44.33 48.87
CA ILE H 425 44.50 45.15 49.80
C ILE H 425 43.35 44.36 50.40
N TYR H 426 42.62 43.63 49.57
CA TYR H 426 41.40 42.96 50.00
C TYR H 426 41.61 42.04 51.17
N LEU H 427 42.28 40.93 50.91
CA LEU H 427 42.41 39.92 51.94
C LEU H 427 43.10 40.49 53.16
N GLU H 428 43.71 41.67 53.01
CA GLU H 428 44.09 42.51 54.13
C GLU H 428 42.92 43.35 54.64
N LEU H 429 42.47 44.06 53.64
CA LEU H 429 41.56 45.13 54.02
C LEU H 429 40.47 44.69 54.99
N LYS H 430 40.21 43.39 55.13
CA LYS H 430 38.96 42.94 55.72
C LYS H 430 38.68 43.55 57.08
N VAL H 431 39.33 43.06 58.14
CA VAL H 431 39.07 43.58 59.47
C VAL H 431 40.27 43.44 60.39
N LYS H 432 40.52 44.47 61.20
CA LYS H 432 40.61 44.28 62.64
C LYS H 432 41.33 43.01 63.07
N LEU H 433 42.67 43.06 63.05
CA LEU H 433 43.55 41.92 63.28
C LEU H 433 43.12 40.99 64.40
N GLU H 434 42.58 41.53 65.49
CA GLU H 434 42.25 40.73 66.67
C GLU H 434 43.47 39.98 67.16
N ASN H 435 43.42 38.65 67.07
CA ASN H 435 44.57 37.78 67.26
C ASN H 435 45.01 37.80 68.72
N GLU H 436 44.41 38.70 69.51
CA GLU H 436 44.47 38.69 70.97
C GLU H 436 45.93 38.75 71.42
N TYR H 437 46.47 37.72 72.08
CA TYR H 437 47.78 37.78 72.70
C TYR H 437 48.88 38.25 71.76
N ALA H 438 48.68 38.05 70.45
CA ALA H 438 49.77 38.07 69.49
C ALA H 438 50.68 39.28 69.64
N LEU H 439 50.09 40.47 69.74
CA LEU H 439 50.77 41.70 69.34
C LEU H 439 52.19 41.83 69.86
N HIS H 440 52.36 42.13 71.16
CA HIS H 440 53.69 42.43 71.69
C HIS H 440 54.73 41.40 71.29
N ARG H 441 54.61 40.18 71.83
CA ARG H 441 55.59 39.13 71.55
C ARG H 441 55.79 38.93 70.06
N SER H 442 54.69 38.93 69.29
CA SER H 442 54.82 38.74 67.84
C SER H 442 55.48 39.95 67.19
N ILE H 443 54.99 41.21 67.57
CA ILE H 443 55.70 42.41 67.10
C ILE H 443 57.05 42.54 67.78
N VAL H 444 57.09 42.42 69.11
CA VAL H 444 58.33 42.49 69.86
C VAL H 444 59.34 41.43 69.39
N ASP H 445 59.02 40.14 69.55
CA ASP H 445 60.02 39.11 69.29
C ASP H 445 60.48 39.12 67.84
N HIS H 446 59.63 39.60 66.92
CA HIS H 446 60.06 39.69 65.54
C HIS H 446 61.10 40.78 65.35
N TYR H 447 61.40 41.53 66.40
CA TYR H 447 62.56 42.40 66.41
C TYR H 447 63.83 41.56 66.49
N ASN H 448 63.68 40.24 66.53
CA ASN H 448 64.75 39.34 66.89
C ASN H 448 66.10 39.69 66.28
N ILE H 449 66.10 40.11 65.01
CA ILE H 449 67.35 40.27 64.28
C ILE H 449 68.37 41.29 64.84
N PRO H 450 68.04 42.59 64.88
CA PRO H 450 69.12 43.60 65.03
C PRO H 450 69.95 43.53 66.30
N LYS H 451 69.32 43.50 67.48
CA LYS H 451 70.03 43.85 68.71
C LYS H 451 71.33 43.08 68.90
N THR H 452 71.32 41.98 68.18
CA THR H 452 72.54 41.19 68.06
C THR H 452 73.67 42.06 67.52
N PHE H 453 73.54 42.51 66.27
CA PHE H 453 74.51 43.46 65.73
C PHE H 453 74.26 44.85 66.31
N ASP H 454 75.29 45.43 66.92
CA ASP H 454 75.15 46.80 67.39
C ASP H 454 76.18 47.71 66.72
N SER H 455 77.44 47.62 67.14
CA SER H 455 78.49 48.50 66.66
C SER H 455 79.71 47.69 66.27
N ASP H 456 80.21 47.92 65.06
CA ASP H 456 81.38 47.22 64.52
C ASP H 456 81.90 47.97 63.30
N ASP H 457 82.88 47.35 62.65
CA ASP H 457 83.52 47.92 61.47
C ASP H 457 82.62 47.77 60.25
N LEU H 458 82.86 48.62 59.25
CA LEU H 458 82.42 48.40 57.88
C LEU H 458 80.89 48.35 57.75
N ILE H 459 80.39 47.40 56.98
CA ILE H 459 78.98 47.33 56.58
C ILE H 459 78.33 46.11 57.21
N PRO H 460 77.32 46.33 58.05
CA PRO H 460 76.68 45.28 58.84
C PRO H 460 75.80 44.26 58.12
N PRO H 461 75.72 43.03 58.75
CA PRO H 461 74.83 42.07 58.06
C PRO H 461 73.45 42.42 58.59
N TYR H 462 72.75 43.21 57.78
CA TYR H 462 71.43 43.73 58.07
C TYR H 462 70.50 43.38 56.92
N LEU H 463 69.23 43.15 57.23
CA LEU H 463 68.42 42.29 56.37
C LEU H 463 67.74 43.09 55.27
N ASP H 464 68.25 42.91 54.06
CA ASP H 464 67.67 43.20 52.74
C ASP H 464 67.06 44.60 52.71
N GLN H 465 65.96 44.75 52.00
CA GLN H 465 65.26 46.02 51.88
C GLN H 465 64.04 46.15 52.76
N TYR H 466 63.66 45.09 53.49
CA TYR H 466 62.50 45.22 54.37
C TYR H 466 62.87 45.97 55.64
N PHE H 467 63.96 45.61 56.29
CA PHE H 467 64.29 46.27 57.56
C PHE H 467 64.51 47.77 57.54
N TYR H 468 65.12 48.26 56.47
CA TYR H 468 65.36 49.67 56.36
C TYR H 468 64.04 50.43 56.39
N SER H 469 62.96 49.80 55.93
CA SER H 469 61.69 50.51 55.88
C SER H 469 60.96 50.42 57.21
N HIS H 470 60.37 49.27 57.48
CA HIS H 470 59.32 49.19 58.48
C HIS H 470 59.78 48.71 59.83
N ILE H 471 61.08 48.47 60.01
CA ILE H 471 61.56 47.96 61.30
C ILE H 471 61.03 48.82 62.43
N GLY H 472 60.87 50.12 62.19
CA GLY H 472 60.30 50.99 63.20
C GLY H 472 58.84 50.67 63.48
N HIS H 473 58.11 50.21 62.47
CA HIS H 473 56.75 49.80 62.76
C HIS H 473 56.71 48.74 63.84
N HIS H 474 57.52 47.71 63.71
CA HIS H 474 57.59 46.73 64.79
C HIS H 474 57.97 47.37 66.11
N LEU H 475 58.70 48.47 66.09
CA LEU H 475 58.96 49.18 67.32
C LEU H 475 57.68 49.76 67.91
N LYS H 476 56.67 50.02 67.08
CA LYS H 476 55.45 50.66 67.56
C LYS H 476 54.85 49.93 68.74
N ASN H 477 55.06 48.63 68.83
CA ASN H 477 54.54 47.84 69.94
C ASN H 477 55.54 47.66 71.06
N ILE H 478 56.70 48.31 71.00
CA ILE H 478 57.77 48.01 71.94
C ILE H 478 57.98 49.21 72.86
N GLU H 479 58.85 49.05 73.86
CA GLU H 479 59.16 50.13 74.78
C GLU H 479 59.81 51.29 74.04
N HIS H 480 59.25 52.48 74.22
CA HIS H 480 59.67 53.66 73.48
C HIS H 480 61.09 54.06 73.87
N PRO H 481 61.41 54.25 75.15
CA PRO H 481 62.82 54.51 75.47
C PRO H 481 63.71 53.41 74.95
N GLU H 482 63.28 52.16 75.10
CA GLU H 482 64.03 51.05 74.53
C GLU H 482 64.14 51.20 73.03
N ARG H 483 63.15 51.81 72.38
CA ARG H 483 63.39 52.11 70.97
C ARG H 483 64.24 53.36 70.84
N MET H 484 63.92 54.42 71.59
CA MET H 484 64.67 55.67 71.46
C MET H 484 66.16 55.42 71.61
N THR H 485 66.51 54.43 72.43
CA THR H 485 67.85 53.83 72.35
C THR H 485 68.12 53.32 70.96
N LEU H 486 67.40 52.27 70.55
CA LEU H 486 67.68 51.52 69.34
C LEU H 486 66.85 51.97 68.15
N PHE H 487 66.04 53.01 68.28
CA PHE H 487 65.32 53.51 67.11
C PHE H 487 66.28 54.06 66.08
N ARG H 488 67.52 54.32 66.49
CA ARG H 488 68.60 54.66 65.59
C ARG H 488 68.30 55.95 64.81
N MET H 489 67.39 56.77 65.34
CA MET H 489 67.61 58.21 65.30
C MET H 489 68.99 58.51 65.84
N VAL H 490 69.33 57.84 66.93
CA VAL H 490 70.64 57.98 67.55
C VAL H 490 71.73 57.48 66.61
N PHE H 491 71.53 56.31 66.03
CA PHE H 491 72.63 55.61 65.36
C PHE H 491 72.73 56.14 63.94
N LEU H 492 73.88 56.74 63.62
CA LEU H 492 74.13 57.25 62.27
C LEU H 492 74.60 56.14 61.34
N ASP H 493 75.19 55.07 61.89
CA ASP H 493 75.74 53.97 61.13
C ASP H 493 74.68 53.27 60.29
N PHE H 494 73.79 52.54 60.94
CA PHE H 494 72.69 51.85 60.24
C PHE H 494 71.91 52.80 59.36
N ARG H 495 71.63 53.99 59.87
CA ARG H 495 70.53 54.79 59.36
C ARG H 495 70.70 55.15 57.89
N PHE H 496 71.88 55.64 57.51
CA PHE H 496 72.12 56.06 56.13
C PHE H 496 71.90 54.93 55.15
N LEU H 497 72.09 53.69 55.58
CA LEU H 497 72.07 52.56 54.67
C LEU H 497 70.71 52.35 54.04
N GLU H 498 69.67 53.00 54.58
CA GLU H 498 68.37 53.00 53.93
C GLU H 498 68.45 53.61 52.53
N GLN H 499 68.67 54.92 52.44
CA GLN H 499 68.72 55.64 51.18
C GLN H 499 69.90 55.22 50.31
N LYS H 500 70.77 54.36 50.82
CA LYS H 500 71.82 53.71 50.06
C LYS H 500 71.28 53.23 48.72
N ILE H 501 70.33 52.31 48.74
CA ILE H 501 69.69 51.76 47.55
C ILE H 501 68.94 52.83 46.77
N ARG H 502 68.55 53.91 47.46
CA ARG H 502 67.67 54.92 46.88
C ARG H 502 68.46 55.77 45.89
N HIS H 503 67.93 55.85 44.68
CA HIS H 503 68.50 56.68 43.64
C HIS H 503 67.38 57.29 42.83
N ASP H 504 67.75 58.09 41.84
CA ASP H 504 66.79 58.60 40.88
C ASP H 504 67.09 58.05 39.50
N SER H 505 66.03 57.67 38.80
CA SER H 505 66.14 57.53 37.36
C SER H 505 66.71 58.78 36.73
N THR H 506 66.22 59.96 37.11
CA THR H 506 66.40 61.17 36.33
C THR H 506 66.90 62.33 37.18
N ALA H 507 67.63 63.23 36.54
CA ALA H 507 68.14 64.49 37.08
C ALA H 507 68.93 64.36 38.38
N TRP H 508 68.79 65.38 39.23
CA TRP H 508 69.49 65.43 40.50
C TRP H 508 68.65 65.09 41.69
N ASN H 509 67.40 64.67 41.43
CA ASN H 509 66.39 64.34 42.42
C ASN H 509 66.10 62.85 42.71
N ALA H 510 64.95 62.60 43.32
CA ALA H 510 64.50 61.26 43.70
C ALA H 510 63.29 60.71 42.92
N SER H 511 63.41 59.43 42.54
CA SER H 511 62.41 58.68 41.78
C SER H 511 62.63 58.90 40.29
N GLY H 512 61.57 58.84 39.51
CA GLY H 512 61.63 58.18 38.24
C GLY H 512 62.02 56.73 38.42
N SER H 513 62.55 56.40 39.59
CA SER H 513 62.89 55.09 40.11
C SER H 513 62.37 55.00 41.52
N ILE H 514 63.06 55.68 42.45
CA ILE H 514 62.87 55.50 43.88
C ILE H 514 63.05 56.82 44.62
N LEU H 515 62.20 57.08 45.63
CA LEU H 515 62.36 58.28 46.44
C LEU H 515 63.56 58.15 47.37
N ASN H 516 64.02 59.29 47.83
CA ASN H 516 65.13 59.39 48.75
C ASN H 516 64.79 60.36 49.86
N THR H 517 63.97 59.92 50.82
CA THR H 517 63.51 60.69 52.01
C THR H 517 62.06 60.78 52.48
N LEU H 518 61.17 61.53 51.82
CA LEU H 518 59.84 61.71 52.46
C LEU H 518 59.47 60.56 53.38
N GLN H 519 59.65 59.33 52.91
CA GLN H 519 59.46 58.18 53.76
C GLN H 519 60.26 58.41 55.01
N GLN H 520 61.57 58.53 54.83
CA GLN H 520 62.43 58.99 55.89
C GLN H 520 61.75 60.14 56.60
N LEU H 521 61.59 61.26 55.90
CA LEU H 521 60.95 62.41 56.51
C LEU H 521 59.66 62.00 57.19
N LYS H 522 58.84 61.23 56.49
CA LYS H 522 57.55 60.83 57.03
C LYS H 522 57.72 60.10 58.36
N PHE H 523 58.80 59.35 58.51
CA PHE H 523 59.06 58.75 59.82
C PHE H 523 59.21 59.82 60.89
N TYR H 524 59.68 61.00 60.51
CA TYR H 524 60.25 61.87 61.51
C TYR H 524 59.19 62.66 62.26
N LYS H 525 58.01 62.81 61.69
CA LYS H 525 56.91 63.40 62.46
C LYS H 525 56.42 62.48 63.55
N PRO H 526 56.01 61.23 63.28
CA PRO H 526 55.44 60.41 64.36
C PRO H 526 56.46 60.01 65.41
N TYR H 527 57.66 59.64 64.99
CA TYR H 527 58.52 58.80 65.81
C TYR H 527 59.31 59.59 66.84
N ILE H 528 59.02 60.88 66.98
CA ILE H 528 59.62 61.72 68.02
C ILE H 528 58.88 61.47 69.34
N CYS H 529 58.05 60.43 69.37
CA CYS H 529 57.05 60.24 70.42
C CYS H 529 57.56 60.57 71.82
N ASP H 530 58.69 59.99 72.21
CA ASP H 530 59.33 60.30 73.49
C ASP H 530 60.73 60.82 73.20
N ASN H 531 60.96 62.11 73.41
CA ASN H 531 62.28 62.72 73.23
C ASN H 531 62.26 64.12 73.85
N ASP H 532 63.41 64.77 73.79
CA ASP H 532 63.61 66.08 74.39
C ASP H 532 64.19 67.03 73.35
N PRO H 533 64.32 68.33 73.63
CA PRO H 533 64.88 69.25 72.63
C PRO H 533 66.21 68.81 72.07
N LYS H 534 67.04 68.15 72.89
CA LYS H 534 68.29 67.57 72.41
C LYS H 534 68.04 66.78 71.14
N TYR H 535 67.33 65.67 71.28
CA TYR H 535 67.07 64.80 70.14
C TYR H 535 66.20 65.51 69.11
N GLU H 536 65.28 66.36 69.57
CA GLU H 536 64.29 66.95 68.68
C GLU H 536 64.93 67.93 67.71
N ARG H 537 65.68 68.90 68.24
CA ARG H 537 66.41 69.79 67.37
C ARG H 537 67.49 69.06 66.59
N LEU H 538 68.07 68.02 67.17
CA LEU H 538 69.00 67.16 66.46
C LEU H 538 68.41 66.71 65.13
N VAL H 539 67.22 66.11 65.16
CA VAL H 539 66.54 65.76 63.92
C VAL H 539 66.22 67.01 63.12
N ASN H 540 65.56 67.98 63.77
CA ASN H 540 65.20 69.22 63.11
C ASN H 540 66.38 69.76 62.32
N ALA H 541 67.54 69.80 62.95
CA ALA H 541 68.76 69.93 62.20
C ALA H 541 68.85 68.92 61.08
N ILE H 542 69.01 67.64 61.41
CA ILE H 542 69.37 66.64 60.41
C ILE H 542 68.49 66.74 59.18
N LEU H 543 67.29 67.25 59.35
CA LEU H 543 66.48 67.64 58.22
C LEU H 543 67.31 68.42 57.20
N ASP H 544 68.21 69.27 57.66
CA ASP H 544 69.12 69.97 56.78
C ASP H 544 69.92 69.04 55.88
N PHE H 545 70.63 68.06 56.46
CA PHE H 545 71.47 67.21 55.64
C PHE H 545 70.68 66.63 54.50
N LEU H 546 69.40 66.41 54.75
CA LEU H 546 68.60 65.60 53.84
C LEU H 546 68.61 66.17 52.43
N PRO H 547 68.27 67.44 52.19
CA PRO H 547 68.72 68.03 50.94
C PRO H 547 70.22 68.05 50.86
N LYS H 548 70.85 68.52 51.93
CA LYS H 548 72.26 68.86 51.89
C LYS H 548 73.10 67.67 51.47
N ILE H 549 72.77 66.48 51.98
CA ILE H 549 73.53 65.30 51.59
C ILE H 549 73.51 65.14 50.07
N GLU H 550 74.60 64.62 49.56
CA GLU H 550 74.81 64.39 48.14
C GLU H 550 74.75 62.90 47.85
N GLU H 551 74.21 62.61 46.66
CA GLU H 551 74.31 61.24 46.16
C GLU H 551 75.58 61.10 45.35
N ASN H 552 76.17 59.91 45.43
CA ASN H 552 77.60 59.70 45.32
C ASN H 552 77.82 58.30 44.80
N LEU H 553 79.04 57.80 44.93
CA LEU H 553 79.17 56.37 45.14
C LEU H 553 78.58 56.06 46.51
N ILE H 554 77.60 55.15 46.53
CA ILE H 554 76.77 55.04 47.71
C ILE H 554 77.52 54.29 48.80
N CYS H 555 77.69 54.95 49.94
CA CYS H 555 78.30 54.39 51.14
C CYS H 555 79.76 54.04 50.90
N SER H 556 80.12 53.88 49.63
CA SER H 556 81.52 53.93 49.27
C SER H 556 81.80 55.39 49.04
N LYS H 557 82.59 55.97 49.92
CA LYS H 557 82.36 57.34 50.38
C LYS H 557 81.02 57.41 51.12
N TYR H 558 81.09 56.89 52.34
CA TYR H 558 80.20 57.27 53.43
C TYR H 558 80.88 58.27 54.36
N THR H 559 82.12 58.65 54.08
CA THR H 559 83.04 59.16 55.08
C THR H 559 82.73 60.56 55.59
N ASP H 560 82.67 61.85 54.84
CA ASP H 560 82.21 63.23 55.02
C ASP H 560 80.98 63.39 55.91
N LEU H 561 79.96 62.58 55.68
CA LEU H 561 78.67 62.70 56.38
C LEU H 561 78.83 62.79 57.91
N LEU H 562 79.60 61.84 58.46
CA LEU H 562 79.84 61.76 59.89
C LEU H 562 80.33 63.08 60.49
N ARG H 563 81.38 63.63 59.89
CA ARG H 563 82.03 64.81 60.44
C ARG H 563 81.27 66.10 60.10
N ILE H 564 80.58 66.11 58.96
CA ILE H 564 79.82 67.29 58.57
C ILE H 564 78.46 67.31 59.28
N ALA H 565 78.18 66.24 60.02
CA ALA H 565 77.05 66.26 60.93
C ALA H 565 77.36 67.19 62.11
N LEU H 566 78.64 67.52 62.25
CA LEU H 566 79.12 68.36 63.35
C LEU H 566 79.26 69.83 62.99
N MET H 567 78.87 70.20 61.77
CA MET H 567 78.94 71.60 61.33
C MET H 567 78.27 72.53 62.33
N ALA H 568 76.96 72.42 62.45
CA ALA H 568 76.25 73.06 63.56
C ALA H 568 75.89 71.97 64.56
N GLU H 569 76.55 71.98 65.71
CA GLU H 569 76.48 70.84 66.62
C GLU H 569 75.71 71.12 67.90
N ASP H 570 74.49 70.59 67.97
CA ASP H 570 73.78 70.41 69.22
C ASP H 570 73.91 68.96 69.65
N GLU H 571 74.62 68.18 68.84
CA GLU H 571 74.58 66.72 68.91
C GLU H 571 75.80 66.10 69.58
N ALA H 572 75.55 65.09 70.41
CA ALA H 572 76.61 64.29 71.03
C ALA H 572 76.87 63.03 70.21
N ILE H 573 76.21 62.93 69.06
CA ILE H 573 76.25 61.74 68.22
C ILE H 573 77.67 61.26 67.86
N PHE H 574 78.48 62.15 67.30
CA PHE H 574 79.82 61.77 66.86
C PHE H 574 80.70 61.43 68.06
N GLU H 575 80.38 62.00 69.21
CA GLU H 575 81.09 61.69 70.45
C GLU H 575 80.75 60.26 70.88
N GLU H 576 79.56 59.81 70.50
CA GLU H 576 79.15 58.44 70.77
C GLU H 576 79.68 57.53 69.65
N ALA H 577 80.13 58.14 68.56
CA ALA H 577 80.72 57.41 67.45
C ALA H 577 82.21 57.18 67.69
N HIS H 578 82.67 57.61 68.85
CA HIS H 578 84.08 57.45 69.25
C HIS H 578 84.47 55.99 69.41
N LYS H 579 83.47 55.11 69.49
CA LYS H 579 83.71 53.68 69.66
C LYS H 579 83.76 52.96 68.32
N GLN H 580 83.57 53.71 67.24
CA GLN H 580 83.56 53.14 65.89
C GLN H 580 84.53 53.86 64.94
N VAL H 581 84.34 55.16 64.75
CA VAL H 581 85.04 55.93 63.72
C VAL H 581 86.58 55.85 63.82
N GLN H 582 87.09 55.50 64.99
CA GLN H 582 88.54 55.50 65.23
C GLN H 582 89.22 54.14 65.03
N ARG H 583 88.49 53.13 64.56
CA ARG H 583 88.96 51.76 64.70
C ARG H 583 90.08 51.39 63.73
N PHE H 584 91.25 51.10 64.30
CA PHE H 584 92.44 50.58 63.62
C PHE H 584 92.81 51.29 62.32
N ASP H 585 93.34 50.52 61.38
CA ASP H 585 93.63 51.01 60.02
C ASP H 585 92.57 50.54 59.04
N ASP H 586 91.63 49.73 59.52
CA ASP H 586 90.67 49.07 58.65
C ASP H 586 89.64 50.05 58.11
N ARG H 587 88.81 50.59 59.00
CA ARG H 587 87.86 51.62 58.63
C ARG H 587 88.56 52.97 58.83
N VAL H 588 87.81 54.07 58.75
CA VAL H 588 88.39 55.40 58.69
C VAL H 588 89.21 55.77 59.93
N TRP H 589 90.09 56.75 59.76
CA TRP H 589 90.88 57.29 60.85
C TRP H 589 90.41 58.72 61.09
N PHE H 590 90.97 59.41 62.08
CA PHE H 590 90.45 60.73 62.42
C PHE H 590 91.01 61.77 61.44
N THR H 591 90.10 62.36 60.68
CA THR H 591 90.39 63.30 59.59
C THR H 591 89.16 64.16 59.38
N ASN H 592 89.10 64.88 58.26
CA ASN H 592 87.81 65.35 57.74
C ASN H 592 87.22 66.52 58.53
N HIS H 593 87.98 67.03 59.50
CA HIS H 593 87.51 67.90 60.58
C HIS H 593 86.46 68.94 60.17
N GLY H 594 86.76 69.79 59.21
CA GLY H 594 85.79 70.81 58.82
C GLY H 594 85.64 71.91 59.85
N ARG H 595 84.43 72.08 60.40
CA ARG H 595 84.11 73.22 61.26
C ARG H 595 84.23 74.52 60.45
N PHE H 596 83.17 74.79 59.68
CA PHE H 596 83.13 75.80 58.62
C PHE H 596 84.08 75.44 57.48
N HIS H 597 83.71 74.38 56.77
CA HIS H 597 84.41 73.94 55.57
C HIS H 597 83.37 73.34 54.63
N GLN H 598 83.71 73.29 53.34
CA GLN H 598 82.90 72.62 52.31
C GLN H 598 81.58 73.32 51.98
N HIS H 599 81.25 74.39 52.70
CA HIS H 599 80.07 75.22 52.41
C HIS H 599 78.79 74.39 52.25
N ARG H 600 78.27 74.31 51.02
CA ARG H 600 77.02 73.61 50.70
C ARG H 600 75.77 74.25 51.30
N GLN H 601 75.04 73.47 52.09
CA GLN H 601 73.62 73.70 52.36
C GLN H 601 72.94 73.57 51.00
N ILE H 602 73.28 72.48 50.32
CA ILE H 602 72.86 72.24 48.94
C ILE H 602 71.78 71.16 48.88
N ILE H 603 70.73 71.43 48.11
CA ILE H 603 69.53 70.60 48.14
C ILE H 603 69.48 69.55 47.01
N ASN H 604 70.44 69.59 46.08
CA ASN H 604 70.39 68.69 44.93
C ASN H 604 71.31 67.47 45.02
N LEU H 605 70.71 66.29 45.17
CA LEU H 605 71.51 65.07 45.30
C LEU H 605 71.74 64.33 43.98
N GLY H 606 71.02 64.71 42.93
CA GLY H 606 71.11 63.97 41.68
C GLY H 606 72.25 64.35 40.76
N ASP H 607 72.86 63.33 40.15
CA ASP H 607 73.86 63.53 39.11
C ASP H 607 73.31 63.31 37.71
N ASN H 608 72.04 62.95 37.62
CA ASN H 608 71.47 62.40 36.39
C ASN H 608 71.23 63.42 35.27
N GLU H 609 70.79 62.91 34.13
CA GLU H 609 70.55 63.72 32.93
C GLU H 609 69.23 64.49 32.98
N GLY H 610 69.15 65.55 32.19
CA GLY H 610 67.94 66.34 32.06
C GLY H 610 68.04 67.28 30.87
N ARG H 611 66.90 67.77 30.40
CA ARG H 611 66.87 68.67 29.26
C ARG H 611 66.17 69.98 29.56
N HIS H 612 64.88 69.91 29.86
CA HIS H 612 64.11 71.12 30.19
C HIS H 612 63.52 71.07 31.59
N ALA H 613 63.44 72.24 32.22
CA ALA H 613 62.91 72.36 33.58
C ALA H 613 62.41 73.78 33.86
N VAL H 614 61.54 73.89 34.87
CA VAL H 614 61.02 75.18 35.32
C VAL H 614 60.11 74.97 36.55
N TYR H 615 59.92 76.03 37.33
CA TYR H 615 59.07 75.99 38.51
C TYR H 615 57.59 76.18 38.20
N LEU H 616 56.74 75.67 39.10
CA LEU H 616 55.30 75.92 39.02
C LEU H 616 55.00 77.31 39.58
N HIS H 617 54.01 77.98 39.00
CA HIS H 617 53.69 79.36 39.38
C HIS H 617 53.08 79.45 40.77
N ASN H 618 52.54 78.34 41.27
CA ASN H 618 51.94 78.31 42.60
C ASN H 618 52.98 78.06 43.69
N ASP H 619 54.24 77.92 43.28
CA ASP H 619 55.35 77.62 44.17
C ASP H 619 55.06 76.31 44.91
N PHE H 620 54.55 75.34 44.17
CA PHE H 620 54.29 74.02 44.73
C PHE H 620 55.23 72.98 44.15
N CYS H 621 55.13 72.74 42.85
CA CYS H 621 55.94 71.70 42.22
C CYS H 621 57.11 72.28 41.43
N LEU H 622 57.95 71.38 40.91
CA LEU H 622 59.04 71.74 40.01
C LEU H 622 59.11 70.72 38.87
N ILE H 623 58.90 71.15 37.64
CA ILE H 623 58.91 70.20 36.54
C ILE H 623 60.29 70.14 35.89
N ALA H 624 60.79 68.93 35.70
CA ALA H 624 62.07 68.71 35.04
C ALA H 624 62.04 67.37 34.32
N LEU H 625 62.67 67.32 33.14
CA LEU H 625 62.62 66.12 32.32
C LEU H 625 63.45 66.23 31.04
N ALA H 626 63.80 65.08 30.47
CA ALA H 626 64.42 65.03 29.15
C ALA H 626 63.65 64.10 28.21
N SER H 627 63.85 62.80 28.40
CA SER H 627 63.16 61.79 27.62
C SER H 627 61.99 61.17 28.39
N GLY H 628 61.79 61.59 29.63
CA GLY H 628 60.80 60.98 30.48
C GLY H 628 59.43 61.62 30.46
N GLN H 629 59.38 62.90 30.09
CA GLN H 629 58.15 63.69 30.11
C GLN H 629 57.40 63.54 31.43
N ILE H 630 58.11 63.72 32.53
CA ILE H 630 57.54 63.51 33.86
C ILE H 630 57.48 64.79 34.69
N LEU H 631 56.36 64.97 35.40
CA LEU H 631 56.20 66.09 36.33
C LEU H 631 56.75 65.72 37.70
N LEU H 632 57.62 66.57 38.23
CA LEU H 632 58.23 66.32 39.53
C LEU H 632 57.84 67.39 40.55
N THR H 633 58.37 67.31 41.77
CA THR H 633 58.05 68.27 42.82
C THR H 633 59.20 69.19 43.29
N ASP H 634 58.84 70.41 43.73
CA ASP H 634 59.78 71.42 44.23
C ASP H 634 59.55 71.59 45.74
N VAL H 635 60.62 71.55 46.54
CA VAL H 635 60.56 71.69 48.01
C VAL H 635 61.11 73.08 48.41
N SER H 636 60.38 73.80 49.26
CA SER H 636 60.77 75.14 49.75
C SER H 636 61.25 75.01 51.21
N LEU H 637 62.37 75.63 51.57
CA LEU H 637 62.88 75.40 52.92
C LEU H 637 61.67 75.22 53.84
N GLU H 638 61.77 74.27 54.75
CA GLU H 638 60.66 73.96 55.64
C GLU H 638 60.71 72.44 55.80
N GLY H 639 60.23 71.93 56.92
CA GLY H 639 60.27 70.50 57.16
C GLY H 639 59.58 69.67 56.10
N GLU H 640 58.35 70.05 55.74
CA GLU H 640 57.55 69.27 54.81
C GLU H 640 58.02 69.38 53.36
N ASP H 641 57.99 68.26 52.65
CA ASP H 641 58.40 68.19 51.26
C ASP H 641 57.39 67.31 50.51
N THR H 642 57.45 67.30 49.18
CA THR H 642 56.51 66.50 48.39
C THR H 642 57.20 65.85 47.18
N TYR H 643 56.86 64.60 46.90
CA TYR H 643 57.34 63.92 45.70
C TYR H 643 56.15 63.46 44.86
N LEU H 644 56.32 63.41 43.54
CA LEU H 644 55.23 63.00 42.65
C LEU H 644 55.75 62.34 41.36
N LEU H 645 54.99 61.38 40.86
CA LEU H 645 55.32 60.72 39.59
C LEU H 645 54.24 60.99 38.55
N ARG H 646 54.64 61.08 37.28
CA ARG H 646 53.71 61.43 36.21
C ARG H 646 53.78 60.46 35.03
N ASP H 647 54.91 60.47 34.33
CA ASP H 647 55.15 59.63 33.16
C ASP H 647 54.13 59.86 32.04
N GLU H 648 54.17 61.06 31.46
CA GLU H 648 53.32 61.39 30.31
C GLU H 648 53.83 60.73 29.03
N SER H 649 52.97 60.66 28.02
CA SER H 649 53.35 60.14 26.71
C SER H 649 54.45 61.02 26.11
N ASP H 650 55.21 60.47 25.18
CA ASP H 650 56.44 61.11 24.74
C ASP H 650 56.22 62.35 23.87
N SER H 651 56.72 63.47 24.37
CA SER H 651 56.74 64.74 23.64
C SER H 651 58.10 64.94 22.97
N SER H 652 58.93 63.91 23.02
CA SER H 652 60.37 64.02 22.76
C SER H 652 60.74 64.71 21.44
N ASP H 653 61.91 65.35 21.47
CA ASP H 653 62.45 66.16 20.38
C ASP H 653 61.68 67.45 20.12
N ILE H 654 61.23 68.08 21.20
CA ILE H 654 60.74 69.47 21.14
C ILE H 654 61.90 70.46 21.16
N LEU H 655 61.68 71.63 20.58
CA LEU H 655 62.71 72.67 20.55
C LEU H 655 62.81 73.40 21.89
N ARG H 656 61.67 73.80 22.45
CA ARG H 656 61.66 74.51 23.72
C ARG H 656 60.34 74.17 24.46
N MET H 657 60.20 74.65 25.69
CA MET H 657 59.03 74.34 26.49
C MET H 657 58.70 75.47 27.47
N ALA H 658 57.42 75.65 27.75
CA ALA H 658 56.97 76.69 28.68
C ALA H 658 55.82 76.21 29.54
N VAL H 659 55.27 77.12 30.35
CA VAL H 659 54.15 76.80 31.22
C VAL H 659 53.14 77.94 31.22
N PHE H 660 51.85 77.61 31.31
CA PHE H 660 50.80 78.61 31.24
C PHE H 660 50.41 79.02 32.66
N ASN H 661 49.51 80.00 32.80
CA ASN H 661 49.21 80.57 34.11
C ASN H 661 48.24 79.74 34.96
N GLN H 662 47.25 79.12 34.32
CA GLN H 662 46.24 78.37 35.05
C GLN H 662 46.57 76.88 35.12
N GLN H 663 47.74 76.53 34.59
CA GLN H 663 48.37 75.19 34.69
C GLN H 663 47.54 74.07 34.05
N LYS H 664 46.33 74.38 33.62
CA LYS H 664 45.47 73.40 32.97
C LYS H 664 45.83 73.27 31.49
N HIS H 665 46.60 74.24 30.99
CA HIS H 665 47.04 74.22 29.61
C HIS H 665 48.57 74.16 29.53
N LEU H 666 49.06 73.40 28.56
CA LEU H 666 50.50 73.26 28.36
C LEU H 666 50.88 73.45 26.90
N ILE H 667 51.69 74.47 26.63
CA ILE H 667 52.12 74.76 25.27
C ILE H 667 53.27 73.85 24.85
N THR H 668 53.20 73.34 23.62
CA THR H 668 54.22 72.45 23.11
C THR H 668 54.42 72.69 21.61
N LEU H 669 55.68 72.69 21.16
CA LEU H 669 56.00 72.84 19.75
C LEU H 669 57.10 71.88 19.34
N HIS H 670 57.06 71.42 18.09
CA HIS H 670 57.99 70.41 17.62
C HIS H 670 58.94 70.95 16.55
N CYS H 671 59.80 70.07 16.03
CA CYS H 671 60.73 70.41 14.96
C CYS H 671 59.98 70.94 13.74
N ASN H 672 59.19 70.07 13.12
CA ASN H 672 58.34 70.47 12.00
C ASN H 672 57.17 71.32 12.47
N GLY H 673 56.94 71.31 13.77
CA GLY H 673 55.90 72.12 14.38
C GLY H 673 54.63 71.35 14.69
N SER H 674 53.98 71.73 15.78
CA SER H 674 52.75 71.10 16.26
C SER H 674 52.28 71.79 17.53
N VAL H 675 51.04 71.52 17.93
CA VAL H 675 50.52 72.03 19.19
C VAL H 675 49.93 70.90 20.02
N LYS H 676 50.53 70.62 21.16
CA LYS H 676 50.08 69.52 22.02
C LYS H 676 49.76 70.01 23.43
N LEU H 677 48.50 69.85 23.83
CA LEU H 677 48.06 70.33 25.13
C LEU H 677 47.99 69.19 26.15
N TRP H 678 48.35 69.50 27.40
CA TRP H 678 48.30 68.54 28.48
C TRP H 678 47.62 69.10 29.71
N SER H 679 47.26 68.22 30.65
CA SER H 679 46.64 68.63 31.90
C SER H 679 47.42 68.07 33.09
N LEU H 680 47.79 68.94 34.01
CA LEU H 680 48.57 68.53 35.18
C LEU H 680 47.73 67.74 36.17
N TRP H 681 46.41 67.81 36.01
CA TRP H 681 45.48 67.05 36.85
C TRP H 681 45.60 65.57 36.53
N PRO H 682 46.00 64.76 37.53
CA PRO H 682 46.18 63.31 37.35
C PRO H 682 44.86 62.59 37.10
N ASN H 699 44.88 65.63 19.89
CA ASN H 699 45.16 66.83 20.66
C ASN H 699 46.01 67.83 19.87
N SER H 700 46.32 67.48 18.62
CA SER H 700 47.14 68.33 17.78
C SER H 700 46.54 68.48 16.39
N VAL H 701 46.28 69.73 15.99
CA VAL H 701 45.73 70.00 14.67
C VAL H 701 46.53 71.06 13.90
N VAL H 702 47.16 70.62 12.82
CA VAL H 702 47.93 71.50 11.94
C VAL H 702 47.03 71.87 10.75
N LYS H 703 45.82 71.32 10.76
CA LYS H 703 44.92 71.40 9.61
C LYS H 703 44.27 72.77 9.45
N ARG H 704 43.29 72.83 8.55
CA ARG H 704 42.59 74.06 8.18
C ARG H 704 43.54 75.10 7.57
N PHE H 705 43.45 76.33 8.07
CA PHE H 705 44.23 77.44 7.52
C PHE H 705 45.74 77.20 7.60
N ILE H 706 46.45 77.65 6.57
CA ILE H 706 47.90 77.51 6.46
C ILE H 706 48.25 76.01 6.58
N GLY H 707 48.98 75.63 7.62
CA GLY H 707 49.37 74.25 7.81
C GLY H 707 50.33 73.77 6.75
N SER H 708 51.27 74.64 6.36
CA SER H 708 52.25 74.31 5.34
C SER H 708 53.25 73.26 5.82
N TYR H 709 53.90 72.59 4.88
CA TYR H 709 54.87 71.55 5.22
C TYR H 709 56.30 72.10 5.12
N ALA H 710 56.95 72.22 6.27
CA ALA H 710 58.28 72.80 6.37
C ALA H 710 58.79 72.73 7.80
N ASN H 711 60.05 73.11 8.01
CA ASN H 711 60.65 73.09 9.33
C ASN H 711 60.34 74.35 10.13
N LEU H 712 59.97 74.17 11.40
CA LEU H 712 59.65 75.29 12.27
C LEU H 712 60.89 75.76 13.04
N LYS H 713 61.06 77.07 13.12
CA LYS H 713 62.19 77.66 13.83
C LYS H 713 61.92 77.78 15.33
N ILE H 714 62.81 78.48 16.03
CA ILE H 714 62.69 78.69 17.46
C ILE H 714 61.63 79.77 17.73
N VAL H 715 61.24 80.47 16.66
CA VAL H 715 60.33 81.61 16.75
C VAL H 715 59.02 81.29 17.45
N ALA H 716 58.70 82.08 18.47
CA ALA H 716 57.45 81.96 19.24
C ALA H 716 57.39 83.07 20.27
N PHE H 717 56.17 83.35 20.77
CA PHE H 717 55.93 84.42 21.72
C PHE H 717 54.47 84.49 22.15
N TYR H 718 54.18 85.36 23.11
CA TYR H 718 52.82 85.52 23.63
C TYR H 718 52.30 86.92 23.38
N LEU H 719 51.05 87.01 22.94
CA LEU H 719 50.41 88.30 22.69
C LEU H 719 49.41 88.66 23.78
N ASN H 720 48.80 89.84 23.64
CA ASN H 720 47.74 90.27 24.56
C ASN H 720 46.38 89.88 24.01
N GLU H 721 45.32 90.35 24.66
CA GLU H 721 43.97 90.02 24.22
C GLU H 721 43.43 91.10 23.27
N ASP H 722 43.29 90.75 22.00
CA ASP H 722 42.78 91.67 21.00
C ASP H 722 41.29 91.47 20.74
N ALA H 723 40.69 90.49 21.40
CA ALA H 723 39.29 90.14 21.17
C ALA H 723 38.40 90.64 22.31
N GLY H 724 38.52 89.99 23.47
CA GLY H 724 37.69 90.32 24.61
C GLY H 724 37.96 91.72 25.15
N LEU H 725 39.22 92.00 25.47
CA LEU H 725 39.60 93.30 26.01
C LEU H 725 41.08 93.57 25.77
N ILE H 730 41.30 88.35 29.89
CA ILE H 730 40.73 87.00 29.76
C ILE H 730 41.81 85.95 29.65
N GLN H 731 42.78 86.18 28.77
CA GLN H 731 43.85 85.23 28.49
C GLN H 731 44.83 85.83 27.49
N LEU H 732 46.04 85.27 27.43
CA LEU H 732 47.06 85.74 26.51
C LEU H 732 47.20 84.77 25.33
N HIS H 733 47.14 85.31 24.12
CA HIS H 733 47.20 84.48 22.92
C HIS H 733 48.61 84.01 22.61
N VAL H 734 48.75 83.22 21.55
CA VAL H 734 50.04 82.68 21.14
C VAL H 734 50.23 82.87 19.64
N ALA H 735 51.41 83.34 19.23
CA ALA H 735 51.70 83.53 17.82
C ALA H 735 53.15 83.21 17.50
N PHE H 736 53.41 82.71 16.30
CA PHE H 736 54.76 82.37 15.87
C PHE H 736 54.88 82.36 14.35
N ILE H 737 56.08 82.08 13.84
CA ILE H 737 56.35 82.10 12.41
C ILE H 737 56.90 80.77 11.90
N ASN H 738 56.22 80.20 10.92
CA ASN H 738 56.65 78.94 10.31
C ASN H 738 57.72 79.16 9.24
N GLY H 739 58.01 78.10 8.49
CA GLY H 739 58.95 78.19 7.38
C GLY H 739 58.28 78.69 6.12
N ASP H 740 57.05 79.18 6.27
CA ASP H 740 56.28 79.74 5.17
C ASP H 740 56.53 81.22 5.01
N VAL H 741 57.50 81.73 5.78
CA VAL H 741 57.87 83.16 5.86
C VAL H 741 56.65 84.07 5.94
N SER H 742 55.70 83.68 6.78
CA SER H 742 54.50 84.48 7.04
C SER H 742 54.09 84.32 8.50
N ILE H 743 53.58 85.40 9.09
CA ILE H 743 53.20 85.38 10.50
C ILE H 743 51.96 84.51 10.74
N LEU H 744 51.98 83.78 11.85
CA LEU H 744 50.85 82.93 12.21
C LEU H 744 50.34 83.25 13.61
N ASN H 745 49.05 83.56 13.70
CA ASN H 745 48.43 83.91 14.97
C ASN H 745 47.44 82.86 15.43
N TRP H 746 47.33 82.68 16.74
CA TRP H 746 46.38 81.74 17.33
C TRP H 746 45.52 82.42 18.38
N ASP H 747 44.21 82.37 18.20
CA ASP H 747 43.29 82.99 19.15
C ASP H 747 42.66 81.95 20.07
N GLU H 748 43.07 81.99 21.34
CA GLU H 748 42.54 81.08 22.35
C GLU H 748 42.04 81.80 23.59
N GLN H 749 40.72 81.85 23.78
CA GLN H 749 40.17 82.40 25.02
C GLN H 749 39.58 81.39 26.01
N ASP H 750 39.39 80.13 25.61
CA ASP H 750 38.74 79.18 26.51
C ASP H 750 39.37 77.79 26.58
N GLN H 751 39.17 77.00 25.53
CA GLN H 751 39.54 75.59 25.53
C GLN H 751 40.29 75.18 24.26
N GLU H 752 39.57 75.22 23.14
CA GLU H 752 40.12 74.79 21.86
C GLU H 752 40.29 75.99 20.92
N PHE H 753 41.26 75.88 20.02
CA PHE H 753 41.62 76.99 19.14
C PHE H 753 40.49 77.38 18.20
N LYS H 754 40.49 78.65 17.78
CA LYS H 754 39.42 79.21 16.96
C LYS H 754 39.89 79.52 15.55
N LEU H 755 40.87 80.42 15.44
CA LEU H 755 41.36 80.93 14.16
C LEU H 755 40.25 81.61 13.38
N SER H 756 39.81 82.76 13.88
CA SER H 756 38.71 83.50 13.27
C SER H 756 39.16 84.25 12.02
N HIS H 757 38.49 83.96 10.90
CA HIS H 757 38.72 84.61 9.63
C HIS H 757 40.18 84.60 9.17
N VAL H 758 40.62 85.72 8.61
CA VAL H 758 41.95 85.84 8.03
C VAL H 758 42.99 86.34 9.03
N PRO H 759 44.27 86.01 8.80
CA PRO H 759 45.39 86.57 9.57
C PRO H 759 45.53 88.09 9.41
N VAL H 760 44.87 88.63 8.38
CA VAL H 760 44.74 90.07 8.13
C VAL H 760 46.04 90.67 7.55
N LEU H 761 47.14 89.94 7.68
CA LEU H 761 48.45 90.42 7.22
C LEU H 761 49.53 89.36 7.41
N LYS H 762 50.64 89.51 6.70
CA LYS H 762 51.77 88.60 6.83
C LYS H 762 53.04 89.37 7.20
N THR H 763 54.15 88.65 7.32
CA THR H 763 55.43 89.27 7.68
C THR H 763 56.52 88.89 6.68
N MET H 764 57.27 89.89 6.22
CA MET H 764 58.32 89.67 5.23
C MET H 764 59.47 88.83 5.79
N GLN H 765 59.91 87.87 4.99
CA GLN H 765 60.99 86.95 5.36
C GLN H 765 60.73 86.24 6.69
N SER H 766 61.78 86.09 7.49
CA SER H 766 61.65 85.46 8.81
C SER H 766 62.72 85.96 9.77
N GLY H 767 62.37 86.05 11.05
CA GLY H 767 63.31 86.41 12.09
C GLY H 767 63.63 85.23 12.99
N ILE H 768 64.21 85.52 14.15
CA ILE H 768 64.42 84.49 15.16
C ILE H 768 63.69 84.87 16.47
N ARG H 769 64.04 86.01 17.06
CA ARG H 769 63.39 86.43 18.30
C ARG H 769 62.39 87.54 18.04
N CYS H 770 61.10 87.23 18.14
CA CYS H 770 60.04 88.20 17.86
C CYS H 770 59.11 88.32 19.05
N PHE H 771 58.69 89.55 19.38
CA PHE H 771 57.77 89.73 20.49
C PHE H 771 57.01 91.05 20.37
N VAL H 772 55.93 91.20 21.12
CA VAL H 772 55.11 92.40 21.05
C VAL H 772 55.59 93.51 22.01
N GLN H 773 55.55 94.75 21.55
CA GLN H 773 55.90 95.88 22.40
C GLN H 773 54.78 96.20 23.37
N VAL H 774 54.91 97.32 24.08
CA VAL H 774 53.89 97.79 25.00
C VAL H 774 52.60 98.16 24.23
N LEU H 775 52.75 98.44 22.95
CA LEU H 775 51.61 98.68 22.07
C LEU H 775 51.35 97.46 21.21
N LYS H 776 50.08 97.10 21.07
CA LYS H 776 49.69 95.91 20.31
C LYS H 776 49.80 96.13 18.80
N ARG H 777 50.06 97.37 18.39
CA ARG H 777 50.13 97.72 16.98
C ARG H 777 51.52 97.49 16.40
N TYR H 778 52.51 97.26 17.27
CA TYR H 778 53.89 97.11 16.83
C TYR H 778 54.52 95.81 17.35
N TYR H 779 55.31 95.16 16.51
CA TYR H 779 55.97 93.91 16.87
C TYR H 779 57.47 94.00 16.58
N VAL H 780 58.30 93.82 17.61
CA VAL H 780 59.74 93.81 17.38
C VAL H 780 60.18 92.45 16.84
N VAL H 781 60.99 92.51 15.78
CA VAL H 781 61.46 91.32 15.08
C VAL H 781 62.98 91.29 15.01
N CYS H 782 63.56 90.18 15.43
CA CYS H 782 65.01 90.00 15.38
C CYS H 782 65.37 88.76 14.57
N THR H 783 66.30 88.94 13.64
CA THR H 783 66.70 87.86 12.74
C THR H 783 68.03 87.23 13.18
N SER H 784 68.51 86.27 12.40
CA SER H 784 69.75 85.57 12.70
C SER H 784 70.97 86.40 12.28
N ASN H 785 70.73 87.52 11.62
CA ASN H 785 71.80 88.40 11.17
C ASN H 785 72.17 89.42 12.24
N CYS H 786 71.53 89.31 13.41
CA CYS H 786 71.76 90.19 14.54
C CYS H 786 71.49 91.65 14.19
N THR H 787 70.38 91.89 13.49
CA THR H 787 69.98 93.25 13.14
C THR H 787 68.61 93.57 13.71
N LEU H 788 68.31 94.86 13.83
CA LEU H 788 67.04 95.29 14.39
C LEU H 788 66.09 95.74 13.27
N THR H 789 65.03 94.97 13.06
CA THR H 789 64.04 95.29 12.04
C THR H 789 62.63 95.21 12.63
N VAL H 790 61.69 95.90 11.99
CA VAL H 790 60.31 95.92 12.48
C VAL H 790 59.29 95.94 11.34
N TRP H 791 58.24 95.13 11.48
CA TRP H 791 57.10 95.20 10.58
C TRP H 791 55.83 95.54 11.36
N ASP H 792 55.27 96.71 11.07
CA ASP H 792 54.10 97.20 11.79
C ASP H 792 52.86 96.37 11.48
N LEU H 793 52.06 96.12 12.52
CA LEU H 793 50.81 95.38 12.36
C LEU H 793 49.80 96.21 11.60
N THR H 794 49.59 97.44 12.06
CA THR H 794 48.71 98.37 11.37
C THR H 794 49.54 99.41 10.62
N ASN H 795 48.85 100.29 9.88
CA ASN H 795 49.50 101.32 9.08
C ASN H 795 50.62 100.79 8.20
N GLY H 796 50.27 99.94 7.25
CA GLY H 796 51.25 99.32 6.38
C GLY H 796 51.97 98.17 7.06
N SER H 797 53.01 97.66 6.42
CA SER H 797 53.78 96.55 6.99
C SER H 797 55.18 97.02 7.39
N SER H 798 56.04 97.24 6.40
CA SER H 798 57.39 97.73 6.65
C SER H 798 57.43 99.24 6.53
N ASN H 799 57.89 99.90 7.59
CA ASN H 799 57.89 101.36 7.61
C ASN H 799 59.29 101.97 7.66
N THR H 800 59.92 101.91 8.83
CA THR H 800 61.19 102.60 9.01
C THR H 800 62.04 102.06 10.17
N LEU H 801 63.06 102.82 10.51
CA LEU H 801 63.95 102.54 11.65
C LEU H 801 64.71 101.23 11.54
N GLU H 802 65.57 101.13 10.53
CA GLU H 802 66.54 100.04 10.44
C GLU H 802 67.88 100.56 10.96
N LEU H 803 67.89 101.85 11.32
CA LEU H 803 69.12 102.59 11.57
C LEU H 803 69.79 102.36 12.93
N HIS H 804 71.10 102.59 12.97
CA HIS H 804 71.88 102.66 14.20
C HIS H 804 71.84 101.40 15.09
N VAL H 805 72.47 100.33 14.63
CA VAL H 805 72.75 99.19 15.49
C VAL H 805 74.17 99.30 16.04
N PHE H 806 74.34 98.98 17.33
CA PHE H 806 75.62 99.18 18.00
C PHE H 806 76.76 98.34 17.42
N ASN H 807 76.59 97.01 17.42
CA ASN H 807 77.64 96.13 16.93
C ASN H 807 77.10 95.00 16.06
N VAL H 808 77.58 94.93 14.82
CA VAL H 808 77.20 93.86 13.91
C VAL H 808 78.16 92.69 13.98
N GLU H 809 79.27 92.87 14.69
CA GLU H 809 80.29 91.84 14.79
C GLU H 809 80.18 91.05 16.09
N ASN H 810 79.81 89.78 15.98
CA ASN H 810 79.70 88.90 17.13
C ASN H 810 81.06 88.34 17.54
N ASP H 811 81.21 88.01 18.82
CA ASP H 811 82.42 87.34 19.29
C ASP H 811 82.49 85.92 18.74
N THR H 812 81.36 85.22 18.76
CA THR H 812 81.23 83.91 18.15
C THR H 812 79.95 83.88 17.35
N PRO H 813 79.97 83.20 16.18
CA PRO H 813 78.78 83.17 15.33
C PRO H 813 77.57 82.53 16.02
N LEU H 814 76.46 83.25 16.05
CA LEU H 814 75.23 82.83 16.71
C LEU H 814 74.03 83.58 16.16
N ALA H 815 72.88 83.40 16.78
CA ALA H 815 71.70 84.19 16.47
C ALA H 815 71.56 85.31 17.49
N LEU H 816 70.53 86.14 17.35
CA LEU H 816 70.32 87.23 18.29
C LEU H 816 69.74 86.67 19.59
N ASP H 817 70.00 87.34 20.71
CA ASP H 817 69.64 86.83 22.03
C ASP H 817 68.14 86.96 22.32
N VAL H 818 67.76 86.65 23.55
CA VAL H 818 66.37 86.66 23.96
C VAL H 818 65.87 88.05 24.35
N PHE H 819 64.76 88.46 23.75
CA PHE H 819 64.15 89.75 24.06
C PHE H 819 63.31 89.62 25.34
N ASP H 820 63.28 90.68 26.15
CA ASP H 820 62.62 90.62 27.45
C ASP H 820 61.59 91.73 27.66
N GLU H 821 61.02 91.77 28.87
CA GLU H 821 60.03 92.79 29.23
C GLU H 821 60.29 93.38 30.60
N ARG H 822 59.60 94.48 30.90
CA ARG H 822 59.68 95.14 32.19
C ARG H 822 58.29 95.24 32.83
N SER H 823 58.23 95.79 34.03
CA SER H 823 56.96 95.98 34.71
C SER H 823 56.32 97.30 34.31
N LYS H 824 57.10 98.13 33.63
CA LYS H 824 56.63 99.43 33.17
C LYS H 824 55.80 99.30 31.90
N THR H 825 54.92 100.28 31.67
CA THR H 825 54.06 100.28 30.50
C THR H 825 54.72 101.00 29.32
N ALA H 826 55.97 101.44 29.53
CA ALA H 826 56.71 102.15 28.50
C ALA H 826 58.09 101.52 28.28
N THR H 827 58.94 101.60 29.29
CA THR H 827 60.30 101.08 29.22
C THR H 827 60.32 99.56 29.04
N VAL H 828 61.03 99.09 28.02
CA VAL H 828 61.17 97.66 27.79
C VAL H 828 62.61 97.21 27.96
N LEU H 829 62.83 95.90 27.86
CA LEU H 829 64.13 95.31 28.18
C LEU H 829 64.65 94.41 27.06
N LEU H 830 65.96 94.42 26.88
CA LEU H 830 66.63 93.59 25.88
C LEU H 830 68.06 93.30 26.34
N ILE H 831 68.62 92.19 25.87
CA ILE H 831 70.01 91.87 26.17
C ILE H 831 70.72 91.35 24.93
N PHE H 832 71.92 91.87 24.67
CA PHE H 832 72.71 91.40 23.54
C PHE H 832 74.13 91.05 23.95
N LYS H 833 74.46 89.77 23.88
CA LYS H 833 75.79 89.27 24.23
C LYS H 833 76.25 89.74 25.60
N TYR H 834 77.36 90.49 25.63
CA TYR H 834 77.95 90.93 26.88
C TYR H 834 77.38 92.25 27.37
N SER H 835 76.45 92.82 26.60
CA SER H 835 75.85 94.10 26.93
C SER H 835 74.34 93.99 27.16
N VAL H 836 73.80 94.89 27.95
CA VAL H 836 72.37 94.90 28.22
C VAL H 836 71.73 96.19 27.68
N TRP H 837 70.73 96.03 26.83
CA TRP H 837 70.08 97.17 26.20
C TRP H 837 68.69 97.41 26.79
N ARG H 838 68.55 98.49 27.55
CA ARG H 838 67.25 98.88 28.09
C ARG H 838 66.63 99.94 27.19
N LEU H 839 65.44 99.64 26.68
CA LEU H 839 64.83 100.49 25.66
C LEU H 839 63.57 101.20 26.13
N ASN H 840 63.03 102.03 25.24
CA ASN H 840 61.93 102.94 25.56
C ASN H 840 61.16 103.32 24.30
N PHE H 841 59.99 103.94 24.49
CA PHE H 841 59.24 104.48 23.36
C PHE H 841 60.09 105.56 22.68
N LEU H 842 59.76 105.86 21.42
CA LEU H 842 60.60 106.59 20.46
C LEU H 842 61.61 105.60 19.87
N PRO H 843 62.21 105.92 18.70
CA PRO H 843 62.98 104.94 17.93
C PRO H 843 63.98 104.08 18.70
N GLY H 844 64.72 104.65 19.64
CA GLY H 844 65.63 103.86 20.44
C GLY H 844 66.86 104.57 20.95
N LEU H 845 67.89 103.77 21.28
CA LEU H 845 69.14 104.27 21.84
C LEU H 845 68.84 105.05 23.11
N SER H 846 68.46 104.33 24.16
CA SER H 846 68.09 104.96 25.42
C SER H 846 69.06 104.59 26.54
N VAL H 847 68.99 103.36 27.02
CA VAL H 847 69.84 102.94 28.12
C VAL H 847 70.71 101.74 27.74
N SER H 848 72.00 101.82 28.09
CA SER H 848 72.93 100.72 27.86
C SER H 848 73.73 100.44 29.12
N LEU H 849 73.58 99.23 29.66
CA LEU H 849 74.22 98.88 30.93
C LEU H 849 75.01 97.57 30.86
N GLN H 850 76.07 97.50 31.67
CA GLN H 850 76.86 96.29 31.83
C GLN H 850 77.25 96.14 33.29
N SER H 851 77.07 94.94 33.84
CA SER H 851 77.41 94.69 35.24
C SER H 851 78.93 94.72 35.44
N GLU H 852 79.64 93.90 34.67
CA GLU H 852 81.09 93.87 34.69
C GLU H 852 81.64 93.02 33.55
N ALA H 853 82.95 92.88 33.48
CA ALA H 853 83.59 92.10 32.43
C ALA H 853 83.49 90.61 32.71
N VAL H 854 84.04 89.80 31.82
CA VAL H 854 84.02 88.35 31.97
C VAL H 854 85.03 87.89 33.02
N GLY H 859 83.19 82.40 27.28
CA GLY H 859 82.60 81.58 26.24
C GLY H 859 81.45 82.26 25.54
N SER H 860 80.70 81.49 24.75
CA SER H 860 79.54 82.02 24.03
C SER H 860 78.36 82.22 24.97
N PHE H 861 77.49 83.16 24.62
CA PHE H 861 76.31 83.44 25.44
C PHE H 861 75.12 82.61 24.98
N ILE H 862 74.62 81.77 25.89
CA ILE H 862 73.49 80.90 25.58
C ILE H 862 72.34 81.03 26.59
N THR H 863 72.60 80.72 27.86
CA THR H 863 71.56 80.69 28.87
C THR H 863 71.40 82.02 29.59
N CYS H 864 70.14 82.37 29.91
CA CYS H 864 69.84 83.61 30.62
C CYS H 864 68.57 83.44 31.46
N GLY H 865 68.51 84.16 32.57
CA GLY H 865 67.37 84.09 33.46
C GLY H 865 66.46 85.29 33.33
N LYS H 866 65.58 85.47 34.30
CA LYS H 866 64.60 86.56 34.31
C LYS H 866 63.80 86.51 35.60
N ARG H 867 63.15 87.62 35.95
CA ARG H 867 62.35 87.71 37.17
C ARG H 867 61.08 88.53 36.91
N SER H 868 60.06 88.30 37.73
CA SER H 868 58.79 89.02 37.56
C SER H 868 58.31 89.65 38.86
N THR H 869 57.93 88.81 39.82
CA THR H 869 57.38 89.26 41.09
C THR H 869 58.49 89.81 41.99
N ASP H 870 59.73 89.42 41.69
CA ASP H 870 60.89 89.79 42.51
C ASP H 870 61.22 91.28 42.35
N GLY H 871 60.50 91.97 41.47
CA GLY H 871 60.80 93.36 41.17
C GLY H 871 61.47 93.55 39.83
N ARG H 872 61.40 92.50 39.00
CA ARG H 872 61.90 92.55 37.63
C ARG H 872 63.40 92.86 37.59
N TYR H 873 64.18 92.08 38.35
CA TYR H 873 65.63 92.19 38.31
C TYR H 873 66.17 91.16 37.32
N LEU H 874 67.12 91.58 36.48
CA LEU H 874 67.51 90.76 35.34
C LEU H 874 68.73 89.88 35.61
N LEU H 875 68.51 88.57 35.60
CA LEU H 875 69.61 87.60 35.68
C LEU H 875 70.39 87.59 34.37
N LEU H 876 71.71 87.69 34.45
CA LEU H 876 72.53 87.79 33.25
C LEU H 876 74.00 87.47 33.47
N GLY H 877 74.77 87.49 32.38
CA GLY H 877 76.21 87.36 32.46
C GLY H 877 76.84 87.00 31.12
N THR H 878 78.16 87.18 31.04
CA THR H 878 78.93 86.77 29.86
C THR H 878 78.82 85.28 29.60
N SER H 879 79.49 84.50 30.47
CA SER H 879 79.46 83.05 30.42
C SER H 879 79.13 82.51 31.82
N GLU H 880 80.03 82.79 32.76
CA GLU H 880 79.84 82.48 34.17
C GLU H 880 79.55 81.01 34.44
N GLY H 881 80.57 80.18 34.29
CA GLY H 881 80.51 78.81 34.75
C GLY H 881 80.58 78.80 36.28
N LEU H 882 80.88 79.97 36.83
CA LEU H 882 80.91 80.17 38.28
C LEU H 882 80.34 81.53 38.65
N ILE H 883 79.50 81.56 39.68
CA ILE H 883 78.92 82.81 40.20
C ILE H 883 78.12 83.54 39.13
N VAL H 884 76.95 83.00 38.81
CA VAL H 884 76.01 83.66 37.89
C VAL H 884 75.58 85.01 38.47
N TYR H 885 75.50 86.02 37.61
CA TYR H 885 75.26 87.39 38.07
C TYR H 885 73.80 87.83 37.96
N ASP H 886 73.36 88.60 38.93
CA ASP H 886 72.03 89.22 38.90
C ASP H 886 72.15 90.74 38.87
N LEU H 887 71.30 91.38 38.08
CA LEU H 887 71.34 92.83 37.95
C LEU H 887 70.08 93.50 38.49
N LYS H 888 70.25 94.31 39.53
CA LYS H 888 69.15 95.09 40.10
C LYS H 888 68.93 96.33 39.24
N ILE H 889 67.68 96.79 39.20
CA ILE H 889 67.29 97.93 38.36
C ILE H 889 68.10 99.18 38.68
N SER H 890 68.71 99.76 37.64
CA SER H 890 69.41 101.05 37.69
C SER H 890 70.67 101.06 38.56
N ASP H 891 70.93 99.97 39.26
CA ASP H 891 72.10 99.91 40.13
C ASP H 891 73.01 98.72 39.79
N PRO H 892 74.34 98.94 39.85
CA PRO H 892 75.33 97.90 39.60
C PRO H 892 75.77 97.17 40.86
N VAL H 893 74.88 96.36 41.42
CA VAL H 893 75.20 95.61 42.64
C VAL H 893 74.80 94.14 42.50
N LEU H 894 75.61 93.26 43.06
CA LEU H 894 75.36 91.82 43.00
C LEU H 894 74.98 91.27 44.37
N ARG H 895 73.70 90.90 44.52
CA ARG H 895 73.21 90.34 45.77
C ARG H 895 73.17 88.81 45.75
N SER H 896 73.57 88.23 44.62
CA SER H 896 73.50 86.78 44.45
C SER H 896 74.88 86.14 44.43
N ASN H 897 74.96 84.90 44.92
CA ASN H 897 76.21 84.16 44.96
C ASN H 897 76.01 82.69 44.65
N VAL H 898 76.97 82.10 43.93
CA VAL H 898 76.88 80.68 43.57
C VAL H 898 78.06 79.89 44.12
N SER H 899 77.78 79.01 45.09
CA SER H 899 78.79 78.14 45.65
C SER H 899 78.75 76.73 45.03
N GLU H 900 77.80 76.52 44.12
CA GLU H 900 77.60 75.20 43.52
C GLU H 900 78.29 75.09 42.16
N HIS H 901 78.98 76.17 41.78
CA HIS H 901 79.56 76.35 40.45
C HIS H 901 78.43 76.16 39.42
N ILE H 902 78.74 75.55 38.26
CA ILE H 902 77.74 75.12 37.27
C ILE H 902 78.46 74.60 36.02
N GLU H 903 77.74 73.89 35.17
CA GLU H 903 78.25 73.51 33.85
C GLU H 903 77.39 74.24 32.82
N CYS H 904 77.72 74.13 31.54
CA CYS H 904 76.95 74.83 30.51
C CYS H 904 76.52 73.94 29.36
N VAL H 905 75.21 73.69 29.24
CA VAL H 905 74.66 72.97 28.10
C VAL H 905 73.45 73.67 27.48
N ASP H 906 72.38 73.85 28.25
CA ASP H 906 71.12 74.38 27.72
C ASP H 906 70.80 75.78 28.24
N ILE H 907 69.66 76.30 27.80
CA ILE H 907 69.31 77.71 28.00
C ILE H 907 68.40 77.93 29.22
N TYR H 908 67.96 76.86 29.87
CA TYR H 908 66.90 76.99 30.88
C TYR H 908 67.41 77.53 32.21
N GLU H 909 66.86 78.67 32.61
CA GLU H 909 67.10 79.24 33.94
C GLU H 909 65.94 80.14 34.33
N LEU H 910 65.62 80.18 35.63
CA LEU H 910 64.56 81.03 36.15
C LEU H 910 64.45 80.91 37.68
N PHE H 911 63.86 81.93 38.31
CA PHE H 911 63.70 81.97 39.76
C PHE H 911 62.24 82.08 40.20
N ASP H 912 61.91 81.37 41.27
CA ASP H 912 60.55 81.36 41.82
C ASP H 912 60.13 82.70 42.43
N PRO H 913 58.78 82.98 42.35
CA PRO H 913 58.39 84.28 42.94
C PRO H 913 58.66 84.35 44.45
N VAL H 914 58.43 83.23 45.14
CA VAL H 914 58.63 83.11 46.59
C VAL H 914 57.36 83.39 47.41
N TYR H 915 56.27 83.76 46.74
CA TYR H 915 54.99 84.01 47.43
C TYR H 915 55.22 84.71 48.75
N LYS H 916 55.43 86.02 48.76
CA LYS H 916 55.65 86.69 50.05
C LYS H 916 57.09 86.63 50.55
N TYR H 917 57.41 85.62 51.34
CA TYR H 917 58.74 85.44 51.94
C TYR H 917 59.84 85.31 50.88
N ILE H 918 61.01 85.85 51.20
CA ILE H 918 62.14 85.86 50.27
C ILE H 918 63.34 84.92 50.50
N VAL H 919 63.70 84.27 49.41
CA VAL H 919 64.82 83.34 49.24
C VAL H 919 64.72 82.92 47.79
N LEU H 920 65.78 82.35 47.20
CA LEU H 920 65.71 82.01 45.79
C LEU H 920 66.19 80.61 45.46
N CYS H 921 65.60 80.03 44.43
CA CYS H 921 65.99 78.72 43.92
C CYS H 921 65.86 78.66 42.40
N GLY H 922 66.83 78.04 41.73
CA GLY H 922 66.80 77.98 40.27
C GLY H 922 67.56 76.82 39.65
N ALA H 923 67.22 76.48 38.42
CA ALA H 923 67.85 75.34 37.73
C ALA H 923 68.67 75.78 36.51
N LYS H 924 69.77 75.08 36.27
CA LYS H 924 70.66 75.39 35.15
C LYS H 924 71.22 74.15 34.47
N GLY H 925 72.17 74.36 33.57
CA GLY H 925 72.71 73.32 32.70
C GLY H 925 73.23 72.04 33.32
N LYS H 926 73.81 72.12 34.51
CA LYS H 926 74.35 70.94 35.19
C LYS H 926 73.24 69.97 35.58
N GLN H 927 72.00 70.40 35.36
CA GLN H 927 70.81 69.70 35.85
C GLN H 927 70.88 69.60 37.37
N VAL H 928 70.91 70.76 38.00
CA VAL H 928 70.93 70.87 39.46
C VAL H 928 70.07 72.05 39.86
N VAL H 929 70.07 72.38 41.15
CA VAL H 929 69.31 73.53 41.62
C VAL H 929 70.09 74.32 42.68
N HIS H 930 70.20 75.63 42.45
CA HIS H 930 70.84 76.55 43.38
C HIS H 930 69.84 77.15 44.33
N VAL H 931 70.19 77.21 45.61
CA VAL H 931 69.37 77.87 46.63
C VAL H 931 70.20 78.92 47.35
N HIS H 932 69.72 80.17 47.34
CA HIS H 932 70.50 81.27 47.88
C HIS H 932 69.66 82.32 48.61
N THR H 933 70.27 82.94 49.62
CA THR H 933 69.65 84.02 50.38
C THR H 933 70.42 85.31 50.17
N LEU H 934 69.73 86.35 49.70
CA LEU H 934 70.38 87.60 49.31
C LEU H 934 70.89 88.41 50.50
N ARG H 935 70.55 87.99 51.71
CA ARG H 935 70.98 88.70 52.90
C ARG H 935 72.46 88.44 53.19
N SER H 936 73.24 89.52 53.29
CA SER H 936 74.67 89.43 53.53
C SER H 936 75.27 90.83 53.68
N VAL H 937 76.48 90.89 54.25
CA VAL H 937 77.14 92.16 54.50
C VAL H 937 77.84 92.75 53.27
N SER H 938 78.47 91.90 52.47
CA SER H 938 79.24 92.37 51.32
C SER H 938 79.27 91.38 50.17
N GLY H 939 79.24 91.92 48.95
CA GLY H 939 79.33 91.11 47.74
C GLY H 939 80.70 91.14 47.12
N SER H 940 80.74 91.05 45.79
CA SER H 940 81.97 91.14 45.00
C SER H 940 83.00 90.08 45.36
N ASN H 941 82.56 88.83 45.45
CA ASN H 941 83.45 87.70 45.69
C ASN H 941 83.86 87.03 44.38
N SER H 942 83.41 87.60 43.26
CA SER H 942 83.60 87.02 41.94
C SER H 942 85.06 86.80 41.55
N HIS H 943 85.79 87.89 41.36
CA HIS H 943 87.14 87.82 40.79
C HIS H 943 88.23 87.70 41.85
N GLN H 944 87.85 87.69 43.11
CA GLN H 944 88.83 87.61 44.19
C GLN H 944 89.34 86.18 44.37
N ASN H 945 88.48 85.20 44.12
CA ASN H 945 88.83 83.80 44.30
C ASN H 945 88.44 82.92 43.11
N ARG H 946 89.44 82.32 42.46
CA ARG H 946 89.17 81.32 41.44
C ARG H 946 89.98 80.03 41.71
N GLU H 947 91.31 80.11 41.67
CA GLU H 947 92.15 78.98 41.99
C GLU H 947 92.77 79.15 43.37
N ILE H 948 93.54 78.15 43.80
CA ILE H 948 94.19 78.20 45.12
C ILE H 948 95.62 77.67 45.06
N ALA H 949 96.56 78.47 45.56
CA ALA H 949 97.95 78.06 45.67
C ALA H 949 98.34 77.95 47.14
N TRP H 950 99.59 77.57 47.39
CA TRP H 950 100.05 77.39 48.76
C TRP H 950 101.53 77.73 48.93
N VAL H 951 101.86 78.30 50.09
CA VAL H 951 103.24 78.72 50.37
C VAL H 951 104.10 77.53 50.80
N HIS H 952 105.16 77.29 50.04
CA HIS H 952 106.07 76.19 50.34
C HIS H 952 106.93 76.50 51.55
N SER H 953 106.89 75.61 52.54
CA SER H 953 107.64 75.78 53.78
C SER H 953 107.73 74.48 54.56
N ALA H 954 108.32 74.55 55.75
CA ALA H 954 108.47 73.37 56.60
C ALA H 954 107.49 73.40 57.76
N ASP H 955 106.51 72.50 57.72
CA ASP H 955 105.50 72.37 58.77
C ASP H 955 104.76 73.68 59.03
N GLU H 956 104.55 74.46 57.97
CA GLU H 956 103.81 75.72 58.09
C GLU H 956 102.83 75.85 56.93
N ILE H 957 101.56 76.05 57.25
CA ILE H 957 100.52 76.10 56.24
C ILE H 957 100.04 77.53 55.95
N SER H 958 100.35 78.01 54.76
CA SER H 958 99.89 79.32 54.30
C SER H 958 99.37 79.22 52.88
N VAL H 959 98.08 79.53 52.69
CA VAL H 959 97.44 79.39 51.39
C VAL H 959 97.22 80.74 50.71
N MET H 960 97.30 80.73 49.38
CA MET H 960 97.10 81.94 48.59
C MET H 960 95.99 81.74 47.56
N THR H 961 95.46 82.84 47.04
CA THR H 961 94.33 82.81 46.12
C THR H 961 94.54 83.74 44.93
N LYS H 962 93.48 83.90 44.13
CA LYS H 962 93.47 84.82 43.00
C LYS H 962 93.67 86.25 43.51
N ALA H 963 94.10 87.15 42.63
CA ALA H 963 94.52 88.50 43.00
C ALA H 963 95.72 88.43 43.93
N CYS H 964 96.75 87.71 43.46
CA CYS H 964 98.04 87.53 44.13
C CYS H 964 97.92 87.18 45.61
N LEU H 965 98.69 87.87 46.44
CA LEU H 965 98.83 87.48 47.83
C LEU H 965 97.67 87.95 48.71
N GLU H 966 96.95 86.99 49.28
CA GLU H 966 96.00 87.26 50.35
C GLU H 966 96.46 86.51 51.59
N PRO H 967 96.93 87.25 52.61
CA PRO H 967 97.53 86.63 53.79
C PRO H 967 96.60 85.66 54.52
N ASN H 968 97.09 84.44 54.75
CA ASN H 968 96.35 83.44 55.51
C ASN H 968 97.29 82.59 56.35
N VAL H 969 96.93 82.37 57.62
CA VAL H 969 97.73 81.55 58.51
C VAL H 969 96.86 80.62 59.35
N TYR H 970 97.50 79.66 60.02
CA TYR H 970 96.81 78.61 60.76
C TYR H 970 95.88 79.15 61.85
N LEU H 971 94.63 78.73 61.80
CA LEU H 971 93.58 79.16 62.72
C LEU H 971 93.47 80.69 62.89
N ARG H 972 93.43 81.39 61.76
CA ARG H 972 93.21 82.84 61.79
C ARG H 972 92.28 83.26 60.65
N SER H 973 91.32 84.12 60.95
CA SER H 973 90.34 84.57 59.98
C SER H 973 90.75 85.86 59.28
N LEU H 974 91.95 86.35 59.59
CA LEU H 974 92.45 87.59 59.00
C LEU H 974 92.62 87.46 57.50
N MET H 975 92.02 88.39 56.75
CA MET H 975 92.09 88.38 55.30
C MET H 975 92.27 89.79 54.74
N ASP H 976 93.20 89.92 53.79
CA ASP H 976 93.43 91.21 53.12
C ASP H 976 93.22 91.06 51.62
N MET H 977 92.81 92.15 50.97
CA MET H 977 92.53 92.10 49.53
C MET H 977 93.32 93.15 48.74
N THR H 978 94.24 92.67 47.90
CA THR H 978 94.98 93.54 46.99
C THR H 978 95.14 92.83 45.65
N ARG H 979 94.78 93.51 44.56
CA ARG H 979 94.81 92.88 43.25
C ARG H 979 95.76 93.57 42.27
N GLU H 980 96.85 92.89 41.93
CA GLU H 980 97.75 93.34 40.87
C GLU H 980 97.42 92.62 39.57
N ARG H 981 96.36 91.81 39.61
CA ARG H 981 95.89 91.02 38.48
C ARG H 981 96.96 90.05 37.98
N THR H 982 97.25 89.04 38.80
CA THR H 982 98.16 87.96 38.40
C THR H 982 97.45 86.92 37.54
N GLN H 983 98.22 86.20 36.73
CA GLN H 983 97.69 85.11 35.93
C GLN H 983 97.70 83.82 36.73
N LEU H 984 98.89 83.28 36.97
CA LEU H 984 99.05 82.08 37.79
C LEU H 984 100.16 82.28 38.82
N LEU H 985 99.84 82.06 40.09
CA LEU H 985 100.76 82.36 41.18
C LEU H 985 101.53 81.14 41.67
N ALA H 986 102.84 81.31 41.84
CA ALA H 986 103.70 80.27 42.41
C ALA H 986 104.43 80.83 43.63
N VAL H 987 104.96 79.94 44.47
CA VAL H 987 105.63 80.38 45.69
C VAL H 987 107.03 79.77 45.82
N ASP H 988 107.98 80.56 46.27
CA ASP H 988 109.35 80.10 46.47
C ASP H 988 109.41 79.22 47.73
N SER H 989 110.57 78.65 48.02
CA SER H 989 110.74 77.79 49.19
C SER H 989 110.81 78.61 50.47
N LYS H 990 111.39 79.80 50.37
CA LYS H 990 111.50 80.70 51.52
C LYS H 990 110.38 81.72 51.53
N GLU H 991 110.47 82.69 52.43
CA GLU H 991 109.45 83.73 52.54
C GLU H 991 109.47 84.70 51.37
N ARG H 992 110.49 84.56 50.52
CA ARG H 992 110.62 85.39 49.32
C ARG H 992 109.42 85.23 48.40
N ILE H 993 108.93 86.34 47.87
CA ILE H 993 107.75 86.31 47.01
C ILE H 993 108.08 86.26 45.52
N HIS H 994 107.55 85.22 44.88
CA HIS H 994 107.63 85.02 43.45
C HIS H 994 106.27 85.25 42.83
N LEU H 995 106.18 86.15 41.85
CA LEU H 995 104.87 86.45 41.26
C LEU H 995 104.94 86.78 39.77
N ILE H 996 103.77 87.00 39.18
CA ILE H 996 103.66 87.25 37.74
C ILE H 996 102.86 88.52 37.47
N LYS H 997 103.27 89.25 36.44
CA LYS H 997 102.57 90.46 36.04
C LYS H 997 102.21 90.29 34.56
N PRO H 998 101.12 90.92 34.09
CA PRO H 998 100.83 90.75 32.67
C PRO H 998 102.02 91.08 31.77
N ALA H 999 102.34 90.15 30.89
CA ALA H 999 103.47 90.25 29.96
C ALA H 999 104.84 90.38 30.64
N ILE H 1000 105.01 89.79 31.83
CA ILE H 1000 106.32 89.77 32.49
C ILE H 1000 106.31 88.96 33.79
N SER H 1001 107.49 88.54 34.26
CA SER H 1001 107.60 87.79 35.51
C SER H 1001 108.41 88.58 36.54
N ARG H 1002 108.05 88.45 37.81
CA ARG H 1002 108.70 89.23 38.85
C ARG H 1002 109.11 88.40 40.08
N ILE H 1003 110.33 88.65 40.56
CA ILE H 1003 110.88 87.95 41.71
C ILE H 1003 111.39 88.97 42.73
N SER H 1004 110.85 88.93 43.95
CA SER H 1004 111.20 89.94 44.93
C SER H 1004 111.17 89.45 46.37
N GLU H 1005 111.99 90.06 47.23
CA GLU H 1005 111.92 89.82 48.66
C GLU H 1005 110.53 90.16 49.18
N TRP H 1006 110.20 91.44 49.14
CA TRP H 1006 108.81 91.88 49.34
C TRP H 1006 108.41 92.64 48.07
N SER H 1007 107.15 93.05 47.96
CA SER H 1007 106.69 93.70 46.75
C SER H 1007 106.37 95.19 46.94
N THR H 1008 107.23 96.04 46.40
CA THR H 1008 106.95 97.47 46.33
C THR H 1008 107.06 97.95 44.89
N ILE H 1009 108.30 98.09 44.41
CA ILE H 1009 108.54 98.44 43.02
C ILE H 1009 108.76 97.18 42.18
N THR H 1010 108.91 96.04 42.86
CA THR H 1010 109.13 94.74 42.23
C THR H 1010 110.15 94.75 41.09
N PRO H 1011 111.44 94.92 41.42
CA PRO H 1011 112.50 94.94 40.39
C PRO H 1011 112.62 93.61 39.65
N THR H 1012 113.01 93.66 38.39
CA THR H 1012 113.20 92.47 37.56
C THR H 1012 113.75 92.81 36.17
N HIS H 1013 114.29 91.81 35.48
CA HIS H 1013 114.78 91.96 34.12
C HIS H 1013 114.52 90.70 33.31
N ALA H 1014 114.05 90.86 32.08
CA ALA H 1014 113.73 89.71 31.25
C ALA H 1014 113.94 89.98 29.76
N ALA H 1015 114.40 88.97 29.04
CA ALA H 1015 114.60 89.06 27.61
C ALA H 1015 113.40 88.50 26.86
N SER H 1016 112.36 88.11 27.62
CA SER H 1016 111.17 87.48 27.06
C SER H 1016 110.53 88.29 25.94
N ASN H 1017 110.16 87.60 24.86
CA ASN H 1017 109.60 88.24 23.68
C ASN H 1017 108.12 88.61 23.85
N CYS H 1018 107.37 87.73 24.51
CA CYS H 1018 105.93 87.94 24.65
C CYS H 1018 105.44 87.61 26.06
N LYS H 1019 104.11 87.64 26.23
CA LYS H 1019 103.48 87.39 27.52
C LYS H 1019 103.70 85.95 27.99
N ILE H 1020 103.98 85.79 29.28
CA ILE H 1020 104.18 84.48 29.86
C ILE H 1020 102.90 83.97 30.51
N ASN H 1021 102.57 82.69 30.28
CA ASN H 1021 101.38 82.09 30.85
C ASN H 1021 101.53 81.77 32.33
N ALA H 1022 102.64 81.13 32.68
CA ALA H 1022 102.89 80.76 34.07
C ALA H 1022 104.39 80.73 34.37
N ILE H 1023 104.74 81.04 35.61
CA ILE H 1023 106.14 81.07 36.03
C ILE H 1023 106.27 80.53 37.45
N SER H 1024 107.35 79.78 37.71
CA SER H 1024 107.54 79.12 39.01
C SER H 1024 108.97 79.28 39.51
N ALA H 1025 109.19 78.93 40.78
CA ALA H 1025 110.50 79.06 41.41
C ALA H 1025 110.95 77.77 42.07
N PHE H 1026 112.24 77.48 41.98
CA PHE H 1026 112.82 76.31 42.64
C PHE H 1026 112.96 76.52 44.15
N ASN H 1027 113.47 75.49 44.82
CA ASN H 1027 113.83 75.58 46.22
C ASN H 1027 115.16 76.32 46.35
N ASP H 1028 116.20 75.74 45.77
CA ASP H 1028 117.51 76.38 45.68
C ASP H 1028 117.48 77.61 44.79
N GLU H 1029 118.47 78.48 44.92
CA GLU H 1029 118.50 79.75 44.23
C GLU H 1029 119.00 79.62 42.79
N GLN H 1030 119.33 78.40 42.36
CA GLN H 1030 119.87 78.17 41.04
C GLN H 1030 118.84 78.41 39.94
N ILE H 1031 119.18 79.30 39.00
CA ILE H 1031 118.38 79.65 37.82
C ILE H 1031 116.88 79.81 38.08
N PHE H 1032 116.06 79.28 37.18
CA PHE H 1032 114.58 79.27 37.20
C PHE H 1032 114.06 78.58 35.93
N VAL H 1033 112.79 78.16 35.97
CA VAL H 1033 112.14 77.58 34.80
C VAL H 1033 110.72 78.09 34.65
N GLY H 1034 110.12 77.86 33.49
CA GLY H 1034 108.73 78.23 33.25
C GLY H 1034 108.40 78.08 31.78
N TYR H 1035 107.11 78.08 31.46
CA TYR H 1035 106.69 77.99 30.07
C TYR H 1035 106.07 79.30 29.61
N VAL H 1036 106.67 79.88 28.58
CA VAL H 1036 106.23 81.17 28.06
C VAL H 1036 105.48 80.90 26.74
N ASP H 1037 104.92 81.95 26.13
CA ASP H 1037 104.30 81.83 24.82
C ASP H 1037 105.34 81.72 23.72
N GLY H 1038 106.61 81.83 24.10
CA GLY H 1038 107.70 81.82 23.14
C GLY H 1038 108.99 81.23 23.68
N VAL H 1039 110.02 81.24 22.86
CA VAL H 1039 111.28 80.56 23.13
C VAL H 1039 111.99 81.03 24.40
N ILE H 1040 112.17 82.34 24.54
CA ILE H 1040 112.96 82.91 25.63
C ILE H 1040 112.39 82.60 27.02
N ILE H 1041 113.24 82.06 27.89
CA ILE H 1041 112.87 81.81 29.29
C ILE H 1041 113.72 82.67 30.22
N ASP H 1042 113.06 83.56 30.95
CA ASP H 1042 113.76 84.53 31.79
C ASP H 1042 114.19 84.00 33.15
N VAL H 1043 115.33 84.49 33.64
CA VAL H 1043 115.81 84.19 34.98
C VAL H 1043 116.33 85.47 35.64
N ILE H 1044 116.52 85.43 36.96
CA ILE H 1044 116.99 86.60 37.69
C ILE H 1044 118.15 86.23 38.62
N HIS H 1045 119.05 87.20 38.87
CA HIS H 1045 120.17 87.06 39.80
C HIS H 1045 121.21 86.06 39.31
N ASP H 1046 120.90 85.33 38.24
CA ASP H 1046 121.79 84.31 37.71
C ASP H 1046 122.09 84.54 36.23
N THR H 1047 123.31 84.23 35.83
CA THR H 1047 123.72 84.32 34.44
C THR H 1047 123.51 82.99 33.72
N ALA H 1048 124.05 82.87 32.52
CA ALA H 1048 124.01 81.64 31.73
C ALA H 1048 122.57 81.19 31.43
N LEU H 1049 121.92 81.94 30.55
CA LEU H 1049 120.56 81.61 30.10
C LEU H 1049 120.51 80.20 29.50
N PRO H 1050 119.33 79.56 29.55
CA PRO H 1050 119.19 78.19 29.02
C PRO H 1050 119.49 78.13 27.51
N GLN H 1051 119.75 76.93 27.01
CA GLN H 1051 120.17 76.76 25.62
C GLN H 1051 118.98 76.74 24.65
N GLN H 1052 117.79 76.53 25.19
CA GLN H 1052 116.56 76.42 24.40
C GLN H 1052 116.64 75.35 23.32
N PHE H 1053 116.54 75.80 22.06
CA PHE H 1053 116.38 74.92 20.89
C PHE H 1053 115.11 74.08 21.01
N ILE H 1054 114.00 74.75 21.35
CA ILE H 1054 112.70 74.11 21.39
C ILE H 1054 111.61 75.12 21.04
N GLU H 1055 110.58 74.66 20.34
CA GLU H 1055 109.49 75.54 19.94
C GLU H 1055 108.79 76.21 21.14
N GLU H 1056 108.03 75.45 21.93
CA GLU H 1056 107.46 76.00 23.15
C GLU H 1056 107.41 74.91 24.22
N PRO H 1057 107.70 75.27 25.49
CA PRO H 1057 107.72 74.32 26.61
C PRO H 1057 106.34 74.03 27.19
N ILE H 1058 106.14 72.84 27.76
CA ILE H 1058 104.84 72.48 28.34
C ILE H 1058 104.91 72.14 29.84
N ASP H 1059 105.62 71.07 30.20
CA ASP H 1059 105.62 70.59 31.57
C ASP H 1059 106.95 70.87 32.28
N TYR H 1060 106.90 71.66 33.34
CA TYR H 1060 108.07 71.95 34.14
C TYR H 1060 108.03 71.18 35.46
N LEU H 1061 109.03 71.41 36.32
CA LEU H 1061 109.16 70.70 37.58
C LEU H 1061 110.32 71.27 38.41
N LYS H 1062 110.41 70.83 39.66
CA LYS H 1062 111.41 71.35 40.58
C LYS H 1062 112.35 70.25 41.08
N GLN H 1063 113.65 70.53 41.05
CA GLN H 1063 114.65 69.60 41.56
C GLN H 1063 115.75 70.34 42.34
N VAL H 1064 116.27 69.69 43.37
CA VAL H 1064 117.35 70.27 44.17
C VAL H 1064 118.70 70.02 43.50
N SER H 1065 118.71 69.15 42.50
CA SER H 1065 119.93 68.84 41.76
C SER H 1065 120.28 69.97 40.79
N PRO H 1066 121.59 70.17 40.54
CA PRO H 1066 122.08 71.19 39.62
C PRO H 1066 121.49 71.06 38.21
N ASN H 1067 121.22 69.84 37.78
CA ASN H 1067 120.62 69.61 36.47
C ASN H 1067 119.10 69.50 36.54
N ILE H 1068 118.43 70.05 35.55
CA ILE H 1068 116.97 70.06 35.52
C ILE H 1068 116.43 69.58 34.17
N LEU H 1069 115.61 68.53 34.20
CA LEU H 1069 115.00 68.00 32.99
C LEU H 1069 113.66 68.67 32.72
N VAL H 1070 113.47 69.14 31.48
CA VAL H 1070 112.25 69.85 31.11
C VAL H 1070 111.54 69.22 29.92
N ALA H 1071 110.26 68.93 30.09
CA ALA H 1071 109.44 68.36 29.02
C ALA H 1071 109.12 69.43 27.97
N SER H 1072 108.75 68.98 26.78
CA SER H 1072 108.49 69.91 25.68
C SER H 1072 107.30 69.48 24.82
N ALA H 1073 106.73 70.43 24.09
CA ALA H 1073 105.61 70.16 23.20
C ALA H 1073 106.03 69.29 22.02
N HIS H 1074 107.28 69.43 21.61
CA HIS H 1074 107.85 68.60 20.56
C HIS H 1074 108.20 67.22 21.11
N SER H 1075 108.01 67.08 22.42
CA SER H 1075 108.25 65.82 23.15
C SER H 1075 109.72 65.44 23.14
N ALA H 1076 110.60 66.44 23.18
CA ALA H 1076 112.03 66.22 23.32
C ALA H 1076 112.49 66.80 24.65
N GLN H 1077 112.87 65.92 25.58
CA GLN H 1077 113.28 66.36 26.91
C GLN H 1077 114.58 67.16 26.85
N LYS H 1078 114.66 68.19 27.67
CA LYS H 1078 115.82 69.08 27.68
C LYS H 1078 116.59 68.97 28.98
N THR H 1079 117.92 68.90 28.88
CA THR H 1079 118.78 68.83 30.06
C THR H 1079 119.41 70.18 30.33
N VAL H 1080 118.99 70.82 31.42
CA VAL H 1080 119.50 72.15 31.77
C VAL H 1080 120.58 72.05 32.86
N ILE H 1081 121.79 72.44 32.50
CA ILE H 1081 122.92 72.42 33.42
C ILE H 1081 123.21 73.82 33.94
N PHE H 1082 123.39 73.94 35.25
CA PHE H 1082 123.57 75.25 35.88
C PHE H 1082 124.91 75.90 35.54
N GLN H 1083 124.83 77.12 35.00
CA GLN H 1083 125.98 77.99 34.82
C GLN H 1083 127.05 77.36 33.91
N LEU H 1084 126.63 76.45 33.04
CA LEU H 1084 127.53 75.76 32.11
C LEU H 1084 126.73 74.82 31.21
N GLU H 1085 127.32 74.45 30.07
CA GLU H 1085 126.69 73.48 29.18
C GLU H 1085 127.59 72.29 28.90
N LYS H 1086 128.60 72.51 28.06
CA LYS H 1086 129.58 71.49 27.67
C LYS H 1086 128.95 70.19 27.15
N ILE H 1087 127.81 70.33 26.47
CA ILE H 1087 126.94 69.21 26.05
C ILE H 1087 125.88 69.83 25.12
N ASP H 1088 125.25 69.01 24.29
CA ASP H 1088 124.20 69.48 23.39
C ASP H 1088 122.86 68.88 23.78
N PRO H 1089 121.94 69.72 24.29
CA PRO H 1089 120.64 69.27 24.78
C PRO H 1089 119.65 68.92 23.67
N LEU H 1090 120.06 68.04 22.76
CA LEU H 1090 119.17 67.59 21.69
C LEU H 1090 118.84 66.11 21.84
N GLN H 1091 117.59 65.81 22.19
CA GLN H 1091 117.15 64.43 22.35
C GLN H 1091 115.73 64.23 21.84
N PRO H 1092 115.57 64.15 20.51
CA PRO H 1092 114.25 63.94 19.89
C PRO H 1092 113.84 62.47 19.86
N ASN H 1093 113.56 61.90 21.03
CA ASN H 1093 113.20 60.49 21.15
C ASN H 1093 111.98 60.13 20.30
N ASP H 1094 110.81 60.60 20.73
CA ASP H 1094 109.56 60.31 20.05
C ASP H 1094 108.73 61.56 19.82
N GLN H 1095 107.70 61.45 18.99
CA GLN H 1095 106.79 62.57 18.74
C GLN H 1095 105.56 62.47 19.65
N TRP H 1096 105.49 61.42 20.44
CA TRP H 1096 104.45 61.30 21.45
C TRP H 1096 104.84 62.09 22.69
N PRO H 1097 103.92 62.89 23.22
CA PRO H 1097 104.19 63.83 24.32
C PRO H 1097 104.76 63.17 25.58
N LEU H 1098 105.71 63.84 26.21
CA LEU H 1098 106.36 63.31 27.41
C LEU H 1098 105.89 63.99 28.69
N MET H 1099 105.69 63.20 29.73
CA MET H 1099 105.46 63.72 31.07
C MET H 1099 106.22 62.85 32.06
N MET H 1100 106.95 63.48 32.98
CA MET H 1100 107.95 62.74 33.75
C MET H 1100 107.86 62.94 35.27
N ASP H 1101 108.28 61.90 35.99
CA ASP H 1101 108.45 61.96 37.43
C ASP H 1101 109.86 61.47 37.79
N VAL H 1102 110.16 61.46 39.09
CA VAL H 1102 111.47 60.98 39.55
C VAL H 1102 111.35 60.37 40.94
N SER H 1103 112.12 59.32 41.20
CA SER H 1103 112.11 58.69 42.51
C SER H 1103 113.33 59.08 43.33
N THR H 1104 114.47 58.47 43.05
CA THR H 1104 115.73 58.89 43.67
C THR H 1104 116.86 59.07 42.66
N LYS H 1105 117.39 57.95 42.17
CA LYS H 1105 118.50 57.96 41.23
C LYS H 1105 118.02 57.85 39.79
N TYR H 1106 116.74 57.54 39.61
CA TYR H 1106 116.21 57.25 38.29
C TYR H 1106 115.23 58.28 37.77
N ALA H 1107 115.47 58.77 36.56
CA ALA H 1107 114.53 59.66 35.89
C ALA H 1107 113.46 58.85 35.19
N SER H 1108 112.20 59.10 35.55
CA SER H 1108 111.08 58.33 35.02
C SER H 1108 110.35 59.09 33.93
N LEU H 1109 110.45 58.61 32.69
CA LEU H 1109 109.78 59.25 31.57
C LEU H 1109 108.54 58.46 31.14
N GLN H 1110 107.37 59.09 31.29
CA GLN H 1110 106.13 58.48 30.82
C GLN H 1110 105.70 59.14 29.51
N GLU H 1111 105.76 58.36 28.43
CA GLU H 1111 105.41 58.86 27.11
C GLU H 1111 103.99 58.47 26.71
N GLY H 1112 103.62 58.79 25.48
CA GLY H 1112 102.34 58.39 24.93
C GLY H 1112 102.41 56.99 24.36
N GLN H 1113 103.57 56.37 24.46
CA GLN H 1113 103.78 55.02 23.98
C GLN H 1113 104.22 54.09 25.10
N TYR H 1114 105.39 54.33 25.65
CA TYR H 1114 105.92 53.50 26.73
C TYR H 1114 106.54 54.33 27.84
N ILE H 1115 107.04 53.65 28.87
CA ILE H 1115 107.70 54.31 29.99
C ILE H 1115 109.16 53.90 30.07
N ILE H 1116 110.06 54.87 30.00
CA ILE H 1116 111.49 54.57 29.99
C ILE H 1116 112.19 55.21 31.20
N LEU H 1117 113.19 54.51 31.73
CA LEU H 1117 113.93 54.98 32.90
C LEU H 1117 115.37 55.33 32.52
N PHE H 1118 115.85 56.45 33.04
CA PHE H 1118 117.25 56.83 32.83
C PHE H 1118 118.06 56.79 34.13
N SER H 1119 119.35 56.48 33.99
CA SER H 1119 120.27 56.48 35.12
C SER H 1119 121.23 57.65 35.02
N ASP H 1120 121.11 58.57 35.98
CA ASP H 1120 121.94 59.78 35.98
C ASP H 1120 123.41 59.47 36.25
N HIS H 1121 124.27 59.97 35.38
CA HIS H 1121 125.71 59.78 35.54
C HIS H 1121 126.25 60.68 36.64
N GLY H 1122 125.68 61.88 36.73
CA GLY H 1122 126.08 62.83 37.76
C GLY H 1122 125.05 63.94 37.93
N VAL H 1123 125.04 64.55 39.10
CA VAL H 1123 124.10 65.63 39.39
C VAL H 1123 124.55 66.94 38.75
N CYS H 1124 125.84 67.06 38.48
CA CYS H 1124 126.39 68.26 37.88
C CYS H 1124 126.04 68.37 36.41
N HIS H 1125 126.23 67.27 35.67
CA HIS H 1125 125.96 67.25 34.25
C HIS H 1125 125.44 65.89 33.80
N LEU H 1126 124.51 65.89 32.85
CA LEU H 1126 123.95 64.65 32.32
C LEU H 1126 124.26 64.49 30.84
N ASP H 1127 125.06 63.48 30.51
CA ASP H 1127 125.44 63.22 29.13
C ASP H 1127 124.80 61.94 28.58
N ILE H 1128 125.14 60.80 29.17
CA ILE H 1128 124.61 59.51 28.71
C ILE H 1128 123.57 58.97 29.69
N ALA H 1129 122.58 58.26 29.17
CA ALA H 1129 121.53 57.70 29.98
C ALA H 1129 121.30 56.22 29.65
N ASN H 1130 121.52 55.37 30.65
CA ASN H 1130 121.35 53.93 30.46
C ASN H 1130 119.92 53.48 30.67
N PRO H 1131 119.33 52.85 29.64
CA PRO H 1131 117.95 52.33 29.73
C PRO H 1131 117.83 51.14 30.67
N SER H 1132 116.74 51.07 31.41
CA SER H 1132 116.53 50.00 32.38
C SER H 1132 115.22 49.25 32.15
N ALA H 1133 114.11 49.94 32.38
CA ALA H 1133 112.79 49.32 32.25
C ALA H 1133 111.94 50.01 31.20
N PHE H 1134 111.64 49.28 30.13
CA PHE H 1134 110.76 49.79 29.08
C PHE H 1134 109.81 48.68 28.60
N VAL H 1135 108.52 49.00 28.54
CA VAL H 1135 107.52 48.04 28.11
C VAL H 1135 106.31 48.75 27.48
N LYS H 1136 105.70 48.11 26.50
CA LYS H 1136 104.50 48.65 25.86
C LYS H 1136 103.24 48.11 26.54
N PRO H 1137 102.49 48.99 27.21
CA PRO H 1137 101.30 48.60 27.97
C PRO H 1137 100.09 48.29 27.08
N LYS H 1138 98.94 48.05 27.71
CA LYS H 1138 97.70 47.73 27.01
C LYS H 1138 97.16 48.95 26.27
N ASP H 1139 96.27 48.69 25.31
CA ASP H 1139 95.66 49.75 24.51
C ASP H 1139 94.84 50.70 25.40
N SER H 1140 94.68 51.93 24.92
CA SER H 1140 94.10 53.02 25.71
C SER H 1140 94.92 53.22 26.98
N GLU H 1141 96.14 53.70 26.79
CA GLU H 1141 97.12 53.81 27.87
C GLU H 1141 96.77 54.89 28.88
N GLU H 1142 97.33 54.77 30.08
CA GLU H 1142 97.08 55.73 31.15
C GLU H 1142 97.87 57.03 30.92
N TYR H 1143 97.21 58.15 31.19
CA TYR H 1143 97.83 59.46 31.05
C TYR H 1143 99.07 59.63 31.93
N ILE H 1144 98.87 59.66 33.24
CA ILE H 1144 99.97 59.91 34.16
C ILE H 1144 99.81 59.13 35.47
N VAL H 1145 100.93 58.67 36.02
CA VAL H 1145 100.94 57.94 37.28
C VAL H 1145 101.89 58.59 38.27
N GLY H 1146 102.10 57.96 39.42
CA GLY H 1146 102.98 58.50 40.43
C GLY H 1146 103.69 57.43 41.24
N PHE H 1147 104.74 57.83 41.94
CA PHE H 1147 105.56 56.90 42.72
C PHE H 1147 105.60 57.30 44.19
N ASP H 1148 106.01 56.36 45.04
CA ASP H 1148 106.12 56.61 46.47
C ASP H 1148 107.50 57.15 46.83
N LEU H 1149 107.76 57.29 48.13
CA LEU H 1149 109.04 57.77 48.63
C LEU H 1149 109.70 56.71 49.49
N LYS H 1150 111.04 56.70 49.48
CA LYS H 1150 111.84 55.72 50.22
C LYS H 1150 111.52 54.29 49.79
N ASN H 1151 111.04 54.14 48.57
CA ASN H 1151 110.69 52.84 48.02
C ASN H 1151 111.34 52.62 46.66
N SER H 1152 110.96 53.45 45.69
CA SER H 1152 111.50 53.40 44.33
C SER H 1152 111.25 52.05 43.67
N LEU H 1153 109.99 51.74 43.40
CA LEU H 1153 109.61 50.51 42.74
C LEU H 1153 108.93 50.80 41.40
N LEU H 1154 108.54 49.74 40.69
CA LEU H 1154 107.87 49.90 39.40
C LEU H 1154 106.36 49.85 39.58
N PHE H 1155 105.67 50.86 39.06
CA PHE H 1155 104.22 50.93 39.16
C PHE H 1155 103.58 51.31 37.83
N LEU H 1156 102.72 50.43 37.32
CA LEU H 1156 101.99 50.69 36.09
C LEU H 1156 100.52 50.32 36.28
N ALA H 1157 99.64 51.31 36.14
CA ALA H 1157 98.21 51.09 36.35
C ALA H 1157 97.39 51.52 35.14
N TYR H 1158 96.53 50.63 34.66
CA TYR H 1158 95.65 50.92 33.54
C TYR H 1158 94.63 51.97 33.98
N GLU H 1159 94.08 52.71 33.02
CA GLU H 1159 93.24 53.86 33.36
C GLU H 1159 91.83 53.48 33.84
N ASN H 1160 91.29 52.38 33.34
CA ASN H 1160 89.90 52.04 33.65
C ASN H 1160 89.73 50.91 34.66
N ASN H 1161 89.30 51.29 35.85
CA ASN H 1161 88.83 50.35 36.88
C ASN H 1161 89.81 49.26 37.30
N ILE H 1162 91.11 49.49 37.09
CA ILE H 1162 92.12 48.57 37.59
C ILE H 1162 93.45 49.29 37.86
N ILE H 1163 94.12 48.91 38.95
CA ILE H 1163 95.45 49.42 39.25
C ILE H 1163 96.36 48.29 39.73
N ASP H 1164 97.60 48.28 39.24
CA ASP H 1164 98.51 47.18 39.53
C ASP H 1164 99.86 47.67 40.06
N VAL H 1165 100.36 47.00 41.09
CA VAL H 1165 101.68 47.28 41.65
C VAL H 1165 102.67 46.22 41.19
N PHE H 1166 103.78 46.66 40.62
CA PHE H 1166 104.77 45.74 40.05
C PHE H 1166 106.08 45.76 40.81
N ARG H 1167 107.02 44.93 40.35
CA ARG H 1167 108.38 44.90 40.90
C ARG H 1167 109.33 45.48 39.86
N LEU H 1168 110.41 46.11 40.33
CA LEU H 1168 111.33 46.80 39.44
C LEU H 1168 111.90 45.90 38.34
N ILE H 1169 112.83 45.02 38.73
CA ILE H 1169 113.43 44.00 37.85
C ILE H 1169 113.74 44.57 36.45
N PHE H 1170 113.35 43.84 35.40
CA PHE H 1170 113.36 44.39 34.05
C PHE H 1170 111.96 44.91 33.73
N SER H 1171 111.03 43.99 33.49
CA SER H 1171 109.63 44.35 33.36
C SER H 1171 108.73 43.20 33.84
N CYS H 1172 107.64 43.54 34.54
CA CYS H 1172 106.69 42.53 34.96
C CYS H 1172 105.24 42.94 34.69
N ASN H 1173 104.59 42.22 33.80
CA ASN H 1173 103.16 42.40 33.56
C ASN H 1173 102.34 41.35 34.29
N GLN H 1174 103.02 40.46 35.01
CA GLN H 1174 102.38 39.30 35.62
C GLN H 1174 101.82 39.58 37.00
N LEU H 1175 100.56 39.19 37.21
CA LEU H 1175 99.91 39.29 38.51
C LEU H 1175 99.29 37.95 38.88
N ARG H 1176 98.30 37.54 38.08
CA ARG H 1176 97.64 36.25 38.21
C ARG H 1176 97.03 36.00 39.60
N TYR H 1177 97.17 34.77 40.08
CA TYR H 1177 96.56 34.37 41.34
C TYR H 1177 97.52 34.46 42.52
N GLU H 1178 98.75 34.88 42.26
CA GLU H 1178 99.78 35.01 43.29
C GLU H 1178 99.32 35.94 44.41
N GLN H 1179 99.13 37.22 44.08
CA GLN H 1179 98.63 38.19 45.04
C GLN H 1179 97.63 39.13 44.40
N ILE H 1180 96.83 39.79 45.22
CA ILE H 1180 95.86 40.77 44.74
C ILE H 1180 96.28 42.18 45.15
N CYS H 1181 96.54 43.03 44.16
CA CYS H 1181 97.03 44.38 44.44
C CYS H 1181 95.93 45.44 44.33
N GLU H 1182 95.53 45.96 45.48
CA GLU H 1182 94.51 47.00 45.60
C GLU H 1182 93.25 46.69 44.81
N GLU H 1183 92.67 47.73 44.21
CA GLU H 1183 91.44 47.72 43.40
C GLU H 1183 91.19 49.11 42.86
N GLU H 1184 90.39 49.22 41.81
CA GLU H 1184 89.89 50.52 41.37
C GLU H 1184 88.40 50.41 41.05
N ILE H 1185 87.57 51.06 41.87
CA ILE H 1185 86.12 51.00 41.68
C ILE H 1185 85.49 52.21 41.01
N ALA H 1186 86.28 53.25 40.74
CA ALA H 1186 85.70 54.50 40.27
C ALA H 1186 86.39 55.08 39.04
N GLN H 1187 87.63 55.52 39.23
CA GLN H 1187 88.35 56.31 38.24
C GLN H 1187 88.42 55.65 36.87
N LYS H 1188 88.22 56.45 35.82
CA LYS H 1188 88.29 55.97 34.45
C LYS H 1188 89.23 56.84 33.60
N ALA H 1189 88.92 58.13 33.47
CA ALA H 1189 89.73 59.06 32.70
C ALA H 1189 90.50 60.00 33.60
N LYS H 1190 91.68 60.42 33.14
CA LYS H 1190 92.53 61.37 33.87
C LYS H 1190 92.92 60.90 35.26
N ILE H 1191 93.49 59.70 35.36
CA ILE H 1191 94.11 59.26 36.61
C ILE H 1191 95.27 60.20 36.93
N SER H 1192 95.48 60.51 38.21
CA SER H 1192 96.42 61.57 38.55
C SER H 1192 97.74 61.09 39.15
N TYR H 1193 97.71 60.74 40.44
CA TYR H 1193 98.94 60.53 41.20
C TYR H 1193 98.80 59.53 42.34
N LEU H 1194 99.85 59.47 43.15
CA LEU H 1194 99.86 58.75 44.43
C LEU H 1194 101.21 58.99 45.10
N VAL H 1195 101.27 58.82 46.42
CA VAL H 1195 102.46 59.13 47.19
C VAL H 1195 102.66 58.22 48.39
N ALA H 1196 103.85 58.30 48.98
CA ALA H 1196 104.13 57.61 50.24
C ALA H 1196 103.27 58.18 51.36
N THR H 1197 103.08 57.39 52.40
CA THR H 1197 102.17 57.77 53.48
C THR H 1197 102.60 57.09 54.79
N ASP H 1198 101.70 57.13 55.77
CA ASP H 1198 101.94 56.49 57.06
C ASP H 1198 101.95 54.97 56.87
N ASP H 1199 102.06 54.22 57.97
CA ASP H 1199 102.30 52.78 57.95
C ASP H 1199 101.48 52.02 56.92
N GLY H 1200 100.16 52.02 57.06
CA GLY H 1200 99.29 51.27 56.17
C GLY H 1200 99.33 51.73 54.72
N THR H 1201 99.66 50.78 53.84
CA THR H 1201 99.59 50.90 52.37
C THR H 1201 100.11 52.22 51.77
N MET H 1202 99.37 52.76 50.79
CA MET H 1202 99.75 53.99 50.11
C MET H 1202 98.52 54.73 49.60
N LEU H 1203 98.62 56.05 49.49
CA LEU H 1203 97.47 56.89 49.14
C LEU H 1203 97.57 57.50 47.73
N ALA H 1204 96.43 57.59 47.06
CA ALA H 1204 96.34 58.23 45.75
C ALA H 1204 95.42 59.44 45.83
N MET H 1205 95.57 60.37 44.89
CA MET H 1205 94.85 61.65 44.99
C MET H 1205 94.28 62.20 43.68
N GLY H 1206 93.75 63.41 43.79
CA GLY H 1206 93.20 64.17 42.67
C GLY H 1206 91.68 64.12 42.61
N PHE H 1207 91.08 65.25 42.24
CA PHE H 1207 89.63 65.36 42.08
C PHE H 1207 89.16 65.32 40.63
N GLU H 1208 90.08 65.22 39.69
CA GLU H 1208 89.73 65.36 38.28
C GLU H 1208 88.95 64.15 37.76
N ASN H 1209 87.78 64.43 37.18
CA ASN H 1209 86.92 63.41 36.58
C ASN H 1209 86.61 62.25 37.52
N GLY H 1210 86.46 62.56 38.81
CA GLY H 1210 86.18 61.54 39.81
C GLY H 1210 86.68 61.92 41.19
N THR H 1211 86.93 60.93 42.02
CA THR H 1211 87.41 61.18 43.37
C THR H 1211 88.70 60.41 43.66
N LEU H 1212 89.24 60.60 44.86
CA LEU H 1212 90.44 59.89 45.27
C LEU H 1212 90.09 58.77 46.25
N GLU H 1213 90.83 57.66 46.16
CA GLU H 1213 90.51 56.47 46.94
C GLU H 1213 91.74 55.86 47.61
N LEU H 1214 91.50 55.02 48.61
CA LEU H 1214 92.57 54.35 49.35
C LEU H 1214 92.38 52.84 49.32
N PHE H 1215 93.46 52.12 49.02
CA PHE H 1215 93.42 50.66 49.00
C PHE H 1215 94.74 50.09 49.53
N ALA H 1216 94.73 48.79 49.84
CA ALA H 1216 95.88 48.13 50.45
C ALA H 1216 96.64 47.27 49.44
N VAL H 1217 97.94 47.13 49.64
CA VAL H 1217 98.78 46.36 48.74
C VAL H 1217 98.33 44.90 48.63
N GLU H 1218 98.27 44.21 49.76
CA GLU H 1218 97.89 42.80 49.76
C GLU H 1218 96.42 42.57 50.08
N ASN H 1219 95.68 43.64 50.38
CA ASN H 1219 94.29 43.52 50.79
C ASN H 1219 93.44 44.71 50.31
N ARG H 1220 92.22 44.80 50.82
CA ARG H 1220 91.36 45.94 50.54
C ARG H 1220 90.98 46.65 51.84
N LYS H 1221 90.96 47.98 51.80
CA LYS H 1221 90.68 48.76 53.00
C LYS H 1221 89.76 49.95 52.71
N VAL H 1222 89.56 50.80 53.71
CA VAL H 1222 88.68 51.95 53.60
C VAL H 1222 89.32 53.02 52.71
N GLN H 1223 88.50 53.92 52.17
CA GLN H 1223 89.00 54.98 51.30
C GLN H 1223 88.65 56.36 51.88
N LEU H 1224 89.35 57.38 51.41
CA LEU H 1224 89.27 58.72 52.00
C LEU H 1224 88.04 59.50 51.56
N ILE H 1225 88.05 60.80 51.88
CA ILE H 1225 86.91 61.68 51.68
C ILE H 1225 86.55 61.95 50.22
N TYR H 1226 85.33 62.45 50.00
CA TYR H 1226 84.85 62.84 48.68
C TYR H 1226 85.67 64.01 48.14
N SER H 1227 85.59 64.20 46.82
CA SER H 1227 85.93 65.50 46.25
C SER H 1227 85.04 66.50 46.97
N ILE H 1228 85.62 67.64 47.37
CA ILE H 1228 84.98 68.53 48.34
C ILE H 1228 83.52 68.84 48.02
N GLU H 1229 83.27 69.69 47.03
CA GLU H 1229 81.92 69.85 46.51
C GLU H 1229 81.87 69.87 44.99
N GLU H 1230 82.44 70.93 44.42
CA GLU H 1230 82.32 71.22 43.00
C GLU H 1230 83.16 70.29 42.13
N VAL H 1231 82.78 70.20 40.85
CA VAL H 1231 83.57 69.50 39.86
C VAL H 1231 84.53 70.48 39.20
N HIS H 1232 85.21 70.03 38.15
CA HIS H 1232 86.15 70.87 37.41
C HIS H 1232 87.24 71.42 38.34
N GLU H 1233 88.12 70.52 38.80
CA GLU H 1233 89.18 70.88 39.72
C GLU H 1233 90.11 71.92 39.11
N HIS H 1234 90.67 72.79 39.94
CA HIS H 1234 91.57 73.85 39.48
C HIS H 1234 92.86 73.27 38.94
N CYS H 1235 93.60 74.08 38.17
CA CYS H 1235 94.76 73.64 37.40
C CYS H 1235 95.75 72.79 38.19
N ILE H 1236 96.05 73.19 39.42
CA ILE H 1236 96.94 72.39 40.26
C ILE H 1236 96.15 71.44 41.16
N ARG H 1237 96.30 70.15 40.91
CA ARG H 1237 95.58 69.13 41.66
C ARG H 1237 96.41 68.55 42.79
N GLN H 1238 97.60 69.09 42.98
CA GLN H 1238 98.53 68.62 44.01
C GLN H 1238 97.95 68.79 45.41
N LEU H 1239 98.21 67.82 46.28
CA LEU H 1239 97.74 67.87 47.66
C LEU H 1239 98.86 68.30 48.60
N LEU H 1240 98.48 68.99 49.68
CA LEU H 1240 99.44 69.57 50.60
C LEU H 1240 99.74 68.64 51.75
N PHE H 1241 100.96 68.09 51.80
CA PHE H 1241 101.33 67.15 52.84
C PHE H 1241 102.84 67.03 53.05
N SER H 1242 103.21 66.57 54.25
CA SER H 1242 104.57 66.10 54.52
C SER H 1242 104.49 64.58 54.67
N PRO H 1243 105.32 63.85 53.92
CA PRO H 1243 105.10 62.40 53.76
C PRO H 1243 105.11 61.59 55.07
N CYS H 1244 106.13 61.76 55.91
CA CYS H 1244 106.14 61.06 57.20
C CYS H 1244 105.58 61.92 58.33
N LYS H 1245 105.44 63.22 58.06
CA LYS H 1245 104.99 64.17 59.07
C LYS H 1245 103.50 64.51 58.97
N LEU H 1246 102.79 63.82 58.08
CA LEU H 1246 101.44 64.22 57.68
C LEU H 1246 100.47 64.43 58.84
N LEU H 1247 99.90 65.63 58.89
CA LEU H 1247 98.88 65.97 59.87
C LEU H 1247 97.71 66.64 59.17
N LEU H 1248 97.97 67.83 58.62
CA LEU H 1248 96.95 68.59 57.91
C LEU H 1248 96.78 68.15 56.45
N ILE H 1249 95.54 68.20 55.97
CA ILE H 1249 95.23 67.90 54.58
C ILE H 1249 94.32 68.98 54.00
N SER H 1250 94.77 69.61 52.92
CA SER H 1250 94.02 70.73 52.34
C SER H 1250 93.56 70.47 50.90
N CYS H 1251 92.26 70.53 50.69
CA CYS H 1251 91.68 70.34 49.36
C CYS H 1251 90.49 71.27 49.14
N ALA H 1252 90.44 71.92 47.97
CA ALA H 1252 89.33 72.80 47.63
C ALA H 1252 89.25 72.99 46.11
N GLU H 1253 88.10 73.47 45.64
CA GLU H 1253 87.93 73.75 44.22
C GLU H 1253 88.01 75.24 43.91
N GLN H 1254 86.95 75.98 44.24
CA GLN H 1254 86.88 77.39 43.88
C GLN H 1254 86.64 78.32 45.08
N LEU H 1255 85.42 78.33 45.58
CA LEU H 1255 85.00 79.28 46.61
C LEU H 1255 85.10 78.68 48.02
N CYS H 1256 85.55 77.43 48.10
CA CYS H 1256 85.58 76.71 49.37
C CYS H 1256 86.38 77.42 50.46
N PHE H 1257 85.95 77.23 51.70
CA PHE H 1257 86.56 77.87 52.86
C PHE H 1257 87.82 77.13 53.33
N TRP H 1258 88.29 77.46 54.51
CA TRP H 1258 89.51 76.87 55.08
C TRP H 1258 89.47 75.35 55.04
N ASN H 1259 90.55 74.75 54.55
CA ASN H 1259 90.61 73.33 54.25
C ASN H 1259 91.19 72.47 55.36
N VAL H 1260 91.54 73.09 56.49
CA VAL H 1260 92.29 72.40 57.54
C VAL H 1260 91.56 71.18 58.11
N THR H 1261 92.23 70.03 58.04
CA THR H 1261 91.76 68.79 58.65
C THR H 1261 92.96 68.06 59.24
N HIS H 1262 92.87 67.69 60.52
CA HIS H 1262 94.01 67.04 61.18
C HIS H 1262 93.59 65.80 61.95
N MET H 1263 94.59 65.14 62.55
CA MET H 1263 94.34 63.95 63.35
C MET H 1263 94.84 64.15 64.77
N ARG H 1264 94.25 63.42 65.71
CA ARG H 1264 94.61 63.54 67.12
C ARG H 1264 95.60 62.44 67.53
N HIS I 8 6.12 46.88 -11.49
CA HIS I 8 4.69 46.65 -11.48
C HIS I 8 3.92 47.94 -11.39
N GLN I 9 4.52 48.91 -10.72
CA GLN I 9 3.74 49.86 -9.95
C GLN I 9 2.61 50.44 -10.78
N TYR I 10 1.42 50.36 -10.21
CA TYR I 10 0.22 50.80 -10.89
C TYR I 10 0.19 52.32 -10.92
N GLN I 11 -0.82 52.88 -11.53
CA GLN I 11 -0.85 54.28 -11.87
C GLN I 11 -2.26 54.78 -11.67
N TYR I 12 -2.42 55.91 -10.98
CA TYR I 12 -3.74 56.26 -10.46
C TYR I 12 -4.83 56.10 -11.51
N LYS I 13 -4.61 56.61 -12.71
CA LYS I 13 -5.68 56.51 -13.70
C LYS I 13 -5.96 55.07 -14.07
N ASP I 14 -5.02 54.17 -13.82
CA ASP I 14 -5.36 52.77 -13.98
C ASP I 14 -6.37 52.35 -12.93
N ILE I 15 -6.04 52.60 -11.67
CA ILE I 15 -6.78 52.03 -10.58
C ILE I 15 -8.01 52.85 -10.25
N LEU I 16 -7.99 54.15 -10.53
CA LEU I 16 -9.02 55.03 -10.00
C LEU I 16 -10.41 54.53 -10.32
N SER I 17 -10.60 54.00 -11.52
CA SER I 17 -11.93 53.62 -11.93
C SER I 17 -12.51 52.50 -11.10
N VAL I 18 -11.74 51.90 -10.19
CA VAL I 18 -12.26 50.71 -9.56
C VAL I 18 -13.35 51.10 -8.60
N PHE I 19 -12.99 51.67 -7.48
CA PHE I 19 -14.00 51.98 -6.48
C PHE I 19 -14.70 53.25 -6.91
N GLU I 20 -16.00 53.15 -7.06
CA GLU I 20 -16.89 54.26 -7.31
C GLU I 20 -17.93 54.37 -6.21
N ASP I 21 -18.62 53.27 -5.91
CA ASP I 21 -19.78 53.32 -5.04
C ASP I 21 -19.52 54.18 -3.82
N ALA I 22 -18.46 53.85 -3.09
CA ALA I 22 -18.03 54.72 -2.01
C ALA I 22 -17.86 56.14 -2.53
N PHE I 23 -17.10 56.28 -3.60
CA PHE I 23 -16.87 57.60 -4.18
C PHE I 23 -18.17 58.18 -4.68
N VAL I 24 -19.07 57.33 -5.17
CA VAL I 24 -20.38 57.78 -5.61
C VAL I 24 -21.15 58.41 -4.46
N ASP I 25 -21.54 57.58 -3.51
CA ASP I 25 -22.59 57.91 -2.55
C ASP I 25 -22.24 59.15 -1.75
N ASN I 26 -21.19 59.08 -0.96
CA ASN I 26 -20.92 60.03 0.09
C ASN I 26 -20.26 61.29 -0.41
N PHE I 27 -20.07 61.43 -1.71
CA PHE I 27 -19.43 62.61 -2.27
C PHE I 27 -20.16 63.08 -3.52
N ASP I 28 -20.23 64.41 -3.68
CA ASP I 28 -20.82 65.00 -4.87
C ASP I 28 -19.86 66.04 -5.41
N CYS I 29 -19.71 66.06 -6.74
CA CYS I 29 -18.83 67.05 -7.34
C CYS I 29 -19.23 68.46 -6.99
N LYS I 30 -20.51 68.79 -7.18
CA LYS I 30 -20.97 70.15 -6.96
C LYS I 30 -20.55 70.66 -5.58
N ASP I 31 -20.43 69.74 -4.63
CA ASP I 31 -19.99 70.08 -3.29
C ASP I 31 -18.72 70.89 -3.36
N VAL I 32 -17.83 70.50 -4.27
CA VAL I 32 -16.51 71.09 -4.36
C VAL I 32 -16.23 71.52 -5.78
N GLN I 33 -16.13 72.81 -6.00
CA GLN I 33 -15.30 73.33 -7.08
C GLN I 33 -14.17 74.10 -6.42
N ASP I 34 -13.03 73.44 -6.24
CA ASP I 34 -11.81 74.16 -5.95
C ASP I 34 -11.13 74.60 -7.23
N MET I 35 -11.09 73.69 -8.19
CA MET I 35 -10.78 73.99 -9.58
C MET I 35 -9.40 74.60 -9.80
N PRO I 36 -8.32 73.95 -9.39
CA PRO I 36 -7.03 74.36 -9.94
C PRO I 36 -7.08 74.16 -11.44
N LYS I 37 -6.79 75.22 -12.18
CA LYS I 37 -7.28 75.28 -13.56
C LYS I 37 -6.63 74.25 -14.46
N SER I 38 -5.38 73.90 -14.21
CA SER I 38 -4.74 72.90 -15.06
C SER I 38 -5.45 71.56 -14.96
N ILE I 39 -5.94 71.23 -13.77
CA ILE I 39 -6.40 69.87 -13.55
C ILE I 39 -7.79 69.68 -14.15
N LEU I 40 -8.59 70.73 -14.20
CA LEU I 40 -9.91 70.68 -14.81
C LEU I 40 -10.16 72.02 -15.47
N SER I 41 -10.66 72.01 -16.69
CA SER I 41 -10.99 73.31 -17.24
C SER I 41 -12.25 73.85 -16.58
N LYS I 42 -12.58 75.09 -16.88
CA LYS I 42 -13.80 75.66 -16.35
C LYS I 42 -15.00 74.96 -16.94
N GLU I 43 -15.08 74.95 -18.27
CA GLU I 43 -16.15 74.26 -18.97
C GLU I 43 -16.36 72.84 -18.46
N GLU I 44 -15.29 72.20 -18.02
CA GLU I 44 -15.40 70.84 -17.50
C GLU I 44 -16.41 70.82 -16.38
N ILE I 45 -16.05 71.41 -15.24
CA ILE I 45 -16.93 71.36 -14.10
C ILE I 45 -18.19 72.14 -14.38
N ASP I 46 -18.13 73.06 -15.33
CA ASP I 46 -19.36 73.66 -15.82
C ASP I 46 -20.32 72.58 -16.26
N HIS I 47 -19.81 71.54 -16.92
CA HIS I 47 -20.67 70.52 -17.47
C HIS I 47 -21.10 69.50 -16.43
N ILE I 48 -20.20 69.13 -15.52
CA ILE I 48 -20.50 68.03 -14.60
C ILE I 48 -21.74 68.33 -13.78
N ILE I 49 -21.73 69.46 -13.07
CA ILE I 49 -22.81 69.72 -12.13
C ILE I 49 -24.15 69.72 -12.83
N MET I 50 -24.17 70.04 -14.12
CA MET I 50 -25.41 70.04 -14.87
C MET I 50 -26.12 68.70 -14.85
N SER I 51 -25.41 67.62 -14.54
CA SER I 51 -26.04 66.31 -14.48
C SER I 51 -27.03 66.26 -13.32
N LYS I 52 -28.04 65.41 -13.46
CA LYS I 52 -29.20 65.51 -12.59
C LYS I 52 -29.05 64.68 -11.33
N ASP I 53 -28.08 63.77 -11.29
CA ASP I 53 -27.97 62.88 -10.14
C ASP I 53 -26.56 62.31 -10.04
N ALA I 54 -26.26 61.83 -8.83
CA ALA I 54 -24.93 61.30 -8.55
C ALA I 54 -24.52 60.24 -9.56
N VAL I 55 -25.36 59.22 -9.74
CA VAL I 55 -25.01 58.12 -10.64
C VAL I 55 -24.64 58.65 -12.01
N SER I 56 -25.24 59.76 -12.41
CA SER I 56 -24.68 60.52 -13.51
C SER I 56 -23.54 61.39 -13.05
N GLY I 57 -23.74 62.12 -11.96
CA GLY I 57 -22.78 63.12 -11.56
C GLY I 57 -21.43 62.55 -11.28
N THR I 58 -21.35 61.63 -10.32
CA THR I 58 -20.06 61.04 -10.00
C THR I 58 -19.46 60.42 -11.23
N LEU I 59 -20.29 59.90 -12.11
CA LEU I 59 -19.76 59.15 -13.23
C LEU I 59 -19.01 60.06 -14.17
N ARG I 60 -19.65 61.12 -14.66
CA ARG I 60 -19.00 61.93 -15.68
C ARG I 60 -17.70 62.47 -15.19
N LEU I 61 -17.51 62.49 -13.88
CA LEU I 61 -16.21 62.88 -13.35
C LEU I 61 -15.12 61.99 -13.91
N PHE I 62 -15.19 60.69 -13.61
CA PHE I 62 -14.11 59.80 -13.99
C PHE I 62 -13.78 59.93 -15.46
N TRP I 63 -14.77 59.77 -16.32
CA TRP I 63 -14.50 59.85 -17.76
C TRP I 63 -13.80 61.12 -18.13
N THR I 64 -14.00 62.20 -17.40
CA THR I 64 -13.18 63.35 -17.69
C THR I 64 -11.75 63.11 -17.26
N LEU I 65 -11.53 62.70 -16.02
CA LEU I 65 -10.18 62.51 -15.54
C LEU I 65 -9.40 61.55 -16.41
N LEU I 66 -9.94 60.36 -16.64
CA LEU I 66 -9.19 59.33 -17.35
C LEU I 66 -8.79 59.74 -18.75
N SER I 67 -9.31 60.86 -19.24
CA SER I 67 -8.92 61.40 -20.52
C SER I 67 -7.72 62.32 -20.43
N LYS I 68 -7.07 62.38 -19.28
CA LYS I 68 -6.01 63.32 -19.04
C LYS I 68 -4.72 62.59 -18.73
N GLN I 69 -3.62 63.33 -18.79
CA GLN I 69 -2.34 62.75 -18.46
C GLN I 69 -2.19 62.59 -16.95
N GLU I 70 -1.39 61.60 -16.58
CA GLU I 70 -1.36 61.10 -15.21
C GLU I 70 -1.01 62.16 -14.19
N GLU I 71 -0.15 63.11 -14.55
CA GLU I 71 0.25 64.16 -13.60
C GLU I 71 -0.97 64.80 -12.96
N MET I 72 -1.89 65.27 -13.80
CA MET I 72 -3.09 65.92 -13.29
C MET I 72 -3.78 65.05 -12.26
N VAL I 73 -4.13 63.83 -12.66
CA VAL I 73 -4.69 62.88 -11.71
C VAL I 73 -3.76 62.72 -10.53
N GLN I 74 -2.48 62.49 -10.81
CA GLN I 74 -1.51 62.35 -9.73
C GLN I 74 -1.62 63.50 -8.76
N LYS I 75 -1.95 64.68 -9.24
CA LYS I 75 -2.21 65.76 -8.32
C LYS I 75 -3.60 65.67 -7.74
N PHE I 76 -4.56 65.13 -8.48
CA PHE I 76 -5.93 65.15 -8.01
C PHE I 76 -6.09 64.29 -6.77
N VAL I 77 -5.43 63.15 -6.73
CA VAL I 77 -5.53 62.31 -5.56
C VAL I 77 -4.97 63.03 -4.35
N GLU I 78 -4.05 63.96 -4.55
CA GLU I 78 -3.59 64.81 -3.47
C GLU I 78 -4.57 65.92 -3.14
N GLU I 79 -5.20 66.48 -4.17
CA GLU I 79 -6.04 67.65 -3.99
C GLU I 79 -7.20 67.37 -3.02
N VAL I 80 -7.74 66.16 -3.04
CA VAL I 80 -8.86 65.84 -2.17
C VAL I 80 -8.46 66.00 -0.71
N LEU I 81 -7.21 65.66 -0.39
CA LEU I 81 -6.70 65.85 0.96
C LEU I 81 -6.99 67.23 1.50
N ARG I 82 -6.63 68.27 0.74
CA ARG I 82 -6.83 69.63 1.20
C ARG I 82 -8.29 69.91 1.44
N ILE I 83 -9.17 69.24 0.72
CA ILE I 83 -10.59 69.42 0.94
C ILE I 83 -10.88 68.81 2.30
N ASN I 84 -12.01 69.20 2.88
CA ASN I 84 -12.35 68.76 4.23
C ASN I 84 -12.18 67.26 4.40
N TYR I 85 -12.55 66.50 3.37
CA TYR I 85 -12.61 65.06 3.52
C TYR I 85 -11.42 64.43 2.81
N LYS I 86 -10.50 63.90 3.61
CA LYS I 86 -9.50 62.98 3.08
C LYS I 86 -9.89 61.53 3.27
N PHE I 87 -10.91 61.23 4.07
CA PHE I 87 -11.17 59.84 4.39
C PHE I 87 -11.31 59.02 3.13
N LEU I 88 -11.83 59.62 2.08
CA LEU I 88 -11.99 58.97 0.80
C LEU I 88 -10.65 58.61 0.18
N MET I 89 -9.64 59.45 0.37
CA MET I 89 -8.39 59.19 -0.32
C MET I 89 -7.44 58.30 0.45
N SER I 90 -7.76 57.93 1.68
CA SER I 90 -6.85 56.97 2.28
C SER I 90 -6.94 55.63 1.57
N PRO I 91 -8.14 55.12 1.25
CA PRO I 91 -8.15 53.86 0.52
C PRO I 91 -7.43 53.96 -0.81
N ILE I 92 -7.74 54.99 -1.59
CA ILE I 92 -7.14 55.13 -2.89
C ILE I 92 -5.63 55.17 -2.81
N LYS I 93 -5.09 55.46 -1.65
CA LYS I 93 -3.67 55.39 -1.46
C LYS I 93 -3.23 53.96 -1.19
N THR I 94 -4.16 53.02 -1.18
CA THR I 94 -3.80 51.61 -1.16
C THR I 94 -3.58 51.04 -2.54
N GLU I 95 -3.55 51.89 -3.56
CA GLU I 95 -2.79 51.55 -4.76
C GLU I 95 -1.48 50.89 -4.38
N GLN I 96 -0.61 51.66 -3.76
CA GLN I 96 0.79 51.31 -3.65
C GLN I 96 0.96 50.01 -2.88
N ARG I 97 1.57 49.04 -3.53
CA ARG I 97 1.82 47.72 -2.96
C ARG I 97 0.56 47.09 -2.42
N GLN I 98 -0.59 47.58 -2.82
CA GLN I 98 -1.71 46.79 -2.38
C GLN I 98 -2.83 46.83 -3.40
N PRO I 99 -2.63 46.33 -4.60
CA PRO I 99 -3.77 45.94 -5.40
C PRO I 99 -4.47 44.81 -4.68
N SER I 100 -5.76 44.96 -4.46
CA SER I 100 -6.40 43.86 -3.77
C SER I 100 -6.41 42.64 -4.68
N MET I 101 -6.15 41.48 -4.07
CA MET I 101 -5.88 40.27 -4.84
C MET I 101 -6.94 40.06 -5.90
N MET I 102 -8.16 40.49 -5.63
CA MET I 102 -9.13 40.63 -6.70
C MET I 102 -8.65 41.62 -7.74
N THR I 103 -8.54 42.89 -7.35
CA THR I 103 -8.51 43.98 -8.31
C THR I 103 -7.57 43.71 -9.46
N ARG I 104 -6.45 43.05 -9.20
CA ARG I 104 -5.54 42.75 -10.30
C ARG I 104 -6.25 42.00 -11.40
N MET I 105 -7.18 41.12 -11.05
CA MET I 105 -7.95 40.44 -12.08
C MET I 105 -8.56 41.46 -13.02
N TYR I 106 -9.33 42.40 -12.47
CA TYR I 106 -9.87 43.49 -13.26
C TYR I 106 -8.75 44.18 -14.02
N ILE I 107 -7.89 44.89 -13.31
CA ILE I 107 -6.98 45.82 -13.96
C ILE I 107 -6.18 45.12 -15.03
N GLU I 108 -5.98 43.81 -14.89
CA GLU I 108 -5.46 43.07 -16.01
C GLU I 108 -6.46 43.07 -17.14
N GLN I 109 -7.64 42.56 -16.88
CA GLN I 109 -8.45 42.09 -17.99
C GLN I 109 -8.85 43.19 -18.92
N ARG I 110 -9.23 44.35 -18.41
CA ARG I 110 -9.57 45.44 -19.31
C ARG I 110 -8.48 45.65 -20.34
N ASP I 111 -7.23 45.41 -19.98
CA ASP I 111 -6.20 45.51 -20.98
C ASP I 111 -6.43 44.48 -22.07
N ARG I 112 -6.60 43.23 -21.70
CA ARG I 112 -6.96 42.24 -22.70
C ARG I 112 -8.23 42.63 -23.42
N LEU I 113 -9.03 43.51 -22.81
CA LEU I 113 -10.14 44.07 -23.55
C LEU I 113 -9.69 45.19 -24.47
N TYR I 114 -8.88 46.13 -23.97
CA TYR I 114 -8.34 47.14 -24.88
C TYR I 114 -7.48 46.56 -25.97
N ASN I 115 -7.06 45.32 -25.88
CA ASN I 115 -6.28 44.81 -26.98
C ASN I 115 -7.16 44.38 -28.12
N ASP I 116 -8.44 44.69 -28.00
CA ASP I 116 -9.25 45.07 -29.15
C ASP I 116 -8.70 46.33 -29.82
N ASN I 117 -7.69 46.97 -29.24
CA ASN I 117 -6.94 48.08 -29.84
C ASN I 117 -7.77 49.24 -30.31
N GLN I 118 -7.85 49.45 -31.62
CA GLN I 118 -8.31 50.71 -32.17
C GLN I 118 -9.44 51.26 -31.36
N VAL I 119 -10.28 50.34 -30.98
CA VAL I 119 -11.63 50.63 -30.54
C VAL I 119 -11.62 51.76 -29.54
N PHE I 120 -11.25 51.47 -28.34
CA PHE I 120 -11.25 52.51 -27.35
C PHE I 120 -9.89 53.13 -27.21
N ALA I 121 -8.96 52.67 -28.03
CA ALA I 121 -7.63 53.23 -28.03
C ALA I 121 -7.74 54.72 -28.21
N LYS I 122 -8.06 55.14 -29.42
CA LYS I 122 -8.26 56.56 -29.67
C LYS I 122 -9.72 56.90 -29.44
N TYR I 123 -10.56 56.35 -30.27
CA TYR I 123 -11.83 56.96 -30.56
C TYR I 123 -12.90 56.36 -29.68
N ASN I 124 -13.47 57.18 -28.81
CA ASN I 124 -14.89 57.21 -28.58
C ASN I 124 -15.10 58.28 -27.54
N VAL I 125 -16.28 58.83 -27.48
CA VAL I 125 -16.69 59.56 -26.31
C VAL I 125 -17.91 58.83 -25.77
N SER I 126 -17.64 57.83 -24.93
CA SER I 126 -18.61 57.27 -24.00
C SER I 126 -20.01 57.21 -24.56
N ARG I 127 -20.95 57.59 -23.69
CA ARG I 127 -22.23 58.23 -23.90
C ARG I 127 -22.80 58.16 -22.50
N LEU I 128 -23.97 58.72 -22.25
CA LEU I 128 -24.48 58.53 -20.92
C LEU I 128 -25.77 57.72 -20.94
N GLN I 129 -26.83 58.27 -21.47
CA GLN I 129 -28.10 57.58 -21.45
C GLN I 129 -28.00 56.13 -21.90
N PRO I 130 -27.56 55.85 -23.12
CA PRO I 130 -27.57 54.46 -23.55
C PRO I 130 -26.72 53.61 -22.66
N TYR I 131 -25.59 54.15 -22.23
CA TYR I 131 -24.80 53.46 -21.22
C TYR I 131 -25.69 53.12 -20.04
N LEU I 132 -26.31 54.14 -19.47
CA LEU I 132 -26.84 53.99 -18.13
C LEU I 132 -27.97 52.98 -18.06
N LYS I 133 -28.95 53.05 -18.96
CA LYS I 133 -29.97 52.01 -18.97
C LYS I 133 -29.34 50.65 -19.02
N LEU I 134 -28.28 50.49 -19.81
CA LEU I 134 -27.81 49.16 -20.06
C LEU I 134 -27.21 48.55 -18.80
N ARG I 135 -26.27 49.26 -18.17
CA ARG I 135 -25.69 48.71 -16.96
C ARG I 135 -26.76 48.28 -15.99
N GLN I 136 -27.80 49.11 -15.86
CA GLN I 136 -28.95 48.76 -15.07
C GLN I 136 -29.42 47.35 -15.39
N ALA I 137 -29.83 47.12 -16.63
CA ALA I 137 -30.29 45.80 -16.99
C ALA I 137 -29.18 44.78 -16.85
N LEU I 138 -28.08 44.99 -17.55
CA LEU I 138 -27.06 43.96 -17.63
C LEU I 138 -26.46 43.63 -16.27
N LEU I 139 -26.66 44.49 -15.29
CA LEU I 139 -26.31 44.08 -13.95
C LEU I 139 -27.25 43.02 -13.42
N GLU I 140 -28.52 43.08 -13.80
CA GLU I 140 -29.50 42.21 -13.17
C GLU I 140 -29.46 40.78 -13.68
N LEU I 141 -29.53 40.58 -14.99
CA LEU I 141 -30.05 39.35 -15.55
C LEU I 141 -29.40 38.11 -14.95
N ARG I 142 -30.21 37.09 -14.75
CA ARG I 142 -29.81 35.83 -14.13
C ARG I 142 -29.67 34.76 -15.20
N PRO I 143 -29.21 33.56 -14.89
CA PRO I 143 -28.57 32.79 -15.95
C PRO I 143 -29.48 32.06 -16.91
N ALA I 144 -30.56 32.66 -17.36
CA ALA I 144 -30.96 32.53 -18.75
C ALA I 144 -31.77 33.76 -19.09
N LYS I 145 -31.24 34.64 -19.90
CA LYS I 145 -31.90 35.90 -20.19
C LYS I 145 -31.20 36.49 -21.40
N ASN I 146 -31.57 37.72 -21.75
CA ASN I 146 -30.96 38.36 -22.89
C ASN I 146 -31.11 39.86 -22.73
N VAL I 147 -30.27 40.60 -23.42
CA VAL I 147 -30.51 42.01 -23.64
C VAL I 147 -30.21 42.28 -25.10
N LEU I 148 -31.23 42.66 -25.85
CA LEU I 148 -30.91 43.09 -27.18
C LEU I 148 -30.28 44.45 -27.16
N ILE I 149 -29.54 44.73 -28.19
CA ILE I 149 -29.22 46.10 -28.53
C ILE I 149 -29.52 46.26 -29.99
N ASP I 150 -30.54 47.05 -30.31
CA ASP I 150 -30.91 47.27 -31.68
C ASP I 150 -30.46 48.64 -32.12
N GLY I 151 -29.94 48.69 -33.33
CA GLY I 151 -29.64 49.97 -33.94
C GLY I 151 -29.67 49.89 -35.44
N VAL I 152 -29.98 51.02 -36.05
CA VAL I 152 -29.87 51.15 -37.49
C VAL I 152 -28.40 51.18 -37.88
N LEU I 153 -28.14 51.00 -39.17
CA LEU I 153 -26.78 50.77 -39.64
C LEU I 153 -25.82 51.77 -39.03
N GLY I 154 -24.68 51.26 -38.59
CA GLY I 154 -23.85 52.05 -37.73
C GLY I 154 -24.53 52.26 -36.40
N SER I 155 -24.67 53.51 -35.99
CA SER I 155 -25.30 53.88 -34.74
C SER I 155 -24.61 53.25 -33.54
N GLY I 156 -23.37 52.81 -33.73
CA GLY I 156 -22.48 52.48 -32.64
C GLY I 156 -23.01 51.56 -31.57
N LYS I 157 -23.61 50.46 -31.95
CA LYS I 157 -24.00 49.50 -30.93
C LYS I 157 -22.80 48.72 -30.43
N THR I 158 -21.97 48.21 -31.34
CA THR I 158 -20.84 47.39 -30.95
C THR I 158 -19.95 48.07 -29.93
N TRP I 159 -20.01 49.38 -29.83
CA TRP I 159 -19.17 50.08 -28.89
C TRP I 159 -19.83 50.19 -27.54
N VAL I 160 -20.98 50.83 -27.47
CA VAL I 160 -21.74 50.85 -26.22
C VAL I 160 -21.83 49.45 -25.67
N ALA I 161 -21.89 48.46 -26.54
CA ALA I 161 -21.71 47.08 -26.13
C ALA I 161 -20.46 46.95 -25.27
N LEU I 162 -19.29 47.17 -25.87
CA LEU I 162 -18.07 47.04 -25.10
C LEU I 162 -18.14 47.90 -23.86
N ASP I 163 -18.23 49.21 -24.06
CA ASP I 163 -17.89 50.15 -23.01
C ASP I 163 -18.51 49.77 -21.68
N VAL I 164 -19.79 49.44 -21.64
CA VAL I 164 -20.35 49.02 -20.38
C VAL I 164 -19.68 47.76 -19.85
N CYS I 165 -19.39 46.81 -20.72
CA CYS I 165 -18.71 45.60 -20.30
C CYS I 165 -17.33 45.87 -19.75
N LEU I 166 -16.80 47.07 -19.94
CA LEU I 166 -15.54 47.43 -19.34
C LEU I 166 -15.69 47.89 -17.90
N SER I 167 -16.83 48.46 -17.55
CA SER I 167 -16.96 49.11 -16.25
C SER I 167 -16.88 48.09 -15.12
N TYR I 168 -16.12 48.44 -14.09
CA TYR I 168 -15.78 47.50 -13.04
C TYR I 168 -16.99 46.75 -12.53
N LYS I 169 -17.92 47.48 -11.92
CA LYS I 169 -18.96 46.85 -11.14
C LYS I 169 -19.65 45.74 -11.90
N VAL I 170 -19.79 45.89 -13.22
CA VAL I 170 -20.12 44.75 -14.05
C VAL I 170 -19.08 43.67 -13.91
N GLN I 171 -17.87 43.98 -14.35
CA GLN I 171 -16.83 42.98 -14.53
C GLN I 171 -16.67 42.12 -13.30
N CYS I 172 -16.99 42.66 -12.13
CA CYS I 172 -16.91 41.88 -10.92
C CYS I 172 -18.14 41.02 -10.73
N LYS I 173 -19.29 41.50 -11.17
CA LYS I 173 -20.50 40.71 -11.06
C LYS I 173 -20.38 39.40 -11.80
N MET I 174 -19.72 39.41 -12.93
CA MET I 174 -19.70 38.27 -13.82
C MET I 174 -18.47 37.42 -13.69
N ASP I 175 -17.61 37.70 -12.73
CA ASP I 175 -16.42 36.92 -12.43
C ASP I 175 -15.44 36.92 -13.58
N PHE I 176 -15.17 38.04 -14.22
CA PHE I 176 -13.97 38.20 -15.02
C PHE I 176 -13.90 37.19 -16.14
N LYS I 177 -15.03 36.65 -16.53
CA LYS I 177 -15.10 35.76 -17.67
C LYS I 177 -16.06 36.39 -18.65
N ILE I 178 -15.55 36.87 -19.78
CA ILE I 178 -16.39 37.45 -20.81
C ILE I 178 -15.87 37.04 -22.16
N PHE I 179 -16.73 36.42 -22.96
CA PHE I 179 -16.29 35.81 -24.20
C PHE I 179 -16.93 36.51 -25.37
N TRP I 180 -16.11 36.96 -26.30
CA TRP I 180 -16.60 37.71 -27.44
C TRP I 180 -16.65 36.78 -28.63
N LEU I 181 -17.64 36.98 -29.49
CA LEU I 181 -17.66 36.33 -30.78
C LEU I 181 -18.04 37.33 -31.85
N ASN I 182 -18.09 36.85 -33.08
CA ASN I 182 -18.76 37.57 -34.15
C ASN I 182 -19.49 36.57 -35.00
N LEU I 183 -20.77 36.78 -35.18
CA LEU I 183 -21.49 36.02 -36.15
C LEU I 183 -21.49 36.73 -37.49
N LYS I 184 -20.68 37.77 -37.61
CA LYS I 184 -20.65 38.65 -38.77
C LYS I 184 -20.72 37.87 -40.07
N ASN I 185 -20.04 36.74 -40.14
CA ASN I 185 -20.31 35.77 -41.19
C ASN I 185 -20.86 34.54 -40.50
N CYS I 186 -22.17 34.39 -40.54
CA CYS I 186 -22.80 33.16 -40.06
C CYS I 186 -23.94 32.80 -40.99
N ASN I 187 -23.80 31.69 -41.71
CA ASN I 187 -24.85 31.17 -42.55
C ASN I 187 -24.64 29.69 -42.69
N SER I 188 -25.73 28.92 -42.79
CA SER I 188 -25.64 27.51 -43.09
C SER I 188 -25.00 26.77 -41.94
N PRO I 189 -25.18 25.46 -41.84
CA PRO I 189 -24.57 24.73 -40.74
C PRO I 189 -23.08 24.85 -40.67
N GLU I 190 -22.39 24.70 -41.80
CA GLU I 190 -20.93 24.65 -41.76
C GLU I 190 -20.36 25.81 -40.98
N THR I 191 -20.62 27.03 -41.44
CA THR I 191 -20.04 28.19 -40.80
C THR I 191 -20.33 28.19 -39.31
N VAL I 192 -21.57 27.92 -38.91
CA VAL I 192 -21.90 27.90 -37.50
C VAL I 192 -20.93 27.03 -36.74
N LEU I 193 -20.72 25.81 -37.23
CA LEU I 193 -19.80 24.92 -36.55
C LEU I 193 -18.49 25.62 -36.26
N GLU I 194 -17.94 26.30 -37.25
CA GLU I 194 -16.73 27.05 -37.03
C GLU I 194 -16.92 28.00 -35.88
N MET I 195 -17.68 29.06 -36.13
CA MET I 195 -17.69 30.17 -35.20
C MET I 195 -18.22 29.71 -33.86
N LEU I 196 -18.85 28.54 -33.83
CA LEU I 196 -19.09 27.90 -32.56
C LEU I 196 -17.84 27.24 -32.04
N GLN I 197 -17.15 26.49 -32.88
CA GLN I 197 -16.09 25.66 -32.36
C GLN I 197 -14.99 26.53 -31.75
N LYS I 198 -14.75 27.69 -32.33
CA LYS I 198 -13.81 28.63 -31.71
C LYS I 198 -14.17 28.84 -30.27
N LEU I 199 -15.42 29.20 -30.01
CA LEU I 199 -15.86 29.46 -28.65
C LEU I 199 -15.44 28.33 -27.74
N LEU I 200 -15.45 27.12 -28.25
CA LEU I 200 -15.13 26.01 -27.38
C LEU I 200 -13.71 26.14 -26.84
N TYR I 201 -12.75 26.44 -27.71
CA TYR I 201 -11.37 26.45 -27.24
C TYR I 201 -11.17 27.47 -26.14
N GLN I 202 -11.75 28.66 -26.29
CA GLN I 202 -11.50 29.68 -25.27
C GLN I 202 -11.91 29.20 -23.90
N ILE I 203 -12.90 28.33 -23.80
CA ILE I 203 -13.33 27.92 -22.48
C ILE I 203 -12.33 26.96 -21.86
N ASP I 204 -11.94 25.95 -22.54
CA ASP I 204 -10.91 25.07 -22.04
C ASP I 204 -10.04 24.73 -23.24
N PRO I 205 -8.73 24.69 -23.08
CA PRO I 205 -7.90 24.19 -24.18
C PRO I 205 -7.78 22.67 -24.15
N ASN I 206 -8.89 21.98 -23.94
CA ASN I 206 -8.92 20.56 -24.24
C ASN I 206 -10.23 20.22 -24.91
N TRP I 207 -10.17 19.85 -26.18
CA TRP I 207 -11.32 19.13 -26.70
C TRP I 207 -10.85 18.05 -27.65
N THR I 208 -11.18 16.81 -27.32
CA THR I 208 -10.91 15.69 -28.19
C THR I 208 -12.04 15.62 -29.21
N SER I 209 -11.69 15.21 -30.42
CA SER I 209 -12.62 15.02 -31.53
C SER I 209 -13.62 13.91 -31.25
N ARG I 210 -13.53 13.28 -30.08
CA ARG I 210 -14.00 11.92 -29.85
C ARG I 210 -15.38 11.66 -30.44
N SER I 211 -16.29 12.62 -30.31
CA SER I 211 -17.57 12.47 -30.98
C SER I 211 -17.35 12.40 -32.49
N ASP I 212 -17.86 11.33 -33.10
CA ASP I 212 -17.35 10.90 -34.39
C ASP I 212 -17.50 11.97 -35.44
N HIS I 213 -16.67 11.85 -36.48
CA HIS I 213 -16.54 12.84 -37.53
C HIS I 213 -17.62 12.62 -38.57
N SER I 214 -18.63 11.82 -38.21
CA SER I 214 -19.64 11.36 -39.13
C SER I 214 -20.16 12.51 -39.98
N SER I 215 -20.26 12.26 -41.28
CA SER I 215 -20.40 13.32 -42.28
C SER I 215 -21.64 14.15 -42.08
N ASN I 216 -22.52 13.76 -41.17
CA ASN I 216 -23.72 14.56 -40.99
C ASN I 216 -23.37 15.76 -40.15
N ILE I 217 -23.34 16.90 -40.84
CA ILE I 217 -23.02 18.18 -40.22
C ILE I 217 -24.07 18.57 -39.19
N LYS I 218 -25.33 18.28 -39.51
CA LYS I 218 -26.40 18.65 -38.60
C LYS I 218 -26.27 17.92 -37.29
N LEU I 219 -26.04 16.62 -37.35
CA LEU I 219 -25.78 15.89 -36.12
C LEU I 219 -24.61 16.50 -35.38
N ARG I 220 -23.53 16.76 -36.11
CA ARG I 220 -22.24 16.97 -35.46
C ARG I 220 -22.30 18.11 -34.47
N ILE I 221 -22.79 19.27 -34.89
CA ILE I 221 -22.83 20.37 -33.95
C ILE I 221 -23.63 19.98 -32.74
N HIS I 222 -24.75 19.31 -32.95
CA HIS I 222 -25.61 19.02 -31.83
C HIS I 222 -24.91 18.11 -30.83
N SER I 223 -23.79 17.54 -31.24
CA SER I 223 -22.91 16.90 -30.26
C SER I 223 -22.08 17.93 -29.53
N ILE I 224 -21.44 18.82 -30.27
CA ILE I 224 -20.67 19.88 -29.63
C ILE I 224 -21.55 20.64 -28.67
N GLN I 225 -22.62 21.19 -29.21
CA GLN I 225 -23.52 22.02 -28.43
C GLN I 225 -23.92 21.33 -27.15
N ALA I 226 -24.09 20.01 -27.19
CA ALA I 226 -24.21 19.28 -25.94
C ALA I 226 -22.96 19.47 -25.09
N GLU I 227 -21.84 18.94 -25.55
CA GLU I 227 -20.62 18.93 -24.75
C GLU I 227 -20.38 20.29 -24.14
N LEU I 228 -20.67 21.34 -24.89
CA LEU I 228 -20.59 22.67 -24.33
C LEU I 228 -21.59 22.85 -23.19
N ARG I 229 -22.87 22.63 -23.47
CA ARG I 229 -23.91 23.03 -22.52
C ARG I 229 -23.60 22.55 -21.12
N ARG I 230 -23.26 21.28 -20.97
CA ARG I 230 -22.90 20.80 -19.66
C ARG I 230 -21.76 21.64 -19.09
N LEU I 231 -20.64 21.68 -19.80
CA LEU I 231 -19.44 22.28 -19.24
C LEU I 231 -19.71 23.69 -18.76
N LEU I 232 -20.42 24.48 -19.54
CA LEU I 232 -20.63 25.87 -19.19
C LEU I 232 -21.29 25.99 -17.83
N LYS I 233 -22.57 25.62 -17.75
CA LYS I 233 -23.27 25.82 -16.49
C LYS I 233 -22.72 24.94 -15.37
N SER I 234 -21.89 23.96 -15.71
CA SER I 234 -21.42 23.02 -14.71
C SER I 234 -20.69 23.73 -13.59
N LYS I 235 -19.51 24.19 -13.88
CA LYS I 235 -18.53 24.48 -12.84
C LYS I 235 -18.53 25.96 -12.55
N PRO I 236 -17.67 26.43 -11.66
CA PRO I 236 -17.19 27.80 -11.79
C PRO I 236 -16.84 27.99 -13.24
N TYR I 237 -17.04 29.20 -13.77
CA TYR I 237 -17.81 29.45 -14.98
C TYR I 237 -19.31 29.37 -14.73
N GLU I 238 -19.77 29.60 -13.51
CA GLU I 238 -21.22 29.56 -13.31
C GLU I 238 -21.85 30.82 -13.85
N ASN I 239 -21.20 31.95 -13.68
CA ASN I 239 -21.67 33.21 -14.22
C ASN I 239 -20.71 33.65 -15.29
N CYS I 240 -21.11 33.51 -16.53
CA CYS I 240 -20.35 34.05 -17.64
C CYS I 240 -21.34 34.73 -18.54
N LEU I 241 -20.86 35.51 -19.48
CA LEU I 241 -21.73 35.93 -20.56
C LEU I 241 -21.01 35.78 -21.87
N LEU I 242 -21.64 35.11 -22.79
CA LEU I 242 -21.27 35.27 -24.17
C LEU I 242 -21.63 36.68 -24.58
N VAL I 243 -21.05 37.13 -25.68
CA VAL I 243 -21.56 38.31 -26.34
C VAL I 243 -21.59 37.98 -27.81
N LEU I 244 -22.60 38.42 -28.49
CA LEU I 244 -22.75 38.15 -29.91
C LEU I 244 -22.82 39.49 -30.62
N LEU I 245 -21.92 39.73 -31.53
CA LEU I 245 -21.95 40.97 -32.26
C LEU I 245 -22.47 40.69 -33.65
N ASN I 246 -23.42 41.50 -34.09
CA ASN I 246 -23.95 41.42 -35.45
C ASN I 246 -24.58 40.06 -35.72
N VAL I 247 -25.50 39.66 -34.84
CA VAL I 247 -26.22 38.43 -35.12
C VAL I 247 -26.88 38.55 -36.47
N GLN I 248 -26.50 37.68 -37.39
CA GLN I 248 -27.02 37.76 -38.76
C GLN I 248 -28.07 36.72 -39.18
N ASN I 249 -28.17 35.63 -38.43
CA ASN I 249 -29.13 34.59 -38.76
C ASN I 249 -30.14 34.45 -37.64
N ALA I 250 -31.43 34.48 -37.98
CA ALA I 250 -32.38 34.36 -36.98
C ALA I 250 -32.36 33.13 -36.38
N ALA I 252 -29.26 31.05 -36.22
CA ALA I 252 -28.04 31.23 -35.59
C ALA I 252 -28.36 31.20 -34.18
N TRP I 253 -28.91 32.44 -33.83
CA TRP I 253 -29.23 32.42 -32.43
C TRP I 253 -29.25 31.01 -31.89
N ASN I 254 -30.18 30.20 -32.37
CA ASN I 254 -30.49 28.92 -31.74
C ASN I 254 -29.27 28.02 -31.68
N ALA I 255 -28.23 28.38 -32.39
CA ALA I 255 -26.95 27.77 -32.13
C ALA I 255 -26.68 27.84 -30.63
N PHE I 256 -26.59 29.03 -30.10
CA PHE I 256 -25.93 29.28 -28.83
C PHE I 256 -26.87 29.23 -27.64
N ASN I 257 -28.13 28.88 -27.84
CA ASN I 257 -29.17 29.00 -26.83
C ASN I 257 -28.73 28.50 -25.46
N LEU I 258 -27.94 27.43 -25.48
CA LEU I 258 -27.64 26.64 -24.30
C LEU I 258 -27.19 27.47 -23.09
N SER I 259 -26.62 28.63 -23.34
CA SER I 259 -25.80 29.29 -22.35
C SER I 259 -26.64 30.02 -21.32
N CYS I 260 -25.96 30.91 -20.63
CA CYS I 260 -26.58 31.89 -19.78
C CYS I 260 -26.15 33.28 -20.17
N LYS I 261 -26.91 34.26 -19.73
CA LYS I 261 -26.48 35.64 -19.64
C LYS I 261 -26.04 36.22 -20.97
N ILE I 262 -26.50 35.69 -22.10
CA ILE I 262 -25.90 36.16 -23.33
C ILE I 262 -26.41 37.56 -23.65
N LEU I 263 -25.92 38.11 -24.74
CA LEU I 263 -26.18 39.49 -25.09
C LEU I 263 -26.12 39.63 -26.60
N LEU I 264 -26.89 40.53 -27.17
CA LEU I 264 -27.00 40.58 -28.61
C LEU I 264 -26.75 41.98 -29.15
N THR I 265 -26.54 42.02 -30.45
CA THR I 265 -26.57 43.25 -31.22
C THR I 265 -27.18 42.88 -32.55
N THR I 266 -28.05 43.61 -33.02
CA THR I 266 -28.65 43.23 -34.28
C THR I 266 -29.14 44.43 -35.06
N ARG I 267 -28.87 44.39 -36.36
CA ARG I 267 -29.53 45.29 -37.28
C ARG I 267 -30.97 44.85 -37.51
N PHE I 268 -31.15 43.59 -37.91
CA PHE I 268 -32.37 43.17 -38.58
C PHE I 268 -33.56 43.21 -37.66
N LYS I 269 -34.64 43.78 -38.16
CA LYS I 269 -35.93 43.80 -37.49
C LYS I 269 -36.34 42.41 -37.06
N GLN I 270 -36.16 41.42 -37.94
CA GLN I 270 -36.74 40.11 -37.68
C GLN I 270 -36.18 39.47 -36.43
N VAL I 271 -34.97 39.86 -36.01
CA VAL I 271 -34.48 39.37 -34.74
C VAL I 271 -35.23 40.02 -33.59
N THR I 272 -35.08 41.33 -33.44
CA THR I 272 -35.70 42.01 -32.31
C THR I 272 -37.19 41.73 -32.24
N ASP I 273 -37.80 41.32 -33.35
CA ASP I 273 -39.18 40.87 -33.29
C ASP I 273 -39.27 39.43 -32.79
N PHE I 274 -38.35 38.57 -33.21
CA PHE I 274 -38.39 37.16 -32.87
C PHE I 274 -38.32 36.94 -31.37
N LEU I 275 -37.48 37.71 -30.69
CA LEU I 275 -37.46 37.73 -29.24
C LEU I 275 -38.68 38.46 -28.72
N SER I 276 -39.00 38.26 -27.45
CA SER I 276 -40.17 38.87 -26.84
C SER I 276 -39.86 39.32 -25.42
N ALA I 277 -40.49 40.42 -25.01
CA ALA I 277 -40.12 41.06 -23.75
C ALA I 277 -40.30 40.13 -22.57
N ALA I 278 -41.00 39.02 -22.76
CA ALA I 278 -41.19 38.09 -21.67
C ALA I 278 -39.85 37.64 -21.09
N THR I 279 -38.98 37.07 -21.93
CA THR I 279 -37.74 36.55 -21.39
C THR I 279 -36.57 37.50 -21.60
N THR I 280 -36.79 38.60 -22.32
CA THR I 280 -35.68 39.51 -22.61
C THR I 280 -36.12 40.95 -22.39
N THR I 281 -35.14 41.83 -22.38
CA THR I 281 -35.38 43.27 -22.41
C THR I 281 -34.99 43.79 -23.77
N HIS I 282 -35.09 45.10 -23.94
CA HIS I 282 -34.61 45.77 -25.13
C HIS I 282 -33.72 46.94 -24.73
N ILE I 283 -32.81 47.31 -25.62
CA ILE I 283 -32.24 48.65 -25.68
C ILE I 283 -32.28 49.07 -27.13
N SER I 284 -33.06 50.10 -27.43
CA SER I 284 -33.10 50.59 -28.79
C SER I 284 -32.18 51.79 -28.87
N LEU I 285 -31.43 51.89 -29.95
CA LEU I 285 -30.64 53.11 -30.11
C LEU I 285 -31.30 54.13 -31.05
N ASP I 286 -32.44 53.81 -31.63
CA ASP I 286 -33.14 54.78 -32.47
C ASP I 286 -33.96 55.75 -31.62
N HIS I 287 -34.45 55.27 -30.49
CA HIS I 287 -35.32 56.04 -29.62
C HIS I 287 -34.62 57.36 -29.31
N HIS I 288 -35.31 58.45 -29.61
CA HIS I 288 -34.62 59.73 -29.79
C HIS I 288 -33.90 60.15 -28.52
N SER I 289 -34.39 59.71 -27.36
CA SER I 289 -33.75 60.11 -26.12
C SER I 289 -32.39 59.43 -25.97
N MET I 290 -32.18 58.33 -26.68
CA MET I 290 -30.97 57.55 -26.47
C MET I 290 -29.79 58.10 -27.26
N THR I 291 -30.04 58.94 -28.25
CA THR I 291 -29.05 59.14 -29.29
C THR I 291 -28.31 60.48 -29.38
N LEU I 292 -26.94 60.53 -29.07
CA LEU I 292 -26.01 61.58 -29.44
C LEU I 292 -26.62 62.97 -29.24
N THR I 293 -26.69 63.34 -27.97
CA THR I 293 -26.91 64.72 -27.61
C THR I 293 -25.98 65.60 -28.42
N PRO I 294 -26.49 66.62 -29.10
CA PRO I 294 -25.61 67.41 -29.97
C PRO I 294 -24.38 67.90 -29.28
N ASP I 295 -24.42 68.01 -27.95
CA ASP I 295 -23.21 68.30 -27.20
C ASP I 295 -22.18 67.20 -27.38
N GLU I 296 -22.64 65.96 -27.50
CA GLU I 296 -21.69 64.86 -27.69
C GLU I 296 -20.94 65.00 -29.00
N VAL I 297 -21.68 65.24 -30.09
CA VAL I 297 -21.05 65.31 -31.40
C VAL I 297 -19.84 66.22 -31.35
N LYS I 298 -19.94 67.32 -30.63
CA LYS I 298 -18.78 68.15 -30.40
C LYS I 298 -17.59 67.32 -29.94
N SER I 299 -17.77 66.56 -28.86
CA SER I 299 -16.63 65.85 -28.30
C SER I 299 -16.11 64.81 -29.29
N LEU I 300 -16.99 63.99 -29.85
CA LEU I 300 -16.55 63.02 -30.83
C LEU I 300 -15.88 63.70 -32.01
N LEU I 301 -16.60 64.60 -32.67
CA LEU I 301 -16.05 65.23 -33.86
C LEU I 301 -14.78 65.99 -33.51
N LEU I 302 -14.54 66.20 -32.23
CA LEU I 302 -13.30 66.86 -31.83
C LEU I 302 -12.11 65.95 -32.04
N LYS I 303 -12.15 64.76 -31.47
CA LYS I 303 -10.93 63.98 -31.29
C LYS I 303 -10.28 63.64 -32.62
N TYR I 304 -11.03 63.69 -33.72
CA TYR I 304 -10.39 63.47 -35.00
C TYR I 304 -9.70 64.73 -35.51
N LEU I 305 -10.38 65.86 -35.44
CA LEU I 305 -9.83 67.05 -36.05
C LEU I 305 -8.73 67.71 -35.24
N ASP I 306 -8.74 67.54 -33.93
CA ASP I 306 -7.68 68.08 -33.06
C ASP I 306 -7.57 69.58 -33.20
N CYS I 307 -8.69 70.28 -32.99
CA CYS I 307 -8.73 71.72 -33.12
C CYS I 307 -9.75 72.29 -32.16
N ARG I 308 -9.58 73.54 -31.85
CA ARG I 308 -10.35 74.22 -30.83
C ARG I 308 -11.84 74.16 -31.15
N PRO I 309 -12.70 74.34 -30.14
CA PRO I 309 -14.15 74.33 -30.40
C PRO I 309 -14.60 75.41 -31.36
N GLN I 310 -13.78 76.46 -31.57
CA GLN I 310 -14.08 77.40 -32.64
C GLN I 310 -14.05 76.70 -34.00
N ASP I 311 -13.32 75.61 -34.12
CA ASP I 311 -13.15 74.90 -35.37
C ASP I 311 -14.18 73.79 -35.58
N LEU I 312 -15.18 73.75 -34.69
CA LEU I 312 -16.26 72.77 -34.75
C LEU I 312 -17.24 73.08 -35.89
N PRO I 313 -17.84 71.97 -36.49
CA PRO I 313 -18.77 72.31 -37.58
C PRO I 313 -20.07 72.97 -37.12
N ARG I 314 -20.64 73.84 -37.97
CA ARG I 314 -21.89 74.53 -37.66
C ARG I 314 -22.98 74.19 -38.69
N GLU I 315 -24.18 73.88 -38.20
CA GLU I 315 -25.29 73.52 -39.09
C GLU I 315 -25.86 72.12 -38.79
N VAL I 316 -25.20 71.39 -37.89
CA VAL I 316 -25.60 70.04 -37.45
C VAL I 316 -25.72 69.00 -38.56
N LEU I 317 -24.69 68.18 -38.68
CA LEU I 317 -24.57 67.10 -39.66
C LEU I 317 -25.43 65.82 -39.59
N THR I 318 -25.68 65.30 -38.40
CA THR I 318 -26.37 64.02 -38.26
C THR I 318 -26.01 63.47 -36.90
N THR I 319 -26.76 62.52 -36.30
CA THR I 319 -26.27 61.67 -35.25
C THR I 319 -26.32 60.25 -35.79
N ASN I 320 -25.18 59.75 -36.22
CA ASN I 320 -24.90 58.36 -36.27
C ASN I 320 -23.42 58.46 -36.03
N PRO I 321 -22.85 57.60 -35.22
CA PRO I 321 -21.39 57.58 -35.17
C PRO I 321 -20.80 57.16 -36.49
N ARG I 322 -21.30 56.07 -37.06
CA ARG I 322 -20.92 55.79 -38.42
C ARG I 322 -21.40 56.93 -39.30
N ARG I 323 -20.65 57.16 -40.37
CA ARG I 323 -20.87 58.28 -41.28
C ARG I 323 -20.53 59.58 -40.59
N LEU I 324 -20.48 59.56 -39.27
CA LEU I 324 -19.90 60.75 -38.69
C LEU I 324 -18.39 60.65 -38.74
N SER I 325 -17.86 59.47 -38.41
CA SER I 325 -16.43 59.28 -38.50
C SER I 325 -15.93 59.56 -39.91
N ILE I 326 -16.53 58.92 -40.91
CA ILE I 326 -16.03 59.08 -42.27
C ILE I 326 -15.82 60.54 -42.59
N ILE I 327 -16.80 61.38 -42.25
CA ILE I 327 -16.58 62.81 -42.34
C ILE I 327 -15.36 63.19 -41.53
N ALA I 328 -15.43 62.97 -40.21
CA ALA I 328 -14.34 63.39 -39.34
C ALA I 328 -13.02 62.88 -39.84
N GLU I 329 -13.01 61.68 -40.41
CA GLU I 329 -11.75 61.14 -40.88
C GLU I 329 -11.34 61.77 -42.20
N SER I 330 -12.29 61.90 -43.13
CA SER I 330 -11.97 62.44 -44.43
C SER I 330 -11.34 63.82 -44.31
N ILE I 331 -11.66 64.55 -43.25
CA ILE I 331 -11.09 65.87 -43.12
C ILE I 331 -9.69 65.82 -42.54
N ARG I 332 -9.47 65.01 -41.52
CA ARG I 332 -8.13 64.94 -40.96
C ARG I 332 -7.11 64.52 -41.99
N ASP I 333 -7.57 63.94 -43.09
CA ASP I 333 -6.64 63.51 -44.11
C ASP I 333 -7.01 64.01 -45.49
N GLY I 334 -8.08 63.47 -46.05
CA GLY I 334 -8.35 63.57 -47.46
C GLY I 334 -9.00 64.89 -47.81
N LEU I 335 -9.85 64.84 -48.81
CA LEU I 335 -10.51 66.04 -49.30
C LEU I 335 -11.68 66.41 -48.41
N ALA I 336 -12.53 67.30 -48.94
CA ALA I 336 -13.78 67.83 -48.42
C ALA I 336 -13.62 69.08 -47.57
N THR I 337 -12.39 69.48 -47.23
CA THR I 337 -12.13 70.83 -46.72
C THR I 337 -12.85 71.06 -45.41
N TRP I 338 -13.69 70.10 -45.03
CA TRP I 338 -14.68 70.17 -43.98
C TRP I 338 -15.80 71.13 -44.40
N ASP I 339 -15.52 71.97 -45.38
CA ASP I 339 -16.54 72.84 -45.94
C ASP I 339 -17.06 72.37 -47.29
N ASN I 340 -16.48 71.33 -47.88
CA ASN I 340 -16.80 70.97 -49.25
C ASN I 340 -17.96 69.99 -49.37
N TRP I 341 -17.76 68.91 -48.64
CA TRP I 341 -18.46 67.64 -48.62
C TRP I 341 -19.86 67.50 -49.17
N LYS I 342 -19.80 66.92 -50.37
CA LYS I 342 -20.90 66.48 -51.19
C LYS I 342 -20.48 65.03 -51.46
N HIS I 343 -19.20 64.88 -51.86
CA HIS I 343 -18.59 63.59 -52.15
C HIS I 343 -18.48 62.70 -50.91
N VAL I 344 -18.07 63.25 -49.76
CA VAL I 344 -18.01 62.39 -48.58
C VAL I 344 -17.51 61.00 -48.95
N ASN I 345 -16.25 60.91 -49.36
CA ASN I 345 -15.45 59.68 -49.30
C ASN I 345 -16.29 58.47 -49.70
N CYS I 346 -16.96 58.61 -50.85
CA CYS I 346 -18.03 57.69 -51.20
C CYS I 346 -17.63 56.24 -50.96
N ASP I 347 -16.38 55.90 -51.27
CA ASP I 347 -15.92 54.50 -51.23
C ASP I 347 -16.27 53.82 -49.91
N LYS I 348 -15.66 54.26 -48.80
CA LYS I 348 -15.97 53.65 -47.51
C LYS I 348 -17.45 53.71 -47.24
N LEU I 349 -18.02 54.90 -47.32
CA LEU I 349 -19.45 55.03 -47.21
C LEU I 349 -20.17 54.05 -48.11
N THR I 350 -19.76 53.98 -49.38
CA THR I 350 -20.31 52.96 -50.25
C THR I 350 -19.97 51.56 -49.76
N THR I 351 -18.69 51.25 -49.63
CA THR I 351 -18.28 49.87 -49.39
C THR I 351 -18.98 49.32 -48.15
N ILE I 352 -19.28 50.17 -47.19
CA ILE I 352 -20.07 49.73 -46.04
C ILE I 352 -21.53 49.59 -46.43
N ILE I 353 -22.10 50.63 -47.04
CA ILE I 353 -23.52 50.57 -47.36
C ILE I 353 -23.77 49.53 -48.44
N GLU I 354 -22.81 49.35 -49.34
CA GLU I 354 -23.07 48.45 -50.46
C GLU I 354 -23.28 47.02 -50.01
N SER I 355 -22.26 46.44 -49.36
CA SER I 355 -22.42 45.07 -48.88
C SER I 355 -23.61 44.98 -47.95
N SER I 356 -23.90 46.05 -47.23
CA SER I 356 -25.00 46.05 -46.28
C SER I 356 -26.32 45.75 -46.97
N LEU I 357 -26.36 45.96 -48.28
CA LEU I 357 -27.57 45.64 -49.02
C LEU I 357 -27.49 44.27 -49.66
N ASN I 358 -26.36 43.58 -49.52
CA ASN I 358 -26.13 42.37 -50.28
C ASN I 358 -27.12 41.27 -49.96
N VAL I 359 -27.97 41.46 -48.97
CA VAL I 359 -28.82 40.38 -48.49
C VAL I 359 -29.93 40.06 -49.50
N LEU I 360 -30.39 41.06 -50.24
CA LEU I 360 -31.66 40.96 -50.92
C LEU I 360 -31.57 40.13 -52.22
N GLU I 361 -32.75 39.71 -52.70
CA GLU I 361 -32.90 39.05 -54.00
C GLU I 361 -32.72 40.06 -55.11
N PRO I 362 -31.68 39.93 -55.93
CA PRO I 362 -31.23 41.08 -56.72
C PRO I 362 -32.25 41.59 -57.73
N ALA I 363 -32.79 40.72 -58.56
CA ALA I 363 -33.75 41.18 -59.55
C ALA I 363 -35.12 41.35 -58.91
N GLU I 364 -35.50 40.40 -58.08
CA GLU I 364 -36.69 40.51 -57.27
C GLU I 364 -36.74 41.80 -56.47
N TYR I 365 -35.61 42.26 -55.95
CA TYR I 365 -35.62 43.37 -55.01
C TYR I 365 -34.62 44.46 -55.37
N ARG I 366 -33.33 44.16 -55.42
CA ARG I 366 -32.37 45.25 -55.56
C ARG I 366 -32.69 46.15 -56.75
N LYS I 367 -33.40 45.63 -57.74
CA LYS I 367 -33.99 46.53 -58.73
C LYS I 367 -34.83 47.61 -58.08
N MET I 368 -35.42 47.29 -56.92
CA MET I 368 -36.52 48.11 -56.43
C MET I 368 -36.06 49.35 -55.68
N PHE I 369 -34.99 49.26 -54.88
CA PHE I 369 -34.39 50.48 -54.35
C PHE I 369 -34.13 51.48 -55.45
N ASP I 370 -33.52 51.02 -56.54
CA ASP I 370 -33.20 51.89 -57.65
C ASP I 370 -34.37 52.77 -58.01
N ARG I 371 -35.58 52.20 -57.94
CA ARG I 371 -36.76 53.01 -58.08
C ARG I 371 -36.84 54.09 -57.01
N LEU I 372 -36.59 53.72 -55.76
CA LEU I 372 -36.89 54.63 -54.66
C LEU I 372 -36.14 55.95 -54.77
N SER I 373 -35.11 56.03 -55.60
CA SER I 373 -34.42 57.31 -55.78
C SER I 373 -35.35 58.37 -56.34
N VAL I 374 -36.49 57.95 -56.88
CA VAL I 374 -37.48 58.89 -57.38
C VAL I 374 -37.83 59.94 -56.33
N PHE I 375 -37.75 59.60 -55.10
CA PHE I 375 -38.45 60.39 -54.11
C PHE I 375 -37.56 61.50 -53.54
N PRO I 376 -38.12 62.68 -53.32
CA PRO I 376 -37.41 63.73 -52.61
C PRO I 376 -37.17 63.33 -51.16
N PRO I 377 -35.99 63.59 -50.63
CA PRO I 377 -35.61 63.00 -49.34
C PRO I 377 -36.52 63.40 -48.20
N SER I 378 -36.49 62.59 -47.14
CA SER I 378 -37.05 62.84 -45.81
C SER I 378 -38.57 62.82 -45.73
N ALA I 379 -39.28 62.73 -46.85
CA ALA I 379 -40.72 62.84 -46.83
C ALA I 379 -41.38 61.52 -46.46
N HIS I 380 -42.70 61.46 -46.63
CA HIS I 380 -43.44 60.21 -46.57
C HIS I 380 -43.95 59.89 -47.97
N ILE I 381 -44.09 58.61 -48.27
CA ILE I 381 -44.58 58.18 -49.56
C ILE I 381 -45.85 57.36 -49.36
N PRO I 382 -46.98 57.76 -49.93
CA PRO I 382 -48.18 56.93 -49.87
C PRO I 382 -47.94 55.57 -50.51
N THR I 383 -48.26 54.51 -49.78
CA THR I 383 -48.14 53.17 -50.34
C THR I 383 -48.96 53.01 -51.60
N ILE I 384 -50.20 53.51 -51.61
CA ILE I 384 -50.99 53.46 -52.83
C ILE I 384 -50.20 54.05 -54.00
N LEU I 385 -49.57 55.20 -53.78
CA LEU I 385 -48.72 55.78 -54.81
C LEU I 385 -47.61 54.83 -55.21
N LEU I 386 -47.04 54.14 -54.22
CA LEU I 386 -45.94 53.23 -54.49
C LEU I 386 -46.30 52.18 -55.53
N SER I 387 -47.60 51.90 -55.69
CA SER I 387 -48.01 50.84 -56.59
C SER I 387 -47.55 51.11 -58.01
N LEU I 388 -47.46 52.38 -58.39
CA LEU I 388 -47.15 52.70 -59.79
C LEU I 388 -45.73 52.32 -60.16
N ILE I 389 -44.77 52.67 -59.31
CA ILE I 389 -43.36 52.66 -59.66
C ILE I 389 -42.93 51.37 -60.31
N TRP I 390 -43.02 50.26 -59.58
CA TRP I 390 -42.39 49.06 -60.12
C TRP I 390 -43.22 48.47 -61.24
N PHE I 391 -44.36 47.88 -60.89
CA PHE I 391 -45.22 47.22 -61.86
C PHE I 391 -44.46 46.12 -62.59
N ASP I 392 -43.33 45.67 -62.02
CA ASP I 392 -42.68 44.44 -62.48
C ASP I 392 -43.30 43.21 -61.82
N VAL I 393 -43.57 43.30 -60.51
CA VAL I 393 -44.44 42.36 -59.82
C VAL I 393 -45.65 43.16 -59.36
N ILE I 394 -46.78 42.46 -59.21
CA ILE I 394 -48.08 43.08 -59.37
C ILE I 394 -48.92 42.95 -58.10
N LYS I 395 -49.93 43.81 -58.01
CA LYS I 395 -51.10 43.74 -57.11
C LYS I 395 -50.64 43.84 -55.65
N SER I 396 -51.16 42.99 -54.77
CA SER I 396 -50.90 43.10 -53.33
C SER I 396 -49.43 43.01 -52.99
N ASP I 397 -48.61 42.54 -53.93
CA ASP I 397 -47.19 42.36 -53.66
C ASP I 397 -46.58 43.62 -53.07
N VAL I 398 -47.16 44.79 -53.38
CA VAL I 398 -46.71 46.03 -52.77
C VAL I 398 -46.57 45.86 -51.26
N MET I 399 -47.67 45.65 -50.56
CA MET I 399 -47.58 45.44 -49.13
C MET I 399 -46.73 44.23 -48.82
N VAL I 400 -46.75 43.22 -49.68
CA VAL I 400 -45.85 42.09 -49.50
C VAL I 400 -44.41 42.57 -49.59
N VAL I 401 -44.11 43.36 -50.61
CA VAL I 401 -42.75 43.88 -50.76
C VAL I 401 -42.31 44.61 -49.51
N VAL I 402 -42.98 45.73 -49.20
CA VAL I 402 -42.51 46.57 -48.10
C VAL I 402 -42.23 45.72 -46.89
N ASN I 403 -43.16 44.84 -46.54
CA ASN I 403 -42.91 43.90 -45.46
C ASN I 403 -41.64 43.12 -45.72
N LYS I 404 -41.62 42.33 -46.79
CA LYS I 404 -40.42 41.59 -47.14
C LYS I 404 -39.21 42.48 -47.13
N LEU I 405 -39.40 43.73 -47.53
CA LEU I 405 -38.32 44.69 -47.41
C LEU I 405 -38.17 45.13 -45.96
N HIS I 406 -39.26 45.55 -45.34
CA HIS I 406 -39.20 46.15 -44.02
C HIS I 406 -38.46 45.31 -43.01
N LYS I 407 -38.59 44.00 -43.09
CA LYS I 407 -37.95 43.15 -42.09
C LYS I 407 -36.46 43.42 -42.00
N TYR I 408 -35.85 43.77 -43.13
CA TYR I 408 -34.48 44.23 -43.07
C TYR I 408 -34.47 45.66 -42.58
N SER I 409 -33.53 45.98 -41.71
CA SER I 409 -33.73 47.08 -40.78
C SER I 409 -34.03 48.37 -41.51
N LEU I 410 -35.22 48.91 -41.26
CA LEU I 410 -35.70 50.18 -41.79
C LEU I 410 -35.26 50.39 -43.23
N VAL I 411 -35.03 49.31 -43.97
CA VAL I 411 -34.69 49.54 -45.35
C VAL I 411 -35.91 50.06 -46.07
N GLU I 412 -37.10 49.74 -45.56
CA GLU I 412 -38.28 50.53 -45.87
C GLU I 412 -38.51 51.68 -44.88
N LYS I 413 -38.37 51.43 -43.57
CA LYS I 413 -38.72 52.38 -42.51
C LYS I 413 -40.22 52.70 -42.48
N GLN I 414 -40.98 51.76 -41.92
CA GLN I 414 -42.44 51.90 -41.73
C GLN I 414 -42.81 53.11 -40.87
N PRO I 415 -43.94 53.73 -41.57
CA PRO I 415 -44.70 54.67 -40.75
C PRO I 415 -45.99 54.03 -40.26
N LYS I 416 -46.50 53.08 -41.06
CA LYS I 416 -47.73 52.33 -40.81
C LYS I 416 -49.03 53.13 -40.86
N GLU I 417 -49.04 54.25 -41.58
CA GLU I 417 -50.32 54.80 -42.03
C GLU I 417 -50.32 55.10 -43.54
N SER I 418 -51.05 54.29 -44.27
CA SER I 418 -51.35 54.47 -45.70
C SER I 418 -50.15 54.92 -46.55
N THR I 419 -48.94 54.52 -46.13
CA THR I 419 -47.70 55.05 -46.72
C THR I 419 -46.48 54.18 -46.43
N ILE I 420 -45.34 54.63 -46.94
CA ILE I 420 -44.03 54.12 -46.55
C ILE I 420 -43.15 55.33 -46.26
N SER I 421 -42.07 55.13 -45.52
CA SER I 421 -41.19 56.24 -45.18
C SER I 421 -39.77 56.01 -45.68
N ILE I 422 -39.02 57.07 -45.93
CA ILE I 422 -37.68 56.89 -46.45
C ILE I 422 -36.91 55.97 -45.53
N PRO I 423 -36.11 55.01 -46.18
CA PRO I 423 -35.40 54.11 -45.27
C PRO I 423 -34.50 54.92 -44.38
N SER I 424 -33.85 55.94 -44.95
CA SER I 424 -33.01 56.80 -44.13
C SER I 424 -32.25 57.66 -45.11
N ILE I 425 -31.35 58.48 -44.58
CA ILE I 425 -30.40 59.14 -45.45
C ILE I 425 -29.50 58.12 -46.13
N TYR I 426 -28.99 57.15 -45.36
CA TYR I 426 -27.99 56.22 -45.86
C TYR I 426 -28.43 55.49 -47.10
N LEU I 427 -29.37 54.57 -46.92
CA LEU I 427 -29.76 53.72 -48.02
C LEU I 427 -30.26 54.56 -49.18
N GLU I 428 -30.53 55.85 -48.93
CA GLU I 428 -30.66 56.84 -49.98
C GLU I 428 -29.30 57.38 -50.43
N LEU I 429 -28.69 57.85 -49.38
CA LEU I 429 -27.53 58.68 -49.69
C LEU I 429 -26.59 58.04 -50.70
N LYS I 430 -26.68 56.72 -50.94
CA LYS I 430 -25.58 56.02 -51.58
C LYS I 430 -25.13 56.64 -52.89
N VAL I 431 -25.88 56.43 -53.98
CA VAL I 431 -25.48 56.97 -55.27
C VAL I 431 -26.68 57.22 -56.19
N LYS I 432 -26.62 58.33 -56.91
CA LYS I 432 -26.74 58.29 -58.36
C LYS I 432 -27.77 57.30 -58.88
N LEU I 433 -29.04 57.69 -58.85
CA LEU I 433 -30.20 56.85 -59.15
C LEU I 433 -30.02 55.94 -60.36
N GLU I 434 -29.35 56.40 -61.41
CA GLU I 434 -29.22 55.64 -62.64
C GLU I 434 -30.60 55.28 -63.17
N ASN I 435 -30.90 53.98 -63.19
CA ASN I 435 -32.23 53.45 -63.44
C ASN I 435 -32.64 53.72 -64.89
N GLU I 436 -31.82 54.49 -65.60
CA GLU I 436 -31.87 54.60 -67.06
C GLU I 436 -33.25 55.09 -67.49
N TYR I 437 -34.03 54.29 -68.23
CA TYR I 437 -35.28 54.73 -68.83
C TYR I 437 -36.22 55.40 -67.84
N ALA I 438 -36.09 55.06 -66.55
CA ALA I 438 -37.16 55.28 -65.59
C ALA I 438 -37.71 56.70 -65.63
N LEU I 439 -36.83 57.70 -65.63
CA LEU I 439 -37.15 59.03 -65.13
C LEU I 439 -38.49 59.57 -65.63
N HIS I 440 -38.56 60.00 -66.90
CA HIS I 440 -39.75 60.69 -67.38
C HIS I 440 -41.03 59.95 -67.06
N ARG I 441 -41.23 58.80 -67.69
CA ARG I 441 -42.45 58.02 -67.49
C ARG I 441 -42.72 57.76 -66.01
N SER I 442 -41.68 57.41 -65.26
CA SER I 442 -41.87 57.15 -63.84
C SER I 442 -42.18 58.43 -63.09
N ILE I 443 -41.38 59.55 -63.36
CA ILE I 443 -41.74 60.84 -62.80
C ILE I 443 -43.01 61.38 -63.45
N VAL I 444 -43.06 61.39 -64.78
CA VAL I 444 -44.24 61.83 -65.50
C VAL I 444 -45.48 61.04 -65.11
N ASP I 445 -45.52 59.73 -65.37
CA ASP I 445 -46.76 58.98 -65.19
C ASP I 445 -47.22 59.01 -63.75
N HIS I 446 -46.29 59.16 -62.81
CA HIS I 446 -46.68 59.26 -61.40
C HIS I 446 -47.40 60.56 -61.11
N TYR I 447 -47.48 61.44 -62.12
CA TYR I 447 -48.37 62.59 -62.03
C TYR I 447 -49.82 62.13 -62.17
N ASN I 448 -50.02 60.83 -62.32
CA ASN I 448 -51.29 60.27 -62.74
C ASN I 448 -52.51 60.92 -62.07
N ILE I 449 -52.41 61.22 -60.78
CA ILE I 449 -53.58 61.64 -60.03
C ILE I 449 -54.29 62.95 -60.50
N PRO I 450 -53.62 64.12 -60.45
CA PRO I 450 -54.40 65.38 -60.49
C PRO I 450 -55.20 65.62 -61.75
N LYS I 451 -54.59 65.52 -62.95
CA LYS I 451 -55.16 66.15 -64.13
C LYS I 451 -56.62 65.76 -64.36
N THR I 452 -56.90 64.65 -63.73
CA THR I 452 -58.29 64.21 -63.66
C THR I 452 -59.16 65.31 -63.05
N PHE I 453 -58.93 65.60 -61.77
CA PHE I 453 -59.61 66.73 -61.15
C PHE I 453 -59.01 68.04 -61.62
N ASP I 454 -59.84 68.91 -62.16
CA ASP I 454 -59.34 70.23 -62.52
C ASP I 454 -60.09 71.34 -61.77
N SER I 455 -61.33 71.61 -62.20
CA SER I 455 -62.11 72.69 -61.62
C SER I 455 -63.51 72.20 -61.29
N ASP I 456 -63.95 72.46 -60.06
CA ASP I 456 -65.26 72.06 -59.57
C ASP I 456 -65.58 72.82 -58.28
N ASP I 457 -66.70 72.43 -57.67
CA ASP I 457 -67.17 73.05 -56.44
C ASP I 457 -66.35 72.58 -55.25
N LEU I 458 -66.37 73.38 -54.18
CA LEU I 458 -66.02 72.93 -52.83
C LEU I 458 -64.57 72.48 -52.74
N ILE I 459 -64.33 71.37 -52.04
CA ILE I 459 -63.00 70.90 -51.68
C ILE I 459 -62.69 69.60 -52.41
N PRO I 460 -61.67 69.62 -53.24
CA PRO I 460 -61.30 68.50 -54.11
C PRO I 460 -60.73 67.23 -53.48
N PRO I 461 -60.97 66.07 -54.21
CA PRO I 461 -60.37 64.87 -53.61
C PRO I 461 -58.95 64.88 -54.12
N TYR I 462 -58.07 65.38 -53.26
CA TYR I 462 -56.66 65.55 -53.52
C TYR I 462 -55.87 64.88 -52.41
N LEU I 463 -54.70 64.35 -52.75
CA LEU I 463 -54.16 63.23 -51.97
C LEU I 463 -53.31 63.75 -50.82
N ASP I 464 -53.85 63.60 -49.61
CA ASP I 464 -53.22 63.63 -48.30
C ASP I 464 -52.28 64.81 -48.16
N GLN I 465 -51.17 64.61 -47.44
CA GLN I 465 -50.17 65.64 -47.23
C GLN I 465 -48.94 65.50 -48.11
N TYR I 466 -48.85 64.44 -48.92
CA TYR I 466 -47.71 64.33 -49.81
C TYR I 466 -47.84 65.26 -51.01
N PHE I 467 -48.98 65.25 -51.67
CA PHE I 467 -49.10 66.07 -52.88
C PHE I 467 -48.94 67.56 -52.74
N TYR I 468 -49.39 68.11 -51.63
CA TYR I 468 -49.26 69.53 -51.40
C TYR I 468 -47.78 69.91 -51.39
N SER I 469 -46.91 68.98 -50.99
CA SER I 469 -45.50 69.31 -50.90
C SER I 469 -44.80 69.14 -52.24
N HIS I 470 -44.53 67.91 -52.62
CA HIS I 470 -43.53 67.63 -53.62
C HIS I 470 -44.09 67.41 -55.00
N ILE I 471 -45.40 67.52 -55.19
CA ILE I 471 -45.99 67.27 -56.51
C ILE I 471 -45.24 68.05 -57.58
N GLY I 472 -44.73 69.23 -57.22
CA GLY I 472 -43.95 69.99 -58.17
C GLY I 472 -42.63 69.33 -58.49
N HIS I 473 -42.05 68.61 -57.54
CA HIS I 473 -40.85 67.87 -57.86
C HIS I 473 -41.07 66.94 -59.03
N HIS I 474 -42.14 66.16 -58.98
CA HIS I 474 -42.45 65.32 -60.12
C HIS I 474 -42.63 66.13 -61.39
N LEU I 475 -43.05 67.39 -61.27
CA LEU I 475 -43.09 68.23 -62.44
C LEU I 475 -41.70 68.49 -63.00
N LYS I 476 -40.67 68.42 -62.15
CA LYS I 476 -39.32 68.75 -62.60
C LYS I 476 -38.91 67.98 -63.85
N ASN I 477 -39.46 66.79 -64.03
CA ASN I 477 -39.15 65.98 -65.20
C ASN I 477 -40.16 66.15 -66.33
N ILE I 478 -41.10 67.09 -66.20
CA ILE I 478 -42.20 67.15 -67.15
C ILE I 478 -42.08 68.44 -67.96
N GLU I 479 -42.96 68.60 -68.96
CA GLU I 479 -42.96 69.80 -69.79
C GLU I 479 -43.29 71.02 -68.97
N HIS I 480 -42.43 72.02 -69.05
CA HIS I 480 -42.53 73.21 -68.22
C HIS I 480 -43.78 74.01 -68.55
N PRO I 481 -44.03 74.36 -69.81
CA PRO I 481 -45.32 75.01 -70.10
C PRO I 481 -46.48 74.15 -69.65
N GLU I 482 -46.39 72.86 -69.91
CA GLU I 482 -47.41 71.95 -69.42
C GLU I 482 -47.50 71.99 -67.91
N ARG I 483 -46.39 72.28 -67.23
CA ARG I 483 -46.55 72.51 -65.80
C ARG I 483 -47.05 73.93 -65.56
N MET I 484 -46.45 74.92 -66.23
CA MET I 484 -46.85 76.31 -65.98
C MET I 484 -48.35 76.47 -66.15
N THR I 485 -48.94 75.68 -67.04
CA THR I 485 -50.37 75.46 -66.99
C THR I 485 -50.79 74.92 -65.64
N LEU I 486 -50.38 73.68 -65.32
CA LEU I 486 -50.86 72.96 -64.17
C LEU I 486 -49.95 73.06 -62.96
N PHE I 487 -48.89 73.87 -63.01
CA PHE I 487 -48.09 74.05 -61.82
C PHE I 487 -48.88 74.76 -60.73
N ARG I 488 -50.00 75.36 -61.10
CA ARG I 488 -50.95 75.91 -60.17
C ARG I 488 -50.33 77.01 -59.31
N MET I 489 -49.23 77.59 -59.77
CA MET I 489 -49.07 79.04 -59.61
C MET I 489 -50.32 79.73 -60.12
N VAL I 490 -50.81 79.26 -61.26
CA VAL I 490 -52.03 79.79 -61.85
C VAL I 490 -53.21 79.54 -60.94
N PHE I 491 -53.35 78.31 -60.44
CA PHE I 491 -54.59 77.87 -59.83
C PHE I 491 -54.57 78.29 -58.36
N LEU I 492 -55.52 79.14 -57.99
CA LEU I 492 -55.64 79.60 -56.61
C LEU I 492 -56.40 78.58 -55.75
N ASP I 493 -57.24 77.77 -56.39
CA ASP I 493 -58.08 76.78 -55.70
C ASP I 493 -57.24 75.77 -54.93
N PHE I 494 -56.57 74.87 -55.65
CA PHE I 494 -55.70 73.88 -55.02
C PHE I 494 -54.70 74.50 -54.08
N ARG I 495 -54.12 75.62 -54.49
CA ARG I 495 -52.85 76.05 -53.93
C ARG I 495 -52.94 76.32 -52.44
N PHE I 496 -53.95 77.08 -52.01
CA PHE I 496 -54.08 77.44 -50.60
C PHE I 496 -54.18 76.21 -49.71
N LEU I 497 -54.68 75.10 -50.25
CA LEU I 497 -54.98 73.95 -49.43
C LEU I 497 -53.72 73.34 -48.83
N GLU I 498 -52.54 73.73 -49.33
CA GLU I 498 -51.29 73.33 -48.69
C GLU I 498 -51.22 73.82 -47.25
N GLN I 499 -51.10 75.12 -47.05
CA GLN I 499 -50.98 75.74 -45.74
C GLN I 499 -52.23 75.57 -44.88
N LYS I 500 -53.29 75.03 -45.46
CA LYS I 500 -54.48 74.61 -44.73
C LYS I 500 -54.10 73.90 -43.44
N ILE I 501 -53.43 72.76 -43.56
CA ILE I 501 -52.97 71.98 -42.41
C ILE I 501 -51.98 72.75 -41.56
N ARG I 502 -51.31 73.73 -42.16
CA ARG I 502 -50.19 74.42 -41.51
C ARG I 502 -50.73 75.37 -40.45
N HIS I 503 -50.22 75.22 -39.24
CA HIS I 503 -50.57 76.08 -38.13
C HIS I 503 -49.33 76.31 -37.29
N ASP I 504 -49.49 77.10 -36.24
CA ASP I 504 -48.43 77.26 -35.26
C ASP I 504 -48.87 76.70 -33.91
N SER I 505 -47.97 75.99 -33.26
CA SER I 505 -48.12 75.78 -31.84
C SER I 505 -48.35 77.08 -31.10
N THR I 506 -47.57 78.11 -31.39
CA THR I 506 -47.42 79.26 -30.51
C THR I 506 -47.59 80.57 -31.27
N ALA I 507 -48.06 81.58 -30.55
CA ALA I 507 -48.22 82.96 -30.99
C ALA I 507 -48.99 83.16 -32.28
N TRP I 508 -48.59 84.17 -33.05
CA TRP I 508 -49.24 84.51 -34.29
C TRP I 508 -48.50 84.05 -35.52
N ASN I 509 -47.42 83.30 -35.30
CA ASN I 509 -46.51 82.79 -36.34
C ASN I 509 -46.63 81.31 -36.75
N ALA I 510 -45.57 80.80 -37.39
CA ALA I 510 -45.49 79.42 -37.88
C ALA I 510 -44.48 78.51 -37.15
N SER I 511 -44.93 77.29 -36.88
CA SER I 511 -44.18 76.24 -36.19
C SER I 511 -44.35 76.40 -34.68
N GLY I 512 -43.35 76.00 -33.92
CA GLY I 512 -43.61 75.27 -32.72
C GLY I 512 -44.35 73.99 -33.00
N SER I 513 -44.95 73.91 -34.18
CA SER I 513 -45.61 72.78 -34.80
C SER I 513 -45.12 72.67 -36.23
N ILE I 514 -45.58 73.58 -37.08
CA ILE I 514 -45.44 73.47 -38.53
C ILE I 514 -45.25 74.85 -39.17
N LEU I 515 -44.36 74.95 -40.17
CA LEU I 515 -44.20 76.22 -40.87
C LEU I 515 -45.37 76.47 -41.79
N ASN I 516 -45.51 77.73 -42.16
CA ASN I 516 -46.55 78.20 -43.04
C ASN I 516 -45.95 79.14 -44.08
N THR I 517 -45.25 78.56 -45.08
CA THR I 517 -44.61 79.28 -46.21
C THR I 517 -43.16 79.02 -46.70
N LEU I 518 -42.12 79.45 -45.99
CA LEU I 518 -40.79 79.33 -46.62
C LEU I 518 -40.72 78.19 -47.63
N GLN I 519 -41.22 77.03 -47.26
CA GLN I 519 -41.34 75.94 -48.20
C GLN I 519 -42.04 76.47 -49.43
N GLN I 520 -43.27 76.90 -49.21
CA GLN I 520 -43.96 77.67 -50.23
C GLN I 520 -43.00 78.66 -50.86
N LEU I 521 -42.56 79.62 -50.07
CA LEU I 521 -41.63 80.61 -50.59
C LEU I 521 -40.48 79.93 -51.31
N LYS I 522 -39.91 78.92 -50.69
CA LYS I 522 -38.76 78.24 -51.28
C LYS I 522 -39.10 77.69 -52.65
N PHE I 523 -40.35 77.26 -52.86
CA PHE I 523 -40.73 76.86 -54.20
C PHE I 523 -40.59 78.01 -55.18
N TYR I 524 -40.72 79.24 -54.70
CA TYR I 524 -41.03 80.30 -55.63
C TYR I 524 -39.80 80.84 -56.33
N LYS I 525 -38.63 80.62 -55.76
CA LYS I 525 -37.41 80.96 -56.48
C LYS I 525 -37.17 80.04 -57.66
N PRO I 526 -37.10 78.70 -57.48
CA PRO I 526 -36.77 77.86 -58.63
C PRO I 526 -37.84 77.82 -59.70
N TYR I 527 -39.10 77.74 -59.31
CA TYR I 527 -40.14 77.24 -60.18
C TYR I 527 -40.68 78.30 -61.14
N ILE I 528 -40.07 79.46 -61.18
CA ILE I 528 -40.39 80.51 -62.13
C ILE I 528 -39.73 80.19 -63.47
N CYS I 529 -39.22 78.95 -63.60
CA CYS I 529 -38.29 78.61 -64.67
C CYS I 529 -38.68 79.17 -66.03
N ASP I 530 -39.92 78.94 -66.47
CA ASP I 530 -40.44 79.51 -67.70
C ASP I 530 -41.66 80.34 -67.37
N ASN I 531 -41.54 81.67 -67.46
CA ASN I 531 -42.64 82.60 -67.22
C ASN I 531 -42.25 83.97 -67.73
N ASP I 532 -43.19 84.91 -67.60
CA ASP I 532 -43.04 86.27 -68.10
C ASP I 532 -43.36 87.25 -66.98
N PRO I 533 -43.13 88.56 -67.16
CA PRO I 533 -43.44 89.50 -66.07
C PRO I 533 -44.85 89.39 -65.55
N LYS I 534 -45.81 89.04 -66.39
CA LYS I 534 -47.17 88.78 -65.95
C LYS I 534 -47.14 87.85 -64.76
N TYR I 535 -46.76 86.61 -64.99
CA TYR I 535 -46.75 85.62 -63.92
C TYR I 535 -45.74 85.99 -62.85
N GLU I 536 -44.62 86.59 -63.25
CA GLU I 536 -43.52 86.82 -62.32
C GLU I 536 -43.89 87.86 -61.28
N ARG I 537 -44.34 89.02 -61.72
CA ARG I 537 -44.83 90.01 -60.77
C ARG I 537 -46.07 89.53 -60.03
N LEU I 538 -46.89 88.73 -60.70
CA LEU I 538 -48.02 88.10 -60.04
C LEU I 538 -47.60 87.40 -58.75
N VAL I 539 -46.60 86.51 -58.85
CA VAL I 539 -46.04 85.90 -57.65
C VAL I 539 -45.42 86.95 -56.76
N ASN I 540 -44.52 87.76 -57.34
CA ASN I 540 -43.86 88.81 -56.58
C ASN I 540 -44.85 89.57 -55.74
N ALA I 541 -45.95 89.96 -56.35
CA ALA I 541 -47.11 90.36 -55.58
C ALA I 541 -47.48 89.33 -54.54
N ILE I 542 -47.96 88.16 -54.97
CA ILE I 542 -48.58 87.21 -54.05
C ILE I 542 -47.73 86.99 -52.83
N LEU I 543 -46.42 87.17 -52.98
CA LEU I 543 -45.56 87.24 -51.82
C LEU I 543 -46.16 88.12 -50.74
N ASP I 544 -46.80 89.23 -51.13
CA ASP I 544 -47.50 90.07 -50.17
C ASP I 544 -48.53 89.31 -49.35
N PHE I 545 -49.47 88.61 -49.98
CA PHE I 545 -50.52 87.95 -49.23
C PHE I 545 -49.92 87.09 -48.16
N LEU I 546 -48.73 86.54 -48.43
CA LEU I 546 -48.19 85.49 -47.59
C LEU I 546 -48.06 85.94 -46.14
N PRO I 547 -47.40 87.04 -45.80
CA PRO I 547 -47.70 87.63 -44.50
C PRO I 547 -49.13 88.03 -44.41
N LYS I 548 -49.60 88.75 -45.43
CA LYS I 548 -50.88 89.44 -45.36
C LYS I 548 -52.01 88.48 -45.02
N ILE I 549 -52.00 87.29 -45.62
CA ILE I 549 -53.05 86.33 -45.32
C ILE I 549 -53.09 86.05 -43.83
N GLU I 550 -54.28 85.79 -43.33
CA GLU I 550 -54.56 85.52 -41.94
C GLU I 550 -54.90 84.05 -41.76
N GLU I 551 -54.47 83.53 -40.62
CA GLU I 551 -54.92 82.21 -40.22
C GLU I 551 -56.21 82.34 -39.42
N ASN I 552 -57.08 81.36 -39.58
CA ASN I 552 -58.52 81.54 -39.48
C ASN I 552 -59.10 80.20 -39.06
N LEU I 553 -60.42 80.06 -39.21
CA LEU I 553 -60.91 78.72 -39.54
C LEU I 553 -60.42 78.38 -40.94
N ILE I 554 -59.72 77.25 -41.04
CA ILE I 554 -58.93 77.01 -42.23
C ILE I 554 -59.84 76.58 -43.37
N CYS I 555 -59.82 77.35 -44.46
CA CYS I 555 -60.54 77.06 -45.69
C CYS I 555 -62.04 77.10 -45.46
N SER I 556 -62.44 76.96 -44.21
CA SER I 556 -63.79 77.34 -43.82
C SER I 556 -63.66 78.79 -43.48
N LYS I 557 -64.27 79.63 -44.30
CA LYS I 557 -63.68 80.92 -44.65
C LYS I 557 -62.37 80.70 -45.40
N TYR I 558 -62.55 80.30 -46.65
CA TYR I 558 -61.59 80.52 -47.71
C TYR I 558 -61.95 81.74 -48.57
N THR I 559 -63.06 82.41 -48.23
CA THR I 559 -63.81 83.23 -49.19
C THR I 559 -63.13 84.52 -49.58
N ASP I 560 -62.73 85.68 -48.74
CA ASP I 560 -61.93 86.91 -48.81
C ASP I 560 -60.69 86.81 -49.70
N LEU I 561 -59.92 85.74 -49.55
CA LEU I 561 -58.64 85.58 -50.25
C LEU I 561 -58.75 85.82 -51.76
N LEU I 562 -59.74 85.16 -52.38
CA LEU I 562 -59.97 85.26 -53.81
C LEU I 562 -60.10 86.70 -54.29
N ARG I 563 -60.97 87.47 -53.64
CA ARG I 563 -61.27 88.82 -54.09
C ARG I 563 -60.21 89.83 -53.65
N ILE I 564 -59.54 89.56 -52.54
CA ILE I 564 -58.50 90.47 -52.05
C ILE I 564 -57.19 90.18 -52.77
N ALA I 565 -57.19 89.14 -53.60
CA ALA I 565 -56.09 88.93 -54.51
C ALA I 565 -56.13 89.99 -55.62
N LEU I 566 -57.27 90.66 -55.72
CA LEU I 566 -57.50 91.68 -56.75
C LEU I 566 -57.24 93.11 -56.27
N MET I 567 -56.78 93.27 -55.02
CA MET I 567 -56.48 94.58 -54.47
C MET I 567 -55.59 95.39 -55.40
N ALA I 568 -54.35 94.94 -55.56
CA ALA I 568 -53.48 95.45 -56.60
C ALA I 568 -53.42 94.39 -57.70
N GLU I 569 -54.04 94.67 -58.83
CA GLU I 569 -54.26 93.63 -59.82
C GLU I 569 -53.43 93.79 -61.10
N ASP I 570 -52.39 92.96 -61.21
CA ASP I 570 -51.75 92.70 -62.49
C ASP I 570 -52.24 91.37 -63.03
N GLU I 571 -53.15 90.76 -62.27
CA GLU I 571 -53.50 89.36 -62.46
C GLU I 571 -54.83 89.13 -63.17
N ALA I 572 -54.85 88.15 -64.07
CA ALA I 572 -56.07 87.72 -64.74
C ALA I 572 -56.68 86.51 -64.03
N ILE I 573 -56.07 86.14 -62.90
CA ILE I 573 -56.44 84.95 -62.15
C ILE I 573 -57.93 84.84 -61.83
N PHE I 574 -58.48 85.86 -61.18
CA PHE I 574 -59.88 85.81 -60.76
C PHE I 574 -60.81 85.81 -61.97
N GLU I 575 -60.33 86.38 -63.07
CA GLU I 575 -61.09 86.36 -64.32
C GLU I 575 -61.14 84.94 -64.87
N GLU I 576 -60.11 84.16 -64.55
CA GLU I 576 -60.07 82.75 -64.92
C GLU I 576 -60.84 81.92 -63.88
N ALA I 577 -61.11 82.55 -62.74
CA ALA I 577 -61.90 81.91 -61.68
C ALA I 577 -63.39 82.09 -61.93
N HIS I 578 -63.72 82.74 -63.05
CA HIS I 578 -65.09 82.98 -63.44
C HIS I 578 -65.87 81.69 -63.72
N LYS I 579 -65.13 80.59 -63.88
CA LYS I 579 -65.73 79.29 -64.15
C LYS I 579 -66.00 78.51 -62.86
N GLN I 580 -65.63 79.09 -61.73
CA GLN I 580 -65.79 78.43 -60.44
C GLN I 580 -66.53 79.30 -59.42
N VAL I 581 -66.00 80.49 -59.13
CA VAL I 581 -66.50 81.33 -58.05
C VAL I 581 -68.00 81.67 -58.12
N GLN I 582 -68.57 81.57 -59.32
CA GLN I 582 -69.96 81.97 -59.53
C GLN I 582 -70.98 80.83 -59.44
N ARG I 583 -70.55 79.63 -59.06
CA ARG I 583 -71.37 78.44 -59.31
C ARG I 583 -72.56 78.30 -58.35
N PHE I 584 -73.75 78.38 -58.93
CA PHE I 584 -75.04 78.15 -58.28
C PHE I 584 -75.23 78.83 -56.92
N ASP I 585 -75.95 78.15 -56.04
CA ASP I 585 -76.12 78.58 -54.66
C ASP I 585 -75.23 77.77 -53.72
N ASP I 586 -74.53 76.79 -54.28
CA ASP I 586 -73.79 75.83 -53.46
C ASP I 586 -72.55 76.45 -52.86
N ARG I 587 -71.60 76.83 -53.71
CA ARG I 587 -70.41 77.53 -53.27
C ARG I 587 -70.72 79.03 -53.35
N VAL I 588 -69.71 79.88 -53.20
CA VAL I 588 -69.92 81.32 -53.03
C VAL I 588 -70.60 81.98 -54.22
N TRP I 589 -71.19 83.14 -53.96
CA TRP I 589 -71.80 83.96 -55.00
C TRP I 589 -70.97 85.23 -55.13
N PHE I 590 -71.30 86.12 -56.06
CA PHE I 590 -70.46 87.28 -56.30
C PHE I 590 -70.73 88.34 -55.24
N THR I 591 -69.70 88.61 -54.43
CA THR I 591 -69.75 89.51 -53.27
C THR I 591 -68.34 89.99 -53.01
N ASN I 592 -68.09 90.57 -51.84
CA ASN I 592 -66.74 90.65 -51.30
C ASN I 592 -65.84 91.68 -52.00
N HIS I 593 -66.44 92.44 -52.91
CA HIS I 593 -65.75 93.25 -53.93
C HIS I 593 -64.45 93.93 -53.44
N GLY I 594 -64.53 94.75 -52.41
CA GLY I 594 -63.34 95.45 -51.96
C GLY I 594 -62.89 96.55 -52.90
N ARG I 595 -61.67 96.43 -53.44
CA ARG I 595 -61.05 97.52 -54.21
C ARG I 595 -60.82 98.72 -53.31
N PHE I 596 -59.74 98.64 -52.53
CA PHE I 596 -59.45 99.52 -51.39
C PHE I 596 -60.48 99.34 -50.28
N HIS I 597 -60.40 98.16 -49.65
CA HIS I 597 -61.21 97.82 -48.49
C HIS I 597 -60.37 96.91 -47.60
N GLN I 598 -60.72 96.84 -46.32
CA GLN I 598 -60.13 95.91 -45.36
C GLN I 598 -58.68 96.19 -44.99
N HIS I 599 -58.08 97.20 -45.62
CA HIS I 599 -56.72 97.66 -45.27
C HIS I 599 -55.71 96.50 -45.20
N ARG I 600 -55.24 96.20 -44.00
CA ARG I 600 -54.22 95.17 -43.74
C ARG I 600 -52.84 95.50 -44.29
N GLN I 601 -52.34 94.62 -45.16
CA GLN I 601 -50.91 94.48 -45.43
C GLN I 601 -50.29 94.08 -44.08
N ILE I 602 -50.91 93.06 -43.49
CA ILE I 602 -50.60 92.61 -42.14
C ILE I 602 -49.84 91.29 -42.18
N ILE I 603 -48.76 91.20 -41.40
CA ILE I 603 -47.82 90.09 -41.51
C ILE I 603 -48.06 88.97 -40.46
N ASN I 604 -48.98 89.19 -39.53
CA ASN I 604 -49.18 88.23 -38.45
C ASN I 604 -50.41 87.31 -38.63
N LEU I 605 -50.14 86.02 -38.87
CA LEU I 605 -51.22 85.08 -39.09
C LEU I 605 -51.66 84.32 -37.84
N GLY I 606 -50.88 84.41 -36.77
CA GLY I 606 -51.16 83.62 -35.58
C GLY I 606 -52.18 84.21 -34.62
N ASP I 607 -53.05 83.35 -34.09
CA ASP I 607 -53.97 83.73 -33.03
C ASP I 607 -53.50 83.26 -31.64
N ASN I 608 -52.37 82.56 -31.61
CA ASN I 608 -51.99 81.79 -30.42
C ASN I 608 -51.50 82.61 -29.23
N GLU I 609 -51.22 81.91 -28.14
CA GLU I 609 -50.79 82.53 -26.88
C GLU I 609 -49.32 82.93 -26.89
N GLY I 610 -48.97 83.87 -26.02
CA GLY I 610 -47.59 84.29 -25.83
C GLY I 610 -47.45 85.12 -24.57
N ARG I 611 -46.23 85.27 -24.08
CA ARG I 611 -45.98 86.03 -22.86
C ARG I 611 -44.95 87.13 -23.08
N HIS I 612 -43.71 86.75 -23.39
CA HIS I 612 -42.66 87.72 -23.63
C HIS I 612 -42.08 87.63 -25.04
N ALA I 613 -41.69 88.79 -25.57
CA ALA I 613 -41.13 88.87 -26.91
C ALA I 613 -40.27 90.12 -27.10
N VAL I 614 -39.40 90.09 -28.11
CA VAL I 614 -38.54 91.23 -28.45
C VAL I 614 -37.71 90.87 -29.70
N TYR I 615 -37.24 91.90 -30.41
CA TYR I 615 -36.41 91.74 -31.60
C TYR I 615 -34.94 91.51 -31.29
N LEU I 616 -34.25 90.86 -32.22
CA LEU I 616 -32.79 90.71 -32.15
C LEU I 616 -32.13 92.01 -32.60
N HIS I 617 -31.01 92.35 -31.98
CA HIS I 617 -30.32 93.62 -32.25
C HIS I 617 -29.69 93.66 -33.64
N ASN I 618 -29.47 92.49 -34.23
CA ASN I 618 -28.88 92.40 -35.57
C ASN I 618 -29.93 92.53 -36.66
N ASP I 619 -31.19 92.70 -36.24
CA ASP I 619 -32.33 92.77 -37.14
C ASP I 619 -32.40 91.49 -37.99
N PHE I 620 -32.17 90.36 -37.34
CA PHE I 620 -32.25 89.07 -38.01
C PHE I 620 -33.45 88.27 -37.50
N CYS I 621 -33.43 87.92 -36.22
CA CYS I 621 -34.49 87.09 -35.66
C CYS I 621 -35.48 87.89 -34.82
N LEU I 622 -36.52 87.20 -34.36
CA LEU I 622 -37.49 87.76 -33.42
C LEU I 622 -37.84 86.71 -32.38
N ILE I 623 -37.53 86.97 -31.11
CA ILE I 623 -37.81 85.97 -30.09
C ILE I 623 -39.16 86.24 -29.43
N ALA I 624 -39.97 85.18 -29.34
CA ALA I 624 -41.28 85.26 -28.69
C ALA I 624 -41.61 83.91 -28.07
N LEU I 625 -42.23 83.92 -26.90
CA LEU I 625 -42.52 82.70 -26.16
C LEU I 625 -43.31 82.92 -24.88
N ALA I 626 -43.95 81.86 -24.40
CA ALA I 626 -44.57 81.88 -23.07
C ALA I 626 -44.09 80.71 -22.22
N SER I 627 -44.63 79.53 -22.51
CA SER I 627 -44.24 78.30 -21.82
C SER I 627 -43.27 77.46 -22.64
N GLY I 628 -42.95 77.92 -23.85
CA GLY I 628 -42.15 77.13 -24.77
C GLY I 628 -40.65 77.38 -24.70
N GLN I 629 -40.27 78.56 -24.23
CA GLN I 629 -38.88 79.00 -24.20
C GLN I 629 -38.18 78.76 -25.54
N ILE I 630 -38.80 79.22 -26.63
CA ILE I 630 -38.29 78.96 -27.96
C ILE I 630 -37.88 80.25 -28.69
N LEU I 631 -36.76 80.18 -29.39
CA LEU I 631 -36.29 81.28 -30.23
C LEU I 631 -36.90 81.19 -31.62
N LEU I 632 -37.51 82.28 -32.07
CA LEU I 632 -38.15 82.30 -33.38
C LEU I 632 -37.49 83.31 -34.31
N THR I 633 -38.01 83.47 -35.53
CA THR I 633 -37.42 84.40 -36.52
C THR I 633 -38.28 85.61 -36.90
N ASP I 634 -37.62 86.72 -37.23
CA ASP I 634 -38.25 87.99 -37.65
C ASP I 634 -37.96 88.21 -39.15
N VAL I 635 -39.00 88.51 -39.93
CA VAL I 635 -38.89 88.75 -41.38
C VAL I 635 -39.05 90.26 -41.67
N SER I 636 -38.14 90.83 -42.47
CA SER I 636 -38.15 92.26 -42.85
C SER I 636 -38.64 92.38 -44.30
N LEU I 637 -39.56 93.30 -44.61
CA LEU I 637 -40.09 93.32 -45.96
C LEU I 637 -38.97 92.90 -46.90
N GLU I 638 -39.29 92.08 -47.89
CA GLU I 638 -38.31 91.56 -48.81
C GLU I 638 -38.75 90.13 -49.08
N GLY I 639 -38.41 89.60 -50.25
CA GLY I 639 -38.83 88.26 -50.60
C GLY I 639 -38.39 87.19 -49.61
N GLU I 640 -37.12 87.21 -49.24
CA GLU I 640 -36.54 86.17 -48.38
C GLU I 640 -37.00 86.29 -46.93
N ASP I 641 -37.27 85.14 -46.31
CA ASP I 641 -37.69 85.08 -44.92
C ASP I 641 -36.96 83.91 -44.26
N THR I 642 -37.03 83.80 -42.94
CA THR I 642 -36.35 82.73 -42.22
C THR I 642 -37.21 82.19 -41.07
N TYR I 643 -37.21 80.87 -40.88
CA TYR I 643 -37.86 80.25 -39.73
C TYR I 643 -36.85 79.42 -38.94
N LEU I 644 -37.03 79.32 -37.63
CA LEU I 644 -36.11 78.56 -36.79
C LEU I 644 -36.79 77.98 -35.56
N LEU I 645 -36.32 76.81 -35.13
CA LEU I 645 -36.83 76.16 -33.93
C LEU I 645 -35.73 76.04 -32.87
N ARG I 646 -36.10 76.14 -31.60
CA ARG I 646 -35.13 76.14 -30.52
C ARG I 646 -35.46 75.13 -29.41
N ASP I 647 -36.55 75.39 -28.71
CA ASP I 647 -37.01 74.55 -27.60
C ASP I 647 -35.98 74.42 -26.49
N GLU I 648 -35.70 75.53 -25.80
CA GLU I 648 -34.83 75.53 -24.63
C GLU I 648 -35.51 74.92 -23.41
N SER I 649 -34.70 74.56 -22.41
CA SER I 649 -35.22 74.05 -21.15
C SER I 649 -36.05 75.13 -20.47
N ASP I 650 -36.95 74.73 -19.57
CA ASP I 650 -37.96 75.65 -19.08
C ASP I 650 -37.43 76.71 -18.12
N SER I 651 -37.61 77.97 -18.51
CA SER I 651 -37.30 79.13 -17.69
C SER I 651 -38.57 79.63 -16.98
N SER I 652 -39.65 78.86 -17.10
CA SER I 652 -41.00 79.32 -16.83
C SER I 652 -41.19 79.97 -15.45
N ASP I 653 -42.15 80.91 -15.42
CA ASP I 653 -42.47 81.73 -14.26
C ASP I 653 -41.38 82.76 -13.91
N ILE I 654 -40.77 83.34 -14.94
CA ILE I 654 -39.93 84.52 -14.77
C ILE I 654 -40.79 85.78 -14.70
N LEU I 655 -40.28 86.81 -14.04
CA LEU I 655 -40.99 88.08 -13.92
C LEU I 655 -40.88 88.92 -15.19
N ARG I 656 -39.67 89.04 -15.72
CA ARG I 656 -39.45 89.82 -16.94
C ARG I 656 -38.27 89.21 -17.71
N MET I 657 -37.99 89.72 -18.91
CA MET I 657 -36.94 89.17 -19.75
C MET I 657 -36.31 90.26 -20.62
N ALA I 658 -35.02 90.12 -20.92
CA ALA I 658 -34.32 91.07 -21.76
C ALA I 658 -33.31 90.38 -22.67
N VAL I 659 -32.54 91.17 -23.40
CA VAL I 659 -31.54 90.63 -24.32
C VAL I 659 -30.25 91.46 -24.23
N PHE I 660 -29.11 90.81 -24.36
CA PHE I 660 -27.82 91.49 -24.22
C PHE I 660 -27.31 91.89 -25.61
N ASN I 661 -26.20 92.60 -25.69
CA ASN I 661 -25.74 93.17 -26.95
C ASN I 661 -25.02 92.19 -27.88
N GLN I 662 -24.23 91.29 -27.30
CA GLN I 662 -23.45 90.35 -28.10
C GLN I 662 -24.16 89.01 -28.28
N GLN I 663 -25.39 88.94 -27.76
CA GLN I 663 -26.35 87.83 -27.96
C GLN I 663 -25.86 86.49 -27.41
N LYS I 664 -24.60 86.44 -26.97
CA LYS I 664 -24.04 85.21 -26.42
C LYS I 664 -24.44 85.07 -24.95
N HIS I 665 -24.93 86.15 -24.37
CA HIS I 665 -25.37 86.15 -22.98
C HIS I 665 -26.86 86.47 -22.89
N LEU I 666 -27.56 85.80 -21.98
CA LEU I 666 -28.99 86.03 -21.79
C LEU I 666 -29.31 86.21 -20.31
N ILE I 667 -29.82 87.38 -19.95
CA ILE I 667 -30.17 87.67 -18.56
C ILE I 667 -31.53 87.07 -18.20
N THR I 668 -31.61 86.46 -17.03
CA THR I 668 -32.84 85.83 -16.57
C THR I 668 -32.99 85.98 -15.05
N LEU I 669 -34.20 86.28 -14.61
CA LEU I 669 -34.48 86.41 -13.18
C LEU I 669 -35.81 85.74 -12.83
N HIS I 670 -35.90 85.20 -11.63
CA HIS I 670 -37.08 84.42 -11.22
C HIS I 670 -37.86 85.11 -10.10
N CYS I 671 -38.92 84.45 -9.65
CA CYS I 671 -39.73 84.94 -8.54
C CYS I 671 -38.89 85.15 -7.28
N ASN I 672 -38.36 84.05 -6.75
CA ASN I 672 -37.46 84.13 -5.61
C ASN I 672 -36.09 84.68 -6.02
N GLY I 673 -35.85 84.71 -7.33
CA GLY I 673 -34.64 85.27 -7.88
C GLY I 673 -33.61 84.22 -8.26
N SER I 674 -32.87 84.49 -9.33
CA SER I 674 -31.85 83.59 -9.86
C SER I 674 -31.20 84.23 -11.08
N VAL I 675 -30.08 83.68 -11.52
CA VAL I 675 -29.43 84.13 -12.74
C VAL I 675 -29.13 82.95 -13.66
N LYS I 676 -29.78 82.93 -14.82
CA LYS I 676 -29.63 81.83 -15.76
C LYS I 676 -29.18 82.32 -17.13
N LEU I 677 -28.00 81.88 -17.56
CA LEU I 677 -27.43 82.31 -18.83
C LEU I 677 -27.66 81.29 -19.94
N TRP I 678 -27.91 81.78 -21.14
CA TRP I 678 -28.12 80.92 -22.31
C TRP I 678 -27.29 81.39 -23.50
N SER I 679 -27.17 80.52 -24.49
CA SER I 679 -26.45 80.84 -25.72
C SER I 679 -27.33 80.61 -26.94
N LEU I 680 -27.45 81.62 -27.79
CA LEU I 680 -28.30 81.52 -28.97
C LEU I 680 -27.68 80.61 -30.03
N TRP I 681 -26.39 80.33 -29.88
CA TRP I 681 -25.70 79.41 -30.79
C TRP I 681 -26.21 77.99 -30.59
N PRO I 682 -26.78 77.40 -31.65
CA PRO I 682 -27.35 76.05 -31.58
C PRO I 682 -26.28 74.97 -31.40
N ASN I 699 -25.67 76.54 -14.01
CA ASN I 699 -25.62 77.83 -14.67
C ASN I 699 -26.18 78.94 -13.80
N SER I 700 -26.59 78.60 -12.59
CA SER I 700 -27.16 79.57 -11.66
C SER I 700 -26.56 79.45 -10.27
N VAL I 701 -25.99 80.54 -9.77
CA VAL I 701 -25.39 80.56 -8.45
C VAL I 701 -25.90 81.72 -7.58
N VAL I 702 -26.63 81.37 -6.53
CA VAL I 702 -27.14 82.36 -5.58
C VAL I 702 -26.19 82.38 -4.38
N LYS I 703 -25.16 81.54 -4.44
CA LYS I 703 -24.29 81.28 -3.30
C LYS I 703 -23.30 82.42 -3.03
N ARG I 704 -22.35 82.15 -2.14
CA ARG I 704 -21.35 83.11 -1.69
C ARG I 704 -22.00 84.31 -0.99
N PHE I 705 -21.59 85.51 -1.39
CA PHE I 705 -22.05 86.74 -0.75
C PHE I 705 -23.57 86.91 -0.83
N ILE I 706 -24.14 87.46 0.24
CA ILE I 706 -25.58 87.70 0.35
C ILE I 706 -26.32 86.36 0.12
N GLY I 707 -27.11 86.27 -0.95
CA GLY I 707 -27.86 85.05 -1.24
C GLY I 707 -28.92 84.76 -0.20
N SER I 708 -29.60 85.81 0.25
CA SER I 708 -30.65 85.68 1.26
C SER I 708 -31.87 84.97 0.71
N TYR I 709 -32.69 84.42 1.60
CA TYR I 709 -33.90 83.71 1.20
C TYR I 709 -35.12 84.61 1.36
N ALA I 710 -35.72 84.99 0.22
CA ALA I 710 -36.84 85.91 0.19
C ALA I 710 -37.34 86.09 -1.24
N ASN I 711 -38.44 86.81 -1.40
CA ASN I 711 -39.02 87.05 -2.72
C ASN I 711 -38.37 88.23 -3.42
N LEU I 712 -38.05 88.07 -4.69
CA LEU I 712 -37.44 89.13 -5.49
C LEU I 712 -38.50 89.96 -6.20
N LYS I 713 -38.32 91.29 -6.18
CA LYS I 713 -39.25 92.20 -6.82
C LYS I 713 -38.94 92.36 -8.30
N ILE I 714 -39.60 93.33 -8.94
CA ILE I 714 -39.41 93.62 -10.35
C ILE I 714 -38.10 94.40 -10.55
N VAL I 715 -37.56 94.88 -9.44
CA VAL I 715 -36.38 95.74 -9.44
C VAL I 715 -35.18 95.13 -10.19
N ALA I 716 -34.65 95.89 -11.14
CA ALA I 716 -33.48 95.51 -11.92
C ALA I 716 -33.11 96.65 -12.87
N PHE I 717 -31.87 96.63 -13.35
CA PHE I 717 -31.33 97.68 -14.21
C PHE I 717 -29.91 97.39 -14.66
N TYR I 718 -29.39 98.22 -15.55
CA TYR I 718 -28.03 98.05 -16.07
C TYR I 718 -27.15 99.25 -15.71
N LEU I 719 -25.92 98.97 -15.28
CA LEU I 719 -24.97 100.01 -14.93
C LEU I 719 -23.90 100.19 -16.01
N ASN I 720 -23.00 101.15 -15.79
CA ASN I 720 -21.86 101.35 -16.67
C ASN I 720 -20.65 100.57 -16.17
N GLU I 721 -19.49 100.79 -16.78
CA GLU I 721 -18.29 100.09 -16.38
C GLU I 721 -17.49 100.91 -15.38
N ASP I 722 -17.46 100.43 -14.13
CA ASP I 722 -16.74 101.11 -13.07
C ASP I 722 -15.36 100.49 -12.83
N ALA I 723 -15.04 99.45 -13.59
CA ALA I 723 -13.78 98.73 -13.40
C ALA I 723 -12.78 99.05 -14.51
N GLY I 724 -13.04 98.56 -15.70
CA GLY I 724 -12.15 98.75 -16.83
C GLY I 724 -12.03 100.20 -17.26
N LEU I 725 -13.17 100.83 -17.53
CA LEU I 725 -13.20 102.22 -17.97
C LEU I 725 -14.55 102.87 -17.69
N ILE I 730 -16.11 98.22 -22.21
CA ILE I 730 -15.90 96.77 -22.20
C ILE I 730 -17.24 96.03 -22.16
N GLN I 731 -18.10 96.44 -21.24
CA GLN I 731 -19.39 95.79 -21.03
C GLN I 731 -20.20 96.55 -19.98
N LEU I 732 -21.51 96.32 -19.95
CA LEU I 732 -22.38 96.97 -18.98
C LEU I 732 -22.78 95.98 -17.88
N HIS I 733 -22.60 96.39 -16.63
CA HIS I 733 -22.88 95.51 -15.50
C HIS I 733 -24.38 95.41 -15.22
N VAL I 734 -24.73 94.60 -14.22
CA VAL I 734 -26.12 94.39 -13.84
C VAL I 734 -26.27 94.51 -12.32
N ALA I 735 -27.29 95.23 -11.88
CA ALA I 735 -27.53 95.38 -10.44
C ALA I 735 -29.02 95.44 -10.13
N PHE I 736 -29.41 94.93 -8.97
CA PHE I 736 -30.80 94.92 -8.56
C PHE I 736 -30.95 94.82 -7.04
N ILE I 737 -32.18 94.84 -6.56
CA ILE I 737 -32.44 94.82 -5.12
C ILE I 737 -33.33 93.65 -4.71
N ASN I 738 -32.85 92.83 -3.78
CA ASN I 738 -33.60 91.70 -3.27
C ASN I 738 -34.58 92.09 -2.18
N GLY I 739 -35.16 91.09 -1.52
CA GLY I 739 -36.05 91.34 -0.39
C GLY I 739 -35.29 91.55 0.90
N ASP I 740 -33.97 91.71 0.77
CA ASP I 740 -33.09 91.94 1.91
C ASP I 740 -32.93 93.43 2.18
N VAL I 741 -33.72 94.24 1.48
CA VAL I 741 -33.72 95.71 1.50
C VAL I 741 -32.29 96.27 1.50
N SER I 742 -31.46 95.71 0.62
CA SER I 742 -30.10 96.18 0.40
C SER I 742 -29.73 96.04 -1.07
N ILE I 743 -28.94 96.99 -1.57
CA ILE I 743 -28.57 96.98 -2.99
C ILE I 743 -27.60 95.84 -3.30
N LEU I 744 -27.79 95.23 -4.46
CA LEU I 744 -26.94 94.13 -4.91
C LEU I 744 -26.34 94.41 -6.28
N ASN I 745 -25.01 94.39 -6.37
CA ASN I 745 -24.31 94.66 -7.62
C ASN I 745 -23.62 93.42 -8.17
N TRP I 746 -23.55 93.33 -9.49
CA TRP I 746 -22.89 92.21 -10.15
C TRP I 746 -21.87 92.72 -11.17
N ASP I 747 -20.62 92.31 -11.00
CA ASP I 747 -19.56 92.75 -11.90
C ASP I 747 -19.22 91.66 -12.91
N GLU I 748 -19.58 91.90 -14.17
CA GLU I 748 -19.30 90.96 -15.26
C GLU I 748 -18.61 91.63 -16.44
N GLN I 749 -17.32 91.35 -16.64
CA GLN I 749 -16.64 91.82 -17.83
C GLN I 749 -16.33 90.77 -18.92
N ASP I 750 -16.48 89.48 -18.61
CA ASP I 750 -16.09 88.47 -19.59
C ASP I 750 -17.07 87.30 -19.78
N GLN I 751 -17.09 86.41 -18.80
CA GLN I 751 -17.83 85.15 -18.90
C GLN I 751 -18.67 84.86 -17.66
N GLU I 752 -17.99 84.60 -16.55
CA GLU I 752 -18.63 84.25 -15.29
C GLU I 752 -18.50 85.37 -14.27
N PHE I 753 -19.47 85.45 -13.37
CA PHE I 753 -19.53 86.54 -12.39
C PHE I 753 -18.34 86.54 -11.43
N LYS I 754 -18.01 87.73 -10.93
CA LYS I 754 -16.85 87.92 -10.07
C LYS I 754 -17.24 88.22 -8.62
N LEU I 755 -17.94 89.35 -8.44
CA LEU I 755 -18.30 89.86 -7.11
C LEU I 755 -17.04 90.16 -6.29
N SER I 756 -16.32 91.19 -6.71
CA SER I 756 -15.07 91.56 -6.05
C SER I 756 -15.30 92.30 -4.74
N HIS I 757 -14.75 91.75 -3.66
CA HIS I 757 -14.82 92.33 -2.33
C HIS I 757 -16.23 92.68 -1.86
N VAL I 758 -16.36 93.83 -1.21
CA VAL I 758 -17.63 94.25 -0.61
C VAL I 758 -18.48 95.09 -1.56
N PRO I 759 -19.81 95.09 -1.34
CA PRO I 759 -20.74 95.98 -2.05
C PRO I 759 -20.47 97.46 -1.76
N VAL I 760 -19.70 97.73 -0.71
CA VAL I 760 -19.20 99.06 -0.34
C VAL I 760 -20.29 99.94 0.30
N LEU I 761 -21.55 99.54 0.12
CA LEU I 761 -22.68 100.31 0.64
C LEU I 761 -24.00 99.59 0.36
N LYS I 762 -25.04 99.97 1.10
CA LYS I 762 -26.38 99.41 0.90
C LYS I 762 -27.40 100.51 0.62
N THR I 763 -28.65 100.12 0.44
CA THR I 763 -29.72 101.08 0.15
C THR I 763 -30.87 100.93 1.14
N MET I 764 -31.33 102.05 1.68
CA MET I 764 -32.42 102.04 2.66
C MET I 764 -33.74 101.58 2.04
N GLN I 765 -34.44 100.71 2.77
CA GLN I 765 -35.72 100.14 2.35
C GLN I 765 -35.64 99.50 0.96
N SER I 766 -36.69 99.69 0.16
CA SER I 766 -36.71 99.16 -1.20
C SER I 766 -37.60 99.99 -2.11
N GLY I 767 -37.22 100.09 -3.38
CA GLY I 767 -38.03 100.77 -4.38
C GLY I 767 -38.64 99.79 -5.36
N ILE I 768 -39.10 100.31 -6.49
CA ILE I 768 -39.57 99.47 -7.59
C ILE I 768 -38.76 99.74 -8.86
N ARG I 769 -38.78 100.98 -9.36
CA ARG I 769 -38.03 101.29 -10.57
C ARG I 769 -36.77 102.10 -10.23
N CYS I 770 -35.61 101.45 -10.38
CA CYS I 770 -34.35 102.08 -10.03
C CYS I 770 -33.40 102.05 -11.21
N PHE I 771 -32.67 103.14 -11.45
CA PHE I 771 -31.72 103.16 -12.55
C PHE I 771 -30.64 104.22 -12.34
N VAL I 772 -29.54 104.13 -13.08
CA VAL I 772 -28.43 105.08 -12.93
C VAL I 772 -28.60 106.34 -13.79
N GLN I 773 -28.24 107.49 -13.23
CA GLN I 773 -28.26 108.73 -13.99
C GLN I 773 -27.09 108.82 -14.94
N VAL I 774 -26.92 109.99 -15.55
CA VAL I 774 -25.78 110.24 -16.44
C VAL I 774 -24.46 110.20 -15.67
N LEU I 775 -24.55 110.40 -14.36
CA LEU I 775 -23.39 110.26 -13.49
C LEU I 775 -23.47 108.95 -12.72
N LYS I 776 -22.33 108.26 -12.62
CA LYS I 776 -22.29 106.96 -11.96
C LYS I 776 -22.35 107.08 -10.44
N ARG I 777 -22.27 108.30 -9.93
CA ARG I 777 -22.28 108.54 -8.49
C ARG I 777 -23.68 108.64 -7.93
N TYR I 778 -24.68 108.75 -8.79
CA TYR I 778 -26.06 108.94 -8.37
C TYR I 778 -27.00 107.90 -8.98
N TYR I 779 -27.94 107.42 -8.17
CA TYR I 779 -28.92 106.42 -8.62
C TYR I 779 -30.34 106.88 -8.32
N VAL I 780 -31.17 107.01 -9.34
CA VAL I 780 -32.57 107.35 -9.11
C VAL I 780 -33.36 106.12 -8.67
N VAL I 781 -34.14 106.31 -7.61
CA VAL I 781 -34.91 105.24 -6.99
C VAL I 781 -36.38 105.61 -6.90
N CYS I 782 -37.24 104.72 -7.40
CA CYS I 782 -38.68 104.94 -7.36
C CYS I 782 -39.36 103.78 -6.64
N THR I 783 -40.23 104.11 -5.69
CA THR I 783 -40.91 103.12 -4.87
C THR I 783 -42.35 102.89 -5.35
N SER I 784 -43.08 102.04 -4.64
CA SER I 784 -44.45 101.73 -4.98
C SER I 784 -45.42 102.80 -4.48
N ASN I 785 -44.89 103.77 -3.75
CA ASN I 785 -45.70 104.86 -3.21
C ASN I 785 -45.77 106.02 -4.20
N CYS I 786 -45.17 105.83 -5.37
CA CYS I 786 -45.15 106.84 -6.44
C CYS I 786 -44.51 108.15 -5.97
N THR I 787 -43.39 108.02 -5.28
CA THR I 787 -42.64 109.20 -4.81
C THR I 787 -41.23 109.18 -5.37
N LEU I 788 -40.59 110.36 -5.40
CA LEU I 788 -39.24 110.48 -5.92
C LEU I 788 -38.23 110.57 -4.79
N THR I 789 -37.41 109.53 -4.66
CA THR I 789 -36.37 109.50 -3.63
C THR I 789 -35.03 109.10 -4.22
N VAL I 790 -33.95 109.46 -3.54
CA VAL I 790 -32.61 109.15 -4.05
C VAL I 790 -31.63 108.81 -2.92
N TRP I 791 -30.84 107.77 -3.13
CA TRP I 791 -29.73 107.45 -2.25
C TRP I 791 -28.41 107.51 -3.01
N ASP I 792 -27.56 108.46 -2.63
CA ASP I 792 -26.30 108.69 -3.32
C ASP I 792 -25.32 107.54 -3.10
N LEU I 793 -24.61 107.16 -4.16
CA LEU I 793 -23.60 106.10 -4.08
C LEU I 793 -22.40 106.58 -3.27
N THR I 794 -21.87 107.74 -3.62
CA THR I 794 -20.78 108.35 -2.87
C THR I 794 -21.32 109.50 -2.02
N ASN I 795 -20.43 110.11 -1.24
CA ASN I 795 -20.78 111.21 -0.34
C ASN I 795 -22.03 110.92 0.50
N GLY I 796 -21.92 109.94 1.39
CA GLY I 796 -23.04 109.53 2.21
C GLY I 796 -24.03 108.68 1.45
N SER I 797 -25.18 108.40 2.05
CA SER I 797 -26.21 107.59 1.41
C SER I 797 -27.43 108.44 1.06
N SER I 798 -28.21 108.80 2.08
CA SER I 798 -29.39 109.65 1.89
C SER I 798 -29.02 111.11 2.12
N ASN I 799 -29.28 111.94 1.12
CA ASN I 799 -28.88 113.36 1.21
C ASN I 799 -30.08 114.30 1.22
N THR I 800 -30.69 114.52 0.07
CA THR I 800 -31.73 115.53 -0.06
C THR I 800 -32.68 115.32 -1.24
N LEU I 801 -33.47 116.36 -1.51
CA LEU I 801 -34.38 116.41 -2.65
C LEU I 801 -35.46 115.34 -2.65
N GLU I 802 -36.32 115.39 -1.64
CA GLU I 802 -37.55 114.59 -1.63
C GLU I 802 -38.71 115.49 -2.08
N LEU I 803 -38.37 116.76 -2.34
CA LEU I 803 -39.35 117.82 -2.52
C LEU I 803 -40.04 117.88 -3.89
N HIS I 804 -41.24 118.45 -3.88
CA HIS I 804 -41.97 118.82 -5.10
C HIS I 804 -42.24 117.68 -6.08
N VAL I 805 -43.15 116.78 -5.72
CA VAL I 805 -43.71 115.82 -6.66
C VAL I 805 -45.04 116.34 -7.19
N PHE I 806 -45.28 116.19 -8.48
CA PHE I 806 -46.45 116.77 -9.13
C PHE I 806 -47.78 116.22 -8.60
N ASN I 807 -47.97 114.90 -8.71
CA ASN I 807 -49.22 114.30 -8.28
C ASN I 807 -49.00 112.99 -7.51
N VAL I 808 -49.50 112.95 -6.28
CA VAL I 808 -49.42 111.76 -5.45
C VAL I 808 -50.66 110.88 -5.60
N GLU I 809 -51.67 111.40 -6.29
CA GLU I 809 -52.93 110.70 -6.46
C GLU I 809 -53.02 110.01 -7.82
N ASN I 810 -52.99 108.68 -7.81
CA ASN I 810 -53.12 107.90 -9.04
C ASN I 810 -54.58 107.76 -9.47
N ASP I 811 -54.79 107.58 -10.77
CA ASP I 811 -56.13 107.30 -11.29
C ASP I 811 -56.58 105.91 -10.83
N THR I 812 -55.68 104.94 -10.94
CA THR I 812 -55.90 103.60 -10.44
C THR I 812 -54.68 103.16 -9.64
N PRO I 813 -54.89 102.42 -8.54
CA PRO I 813 -53.76 102.00 -7.71
C PRO I 813 -52.76 101.13 -8.46
N LEU I 814 -51.49 101.54 -8.43
CA LEU I 814 -50.41 100.85 -9.14
C LEU I 814 -49.07 101.21 -8.54
N ALA I 815 -48.00 100.78 -9.20
CA ALA I 815 -46.65 101.21 -8.83
C ALA I 815 -46.22 102.32 -9.77
N LEU I 816 -45.01 102.84 -9.57
CA LEU I 816 -44.50 103.91 -10.43
C LEU I 816 -44.08 103.31 -11.77
N ASP I 817 -44.14 104.12 -12.82
CA ASP I 817 -43.91 103.64 -14.18
C ASP I 817 -42.43 103.40 -14.48
N VAL I 818 -42.14 103.09 -15.74
CA VAL I 818 -40.78 102.76 -16.15
C VAL I 818 -39.94 104.00 -16.44
N PHE I 819 -38.75 104.06 -15.82
CA PHE I 819 -37.82 105.16 -16.05
C PHE I 819 -37.04 104.91 -17.33
N ASP I 820 -36.72 105.98 -18.06
CA ASP I 820 -36.09 105.86 -19.37
C ASP I 820 -34.80 106.67 -19.50
N GLU I 821 -34.22 106.65 -20.70
CA GLU I 821 -33.00 107.39 -21.00
C GLU I 821 -33.07 108.15 -22.32
N ARG I 822 -32.11 109.04 -22.52
CA ARG I 822 -32.00 109.80 -23.76
C ARG I 822 -30.63 109.57 -24.40
N SER I 823 -30.41 110.19 -25.56
CA SER I 823 -29.13 110.08 -26.24
C SER I 823 -28.17 111.16 -25.75
N LYS I 824 -28.70 112.11 -25.00
CA LYS I 824 -27.91 113.19 -24.43
C LYS I 824 -27.15 112.76 -23.19
N THR I 825 -26.06 113.44 -22.89
CA THR I 825 -25.24 113.12 -21.73
C THR I 825 -25.70 113.89 -20.50
N ALA I 826 -26.78 114.66 -20.66
CA ALA I 826 -27.32 115.45 -19.56
C ALA I 826 -28.82 115.20 -19.37
N THR I 827 -29.61 115.58 -20.37
CA THR I 827 -31.06 115.43 -20.33
C THR I 827 -31.47 113.97 -20.26
N VAL I 828 -32.30 113.62 -19.27
CA VAL I 828 -32.82 112.26 -19.16
C VAL I 828 -34.33 112.23 -19.36
N LEU I 829 -34.89 111.02 -19.35
CA LEU I 829 -36.29 110.82 -19.70
C LEU I 829 -37.04 110.01 -18.65
N LEU I 830 -38.31 110.34 -18.46
CA LEU I 830 -39.18 109.65 -17.52
C LEU I 830 -40.63 109.79 -17.98
N ILE I 831 -41.47 108.83 -17.60
CA ILE I 831 -42.89 108.90 -17.92
C ILE I 831 -43.73 108.50 -16.70
N PHE I 832 -44.74 109.29 -16.39
CA PHE I 832 -45.65 108.97 -15.29
C PHE I 832 -47.10 109.04 -15.72
N LYS I 833 -47.76 107.89 -15.74
CA LYS I 833 -49.17 107.79 -16.11
C LYS I 833 -49.48 108.48 -17.44
N TYR I 834 -50.34 109.48 -17.40
CA TYR I 834 -50.79 110.17 -18.60
C TYR I 834 -49.88 111.33 -19.00
N SER I 835 -48.84 111.56 -18.19
CA SER I 835 -47.92 112.66 -18.43
C SER I 835 -46.50 112.17 -18.68
N VAL I 836 -45.73 112.96 -19.41
CA VAL I 836 -44.33 112.62 -19.69
C VAL I 836 -43.40 113.64 -19.06
N TRP I 837 -42.48 113.15 -18.23
CA TRP I 837 -41.55 114.03 -17.51
C TRP I 837 -40.14 113.94 -18.10
N ARG I 838 -39.71 115.00 -18.78
CA ARG I 838 -38.36 115.07 -19.30
C ARG I 838 -37.49 115.85 -18.32
N LEU I 839 -36.42 115.21 -17.84
CA LEU I 839 -35.62 115.79 -16.76
C LEU I 839 -34.21 116.17 -17.19
N ASN I 840 -33.49 116.76 -16.25
CA ASN I 840 -32.18 117.36 -16.50
C ASN I 840 -31.35 117.42 -15.23
N PHE I 841 -30.06 117.73 -15.38
CA PHE I 841 -29.19 117.97 -14.22
C PHE I 841 -29.74 119.17 -13.46
N LEU I 842 -29.36 119.26 -12.17
CA LEU I 842 -29.98 120.12 -11.15
C LEU I 842 -31.22 119.38 -10.62
N PRO I 843 -31.73 119.76 -9.43
CA PRO I 843 -32.74 118.95 -8.73
C PRO I 843 -33.92 118.46 -9.57
N GLY I 844 -34.48 119.28 -10.44
CA GLY I 844 -35.56 118.82 -11.29
C GLY I 844 -36.56 119.87 -11.73
N LEU I 845 -37.75 119.40 -12.11
CA LEU I 845 -38.82 120.26 -12.61
C LEU I 845 -38.31 121.03 -13.82
N SER I 846 -38.12 120.31 -14.93
CA SER I 846 -37.59 120.92 -16.15
C SER I 846 -38.60 120.92 -17.27
N VAL I 847 -38.85 119.75 -17.85
CA VAL I 847 -39.77 119.66 -18.98
C VAL I 847 -40.94 118.72 -18.68
N SER I 848 -42.15 119.15 -19.00
CA SER I 848 -43.35 118.32 -18.85
C SER I 848 -44.18 118.36 -20.13
N LEU I 849 -44.35 117.21 -20.76
CA LEU I 849 -45.05 117.14 -22.04
C LEU I 849 -46.15 116.09 -22.08
N GLN I 850 -47.18 116.36 -22.87
CA GLN I 850 -48.26 115.42 -23.12
C GLN I 850 -48.67 115.50 -24.60
N SER I 851 -48.80 114.34 -25.24
CA SER I 851 -49.19 114.30 -26.64
C SER I 851 -50.64 114.75 -26.83
N GLU I 852 -51.55 114.09 -26.12
CA GLU I 852 -52.96 114.45 -26.13
C GLU I 852 -53.71 113.68 -25.05
N ALA I 853 -55.03 113.89 -24.98
CA ALA I 853 -55.86 113.23 -23.98
C ALA I 853 -56.15 111.79 -24.39
N VAL I 854 -56.91 111.08 -23.55
CA VAL I 854 -57.27 109.69 -23.82
C VAL I 854 -58.36 109.61 -24.89
N GLY I 859 -58.09 103.39 -19.64
CA GLY I 859 -57.76 102.36 -18.66
C GLY I 859 -56.48 102.66 -17.92
N SER I 860 -55.96 101.65 -17.21
CA SER I 860 -54.72 101.80 -16.47
C SER I 860 -53.51 101.75 -17.39
N PHE I 861 -52.43 102.40 -16.99
CA PHE I 861 -51.21 102.42 -17.78
C PHE I 861 -50.29 101.27 -17.41
N ILE I 862 -50.01 100.40 -18.38
CA ILE I 862 -49.16 99.25 -18.15
C ILE I 862 -48.00 99.15 -19.16
N THR I 863 -48.32 99.01 -20.45
CA THR I 863 -47.30 98.79 -21.47
C THR I 863 -46.80 100.09 -22.09
N CYS I 864 -45.50 100.11 -22.39
CA CYS I 864 -44.86 101.27 -23.00
C CYS I 864 -43.68 100.85 -23.86
N GLY I 865 -43.42 101.61 -24.92
CA GLY I 865 -42.33 101.32 -25.83
C GLY I 865 -41.13 102.22 -25.60
N LYS I 866 -40.23 102.24 -26.58
CA LYS I 866 -38.99 103.02 -26.51
C LYS I 866 -38.22 102.88 -27.81
N ARG I 867 -37.30 103.79 -28.07
CA ARG I 867 -36.48 103.75 -29.28
C ARG I 867 -35.06 104.19 -28.99
N SER I 868 -34.11 103.77 -29.82
CA SER I 868 -32.71 104.10 -29.62
C SER I 868 -32.06 104.69 -30.87
N THR I 869 -31.91 103.85 -31.90
CA THR I 869 -31.24 104.25 -33.13
C THR I 869 -32.17 105.14 -33.98
N ASP I 870 -33.46 105.07 -33.69
CA ASP I 870 -34.46 105.80 -34.46
C ASP I 870 -34.40 107.30 -34.18
N GLY I 871 -33.53 107.71 -33.26
CA GLY I 871 -33.45 109.09 -32.85
C GLY I 871 -34.07 109.35 -31.49
N ARG I 872 -34.28 108.26 -30.75
CA ARG I 872 -34.77 108.33 -29.36
C ARG I 872 -36.14 109.02 -29.28
N TYR I 873 -37.08 108.53 -30.09
CA TYR I 873 -38.45 109.02 -30.04
C TYR I 873 -39.25 108.10 -29.13
N LEU I 874 -40.07 108.69 -28.25
CA LEU I 874 -40.68 107.91 -27.17
C LEU I 874 -42.08 107.41 -27.48
N LEU I 875 -42.22 106.09 -27.59
CA LEU I 875 -43.53 105.45 -27.73
C LEU I 875 -44.30 105.55 -26.42
N LEU I 876 -45.55 106.00 -26.49
CA LEU I 876 -46.32 106.22 -25.27
C LEU I 876 -47.83 106.32 -25.50
N GLY I 877 -48.57 106.45 -24.41
CA GLY I 877 -49.99 106.71 -24.46
C GLY I 877 -50.72 106.44 -23.16
N THR I 878 -51.94 106.95 -23.04
CA THR I 878 -52.80 106.67 -21.90
C THR I 878 -53.10 105.18 -21.77
N SER I 879 -53.92 104.68 -22.68
CA SER I 879 -54.29 103.27 -22.76
C SER I 879 -54.11 102.78 -24.18
N GLU I 880 -54.88 103.37 -25.08
CA GLU I 880 -54.77 103.13 -26.52
C GLU I 880 -54.88 101.66 -26.92
N GLY I 881 -56.08 101.11 -26.82
CA GLY I 881 -56.39 99.82 -27.40
C GLY I 881 -56.43 99.96 -28.91
N LEU I 882 -56.41 101.20 -29.37
CA LEU I 882 -56.37 101.51 -30.79
C LEU I 882 -55.45 102.70 -31.05
N ILE I 883 -54.63 102.59 -32.09
CA ILE I 883 -53.74 103.67 -32.52
C ILE I 883 -52.77 104.08 -31.40
N VAL I 884 -51.79 103.23 -31.13
CA VAL I 884 -50.73 103.54 -30.18
C VAL I 884 -49.95 104.77 -30.66
N TYR I 885 -49.61 105.66 -29.73
CA TYR I 885 -49.02 106.94 -30.07
C TYR I 885 -47.49 106.96 -29.94
N ASP I 886 -46.85 107.67 -30.86
CA ASP I 886 -45.40 107.92 -30.80
C ASP I 886 -45.12 109.40 -30.64
N LEU I 887 -44.14 109.73 -29.81
CA LEU I 887 -43.79 111.13 -29.56
C LEU I 887 -42.40 111.47 -30.06
N LYS I 888 -42.34 112.38 -31.02
CA LYS I 888 -41.07 112.89 -31.55
C LYS I 888 -40.52 113.95 -30.59
N ILE I 889 -39.20 114.06 -30.52
CA ILE I 889 -38.54 114.98 -29.61
C ILE I 889 -38.98 116.43 -29.81
N SER I 890 -39.43 117.06 -28.72
CA SER I 890 -39.75 118.49 -28.66
C SER I 890 -40.96 118.90 -29.52
N ASP I 891 -41.50 117.98 -30.31
CA ASP I 891 -42.63 118.30 -31.17
C ASP I 891 -43.82 117.38 -30.91
N PRO I 892 -45.04 117.94 -30.94
CA PRO I 892 -46.28 117.19 -30.75
C PRO I 892 -46.88 116.69 -32.07
N VAL I 893 -46.24 115.73 -32.70
CA VAL I 893 -46.72 115.19 -33.98
C VAL I 893 -46.73 113.66 -33.95
N LEU I 894 -47.75 113.07 -34.58
CA LEU I 894 -47.89 111.62 -34.64
C LEU I 894 -47.65 111.10 -36.05
N ARG I 895 -46.51 110.41 -36.23
CA ARG I 895 -46.17 109.84 -37.53
C ARG I 895 -46.54 108.37 -37.63
N SER I 896 -47.09 107.82 -36.55
CA SER I 896 -47.41 106.40 -36.49
C SER I 896 -48.90 106.14 -36.52
N ASN I 897 -49.30 105.01 -37.09
CA ASN I 897 -50.71 104.64 -37.19
C ASN I 897 -50.91 103.15 -36.99
N VAL I 898 -52.00 102.77 -36.31
CA VAL I 898 -52.29 101.37 -36.08
C VAL I 898 -53.63 100.95 -36.67
N SER I 899 -53.58 100.11 -37.70
CA SER I 899 -54.78 99.58 -38.33
C SER I 899 -55.12 98.18 -37.82
N GLU I 900 -54.27 97.65 -36.94
CA GLU I 900 -54.44 96.28 -36.45
C GLU I 900 -55.14 96.26 -35.09
N HIS I 901 -55.52 97.44 -34.62
CA HIS I 901 -56.05 97.65 -33.27
C HIS I 901 -55.03 97.09 -32.27
N ILE I 902 -55.50 96.49 -31.18
CA ILE I 902 -54.66 95.75 -30.23
C ILE I 902 -55.51 95.33 -29.01
N GLU I 903 -55.01 94.38 -28.22
CA GLU I 903 -55.61 94.06 -26.94
C GLU I 903 -54.60 94.45 -25.85
N CYS I 904 -54.95 94.33 -24.58
CA CYS I 904 -54.05 94.71 -23.52
C CYS I 904 -53.88 93.65 -22.44
N VAL I 905 -52.69 93.06 -22.36
CA VAL I 905 -52.36 92.12 -21.28
C VAL I 905 -51.01 92.44 -20.62
N ASP I 906 -49.92 92.40 -21.39
CA ASP I 906 -48.58 92.52 -20.84
C ASP I 906 -47.89 93.83 -21.24
N ILE I 907 -46.65 94.00 -20.77
CA ILE I 907 -45.95 95.27 -20.88
C ILE I 907 -44.98 95.33 -22.07
N TYR I 908 -44.85 94.23 -22.81
CA TYR I 908 -43.78 94.15 -23.81
C TYR I 908 -44.11 94.91 -25.10
N GLU I 909 -43.28 95.90 -25.41
CA GLU I 909 -43.35 96.62 -26.68
C GLU I 909 -41.98 97.20 -27.03
N LEU I 910 -41.65 97.27 -28.31
CA LEU I 910 -40.39 97.85 -28.78
C LEU I 910 -40.30 97.83 -30.31
N PHE I 911 -39.46 98.69 -30.86
CA PHE I 911 -39.28 98.81 -32.30
C PHE I 911 -37.85 98.56 -32.76
N ASP I 912 -37.70 97.87 -33.88
CA ASP I 912 -36.39 97.55 -34.45
C ASP I 912 -35.62 98.77 -34.95
N PRO I 913 -34.23 98.69 -34.86
CA PRO I 913 -33.52 99.87 -35.36
C PRO I 913 -33.74 100.12 -36.85
N VAL I 914 -33.81 99.05 -37.63
CA VAL I 914 -34.02 99.10 -39.08
C VAL I 914 -32.71 99.11 -39.90
N TYR I 915 -31.57 99.11 -39.21
CA TYR I 915 -30.27 99.07 -39.89
C TYR I 915 -30.27 99.92 -41.15
N LYS I 916 -30.14 101.23 -41.06
CA LYS I 916 -30.16 102.02 -42.28
C LYS I 916 -31.56 102.40 -42.76
N TYR I 917 -32.13 101.57 -43.64
CA TYR I 917 -33.45 101.80 -44.22
C TYR I 917 -34.55 101.88 -43.18
N ILE I 918 -35.54 102.73 -43.44
CA ILE I 918 -36.63 102.96 -42.50
C ILE I 918 -38.04 102.40 -42.79
N VAL I 919 -38.57 101.78 -41.74
CA VAL I 919 -39.90 101.17 -41.65
C VAL I 919 -39.92 100.62 -40.22
N LEU I 920 -41.11 100.32 -39.68
CA LEU I 920 -41.14 99.85 -38.30
C LEU I 920 -41.99 98.61 -38.07
N CYS I 921 -41.58 97.82 -37.09
CA CYS I 921 -42.30 96.62 -36.69
C CYS I 921 -42.21 96.41 -35.18
N GLY I 922 -43.31 96.02 -34.55
CA GLY I 922 -43.33 95.84 -33.11
C GLY I 922 -44.37 94.87 -32.57
N ALA I 923 -44.15 94.35 -31.37
CA ALA I 923 -45.05 93.38 -30.78
C ALA I 923 -45.74 93.91 -29.52
N LYS I 924 -47.00 93.51 -29.31
CA LYS I 924 -47.78 93.96 -28.16
C LYS I 924 -48.66 92.86 -27.57
N GLY I 925 -49.53 93.25 -26.65
CA GLY I 925 -50.34 92.32 -25.86
C GLY I 925 -51.17 91.27 -26.57
N LYS I 926 -51.69 91.60 -27.75
CA LYS I 926 -52.53 90.66 -28.51
C LYS I 926 -51.70 89.46 -29.01
N GLN I 927 -50.39 89.53 -28.76
CA GLN I 927 -49.42 88.60 -29.32
C GLN I 927 -49.51 88.63 -30.83
N VAL I 928 -49.22 89.80 -31.38
CA VAL I 928 -49.20 90.03 -32.81
C VAL I 928 -48.04 90.96 -33.13
N VAL I 929 -47.94 91.39 -34.39
CA VAL I 929 -46.91 92.34 -34.78
C VAL I 929 -47.44 93.38 -35.77
N HIS I 930 -47.19 94.65 -35.43
CA HIS I 930 -47.57 95.78 -36.27
C HIS I 930 -46.42 96.17 -37.18
N VAL I 931 -46.74 96.42 -38.45
CA VAL I 931 -45.75 96.91 -39.42
C VAL I 931 -46.27 98.20 -40.05
N HIS I 932 -45.48 99.26 -39.95
CA HIS I 932 -45.94 100.58 -40.40
C HIS I 932 -44.84 101.43 -41.04
N THR I 933 -45.25 102.25 -42.00
CA THR I 933 -44.35 103.19 -42.66
C THR I 933 -44.77 104.63 -42.36
N LEU I 934 -43.83 105.40 -41.80
CA LEU I 934 -44.13 106.75 -41.30
C LEU I 934 -44.40 107.76 -42.42
N ARG I 935 -44.17 107.36 -43.66
CA ARG I 935 -44.38 108.25 -44.80
C ARG I 935 -45.87 108.42 -45.10
N SER I 936 -46.33 109.66 -45.09
CA SER I 936 -47.74 109.98 -45.32
C SER I 936 -47.95 111.49 -45.36
N VAL I 937 -49.09 111.91 -45.90
CA VAL I 937 -49.38 113.34 -46.05
C VAL I 937 -49.92 113.98 -44.77
N SER I 938 -50.76 113.27 -44.03
CA SER I 938 -51.39 113.84 -42.85
C SER I 938 -51.69 112.80 -41.77
N GLY I 939 -51.53 113.21 -40.51
CA GLY I 939 -51.85 112.36 -39.38
C GLY I 939 -53.17 112.71 -38.73
N SER I 940 -53.25 112.52 -37.41
CA SER I 940 -54.42 112.88 -36.61
C SER I 940 -55.69 112.16 -37.05
N ASN I 941 -55.59 110.84 -37.23
CA ASN I 941 -56.75 110.01 -37.55
C ASN I 941 -57.33 109.38 -36.29
N SER I 942 -56.75 109.70 -35.15
CA SER I 942 -57.11 109.10 -33.86
C SER I 942 -58.59 109.25 -33.49
N HIS I 943 -59.00 110.48 -33.19
CA HIS I 943 -60.32 110.72 -32.63
C HIS I 943 -61.40 110.97 -33.67
N GLN I 944 -61.02 110.96 -34.95
CA GLN I 944 -61.99 111.23 -36.01
C GLN I 944 -62.85 110.00 -36.30
N ASN I 945 -62.27 108.82 -36.13
CA ASN I 945 -62.99 107.58 -36.43
C ASN I 945 -62.85 106.54 -35.32
N ARG I 946 -63.97 106.17 -34.71
CA ARG I 946 -64.00 105.05 -33.77
C ARG I 946 -65.12 104.06 -34.12
N GLU I 947 -66.37 104.48 -34.06
CA GLU I 947 -67.48 103.63 -34.47
C GLU I 947 -68.03 104.08 -35.82
N ILE I 948 -69.02 103.35 -36.33
CA ILE I 948 -69.62 103.68 -37.62
C ILE I 948 -71.14 103.54 -37.59
N ALA I 949 -71.83 104.60 -38.02
CA ALA I 949 -73.28 104.57 -38.15
C ALA I 949 -73.67 104.69 -39.61
N TRP I 950 -74.97 104.69 -39.89
CA TRP I 950 -75.45 104.74 -41.27
C TRP I 950 -76.78 105.48 -41.38
N VAL I 951 -76.94 106.21 -42.49
CA VAL I 951 -78.15 106.99 -42.72
C VAL I 951 -79.29 106.11 -43.23
N HIS I 952 -80.39 106.10 -42.48
CA HIS I 952 -81.55 105.30 -42.87
C HIS I 952 -82.29 105.94 -44.04
N SER I 953 -82.47 105.14 -45.10
CA SER I 953 -83.14 105.62 -46.31
C SER I 953 -83.56 104.44 -47.20
N ALA I 954 -84.10 104.76 -48.36
CA ALA I 954 -84.55 103.73 -49.30
C ALA I 954 -83.57 103.59 -50.47
N ASP I 955 -82.87 102.46 -50.51
CA ASP I 955 -81.92 102.16 -51.58
C ASP I 955 -80.86 103.24 -51.74
N GLU I 956 -80.47 103.86 -50.63
CA GLU I 956 -79.42 104.87 -50.64
C GLU I 956 -78.46 104.65 -49.49
N ILE I 957 -77.17 104.54 -49.81
CA ILE I 957 -76.16 104.22 -48.80
C ILE I 957 -75.33 105.45 -48.41
N SER I 958 -75.51 105.91 -47.18
CA SER I 958 -74.72 106.99 -46.64
C SER I 958 -74.26 106.65 -45.22
N VAL I 959 -72.94 106.60 -45.03
CA VAL I 959 -72.37 106.18 -43.75
C VAL I 959 -71.82 107.36 -42.96
N MET I 960 -71.90 107.28 -41.64
CA MET I 960 -71.40 108.32 -40.77
C MET I 960 -70.40 107.76 -39.76
N THR I 961 -69.60 108.64 -39.17
CA THR I 961 -68.53 108.23 -38.25
C THR I 961 -68.49 109.08 -36.99
N LYS I 962 -67.44 108.90 -36.20
CA LYS I 962 -67.21 109.68 -35.00
C LYS I 962 -67.00 111.15 -35.39
N ALA I 963 -67.18 112.05 -34.43
CA ALA I 963 -67.23 113.49 -34.69
C ALA I 963 -68.41 113.82 -35.61
N CYS I 964 -69.59 113.37 -35.19
CA CYS I 964 -70.87 113.60 -35.85
C CYS I 964 -70.83 113.34 -37.36
N LEU I 965 -71.38 114.27 -38.13
CA LEU I 965 -71.61 114.04 -39.55
C LEU I 965 -70.36 114.26 -40.39
N GLU I 966 -69.91 113.19 -41.04
CA GLU I 966 -68.92 113.29 -42.09
C GLU I 966 -69.54 112.79 -43.39
N PRO I 967 -69.78 113.69 -44.35
CA PRO I 967 -70.53 113.35 -45.57
C PRO I 967 -69.87 112.24 -46.38
N ASN I 968 -70.66 111.21 -46.70
CA ASN I 968 -70.20 110.11 -47.54
C ASN I 968 -71.33 109.61 -48.44
N VAL I 969 -71.03 109.42 -49.72
CA VAL I 969 -72.01 108.90 -50.67
C VAL I 969 -71.41 107.85 -51.59
N TYR I 970 -72.27 107.15 -52.32
CA TYR I 970 -71.87 106.01 -53.15
C TYR I 970 -70.83 106.38 -54.21
N LEU I 971 -69.73 105.64 -54.20
CA LEU I 971 -68.59 105.84 -55.11
C LEU I 971 -68.08 107.28 -55.14
N ARG I 972 -67.87 107.87 -53.97
CA ARG I 972 -67.27 109.20 -53.88
C ARG I 972 -66.27 109.27 -52.72
N SER I 973 -65.12 109.88 -52.98
CA SER I 973 -64.06 109.96 -51.97
C SER I 973 -64.12 111.26 -51.17
N LEU I 974 -65.15 112.06 -51.43
CA LEU I 974 -65.31 113.34 -50.74
C LEU I 974 -65.52 113.15 -49.24
N MET I 975 -64.72 113.82 -48.44
CA MET I 975 -64.80 113.72 -46.99
C MET I 975 -64.60 115.08 -46.31
N ASP I 976 -65.47 115.38 -45.35
CA ASP I 976 -65.36 116.62 -44.58
C ASP I 976 -65.21 116.30 -43.09
N MET I 977 -64.55 117.18 -42.36
CA MET I 977 -64.31 116.95 -40.93
C MET I 977 -64.80 118.10 -40.05
N THR I 978 -65.81 117.82 -39.25
CA THR I 978 -66.31 118.77 -38.26
C THR I 978 -66.67 118.04 -36.97
N ARG I 979 -66.15 118.51 -35.84
CA ARG I 979 -66.36 117.80 -34.58
C ARG I 979 -67.10 118.65 -33.55
N GLU I 980 -68.34 118.25 -33.25
CA GLU I 980 -69.10 118.83 -32.16
C GLU I 980 -68.98 117.95 -30.92
N ARG I 981 -68.18 116.89 -31.04
CA ARG I 981 -67.94 115.93 -29.97
C ARG I 981 -69.24 115.23 -29.54
N THR I 982 -69.78 114.41 -30.42
CA THR I 982 -70.94 113.59 -30.11
C THR I 982 -70.54 112.33 -29.34
N GLN I 983 -71.49 111.78 -28.59
CA GLN I 983 -71.27 110.52 -27.88
C GLN I 983 -71.60 109.34 -28.79
N LEU I 984 -72.90 109.16 -29.06
CA LEU I 984 -73.36 108.11 -29.96
C LEU I 984 -74.37 108.69 -30.95
N LEU I 985 -74.11 108.49 -32.24
CA LEU I 985 -74.90 109.11 -33.29
C LEU I 985 -75.97 108.17 -33.87
N ALA I 986 -77.18 108.70 -34.02
CA ALA I 986 -78.27 107.97 -34.66
C ALA I 986 -78.83 108.80 -35.82
N VAL I 987 -79.56 108.16 -36.73
CA VAL I 987 -80.07 108.85 -37.90
C VAL I 987 -81.58 108.63 -38.06
N ASP I 988 -82.29 109.69 -38.44
CA ASP I 988 -83.73 109.62 -38.66
C ASP I 988 -84.01 108.89 -39.98
N SER I 989 -85.27 108.69 -40.31
CA SER I 989 -85.64 107.99 -41.54
C SER I 989 -85.48 108.90 -42.76
N LYS I 990 -85.72 110.19 -42.56
CA LYS I 990 -85.59 111.18 -43.63
C LYS I 990 -84.22 111.86 -43.56
N GLU I 991 -84.05 112.89 -44.38
CA GLU I 991 -82.78 113.62 -44.43
C GLU I 991 -82.58 114.47 -43.18
N ARG I 992 -83.59 114.53 -42.32
CA ARG I 992 -83.52 115.28 -41.07
C ARG I 992 -82.41 114.73 -40.17
N ILE I 993 -81.65 115.63 -39.55
CA ILE I 993 -80.52 115.22 -38.73
C ILE I 993 -80.87 115.13 -37.24
N HIS I 994 -80.64 113.94 -36.69
CA HIS I 994 -80.81 113.66 -35.27
C HIS I 994 -79.42 113.47 -34.65
N LEU I 995 -79.11 114.23 -33.60
CA LEU I 995 -77.78 114.13 -33.00
C LEU I 995 -77.78 114.35 -31.49
N ILE I 996 -76.60 114.21 -30.90
CA ILE I 996 -76.45 114.30 -29.45
C ILE I 996 -75.33 115.27 -29.08
N LYS I 997 -75.54 116.01 -28.00
CA LYS I 997 -74.56 116.97 -27.50
C LYS I 997 -74.27 116.59 -26.05
N PRO I 998 -73.05 116.86 -25.55
CA PRO I 998 -72.84 116.50 -24.14
C PRO I 998 -73.90 117.07 -23.20
N ALA I 999 -74.49 116.19 -22.41
CA ALA I 999 -75.54 116.51 -21.46
C ALA I 999 -76.82 117.06 -22.11
N ILE I 1000 -77.13 116.63 -23.34
CA ILE I 1000 -78.40 117.01 -23.99
C ILE I 1000 -78.58 116.32 -25.36
N SER I 1001 -79.82 116.28 -25.83
CA SER I 1001 -80.11 115.68 -27.14
C SER I 1001 -80.68 116.73 -28.10
N ARG I 1002 -80.35 116.61 -29.39
CA ARG I 1002 -80.76 117.63 -30.35
C ARG I 1002 -81.37 117.03 -31.62
N ILE I 1003 -82.47 117.63 -32.07
CA ILE I 1003 -83.17 117.20 -33.28
C ILE I 1003 -83.38 118.39 -34.21
N SER I 1004 -82.86 118.30 -35.43
CA SER I 1004 -82.93 119.46 -36.32
C SER I 1004 -83.00 119.08 -37.80
N GLU I 1005 -83.62 119.96 -38.59
CA GLU I 1005 -83.61 119.83 -40.05
C GLU I 1005 -82.18 119.83 -40.55
N TRP I 1006 -81.50 120.96 -40.41
CA TRP I 1006 -80.06 121.03 -40.58
C TRP I 1006 -79.48 121.57 -39.27
N SER I 1007 -78.16 121.62 -39.15
CA SER I 1007 -77.56 122.02 -37.88
C SER I 1007 -76.86 123.37 -37.96
N THR I 1008 -77.46 124.38 -37.35
CA THR I 1008 -76.81 125.67 -37.16
C THR I 1008 -76.81 126.05 -35.69
N ILE I 1009 -77.97 126.48 -35.20
CA ILE I 1009 -78.13 126.76 -33.77
C ILE I 1009 -78.68 125.55 -33.03
N THR I 1010 -79.12 124.55 -33.80
CA THR I 1010 -79.69 123.30 -33.28
C THR I 1010 -80.67 123.49 -32.12
N PRO I 1011 -81.87 124.03 -32.42
CA PRO I 1011 -82.89 124.24 -31.39
C PRO I 1011 -83.37 122.93 -30.75
N THR I 1012 -83.76 122.99 -29.48
CA THR I 1012 -84.27 121.82 -28.75
C THR I 1012 -84.70 122.19 -27.34
N HIS I 1013 -85.50 121.31 -26.73
CA HIS I 1013 -85.95 121.49 -25.35
C HIS I 1013 -86.04 120.14 -24.65
N ALA I 1014 -85.56 120.07 -23.42
CA ALA I 1014 -85.57 118.81 -22.68
C ALA I 1014 -85.71 119.02 -21.18
N ALA I 1015 -86.44 118.11 -20.53
CA ALA I 1015 -86.61 118.13 -19.09
C ALA I 1015 -85.61 117.21 -18.40
N SER I 1016 -84.71 116.63 -19.19
CA SER I 1016 -83.73 115.66 -18.71
C SER I 1016 -82.92 116.18 -17.52
N ASN I 1017 -82.76 115.33 -16.51
CA ASN I 1017 -82.05 115.71 -15.29
C ASN I 1017 -80.54 115.68 -15.45
N CYS I 1018 -80.03 114.70 -16.19
CA CYS I 1018 -78.58 114.52 -16.32
C CYS I 1018 -78.18 114.18 -17.76
N LYS I 1019 -76.89 113.88 -17.94
CA LYS I 1019 -76.34 113.57 -19.26
C LYS I 1019 -76.92 112.29 -19.83
N ILE I 1020 -77.22 112.31 -21.13
CA ILE I 1020 -77.75 111.14 -21.81
C ILE I 1020 -76.64 110.36 -22.51
N ASN I 1021 -76.68 109.04 -22.40
CA ASN I 1021 -75.67 108.19 -23.01
C ASN I 1021 -75.88 108.04 -24.52
N ALA I 1022 -77.13 107.75 -24.90
CA ALA I 1022 -77.46 107.57 -26.31
C ALA I 1022 -78.90 107.96 -26.59
N ILE I 1023 -79.15 108.45 -27.80
CA ILE I 1023 -80.48 108.88 -28.21
C ILE I 1023 -80.74 108.51 -29.68
N SER I 1024 -81.96 108.09 -29.97
CA SER I 1024 -82.32 107.62 -31.31
C SER I 1024 -83.66 108.17 -31.79
N ALA I 1025 -83.93 108.01 -33.08
CA ALA I 1025 -85.16 108.53 -33.68
C ALA I 1025 -85.92 107.46 -34.44
N PHE I 1026 -87.26 107.51 -34.36
CA PHE I 1026 -88.11 106.60 -35.12
C PHE I 1026 -88.19 106.96 -36.59
N ASN I 1027 -88.93 106.16 -37.33
CA ASN I 1027 -89.24 106.45 -38.72
C ASN I 1027 -90.33 107.52 -38.78
N ASP I 1028 -91.49 107.19 -38.23
CA ASP I 1028 -92.59 108.14 -38.09
C ASP I 1028 -92.23 109.25 -37.09
N GLU I 1029 -92.97 110.36 -37.15
CA GLU I 1029 -92.66 111.53 -36.35
C GLU I 1029 -93.20 111.44 -34.92
N GLN I 1030 -93.84 110.31 -34.60
CA GLN I 1030 -94.44 110.12 -33.28
C GLN I 1030 -93.38 110.00 -32.18
N ILE I 1031 -93.49 110.86 -31.17
CA ILE I 1031 -92.64 110.90 -29.97
C ILE I 1031 -91.15 110.68 -30.25
N PHE I 1032 -90.51 109.87 -29.39
CA PHE I 1032 -89.09 109.47 -29.42
C PHE I 1032 -88.78 108.57 -28.23
N VAL I 1033 -87.67 107.84 -28.31
CA VAL I 1033 -87.21 107.00 -27.19
C VAL I 1033 -85.70 107.13 -27.02
N GLY I 1034 -85.19 106.64 -25.89
CA GLY I 1034 -83.76 106.61 -25.64
C GLY I 1034 -83.50 106.27 -24.19
N TYR I 1035 -82.26 105.89 -23.88
CA TYR I 1035 -81.89 105.58 -22.51
C TYR I 1035 -80.95 106.65 -21.95
N VAL I 1036 -81.38 107.28 -20.87
CA VAL I 1036 -80.63 108.37 -20.25
C VAL I 1036 -79.99 107.81 -18.98
N ASP I 1037 -79.18 108.61 -18.28
CA ASP I 1037 -78.62 108.23 -16.99
C ASP I 1037 -79.67 108.32 -15.89
N GLY I 1038 -80.87 108.78 -16.25
CA GLY I 1038 -81.92 108.99 -15.28
C GLY I 1038 -83.32 108.80 -15.86
N VAL I 1039 -84.33 109.03 -15.02
CA VAL I 1039 -85.71 108.72 -15.34
C VAL I 1039 -86.26 109.46 -16.56
N ILE I 1040 -86.08 110.78 -16.59
CA ILE I 1040 -86.69 111.62 -17.62
C ILE I 1040 -86.21 111.30 -19.04
N ILE I 1041 -87.15 111.06 -19.94
CA ILE I 1041 -86.85 110.83 -21.35
C ILE I 1041 -87.43 111.96 -22.21
N ASP I 1042 -86.56 112.70 -22.88
CA ASP I 1042 -86.95 113.89 -23.62
C ASP I 1042 -87.50 113.60 -25.03
N VAL I 1043 -88.46 114.41 -25.45
CA VAL I 1043 -88.99 114.36 -26.81
C VAL I 1043 -89.15 115.77 -27.37
N ILE I 1044 -89.34 115.89 -28.67
CA ILE I 1044 -89.47 117.19 -29.31
C ILE I 1044 -90.68 117.22 -30.25
N HIS I 1045 -91.27 118.41 -30.41
CA HIS I 1045 -92.38 118.65 -31.34
C HIS I 1045 -93.67 117.92 -30.92
N ASP I 1046 -93.56 117.05 -29.91
CA ASP I 1046 -94.69 116.27 -29.45
C ASP I 1046 -94.94 116.45 -27.96
N THR I 1047 -96.20 116.45 -27.57
CA THR I 1047 -96.60 116.53 -26.17
C THR I 1047 -96.74 115.14 -25.58
N ALA I 1048 -97.33 115.07 -24.37
CA ALA I 1048 -97.60 113.81 -23.69
C ALA I 1048 -96.35 112.98 -23.43
N LEU I 1049 -95.52 113.46 -22.50
CA LEU I 1049 -94.31 112.74 -22.09
C LEU I 1049 -94.64 111.33 -21.61
N PRO I 1050 -93.68 110.40 -21.73
CA PRO I 1050 -93.90 109.02 -21.30
C PRO I 1050 -94.22 108.92 -19.81
N GLN I 1051 -94.80 107.79 -19.39
CA GLN I 1051 -95.27 107.61 -18.02
C GLN I 1051 -94.14 107.22 -17.08
N GLN I 1052 -93.04 106.73 -17.64
CA GLN I 1052 -91.88 106.25 -16.88
C GLN I 1052 -92.26 105.16 -15.87
N PHE I 1053 -92.06 105.45 -14.59
CA PHE I 1053 -92.14 104.47 -13.51
C PHE I 1053 -91.13 103.34 -13.69
N ILE I 1054 -89.89 103.72 -13.99
CA ILE I 1054 -88.80 102.76 -14.11
C ILE I 1054 -87.49 103.42 -13.69
N GLU I 1055 -86.63 102.64 -13.03
CA GLU I 1055 -85.34 103.17 -12.57
C GLU I 1055 -84.49 103.73 -13.72
N GLU I 1056 -83.96 102.86 -14.58
CA GLU I 1056 -83.23 103.33 -15.75
C GLU I 1056 -83.46 102.35 -16.92
N PRO I 1057 -83.64 102.88 -18.14
CA PRO I 1057 -83.89 102.06 -19.34
C PRO I 1057 -82.63 101.46 -19.96
N ILE I 1058 -82.76 100.31 -20.62
CA ILE I 1058 -81.59 99.68 -21.24
C ILE I 1058 -81.73 99.47 -22.76
N ASP I 1059 -82.70 98.68 -23.19
CA ASP I 1059 -82.81 98.31 -24.61
C ASP I 1059 -84.01 98.98 -25.27
N TYR I 1060 -83.74 99.83 -26.26
CA TYR I 1060 -84.78 100.48 -27.04
C TYR I 1060 -84.93 99.82 -28.41
N LEU I 1061 -85.82 100.38 -29.23
CA LEU I 1061 -86.13 99.84 -30.55
C LEU I 1061 -87.08 100.75 -31.31
N LYS I 1062 -87.28 100.45 -32.60
CA LYS I 1062 -88.10 101.30 -33.46
C LYS I 1062 -89.29 100.53 -34.05
N GLN I 1063 -90.46 101.13 -33.97
CA GLN I 1063 -91.67 100.55 -34.55
C GLN I 1063 -92.51 101.61 -35.24
N VAL I 1064 -93.19 101.20 -36.32
CA VAL I 1064 -94.06 102.12 -37.06
C VAL I 1064 -95.44 102.18 -36.40
N SER I 1065 -95.69 101.27 -35.47
CA SER I 1065 -96.95 101.23 -34.74
C SER I 1065 -97.01 102.33 -33.69
N PRO I 1066 -98.22 102.85 -33.41
CA PRO I 1066 -98.43 103.90 -32.40
C PRO I 1066 -97.91 103.50 -31.01
N ASN I 1067 -97.98 102.21 -30.68
CA ASN I 1067 -97.48 101.72 -29.40
C ASN I 1067 -96.04 101.23 -29.50
N ILE I 1068 -95.25 101.51 -28.47
CA ILE I 1068 -93.85 101.12 -28.45
C ILE I 1068 -93.47 100.41 -27.15
N LEU I 1069 -92.95 99.19 -27.28
CA LEU I 1069 -92.52 98.43 -26.12
C LEU I 1069 -91.04 98.69 -25.81
N VAL I 1070 -90.76 98.99 -24.54
CA VAL I 1070 -89.40 99.34 -24.14
C VAL I 1070 -88.89 98.43 -23.00
N ALA I 1071 -87.73 97.83 -23.21
CA ALA I 1071 -87.11 96.98 -22.20
C ALA I 1071 -86.52 97.84 -21.08
N SER I 1072 -86.30 97.22 -19.92
CA SER I 1072 -85.81 97.95 -18.75
C SER I 1072 -84.79 97.15 -17.94
N ALA I 1073 -84.00 97.87 -17.14
CA ALA I 1073 -82.99 97.24 -16.29
C ALA I 1073 -83.65 96.42 -15.18
N HIS I 1074 -84.83 96.85 -14.75
CA HIS I 1074 -85.61 96.12 -13.76
C HIS I 1074 -86.29 94.93 -14.41
N SER I 1075 -86.14 94.84 -15.73
CA SER I 1075 -86.69 93.76 -16.56
C SER I 1075 -88.22 93.78 -16.56
N ALA I 1076 -88.79 94.98 -16.51
CA ALA I 1076 -90.22 95.16 -16.66
C ALA I 1076 -90.51 95.95 -17.94
N GLN I 1077 -91.09 95.27 -18.92
CA GLN I 1077 -91.36 95.90 -20.21
C GLN I 1077 -92.41 97.01 -20.08
N LYS I 1078 -92.20 98.10 -20.81
CA LYS I 1078 -93.08 99.25 -20.73
C LYS I 1078 -93.84 99.46 -22.04
N THR I 1079 -95.14 99.73 -21.92
CA THR I 1079 -95.97 99.99 -23.09
C THR I 1079 -96.22 101.48 -23.24
N VAL I 1080 -95.64 102.06 -24.29
CA VAL I 1080 -95.78 103.50 -24.53
C VAL I 1080 -96.82 103.78 -25.60
N ILE I 1081 -97.89 104.45 -25.20
CA ILE I 1081 -98.98 104.79 -26.12
C ILE I 1081 -98.88 106.27 -26.51
N PHE I 1082 -99.02 106.54 -27.81
CA PHE I 1082 -98.83 107.88 -28.33
C PHE I 1082 -99.95 108.84 -27.94
N GLN I 1083 -99.57 109.94 -27.30
CA GLN I 1083 -100.45 111.08 -27.03
C GLN I 1083 -101.65 110.68 -26.16
N LEU I 1084 -101.49 109.62 -25.37
CA LEU I 1084 -102.56 109.14 -24.49
C LEU I 1084 -102.05 107.94 -23.67
N GLU I 1085 -102.72 107.64 -22.57
CA GLU I 1085 -102.38 106.48 -21.76
C GLU I 1085 -103.57 105.54 -21.56
N LYS I 1086 -104.49 105.97 -20.70
CA LYS I 1086 -105.71 105.21 -20.38
C LYS I 1086 -105.45 103.75 -19.99
N ILE I 1087 -104.33 103.53 -19.30
CA ILE I 1087 -103.78 102.20 -18.99
C ILE I 1087 -102.61 102.44 -18.03
N ASP I 1088 -102.23 101.42 -17.26
CA ASP I 1088 -101.10 101.52 -16.34
C ASP I 1088 -99.95 100.62 -16.78
N PRO I 1089 -98.86 101.22 -17.24
CA PRO I 1089 -97.70 100.48 -17.78
C PRO I 1089 -96.86 99.80 -16.70
N LEU I 1090 -97.49 98.98 -15.87
CA LEU I 1090 -96.76 98.24 -14.85
C LEU I 1090 -96.84 96.74 -15.11
N GLN I 1091 -95.71 96.15 -15.51
CA GLN I 1091 -95.65 94.71 -15.78
C GLN I 1091 -94.33 94.11 -15.29
N PRO I 1092 -94.22 93.88 -13.98
CA PRO I 1092 -93.01 93.28 -13.40
C PRO I 1092 -93.02 91.76 -13.49
N ASN I 1093 -92.87 91.22 -14.71
CA ASN I 1093 -92.91 89.79 -14.93
C ASN I 1093 -91.82 89.05 -14.13
N ASP I 1094 -90.57 89.23 -14.53
CA ASP I 1094 -89.44 88.56 -13.89
C ASP I 1094 -88.31 89.53 -13.58
N GLN I 1095 -87.37 89.09 -12.76
CA GLN I 1095 -86.19 89.90 -12.44
C GLN I 1095 -85.03 89.56 -13.36
N TRP I 1096 -85.22 88.58 -14.24
CA TRP I 1096 -84.24 88.27 -15.26
C TRP I 1096 -84.40 89.23 -16.43
N PRO I 1097 -83.29 89.80 -16.91
CA PRO I 1097 -83.30 90.87 -17.93
C PRO I 1097 -84.00 90.48 -19.23
N LEU I 1098 -84.74 91.43 -19.79
CA LEU I 1098 -85.49 91.19 -21.03
C LEU I 1098 -84.84 91.81 -22.25
N MET I 1099 -84.85 91.08 -23.35
CA MET I 1099 -84.48 91.63 -24.65
C MET I 1099 -85.43 91.07 -25.70
N MET I 1100 -85.95 91.95 -26.55
CA MET I 1100 -87.10 91.56 -27.38
C MET I 1100 -86.95 91.85 -28.87
N ASP I 1101 -87.62 91.03 -29.66
CA ASP I 1101 -87.76 91.23 -31.10
C ASP I 1101 -89.24 91.17 -31.49
N VAL I 1102 -89.52 91.34 -32.77
CA VAL I 1102 -90.90 91.27 -33.26
C VAL I 1102 -90.93 90.75 -34.69
N SER I 1103 -91.96 89.96 -35.03
CA SER I 1103 -92.09 89.46 -36.39
C SER I 1103 -93.16 90.23 -37.16
N THR I 1104 -94.43 89.92 -36.91
CA THR I 1104 -95.51 90.70 -37.48
C THR I 1104 -96.58 91.10 -36.45
N LYS I 1105 -97.39 90.12 -36.06
CA LYS I 1105 -98.47 90.36 -35.10
C LYS I 1105 -98.04 90.01 -33.67
N TYR I 1106 -96.89 89.36 -33.53
CA TYR I 1106 -96.48 88.83 -32.25
C TYR I 1106 -95.27 89.53 -31.67
N ALA I 1107 -95.38 89.95 -30.41
CA ALA I 1107 -94.25 90.51 -29.69
C ALA I 1107 -93.43 89.40 -29.06
N SER I 1108 -92.15 89.33 -29.42
CA SER I 1108 -91.28 88.25 -28.95
C SER I 1108 -90.38 88.70 -27.81
N LEU I 1109 -90.63 88.18 -26.62
CA LEU I 1109 -89.81 88.52 -25.45
C LEU I 1109 -88.83 87.40 -25.11
N GLN I 1110 -87.55 87.70 -25.21
CA GLN I 1110 -86.51 86.76 -24.81
C GLN I 1110 -85.93 87.16 -23.45
N GLU I 1111 -86.20 86.35 -22.44
CA GLU I 1111 -85.76 86.64 -21.09
C GLU I 1111 -84.50 85.84 -20.74
N GLY I 1112 -84.07 85.96 -19.49
CA GLY I 1112 -82.94 85.19 -19.00
C GLY I 1112 -83.38 83.82 -18.54
N GLN I 1113 -84.67 83.54 -18.68
CA GLN I 1113 -85.24 82.26 -18.29
C GLN I 1113 -85.89 81.57 -19.48
N TYR I 1114 -86.96 82.16 -20.01
CA TYR I 1114 -87.68 81.58 -21.13
C TYR I 1114 -88.04 82.63 -22.17
N ILE I 1115 -88.69 82.19 -23.24
CA ILE I 1115 -89.13 83.09 -24.30
C ILE I 1115 -90.65 83.09 -24.40
N ILE I 1116 -91.26 84.26 -24.24
CA ILE I 1116 -92.72 84.35 -24.24
C ILE I 1116 -93.21 85.24 -25.38
N LEU I 1117 -94.36 84.87 -25.96
CA LEU I 1117 -94.94 85.62 -27.07
C LEU I 1117 -96.24 86.31 -26.67
N PHE I 1118 -96.41 87.56 -27.09
CA PHE I 1118 -97.65 88.28 -26.84
C PHE I 1118 -98.43 88.55 -28.11
N SER I 1119 -99.75 88.58 -27.98
CA SER I 1119 -100.64 88.91 -29.10
C SER I 1119 -101.25 90.29 -28.91
N ASP I 1120 -100.88 91.22 -29.78
CA ASP I 1120 -101.35 92.60 -29.68
C ASP I 1120 -102.85 92.71 -29.96
N HIS I 1121 -103.56 93.35 -29.04
CA HIS I 1121 -105.00 93.56 -29.20
C HIS I 1121 -105.26 94.66 -30.22
N GLY I 1122 -104.41 95.67 -30.23
CA GLY I 1122 -104.52 96.77 -31.17
C GLY I 1122 -103.23 97.57 -31.26
N VAL I 1123 -103.04 98.25 -32.38
CA VAL I 1123 -101.85 99.07 -32.59
C VAL I 1123 -101.94 100.39 -31.85
N CYS I 1124 -103.16 100.82 -31.55
CA CYS I 1124 -103.39 102.09 -30.85
C CYS I 1124 -103.04 101.97 -29.38
N HIS I 1125 -103.51 100.91 -28.74
CA HIS I 1125 -103.28 100.70 -27.31
C HIS I 1125 -103.15 99.21 -26.99
N LEU I 1126 -102.26 98.90 -26.05
CA LEU I 1126 -102.05 97.52 -25.63
C LEU I 1126 -102.40 97.33 -24.16
N ASP I 1127 -103.45 96.54 -23.90
CA ASP I 1127 -103.89 96.28 -22.54
C ASP I 1127 -103.62 94.85 -22.10
N ILE I 1128 -104.25 93.88 -22.77
CA ILE I 1128 -104.08 92.47 -22.44
C ILE I 1128 -103.21 91.75 -23.46
N ALA I 1129 -102.45 90.77 -23.00
CA ALA I 1129 -101.57 90.01 -23.88
C ALA I 1129 -101.75 88.51 -23.67
N ASN I 1130 -102.17 87.82 -24.72
CA ASN I 1130 -102.41 86.38 -24.65
C ASN I 1130 -101.13 85.58 -24.91
N PRO I 1131 -100.73 84.73 -23.95
CA PRO I 1131 -99.54 83.88 -24.08
C PRO I 1131 -99.74 82.78 -25.12
N SER I 1132 -98.69 82.49 -25.88
CA SER I 1132 -98.78 81.48 -26.93
C SER I 1132 -97.71 80.40 -26.77
N ALA I 1133 -96.45 80.78 -26.96
CA ALA I 1133 -95.34 79.83 -26.90
C ALA I 1133 -94.35 80.18 -25.80
N PHE I 1134 -94.26 79.32 -24.79
CA PHE I 1134 -93.29 79.48 -23.72
C PHE I 1134 -92.67 78.13 -23.34
N VAL I 1135 -91.35 78.10 -23.27
CA VAL I 1135 -90.64 76.87 -22.92
C VAL I 1135 -89.29 77.19 -22.25
N LYS I 1136 -88.88 76.33 -21.33
CA LYS I 1136 -87.59 76.48 -20.66
C LYS I 1136 -86.51 75.67 -21.39
N PRO I 1137 -85.55 76.38 -22.01
CA PRO I 1137 -84.49 75.75 -22.81
C PRO I 1137 -83.42 75.06 -21.96
N LYS I 1138 -82.37 74.58 -22.63
CA LYS I 1138 -81.27 73.89 -21.97
C LYS I 1138 -80.43 74.85 -21.13
N ASP I 1139 -79.65 74.29 -20.20
CA ASP I 1139 -78.78 75.09 -19.33
C ASP I 1139 -77.75 75.86 -20.14
N SER I 1140 -77.26 76.97 -19.58
CA SER I 1140 -76.40 77.91 -20.28
C SER I 1140 -77.13 78.43 -21.52
N GLU I 1141 -78.18 79.20 -21.28
CA GLU I 1141 -79.09 79.64 -22.33
C GLU I 1141 -78.46 80.67 -23.27
N GLU I 1142 -79.01 80.80 -24.46
CA GLU I 1142 -78.51 81.74 -25.45
C GLU I 1142 -78.92 83.18 -25.12
N TYR I 1143 -77.99 84.10 -25.30
CA TYR I 1143 -78.24 85.52 -25.05
C TYR I 1143 -79.38 86.08 -25.90
N ILE I 1144 -79.18 86.16 -27.20
CA ILE I 1144 -80.16 86.76 -28.10
C ILE I 1144 -80.19 86.07 -29.46
N VAL I 1145 -81.39 85.97 -30.03
CA VAL I 1145 -81.58 85.37 -31.36
C VAL I 1145 -82.31 86.33 -32.27
N GLY I 1146 -82.66 85.87 -33.47
CA GLY I 1146 -83.36 86.70 -34.42
C GLY I 1146 -84.32 85.93 -35.31
N PHE I 1147 -85.22 86.65 -35.96
CA PHE I 1147 -86.24 86.03 -36.81
C PHE I 1147 -86.18 86.55 -38.24
N ASP I 1148 -86.80 85.82 -39.15
CA ASP I 1148 -86.83 86.19 -40.56
C ASP I 1148 -88.00 87.12 -40.86
N LEU I 1149 -88.21 87.41 -42.14
CA LEU I 1149 -89.31 88.25 -42.59
C LEU I 1149 -90.22 87.48 -43.53
N LYS I 1150 -91.52 87.82 -43.50
CA LYS I 1150 -92.54 87.16 -44.30
C LYS I 1150 -92.61 85.66 -44.01
N ASN I 1151 -92.21 85.29 -42.79
CA ASN I 1151 -92.22 83.91 -42.35
C ASN I 1151 -92.93 83.76 -41.01
N SER I 1152 -92.34 84.38 -39.99
CA SER I 1152 -92.88 84.37 -38.62
C SER I 1152 -93.01 82.94 -38.08
N LEU I 1153 -91.88 82.30 -37.85
CA LEU I 1153 -91.84 80.96 -37.28
C LEU I 1153 -91.13 80.96 -35.94
N LEU I 1154 -91.05 79.79 -35.32
CA LEU I 1154 -90.37 79.65 -34.04
C LEU I 1154 -88.92 79.21 -34.22
N PHE I 1155 -88.00 79.97 -33.63
CA PHE I 1155 -86.58 79.65 -33.75
C PHE I 1155 -85.88 79.74 -32.39
N LEU I 1156 -85.29 78.63 -31.97
CA LEU I 1156 -84.52 78.60 -30.74
C LEU I 1156 -83.20 77.86 -30.97
N ALA I 1157 -82.09 78.56 -30.76
CA ALA I 1157 -80.77 78.00 -31.00
C ALA I 1157 -79.87 78.10 -29.77
N TYR I 1158 -79.29 76.97 -29.37
CA TYR I 1158 -78.38 76.93 -28.23
C TYR I 1158 -77.11 77.70 -28.60
N GLU I 1159 -76.39 78.19 -27.60
CA GLU I 1159 -75.27 79.10 -27.84
C GLU I 1159 -74.02 78.41 -28.36
N ASN I 1160 -73.79 77.17 -27.96
CA ASN I 1160 -72.54 76.50 -28.31
C ASN I 1160 -72.66 75.44 -29.41
N ASN I 1161 -72.13 75.78 -30.59
CA ASN I 1161 -71.92 74.84 -31.68
C ASN I 1161 -73.15 74.09 -32.17
N ILE I 1162 -74.34 74.64 -31.93
CA ILE I 1162 -75.55 74.07 -32.50
C ILE I 1162 -76.64 75.12 -32.69
N ILE I 1163 -77.37 75.02 -33.80
CA ILE I 1163 -78.52 75.89 -34.04
C ILE I 1163 -79.69 75.08 -34.60
N ASP I 1164 -80.89 75.36 -34.11
CA ASP I 1164 -82.06 74.57 -34.47
C ASP I 1164 -83.22 75.44 -34.95
N VAL I 1165 -83.87 75.00 -36.02
CA VAL I 1165 -85.06 75.67 -36.54
C VAL I 1165 -86.31 74.87 -36.16
N PHE I 1166 -87.27 75.55 -35.54
CA PHE I 1166 -88.47 74.89 -35.04
C PHE I 1166 -89.72 75.31 -35.78
N ARG I 1167 -90.86 74.73 -35.37
CA ARG I 1167 -92.16 75.10 -35.91
C ARG I 1167 -92.94 75.82 -34.82
N LEU I 1168 -93.81 76.75 -35.23
CA LEU I 1168 -94.52 77.59 -34.27
C LEU I 1168 -95.32 76.79 -33.25
N ILE I 1169 -96.45 76.22 -33.69
CA ILE I 1169 -97.31 75.33 -32.89
C ILE I 1169 -97.46 75.85 -31.44
N PHE I 1170 -97.30 74.96 -30.47
CA PHE I 1170 -97.18 75.38 -29.08
C PHE I 1170 -95.70 75.49 -28.72
N SER I 1171 -95.04 74.34 -28.58
CA SER I 1171 -93.59 74.29 -28.43
C SER I 1171 -93.02 73.00 -29.01
N CYS I 1172 -91.88 73.09 -29.69
CA CYS I 1172 -91.23 71.90 -30.20
C CYS I 1172 -89.73 71.89 -29.92
N ASN I 1173 -89.30 70.96 -29.08
CA ASN I 1173 -87.87 70.73 -28.85
C ASN I 1173 -87.35 69.56 -29.68
N GLN I 1174 -88.23 68.95 -30.45
CA GLN I 1174 -87.92 67.71 -31.16
C GLN I 1174 -87.29 67.94 -32.53
N LEU I 1175 -86.18 67.25 -32.77
CA LEU I 1175 -85.51 67.28 -34.07
C LEU I 1175 -85.25 65.85 -34.55
N ARG I 1176 -84.42 65.13 -33.80
CA ARG I 1176 -84.11 63.72 -34.04
C ARG I 1176 -83.59 63.44 -35.45
N TYR I 1177 -84.05 62.33 -36.03
CA TYR I 1177 -83.56 61.88 -37.33
C TYR I 1177 -84.44 62.32 -38.48
N GLU I 1178 -85.52 63.02 -38.17
CA GLU I 1178 -86.46 63.51 -39.18
C GLU I 1178 -85.76 64.37 -40.22
N GLN I 1179 -85.24 65.52 -39.79
CA GLN I 1179 -84.50 66.40 -40.68
C GLN I 1179 -83.29 66.99 -39.97
N ILE I 1180 -82.33 67.48 -40.75
CA ILE I 1180 -81.15 68.13 -40.21
C ILE I 1180 -81.18 69.62 -40.49
N CYS I 1181 -81.20 70.43 -39.44
CA CYS I 1181 -81.32 71.88 -39.60
C CYS I 1181 -79.98 72.60 -39.42
N GLU I 1182 -79.44 73.08 -40.54
CA GLU I 1182 -78.18 73.82 -40.59
C GLU I 1182 -77.06 73.12 -39.83
N GLU I 1183 -76.23 73.92 -39.15
CA GLU I 1183 -75.06 73.52 -38.36
C GLU I 1183 -74.46 74.76 -37.71
N GLU I 1184 -73.66 74.56 -36.67
CA GLU I 1184 -72.85 75.64 -36.13
C GLU I 1184 -71.43 75.12 -35.84
N ILE I 1185 -70.46 75.59 -36.62
CA ILE I 1185 -69.08 75.12 -36.46
C ILE I 1185 -68.16 76.07 -35.69
N ALA I 1186 -68.64 77.25 -35.33
CA ALA I 1186 -67.76 78.27 -34.76
C ALA I 1186 -68.28 78.92 -33.48
N GLN I 1187 -69.37 79.68 -33.63
CA GLN I 1187 -69.86 80.56 -32.57
C GLN I 1187 -70.11 79.82 -31.25
N LYS I 1188 -69.73 80.46 -30.15
CA LYS I 1188 -69.93 79.91 -28.82
C LYS I 1188 -70.62 80.93 -27.90
N ALA I 1189 -69.98 82.07 -27.67
CA ALA I 1189 -70.53 83.11 -26.81
C ALA I 1189 -71.01 84.30 -27.64
N LYS I 1190 -72.04 84.97 -27.13
CA LYS I 1190 -72.59 86.16 -27.77
C LYS I 1190 -73.09 85.94 -29.19
N ILE I 1191 -73.96 84.95 -29.38
CA ILE I 1191 -74.65 84.78 -30.66
C ILE I 1191 -75.52 86.02 -30.88
N SER I 1192 -75.62 86.46 -32.13
CA SER I 1192 -76.25 87.77 -32.38
C SER I 1192 -77.64 87.70 -33.01
N TYR I 1193 -77.69 87.47 -34.31
CA TYR I 1193 -78.93 87.65 -35.08
C TYR I 1193 -79.04 86.73 -36.29
N LEU I 1194 -80.06 87.02 -37.10
CA LEU I 1194 -80.24 86.43 -38.42
C LEU I 1194 -81.48 87.07 -39.06
N VAL I 1195 -81.56 87.03 -40.39
CA VAL I 1195 -82.62 87.71 -41.12
C VAL I 1195 -83.04 86.98 -42.38
N ALA I 1196 -84.17 87.41 -42.96
CA ALA I 1196 -84.60 86.93 -44.26
C ALA I 1196 -83.61 87.34 -45.33
N THR I 1197 -83.62 86.61 -46.44
CA THR I 1197 -82.64 86.82 -47.51
C THR I 1197 -83.20 86.40 -48.85
N ASP I 1198 -82.32 86.26 -49.85
CA ASP I 1198 -82.72 85.82 -51.18
C ASP I 1198 -83.12 84.34 -51.11
N ASP I 1199 -83.42 83.74 -52.26
CA ASP I 1199 -84.04 82.42 -52.35
C ASP I 1199 -83.45 81.38 -51.38
N GLY I 1200 -82.18 81.05 -51.56
CA GLY I 1200 -81.55 80.03 -50.72
C GLY I 1200 -81.48 80.37 -49.24
N THR I 1201 -82.06 79.47 -48.43
CA THR I 1201 -81.98 79.45 -46.96
C THR I 1201 -82.14 80.80 -46.26
N MET I 1202 -81.30 81.06 -45.25
CA MET I 1202 -81.34 82.28 -44.46
C MET I 1202 -79.96 82.63 -43.91
N LEU I 1203 -79.71 83.92 -43.69
CA LEU I 1203 -78.38 84.39 -43.29
C LEU I 1203 -78.34 84.89 -41.85
N ALA I 1204 -77.22 84.63 -41.17
CA ALA I 1204 -76.97 85.10 -39.81
C ALA I 1204 -75.77 86.04 -39.81
N MET I 1205 -75.67 86.89 -38.79
CA MET I 1205 -74.64 87.94 -38.80
C MET I 1205 -73.95 88.21 -37.47
N GLY I 1206 -73.12 89.25 -37.48
CA GLY I 1206 -72.40 89.74 -36.32
C GLY I 1206 -70.96 89.29 -36.26
N PHE I 1207 -70.09 90.19 -35.81
CA PHE I 1207 -68.66 89.89 -35.66
C PHE I 1207 -68.23 89.61 -34.23
N GLU I 1208 -69.16 89.70 -33.29
CA GLU I 1208 -68.80 89.62 -31.88
C GLU I 1208 -68.37 88.21 -31.46
N ASN I 1209 -67.18 88.12 -30.87
CA ASN I 1209 -66.62 86.86 -30.37
C ASN I 1209 -66.62 85.74 -31.41
N GLY I 1210 -66.37 86.09 -32.67
CA GLY I 1210 -66.37 85.13 -33.74
C GLY I 1210 -66.72 85.75 -35.08
N THR I 1211 -67.23 84.92 -35.98
CA THR I 1211 -67.61 85.39 -37.31
C THR I 1211 -69.05 85.02 -37.64
N LEU I 1212 -69.51 85.44 -38.82
CA LEU I 1212 -70.86 85.10 -39.27
C LEU I 1212 -70.81 84.01 -40.33
N GLU I 1213 -71.81 83.13 -40.33
CA GLU I 1213 -71.81 81.98 -41.22
C GLU I 1213 -73.15 81.76 -41.90
N LEU I 1214 -73.13 80.97 -42.99
CA LEU I 1214 -74.33 80.66 -43.75
C LEU I 1214 -74.54 79.16 -43.84
N PHE I 1215 -75.78 78.73 -43.60
CA PHE I 1215 -76.14 77.32 -43.69
C PHE I 1215 -77.55 77.15 -44.25
N ALA I 1216 -77.88 75.93 -44.66
CA ALA I 1216 -79.16 75.65 -45.31
C ALA I 1216 -80.12 74.94 -44.36
N VAL I 1217 -81.42 75.18 -44.55
CA VAL I 1217 -82.44 74.58 -43.72
C VAL I 1217 -82.39 73.05 -43.72
N GLU I 1218 -82.50 72.46 -44.90
CA GLU I 1218 -82.51 71.00 -45.02
C GLU I 1218 -81.15 70.42 -45.38
N ASN I 1219 -80.16 71.28 -45.59
CA ASN I 1219 -78.83 70.84 -46.03
C ASN I 1219 -77.71 71.71 -45.46
N ARG I 1220 -76.50 71.51 -45.98
CA ARG I 1220 -75.38 72.35 -45.62
C ARG I 1220 -74.81 73.04 -46.87
N LYS I 1221 -74.43 74.31 -46.73
CA LYS I 1221 -73.93 75.09 -47.86
C LYS I 1221 -72.75 75.96 -47.48
N VAL I 1222 -72.32 76.80 -48.41
CA VAL I 1222 -71.17 77.68 -48.22
C VAL I 1222 -71.52 78.80 -47.24
N GLN I 1223 -70.49 79.40 -46.64
CA GLN I 1223 -70.69 80.49 -45.69
C GLN I 1223 -70.00 81.77 -46.16
N LEU I 1224 -70.40 82.90 -45.60
CA LEU I 1224 -69.96 84.21 -46.09
C LEU I 1224 -68.57 84.60 -45.60
N ILE I 1225 -68.24 85.87 -45.81
CA ILE I 1225 -66.90 86.41 -45.55
C ILE I 1225 -66.50 86.44 -44.08
N TYR I 1226 -65.19 86.58 -43.85
CA TYR I 1226 -64.64 86.73 -42.50
C TYR I 1226 -65.13 88.02 -41.85
N SER I 1227 -65.02 88.09 -40.53
CA SER I 1227 -65.01 89.37 -39.85
C SER I 1227 -63.88 90.17 -40.50
N ILE I 1228 -64.12 91.44 -40.79
CA ILE I 1228 -63.27 92.21 -41.71
C ILE I 1228 -61.78 92.10 -41.38
N GLU I 1229 -61.33 92.76 -40.32
CA GLU I 1229 -59.99 92.52 -39.81
C GLU I 1229 -59.94 92.40 -38.30
N GLU I 1230 -60.22 93.53 -37.63
CA GLU I 1230 -60.05 93.66 -36.19
C GLU I 1230 -61.11 92.93 -35.39
N VAL I 1231 -60.78 92.63 -34.13
CA VAL I 1231 -61.75 92.09 -33.19
C VAL I 1231 -62.42 93.24 -32.45
N HIS I 1232 -63.20 92.89 -31.42
CA HIS I 1232 -63.90 93.90 -30.61
C HIS I 1232 -64.79 94.78 -31.48
N GLU I 1233 -65.87 94.19 -32.00
CA GLU I 1233 -66.79 94.89 -32.89
C GLU I 1233 -67.42 96.09 -32.17
N HIS I 1234 -67.72 97.14 -32.93
CA HIS I 1234 -68.30 98.35 -32.37
C HIS I 1234 -69.72 98.10 -31.86
N CYS I 1235 -70.21 99.01 -31.03
CA CYS I 1235 -71.46 98.83 -30.28
C CYS I 1235 -72.64 98.35 -31.13
N ILE I 1236 -72.81 98.90 -32.33
CA ILE I 1236 -73.86 98.44 -33.21
C ILE I 1236 -73.35 97.40 -34.20
N ARG I 1237 -73.83 96.16 -34.05
CA ARG I 1237 -73.39 95.05 -34.88
C ARG I 1237 -74.35 94.81 -36.05
N GLN I 1238 -75.35 95.67 -36.18
CA GLN I 1238 -76.36 95.53 -37.23
C GLN I 1238 -75.73 95.66 -38.62
N LEU I 1239 -76.23 94.86 -39.57
CA LEU I 1239 -75.75 94.89 -40.95
C LEU I 1239 -76.70 95.67 -41.83
N LEU I 1240 -76.14 96.32 -42.85
CA LEU I 1240 -76.92 97.21 -43.71
C LEU I 1240 -77.43 96.48 -44.94
N PHE I 1241 -78.76 96.29 -45.01
CA PHE I 1241 -79.35 95.56 -46.12
C PHE I 1241 -80.83 95.86 -46.33
N SER I 1242 -81.30 95.62 -47.55
CA SER I 1242 -82.73 95.55 -47.85
C SER I 1242 -83.06 94.08 -48.12
N PRO I 1243 -84.06 93.54 -47.42
CA PRO I 1243 -84.23 92.07 -47.38
C PRO I 1243 -84.44 91.40 -48.74
N CYS I 1244 -85.37 91.89 -49.56
CA CYS I 1244 -85.55 91.33 -50.90
C CYS I 1244 -84.77 92.10 -51.96
N LYS I 1245 -84.29 93.29 -51.59
CA LYS I 1245 -83.60 94.17 -52.52
C LYS I 1245 -82.08 94.09 -52.42
N LEU I 1246 -81.59 93.17 -51.59
CA LEU I 1246 -80.18 93.17 -51.17
C LEU I 1246 -79.18 93.20 -52.33
N LEU I 1247 -78.32 94.20 -52.29
CA LEU I 1247 -77.23 94.35 -53.25
C LEU I 1247 -75.93 94.62 -52.51
N LEU I 1248 -75.86 95.79 -51.86
CA LEU I 1248 -74.68 96.19 -51.11
C LEU I 1248 -74.66 95.60 -49.70
N ILE I 1249 -73.46 95.29 -49.22
CA ILE I 1249 -73.25 94.81 -47.86
C ILE I 1249 -72.10 95.56 -47.21
N SER I 1250 -72.36 96.19 -46.07
CA SER I 1250 -71.36 97.03 -45.41
C SER I 1250 -71.01 96.54 -44.02
N CYS I 1251 -69.73 96.23 -43.81
CA CYS I 1251 -69.24 95.81 -42.50
C CYS I 1251 -67.84 96.36 -42.22
N ALA I 1252 -67.64 96.88 -41.02
CA ALA I 1252 -66.34 97.41 -40.60
C ALA I 1252 -66.22 97.45 -39.08
N GLU I 1253 -65.00 97.57 -38.58
CA GLU I 1253 -64.78 97.68 -37.14
C GLU I 1253 -64.46 99.10 -36.72
N GLN I 1254 -63.23 99.56 -37.00
CA GLN I 1254 -62.80 100.87 -36.53
C GLN I 1254 -62.33 101.79 -37.66
N LEU I 1255 -61.12 101.51 -38.18
CA LEU I 1255 -60.47 102.40 -39.13
C LEU I 1255 -60.69 101.97 -40.58
N CYS I 1256 -61.47 100.90 -40.76
CA CYS I 1256 -61.68 100.31 -42.08
C CYS I 1256 -62.24 101.29 -43.10
N PHE I 1257 -61.86 101.09 -44.36
CA PHE I 1257 -62.27 101.96 -45.46
C PHE I 1257 -63.67 101.61 -45.96
N TRP I 1258 -64.03 102.16 -47.12
CA TRP I 1258 -65.35 101.96 -47.70
C TRP I 1258 -65.73 100.48 -47.80
N ASN I 1259 -66.93 100.16 -47.34
CA ASN I 1259 -67.35 98.78 -47.15
C ASN I 1259 -68.13 98.20 -48.32
N VAL I 1260 -68.29 98.97 -49.39
CA VAL I 1260 -69.19 98.59 -50.48
C VAL I 1260 -68.80 97.26 -51.16
N THR I 1261 -69.76 96.34 -51.18
CA THR I 1261 -69.63 95.08 -51.88
C THR I 1261 -70.97 94.73 -52.53
N HIS I 1262 -70.97 94.46 -53.82
CA HIS I 1262 -72.22 94.19 -54.52
C HIS I 1262 -72.15 92.94 -55.40
N MET I 1263 -73.27 92.62 -56.03
CA MET I 1263 -73.35 91.48 -56.93
C MET I 1263 -73.76 91.91 -58.33
N ARG I 1264 -73.37 91.13 -59.33
CA ARG I 1264 -73.68 91.44 -60.72
C ARG I 1264 -74.91 90.68 -61.21
N HIS J 8 -28.61 38.46 -8.33
CA HIS J 8 -29.47 37.29 -8.45
C HIS J 8 -30.91 37.66 -8.34
N GLN J 9 -31.18 38.70 -7.57
CA GLN J 9 -32.41 38.76 -6.80
C GLN J 9 -33.61 38.46 -7.67
N TYR J 10 -34.41 37.52 -7.20
CA TYR J 10 -35.56 37.04 -7.93
C TYR J 10 -36.65 38.10 -7.86
N GLN J 11 -37.76 37.85 -8.51
CA GLN J 11 -38.77 38.85 -8.78
C GLN J 11 -40.13 38.20 -8.64
N TYR J 12 -41.04 38.82 -7.90
CA TYR J 12 -42.22 38.10 -7.45
C TYR J 12 -42.88 37.32 -8.57
N LYS J 13 -43.07 37.94 -9.74
CA LYS J 13 -43.74 37.21 -10.80
C LYS J 13 -42.93 36.03 -11.28
N ASP J 14 -41.63 36.03 -11.01
CA ASP J 14 -40.89 34.81 -11.26
C ASP J 14 -41.33 33.72 -10.32
N ILE J 15 -41.27 34.01 -9.03
CA ILE J 15 -41.40 32.99 -8.02
C ILE J 15 -42.86 32.68 -7.73
N LEU J 16 -43.76 33.64 -7.94
CA LEU J 16 -45.11 33.50 -7.43
C LEU J 16 -45.74 32.19 -7.87
N SER J 17 -45.50 31.80 -9.11
CA SER J 17 -46.18 30.62 -9.63
C SER J 17 -45.80 29.35 -8.91
N VAL J 18 -44.85 29.39 -7.99
CA VAL J 18 -44.37 28.12 -7.46
C VAL J 18 -45.43 27.55 -6.56
N PHE J 19 -45.59 28.11 -5.38
CA PHE J 19 -46.53 27.53 -4.44
C PHE J 19 -47.92 27.98 -4.84
N GLU J 20 -48.78 27.01 -5.09
CA GLU J 20 -50.18 27.20 -5.34
C GLU J 20 -51.00 26.45 -4.30
N ASP J 21 -50.73 25.16 -4.11
CA ASP J 21 -51.60 24.30 -3.32
C ASP J 21 -52.02 24.99 -2.04
N ALA J 22 -51.05 25.42 -1.26
CA ALA J 22 -51.36 26.25 -0.11
C ALA J 22 -52.24 27.41 -0.53
N PHE J 23 -51.79 28.14 -1.54
CA PHE J 23 -52.54 29.29 -2.03
C PHE J 23 -53.87 28.84 -2.58
N VAL J 24 -53.91 27.66 -3.17
CA VAL J 24 -55.16 27.09 -3.68
C VAL J 24 -56.15 26.89 -2.55
N ASP J 25 -55.86 25.94 -1.69
CA ASP J 25 -56.83 25.36 -0.79
C ASP J 25 -57.48 26.41 0.12
N ASN J 26 -56.67 27.02 0.97
CA ASN J 26 -57.17 27.79 2.09
C ASN J 26 -57.58 29.20 1.72
N PHE J 27 -57.54 29.54 0.44
CA PHE J 27 -57.91 30.88 -0.01
C PHE J 27 -58.75 30.81 -1.28
N ASP J 28 -59.72 31.71 -1.37
CA ASP J 28 -60.56 31.82 -2.55
C ASP J 28 -60.60 33.28 -2.97
N CYS J 29 -60.49 33.53 -4.28
CA CYS J 29 -60.56 34.89 -4.76
C CYS J 29 -61.85 35.58 -4.36
N LYS J 30 -62.98 34.93 -4.62
CA LYS J 30 -64.28 35.55 -4.34
C LYS J 30 -64.34 36.09 -2.92
N ASP J 31 -63.62 35.44 -2.02
CA ASP J 31 -63.56 35.87 -0.63
C ASP J 31 -63.22 37.34 -0.58
N VAL J 32 -62.31 37.76 -1.43
CA VAL J 32 -61.78 39.11 -1.40
C VAL J 32 -61.87 39.73 -2.78
N GLN J 33 -62.71 40.75 -2.91
CA GLN J 33 -62.48 41.78 -3.90
C GLN J 33 -62.22 43.07 -3.12
N ASP J 34 -60.95 43.38 -2.90
CA ASP J 34 -60.60 44.73 -2.48
C ASP J 34 -60.41 45.62 -3.69
N MET J 35 -59.73 45.09 -4.69
CA MET J 35 -59.71 45.65 -6.04
C MET J 35 -59.16 47.06 -6.13
N PRO J 36 -57.93 47.33 -5.69
CA PRO J 36 -57.30 48.57 -6.13
C PRO J 36 -57.18 48.53 -7.64
N LYS J 37 -57.72 49.55 -8.30
CA LYS J 37 -58.10 49.37 -9.69
C LYS J 37 -56.90 49.17 -10.60
N SER J 38 -55.77 49.77 -10.29
CA SER J 38 -54.61 49.59 -11.15
C SER J 38 -54.16 48.14 -11.17
N ILE J 39 -54.29 47.46 -10.03
CA ILE J 39 -53.67 46.15 -9.94
C ILE J 39 -54.50 45.09 -10.64
N LEU J 40 -55.82 45.28 -10.69
CA LEU J 40 -56.71 44.38 -11.39
C LEU J 40 -57.83 45.21 -11.98
N SER J 41 -58.18 44.95 -13.23
CA SER J 41 -59.32 45.71 -13.73
C SER J 41 -60.60 45.13 -13.12
N LYS J 42 -61.70 45.82 -13.38
CA LYS J 42 -62.97 45.32 -12.90
C LYS J 42 -63.33 44.03 -13.61
N GLU J 43 -63.37 44.09 -14.94
CA GLU J 43 -63.63 42.91 -15.76
C GLU J 43 -62.79 41.72 -15.32
N GLU J 44 -61.58 41.96 -14.85
CA GLU J 44 -60.71 40.89 -14.43
C GLU J 44 -61.42 40.06 -13.37
N ILE J 45 -61.59 40.64 -12.20
CA ILE J 45 -62.19 39.87 -11.11
C ILE J 45 -63.63 39.57 -11.43
N ASP J 46 -64.23 40.35 -12.33
CA ASP J 46 -65.53 39.95 -12.86
C ASP J 46 -65.44 38.55 -13.44
N HIS J 47 -64.34 38.24 -14.11
CA HIS J 47 -64.22 36.97 -14.78
C HIS J 47 -63.81 35.85 -13.84
N ILE J 48 -62.93 36.13 -12.89
CA ILE J 48 -62.38 35.06 -12.06
C ILE J 48 -63.47 34.34 -11.31
N ILE J 49 -64.27 35.08 -10.53
CA ILE J 49 -65.23 34.43 -9.66
C ILE J 49 -66.18 33.55 -10.44
N MET J 50 -66.41 33.87 -11.71
CA MET J 50 -67.29 33.07 -12.54
C MET J 50 -66.83 31.62 -12.65
N SER J 51 -65.57 31.33 -12.35
CA SER J 51 -65.10 29.95 -12.41
C SER J 51 -65.78 29.13 -11.33
N LYS J 52 -65.91 27.83 -11.59
CA LYS J 52 -66.81 27.01 -10.79
C LYS J 52 -66.12 26.41 -9.57
N ASP J 53 -64.80 26.44 -9.53
CA ASP J 53 -64.11 25.79 -8.42
C ASP J 53 -62.69 26.35 -8.26
N ALA J 54 -62.15 26.13 -7.07
CA ALA J 54 -60.83 26.65 -6.72
C ALA J 54 -59.80 26.28 -7.76
N VAL J 55 -59.67 24.99 -8.06
CA VAL J 55 -58.64 24.53 -8.98
C VAL J 55 -58.73 25.29 -10.29
N SER J 56 -59.95 25.69 -10.66
CA SER J 56 -60.07 26.71 -11.69
C SER J 56 -59.88 28.10 -11.09
N GLY J 57 -60.55 28.37 -9.98
CA GLY J 57 -60.58 29.71 -9.47
C GLY J 57 -59.21 30.24 -9.12
N THR J 58 -58.52 29.56 -8.22
CA THR J 58 -57.18 30.01 -7.84
C THR J 58 -56.31 30.11 -9.06
N LEU J 59 -56.52 29.22 -10.02
CA LEU J 59 -55.62 29.17 -11.15
C LEU J 59 -55.72 30.43 -11.98
N ARG J 60 -56.91 30.76 -12.46
CA ARG J 60 -57.01 31.88 -13.38
C ARG J 60 -56.47 33.15 -12.76
N LEU J 61 -56.36 33.18 -11.44
CA LEU J 61 -55.72 34.30 -10.81
C LEU J 61 -54.31 34.49 -11.34
N PHE J 62 -53.46 33.50 -11.13
CA PHE J 62 -52.05 33.66 -11.47
C PHE J 62 -51.90 34.12 -12.92
N TRP J 63 -52.48 33.38 -13.85
CA TRP J 63 -52.34 33.76 -15.25
C TRP J 63 -52.73 35.19 -15.51
N THR J 64 -53.63 35.74 -14.73
CA THR J 64 -53.86 37.15 -14.89
C THR J 64 -52.67 37.95 -14.39
N LEU J 65 -52.25 37.70 -13.16
CA LEU J 65 -51.15 38.46 -12.59
C LEU J 65 -49.92 38.41 -13.47
N LEU J 66 -49.45 37.21 -13.81
CA LEU J 66 -48.20 37.07 -14.51
C LEU J 66 -48.20 37.76 -15.86
N SER J 67 -49.35 38.24 -16.31
CA SER J 67 -49.44 39.00 -17.54
C SER J 67 -49.22 40.49 -17.31
N LYS J 68 -48.83 40.88 -16.11
CA LYS J 68 -48.73 42.28 -15.75
C LYS J 68 -47.31 42.64 -15.39
N GLN J 69 -47.05 43.94 -15.33
CA GLN J 69 -45.73 44.40 -14.95
C GLN J 69 -45.53 44.24 -13.45
N GLU J 70 -44.26 44.07 -13.08
CA GLU J 70 -43.90 43.61 -11.75
C GLU J 70 -44.40 44.53 -10.64
N GLU J 71 -44.45 45.84 -10.89
CA GLU J 71 -44.92 46.76 -9.85
C GLU J 71 -46.25 46.32 -9.27
N MET J 72 -47.23 46.08 -10.13
CA MET J 72 -48.54 45.65 -9.66
C MET J 72 -48.41 44.46 -8.74
N VAL J 73 -47.82 43.38 -9.24
CA VAL J 73 -47.54 42.23 -8.39
C VAL J 73 -46.78 42.67 -7.16
N GLN J 74 -45.71 43.42 -7.35
CA GLN J 74 -44.94 43.91 -6.22
C GLN J 74 -45.83 44.57 -5.19
N LYS J 75 -46.89 45.21 -5.64
CA LYS J 75 -47.84 45.71 -4.67
C LYS J 75 -48.78 44.62 -4.19
N PHE J 76 -49.07 43.63 -5.03
CA PHE J 76 -50.06 42.64 -4.66
C PHE J 76 -49.58 41.81 -3.48
N VAL J 77 -48.31 41.47 -3.46
CA VAL J 77 -47.79 40.70 -2.35
C VAL J 77 -47.91 41.49 -1.07
N GLU J 78 -47.91 42.81 -1.16
CA GLU J 78 -48.19 43.65 0.02
C GLU J 78 -49.67 43.71 0.33
N GLU J 79 -50.51 43.76 -0.70
CA GLU J 79 -51.94 43.97 -0.51
C GLU J 79 -52.56 42.89 0.36
N VAL J 80 -52.09 41.66 0.23
CA VAL J 80 -52.68 40.56 1.01
C VAL J 80 -52.51 40.82 2.50
N LEU J 81 -51.39 41.43 2.88
CA LEU J 81 -51.16 41.80 4.27
C LEU J 81 -52.35 42.53 4.87
N ARG J 82 -52.82 43.58 4.20
CA ARG J 82 -53.92 44.36 4.71
C ARG J 82 -55.17 43.52 4.86
N ILE J 83 -55.32 42.49 4.05
CA ILE J 83 -56.45 41.59 4.18
C ILE J 83 -56.23 40.85 5.48
N ASN J 84 -57.31 40.27 6.02
CA ASN J 84 -57.26 39.62 7.32
C ASN J 84 -56.08 38.66 7.39
N TYR J 85 -55.80 37.96 6.31
CA TYR J 85 -54.83 36.88 6.36
C TYR J 85 -53.55 37.32 5.72
N LYS J 86 -52.52 37.52 6.54
CA LYS J 86 -51.17 37.61 6.02
C LYS J 86 -50.41 36.30 6.10
N PHE J 87 -50.94 35.31 6.81
CA PHE J 87 -50.15 34.11 7.03
C PHE J 87 -49.66 33.54 5.72
N LEU J 88 -50.44 33.70 4.67
CA LEU J 88 -50.08 33.24 3.36
C LEU J 88 -48.89 33.98 2.80
N MET J 89 -48.74 35.26 3.12
CA MET J 89 -47.68 36.02 2.49
C MET J 89 -46.39 35.99 3.29
N SER J 90 -46.36 35.38 4.45
CA SER J 90 -45.04 35.30 5.06
C SER J 90 -44.15 34.34 4.26
N PRO J 91 -44.64 33.17 3.84
CA PRO J 91 -43.75 32.33 3.03
C PRO J 91 -43.31 33.02 1.78
N ILE J 92 -44.25 33.60 1.03
CA ILE J 92 -43.90 34.24 -0.22
C ILE J 92 -42.86 35.32 -0.03
N LYS J 93 -42.70 35.80 1.18
CA LYS J 93 -41.64 36.73 1.47
C LYS J 93 -40.32 36.00 1.68
N THR J 94 -40.33 34.69 1.57
CA THR J 94 -39.08 33.93 1.54
C THR J 94 -38.50 33.81 0.14
N GLU J 95 -39.07 34.52 -0.83
CA GLU J 95 -38.29 34.92 -1.97
C GLU J 95 -36.89 35.33 -1.55
N GLN J 96 -36.82 36.45 -0.82
CA GLN J 96 -35.57 37.16 -0.65
C GLN J 96 -34.56 36.30 0.06
N ARG J 97 -33.43 36.09 -0.59
CA ARG J 97 -32.32 35.28 -0.09
C ARG J 97 -32.79 33.90 0.33
N GLN J 98 -33.93 33.49 -0.13
CA GLN J 98 -34.19 32.10 0.20
C GLN J 98 -35.01 31.43 -0.90
N PRO J 99 -34.49 31.32 -2.11
CA PRO J 99 -35.03 30.32 -3.01
C PRO J 99 -34.73 28.97 -2.40
N SER J 100 -35.76 28.15 -2.25
CA SER J 100 -35.45 26.85 -1.69
C SER J 100 -34.58 26.08 -2.66
N MET J 101 -33.58 25.38 -2.11
CA MET J 101 -32.54 24.77 -2.91
C MET J 101 -33.13 23.98 -4.06
N MET J 102 -34.30 23.40 -3.85
CA MET J 102 -35.09 22.93 -4.97
C MET J 102 -35.44 24.05 -5.92
N THR J 103 -36.24 24.99 -5.46
CA THR J 103 -36.99 25.87 -6.35
C THR J 103 -36.12 26.45 -7.44
N ARG J 104 -34.86 26.74 -7.15
CA ARG J 104 -34.00 27.26 -8.18
C ARG J 104 -33.97 26.33 -9.39
N MET J 105 -34.01 25.03 -9.14
CA MET J 105 -34.08 24.09 -10.26
C MET J 105 -35.21 24.47 -11.19
N TYR J 106 -36.42 24.56 -10.64
CA TYR J 106 -37.56 25.01 -11.40
C TYR J 106 -37.26 26.35 -12.04
N ILE J 107 -37.15 27.40 -11.23
CA ILE J 107 -37.14 28.76 -11.75
C ILE J 107 -36.08 28.91 -12.81
N GLU J 108 -35.03 28.11 -12.73
CA GLU J 108 -34.12 28.05 -13.86
C GLU J 108 -34.81 27.46 -15.06
N GLN J 109 -35.31 26.24 -14.90
CA GLN J 109 -35.52 25.44 -16.09
C GLN J 109 -36.59 26.02 -16.98
N ARG J 110 -37.67 26.54 -16.43
CA ARG J 110 -38.67 27.14 -17.28
C ARG J 110 -38.05 28.15 -18.23
N ASP J 111 -36.99 28.83 -17.79
CA ASP J 111 -36.32 29.71 -18.72
C ASP J 111 -35.75 28.92 -19.88
N ARG J 112 -34.99 27.87 -19.60
CA ARG J 112 -34.54 27.02 -20.68
C ARG J 112 -35.72 26.46 -21.45
N LEU J 113 -36.90 26.46 -20.85
CA LEU J 113 -38.08 26.15 -21.63
C LEU J 113 -38.54 27.35 -22.46
N TYR J 114 -38.63 28.53 -21.85
CA TYR J 114 -38.95 29.70 -22.66
C TYR J 114 -37.93 30.00 -23.72
N ASN J 115 -36.75 29.41 -23.66
CA ASN J 115 -35.82 29.69 -24.75
C ASN J 115 -36.15 28.87 -25.97
N ASP J 116 -37.27 28.18 -25.92
CA ASP J 116 -38.11 27.99 -27.09
C ASP J 116 -38.59 29.32 -27.65
N ASN J 117 -38.33 30.44 -26.95
CA ASN J 117 -38.58 31.80 -27.45
C ASN J 117 -39.98 32.08 -27.91
N GLN J 118 -40.16 32.29 -29.21
CA GLN J 118 -41.38 32.91 -29.70
C GLN J 118 -42.57 32.44 -28.94
N VAL J 119 -42.53 31.15 -28.67
CA VAL J 119 -43.69 30.38 -28.32
C VAL J 119 -44.49 31.10 -27.26
N PHE J 120 -44.04 31.05 -26.05
CA PHE J 120 -44.78 31.69 -25.00
C PHE J 120 -44.25 33.07 -24.74
N ALA J 121 -43.25 33.47 -25.51
CA ALA J 121 -42.71 34.80 -25.39
C ALA J 121 -43.83 35.79 -25.50
N LYS J 122 -44.35 35.98 -26.70
CA LYS J 122 -45.48 36.86 -26.88
C LYS J 122 -46.76 36.05 -26.74
N TYR J 123 -46.97 35.15 -27.65
CA TYR J 123 -48.30 34.73 -27.99
C TYR J 123 -48.64 33.46 -27.23
N ASN J 124 -49.63 33.58 -26.35
CA ASN J 124 -50.67 32.57 -26.21
C ASN J 124 -51.56 33.10 -25.13
N VAL J 125 -52.79 32.65 -25.13
CA VAL J 125 -53.62 32.78 -23.95
C VAL J 125 -53.97 31.36 -23.53
N SER J 126 -53.08 30.77 -22.73
CA SER J 126 -53.38 29.61 -21.91
C SER J 126 -54.34 28.62 -22.56
N ARG J 127 -55.27 28.17 -21.74
CA ARG J 127 -56.64 27.73 -21.99
C ARG J 127 -57.01 27.17 -20.65
N LEU J 128 -58.22 26.73 -20.44
CA LEU J 128 -58.46 26.12 -19.16
C LEU J 128 -58.81 24.65 -19.32
N GLN J 129 -59.95 24.32 -19.90
CA GLN J 129 -60.37 22.94 -19.99
C GLN J 129 -59.28 22.04 -20.53
N PRO J 130 -58.75 22.26 -21.73
CA PRO J 130 -57.77 21.29 -22.23
C PRO J 130 -56.57 21.22 -21.34
N TYR J 131 -56.15 22.36 -20.80
CA TYR J 131 -55.12 22.32 -19.78
C TYR J 131 -55.52 21.36 -18.68
N LEU J 132 -56.69 21.60 -18.09
CA LEU J 132 -56.98 21.00 -16.81
C LEU J 132 -57.06 19.48 -16.87
N LYS J 133 -57.80 18.94 -17.83
CA LYS J 133 -57.79 17.49 -17.98
C LYS J 133 -56.38 16.96 -18.07
N LEU J 134 -55.52 17.66 -18.78
CA LEU J 134 -54.24 17.06 -19.08
C LEU J 134 -53.41 16.94 -17.82
N ARG J 135 -53.25 18.04 -17.09
CA ARG J 135 -52.45 17.97 -15.87
C ARG J 135 -52.92 16.82 -15.01
N GLN J 136 -54.24 16.67 -14.89
CA GLN J 136 -54.81 15.53 -14.21
C GLN J 136 -54.15 14.25 -14.64
N ALA J 137 -54.28 13.90 -15.92
CA ALA J 137 -53.67 12.67 -16.39
C ALA J 137 -52.17 12.72 -16.22
N LEU J 138 -51.52 13.71 -16.84
CA LEU J 138 -50.07 13.69 -16.90
C LEU J 138 -49.43 13.76 -15.53
N LEU J 139 -50.18 14.15 -14.52
CA LEU J 139 -49.65 13.99 -13.17
C LEU J 139 -49.58 12.52 -12.77
N GLU J 140 -50.52 11.71 -13.25
CA GLU J 140 -50.62 10.35 -12.73
C GLU J 140 -49.58 9.41 -13.32
N LEU J 141 -49.47 9.34 -14.63
CA LEU J 141 -48.97 8.14 -15.29
C LEU J 141 -47.64 7.68 -14.73
N ARG J 142 -47.49 6.37 -14.64
CA ARG J 142 -46.34 5.70 -14.07
C ARG J 142 -45.47 5.14 -15.20
N PRO J 143 -44.30 4.58 -14.92
CA PRO J 143 -43.29 4.58 -15.98
C PRO J 143 -43.42 3.51 -17.04
N ALA J 144 -44.61 3.21 -17.51
CA ALA J 144 -44.79 2.96 -18.94
C ALA J 144 -46.23 3.30 -19.26
N LYS J 145 -46.47 4.38 -19.99
CA LYS J 145 -47.82 4.83 -20.25
C LYS J 145 -47.73 5.84 -21.38
N ASN J 146 -48.85 6.48 -21.68
CA ASN J 146 -48.87 7.47 -22.73
C ASN J 146 -50.02 8.41 -22.50
N VAL J 147 -49.94 9.58 -23.08
CA VAL J 147 -51.10 10.44 -23.24
C VAL J 147 -51.07 10.96 -24.66
N LEU J 148 -52.05 10.59 -25.44
CA LEU J 148 -52.11 11.23 -26.73
C LEU J 148 -52.62 12.64 -26.58
N ILE J 149 -52.28 13.45 -27.56
CA ILE J 149 -53.02 14.67 -27.79
C ILE J 149 -53.33 14.70 -29.26
N ASP J 150 -54.61 14.57 -29.59
CA ASP J 150 -55.02 14.59 -30.97
C ASP J 150 -55.66 15.92 -31.31
N GLY J 151 -55.32 16.43 -32.47
CA GLY J 151 -56.01 17.60 -32.97
C GLY J 151 -55.95 17.65 -34.48
N VAL J 152 -56.96 18.30 -35.04
CA VAL J 152 -56.96 18.59 -36.45
C VAL J 152 -55.93 19.67 -36.74
N LEU J 153 -55.61 19.84 -38.03
CA LEU J 153 -54.48 20.67 -38.41
C LEU J 153 -54.51 22.00 -37.68
N GLY J 154 -53.35 22.40 -37.21
CA GLY J 154 -53.32 23.47 -36.24
C GLY J 154 -53.96 23.01 -34.94
N SER J 155 -54.95 23.76 -34.48
CA SER J 155 -55.66 23.47 -33.25
C SER J 155 -54.74 23.41 -32.05
N GLY J 156 -53.55 23.97 -32.18
CA GLY J 156 -52.69 24.28 -31.05
C GLY J 156 -52.43 23.16 -30.07
N LYS J 157 -52.07 21.98 -30.56
CA LYS J 157 -51.69 20.94 -29.62
C LYS J 157 -50.29 21.19 -29.08
N THR J 158 -49.33 21.48 -29.96
CA THR J 158 -47.96 21.68 -29.54
C THR J 158 -47.81 22.67 -28.42
N TRP J 159 -48.78 23.55 -28.26
CA TRP J 159 -48.69 24.56 -27.22
C TRP J 159 -49.24 24.04 -25.91
N VAL J 160 -50.52 23.70 -25.89
CA VAL J 160 -51.07 23.07 -24.70
C VAL J 160 -50.16 21.96 -24.23
N ALA J 161 -49.49 21.30 -25.16
CA ALA J 161 -48.39 20.42 -24.82
C ALA J 161 -47.42 21.12 -23.90
N LEU J 162 -46.74 22.14 -24.40
CA LEU J 162 -45.79 22.84 -23.55
C LEU J 162 -46.46 23.30 -22.27
N ASP J 163 -47.45 24.17 -22.40
CA ASP J 163 -47.88 24.98 -21.27
C ASP J 163 -48.05 24.16 -20.01
N VAL J 164 -48.73 23.02 -20.09
CA VAL J 164 -48.85 22.23 -18.89
C VAL J 164 -47.49 21.75 -18.39
N CYS J 165 -46.61 21.37 -19.29
CA CYS J 165 -45.28 20.94 -18.89
C CYS J 165 -44.49 22.06 -18.23
N LEU J 166 -44.96 23.29 -18.32
CA LEU J 166 -44.32 24.38 -17.62
C LEU J 166 -44.76 24.47 -16.17
N SER J 167 -45.98 24.05 -15.86
CA SER J 167 -46.53 24.29 -14.54
C SER J 167 -45.77 23.53 -13.47
N TYR J 168 -45.49 24.22 -12.37
CA TYR J 168 -44.59 23.69 -11.35
C TYR J 168 -44.93 22.26 -10.97
N LYS J 169 -46.11 22.08 -10.39
CA LYS J 169 -46.41 20.83 -9.71
C LYS J 169 -46.10 19.64 -10.59
N VAL J 170 -46.29 19.77 -11.89
CA VAL J 170 -45.74 18.79 -12.81
C VAL J 170 -44.23 18.75 -12.67
N GLN J 171 -43.59 19.87 -13.01
CA GLN J 171 -42.15 19.90 -13.16
C GLN J 171 -41.44 19.28 -11.98
N CYS J 172 -42.05 19.34 -10.81
CA CYS J 172 -41.45 18.73 -9.64
C CYS J 172 -41.72 17.25 -9.59
N LYS J 173 -42.88 16.82 -10.08
CA LYS J 173 -43.19 15.40 -10.10
C LYS J 173 -42.17 14.62 -10.90
N MET J 174 -41.69 15.20 -11.98
CA MET J 174 -40.87 14.48 -12.93
C MET J 174 -39.40 14.73 -12.77
N ASP J 175 -39.00 15.44 -11.73
CA ASP J 175 -37.61 15.70 -11.41
C ASP J 175 -36.89 16.48 -12.48
N PHE J 176 -37.49 17.53 -13.02
CA PHE J 176 -36.75 18.55 -13.73
C PHE J 176 -35.98 17.99 -14.91
N LYS J 177 -36.38 16.84 -15.40
CA LYS J 177 -35.81 16.26 -16.60
C LYS J 177 -36.93 16.14 -17.61
N ILE J 178 -36.88 16.93 -18.66
CA ILE J 178 -37.89 16.85 -19.71
C ILE J 178 -37.22 17.04 -21.05
N PHE J 179 -37.38 16.07 -21.94
CA PHE J 179 -36.63 16.05 -23.17
C PHE J 179 -37.58 16.21 -24.34
N TRP J 180 -37.29 17.18 -25.19
CA TRP J 180 -38.16 17.46 -26.31
C TRP J 180 -37.54 16.89 -27.55
N LEU J 181 -38.37 16.42 -28.47
CA LEU J 181 -37.92 16.04 -29.79
C LEU J 181 -38.88 16.59 -30.83
N ASN J 182 -38.57 16.32 -32.08
CA ASN J 182 -39.54 16.46 -33.15
C ASN J 182 -39.35 15.31 -34.11
N LEU J 183 -40.40 14.59 -34.36
CA LEU J 183 -40.38 13.64 -35.43
C LEU J 183 -40.86 14.25 -36.72
N LYS J 184 -41.01 15.57 -36.73
CA LYS J 184 -41.60 16.31 -37.82
C LYS J 184 -41.09 15.83 -39.16
N ASN J 185 -39.82 15.51 -39.26
CA ASN J 185 -39.33 14.73 -40.37
C ASN J 185 -38.86 13.41 -39.80
N CYS J 186 -39.67 12.37 -39.94
CA CYS J 186 -39.26 11.03 -39.57
C CYS J 186 -39.80 10.06 -40.60
N ASN J 187 -38.91 9.44 -41.36
CA ASN J 187 -39.30 8.41 -42.30
C ASN J 187 -38.11 7.52 -42.52
N SER J 188 -38.33 6.22 -42.74
CA SER J 188 -37.27 5.31 -43.11
C SER J 188 -36.30 5.12 -41.96
N PRO J 189 -35.52 4.07 -41.96
CA PRO J 189 -34.58 3.88 -40.84
C PRO J 189 -33.61 5.01 -40.68
N GLU J 190 -32.99 5.48 -41.77
CA GLU J 190 -31.92 6.47 -41.63
C GLU J 190 -32.35 7.62 -40.73
N THR J 191 -33.38 8.34 -41.15
CA THR J 191 -33.80 9.51 -40.40
C THR J 191 -34.01 9.18 -38.93
N VAL J 192 -34.70 8.09 -38.65
CA VAL J 192 -34.94 7.71 -37.27
C VAL J 192 -33.64 7.71 -36.49
N LEU J 193 -32.63 7.03 -37.03
CA LEU J 193 -31.35 6.98 -36.34
C LEU J 193 -30.92 8.37 -35.91
N GLU J 194 -31.00 9.33 -36.83
CA GLU J 194 -30.67 10.69 -36.48
C GLU J 194 -31.49 11.13 -35.29
N MET J 195 -32.77 11.38 -35.54
CA MET J 195 -33.56 12.06 -34.54
C MET J 195 -33.63 11.24 -33.27
N LEU J 196 -33.25 9.97 -33.36
CA LEU J 196 -32.98 9.23 -32.15
C LEU J 196 -31.64 9.60 -31.59
N GLN J 197 -30.61 9.62 -32.42
CA GLN J 197 -29.28 9.74 -31.86
C GLN J 197 -29.11 11.06 -31.14
N LYS J 198 -29.75 12.12 -31.63
CA LYS J 198 -29.75 13.37 -30.90
C LYS J 198 -30.17 13.15 -29.47
N LEU J 199 -31.32 12.51 -29.28
CA LEU J 199 -31.81 12.27 -27.94
C LEU J 199 -30.74 11.67 -27.07
N LEU J 200 -29.88 10.84 -27.65
CA LEU J 200 -28.87 10.21 -26.83
C LEU J 200 -27.97 11.25 -26.18
N TYR J 201 -27.48 12.21 -26.96
CA TYR J 201 -26.53 13.14 -26.41
C TYR J 201 -27.12 13.91 -25.23
N GLN J 202 -28.36 14.36 -25.35
CA GLN J 202 -28.89 15.16 -24.27
C GLN J 202 -28.87 14.42 -22.95
N ILE J 203 -28.95 13.10 -22.97
CA ILE J 203 -28.99 12.38 -21.71
C ILE J 203 -27.61 12.36 -21.08
N ASP J 204 -26.62 11.97 -21.79
CA ASP J 204 -25.26 12.01 -21.28
C ASP J 204 -24.39 12.50 -22.42
N PRO J 205 -23.45 13.38 -22.18
CA PRO J 205 -22.50 13.70 -23.24
C PRO J 205 -21.35 12.71 -23.29
N ASN J 206 -21.65 11.42 -23.20
CA ASN J 206 -20.66 10.42 -23.58
C ASN J 206 -21.35 9.32 -24.36
N TRP J 207 -21.04 9.20 -25.64
CA TRP J 207 -21.34 7.94 -26.28
C TRP J 207 -20.24 7.60 -27.25
N THR J 208 -19.60 6.46 -27.02
CA THR J 208 -18.61 5.93 -27.95
C THR J 208 -19.36 5.18 -29.03
N SER J 209 -18.82 5.25 -30.24
CA SER J 209 -19.33 4.55 -31.41
C SER J 209 -19.26 3.05 -31.28
N ARG J 210 -18.76 2.56 -30.13
CA ARG J 210 -18.15 1.24 -30.01
C ARG J 210 -18.94 0.15 -30.70
N SER J 211 -20.26 0.18 -30.59
CA SER J 211 -21.06 -0.76 -31.36
C SER J 211 -20.83 -0.52 -32.85
N ASP J 212 -20.45 -1.59 -33.55
CA ASP J 212 -19.76 -1.41 -34.82
C ASP J 212 -20.61 -0.67 -35.82
N HIS J 213 -19.95 -0.09 -36.80
CA HIS J 213 -20.53 0.81 -37.79
C HIS J 213 -21.15 -0.01 -38.91
N SER J 214 -21.29 -1.32 -38.67
CA SER J 214 -21.68 -2.28 -39.68
C SER J 214 -22.85 -1.75 -40.50
N SER J 215 -22.73 -1.88 -41.82
CA SER J 215 -23.56 -1.14 -42.76
C SER J 215 -25.05 -1.43 -42.59
N ASN J 216 -25.40 -2.41 -41.77
CA ASN J 216 -26.81 -2.71 -41.63
C ASN J 216 -27.42 -1.67 -40.70
N ILE J 217 -28.19 -0.78 -41.31
CA ILE J 217 -28.87 0.29 -40.61
C ILE J 217 -29.90 -0.27 -39.64
N LYS J 218 -30.58 -1.32 -40.05
CA LYS J 218 -31.61 -1.90 -39.20
C LYS J 218 -31.01 -2.43 -37.93
N LEU J 219 -29.94 -3.19 -38.05
CA LEU J 219 -29.26 -3.63 -36.84
C LEU J 219 -28.85 -2.45 -36.00
N ARG J 220 -28.27 -1.44 -36.62
CA ARG J 220 -27.50 -0.45 -35.89
C ARG J 220 -28.35 0.23 -34.83
N ILE J 221 -29.52 0.74 -35.22
CA ILE J 221 -30.33 1.42 -34.22
C ILE J 221 -30.64 0.46 -33.09
N HIS J 222 -30.96 -0.77 -33.42
CA HIS J 222 -31.38 -1.69 -32.37
C HIS J 222 -30.25 -1.92 -31.39
N SER J 223 -29.04 -1.51 -31.75
CA SER J 223 -27.98 -1.44 -30.76
C SER J 223 -28.11 -0.19 -29.91
N ILE J 224 -28.28 0.97 -30.55
CA ILE J 224 -28.48 2.20 -29.79
C ILE J 224 -29.65 2.04 -28.86
N GLN J 225 -30.80 1.71 -29.44
CA GLN J 225 -32.02 1.60 -28.67
C GLN J 225 -31.82 0.72 -27.46
N ALA J 226 -31.03 -0.33 -27.60
CA ALA J 226 -30.61 -1.04 -26.40
C ALA J 226 -29.87 -0.11 -25.46
N GLU J 227 -28.68 0.34 -25.87
CA GLU J 227 -27.82 1.12 -24.98
C GLU J 227 -28.61 2.20 -24.28
N LEU J 228 -29.56 2.80 -24.99
CA LEU J 228 -30.44 3.75 -24.35
C LEU J 228 -31.29 3.08 -23.28
N ARG J 229 -32.04 2.04 -23.65
CA ARG J 229 -33.07 1.52 -22.77
C ARG J 229 -32.52 1.27 -21.38
N ARG J 230 -31.39 0.60 -21.28
CA ARG J 230 -30.80 0.40 -19.96
C ARG J 230 -30.59 1.73 -19.28
N LEU J 231 -29.82 2.61 -19.90
CA LEU J 231 -29.39 3.83 -19.24
C LEU J 231 -30.57 4.59 -18.69
N LEU J 232 -31.63 4.72 -19.48
CA LEU J 232 -32.76 5.53 -19.05
C LEU J 232 -33.32 5.02 -17.74
N LYS J 233 -33.98 3.87 -17.76
CA LYS J 233 -34.62 3.39 -16.55
C LYS J 233 -33.62 3.07 -15.45
N SER J 234 -32.35 2.98 -15.79
CA SER J 234 -31.35 2.55 -14.81
C SER J 234 -31.34 3.48 -13.60
N LYS J 235 -30.82 4.65 -13.78
CA LYS J 235 -30.34 5.45 -12.66
C LYS J 235 -31.39 6.48 -12.30
N PRO J 236 -31.12 7.32 -11.32
CA PRO J 236 -31.74 8.64 -11.34
C PRO J 236 -31.62 9.17 -12.75
N TYR J 237 -32.60 9.92 -13.21
CA TYR J 237 -33.32 9.66 -14.47
C TYR J 237 -34.32 8.53 -14.33
N GLU J 238 -34.83 8.27 -13.13
CA GLU J 238 -35.82 7.21 -13.04
C GLU J 238 -37.16 7.69 -13.53
N ASN J 239 -37.49 8.95 -13.25
CA ASN J 239 -38.71 9.55 -13.75
C ASN J 239 -38.33 10.63 -14.73
N CYS J 240 -38.51 10.36 -16.01
CA CYS J 240 -38.33 11.38 -17.02
C CYS J 240 -39.51 11.25 -17.94
N LEU J 241 -39.71 12.22 -18.80
CA LEU J 241 -40.61 12.00 -19.92
C LEU J 241 -39.99 12.53 -21.18
N LEU J 242 -39.95 11.68 -22.19
CA LEU J 242 -39.79 12.17 -23.52
C LEU J 242 -41.03 12.97 -23.88
N VAL J 243 -40.93 13.79 -24.89
CA VAL J 243 -42.11 14.32 -25.53
C VAL J 243 -41.89 14.20 -27.01
N LEU J 244 -42.92 13.87 -27.74
CA LEU J 244 -42.82 13.70 -29.17
C LEU J 244 -43.81 14.66 -29.80
N LEU J 245 -43.33 15.54 -30.63
CA LEU J 245 -44.21 16.46 -31.30
C LEU J 245 -44.37 16.02 -32.74
N ASN J 246 -45.62 15.97 -33.19
CA ASN J 246 -45.92 15.67 -34.58
C ASN J 246 -45.41 14.29 -34.97
N VAL J 247 -45.79 13.28 -34.19
CA VAL J 247 -45.44 11.93 -34.58
C VAL J 247 -45.98 11.66 -35.96
N GLN J 248 -45.08 11.40 -36.91
CA GLN J 248 -45.50 11.22 -38.31
C GLN J 248 -45.50 9.79 -38.85
N ASN J 249 -44.82 8.88 -38.18
CA ASN J 249 -44.77 7.50 -38.63
C ASN J 249 -45.40 6.59 -37.59
N ALA J 250 -46.32 5.74 -38.02
CA ALA J 250 -46.94 4.89 -37.09
C ALA J 250 -46.05 3.98 -36.56
N ALA J 252 -42.39 4.67 -36.31
CA ALA J 252 -41.65 5.59 -35.58
C ALA J 252 -41.87 5.22 -34.21
N TRP J 253 -43.15 5.69 -33.83
CA TRP J 253 -43.38 5.33 -32.45
C TRP J 253 -42.40 4.26 -31.99
N ASN J 254 -42.49 3.08 -32.59
CA ASN J 254 -41.81 1.91 -32.05
C ASN J 254 -40.31 2.11 -31.97
N ALA J 255 -39.81 3.17 -32.59
CA ALA J 255 -38.47 3.60 -32.26
C ALA J 255 -38.34 3.70 -30.76
N PHE J 256 -39.13 4.58 -30.14
CA PHE J 256 -38.84 5.08 -28.83
C PHE J 256 -39.48 4.29 -27.70
N ASN J 257 -40.14 3.18 -28.01
CA ASN J 257 -40.97 2.44 -27.07
C ASN J 257 -40.31 2.28 -25.71
N LEU J 258 -39.00 2.07 -25.72
CA LEU J 258 -38.23 1.62 -24.57
C LEU J 258 -38.51 2.41 -23.30
N SER J 259 -38.93 3.66 -23.44
CA SER J 259 -38.82 4.62 -22.36
C SER J 259 -39.93 4.45 -21.36
N CYS J 260 -40.08 5.49 -20.57
CA CYS J 260 -41.22 5.67 -19.70
C CYS J 260 -41.89 7.00 -19.99
N LYS J 261 -43.13 7.11 -19.54
CA LYS J 261 -43.79 8.39 -19.34
C LYS J 261 -43.88 9.23 -20.61
N ILE J 262 -43.81 8.64 -21.78
CA ILE J 262 -43.71 9.49 -22.94
C ILE J 262 -45.05 10.15 -23.22
N LEU J 263 -45.10 10.98 -24.25
CA LEU J 263 -46.25 11.82 -24.54
C LEU J 263 -46.28 12.09 -26.02
N LEU J 264 -47.46 12.24 -26.59
CA LEU J 264 -47.57 12.33 -28.03
C LEU J 264 -48.36 13.54 -28.46
N THR J 265 -48.24 13.83 -29.75
CA THR J 265 -49.11 14.75 -30.44
C THR J 265 -49.26 14.18 -31.84
N THR J 266 -50.40 14.13 -32.32
CA THR J 266 -50.56 13.54 -33.63
C THR J 266 -51.73 14.13 -34.38
N ARG J 267 -51.51 14.40 -35.66
CA ARG J 267 -52.61 14.66 -36.57
C ARG J 267 -53.31 13.36 -36.93
N PHE J 268 -52.55 12.38 -37.39
CA PHE J 268 -53.11 11.30 -38.17
C PHE J 268 -53.99 10.39 -37.34
N LYS J 269 -55.16 10.09 -37.88
CA LYS J 269 -56.09 9.15 -37.29
C LYS J 269 -55.41 7.83 -36.98
N GLN J 270 -54.58 7.33 -37.90
CA GLN J 270 -54.08 5.98 -37.75
C GLN J 270 -53.22 5.81 -36.51
N VAL J 271 -52.66 6.89 -35.99
CA VAL J 271 -51.96 6.77 -34.72
C VAL J 271 -52.97 6.61 -33.59
N THR J 272 -53.79 7.63 -33.35
CA THR J 272 -54.71 7.56 -32.24
C THR J 272 -55.58 6.33 -32.28
N ASP J 273 -55.71 5.70 -33.45
CA ASP J 273 -56.37 4.41 -33.51
C ASP J 273 -55.43 3.29 -33.10
N PHE J 274 -54.17 3.37 -33.51
CA PHE J 274 -53.20 2.30 -33.25
C PHE J 274 -53.02 2.07 -31.77
N LEU J 275 -52.96 3.14 -30.99
CA LEU J 275 -52.97 3.03 -29.53
C LEU J 275 -54.36 2.65 -29.07
N SER J 276 -54.46 2.18 -27.83
CA SER J 276 -55.73 1.74 -27.27
C SER J 276 -55.84 2.14 -25.82
N ALA J 277 -57.06 2.45 -25.38
CA ALA J 277 -57.26 3.04 -24.06
C ALA J 277 -56.75 2.16 -22.96
N ALA J 278 -56.46 0.89 -23.26
CA ALA J 278 -55.94 0.00 -22.23
C ALA J 278 -54.68 0.57 -21.60
N THR J 279 -53.66 0.85 -22.40
CA THR J 279 -52.40 1.30 -21.81
C THR J 279 -52.25 2.81 -21.89
N THR J 280 -53.17 3.51 -22.55
CA THR J 280 -53.02 4.95 -22.72
C THR J 280 -54.34 5.64 -22.44
N THR J 281 -54.27 6.95 -22.32
CA THR J 281 -55.45 7.80 -22.28
C THR J 281 -55.54 8.57 -23.58
N HIS J 282 -56.54 9.44 -23.68
CA HIS J 282 -56.65 10.37 -24.79
C HIS J 282 -56.84 11.76 -24.26
N ILE J 283 -56.45 12.75 -25.06
CA ILE J 283 -56.99 14.10 -25.01
C ILE J 283 -57.30 14.51 -26.43
N SER J 284 -58.57 14.71 -26.72
CA SER J 284 -58.93 15.16 -28.05
C SER J 284 -59.12 16.66 -28.00
N LEU J 285 -58.65 17.36 -29.03
CA LEU J 285 -58.96 18.78 -29.06
C LEU J 285 -60.12 19.12 -29.98
N ASP J 286 -60.72 18.15 -30.65
CA ASP J 286 -61.89 18.43 -31.48
C ASP J 286 -63.16 18.46 -30.64
N HIS J 287 -63.18 17.66 -29.58
CA HIS J 287 -64.34 17.53 -28.72
C HIS J 287 -64.77 18.92 -28.28
N HIS J 288 -66.03 19.25 -28.58
CA HIS J 288 -66.44 20.65 -28.62
C HIS J 288 -66.23 21.34 -27.29
N SER J 289 -66.29 20.58 -26.19
CA SER J 289 -66.12 21.20 -24.89
C SER J 289 -64.67 21.66 -24.68
N MET J 290 -63.75 21.10 -25.44
CA MET J 290 -62.34 21.37 -25.20
C MET J 290 -61.89 22.66 -25.86
N THR J 291 -62.65 23.16 -26.82
CA THR J 291 -62.07 24.09 -27.78
C THR J 291 -62.49 25.56 -27.74
N LEU J 292 -61.55 26.53 -27.34
CA LEU J 292 -61.62 27.96 -27.58
C LEU J 292 -63.04 28.49 -27.35
N THR J 293 -63.36 28.61 -26.06
CA THR J 293 -64.49 29.39 -25.64
C THR J 293 -64.44 30.74 -26.33
N PRO J 294 -65.52 31.17 -26.98
CA PRO J 294 -65.45 32.42 -27.75
C PRO J 294 -64.92 33.56 -26.94
N ASP J 295 -65.04 33.50 -25.62
CA ASP J 295 -64.38 34.48 -24.78
C ASP J 295 -62.88 34.44 -24.95
N GLU J 296 -62.33 33.25 -25.18
CA GLU J 296 -60.89 33.16 -25.35
C GLU J 296 -60.44 33.90 -26.60
N VAL J 297 -61.12 33.65 -27.72
CA VAL J 297 -60.72 34.25 -28.98
C VAL J 297 -60.49 35.73 -28.80
N LYS J 298 -61.34 36.37 -28.01
CA LYS J 298 -61.11 37.76 -27.67
C LYS J 298 -59.69 37.96 -27.17
N SER J 299 -59.28 37.21 -26.15
CA SER J 299 -57.98 37.45 -25.56
C SER J 299 -56.87 37.17 -26.57
N LEU J 300 -56.92 36.02 -27.23
CA LEU J 300 -55.91 35.74 -28.24
C LEU J 300 -55.90 36.79 -29.33
N LEU J 301 -57.04 36.97 -29.98
CA LEU J 301 -57.09 37.91 -31.09
C LEU J 301 -56.73 39.31 -30.62
N LEU J 302 -56.71 39.52 -29.31
CA LEU J 302 -56.30 40.82 -28.79
C LEU J 302 -54.81 41.03 -28.96
N LYS J 303 -54.00 40.10 -28.46
CA LYS J 303 -52.59 40.39 -28.26
C LYS J 303 -51.88 40.72 -29.55
N TYR J 304 -52.43 40.33 -30.68
CA TYR J 304 -51.81 40.74 -31.94
C TYR J 304 -52.21 42.16 -32.32
N LEU J 305 -53.50 42.48 -32.23
CA LEU J 305 -53.92 43.76 -32.75
C LEU J 305 -53.63 44.93 -31.82
N ASP J 306 -53.52 44.68 -30.51
CA ASP J 306 -53.15 45.72 -29.56
C ASP J 306 -54.14 46.88 -29.60
N CYS J 307 -55.41 46.56 -29.43
CA CYS J 307 -56.46 47.56 -29.49
C CYS J 307 -57.60 47.17 -28.57
N ARG J 308 -58.34 48.15 -28.16
CA ARG J 308 -59.38 48.00 -27.16
C ARG J 308 -60.40 46.95 -27.59
N PRO J 309 -61.15 46.39 -26.64
CA PRO J 309 -62.17 45.39 -27.00
C PRO J 309 -63.25 45.93 -27.91
N GLN J 310 -63.40 47.24 -28.02
CA GLN J 310 -64.26 47.80 -29.05
C GLN J 310 -63.75 47.45 -30.44
N ASP J 311 -62.45 47.20 -30.57
CA ASP J 311 -61.81 46.93 -31.85
C ASP J 311 -61.77 45.43 -32.17
N LEU J 312 -62.45 44.63 -31.36
CA LEU J 312 -62.53 43.18 -31.56
C LEU J 312 -63.43 42.82 -32.74
N PRO J 313 -63.08 41.68 -33.45
CA PRO J 313 -63.97 41.35 -34.58
C PRO J 313 -65.37 40.87 -34.17
N ARG J 314 -66.36 41.16 -35.01
CA ARG J 314 -67.74 40.75 -34.75
C ARG J 314 -68.27 39.84 -35.86
N GLU J 315 -68.91 38.73 -35.47
CA GLU J 315 -69.44 37.78 -36.46
C GLU J 315 -68.86 36.36 -36.28
N VAL J 316 -67.88 36.23 -35.38
CA VAL J 316 -67.22 34.95 -35.05
C VAL J 316 -66.57 34.22 -36.22
N LEU J 317 -65.25 34.39 -36.31
CA LEU J 317 -64.40 33.79 -37.35
C LEU J 317 -64.12 32.28 -37.41
N THR J 318 -63.94 31.62 -36.27
CA THR J 318 -63.53 30.22 -36.26
C THR J 318 -62.90 29.95 -34.91
N THR J 319 -62.77 28.71 -34.42
CA THR J 319 -61.82 28.36 -33.38
C THR J 319 -60.86 27.36 -34.00
N ASN J 320 -59.70 27.86 -34.39
CA ASN J 320 -58.51 27.07 -34.49
C ASN J 320 -57.54 28.15 -34.14
N PRO J 321 -56.53 27.88 -33.34
CA PRO J 321 -55.49 28.88 -33.20
C PRO J 321 -54.76 29.11 -34.50
N ARG J 322 -54.34 28.04 -35.16
CA ARG J 322 -53.87 28.23 -36.50
C ARG J 322 -54.99 28.78 -37.35
N ARG J 323 -54.62 29.56 -38.35
CA ARG J 323 -55.56 30.28 -39.21
C ARG J 323 -56.24 31.37 -38.43
N LEU J 324 -56.19 31.28 -37.11
CA LEU J 324 -56.62 32.48 -36.43
C LEU J 324 -55.48 33.47 -36.37
N SER J 325 -54.28 32.97 -36.08
CA SER J 325 -53.13 33.86 -36.08
C SER J 325 -52.95 34.52 -37.43
N ILE J 326 -52.92 33.74 -38.50
CA ILE J 326 -52.66 34.32 -39.81
C ILE J 326 -53.55 35.53 -40.04
N ILE J 327 -54.84 35.41 -39.72
CA ILE J 327 -55.68 36.59 -39.71
C ILE J 327 -55.10 37.64 -38.80
N ALA J 328 -55.00 37.32 -37.51
CA ALA J 328 -54.53 38.29 -36.53
C ALA J 328 -53.22 38.91 -36.96
N GLU J 329 -52.37 38.11 -37.60
CA GLU J 329 -51.09 38.66 -38.02
C GLU J 329 -51.24 39.51 -39.27
N SER J 330 -51.99 39.01 -40.25
CA SER J 330 -52.13 39.75 -41.49
C SER J 330 -52.66 41.15 -41.26
N ILE J 331 -53.40 41.35 -40.18
CA ILE J 331 -53.93 42.67 -39.94
C ILE J 331 -52.91 43.56 -39.26
N ARG J 332 -52.18 43.06 -38.27
CA ARG J 332 -51.19 43.89 -37.63
C ARG J 332 -50.17 44.40 -38.61
N ASP J 333 -50.08 43.77 -39.78
CA ASP J 333 -49.10 44.21 -40.75
C ASP J 333 -49.70 44.42 -42.12
N GLY J 334 -50.09 43.34 -42.78
CA GLY J 334 -50.34 43.35 -44.20
C GLY J 334 -51.72 43.86 -44.51
N LEU J 335 -52.28 43.32 -45.58
CA LEU J 335 -53.59 43.75 -46.03
C LEU J 335 -54.69 43.11 -45.21
N ALA J 336 -55.91 43.19 -45.74
CA ALA J 336 -57.17 42.64 -45.29
C ALA J 336 -57.94 43.57 -44.35
N THR J 337 -57.36 44.69 -43.92
CA THR J 337 -58.14 45.76 -43.31
C THR J 337 -58.82 45.31 -42.04
N TRP J 338 -58.73 44.01 -41.78
CA TRP J 338 -59.51 43.28 -40.79
C TRP J 338 -60.96 43.22 -41.23
N ASP J 339 -61.36 44.08 -42.15
CA ASP J 339 -62.69 44.04 -42.72
C ASP J 339 -62.71 43.46 -44.13
N ASN J 340 -61.56 43.18 -44.72
CA ASN J 340 -61.52 42.83 -46.15
C ASN J 340 -61.66 41.34 -46.40
N TRP J 341 -60.77 40.64 -45.71
CA TRP J 341 -60.37 39.25 -45.82
C TRP J 341 -61.25 38.23 -46.48
N LYS J 342 -60.80 37.95 -47.69
CA LYS J 342 -61.26 36.95 -48.62
C LYS J 342 -59.94 36.26 -48.93
N HIS J 343 -58.93 37.07 -49.26
CA HIS J 343 -57.58 36.62 -49.57
C HIS J 343 -56.88 35.94 -48.38
N VAL J 344 -56.99 36.52 -47.18
CA VAL J 344 -56.36 35.85 -46.05
C VAL J 344 -55.02 35.25 -46.46
N ASN J 345 -54.05 36.10 -46.80
CA ASN J 345 -52.63 35.78 -46.75
C ASN J 345 -52.36 34.37 -47.28
N CYS J 346 -52.92 34.10 -48.45
CA CYS J 346 -53.03 32.73 -48.92
C CYS J 346 -51.73 31.98 -48.74
N ASP J 347 -50.60 32.63 -48.99
CA ASP J 347 -49.30 31.96 -49.00
C ASP J 347 -49.07 31.11 -47.75
N LYS J 348 -48.95 31.75 -46.58
CA LYS J 348 -48.76 30.99 -45.35
C LYS J 348 -49.85 29.97 -45.17
N LEU J 349 -51.10 30.42 -45.23
CA LEU J 349 -52.21 29.50 -45.20
C LEU J 349 -52.02 28.38 -46.21
N THR J 350 -51.67 28.74 -47.45
CA THR J 350 -51.33 27.71 -48.41
C THR J 350 -50.12 26.91 -47.98
N THR J 351 -48.98 27.58 -47.78
CA THR J 351 -47.73 26.87 -47.60
C THR J 351 -47.84 25.87 -46.45
N ILE J 352 -48.67 26.18 -45.45
CA ILE J 352 -48.93 25.21 -44.39
C ILE J 352 -49.87 24.12 -44.89
N ILE J 353 -50.99 24.50 -45.47
CA ILE J 353 -51.96 23.51 -45.90
C ILE J 353 -51.40 22.69 -47.04
N GLU J 354 -50.58 23.31 -47.89
CA GLU J 354 -50.12 22.60 -49.07
C GLU J 354 -49.27 21.41 -48.71
N SER J 355 -48.14 21.64 -48.04
CA SER J 355 -47.30 20.53 -47.64
C SER J 355 -48.07 19.53 -46.80
N SER J 356 -49.05 20.03 -46.04
CA SER J 356 -49.83 19.18 -45.17
C SER J 356 -50.56 18.11 -45.97
N LEU J 357 -50.73 18.33 -47.27
CA LEU J 357 -51.36 17.32 -48.10
C LEU J 357 -50.34 16.47 -48.82
N ASN J 358 -49.05 16.76 -48.64
CA ASN J 358 -48.02 16.14 -49.46
C ASN J 358 -47.94 14.63 -49.26
N VAL J 359 -48.70 14.08 -48.31
CA VAL J 359 -48.55 12.68 -47.97
C VAL J 359 -49.10 11.77 -49.06
N LEU J 360 -50.11 12.21 -49.78
CA LEU J 360 -50.95 11.31 -50.56
C LEU J 360 -50.29 10.91 -51.87
N GLU J 361 -50.83 9.83 -52.47
CA GLU J 361 -50.47 9.36 -53.81
C GLU J 361 -51.03 10.32 -54.85
N PRO J 362 -50.19 11.02 -55.61
CA PRO J 362 -50.68 12.22 -56.29
C PRO J 362 -51.75 11.96 -57.33
N ALA J 363 -51.52 11.04 -58.26
CA ALA J 363 -52.52 10.78 -59.27
C ALA J 363 -53.61 9.88 -58.71
N GLU J 364 -53.22 8.87 -57.97
CA GLU J 364 -54.15 8.04 -57.24
C GLU J 364 -55.10 8.85 -56.38
N TYR J 365 -54.62 9.92 -55.75
CA TYR J 365 -55.43 10.62 -54.76
C TYR J 365 -55.48 12.12 -54.98
N ARG J 366 -54.35 12.81 -54.96
CA ARG J 366 -54.43 14.27 -54.97
C ARG J 366 -55.27 14.79 -56.12
N LYS J 367 -55.42 14.02 -57.19
CA LYS J 367 -56.45 14.32 -58.17
C LYS J 367 -57.82 14.44 -57.50
N MET J 368 -58.03 13.71 -56.43
CA MET J 368 -59.39 13.47 -55.95
C MET J 368 -59.94 14.60 -55.11
N PHE J 369 -59.12 15.22 -54.25
CA PHE J 369 -59.56 16.46 -53.61
C PHE J 369 -60.07 17.44 -54.63
N ASP J 370 -59.30 17.65 -55.69
CA ASP J 370 -59.67 18.58 -56.73
C ASP J 370 -61.12 18.40 -57.12
N ARG J 371 -61.59 17.17 -57.17
CA ARG J 371 -63.00 16.91 -57.34
C ARG J 371 -63.82 17.53 -56.21
N LEU J 372 -63.39 17.32 -54.97
CA LEU J 372 -64.25 17.66 -53.85
C LEU J 372 -64.66 19.13 -53.84
N SER J 373 -63.97 19.99 -54.58
CA SER J 373 -64.37 21.40 -54.63
C SER J 373 -65.77 21.54 -55.20
N VAL J 374 -66.29 20.50 -55.84
CA VAL J 374 -67.65 20.52 -56.35
C VAL J 374 -68.64 20.92 -55.28
N PHE J 375 -68.35 20.62 -54.06
CA PHE J 375 -69.42 20.62 -53.08
C PHE J 375 -69.57 21.96 -52.38
N PRO J 376 -70.80 22.38 -52.14
CA PRO J 376 -71.04 23.57 -51.32
C PRO J 376 -70.61 23.32 -49.89
N PRO J 377 -69.95 24.27 -49.26
CA PRO J 377 -69.28 24.02 -47.99
C PRO J 377 -70.22 23.56 -46.88
N SER J 378 -69.64 22.92 -45.86
CA SER J 378 -70.22 22.58 -44.56
C SER J 378 -71.28 21.50 -44.60
N ALA J 379 -71.71 21.03 -45.77
CA ALA J 379 -72.82 20.10 -45.85
C ALA J 379 -72.36 18.67 -45.58
N HIS J 380 -73.25 17.72 -45.85
CA HIS J 380 -72.91 16.31 -45.93
C HIS J 380 -73.03 15.85 -47.37
N ILE J 381 -72.23 14.87 -47.75
CA ILE J 381 -72.26 14.33 -49.09
C ILE J 381 -72.58 12.85 -49.03
N PRO J 382 -73.66 12.40 -49.65
CA PRO J 382 -73.92 10.96 -49.72
C PRO J 382 -72.81 10.22 -50.42
N THR J 383 -72.29 9.18 -49.77
CA THR J 383 -71.26 8.37 -50.40
C THR J 383 -71.71 7.79 -51.72
N ILE J 384 -72.94 7.28 -51.79
CA ILE J 384 -73.46 6.81 -53.06
C ILE J 384 -73.30 7.88 -54.14
N LEU J 385 -73.67 9.11 -53.81
CA LEU J 385 -73.46 10.20 -54.75
C LEU J 385 -72.00 10.34 -55.13
N LEU J 386 -71.12 10.18 -54.14
CA LEU J 386 -69.69 10.32 -54.38
C LEU J 386 -69.22 9.42 -55.51
N SER J 387 -69.93 8.32 -55.76
CA SER J 387 -69.47 7.36 -56.75
C SER J 387 -69.31 8.00 -58.12
N LEU J 388 -70.15 9.00 -58.42
CA LEU J 388 -70.14 9.57 -59.77
C LEU J 388 -68.86 10.33 -60.06
N ILE J 389 -68.44 11.17 -59.13
CA ILE J 389 -67.43 12.18 -59.39
C ILE J 389 -66.20 11.63 -60.08
N TRP J 390 -65.49 10.72 -59.42
CA TRP J 390 -64.20 10.35 -59.98
C TRP J 390 -64.36 9.46 -61.19
N PHE J 391 -64.75 8.22 -60.95
CA PHE J 391 -64.89 7.23 -62.02
C PHE J 391 -63.57 7.04 -62.76
N ASP J 392 -62.46 7.46 -62.14
CA ASP J 392 -61.13 7.09 -62.62
C ASP J 392 -60.71 5.74 -62.08
N VAL J 393 -60.98 5.49 -60.80
CA VAL J 393 -60.94 4.15 -60.21
C VAL J 393 -62.36 3.82 -59.79
N ILE J 394 -62.67 2.53 -59.75
CA ILE J 394 -64.04 2.06 -59.97
C ILE J 394 -64.55 1.27 -58.77
N LYS J 395 -65.88 1.18 -58.71
CA LYS J 395 -66.66 0.22 -57.90
C LYS J 395 -66.43 0.49 -56.39
N SER J 396 -66.20 -0.56 -55.60
CA SER J 396 -66.10 -0.43 -54.15
C SER J 396 -64.99 0.50 -53.71
N ASP J 397 -64.07 0.84 -54.62
CA ASP J 397 -62.95 1.67 -54.26
C ASP J 397 -63.40 2.94 -53.56
N VAL J 398 -64.63 3.39 -53.85
CA VAL J 398 -65.19 4.53 -53.13
C VAL J 398 -64.98 4.38 -51.63
N MET J 399 -65.63 3.40 -51.02
CA MET J 399 -65.42 3.17 -49.61
C MET J 399 -63.97 2.89 -49.30
N VAL J 400 -63.27 2.24 -50.22
CA VAL J 400 -61.84 2.06 -50.04
C VAL J 400 -61.15 3.41 -50.01
N VAL J 401 -61.48 4.27 -50.95
CA VAL J 401 -60.88 5.59 -50.98
C VAL J 401 -61.10 6.31 -49.66
N VAL J 402 -62.36 6.61 -49.34
CA VAL J 402 -62.63 7.44 -48.16
C VAL J 402 -61.84 6.93 -46.98
N ASN J 403 -61.89 5.61 -46.75
CA ASN J 403 -61.06 5.04 -45.71
C ASN J 403 -59.61 5.40 -45.93
N LYS J 404 -59.02 4.95 -47.04
CA LYS J 404 -57.64 5.28 -47.35
C LYS J 404 -57.42 6.77 -47.20
N LEU J 405 -58.42 7.56 -47.55
CA LEU J 405 -58.34 8.98 -47.30
C LEU J 405 -58.54 9.26 -45.82
N HIS J 406 -59.63 8.75 -45.24
CA HIS J 406 -60.03 9.10 -43.89
C HIS J 406 -58.90 8.93 -42.89
N LYS J 407 -58.06 7.91 -43.04
CA LYS J 407 -57.04 7.68 -42.06
C LYS J 407 -56.17 8.90 -41.86
N TYR J 408 -55.97 9.68 -42.91
CA TYR J 408 -55.31 10.96 -42.74
C TYR J 408 -56.32 11.94 -42.17
N SER J 409 -55.88 12.74 -41.21
CA SER J 409 -56.81 13.29 -40.23
C SER J 409 -57.92 14.07 -40.92
N LEU J 410 -59.14 13.59 -40.72
CA LEU J 410 -60.37 14.20 -41.20
C LEU J 410 -60.21 14.79 -42.59
N VAL J 411 -59.28 14.25 -43.38
CA VAL J 411 -59.18 14.78 -44.72
C VAL J 411 -60.41 14.35 -45.48
N GLU J 412 -61.03 13.25 -45.07
CA GLU J 412 -62.43 13.01 -45.42
C GLU J 412 -63.40 13.57 -44.39
N LYS J 413 -63.14 13.37 -43.09
CA LYS J 413 -64.08 13.71 -42.00
C LYS J 413 -65.38 12.88 -42.05
N GLN J 414 -65.24 11.63 -41.60
CA GLN J 414 -66.39 10.70 -41.51
C GLN J 414 -67.50 11.22 -40.60
N PRO J 415 -68.74 10.92 -41.35
CA PRO J 415 -69.96 10.98 -40.53
C PRO J 415 -70.42 9.58 -40.17
N LYS J 416 -70.10 8.63 -41.05
CA LYS J 416 -70.44 7.21 -40.93
C LYS J 416 -71.93 6.88 -41.02
N GLU J 417 -72.72 7.72 -41.68
CA GLU J 417 -74.02 7.25 -42.18
C GLU J 417 -74.23 7.61 -43.67
N SER J 418 -74.16 6.57 -44.50
CA SER J 418 -74.49 6.64 -45.93
C SER J 418 -73.94 7.86 -46.66
N THR J 419 -72.81 8.39 -46.20
CA THR J 419 -72.29 9.68 -46.65
C THR J 419 -70.81 9.90 -46.33
N ILE J 420 -70.32 11.06 -46.74
CA ILE J 420 -69.02 11.58 -46.30
C ILE J 420 -69.26 13.02 -45.87
N SER J 421 -68.36 13.58 -45.08
CA SER J 421 -68.52 14.95 -44.60
C SER J 421 -67.34 15.83 -45.02
N ILE J 422 -67.56 17.13 -45.16
CA ILE J 422 -66.48 17.99 -45.60
C ILE J 422 -65.28 17.78 -44.69
N PRO J 423 -64.04 17.73 -45.33
CA PRO J 423 -62.91 17.50 -44.42
C PRO J 423 -62.85 18.64 -43.42
N SER J 424 -63.10 19.85 -43.89
CA SER J 424 -63.11 20.97 -42.97
C SER J 424 -63.17 22.21 -43.85
N ILE J 425 -63.11 23.37 -43.21
CA ILE J 425 -62.90 24.59 -43.97
C ILE J 425 -61.53 24.55 -44.65
N TYR J 426 -60.50 24.16 -43.91
CA TYR J 426 -59.13 24.24 -44.38
C TYR J 426 -58.91 23.52 -45.69
N LEU J 427 -58.94 22.20 -45.63
CA LEU J 427 -58.60 21.43 -46.80
C LEU J 427 -59.54 21.78 -47.94
N GLU J 428 -60.64 22.46 -47.63
CA GLU J 428 -61.42 23.18 -48.63
C GLU J 428 -60.84 24.55 -48.97
N LEU J 429 -60.75 25.22 -47.85
CA LEU J 429 -60.50 26.65 -48.02
C LEU J 429 -59.37 26.94 -49.00
N LYS J 430 -58.51 25.97 -49.32
CA LYS J 430 -57.22 26.29 -49.92
C LYS J 430 -57.34 27.16 -51.17
N VAL J 431 -57.70 26.58 -52.31
CA VAL J 431 -57.79 27.36 -53.54
C VAL J 431 -58.80 26.80 -54.52
N LYS J 432 -59.55 27.68 -55.17
CA LYS J 432 -59.59 27.70 -56.63
C LYS J 432 -59.62 26.32 -57.27
N LEU J 433 -60.80 25.70 -57.31
CA LEU J 433 -61.03 24.33 -57.73
C LEU J 433 -60.24 23.91 -58.97
N GLU J 434 -60.08 24.80 -59.95
CA GLU J 434 -59.44 24.46 -61.21
C GLU J 434 -60.16 23.29 -61.86
N ASN J 435 -59.46 22.16 -61.97
CA ASN J 435 -60.04 20.88 -62.34
C ASN J 435 -60.50 20.91 -63.80
N GLU J 436 -60.46 22.09 -64.40
CA GLU J 436 -60.56 22.27 -65.85
C GLU J 436 -61.88 21.68 -66.34
N TYR J 437 -61.87 20.64 -67.18
CA TYR J 437 -63.07 20.13 -67.84
C TYR J 437 -64.21 19.86 -66.87
N ALA J 438 -63.89 19.59 -65.61
CA ALA J 438 -64.82 18.92 -64.71
C ALA J 438 -66.21 19.54 -64.71
N LEU J 439 -66.28 20.87 -64.60
CA LEU J 439 -67.45 21.54 -64.05
C LEU J 439 -68.78 21.03 -64.60
N HIS J 440 -69.12 21.40 -65.84
CA HIS J 440 -70.45 21.09 -66.37
C HIS J 440 -70.83 19.64 -66.18
N ARG J 441 -70.16 18.73 -66.89
CA ARG J 441 -70.49 17.32 -66.81
C ARG J 441 -70.50 16.81 -65.38
N SER J 442 -69.52 17.22 -64.57
CA SER J 442 -69.49 16.78 -63.18
C SER J 442 -70.62 17.41 -62.38
N ILE J 443 -70.83 18.78 -62.54
CA ILE J 443 -72.01 19.39 -61.93
C ILE J 443 -73.28 18.95 -62.64
N VAL J 444 -73.31 19.04 -63.96
CA VAL J 444 -74.45 18.59 -64.74
C VAL J 444 -74.78 17.12 -64.48
N ASP J 445 -73.88 16.19 -64.82
CA ASP J 445 -74.24 14.77 -64.77
C ASP J 445 -74.60 14.35 -63.35
N HIS J 446 -74.05 15.02 -62.34
CA HIS J 446 -74.40 14.68 -60.97
C HIS J 446 -75.84 15.08 -60.66
N TYR J 447 -76.51 15.74 -61.60
CA TYR J 447 -77.95 15.92 -61.52
C TYR J 447 -78.64 14.59 -61.78
N ASN J 448 -77.88 13.54 -62.02
CA ASN J 448 -78.38 12.29 -62.55
C ASN J 448 -79.71 11.85 -61.94
N ILE J 449 -79.87 12.01 -60.63
CA ILE J 449 -81.00 11.42 -59.93
C ILE J 449 -82.41 11.89 -60.38
N PRO J 450 -82.77 13.18 -60.21
CA PRO J 450 -84.20 13.53 -60.24
C PRO J 450 -84.93 13.26 -61.55
N LYS J 451 -84.42 13.72 -62.69
CA LYS J 451 -85.26 13.87 -63.87
C LYS J 451 -86.02 12.59 -64.23
N THR J 452 -85.44 11.55 -63.68
CA THR J 452 -86.12 10.26 -63.73
C THR J 452 -87.51 10.38 -63.12
N PHE J 453 -87.57 10.63 -61.81
CA PHE J 453 -88.86 10.89 -61.18
C PHE J 453 -89.35 12.29 -61.53
N ASP J 454 -90.55 12.37 -62.08
CA ASP J 454 -91.11 13.69 -62.32
C ASP J 454 -92.43 13.88 -61.57
N SER J 455 -93.50 13.24 -62.05
CA SER J 455 -94.82 13.41 -61.48
C SER J 455 -95.47 12.05 -61.27
N ASP J 456 -95.98 11.82 -60.06
CA ASP J 456 -96.63 10.58 -59.68
C ASP J 456 -97.40 10.78 -58.38
N ASP J 457 -97.93 9.66 -57.88
CA ASP J 457 -98.71 9.66 -56.64
C ASP J 457 -97.81 9.78 -55.43
N LEU J 458 -98.40 10.25 -54.32
CA LEU J 458 -97.84 10.06 -52.99
C LEU J 458 -96.49 10.75 -52.81
N ILE J 459 -95.56 10.06 -52.17
CA ILE J 459 -94.28 10.64 -51.73
C ILE J 459 -93.13 9.98 -52.51
N PRO J 460 -92.41 10.80 -53.27
CA PRO J 460 -91.35 10.33 -54.18
C PRO J 460 -90.06 9.78 -53.59
N PRO J 461 -89.41 8.86 -54.39
CA PRO J 461 -88.15 8.38 -53.82
C PRO J 461 -87.14 9.43 -54.24
N TYR J 462 -86.88 10.32 -53.29
CA TYR J 462 -86.00 11.46 -53.45
C TYR J 462 -84.97 11.43 -52.32
N LEU J 463 -83.76 11.91 -52.61
CA LEU J 463 -82.60 11.43 -51.86
C LEU J 463 -82.36 12.28 -50.62
N ASP J 464 -82.66 11.69 -49.48
CA ASP J 464 -82.24 12.03 -48.12
C ASP J 464 -82.41 13.52 -47.85
N GLN J 465 -81.48 14.08 -47.07
CA GLN J 465 -81.50 15.50 -46.73
C GLN J 465 -80.52 16.34 -47.53
N TYR J 466 -79.71 15.72 -48.39
CA TYR J 466 -78.80 16.53 -49.20
C TYR J 466 -79.54 17.19 -50.35
N PHE J 467 -80.33 16.45 -51.10
CA PHE J 467 -81.00 17.05 -52.26
C PHE J 467 -81.93 18.22 -52.02
N TYR J 468 -82.64 18.19 -50.91
CA TYR J 468 -83.55 19.26 -50.60
C TYR J 468 -82.77 20.57 -50.47
N SER J 469 -81.50 20.48 -50.06
CA SER J 469 -80.74 21.69 -49.85
C SER J 469 -80.11 22.19 -51.14
N HIS J 470 -79.04 21.53 -51.57
CA HIS J 470 -78.13 22.13 -52.53
C HIS J 470 -78.36 21.70 -53.95
N ILE J 471 -79.38 20.88 -54.22
CA ILE J 471 -79.60 20.41 -55.59
C ILE J 471 -79.60 21.58 -56.55
N GLY J 472 -80.09 22.74 -56.11
CA GLY J 472 -80.05 23.91 -56.95
C GLY J 472 -78.64 24.40 -57.22
N HIS J 473 -77.74 24.20 -56.26
CA HIS J 473 -76.36 24.56 -56.55
C HIS J 473 -75.85 23.84 -57.77
N HIS J 474 -76.05 22.54 -57.84
CA HIS J 474 -75.68 21.83 -59.06
C HIS J 474 -76.37 22.40 -60.29
N LEU J 475 -77.55 22.98 -60.12
CA LEU J 475 -78.16 23.65 -61.24
C LEU J 475 -77.37 24.86 -61.69
N LYS J 476 -76.58 25.45 -60.78
CA LYS J 476 -75.84 26.67 -61.10
C LYS J 476 -75.01 26.52 -62.37
N ASN J 477 -74.55 25.31 -62.66
CA ASN J 477 -73.76 25.06 -63.85
C ASN J 477 -74.59 24.58 -65.03
N ILE J 478 -75.92 24.57 -64.91
CA ILE J 478 -76.73 23.92 -65.93
C ILE J 478 -77.55 24.99 -66.67
N GLU J 479 -78.26 24.59 -67.71
CA GLU J 479 -79.10 25.50 -68.47
C GLU J 479 -80.22 26.07 -67.59
N HIS J 480 -80.31 27.39 -67.56
CA HIS J 480 -81.22 28.09 -66.67
C HIS J 480 -82.68 27.80 -67.04
N PRO J 481 -83.09 27.99 -68.30
CA PRO J 481 -84.46 27.58 -68.64
C PRO J 481 -84.68 26.11 -68.32
N GLU J 482 -83.70 25.27 -68.65
CA GLU J 482 -83.79 23.87 -68.28
C GLU J 482 -83.90 23.71 -66.78
N ARG J 483 -83.31 24.63 -66.01
CA ARG J 483 -83.60 24.55 -64.58
C ARG J 483 -84.95 25.20 -64.30
N MET J 484 -85.23 26.37 -64.86
CA MET J 484 -86.49 27.06 -64.57
C MET J 484 -87.66 26.13 -64.82
N THR J 485 -87.52 25.23 -65.79
CA THR J 485 -88.39 24.07 -65.86
C THR J 485 -88.32 23.28 -64.57
N LEU J 486 -87.16 22.67 -64.30
CA LEU J 486 -87.00 21.70 -63.23
C LEU J 486 -86.44 22.31 -61.95
N PHE J 487 -86.25 23.63 -61.89
CA PHE J 487 -85.82 24.22 -60.63
C PHE J 487 -86.88 24.06 -59.56
N ARG J 488 -88.10 23.75 -59.98
CA ARG J 488 -89.18 23.38 -59.08
C ARG J 488 -89.52 24.50 -58.11
N MET J 489 -89.14 25.74 -58.47
CA MET J 489 -90.04 26.86 -58.22
C MET J 489 -91.41 26.53 -58.76
N VAL J 490 -91.43 25.95 -59.96
CA VAL J 490 -92.66 25.53 -60.60
C VAL J 490 -93.32 24.42 -59.79
N PHE J 491 -92.56 23.42 -59.38
CA PHE J 491 -93.14 22.19 -58.87
C PHE J 491 -93.43 22.38 -57.39
N LEU J 492 -94.71 22.28 -57.04
CA LEU J 492 -95.14 22.39 -55.65
C LEU J 492 -94.96 21.06 -54.90
N ASP J 493 -94.98 19.94 -55.64
CA ASP J 493 -94.89 18.61 -55.07
C ASP J 493 -93.59 18.39 -54.30
N PHE J 494 -92.47 18.31 -55.03
CA PHE J 494 -91.16 18.15 -54.40
C PHE J 494 -90.90 19.21 -53.35
N ARG J 495 -91.26 20.45 -53.66
CA ARG J 495 -90.66 21.60 -52.99
C ARG J 495 -90.94 21.59 -51.49
N PHE J 496 -92.20 21.38 -51.09
CA PHE J 496 -92.55 21.41 -49.68
C PHE J 496 -91.77 20.41 -48.87
N LEU J 497 -91.34 19.31 -49.49
CA LEU J 497 -90.74 18.21 -48.77
C LEU J 497 -89.42 18.60 -48.12
N GLU J 498 -88.86 19.74 -48.51
CA GLU J 498 -87.70 20.29 -47.81
C GLU J 498 -88.01 20.55 -46.34
N GLN J 499 -88.85 21.55 -46.07
CA GLN J 499 -89.20 21.95 -44.71
C GLN J 499 -89.97 20.89 -43.96
N LYS J 500 -90.33 19.81 -44.64
CA LYS J 500 -90.90 18.61 -44.02
C LYS J 500 -90.14 18.26 -42.75
N ILE J 501 -88.86 17.94 -42.89
CA ILE J 501 -87.99 17.59 -41.76
C ILE J 501 -87.83 18.77 -40.80
N ARG J 502 -88.04 19.98 -41.29
CA ARG J 502 -87.74 21.19 -40.53
C ARG J 502 -88.81 21.39 -39.45
N HIS J 503 -88.34 21.53 -38.23
CA HIS J 503 -89.21 21.80 -37.09
C HIS J 503 -88.49 22.75 -36.16
N ASP J 504 -89.17 23.12 -35.07
CA ASP J 504 -88.54 23.87 -34.02
C ASP J 504 -88.47 23.06 -32.74
N SER J 505 -87.34 23.13 -32.07
CA SER J 505 -87.31 22.73 -30.68
C SER J 505 -88.40 23.44 -29.88
N THR J 506 -88.56 24.74 -30.06
CA THR J 506 -89.28 25.57 -29.11
C THR J 506 -90.31 26.45 -29.80
N ALA J 507 -91.36 26.77 -29.06
CA ALA J 507 -92.44 27.68 -29.42
C ALA J 507 -93.12 27.39 -30.74
N TRP J 508 -93.53 28.46 -31.43
CA TRP J 508 -94.23 28.35 -32.70
C TRP J 508 -93.37 28.66 -33.90
N ASN J 509 -92.07 28.87 -33.65
CA ASN J 509 -91.06 29.23 -34.64
C ASN J 509 -90.11 28.14 -35.14
N ALA J 510 -88.99 28.59 -35.74
CA ALA J 510 -87.96 27.70 -36.30
C ALA J 510 -86.60 27.70 -35.56
N SER J 511 -86.07 26.49 -35.39
CA SER J 511 -84.80 26.22 -34.71
C SER J 511 -85.04 26.08 -33.22
N GLY J 512 -84.06 26.42 -32.41
CA GLY J 512 -83.73 25.62 -31.26
C GLY J 512 -83.37 24.22 -31.68
N SER J 513 -83.72 23.85 -32.90
CA SER J 513 -83.39 22.65 -33.63
C SER J 513 -82.95 23.04 -35.02
N ILE J 514 -83.92 23.42 -35.85
CA ILE J 514 -83.72 23.58 -37.29
C ILE J 514 -84.56 24.75 -37.83
N LEU J 515 -83.99 25.53 -38.75
CA LEU J 515 -84.76 26.61 -39.37
C LEU J 515 -85.76 26.04 -40.36
N ASN J 516 -86.74 26.88 -40.66
CA ASN J 516 -87.80 26.55 -41.59
C ASN J 516 -88.03 27.73 -42.53
N THR J 517 -87.12 27.90 -43.51
CA THR J 517 -87.15 28.97 -44.55
C THR J 517 -85.94 29.83 -44.95
N LEU J 518 -85.51 30.81 -44.15
CA LEU J 518 -84.48 31.71 -44.69
C LEU J 518 -83.62 31.03 -45.75
N GLN J 519 -83.16 29.83 -45.48
CA GLN J 519 -82.46 29.06 -46.50
C GLN J 519 -83.32 29.06 -47.73
N GLN J 520 -84.51 28.49 -47.59
CA GLN J 520 -85.53 28.63 -48.60
C GLN J 520 -85.54 30.06 -49.10
N LEU J 521 -85.91 30.99 -48.23
CA LEU J 521 -85.94 32.38 -48.64
C LEU J 521 -84.64 32.78 -49.31
N LYS J 522 -83.53 32.40 -48.71
CA LYS J 522 -82.23 32.77 -49.25
C LYS J 522 -82.07 32.27 -50.68
N PHE J 523 -82.66 31.12 -50.99
CA PHE J 523 -82.63 30.68 -52.39
C PHE J 523 -83.33 31.68 -53.28
N TYR J 524 -84.29 32.41 -52.73
CA TYR J 524 -85.26 33.04 -53.63
C TYR J 524 -84.75 34.34 -54.20
N LYS J 525 -83.77 34.96 -53.56
CA LYS J 525 -83.14 36.12 -54.18
C LYS J 525 -82.31 35.72 -55.40
N PRO J 526 -81.33 34.82 -55.29
CA PRO J 526 -80.48 34.56 -56.47
C PRO J 526 -81.21 33.87 -57.60
N TYR J 527 -82.05 32.90 -57.30
CA TYR J 527 -82.43 31.89 -58.27
C TYR J 527 -83.55 32.34 -59.20
N ILE J 528 -83.93 33.61 -59.13
CA ILE J 528 -84.90 34.20 -60.04
C ILE J 528 -84.19 34.56 -61.35
N CYS J 529 -82.96 34.06 -61.52
CA CYS J 529 -82.04 34.56 -62.54
C CYS J 529 -82.70 34.80 -63.88
N ASP J 530 -83.42 33.81 -64.42
CA ASP J 530 -84.18 33.97 -65.66
C ASP J 530 -85.63 33.66 -65.35
N ASN J 531 -86.47 34.71 -65.36
CA ASN J 531 -87.91 34.56 -65.15
C ASN J 531 -88.61 35.85 -65.55
N ASP J 532 -89.93 35.85 -65.43
CA ASP J 532 -90.77 36.97 -65.84
C ASP J 532 -91.70 37.33 -64.68
N PRO J 533 -92.46 38.43 -64.78
CA PRO J 533 -93.35 38.79 -63.66
C PRO J 533 -94.28 37.68 -63.24
N LYS J 534 -94.70 36.84 -64.17
CA LYS J 534 -95.49 35.65 -63.85
C LYS J 534 -94.84 34.91 -62.70
N TYR J 535 -93.68 34.31 -62.98
CA TYR J 535 -92.99 33.53 -61.97
C TYR J 535 -92.53 34.40 -60.81
N GLU J 536 -92.17 35.65 -61.09
CA GLU J 536 -91.55 36.51 -60.08
C GLU J 536 -92.55 36.89 -59.01
N ARG J 537 -93.69 37.43 -59.42
CA ARG J 537 -94.74 37.71 -58.44
C ARG J 537 -95.29 36.44 -57.82
N LEU J 538 -95.30 35.35 -58.59
CA LEU J 538 -95.67 34.04 -58.05
C LEU J 538 -94.88 33.74 -56.77
N VAL J 539 -93.56 33.81 -56.86
CA VAL J 539 -92.74 33.66 -55.66
C VAL J 539 -93.03 34.77 -54.67
N ASN J 540 -92.97 36.02 -55.14
CA ASN J 540 -93.24 37.16 -54.27
C ASN J 540 -94.49 36.93 -53.46
N ALA J 541 -95.55 36.48 -54.12
CA ALA J 541 -96.66 35.90 -53.41
C ALA J 541 -96.20 34.82 -52.46
N ILE J 542 -95.72 33.68 -52.98
CA ILE J 542 -95.50 32.49 -52.18
C ILE J 542 -94.74 32.82 -50.91
N LEU J 543 -93.93 33.89 -50.95
CA LEU J 543 -93.38 34.43 -49.73
C LEU J 543 -94.45 34.54 -48.65
N ASP J 544 -95.67 34.90 -49.02
CA ASP J 544 -96.76 34.92 -48.07
C ASP J 544 -96.97 33.59 -47.36
N PHE J 545 -97.14 32.51 -48.11
CA PHE J 545 -97.43 31.23 -47.46
C PHE J 545 -96.40 30.94 -46.40
N LEU J 546 -95.19 31.42 -46.62
CA LEU J 546 -94.06 30.98 -45.80
C LEU J 546 -94.30 31.25 -44.34
N PRO J 547 -94.60 32.47 -43.89
CA PRO J 547 -95.23 32.56 -42.57
C PRO J 547 -96.55 31.82 -42.57
N LYS J 548 -97.38 32.10 -43.58
CA LYS J 548 -98.76 31.70 -43.54
C LYS J 548 -98.90 30.19 -43.34
N ILE J 549 -98.05 29.41 -44.01
CA ILE J 549 -98.12 27.97 -43.83
C ILE J 549 -97.96 27.61 -42.36
N GLU J 550 -98.64 26.54 -41.98
CA GLU J 550 -98.65 26.03 -40.62
C GLU J 550 -97.86 24.74 -40.55
N GLU J 551 -97.20 24.57 -39.40
CA GLU J 551 -96.59 23.28 -39.12
C GLU J 551 -97.60 22.40 -38.40
N ASN J 552 -97.53 21.10 -38.68
CA ASN J 552 -98.69 20.22 -38.67
C ASN J 552 -98.16 18.82 -38.37
N LEU J 553 -98.99 17.81 -38.62
CA LEU J 553 -98.40 16.56 -39.05
C LEU J 553 -97.80 16.78 -40.43
N ILE J 554 -96.51 16.48 -40.55
CA ILE J 554 -95.77 16.97 -41.71
C ILE J 554 -96.10 16.12 -42.92
N CYS J 555 -96.61 16.79 -43.96
CA CYS J 555 -96.91 16.19 -45.25
C CYS J 555 -98.01 15.14 -45.12
N SER J 556 -98.20 14.64 -43.91
CA SER J 556 -99.43 13.94 -43.60
C SER J 556 -100.37 15.02 -43.16
N LYS J 557 -101.38 15.27 -43.98
CA LYS J 557 -101.86 16.62 -44.21
C LYS J 557 -100.77 17.45 -44.89
N TYR J 558 -100.61 17.15 -46.16
CA TYR J 558 -100.08 18.08 -47.14
C TYR J 558 -101.20 18.76 -47.94
N THR J 559 -102.45 18.43 -47.65
CA THR J 559 -103.55 18.57 -48.61
C THR J 559 -103.98 20.01 -48.88
N ASP J 560 -104.52 21.03 -47.95
CA ASP J 560 -104.81 22.46 -47.89
C ASP J 560 -103.85 23.34 -48.70
N LEU J 561 -102.55 23.11 -48.55
CA LEU J 561 -101.52 23.94 -49.18
C LEU J 561 -101.76 24.18 -50.67
N LEU J 562 -101.99 23.08 -51.39
CA LEU J 562 -102.21 23.11 -52.83
C LEU J 562 -103.31 24.09 -53.23
N ARG J 563 -104.47 23.96 -52.61
CA ARG J 563 -105.64 24.74 -52.99
C ARG J 563 -105.60 26.16 -52.43
N ILE J 564 -104.95 26.34 -51.28
CA ILE J 564 -104.85 27.67 -50.68
C ILE J 564 -103.70 28.44 -51.32
N ALA J 565 -102.97 27.78 -52.21
CA ALA J 565 -102.03 28.50 -53.05
C ALA J 565 -102.80 29.31 -54.09
N LEU J 566 -104.08 29.00 -54.23
CA LEU J 566 -104.95 29.65 -55.22
C LEU J 566 -105.78 30.79 -54.63
N MET J 567 -105.57 31.12 -53.36
CA MET J 567 -106.29 32.22 -52.71
C MET J 567 -106.22 33.50 -53.53
N ALA J 568 -105.02 34.07 -53.62
CA ALA J 568 -104.75 35.12 -54.58
C ALA J 568 -103.95 34.52 -55.72
N GLU J 569 -104.59 34.38 -56.89
CA GLU J 569 -104.00 33.58 -57.95
C GLU J 569 -103.51 34.39 -59.14
N ASP J 570 -102.20 34.53 -59.24
CA ASP J 570 -101.54 34.92 -60.48
C ASP J 570 -100.95 33.67 -61.13
N GLU J 571 -101.17 32.54 -60.48
CA GLU J 571 -100.42 31.32 -60.76
C GLU J 571 -101.21 30.29 -61.57
N ALA J 572 -100.53 29.67 -62.53
CA ALA J 572 -101.08 28.57 -63.31
C ALA J 572 -100.67 27.22 -62.71
N ILE J 573 -99.99 27.28 -61.56
CA ILE J 573 -99.41 26.10 -60.91
C ILE J 573 -100.40 24.96 -60.69
N PHE J 574 -101.52 25.23 -60.03
CA PHE J 574 -102.48 24.19 -59.71
C PHE J 574 -103.14 23.65 -60.98
N GLU J 575 -103.18 24.47 -62.02
CA GLU J 575 -103.69 24.04 -63.31
C GLU J 575 -102.72 23.06 -63.94
N GLU J 576 -101.44 23.19 -63.60
CA GLU J 576 -100.42 22.25 -64.04
C GLU J 576 -100.39 21.04 -63.11
N ALA J 577 -101.04 21.19 -61.95
CA ALA J 577 -101.16 20.10 -60.99
C ALA J 577 -102.35 19.20 -61.33
N HIS J 578 -103.02 19.53 -62.43
CA HIS J 578 -104.17 18.77 -62.90
C HIS J 578 -103.80 17.35 -63.31
N LYS J 579 -102.50 17.09 -63.48
CA LYS J 579 -102.02 15.76 -63.86
C LYS J 579 -101.66 14.92 -62.64
N GLN J 580 -101.82 15.50 -61.46
CA GLN J 580 -101.48 14.79 -60.22
C GLN J 580 -102.64 14.80 -59.22
N VAL J 581 -103.10 15.98 -58.82
CA VAL J 581 -104.05 16.14 -57.72
C VAL J 581 -105.35 15.34 -57.88
N GLN J 582 -105.68 14.97 -59.11
CA GLN J 582 -106.94 14.29 -59.40
C GLN J 582 -106.87 12.76 -59.45
N ARG J 583 -105.72 12.19 -59.11
CA ARG J 583 -105.46 10.79 -59.47
C ARG J 583 -106.22 9.77 -58.61
N PHE J 584 -107.12 9.05 -59.27
CA PHE J 584 -107.87 7.92 -58.72
C PHE J 584 -108.49 8.15 -57.35
N ASP J 585 -108.54 7.08 -56.55
CA ASP J 585 -108.98 7.15 -55.16
C ASP J 585 -107.78 7.11 -54.21
N ASP J 586 -106.58 6.96 -54.77
CA ASP J 586 -105.39 6.72 -53.97
C ASP J 586 -104.95 7.98 -53.25
N ARG J 587 -104.53 8.99 -54.02
CA ARG J 587 -104.19 10.28 -53.45
C ARG J 587 -105.47 11.13 -53.47
N VAL J 588 -105.35 12.43 -53.20
CA VAL J 588 -106.51 13.28 -52.97
C VAL J 588 -107.45 13.39 -54.16
N TRP J 589 -108.69 13.77 -53.88
CA TRP J 589 -109.70 14.01 -54.91
C TRP J 589 -109.99 15.51 -54.91
N PHE J 590 -110.85 15.98 -55.80
CA PHE J 590 -111.06 17.41 -55.91
C PHE J 590 -112.02 17.89 -54.81
N THR J 591 -111.47 18.73 -53.92
CA THR J 591 -112.16 19.22 -52.72
C THR J 591 -111.48 20.53 -52.33
N ASN J 592 -111.74 21.01 -51.11
CA ASN J 592 -110.83 21.96 -50.48
C ASN J 592 -110.92 23.38 -51.06
N HIS J 593 -111.86 23.58 -51.97
CA HIS J 593 -111.93 24.73 -52.89
C HIS J 593 -111.50 26.07 -52.27
N GLY J 594 -112.16 26.52 -51.20
CA GLY J 594 -111.79 27.81 -50.63
C GLY J 594 -112.24 28.98 -51.47
N ARG J 595 -111.29 29.79 -51.94
CA ARG J 595 -111.60 31.07 -52.60
C ARG J 595 -112.30 32.01 -51.61
N PHE J 596 -111.48 32.64 -50.77
CA PHE J 596 -111.90 33.36 -49.57
C PHE J 596 -112.51 32.41 -48.54
N HIS J 597 -111.64 31.57 -47.98
CA HIS J 597 -111.98 30.67 -46.89
C HIS J 597 -110.75 30.52 -46.01
N GLN J 598 -110.95 30.12 -44.76
CA GLN J 598 -109.89 29.78 -43.81
C GLN J 598 -109.07 30.97 -43.33
N HIS J 599 -109.34 32.17 -43.86
CA HIS J 599 -108.70 33.41 -43.39
C HIS J 599 -107.17 33.30 -43.31
N ARG J 600 -106.63 33.31 -42.09
CA ARG J 600 -105.19 33.26 -41.83
C ARG J 600 -104.44 34.51 -42.28
N GLN J 601 -103.45 34.32 -43.14
CA GLN J 601 -102.33 35.25 -43.32
C GLN J 601 -101.63 35.27 -41.97
N ILE J 602 -101.35 34.06 -41.47
CA ILE J 602 -100.83 33.84 -40.14
C ILE J 602 -99.35 33.44 -40.20
N ILE J 603 -98.53 34.07 -39.35
CA ILE J 603 -97.08 33.95 -39.46
C ILE J 603 -96.48 32.90 -38.50
N ASN J 604 -97.31 32.32 -37.62
CA ASN J 604 -96.77 31.40 -36.61
C ASN J 604 -96.99 29.91 -36.93
N LEU J 605 -95.89 29.21 -37.23
CA LEU J 605 -96.00 27.80 -37.58
C LEU J 605 -95.77 26.85 -36.40
N GLY J 606 -95.29 27.36 -35.27
CA GLY J 606 -94.95 26.50 -34.15
C GLY J 606 -96.10 26.11 -33.24
N ASP J 607 -96.12 24.86 -32.82
CA ASP J 607 -97.05 24.38 -31.80
C ASP J 607 -96.40 24.25 -30.42
N ASN J 608 -95.10 24.54 -30.34
CA ASN J 608 -94.30 24.16 -29.19
C ASN J 608 -94.54 24.98 -27.92
N GLU J 609 -93.86 24.59 -26.85
CA GLU J 609 -94.00 25.22 -25.53
C GLU J 609 -93.23 26.53 -25.41
N GLY J 610 -93.66 27.36 -24.47
CA GLY J 610 -92.98 28.60 -24.17
C GLY J 610 -93.47 29.18 -22.86
N ARG J 611 -92.70 30.09 -22.27
CA ARG J 611 -93.07 30.70 -20.99
C ARG J 611 -93.12 32.22 -21.08
N HIS J 612 -91.97 32.83 -21.33
CA HIS J 612 -91.90 34.29 -21.44
C HIS J 612 -91.42 34.76 -22.81
N ALA J 613 -91.95 35.90 -23.24
CA ALA J 613 -91.59 36.47 -24.54
C ALA J 613 -91.87 37.97 -24.59
N VAL J 614 -91.21 38.65 -25.53
CA VAL J 614 -91.40 40.08 -25.77
C VAL J 614 -90.55 40.53 -26.97
N TYR J 615 -90.93 41.65 -27.57
CA TYR J 615 -90.22 42.22 -28.71
C TYR J 615 -89.01 43.07 -28.32
N LEU J 616 -88.06 43.18 -29.24
CA LEU J 616 -86.93 44.08 -29.08
C LEU J 616 -87.37 45.51 -29.41
N HIS J 617 -86.81 46.48 -28.69
CA HIS J 617 -87.22 47.87 -28.84
C HIS J 617 -86.79 48.47 -30.17
N ASN J 618 -85.80 47.85 -30.81
CA ASN J 618 -85.31 48.32 -32.10
C ASN J 618 -86.14 47.77 -33.27
N ASP J 619 -87.16 46.97 -32.92
CA ASP J 619 -88.01 46.31 -33.90
C ASP J 619 -87.15 45.44 -34.82
N PHE J 620 -86.20 44.73 -34.22
CA PHE J 620 -85.34 43.82 -34.97
C PHE J 620 -85.63 42.36 -34.59
N CYS J 621 -85.37 42.01 -33.33
CA CYS J 621 -85.55 40.63 -32.89
C CYS J 621 -86.82 40.43 -32.08
N LEU J 622 -87.09 39.18 -31.73
CA LEU J 622 -88.18 38.81 -30.83
C LEU J 622 -87.69 37.73 -29.88
N ILE J 623 -87.67 38.03 -28.57
CA ILE J 623 -87.17 37.03 -27.64
C ILE J 623 -88.32 36.20 -27.06
N ALA J 624 -88.16 34.89 -27.08
CA ALA J 624 -89.13 33.97 -26.52
C ALA J 624 -88.44 32.72 -26.00
N LEU J 625 -88.90 32.19 -24.88
CA LEU J 625 -88.24 31.06 -24.24
C LEU J 625 -88.97 30.55 -23.00
N ALA J 626 -88.69 29.30 -22.62
CA ALA J 626 -89.15 28.76 -21.35
C ALA J 626 -87.99 28.20 -20.54
N SER J 627 -87.55 27.01 -20.93
CA SER J 627 -86.41 26.35 -20.29
C SER J 627 -85.12 26.52 -21.08
N GLY J 628 -85.20 27.17 -22.25
CA GLY J 628 -84.07 27.26 -23.14
C GLY J 628 -83.19 28.47 -22.97
N GLN J 629 -83.76 29.53 -22.41
CA GLN J 629 -83.07 30.82 -22.25
C GLN J 629 -82.39 31.26 -23.55
N ILE J 630 -83.15 31.24 -24.64
CA ILE J 630 -82.59 31.54 -25.96
C ILE J 630 -83.21 32.80 -26.58
N LEU J 631 -82.35 33.60 -27.20
CA LEU J 631 -82.79 34.78 -27.94
C LEU J 631 -83.14 34.41 -29.37
N LEU J 632 -84.34 34.80 -29.81
CA LEU J 632 -84.80 34.49 -31.15
C LEU J 632 -85.02 35.74 -31.97
N THR J 633 -85.50 35.60 -33.21
CA THR J 633 -85.73 36.75 -34.10
C THR J 633 -87.21 37.04 -34.48
N ASP J 634 -87.50 38.33 -34.70
CA ASP J 634 -88.84 38.82 -35.09
C ASP J 634 -88.78 39.31 -36.54
N VAL J 635 -89.72 38.87 -37.38
CA VAL J 635 -89.80 39.24 -38.80
C VAL J 635 -90.97 40.23 -39.01
N SER J 636 -90.72 41.34 -39.72
CA SER J 636 -91.73 42.38 -40.01
C SER J 636 -92.15 42.25 -41.49
N LEU J 637 -93.45 42.28 -41.80
CA LEU J 637 -93.83 42.05 -43.18
C LEU J 637 -92.73 42.63 -44.06
N GLU J 638 -92.38 41.90 -45.12
CA GLU J 638 -91.30 42.31 -46.01
C GLU J 638 -90.60 41.01 -46.38
N GLY J 639 -89.98 40.98 -47.56
CA GLY J 639 -89.32 39.76 -48.00
C GLY J 639 -88.27 39.22 -47.05
N GLU J 640 -87.39 40.10 -46.59
CA GLU J 640 -86.26 39.68 -45.77
C GLU J 640 -86.68 39.32 -44.34
N ASP J 641 -86.07 38.26 -43.81
CA ASP J 641 -86.33 37.81 -42.45
C ASP J 641 -84.99 37.42 -41.81
N THR J 642 -84.99 37.18 -40.51
CA THR J 642 -83.75 36.82 -39.81
C THR J 642 -83.98 35.75 -38.75
N TYR J 643 -83.06 34.80 -38.65
CA TYR J 643 -83.09 33.80 -37.57
C TYR J 643 -81.80 33.84 -36.77
N LEU J 644 -81.87 33.53 -35.48
CA LEU J 644 -80.70 33.56 -34.62
C LEU J 644 -80.77 32.56 -33.48
N LEU J 645 -79.63 32.02 -33.08
CA LEU J 645 -79.54 31.11 -31.95
C LEU J 645 -78.68 31.70 -30.84
N ARG J 646 -79.03 31.39 -29.59
CA ARG J 646 -78.34 31.98 -28.45
C ARG J 646 -77.89 30.94 -27.43
N ASP J 647 -78.85 30.29 -26.78
CA ASP J 647 -78.59 29.27 -25.76
C ASP J 647 -77.77 29.81 -24.59
N GLU J 648 -78.37 30.72 -23.82
CA GLU J 648 -77.75 31.24 -22.60
C GLU J 648 -77.81 30.22 -21.47
N SER J 649 -77.00 30.44 -20.44
CA SER J 649 -77.02 29.60 -19.24
C SER J 649 -78.38 29.73 -18.56
N ASP J 650 -78.73 28.73 -17.75
CA ASP J 650 -80.10 28.62 -17.27
C ASP J 650 -80.49 29.67 -16.22
N SER J 651 -81.50 30.46 -16.55
CA SER J 651 -82.10 31.42 -15.64
C SER J 651 -83.35 30.83 -15.01
N SER J 652 -83.57 29.54 -15.25
CA SER J 652 -84.87 28.90 -15.03
C SER J 652 -85.47 29.10 -13.64
N ASP J 653 -86.82 29.09 -13.62
CA ASP J 653 -87.64 29.35 -12.44
C ASP J 653 -87.58 30.80 -11.96
N ILE J 654 -87.55 31.74 -12.91
CA ILE J 654 -87.79 33.15 -12.62
C ILE J 654 -89.28 33.44 -12.54
N LEU J 655 -89.65 34.46 -11.77
CA LEU J 655 -91.05 34.85 -11.63
C LEU J 655 -91.56 35.63 -12.85
N ARG J 656 -90.78 36.62 -13.28
CA ARG J 656 -91.16 37.42 -14.43
C ARG J 656 -89.88 37.89 -15.16
N MET J 657 -90.04 38.56 -16.30
CA MET J 657 -88.90 38.98 -17.10
C MET J 657 -89.21 40.26 -17.87
N ALA J 658 -88.18 41.10 -18.07
CA ALA J 658 -88.35 42.34 -18.81
C ALA J 658 -87.14 42.63 -19.69
N VAL J 659 -87.14 43.80 -20.32
CA VAL J 659 -86.04 44.20 -21.20
C VAL J 659 -85.72 45.69 -20.97
N PHE J 660 -84.44 46.04 -21.05
CA PHE J 660 -84.01 47.41 -20.79
C PHE J 660 -83.92 48.17 -22.12
N ASN J 661 -83.62 49.46 -22.07
CA ASN J 661 -83.69 50.30 -23.26
C ASN J 661 -82.48 50.19 -24.20
N GLN J 662 -81.29 50.05 -23.62
CA GLN J 662 -80.07 50.00 -24.41
C GLN J 662 -79.63 48.57 -24.72
N GLN J 663 -80.45 47.62 -24.30
CA GLN J 663 -80.36 46.17 -24.62
C GLN J 663 -79.07 45.52 -24.13
N LYS J 664 -78.14 46.32 -23.60
CA LYS J 664 -76.89 45.80 -23.08
C LYS J 664 -77.07 45.30 -21.66
N HIS J 665 -78.20 45.66 -21.05
CA HIS J 665 -78.53 45.23 -19.70
C HIS J 665 -79.81 44.42 -19.69
N LEU J 666 -79.83 43.36 -18.87
CA LEU J 666 -81.01 42.51 -18.76
C LEU J 666 -81.39 42.27 -17.30
N ILE J 667 -82.58 42.71 -16.91
CA ILE J 667 -83.03 42.54 -15.54
C ILE J 667 -83.58 41.13 -15.31
N THR J 668 -83.21 40.55 -14.18
CA THR J 668 -83.65 39.20 -13.83
C THR J 668 -83.88 39.07 -12.33
N LEU J 669 -84.96 38.39 -11.95
CA LEU J 669 -85.26 38.15 -10.54
C LEU J 669 -85.74 36.72 -10.33
N HIS J 670 -85.43 36.16 -9.16
CA HIS J 670 -85.72 34.76 -8.88
C HIS J 670 -86.77 34.60 -7.78
N CYS J 671 -87.07 33.34 -7.45
CA CYS J 671 -87.99 33.03 -6.37
C CYS J 671 -87.56 33.65 -5.05
N ASN J 672 -86.41 33.20 -4.54
CA ASN J 672 -85.83 33.79 -3.34
C ASN J 672 -85.25 35.17 -3.62
N GLY J 673 -85.09 35.47 -4.91
CA GLY J 673 -84.61 36.77 -5.34
C GLY J 673 -83.13 36.78 -5.70
N SER J 674 -82.79 37.59 -6.70
CA SER J 674 -81.43 37.72 -7.22
C SER J 674 -81.41 38.73 -8.35
N VAL J 675 -80.22 39.16 -8.75
CA VAL J 675 -80.06 40.05 -9.89
C VAL J 675 -79.02 39.50 -10.86
N LYS J 676 -79.46 39.13 -12.05
CA LYS J 676 -78.56 38.54 -13.04
C LYS J 676 -78.58 39.33 -14.35
N LEU J 677 -77.43 39.87 -14.72
CA LEU J 677 -77.32 40.70 -15.92
C LEU J 677 -76.76 39.91 -17.10
N TRP J 678 -77.27 40.20 -18.29
CA TRP J 678 -76.79 39.55 -19.51
C TRP J 678 -76.52 40.57 -20.61
N SER J 679 -75.82 40.11 -21.65
CA SER J 679 -75.52 40.96 -22.80
C SER J 679 -75.98 40.28 -24.09
N LEU J 680 -76.77 40.99 -24.88
CA LEU J 680 -77.30 40.44 -26.13
C LEU J 680 -76.21 40.32 -27.19
N TRP J 681 -75.09 41.01 -26.97
CA TRP J 681 -73.96 40.93 -27.88
C TRP J 681 -73.32 39.55 -27.80
N PRO J 682 -73.29 38.82 -28.93
CA PRO J 682 -72.74 37.46 -28.97
C PRO J 682 -71.23 37.43 -28.79
N ASN J 699 -72.04 37.42 -11.33
CA ASN J 699 -72.91 38.43 -11.91
C ASN J 699 -74.11 38.75 -11.02
N SER J 700 -74.16 38.11 -9.86
CA SER J 700 -75.26 38.30 -8.93
C SER J 700 -74.75 38.52 -7.50
N VAL J 701 -75.12 39.65 -6.90
CA VAL J 701 -74.72 39.96 -5.54
C VAL J 701 -75.91 40.35 -4.65
N VAL J 702 -76.19 39.50 -3.67
CA VAL J 702 -77.25 39.75 -2.70
C VAL J 702 -76.60 40.33 -1.44
N LYS J 703 -75.29 40.45 -1.48
CA LYS J 703 -74.49 40.79 -0.30
C LYS J 703 -74.59 42.25 0.10
N ARG J 704 -73.73 42.65 1.04
CA ARG J 704 -73.71 44.00 1.61
C ARG J 704 -75.02 44.33 2.33
N PHE J 705 -75.57 45.50 2.04
CA PHE J 705 -76.78 45.99 2.71
C PHE J 705 -77.96 45.06 2.54
N ILE J 706 -78.76 44.94 3.59
CA ILE J 706 -79.96 44.09 3.62
C ILE J 706 -79.53 42.65 3.26
N GLY J 707 -80.02 42.13 2.14
CA GLY J 707 -79.70 40.78 1.73
C GLY J 707 -80.26 39.73 2.68
N SER J 708 -81.48 39.96 3.14
CA SER J 708 -82.14 39.05 4.06
C SER J 708 -82.51 37.73 3.38
N TYR J 709 -82.71 36.68 4.18
CA TYR J 709 -83.06 35.37 3.66
C TYR J 709 -84.56 35.14 3.79
N ALA J 710 -85.25 35.10 2.64
CA ALA J 710 -86.70 34.96 2.58
C ALA J 710 -87.16 34.87 1.12
N ASN J 711 -88.45 34.62 0.93
CA ASN J 711 -89.02 34.50 -0.40
C ASN J 711 -89.39 35.85 -0.99
N LEU J 712 -89.03 36.07 -2.25
CA LEU J 712 -89.35 37.33 -2.93
C LEU J 712 -90.68 37.24 -3.67
N LYS J 713 -91.47 38.29 -3.56
CA LYS J 713 -92.77 38.35 -4.21
C LYS J 713 -92.65 38.83 -5.66
N ILE J 714 -93.80 39.10 -6.27
CA ILE J 714 -93.85 39.55 -7.65
C ILE J 714 -93.47 41.04 -7.71
N VAL J 715 -93.44 41.67 -6.54
CA VAL J 715 -93.20 43.11 -6.42
C VAL J 715 -91.93 43.58 -7.11
N ALA J 716 -92.07 44.57 -7.97
CA ALA J 716 -90.97 45.19 -8.70
C ALA J 716 -91.49 46.35 -9.55
N PHE J 717 -90.59 47.24 -9.95
CA PHE J 717 -90.95 48.43 -10.71
C PHE J 717 -89.72 49.27 -11.07
N TYR J 718 -89.93 50.30 -11.87
CA TYR J 718 -88.84 51.18 -12.31
C TYR J 718 -89.06 52.61 -11.83
N LEU J 719 -88.00 53.24 -11.33
CA LEU J 719 -88.07 54.61 -10.85
C LEU J 719 -87.42 55.58 -11.83
N ASN J 720 -87.45 56.86 -11.50
CA ASN J 720 -86.78 57.89 -12.30
C ASN J 720 -85.38 58.14 -11.76
N GLU J 721 -84.71 59.16 -12.28
CA GLU J 721 -83.36 59.47 -11.84
C GLU J 721 -83.37 60.52 -10.73
N ASP J 722 -83.03 60.09 -9.52
CA ASP J 722 -83.00 60.98 -8.36
C ASP J 722 -81.59 61.50 -8.07
N ALA J 723 -80.62 61.05 -8.86
CA ALA J 723 -79.22 61.40 -8.63
C ALA J 723 -78.73 62.44 -9.65
N GLY J 724 -78.56 62.00 -10.89
CA GLY J 724 -78.05 62.87 -11.94
C GLY J 724 -78.98 64.01 -12.27
N LEU J 725 -80.23 63.68 -12.58
CA LEU J 725 -81.22 64.69 -12.94
C LEU J 725 -82.64 64.17 -12.72
N ILE J 730 -80.44 60.20 -17.59
CA ILE J 730 -79.27 59.31 -17.65
C ILE J 730 -79.70 57.85 -17.75
N GLN J 731 -80.62 57.45 -16.88
CA GLN J 731 -81.08 56.07 -16.79
C GLN J 731 -82.19 55.95 -15.75
N LEU J 732 -82.96 54.86 -15.82
CA LEU J 732 -84.05 54.63 -14.89
C LEU J 732 -83.65 53.55 -13.88
N HIS J 733 -83.81 53.86 -12.60
CA HIS J 733 -83.41 52.93 -11.54
C HIS J 733 -84.40 51.80 -11.36
N VAL J 734 -84.09 50.89 -10.44
CA VAL J 734 -84.94 49.73 -10.17
C VAL J 734 -85.13 49.58 -8.66
N ALA J 735 -86.37 49.33 -8.25
CA ALA J 735 -86.66 49.13 -6.83
C ALA J 735 -87.77 48.11 -6.62
N PHE J 736 -87.68 47.37 -5.52
CA PHE J 736 -88.68 46.35 -5.20
C PHE J 736 -88.72 46.05 -3.70
N ILE J 737 -89.61 45.15 -3.30
CA ILE J 737 -89.79 44.82 -1.89
C ILE J 737 -89.61 43.34 -1.62
N ASN J 738 -88.70 43.02 -0.70
CA ASN J 738 -88.43 41.64 -0.32
C ASN J 738 -89.42 41.14 0.74
N GLY J 739 -89.14 39.96 1.30
CA GLY J 739 -89.95 39.41 2.37
C GLY J 739 -89.56 39.99 3.72
N ASP J 740 -88.74 41.02 3.69
CA ASP J 740 -88.29 41.71 4.90
C ASP J 740 -89.23 42.85 5.27
N VAL J 741 -90.35 42.93 4.54
CA VAL J 741 -91.38 43.98 4.67
C VAL J 741 -90.76 45.37 4.79
N SER J 742 -89.78 45.63 3.94
CA SER J 742 -89.14 46.94 3.85
C SER J 742 -88.77 47.23 2.40
N ILE J 743 -88.86 48.50 2.01
CA ILE J 743 -88.58 48.88 0.62
C ILE J 743 -87.09 48.77 0.31
N LEU J 744 -86.78 48.31 -0.90
CA LEU J 744 -85.41 48.18 -1.34
C LEU J 744 -85.17 48.92 -2.65
N ASN J 745 -84.21 49.83 -2.64
CA ASN J 745 -83.88 50.63 -3.82
C ASN J 745 -82.51 50.28 -4.40
N TRP J 746 -82.40 50.38 -5.72
CA TRP J 746 -81.13 50.12 -6.40
C TRP J 746 -80.76 51.29 -7.30
N ASP J 747 -79.58 51.86 -7.08
CA ASP J 747 -79.13 52.99 -7.88
C ASP J 747 -78.11 52.55 -8.93
N GLU J 748 -78.53 52.58 -10.19
CA GLU J 748 -77.66 52.21 -11.30
C GLU J 748 -77.63 53.27 -12.41
N GLN J 749 -76.51 53.98 -12.52
CA GLN J 749 -76.35 54.91 -13.65
C GLN J 749 -75.39 54.47 -14.76
N ASP J 750 -74.59 53.43 -14.54
CA ASP J 750 -73.58 53.08 -15.55
C ASP J 750 -73.46 51.58 -15.86
N GLN J 751 -72.86 50.84 -14.94
CA GLN J 751 -72.49 49.44 -15.16
C GLN J 751 -72.90 48.54 -14.00
N GLU J 752 -72.24 48.74 -12.86
CA GLU J 752 -72.46 47.92 -11.68
C GLU J 752 -73.15 48.72 -10.58
N PHE J 753 -73.91 48.01 -9.75
CA PHE J 753 -74.73 48.66 -8.72
C PHE J 753 -73.90 49.41 -7.68
N LYS J 754 -74.50 50.42 -7.09
CA LYS J 754 -73.82 51.30 -6.14
C LYS J 754 -74.32 51.11 -4.71
N LEU J 755 -75.60 51.40 -4.52
CA LEU J 755 -76.24 51.40 -3.20
C LEU J 755 -75.56 52.42 -2.28
N SER J 756 -75.77 53.69 -2.58
CA SER J 756 -75.15 54.77 -1.82
C SER J 756 -75.85 55.01 -0.48
N HIS J 757 -75.08 54.91 0.60
CA HIS J 757 -75.55 55.16 1.96
C HIS J 757 -76.81 54.37 2.34
N VAL J 758 -77.71 55.03 3.05
CA VAL J 758 -78.91 54.40 3.59
C VAL J 758 -80.10 54.48 2.63
N PRO J 759 -81.05 53.53 2.76
CA PRO J 759 -82.32 53.57 2.04
C PRO J 759 -83.18 54.78 2.43
N VAL J 760 -82.83 55.41 3.55
CA VAL J 760 -83.41 56.68 4.02
C VAL J 760 -84.81 56.48 4.63
N LEU J 761 -85.43 55.33 4.35
CA LEU J 761 -86.77 55.03 4.82
C LEU J 761 -87.20 53.62 4.43
N LYS J 762 -88.22 53.09 5.11
CA LYS J 762 -88.77 51.78 4.79
C LYS J 762 -90.26 51.88 4.49
N THR J 763 -90.89 50.74 4.22
CA THR J 763 -92.31 50.70 3.90
C THR J 763 -93.03 49.69 4.80
N MET J 764 -94.16 50.11 5.37
CA MET J 764 -94.93 49.26 6.27
C MET J 764 -95.54 48.06 5.55
N GLN J 765 -95.42 46.89 6.16
CA GLN J 765 -95.93 45.63 5.62
C GLN J 765 -95.41 45.35 4.22
N SER J 766 -96.28 44.83 3.35
CA SER J 766 -95.91 44.56 1.97
C SER J 766 -97.14 44.60 1.05
N GLY J 767 -96.92 45.06 -0.18
CA GLY J 767 -97.96 45.06 -1.19
C GLY J 767 -97.70 44.03 -2.27
N ILE J 768 -98.38 44.17 -3.40
CA ILE J 768 -98.11 43.33 -4.57
C ILE J 768 -97.72 44.22 -5.76
N ARG J 769 -98.59 45.12 -6.20
CA ARG J 769 -98.28 45.99 -7.33
C ARG J 769 -97.95 47.39 -6.87
N CYS J 770 -96.67 47.77 -6.97
CA CYS J 770 -96.22 49.08 -6.50
C CYS J 770 -95.51 49.82 -7.61
N PHE J 771 -95.76 51.12 -7.73
CA PHE J 771 -95.09 51.90 -8.77
C PHE J 771 -95.07 53.39 -8.41
N VAL J 772 -94.22 54.17 -9.09
CA VAL J 772 -94.10 55.59 -8.80
C VAL J 772 -95.10 56.44 -9.60
N GLN J 773 -95.65 57.46 -8.95
CA GLN J 773 -96.54 58.40 -9.63
C GLN J 773 -95.76 59.37 -10.50
N VAL J 774 -96.46 60.37 -11.04
CA VAL J 774 -95.83 61.41 -11.83
C VAL J 774 -94.86 62.23 -10.97
N LEU J 775 -95.08 62.21 -9.66
CA LEU J 775 -94.17 62.84 -8.71
C LEU J 775 -93.30 61.79 -8.03
N LYS J 776 -92.01 62.09 -7.90
CA LYS J 776 -91.07 61.14 -7.31
C LYS J 776 -91.20 61.04 -5.80
N ARG J 777 -92.02 61.92 -5.22
CA ARG J 777 -92.20 61.96 -3.77
C ARG J 777 -93.28 60.99 -3.29
N TYR J 778 -94.06 60.45 -4.22
CA TYR J 778 -95.17 59.58 -3.87
C TYR J 778 -95.11 58.24 -4.61
N TYR J 779 -95.44 57.17 -3.90
CA TYR J 779 -95.42 55.82 -4.47
C TYR J 779 -96.76 55.13 -4.24
N VAL J 780 -97.43 54.72 -5.31
CA VAL J 780 -98.68 53.96 -5.15
C VAL J 780 -98.37 52.50 -4.84
N VAL J 781 -99.07 51.99 -3.82
CA VAL J 781 -98.87 50.64 -3.33
C VAL J 781 -100.18 49.86 -3.32
N CYS J 782 -100.16 48.68 -3.93
CA CYS J 782 -101.33 47.82 -3.97
C CYS J 782 -101.00 46.46 -3.37
N THR J 783 -101.86 46.00 -2.46
CA THR J 783 -101.65 44.75 -1.75
C THR J 783 -102.51 43.63 -2.34
N SER J 784 -102.44 42.45 -1.73
CA SER J 784 -103.19 41.29 -2.19
C SER J 784 -104.63 41.33 -1.70
N ASN J 785 -104.95 42.32 -0.87
CA ASN J 785 -106.29 42.48 -0.34
C ASN J 785 -107.16 43.34 -1.25
N CYS J 786 -106.58 43.73 -2.38
CA CYS J 786 -107.27 44.56 -3.38
C CYS J 786 -107.73 45.88 -2.80
N THR J 787 -106.86 46.53 -2.04
CA THR J 787 -107.16 47.83 -1.45
C THR J 787 -106.14 48.87 -1.92
N LEU J 788 -106.52 50.14 -1.84
CA LEU J 788 -105.64 51.22 -2.26
C LEU J 788 -104.99 51.90 -1.06
N THR J 789 -103.69 51.72 -0.93
CA THR J 789 -102.93 52.32 0.16
C THR J 789 -101.69 53.04 -0.36
N VAL J 790 -101.18 53.99 0.42
CA VAL J 790 -100.01 54.75 -0.01
C VAL J 790 -99.08 55.10 1.16
N TRP J 791 -97.79 54.94 0.94
CA TRP J 791 -96.77 55.41 1.89
C TRP J 791 -95.88 56.44 1.22
N ASP J 792 -95.94 57.68 1.70
CA ASP J 792 -95.20 58.78 1.12
C ASP J 792 -93.71 58.64 1.34
N LEU J 793 -92.92 58.97 0.31
CA LEU J 793 -91.47 58.91 0.40
C LEU J 793 -90.95 60.01 1.32
N THR J 794 -91.40 61.24 1.06
CA THR J 794 -91.06 62.37 1.93
C THR J 794 -92.25 62.74 2.80
N ASN J 795 -92.06 63.71 3.68
CA ASN J 795 -93.09 64.17 4.60
C ASN J 795 -93.78 63.03 5.34
N GLY J 796 -93.02 62.32 6.17
CA GLY J 796 -93.53 61.17 6.90
C GLY J 796 -93.63 59.94 6.02
N SER J 797 -94.25 58.89 6.53
CA SER J 797 -94.42 57.65 5.77
C SER J 797 -95.88 57.43 5.39
N SER J 798 -96.69 57.04 6.37
CA SER J 798 -98.11 56.84 6.14
C SER J 798 -98.89 58.11 6.48
N ASN J 799 -99.66 58.61 5.52
CA ASN J 799 -100.36 59.87 5.73
C ASN J 799 -101.88 59.71 5.71
N THR J 800 -102.45 59.54 4.53
CA THR J 800 -103.91 59.53 4.39
C THR J 800 -104.42 58.83 3.13
N LEU J 801 -105.71 59.02 2.86
CA LEU J 801 -106.40 58.54 1.67
C LEU J 801 -106.40 57.02 1.54
N GLU J 802 -107.06 56.36 2.48
CA GLU J 802 -107.37 54.93 2.37
C GLU J 802 -108.82 54.81 1.89
N LEU J 803 -109.47 55.95 1.74
CA LEU J 803 -110.91 56.04 1.54
C LEU J 803 -111.43 55.72 0.14
N HIS J 804 -112.69 55.28 0.09
CA HIS J 804 -113.46 55.14 -1.14
C HIS J 804 -112.85 54.23 -2.21
N VAL J 805 -112.85 52.93 -1.95
CA VAL J 805 -112.57 51.95 -2.99
C VAL J 805 -113.88 51.43 -3.58
N PHE J 806 -113.92 51.26 -4.89
CA PHE J 806 -115.16 50.90 -5.59
C PHE J 806 -115.72 49.54 -5.19
N ASN J 807 -114.93 48.49 -5.38
CA ASN J 807 -115.39 47.14 -5.08
C ASN J 807 -114.33 46.30 -4.37
N VAL J 808 -114.67 45.81 -3.18
CA VAL J 808 -113.77 44.95 -2.41
C VAL J 808 -114.04 43.48 -2.70
N GLU J 809 -115.12 43.20 -3.43
CA GLU J 809 -115.51 41.83 -3.72
C GLU J 809 -115.08 41.40 -5.12
N ASN J 810 -114.13 40.49 -5.19
CA ASN J 810 -113.66 39.95 -6.46
C ASN J 810 -114.59 38.87 -7.00
N ASP J 811 -114.60 38.70 -8.33
CA ASP J 811 -115.35 37.62 -8.94
C ASP J 811 -114.70 36.27 -8.61
N THR J 812 -113.37 36.23 -8.70
CA THR J 812 -112.60 35.08 -8.29
C THR J 812 -111.42 35.56 -7.45
N PRO J 813 -111.07 34.79 -6.40
CA PRO J 813 -109.97 35.21 -5.52
C PRO J 813 -108.64 35.36 -6.25
N LEU J 814 -108.03 36.53 -6.12
CA LEU J 814 -106.77 36.86 -6.80
C LEU J 814 -106.08 38.01 -6.07
N ALA J 815 -105.01 38.51 -6.68
CA ALA J 815 -104.35 39.72 -6.21
C ALA J 815 -104.82 40.90 -7.04
N LEU J 816 -104.33 42.10 -6.73
CA LEU J 816 -104.71 43.28 -7.48
C LEU J 816 -103.98 43.28 -8.83
N ASP J 817 -104.59 43.91 -9.83
CA ASP J 817 -104.08 43.85 -11.20
C ASP J 817 -102.85 44.73 -11.41
N VAL J 818 -102.42 44.84 -12.66
CA VAL J 818 -101.22 45.59 -13.00
C VAL J 818 -101.48 47.08 -13.15
N PHE J 819 -100.70 47.89 -12.45
CA PHE J 819 -100.80 49.35 -12.55
C PHE J 819 -100.06 49.85 -13.79
N ASP J 820 -100.58 50.89 -14.44
CA ASP J 820 -100.04 51.36 -15.71
C ASP J 820 -99.69 52.85 -15.70
N GLU J 821 -99.25 53.35 -16.86
CA GLU J 821 -98.90 54.75 -17.03
C GLU J 821 -99.48 55.36 -18.30
N ARG J 822 -99.43 56.68 -18.39
CA ARG J 822 -99.87 57.40 -19.57
C ARG J 822 -98.73 58.26 -20.13
N SER J 823 -98.99 58.95 -21.23
CA SER J 823 -98.00 59.83 -21.82
C SER J 823 -98.08 61.23 -21.20
N LYS J 824 -99.15 61.45 -20.43
CA LYS J 824 -99.34 62.73 -19.76
C LYS J 824 -98.51 62.83 -18.49
N THR J 825 -98.21 64.07 -18.08
CA THR J 825 -97.42 64.30 -16.88
C THR J 825 -98.30 64.42 -15.65
N ALA J 826 -99.61 64.23 -15.83
CA ALA J 826 -100.56 64.31 -14.73
C ALA J 826 -101.44 63.07 -14.67
N THR J 827 -102.27 62.88 -15.69
CA THR J 827 -103.19 61.75 -15.76
C THR J 827 -102.45 60.41 -15.81
N VAL J 828 -102.81 59.50 -14.90
CA VAL J 828 -102.22 58.17 -14.90
C VAL J 828 -103.27 57.10 -15.21
N LEU J 829 -102.81 55.86 -15.30
CA LEU J 829 -103.66 54.76 -15.76
C LEU J 829 -103.63 53.56 -14.82
N LEU J 830 -104.78 52.90 -14.69
CA LEU J 830 -104.92 51.72 -13.85
C LEU J 830 -106.03 50.83 -14.41
N ILE J 831 -105.96 49.54 -14.14
CA ILE J 831 -107.02 48.62 -14.54
C ILE J 831 -107.34 47.64 -13.42
N PHE J 832 -108.63 47.46 -13.13
CA PHE J 832 -109.05 46.51 -12.11
C PHE J 832 -110.13 45.58 -12.64
N LYS J 833 -109.78 44.29 -12.78
CA LYS J 833 -110.71 43.27 -13.24
C LYS J 833 -111.40 43.66 -14.56
N TYR J 834 -112.73 43.77 -14.51
CA TYR J 834 -113.52 44.04 -15.71
C TYR J 834 -113.68 45.53 -15.96
N SER J 835 -113.12 46.36 -15.08
CA SER J 835 -113.24 47.80 -15.19
C SER J 835 -111.88 48.46 -15.37
N VAL J 836 -111.88 49.65 -16.00
CA VAL J 836 -110.65 50.40 -16.20
C VAL J 836 -110.70 51.72 -15.45
N TRP J 837 -109.71 51.95 -14.60
CA TRP J 837 -109.67 53.14 -13.76
C TRP J 837 -108.61 54.13 -14.25
N ARG J 838 -109.04 55.23 -14.84
CA ARG J 838 -108.13 56.29 -15.26
C ARG J 838 -108.07 57.36 -14.18
N LEU J 839 -106.87 57.62 -13.67
CA LEU J 839 -106.71 58.48 -12.51
C LEU J 839 -105.98 59.78 -12.82
N ASN J 840 -105.88 60.63 -11.79
CA ASN J 840 -105.38 61.99 -11.92
C ASN J 840 -104.84 62.50 -10.59
N PHE J 841 -104.14 63.63 -10.63
CA PHE J 841 -103.70 64.29 -9.40
C PHE J 841 -104.94 64.70 -8.61
N LEU J 842 -104.74 64.93 -7.31
CA LEU J 842 -105.80 65.00 -6.28
C LEU J 842 -106.16 63.55 -5.88
N PRO J 843 -106.81 63.36 -4.71
CA PRO J 843 -106.96 62.03 -4.12
C PRO J 843 -107.44 60.92 -5.06
N GLY J 844 -108.41 61.20 -5.93
CA GLY J 844 -108.85 60.18 -6.88
C GLY J 844 -110.30 60.27 -7.33
N LEU J 845 -110.81 59.14 -7.81
CA LEU J 845 -112.16 59.04 -8.34
C LEU J 845 -112.34 60.05 -9.46
N SER J 846 -111.69 59.78 -10.59
CA SER J 846 -111.72 60.69 -11.73
C SER J 846 -112.44 60.07 -12.92
N VAL J 847 -111.78 59.12 -13.59
CA VAL J 847 -112.37 58.50 -14.78
C VAL J 847 -112.54 57.00 -14.61
N SER J 848 -113.70 56.49 -14.99
CA SER J 848 -113.96 55.06 -14.97
C SER J 848 -114.58 54.61 -16.30
N LEU J 849 -113.88 53.72 -17.01
CA LEU J 849 -114.32 53.31 -18.33
C LEU J 849 -114.35 51.79 -18.50
N GLN J 850 -115.27 51.34 -19.35
CA GLN J 850 -115.38 49.93 -19.73
C GLN J 850 -115.71 49.83 -21.22
N SER J 851 -114.99 48.97 -21.93
CA SER J 851 -115.22 48.81 -23.36
C SER J 851 -116.57 48.13 -23.62
N GLU J 852 -116.74 46.96 -23.02
CA GLU J 852 -118.01 46.22 -23.10
C GLU J 852 -118.01 45.05 -22.11
N ALA J 853 -119.10 44.28 -22.12
CA ALA J 853 -119.22 43.14 -21.24
C ALA J 853 -118.42 41.95 -21.74
N VAL J 854 -118.46 40.84 -21.00
CA VAL J 854 -117.75 39.63 -21.37
C VAL J 854 -118.45 38.91 -22.52
N GLY J 859 -113.92 34.21 -17.61
CA GLY J 859 -112.97 33.63 -16.69
C GLY J 859 -112.27 34.68 -15.85
N SER J 860 -111.21 34.27 -15.16
CA SER J 860 -110.44 35.17 -14.32
C SER J 860 -109.54 36.06 -15.17
N PHE J 861 -109.23 37.25 -14.64
CA PHE J 861 -108.37 38.19 -15.36
C PHE J 861 -106.90 37.99 -14.99
N ILE J 862 -106.09 37.66 -15.99
CA ILE J 862 -104.67 37.41 -15.76
C ILE J 862 -103.78 38.24 -16.70
N THR J 863 -103.91 38.04 -18.01
CA THR J 863 -103.01 38.67 -18.98
C THR J 863 -103.56 40.02 -19.48
N CYS J 864 -102.65 40.97 -19.69
CA CYS J 864 -103.01 42.28 -20.18
C CYS J 864 -101.87 42.90 -20.99
N GLY J 865 -102.21 43.71 -21.98
CA GLY J 865 -101.21 44.35 -22.82
C GLY J 865 -101.01 45.80 -22.46
N LYS J 866 -100.37 46.53 -23.38
CA LYS J 866 -100.04 47.94 -23.16
C LYS J 866 -99.38 48.50 -24.43
N ARG J 867 -99.37 49.82 -24.57
CA ARG J 867 -98.76 50.48 -25.72
C ARG J 867 -98.04 51.76 -25.30
N SER J 868 -97.07 52.20 -26.10
CA SER J 868 -96.31 53.40 -25.78
C SER J 868 -96.25 54.38 -26.94
N THR J 869 -95.55 53.98 -28.00
CA THR J 869 -95.35 54.83 -29.17
C THR J 869 -96.62 54.90 -30.01
N ASP J 870 -97.49 53.91 -29.84
CA ASP J 870 -98.71 53.80 -30.62
C ASP J 870 -99.73 54.88 -30.26
N GLY J 871 -99.40 55.69 -29.25
CA GLY J 871 -100.33 56.70 -28.76
C GLY J 871 -100.94 56.33 -27.43
N ARG J 872 -100.35 55.34 -26.76
CA ARG J 872 -100.75 54.92 -25.43
C ARG J 872 -102.21 54.44 -25.40
N TYR J 873 -102.53 53.51 -26.29
CA TYR J 873 -103.85 52.89 -26.31
C TYR J 873 -103.79 51.60 -25.50
N LEU J 874 -104.78 51.36 -24.66
CA LEU J 874 -104.68 50.29 -23.67
C LEU J 874 -105.31 48.98 -24.11
N LEU J 875 -104.49 47.96 -24.30
CA LEU J 875 -104.97 46.60 -24.57
C LEU J 875 -105.59 46.02 -23.30
N LEU J 876 -106.80 45.47 -23.43
CA LEU J 876 -107.51 44.97 -22.26
C LEU J 876 -108.64 44.01 -22.58
N GLY J 877 -109.28 43.49 -21.54
CA GLY J 877 -110.47 42.67 -21.69
C GLY J 877 -110.80 41.86 -20.45
N THR J 878 -112.02 41.35 -20.39
CA THR J 878 -112.45 40.45 -19.32
C THR J 878 -111.62 39.18 -19.29
N SER J 879 -111.85 38.33 -20.29
CA SER J 879 -111.12 37.07 -20.47
C SER J 879 -110.62 36.98 -21.90
N GLU J 880 -111.59 36.94 -22.83
CA GLU J 880 -111.33 36.98 -24.27
C GLU J 880 -110.36 35.90 -24.75
N GLY J 881 -110.83 34.66 -24.77
CA GLY J 881 -110.13 33.58 -25.43
C GLY J 881 -110.26 33.77 -26.94
N LEU J 882 -111.11 34.71 -27.32
CA LEU J 882 -111.29 35.09 -28.72
C LEU J 882 -111.47 36.60 -28.85
N ILE J 883 -110.80 37.19 -29.84
CA ILE J 883 -110.92 38.62 -30.14
C ILE J 883 -110.53 39.48 -28.93
N VAL J 884 -109.24 39.55 -28.64
CA VAL J 884 -108.71 40.42 -27.61
C VAL J 884 -109.01 41.88 -27.96
N TYR J 885 -109.41 42.67 -26.96
CA TYR J 885 -109.89 44.03 -27.19
C TYR J 885 -108.83 45.09 -26.94
N ASP J 886 -108.86 46.13 -27.78
CA ASP J 886 -108.00 47.30 -27.60
C ASP J 886 -108.85 48.54 -27.35
N LEU J 887 -108.39 49.39 -26.43
CA LEU J 887 -109.13 50.60 -26.08
C LEU J 887 -108.38 51.87 -26.46
N LYS J 888 -108.97 52.64 -27.36
CA LYS J 888 -108.42 53.93 -27.76
C LYS J 888 -108.78 54.98 -26.72
N ILE J 889 -107.92 55.98 -26.55
CA ILE J 889 -108.11 57.02 -25.54
C ILE J 889 -109.45 57.75 -25.70
N SER J 890 -110.21 57.78 -24.61
CA SER J 890 -111.45 58.56 -24.49
C SER J 890 -112.58 58.09 -25.40
N ASP J 891 -112.31 57.13 -26.28
CA ASP J 891 -113.34 56.63 -27.18
C ASP J 891 -113.54 55.13 -27.06
N PRO J 892 -114.80 54.68 -27.15
CA PRO J 892 -115.15 53.25 -27.09
C PRO J 892 -115.22 52.60 -28.48
N VAL J 893 -114.07 52.42 -29.11
CA VAL J 893 -114.04 51.82 -30.44
C VAL J 893 -112.97 50.72 -30.51
N LEU J 894 -113.27 49.65 -31.24
CA LEU J 894 -112.34 48.54 -31.39
C LEU J 894 -111.78 48.46 -32.81
N ARG J 895 -110.51 48.78 -32.95
CA ARG J 895 -109.85 48.74 -34.25
C ARG J 895 -109.07 47.45 -34.46
N SER J 896 -109.09 46.58 -33.46
CA SER J 896 -108.31 45.34 -33.50
C SER J 896 -109.20 44.10 -33.65
N ASN J 897 -108.67 43.09 -34.31
CA ASN J 897 -109.41 41.85 -34.52
C ASN J 897 -108.51 40.63 -34.42
N VAL J 898 -109.02 39.54 -33.85
CA VAL J 898 -108.24 38.32 -33.71
C VAL J 898 -108.90 37.13 -34.42
N SER J 899 -108.26 36.67 -35.50
CA SER J 899 -108.74 35.50 -36.23
C SER J 899 -108.00 34.24 -35.83
N GLU J 900 -107.02 34.38 -34.93
CA GLU J 900 -106.19 33.25 -34.52
C GLU J 900 -106.69 32.61 -33.23
N HIS J 901 -107.79 33.15 -32.71
CA HIS J 901 -108.32 32.80 -31.39
C HIS J 901 -107.21 33.03 -30.36
N ILE J 902 -107.13 32.18 -29.33
CA ILE J 902 -106.02 32.15 -28.37
C ILE J 902 -106.35 31.16 -27.24
N GLU J 903 -105.33 30.77 -26.48
CA GLU J 903 -105.53 30.00 -25.26
C GLU J 903 -105.10 30.89 -24.09
N CYS J 904 -105.28 30.44 -22.86
CA CYS J 904 -104.91 31.26 -21.70
C CYS J 904 -104.06 30.52 -20.68
N VAL J 905 -102.80 30.93 -20.55
CA VAL J 905 -101.91 30.41 -19.51
C VAL J 905 -101.18 31.52 -18.74
N ASP J 906 -100.37 32.31 -19.44
CA ASP J 906 -99.51 33.30 -18.78
C ASP J 906 -99.94 34.73 -19.07
N ILE J 907 -99.18 35.68 -18.50
CA ILE J 907 -99.57 37.08 -18.49
C ILE J 907 -98.92 37.92 -19.62
N TYR J 908 -98.05 37.30 -20.40
CA TYR J 908 -97.23 38.07 -21.33
C TYR J 908 -97.98 38.50 -22.58
N GLU J 909 -98.09 39.81 -22.78
CA GLU J 909 -98.62 40.38 -24.01
C GLU J 909 -98.07 41.79 -24.23
N LEU J 910 -97.86 42.18 -25.49
CA LEU J 910 -97.37 43.52 -25.84
C LEU J 910 -97.29 43.70 -27.35
N PHE J 911 -97.28 44.95 -27.79
CA PHE J 911 -97.23 45.28 -29.21
C PHE J 911 -96.04 46.16 -29.58
N ASP J 912 -95.44 45.87 -30.72
CA ASP J 912 -94.28 46.61 -31.21
C ASP J 912 -94.58 48.06 -31.60
N PRO J 913 -93.55 48.96 -31.41
CA PRO J 913 -93.86 50.35 -31.79
C PRO J 913 -94.19 50.50 -33.28
N VAL J 914 -93.48 49.77 -34.13
CA VAL J 914 -93.64 49.78 -35.58
C VAL J 914 -92.70 50.77 -36.30
N TYR J 915 -91.91 51.51 -35.53
CA TYR J 915 -90.95 52.46 -36.13
C TYR J 915 -91.53 53.16 -37.33
N LYS J 916 -92.37 54.17 -37.15
CA LYS J 916 -92.93 54.84 -38.34
C LYS J 916 -94.19 54.16 -38.89
N TYR J 917 -94.00 53.26 -39.85
CA TYR J 917 -95.09 52.55 -40.51
C TYR J 917 -95.94 51.73 -39.53
N ILE J 918 -97.24 51.67 -39.81
CA ILE J 918 -98.19 50.99 -38.94
C ILE J 918 -98.79 49.63 -39.36
N VAL J 919 -98.74 48.72 -38.39
CA VAL J 919 -99.25 47.36 -38.42
C VAL J 919 -98.91 46.82 -37.03
N LEU J 920 -99.52 45.74 -36.60
CA LEU J 920 -99.24 45.25 -35.24
C LEU J 920 -98.97 43.76 -35.15
N CYS J 921 -98.13 43.39 -34.19
CA CYS J 921 -97.80 42.01 -33.91
C CYS J 921 -97.61 41.79 -32.41
N GLY J 922 -98.12 40.68 -31.88
CA GLY J 922 -98.01 40.42 -30.46
C GLY J 922 -98.08 38.96 -30.05
N ALA J 923 -97.56 38.64 -28.86
CA ALA J 923 -97.52 37.25 -28.40
C ALA J 923 -98.40 37.04 -27.16
N LYS J 924 -99.01 35.86 -27.07
CA LYS J 924 -99.89 35.52 -25.95
C LYS J 924 -99.75 34.07 -25.49
N GLY J 925 -100.65 33.65 -24.60
CA GLY J 925 -100.58 32.37 -23.93
C GLY J 925 -100.42 31.11 -24.76
N LYS J 926 -101.02 31.07 -25.93
CA LYS J 926 -100.94 29.90 -26.81
C LYS J 926 -99.50 29.68 -27.31
N GLN J 927 -98.62 30.61 -26.97
CA GLN J 927 -97.26 30.68 -27.51
C GLN J 927 -97.34 30.77 -29.03
N VAL J 928 -97.95 31.86 -29.48
CA VAL J 928 -98.09 32.17 -30.90
C VAL J 928 -97.93 33.67 -31.09
N VAL J 929 -98.14 34.14 -32.30
CA VAL J 929 -98.08 35.57 -32.57
C VAL J 929 -99.17 36.04 -33.53
N HIS J 930 -99.90 37.07 -33.10
CA HIS J 930 -100.96 37.69 -33.91
C HIS J 930 -100.40 38.84 -34.72
N VAL J 931 -100.80 38.92 -35.98
CA VAL J 931 -100.44 40.04 -36.84
C VAL J 931 -101.70 40.65 -37.44
N HIS J 932 -101.89 41.95 -37.22
CA HIS J 932 -103.14 42.60 -37.62
C HIS J 932 -102.94 44.02 -38.14
N THR J 933 -103.82 44.40 -39.07
CA THR J 933 -103.83 45.75 -39.62
C THR J 933 -105.13 46.46 -39.27
N LEU J 934 -105.03 47.60 -38.60
CA LEU J 934 -106.19 48.31 -38.05
C LEU J 934 -107.08 48.94 -39.12
N ARG J 935 -106.62 48.92 -40.37
CA ARG J 935 -107.40 49.52 -41.46
C ARG J 935 -108.56 48.60 -41.85
N SER J 936 -109.77 49.16 -41.81
CA SER J 936 -111.00 48.43 -42.12
C SER J 936 -112.21 49.35 -42.08
N VAL J 937 -113.31 48.91 -42.67
CA VAL J 937 -114.52 49.72 -42.76
C VAL J 937 -115.36 49.69 -41.48
N SER J 938 -115.46 48.52 -40.85
CA SER J 938 -116.33 48.38 -39.68
C SER J 938 -115.81 47.34 -38.68
N GLY J 939 -116.00 47.63 -37.40
CA GLY J 939 -115.64 46.72 -36.34
C GLY J 939 -116.83 45.96 -35.77
N SER J 940 -116.76 45.66 -34.48
CA SER J 940 -117.85 45.02 -33.72
C SER J 940 -118.24 43.66 -34.29
N ASN J 941 -117.24 42.82 -34.55
CA ASN J 941 -117.48 41.45 -34.98
C ASN J 941 -117.46 40.48 -33.81
N SER J 942 -117.29 41.01 -32.61
CA SER J 942 -117.13 40.22 -31.40
C SER J 942 -118.28 39.26 -31.11
N HIS J 943 -119.44 39.81 -30.78
CA HIS J 943 -120.56 39.00 -30.29
C HIS J 943 -121.49 38.52 -31.39
N GLN J 944 -121.20 38.90 -32.64
CA GLN J 944 -122.07 38.50 -33.75
C GLN J 944 -121.81 37.06 -34.16
N ASN J 945 -120.58 36.60 -34.03
CA ASN J 945 -120.21 35.26 -34.44
C ASN J 945 -119.39 34.51 -33.39
N ARG J 946 -119.94 33.41 -32.88
CA ARG J 946 -119.17 32.52 -32.00
C ARG J 946 -119.26 31.07 -32.49
N GLU J 947 -120.45 30.48 -32.49
CA GLU J 947 -120.64 29.14 -33.03
C GLU J 947 -121.33 29.19 -34.39
N ILE J 948 -121.53 28.03 -35.00
CA ILE J 948 -122.17 27.96 -36.31
C ILE J 948 -123.15 26.79 -36.39
N ALA J 949 -124.38 27.10 -36.80
CA ALA J 949 -125.40 26.08 -37.03
C ALA J 949 -125.73 26.01 -38.51
N TRP J 950 -126.67 25.12 -38.88
CA TRP J 950 -127.03 24.94 -40.28
C TRP J 950 -128.49 24.55 -40.44
N VAL J 951 -129.11 25.04 -41.52
CA VAL J 951 -130.51 24.78 -41.78
C VAL J 951 -130.70 23.40 -42.42
N HIS J 952 -131.48 22.56 -41.76
CA HIS J 952 -131.75 21.21 -42.26
C HIS J 952 -132.69 21.24 -43.44
N SER J 953 -132.26 20.64 -44.55
CA SER J 953 -133.06 20.62 -45.78
C SER J 953 -132.52 19.59 -46.75
N ALA J 954 -133.12 19.53 -47.94
CA ALA J 954 -132.71 18.58 -48.95
C ALA J 954 -131.92 19.26 -50.07
N ASP J 955 -130.61 18.96 -50.13
CA ASP J 955 -129.72 19.50 -51.14
C ASP J 955 -129.72 21.03 -51.17
N GLU J 956 -129.88 21.64 -50.00
CA GLU J 956 -129.86 23.10 -49.88
C GLU J 956 -129.03 23.51 -48.68
N ILE J 957 -128.03 24.36 -48.91
CA ILE J 957 -127.10 24.75 -47.86
C ILE J 957 -127.38 26.17 -47.34
N SER J 958 -127.83 26.25 -46.10
CA SER J 958 -128.05 27.54 -45.45
C SER J 958 -127.48 27.49 -44.03
N VAL J 959 -126.51 28.35 -43.75
CA VAL J 959 -125.83 28.35 -42.46
C VAL J 959 -126.28 29.51 -41.57
N MET J 960 -126.28 29.25 -40.26
CA MET J 960 -126.67 30.28 -39.29
C MET J 960 -125.57 30.49 -38.26
N THR J 961 -125.63 31.61 -37.56
CA THR J 961 -124.58 31.99 -36.60
C THR J 961 -125.17 32.52 -35.29
N LYS J 962 -124.30 33.04 -34.44
CA LYS J 962 -124.70 33.67 -33.19
C LYS J 962 -125.59 34.88 -33.48
N ALA J 963 -126.36 35.30 -32.48
CA ALA J 963 -127.40 36.32 -32.66
C ALA J 963 -128.46 35.81 -33.64
N CYS J 964 -128.98 34.62 -33.32
CA CYS J 964 -130.04 33.94 -34.07
C CYS J 964 -129.83 33.92 -35.58
N LEU J 965 -130.88 34.26 -36.33
CA LEU J 965 -130.86 34.07 -37.77
C LEU J 965 -130.12 35.17 -38.51
N GLU J 966 -129.04 34.79 -39.19
CA GLU J 966 -128.40 35.65 -40.16
C GLU J 966 -128.46 34.98 -41.52
N PRO J 967 -129.28 35.53 -42.45
CA PRO J 967 -129.55 34.88 -43.73
C PRO J 967 -128.30 34.61 -44.55
N ASN J 968 -128.13 33.37 -44.99
CA ASN J 968 -127.02 32.99 -45.86
C ASN J 968 -127.46 31.91 -46.86
N VAL J 969 -127.10 32.10 -48.12
CA VAL J 969 -127.43 31.13 -49.17
C VAL J 969 -126.25 30.90 -50.10
N TYR J 970 -126.37 29.87 -50.93
CA TYR J 970 -125.28 29.42 -51.79
C TYR J 970 -124.78 30.50 -52.76
N LEU J 971 -123.47 30.74 -52.72
CA LEU J 971 -122.81 31.77 -53.53
C LEU J 971 -123.46 33.15 -53.45
N ARG J 972 -123.73 33.61 -52.23
CA ARG J 972 -124.24 34.97 -52.02
C ARG J 972 -123.59 35.60 -50.80
N SER J 973 -123.21 36.86 -50.93
CA SER J 973 -122.52 37.57 -49.86
C SER J 973 -123.48 38.38 -48.99
N LEU J 974 -124.77 38.25 -49.27
CA LEU J 974 -125.79 38.98 -48.53
C LEU J 974 -125.83 38.56 -47.06
N MET J 975 -125.73 39.54 -46.16
CA MET J 975 -125.72 39.28 -44.72
C MET J 975 -126.55 40.31 -43.97
N ASP J 976 -127.38 39.83 -43.04
CA ASP J 976 -128.18 40.71 -42.20
C ASP J 976 -127.87 40.46 -40.73
N MET J 977 -128.02 41.49 -39.91
CA MET J 977 -127.71 41.38 -38.48
C MET J 977 -128.87 41.76 -37.58
N THR J 978 -129.40 40.78 -36.86
CA THR J 978 -130.44 41.02 -35.85
C THR J 978 -130.17 40.13 -34.64
N ARG J 979 -130.15 40.73 -33.45
CA ARG J 979 -129.82 39.97 -32.25
C ARG J 979 -130.94 39.95 -31.22
N GLU J 980 -131.55 38.78 -31.04
CA GLU J 980 -132.51 38.57 -29.96
C GLU J 980 -131.81 37.91 -28.76
N ARG J 981 -130.50 37.73 -28.90
CA ARG J 981 -129.66 37.12 -27.87
C ARG J 981 -130.10 35.68 -27.56
N THR J 982 -129.89 34.79 -28.54
CA THR J 982 -130.14 33.37 -28.35
C THR J 982 -128.98 32.69 -27.63
N GLN J 983 -129.26 31.57 -26.98
CA GLN J 983 -128.23 30.78 -26.33
C GLN J 983 -127.64 29.78 -27.32
N LEU J 984 -128.43 28.77 -27.69
CA LEU J 984 -128.01 27.79 -28.68
C LEU J 984 -129.12 27.57 -29.71
N LEU J 985 -128.78 27.74 -30.98
CA LEU J 985 -129.77 27.71 -32.05
C LEU J 985 -129.87 26.35 -32.75
N ALA J 986 -131.10 25.89 -32.96
CA ALA J 986 -131.36 24.67 -33.71
C ALA J 986 -132.32 24.98 -34.85
N VAL J 987 -132.39 24.09 -35.84
CA VAL J 987 -133.23 24.32 -37.01
C VAL J 987 -134.14 23.13 -37.28
N ASP J 988 -135.39 23.41 -37.65
CA ASP J 988 -136.36 22.37 -37.98
C ASP J 988 -136.04 21.78 -39.35
N SER J 989 -136.79 20.77 -39.77
CA SER J 989 -136.56 20.13 -41.07
C SER J 989 -137.07 21.00 -42.21
N LYS J 990 -138.15 21.72 -41.95
CA LYS J 990 -138.73 22.61 -42.95
C LYS J 990 -138.25 24.04 -42.76
N GLU J 991 -138.84 24.97 -43.50
CA GLU J 991 -138.46 26.38 -43.42
C GLU J 991 -138.92 27.01 -42.11
N ARG J 992 -139.69 26.27 -41.32
CA ARG J 992 -140.17 26.73 -40.03
C ARG J 992 -139.01 27.04 -39.09
N ILE J 993 -139.11 28.16 -38.38
CA ILE J 993 -138.03 28.58 -37.49
C ILE J 993 -138.22 28.15 -36.05
N HIS J 994 -137.23 27.41 -35.55
CA HIS J 994 -137.15 26.98 -34.16
C HIS J 994 -136.04 27.76 -33.47
N LEU J 995 -136.37 28.42 -32.36
CA LEU J 995 -135.36 29.23 -31.67
C LEU J 995 -135.52 29.24 -30.16
N ILE J 996 -134.59 29.92 -29.49
CA ILE J 996 -134.56 29.96 -28.03
C ILE J 996 -134.46 31.41 -27.53
N LYS J 997 -135.14 31.68 -26.42
CA LYS J 997 -135.10 33.00 -25.81
C LYS J 997 -134.65 32.80 -24.37
N PRO J 998 -133.99 33.80 -23.77
CA PRO J 998 -133.59 33.58 -22.37
C PRO J 998 -134.76 33.15 -21.48
N ALA J 999 -134.55 32.05 -20.77
CA ALA J 999 -135.54 31.45 -19.89
C ALA J 999 -136.83 31.00 -20.58
N ILE J 1000 -136.74 30.59 -21.86
CA ILE J 1000 -137.89 30.03 -22.57
C ILE J 1000 -137.54 29.53 -23.98
N SER J 1001 -138.38 28.68 -24.55
CA SER J 1001 -138.16 28.17 -25.90
C SER J 1001 -139.29 28.59 -26.83
N ARG J 1002 -138.97 28.86 -28.10
CA ARG J 1002 -139.96 29.38 -29.03
C ARG J 1002 -139.96 28.65 -30.37
N ILE J 1003 -141.17 28.34 -30.86
CA ILE J 1003 -141.35 27.65 -32.14
C ILE J 1003 -142.33 28.43 -33.01
N SER J 1004 -141.89 28.84 -34.19
CA SER J 1004 -142.73 29.69 -35.02
C SER J 1004 -142.52 29.51 -36.52
N GLU J 1005 -143.56 29.76 -37.31
CA GLU J 1005 -143.45 29.80 -38.76
C GLU J 1005 -142.43 30.85 -39.16
N TRP J 1006 -142.75 32.11 -38.90
CA TRP J 1006 -141.77 33.20 -38.98
C TRP J 1006 -141.75 33.85 -37.61
N SER J 1007 -140.85 34.80 -37.39
CA SER J 1007 -140.71 35.40 -36.06
C SER J 1007 -141.17 36.85 -36.02
N THR J 1008 -142.31 37.10 -35.39
CA THR J 1008 -142.76 38.45 -35.08
C THR J 1008 -143.03 38.59 -33.60
N ILE J 1009 -144.17 38.03 -33.15
CA ILE J 1009 -144.49 37.99 -31.74
C ILE J 1009 -144.03 36.68 -31.10
N THR J 1010 -143.63 35.74 -31.96
CA THR J 1010 -143.16 34.41 -31.55
C THR J 1010 -144.01 33.76 -30.45
N PRO J 1011 -145.23 33.31 -30.80
CA PRO J 1011 -146.11 32.65 -29.84
C PRO J 1011 -145.54 31.34 -29.30
N THR J 1012 -145.87 31.00 -28.06
CA THR J 1012 -145.42 29.75 -27.44
C THR J 1012 -146.00 29.58 -26.04
N HIS J 1013 -145.95 28.35 -25.54
CA HIS J 1013 -146.40 28.03 -24.19
C HIS J 1013 -145.52 26.94 -23.57
N ALA J 1014 -145.15 27.12 -22.31
CA ALA J 1014 -144.26 26.16 -21.65
C ALA J 1014 -144.53 26.07 -20.15
N ALA J 1015 -144.42 24.87 -19.61
CA ALA J 1015 -144.56 24.63 -18.18
C ALA J 1015 -143.21 24.62 -17.49
N SER J 1016 -142.16 24.91 -18.25
CA SER J 1016 -140.78 24.87 -17.76
C SER J 1016 -140.58 25.70 -16.48
N ASN J 1017 -139.87 25.12 -15.52
CA ASN J 1017 -139.65 25.78 -14.23
C ASN J 1017 -138.55 26.84 -14.29
N CYS J 1018 -137.50 26.55 -15.05
CA CYS J 1018 -136.34 27.45 -15.10
C CYS J 1018 -135.81 27.63 -16.51
N LYS J 1019 -134.68 28.33 -16.62
CA LYS J 1019 -134.06 28.62 -17.91
C LYS J 1019 -133.56 27.34 -18.60
N ILE J 1020 -133.78 27.28 -19.90
CA ILE J 1020 -133.34 26.13 -20.70
C ILE J 1020 -131.99 26.42 -21.37
N ASN J 1021 -131.08 25.45 -21.32
CA ASN J 1021 -129.77 25.61 -21.91
C ASN J 1021 -129.80 25.47 -23.44
N ALA J 1022 -130.47 24.44 -23.93
CA ALA J 1022 -130.57 24.21 -25.36
C ALA J 1022 -131.86 23.50 -25.72
N ILE J 1023 -132.38 23.79 -26.92
CA ILE J 1023 -133.62 23.18 -27.38
C ILE J 1023 -133.53 22.88 -28.88
N SER J 1024 -134.11 21.75 -29.28
CA SER J 1024 -134.01 21.30 -30.67
C SER J 1024 -135.35 20.78 -31.21
N ALA J 1025 -135.42 20.59 -32.52
CA ALA J 1025 -136.65 20.15 -33.16
C ALA J 1025 -136.44 18.92 -34.05
N PHE J 1026 -137.42 18.02 -34.06
CA PHE J 1026 -137.39 16.85 -34.92
C PHE J 1026 -137.67 17.18 -36.37
N ASN J 1027 -137.63 16.16 -37.21
CA ASN J 1027 -138.05 16.26 -38.60
C ASN J 1027 -139.57 16.26 -38.66
N ASP J 1028 -140.17 15.18 -38.21
CA ASP J 1028 -141.62 15.07 -38.09
C ASP J 1028 -142.15 16.01 -37.02
N GLU J 1029 -143.46 16.29 -37.06
CA GLU J 1029 -144.08 17.27 -36.17
C GLU J 1029 -144.39 16.69 -34.79
N GLN J 1030 -144.07 15.41 -34.57
CA GLN J 1030 -144.38 14.75 -33.32
C GLN J 1030 -143.54 15.29 -32.16
N ILE J 1031 -144.24 15.75 -31.12
CA ILE J 1031 -143.67 16.25 -29.86
C ILE J 1031 -142.45 17.18 -30.04
N PHE J 1032 -141.44 16.98 -29.19
CA PHE J 1032 -140.15 17.69 -29.15
C PHE J 1032 -139.30 17.15 -27.99
N VAL J 1033 -138.00 17.43 -28.04
CA VAL J 1033 -137.09 17.06 -26.94
C VAL J 1033 -136.10 18.19 -26.66
N GLY J 1034 -135.41 18.09 -25.53
CA GLY J 1034 -134.39 19.05 -25.17
C GLY J 1034 -133.96 18.87 -23.74
N TYR J 1035 -132.81 19.44 -23.37
CA TYR J 1035 -132.36 19.36 -21.99
C TYR J 1035 -132.44 20.73 -21.31
N VAL J 1036 -133.20 20.77 -20.22
CA VAL J 1036 -133.43 22.01 -19.49
C VAL J 1036 -132.60 21.95 -18.21
N ASP J 1037 -132.59 23.02 -17.42
CA ASP J 1037 -131.93 23.03 -16.12
C ASP J 1037 -132.75 22.26 -15.09
N GLY J 1038 -133.93 21.78 -15.51
CA GLY J 1038 -134.84 21.10 -14.59
C GLY J 1038 -135.69 20.05 -15.28
N VAL J 1039 -136.57 19.44 -14.49
CA VAL J 1039 -137.34 18.26 -14.93
C VAL J 1039 -138.24 18.51 -16.14
N ILE J 1040 -139.04 19.58 -16.09
CA ILE J 1040 -140.05 19.84 -17.11
C ILE J 1040 -139.47 20.07 -18.51
N ILE J 1041 -139.97 19.33 -19.48
CA ILE J 1041 -139.58 19.49 -20.88
C ILE J 1041 -140.78 19.97 -21.71
N ASP J 1042 -140.67 21.16 -22.27
CA ASP J 1042 -141.79 21.79 -22.98
C ASP J 1042 -141.95 21.33 -24.42
N VAL J 1043 -143.21 21.27 -24.87
CA VAL J 1043 -143.54 20.98 -26.26
C VAL J 1043 -144.64 21.92 -26.74
N ILE J 1044 -144.84 22.00 -28.05
CA ILE J 1044 -145.86 22.88 -28.61
C ILE J 1044 -146.72 22.14 -29.64
N HIS J 1045 -147.97 22.57 -29.77
CA HIS J 1045 -148.93 22.05 -30.76
C HIS J 1045 -149.32 20.60 -30.47
N ASP J 1046 -148.65 19.97 -29.51
CA ASP J 1046 -148.91 18.58 -29.18
C ASP J 1046 -149.22 18.39 -27.69
N THR J 1047 -150.13 17.48 -27.40
CA THR J 1047 -150.48 17.14 -26.02
C THR J 1047 -149.60 15.99 -25.52
N ALA J 1048 -149.98 15.44 -24.36
CA ALA J 1048 -149.30 14.28 -23.77
C ALA J 1048 -147.82 14.55 -23.48
N LEU J 1049 -147.58 15.38 -22.47
CA LEU J 1049 -146.22 15.69 -22.02
C LEU J 1049 -145.45 14.41 -21.65
N PRO J 1050 -144.12 14.44 -21.75
CA PRO J 1050 -143.30 13.26 -21.42
C PRO J 1050 -143.48 12.84 -19.97
N GLN J 1051 -143.09 11.61 -19.65
CA GLN J 1051 -143.32 11.03 -18.33
C GLN J 1051 -142.25 11.46 -17.33
N GLN J 1052 -141.12 11.93 -17.84
CA GLN J 1052 -139.96 12.33 -17.03
C GLN J 1052 -139.47 11.20 -16.12
N PHE J 1053 -139.55 11.43 -14.81
CA PHE J 1053 -138.93 10.59 -13.80
C PHE J 1053 -137.42 10.52 -13.98
N ILE J 1054 -136.79 11.68 -14.17
CA ILE J 1054 -135.34 11.77 -14.25
C ILE J 1054 -134.88 13.12 -13.72
N GLU J 1055 -133.73 13.12 -13.05
CA GLU J 1055 -133.19 14.35 -12.48
C GLU J 1055 -132.96 15.45 -13.53
N GLU J 1056 -131.97 15.28 -14.39
CA GLU J 1056 -131.77 16.22 -15.49
C GLU J 1056 -131.24 15.48 -16.71
N PRO J 1057 -131.73 15.83 -17.92
CA PRO J 1057 -131.32 15.19 -19.18
C PRO J 1057 -129.99 15.70 -19.74
N ILE J 1058 -129.27 14.85 -20.47
CA ILE J 1058 -127.98 15.27 -21.04
C ILE J 1058 -127.93 15.18 -22.58
N ASP J 1059 -128.06 13.97 -23.13
CA ASP J 1059 -127.87 13.76 -24.56
C ASP J 1059 -129.19 13.46 -25.26
N TYR J 1060 -129.57 14.32 -26.18
CA TYR J 1060 -130.78 14.12 -26.99
C TYR J 1060 -130.41 13.68 -28.41
N LEU J 1061 -131.43 13.53 -29.26
CA LEU J 1061 -131.25 13.04 -30.62
C LEU J 1061 -132.57 13.09 -31.39
N LYS J 1062 -132.49 12.86 -32.70
CA LYS J 1062 -133.65 12.95 -33.58
C LYS J 1062 -133.95 11.63 -34.27
N GLN J 1063 -135.22 11.23 -34.25
CA GLN J 1063 -135.65 10.02 -34.94
C GLN J 1063 -136.99 10.24 -35.63
N VAL J 1064 -137.18 9.58 -36.78
CA VAL J 1064 -138.44 9.67 -37.52
C VAL J 1064 -139.46 8.70 -36.95
N SER J 1065 -139.01 7.79 -36.09
CA SER J 1065 -139.88 6.82 -35.46
C SER J 1065 -140.71 7.47 -34.35
N PRO J 1066 -141.93 6.96 -34.13
CA PRO J 1066 -142.82 7.47 -33.07
C PRO J 1066 -142.20 7.42 -31.68
N ASN J 1067 -141.33 6.43 -31.43
CA ASN J 1067 -140.65 6.33 -30.15
C ASN J 1067 -139.28 6.98 -30.18
N ILE J 1068 -138.93 7.65 -29.08
CA ILE J 1068 -137.65 8.36 -28.99
C ILE J 1068 -136.89 8.00 -27.72
N LEU J 1069 -135.68 7.51 -27.87
CA LEU J 1069 -134.83 7.17 -26.73
C LEU J 1069 -133.98 8.35 -26.30
N VAL J 1070 -133.99 8.66 -25.01
CA VAL J 1070 -133.28 9.82 -24.48
C VAL J 1070 -132.29 9.44 -23.38
N ALA J 1071 -131.04 9.84 -23.54
CA ALA J 1071 -130.01 9.59 -22.53
C ALA J 1071 -130.20 10.50 -21.32
N SER J 1072 -129.63 10.12 -20.20
CA SER J 1072 -129.80 10.88 -18.96
C SER J 1072 -128.52 10.96 -18.13
N ALA J 1073 -128.47 11.94 -17.24
CA ALA J 1073 -127.32 12.12 -16.36
C ALA J 1073 -127.20 10.99 -15.35
N HIS J 1074 -128.35 10.43 -14.97
CA HIS J 1074 -128.40 9.28 -14.08
C HIS J 1074 -128.05 8.01 -14.85
N SER J 1075 -127.87 8.17 -16.16
CA SER J 1075 -127.50 7.10 -17.08
C SER J 1075 -128.59 6.04 -17.18
N ALA J 1076 -129.83 6.49 -17.10
CA ALA J 1076 -130.99 5.61 -17.34
C ALA J 1076 -131.72 6.09 -18.59
N GLN J 1077 -131.66 5.29 -19.64
CA GLN J 1077 -132.29 5.66 -20.91
C GLN J 1077 -133.81 5.71 -20.79
N LYS J 1078 -134.42 6.69 -21.44
CA LYS J 1078 -135.86 6.88 -21.36
C LYS J 1078 -136.53 6.61 -22.70
N THR J 1079 -137.65 5.88 -22.65
CA THR J 1079 -138.41 5.59 -23.86
C THR J 1079 -139.63 6.49 -23.94
N VAL J 1080 -139.63 7.39 -24.91
CA VAL J 1080 -140.72 8.34 -25.08
C VAL J 1080 -141.67 7.90 -26.20
N ILE J 1081 -142.91 7.58 -25.84
CA ILE J 1081 -143.91 7.15 -26.81
C ILE J 1081 -144.86 8.30 -27.11
N PHE J 1082 -145.15 8.51 -28.40
CA PHE J 1082 -145.96 9.64 -28.82
C PHE J 1082 -147.43 9.50 -28.46
N GLN J 1083 -147.93 10.50 -27.73
CA GLN J 1083 -149.37 10.66 -27.46
C GLN J 1083 -149.95 9.45 -26.70
N LEU J 1084 -149.09 8.74 -25.96
CA LEU J 1084 -149.51 7.58 -25.18
C LEU J 1084 -148.32 7.01 -24.40
N GLU J 1085 -148.60 6.23 -23.37
CA GLU J 1085 -147.54 5.57 -22.60
C GLU J 1085 -147.74 4.06 -22.54
N LYS J 1086 -148.70 3.64 -21.72
CA LYS J 1086 -149.03 2.22 -21.54
C LYS J 1086 -147.82 1.34 -21.20
N ILE J 1087 -146.87 1.90 -20.45
CA ILE J 1087 -145.55 1.31 -20.18
C ILE J 1087 -144.89 2.22 -19.13
N ASP J 1088 -143.91 1.69 -18.39
CA ASP J 1088 -143.19 2.47 -17.40
C ASP J 1088 -141.74 2.67 -17.82
N PRO J 1089 -141.37 3.92 -18.16
CA PRO J 1089 -140.04 4.25 -18.67
C PRO J 1089 -138.96 4.27 -17.57
N LEU J 1090 -138.84 3.17 -16.83
CA LEU J 1090 -137.81 3.05 -15.80
C LEU J 1090 -136.81 1.96 -16.16
N GLN J 1091 -135.59 2.37 -16.51
CA GLN J 1091 -134.53 1.43 -16.87
C GLN J 1091 -133.17 1.87 -16.32
N PRO J 1092 -132.94 1.68 -15.02
CA PRO J 1092 -131.67 2.05 -14.39
C PRO J 1092 -130.60 0.97 -14.56
N ASN J 1093 -130.12 0.80 -15.80
CA ASN J 1093 -129.11 -0.21 -16.11
C ASN J 1093 -127.84 -0.05 -15.28
N ASP J 1094 -127.08 0.99 -15.58
CA ASP J 1094 -125.80 1.25 -14.91
C ASP J 1094 -125.69 2.69 -14.47
N GLN J 1095 -124.71 2.98 -13.61
CA GLN J 1095 -124.45 4.34 -13.16
C GLN J 1095 -123.37 5.00 -14.02
N TRP J 1096 -122.82 4.24 -14.96
CA TRP J 1096 -121.90 4.80 -15.93
C TRP J 1096 -122.68 5.48 -17.05
N PRO J 1097 -122.29 6.71 -17.42
CA PRO J 1097 -123.03 7.55 -18.37
C PRO J 1097 -123.25 6.90 -19.74
N LEU J 1098 -124.44 7.09 -20.30
CA LEU J 1098 -124.79 6.51 -21.59
C LEU J 1098 -124.76 7.53 -22.73
N MET J 1099 -124.24 7.10 -23.87
CA MET J 1099 -124.35 7.85 -25.11
C MET J 1099 -124.62 6.89 -26.25
N MET J 1100 -125.61 7.21 -27.09
CA MET J 1100 -126.15 6.22 -28.01
C MET J 1100 -126.23 6.66 -29.47
N ASP J 1101 -126.11 5.67 -30.35
CA ASP J 1101 -126.35 5.86 -31.77
C ASP J 1101 -127.35 4.81 -32.26
N VAL J 1102 -127.66 4.84 -33.56
CA VAL J 1102 -128.58 3.86 -34.14
C VAL J 1102 -128.23 3.61 -35.60
N SER J 1103 -128.40 2.36 -36.05
CA SER J 1103 -128.14 2.03 -37.45
C SER J 1103 -129.42 1.90 -38.24
N THR J 1104 -130.11 0.77 -38.09
CA THR J 1104 -131.43 0.61 -38.70
C THR J 1104 -132.47 0.06 -37.72
N LYS J 1105 -132.36 -1.24 -37.44
CA LYS J 1105 -133.30 -1.91 -36.54
C LYS J 1105 -132.77 -1.99 -35.11
N TYR J 1106 -131.49 -1.66 -34.93
CA TYR J 1106 -130.83 -1.86 -33.65
C TYR J 1106 -130.48 -0.55 -32.95
N ALA J 1107 -130.86 -0.45 -31.68
CA ALA J 1107 -130.46 0.68 -30.85
C ALA J 1107 -129.10 0.40 -30.24
N SER J 1108 -128.14 1.28 -30.51
CA SER J 1108 -126.77 1.08 -30.05
C SER J 1108 -126.45 1.93 -28.83
N LEU J 1109 -126.27 1.28 -27.68
CA LEU J 1109 -125.94 1.99 -26.45
C LEU J 1109 -124.47 1.85 -26.11
N GLN J 1110 -123.76 2.97 -26.10
CA GLN J 1110 -122.36 3.00 -25.68
C GLN J 1110 -122.25 3.57 -24.27
N GLU J 1111 -121.89 2.71 -23.33
CA GLU J 1111 -121.77 3.10 -21.93
C GLU J 1111 -120.33 3.40 -21.54
N GLY J 1112 -120.11 3.67 -20.26
CA GLY J 1112 -118.77 3.87 -19.73
C GLY J 1112 -118.12 2.55 -19.38
N GLN J 1113 -118.85 1.46 -19.63
CA GLN J 1113 -118.35 0.12 -19.36
C GLN J 1113 -118.32 -0.72 -20.62
N TYR J 1114 -119.49 -0.99 -21.19
CA TYR J 1114 -119.58 -1.81 -22.40
C TYR J 1114 -120.57 -1.23 -23.40
N ILE J 1115 -120.71 -1.89 -24.54
CA ILE J 1115 -121.66 -1.47 -25.56
C ILE J 1115 -122.72 -2.54 -25.77
N ILE J 1116 -123.98 -2.16 -25.58
CA ILE J 1116 -125.08 -3.11 -25.68
C ILE J 1116 -126.05 -2.72 -26.80
N LEU J 1117 -126.60 -3.74 -27.47
CA LEU J 1117 -127.53 -3.51 -28.58
C LEU J 1117 -128.93 -3.97 -28.23
N PHE J 1118 -129.93 -3.16 -28.58
CA PHE J 1118 -131.33 -3.55 -28.38
C PHE J 1118 -132.07 -3.79 -29.69
N SER J 1119 -133.03 -4.70 -29.65
CA SER J 1119 -133.87 -4.99 -30.80
C SER J 1119 -135.28 -4.45 -30.57
N ASP J 1120 -135.67 -3.47 -31.37
CA ASP J 1120 -136.97 -2.83 -31.22
C ASP J 1120 -138.11 -3.77 -31.59
N HIS J 1121 -139.08 -3.91 -30.69
CA HIS J 1121 -140.25 -4.74 -30.93
C HIS J 1121 -141.19 -4.06 -31.91
N GLY J 1122 -141.30 -2.75 -31.80
CA GLY J 1122 -142.15 -1.96 -32.68
C GLY J 1122 -141.79 -0.49 -32.64
N VAL J 1123 -142.15 0.23 -33.70
CA VAL J 1123 -141.86 1.66 -33.77
C VAL J 1123 -142.86 2.47 -32.97
N CYS J 1124 -144.04 1.90 -32.73
CA CYS J 1124 -145.09 2.56 -31.98
C CYS J 1124 -144.77 2.60 -30.49
N HIS J 1125 -144.37 1.46 -29.95
CA HIS J 1125 -144.06 1.35 -28.53
C HIS J 1125 -142.92 0.37 -28.29
N LEU J 1126 -142.09 0.67 -27.30
CA LEU J 1126 -140.97 -0.20 -26.95
C LEU J 1126 -141.10 -0.71 -25.52
N ASP J 1127 -141.28 -2.02 -25.39
CA ASP J 1127 -141.44 -2.63 -24.07
C ASP J 1127 -140.23 -3.50 -23.70
N ILE J 1128 -139.99 -4.56 -24.46
CA ILE J 1128 -138.88 -5.47 -24.19
C ILE J 1128 -137.76 -5.28 -25.20
N ALA J 1129 -136.53 -5.49 -24.74
CA ALA J 1129 -135.36 -5.33 -25.60
C ALA J 1129 -134.43 -6.54 -25.49
N ASN J 1130 -134.24 -7.22 -26.60
CA ASN J 1130 -133.38 -8.42 -26.64
C ASN J 1130 -131.92 -8.07 -26.86
N PRO J 1131 -131.05 -8.48 -25.92
CA PRO J 1131 -129.61 -8.23 -26.01
C PRO J 1131 -128.97 -9.06 -27.13
N SER J 1132 -128.00 -8.47 -27.82
CA SER J 1132 -127.34 -9.13 -28.94
C SER J 1132 -125.82 -9.17 -28.77
N ALA J 1133 -125.20 -8.00 -28.85
CA ALA J 1133 -123.75 -7.91 -28.77
C ALA J 1133 -123.29 -7.06 -27.58
N PHE J 1134 -122.64 -7.70 -26.63
CA PHE J 1134 -122.07 -7.00 -25.48
C PHE J 1134 -120.69 -7.56 -25.14
N VAL J 1135 -119.71 -6.66 -24.97
CA VAL J 1135 -118.35 -7.06 -24.66
C VAL J 1135 -117.63 -5.96 -23.88
N LYS J 1136 -116.74 -6.36 -22.98
CA LYS J 1136 -115.93 -5.40 -22.22
C LYS J 1136 -114.60 -5.16 -22.91
N PRO J 1137 -114.40 -3.93 -23.42
CA PRO J 1137 -113.20 -3.57 -24.18
C PRO J 1137 -111.96 -3.37 -23.30
N LYS J 1138 -110.88 -2.92 -23.92
CA LYS J 1138 -109.62 -2.70 -23.22
C LYS J 1138 -109.69 -1.50 -22.28
N ASP J 1139 -108.76 -1.44 -21.34
CA ASP J 1139 -108.71 -0.35 -20.37
C ASP J 1139 -108.50 1.01 -21.06
N SER J 1140 -108.95 2.07 -20.39
CA SER J 1140 -109.00 3.41 -20.99
C SER J 1140 -109.86 3.37 -22.24
N GLU J 1141 -111.16 3.16 -22.03
CA GLU J 1141 -112.11 2.94 -23.11
C GLU J 1141 -112.37 4.19 -23.94
N GLU J 1142 -112.85 4.00 -25.16
CA GLU J 1142 -113.15 5.11 -26.06
C GLU J 1142 -114.45 5.81 -25.67
N TYR J 1143 -114.44 7.13 -25.74
CA TYR J 1143 -115.62 7.93 -25.43
C TYR J 1143 -116.81 7.60 -26.32
N ILE J 1144 -116.72 7.93 -27.60
CA ILE J 1144 -117.83 7.74 -28.52
C ILE J 1144 -117.35 7.35 -29.92
N VAL J 1145 -118.12 6.50 -30.58
CA VAL J 1145 -117.82 6.05 -31.94
C VAL J 1145 -119.02 6.31 -32.85
N GLY J 1146 -118.93 5.84 -34.09
CA GLY J 1146 -120.02 6.02 -35.04
C GLY J 1146 -120.13 4.88 -36.04
N PHE J 1147 -121.28 4.81 -36.71
CA PHE J 1147 -121.57 3.74 -37.65
C PHE J 1147 -121.87 4.28 -39.05
N ASP J 1148 -121.79 3.41 -40.04
CA ASP J 1148 -122.06 3.78 -41.43
C ASP J 1148 -123.55 3.64 -41.75
N LEU J 1149 -123.88 3.82 -43.03
CA LEU J 1149 -125.26 3.68 -43.50
C LEU J 1149 -125.35 2.57 -44.54
N LYS J 1150 -126.51 1.91 -44.58
CA LYS J 1150 -126.76 0.79 -45.49
C LYS J 1150 -125.76 -0.33 -45.28
N ASN J 1151 -125.23 -0.42 -44.06
CA ASN J 1151 -124.26 -1.46 -43.71
C ASN J 1151 -124.67 -2.17 -42.43
N SER J 1152 -124.70 -1.42 -41.33
CA SER J 1152 -125.09 -1.93 -40.01
C SER J 1152 -124.19 -3.07 -39.56
N LEU J 1153 -122.93 -2.75 -39.30
CA LEU J 1153 -121.97 -3.73 -38.81
C LEU J 1153 -121.47 -3.35 -37.42
N LEU J 1154 -120.59 -4.18 -36.86
CA LEU J 1154 -120.03 -3.92 -35.54
C LEU J 1154 -118.68 -3.20 -35.65
N PHE J 1155 -118.56 -2.06 -34.96
CA PHE J 1155 -117.34 -1.28 -34.99
C PHE J 1155 -116.91 -0.85 -33.60
N LEU J 1156 -115.71 -1.26 -33.20
CA LEU J 1156 -115.16 -0.86 -31.92
C LEU J 1156 -113.70 -0.43 -32.10
N ALA J 1157 -113.41 0.82 -31.76
CA ALA J 1157 -112.07 1.36 -31.95
C ALA J 1157 -111.52 1.95 -30.66
N TYR J 1158 -110.31 1.53 -30.29
CA TYR J 1158 -109.65 2.05 -29.10
C TYR J 1158 -109.27 3.50 -29.33
N GLU J 1159 -109.12 4.27 -28.25
CA GLU J 1159 -108.97 5.72 -28.37
C GLU J 1159 -107.58 6.15 -28.84
N ASN J 1160 -106.55 5.40 -28.50
CA ASN J 1160 -105.18 5.84 -28.79
C ASN J 1160 -104.52 5.09 -29.96
N ASN J 1161 -104.38 5.81 -31.07
CA ASN J 1161 -103.55 5.40 -32.21
C ASN J 1161 -103.90 4.04 -32.83
N ILE J 1162 -105.12 3.58 -32.64
CA ILE J 1162 -105.58 2.37 -33.32
C ILE J 1162 -107.09 2.37 -33.52
N ILE J 1163 -107.54 1.89 -34.68
CA ILE J 1163 -108.96 1.73 -34.96
C ILE J 1163 -109.22 0.38 -35.64
N ASP J 1164 -110.27 -0.30 -35.21
CA ASP J 1164 -110.55 -1.65 -35.70
C ASP J 1164 -111.98 -1.81 -36.21
N VAL J 1165 -112.13 -2.48 -37.34
CA VAL J 1165 -113.43 -2.79 -37.90
C VAL J 1165 -113.77 -4.26 -37.66
N PHE J 1166 -114.92 -4.52 -37.06
CA PHE J 1166 -115.31 -5.87 -36.68
C PHE J 1166 -116.50 -6.39 -37.48
N ARG J 1167 -116.90 -7.62 -37.20
CA ARG J 1167 -118.08 -8.22 -37.79
C ARG J 1167 -119.15 -8.37 -36.72
N LEU J 1168 -120.42 -8.28 -37.14
CA LEU J 1168 -121.53 -8.26 -36.19
C LEU J 1168 -121.54 -9.48 -35.27
N ILE J 1169 -121.92 -10.63 -35.81
CA ILE J 1169 -121.92 -11.93 -35.12
C ILE J 1169 -122.41 -11.81 -33.67
N PHE J 1170 -121.67 -12.41 -32.73
CA PHE J 1170 -121.89 -12.15 -31.32
C PHE J 1170 -120.92 -11.06 -30.86
N SER J 1171 -119.66 -11.43 -30.74
CA SER J 1171 -118.59 -10.47 -30.48
C SER J 1171 -117.28 -10.94 -31.10
N CYS J 1172 -116.52 -10.02 -31.69
CA CYS J 1172 -115.21 -10.35 -32.23
C CYS J 1172 -114.14 -9.33 -31.84
N ASN J 1173 -113.18 -9.76 -31.04
CA ASN J 1173 -112.02 -8.94 -30.72
C ASN J 1173 -110.82 -9.33 -31.57
N GLN J 1174 -111.00 -10.32 -32.44
CA GLN J 1174 -109.90 -10.91 -33.19
C GLN J 1174 -109.61 -10.18 -34.50
N LEU J 1175 -108.33 -9.87 -34.71
CA LEU J 1175 -107.87 -9.27 -35.95
C LEU J 1175 -106.68 -10.06 -36.50
N ARG J 1176 -105.59 -10.05 -35.74
CA ARG J 1176 -104.38 -10.81 -36.04
C ARG J 1176 -103.79 -10.53 -37.41
N TYR J 1177 -103.34 -11.57 -38.09
CA TYR J 1177 -102.65 -11.44 -39.37
C TYR J 1177 -103.58 -11.64 -40.57
N GLU J 1178 -104.85 -11.92 -40.28
CA GLU J 1178 -105.85 -12.15 -41.32
C GLU J 1178 -105.95 -10.95 -42.27
N GLN J 1179 -106.38 -9.82 -41.73
CA GLN J 1179 -106.48 -8.59 -42.51
C GLN J 1179 -106.03 -7.39 -41.70
N ILE J 1180 -105.70 -6.30 -42.38
CA ILE J 1180 -105.31 -5.07 -41.72
C ILE J 1180 -106.38 -4.00 -41.92
N CYS J 1181 -106.98 -3.54 -40.83
CA CYS J 1181 -108.07 -2.58 -40.91
C CYS J 1181 -107.64 -1.15 -40.60
N GLU J 1182 -107.58 -0.34 -41.65
CA GLU J 1182 -107.22 1.08 -41.57
C GLU J 1182 -105.92 1.30 -40.77
N GLU J 1183 -105.90 2.39 -40.00
CA GLU J 1183 -104.80 2.85 -39.15
C GLU J 1183 -105.24 4.09 -38.40
N GLU J 1184 -104.55 4.41 -37.30
CA GLU J 1184 -104.74 5.71 -36.66
C GLU J 1184 -103.38 6.30 -36.30
N ILE J 1185 -103.01 7.39 -36.98
CA ILE J 1185 -101.70 8.00 -36.75
C ILE J 1185 -101.71 9.26 -35.87
N ALA J 1186 -102.89 9.73 -35.48
CA ALA J 1186 -102.99 11.00 -34.80
C ALA J 1186 -103.83 10.99 -33.52
N GLN J 1187 -105.13 10.78 -33.69
CA GLN J 1187 -106.11 10.97 -32.61
C GLN J 1187 -105.78 10.15 -31.36
N LYS J 1188 -105.97 10.78 -30.21
CA LYS J 1188 -105.74 10.12 -28.92
C LYS J 1188 -106.95 10.28 -27.99
N ALA J 1189 -107.29 11.52 -27.66
CA ALA J 1189 -108.43 11.79 -26.78
C ALA J 1189 -109.60 12.36 -27.57
N LYS J 1190 -110.81 12.08 -27.10
CA LYS J 1190 -112.04 12.59 -27.70
C LYS J 1190 -112.22 12.21 -29.17
N ILE J 1191 -112.13 10.92 -29.47
CA ILE J 1191 -112.50 10.43 -30.80
C ILE J 1191 -113.98 10.72 -31.01
N SER J 1192 -114.37 11.07 -32.24
CA SER J 1192 -115.72 11.58 -32.46
C SER J 1192 -116.66 10.61 -33.18
N TYR J 1193 -116.52 10.52 -34.50
CA TYR J 1193 -117.52 9.86 -35.33
C TYR J 1193 -116.94 9.24 -36.60
N LEU J 1194 -117.86 8.80 -37.46
CA LEU J 1194 -117.58 8.37 -38.83
C LEU J 1194 -118.90 8.02 -39.51
N VAL J 1195 -118.90 8.05 -40.85
CA VAL J 1195 -120.14 7.85 -41.60
C VAL J 1195 -119.91 7.14 -42.94
N ALA J 1196 -121.01 6.72 -43.55
CA ALA J 1196 -120.97 6.19 -44.91
C ALA J 1196 -120.54 7.28 -45.89
N THR J 1197 -120.02 6.85 -47.04
CA THR J 1197 -119.46 7.77 -48.01
C THR J 1197 -119.56 7.19 -49.42
N ASP J 1198 -118.83 7.81 -50.35
CA ASP J 1198 -118.78 7.35 -51.73
C ASP J 1198 -118.05 6.01 -51.77
N ASP J 1199 -117.80 5.48 -52.98
CA ASP J 1199 -117.32 4.12 -53.19
C ASP J 1199 -116.18 3.70 -52.25
N GLY J 1200 -115.04 4.37 -52.34
CA GLY J 1200 -113.89 4.02 -51.54
C GLY J 1200 -114.09 4.17 -50.04
N THR J 1201 -113.87 3.07 -49.32
CA THR J 1201 -113.82 2.98 -47.86
C THR J 1201 -114.88 3.77 -47.09
N MET J 1202 -114.47 4.43 -46.01
CA MET J 1202 -115.38 5.21 -45.15
C MET J 1202 -114.64 6.37 -44.49
N LEU J 1203 -115.37 7.43 -44.19
CA LEU J 1203 -114.78 8.66 -43.67
C LEU J 1203 -115.10 8.93 -42.19
N ALA J 1204 -114.13 9.46 -41.47
CA ALA J 1204 -114.30 9.85 -40.07
C ALA J 1204 -114.10 11.36 -39.92
N MET J 1205 -114.65 11.94 -38.85
CA MET J 1205 -114.65 13.40 -38.74
C MET J 1205 -114.36 13.95 -37.34
N GLY J 1206 -114.50 15.26 -37.24
CA GLY J 1206 -114.35 16.02 -36.00
C GLY J 1206 -113.00 16.71 -35.87
N PHE J 1207 -113.01 17.91 -35.32
CA PHE J 1207 -111.80 18.69 -35.09
C PHE J 1207 -111.30 18.66 -33.65
N GLU J 1208 -112.03 17.99 -32.76
CA GLU J 1208 -111.73 18.06 -31.34
C GLU J 1208 -110.44 17.32 -30.97
N ASN J 1209 -109.54 18.04 -30.31
CA ASN J 1209 -108.26 17.50 -29.85
C ASN J 1209 -107.46 16.80 -30.95
N GLY J 1210 -107.54 17.34 -32.16
CA GLY J 1210 -106.83 16.75 -33.28
C GLY J 1210 -107.51 17.05 -34.60
N THR J 1211 -107.28 16.20 -35.59
CA THR J 1211 -107.87 16.38 -36.91
C THR J 1211 -108.62 15.13 -37.36
N LEU J 1212 -109.24 15.21 -38.54
CA LEU J 1212 -109.96 14.08 -39.11
C LEU J 1212 -109.14 13.44 -40.22
N GLU J 1213 -109.24 12.12 -40.33
CA GLU J 1213 -108.42 11.38 -41.28
C GLU J 1213 -109.21 10.34 -42.07
N LEU J 1214 -108.64 9.90 -43.19
CA LEU J 1214 -109.26 8.91 -44.07
C LEU J 1214 -108.35 7.69 -44.26
N PHE J 1215 -108.93 6.50 -44.11
CA PHE J 1215 -108.19 5.26 -44.32
C PHE J 1215 -109.07 4.20 -44.98
N ALA J 1216 -108.45 3.16 -45.48
CA ALA J 1216 -109.15 2.12 -46.23
C ALA J 1216 -109.34 0.84 -45.40
N VAL J 1217 -110.43 0.13 -45.66
CA VAL J 1217 -110.74 -1.09 -44.93
C VAL J 1217 -109.63 -2.13 -45.02
N GLU J 1218 -109.29 -2.53 -46.24
CA GLU J 1218 -108.27 -3.56 -46.44
C GLU J 1218 -106.88 -2.99 -46.74
N ASN J 1219 -106.78 -1.66 -46.84
CA ASN J 1219 -105.53 -1.01 -47.20
C ASN J 1219 -105.35 0.34 -46.51
N ARG J 1220 -104.35 1.10 -46.96
CA ARG J 1220 -104.15 2.46 -46.47
C ARG J 1220 -104.21 3.45 -47.63
N LYS J 1221 -104.84 4.59 -47.39
CA LYS J 1221 -105.02 5.60 -48.45
C LYS J 1221 -104.80 7.02 -47.94
N VAL J 1222 -105.08 8.00 -48.79
CA VAL J 1222 -104.87 9.40 -48.46
C VAL J 1222 -105.91 9.86 -47.45
N GLN J 1223 -105.63 10.96 -46.75
CA GLN J 1223 -106.54 11.50 -45.75
C GLN J 1223 -106.94 12.93 -46.10
N LEU J 1224 -108.03 13.40 -45.50
CA LEU J 1224 -108.64 14.68 -45.88
C LEU J 1224 -107.93 15.89 -45.28
N ILE J 1225 -108.58 17.04 -45.40
CA ILE J 1225 -108.01 18.33 -45.01
C ILE J 1225 -107.76 18.51 -43.52
N TYR J 1226 -106.94 19.50 -43.19
CA TYR J 1226 -106.66 19.87 -41.80
C TYR J 1226 -107.92 20.39 -41.11
N SER J 1227 -107.91 20.39 -39.79
CA SER J 1227 -108.80 21.25 -39.04
C SER J 1227 -108.55 22.66 -39.57
N ILE J 1228 -109.62 23.42 -39.80
CA ILE J 1228 -109.55 24.64 -40.60
C ILE J 1228 -108.41 25.58 -40.19
N GLU J 1229 -108.57 26.27 -39.05
CA GLU J 1229 -107.45 26.99 -38.47
C GLU J 1229 -107.35 26.80 -36.96
N GLU J 1230 -108.34 27.35 -36.26
CA GLU J 1230 -108.33 27.44 -34.81
C GLU J 1230 -108.58 26.10 -34.12
N VAL J 1231 -108.14 26.01 -32.86
CA VAL J 1231 -108.45 24.86 -32.02
C VAL J 1231 -109.74 25.14 -31.25
N HIS J 1232 -110.07 24.26 -30.32
CA HIS J 1232 -111.28 24.41 -29.50
C HIS J 1232 -112.52 24.49 -30.37
N GLU J 1233 -112.87 23.36 -30.99
CA GLU J 1233 -114.01 23.29 -31.90
C GLU J 1233 -115.31 23.64 -31.17
N HIS J 1234 -116.25 24.24 -31.88
CA HIS J 1234 -117.53 24.64 -31.29
C HIS J 1234 -118.35 23.42 -30.90
N CYS J 1235 -119.35 23.65 -30.05
CA CYS J 1235 -120.13 22.58 -29.40
C CYS J 1235 -120.61 21.49 -30.36
N ILE J 1236 -121.11 21.87 -31.53
CA ILE J 1236 -121.53 20.87 -32.51
C ILE J 1236 -120.42 20.59 -33.52
N ARG J 1237 -119.91 19.37 -33.47
CA ARG J 1237 -118.80 18.95 -34.33
C ARG J 1237 -119.29 18.22 -35.58
N GLN J 1238 -120.61 18.13 -35.73
CA GLN J 1238 -121.22 17.43 -36.85
C GLN J 1238 -120.85 18.08 -38.19
N LEU J 1239 -120.64 17.25 -39.21
CA LEU J 1239 -120.30 17.72 -40.55
C LEU J 1239 -121.54 17.69 -41.46
N LEU J 1240 -121.59 18.64 -42.39
CA LEU J 1240 -122.74 18.81 -43.24
C LEU J 1240 -122.59 18.04 -44.55
N PHE J 1241 -123.39 16.98 -44.73
CA PHE J 1241 -123.29 16.15 -45.91
C PHE J 1241 -124.56 15.34 -46.20
N SER J 1242 -124.71 14.95 -47.46
CA SER J 1242 -125.67 13.92 -47.86
C SER J 1242 -124.87 12.68 -48.24
N PRO J 1243 -125.20 11.53 -47.64
CA PRO J 1243 -124.30 10.37 -47.70
C PRO J 1243 -123.96 9.87 -49.11
N CYS J 1244 -124.96 9.64 -49.96
CA CYS J 1244 -124.69 9.23 -51.34
C CYS J 1244 -124.66 10.42 -52.30
N LYS J 1245 -125.16 11.56 -51.84
CA LYS J 1245 -125.28 12.75 -52.66
C LYS J 1245 -124.14 13.76 -52.46
N LEU J 1246 -123.15 13.37 -51.64
CA LEU J 1246 -122.16 14.32 -51.14
C LEU J 1246 -121.46 15.15 -52.22
N LEU J 1247 -121.55 16.46 -52.05
CA LEU J 1247 -120.87 17.41 -52.93
C LEU J 1247 -120.14 18.46 -52.09
N LEU J 1248 -120.92 19.26 -51.37
CA LEU J 1248 -120.39 20.31 -50.51
C LEU J 1248 -119.96 19.78 -49.15
N ILE J 1249 -118.89 20.36 -48.61
CA ILE J 1249 -118.41 20.04 -47.27
C ILE J 1249 -118.14 21.32 -46.49
N SER J 1250 -118.78 21.48 -45.34
CA SER J 1250 -118.67 22.72 -44.57
C SER J 1250 -118.08 22.50 -43.18
N CYS J 1251 -116.95 23.16 -42.90
CA CYS J 1251 -116.31 23.08 -41.59
C CYS J 1251 -115.71 24.43 -41.19
N ALA J 1252 -115.95 24.83 -39.95
CA ALA J 1252 -115.40 26.07 -39.41
C ALA J 1252 -115.36 26.05 -37.89
N GLU J 1253 -114.57 26.95 -37.30
CA GLU J 1253 -114.51 27.06 -35.85
C GLU J 1253 -115.29 28.25 -35.32
N GLN J 1254 -114.74 29.45 -35.49
CA GLN J 1254 -115.36 30.65 -34.92
C GLN J 1254 -115.66 31.73 -35.95
N LEU J 1255 -114.60 32.42 -36.40
CA LEU J 1255 -114.75 33.59 -37.25
C LEU J 1255 -114.60 33.25 -38.74
N CYS J 1256 -114.39 31.97 -39.03
CA CYS J 1256 -114.11 31.52 -40.40
C CYS J 1256 -115.20 31.92 -41.40
N PHE J 1257 -114.78 32.16 -42.63
CA PHE J 1257 -115.68 32.58 -43.71
C PHE J 1257 -116.41 31.41 -44.32
N TRP J 1258 -117.05 31.64 -45.46
CA TRP J 1258 -117.84 30.62 -46.16
C TRP J 1258 -117.06 29.33 -46.36
N ASN J 1259 -117.70 28.21 -46.00
CA ASN J 1259 -117.03 26.92 -45.93
C ASN J 1259 -117.16 26.06 -47.18
N VAL J 1260 -117.81 26.60 -48.21
CA VAL J 1260 -118.16 25.80 -49.38
C VAL J 1260 -116.96 25.19 -50.10
N THR J 1261 -116.99 23.87 -50.24
CA THR J 1261 -116.00 23.12 -51.01
C THR J 1261 -116.70 22.01 -51.76
N HIS J 1262 -116.51 21.93 -53.08
CA HIS J 1262 -117.19 20.91 -53.86
C HIS J 1262 -116.26 20.17 -54.81
N MET J 1263 -116.82 19.21 -55.54
CA MET J 1263 -116.06 18.43 -56.49
C MET J 1263 -116.65 18.57 -57.90
N ARG J 1264 -115.81 18.37 -58.91
CA ARG J 1264 -116.24 18.50 -60.30
C ARG J 1264 -116.58 17.15 -60.91
N HIS K 8 -47.31 8.02 -8.11
CA HIS K 8 -47.11 6.60 -8.34
C HIS K 8 -48.40 5.83 -8.31
N GLN K 9 -49.33 6.33 -7.51
CA GLN K 9 -50.25 5.45 -6.82
C GLN K 9 -50.88 4.46 -7.78
N TYR K 10 -50.81 3.21 -7.42
CA TYR K 10 -51.29 2.13 -8.25
C TYR K 10 -52.81 2.12 -8.19
N GLN K 11 -53.42 1.21 -8.94
CA GLN K 11 -54.83 1.25 -9.21
C GLN K 11 -55.34 -0.17 -9.20
N TYR K 12 -56.44 -0.43 -8.50
CA TYR K 12 -56.78 -1.81 -8.17
C TYR K 12 -56.69 -2.73 -9.37
N LYS K 13 -57.26 -2.31 -10.51
CA LYS K 13 -57.22 -3.21 -11.65
C LYS K 13 -55.80 -3.44 -12.13
N ASP K 14 -54.87 -2.56 -11.78
CA ASP K 14 -53.49 -2.89 -12.06
C ASP K 14 -53.04 -4.05 -11.20
N ILE K 15 -53.23 -3.92 -9.90
CA ILE K 15 -52.61 -4.83 -8.96
C ILE K 15 -53.44 -6.09 -8.79
N LEU K 16 -54.75 -6.01 -9.00
CA LEU K 16 -55.61 -7.10 -8.60
C LEU K 16 -55.14 -8.43 -9.15
N SER K 17 -54.69 -8.43 -10.39
CA SER K 17 -54.34 -9.69 -11.03
C SER K 17 -53.20 -10.40 -10.34
N VAL K 18 -52.55 -9.79 -9.35
CA VAL K 18 -51.33 -10.41 -8.87
C VAL K 18 -51.69 -11.63 -8.07
N PHE K 19 -52.20 -11.45 -6.88
CA PHE K 19 -52.48 -12.59 -6.04
C PHE K 19 -53.78 -13.21 -6.51
N GLU K 20 -53.70 -14.47 -6.86
CA GLU K 20 -54.84 -15.30 -7.19
C GLU K 20 -54.91 -16.50 -6.27
N ASP K 21 -53.81 -17.24 -6.13
CA ASP K 21 -53.84 -18.53 -5.45
C ASP K 21 -54.64 -18.44 -4.17
N ALA K 22 -54.26 -17.51 -3.29
CA ALA K 22 -55.06 -17.25 -2.12
C ALA K 22 -56.50 -17.00 -2.54
N PHE K 23 -56.69 -16.08 -3.48
CA PHE K 23 -58.02 -15.74 -3.94
C PHE K 23 -58.66 -16.94 -4.61
N VAL K 24 -57.84 -17.76 -5.27
CA VAL K 24 -58.34 -18.99 -5.89
C VAL K 24 -58.91 -19.91 -4.84
N ASP K 25 -58.05 -20.46 -4.02
CA ASP K 25 -58.35 -21.64 -3.21
C ASP K 25 -59.54 -21.42 -2.29
N ASN K 26 -59.41 -20.50 -1.36
CA ASN K 26 -60.31 -20.40 -0.23
C ASN K 26 -61.59 -19.65 -0.55
N PHE K 27 -61.79 -19.26 -1.80
CA PHE K 27 -62.98 -18.54 -2.21
C PHE K 27 -63.53 -19.05 -3.53
N ASP K 28 -64.86 -19.09 -3.64
CA ASP K 28 -65.51 -19.49 -4.87
C ASP K 28 -66.56 -18.45 -5.21
N CYS K 29 -66.64 -18.08 -6.49
CA CYS K 29 -67.64 -17.11 -6.89
C CYS K 29 -69.05 -17.56 -6.55
N LYS K 30 -69.41 -18.79 -6.92
CA LYS K 30 -70.77 -19.27 -6.70
C LYS K 30 -71.19 -19.06 -5.26
N ASP K 31 -70.23 -19.09 -4.34
CA ASP K 31 -70.50 -18.87 -2.93
C ASP K 31 -71.30 -17.59 -2.77
N VAL K 32 -70.94 -16.58 -3.54
CA VAL K 32 -71.51 -15.25 -3.40
C VAL K 32 -71.99 -14.75 -4.74
N GLN K 33 -73.30 -14.61 -4.88
CA GLN K 33 -73.85 -13.62 -5.79
C GLN K 33 -74.57 -12.60 -4.92
N ASP K 34 -73.89 -11.51 -4.60
CA ASP K 34 -74.58 -10.35 -4.08
C ASP K 34 -75.06 -9.47 -5.23
N MET K 35 -74.21 -9.28 -6.22
CA MET K 35 -74.56 -8.76 -7.51
C MET K 35 -75.16 -7.36 -7.49
N PRO K 36 -74.47 -6.35 -6.96
CA PRO K 36 -74.88 -4.99 -7.28
C PRO K 36 -74.75 -4.80 -8.79
N LYS K 37 -75.85 -4.40 -9.42
CA LYS K 37 -75.98 -4.67 -10.84
C LYS K 37 -75.00 -3.90 -11.68
N SER K 38 -74.59 -2.71 -11.26
CA SER K 38 -73.64 -1.95 -12.05
C SER K 38 -72.30 -2.67 -12.12
N ILE K 39 -71.92 -3.35 -11.03
CA ILE K 39 -70.56 -3.85 -10.97
C ILE K 39 -70.42 -5.13 -11.78
N LEU K 40 -71.49 -5.90 -11.91
CA LEU K 40 -71.49 -7.11 -12.72
C LEU K 40 -72.86 -7.24 -13.33
N SER K 41 -72.92 -7.56 -14.61
CA SER K 41 -74.24 -7.79 -15.14
C SER K 41 -74.76 -9.13 -14.67
N LYS K 42 -76.03 -9.39 -14.95
CA LYS K 42 -76.59 -10.68 -14.59
C LYS K 42 -75.94 -11.77 -15.40
N GLU K 43 -76.00 -11.65 -16.72
CA GLU K 43 -75.35 -12.61 -17.61
C GLU K 43 -73.92 -12.90 -17.20
N GLU K 44 -73.23 -11.91 -16.63
CA GLU K 44 -71.86 -12.11 -16.20
C GLU K 44 -71.80 -13.29 -15.26
N ILE K 45 -72.33 -13.10 -14.05
CA ILE K 45 -72.23 -14.16 -13.05
C ILE K 45 -73.05 -15.35 -13.50
N ASP K 46 -74.02 -15.15 -14.39
CA ASP K 46 -74.65 -16.28 -15.02
C ASP K 46 -73.61 -17.17 -15.67
N HIS K 47 -72.60 -16.56 -16.29
CA HIS K 47 -71.62 -17.33 -17.02
C HIS K 47 -70.55 -17.91 -16.11
N ILE K 48 -70.13 -17.19 -15.08
CA ILE K 48 -68.99 -17.63 -14.27
C ILE K 48 -69.28 -18.98 -13.64
N ILE K 49 -70.36 -19.07 -12.88
CA ILE K 49 -70.60 -20.28 -12.12
C ILE K 49 -70.65 -21.50 -13.01
N MET K 50 -71.03 -21.31 -14.27
CA MET K 50 -71.09 -22.43 -15.20
C MET K 50 -69.75 -23.13 -15.36
N SER K 51 -68.65 -22.48 -14.99
CA SER K 51 -67.35 -23.14 -15.10
C SER K 51 -67.27 -24.29 -14.11
N LYS K 52 -66.44 -25.27 -14.45
CA LYS K 52 -66.51 -26.55 -13.76
C LYS K 52 -65.62 -26.61 -12.54
N ASP K 53 -64.69 -25.67 -12.39
CA ASP K 53 -63.75 -25.73 -11.28
C ASP K 53 -63.15 -24.38 -11.00
N ALA K 54 -62.61 -24.26 -9.78
CA ALA K 54 -62.04 -23.00 -9.32
C ALA K 54 -61.04 -22.45 -10.31
N VAL K 55 -60.04 -23.25 -10.67
CA VAL K 55 -58.98 -22.77 -11.55
C VAL K 55 -59.57 -22.19 -12.82
N SER K 56 -60.70 -22.72 -13.25
CA SER K 56 -61.50 -21.99 -14.22
C SER K 56 -62.34 -20.93 -13.54
N GLY K 57 -63.01 -21.29 -12.46
CA GLY K 57 -63.98 -20.40 -11.88
C GLY K 57 -63.37 -19.10 -11.42
N THR K 58 -62.42 -19.18 -10.49
CA THR K 58 -61.79 -17.96 -10.01
C THR K 58 -61.21 -17.18 -11.16
N LEU K 59 -60.75 -17.88 -12.18
CA LEU K 59 -60.05 -17.18 -13.25
C LEU K 59 -60.99 -16.28 -14.02
N ARG K 60 -62.07 -16.84 -14.55
CA ARG K 60 -62.92 -16.03 -15.41
C ARG K 60 -63.43 -14.81 -14.69
N LEU K 61 -63.39 -14.82 -13.36
CA LEU K 61 -63.72 -13.64 -12.62
C LEU K 61 -62.84 -12.48 -13.06
N PHE K 62 -61.54 -12.60 -12.83
CA PHE K 62 -60.65 -11.48 -13.08
C PHE K 62 -60.84 -10.92 -14.48
N TRP K 63 -60.74 -11.77 -15.50
CA TRP K 63 -60.89 -11.28 -16.85
C TRP K 63 -62.16 -10.50 -17.06
N THR K 64 -63.19 -10.82 -16.32
CA THR K 64 -64.35 -9.96 -16.41
C THR K 64 -64.07 -8.60 -15.78
N LEU K 65 -63.60 -8.60 -14.54
CA LEU K 65 -63.36 -7.33 -13.87
C LEU K 65 -62.43 -6.44 -14.66
N LEU K 66 -61.27 -6.94 -15.03
CA LEU K 66 -60.26 -6.10 -15.66
C LEU K 66 -60.74 -5.49 -16.97
N SER K 67 -61.88 -5.91 -17.47
CA SER K 67 -62.47 -5.32 -18.65
C SER K 67 -63.36 -4.14 -18.32
N LYS K 68 -63.36 -3.68 -17.08
CA LYS K 68 -64.29 -2.66 -16.64
C LYS K 68 -63.51 -1.44 -16.17
N GLN K 69 -64.24 -0.34 -16.02
CA GLN K 69 -63.64 0.87 -15.52
C GLN K 69 -63.38 0.78 -14.02
N GLU K 70 -62.37 1.50 -13.58
CA GLU K 70 -61.80 1.31 -12.26
C GLU K 70 -62.81 1.52 -11.13
N GLU K 71 -63.77 2.43 -11.31
CA GLU K 71 -64.75 2.68 -10.26
C GLU K 71 -65.39 1.38 -9.79
N MET K 72 -65.91 0.61 -10.73
CA MET K 72 -66.56 -0.65 -10.38
C MET K 72 -65.64 -1.50 -9.51
N VAL K 73 -64.46 -1.79 -10.02
CA VAL K 73 -63.47 -2.50 -9.23
C VAL K 73 -63.24 -1.77 -7.93
N GLN K 74 -63.00 -0.46 -8.01
CA GLN K 74 -62.80 0.33 -6.80
C GLN K 74 -63.91 0.09 -5.80
N LYS K 75 -65.12 -0.17 -6.28
CA LYS K 75 -66.15 -0.56 -5.35
C LYS K 75 -66.06 -2.03 -5.00
N PHE K 76 -65.56 -2.86 -5.91
CA PHE K 76 -65.58 -4.29 -5.65
C PHE K 76 -64.67 -4.65 -4.50
N VAL K 77 -63.52 -4.00 -4.41
CA VAL K 77 -62.62 -4.29 -3.31
C VAL K 77 -63.27 -3.92 -2.00
N GLU K 78 -64.21 -2.98 -2.01
CA GLU K 78 -65.00 -2.67 -0.82
C GLU K 78 -66.10 -3.69 -0.60
N GLU K 79 -66.72 -4.15 -1.69
CA GLU K 79 -67.90 -5.01 -1.59
C GLU K 79 -67.59 -6.29 -0.82
N VAL K 80 -66.38 -6.83 -0.99
CA VAL K 80 -66.05 -8.08 -0.31
C VAL K 80 -66.12 -7.91 1.20
N LEU K 81 -65.75 -6.73 1.69
CA LEU K 81 -65.87 -6.43 3.12
C LEU K 81 -67.23 -6.80 3.66
N ARG K 82 -68.29 -6.31 3.02
CA ARG K 82 -69.64 -6.57 3.51
C ARG K 82 -69.94 -8.05 3.53
N ILE K 83 -69.31 -8.81 2.65
CA ILE K 83 -69.49 -10.25 2.66
C ILE K 83 -68.83 -10.75 3.93
N ASN K 84 -69.20 -11.95 4.35
CA ASN K 84 -68.71 -12.49 5.61
C ASN K 84 -67.20 -12.37 5.71
N TYR K 85 -66.50 -12.58 4.61
CA TYR K 85 -65.05 -12.67 4.68
C TYR K 85 -64.44 -11.39 4.14
N LYS K 86 -63.85 -10.61 5.04
CA LYS K 86 -62.95 -9.56 4.63
C LYS K 86 -61.49 -9.97 4.69
N PHE K 87 -61.18 -11.11 5.30
CA PHE K 87 -59.77 -11.43 5.50
C PHE K 87 -59.01 -11.39 4.20
N LEU K 88 -59.68 -11.73 3.12
CA LEU K 88 -59.09 -11.68 1.80
C LEU K 88 -58.74 -10.28 1.37
N MET K 89 -59.55 -9.30 1.76
CA MET K 89 -59.31 -7.95 1.26
C MET K 89 -58.37 -7.15 2.13
N SER K 90 -57.93 -7.65 3.25
CA SER K 90 -56.95 -6.85 3.95
C SER K 90 -55.64 -6.84 3.17
N PRO K 91 -55.16 -7.97 2.65
CA PRO K 91 -53.93 -7.89 1.86
C PRO K 91 -54.09 -6.98 0.68
N ILE K 92 -55.15 -7.15 -0.10
CA ILE K 92 -55.35 -6.35 -1.28
C ILE K 92 -55.36 -4.87 -0.97
N LYS K 93 -55.60 -4.52 0.28
CA LYS K 93 -55.49 -3.14 0.68
C LYS K 93 -54.05 -2.77 0.95
N THR K 94 -53.12 -3.69 0.75
CA THR K 94 -51.71 -3.36 0.78
C THR K 94 -51.19 -2.93 -0.58
N GLU K 95 -52.09 -2.72 -1.54
CA GLU K 95 -51.79 -1.79 -2.62
C GLU K 95 -51.09 -0.57 -2.07
N GLN K 96 -51.83 0.21 -1.30
CA GLN K 96 -51.45 1.57 -0.99
C GLN K 96 -50.12 1.60 -0.27
N ARG K 97 -49.16 2.31 -0.85
CA ARG K 97 -47.81 2.45 -0.32
C ARG K 97 -47.18 1.11 -0.01
N GLN K 98 -47.71 0.05 -0.57
CA GLN K 98 -46.92 -1.14 -0.34
C GLN K 98 -47.02 -2.09 -1.52
N PRO K 99 -46.57 -1.70 -2.70
CA PRO K 99 -46.24 -2.71 -3.68
C PRO K 99 -45.09 -3.51 -3.13
N SER K 100 -45.25 -4.83 -3.11
CA SER K 100 -44.12 -5.58 -2.60
C SER K 100 -42.95 -5.44 -3.54
N MET K 101 -41.76 -5.29 -2.96
CA MET K 101 -40.58 -4.93 -3.74
C MET K 101 -40.43 -5.80 -4.96
N MET K 102 -40.87 -7.05 -4.86
CA MET K 102 -41.08 -7.84 -6.06
C MET K 102 -42.11 -7.19 -6.97
N THR K 103 -43.35 -7.14 -6.50
CA THR K 103 -44.49 -6.95 -7.39
C THR K 103 -44.27 -5.84 -8.39
N ARG K 104 -43.58 -4.78 -7.99
CA ARG K 104 -43.32 -3.72 -8.95
C ARG K 104 -42.63 -4.26 -10.19
N MET K 105 -41.74 -5.23 -10.02
CA MET K 105 -41.13 -5.84 -11.19
C MET K 105 -42.20 -6.29 -12.16
N TYR K 106 -43.12 -7.12 -11.70
CA TYR K 106 -44.26 -7.51 -12.51
C TYR K 106 -44.97 -6.30 -13.05
N ILE K 107 -45.63 -5.56 -12.18
CA ILE K 107 -46.57 -4.53 -12.63
C ILE K 107 -45.91 -3.60 -13.60
N GLU K 108 -44.60 -3.44 -13.49
CA GLU K 108 -43.90 -2.74 -14.56
C GLU K 108 -43.96 -3.55 -15.83
N GLN K 109 -43.47 -4.77 -15.77
CA GLN K 109 -43.05 -5.39 -17.02
C GLN K 109 -44.21 -5.64 -17.95
N ARG K 110 -45.35 -6.08 -17.44
CA ARG K 110 -46.49 -6.27 -18.33
C ARG K 110 -46.73 -5.04 -19.18
N ASP K 111 -46.46 -3.86 -18.62
CA ASP K 111 -46.59 -2.68 -19.46
C ASP K 111 -45.61 -2.75 -20.62
N ARG K 112 -44.34 -2.99 -20.34
CA ARG K 112 -43.42 -3.19 -21.44
C ARG K 112 -43.86 -4.34 -22.32
N LEU K 113 -44.72 -5.21 -21.80
CA LEU K 113 -45.33 -6.19 -22.68
C LEU K 113 -46.48 -5.58 -23.46
N TYR K 114 -47.38 -4.86 -22.79
CA TYR K 114 -48.42 -4.19 -23.55
C TYR K 114 -47.88 -3.17 -24.53
N ASN K 115 -46.64 -2.77 -24.43
CA ASN K 115 -46.17 -1.83 -25.43
C ASN K 115 -45.81 -2.54 -26.72
N ASP K 116 -46.12 -3.81 -26.77
CA ASP K 116 -46.58 -4.43 -28.01
C ASP K 116 -47.86 -3.77 -28.52
N ASN K 117 -48.46 -2.86 -27.76
CA ASN K 117 -49.58 -2.01 -28.19
C ASN K 117 -50.77 -2.76 -28.73
N GLN K 118 -51.04 -2.62 -30.01
CA GLN K 118 -52.34 -2.99 -30.56
C GLN K 118 -52.87 -4.23 -29.91
N VAL K 119 -51.93 -5.13 -29.71
CA VAL K 119 -52.23 -6.52 -29.48
C VAL K 119 -53.31 -6.66 -28.45
N PHE K 120 -52.97 -6.48 -27.20
CA PHE K 120 -53.96 -6.64 -26.18
C PHE K 120 -54.54 -5.30 -25.81
N ALA K 121 -54.11 -4.26 -26.48
CA ALA K 121 -54.64 -2.94 -26.25
C ALA K 121 -56.15 -3.01 -26.38
N LYS K 122 -56.63 -3.13 -27.61
CA LYS K 122 -58.06 -3.27 -27.81
C LYS K 122 -58.41 -4.76 -27.79
N TYR K 123 -57.92 -5.47 -28.77
CA TYR K 123 -58.57 -6.67 -29.22
C TYR K 123 -57.92 -7.88 -28.55
N ASN K 124 -58.71 -8.56 -27.75
CA ASN K 124 -58.76 -10.01 -27.73
C ASN K 124 -59.78 -10.35 -26.69
N VAL K 125 -60.34 -11.53 -26.78
CA VAL K 125 -61.03 -12.11 -25.67
C VAL K 125 -60.28 -13.40 -25.35
N SER K 126 -59.25 -13.28 -24.52
CA SER K 126 -58.66 -14.38 -23.79
C SER K 126 -58.65 -15.69 -24.56
N ARG K 127 -59.00 -16.73 -23.83
CA ARG K 127 -59.66 -17.97 -24.19
C ARG K 127 -59.54 -18.75 -22.92
N LEU K 128 -60.10 -19.93 -22.82
CA LEU K 128 -59.87 -20.65 -21.59
C LEU K 128 -59.08 -21.92 -21.85
N GLN K 129 -59.67 -22.89 -22.52
CA GLN K 129 -58.99 -24.16 -22.72
C GLN K 129 -57.57 -23.99 -23.23
N PRO K 130 -57.34 -23.37 -24.38
CA PRO K 130 -55.96 -23.33 -24.86
C PRO K 130 -55.06 -22.62 -23.90
N TYR K 131 -55.56 -21.57 -23.28
CA TYR K 131 -54.82 -20.97 -22.18
C TYR K 131 -54.44 -22.02 -21.17
N LEU K 132 -55.44 -22.71 -20.65
CA LEU K 132 -55.24 -23.46 -19.43
C LEU K 132 -54.24 -24.58 -19.58
N LYS K 133 -54.37 -25.40 -20.62
CA LYS K 133 -53.34 -26.42 -20.84
C LYS K 133 -51.98 -25.80 -20.86
N LEU K 134 -51.85 -24.64 -21.48
CA LEU K 134 -50.51 -24.15 -21.72
C LEU K 134 -49.84 -23.75 -20.42
N ARG K 135 -50.51 -22.93 -19.61
CA ARG K 135 -49.89 -22.53 -18.35
C ARG K 135 -49.44 -23.75 -17.59
N GLN K 136 -50.27 -24.79 -17.58
CA GLN K 136 -49.89 -26.05 -16.99
C GLN K 136 -48.51 -26.47 -17.45
N ALA K 137 -48.35 -26.70 -18.74
CA ALA K 137 -47.05 -27.10 -19.25
C ALA K 137 -46.01 -26.03 -18.98
N LEU K 138 -46.24 -24.84 -19.49
CA LEU K 138 -45.19 -23.83 -19.45
C LEU K 138 -44.80 -23.46 -18.04
N LEU K 139 -45.61 -23.79 -17.06
CA LEU K 139 -45.13 -23.66 -15.70
C LEU K 139 -44.05 -24.67 -15.38
N GLU K 140 -44.15 -25.87 -15.96
CA GLU K 140 -43.27 -26.95 -15.53
C GLU K 140 -41.87 -26.83 -16.09
N LEU K 141 -41.74 -26.69 -17.40
CA LEU K 141 -40.53 -27.15 -18.09
C LEU K 141 -39.26 -26.60 -17.46
N ARG K 142 -38.24 -27.44 -17.43
CA ARG K 142 -36.96 -27.15 -16.83
C ARG K 142 -35.93 -26.85 -17.93
N PRO K 143 -34.71 -26.45 -17.60
CA PRO K 143 -33.98 -25.66 -18.58
C PRO K 143 -33.31 -26.42 -19.70
N ALA K 144 -33.95 -27.42 -20.29
CA ALA K 144 -33.89 -27.59 -21.73
C ALA K 144 -35.15 -28.33 -22.12
N LYS K 145 -36.07 -27.67 -22.81
CA LYS K 145 -37.35 -28.26 -23.13
C LYS K 145 -37.98 -27.38 -24.19
N ASN K 146 -39.22 -27.70 -24.53
CA ASN K 146 -39.91 -26.91 -25.53
C ASN K 146 -41.40 -27.06 -25.32
N VAL K 147 -42.16 -26.12 -25.84
CA VAL K 147 -43.58 -26.30 -26.02
C VAL K 147 -43.91 -25.79 -27.40
N LEU K 148 -44.35 -26.67 -28.28
CA LEU K 148 -44.83 -26.15 -29.53
C LEU K 148 -46.17 -25.52 -29.33
N ILE K 149 -46.50 -24.62 -30.24
CA ILE K 149 -47.87 -24.25 -30.45
C ILE K 149 -48.11 -24.32 -31.93
N ASP K 150 -48.92 -25.26 -32.35
CA ASP K 150 -49.22 -25.43 -33.76
C ASP K 150 -50.61 -24.89 -34.06
N GLY K 151 -50.71 -24.18 -35.17
CA GLY K 151 -52.01 -23.80 -35.66
C GLY K 151 -51.99 -23.60 -37.15
N VAL K 152 -53.16 -23.78 -37.74
CA VAL K 152 -53.35 -23.45 -39.14
C VAL K 152 -53.39 -21.94 -39.29
N LEU K 153 -53.26 -21.49 -40.54
CA LEU K 153 -53.02 -20.07 -40.80
C LEU K 153 -53.98 -19.22 -40.00
N GLY K 154 -53.44 -18.16 -39.42
CA GLY K 154 -54.17 -17.47 -38.40
C GLY K 154 -54.32 -18.34 -37.18
N SER K 155 -55.56 -18.54 -36.74
CA SER K 155 -55.88 -19.35 -35.58
C SER K 155 -55.19 -18.86 -34.32
N GLY K 156 -54.74 -17.62 -34.34
CA GLY K 156 -54.34 -16.91 -33.15
C GLY K 156 -53.38 -17.59 -32.22
N LYS K 157 -52.31 -18.14 -32.74
CA LYS K 157 -51.32 -18.70 -31.84
C LYS K 157 -50.48 -17.59 -31.20
N THR K 158 -50.00 -16.64 -31.99
CA THR K 158 -49.15 -15.58 -31.47
C THR K 158 -49.76 -14.86 -30.28
N TRP K 159 -51.07 -14.92 -30.14
CA TRP K 159 -51.72 -14.23 -29.05
C TRP K 159 -51.76 -15.10 -27.81
N VAL K 160 -52.43 -16.24 -27.89
CA VAL K 160 -52.40 -17.18 -26.78
C VAL K 160 -50.98 -17.37 -26.30
N ALA K 161 -50.03 -17.30 -27.23
CA ALA K 161 -48.64 -17.18 -26.87
C ALA K 161 -48.43 -16.09 -25.83
N LEU K 162 -48.66 -14.85 -26.23
CA LEU K 162 -48.49 -13.75 -25.29
C LEU K 162 -49.28 -14.01 -24.03
N ASP K 163 -50.61 -14.08 -24.18
CA ASP K 163 -51.49 -13.89 -23.04
C ASP K 163 -51.05 -14.70 -21.84
N VAL K 164 -50.74 -15.98 -22.02
CA VAL K 164 -50.28 -16.73 -20.87
C VAL K 164 -48.99 -16.16 -20.32
N CYS K 165 -48.07 -15.75 -21.18
CA CYS K 165 -46.83 -15.15 -20.72
C CYS K 165 -47.05 -13.87 -19.95
N LEU K 166 -48.26 -13.31 -20.00
CA LEU K 166 -48.57 -12.15 -19.19
C LEU K 166 -48.95 -12.52 -17.77
N SER K 167 -49.53 -13.70 -17.57
CA SER K 167 -50.12 -14.02 -16.28
C SER K 167 -49.05 -14.13 -15.21
N TYR K 168 -49.34 -13.53 -14.05
CA TYR K 168 -48.33 -13.37 -13.01
C TYR K 168 -47.60 -14.65 -12.73
N LYS K 169 -48.31 -15.65 -12.24
CA LYS K 169 -47.65 -16.81 -11.66
C LYS K 169 -46.58 -17.37 -12.57
N VAL K 170 -46.80 -17.31 -13.89
CA VAL K 170 -45.71 -17.53 -14.82
C VAL K 170 -44.61 -16.52 -14.58
N GLN K 171 -44.93 -15.25 -14.79
CA GLN K 171 -43.92 -14.21 -14.86
C GLN K 171 -42.99 -14.26 -13.67
N CYS K 172 -43.48 -14.74 -12.54
CA CYS K 172 -42.64 -14.86 -11.36
C CYS K 172 -41.78 -16.11 -11.41
N LYS K 173 -42.31 -17.17 -12.01
CA LYS K 173 -41.54 -18.40 -12.13
C LYS K 173 -40.26 -18.17 -12.89
N MET K 174 -40.31 -17.33 -13.91
CA MET K 174 -39.22 -17.20 -14.84
C MET K 174 -38.34 -16.01 -14.56
N ASP K 175 -38.56 -15.30 -13.47
CA ASP K 175 -37.76 -14.18 -13.04
C ASP K 175 -37.79 -13.03 -14.02
N PHE K 176 -38.94 -12.66 -14.54
CA PHE K 176 -39.12 -11.35 -15.14
C PHE K 176 -38.16 -11.11 -16.28
N LYS K 177 -37.65 -12.18 -16.87
CA LYS K 177 -36.82 -12.08 -18.05
C LYS K 177 -37.52 -12.86 -19.14
N ILE K 178 -38.04 -12.17 -20.15
CA ILE K 178 -38.68 -12.83 -21.25
C ILE K 178 -38.33 -12.12 -22.54
N PHE K 179 -37.76 -12.84 -23.48
CA PHE K 179 -37.20 -12.23 -24.68
C PHE K 179 -37.97 -12.68 -25.90
N TRP K 180 -38.44 -11.71 -26.66
CA TRP K 180 -39.25 -12.02 -27.82
C TRP K 180 -38.39 -11.88 -29.05
N LEU K 181 -38.64 -12.72 -30.05
CA LEU K 181 -38.05 -12.55 -31.35
C LEU K 181 -39.11 -12.75 -32.42
N ASN K 182 -38.69 -12.62 -33.67
CA ASN K 182 -39.47 -13.10 -34.78
C ASN K 182 -38.51 -13.70 -35.79
N LEU K 183 -38.76 -14.93 -36.15
CA LEU K 183 -38.05 -15.50 -37.27
C LEU K 183 -38.82 -15.29 -38.54
N LYS K 184 -39.86 -14.45 -38.50
CA LYS K 184 -40.78 -14.24 -39.59
C LYS K 184 -40.07 -14.11 -40.91
N ASN K 185 -38.94 -13.44 -40.93
CA ASN K 185 -38.03 -13.56 -42.06
C ASN K 185 -36.78 -14.22 -41.52
N CYS K 186 -36.63 -15.51 -41.78
CA CYS K 186 -35.40 -16.21 -41.46
C CYS K 186 -35.10 -17.20 -42.58
N ASN K 187 -34.03 -16.95 -43.31
CA ASN K 187 -33.56 -17.87 -44.33
C ASN K 187 -32.08 -17.65 -44.51
N SER K 188 -31.34 -18.70 -44.82
CA SER K 188 -29.94 -18.59 -45.17
C SER K 188 -29.13 -18.14 -43.96
N PRO K 189 -27.83 -18.34 -43.97
CA PRO K 189 -27.04 -17.93 -42.81
C PRO K 189 -27.14 -16.45 -42.52
N GLU K 190 -27.02 -15.60 -43.53
CA GLU K 190 -26.95 -14.16 -43.27
C GLU K 190 -28.07 -13.72 -42.34
N THR K 191 -29.31 -13.88 -42.79
CA THR K 191 -30.43 -13.41 -42.00
C THR K 191 -30.37 -13.92 -40.57
N VAL K 192 -30.10 -15.21 -40.40
CA VAL K 192 -30.02 -15.76 -39.05
C VAL K 192 -29.10 -14.92 -38.19
N LEU K 193 -27.90 -14.65 -38.70
CA LEU K 193 -26.95 -13.86 -37.93
C LEU K 193 -27.62 -12.60 -37.40
N GLU K 194 -28.34 -11.90 -38.27
CA GLU K 194 -29.06 -10.73 -37.83
C GLU K 194 -29.96 -11.09 -36.67
N MET K 195 -31.05 -11.79 -36.99
CA MET K 195 -32.11 -11.94 -36.01
C MET K 195 -31.59 -12.69 -34.80
N LEU K 196 -30.43 -13.31 -34.92
CA LEU K 196 -29.74 -13.76 -33.74
C LEU K 196 -29.03 -12.61 -33.07
N GLN K 197 -28.32 -11.80 -33.82
CA GLN K 197 -27.45 -10.84 -33.18
C GLN K 197 -28.26 -9.84 -32.37
N LYS K 198 -29.45 -9.50 -32.86
CA LYS K 198 -30.34 -8.66 -32.05
C LYS K 198 -30.50 -9.24 -30.67
N LEU K 199 -30.86 -10.52 -30.59
CA LEU K 199 -31.07 -11.15 -29.30
C LEU K 199 -29.89 -10.90 -28.39
N LEU K 200 -28.69 -10.84 -28.97
CA LEU K 200 -27.53 -10.65 -28.11
C LEU K 200 -27.62 -9.35 -27.35
N TYR K 201 -27.94 -8.26 -28.04
CA TYR K 201 -27.92 -6.97 -27.37
C TYR K 201 -28.89 -6.94 -26.20
N GLN K 202 -30.09 -7.47 -26.38
CA GLN K 202 -31.05 -7.37 -25.29
C GLN K 202 -30.53 -8.00 -24.01
N ILE K 203 -29.65 -8.99 -24.12
CA ILE K 203 -29.20 -9.63 -22.90
C ILE K 203 -28.20 -8.74 -22.18
N ASP K 204 -27.21 -8.27 -22.84
CA ASP K 204 -26.28 -7.34 -22.24
C ASP K 204 -25.98 -6.29 -23.29
N PRO K 205 -25.93 -5.02 -22.94
CA PRO K 205 -25.46 -4.04 -23.92
C PRO K 205 -23.95 -3.94 -23.94
N ASN K 206 -23.26 -5.07 -23.94
CA ASN K 206 -21.85 -5.06 -24.31
C ASN K 206 -21.57 -6.25 -25.19
N TRP K 207 -21.26 -6.00 -26.46
CA TRP K 207 -20.59 -7.06 -27.19
C TRP K 207 -19.54 -6.45 -28.10
N THR K 208 -18.29 -6.85 -27.88
CA THR K 208 -17.21 -6.45 -28.77
C THR K 208 -17.21 -7.41 -29.95
N SER K 209 -16.85 -6.88 -31.10
CA SER K 209 -16.72 -7.62 -32.34
C SER K 209 -15.61 -8.67 -32.29
N ARG K 210 -14.93 -8.76 -31.14
CA ARG K 210 -13.57 -9.27 -31.06
C ARG K 210 -13.37 -10.55 -31.87
N SER K 211 -14.33 -11.47 -31.84
CA SER K 211 -14.23 -12.62 -32.71
C SER K 211 -14.22 -12.16 -34.16
N ASP K 212 -13.19 -12.58 -34.90
CA ASP K 212 -12.81 -11.88 -36.11
C ASP K 212 -13.94 -11.85 -37.11
N HIS K 213 -13.86 -10.89 -38.02
CA HIS K 213 -14.90 -10.58 -38.99
C HIS K 213 -14.74 -11.49 -40.19
N SER K 214 -13.95 -12.54 -40.03
CA SER K 214 -13.53 -13.41 -41.13
C SER K 214 -14.73 -13.78 -41.99
N SER K 215 -14.54 -13.67 -43.30
CA SER K 215 -15.65 -13.64 -44.24
C SER K 215 -16.50 -14.90 -44.20
N ASN K 216 -16.07 -15.92 -43.46
CA ASN K 216 -16.87 -17.12 -43.43
C ASN K 216 -18.04 -16.90 -42.49
N ILE K 217 -19.21 -16.75 -43.11
CA ILE K 217 -20.45 -16.52 -42.39
C ILE K 217 -20.80 -17.71 -41.52
N LYS K 218 -20.55 -18.91 -42.04
CA LYS K 218 -20.90 -20.11 -41.29
C LYS K 218 -20.09 -20.18 -40.01
N LEU K 219 -18.80 -19.96 -40.10
CA LEU K 219 -18.01 -19.90 -38.88
C LEU K 219 -18.56 -18.85 -37.94
N ARG K 220 -18.85 -17.67 -38.47
CA ARG K 220 -19.00 -16.50 -37.63
C ARG K 220 -20.10 -16.70 -36.60
N ILE K 221 -21.28 -17.11 -37.04
CA ILE K 221 -22.35 -17.30 -36.06
C ILE K 221 -21.90 -18.28 -35.01
N HIS K 222 -21.26 -19.36 -35.42
CA HIS K 222 -20.93 -20.39 -34.47
C HIS K 222 -19.98 -19.85 -33.42
N SER K 223 -19.39 -18.68 -33.68
CA SER K 223 -18.70 -17.98 -32.60
C SER K 223 -19.68 -17.25 -31.71
N ILE K 224 -20.60 -16.49 -32.30
CA ILE K 224 -21.61 -15.83 -31.48
C ILE K 224 -22.34 -16.84 -30.64
N GLN K 225 -22.93 -17.82 -31.31
CA GLN K 225 -23.73 -18.81 -30.64
C GLN K 225 -22.99 -19.41 -29.47
N ALA K 226 -21.68 -19.59 -29.60
CA ALA K 226 -20.90 -19.91 -28.43
C ALA K 226 -21.02 -18.81 -27.39
N GLU K 227 -20.49 -17.64 -27.69
CA GLU K 227 -20.43 -16.55 -26.71
C GLU K 227 -21.76 -16.39 -26.00
N LEU K 228 -22.84 -16.56 -26.74
CA LEU K 228 -24.15 -16.56 -26.11
C LEU K 228 -24.29 -17.71 -25.13
N ARG K 229 -24.10 -18.95 -25.61
CA ARG K 229 -24.47 -20.11 -24.83
C ARG K 229 -23.93 -20.03 -23.42
N ARG K 230 -22.64 -19.72 -23.29
CA ARG K 230 -22.11 -19.57 -21.95
C ARG K 230 -22.89 -18.54 -21.17
N LEU K 231 -22.95 -17.33 -21.70
CA LEU K 231 -23.50 -16.22 -20.93
C LEU K 231 -24.89 -16.54 -20.42
N LEU K 232 -25.72 -17.12 -21.27
CA LEU K 232 -27.10 -17.37 -20.88
C LEU K 232 -27.16 -18.23 -19.64
N LYS K 233 -26.82 -19.51 -19.77
CA LYS K 233 -26.96 -20.40 -18.64
C LYS K 233 -26.03 -20.04 -17.50
N SER K 234 -25.05 -19.17 -17.75
CA SER K 234 -24.05 -18.87 -16.73
C SER K 234 -24.70 -18.32 -15.48
N LYS K 235 -25.16 -17.10 -15.55
CA LYS K 235 -25.38 -16.30 -14.37
C LYS K 235 -26.85 -16.33 -14.01
N PRO K 236 -27.26 -15.62 -12.98
CA PRO K 236 -28.63 -15.11 -12.96
C PRO K 236 -28.89 -14.53 -14.33
N TYR K 237 -30.12 -14.64 -14.82
CA TYR K 237 -30.43 -15.21 -16.13
C TYR K 237 -30.37 -16.73 -16.12
N GLU K 238 -30.55 -17.39 -14.98
CA GLU K 238 -30.52 -18.84 -15.00
C GLU K 238 -31.81 -19.38 -15.57
N ASN K 239 -32.92 -18.74 -15.24
CA ASN K 239 -34.21 -19.12 -15.78
C ASN K 239 -34.69 -18.00 -16.67
N CYS K 240 -34.62 -18.20 -17.97
CA CYS K 240 -35.19 -17.28 -18.91
C CYS K 240 -35.93 -18.11 -19.91
N LEU K 241 -36.75 -17.49 -20.73
CA LEU K 241 -37.23 -18.17 -21.92
C LEU K 241 -37.14 -17.25 -23.10
N LEU K 242 -36.52 -17.74 -24.15
CA LEU K 242 -36.74 -17.16 -25.45
C LEU K 242 -38.17 -17.43 -25.84
N VAL K 243 -38.66 -16.69 -26.80
CA VAL K 243 -39.87 -17.08 -27.48
C VAL K 243 -39.62 -16.89 -28.95
N LEU K 244 -40.11 -17.77 -29.76
CA LEU K 244 -39.91 -17.69 -31.20
C LEU K 244 -41.28 -17.65 -31.84
N LEU K 245 -41.55 -16.61 -32.58
CA LEU K 245 -42.82 -16.52 -33.25
C LEU K 245 -42.60 -16.82 -34.73
N ASN K 246 -43.46 -17.69 -35.26
CA ASN K 246 -43.45 -18.00 -36.68
C ASN K 246 -42.11 -18.59 -37.11
N VAL K 247 -41.69 -19.64 -36.41
CA VAL K 247 -40.49 -20.32 -36.86
C VAL K 247 -40.67 -20.76 -38.28
N GLN K 248 -39.84 -20.24 -39.19
CA GLN K 248 -40.00 -20.55 -40.61
C GLN K 248 -38.99 -21.51 -41.24
N ASN K 249 -37.88 -21.74 -40.56
CA ASN K 249 -36.87 -22.65 -41.09
C ASN K 249 -36.69 -23.83 -40.14
N ALA K 250 -36.76 -25.05 -40.68
CA ALA K 250 -36.60 -26.15 -39.85
C ALA K 250 -35.34 -26.22 -39.31
N ALA K 252 -33.21 -23.21 -38.78
CA ALA K 252 -33.33 -22.10 -37.95
C ALA K 252 -33.24 -22.64 -36.62
N TRP K 253 -34.49 -23.22 -36.30
CA TRP K 253 -34.41 -23.76 -34.96
C TRP K 253 -32.97 -23.87 -34.50
N ASN K 254 -32.20 -24.73 -35.16
CA ASN K 254 -30.90 -25.13 -34.65
C ASN K 254 -29.97 -23.95 -34.45
N ALA K 255 -30.35 -22.80 -34.97
CA ALA K 255 -29.71 -21.59 -34.54
C ALA K 255 -29.70 -21.55 -33.02
N PHE K 256 -30.87 -21.53 -32.42
CA PHE K 256 -31.04 -21.08 -31.06
C PHE K 256 -30.95 -22.19 -30.02
N ASN K 257 -30.63 -23.41 -30.44
CA ASN K 257 -30.72 -24.60 -29.59
C ASN K 257 -30.15 -24.37 -28.20
N LEU K 258 -29.07 -23.60 -28.15
CA LEU K 258 -28.22 -23.49 -26.97
C LEU K 258 -28.98 -23.23 -25.68
N SER K 259 -30.16 -22.62 -25.78
CA SER K 259 -30.75 -21.96 -24.64
C SER K 259 -31.44 -22.94 -23.73
N CYS K 260 -32.29 -22.38 -22.89
CA CYS K 260 -33.23 -23.11 -22.10
C CYS K 260 -34.64 -22.61 -22.35
N LYS K 261 -35.60 -23.43 -21.98
CA LYS K 261 -36.98 -23.00 -21.76
C LYS K 261 -37.61 -22.36 -22.97
N ILE K 262 -37.15 -22.63 -24.18
CA ILE K 262 -37.66 -21.85 -25.29
C ILE K 262 -39.07 -22.30 -25.62
N LEU K 263 -39.67 -21.65 -26.58
CA LEU K 263 -41.08 -21.83 -26.90
C LEU K 263 -41.28 -21.53 -28.37
N LEU K 264 -42.22 -22.20 -29.01
CA LEU K 264 -42.34 -22.09 -30.45
C LEU K 264 -43.75 -21.75 -30.87
N THR K 265 -43.86 -21.33 -32.12
CA THR K 265 -45.11 -21.24 -32.82
C THR K 265 -44.81 -21.63 -34.26
N THR K 266 -45.59 -22.41 -34.81
CA THR K 266 -45.27 -22.82 -36.17
C THR K 266 -46.52 -23.16 -36.96
N ARG K 267 -46.53 -22.70 -38.20
CA ARG K 267 -47.49 -23.21 -39.17
C ARG K 267 -47.08 -24.59 -39.65
N PHE K 268 -45.85 -24.71 -40.12
CA PHE K 268 -45.48 -25.80 -40.99
C PHE K 268 -45.48 -27.13 -40.27
N LYS K 269 -46.10 -28.12 -40.90
CA LYS K 269 -46.11 -29.50 -40.43
C LYS K 269 -44.70 -29.98 -40.14
N GLN K 270 -43.76 -29.68 -41.03
CA GLN K 270 -42.44 -30.30 -40.93
C GLN K 270 -41.74 -29.93 -39.65
N VAL K 271 -42.09 -28.82 -39.03
CA VAL K 271 -41.52 -28.53 -37.71
C VAL K 271 -42.14 -29.44 -36.67
N THR K 272 -43.45 -29.31 -36.43
CA THR K 272 -44.06 -30.09 -35.38
C THR K 272 -43.82 -31.58 -35.57
N ASP K 273 -43.46 -32.01 -36.77
CA ASP K 273 -43.02 -33.38 -36.94
C ASP K 273 -41.58 -33.57 -36.53
N PHE K 274 -40.73 -32.59 -36.85
CA PHE K 274 -39.29 -32.70 -36.59
C PHE K 274 -39.01 -32.87 -35.11
N LEU K 275 -39.73 -32.12 -34.27
CA LEU K 275 -39.67 -32.35 -32.83
C LEU K 275 -40.41 -33.63 -32.47
N SER K 276 -40.15 -34.14 -31.27
CA SER K 276 -40.75 -35.38 -30.84
C SER K 276 -41.13 -35.29 -29.36
N ALA K 277 -42.22 -35.96 -28.99
CA ALA K 277 -42.79 -35.79 -27.67
C ALA K 277 -41.81 -36.17 -26.57
N ALA K 278 -40.72 -36.83 -26.92
CA ALA K 278 -39.74 -37.19 -25.92
C ALA K 278 -39.24 -35.96 -25.17
N THR K 279 -38.70 -34.99 -25.88
CA THR K 279 -38.13 -33.84 -25.20
C THR K 279 -39.07 -32.65 -25.17
N THR K 280 -40.22 -32.73 -25.86
CA THR K 280 -41.12 -31.60 -25.94
C THR K 280 -42.54 -32.05 -25.71
N THR K 281 -43.41 -31.08 -25.50
CA THR K 281 -44.85 -31.30 -25.50
C THR K 281 -45.45 -30.71 -26.76
N HIS K 282 -46.76 -30.77 -26.88
CA HIS K 282 -47.48 -30.10 -27.95
C HIS K 282 -48.60 -29.28 -27.35
N ILE K 283 -49.01 -28.24 -28.07
CA ILE K 283 -50.33 -27.65 -27.98
C ILE K 283 -50.83 -27.46 -29.40
N SER K 284 -51.87 -28.18 -29.76
CA SER K 284 -52.43 -28.00 -31.08
C SER K 284 -53.62 -27.07 -30.96
N LEU K 285 -53.77 -26.15 -31.91
CA LEU K 285 -54.98 -25.35 -31.88
C LEU K 285 -56.04 -25.84 -32.86
N ASP K 286 -55.78 -26.89 -33.62
CA ASP K 286 -56.81 -27.44 -34.51
C ASP K 286 -57.74 -28.38 -33.76
N HIS K 287 -57.21 -29.04 -32.75
CA HIS K 287 -57.95 -30.03 -31.98
C HIS K 287 -59.24 -29.37 -31.50
N HIS K 288 -60.36 -29.99 -31.86
CA HIS K 288 -61.63 -29.28 -31.86
C HIS K 288 -61.98 -28.76 -30.47
N SER K 289 -61.50 -29.43 -29.42
CA SER K 289 -61.83 -28.98 -28.07
C SER K 289 -61.12 -27.68 -27.75
N MET K 290 -60.06 -27.36 -28.48
CA MET K 290 -59.24 -26.20 -28.12
C MET K 290 -59.82 -24.91 -28.68
N THR K 291 -60.70 -25.01 -29.67
CA THR K 291 -60.93 -23.86 -30.54
C THR K 291 -62.27 -23.10 -30.44
N LEU K 292 -62.28 -21.80 -29.92
CA LEU K 292 -63.33 -20.81 -30.09
C LEU K 292 -64.72 -21.43 -29.92
N THR K 293 -65.03 -21.69 -28.65
CA THR K 293 -66.40 -21.96 -28.26
C THR K 293 -67.30 -20.91 -28.89
N PRO K 294 -68.36 -21.29 -29.57
CA PRO K 294 -69.18 -20.29 -30.26
C PRO K 294 -69.62 -19.17 -29.36
N ASP K 295 -69.66 -19.42 -28.06
CA ASP K 295 -69.90 -18.33 -27.12
C ASP K 295 -68.79 -17.30 -27.19
N GLU K 296 -67.56 -17.75 -27.45
CA GLU K 296 -66.46 -16.79 -27.53
C GLU K 296 -66.65 -15.85 -28.70
N VAL K 297 -66.96 -16.40 -29.87
CA VAL K 297 -67.08 -15.58 -31.07
C VAL K 297 -67.96 -14.38 -30.80
N LYS K 298 -69.02 -14.59 -30.03
CA LYS K 298 -69.83 -13.47 -29.60
C LYS K 298 -68.96 -12.38 -28.99
N SER K 299 -68.16 -12.72 -28.00
CA SER K 299 -67.40 -11.69 -27.31
C SER K 299 -66.40 -11.03 -28.25
N LEU K 300 -65.62 -11.83 -28.97
CA LEU K 300 -64.69 -11.23 -29.93
C LEU K 300 -65.41 -10.39 -30.95
N LEU K 301 -66.35 -10.99 -31.67
CA LEU K 301 -67.04 -10.26 -32.72
C LEU K 301 -67.76 -9.06 -32.15
N LEU K 302 -67.91 -9.00 -30.83
CA LEU K 302 -68.52 -7.85 -30.22
C LEU K 302 -67.61 -6.64 -30.28
N LYS K 303 -66.39 -6.79 -29.78
CA LYS K 303 -65.59 -5.61 -29.46
C LYS K 303 -65.30 -4.76 -30.69
N TYR K 304 -65.41 -5.33 -31.88
CA TYR K 304 -65.25 -4.50 -33.06
C TYR K 304 -66.52 -3.73 -33.39
N LEU K 305 -67.66 -4.40 -33.37
CA LEU K 305 -68.86 -3.75 -33.84
C LEU K 305 -69.47 -2.79 -32.83
N ASP K 306 -69.24 -3.01 -31.54
CA ASP K 306 -69.71 -2.09 -30.51
C ASP K 306 -71.23 -1.95 -30.54
N CYS K 307 -71.92 -3.08 -30.48
CA CYS K 307 -73.36 -3.10 -30.55
C CYS K 307 -73.90 -4.25 -29.73
N ARG K 308 -75.13 -4.11 -29.33
CA ARG K 308 -75.78 -5.03 -28.41
C ARG K 308 -75.77 -6.46 -28.96
N PRO K 309 -75.92 -7.46 -28.09
CA PRO K 309 -75.93 -8.84 -28.58
C PRO K 309 -77.07 -9.13 -29.53
N GLN K 310 -78.10 -8.29 -29.57
CA GLN K 310 -79.10 -8.41 -30.63
C GLN K 310 -78.48 -8.17 -31.99
N ASP K 311 -77.37 -7.44 -32.05
CA ASP K 311 -76.71 -7.08 -33.29
C ASP K 311 -75.63 -8.08 -33.70
N LEU K 312 -75.56 -9.20 -32.99
CA LEU K 312 -74.61 -10.27 -33.26
C LEU K 312 -74.99 -11.06 -34.53
N PRO K 313 -73.92 -11.56 -35.27
CA PRO K 313 -74.32 -12.31 -36.48
C PRO K 313 -74.98 -13.66 -36.19
N ARG K 314 -75.89 -14.08 -37.07
CA ARG K 314 -76.60 -15.36 -36.93
C ARG K 314 -76.32 -16.28 -38.12
N GLU K 315 -76.00 -17.54 -37.85
CA GLU K 315 -75.70 -18.51 -38.91
C GLU K 315 -74.30 -19.13 -38.77
N VAL K 316 -73.52 -18.62 -37.82
CA VAL K 316 -72.16 -19.09 -37.51
C VAL K 316 -71.16 -19.05 -38.68
N LEU K 317 -70.34 -18.02 -38.67
CA LEU K 317 -69.30 -17.76 -39.68
C LEU K 317 -68.05 -18.63 -39.81
N THR K 318 -67.47 -19.06 -38.70
CA THR K 318 -66.20 -19.78 -38.74
C THR K 318 -65.57 -19.65 -37.36
N THR K 319 -64.61 -20.49 -36.94
CA THR K 319 -63.70 -20.15 -35.86
C THR K 319 -62.31 -20.14 -36.46
N ASN K 320 -61.81 -18.95 -36.75
CA ASN K 320 -60.42 -18.67 -36.81
C ASN K 320 -60.49 -17.25 -36.33
N PRO K 321 -59.58 -16.82 -35.50
CA PRO K 321 -59.55 -15.38 -35.22
C PRO K 321 -59.16 -14.60 -36.45
N ARG K 322 -58.13 -15.02 -37.14
CA ARG K 322 -57.90 -14.43 -38.44
C ARG K 322 -59.08 -14.76 -39.32
N ARG K 323 -59.35 -13.86 -40.26
CA ARG K 323 -60.52 -13.92 -41.14
C ARG K 323 -61.78 -13.68 -40.33
N LEU K 324 -61.70 -13.82 -39.03
CA LEU K 324 -62.85 -13.34 -38.31
C LEU K 324 -62.73 -11.84 -38.12
N SER K 325 -61.53 -11.39 -37.78
CA SER K 325 -61.32 -9.96 -37.66
C SER K 325 -61.65 -9.24 -38.95
N ILE K 326 -61.08 -9.68 -40.06
CA ILE K 326 -61.28 -8.98 -41.32
C ILE K 326 -62.76 -8.72 -41.54
N ILE K 327 -63.60 -9.73 -41.32
CA ILE K 327 -65.02 -9.48 -41.29
C ILE K 327 -65.35 -8.40 -40.29
N ALA K 328 -65.07 -8.67 -39.01
CA ALA K 328 -65.43 -7.74 -37.96
C ALA K 328 -64.92 -6.35 -38.27
N GLU K 329 -63.75 -6.26 -38.89
CA GLU K 329 -63.21 -4.95 -39.19
C GLU K 329 -63.91 -4.34 -40.40
N SER K 330 -64.09 -5.13 -41.45
CA SER K 330 -64.69 -4.60 -42.66
C SER K 330 -66.04 -3.99 -42.37
N ILE K 331 -66.73 -4.46 -41.34
CA ILE K 331 -68.03 -3.91 -41.06
C ILE K 331 -67.94 -2.62 -40.28
N ARG K 332 -67.08 -2.56 -39.28
CA ARG K 332 -66.97 -1.33 -38.51
C ARG K 332 -66.57 -0.18 -39.40
N ASP K 333 -66.06 -0.45 -40.59
CA ASP K 333 -65.66 0.62 -41.47
C ASP K 333 -66.22 0.47 -42.86
N GLY K 334 -65.74 -0.51 -43.60
CA GLY K 334 -65.90 -0.55 -45.04
C GLY K 334 -67.25 -1.13 -45.41
N LEU K 335 -67.26 -1.81 -46.54
CA LEU K 335 -68.49 -2.37 -47.06
C LEU K 335 -68.84 -3.67 -46.34
N ALA K 336 -69.76 -4.41 -46.95
CA ALA K 336 -70.28 -5.74 -46.62
C ALA K 336 -71.49 -5.68 -45.68
N THR K 337 -71.85 -4.53 -45.15
CA THR K 337 -73.17 -4.35 -44.54
C THR K 337 -73.36 -5.26 -43.34
N TRP K 338 -72.39 -6.15 -43.15
CA TRP K 338 -72.43 -7.30 -42.26
C TRP K 338 -73.41 -8.32 -42.80
N ASP K 339 -74.30 -7.89 -43.69
CA ASP K 339 -75.22 -8.81 -44.35
C ASP K 339 -74.82 -9.12 -45.79
N ASN K 340 -73.79 -8.45 -46.32
CA ASN K 340 -73.50 -8.55 -47.74
C ASN K 340 -72.56 -9.69 -48.10
N TRP K 341 -71.43 -9.62 -47.39
CA TRP K 341 -70.18 -10.33 -47.54
C TRP K 341 -70.08 -11.62 -48.32
N LYS K 342 -69.55 -11.38 -49.51
CA LYS K 342 -69.18 -12.34 -50.52
C LYS K 342 -67.74 -11.89 -50.78
N HIS K 343 -67.59 -10.57 -51.00
CA HIS K 343 -66.30 -9.93 -51.24
C HIS K 343 -65.35 -10.02 -50.05
N VAL K 344 -65.84 -9.80 -48.83
CA VAL K 344 -64.92 -9.92 -47.68
C VAL K 344 -63.54 -9.39 -48.04
N ASN K 345 -63.46 -8.07 -48.27
CA ASN K 345 -62.22 -7.31 -48.15
C ASN K 345 -61.03 -8.08 -48.73
N CYS K 346 -61.24 -8.56 -49.96
CA CYS K 346 -60.34 -9.57 -50.51
C CYS K 346 -58.89 -9.23 -50.28
N ASP K 347 -58.53 -7.94 -50.41
CA ASP K 347 -57.15 -7.51 -50.37
C ASP K 347 -56.40 -8.07 -49.15
N LYS K 348 -56.77 -7.62 -47.94
CA LYS K 348 -56.11 -8.14 -46.75
C LYS K 348 -56.17 -9.65 -46.71
N LEU K 349 -57.38 -10.19 -46.82
CA LEU K 349 -57.53 -11.62 -46.91
C LEU K 349 -56.60 -12.19 -47.97
N THR K 350 -56.59 -11.60 -49.17
CA THR K 350 -55.62 -12.01 -50.17
C THR K 350 -54.19 -11.77 -49.70
N THR K 351 -53.86 -10.52 -49.38
CA THR K 351 -52.46 -10.16 -49.15
C THR K 351 -51.86 -11.05 -48.07
N ILE K 352 -52.68 -11.49 -47.12
CA ILE K 352 -52.19 -12.46 -46.14
C ILE K 352 -52.10 -13.84 -46.75
N ILE K 353 -53.16 -14.30 -47.39
CA ILE K 353 -53.14 -15.66 -47.92
C ILE K 353 -52.16 -15.74 -49.08
N GLU K 354 -52.00 -14.66 -49.83
CA GLU K 354 -51.17 -14.74 -51.02
C GLU K 354 -49.72 -15.03 -50.66
N SER K 355 -49.10 -14.14 -49.90
CA SER K 355 -47.71 -14.36 -49.52
C SER K 355 -47.58 -15.69 -48.79
N SER K 356 -48.64 -16.08 -48.06
CA SER K 356 -48.60 -17.31 -47.30
C SER K 356 -48.36 -18.52 -48.21
N LEU K 357 -48.63 -18.35 -49.50
CA LEU K 357 -48.36 -19.43 -50.43
C LEU K 357 -47.03 -19.27 -51.11
N ASN K 358 -46.31 -18.17 -50.84
CA ASN K 358 -45.14 -17.84 -51.62
C ASN K 358 -44.03 -18.88 -51.50
N VAL K 359 -44.20 -19.87 -50.64
CA VAL K 359 -43.10 -20.78 -50.37
C VAL K 359 -42.85 -21.72 -51.54
N LEU K 360 -43.88 -22.06 -52.29
CA LEU K 360 -43.85 -23.21 -53.17
C LEU K 360 -43.07 -22.93 -54.47
N GLU K 361 -42.69 -24.02 -55.16
CA GLU K 361 -42.09 -23.98 -56.50
C GLU K 361 -43.16 -23.61 -57.51
N PRO K 362 -43.05 -22.45 -58.17
CA PRO K 362 -44.24 -21.88 -58.83
C PRO K 362 -44.80 -22.73 -59.94
N ALA K 363 -43.97 -23.14 -60.90
CA ALA K 363 -44.50 -23.94 -61.99
C ALA K 363 -44.67 -25.38 -61.56
N GLU K 364 -43.67 -25.89 -60.85
CA GLU K 364 -43.77 -27.20 -60.23
C GLU K 364 -45.02 -27.36 -59.39
N TYR K 365 -45.43 -26.32 -58.67
CA TYR K 365 -46.50 -26.47 -57.70
C TYR K 365 -47.60 -25.43 -57.84
N ARG K 366 -47.27 -24.13 -57.71
CA ARG K 366 -48.35 -23.15 -57.64
C ARG K 366 -49.31 -23.28 -58.82
N LYS K 367 -48.85 -23.83 -59.94
CA LYS K 367 -49.80 -24.25 -60.96
C LYS K 367 -50.87 -25.18 -60.39
N MET K 368 -50.51 -25.95 -59.36
CA MET K 368 -51.32 -27.10 -59.01
C MET K 368 -52.51 -26.74 -58.13
N PHE K 369 -52.37 -25.82 -57.19
CA PHE K 369 -53.55 -25.30 -56.50
C PHE K 369 -54.60 -24.87 -57.51
N ASP K 370 -54.18 -24.10 -58.51
CA ASP K 370 -55.10 -23.60 -59.51
C ASP K 370 -56.00 -24.70 -60.01
N ARG K 371 -55.46 -25.90 -60.15
CA ARG K 371 -56.29 -27.04 -60.43
C ARG K 371 -57.32 -27.28 -59.33
N LEU K 372 -56.88 -27.24 -58.08
CA LEU K 372 -57.75 -27.68 -57.00
C LEU K 372 -59.06 -26.94 -56.94
N SER K 373 -59.16 -25.78 -57.59
CA SER K 373 -60.44 -25.05 -57.58
C SER K 373 -61.54 -25.87 -58.23
N VAL K 374 -61.17 -26.93 -58.96
CA VAL K 374 -62.15 -27.82 -59.56
C VAL K 374 -63.15 -28.32 -58.54
N PHE K 375 -62.74 -28.42 -57.32
CA PHE K 375 -63.51 -29.26 -56.42
C PHE K 375 -64.57 -28.47 -55.66
N PRO K 376 -65.74 -29.06 -55.47
CA PRO K 376 -66.75 -28.45 -54.61
C PRO K 376 -66.28 -28.45 -53.17
N PRO K 377 -66.49 -27.37 -52.44
CA PRO K 377 -65.84 -27.18 -51.14
C PRO K 377 -66.20 -28.26 -50.13
N SER K 378 -65.34 -28.40 -49.12
CA SER K 378 -65.54 -29.16 -47.89
C SER K 378 -65.54 -30.67 -48.05
N ALA K 379 -65.50 -31.20 -49.27
CA ALA K 379 -65.64 -32.63 -49.47
C ALA K 379 -64.30 -33.35 -49.26
N HIS K 380 -64.28 -34.63 -49.64
CA HIS K 380 -63.04 -35.37 -49.76
C HIS K 380 -62.80 -35.66 -51.23
N ILE K 381 -61.54 -35.77 -51.61
CA ILE K 381 -61.17 -36.06 -52.99
C ILE K 381 -60.36 -37.35 -53.03
N PRO K 382 -60.81 -38.36 -53.74
CA PRO K 382 -59.99 -39.57 -53.90
C PRO K 382 -58.66 -39.25 -54.57
N THR K 383 -57.58 -39.69 -53.95
CA THR K 383 -56.26 -39.49 -54.55
C THR K 383 -56.17 -40.10 -55.93
N ILE K 384 -56.69 -41.32 -56.11
CA ILE K 384 -56.72 -41.91 -57.43
C ILE K 384 -57.34 -40.95 -58.43
N LEU K 385 -58.46 -40.35 -58.07
CA LEU K 385 -59.08 -39.35 -58.93
C LEU K 385 -58.14 -38.19 -59.20
N LEU K 386 -57.39 -37.79 -58.16
CA LEU K 386 -56.47 -36.66 -58.30
C LEU K 386 -55.49 -36.87 -59.44
N SER K 387 -55.24 -38.13 -59.81
CA SER K 387 -54.22 -38.40 -60.81
C SER K 387 -54.54 -37.73 -62.13
N LEU K 388 -55.83 -37.57 -62.43
CA LEU K 388 -56.23 -37.05 -63.74
C LEU K 388 -55.83 -35.59 -63.91
N ILE K 389 -56.13 -34.77 -62.90
CA ILE K 389 -56.12 -33.32 -63.03
C ILE K 389 -54.85 -32.80 -63.67
N TRP K 390 -53.71 -33.00 -63.02
CA TRP K 390 -52.52 -32.32 -63.51
C TRP K 390 -52.00 -32.96 -64.78
N PHE K 391 -51.42 -34.14 -64.63
CA PHE K 391 -50.82 -34.85 -65.75
C PHE K 391 -49.73 -34.00 -66.42
N ASP K 392 -49.24 -32.99 -65.70
CA ASP K 392 -48.03 -32.28 -66.11
C ASP K 392 -46.79 -33.00 -65.61
N VAL K 393 -46.82 -33.47 -64.37
CA VAL K 393 -45.86 -34.44 -63.86
C VAL K 393 -46.65 -35.70 -63.55
N ILE K 394 -45.96 -36.85 -63.61
CA ILE K 394 -46.61 -38.10 -63.95
C ILE K 394 -46.43 -39.13 -62.83
N LYS K 395 -47.30 -40.13 -62.86
CA LYS K 395 -47.20 -41.42 -62.15
C LYS K 395 -47.24 -41.20 -60.64
N SER K 396 -46.34 -41.86 -59.88
CA SER K 396 -46.39 -41.83 -58.42
C SER K 396 -46.25 -40.43 -57.87
N ASP K 397 -45.82 -39.47 -58.69
CA ASP K 397 -45.61 -38.12 -58.21
C ASP K 397 -46.83 -37.59 -57.47
N VAL K 398 -48.01 -38.10 -57.81
CA VAL K 398 -49.22 -37.75 -57.07
C VAL K 398 -48.98 -37.84 -55.57
N MET K 399 -48.75 -39.05 -55.07
CA MET K 399 -48.47 -39.18 -53.65
C MET K 399 -47.23 -38.40 -53.26
N VAL K 400 -46.27 -38.30 -54.17
CA VAL K 400 -45.12 -37.43 -53.90
C VAL K 400 -45.58 -35.99 -53.75
N VAL K 401 -46.42 -35.53 -54.67
CA VAL K 401 -46.91 -34.16 -54.59
C VAL K 401 -47.58 -33.93 -53.25
N VAL K 402 -48.70 -34.62 -53.00
CA VAL K 402 -49.48 -34.33 -51.79
C VAL K 402 -48.57 -34.25 -50.59
N ASN K 403 -47.69 -35.24 -50.44
CA ASN K 403 -46.70 -35.15 -49.38
C ASN K 403 -45.92 -33.86 -49.48
N LYS K 404 -45.17 -33.68 -50.57
CA LYS K 404 -44.42 -32.45 -50.77
C LYS K 404 -45.30 -31.25 -50.53
N LEU K 405 -46.56 -31.36 -50.89
CA LEU K 405 -47.50 -30.31 -50.55
C LEU K 405 -47.86 -30.38 -49.08
N HIS K 406 -48.27 -31.55 -48.61
CA HIS K 406 -48.82 -31.70 -47.27
C HIS K 406 -47.91 -31.12 -46.20
N LYS K 407 -46.60 -31.25 -46.37
CA LYS K 407 -45.70 -30.78 -45.32
C LYS K 407 -45.95 -29.32 -45.00
N TYR K 408 -46.34 -28.53 -45.99
CA TYR K 408 -46.78 -27.19 -45.70
C TYR K 408 -48.19 -27.25 -45.15
N SER K 409 -48.45 -26.45 -44.12
CA SER K 409 -49.51 -26.79 -43.18
C SER K 409 -50.83 -26.95 -43.89
N LEU K 410 -51.36 -28.17 -43.81
CA LEU K 410 -52.67 -28.55 -44.33
C LEU K 410 -52.96 -27.89 -45.67
N VAL K 411 -51.90 -27.57 -46.42
CA VAL K 411 -52.19 -27.00 -47.73
C VAL K 411 -52.76 -28.10 -48.59
N GLU K 412 -52.44 -29.35 -48.29
CA GLU K 412 -53.26 -30.45 -48.74
C GLU K 412 -54.36 -30.83 -47.75
N LYS K 413 -54.05 -30.90 -46.45
CA LYS K 413 -54.96 -31.41 -45.40
C LYS K 413 -55.30 -32.90 -45.59
N GLN K 414 -54.34 -33.73 -45.20
CA GLN K 414 -54.50 -35.20 -45.25
C GLN K 414 -55.67 -35.69 -44.39
N PRO K 415 -56.34 -36.69 -45.22
CA PRO K 415 -57.25 -37.58 -44.48
C PRO K 415 -56.61 -38.93 -44.23
N LYS K 416 -55.71 -39.31 -45.14
CA LYS K 416 -54.95 -40.57 -45.12
C LYS K 416 -55.78 -41.84 -45.33
N GLU K 417 -56.94 -41.73 -46.00
CA GLU K 417 -57.53 -42.92 -46.61
C GLU K 417 -57.90 -42.68 -48.08
N SER K 418 -57.13 -43.30 -48.97
CA SER K 418 -57.39 -43.36 -50.41
C SER K 418 -57.85 -42.04 -51.04
N THR K 419 -57.42 -40.92 -50.46
CA THR K 419 -57.96 -39.60 -50.82
C THR K 419 -57.05 -38.44 -50.38
N ILE K 420 -57.51 -37.23 -50.69
CA ILE K 420 -56.96 -36.00 -50.14
C ILE K 420 -58.14 -35.18 -49.65
N SER K 421 -57.90 -34.22 -48.77
CA SER K 421 -58.97 -33.39 -48.24
C SER K 421 -58.75 -31.92 -48.51
N ILE K 422 -59.81 -31.14 -48.59
CA ILE K 422 -59.64 -29.73 -48.91
C ILE K 422 -58.65 -29.11 -47.94
N PRO K 423 -57.73 -28.24 -48.50
CA PRO K 423 -56.77 -27.69 -47.53
C PRO K 423 -57.52 -26.93 -46.46
N SER K 424 -58.54 -26.19 -46.88
CA SER K 424 -59.35 -25.47 -45.91
C SER K 424 -60.25 -24.57 -46.71
N ILE K 425 -61.03 -23.76 -46.01
CA ILE K 425 -61.72 -22.68 -46.69
C ILE K 425 -60.72 -21.69 -47.26
N TYR K 426 -59.71 -21.32 -46.48
CA TYR K 426 -58.79 -20.26 -46.86
C TYR K 426 -58.12 -20.50 -48.18
N LEU K 427 -57.21 -21.46 -48.20
CA LEU K 427 -56.42 -21.69 -49.38
C LEU K 427 -57.32 -21.99 -50.56
N GLU K 428 -58.59 -22.30 -50.30
CA GLU K 428 -59.64 -22.24 -51.30
C GLU K 428 -60.18 -20.83 -51.52
N LEU K 429 -60.60 -20.39 -50.37
CA LEU K 429 -61.41 -19.19 -50.45
C LEU K 429 -60.82 -18.10 -51.33
N LYS K 430 -59.52 -18.17 -51.65
CA LYS K 430 -58.81 -17.00 -52.14
C LYS K 430 -59.49 -16.34 -53.34
N VAL K 431 -59.34 -16.91 -54.54
CA VAL K 431 -59.93 -16.31 -55.72
C VAL K 431 -60.25 -17.34 -56.79
N LYS K 432 -61.40 -17.17 -57.45
CA LYS K 432 -61.43 -17.06 -58.90
C LYS K 432 -60.47 -18.00 -59.62
N LEU K 433 -60.89 -19.26 -59.77
CA LEU K 433 -60.08 -20.36 -60.29
C LEU K 433 -59.21 -20.01 -61.49
N GLU K 434 -59.72 -19.17 -62.39
CA GLU K 434 -59.01 -18.87 -63.64
C GLU K 434 -58.70 -20.15 -64.40
N ASN K 435 -57.40 -20.45 -64.52
CA ASN K 435 -56.91 -21.73 -65.00
C ASN K 435 -57.25 -21.90 -66.48
N GLU K 436 -58.04 -20.98 -67.02
CA GLU K 436 -58.23 -20.81 -68.46
C GLU K 436 -58.75 -22.10 -69.07
N TYR K 437 -58.01 -22.76 -69.96
CA TYR K 437 -58.51 -23.90 -70.72
C TYR K 437 -59.13 -24.97 -69.85
N ALA K 438 -58.73 -25.05 -68.59
CA ALA K 438 -58.92 -26.25 -67.79
C ALA K 438 -60.36 -26.78 -67.85
N LEU K 439 -61.34 -25.89 -67.67
CA LEU K 439 -62.65 -26.29 -67.16
C LEU K 439 -63.23 -27.53 -67.83
N HIS K 440 -63.72 -27.39 -69.06
CA HIS K 440 -64.46 -28.49 -69.70
C HIS K 440 -63.70 -29.81 -69.62
N ARG K 441 -62.59 -29.92 -70.33
CA ARG K 441 -61.82 -31.16 -70.36
C ARG K 441 -61.50 -31.66 -68.95
N SER K 442 -61.10 -30.75 -68.07
CA SER K 442 -60.77 -31.17 -66.71
C SER K 442 -62.03 -31.58 -65.95
N ILE K 443 -63.14 -30.73 -66.03
CA ILE K 443 -64.41 -31.17 -65.48
C ILE K 443 -64.99 -32.31 -66.29
N VAL K 444 -65.07 -32.16 -67.61
CA VAL K 444 -65.57 -33.20 -68.48
C VAL K 444 -64.78 -34.50 -68.33
N ASP K 445 -63.49 -34.51 -68.66
CA ASP K 445 -62.75 -35.77 -68.70
C ASP K 445 -62.71 -36.45 -67.35
N HIS K 446 -62.81 -35.67 -66.27
CA HIS K 446 -62.84 -36.27 -64.95
C HIS K 446 -64.14 -37.03 -64.71
N TYR K 447 -65.07 -36.94 -65.66
CA TYR K 447 -66.22 -37.82 -65.67
C TYR K 447 -65.79 -39.23 -66.04
N ASN K 448 -64.50 -39.42 -66.28
CA ASN K 448 -63.97 -40.61 -66.93
C ASN K 448 -64.62 -41.92 -66.43
N ILE K 449 -64.85 -42.02 -65.12
CA ILE K 449 -65.26 -43.29 -64.53
C ILE K 449 -66.60 -43.90 -65.04
N PRO K 450 -67.74 -43.25 -64.84
CA PRO K 450 -69.02 -44.00 -64.94
C PRO K 450 -69.34 -44.59 -66.29
N LYS K 451 -69.28 -43.80 -67.39
CA LYS K 451 -69.98 -44.18 -68.61
C LYS K 451 -69.62 -45.58 -69.09
N THR K 452 -68.49 -45.97 -68.56
CA THR K 452 -68.07 -47.36 -68.73
C THR K 452 -69.14 -48.30 -68.20
N PHE K 453 -69.38 -48.27 -66.90
CA PHE K 453 -70.48 -49.04 -66.33
C PHE K 453 -71.81 -48.35 -66.64
N ASP K 454 -72.72 -49.09 -67.27
CA ASP K 454 -74.05 -48.52 -67.46
C ASP K 454 -75.12 -49.37 -66.80
N SER K 455 -75.43 -50.52 -67.39
CA SER K 455 -76.50 -51.38 -66.90
C SER K 455 -76.01 -52.82 -66.81
N ASP K 456 -76.22 -53.44 -65.65
CA ASP K 456 -75.83 -54.81 -65.38
C ASP K 456 -76.52 -55.32 -64.13
N ASP K 457 -76.13 -56.53 -63.72
CA ASP K 457 -76.69 -57.18 -62.55
C ASP K 457 -76.15 -56.57 -61.27
N LEU K 458 -76.90 -56.74 -60.18
CA LEU K 458 -76.40 -56.60 -58.82
C LEU K 458 -75.91 -55.19 -58.52
N ILE K 459 -74.77 -55.08 -57.85
CA ILE K 459 -74.25 -53.82 -57.31
C ILE K 459 -72.98 -53.41 -58.04
N PRO K 460 -73.03 -52.26 -58.70
CA PRO K 460 -71.95 -51.78 -59.56
C PRO K 460 -70.65 -51.33 -58.92
N PRO K 461 -69.52 -51.46 -59.72
CA PRO K 461 -68.28 -50.97 -59.10
C PRO K 461 -68.30 -49.48 -59.38
N TYR K 462 -68.74 -48.75 -58.38
CA TYR K 462 -68.91 -47.31 -58.40
C TYR K 462 -68.17 -46.71 -57.22
N LEU K 463 -67.64 -45.50 -57.40
CA LEU K 463 -66.48 -45.09 -56.60
C LEU K 463 -66.93 -44.43 -55.31
N ASP K 464 -66.74 -45.16 -54.21
CA ASP K 464 -66.68 -44.74 -52.82
C ASP K 464 -67.85 -43.83 -52.47
N GLN K 465 -67.59 -42.84 -51.61
CA GLN K 465 -68.60 -41.88 -51.18
C GLN K 465 -68.47 -40.53 -51.87
N TYR K 466 -67.46 -40.32 -52.71
CA TYR K 466 -67.38 -39.05 -53.41
C TYR K 466 -68.36 -39.00 -54.57
N PHE K 467 -68.40 -40.01 -55.41
CA PHE K 467 -69.27 -39.94 -56.58
C PHE K 467 -70.76 -39.78 -56.34
N TYR K 468 -71.26 -40.40 -55.28
CA TYR K 468 -72.66 -40.30 -54.97
C TYR K 468 -73.02 -38.84 -54.71
N SER K 469 -72.06 -38.04 -54.24
CA SER K 469 -72.37 -36.67 -53.91
C SER K 469 -72.25 -35.77 -55.12
N HIS K 470 -71.03 -35.45 -55.51
CA HIS K 470 -70.79 -34.31 -56.37
C HIS K 470 -70.63 -34.65 -57.84
N ILE K 471 -70.79 -35.92 -58.21
CA ILE K 471 -70.60 -36.29 -59.61
C ILE K 471 -71.41 -35.38 -60.51
N GLY K 472 -72.57 -34.93 -60.03
CA GLY K 472 -73.36 -34.00 -60.81
C GLY K 472 -72.70 -32.65 -60.95
N HIS K 473 -71.93 -32.23 -59.95
CA HIS K 473 -71.19 -31.00 -60.13
C HIS K 473 -70.31 -31.05 -61.36
N HIS K 474 -69.54 -32.11 -61.51
CA HIS K 474 -68.77 -32.25 -62.73
C HIS K 474 -69.65 -32.22 -63.97
N LEU K 475 -70.89 -32.64 -63.85
CA LEU K 475 -71.79 -32.50 -64.97
C LEU K 475 -72.06 -31.04 -65.29
N LYS K 476 -71.93 -30.15 -64.31
CA LYS K 476 -72.26 -28.74 -64.51
C LYS K 476 -71.54 -28.16 -65.72
N ASN K 477 -70.37 -28.68 -66.05
CA ASN K 477 -69.62 -28.20 -67.19
C ASN K 477 -69.86 -29.02 -68.45
N ILE K 478 -70.80 -29.96 -68.43
CA ILE K 478 -70.92 -30.89 -69.53
C ILE K 478 -72.25 -30.64 -70.26
N GLU K 479 -72.46 -31.34 -71.37
CA GLU K 479 -73.70 -31.21 -72.13
C GLU K 479 -74.89 -31.66 -71.29
N HIS K 480 -75.89 -30.78 -71.20
CA HIS K 480 -77.03 -31.00 -70.34
C HIS K 480 -77.86 -32.19 -70.82
N PRO K 481 -78.28 -32.24 -72.09
CA PRO K 481 -78.97 -33.46 -72.54
C PRO K 481 -78.10 -34.67 -72.32
N GLU K 482 -76.82 -34.56 -72.63
CA GLU K 482 -75.90 -35.64 -72.35
C GLU K 482 -75.88 -35.97 -70.87
N ARG K 483 -76.11 -34.98 -70.01
CA ARG K 483 -76.27 -35.36 -68.61
C ARG K 483 -77.69 -35.87 -68.38
N MET K 484 -78.71 -35.17 -68.90
CA MET K 484 -80.09 -35.59 -68.65
C MET K 484 -80.28 -37.05 -69.03
N THR K 485 -79.54 -37.50 -70.04
CA THR K 485 -79.34 -38.93 -70.24
C THR K 485 -78.74 -39.56 -68.99
N LEU K 486 -77.50 -39.21 -68.69
CA LEU K 486 -76.72 -39.87 -67.65
C LEU K 486 -76.75 -39.16 -66.31
N PHE K 487 -77.54 -38.09 -66.16
CA PHE K 487 -77.66 -37.49 -64.85
C PHE K 487 -78.32 -38.43 -63.87
N ARG K 488 -78.96 -39.47 -64.37
CA ARG K 488 -79.48 -40.56 -63.57
C ARG K 488 -80.52 -40.07 -62.57
N MET K 489 -81.12 -38.91 -62.84
CA MET K 489 -82.55 -38.75 -62.58
C MET K 489 -83.28 -39.91 -63.23
N VAL K 490 -82.88 -40.22 -64.46
CA VAL K 490 -83.46 -41.33 -65.20
C VAL K 490 -83.16 -42.64 -64.51
N PHE K 491 -81.92 -42.86 -64.10
CA PHE K 491 -81.47 -44.19 -63.70
C PHE K 491 -81.82 -44.39 -62.24
N LEU K 492 -82.68 -45.38 -61.97
CA LEU K 492 -83.07 -45.72 -60.61
C LEU K 492 -82.02 -46.61 -59.93
N ASP K 493 -81.25 -47.34 -60.73
CA ASP K 493 -80.25 -48.29 -60.24
C ASP K 493 -79.18 -47.59 -59.38
N PHE K 494 -78.31 -46.81 -60.05
CA PHE K 494 -77.27 -46.07 -59.34
C PHE K 494 -77.84 -45.22 -58.22
N ARG K 495 -78.97 -44.57 -58.48
CA ARG K 495 -79.35 -43.40 -57.71
C ARG K 495 -79.56 -43.72 -56.23
N PHE K 496 -80.31 -44.79 -55.93
CA PHE K 496 -80.60 -45.12 -54.54
C PHE K 496 -79.34 -45.37 -53.74
N LEU K 497 -78.27 -45.79 -54.40
CA LEU K 497 -77.07 -46.22 -53.69
C LEU K 497 -76.42 -45.07 -52.94
N GLU K 498 -76.80 -43.84 -53.22
CA GLU K 498 -76.37 -42.70 -52.42
C GLU K 498 -76.78 -42.86 -50.97
N GLN K 499 -78.08 -42.76 -50.69
CA GLN K 499 -78.62 -42.83 -49.34
C GLN K 499 -78.44 -44.20 -48.70
N LYS K 500 -77.94 -45.16 -49.46
CA LYS K 500 -77.51 -46.45 -48.95
C LYS K 500 -76.73 -46.29 -47.66
N ILE K 501 -75.59 -45.61 -47.72
CA ILE K 501 -74.75 -45.35 -46.56
C ILE K 501 -75.46 -44.49 -45.53
N ARG K 502 -76.46 -43.72 -45.96
CA ARG K 502 -77.10 -42.72 -45.12
C ARG K 502 -78.00 -43.42 -44.11
N HIS K 503 -77.79 -43.10 -42.84
CA HIS K 503 -78.60 -43.60 -41.77
C HIS K 503 -78.77 -42.51 -40.72
N ASP K 504 -79.51 -42.82 -39.68
CA ASP K 504 -79.61 -41.93 -38.53
C ASP K 504 -79.00 -42.58 -37.31
N SER K 505 -78.25 -41.80 -36.55
CA SER K 505 -77.96 -42.18 -35.19
C SER K 505 -79.24 -42.51 -34.43
N THR K 506 -80.27 -41.67 -34.55
CA THR K 506 -81.37 -41.66 -33.60
C THR K 506 -82.72 -41.71 -34.31
N ALA K 507 -83.70 -42.27 -33.62
CA ALA K 507 -85.10 -42.34 -34.00
C ALA K 507 -85.37 -42.91 -35.40
N TRP K 508 -86.40 -42.38 -36.05
CA TRP K 508 -86.82 -42.83 -37.36
C TRP K 508 -86.41 -41.91 -38.48
N ASN K 509 -85.63 -40.87 -38.13
CA ASN K 509 -85.16 -39.82 -39.04
C ASN K 509 -83.70 -39.90 -39.53
N ALA K 510 -83.21 -38.75 -40.02
CA ALA K 510 -81.85 -38.60 -40.56
C ALA K 510 -80.90 -37.73 -39.73
N SER K 511 -79.67 -38.22 -39.59
CA SER K 511 -78.58 -37.60 -38.84
C SER K 511 -78.66 -38.00 -37.38
N GLY K 512 -78.21 -37.13 -36.49
CA GLY K 512 -77.43 -37.58 -35.37
C GLY K 512 -76.18 -38.28 -35.84
N SER K 513 -76.17 -38.68 -37.10
CA SER K 513 -75.07 -39.25 -37.86
C SER K 513 -75.03 -38.55 -39.20
N ILE K 514 -75.99 -38.87 -40.08
CA ILE K 514 -75.94 -38.50 -41.49
C ILE K 514 -77.34 -38.20 -42.02
N LEU K 515 -77.48 -37.17 -42.86
CA LEU K 515 -78.77 -36.88 -43.47
C LEU K 515 -79.09 -37.90 -44.55
N ASN K 516 -80.38 -37.97 -44.87
CA ASN K 516 -80.88 -38.85 -45.88
C ASN K 516 -81.86 -38.10 -46.77
N THR K 517 -81.33 -37.25 -47.67
CA THR K 517 -82.08 -36.43 -48.65
C THR K 517 -81.82 -34.94 -48.92
N LEU K 518 -82.21 -34.01 -48.04
CA LEU K 518 -82.10 -32.60 -48.47
C LEU K 518 -81.01 -32.39 -49.50
N GLN K 519 -79.84 -32.95 -49.26
CA GLN K 519 -78.79 -32.93 -50.28
C GLN K 519 -79.39 -33.41 -51.56
N GLN K 520 -79.84 -34.67 -51.52
CA GLN K 520 -80.66 -35.19 -52.60
C GLN K 520 -81.66 -34.13 -53.02
N LEU K 521 -82.58 -33.81 -52.13
CA LEU K 521 -83.57 -32.80 -52.45
C LEU K 521 -82.92 -31.56 -53.01
N LYS K 522 -81.86 -31.09 -52.35
CA LYS K 522 -81.20 -29.88 -52.80
C LYS K 522 -80.71 -30.01 -54.23
N PHE K 523 -80.32 -31.21 -54.65
CA PHE K 523 -79.99 -31.39 -56.06
C PHE K 523 -81.18 -31.08 -56.94
N TYR K 524 -82.39 -31.28 -56.43
CA TYR K 524 -83.50 -31.43 -57.34
C TYR K 524 -84.04 -30.10 -57.81
N LYS K 525 -83.79 -29.03 -57.08
CA LYS K 525 -84.15 -27.71 -57.58
C LYS K 525 -83.27 -27.30 -58.76
N PRO K 526 -81.93 -27.27 -58.63
CA PRO K 526 -81.13 -26.76 -59.77
C PRO K 526 -81.17 -27.67 -60.98
N TYR K 527 -81.09 -28.97 -60.80
CA TYR K 527 -80.64 -29.87 -61.85
C TYR K 527 -81.74 -30.25 -62.82
N ILE K 528 -82.90 -29.62 -62.71
CA ILE K 528 -84.01 -29.79 -63.65
C ILE K 528 -83.73 -28.93 -64.88
N CYS K 529 -82.51 -28.41 -65.00
CA CYS K 529 -82.19 -27.33 -65.92
C CYS K 529 -82.82 -27.50 -67.29
N ASP K 530 -82.64 -28.66 -67.93
CA ASP K 530 -83.27 -28.98 -69.20
C ASP K 530 -84.10 -30.23 -69.02
N ASN K 531 -85.43 -30.08 -69.02
CA ASN K 531 -86.36 -31.20 -68.92
C ASN K 531 -87.75 -30.72 -69.29
N ASP K 532 -88.70 -31.66 -69.26
CA ASP K 532 -90.07 -31.42 -69.66
C ASP K 532 -91.01 -31.91 -68.55
N PRO K 533 -92.32 -31.65 -68.63
CA PRO K 533 -93.22 -32.10 -67.57
C PRO K 533 -93.11 -33.59 -67.27
N LYS K 534 -92.81 -34.40 -68.27
CA LYS K 534 -92.54 -35.81 -68.06
C LYS K 534 -91.56 -35.99 -66.92
N TYR K 535 -90.32 -35.59 -67.16
CA TYR K 535 -89.28 -35.74 -66.15
C TYR K 535 -89.59 -34.92 -64.91
N GLU K 536 -90.19 -33.74 -65.11
CA GLU K 536 -90.36 -32.79 -64.01
C GLU K 536 -91.36 -33.31 -62.99
N ARG K 537 -92.55 -33.69 -63.44
CA ARG K 537 -93.50 -34.31 -62.53
C ARG K 537 -93.01 -35.64 -62.02
N LEU K 538 -92.24 -36.37 -62.84
CA LEU K 538 -91.59 -37.59 -62.40
C LEU K 538 -90.84 -37.37 -61.10
N VAL K 539 -89.94 -36.38 -61.08
CA VAL K 539 -89.25 -36.02 -59.84
C VAL K 539 -90.26 -35.54 -58.81
N ASN K 540 -91.08 -34.55 -59.20
CA ASN K 540 -92.08 -34.01 -58.30
C ASN K 540 -92.82 -35.11 -57.59
N ALA K 541 -93.25 -36.11 -58.34
CA ALA K 541 -93.64 -37.37 -57.74
C ALA K 541 -92.56 -37.89 -56.83
N ILE K 542 -91.42 -38.32 -57.38
CA ILE K 542 -90.44 -39.08 -56.62
C ILE K 542 -90.14 -38.42 -55.29
N LEU K 543 -90.32 -37.11 -55.22
CA LEU K 543 -90.31 -36.44 -53.94
C LEU K 543 -91.16 -37.20 -52.92
N ASP K 544 -92.28 -37.76 -53.35
CA ASP K 544 -93.09 -38.59 -52.48
C ASP K 544 -92.31 -39.75 -51.86
N PHE K 545 -91.65 -40.57 -52.67
CA PHE K 545 -90.97 -41.74 -52.13
C PHE K 545 -90.05 -41.32 -51.01
N LEU K 546 -89.51 -40.11 -51.13
CA LEU K 546 -88.41 -39.71 -50.26
C LEU K 546 -88.78 -39.81 -48.80
N PRO K 547 -89.86 -39.19 -48.31
CA PRO K 547 -90.39 -39.69 -47.03
C PRO K 547 -90.81 -41.12 -47.16
N LYS K 548 -91.58 -41.42 -48.19
CA LYS K 548 -92.30 -42.68 -48.29
C LYS K 548 -91.34 -43.86 -48.18
N ILE K 549 -90.18 -43.77 -48.83
CA ILE K 549 -89.22 -44.85 -48.74
C ILE K 549 -88.87 -45.13 -47.28
N GLU K 550 -88.61 -46.39 -46.99
CA GLU K 550 -88.27 -46.88 -45.67
C GLU K 550 -86.80 -47.26 -45.62
N GLU K 551 -86.22 -47.01 -44.45
CA GLU K 551 -84.89 -47.54 -44.20
C GLU K 551 -85.00 -48.93 -43.60
N ASN K 552 -84.04 -49.77 -43.94
CA ASN K 552 -84.24 -51.20 -44.05
C ASN K 552 -82.89 -51.87 -43.80
N LEU K 553 -82.77 -53.13 -44.16
CA LEU K 553 -81.47 -53.58 -44.62
C LEU K 553 -81.18 -52.88 -45.94
N ILE K 554 -80.05 -52.18 -45.99
CA ILE K 554 -79.85 -51.22 -47.07
C ILE K 554 -79.49 -51.94 -48.34
N CYS K 555 -80.31 -51.75 -49.37
CA CYS K 555 -80.09 -52.27 -50.71
C CYS K 555 -80.14 -53.79 -50.72
N SER K 556 -79.94 -54.39 -49.56
CA SER K 556 -80.32 -55.76 -49.37
C SER K 556 -81.76 -55.69 -48.94
N LYS K 557 -82.65 -56.15 -49.79
CA LYS K 557 -83.94 -55.50 -49.99
C LYS K 557 -83.73 -54.09 -50.54
N TYR K 558 -83.40 -54.09 -51.82
CA TYR K 558 -83.66 -52.97 -52.71
C TYR K 558 -84.93 -53.19 -53.54
N THR K 559 -85.59 -54.33 -53.36
CA THR K 559 -86.46 -54.90 -54.37
C THR K 559 -87.77 -54.16 -54.59
N ASP K 560 -88.88 -53.90 -53.64
CA ASP K 560 -90.10 -53.08 -53.53
C ASP K 560 -90.02 -51.72 -54.22
N LEU K 561 -88.93 -50.99 -54.00
CA LEU K 561 -88.78 -49.62 -54.51
C LEU K 561 -89.09 -49.50 -56.00
N LEU K 562 -88.49 -50.37 -56.80
CA LEU K 562 -88.65 -50.38 -58.24
C LEU K 562 -90.12 -50.42 -58.66
N ARG K 563 -90.87 -51.37 -58.12
CA ARG K 563 -92.23 -51.60 -58.55
C ARG K 563 -93.21 -50.61 -57.90
N ILE K 564 -92.89 -50.13 -56.71
CA ILE K 564 -93.75 -49.17 -56.03
C ILE K 564 -93.47 -47.76 -56.54
N ALA K 565 -92.47 -47.63 -57.41
CA ALA K 565 -92.29 -46.41 -58.16
C ALA K 565 -93.40 -46.27 -59.19
N LEU K 566 -94.10 -47.38 -59.44
CA LEU K 566 -95.16 -47.43 -60.43
C LEU K 566 -96.56 -47.25 -59.85
N MET K 567 -96.65 -46.99 -58.55
CA MET K 567 -97.94 -46.77 -57.89
C MET K 567 -98.78 -45.73 -58.63
N ALA K 568 -98.32 -44.48 -58.61
CA ALA K 568 -98.87 -43.46 -59.49
C ALA K 568 -97.86 -43.24 -60.61
N GLU K 569 -98.20 -43.67 -61.82
CA GLU K 569 -97.21 -43.74 -62.89
C GLU K 569 -97.42 -42.72 -64.00
N ASP K 570 -96.58 -41.69 -64.00
CA ASP K 570 -96.37 -40.85 -65.16
C ASP K 570 -95.08 -41.27 -65.84
N GLU K 571 -94.43 -42.29 -65.26
CA GLU K 571 -93.05 -42.61 -65.57
C GLU K 571 -92.88 -43.82 -66.48
N ALA K 572 -91.95 -43.70 -67.43
CA ALA K 572 -91.57 -44.81 -68.30
C ALA K 572 -90.34 -45.53 -67.75
N ILE K 573 -89.90 -45.11 -66.56
CA ILE K 573 -88.68 -45.60 -65.94
C ILE K 573 -88.57 -47.13 -65.85
N PHE K 574 -89.58 -47.76 -65.25
CA PHE K 574 -89.54 -49.21 -65.05
C PHE K 574 -89.60 -49.94 -66.39
N GLU K 575 -90.21 -49.29 -67.38
CA GLU K 575 -90.27 -49.84 -68.73
C GLU K 575 -88.87 -49.82 -69.35
N GLU K 576 -88.06 -48.87 -68.90
CA GLU K 576 -86.67 -48.77 -69.34
C GLU K 576 -85.81 -49.70 -68.48
N ALA K 577 -86.38 -50.15 -67.36
CA ALA K 577 -85.72 -51.09 -66.47
C ALA K 577 -85.93 -52.52 -66.94
N HIS K 578 -86.62 -52.66 -68.06
CA HIS K 578 -86.92 -53.97 -68.64
C HIS K 578 -85.65 -54.69 -69.10
N LYS K 579 -84.54 -53.95 -69.20
CA LYS K 579 -83.27 -54.52 -69.63
C LYS K 579 -82.43 -54.98 -68.44
N GLN K 580 -82.96 -54.78 -67.24
CA GLN K 580 -82.24 -55.15 -66.01
C GLN K 580 -83.07 -56.04 -65.09
N VAL K 581 -84.23 -55.56 -64.66
CA VAL K 581 -85.04 -56.20 -63.61
C VAL K 581 -85.39 -57.67 -63.91
N GLN K 582 -85.36 -58.05 -65.18
CA GLN K 582 -85.79 -59.39 -65.59
C GLN K 582 -84.66 -60.42 -65.72
N ARG K 583 -83.44 -60.06 -65.33
CA ARG K 583 -82.28 -60.85 -65.76
C ARG K 583 -82.11 -62.16 -65.01
N PHE K 584 -82.23 -63.25 -65.76
CA PHE K 584 -81.98 -64.63 -65.33
C PHE K 584 -82.61 -65.02 -63.99
N ASP K 585 -81.90 -65.88 -63.26
CA ASP K 585 -82.27 -66.26 -61.90
C ASP K 585 -81.41 -65.53 -60.88
N ASP K 586 -80.43 -64.76 -61.37
CA ASP K 586 -79.43 -64.16 -60.49
C ASP K 586 -80.00 -63.02 -59.68
N ARG K 587 -80.40 -61.95 -60.36
CA ARG K 587 -81.06 -60.84 -59.71
C ARG K 587 -82.58 -61.12 -59.76
N VAL K 588 -83.40 -60.14 -59.41
CA VAL K 588 -84.83 -60.36 -59.20
C VAL K 588 -85.57 -60.84 -60.45
N TRP K 589 -86.72 -61.46 -60.23
CA TRP K 589 -87.59 -61.90 -61.31
C TRP K 589 -88.85 -61.04 -61.25
N PHE K 590 -89.79 -61.22 -62.18
CA PHE K 590 -90.95 -60.34 -62.22
C PHE K 590 -91.96 -60.76 -61.16
N THR K 591 -92.18 -59.87 -60.20
CA THR K 591 -93.02 -60.09 -59.02
C THR K 591 -93.46 -58.73 -58.52
N ASN K 592 -94.00 -58.67 -57.29
CA ASN K 592 -94.01 -57.42 -56.54
C ASN K 592 -95.06 -56.42 -57.05
N HIS K 593 -95.88 -56.86 -58.00
CA HIS K 593 -96.72 -56.01 -58.85
C HIS K 593 -97.36 -54.81 -58.15
N GLY K 594 -98.14 -55.04 -57.10
CA GLY K 594 -98.80 -53.92 -56.44
C GLY K 594 -99.93 -53.32 -57.24
N ARG K 595 -99.81 -52.03 -57.59
CA ARG K 595 -100.93 -51.29 -58.20
C ARG K 595 -102.09 -51.19 -57.22
N PHE K 596 -101.96 -50.26 -56.28
CA PHE K 596 -102.77 -50.14 -55.08
C PHE K 596 -102.55 -51.32 -54.15
N HIS K 597 -101.35 -51.35 -53.58
CA HIS K 597 -100.98 -52.33 -52.56
C HIS K 597 -100.00 -51.65 -51.61
N GLN K 598 -99.89 -52.19 -50.40
CA GLN K 598 -98.89 -51.77 -49.41
C GLN K 598 -99.14 -50.40 -48.80
N HIS K 599 -100.17 -49.69 -49.28
CA HIS K 599 -100.59 -48.41 -48.70
C HIS K 599 -99.41 -47.42 -48.53
N ARG K 600 -99.05 -47.14 -47.28
CA ARG K 600 -97.99 -46.19 -46.93
C ARG K 600 -98.33 -44.74 -47.24
N GLN K 601 -97.48 -44.12 -48.06
CA GLN K 601 -97.33 -42.66 -48.10
C GLN K 601 -96.85 -42.26 -46.71
N ILE K 602 -95.82 -42.98 -46.27
CA ILE K 602 -95.30 -42.89 -44.91
C ILE K 602 -93.97 -42.13 -44.89
N ILE K 603 -93.83 -41.19 -43.96
CA ILE K 603 -92.71 -40.26 -43.97
C ILE K 603 -91.55 -40.67 -43.04
N ASN K 604 -91.75 -41.73 -42.25
CA ASN K 604 -90.73 -42.10 -41.26
C ASN K 604 -89.83 -43.28 -41.67
N LEU K 605 -88.57 -42.99 -41.94
CA LEU K 605 -87.64 -44.03 -42.37
C LEU K 605 -86.84 -44.66 -41.23
N GLY K 606 -86.86 -44.05 -40.05
CA GLY K 606 -86.02 -44.53 -38.96
C GLY K 606 -86.58 -45.68 -38.15
N ASP K 607 -85.71 -46.62 -37.80
CA ASP K 607 -86.05 -47.70 -36.88
C ASP K 607 -85.51 -47.46 -35.46
N ASN K 608 -84.80 -46.36 -35.28
CA ASN K 608 -83.96 -46.17 -34.09
C ASN K 608 -84.72 -45.86 -32.81
N GLU K 609 -83.97 -45.76 -31.71
CA GLU K 609 -84.52 -45.53 -30.38
C GLU K 609 -84.89 -44.07 -30.13
N GLY K 610 -85.79 -43.86 -29.18
CA GLY K 610 -86.18 -42.52 -28.76
C GLY K 610 -86.95 -42.57 -27.45
N ARG K 611 -87.05 -41.43 -26.77
CA ARG K 611 -87.75 -41.37 -25.49
C ARG K 611 -88.84 -40.32 -25.49
N HIS K 612 -88.46 -39.05 -25.63
CA HIS K 612 -89.42 -37.96 -25.65
C HIS K 612 -89.39 -37.17 -26.96
N ALA K 613 -90.57 -36.69 -27.37
CA ALA K 613 -90.70 -35.92 -28.60
C ALA K 613 -91.95 -35.04 -28.58
N VAL K 614 -91.95 -34.01 -29.44
CA VAL K 614 -93.08 -33.11 -29.61
C VAL K 614 -92.78 -32.10 -30.72
N TYR K 615 -93.84 -31.51 -31.29
CA TYR K 615 -93.71 -30.52 -32.35
C TYR K 615 -93.45 -29.11 -31.83
N LEU K 616 -92.83 -28.29 -32.67
CA LEU K 616 -92.67 -26.86 -32.38
C LEU K 616 -93.97 -26.13 -32.66
N HIS K 617 -94.26 -25.11 -31.86
CA HIS K 617 -95.53 -24.38 -31.96
C HIS K 617 -95.62 -23.55 -33.23
N ASN K 618 -94.48 -23.25 -33.84
CA ASN K 618 -94.46 -22.46 -35.07
C ASN K 618 -94.65 -23.33 -36.30
N ASP K 619 -94.82 -24.63 -36.07
CA ASP K 619 -94.94 -25.62 -37.14
C ASP K 619 -93.71 -25.56 -38.05
N PHE K 620 -92.54 -25.45 -37.42
CA PHE K 620 -91.29 -25.43 -38.16
C PHE K 620 -90.49 -26.71 -37.89
N CYS K 621 -90.07 -26.88 -36.64
CA CYS K 621 -89.23 -28.02 -36.29
C CYS K 621 -90.00 -29.12 -35.57
N LEU K 622 -89.32 -30.23 -35.32
CA LEU K 622 -89.84 -31.33 -34.52
C LEU K 622 -88.75 -31.84 -33.59
N ILE K 623 -88.95 -31.73 -32.28
CA ILE K 623 -87.91 -32.18 -31.37
C ILE K 623 -88.16 -33.61 -30.90
N ALA K 624 -87.11 -34.43 -31.00
CA ALA K 624 -87.18 -35.82 -30.55
C ALA K 624 -85.81 -36.26 -30.06
N LEU K 625 -85.78 -37.07 -28.99
CA LEU K 625 -84.52 -37.46 -28.38
C LEU K 625 -84.70 -38.44 -27.22
N ALA K 626 -83.63 -39.17 -26.90
CA ALA K 626 -83.59 -39.97 -25.69
C ALA K 626 -82.38 -39.64 -24.84
N SER K 627 -81.21 -40.14 -25.26
CA SER K 627 -79.95 -39.87 -24.58
C SER K 627 -79.14 -38.78 -25.28
N GLY K 628 -79.64 -38.29 -26.40
CA GLY K 628 -78.89 -37.35 -27.22
C GLY K 628 -79.12 -35.89 -26.91
N GLN K 629 -80.27 -35.58 -26.33
CA GLN K 629 -80.68 -34.19 -26.06
C GLN K 629 -80.50 -33.30 -27.28
N ILE K 630 -81.01 -33.75 -28.43
CA ILE K 630 -80.81 -33.04 -29.68
C ILE K 630 -82.13 -32.51 -30.27
N LEU K 631 -82.08 -31.29 -30.80
CA LEU K 631 -83.21 -30.69 -31.50
C LEU K 631 -83.19 -31.08 -32.97
N LEU K 632 -84.30 -31.60 -33.46
CA LEU K 632 -84.41 -32.04 -34.84
C LEU K 632 -85.44 -31.22 -35.61
N THR K 633 -85.66 -31.54 -36.88
CA THR K 633 -86.63 -30.81 -37.72
C THR K 633 -87.88 -31.60 -38.17
N ASP K 634 -88.99 -30.86 -38.35
CA ASP K 634 -90.29 -31.41 -38.79
C ASP K 634 -90.57 -30.90 -40.21
N VAL K 635 -90.93 -31.80 -41.13
CA VAL K 635 -91.23 -31.46 -42.54
C VAL K 635 -92.75 -31.57 -42.77
N SER K 636 -93.35 -30.54 -43.39
CA SER K 636 -94.79 -30.48 -43.70
C SER K 636 -94.99 -30.73 -45.21
N LEU K 637 -95.93 -31.59 -45.60
CA LEU K 637 -96.03 -31.90 -47.02
C LEU K 637 -95.64 -30.64 -47.79
N GLU K 638 -94.87 -30.83 -48.86
CA GLU K 638 -94.38 -29.70 -49.64
C GLU K 638 -92.97 -30.11 -50.05
N GLY K 639 -92.50 -29.60 -51.17
CA GLY K 639 -91.17 -29.97 -51.65
C GLY K 639 -90.05 -29.70 -50.66
N GLU K 640 -90.03 -28.50 -50.09
CA GLU K 640 -88.94 -28.08 -49.21
C GLU K 640 -89.00 -28.75 -47.84
N ASP K 641 -87.84 -29.12 -47.33
CA ASP K 641 -87.71 -29.76 -46.01
C ASP K 641 -86.50 -29.14 -45.31
N THR K 642 -86.33 -29.43 -44.03
CA THR K 642 -85.22 -28.87 -43.27
C THR K 642 -84.64 -29.90 -42.28
N TYR K 643 -83.31 -29.94 -42.17
CA TYR K 643 -82.65 -30.78 -41.16
C TYR K 643 -81.77 -29.90 -40.27
N LEU K 644 -81.61 -30.30 -39.02
CA LEU K 644 -80.80 -29.52 -38.07
C LEU K 644 -80.16 -30.39 -37.00
N LEU K 645 -78.96 -30.00 -36.56
CA LEU K 645 -78.27 -30.70 -35.47
C LEU K 645 -78.08 -29.76 -34.28
N ARG K 646 -78.13 -30.33 -33.07
CA ARG K 646 -78.06 -29.53 -31.85
C ARG K 646 -77.02 -30.04 -30.86
N ASP K 647 -77.26 -31.24 -30.32
CA ASP K 647 -76.37 -31.87 -29.35
C ASP K 647 -76.17 -31.02 -28.08
N GLU K 648 -77.24 -30.85 -27.32
CA GLU K 648 -77.18 -30.16 -26.03
C GLU K 648 -76.52 -31.02 -24.96
N SER K 649 -76.10 -30.39 -23.87
CA SER K 649 -75.54 -31.10 -22.73
C SER K 649 -76.61 -32.02 -22.13
N ASP K 650 -76.18 -33.04 -21.40
CA ASP K 650 -77.08 -34.12 -21.03
C ASP K 650 -78.09 -33.74 -19.94
N SER K 651 -79.36 -33.84 -20.30
CA SER K 651 -80.48 -33.67 -19.38
C SER K 651 -80.96 -35.01 -18.86
N SER K 652 -80.21 -36.06 -19.19
CA SER K 652 -80.69 -37.45 -19.09
C SER K 652 -81.28 -37.84 -17.74
N ASP K 653 -82.22 -38.78 -17.81
CA ASP K 653 -83.01 -39.28 -16.67
C ASP K 653 -84.00 -38.25 -16.11
N ILE K 654 -84.60 -37.48 -17.01
CA ILE K 654 -85.76 -36.67 -16.65
C ILE K 654 -87.05 -37.52 -16.65
N LEU K 655 -88.03 -37.11 -15.86
CA LEU K 655 -89.30 -37.82 -15.80
C LEU K 655 -90.20 -37.51 -17.00
N ARG K 656 -90.33 -36.22 -17.33
CA ARG K 656 -91.16 -35.82 -18.46
C ARG K 656 -90.56 -34.54 -19.06
N MET K 657 -91.13 -34.07 -20.17
CA MET K 657 -90.61 -32.90 -20.87
C MET K 657 -91.72 -32.14 -21.58
N ALA K 658 -91.57 -30.82 -21.68
CA ALA K 658 -92.56 -29.98 -22.35
C ALA K 658 -91.89 -28.86 -23.13
N VAL K 659 -92.69 -27.97 -23.70
CA VAL K 659 -92.19 -26.84 -24.47
C VAL K 659 -93.01 -25.58 -24.14
N PHE K 660 -92.34 -24.43 -24.13
CA PHE K 660 -92.99 -23.18 -23.75
C PHE K 660 -93.45 -22.46 -25.03
N ASN K 661 -94.14 -21.34 -24.89
CA ASN K 661 -94.77 -20.69 -26.04
C ASN K 661 -93.82 -19.84 -26.90
N GLN K 662 -92.88 -19.15 -26.25
CA GLN K 662 -91.96 -18.27 -26.96
C GLN K 662 -90.65 -18.95 -27.31
N GLN K 663 -90.57 -20.25 -26.99
CA GLN K 663 -89.49 -21.18 -27.40
C GLN K 663 -88.11 -20.78 -26.85
N LYS K 664 -88.02 -19.61 -26.22
CA LYS K 664 -86.76 -19.16 -25.65
C LYS K 664 -86.56 -19.77 -24.26
N HIS K 665 -87.62 -20.35 -23.71
CA HIS K 665 -87.56 -21.00 -22.41
C HIS K 665 -87.90 -22.48 -22.54
N LEU K 666 -87.20 -23.31 -21.78
CA LEU K 666 -87.44 -24.75 -21.80
C LEU K 666 -87.54 -25.30 -20.38
N ILE K 667 -88.71 -25.86 -20.05
CA ILE K 667 -88.94 -26.41 -18.72
C ILE K 667 -88.34 -27.81 -18.61
N THR K 668 -87.68 -28.08 -17.49
CA THR K 668 -87.05 -29.37 -17.26
C THR K 668 -87.14 -29.76 -15.78
N LEU K 669 -87.44 -31.02 -15.51
CA LEU K 669 -87.50 -31.52 -14.14
C LEU K 669 -86.83 -32.89 -14.04
N HIS K 670 -86.22 -33.17 -12.89
CA HIS K 670 -85.46 -34.40 -12.70
C HIS K 670 -86.11 -35.34 -11.69
N CYS K 671 -85.45 -36.47 -11.45
CA CYS K 671 -85.89 -37.44 -10.45
C CYS K 671 -86.02 -36.80 -9.08
N ASN K 672 -84.90 -36.36 -8.52
CA ASN K 672 -84.90 -35.65 -7.24
C ASN K 672 -85.45 -34.24 -7.42
N GLY K 673 -85.54 -33.80 -8.66
CA GLY K 673 -86.11 -32.50 -9.00
C GLY K 673 -85.06 -31.44 -9.26
N SER K 674 -85.38 -30.54 -10.18
CA SER K 674 -84.49 -29.45 -10.60
C SER K 674 -85.17 -28.62 -11.67
N VAL K 675 -84.63 -27.44 -11.95
CA VAL K 675 -85.13 -26.60 -13.04
C VAL K 675 -83.98 -26.19 -13.96
N LYS K 676 -84.02 -26.65 -15.21
CA LYS K 676 -82.96 -26.36 -16.16
C LYS K 676 -83.51 -25.70 -17.41
N LEU K 677 -83.07 -24.47 -17.68
CA LEU K 677 -83.56 -23.70 -18.82
C LEU K 677 -82.60 -23.77 -20.00
N TRP K 678 -83.15 -23.83 -21.21
CA TRP K 678 -82.35 -23.86 -22.43
C TRP K 678 -82.86 -22.84 -23.45
N SER K 679 -82.03 -22.58 -24.46
CA SER K 679 -82.41 -21.67 -25.54
C SER K 679 -82.24 -22.36 -26.90
N LEU K 680 -83.29 -22.34 -27.70
CA LEU K 680 -83.26 -22.99 -29.01
C LEU K 680 -82.40 -22.22 -30.00
N TRP K 681 -82.09 -20.98 -29.67
CA TRP K 681 -81.20 -20.16 -30.50
C TRP K 681 -79.78 -20.70 -30.45
N PRO K 682 -79.25 -21.11 -31.61
CA PRO K 682 -77.91 -21.69 -31.69
C PRO K 682 -76.81 -20.66 -31.41
N ASN K 699 -77.54 -22.77 -14.08
CA ASN K 699 -78.87 -22.60 -14.67
C ASN K 699 -79.95 -23.28 -13.83
N SER K 700 -79.55 -23.87 -12.71
CA SER K 700 -80.48 -24.58 -11.85
C SER K 700 -80.28 -24.21 -10.38
N VAL K 701 -81.35 -23.70 -9.76
CA VAL K 701 -81.28 -23.32 -8.35
C VAL K 701 -82.42 -23.94 -7.52
N VAL K 702 -82.03 -24.83 -6.60
CA VAL K 702 -82.97 -25.48 -5.71
C VAL K 702 -82.93 -24.72 -4.37
N LYS K 703 -82.07 -23.71 -4.31
CA LYS K 703 -81.75 -23.03 -3.07
C LYS K 703 -82.85 -22.09 -2.59
N ARG K 704 -82.53 -21.29 -1.58
CA ARG K 704 -83.47 -20.36 -0.93
C ARG K 704 -84.63 -21.10 -0.28
N PHE K 705 -85.84 -20.63 -0.55
CA PHE K 705 -87.05 -21.18 0.07
C PHE K 705 -87.24 -22.66 -0.24
N ILE K 706 -87.75 -23.38 0.75
CA ILE K 706 -88.00 -24.82 0.65
C ILE K 706 -86.69 -25.52 0.25
N GLY K 707 -86.67 -26.14 -0.94
CA GLY K 707 -85.48 -26.84 -1.39
C GLY K 707 -85.15 -28.06 -0.55
N SER K 708 -86.20 -28.79 -0.16
CA SER K 708 -86.02 -29.98 0.67
C SER K 708 -85.37 -31.11 -0.11
N TYR K 709 -84.79 -32.07 0.62
CA TYR K 709 -84.12 -33.20 0.00
C TYR K 709 -85.02 -34.42 0.01
N ALA K 710 -85.46 -34.83 -1.18
CA ALA K 710 -86.41 -35.93 -1.34
C ALA K 710 -86.66 -36.19 -2.83
N ASN K 711 -87.40 -37.26 -3.11
CA ASN K 711 -87.71 -37.63 -4.49
C ASN K 711 -88.92 -36.86 -5.02
N LEU K 712 -88.80 -36.35 -6.25
CA LEU K 712 -89.89 -35.62 -6.88
C LEU K 712 -90.78 -36.54 -7.70
N LYS K 713 -92.09 -36.35 -7.59
CA LYS K 713 -93.05 -37.17 -8.33
C LYS K 713 -93.28 -36.63 -9.73
N ILE K 714 -94.28 -37.18 -10.40
CA ILE K 714 -94.63 -36.77 -11.77
C ILE K 714 -95.40 -35.44 -11.71
N VAL K 715 -95.84 -35.07 -10.51
CA VAL K 715 -96.67 -33.89 -10.29
C VAL K 715 -96.08 -32.62 -10.86
N ALA K 716 -96.88 -31.93 -11.69
CA ALA K 716 -96.51 -30.66 -12.30
C ALA K 716 -97.69 -30.13 -13.12
N PHE K 717 -97.67 -28.82 -13.40
CA PHE K 717 -98.75 -28.16 -14.12
C PHE K 717 -98.45 -26.68 -14.35
N TYR K 718 -99.33 -26.02 -15.11
CA TYR K 718 -99.16 -24.60 -15.42
C TYR K 718 -100.33 -23.78 -14.87
N LEU K 719 -100.00 -22.64 -14.27
CA LEU K 719 -101.03 -21.74 -13.73
C LEU K 719 -101.23 -20.52 -14.61
N ASN K 720 -102.16 -19.66 -14.21
CA ASN K 720 -102.39 -18.39 -14.90
C ASN K 720 -101.57 -17.28 -14.26
N GLU K 721 -101.81 -16.04 -14.67
CA GLU K 721 -101.06 -14.92 -14.12
C GLU K 721 -101.82 -14.28 -12.96
N ASP K 722 -101.28 -14.45 -11.76
CA ASP K 722 -101.89 -13.89 -10.56
C ASP K 722 -101.25 -12.57 -10.14
N ALA K 723 -100.24 -12.15 -10.89
CA ALA K 723 -99.49 -10.94 -10.54
C ALA K 723 -99.85 -9.78 -11.46
N GLY K 724 -99.42 -9.86 -12.72
CA GLY K 724 -99.65 -8.80 -13.67
C GLY K 724 -101.11 -8.60 -14.01
N LEU K 725 -101.77 -9.68 -14.43
CA LEU K 725 -103.19 -9.63 -14.78
C LEU K 725 -103.83 -11.00 -14.69
N ILE K 730 -99.44 -11.87 -19.62
CA ILE K 730 -97.99 -11.69 -19.65
C ILE K 730 -97.27 -13.00 -19.86
N GLN K 731 -97.65 -14.01 -19.07
CA GLN K 731 -97.00 -15.32 -19.09
C GLN K 731 -97.72 -16.28 -18.14
N LEU K 732 -97.51 -17.57 -18.32
CA LEU K 732 -98.13 -18.58 -17.47
C LEU K 732 -97.10 -19.15 -16.50
N HIS K 733 -97.45 -19.16 -15.21
CA HIS K 733 -96.52 -19.63 -14.19
C HIS K 733 -96.43 -21.15 -14.15
N VAL K 734 -95.58 -21.65 -13.26
CA VAL K 734 -95.37 -23.10 -13.11
C VAL K 734 -95.42 -23.47 -11.63
N ALA K 735 -96.14 -24.55 -11.30
CA ALA K 735 -96.22 -25.00 -9.92
C ALA K 735 -96.29 -26.53 -9.85
N PHE K 736 -95.73 -27.09 -8.79
CA PHE K 736 -95.73 -28.54 -8.60
C PHE K 736 -95.55 -28.91 -7.12
N ILE K 737 -95.56 -30.21 -6.84
CA ILE K 737 -95.49 -30.69 -5.46
C ILE K 737 -94.31 -31.64 -5.26
N ASN K 738 -93.44 -31.31 -4.30
CA ASN K 738 -92.29 -32.14 -3.97
C ASN K 738 -92.65 -33.28 -3.02
N GLY K 739 -91.64 -33.97 -2.51
CA GLY K 739 -91.84 -35.03 -1.53
C GLY K 739 -91.98 -34.46 -0.13
N ASP K 740 -92.12 -33.14 -0.04
CA ASP K 740 -92.29 -32.45 1.24
C ASP K 740 -93.76 -32.32 1.61
N VAL K 741 -94.61 -32.98 0.81
CA VAL K 741 -96.08 -32.97 0.93
C VAL K 741 -96.63 -31.56 1.16
N SER K 742 -96.09 -30.62 0.39
CA SER K 742 -96.55 -29.23 0.42
C SER K 742 -96.48 -28.63 -0.98
N ILE K 743 -97.43 -27.77 -1.32
CA ILE K 743 -97.49 -27.18 -2.65
C ILE K 743 -96.34 -26.18 -2.86
N LEU K 744 -95.79 -26.19 -4.08
CA LEU K 744 -94.70 -25.29 -4.44
C LEU K 744 -95.04 -24.48 -5.69
N ASN K 745 -95.00 -23.17 -5.56
CA ASN K 745 -95.32 -22.27 -6.66
C ASN K 745 -94.10 -21.52 -7.16
N TRP K 746 -94.06 -21.24 -8.47
CA TRP K 746 -92.97 -20.49 -9.08
C TRP K 746 -93.52 -19.32 -9.89
N ASP K 747 -93.08 -18.11 -9.56
CA ASP K 747 -93.54 -16.92 -10.26
C ASP K 747 -92.49 -16.43 -11.26
N GLU K 748 -92.80 -16.60 -12.55
CA GLU K 748 -91.91 -16.16 -13.61
C GLU K 748 -92.62 -15.29 -14.65
N GLN K 749 -92.33 -13.99 -14.65
CA GLN K 749 -92.85 -13.13 -15.71
C GLN K 749 -91.85 -12.67 -16.77
N ASP K 750 -90.55 -12.87 -16.55
CA ASP K 750 -89.58 -12.33 -17.52
C ASP K 750 -88.44 -13.28 -17.90
N GLN K 751 -87.49 -13.47 -16.99
CA GLN K 751 -86.26 -14.20 -17.26
C GLN K 751 -85.91 -15.22 -16.18
N GLU K 752 -85.60 -14.71 -14.99
CA GLU K 752 -85.20 -15.55 -13.87
C GLU K 752 -86.25 -15.56 -12.78
N PHE K 753 -86.32 -16.66 -12.04
CA PHE K 753 -87.36 -16.87 -11.03
C PHE K 753 -87.30 -15.85 -9.91
N LYS K 754 -88.44 -15.59 -9.30
CA LYS K 754 -88.58 -14.57 -8.26
C LYS K 754 -88.83 -15.18 -6.88
N LEU K 755 -89.95 -15.89 -6.75
CA LEU K 755 -90.41 -16.44 -5.48
C LEU K 755 -90.65 -15.34 -4.47
N SER K 756 -91.69 -14.54 -4.71
CA SER K 756 -92.01 -13.41 -3.85
C SER K 756 -92.69 -13.85 -2.55
N HIS K 757 -92.08 -13.47 -1.44
CA HIS K 757 -92.60 -13.73 -0.10
C HIS K 757 -92.95 -15.20 0.16
N VAL K 758 -94.06 -15.42 0.84
CA VAL K 758 -94.48 -16.77 1.26
C VAL K 758 -95.38 -17.45 0.23
N PRO K 759 -95.39 -18.80 0.24
CA PRO K 759 -96.33 -19.60 -0.55
C PRO K 759 -97.78 -19.37 -0.16
N VAL K 760 -97.99 -18.76 1.01
CA VAL K 760 -99.29 -18.32 1.52
C VAL K 760 -100.15 -19.49 2.02
N LEU K 761 -99.78 -20.71 1.63
CA LEU K 761 -100.55 -21.90 2.01
C LEU K 761 -99.86 -23.17 1.49
N LYS K 762 -100.22 -24.31 2.07
CA LYS K 762 -99.69 -25.60 1.65
C LYS K 762 -100.82 -26.55 1.27
N THR K 763 -100.47 -27.77 0.88
CA THR K 763 -101.45 -28.77 0.48
C THR K 763 -101.27 -30.07 1.25
N MET K 764 -102.37 -30.60 1.77
CA MET K 764 -102.33 -31.83 2.57
C MET K 764 -101.91 -33.03 1.74
N GLN K 765 -101.02 -33.85 2.30
CA GLN K 765 -100.49 -35.05 1.65
C GLN K 765 -99.92 -34.76 0.27
N SER K 766 -100.16 -35.66 -0.67
CA SER K 766 -99.71 -35.48 -2.05
C SER K 766 -100.59 -36.22 -3.04
N GLY K 767 -100.74 -35.64 -4.22
CA GLY K 767 -101.48 -36.28 -5.30
C GLY K 767 -100.56 -36.74 -6.42
N ILE K 768 -101.14 -37.02 -7.58
CA ILE K 768 -100.36 -37.32 -8.77
C ILE K 768 -100.67 -36.31 -9.88
N ARG K 769 -101.92 -36.24 -10.32
CA ARG K 769 -102.30 -35.31 -11.38
C ARG K 769 -103.06 -34.12 -10.82
N CYS K 770 -102.41 -32.96 -10.81
CA CYS K 770 -103.00 -31.75 -10.25
C CYS K 770 -103.01 -30.62 -11.26
N PHE K 771 -104.10 -29.87 -11.33
CA PHE K 771 -104.15 -28.76 -12.27
C PHE K 771 -105.20 -27.71 -11.83
N VAL K 772 -105.12 -26.51 -12.41
CA VAL K 772 -106.03 -25.43 -12.05
C VAL K 772 -107.33 -25.46 -12.86
N GLN K 773 -108.45 -25.17 -12.19
CA GLN K 773 -109.74 -25.08 -12.88
C GLN K 773 -109.85 -23.76 -13.63
N VAL K 774 -111.04 -23.49 -14.16
CA VAL K 774 -111.32 -22.24 -14.85
C VAL K 774 -111.22 -21.05 -13.88
N LEU K 775 -111.36 -21.34 -12.59
CA LEU K 775 -111.17 -20.33 -11.55
C LEU K 775 -109.81 -20.54 -10.88
N LYS K 776 -109.11 -19.44 -10.63
CA LYS K 776 -107.78 -19.50 -10.04
C LYS K 776 -107.82 -19.80 -8.54
N ARG K 777 -109.02 -19.79 -7.97
CA ARG K 777 -109.18 -20.02 -6.54
C ARG K 777 -109.29 -21.50 -6.19
N TYR K 778 -109.45 -22.35 -7.20
CA TYR K 778 -109.64 -23.78 -6.98
C TYR K 778 -108.65 -24.62 -7.78
N TYR K 779 -108.14 -25.68 -7.16
CA TYR K 779 -107.18 -26.57 -7.80
C TYR K 779 -107.65 -28.02 -7.70
N VAL K 780 -107.84 -28.68 -8.83
CA VAL K 780 -108.20 -30.10 -8.80
C VAL K 780 -106.96 -30.96 -8.56
N VAL K 781 -107.10 -31.89 -7.61
CA VAL K 781 -106.02 -32.75 -7.18
C VAL K 781 -106.40 -34.23 -7.30
N CYS K 782 -105.55 -35.00 -7.98
CA CYS K 782 -105.79 -36.43 -8.14
C CYS K 782 -104.61 -37.22 -7.60
N THR K 783 -104.91 -38.22 -6.77
CA THR K 783 -103.89 -39.03 -6.12
C THR K 783 -103.71 -40.37 -6.83
N SER K 784 -102.85 -41.22 -6.28
CA SER K 784 -102.56 -42.52 -6.86
C SER K 784 -103.63 -43.54 -6.46
N ASN K 785 -104.54 -43.13 -5.60
CA ASN K 785 -105.62 -44.00 -5.15
C ASN K 785 -106.84 -43.91 -6.07
N CYS K 786 -106.69 -43.14 -7.14
CA CYS K 786 -107.75 -42.94 -8.14
C CYS K 786 -109.02 -42.37 -7.51
N THR K 787 -108.85 -41.37 -6.66
CA THR K 787 -109.98 -40.70 -6.02
C THR K 787 -109.98 -39.21 -6.37
N LEU K 788 -111.14 -38.58 -6.24
CA LEU K 788 -111.26 -37.16 -6.54
C LEU K 788 -111.29 -36.34 -5.27
N THR K 789 -110.24 -35.55 -5.05
CA THR K 789 -110.13 -34.70 -3.88
C THR K 789 -109.75 -33.27 -4.28
N VAL K 790 -110.06 -32.31 -3.42
CA VAL K 790 -109.74 -30.92 -3.72
C VAL K 790 -109.34 -30.12 -2.48
N TRP K 791 -108.30 -29.31 -2.62
CA TRP K 791 -107.91 -28.36 -1.59
C TRP K 791 -108.00 -26.93 -2.13
N ASP K 792 -108.91 -26.15 -1.58
CA ASP K 792 -109.15 -24.79 -2.05
C ASP K 792 -107.98 -23.87 -1.74
N LEU K 793 -107.64 -23.01 -2.69
CA LEU K 793 -106.57 -22.03 -2.51
C LEU K 793 -106.98 -20.98 -1.49
N THR K 794 -108.15 -20.38 -1.71
CA THR K 794 -108.72 -19.42 -0.76
C THR K 794 -109.83 -20.08 0.04
N ASN K 795 -110.39 -19.31 0.99
CA ASN K 795 -111.45 -19.80 1.86
C ASN K 795 -111.15 -21.15 2.48
N GLY K 796 -110.12 -21.19 3.32
CA GLY K 796 -109.69 -22.44 3.94
C GLY K 796 -108.89 -23.29 3.00
N SER K 797 -108.60 -24.53 3.40
CA SER K 797 -107.84 -25.45 2.57
C SER K 797 -108.73 -26.60 2.09
N SER K 798 -109.04 -27.53 2.98
CA SER K 798 -109.91 -28.64 2.65
C SER K 798 -111.36 -28.31 3.01
N ASN K 799 -112.25 -28.40 2.03
CA ASN K 799 -113.64 -28.02 2.25
C ASN K 799 -114.61 -29.19 2.12
N THR K 800 -114.88 -29.61 0.89
CA THR K 800 -115.92 -30.62 0.66
C THR K 800 -115.77 -31.37 -0.66
N LEU K 801 -116.84 -32.10 -1.00
CA LEU K 801 -116.97 -32.82 -2.27
C LEU K 801 -115.90 -33.89 -2.49
N GLU K 802 -115.92 -34.90 -1.62
CA GLU K 802 -115.15 -36.13 -1.83
C GLU K 802 -116.08 -37.19 -2.42
N LEU K 803 -117.35 -36.81 -2.56
CA LEU K 803 -118.43 -37.74 -2.84
C LEU K 803 -118.57 -38.21 -4.29
N HIS K 804 -119.16 -39.39 -4.45
CA HIS K 804 -119.60 -39.92 -5.75
C HIS K 804 -118.52 -40.06 -6.81
N VAL K 805 -117.61 -41.01 -6.63
CA VAL K 805 -116.70 -41.42 -7.69
C VAL K 805 -117.27 -42.65 -8.39
N PHE K 806 -117.18 -42.68 -9.72
CA PHE K 806 -117.81 -43.74 -10.51
C PHE K 806 -117.25 -45.13 -10.23
N ASN K 807 -115.95 -45.32 -10.43
CA ASN K 807 -115.34 -46.62 -10.22
C ASN K 807 -114.00 -46.53 -9.50
N VAL K 808 -113.91 -47.23 -8.36
CA VAL K 808 -112.67 -47.28 -7.59
C VAL K 808 -111.83 -48.50 -7.98
N GLU K 809 -112.40 -49.38 -8.78
CA GLU K 809 -111.71 -50.60 -9.18
C GLU K 809 -111.11 -50.48 -10.57
N ASN K 810 -109.77 -50.47 -10.63
CA ASN K 810 -109.06 -50.41 -11.90
C ASN K 810 -108.96 -51.78 -12.55
N ASP K 811 -108.84 -51.79 -13.88
CA ASP K 811 -108.59 -53.03 -14.60
C ASP K 811 -107.20 -53.56 -14.29
N THR K 812 -106.22 -52.66 -14.31
CA THR K 812 -104.86 -52.97 -13.91
C THR K 812 -104.37 -51.89 -12.96
N PRO K 813 -103.58 -52.28 -11.94
CA PRO K 813 -103.11 -51.29 -10.96
C PRO K 813 -102.26 -50.19 -11.59
N LEU K 814 -102.64 -48.94 -11.36
CA LEU K 814 -101.98 -47.77 -11.92
C LEU K 814 -102.29 -46.53 -11.10
N ALA K 815 -101.87 -45.38 -11.60
CA ALA K 815 -102.26 -44.10 -11.02
C ALA K 815 -103.42 -43.51 -11.81
N LEU K 816 -103.90 -42.34 -11.41
CA LEU K 816 -105.00 -41.70 -12.12
C LEU K 816 -104.46 -41.09 -13.41
N ASP K 817 -105.32 -40.97 -14.42
CA ASP K 817 -104.90 -40.54 -15.75
C ASP K 817 -104.65 -39.04 -15.82
N VAL K 818 -104.40 -38.56 -17.04
CA VAL K 818 -104.07 -37.15 -17.26
C VAL K 818 -105.31 -36.26 -17.34
N PHE K 819 -105.32 -35.19 -16.55
CA PHE K 819 -106.41 -34.22 -16.57
C PHE K 819 -106.21 -33.25 -17.73
N ASP K 820 -107.31 -32.83 -18.35
CA ASP K 820 -107.24 -31.99 -19.55
C ASP K 820 -108.03 -30.68 -19.43
N GLU K 821 -108.07 -29.94 -20.54
CA GLU K 821 -108.79 -28.67 -20.60
C GLU K 821 -109.61 -28.53 -21.88
N ARG K 822 -110.51 -27.54 -21.88
CA ARG K 822 -111.32 -27.23 -23.05
C ARG K 822 -111.10 -25.79 -23.48
N SER K 823 -111.76 -25.38 -24.56
CA SER K 823 -111.67 -24.01 -25.03
C SER K 823 -112.70 -23.13 -24.35
N LYS K 824 -113.64 -23.77 -23.65
CA LYS K 824 -114.68 -23.06 -22.92
C LYS K 824 -114.17 -22.52 -21.59
N THR K 825 -114.82 -21.47 -21.09
CA THR K 825 -114.44 -20.85 -19.83
C THR K 825 -115.16 -21.49 -18.65
N ALA K 826 -115.95 -22.52 -18.94
CA ALA K 826 -116.69 -23.23 -17.90
C ALA K 826 -116.46 -24.74 -17.96
N THR K 827 -116.90 -25.35 -19.06
CA THR K 827 -116.77 -26.80 -19.24
C THR K 827 -115.30 -27.23 -19.31
N VAL K 828 -114.93 -28.21 -18.49
CA VAL K 828 -113.58 -28.74 -18.52
C VAL K 828 -113.56 -30.20 -18.95
N LEU K 829 -112.37 -30.76 -19.09
CA LEU K 829 -112.21 -32.10 -19.66
C LEU K 829 -111.36 -33.00 -18.78
N LEU K 830 -111.71 -34.28 -18.77
CA LEU K 830 -110.98 -35.30 -18.01
C LEU K 830 -111.16 -36.66 -18.69
N ILE K 831 -110.21 -37.56 -18.48
CA ILE K 831 -110.32 -38.91 -19.01
C ILE K 831 -109.87 -39.93 -17.97
N PHE K 832 -110.65 -40.98 -17.79
CA PHE K 832 -110.30 -42.04 -16.85
C PHE K 832 -110.41 -43.41 -17.50
N LYS K 833 -109.27 -44.06 -17.68
CA LYS K 833 -109.21 -45.40 -18.27
C LYS K 833 -109.97 -45.50 -19.60
N TYR K 834 -110.98 -46.34 -19.64
CA TYR K 834 -111.73 -46.59 -20.86
C TYR K 834 -112.89 -45.62 -21.04
N SER K 835 -113.08 -44.73 -20.08
CA SER K 835 -114.17 -43.77 -20.12
C SER K 835 -113.66 -42.33 -20.17
N VAL K 836 -114.48 -41.44 -20.73
CA VAL K 836 -114.13 -40.04 -20.81
C VAL K 836 -115.11 -39.20 -19.99
N TRP K 837 -114.56 -38.42 -19.06
CA TRP K 837 -115.39 -37.61 -18.16
C TRP K 837 -115.30 -36.13 -18.52
N ARG K 838 -116.39 -35.60 -19.07
CA ARG K 838 -116.47 -34.18 -19.37
C ARG K 838 -117.20 -33.45 -18.24
N LEU K 839 -116.51 -32.48 -17.63
CA LEU K 839 -117.02 -31.86 -16.42
C LEU K 839 -117.41 -30.40 -16.60
N ASN K 840 -117.94 -29.82 -15.54
CA ASN K 840 -118.53 -28.48 -15.55
C ASN K 840 -118.52 -27.86 -14.16
N PHE K 841 -118.81 -26.56 -14.09
CA PHE K 841 -118.98 -25.89 -12.81
C PHE K 841 -120.16 -26.53 -12.08
N LEU K 842 -120.19 -26.35 -10.74
CA LEU K 842 -121.00 -27.12 -9.80
C LEU K 842 -120.25 -28.44 -9.50
N PRO K 843 -120.59 -29.12 -8.39
CA PRO K 843 -119.76 -30.23 -7.89
C PRO K 843 -119.33 -31.28 -8.92
N GLY K 844 -120.20 -31.68 -9.83
CA GLY K 844 -119.79 -32.62 -10.86
C GLY K 844 -120.88 -33.53 -11.40
N LEU K 845 -120.45 -34.64 -11.97
CA LEU K 845 -121.34 -35.63 -12.60
C LEU K 845 -122.16 -34.92 -13.68
N SER K 846 -121.50 -34.57 -14.77
CA SER K 846 -122.15 -33.85 -15.86
C SER K 846 -122.22 -34.68 -17.13
N VAL K 847 -121.08 -34.85 -17.80
CA VAL K 847 -121.06 -35.59 -19.06
C VAL K 847 -120.12 -36.79 -18.99
N SER K 848 -120.59 -37.93 -19.48
CA SER K 848 -119.77 -39.14 -19.55
C SER K 848 -119.88 -39.76 -20.94
N LEU K 849 -118.76 -39.85 -21.65
CA LEU K 849 -118.77 -40.33 -23.02
C LEU K 849 -117.74 -41.43 -23.28
N GLN K 850 -118.07 -42.32 -24.21
CA GLN K 850 -117.16 -43.36 -24.67
C GLN K 850 -117.30 -43.53 -26.18
N SER K 851 -116.18 -43.58 -26.89
CA SER K 851 -116.22 -43.73 -28.34
C SER K 851 -116.69 -45.13 -28.73
N GLU K 852 -116.01 -46.14 -28.20
CA GLU K 852 -116.39 -47.54 -28.41
C GLU K 852 -115.58 -48.45 -27.49
N ALA K 853 -115.82 -49.75 -27.62
CA ALA K 853 -115.12 -50.74 -26.81
C ALA K 853 -113.70 -50.99 -27.32
N VAL K 854 -112.97 -51.86 -26.64
CA VAL K 854 -111.60 -52.20 -27.03
C VAL K 854 -111.58 -53.10 -28.26
N GLY K 859 -105.12 -53.71 -23.34
CA GLY K 859 -104.04 -53.53 -22.37
C GLY K 859 -104.28 -52.38 -21.43
N SER K 860 -103.24 -51.98 -20.70
CA SER K 860 -103.33 -50.88 -19.77
C SER K 860 -103.31 -49.54 -20.50
N PHE K 861 -103.92 -48.53 -19.89
CA PHE K 861 -103.97 -47.19 -20.49
C PHE K 861 -102.77 -46.36 -20.04
N ILE K 862 -101.96 -45.93 -21.00
CA ILE K 862 -100.77 -45.14 -20.70
C ILE K 862 -100.71 -43.84 -21.52
N THR K 863 -100.64 -43.96 -22.84
CA THR K 863 -100.45 -42.80 -23.70
C THR K 863 -101.77 -42.19 -24.17
N CYS K 864 -101.79 -40.86 -24.26
CA CYS K 864 -102.97 -40.13 -24.72
C CYS K 864 -102.56 -38.83 -25.40
N GLY K 865 -103.37 -38.41 -26.37
CA GLY K 865 -103.10 -37.18 -27.11
C GLY K 865 -103.98 -36.04 -26.65
N LYS K 866 -104.03 -34.98 -27.48
CA LYS K 866 -104.78 -33.77 -27.17
C LYS K 866 -104.68 -32.81 -28.36
N ARG K 867 -105.61 -31.85 -28.42
CA ARG K 867 -105.60 -30.85 -29.49
C ARG K 867 -106.01 -29.48 -28.95
N SER K 868 -105.61 -28.43 -29.65
CA SER K 868 -105.91 -27.07 -29.21
C SER K 868 -106.55 -26.22 -30.32
N THR K 869 -105.76 -25.92 -31.35
CA THR K 869 -106.20 -25.08 -32.46
C THR K 869 -107.15 -25.85 -33.38
N ASP K 870 -107.08 -27.17 -33.31
CA ASP K 870 -107.87 -28.04 -34.19
C ASP K 870 -109.36 -28.01 -33.83
N GLY K 871 -109.70 -27.29 -32.77
CA GLY K 871 -111.07 -27.26 -32.28
C GLY K 871 -111.26 -28.07 -31.02
N ARG K 872 -110.15 -28.42 -30.37
CA ARG K 872 -110.15 -29.11 -29.09
C ARG K 872 -110.86 -30.46 -29.19
N TYR K 873 -110.44 -31.27 -30.15
CA TYR K 873 -110.94 -32.64 -30.28
C TYR K 873 -109.98 -33.59 -29.56
N LEU K 874 -110.54 -34.52 -28.79
CA LEU K 874 -109.73 -35.29 -27.86
C LEU K 874 -109.26 -36.64 -28.41
N LEU K 875 -107.95 -36.77 -28.59
CA LEU K 875 -107.34 -38.04 -28.97
C LEU K 875 -107.40 -39.01 -27.79
N LEU K 876 -107.86 -40.23 -28.03
CA LEU K 876 -108.04 -41.18 -26.93
C LEU K 876 -108.17 -42.62 -27.38
N GLY K 877 -108.26 -43.52 -26.41
CA GLY K 877 -108.54 -44.93 -26.69
C GLY K 877 -108.22 -45.84 -25.52
N THR K 878 -108.74 -47.06 -25.57
CA THR K 878 -108.42 -48.09 -24.59
C THR K 878 -106.93 -48.43 -24.57
N SER K 879 -106.49 -49.11 -25.63
CA SER K 879 -105.09 -49.47 -25.83
C SER K 879 -104.67 -49.07 -27.24
N GLU K 880 -105.31 -49.68 -28.23
CA GLU K 880 -105.13 -49.35 -29.63
C GLU K 880 -103.70 -49.40 -30.11
N GLY K 881 -103.16 -50.62 -30.22
CA GLY K 881 -101.90 -50.84 -30.91
C GLY K 881 -102.10 -50.65 -32.40
N LEU K 882 -103.37 -50.54 -32.79
CA LEU K 882 -103.74 -50.27 -34.18
C LEU K 882 -104.93 -49.33 -34.24
N ILE K 883 -104.86 -48.34 -35.14
CA ILE K 883 -105.94 -47.39 -35.36
C ILE K 883 -106.29 -46.61 -34.09
N VAL K 884 -105.40 -45.69 -33.72
CA VAL K 884 -105.66 -44.79 -32.59
C VAL K 884 -106.89 -43.93 -32.88
N TYR K 885 -107.74 -43.74 -31.87
CA TYR K 885 -109.02 -43.09 -32.06
C TYR K 885 -109.01 -41.60 -31.69
N ASP K 886 -109.75 -40.81 -32.46
CA ASP K 886 -109.97 -39.40 -32.16
C ASP K 886 -111.45 -39.13 -31.89
N LEU K 887 -111.72 -38.28 -30.90
CA LEU K 887 -113.10 -37.98 -30.54
C LEU K 887 -113.45 -36.51 -30.80
N LYS K 888 -114.40 -36.30 -31.69
CA LYS K 888 -114.91 -34.97 -31.99
C LYS K 888 -115.92 -34.56 -30.92
N ILE K 889 -116.00 -33.26 -30.64
CA ILE K 889 -116.87 -32.75 -29.58
C ILE K 889 -118.33 -33.14 -29.78
N SER K 890 -118.91 -33.74 -28.75
CA SER K 890 -120.35 -34.07 -28.67
C SER K 890 -120.82 -35.12 -29.68
N ASP K 891 -119.94 -35.54 -30.58
CA ASP K 891 -120.32 -36.52 -31.59
C ASP K 891 -119.40 -37.75 -31.56
N PRO K 892 -119.99 -38.94 -31.76
CA PRO K 892 -119.25 -40.20 -31.81
C PRO K 892 -118.83 -40.59 -33.22
N VAL K 893 -117.87 -39.86 -33.79
CA VAL K 893 -117.41 -40.15 -35.15
C VAL K 893 -115.88 -40.18 -35.21
N LEU K 894 -115.34 -41.09 -36.01
CA LEU K 894 -113.89 -41.22 -36.15
C LEU K 894 -113.43 -40.77 -37.54
N ARG K 895 -112.74 -39.63 -37.58
CA ARG K 895 -112.23 -39.09 -38.84
C ARG K 895 -110.77 -39.46 -39.06
N SER K 896 -110.17 -40.17 -38.11
CA SER K 896 -108.75 -40.50 -38.17
C SER K 896 -108.53 -41.99 -38.44
N ASN K 897 -107.43 -42.29 -39.13
CA ASN K 897 -107.08 -43.67 -39.45
C ASN K 897 -105.58 -43.91 -39.36
N VAL K 898 -105.20 -45.09 -38.88
CA VAL K 898 -103.79 -45.44 -38.75
C VAL K 898 -103.42 -46.67 -39.57
N SER K 899 -102.63 -46.46 -40.63
CA SER K 899 -102.15 -47.56 -41.46
C SER K 899 -100.73 -47.98 -41.07
N GLU K 900 -100.15 -47.29 -40.11
CA GLU K 900 -98.76 -47.53 -39.71
C GLU K 900 -98.68 -48.45 -38.49
N HIS K 901 -99.85 -48.88 -38.01
CA HIS K 901 -100.01 -49.61 -36.76
C HIS K 901 -99.38 -48.76 -35.64
N ILE K 902 -98.74 -49.40 -34.66
CA ILE K 902 -97.93 -48.73 -33.63
C ILE K 902 -97.48 -49.75 -32.58
N GLU K 903 -96.48 -49.39 -31.78
CA GLU K 903 -96.11 -50.19 -30.62
C GLU K 903 -96.43 -49.36 -29.37
N CYS K 904 -96.25 -49.91 -28.18
CA CYS K 904 -96.58 -49.17 -26.97
C CYS K 904 -95.46 -49.18 -25.93
N VAL K 905 -94.85 -48.03 -25.70
CA VAL K 905 -93.86 -47.87 -24.63
C VAL K 905 -94.12 -46.63 -23.74
N ASP K 906 -94.09 -45.44 -24.35
CA ASP K 906 -94.18 -44.21 -23.58
C ASP K 906 -95.48 -43.45 -23.81
N ILE K 907 -95.62 -42.30 -23.15
CA ILE K 907 -96.88 -41.58 -23.08
C ILE K 907 -96.99 -40.43 -24.12
N TYR K 908 -95.92 -40.19 -24.87
CA TYR K 908 -95.88 -38.99 -25.69
C TYR K 908 -96.70 -39.11 -26.97
N GLU K 909 -97.68 -38.23 -27.11
CA GLU K 909 -98.46 -38.09 -28.35
C GLU K 909 -99.05 -36.69 -28.44
N LEU K 910 -99.17 -36.16 -29.66
CA LEU K 910 -99.75 -34.84 -29.90
C LEU K 910 -99.80 -34.52 -31.39
N PHE K 911 -100.67 -33.59 -31.76
CA PHE K 911 -100.85 -33.18 -33.15
C PHE K 911 -100.61 -31.70 -33.38
N ASP K 912 -99.97 -31.38 -34.51
CA ASP K 912 -99.66 -30.00 -34.88
C ASP K 912 -100.89 -29.15 -35.20
N PRO K 913 -100.78 -27.81 -34.89
CA PRO K 913 -101.97 -27.01 -35.22
C PRO K 913 -102.31 -27.00 -36.70
N VAL K 914 -101.27 -26.96 -37.54
CA VAL K 914 -101.38 -26.93 -39.01
C VAL K 914 -101.41 -25.51 -39.61
N TYR K 915 -101.37 -24.50 -38.75
CA TYR K 915 -101.34 -23.10 -39.22
C TYR K 915 -102.23 -22.90 -40.42
N LYS K 916 -103.54 -22.78 -40.25
CA LYS K 916 -104.39 -22.60 -41.42
C LYS K 916 -104.82 -23.91 -42.09
N TYR K 917 -104.03 -24.34 -43.08
CA TYR K 917 -104.31 -25.55 -43.86
C TYR K 917 -104.36 -26.80 -42.99
N ILE K 918 -105.24 -27.73 -43.36
CA ILE K 918 -105.45 -28.96 -42.60
C ILE K 918 -104.92 -30.29 -43.13
N VAL K 919 -104.26 -30.99 -42.21
CA VAL K 919 -103.66 -32.32 -42.34
C VAL K 919 -103.05 -32.58 -40.97
N LEU K 920 -102.75 -33.82 -40.63
CA LEU K 920 -102.21 -34.09 -39.30
C LEU K 920 -100.97 -34.97 -39.27
N CYS K 921 -100.13 -34.72 -38.28
CA CYS K 921 -98.92 -35.50 -38.05
C CYS K 921 -98.65 -35.65 -36.56
N GLY K 922 -98.23 -36.84 -36.13
CA GLY K 922 -97.99 -37.08 -34.71
C GLY K 922 -97.02 -38.20 -34.39
N ALA K 923 -96.44 -38.17 -33.20
CA ALA K 923 -95.45 -39.18 -32.81
C ALA K 923 -95.94 -40.04 -31.64
N LYS K 924 -95.54 -41.32 -31.65
CA LYS K 924 -95.95 -42.26 -30.62
C LYS K 924 -94.83 -43.23 -30.23
N GLY K 925 -95.19 -44.23 -29.42
CA GLY K 925 -94.25 -45.16 -28.82
C GLY K 925 -93.23 -45.88 -29.71
N LYS K 926 -93.63 -46.22 -30.93
CA LYS K 926 -92.74 -46.92 -31.86
C LYS K 926 -91.56 -46.04 -32.27
N GLN K 927 -91.59 -44.78 -31.83
CA GLN K 927 -90.66 -43.74 -32.27
C GLN K 927 -90.78 -43.60 -33.77
N VAL K 928 -91.96 -43.21 -34.21
CA VAL K 928 -92.26 -42.97 -35.62
C VAL K 928 -93.20 -41.78 -35.70
N VAL K 929 -93.67 -41.48 -36.90
CA VAL K 929 -94.63 -40.39 -37.10
C VAL K 929 -95.72 -40.75 -38.10
N HIS K 930 -96.97 -40.55 -37.67
CA HIS K 930 -98.14 -40.78 -38.49
C HIS K 930 -98.55 -39.50 -39.21
N VAL K 931 -98.87 -39.62 -40.49
CA VAL K 931 -99.39 -38.49 -41.27
C VAL K 931 -100.72 -38.89 -41.91
N HIS K 932 -101.77 -38.11 -41.63
CA HIS K 932 -103.11 -38.49 -42.07
C HIS K 932 -103.97 -37.30 -42.50
N THR K 933 -104.84 -37.55 -43.46
CA THR K 933 -105.80 -36.55 -43.94
C THR K 933 -107.22 -37.00 -43.63
N LEU K 934 -107.97 -36.15 -42.91
CA LEU K 934 -109.28 -36.52 -42.40
C LEU K 934 -110.35 -36.59 -43.48
N ARG K 935 -110.00 -36.18 -44.70
CA ARG K 935 -110.96 -36.21 -45.80
C ARG K 935 -111.15 -37.63 -46.32
N SER K 936 -112.41 -38.08 -46.33
CA SER K 936 -112.75 -39.44 -46.77
C SER K 936 -114.27 -39.62 -46.75
N VAL K 937 -114.74 -40.65 -47.44
CA VAL K 937 -116.16 -40.91 -47.57
C VAL K 937 -116.75 -41.64 -46.35
N SER K 938 -116.03 -42.59 -45.79
CA SER K 938 -116.54 -43.39 -44.70
C SER K 938 -115.46 -43.86 -43.73
N GLY K 939 -115.81 -43.90 -42.44
CA GLY K 939 -114.91 -44.39 -41.41
C GLY K 939 -115.25 -45.80 -40.96
N SER K 940 -115.01 -46.08 -39.69
CA SER K 940 -115.34 -47.35 -39.05
C SER K 940 -114.66 -48.55 -39.72
N ASN K 941 -113.36 -48.43 -39.95
CA ASN K 941 -112.56 -49.54 -40.48
C ASN K 941 -111.87 -50.31 -39.37
N SER K 942 -112.14 -49.92 -38.13
CA SER K 942 -111.48 -50.47 -36.95
C SER K 942 -111.63 -51.99 -36.80
N HIS K 943 -112.85 -52.44 -36.51
CA HIS K 943 -113.09 -53.83 -36.14
C HIS K 943 -113.41 -54.73 -37.33
N GLN K 944 -113.46 -54.16 -38.53
CA GLN K 944 -113.78 -54.94 -39.71
C GLN K 944 -112.58 -55.76 -40.19
N ASN K 945 -111.39 -55.23 -40.00
CA ASN K 945 -110.17 -55.89 -40.46
C ASN K 945 -109.08 -55.94 -39.40
N ARG K 946 -108.70 -57.14 -38.98
CA ARG K 946 -107.54 -57.33 -38.12
C ARG K 946 -106.58 -58.38 -38.70
N GLU K 947 -107.02 -59.63 -38.81
CA GLU K 947 -106.20 -60.67 -39.43
C GLU K 947 -106.72 -60.99 -40.82
N ILE K 948 -106.04 -61.90 -41.51
CA ILE K 948 -106.44 -62.29 -42.86
C ILE K 948 -106.32 -63.80 -43.08
N ALA K 949 -107.41 -64.40 -43.54
CA ALA K 949 -107.42 -65.82 -43.90
C ALA K 949 -107.59 -65.97 -45.41
N TRP K 950 -107.64 -67.22 -45.88
CA TRP K 950 -107.76 -67.47 -47.31
C TRP K 950 -108.52 -68.77 -47.59
N VAL K 951 -109.30 -68.75 -48.67
CA VAL K 951 -110.11 -69.89 -49.05
C VAL K 951 -109.28 -70.95 -49.77
N HIS K 952 -109.25 -72.16 -49.21
CA HIS K 952 -108.49 -73.24 -49.80
C HIS K 952 -109.18 -73.79 -51.05
N SER K 953 -108.44 -73.82 -52.15
CA SER K 953 -108.98 -74.27 -53.43
C SER K 953 -107.86 -74.56 -54.42
N ALA K 954 -108.24 -74.91 -55.65
CA ALA K 954 -107.27 -75.21 -56.69
C ALA K 954 -107.17 -74.08 -57.71
N ASP K 955 -106.03 -73.39 -57.69
CA ASP K 955 -105.76 -72.28 -58.60
C ASP K 955 -106.83 -71.19 -58.55
N GLU K 956 -107.39 -70.98 -57.36
CA GLU K 956 -108.39 -69.94 -57.17
C GLU K 956 -108.10 -69.17 -55.89
N ILE K 957 -107.98 -67.84 -56.01
CA ILE K 957 -107.60 -67.00 -54.88
C ILE K 957 -108.79 -66.24 -54.30
N SER K 958 -109.19 -66.60 -53.09
CA SER K 958 -110.25 -65.90 -52.38
C SER K 958 -109.83 -65.66 -50.93
N VAL K 959 -109.75 -64.39 -50.54
CA VAL K 959 -109.27 -64.04 -49.21
C VAL K 959 -110.40 -63.60 -48.29
N MET K 960 -110.25 -63.89 -47.00
CA MET K 960 -111.24 -63.51 -46.00
C MET K 960 -110.62 -62.69 -44.89
N THR K 961 -111.45 -61.99 -44.14
CA THR K 961 -110.99 -61.08 -43.09
C THR K 961 -111.79 -61.23 -41.79
N LYS K 962 -111.54 -60.32 -40.86
CA LYS K 962 -112.27 -60.26 -39.60
C LYS K 962 -113.75 -60.00 -39.88
N ALA K 963 -114.62 -60.32 -38.92
CA ALA K 963 -116.07 -60.31 -39.11
C ALA K 963 -116.45 -61.32 -40.19
N CYS K 964 -116.00 -62.56 -39.98
CA CYS K 964 -116.27 -63.72 -40.83
C CYS K 964 -116.09 -63.45 -42.31
N LEU K 965 -117.07 -63.87 -43.11
CA LEU K 965 -116.90 -63.87 -44.56
C LEU K 965 -117.15 -62.51 -45.19
N GLU K 966 -116.11 -61.97 -45.82
CA GLU K 966 -116.23 -60.83 -46.70
C GLU K 966 -115.80 -61.24 -48.09
N PRO K 967 -116.76 -61.33 -49.03
CA PRO K 967 -116.48 -61.87 -50.36
C PRO K 967 -115.39 -61.11 -51.12
N ASN K 968 -114.40 -61.85 -51.60
CA ASN K 968 -113.34 -61.27 -52.43
C ASN K 968 -112.89 -62.25 -53.51
N VAL K 969 -112.75 -61.75 -54.73
CA VAL K 969 -112.30 -62.59 -55.85
C VAL K 969 -111.28 -61.85 -56.71
N TYR K 970 -110.64 -62.59 -57.60
CA TYR K 970 -109.54 -62.09 -58.42
C TYR K 970 -109.93 -60.88 -59.29
N LEU K 971 -109.17 -59.79 -59.14
CA LEU K 971 -109.40 -58.53 -59.85
C LEU K 971 -110.84 -58.01 -59.73
N ARG K 972 -111.37 -57.98 -58.52
CA ARG K 972 -112.68 -57.40 -58.26
C ARG K 972 -112.68 -56.59 -56.96
N SER K 973 -113.27 -55.41 -57.00
CA SER K 973 -113.30 -54.51 -55.85
C SER K 973 -114.56 -54.70 -55.00
N LEU K 974 -115.39 -55.66 -55.38
CA LEU K 974 -116.64 -55.92 -54.66
C LEU K 974 -116.38 -56.36 -53.22
N MET K 975 -117.01 -55.68 -52.28
CA MET K 975 -116.83 -55.99 -50.86
C MET K 975 -118.15 -55.89 -50.09
N ASP K 976 -118.42 -56.89 -49.27
CA ASP K 976 -119.62 -56.90 -48.43
C ASP K 976 -119.23 -56.99 -46.95
N MET K 977 -120.07 -56.44 -46.09
CA MET K 977 -119.77 -56.42 -44.66
C MET K 977 -120.89 -57.03 -43.81
N THR K 978 -120.58 -58.16 -43.18
CA THR K 978 -121.49 -58.81 -42.24
C THR K 978 -120.70 -59.35 -41.07
N ARG K 979 -121.11 -59.02 -39.85
CA ARG K 979 -120.35 -59.43 -38.67
C ARG K 979 -121.15 -60.32 -37.72
N GLU K 980 -120.76 -61.59 -37.64
CA GLU K 980 -121.31 -62.51 -36.65
C GLU K 980 -120.36 -62.59 -35.45
N ARG K 981 -119.30 -61.79 -35.50
CA ARG K 981 -118.28 -61.72 -34.45
C ARG K 981 -117.58 -63.08 -34.25
N THR K 982 -116.82 -63.48 -35.25
CA THR K 982 -115.99 -64.68 -35.17
C THR K 982 -114.69 -64.42 -34.42
N GLN K 983 -114.12 -65.48 -33.84
CA GLN K 983 -112.83 -65.38 -33.17
C GLN K 983 -111.70 -65.58 -34.18
N LEU K 984 -111.55 -66.81 -34.64
CA LEU K 984 -110.55 -67.14 -35.66
C LEU K 984 -111.19 -67.98 -36.77
N LEU K 985 -111.05 -67.52 -38.01
CA LEU K 985 -111.73 -68.14 -39.14
C LEU K 985 -110.84 -69.11 -39.92
N ALA K 986 -111.39 -70.28 -40.24
CA ALA K 986 -110.72 -71.26 -41.07
C ALA K 986 -111.61 -71.62 -42.26
N VAL K 987 -111.01 -72.21 -43.29
CA VAL K 987 -111.77 -72.52 -44.51
C VAL K 987 -111.59 -74.00 -44.91
N ASP K 988 -112.68 -74.63 -45.33
CA ASP K 988 -112.64 -76.02 -45.79
C ASP K 988 -111.97 -76.09 -47.16
N SER K 989 -111.79 -77.30 -47.70
CA SER K 989 -111.17 -77.47 -49.00
C SER K 989 -112.13 -77.12 -50.13
N LYS K 990 -113.42 -77.38 -49.91
CA LYS K 990 -114.45 -77.07 -50.89
C LYS K 990 -115.11 -75.73 -50.59
N GLU K 991 -116.17 -75.42 -51.32
CA GLU K 991 -116.89 -74.16 -51.12
C GLU K 991 -117.68 -74.14 -49.82
N ARG K 992 -117.71 -75.28 -49.13
CA ARG K 992 -118.39 -75.40 -47.85
C ARG K 992 -117.79 -74.44 -46.82
N ILE K 993 -118.64 -73.78 -46.06
CA ILE K 993 -118.18 -72.80 -45.07
C ILE K 993 -118.02 -73.38 -43.66
N HIS K 994 -116.82 -73.25 -43.15
CA HIS K 994 -116.47 -73.62 -41.78
C HIS K 994 -116.23 -72.36 -40.96
N LEU K 995 -116.94 -72.20 -39.85
CA LEU K 995 -116.78 -70.98 -39.06
C LEU K 995 -116.93 -71.22 -37.56
N ILE K 996 -116.74 -70.14 -36.79
CA ILE K 996 -116.76 -70.22 -35.33
C ILE K 996 -117.70 -69.17 -34.76
N LYS K 997 -118.39 -69.54 -33.68
CA LYS K 997 -119.30 -68.64 -32.99
C LYS K 997 -118.85 -68.59 -31.53
N PRO K 998 -119.09 -67.46 -30.83
CA PRO K 998 -118.66 -67.46 -29.43
C PRO K 998 -119.20 -68.66 -28.64
N ALA K 999 -118.28 -69.36 -27.98
CA ALA K 999 -118.58 -70.56 -27.21
C ALA K 999 -119.18 -71.71 -28.02
N ILE K 1000 -118.82 -71.83 -29.30
CA ILE K 1000 -119.23 -72.98 -30.11
C ILE K 1000 -118.62 -72.95 -31.52
N SER K 1001 -118.62 -74.10 -32.20
CA SER K 1001 -118.10 -74.19 -33.56
C SER K 1001 -119.20 -74.60 -34.53
N ARG K 1002 -119.13 -74.08 -35.76
CA ARG K 1002 -120.19 -74.31 -36.73
C ARG K 1002 -119.66 -74.72 -38.11
N ILE K 1003 -120.30 -75.74 -38.69
CA ILE K 1003 -119.94 -76.24 -40.01
C ILE K 1003 -121.18 -76.30 -40.91
N SER K 1004 -121.14 -75.59 -42.03
CA SER K 1004 -122.33 -75.51 -42.87
C SER K 1004 -122.03 -75.36 -44.36
N GLU K 1005 -122.96 -75.84 -45.19
CA GLU K 1005 -122.89 -75.61 -46.63
C GLU K 1005 -122.89 -74.11 -46.90
N TRP K 1006 -124.02 -73.46 -46.61
CA TRP K 1006 -124.07 -72.01 -46.55
C TRP K 1006 -124.52 -71.63 -45.14
N SER K 1007 -124.56 -70.35 -44.81
CA SER K 1007 -124.88 -69.95 -43.45
C SER K 1007 -126.23 -69.24 -43.36
N THR K 1008 -127.22 -69.91 -42.79
CA THR K 1008 -128.49 -69.30 -42.45
C THR K 1008 -128.80 -69.52 -40.97
N ILE K 1009 -129.22 -70.74 -40.64
CA ILE K 1009 -129.44 -71.12 -39.25
C ILE K 1009 -128.19 -71.78 -38.66
N THR K 1010 -127.24 -72.10 -39.54
CA THR K 1010 -125.98 -72.76 -39.18
C THR K 1010 -126.13 -73.90 -38.17
N PRO K 1011 -126.69 -75.04 -38.63
CA PRO K 1011 -126.87 -76.21 -37.76
C PRO K 1011 -125.55 -76.79 -37.27
N THR K 1012 -125.55 -77.37 -36.07
CA THR K 1012 -124.36 -77.99 -35.49
C THR K 1012 -124.67 -78.65 -34.15
N HIS K 1013 -123.78 -79.53 -33.71
CA HIS K 1013 -123.90 -80.19 -32.42
C HIS K 1013 -122.52 -80.41 -31.80
N ALA K 1014 -122.38 -80.12 -30.51
CA ALA K 1014 -121.09 -80.25 -29.84
C ALA K 1014 -121.22 -80.63 -28.37
N ALA K 1015 -120.30 -81.45 -27.90
CA ALA K 1015 -120.26 -81.85 -26.49
C ALA K 1015 -119.28 -80.97 -25.71
N SER K 1016 -118.73 -79.96 -26.39
CA SER K 1016 -117.72 -79.08 -25.80
C SER K 1016 -118.17 -78.45 -24.48
N ASN K 1017 -117.28 -78.45 -23.50
CA ASN K 1017 -117.59 -77.94 -22.17
C ASN K 1017 -117.54 -76.42 -22.09
N CYS K 1018 -116.60 -75.82 -22.79
CA CYS K 1018 -116.39 -74.37 -22.71
C CYS K 1018 -116.12 -73.75 -24.08
N LYS K 1019 -115.81 -72.46 -24.07
CA LYS K 1019 -115.56 -71.71 -25.29
C LYS K 1019 -114.31 -72.20 -26.02
N ILE K 1020 -114.40 -72.29 -27.34
CA ILE K 1020 -113.27 -72.73 -28.15
C ILE K 1020 -112.51 -71.52 -28.72
N ASN K 1021 -111.18 -71.59 -28.67
CA ASN K 1021 -110.35 -70.50 -29.16
C ASN K 1021 -110.26 -70.48 -30.69
N ALA K 1022 -110.01 -71.65 -31.27
CA ALA K 1022 -109.91 -71.76 -32.73
C ALA K 1022 -110.33 -73.14 -33.21
N ILE K 1023 -110.89 -73.19 -34.42
CA ILE K 1023 -111.35 -74.44 -35.00
C ILE K 1023 -111.05 -74.47 -36.50
N SER K 1024 -110.68 -75.64 -37.01
CA SER K 1024 -110.28 -75.78 -38.41
C SER K 1024 -110.86 -77.02 -39.06
N ALA K 1025 -110.76 -77.10 -40.38
CA ALA K 1025 -111.33 -78.21 -41.14
C ALA K 1025 -110.30 -78.86 -42.07
N PHE K 1026 -110.38 -80.19 -42.19
CA PHE K 1026 -109.52 -80.92 -43.11
C PHE K 1026 -109.95 -80.76 -44.56
N ASN K 1027 -109.19 -81.39 -45.45
CA ASN K 1027 -109.56 -81.48 -46.86
C ASN K 1027 -110.64 -82.54 -47.02
N ASP K 1028 -110.31 -83.77 -46.67
CA ASP K 1028 -111.27 -84.87 -46.66
C ASP K 1028 -112.32 -84.67 -45.57
N GLU K 1029 -113.44 -85.38 -45.69
CA GLU K 1029 -114.57 -85.19 -44.79
C GLU K 1029 -114.41 -85.93 -43.46
N GLN K 1030 -113.29 -86.63 -43.31
CA GLN K 1030 -113.05 -87.43 -42.11
C GLN K 1030 -112.85 -86.56 -40.86
N ILE K 1031 -113.67 -86.82 -39.84
CA ILE K 1031 -113.63 -86.17 -38.52
C ILE K 1031 -113.41 -84.65 -38.58
N PHE K 1032 -112.55 -84.16 -37.68
CA PHE K 1032 -112.13 -82.75 -37.51
C PHE K 1032 -111.17 -82.64 -36.32
N VAL K 1033 -110.43 -81.54 -36.27
CA VAL K 1033 -109.54 -81.25 -35.14
C VAL K 1033 -109.62 -79.79 -34.73
N GLY K 1034 -109.07 -79.48 -33.56
CA GLY K 1034 -109.01 -78.11 -33.09
C GLY K 1034 -108.60 -78.07 -31.63
N TYR K 1035 -108.19 -76.89 -31.15
CA TYR K 1035 -107.81 -76.75 -29.76
C TYR K 1035 -108.83 -75.90 -29.01
N VAL K 1036 -109.43 -76.49 -27.97
CA VAL K 1036 -110.47 -75.83 -27.19
C VAL K 1036 -109.84 -75.40 -25.87
N ASP K 1037 -110.60 -74.71 -25.02
CA ASP K 1037 -110.14 -74.36 -23.68
C ASP K 1037 -110.19 -75.57 -22.76
N GLY K 1038 -110.70 -76.69 -23.27
CA GLY K 1038 -110.87 -77.89 -22.46
C GLY K 1038 -110.74 -79.17 -23.26
N VAL K 1039 -110.94 -80.29 -22.57
CA VAL K 1039 -110.66 -81.62 -23.12
C VAL K 1039 -111.47 -81.96 -24.38
N ILE K 1040 -112.78 -81.76 -24.32
CA ILE K 1040 -113.69 -82.20 -25.38
C ILE K 1040 -113.42 -81.51 -26.72
N ILE K 1041 -113.24 -82.30 -27.77
CA ILE K 1041 -113.08 -81.78 -29.13
C ILE K 1041 -114.25 -82.22 -30.01
N ASP K 1042 -115.00 -81.25 -30.50
CA ASP K 1042 -116.23 -81.51 -31.24
C ASP K 1042 -116.02 -81.83 -32.72
N VAL K 1043 -116.86 -82.71 -33.25
CA VAL K 1043 -116.89 -83.03 -34.67
C VAL K 1043 -118.33 -83.09 -35.17
N ILE K 1044 -118.50 -83.06 -36.49
CA ILE K 1044 -119.85 -83.08 -37.07
C ILE K 1044 -119.94 -84.12 -38.19
N HIS K 1045 -121.14 -84.68 -38.38
CA HIS K 1045 -121.44 -85.64 -39.46
C HIS K 1045 -120.70 -86.97 -39.28
N ASP K 1046 -119.80 -87.04 -38.31
CA ASP K 1046 -119.00 -88.23 -38.08
C ASP K 1046 -119.12 -88.70 -36.63
N THR K 1047 -119.12 -90.02 -36.44
CA THR K 1047 -119.14 -90.62 -35.11
C THR K 1047 -117.72 -90.87 -34.62
N ALA K 1048 -117.61 -91.62 -33.52
CA ALA K 1048 -116.33 -92.02 -32.95
C ALA K 1048 -115.46 -90.83 -32.55
N LEU K 1049 -115.88 -90.15 -31.48
CA LEU K 1049 -115.13 -89.03 -30.92
C LEU K 1049 -113.70 -89.43 -30.57
N PRO K 1050 -112.76 -88.46 -30.58
CA PRO K 1050 -111.37 -88.77 -30.26
C PRO K 1050 -111.20 -89.32 -28.84
N GLN K 1051 -110.06 -89.96 -28.58
CA GLN K 1051 -109.84 -90.64 -27.31
C GLN K 1051 -109.37 -89.68 -26.21
N GLN K 1052 -108.90 -88.50 -26.63
CA GLN K 1052 -108.36 -87.49 -25.71
C GLN K 1052 -107.22 -88.02 -24.83
N PHE K 1053 -107.46 -88.02 -23.52
CA PHE K 1053 -106.43 -88.28 -22.51
C PHE K 1053 -105.31 -87.27 -22.60
N ILE K 1054 -105.67 -85.99 -22.69
CA ILE K 1054 -104.71 -84.90 -22.68
C ILE K 1054 -105.33 -83.67 -22.02
N GLU K 1055 -104.51 -82.92 -21.28
CA GLU K 1055 -104.98 -81.72 -20.60
C GLU K 1055 -105.58 -80.69 -21.58
N GLU K 1056 -104.76 -80.04 -22.39
CA GLU K 1056 -105.27 -79.14 -23.41
C GLU K 1056 -104.35 -79.19 -24.64
N PRO K 1057 -104.93 -79.17 -25.86
CA PRO K 1057 -104.18 -79.25 -27.12
C PRO K 1057 -103.59 -77.90 -27.56
N ILE K 1058 -102.47 -77.94 -28.28
CA ILE K 1058 -101.85 -76.69 -28.75
C ILE K 1058 -101.72 -76.59 -30.28
N ASP K 1059 -100.96 -77.48 -30.90
CA ASP K 1059 -100.67 -77.38 -32.32
C ASP K 1059 -101.38 -78.46 -33.13
N TYR K 1060 -102.26 -78.02 -34.03
CA TYR K 1060 -102.97 -78.94 -34.92
C TYR K 1060 -102.39 -78.89 -36.33
N LEU K 1061 -103.00 -79.62 -37.25
CA LEU K 1061 -102.52 -79.72 -38.62
C LEU K 1061 -103.48 -80.54 -39.48
N LYS K 1062 -103.25 -80.54 -40.80
CA LYS K 1062 -104.15 -81.21 -41.74
C LYS K 1062 -103.42 -82.29 -42.54
N GLN K 1063 -104.04 -83.46 -42.62
CA GLN K 1063 -103.50 -84.58 -43.40
C GLN K 1063 -104.60 -85.29 -44.17
N VAL K 1064 -104.26 -85.79 -45.35
CA VAL K 1064 -105.22 -86.54 -46.17
C VAL K 1064 -105.28 -88.00 -45.72
N SER K 1065 -104.32 -88.40 -44.90
CA SER K 1065 -104.27 -89.76 -44.38
C SER K 1065 -105.32 -89.97 -43.29
N PRO K 1066 -105.85 -91.19 -43.18
CA PRO K 1066 -106.84 -91.56 -42.16
C PRO K 1066 -106.37 -91.26 -40.74
N ASN K 1067 -105.08 -91.39 -40.48
CA ASN K 1067 -104.52 -91.10 -39.17
C ASN K 1067 -104.01 -89.67 -39.06
N ILE K 1068 -104.23 -89.05 -37.91
CA ILE K 1068 -103.82 -87.66 -37.70
C ILE K 1068 -103.05 -87.49 -36.39
N LEU K 1069 -101.83 -86.98 -36.49
CA LEU K 1069 -100.99 -86.74 -35.32
C LEU K 1069 -101.22 -85.33 -34.78
N VAL K 1070 -101.45 -85.24 -33.47
CA VAL K 1070 -101.76 -83.96 -32.83
C VAL K 1070 -100.80 -83.64 -31.69
N ALA K 1071 -100.19 -82.47 -31.74
CA ALA K 1071 -99.29 -82.01 -30.68
C ALA K 1071 -100.07 -81.60 -29.43
N SER K 1072 -99.41 -81.57 -28.29
CA SER K 1072 -100.07 -81.26 -27.03
C SER K 1072 -99.22 -80.38 -26.11
N ALA K 1073 -99.88 -79.73 -25.16
CA ALA K 1073 -99.20 -78.86 -24.20
C ALA K 1073 -98.33 -79.68 -23.26
N HIS K 1074 -98.77 -80.92 -22.99
CA HIS K 1074 -98.01 -81.84 -22.16
C HIS K 1074 -96.86 -82.44 -22.98
N SER K 1075 -96.83 -82.08 -24.26
CA SER K 1075 -95.80 -82.51 -25.21
C SER K 1075 -95.84 -84.02 -25.45
N ALA K 1076 -97.04 -84.58 -25.42
CA ALA K 1076 -97.24 -85.97 -25.79
C ALA K 1076 -98.10 -86.05 -27.05
N GLN K 1077 -97.48 -86.47 -28.15
CA GLN K 1077 -98.18 -86.54 -29.43
C GLN K 1077 -99.30 -87.58 -29.41
N LYS K 1078 -100.41 -87.25 -30.05
CA LYS K 1078 -101.58 -88.12 -30.05
C LYS K 1078 -101.85 -88.67 -31.45
N THR K 1079 -102.14 -89.97 -31.52
CA THR K 1079 -102.46 -90.60 -32.79
C THR K 1079 -103.97 -90.81 -32.91
N VAL K 1080 -104.60 -90.08 -33.82
CA VAL K 1080 -106.03 -90.16 -34.00
C VAL K 1080 -106.39 -91.03 -35.21
N ILE K 1081 -107.05 -92.15 -34.95
CA ILE K 1081 -107.45 -93.07 -36.01
C ILE K 1081 -108.94 -92.90 -36.31
N PHE K 1082 -109.27 -92.83 -37.60
CA PHE K 1082 -110.64 -92.55 -38.02
C PHE K 1082 -111.60 -93.72 -37.76
N GLN K 1083 -112.65 -93.42 -37.01
CA GLN K 1083 -113.79 -94.33 -36.83
C GLN K 1083 -113.39 -95.66 -36.18
N LEU K 1084 -112.29 -95.63 -35.42
CA LEU K 1084 -111.76 -96.83 -34.75
C LEU K 1084 -110.53 -96.46 -33.92
N GLU K 1085 -110.19 -97.30 -32.94
CA GLU K 1085 -108.99 -97.09 -32.15
C GLU K 1085 -108.06 -98.31 -32.18
N LYS K 1086 -108.45 -99.36 -31.46
CA LYS K 1086 -107.70 -100.61 -31.37
C LYS K 1086 -106.23 -100.42 -31.00
N ILE K 1087 -105.95 -99.42 -30.17
CA ILE K 1087 -104.60 -98.94 -29.84
C ILE K 1087 -104.77 -97.94 -28.70
N ASP K 1088 -103.72 -97.69 -27.93
CA ASP K 1088 -103.76 -96.72 -26.85
C ASP K 1088 -102.86 -95.52 -27.16
N PRO K 1089 -103.47 -94.35 -27.40
CA PRO K 1089 -102.74 -93.14 -27.79
C PRO K 1089 -101.99 -92.48 -26.64
N LEU K 1090 -101.15 -93.23 -25.95
CA LEU K 1090 -100.34 -92.69 -24.87
C LEU K 1090 -98.85 -92.73 -25.21
N GLN K 1091 -98.27 -91.56 -25.45
CA GLN K 1091 -96.85 -91.47 -25.79
C GLN K 1091 -96.19 -90.25 -25.14
N PRO K 1092 -95.91 -90.34 -23.82
CA PRO K 1092 -95.26 -89.25 -23.09
C PRO K 1092 -93.74 -89.24 -23.26
N ASN K 1093 -93.27 -88.92 -24.46
CA ASN K 1093 -91.85 -88.93 -24.76
C ASN K 1093 -91.05 -87.99 -23.84
N ASP K 1094 -91.23 -86.69 -24.03
CA ASP K 1094 -90.51 -85.68 -23.26
C ASP K 1094 -91.46 -84.60 -22.73
N GLN K 1095 -90.96 -83.80 -21.79
CA GLN K 1095 -91.73 -82.68 -21.26
C GLN K 1095 -91.42 -81.39 -22.00
N TRP K 1096 -90.49 -81.46 -22.94
CA TRP K 1096 -90.20 -80.33 -23.83
C TRP K 1096 -91.23 -80.30 -24.95
N PRO K 1097 -91.81 -79.11 -25.23
CA PRO K 1097 -92.92 -78.96 -26.18
C PRO K 1097 -92.61 -79.46 -27.59
N LEU K 1098 -93.59 -80.10 -28.21
CA LEU K 1098 -93.42 -80.65 -29.56
C LEU K 1098 -94.10 -79.81 -30.63
N MET K 1099 -93.41 -79.65 -31.76
CA MET K 1099 -94.01 -79.07 -32.96
C MET K 1099 -93.52 -79.86 -34.17
N MET K 1100 -94.44 -80.24 -35.04
CA MET K 1100 -94.13 -81.24 -36.05
C MET K 1100 -94.48 -80.87 -37.49
N ASP K 1101 -93.69 -81.40 -38.42
CA ASP K 1101 -93.97 -81.32 -39.85
C ASP K 1101 -93.95 -82.71 -40.46
N VAL K 1102 -94.18 -82.80 -41.76
CA VAL K 1102 -94.16 -84.08 -42.46
C VAL K 1102 -93.70 -83.90 -43.91
N SER K 1103 -92.96 -84.86 -44.43
CA SER K 1103 -92.52 -84.79 -45.82
C SER K 1103 -93.34 -85.72 -46.71
N THR K 1104 -93.03 -87.01 -46.67
CA THR K 1104 -93.86 -87.99 -47.38
C THR K 1104 -94.22 -89.19 -46.50
N LYS K 1105 -93.25 -90.07 -46.28
CA LYS K 1105 -93.45 -91.28 -45.49
C LYS K 1105 -93.04 -91.08 -44.04
N TYR K 1106 -92.36 -89.97 -43.75
CA TYR K 1106 -91.76 -89.78 -42.45
C TYR K 1106 -92.42 -88.66 -41.65
N ALA K 1107 -92.78 -88.96 -40.41
CA ALA K 1107 -93.29 -87.95 -39.49
C ALA K 1107 -92.12 -87.25 -38.80
N SER K 1108 -92.06 -85.94 -38.95
CA SER K 1108 -90.95 -85.15 -38.42
C SER K 1108 -91.33 -84.44 -37.13
N LEU K 1109 -90.75 -84.87 -36.02
CA LEU K 1109 -91.02 -84.25 -34.73
C LEU K 1109 -89.88 -83.35 -34.30
N GLN K 1110 -90.16 -82.05 -34.18
CA GLN K 1110 -89.19 -81.10 -33.67
C GLN K 1110 -89.53 -80.74 -32.23
N GLU K 1111 -88.67 -81.17 -31.30
CA GLU K 1111 -88.87 -80.94 -29.88
C GLU K 1111 -88.06 -79.75 -29.39
N GLY K 1112 -88.10 -79.51 -28.07
CA GLY K 1112 -87.30 -78.48 -27.45
C GLY K 1112 -85.91 -79.01 -27.13
N GLN K 1113 -85.66 -80.26 -27.49
CA GLN K 1113 -84.37 -80.89 -27.25
C GLN K 1113 -83.74 -81.36 -28.56
N TYR K 1114 -84.38 -82.32 -29.21
CA TYR K 1114 -83.86 -82.87 -30.47
C TYR K 1114 -84.97 -83.05 -31.50
N ILE K 1115 -84.59 -83.53 -32.68
CA ILE K 1115 -85.55 -83.79 -33.74
C ILE K 1115 -85.57 -85.28 -34.08
N ILE K 1116 -86.73 -85.90 -33.96
CA ILE K 1116 -86.85 -87.34 -34.18
C ILE K 1116 -87.80 -87.64 -35.34
N LEU K 1117 -87.48 -88.68 -36.11
CA LEU K 1117 -88.28 -89.08 -37.26
C LEU K 1117 -88.97 -90.42 -37.02
N PHE K 1118 -90.24 -90.51 -37.41
CA PHE K 1118 -90.97 -91.78 -37.31
C PHE K 1118 -91.31 -92.35 -38.69
N SER K 1119 -91.37 -93.67 -38.76
CA SER K 1119 -91.75 -94.36 -39.98
C SER K 1119 -93.13 -94.98 -39.82
N ASP K 1120 -94.09 -94.49 -40.59
CA ASP K 1120 -95.47 -94.95 -40.49
C ASP K 1120 -95.63 -96.38 -40.98
N HIS K 1121 -96.23 -97.23 -40.16
CA HIS K 1121 -96.48 -98.62 -40.53
C HIS K 1121 -97.62 -98.71 -41.53
N GLY K 1122 -98.62 -97.86 -41.35
CA GLY K 1122 -99.76 -97.82 -42.24
C GLY K 1122 -100.55 -96.53 -42.09
N VAL K 1123 -101.28 -96.17 -43.13
CA VAL K 1123 -102.08 -94.95 -43.11
C VAL K 1123 -103.38 -95.14 -42.34
N CYS K 1124 -103.81 -96.39 -42.21
CA CYS K 1124 -105.04 -96.71 -41.49
C CYS K 1124 -104.85 -96.59 -39.99
N HIS K 1125 -103.77 -97.17 -39.49
CA HIS K 1125 -103.49 -97.16 -38.05
C HIS K 1125 -101.98 -97.09 -37.78
N LEU K 1126 -101.62 -96.37 -36.74
CA LEU K 1126 -100.21 -96.23 -36.36
C LEU K 1126 -99.96 -96.82 -34.97
N ASP K 1127 -99.17 -97.89 -34.92
CA ASP K 1127 -98.86 -98.55 -33.66
C ASP K 1127 -97.39 -98.36 -33.25
N ILE K 1128 -96.47 -98.88 -34.06
CA ILE K 1128 -95.06 -98.77 -33.76
C ILE K 1128 -94.37 -97.76 -34.69
N ALA K 1129 -93.35 -97.10 -34.15
CA ALA K 1129 -92.62 -96.09 -34.92
C ALA K 1129 -91.12 -96.31 -34.81
N ASN K 1130 -90.48 -96.58 -35.95
CA ASN K 1130 -89.04 -96.82 -35.99
C ASN K 1130 -88.23 -95.53 -36.09
N PRO K 1131 -87.34 -95.30 -35.12
CA PRO K 1131 -86.48 -94.11 -35.11
C PRO K 1131 -85.44 -94.15 -36.21
N SER K 1132 -85.16 -93.00 -36.81
CA SER K 1132 -84.20 -92.92 -37.92
C SER K 1132 -83.10 -91.91 -37.64
N ALA K 1133 -83.47 -90.63 -37.63
CA ALA K 1133 -82.50 -89.55 -37.44
C ALA K 1133 -82.79 -88.74 -36.18
N PHE K 1134 -81.87 -88.82 -35.22
CA PHE K 1134 -81.97 -88.02 -33.99
C PHE K 1134 -80.61 -87.48 -33.59
N VAL K 1135 -80.54 -86.19 -33.32
CA VAL K 1135 -79.28 -85.55 -32.93
C VAL K 1135 -79.55 -84.33 -32.04
N LYS K 1136 -78.64 -84.06 -31.11
CA LYS K 1136 -78.75 -82.90 -30.25
C LYS K 1136 -77.96 -81.72 -30.84
N PRO K 1137 -78.67 -80.67 -31.27
CA PRO K 1137 -78.06 -79.51 -31.91
C PRO K 1137 -77.32 -78.58 -30.95
N LYS K 1138 -76.86 -77.44 -31.46
CA LYS K 1138 -76.13 -76.47 -30.67
C LYS K 1138 -77.03 -75.76 -29.67
N ASP K 1139 -76.42 -75.14 -28.66
CA ASP K 1139 -77.16 -74.41 -27.63
C ASP K 1139 -77.95 -73.25 -28.23
N SER K 1140 -79.02 -72.86 -27.54
CA SER K 1140 -79.99 -71.89 -28.06
C SER K 1140 -80.57 -72.40 -29.37
N GLU K 1141 -81.35 -73.48 -29.27
CA GLU K 1141 -81.85 -74.21 -30.42
C GLU K 1141 -82.92 -73.43 -31.19
N GLU K 1142 -83.11 -73.80 -32.46
CA GLU K 1142 -84.09 -73.13 -33.30
C GLU K 1142 -85.50 -73.58 -32.97
N TYR K 1143 -86.43 -72.64 -32.96
CA TYR K 1143 -87.84 -72.91 -32.68
C TYR K 1143 -88.45 -73.90 -33.67
N ILE K 1144 -88.60 -73.48 -34.92
CA ILE K 1144 -89.26 -74.31 -35.92
C ILE K 1144 -88.63 -74.14 -37.31
N VAL K 1145 -88.57 -75.23 -38.07
CA VAL K 1145 -88.03 -75.21 -39.42
C VAL K 1145 -89.05 -75.79 -40.39
N GLY K 1146 -88.65 -75.95 -41.65
CA GLY K 1146 -89.54 -76.49 -42.67
C GLY K 1146 -88.82 -77.31 -43.72
N PHE K 1147 -89.58 -78.09 -44.47
CA PHE K 1147 -89.03 -78.98 -45.49
C PHE K 1147 -89.61 -78.68 -46.88
N ASP K 1148 -88.93 -79.17 -47.91
CA ASP K 1148 -89.37 -78.97 -49.28
C ASP K 1148 -90.33 -80.07 -49.72
N LEU K 1149 -90.69 -80.07 -51.00
CA LEU K 1149 -91.56 -81.08 -51.57
C LEU K 1149 -90.85 -81.85 -52.67
N LYS K 1150 -91.21 -83.13 -52.83
CA LYS K 1150 -90.60 -84.02 -53.82
C LYS K 1150 -89.10 -84.15 -53.60
N ASN K 1151 -88.67 -83.94 -52.37
CA ASN K 1151 -87.25 -84.04 -52.00
C ASN K 1151 -87.06 -84.93 -50.79
N SER K 1152 -87.62 -84.52 -49.66
CA SER K 1152 -87.54 -85.26 -48.41
C SER K 1152 -86.10 -85.48 -47.96
N LEU K 1153 -85.43 -84.40 -47.58
CA LEU K 1153 -84.07 -84.48 -47.09
C LEU K 1153 -83.99 -83.98 -45.65
N LEU K 1154 -82.79 -84.00 -45.08
CA LEU K 1154 -82.58 -83.53 -43.71
C LEU K 1154 -82.14 -82.07 -43.69
N PHE K 1155 -82.85 -81.25 -42.94
CA PHE K 1155 -82.52 -79.83 -42.84
C PHE K 1155 -82.54 -79.35 -41.40
N LEU K 1156 -81.39 -78.84 -40.93
CA LEU K 1156 -81.28 -78.27 -39.59
C LEU K 1156 -80.54 -76.94 -39.67
N ALA K 1157 -81.21 -75.87 -39.24
CA ALA K 1157 -80.64 -74.53 -39.31
C ALA K 1157 -80.67 -73.85 -37.95
N TYR K 1158 -79.52 -73.33 -37.53
CA TYR K 1158 -79.42 -72.61 -36.27
C TYR K 1158 -80.17 -71.29 -36.39
N GLU K 1159 -80.61 -70.74 -35.26
CA GLU K 1159 -81.52 -69.59 -35.29
C GLU K 1159 -80.83 -68.26 -35.64
N ASN K 1160 -79.56 -68.11 -35.27
CA ASN K 1160 -78.89 -66.83 -35.45
C ASN K 1160 -77.89 -66.79 -36.61
N ASN K 1161 -78.27 -66.08 -37.67
CA ASN K 1161 -77.38 -65.70 -38.76
C ASN K 1161 -76.68 -66.85 -39.48
N ILE K 1162 -77.23 -68.05 -39.40
CA ILE K 1162 -76.71 -69.17 -40.18
C ILE K 1162 -77.78 -70.21 -40.49
N ILE K 1163 -77.75 -70.77 -41.69
CA ILE K 1163 -78.65 -71.85 -42.08
C ILE K 1163 -77.88 -72.93 -42.84
N ASP K 1164 -78.16 -74.18 -42.53
CA ASP K 1164 -77.41 -75.29 -43.11
C ASP K 1164 -78.31 -76.36 -43.72
N VAL K 1165 -77.94 -76.84 -44.90
CA VAL K 1165 -78.65 -77.93 -45.56
C VAL K 1165 -77.85 -79.22 -45.42
N PHE K 1166 -78.51 -80.27 -44.92
CA PHE K 1166 -77.84 -81.53 -44.64
C PHE K 1166 -78.32 -82.66 -45.55
N ARG K 1167 -77.74 -83.83 -45.35
CA ARG K 1167 -78.15 -85.04 -46.06
C ARG K 1167 -78.83 -85.98 -45.08
N LEU K 1168 -79.80 -86.77 -45.57
CA LEU K 1168 -80.61 -87.61 -44.70
C LEU K 1168 -79.76 -88.56 -43.85
N ILE K 1169 -79.23 -89.61 -44.49
CA ILE K 1169 -78.32 -90.59 -43.87
C ILE K 1169 -78.77 -90.97 -42.44
N PHE K 1170 -77.84 -90.96 -41.49
CA PHE K 1170 -78.19 -91.06 -40.08
C PHE K 1170 -78.25 -89.65 -39.50
N SER K 1171 -77.10 -89.03 -39.32
CA SER K 1171 -77.02 -87.62 -38.94
C SER K 1171 -75.74 -86.99 -39.49
N CYS K 1172 -75.85 -85.76 -39.98
CA CYS K 1172 -74.67 -85.04 -40.44
C CYS K 1172 -74.64 -83.60 -39.93
N ASN K 1173 -73.65 -83.30 -39.08
CA ASN K 1173 -73.39 -81.94 -38.65
C ASN K 1173 -72.26 -81.30 -39.43
N GLN K 1174 -71.69 -82.06 -40.38
CA GLN K 1174 -70.48 -81.65 -41.07
C GLN K 1174 -70.76 -80.81 -42.32
N LEU K 1175 -70.08 -79.68 -42.43
CA LEU K 1175 -70.15 -78.82 -43.60
C LEU K 1175 -68.74 -78.51 -44.10
N ARG K 1176 -67.99 -77.80 -43.27
CA ARG K 1176 -66.58 -77.48 -43.53
C ARG K 1176 -66.35 -76.74 -44.84
N TYR K 1177 -65.29 -77.11 -45.55
CA TYR K 1177 -64.89 -76.43 -46.77
C TYR K 1177 -65.39 -77.12 -48.03
N GLU K 1178 -66.10 -78.23 -47.85
CA GLU K 1178 -66.65 -79.00 -48.97
C GLU K 1178 -67.54 -78.14 -49.86
N GLN K 1179 -68.66 -77.67 -49.29
CA GLN K 1179 -69.57 -76.81 -50.01
C GLN K 1179 -70.11 -75.71 -49.10
N ILE K 1180 -70.63 -74.64 -49.70
CA ILE K 1180 -71.23 -73.56 -48.93
C ILE K 1180 -72.73 -73.52 -49.16
N CYS K 1181 -73.50 -73.71 -48.08
CA CYS K 1181 -74.95 -73.78 -48.19
C CYS K 1181 -75.63 -72.48 -47.76
N GLU K 1182 -76.16 -71.78 -48.75
CA GLU K 1182 -76.89 -70.52 -48.57
C GLU K 1182 -76.13 -69.53 -47.69
N GLU K 1183 -76.89 -68.82 -46.86
CA GLU K 1183 -76.43 -67.78 -45.91
C GLU K 1183 -77.62 -67.28 -45.12
N GLU K 1184 -77.36 -66.66 -43.97
CA GLU K 1184 -78.40 -65.93 -43.26
C GLU K 1184 -77.86 -64.58 -42.79
N ILE K 1185 -78.35 -63.49 -43.37
CA ILE K 1185 -77.85 -62.16 -43.02
C ILE K 1185 -78.75 -61.36 -42.08
N ALA K 1186 -79.91 -61.88 -41.74
CA ALA K 1186 -80.89 -61.10 -40.99
C ALA K 1186 -81.49 -61.81 -39.78
N GLN K 1187 -82.28 -62.85 -40.06
CA GLN K 1187 -83.11 -63.49 -39.04
C GLN K 1187 -82.31 -63.95 -37.82
N LYS K 1188 -82.90 -63.74 -36.64
CA LYS K 1188 -82.29 -64.15 -35.39
C LYS K 1188 -83.27 -64.96 -34.53
N ALA K 1189 -84.39 -64.36 -34.15
CA ALA K 1189 -85.39 -65.02 -33.34
C ALA K 1189 -86.63 -65.37 -34.18
N LYS K 1190 -87.30 -66.46 -33.80
CA LYS K 1190 -88.53 -66.90 -34.46
C LYS K 1190 -88.37 -67.16 -35.95
N ILE K 1191 -87.40 -68.01 -36.31
CA ILE K 1191 -87.31 -68.49 -37.69
C ILE K 1191 -88.57 -69.29 -37.98
N SER K 1192 -89.08 -69.21 -39.22
CA SER K 1192 -90.39 -69.77 -39.49
C SER K 1192 -90.38 -71.05 -40.33
N TYR K 1193 -90.21 -70.91 -41.64
CA TYR K 1193 -90.45 -72.00 -42.58
C TYR K 1193 -89.59 -71.93 -43.83
N LEU K 1194 -89.93 -72.81 -44.78
CA LEU K 1194 -89.42 -72.79 -46.14
C LEU K 1194 -90.10 -73.91 -46.93
N VAL K 1195 -90.11 -73.78 -48.26
CA VAL K 1195 -90.85 -74.71 -49.11
C VAL K 1195 -90.18 -74.94 -50.46
N ALA K 1196 -90.66 -75.95 -51.17
CA ALA K 1196 -90.24 -76.19 -52.54
C ALA K 1196 -90.69 -75.04 -53.44
N THR K 1197 -90.02 -74.87 -54.57
CA THR K 1197 -90.26 -73.74 -55.45
C THR K 1197 -89.91 -74.10 -56.90
N ASP K 1198 -89.80 -73.08 -57.74
CA ASP K 1198 -89.44 -73.25 -59.13
C ASP K 1198 -87.96 -73.68 -59.20
N ASP K 1199 -87.42 -73.79 -60.41
CA ASP K 1199 -86.12 -74.40 -60.66
C ASP K 1199 -85.02 -73.99 -59.67
N GLY K 1200 -84.67 -72.70 -59.66
CA GLY K 1200 -83.62 -72.22 -58.80
C GLY K 1200 -83.88 -72.38 -57.31
N THR K 1201 -82.96 -73.08 -56.65
CA THR K 1201 -82.87 -73.23 -55.18
C THR K 1201 -84.18 -73.48 -54.44
N MET K 1202 -84.38 -72.81 -53.30
CA MET K 1202 -85.57 -72.97 -52.47
C MET K 1202 -85.86 -71.69 -51.70
N LEU K 1203 -87.14 -71.47 -51.38
CA LEU K 1203 -87.57 -70.21 -50.75
C LEU K 1203 -88.01 -70.38 -49.30
N ALA K 1204 -87.68 -69.39 -48.47
CA ALA K 1204 -88.10 -69.36 -47.08
C ALA K 1204 -89.01 -68.15 -46.83
N MET K 1205 -89.82 -68.22 -45.77
CA MET K 1205 -90.85 -67.19 -45.58
C MET K 1205 -91.04 -66.71 -44.14
N GLY K 1206 -92.07 -65.89 -43.97
CA GLY K 1206 -92.50 -65.35 -42.69
C GLY K 1206 -92.01 -63.94 -42.43
N PHE K 1207 -92.88 -63.14 -41.81
CA PHE K 1207 -92.56 -61.75 -41.46
C PHE K 1207 -92.20 -61.55 -39.98
N GLU K 1208 -92.25 -62.62 -39.20
CA GLU K 1208 -92.10 -62.47 -37.75
C GLU K 1208 -90.67 -62.13 -37.34
N ASN K 1209 -90.53 -61.05 -36.59
CA ASN K 1209 -89.25 -60.59 -36.06
C ASN K 1209 -88.18 -60.43 -37.14
N GLY K 1210 -88.59 -59.99 -38.32
CA GLY K 1210 -87.67 -59.83 -39.43
C GLY K 1210 -88.35 -59.97 -40.78
N THR K 1211 -87.59 -60.32 -41.80
CA THR K 1211 -88.12 -60.50 -43.14
C THR K 1211 -87.79 -61.88 -43.71
N LEU K 1212 -88.26 -62.14 -44.92
CA LEU K 1212 -87.98 -63.40 -45.60
C LEU K 1212 -86.93 -63.19 -46.68
N GLU K 1213 -86.07 -64.19 -46.88
CA GLU K 1213 -84.96 -64.06 -47.81
C GLU K 1213 -84.79 -65.28 -48.71
N LEU K 1214 -84.07 -65.10 -49.80
CA LEU K 1214 -83.81 -66.16 -50.76
C LEU K 1214 -82.31 -66.38 -50.96
N PHE K 1215 -81.89 -67.63 -50.93
CA PHE K 1215 -80.49 -67.99 -51.15
C PHE K 1215 -80.38 -69.29 -51.93
N ALA K 1216 -79.19 -69.57 -52.45
CA ALA K 1216 -78.95 -70.73 -53.29
C ALA K 1216 -78.22 -71.84 -52.55
N VAL K 1217 -78.48 -73.09 -52.92
CA VAL K 1217 -77.86 -74.24 -52.29
C VAL K 1217 -76.33 -74.19 -52.36
N GLU K 1218 -75.79 -74.12 -53.57
CA GLU K 1218 -74.34 -74.13 -53.76
C GLU K 1218 -73.75 -72.73 -53.93
N ASN K 1219 -74.61 -71.71 -53.95
CA ASN K 1219 -74.17 -70.35 -54.19
C ASN K 1219 -74.99 -69.32 -53.42
N ARG K 1220 -74.81 -68.04 -53.76
CA ARG K 1220 -75.62 -66.98 -53.18
C ARG K 1220 -76.35 -66.21 -54.28
N LYS K 1221 -77.60 -65.85 -54.03
CA LYS K 1221 -78.43 -65.18 -55.03
C LYS K 1221 -79.27 -64.06 -54.42
N VAL K 1222 -80.14 -63.48 -55.25
CA VAL K 1222 -80.99 -62.37 -54.83
C VAL K 1222 -82.06 -62.86 -53.86
N GLN K 1223 -82.62 -61.94 -53.08
CA GLN K 1223 -83.67 -62.28 -52.13
C GLN K 1223 -84.95 -61.50 -52.41
N LEU K 1224 -86.07 -61.98 -51.87
CA LEU K 1224 -87.39 -61.46 -52.22
C LEU K 1224 -87.74 -60.17 -51.51
N ILE K 1225 -89.01 -59.78 -51.60
CA ILE K 1225 -89.52 -58.50 -51.11
C ILE K 1225 -89.47 -58.34 -49.60
N TYR K 1226 -89.58 -57.08 -49.15
CA TYR K 1226 -89.66 -56.75 -47.73
C TYR K 1226 -90.93 -57.32 -47.10
N SER K 1227 -90.93 -57.42 -45.78
CA SER K 1227 -92.18 -57.49 -45.05
C SER K 1227 -92.98 -56.27 -45.47
N ILE K 1228 -94.28 -56.46 -45.74
CA ILE K 1228 -95.08 -55.47 -46.46
C ILE K 1228 -94.92 -54.05 -45.93
N GLU K 1229 -95.53 -53.76 -44.77
CA GLU K 1229 -95.24 -52.51 -44.07
C GLU K 1229 -95.05 -52.72 -42.58
N GLU K 1230 -96.15 -53.09 -41.91
CA GLU K 1230 -96.22 -53.14 -40.45
C GLU K 1230 -95.46 -54.32 -39.86
N VAL K 1231 -95.10 -54.19 -38.58
CA VAL K 1231 -94.53 -55.29 -37.84
C VAL K 1231 -95.65 -56.06 -37.14
N HIS K 1232 -95.28 -57.00 -36.27
CA HIS K 1232 -96.25 -57.81 -35.53
C HIS K 1232 -97.18 -58.54 -36.49
N GLU K 1233 -96.64 -59.52 -37.20
CA GLU K 1233 -97.39 -60.30 -38.18
C GLU K 1233 -98.56 -61.02 -37.51
N HIS K 1234 -99.65 -61.19 -38.26
CA HIS K 1234 -100.85 -61.84 -37.74
C HIS K 1234 -100.59 -63.32 -37.48
N CYS K 1235 -101.47 -63.93 -36.67
CA CYS K 1235 -101.27 -65.28 -36.14
C CYS K 1235 -100.84 -66.32 -37.18
N ILE K 1236 -101.47 -66.29 -38.36
CA ILE K 1236 -101.06 -67.21 -39.42
C ILE K 1236 -100.06 -66.55 -40.37
N ARG K 1237 -98.82 -67.06 -40.35
CA ARG K 1237 -97.74 -66.51 -41.16
C ARG K 1237 -97.57 -67.27 -42.48
N GLN K 1238 -98.44 -68.24 -42.72
CA GLN K 1238 -98.38 -69.06 -43.92
C GLN K 1238 -98.57 -68.23 -45.19
N LEU K 1239 -97.83 -68.59 -46.24
CA LEU K 1239 -97.90 -67.90 -47.52
C LEU K 1239 -98.74 -68.69 -48.50
N LEU K 1240 -99.43 -67.99 -49.39
CA LEU K 1240 -100.38 -68.59 -50.32
C LEU K 1240 -99.71 -68.93 -51.65
N PHE K 1241 -99.55 -70.21 -51.93
CA PHE K 1241 -98.88 -70.64 -53.16
C PHE K 1241 -99.21 -72.07 -53.57
N SER K 1242 -99.03 -72.35 -54.86
CA SER K 1242 -98.99 -73.72 -55.38
C SER K 1242 -97.55 -74.00 -55.77
N PRO K 1243 -96.99 -75.11 -55.26
CA PRO K 1243 -95.52 -75.30 -55.32
C PRO K 1243 -94.92 -75.30 -56.73
N CYS K 1244 -95.47 -76.08 -57.65
CA CYS K 1244 -94.97 -76.05 -59.03
C CYS K 1244 -95.78 -75.12 -59.93
N LYS K 1245 -96.94 -74.69 -59.43
CA LYS K 1245 -97.85 -73.85 -60.20
C LYS K 1245 -97.75 -72.37 -59.86
N LEU K 1246 -96.77 -72.02 -59.01
CA LEU K 1246 -96.73 -70.69 -58.39
C LEU K 1246 -96.80 -69.53 -59.36
N LEU K 1247 -97.79 -68.67 -59.14
CA LEU K 1247 -97.96 -67.44 -59.91
C LEU K 1247 -98.19 -66.27 -58.97
N LEU K 1248 -99.32 -66.30 -58.27
CA LEU K 1248 -99.67 -65.25 -57.32
C LEU K 1248 -99.01 -65.45 -55.95
N ILE K 1249 -98.67 -64.34 -55.31
CA ILE K 1249 -98.12 -64.35 -53.96
C ILE K 1249 -98.82 -63.31 -53.10
N SER K 1250 -99.41 -63.75 -51.99
CA SER K 1250 -100.18 -62.85 -51.15
C SER K 1250 -99.63 -62.72 -49.74
N CYS K 1251 -99.29 -61.49 -49.34
CA CYS K 1251 -98.80 -61.22 -48.00
C CYS K 1251 -99.31 -59.87 -47.48
N ALA K 1252 -99.77 -59.86 -46.23
CA ALA K 1252 -100.27 -58.64 -45.60
C ALA K 1252 -100.23 -58.76 -44.08
N GLU K 1253 -100.30 -57.62 -43.39
CA GLU K 1253 -100.34 -57.62 -41.93
C GLU K 1253 -101.74 -57.37 -41.39
N GLN K 1254 -102.19 -56.12 -41.46
CA GLN K 1254 -103.47 -55.75 -40.87
C GLN K 1254 -104.44 -55.08 -41.86
N LEU K 1255 -104.17 -53.83 -42.19
CA LEU K 1255 -105.10 -53.02 -42.99
C LEU K 1255 -104.73 -53.02 -44.48
N CYS K 1256 -103.68 -53.77 -44.82
CA CYS K 1256 -103.15 -53.78 -46.18
C CYS K 1256 -104.20 -54.17 -47.23
N PHE K 1257 -104.05 -53.60 -48.42
CA PHE K 1257 -104.97 -53.82 -49.53
C PHE K 1257 -104.67 -55.13 -50.26
N TRP K 1258 -105.28 -55.30 -51.43
CA TRP K 1258 -105.13 -56.52 -52.24
C TRP K 1258 -103.66 -56.88 -52.45
N ASN K 1259 -103.34 -58.15 -52.20
CA ASN K 1259 -101.95 -58.61 -52.15
C ASN K 1259 -101.44 -59.20 -53.46
N VAL K 1260 -102.27 -59.18 -54.50
CA VAL K 1260 -101.94 -59.90 -55.73
C VAL K 1260 -100.66 -59.42 -56.41
N THR K 1261 -99.75 -60.37 -56.61
CA THR K 1261 -98.51 -60.15 -57.35
C THR K 1261 -98.22 -61.37 -58.22
N HIS K 1262 -98.01 -61.18 -59.51
CA HIS K 1262 -97.79 -62.31 -60.41
C HIS K 1262 -96.59 -62.10 -61.33
N MET K 1263 -96.31 -63.12 -62.13
CA MET K 1263 -95.21 -63.07 -63.08
C MET K 1263 -95.72 -63.25 -64.51
N ARG K 1264 -94.97 -62.72 -65.47
CA ARG K 1264 -95.36 -62.80 -66.88
C ARG K 1264 -94.65 -63.95 -67.59
N HIS L 8 -39.30 -26.80 -10.54
CA HIS L 8 -38.15 -27.65 -10.85
C HIS L 8 -38.53 -29.08 -10.96
N GLN L 9 -39.54 -29.46 -10.20
CA GLN L 9 -39.58 -30.81 -9.65
C GLN L 9 -39.33 -31.85 -10.71
N TYR L 10 -38.38 -32.72 -10.42
CA TYR L 10 -37.95 -33.74 -11.34
C TYR L 10 -39.02 -34.81 -11.41
N GLN L 11 -38.80 -35.81 -12.24
CA GLN L 11 -39.84 -36.75 -12.62
C GLN L 11 -39.20 -38.11 -12.75
N TYR L 12 -39.80 -39.13 -12.14
CA TYR L 12 -39.08 -40.38 -11.92
C TYR L 12 -38.35 -40.85 -13.18
N LYS L 13 -39.02 -40.84 -14.32
CA LYS L 13 -38.36 -41.34 -15.51
C LYS L 13 -37.19 -40.46 -15.90
N ASP L 14 -37.15 -39.22 -15.42
CA ASP L 14 -35.94 -38.45 -15.62
C ASP L 14 -34.81 -39.05 -14.81
N ILE L 15 -35.05 -39.20 -13.52
CA ILE L 15 -33.98 -39.51 -12.60
C ILE L 15 -33.67 -40.98 -12.56
N LEU L 16 -34.65 -41.83 -12.86
CA LEU L 16 -34.50 -43.26 -12.59
C LEU L 16 -33.23 -43.81 -13.19
N SER L 17 -32.89 -43.36 -14.40
CA SER L 17 -31.75 -43.95 -15.07
C SER L 17 -30.44 -43.72 -14.36
N VAL L 18 -30.42 -42.92 -13.29
CA VAL L 18 -29.14 -42.55 -12.76
C VAL L 18 -28.53 -43.74 -12.08
N PHE L 19 -29.03 -44.09 -10.90
CA PHE L 19 -28.43 -45.17 -10.17
C PHE L 19 -28.91 -46.47 -10.77
N GLU L 20 -27.96 -47.28 -11.20
CA GLU L 20 -28.19 -48.63 -11.66
C GLU L 20 -27.40 -49.62 -10.82
N ASP L 21 -26.10 -49.38 -10.64
CA ASP L 21 -25.22 -50.38 -10.05
C ASP L 21 -25.85 -51.00 -8.83
N ALA L 22 -26.24 -50.17 -7.87
CA ALA L 22 -27.02 -50.66 -6.75
C ALA L 22 -28.19 -51.45 -7.25
N PHE L 23 -28.97 -50.84 -8.14
CA PHE L 23 -30.15 -51.49 -8.69
C PHE L 23 -29.74 -52.72 -9.48
N VAL L 24 -28.59 -52.67 -10.13
CA VAL L 24 -28.06 -53.81 -10.85
C VAL L 24 -27.83 -54.98 -9.91
N ASP L 25 -26.84 -54.84 -9.06
CA ASP L 25 -26.23 -55.95 -8.36
C ASP L 25 -27.23 -56.73 -7.52
N ASN L 26 -27.80 -56.08 -6.52
CA ASN L 26 -28.53 -56.75 -5.47
C ASN L 26 -29.95 -57.08 -5.84
N PHE L 27 -30.35 -56.82 -7.06
CA PHE L 27 -31.71 -57.11 -7.52
C PHE L 27 -31.72 -57.73 -8.90
N ASP L 28 -32.63 -58.67 -9.11
CA ASP L 28 -32.81 -59.31 -10.41
C ASP L 28 -34.28 -59.27 -10.76
N CYS L 29 -34.58 -58.94 -12.01
CA CYS L 29 -35.97 -58.92 -12.44
C CYS L 29 -36.65 -60.26 -12.22
N LYS L 30 -36.04 -61.34 -12.70
CA LYS L 30 -36.67 -62.66 -12.60
C LYS L 30 -37.13 -62.95 -11.19
N ASP L 31 -36.44 -62.39 -10.21
CA ASP L 31 -36.79 -62.55 -8.81
C ASP L 31 -38.26 -62.23 -8.63
N VAL L 32 -38.71 -61.18 -9.31
CA VAL L 32 -40.05 -60.66 -9.12
C VAL L 32 -40.73 -60.53 -10.46
N GLN L 33 -41.77 -61.33 -10.69
CA GLN L 33 -42.84 -60.92 -11.57
C GLN L 33 -44.08 -60.80 -10.70
N ASP L 34 -44.38 -59.58 -10.26
CA ASP L 34 -45.69 -59.29 -9.73
C ASP L 34 -46.63 -58.91 -10.85
N MET L 35 -46.15 -58.07 -11.75
CA MET L 35 -46.77 -57.82 -13.04
C MET L 35 -48.18 -57.25 -12.97
N PRO L 36 -48.40 -56.12 -12.33
CA PRO L 36 -49.65 -55.42 -12.60
C PRO L 36 -49.68 -55.04 -14.07
N LYS L 37 -50.73 -55.47 -14.76
CA LYS L 37 -50.62 -55.61 -16.19
C LYS L 37 -50.46 -54.29 -16.91
N SER L 38 -51.03 -53.22 -16.38
CA SER L 38 -50.88 -51.93 -17.05
C SER L 38 -49.41 -51.49 -17.07
N ILE L 39 -48.69 -51.81 -16.01
CA ILE L 39 -47.37 -51.22 -15.87
C ILE L 39 -46.36 -51.94 -16.75
N LEU L 40 -46.56 -53.22 -17.01
CA LEU L 40 -45.71 -54.00 -17.89
C LEU L 40 -46.59 -55.00 -18.61
N SER L 41 -46.39 -55.13 -19.91
CA SER L 41 -47.17 -56.17 -20.55
C SER L 41 -46.59 -57.53 -20.19
N LYS L 42 -47.30 -58.58 -20.60
CA LYS L 42 -46.79 -59.91 -20.35
C LYS L 42 -45.54 -60.15 -21.18
N GLU L 43 -45.66 -59.98 -22.49
CA GLU L 43 -44.52 -60.10 -23.39
C GLU L 43 -43.31 -59.35 -22.89
N GLU L 44 -43.51 -58.23 -22.21
CA GLU L 44 -42.41 -57.45 -21.70
C GLU L 44 -41.54 -58.33 -20.82
N ILE L 45 -42.07 -58.69 -19.66
CA ILE L 45 -41.26 -59.46 -18.73
C ILE L 45 -41.00 -60.84 -19.29
N ASP L 46 -41.82 -61.27 -20.24
CA ASP L 46 -41.46 -62.47 -21.00
C ASP L 46 -40.09 -62.29 -21.61
N HIS L 47 -39.80 -61.09 -22.11
CA HIS L 47 -38.54 -60.88 -22.81
C HIS L 47 -37.38 -60.64 -21.87
N ILE L 48 -37.61 -59.92 -20.76
CA ILE L 48 -36.50 -59.52 -19.91
C ILE L 48 -35.75 -60.73 -19.39
N ILE L 49 -36.46 -61.62 -18.72
CA ILE L 49 -35.80 -62.73 -18.04
C ILE L 49 -34.96 -63.54 -19.02
N MET L 50 -35.35 -63.55 -20.29
CA MET L 50 -34.59 -64.28 -21.30
C MET L 50 -33.15 -63.83 -21.39
N SER L 51 -32.83 -62.63 -20.91
CA SER L 51 -31.45 -62.17 -20.95
C SER L 51 -30.58 -63.02 -20.04
N LYS L 52 -29.30 -63.10 -20.37
CA LYS L 52 -28.45 -64.13 -19.77
C LYS L 52 -27.79 -63.65 -18.49
N ASP L 53 -27.80 -62.36 -18.22
CA ASP L 53 -27.10 -61.86 -17.06
C ASP L 53 -27.64 -60.50 -16.64
N ALA L 54 -27.34 -60.16 -15.38
CA ALA L 54 -27.83 -58.91 -14.80
C ALA L 54 -27.50 -57.72 -15.67
N VAL L 55 -26.23 -57.55 -16.01
CA VAL L 55 -25.80 -56.38 -16.77
C VAL L 55 -26.61 -56.26 -18.04
N SER L 56 -27.04 -57.39 -18.59
CA SER L 56 -28.11 -57.34 -19.57
C SER L 56 -29.46 -57.24 -18.89
N GLY L 57 -29.69 -58.08 -17.89
CA GLY L 57 -31.01 -58.19 -17.33
C GLY L 57 -31.50 -56.88 -16.74
N THR L 58 -30.78 -56.36 -15.75
CA THR L 58 -31.19 -55.12 -15.15
C THR L 58 -31.33 -54.04 -16.20
N LEU L 59 -30.51 -54.10 -17.23
CA LEU L 59 -30.49 -53.03 -18.19
C LEU L 59 -31.79 -52.97 -18.98
N ARG L 60 -32.16 -54.08 -19.61
CA ARG L 60 -33.32 -54.02 -20.49
C ARG L 60 -34.54 -53.58 -19.73
N LEU L 61 -34.51 -53.69 -18.41
CA LEU L 61 -35.60 -53.16 -17.62
C LEU L 61 -35.79 -51.69 -17.92
N PHE L 62 -34.79 -50.88 -17.60
CA PHE L 62 -34.94 -49.44 -17.72
C PHE L 62 -35.47 -49.05 -19.08
N TRP L 63 -34.78 -49.47 -20.13
CA TRP L 63 -35.21 -49.09 -21.48
C TRP L 63 -36.66 -49.43 -21.73
N THR L 64 -37.19 -50.45 -21.09
CA THR L 64 -38.61 -50.64 -21.21
C THR L 64 -39.37 -49.55 -20.48
N LEU L 65 -39.05 -49.34 -19.21
CA LEU L 65 -39.79 -48.34 -18.44
C LEU L 65 -39.74 -46.97 -19.10
N LEU L 66 -38.57 -46.47 -19.42
CA LEU L 66 -38.44 -45.11 -19.91
C LEU L 66 -39.20 -44.89 -21.21
N SER L 67 -39.70 -45.94 -21.82
CA SER L 67 -40.53 -45.83 -23.00
C SER L 67 -41.99 -45.65 -22.67
N LYS L 68 -42.33 -45.45 -21.41
CA LYS L 68 -43.71 -45.41 -20.97
C LYS L 68 -44.03 -44.06 -20.37
N GLN L 69 -45.32 -43.81 -20.20
CA GLN L 69 -45.75 -42.57 -19.58
C GLN L 69 -45.52 -42.62 -18.09
N GLU L 70 -45.32 -41.44 -17.52
CA GLU L 70 -44.80 -41.30 -16.17
C GLU L 70 -45.67 -41.97 -15.12
N GLU L 71 -46.99 -41.98 -15.30
CA GLU L 71 -47.86 -42.60 -14.32
C GLU L 71 -47.41 -44.01 -13.98
N MET L 72 -47.22 -44.84 -15.00
CA MET L 72 -46.79 -46.21 -14.78
C MET L 72 -45.55 -46.25 -13.90
N VAL L 73 -44.50 -45.58 -14.35
CA VAL L 73 -43.31 -45.45 -13.53
C VAL L 73 -43.67 -44.91 -12.16
N GLN L 74 -44.43 -43.80 -12.15
CA GLN L 74 -44.85 -43.23 -10.88
C GLN L 74 -45.47 -44.27 -9.98
N LYS L 75 -46.15 -45.24 -10.57
CA LYS L 75 -46.62 -46.35 -9.74
C LYS L 75 -45.51 -47.35 -9.48
N PHE L 76 -44.57 -47.50 -10.40
CA PHE L 76 -43.58 -48.55 -10.24
C PHE L 76 -42.69 -48.28 -9.05
N VAL L 77 -42.32 -47.02 -8.84
CA VAL L 77 -41.50 -46.69 -7.69
C VAL L 77 -42.23 -47.03 -6.40
N GLU L 78 -43.56 -47.00 -6.43
CA GLU L 78 -44.34 -47.46 -5.29
C GLU L 78 -44.41 -48.98 -5.22
N GLU L 79 -44.51 -49.63 -6.36
CA GLU L 79 -44.74 -51.07 -6.40
C GLU L 79 -43.63 -51.84 -5.70
N VAL L 80 -42.38 -51.36 -5.80
CA VAL L 80 -41.27 -52.08 -5.19
C VAL L 80 -41.46 -52.15 -3.69
N LEU L 81 -42.03 -51.11 -3.09
CA LEU L 81 -42.34 -51.11 -1.67
C LEU L 81 -43.05 -52.38 -1.24
N ARG L 82 -44.14 -52.71 -1.93
CA ARG L 82 -44.91 -53.89 -1.56
C ARG L 82 -44.08 -55.15 -1.66
N ILE L 83 -43.08 -55.17 -2.54
CA ILE L 83 -42.20 -56.30 -2.63
C ILE L 83 -41.39 -56.32 -1.35
N ASN L 84 -40.81 -57.47 -1.03
CA ASN L 84 -40.09 -57.64 0.23
C ASN L 84 -39.11 -56.49 0.45
N TYR L 85 -38.46 -56.04 -0.61
CA TYR L 85 -37.37 -55.10 -0.45
C TYR L 85 -37.83 -53.72 -0.85
N LYS L 86 -37.97 -52.84 0.13
CA LYS L 86 -38.08 -51.42 -0.14
C LYS L 86 -36.75 -50.70 0.00
N PHE L 87 -35.73 -51.34 0.55
CA PHE L 87 -34.51 -50.61 0.86
C PHE L 87 -34.00 -49.90 -0.38
N LEU L 88 -34.21 -50.51 -1.53
CA LEU L 88 -33.81 -49.93 -2.79
C LEU L 88 -34.56 -48.65 -3.11
N MET L 89 -35.83 -48.57 -2.72
CA MET L 89 -36.60 -47.41 -3.12
C MET L 89 -36.52 -46.26 -2.13
N SER L 90 -35.86 -46.42 -1.01
CA SER L 90 -35.73 -45.23 -0.19
C SER L 90 -34.81 -44.23 -0.87
N PRO L 91 -33.65 -44.64 -1.43
CA PRO L 91 -32.84 -43.64 -2.12
C PRO L 91 -33.58 -42.99 -3.25
N ILE L 92 -34.21 -43.79 -4.11
CA ILE L 92 -34.91 -43.24 -5.25
C ILE L 92 -35.96 -42.24 -4.85
N LYS L 93 -36.38 -42.28 -3.60
CA LYS L 93 -37.29 -41.27 -3.11
C LYS L 93 -36.54 -40.02 -2.71
N THR L 94 -35.22 -40.00 -2.89
CA THR L 94 -34.46 -38.78 -2.74
C THR L 94 -34.39 -37.99 -4.03
N GLU L 95 -35.15 -38.38 -5.04
CA GLU L 95 -35.59 -37.40 -6.03
C GLU L 95 -35.97 -36.10 -5.37
N GLN L 96 -37.04 -36.15 -4.59
CA GLN L 96 -37.74 -34.95 -4.17
C GLN L 96 -36.83 -34.06 -3.34
N ARG L 97 -36.63 -32.84 -3.81
CA ARG L 97 -35.80 -31.84 -3.18
C ARG L 97 -34.40 -32.36 -2.91
N GLN L 98 -34.01 -33.43 -3.57
CA GLN L 98 -32.62 -33.74 -3.36
C GLN L 98 -32.02 -34.37 -4.60
N PRO L 99 -31.96 -33.67 -5.71
CA PRO L 99 -31.00 -34.05 -6.74
C PRO L 99 -29.62 -33.86 -6.15
N SER L 100 -28.81 -34.91 -6.22
CA SER L 100 -27.49 -34.69 -5.67
C SER L 100 -26.74 -33.68 -6.52
N MET L 101 -26.01 -32.80 -5.84
CA MET L 101 -25.43 -31.64 -6.50
C MET L 101 -24.70 -32.04 -7.77
N MET L 102 -24.13 -33.23 -7.77
CA MET L 102 -23.71 -33.82 -9.03
C MET L 102 -24.88 -34.01 -9.97
N THR L 103 -25.81 -34.87 -9.60
CA THR L 103 -26.75 -35.46 -10.56
C THR L 103 -27.36 -34.41 -11.47
N ARG L 104 -27.62 -33.23 -10.95
CA ARG L 104 -28.17 -32.20 -11.81
C ARG L 104 -27.30 -31.97 -13.03
N MET L 105 -25.98 -32.06 -12.86
CA MET L 105 -25.10 -31.95 -14.01
C MET L 105 -25.54 -32.92 -15.10
N TYR L 106 -25.61 -34.19 -14.76
CA TYR L 106 -26.13 -35.20 -15.66
C TYR L 106 -27.49 -34.78 -16.18
N ILE L 107 -28.49 -34.81 -15.32
CA ILE L 107 -29.87 -34.70 -15.77
C ILE L 107 -30.06 -33.48 -16.63
N GLU L 108 -29.24 -32.46 -16.41
CA GLU L 108 -29.23 -31.37 -17.38
C GLU L 108 -28.69 -31.87 -18.70
N GLN L 109 -27.48 -32.39 -18.68
CA GLN L 109 -26.74 -32.41 -19.93
C GLN L 109 -27.37 -33.30 -20.97
N ARG L 110 -27.87 -34.47 -20.57
CA ARG L 110 -28.53 -35.31 -21.55
C ARG L 110 -29.57 -34.53 -22.33
N ASP L 111 -30.21 -33.56 -21.70
CA ASP L 111 -31.13 -32.74 -22.46
C ASP L 111 -30.39 -31.98 -23.54
N ARG L 112 -29.32 -31.29 -23.18
CA ARG L 112 -28.51 -30.68 -24.22
C ARG L 112 -28.00 -31.71 -25.20
N LEU L 113 -28.01 -32.98 -24.81
CA LEU L 113 -27.74 -34.02 -25.78
C LEU L 113 -28.98 -34.33 -26.61
N TYR L 114 -30.13 -34.51 -25.97
CA TYR L 114 -31.34 -34.69 -26.76
C TYR L 114 -31.67 -33.50 -27.63
N ASN L 115 -31.07 -32.35 -27.41
CA ASN L 115 -31.39 -31.27 -28.31
C ASN L 115 -30.62 -31.39 -29.61
N ASP L 116 -29.95 -32.51 -29.77
CA ASP L 116 -29.82 -33.13 -31.08
C ASP L 116 -31.19 -33.52 -31.64
N ASN L 117 -32.27 -33.37 -30.86
CA ASN L 117 -33.65 -33.51 -31.32
C ASN L 117 -33.97 -34.83 -32.00
N GLN L 118 -34.24 -34.80 -33.30
CA GLN L 118 -34.90 -35.91 -33.95
C GLN L 118 -34.40 -37.22 -33.42
N VAL L 119 -33.11 -37.22 -33.21
CA VAL L 119 -32.34 -38.43 -33.09
C VAL L 119 -33.01 -39.39 -32.14
N PHE L 120 -32.90 -39.15 -30.88
CA PHE L 120 -33.50 -40.05 -29.94
C PHE L 120 -34.86 -39.56 -29.53
N ALA L 121 -35.29 -38.45 -30.11
CA ALA L 121 -36.60 -37.92 -29.84
C ALA L 121 -37.62 -39.01 -30.08
N LYS L 122 -37.86 -39.31 -31.34
CA LYS L 122 -38.77 -40.40 -31.66
C LYS L 122 -37.97 -41.69 -31.76
N TYR L 123 -37.11 -41.75 -32.74
CA TYR L 123 -36.72 -43.02 -33.31
C TYR L 123 -35.43 -43.48 -32.68
N ASN L 124 -35.51 -44.60 -31.98
CA ASN L 124 -34.52 -45.64 -32.06
C ASN L 124 -35.00 -46.71 -31.11
N VAL L 125 -34.56 -47.92 -31.33
CA VAL L 125 -34.66 -48.93 -30.30
C VAL L 125 -33.23 -49.34 -30.02
N SER L 126 -32.58 -48.61 -29.12
CA SER L 126 -31.39 -49.05 -28.40
C SER L 126 -30.46 -49.89 -29.25
N ARG L 127 -29.97 -50.94 -28.62
CA ARG L 127 -29.57 -52.25 -29.11
C ARG L 127 -28.95 -52.84 -27.87
N LEU L 128 -28.51 -54.07 -27.90
CA LEU L 128 -27.84 -54.53 -26.70
C LEU L 128 -26.38 -54.85 -26.98
N GLN L 129 -26.11 -55.88 -27.75
CA GLN L 129 -24.74 -56.28 -27.98
C GLN L 129 -23.84 -55.12 -28.37
N PRO L 130 -24.10 -54.40 -29.45
CA PRO L 130 -23.16 -53.37 -29.83
C PRO L 130 -23.02 -52.33 -28.76
N TYR L 131 -24.13 -52.00 -28.11
CA TYR L 131 -24.04 -51.15 -26.94
C TYR L 131 -23.04 -51.73 -25.97
N LEU L 132 -23.26 -52.97 -25.57
CA LEU L 132 -22.61 -53.47 -24.38
C LEU L 132 -21.10 -53.54 -24.53
N LYS L 133 -20.60 -54.12 -25.62
CA LYS L 133 -19.16 -54.10 -25.83
C LYS L 133 -18.62 -52.70 -25.71
N LEU L 134 -19.34 -51.73 -26.24
CA LEU L 134 -18.74 -50.42 -26.35
C LEU L 134 -18.56 -49.80 -24.98
N ARG L 135 -19.62 -49.76 -24.17
CA ARG L 135 -19.48 -49.17 -22.85
C ARG L 135 -18.30 -49.79 -22.14
N GLN L 136 -18.16 -51.11 -22.25
CA GLN L 136 -17.00 -51.80 -21.72
C GLN L 136 -15.72 -51.08 -22.09
N ALA L 137 -15.44 -50.99 -23.39
CA ALA L 137 -14.23 -50.32 -23.82
C ALA L 137 -14.25 -48.86 -23.41
N LEU L 138 -15.26 -48.13 -23.85
CA LEU L 138 -15.22 -46.68 -23.68
C LEU L 138 -15.22 -46.28 -22.22
N LEU L 139 -15.57 -47.19 -21.32
CA LEU L 139 -15.34 -46.88 -19.92
C LEU L 139 -13.85 -46.88 -19.59
N GLU L 140 -13.08 -47.73 -20.24
CA GLU L 140 -11.69 -47.92 -19.82
C GLU L 140 -10.77 -46.80 -20.26
N LEU L 141 -10.77 -46.48 -21.55
CA LEU L 141 -9.59 -45.90 -22.18
C LEU L 141 -9.08 -44.67 -21.43
N ARG L 142 -7.76 -44.55 -21.38
CA ARG L 142 -7.06 -43.50 -20.66
C ARG L 142 -6.54 -42.47 -21.65
N PRO L 143 -5.96 -41.36 -21.21
CA PRO L 143 -5.99 -40.19 -22.09
C PRO L 143 -4.98 -40.15 -23.20
N ALA L 144 -4.71 -41.24 -23.89
CA ALA L 144 -4.54 -41.19 -25.34
C ALA L 144 -4.91 -42.56 -25.87
N LYS L 145 -6.01 -42.66 -26.57
CA LYS L 145 -6.50 -43.95 -27.03
C LYS L 145 -7.56 -43.67 -28.08
N ASN L 146 -8.22 -44.72 -28.53
CA ASN L 146 -9.26 -44.56 -29.52
C ASN L 146 -10.21 -45.73 -29.43
N VAL L 147 -11.40 -45.55 -29.94
CA VAL L 147 -12.28 -46.66 -30.25
C VAL L 147 -12.87 -46.39 -31.61
N LEU L 148 -12.54 -47.24 -32.57
CA LEU L 148 -13.24 -47.09 -33.81
C LEU L 148 -14.65 -47.61 -33.69
N ILE L 149 -15.49 -47.11 -34.55
CA ILE L 149 -16.73 -47.79 -34.84
C ILE L 149 -16.84 -47.86 -36.34
N ASP L 150 -16.75 -49.06 -36.88
CA ASP L 150 -16.83 -49.25 -38.31
C ASP L 150 -18.19 -49.81 -38.68
N GLY L 151 -18.74 -49.28 -39.76
CA GLY L 151 -19.94 -49.87 -40.31
C GLY L 151 -20.06 -49.57 -41.78
N VAL L 152 -20.74 -50.47 -42.47
CA VAL L 152 -21.10 -50.23 -43.84
C VAL L 152 -22.19 -49.18 -43.91
N LEU L 153 -22.40 -48.63 -45.12
CA LEU L 153 -23.24 -47.46 -45.27
C LEU L 153 -24.53 -47.59 -44.49
N GLY L 154 -24.90 -46.53 -43.81
CA GLY L 154 -25.92 -46.65 -42.80
C GLY L 154 -25.41 -47.50 -41.65
N SER L 155 -26.15 -48.55 -41.33
CA SER L 155 -25.82 -49.46 -40.24
C SER L 155 -25.68 -48.74 -38.91
N GLY L 156 -26.24 -47.55 -38.81
CA GLY L 156 -26.47 -46.88 -37.55
C GLY L 156 -25.32 -46.79 -36.60
N LYS L 157 -24.15 -46.37 -37.07
CA LYS L 157 -23.07 -46.15 -36.13
C LYS L 157 -23.28 -44.86 -35.37
N THR L 158 -23.60 -43.77 -36.06
CA THR L 158 -23.75 -42.47 -35.41
C THR L 158 -24.70 -42.51 -34.24
N TRP L 159 -25.58 -43.49 -34.20
CA TRP L 159 -26.54 -43.56 -33.10
C TRP L 159 -25.97 -44.32 -31.94
N VAL L 160 -25.63 -45.59 -32.14
CA VAL L 160 -24.95 -46.34 -31.09
C VAL L 160 -23.82 -45.52 -30.52
N ALA L 161 -23.20 -44.72 -31.37
CA ALA L 161 -22.29 -43.69 -30.90
C ALA L 161 -22.93 -42.87 -29.78
N LEU L 162 -23.96 -42.13 -30.11
CA LEU L 162 -24.62 -41.32 -29.09
C LEU L 162 -25.02 -42.19 -27.92
N ASP L 163 -25.90 -43.14 -28.16
CA ASP L 163 -26.67 -43.74 -27.09
C ASP L 163 -25.80 -44.12 -25.91
N VAL L 164 -24.67 -44.78 -26.16
CA VAL L 164 -23.82 -45.11 -25.02
C VAL L 164 -23.31 -43.85 -24.34
N CYS L 165 -22.96 -42.84 -25.10
CA CYS L 165 -22.49 -41.59 -24.52
C CYS L 165 -23.57 -40.92 -23.68
N LEU L 166 -24.80 -41.36 -23.78
CA LEU L 166 -25.86 -40.84 -22.94
C LEU L 166 -25.88 -41.51 -21.57
N SER L 167 -25.47 -42.77 -21.49
CA SER L 167 -25.66 -43.52 -20.27
C SER L 167 -24.84 -42.96 -19.13
N TYR L 168 -25.47 -42.85 -17.96
CA TYR L 168 -24.89 -42.14 -16.84
C TYR L 168 -23.46 -42.55 -16.59
N LYS L 169 -23.26 -43.80 -16.21
CA LYS L 169 -21.98 -44.22 -15.65
C LYS L 169 -20.82 -43.77 -16.52
N VAL L 170 -21.01 -43.76 -17.84
CA VAL L 170 -20.08 -43.06 -18.71
C VAL L 170 -20.01 -41.59 -18.31
N GLN L 171 -21.13 -40.90 -18.48
CA GLN L 171 -21.15 -39.45 -18.41
C GLN L 171 -20.47 -38.95 -17.15
N CYS L 172 -20.48 -39.74 -16.10
CA CYS L 172 -19.81 -39.35 -14.87
C CYS L 172 -18.33 -39.63 -14.94
N LYS L 173 -17.94 -40.69 -15.63
CA LYS L 173 -16.53 -41.00 -15.77
C LYS L 173 -15.77 -39.87 -16.42
N MET L 174 -16.40 -39.22 -17.39
CA MET L 174 -15.71 -38.27 -18.22
C MET L 174 -15.94 -36.83 -17.81
N ASP L 175 -16.60 -36.60 -16.69
CA ASP L 175 -16.82 -35.28 -16.12
C ASP L 175 -17.64 -34.40 -17.03
N PHE L 176 -18.72 -34.90 -17.62
CA PHE L 176 -19.76 -34.04 -18.14
C PHE L 176 -19.24 -33.09 -19.20
N LYS L 177 -18.13 -33.42 -19.81
CA LYS L 177 -17.60 -32.65 -20.91
C LYS L 177 -17.53 -33.59 -22.10
N ILE L 178 -18.37 -33.37 -23.10
CA ILE L 178 -18.36 -34.19 -24.29
C ILE L 178 -18.60 -33.30 -25.50
N PHE L 179 -17.68 -33.32 -26.45
CA PHE L 179 -17.70 -32.38 -27.54
C PHE L 179 -17.92 -33.12 -28.85
N TRP L 180 -18.92 -32.70 -29.58
CA TRP L 180 -19.28 -33.37 -30.82
C TRP L 180 -18.75 -32.55 -31.97
N LEU L 181 -18.33 -33.22 -33.03
CA LEU L 181 -18.01 -32.56 -34.28
C LEU L 181 -18.62 -33.34 -35.42
N ASN L 182 -18.40 -32.82 -36.63
CA ASN L 182 -18.61 -33.60 -37.83
C ASN L 182 -17.50 -33.26 -38.79
N LEU L 183 -16.79 -34.27 -39.25
CA LEU L 183 -15.89 -34.07 -40.35
C LEU L 183 -16.57 -34.33 -41.66
N LYS L 184 -17.90 -34.47 -41.63
CA LYS L 184 -18.70 -34.87 -42.78
C LYS L 184 -18.27 -34.15 -44.04
N ASN L 185 -17.94 -32.88 -43.94
CA ASN L 185 -17.21 -32.21 -44.99
C ASN L 185 -15.85 -31.85 -44.41
N CYS L 186 -14.84 -32.64 -44.73
CA CYS L 186 -13.48 -32.30 -44.37
C CYS L 186 -12.55 -32.67 -45.51
N ASN L 187 -11.96 -31.66 -46.14
CA ASN L 187 -10.98 -31.90 -47.19
C ASN L 187 -10.08 -30.69 -47.25
N SER L 188 -8.81 -30.88 -47.57
CA SER L 188 -7.90 -29.78 -47.80
C SER L 188 -7.64 -29.02 -46.52
N PRO L 189 -6.58 -28.25 -46.43
CA PRO L 189 -6.33 -27.51 -45.20
C PRO L 189 -7.43 -26.56 -44.82
N GLU L 190 -7.95 -25.78 -45.76
CA GLU L 190 -8.92 -24.74 -45.41
C GLU L 190 -10.02 -25.31 -44.54
N THR L 191 -10.79 -26.25 -45.09
CA THR L 191 -11.92 -26.78 -44.35
C THR L 191 -11.53 -27.24 -42.97
N VAL L 192 -10.43 -27.97 -42.85
CA VAL L 192 -10.00 -28.43 -41.54
C VAL L 192 -9.94 -27.28 -40.57
N LEU L 193 -9.28 -26.19 -40.97
CA LEU L 193 -9.19 -25.04 -40.08
C LEU L 193 -10.55 -24.68 -39.53
N GLU L 194 -11.54 -24.61 -40.40
CA GLU L 194 -12.88 -24.34 -39.93
C GLU L 194 -13.27 -25.34 -38.88
N MET L 195 -13.55 -26.56 -39.32
CA MET L 195 -14.20 -27.50 -38.43
C MET L 195 -13.33 -27.78 -37.23
N LEU L 196 -12.06 -27.40 -37.31
CA LEU L 196 -11.26 -27.34 -36.10
C LEU L 196 -11.58 -26.10 -35.31
N GLN L 197 -11.63 -24.95 -35.97
CA GLN L 197 -11.70 -23.73 -35.20
C GLN L 197 -12.99 -23.68 -34.40
N LYS L 198 -14.07 -24.23 -34.94
CA LYS L 198 -15.30 -24.33 -34.15
C LYS L 198 -15.00 -24.99 -32.82
N LEU L 199 -14.37 -26.16 -32.86
CA LEU L 199 -14.08 -26.86 -31.63
C LEU L 199 -13.43 -25.95 -30.62
N LEU L 200 -12.62 -25.02 -31.09
CA LEU L 200 -11.94 -24.15 -30.14
C LEU L 200 -12.93 -23.37 -29.31
N TYR L 201 -13.92 -22.76 -29.95
CA TYR L 201 -14.82 -21.90 -29.20
C TYR L 201 -15.53 -22.67 -28.10
N GLN L 202 -16.00 -23.87 -28.41
CA GLN L 202 -16.76 -24.58 -27.40
C GLN L 202 -15.96 -24.77 -26.13
N ILE L 203 -14.64 -24.85 -26.22
CA ILE L 203 -13.87 -25.10 -25.02
C ILE L 203 -13.80 -23.84 -24.17
N ASP L 204 -13.44 -22.75 -24.72
CA ASP L 204 -13.44 -21.49 -24.00
C ASP L 204 -13.96 -20.45 -24.97
N PRO L 205 -14.82 -19.55 -24.53
CA PRO L 205 -15.17 -18.44 -25.40
C PRO L 205 -14.17 -17.30 -25.31
N ASN L 206 -12.88 -17.62 -25.33
CA ASN L 206 -11.89 -16.59 -25.58
C ASN L 206 -10.84 -17.14 -26.52
N TRP L 207 -10.79 -16.62 -27.73
CA TRP L 207 -9.56 -16.83 -28.48
C TRP L 207 -9.24 -15.58 -29.27
N THR L 208 -8.08 -15.00 -28.98
CA THR L 208 -7.58 -13.88 -29.76
C THR L 208 -6.89 -14.43 -30.99
N SER L 209 -7.01 -13.70 -32.09
CA SER L 209 -6.37 -14.01 -33.36
C SER L 209 -4.86 -13.97 -33.29
N ARG L 210 -4.32 -13.67 -32.10
CA ARG L 210 -2.99 -13.09 -31.95
C ARG L 210 -1.94 -13.77 -32.81
N SER L 211 -1.98 -15.09 -32.92
CA SER L 211 -1.09 -15.75 -33.85
C SER L 211 -1.39 -15.29 -35.26
N ASP L 212 -0.36 -14.79 -35.94
CA ASP L 212 -0.58 -13.91 -37.08
C ASP L 212 -1.38 -14.58 -38.17
N HIS L 213 -2.00 -13.75 -38.99
CA HIS L 213 -2.94 -14.17 -40.03
C HIS L 213 -2.19 -14.59 -41.27
N SER L 214 -0.88 -14.78 -41.11
CA SER L 214 0.03 -15.01 -42.22
C SER L 214 -0.55 -16.02 -43.20
N SER L 215 -0.47 -15.69 -44.48
CA SER L 215 -1.27 -16.35 -45.50
C SER L 215 -0.99 -17.84 -45.61
N ASN L 216 0.03 -18.33 -44.89
CA ASN L 216 0.31 -19.74 -45.00
C ASN L 216 -0.68 -20.50 -44.14
N ILE L 217 -1.61 -21.15 -44.83
CA ILE L 217 -2.66 -21.93 -44.20
C ILE L 217 -2.07 -23.11 -43.43
N LYS L 218 -1.05 -23.73 -44.01
CA LYS L 218 -0.45 -24.88 -43.37
C LYS L 218 0.16 -24.50 -42.03
N LEU L 219 0.92 -23.42 -42.01
CA LEU L 219 1.43 -22.95 -40.74
C LEU L 219 0.29 -22.68 -39.77
N ARG L 220 -0.74 -22.00 -40.25
CA ARG L 220 -1.69 -21.37 -39.35
C ARG L 220 -2.33 -22.37 -38.41
N ILE L 221 -2.88 -23.46 -38.97
CA ILE L 221 -3.51 -24.42 -38.08
C ILE L 221 -2.51 -24.91 -37.06
N HIS L 222 -1.29 -25.17 -37.51
CA HIS L 222 -0.34 -25.77 -36.58
C HIS L 222 -0.04 -24.82 -35.44
N SER L 223 -0.46 -23.56 -35.58
CA SER L 223 -0.48 -22.68 -34.42
C SER L 223 -1.68 -22.94 -33.55
N ILE L 224 -2.87 -23.00 -34.15
CA ILE L 224 -4.07 -23.32 -33.38
C ILE L 224 -3.87 -24.63 -32.67
N GLN L 225 -3.60 -25.67 -33.44
CA GLN L 225 -3.46 -27.00 -32.89
C GLN L 225 -2.52 -27.01 -31.71
N ALA L 226 -1.47 -26.21 -31.75
CA ALA L 226 -0.70 -25.98 -30.54
C ALA L 226 -1.58 -25.41 -29.45
N GLU L 227 -2.03 -24.17 -29.64
CA GLU L 227 -2.76 -23.46 -28.59
C GLU L 227 -3.82 -24.35 -27.98
N LEU L 228 -4.46 -25.16 -28.80
CA LEU L 228 -5.39 -26.14 -28.27
C LEU L 228 -4.68 -27.15 -27.37
N ARG L 229 -3.67 -27.84 -27.92
CA ARG L 229 -3.11 -29.00 -27.25
C ARG L 229 -2.81 -28.69 -25.80
N ARG L 230 -2.11 -27.59 -25.55
CA ARG L 230 -1.85 -27.23 -24.17
C ARG L 230 -3.14 -27.13 -23.39
N LEU L 231 -4.03 -26.26 -23.83
CA LEU L 231 -5.21 -25.95 -23.05
C LEU L 231 -5.97 -27.20 -22.67
N LEU L 232 -6.15 -28.11 -23.61
CA LEU L 232 -6.95 -29.29 -23.35
C LEU L 232 -6.40 -30.07 -22.17
N LYS L 233 -5.25 -30.71 -22.35
CA LYS L 233 -4.73 -31.54 -21.29
C LYS L 233 -4.34 -30.75 -20.05
N SER L 234 -4.25 -29.43 -20.18
CA SER L 234 -3.77 -28.62 -19.07
C SER L 234 -4.63 -28.80 -17.84
N LYS L 235 -5.81 -28.26 -17.87
CA LYS L 235 -6.54 -27.96 -16.66
C LYS L 235 -7.57 -29.05 -16.41
N PRO L 236 -8.37 -28.93 -15.38
CA PRO L 236 -9.69 -29.55 -15.42
C PRO L 236 -10.28 -29.18 -16.77
N TYR L 237 -11.07 -30.07 -17.36
CA TYR L 237 -10.87 -30.57 -18.72
C TYR L 237 -9.75 -31.59 -18.80
N GLU L 238 -9.44 -32.29 -17.72
CA GLU L 238 -8.38 -33.30 -17.84
C GLU L 238 -8.92 -34.53 -18.54
N ASN L 239 -10.15 -34.89 -18.25
CA ASN L 239 -10.80 -36.02 -18.90
C ASN L 239 -11.92 -35.47 -19.75
N CYS L 240 -11.71 -35.44 -21.05
CA CYS L 240 -12.77 -35.09 -21.98
C CYS L 240 -12.70 -36.11 -23.08
N LEU L 241 -13.71 -36.16 -23.93
CA LEU L 241 -13.56 -36.86 -25.18
C LEU L 241 -14.13 -36.03 -26.29
N LEU L 242 -13.33 -35.83 -27.32
CA LEU L 242 -13.89 -35.46 -28.59
C LEU L 242 -14.71 -36.62 -29.10
N VAL L 243 -15.57 -36.35 -30.06
CA VAL L 243 -16.15 -37.40 -30.85
C VAL L 243 -16.10 -36.95 -32.28
N LEU L 244 -15.80 -37.84 -33.17
CA LEU L 244 -15.71 -37.50 -34.58
C LEU L 244 -16.70 -38.38 -35.32
N LEU L 245 -17.62 -37.76 -36.01
CA LEU L 245 -18.57 -38.52 -36.77
C LEU L 245 -18.21 -38.44 -38.23
N ASN L 246 -18.18 -39.59 -38.89
CA ASN L 246 -17.95 -39.66 -40.32
C ASN L 246 -16.58 -39.11 -40.69
N VAL L 247 -15.56 -39.62 -40.03
CA VAL L 247 -14.21 -39.21 -40.42
C VAL L 247 -14.03 -39.52 -41.89
N GLN L 248 -13.80 -38.48 -42.69
CA GLN L 248 -13.68 -38.66 -44.13
C GLN L 248 -12.27 -38.58 -44.75
N ASN L 249 -11.33 -38.03 -44.01
CA ASN L 249 -9.96 -37.91 -44.51
C ASN L 249 -9.02 -38.70 -43.63
N ALA L 250 -8.20 -39.55 -44.25
CA ALA L 250 -7.33 -40.31 -43.47
C ALA L 250 -6.37 -39.53 -42.86
N ALA L 252 -7.01 -35.96 -41.97
CA ALA L 252 -7.89 -35.35 -41.10
C ALA L 252 -7.46 -35.79 -39.79
N TRP L 253 -7.92 -37.10 -39.61
CA TRP L 253 -7.50 -37.56 -38.30
C TRP L 253 -6.40 -36.67 -37.74
N ASN L 254 -5.24 -36.67 -38.40
CA ASN L 254 -4.05 -36.09 -37.82
C ASN L 254 -4.23 -34.63 -37.47
N ALA L 255 -5.30 -34.03 -37.95
CA ALA L 255 -5.71 -32.76 -37.39
C ALA L 255 -5.73 -32.88 -35.88
N PHE L 256 -6.59 -33.76 -35.37
CA PHE L 256 -7.03 -33.68 -33.99
C PHE L 256 -6.20 -34.50 -33.02
N ASN L 257 -5.11 -35.10 -33.49
CA ASN L 257 -4.34 -36.09 -32.73
C ASN L 257 -4.11 -35.66 -31.29
N LEU L 258 -3.89 -34.36 -31.11
CA LEU L 258 -3.37 -33.80 -29.87
C LEU L 258 -4.11 -34.29 -28.62
N SER L 259 -5.37 -34.67 -28.77
CA SER L 259 -6.27 -34.73 -27.64
C SER L 259 -6.07 -35.99 -26.85
N CYS L 260 -7.07 -36.27 -26.04
CA CYS L 260 -7.23 -37.52 -25.37
C CYS L 260 -8.58 -38.13 -25.69
N LYS L 261 -8.68 -39.43 -25.45
CA LYS L 261 -9.96 -40.11 -25.31
C LYS L 261 -10.85 -39.98 -26.53
N ILE L 262 -10.32 -39.73 -27.71
CA ILE L 262 -11.23 -39.43 -28.79
C ILE L 262 -11.91 -40.71 -29.25
N LEU L 263 -12.80 -40.57 -30.22
CA LEU L 263 -13.66 -41.66 -30.66
C LEU L 263 -14.00 -41.45 -32.12
N LEU L 264 -14.18 -42.51 -32.86
CA LEU L 264 -14.34 -42.38 -34.30
C LEU L 264 -15.57 -43.10 -34.80
N THR L 265 -15.93 -42.75 -36.03
CA THR L 265 -16.88 -43.50 -36.81
C THR L 265 -16.39 -43.42 -38.24
N THR L 266 -16.37 -44.46 -38.90
CA THR L 266 -15.85 -44.40 -40.25
C THR L 266 -16.48 -45.43 -41.16
N ARG L 267 -16.81 -45.00 -42.36
CA ARG L 267 -17.13 -45.94 -43.43
C ARG L 267 -15.85 -46.58 -43.96
N PHE L 268 -14.89 -45.76 -44.34
CA PHE L 268 -13.85 -46.19 -45.25
C PHE L 268 -12.92 -47.21 -44.62
N LYS L 269 -12.65 -48.27 -45.36
CA LYS L 269 -11.69 -49.29 -44.98
C LYS L 269 -10.35 -48.67 -44.62
N GLN L 270 -9.89 -47.71 -45.41
CA GLN L 270 -8.52 -47.24 -45.25
C GLN L 270 -8.29 -46.60 -43.90
N VAL L 271 -9.34 -46.12 -43.24
CA VAL L 271 -9.15 -45.65 -41.87
C VAL L 271 -8.95 -46.83 -40.93
N THR L 272 -9.96 -47.67 -40.79
CA THR L 272 -9.86 -48.77 -39.84
C THR L 272 -8.64 -49.63 -40.09
N ASP L 273 -8.07 -49.56 -41.29
CA ASP L 273 -6.79 -50.20 -41.52
C ASP L 273 -5.65 -49.36 -41.01
N PHE L 274 -5.72 -48.04 -41.20
CA PHE L 274 -4.64 -47.14 -40.85
C PHE L 274 -4.34 -47.19 -39.36
N LEU L 275 -5.36 -47.26 -38.53
CA LEU L 275 -5.19 -47.52 -37.11
C LEU L 275 -4.81 -48.97 -36.89
N SER L 276 -4.28 -49.26 -35.72
CA SER L 276 -3.83 -50.61 -35.40
C SER L 276 -4.17 -50.96 -33.96
N ALA L 277 -4.47 -52.23 -33.72
CA ALA L 277 -5.01 -52.64 -32.43
C ALA L 277 -4.06 -52.32 -31.29
N ALA L 278 -2.80 -51.99 -31.59
CA ALA L 278 -1.86 -51.66 -30.55
C ALA L 278 -2.39 -50.52 -29.68
N THR L 279 -2.69 -49.38 -30.29
CA THR L 279 -3.11 -48.23 -29.49
C THR L 279 -4.61 -48.07 -29.47
N THR L 280 -5.35 -48.86 -30.23
CA THR L 280 -6.80 -48.67 -30.31
C THR L 280 -7.49 -50.02 -30.22
N THR L 281 -8.79 -49.96 -30.02
CA THR L 281 -9.65 -51.13 -30.14
C THR L 281 -10.48 -51.00 -31.41
N HIS L 282 -11.37 -51.96 -31.62
CA HIS L 282 -12.35 -51.88 -32.69
C HIS L 282 -13.73 -52.16 -32.14
N ILE L 283 -14.74 -51.64 -32.81
CA ILE L 283 -16.09 -52.16 -32.79
C ILE L 283 -16.57 -52.24 -34.22
N SER L 284 -16.80 -53.45 -34.71
CA SER L 284 -17.31 -53.58 -36.05
C SER L 284 -18.81 -53.76 -35.96
N LEU L 285 -19.55 -53.13 -36.86
CA LEU L 285 -20.98 -53.42 -36.88
C LEU L 285 -21.38 -54.41 -37.96
N ASP L 286 -20.45 -54.90 -38.77
CA ASP L 286 -20.77 -55.91 -39.76
C ASP L 286 -20.79 -57.31 -39.14
N HIS L 287 -19.94 -57.51 -38.13
CA HIS L 287 -19.79 -58.79 -37.49
C HIS L 287 -21.16 -59.28 -37.06
N HIS L 288 -21.51 -60.47 -37.54
CA HIS L 288 -22.91 -60.86 -37.59
C HIS L 288 -23.54 -60.88 -36.20
N SER L 289 -22.74 -61.12 -35.17
CA SER L 289 -23.30 -61.15 -33.83
C SER L 289 -23.72 -59.77 -33.37
N MET L 290 -23.19 -58.73 -34.00
CA MET L 290 -23.43 -57.38 -33.51
C MET L 290 -24.74 -56.82 -34.03
N THR L 291 -25.29 -57.41 -35.08
CA THR L 291 -26.26 -56.68 -35.88
C THR L 291 -27.74 -57.09 -35.83
N LEU L 292 -28.67 -56.22 -35.24
CA LEU L 292 -30.12 -56.25 -35.43
C LEU L 292 -30.65 -57.68 -35.40
N THR L 293 -30.71 -58.20 -34.19
CA THR L 293 -31.49 -59.39 -33.91
C THR L 293 -32.86 -59.22 -34.53
N PRO L 294 -33.33 -60.17 -35.32
CA PRO L 294 -34.62 -59.98 -36.01
C PRO L 294 -35.73 -59.58 -35.07
N ASP L 295 -35.59 -59.92 -33.79
CA ASP L 295 -36.53 -59.40 -32.80
C ASP L 295 -36.48 -57.89 -32.72
N GLU L 296 -35.29 -57.31 -32.91
CA GLU L 296 -35.19 -55.87 -32.87
C GLU L 296 -35.98 -55.22 -33.98
N VAL L 297 -35.79 -55.70 -35.20
CA VAL L 297 -36.44 -55.10 -36.35
C VAL L 297 -37.92 -54.90 -36.07
N LYS L 298 -38.54 -55.86 -35.41
CA LYS L 298 -39.90 -55.67 -34.95
C LYS L 298 -40.06 -54.36 -34.23
N SER L 299 -39.26 -54.14 -33.19
CA SER L 299 -39.45 -52.94 -32.38
C SER L 299 -39.20 -51.68 -33.21
N LEU L 300 -38.08 -51.63 -33.93
CA LEU L 300 -37.84 -50.46 -34.76
C LEU L 300 -38.93 -50.27 -35.79
N LEU L 301 -39.17 -51.29 -36.60
CA LEU L 301 -40.16 -51.14 -37.66
C LEU L 301 -41.53 -50.86 -37.07
N LEU L 302 -41.67 -51.06 -35.77
CA LEU L 302 -42.94 -50.74 -35.12
C LEU L 302 -43.14 -49.24 -35.05
N LYS L 303 -42.19 -48.53 -34.47
CA LYS L 303 -42.44 -47.16 -34.01
C LYS L 303 -42.83 -46.24 -35.16
N TYR L 304 -42.49 -46.61 -36.38
CA TYR L 304 -42.95 -45.80 -37.50
C TYR L 304 -44.38 -46.12 -37.87
N LEU L 305 -44.72 -47.40 -37.98
CA LEU L 305 -46.03 -47.73 -38.50
C LEU L 305 -47.15 -47.58 -37.48
N ASP L 306 -46.85 -47.69 -36.19
CA ASP L 306 -47.84 -47.48 -35.14
C ASP L 306 -49.01 -48.43 -35.28
N CYS L 307 -48.70 -49.72 -35.34
CA CYS L 307 -49.72 -50.75 -35.52
C CYS L 307 -49.29 -52.02 -34.81
N ARG L 308 -50.26 -52.83 -34.51
CA ARG L 308 -50.08 -54.01 -33.68
C ARG L 308 -49.06 -54.95 -34.33
N PRO L 309 -48.46 -55.86 -33.54
CA PRO L 309 -47.50 -56.80 -34.11
C PRO L 309 -48.09 -57.71 -35.16
N GLN L 310 -49.41 -57.83 -35.23
CA GLN L 310 -50.02 -58.51 -36.36
C GLN L 310 -49.75 -57.78 -37.66
N ASP L 311 -49.48 -56.48 -37.59
CA ASP L 311 -49.25 -55.64 -38.75
C ASP L 311 -47.78 -55.55 -39.14
N LEU L 312 -46.94 -56.36 -38.50
CA LEU L 312 -45.52 -56.42 -38.77
C LEU L 312 -45.21 -57.12 -40.10
N PRO L 313 -44.10 -56.65 -40.79
CA PRO L 313 -43.84 -57.35 -42.08
C PRO L 313 -43.36 -58.79 -41.92
N ARG L 314 -43.70 -59.64 -42.89
CA ARG L 314 -43.29 -61.05 -42.88
C ARG L 314 -42.44 -61.39 -44.10
N GLU L 315 -41.33 -62.09 -43.88
CA GLU L 315 -40.43 -62.44 -44.98
C GLU L 315 -38.99 -61.92 -44.78
N VAL L 316 -38.81 -61.10 -43.75
CA VAL L 316 -37.51 -60.51 -43.37
C VAL L 316 -36.83 -59.67 -44.46
N LEU L 317 -36.98 -58.36 -44.33
CA LEU L 317 -36.41 -57.36 -45.23
C LEU L 317 -34.91 -57.07 -45.32
N THR L 318 -34.20 -57.08 -44.19
CA THR L 318 -32.80 -56.69 -44.18
C THR L 318 -32.46 -56.29 -42.76
N THR L 319 -31.19 -56.24 -42.31
CA THR L 319 -30.78 -55.48 -41.15
C THR L 319 -29.80 -54.44 -41.66
N ASN L 320 -30.30 -53.23 -41.82
CA ASN L 320 -29.50 -52.05 -41.77
C ASN L 320 -30.56 -51.13 -41.21
N PRO L 321 -30.23 -50.28 -40.28
CA PRO L 321 -31.21 -49.26 -39.91
C PRO L 321 -31.49 -48.33 -41.06
N ARG L 322 -30.44 -47.82 -41.69
CA ARG L 322 -30.69 -47.13 -42.93
C ARG L 322 -31.29 -48.10 -43.92
N ARG L 323 -32.11 -47.56 -44.82
CA ARG L 323 -32.89 -48.34 -45.78
C ARG L 323 -33.95 -49.13 -45.06
N LEU L 324 -33.80 -49.31 -43.77
CA LEU L 324 -34.97 -49.84 -43.10
C LEU L 324 -35.94 -48.72 -42.81
N SER L 325 -35.41 -47.59 -42.35
CA SER L 325 -36.28 -46.45 -42.13
C SER L 325 -37.01 -46.05 -43.39
N ILE L 326 -36.28 -45.84 -44.48
CA ILE L 326 -36.91 -45.37 -45.71
C ILE L 326 -38.14 -46.20 -46.02
N ILE L 327 -38.03 -47.52 -45.92
CA ILE L 327 -39.21 -48.35 -45.99
C ILE L 327 -40.22 -47.91 -44.95
N ALA L 328 -39.84 -48.04 -43.68
CA ALA L 328 -40.75 -47.73 -42.59
C ALA L 328 -41.37 -46.37 -42.77
N GLU L 329 -40.60 -45.42 -43.29
CA GLU L 329 -41.15 -44.09 -43.48
C GLU L 329 -42.05 -44.03 -44.69
N SER L 330 -41.61 -44.61 -45.80
CA SER L 330 -42.41 -44.54 -47.01
C SER L 330 -43.80 -45.08 -46.80
N ILE L 331 -43.96 -46.00 -45.85
CA ILE L 331 -45.28 -46.56 -45.63
C ILE L 331 -46.12 -45.66 -44.76
N ARG L 332 -45.56 -45.11 -43.70
CA ARG L 332 -46.36 -44.23 -42.85
C ARG L 332 -46.90 -43.05 -43.64
N ASP L 333 -46.32 -42.78 -44.80
CA ASP L 333 -46.78 -41.65 -45.58
C ASP L 333 -47.07 -42.02 -47.02
N GLY L 334 -46.02 -42.30 -47.77
CA GLY L 334 -46.11 -42.30 -49.21
C GLY L 334 -46.65 -43.62 -49.72
N LEU L 335 -46.16 -44.00 -50.89
CA LEU L 335 -46.63 -45.20 -51.54
C LEU L 335 -45.97 -46.44 -50.93
N ALA L 336 -46.09 -47.55 -51.66
CA ALA L 336 -45.53 -48.88 -51.45
C ALA L 336 -46.43 -49.79 -50.61
N THR L 337 -47.52 -49.28 -50.03
CA THR L 337 -48.58 -50.13 -49.51
C THR L 337 -48.08 -51.03 -48.39
N TRP L 338 -46.77 -50.99 -48.17
CA TRP L 338 -45.99 -51.92 -47.37
C TRP L 338 -45.97 -53.28 -48.04
N ASP L 339 -46.88 -53.51 -48.97
CA ASP L 339 -46.88 -54.73 -49.75
C ASP L 339 -46.38 -54.53 -51.17
N ASN L 340 -46.10 -53.29 -51.59
CA ASN L 340 -45.82 -53.02 -52.99
C ASN L 340 -44.33 -53.12 -53.34
N TRP L 341 -43.60 -52.35 -52.55
CA TRP L 341 -42.22 -51.96 -52.64
C TRP L 341 -41.23 -52.72 -53.49
N LYS L 342 -41.01 -52.08 -54.63
CA LYS L 342 -40.05 -52.39 -55.66
C LYS L 342 -39.35 -51.03 -55.79
N HIS L 343 -40.17 -49.98 -55.90
CA HIS L 343 -39.71 -48.60 -56.01
C HIS L 343 -38.98 -48.11 -54.76
N VAL L 344 -39.50 -48.41 -53.57
CA VAL L 344 -38.77 -47.98 -52.37
C VAL L 344 -38.17 -46.59 -52.59
N ASN L 345 -39.03 -45.58 -52.73
CA ASN L 345 -38.69 -44.18 -52.46
C ASN L 345 -37.31 -43.84 -53.00
N CYS L 346 -37.10 -44.21 -54.27
CA CYS L 346 -35.75 -44.24 -54.82
C CYS L 346 -34.97 -42.99 -54.46
N ASP L 347 -35.62 -41.83 -54.48
CA ASP L 347 -34.94 -40.55 -54.31
C ASP L 347 -34.03 -40.54 -53.08
N LYS L 348 -34.61 -40.60 -51.88
CA LYS L 348 -33.79 -40.61 -50.68
C LYS L 348 -32.78 -41.73 -50.72
N LEU L 349 -33.26 -42.95 -50.96
CA LEU L 349 -32.35 -44.06 -51.16
C LEU L 349 -31.27 -43.71 -52.18
N THR L 350 -31.67 -43.16 -53.32
CA THR L 350 -30.68 -42.67 -54.27
C THR L 350 -29.85 -41.55 -53.68
N THR L 351 -30.50 -40.46 -53.27
CA THR L 351 -29.76 -39.25 -52.91
C THR L 351 -28.72 -39.56 -51.85
N ILE L 352 -28.99 -40.54 -50.99
CA ILE L 352 -27.98 -40.98 -50.04
C ILE L 352 -26.93 -41.83 -50.72
N ILE L 353 -27.36 -42.84 -51.48
CA ILE L 353 -26.38 -43.72 -52.09
C ILE L 353 -25.61 -42.99 -53.17
N GLU L 354 -26.26 -42.04 -53.84
CA GLU L 354 -25.60 -41.40 -54.96
C GLU L 354 -24.38 -40.62 -54.52
N SER L 355 -24.57 -39.63 -53.66
CA SER L 355 -23.43 -38.86 -53.19
C SER L 355 -22.41 -39.76 -52.54
N SER L 356 -22.88 -40.85 -51.92
CA SER L 356 -21.99 -41.77 -51.23
C SER L 356 -20.98 -42.36 -52.19
N LEU L 357 -21.27 -42.31 -53.49
CA LEU L 357 -20.30 -42.79 -54.46
C LEU L 357 -19.47 -41.67 -55.03
N ASN L 358 -19.74 -40.43 -54.64
CA ASN L 358 -19.13 -39.29 -55.31
C ASN L 358 -17.62 -39.25 -55.17
N VAL L 359 -17.04 -40.16 -54.39
CA VAL L 359 -15.62 -40.06 -54.10
C VAL L 359 -14.77 -40.43 -55.30
N LEU L 360 -15.26 -41.32 -56.15
CA LEU L 360 -14.41 -42.02 -57.10
C LEU L 360 -14.05 -41.16 -58.31
N GLU L 361 -13.01 -41.59 -59.03
CA GLU L 361 -12.61 -41.01 -60.31
C GLU L 361 -13.61 -41.40 -61.39
N PRO L 362 -14.33 -40.44 -61.95
CA PRO L 362 -15.58 -40.80 -62.66
C PRO L 362 -15.37 -41.70 -63.88
N ALA L 363 -14.48 -41.32 -64.78
CA ALA L 363 -14.29 -42.14 -65.97
C ALA L 363 -13.39 -43.31 -65.64
N GLU L 364 -12.33 -43.05 -64.89
CA GLU L 364 -11.48 -44.09 -64.36
C GLU L 364 -12.27 -45.17 -63.63
N TYR L 365 -13.30 -44.79 -62.88
CA TYR L 365 -13.96 -45.74 -62.01
C TYR L 365 -15.48 -45.76 -62.17
N ARG L 366 -16.16 -44.64 -61.92
CA ARG L 366 -17.62 -44.71 -61.88
C ARG L 366 -18.19 -45.36 -63.13
N LYS L 367 -17.47 -45.32 -64.24
CA LYS L 367 -17.84 -46.18 -65.36
C LYS L 367 -17.93 -47.63 -64.92
N MET L 368 -17.15 -48.02 -63.93
CA MET L 368 -16.92 -49.44 -63.70
C MET L 368 -18.01 -50.12 -62.90
N PHE L 369 -18.57 -49.46 -61.88
CA PHE L 369 -19.79 -49.98 -61.27
C PHE L 369 -20.82 -50.31 -62.32
N ASP L 370 -21.07 -49.38 -63.23
CA ASP L 370 -22.06 -49.57 -64.27
C ASP L 370 -21.92 -50.93 -64.90
N ARG L 371 -20.69 -51.38 -65.07
CA ARG L 371 -20.47 -52.75 -65.49
C ARG L 371 -21.04 -53.74 -64.49
N LEU L 372 -20.76 -53.54 -63.21
CA LEU L 372 -21.07 -54.56 -62.22
C LEU L 372 -22.54 -54.96 -62.20
N SER L 373 -23.42 -54.15 -62.79
CA SER L 373 -24.83 -54.54 -62.84
C SER L 373 -25.03 -55.82 -63.62
N VAL L 374 -24.02 -56.24 -64.39
CA VAL L 374 -24.07 -57.50 -65.11
C VAL L 374 -24.44 -58.65 -64.20
N PHE L 375 -24.09 -58.57 -62.97
CA PHE L 375 -24.04 -59.78 -62.17
C PHE L 375 -25.36 -60.03 -61.45
N PRO L 376 -25.78 -61.29 -61.39
CA PRO L 376 -26.93 -61.66 -60.56
C PRO L 376 -26.61 -61.47 -59.10
N PRO L 377 -27.54 -60.92 -58.32
CA PRO L 377 -27.21 -60.46 -56.96
C PRO L 377 -26.71 -61.58 -56.06
N SER L 378 -26.02 -61.16 -54.99
CA SER L 378 -25.63 -61.95 -53.83
C SER L 378 -24.56 -63.01 -54.09
N ALA L 379 -24.15 -63.24 -55.33
CA ALA L 379 -23.24 -64.33 -55.63
C ALA L 379 -21.79 -63.91 -55.36
N HIS L 380 -20.87 -64.75 -55.82
CA HIS L 380 -19.46 -64.40 -55.90
C HIS L 380 -19.07 -64.30 -57.37
N ILE L 381 -18.10 -63.45 -57.65
CA ILE L 381 -17.62 -63.27 -59.01
C ILE L 381 -16.14 -63.60 -59.07
N PRO L 382 -15.73 -64.56 -59.88
CA PRO L 382 -14.30 -64.83 -60.06
C PRO L 382 -13.59 -63.60 -60.61
N THR L 383 -12.50 -63.21 -59.92
CA THR L 383 -11.71 -62.10 -60.41
C THR L 383 -11.21 -62.32 -61.82
N ILE L 384 -10.71 -63.52 -62.12
CA ILE L 384 -10.30 -63.84 -63.48
C ILE L 384 -11.42 -63.49 -64.46
N LEU L 385 -12.64 -63.90 -64.15
CA LEU L 385 -13.77 -63.55 -64.99
C LEU L 385 -13.91 -62.05 -65.10
N LEU L 386 -13.69 -61.33 -64.00
CA LEU L 386 -13.83 -59.88 -63.99
C LEU L 386 -12.97 -59.23 -65.06
N SER L 387 -11.90 -59.90 -65.48
CA SER L 387 -10.98 -59.28 -66.43
C SER L 387 -11.68 -58.91 -67.73
N LEU L 388 -12.69 -59.67 -68.12
CA LEU L 388 -13.33 -59.44 -69.41
C LEU L 388 -14.08 -58.13 -69.45
N ILE L 389 -14.87 -57.85 -68.43
CA ILE L 389 -15.89 -56.81 -68.45
C ILE L 389 -15.35 -55.50 -68.97
N TRP L 390 -14.41 -54.90 -68.24
CA TRP L 390 -14.04 -53.54 -68.61
C TRP L 390 -13.21 -53.51 -69.86
N PHE L 391 -11.96 -53.94 -69.75
CA PHE L 391 -11.03 -53.90 -70.86
C PHE L 391 -10.86 -52.48 -71.39
N ASP L 392 -11.23 -51.49 -70.58
CA ASP L 392 -10.87 -50.10 -70.86
C ASP L 392 -9.48 -49.79 -70.32
N VAL L 393 -9.19 -50.25 -69.11
CA VAL L 393 -7.82 -50.32 -68.59
C VAL L 393 -7.50 -51.79 -68.42
N ILE L 394 -6.20 -52.11 -68.50
CA ILE L 394 -5.77 -53.42 -68.96
C ILE L 394 -4.92 -54.13 -67.91
N LYS L 395 -4.83 -55.45 -68.06
CA LYS L 395 -3.86 -56.35 -67.44
C LYS L 395 -4.05 -56.37 -65.91
N SER L 396 -2.97 -56.28 -65.13
CA SER L 396 -3.03 -56.43 -63.68
C SER L 396 -3.92 -55.40 -63.03
N ASP L 397 -4.29 -54.34 -63.76
CA ASP L 397 -5.09 -53.29 -63.17
C ASP L 397 -6.34 -53.85 -62.50
N VAL L 398 -6.82 -55.00 -62.96
CA VAL L 398 -7.92 -55.68 -62.29
C VAL L 398 -7.70 -55.72 -60.79
N MET L 399 -6.70 -56.46 -60.34
CA MET L 399 -6.42 -56.50 -58.92
C MET L 399 -6.10 -55.11 -58.40
N VAL L 400 -5.48 -54.27 -59.22
CA VAL L 400 -5.27 -52.88 -58.81
C VAL L 400 -6.62 -52.20 -58.61
N VAL L 401 -7.53 -52.38 -59.56
CA VAL L 401 -8.84 -51.76 -59.42
C VAL L 401 -9.50 -52.20 -58.12
N VAL L 402 -9.80 -53.50 -57.99
CA VAL L 402 -10.57 -53.95 -56.85
C VAL L 402 -9.99 -53.37 -55.57
N ASN L 403 -8.67 -53.46 -55.42
CA ASN L 403 -8.04 -52.82 -54.28
C ASN L 403 -8.39 -51.35 -54.24
N LYS L 404 -7.99 -50.60 -55.26
CA LYS L 404 -8.32 -49.18 -55.32
C LYS L 404 -9.80 -48.97 -55.07
N LEU L 405 -10.61 -49.90 -55.54
CA LEU L 405 -12.02 -49.86 -55.21
C LEU L 405 -12.23 -50.30 -53.77
N HIS L 406 -11.70 -51.46 -53.41
CA HIS L 406 -12.00 -52.08 -52.13
C HIS L 406 -11.78 -51.14 -50.96
N LYS L 407 -10.75 -50.29 -51.03
CA LYS L 407 -10.46 -49.43 -49.89
C LYS L 407 -11.66 -48.61 -49.50
N TYR L 408 -12.48 -48.23 -50.47
CA TYR L 408 -13.75 -47.62 -50.13
C TYR L 408 -14.72 -48.69 -49.69
N SER L 409 -15.47 -48.42 -48.63
CA SER L 409 -15.99 -49.48 -47.80
C SER L 409 -16.80 -50.47 -48.62
N LEU L 410 -16.34 -51.71 -48.65
CA LEU L 410 -16.98 -52.85 -49.29
C LEU L 410 -17.62 -52.44 -50.61
N VAL L 411 -17.11 -51.41 -51.25
CA VAL L 411 -17.70 -51.08 -52.54
C VAL L 411 -17.32 -52.18 -53.51
N GLU L 412 -16.22 -52.86 -53.26
CA GLU L 412 -16.01 -54.18 -53.84
C GLU L 412 -16.54 -55.31 -52.96
N LYS L 413 -16.27 -55.27 -51.65
CA LYS L 413 -16.57 -56.36 -50.71
C LYS L 413 -15.76 -57.63 -51.01
N GLN L 414 -14.49 -57.59 -50.61
CA GLN L 414 -13.57 -58.74 -50.76
C GLN L 414 -14.06 -59.98 -50.02
N PRO L 415 -13.81 -61.08 -50.96
CA PRO L 415 -13.85 -62.42 -50.36
C PRO L 415 -12.44 -62.94 -50.14
N LYS L 416 -11.52 -62.48 -50.99
CA LYS L 416 -10.10 -62.85 -51.00
C LYS L 416 -9.79 -64.31 -51.36
N GLU L 417 -10.68 -64.98 -52.10
CA GLU L 417 -10.25 -66.17 -52.83
C GLU L 417 -10.68 -66.13 -54.30
N SER L 418 -9.68 -65.93 -55.17
CA SER L 418 -9.81 -66.01 -56.63
C SER L 418 -11.07 -65.35 -57.20
N THR L 419 -11.56 -64.31 -56.53
CA THR L 419 -12.87 -63.72 -56.83
C THR L 419 -13.04 -62.31 -56.26
N ILE L 420 -14.22 -61.75 -56.52
CA ILE L 420 -14.70 -60.55 -55.85
C ILE L 420 -16.13 -60.85 -55.41
N SER L 421 -16.63 -60.08 -54.45
CA SER L 421 -17.99 -60.31 -53.95
C SER L 421 -18.87 -59.07 -54.11
N ILE L 422 -20.17 -59.27 -54.23
CA ILE L 422 -21.04 -58.12 -54.44
C ILE L 422 -20.78 -57.09 -53.36
N PRO L 423 -20.74 -55.76 -53.80
CA PRO L 423 -20.46 -54.79 -52.73
C PRO L 423 -21.54 -54.90 -51.67
N SER L 424 -22.78 -55.05 -52.12
CA SER L 424 -23.86 -55.22 -51.17
C SER L 424 -25.14 -55.12 -51.98
N ILE L 425 -26.27 -55.17 -51.29
CA ILE L 425 -27.51 -54.82 -51.94
C ILE L 425 -27.49 -53.37 -52.38
N TYR L 426 -27.05 -52.47 -51.50
CA TYR L 426 -27.14 -51.04 -51.75
C TYR L 426 -26.48 -50.62 -53.03
N LEU L 427 -25.15 -50.66 -53.03
CA LEU L 427 -24.43 -50.14 -54.17
C LEU L 427 -24.85 -50.88 -55.44
N GLU L 428 -25.54 -52.00 -55.28
CA GLU L 428 -26.31 -52.61 -56.36
C GLU L 428 -27.68 -51.96 -56.52
N LEU L 429 -28.29 -52.06 -55.38
CA LEU L 429 -29.72 -51.78 -55.44
C LEU L 429 -30.05 -50.50 -56.21
N LYS L 430 -29.09 -49.61 -56.43
CA LYS L 430 -29.41 -48.24 -56.79
C LYS L 430 -30.34 -48.14 -58.00
N VAL L 431 -29.82 -48.32 -59.21
CA VAL L 431 -30.66 -48.19 -60.41
C VAL L 431 -30.15 -49.04 -61.55
N LYS L 432 -31.08 -49.66 -62.29
CA LYS L 432 -31.16 -49.47 -63.73
C LYS L 432 -29.81 -49.39 -64.43
N LEU L 433 -29.21 -50.56 -64.68
CA LEU L 433 -27.86 -50.71 -65.20
C LEU L 433 -27.49 -49.74 -66.32
N GLU L 434 -28.43 -49.41 -67.21
CA GLU L 434 -28.13 -48.58 -68.37
C GLU L 434 -27.00 -49.19 -69.18
N ASN L 435 -25.87 -48.48 -69.23
CA ASN L 435 -24.62 -49.00 -69.75
C ASN L 435 -24.71 -49.21 -71.26
N GLU L 436 -25.92 -49.06 -71.79
CA GLU L 436 -26.17 -48.93 -73.23
C GLU L 436 -25.62 -50.15 -73.96
N TYR L 437 -24.63 -50.01 -74.83
CA TYR L 437 -24.17 -51.08 -75.70
C TYR L 437 -23.87 -52.37 -74.95
N ALA L 438 -23.54 -52.27 -73.66
CA ALA L 438 -22.83 -53.32 -72.96
C ALA L 438 -23.47 -54.69 -73.16
N LEU L 439 -24.79 -54.77 -73.00
CA LEU L 439 -25.44 -56.03 -72.61
C LEU L 439 -24.98 -57.24 -73.40
N HIS L 440 -25.41 -57.38 -74.66
CA HIS L 440 -25.15 -58.60 -75.41
C HIS L 440 -23.69 -59.02 -75.36
N ARG L 441 -22.81 -58.24 -76.00
CA ARG L 441 -21.40 -58.58 -76.04
C ARG L 441 -20.82 -58.84 -74.65
N SER L 442 -21.19 -58.00 -73.68
CA SER L 442 -20.68 -58.20 -72.32
C SER L 442 -21.28 -59.44 -71.69
N ILE L 443 -22.65 -59.61 -71.81
CA ILE L 443 -23.26 -60.88 -71.38
C ILE L 443 -22.86 -62.01 -72.30
N VAL L 444 -23.01 -61.82 -73.62
CA VAL L 444 -22.61 -62.83 -74.59
C VAL L 444 -21.14 -63.20 -74.46
N ASP L 445 -20.22 -62.27 -74.69
CA ASP L 445 -18.81 -62.64 -74.76
C ASP L 445 -18.31 -63.22 -73.45
N HIS L 446 -18.94 -62.85 -72.33
CA HIS L 446 -18.55 -63.43 -71.05
C HIS L 446 -18.94 -64.89 -70.96
N TYR L 447 -19.66 -65.39 -71.97
CA TYR L 447 -19.85 -66.82 -72.11
C TYR L 447 -18.55 -67.47 -72.56
N ASN L 448 -17.50 -66.68 -72.70
CA ASN L 448 -16.28 -67.09 -73.38
C ASN L 448 -15.82 -68.51 -73.02
N ILE L 449 -15.93 -68.87 -71.75
CA ILE L 449 -15.31 -70.11 -71.26
C ILE L 449 -15.83 -71.43 -71.92
N PRO L 450 -17.11 -71.80 -71.74
CA PRO L 450 -17.48 -73.21 -71.99
C PRO L 450 -17.28 -73.72 -73.41
N LYS L 451 -17.79 -73.03 -74.43
CA LYS L 451 -18.00 -73.66 -75.74
C LYS L 451 -16.75 -74.36 -76.27
N THR L 452 -15.68 -73.88 -75.68
CA THR L 452 -14.40 -74.55 -75.90
C THR L 452 -14.50 -76.02 -75.52
N PHE L 453 -14.70 -76.29 -74.23
CA PHE L 453 -14.94 -77.66 -73.80
C PHE L 453 -16.36 -78.08 -74.17
N ASP L 454 -16.49 -79.18 -74.91
CA ASP L 454 -17.83 -79.68 -75.17
C ASP L 454 -17.99 -81.10 -74.64
N SER L 455 -17.39 -82.09 -75.32
CA SER L 455 -17.55 -83.48 -74.96
C SER L 455 -16.19 -84.17 -74.93
N ASP L 456 -15.91 -84.86 -73.83
CA ASP L 456 -14.66 -85.58 -73.63
C ASP L 456 -14.81 -86.56 -72.47
N ASP L 457 -13.68 -87.16 -72.10
CA ASP L 457 -13.63 -88.13 -71.02
C ASP L 457 -13.69 -87.44 -69.66
N LEU L 458 -14.10 -88.20 -68.65
CA LEU L 458 -13.86 -87.88 -67.25
C LEU L 458 -14.51 -86.57 -66.82
N ILE L 459 -13.79 -85.75 -66.06
CA ILE L 459 -14.32 -84.56 -65.41
C ILE L 459 -13.70 -83.31 -66.01
N PRO L 460 -14.54 -82.47 -66.60
CA PRO L 460 -14.10 -81.28 -67.35
C PRO L 460 -13.51 -80.11 -66.58
N PRO L 461 -12.61 -79.33 -67.31
CA PRO L 461 -12.09 -78.19 -66.56
C PRO L 461 -13.14 -77.11 -66.76
N TYR L 462 -13.98 -77.01 -65.74
CA TYR L 462 -15.12 -76.11 -65.69
C TYR L 462 -15.03 -75.29 -64.42
N LEU L 463 -15.50 -74.05 -64.48
CA LEU L 463 -14.98 -73.02 -63.57
C LEU L 463 -15.76 -72.99 -62.28
N ASP L 464 -15.13 -73.48 -61.23
CA ASP L 464 -15.40 -73.28 -59.80
C ASP L 464 -16.87 -73.48 -59.49
N GLN L 465 -17.40 -72.70 -58.54
CA GLN L 465 -18.79 -72.76 -58.14
C GLN L 465 -19.65 -71.65 -58.73
N TYR L 466 -19.07 -70.72 -59.48
CA TYR L 466 -19.91 -69.69 -60.09
C TYR L 466 -20.63 -70.23 -61.31
N PHE L 467 -19.93 -70.90 -62.21
CA PHE L 467 -20.59 -71.35 -63.43
C PHE L 467 -21.76 -72.30 -63.29
N TYR L 468 -21.68 -73.18 -62.33
CA TYR L 468 -22.75 -74.13 -62.11
C TYR L 468 -24.04 -73.37 -61.80
N SER L 469 -23.93 -72.19 -61.19
CA SER L 469 -25.12 -71.47 -60.80
C SER L 469 -25.66 -70.63 -61.95
N HIS L 470 -25.00 -69.51 -62.23
CA HIS L 470 -25.64 -68.45 -62.98
C HIS L 470 -25.28 -68.44 -64.46
N ILE L 471 -24.49 -69.40 -64.92
CA ILE L 471 -24.08 -69.40 -66.33
C ILE L 471 -25.30 -69.24 -67.23
N GLY L 472 -26.43 -69.78 -66.81
CA GLY L 472 -27.65 -69.61 -67.58
C GLY L 472 -28.12 -68.17 -67.59
N HIS L 473 -27.88 -67.44 -66.51
CA HIS L 473 -28.23 -66.03 -66.56
C HIS L 473 -27.56 -65.33 -67.71
N HIS L 474 -26.27 -65.52 -67.87
CA HIS L 474 -25.61 -64.96 -69.04
C HIS L 474 -26.24 -65.44 -70.33
N LEU L 475 -26.83 -66.62 -70.33
CA LEU L 475 -27.56 -67.04 -71.50
C LEU L 475 -28.78 -66.17 -71.75
N LYS L 476 -29.32 -65.54 -70.71
CA LYS L 476 -30.54 -64.77 -70.85
C LYS L 476 -30.43 -63.74 -71.96
N ASN L 477 -29.24 -63.24 -72.23
CA ASN L 477 -29.03 -62.26 -73.29
C ASN L 477 -28.62 -62.90 -74.61
N ILE L 478 -28.61 -64.22 -74.71
CA ILE L 478 -28.04 -64.86 -75.89
C ILE L 478 -29.15 -65.54 -76.68
N GLU L 479 -28.80 -66.07 -77.85
CA GLU L 479 -29.75 -66.78 -78.69
C GLU L 479 -30.30 -68.01 -77.99
N HIS L 480 -31.61 -68.10 -77.91
CA HIS L 480 -32.28 -69.15 -77.15
C HIS L 480 -32.03 -70.52 -77.76
N PRO L 481 -32.28 -70.72 -79.07
CA PRO L 481 -31.90 -72.02 -79.64
C PRO L 481 -30.42 -72.30 -79.44
N GLU L 482 -29.60 -71.28 -79.64
CA GLU L 482 -28.18 -71.42 -79.36
C GLU L 482 -27.95 -71.78 -77.90
N ARG L 483 -28.82 -71.33 -77.00
CA ARG L 483 -28.68 -71.86 -75.65
C ARG L 483 -29.32 -73.23 -75.56
N MET L 484 -30.53 -73.40 -76.10
CA MET L 484 -31.22 -74.69 -75.99
C MET L 484 -30.32 -75.81 -76.48
N THR L 485 -29.48 -75.52 -77.46
CA THR L 485 -28.32 -76.36 -77.72
C THR L 485 -27.46 -76.51 -76.47
N LEU L 486 -26.82 -75.42 -76.06
CA LEU L 486 -25.82 -75.44 -75.00
C LEU L 486 -26.35 -75.09 -73.63
N PHE L 487 -27.67 -74.92 -73.47
CA PHE L 487 -28.19 -74.69 -72.14
C PHE L 487 -28.00 -75.92 -71.27
N ARG L 488 -27.72 -77.05 -71.89
CA ARG L 488 -27.33 -78.26 -71.19
C ARG L 488 -28.41 -78.75 -70.25
N MET L 489 -29.66 -78.31 -70.48
CA MET L 489 -30.78 -79.24 -70.32
C MET L 489 -30.48 -80.51 -71.10
N VAL L 490 -29.97 -80.32 -72.31
CA VAL L 490 -29.58 -81.43 -73.17
C VAL L 490 -28.45 -82.22 -72.53
N PHE L 491 -27.42 -81.54 -72.05
CA PHE L 491 -26.17 -82.22 -71.71
C PHE L 491 -26.30 -82.74 -70.29
N LEU L 492 -26.20 -84.06 -70.15
CA LEU L 492 -26.25 -84.71 -68.84
C LEU L 492 -24.89 -84.66 -68.15
N ASP L 493 -23.81 -84.57 -68.92
CA ASP L 493 -22.44 -84.58 -68.42
C ASP L 493 -22.19 -83.43 -67.45
N PHE L 494 -22.11 -82.20 -67.99
CA PHE L 494 -21.92 -81.01 -67.17
C PHE L 494 -22.92 -80.93 -66.04
N ARG L 495 -24.18 -81.23 -66.34
CA ARG L 495 -25.28 -80.74 -65.53
C ARG L 495 -25.21 -81.26 -64.10
N PHE L 496 -24.99 -82.56 -63.92
CA PHE L 496 -24.98 -83.15 -62.58
C PHE L 496 -23.91 -82.51 -61.70
N LEU L 497 -22.86 -82.00 -62.31
CA LEU L 497 -21.71 -81.52 -61.54
C LEU L 497 -22.06 -80.33 -60.67
N GLU L 498 -23.20 -79.71 -60.91
CA GLU L 498 -23.70 -78.68 -60.01
C GLU L 498 -23.90 -79.22 -58.59
N GLN L 499 -24.89 -80.09 -58.42
CA GLN L 499 -25.24 -80.65 -57.11
C GLN L 499 -24.14 -81.55 -56.55
N LYS L 500 -23.10 -81.80 -57.33
CA LYS L 500 -21.90 -82.46 -56.88
C LYS L 500 -21.47 -81.93 -55.51
N ILE L 501 -21.15 -80.64 -55.44
CA ILE L 501 -20.74 -79.97 -54.22
C ILE L 501 -21.86 -79.97 -53.19
N ARG L 502 -23.10 -80.09 -53.65
CA ARG L 502 -24.27 -79.91 -52.79
C ARG L 502 -24.43 -81.14 -51.90
N HIS L 503 -24.52 -80.88 -50.61
CA HIS L 503 -24.74 -81.92 -49.62
C HIS L 503 -25.65 -81.36 -48.53
N ASP L 504 -25.96 -82.21 -47.56
CA ASP L 504 -26.66 -81.76 -46.37
C ASP L 504 -25.78 -81.90 -45.15
N SER L 505 -25.80 -80.90 -44.30
CA SER L 505 -25.35 -81.10 -42.94
C SER L 505 -26.03 -82.30 -42.30
N THR L 506 -27.35 -82.42 -42.44
CA THR L 506 -28.14 -83.29 -41.58
C THR L 506 -29.06 -84.18 -42.39
N ALA L 507 -29.37 -85.35 -41.82
CA ALA L 507 -30.30 -86.35 -42.31
C ALA L 507 -30.09 -86.80 -43.75
N TRP L 508 -31.18 -87.09 -44.43
CA TRP L 508 -31.15 -87.56 -45.80
C TRP L 508 -31.50 -86.51 -46.83
N ASN L 509 -31.68 -85.28 -46.36
CA ASN L 509 -32.07 -84.11 -47.16
C ASN L 509 -30.99 -83.09 -47.55
N ALA L 510 -31.45 -81.90 -47.92
CA ALA L 510 -30.59 -80.79 -48.35
C ALA L 510 -30.53 -79.59 -47.40
N SER L 511 -29.32 -79.08 -47.20
CA SER L 511 -28.99 -77.94 -46.34
C SER L 511 -28.78 -78.43 -44.90
N GLY L 512 -29.08 -77.59 -43.94
CA GLY L 512 -28.22 -77.47 -42.80
C GLY L 512 -26.84 -77.03 -43.21
N SER L 513 -26.52 -77.19 -44.49
CA SER L 513 -25.35 -76.75 -45.20
C SER L 513 -25.80 -76.09 -46.49
N ILE L 514 -26.24 -76.91 -47.45
CA ILE L 514 -26.46 -76.47 -48.82
C ILE L 514 -27.66 -77.20 -49.44
N LEU L 515 -28.47 -76.48 -50.22
CA LEU L 515 -29.60 -77.13 -50.90
C LEU L 515 -29.09 -77.96 -52.07
N ASN L 516 -29.94 -78.87 -52.49
CA ASN L 516 -29.68 -79.76 -53.59
C ASN L 516 -30.90 -79.83 -54.50
N THR L 517 -31.10 -78.77 -55.30
CA THR L 517 -32.21 -78.63 -56.28
C THR L 517 -33.08 -77.36 -56.44
N LEU L 518 -34.01 -77.06 -55.53
CA LEU L 518 -34.92 -75.96 -55.86
C LEU L 518 -34.30 -74.94 -56.80
N GLN L 519 -33.07 -74.53 -56.51
CA GLN L 519 -32.34 -73.68 -57.43
C GLN L 519 -32.40 -74.33 -58.79
N GLN L 520 -31.84 -75.52 -58.87
CA GLN L 520 -32.05 -76.37 -60.03
C GLN L 520 -33.49 -76.29 -60.46
N LEU L 521 -34.39 -76.79 -59.62
CA LEU L 521 -35.80 -76.74 -59.95
C LEU L 521 -36.20 -75.35 -60.39
N LYS L 522 -35.79 -74.35 -59.62
CA LYS L 522 -36.17 -72.97 -59.93
C LYS L 522 -35.73 -72.59 -61.33
N PHE L 523 -34.60 -73.12 -61.79
CA PHE L 523 -34.22 -72.88 -63.19
C PHE L 523 -35.29 -73.41 -64.13
N TYR L 524 -35.99 -74.44 -63.72
CA TYR L 524 -36.67 -75.25 -64.72
C TYR L 524 -38.00 -74.65 -65.15
N LYS L 525 -38.57 -73.79 -64.33
CA LYS L 525 -39.76 -73.06 -64.78
C LYS L 525 -39.41 -72.03 -65.85
N PRO L 526 -38.48 -71.09 -65.64
CA PRO L 526 -38.27 -70.06 -66.66
C PRO L 526 -37.64 -70.60 -67.93
N TYR L 527 -36.67 -71.48 -67.82
CA TYR L 527 -35.71 -71.70 -68.90
C TYR L 527 -36.21 -72.65 -69.97
N ILE L 528 -37.48 -73.03 -69.90
CA ILE L 528 -38.13 -73.83 -70.94
C ILE L 528 -38.53 -72.92 -72.09
N CYS L 529 -38.03 -71.67 -72.08
CA CYS L 529 -38.57 -70.60 -72.91
C CYS L 529 -38.87 -71.03 -74.33
N ASP L 530 -37.92 -71.66 -75.02
CA ASP L 530 -38.14 -72.20 -76.35
C ASP L 530 -37.85 -73.69 -76.31
N ASN L 531 -38.89 -74.51 -76.41
CA ASN L 531 -38.76 -75.96 -76.44
C ASN L 531 -40.08 -76.58 -76.88
N ASP L 532 -40.09 -77.90 -76.99
CA ASP L 532 -41.24 -78.66 -77.47
C ASP L 532 -41.56 -79.77 -76.48
N PRO L 533 -42.67 -80.49 -76.64
CA PRO L 533 -42.99 -81.56 -75.67
C PRO L 533 -41.87 -82.54 -75.45
N LYS L 534 -41.07 -82.81 -76.49
CA LYS L 534 -39.89 -83.65 -76.35
C LYS L 534 -39.08 -83.19 -75.14
N TYR L 535 -38.48 -82.01 -75.26
CA TYR L 535 -37.65 -81.49 -74.19
C TYR L 535 -38.46 -81.24 -72.93
N GLU L 536 -39.72 -80.82 -73.10
CA GLU L 536 -40.52 -80.38 -71.96
C GLU L 536 -40.86 -81.54 -71.04
N ARG L 537 -41.44 -82.60 -71.61
CA ARG L 537 -41.68 -83.79 -70.81
C ARG L 537 -40.39 -84.44 -70.35
N LEU L 538 -39.33 -84.33 -71.15
CA LEU L 538 -38.01 -84.78 -70.74
C LEU L 538 -37.65 -84.22 -69.38
N VAL L 539 -37.70 -82.89 -69.23
CA VAL L 539 -37.48 -82.29 -67.93
C VAL L 539 -38.55 -82.74 -66.95
N ASN L 540 -39.81 -82.59 -67.34
CA ASN L 540 -40.92 -82.99 -66.47
C ASN L 540 -40.67 -84.36 -65.90
N ALA L 541 -40.27 -85.30 -66.74
CA ALA L 541 -39.66 -86.51 -66.25
C ALA L 541 -38.54 -86.22 -65.30
N ILE L 542 -37.42 -85.67 -65.79
CA ILE L 542 -36.19 -85.59 -65.00
C ILE L 542 -36.46 -85.05 -63.62
N LEU L 543 -37.51 -84.25 -63.48
CA LEU L 543 -38.00 -83.90 -62.17
C LEU L 543 -38.06 -85.12 -61.26
N ASP L 544 -38.47 -86.26 -61.80
CA ASP L 544 -38.45 -87.50 -61.05
C ASP L 544 -37.09 -87.83 -60.45
N PHE L 545 -36.04 -87.88 -61.26
CA PHE L 545 -34.74 -88.27 -60.74
C PHE L 545 -34.39 -87.43 -59.53
N LEU L 546 -34.86 -86.20 -59.53
CA LEU L 546 -34.38 -85.23 -58.57
C LEU L 546 -34.57 -85.69 -57.14
N PRO L 547 -35.78 -86.08 -56.70
CA PRO L 547 -35.82 -86.91 -55.50
C PRO L 547 -35.10 -88.21 -55.75
N LYS L 548 -35.43 -88.86 -56.85
CA LYS L 548 -35.04 -90.24 -57.08
C LYS L 548 -33.53 -90.41 -56.98
N ILE L 549 -32.76 -89.47 -57.53
CA ILE L 549 -31.32 -89.57 -57.43
C ILE L 549 -30.89 -89.66 -55.97
N GLU L 550 -29.82 -90.40 -55.75
CA GLU L 550 -29.25 -90.63 -54.44
C GLU L 550 -27.94 -89.87 -54.31
N GLU L 551 -27.71 -89.40 -53.09
CA GLU L 551 -26.40 -88.87 -52.76
C GLU L 551 -25.50 -89.98 -52.25
N ASN L 552 -24.22 -89.87 -52.59
CA ASN L 552 -23.35 -91.01 -52.80
C ASN L 552 -21.93 -90.56 -52.49
N LEU L 553 -20.95 -91.33 -52.92
CA LEU L 553 -19.71 -90.69 -53.31
C LEU L 553 -19.98 -89.87 -54.56
N ILE L 554 -19.68 -88.58 -54.48
CA ILE L 554 -20.21 -87.64 -55.47
C ILE L 554 -19.43 -87.79 -56.76
N CYS L 555 -20.14 -88.12 -57.83
CA CYS L 555 -19.61 -88.21 -59.19
C CYS L 555 -18.57 -89.31 -59.29
N SER L 556 -18.01 -89.71 -58.16
CA SER L 556 -17.32 -90.96 -58.09
C SER L 556 -18.39 -91.96 -57.75
N LYS L 557 -18.69 -92.83 -58.70
CA LYS L 557 -20.06 -93.26 -58.95
C LYS L 557 -20.90 -92.07 -59.40
N TYR L 558 -20.66 -91.69 -60.65
CA TYR L 558 -21.63 -91.01 -61.48
C TYR L 558 -22.35 -91.96 -62.42
N THR L 559 -22.03 -93.25 -62.35
CA THR L 559 -22.22 -94.19 -63.46
C THR L 559 -23.68 -94.55 -63.73
N ASP L 560 -24.66 -95.24 -62.86
CA ASP L 560 -26.09 -95.52 -62.79
C ASP L 560 -27.00 -94.45 -63.38
N LEU L 561 -26.74 -93.19 -63.04
CA LEU L 561 -27.60 -92.06 -63.44
C LEU L 561 -27.90 -92.06 -64.94
N LEU L 562 -26.84 -92.17 -65.74
CA LEU L 562 -26.94 -92.15 -67.20
C LEU L 562 -27.95 -93.16 -67.72
N ARG L 563 -27.81 -94.41 -67.30
CA ARG L 563 -28.62 -95.49 -67.84
C ARG L 563 -30.00 -95.54 -67.22
N ILE L 564 -30.13 -95.08 -65.97
CA ILE L 564 -31.42 -95.09 -65.29
C ILE L 564 -32.21 -93.85 -65.70
N ALA L 565 -31.59 -92.98 -66.48
CA ALA L 565 -32.32 -91.91 -67.13
C ALA L 565 -33.20 -92.49 -68.24
N LEU L 566 -32.91 -93.74 -68.61
CA LEU L 566 -33.61 -94.43 -69.68
C LEU L 566 -34.74 -95.33 -69.20
N MET L 567 -35.00 -95.34 -67.90
CA MET L 567 -36.07 -96.15 -67.31
C MET L 567 -37.39 -95.94 -68.05
N ALA L 568 -37.95 -94.73 -67.92
CA ALA L 568 -39.05 -94.31 -68.77
C ALA L 568 -38.48 -93.34 -69.79
N GLU L 569 -38.41 -93.77 -71.05
CA GLU L 569 -37.64 -93.02 -72.03
C GLU L 569 -38.50 -92.34 -73.10
N ASP L 570 -38.64 -91.02 -72.97
CA ASP L 570 -39.08 -90.17 -74.07
C ASP L 570 -37.86 -89.49 -74.67
N GLU L 571 -36.69 -89.81 -74.10
CA GLU L 571 -35.48 -89.04 -74.33
C GLU L 571 -34.49 -89.68 -75.30
N ALA L 572 -33.91 -88.85 -76.17
CA ALA L 572 -32.85 -89.29 -77.07
C ALA L 572 -31.48 -88.98 -76.48
N ILE L 573 -31.48 -88.50 -75.24
CA ILE L 573 -30.26 -88.05 -74.55
C ILE L 573 -29.12 -89.06 -74.56
N PHE L 574 -29.38 -90.27 -74.08
CA PHE L 574 -28.33 -91.28 -73.97
C PHE L 574 -27.86 -91.71 -75.36
N GLU L 575 -28.74 -91.59 -76.35
CA GLU L 575 -28.37 -91.88 -77.72
C GLU L 575 -27.40 -90.82 -78.24
N GLU L 576 -27.49 -89.62 -77.67
CA GLU L 576 -26.57 -88.54 -77.99
C GLU L 576 -25.32 -88.67 -77.13
N ALA L 577 -25.42 -89.50 -76.08
CA ALA L 577 -24.29 -89.78 -75.21
C ALA L 577 -23.43 -90.91 -75.77
N HIS L 578 -23.81 -91.38 -76.96
CA HIS L 578 -23.09 -92.45 -77.65
C HIS L 578 -21.67 -92.02 -78.05
N LYS L 579 -21.41 -90.72 -78.02
CA LYS L 579 -20.11 -90.18 -78.39
C LYS L 579 -19.19 -90.04 -77.17
N GLN L 580 -19.72 -90.38 -76.00
CA GLN L 580 -18.97 -90.25 -74.75
C GLN L 580 -18.93 -91.56 -73.95
N VAL L 581 -20.10 -92.08 -73.58
CA VAL L 581 -20.22 -93.19 -72.64
C VAL L 581 -19.44 -94.45 -73.06
N GLN L 582 -19.13 -94.57 -74.35
CA GLN L 582 -18.49 -95.77 -74.87
C GLN L 582 -16.96 -95.70 -74.98
N ARG L 583 -16.35 -94.63 -74.48
CA ARG L 583 -14.97 -94.32 -74.87
C ARG L 583 -13.93 -95.21 -74.18
N PHE L 584 -13.25 -96.00 -75.02
CA PHE L 584 -12.10 -96.83 -74.65
C PHE L 584 -12.28 -97.68 -73.39
N ASP L 585 -11.18 -97.86 -72.67
CA ASP L 585 -11.18 -98.52 -71.36
C ASP L 585 -11.09 -97.49 -70.23
N ASP L 586 -10.94 -96.22 -70.60
CA ASP L 586 -10.65 -95.17 -69.62
C ASP L 586 -11.88 -94.86 -68.77
N ARG L 587 -12.91 -94.32 -69.42
CA ARG L 587 -14.17 -94.06 -68.74
C ARG L 587 -15.04 -95.32 -68.93
N VAL L 588 -16.32 -95.24 -68.58
CA VAL L 588 -17.18 -96.41 -68.50
C VAL L 588 -17.35 -97.15 -69.83
N TRP L 589 -17.73 -98.41 -69.74
CA TRP L 589 -18.03 -99.23 -70.90
C TRP L 589 -19.54 -99.52 -70.88
N PHE L 590 -20.06 -100.22 -71.88
CA PHE L 590 -21.50 -100.40 -71.95
C PHE L 590 -21.94 -101.52 -71.00
N THR L 591 -22.72 -101.13 -70.00
CA THR L 591 -23.17 -101.99 -68.91
C THR L 591 -24.45 -101.39 -68.36
N ASN L 592 -24.87 -101.84 -67.17
CA ASN L 592 -25.79 -101.05 -66.35
C ASN L 592 -27.24 -101.03 -66.87
N HIS L 593 -27.49 -101.82 -67.91
CA HIS L 593 -28.68 -101.72 -68.77
C HIS L 593 -29.98 -101.40 -68.03
N GLY L 594 -30.39 -102.20 -67.07
CA GLY L 594 -31.64 -101.93 -66.38
C GLY L 594 -32.87 -102.23 -67.22
N ARG L 595 -33.69 -101.22 -67.49
CA ARG L 595 -35.00 -101.41 -68.14
C ARG L 595 -35.89 -102.26 -67.23
N PHE L 596 -36.47 -101.58 -66.24
CA PHE L 596 -37.14 -102.20 -65.09
C PHE L 596 -36.16 -102.97 -64.21
N HIS L 597 -35.28 -102.21 -63.57
CA HIS L 597 -34.34 -102.72 -62.59
C HIS L 597 -34.14 -101.65 -61.52
N GLN L 598 -33.67 -102.07 -60.35
CA GLN L 598 -33.28 -101.18 -59.26
C GLN L 598 -34.44 -100.44 -58.59
N HIS L 599 -35.66 -100.61 -59.10
CA HIS L 599 -36.88 -100.06 -58.47
C HIS L 599 -36.74 -98.56 -58.15
N ARG L 600 -36.68 -98.23 -56.86
CA ARG L 600 -36.60 -96.85 -56.37
C ARG L 600 -37.87 -96.03 -56.62
N GLN L 601 -37.70 -94.91 -57.33
CA GLN L 601 -38.63 -93.78 -57.27
C GLN L 601 -38.57 -93.30 -55.82
N ILE L 602 -37.34 -93.13 -55.35
CA ILE L 602 -37.05 -92.82 -53.95
C ILE L 602 -36.64 -91.36 -53.79
N ILE L 603 -37.22 -90.69 -52.79
CA ILE L 603 -37.07 -89.24 -52.67
C ILE L 603 -35.98 -88.81 -51.67
N ASN L 604 -35.37 -89.77 -50.97
CA ASN L 604 -34.40 -89.41 -49.93
C ASN L 604 -32.93 -89.58 -50.35
N LEU L 605 -32.24 -88.46 -50.50
CA LEU L 605 -30.83 -88.51 -50.93
C LEU L 605 -29.83 -88.49 -49.77
N GLY L 606 -30.29 -88.20 -48.56
CA GLY L 606 -29.37 -88.05 -47.44
C GLY L 606 -28.96 -89.34 -46.75
N ASP L 607 -27.67 -89.42 -46.39
CA ASP L 607 -27.17 -90.50 -45.57
C ASP L 607 -26.97 -90.09 -44.11
N ASN L 608 -27.24 -88.84 -43.81
CA ASN L 608 -26.80 -88.23 -42.55
C ASN L 608 -27.56 -88.68 -41.30
N GLU L 609 -27.10 -88.18 -40.15
CA GLU L 609 -27.67 -88.54 -38.86
C GLU L 609 -28.98 -87.79 -38.55
N GLY L 610 -29.77 -88.36 -37.65
CA GLY L 610 -30.99 -87.74 -37.18
C GLY L 610 -31.51 -88.44 -35.94
N ARG L 611 -32.39 -87.76 -35.19
CA ARG L 611 -32.93 -88.34 -33.97
C ARG L 611 -34.46 -88.36 -33.98
N HIS L 612 -35.07 -87.18 -34.01
CA HIS L 612 -36.53 -87.09 -34.04
C HIS L 612 -37.05 -86.39 -35.29
N ALA L 613 -38.22 -86.83 -35.75
CA ALA L 613 -38.85 -86.28 -36.95
C ALA L 613 -40.35 -86.52 -36.96
N VAL L 614 -41.07 -85.72 -37.76
CA VAL L 614 -42.51 -85.86 -37.95
C VAL L 614 -43.00 -84.82 -38.97
N TYR L 615 -44.15 -85.10 -39.58
CA TYR L 615 -44.76 -84.20 -40.56
C TYR L 615 -45.57 -83.07 -39.94
N LEU L 616 -45.71 -81.98 -40.68
CA LEU L 616 -46.60 -80.89 -40.28
C LEU L 616 -48.05 -81.25 -40.61
N HIS L 617 -48.97 -80.82 -39.76
CA HIS L 617 -50.38 -81.19 -39.92
C HIS L 617 -51.03 -80.53 -41.13
N ASN L 618 -50.43 -79.47 -41.63
CA ASN L 618 -50.95 -78.77 -42.81
C ASN L 618 -50.46 -79.40 -44.11
N ASP L 619 -49.67 -80.45 -43.98
CA ASP L 619 -49.05 -81.15 -45.11
C ASP L 619 -48.21 -80.15 -45.92
N PHE L 620 -47.47 -79.31 -45.20
CA PHE L 620 -46.58 -78.35 -45.84
C PHE L 620 -45.12 -78.71 -45.59
N CYS L 621 -44.71 -78.66 -44.33
CA CYS L 621 -43.32 -78.92 -43.99
C CYS L 621 -43.09 -80.30 -43.40
N LEU L 622 -41.83 -80.62 -43.16
CA LEU L 622 -41.44 -81.85 -42.48
C LEU L 622 -40.30 -81.53 -41.50
N ILE L 623 -40.53 -81.73 -40.21
CA ILE L 623 -39.49 -81.39 -39.25
C ILE L 623 -38.66 -82.62 -38.90
N ALA L 624 -37.34 -82.47 -38.96
CA ALA L 624 -36.41 -83.53 -38.61
C ALA L 624 -35.13 -82.93 -38.06
N LEU L 625 -34.56 -83.58 -37.04
CA LEU L 625 -33.38 -83.04 -36.36
C LEU L 625 -32.83 -83.97 -35.28
N ALA L 626 -31.56 -83.76 -34.92
CA ALA L 626 -30.97 -84.42 -33.77
C ALA L 626 -30.36 -83.41 -32.80
N SER L 627 -29.18 -82.91 -33.18
CA SER L 627 -28.49 -81.91 -32.39
C SER L 627 -28.66 -80.50 -32.95
N GLY L 628 -29.36 -80.39 -34.08
CA GLY L 628 -29.48 -79.13 -34.77
C GLY L 628 -30.68 -78.28 -34.40
N GLN L 629 -31.73 -78.93 -33.88
CA GLN L 629 -32.99 -78.26 -33.56
C GLN L 629 -33.48 -77.39 -34.70
N ILE L 630 -33.52 -77.95 -35.91
CA ILE L 630 -33.87 -77.19 -37.10
C ILE L 630 -35.17 -77.68 -37.75
N LEU L 631 -35.99 -76.73 -38.19
CA LEU L 631 -37.20 -77.04 -38.94
C LEU L 631 -36.90 -77.15 -40.43
N LEU L 632 -37.33 -78.26 -41.03
CA LEU L 632 -37.08 -78.50 -42.44
C LEU L 632 -38.38 -78.57 -43.23
N THR L 633 -38.29 -78.84 -44.53
CA THR L 633 -39.49 -78.91 -45.39
C THR L 633 -39.82 -80.30 -45.99
N ASP L 634 -41.12 -80.55 -46.19
CA ASP L 634 -41.65 -81.80 -46.77
C ASP L 634 -42.20 -81.50 -48.18
N VAL L 635 -41.81 -82.30 -49.17
CA VAL L 635 -42.25 -82.13 -50.57
C VAL L 635 -43.25 -83.25 -50.92
N SER L 636 -44.39 -82.89 -51.52
CA SER L 636 -45.46 -83.83 -51.92
C SER L 636 -45.41 -83.99 -53.46
N LEU L 637 -45.47 -85.23 -53.98
CA LEU L 637 -45.31 -85.38 -55.42
C LEU L 637 -45.91 -84.14 -56.07
N GLU L 638 -45.23 -83.63 -57.09
CA GLU L 638 -45.66 -82.41 -57.76
C GLU L 638 -44.37 -81.68 -58.09
N GLY L 639 -44.38 -80.87 -59.14
CA GLY L 639 -43.18 -80.16 -59.54
C GLY L 639 -42.59 -79.27 -58.46
N GLU L 640 -43.43 -78.47 -57.81
CA GLU L 640 -42.96 -77.50 -56.83
C GLU L 640 -42.54 -78.15 -55.51
N ASP L 641 -41.45 -77.64 -54.94
CA ASP L 641 -40.93 -78.12 -53.66
C ASP L 641 -40.51 -76.91 -52.83
N THR L 642 -40.20 -77.11 -51.56
CA THR L 642 -39.81 -76.02 -50.68
C THR L 642 -38.69 -76.43 -49.73
N TYR L 643 -37.72 -75.54 -49.52
CA TYR L 643 -36.67 -75.75 -48.52
C TYR L 643 -36.67 -74.61 -47.51
N LEU L 644 -36.29 -74.89 -46.27
CA LEU L 644 -36.27 -73.87 -45.22
C LEU L 644 -35.22 -74.14 -44.16
N LEU L 645 -34.65 -73.08 -43.61
CA LEU L 645 -33.68 -73.19 -42.53
C LEU L 645 -34.21 -72.52 -41.26
N ARG L 646 -33.85 -73.06 -40.10
CA ARG L 646 -34.38 -72.57 -38.83
C ARG L 646 -33.28 -72.30 -37.80
N ASP L 647 -32.61 -73.36 -37.35
CA ASP L 647 -31.55 -73.28 -36.35
C ASP L 647 -32.01 -72.66 -35.04
N GLU L 648 -32.90 -73.37 -34.34
CA GLU L 648 -33.36 -72.97 -33.01
C GLU L 648 -32.29 -73.22 -31.95
N SER L 649 -32.45 -72.57 -30.79
CA SER L 649 -31.56 -72.80 -29.66
C SER L 649 -31.67 -74.25 -29.20
N ASP L 650 -30.65 -74.74 -28.51
CA ASP L 650 -30.54 -76.17 -28.27
C ASP L 650 -31.53 -76.72 -27.25
N SER L 651 -32.35 -77.65 -27.71
CA SER L 651 -33.27 -78.39 -26.86
C SER L 651 -32.67 -79.73 -26.47
N SER L 652 -31.39 -79.93 -26.80
CA SER L 652 -30.76 -81.25 -26.83
C SER L 652 -30.91 -82.06 -25.56
N ASP L 653 -30.91 -83.39 -25.74
CA ASP L 653 -31.13 -84.39 -24.71
C ASP L 653 -32.56 -84.42 -24.16
N ILE L 654 -33.53 -84.21 -25.04
CA ILE L 654 -34.93 -84.50 -24.73
C ILE L 654 -35.23 -85.98 -24.88
N LEU L 655 -36.23 -86.46 -24.14
CA LEU L 655 -36.62 -87.87 -24.21
C LEU L 655 -37.47 -88.16 -25.45
N ARG L 656 -38.46 -87.31 -25.71
CA ARG L 656 -39.33 -87.50 -26.87
C ARG L 656 -39.81 -86.12 -27.35
N MET L 657 -40.53 -86.08 -28.47
CA MET L 657 -40.98 -84.82 -29.05
C MET L 657 -42.30 -84.99 -29.80
N ALA L 658 -43.12 -83.95 -29.80
CA ALA L 658 -44.40 -83.99 -30.49
C ALA L 658 -44.72 -82.64 -31.14
N VAL L 659 -45.92 -82.53 -31.71
CA VAL L 659 -46.36 -81.31 -32.37
C VAL L 659 -47.81 -81.02 -32.02
N PHE L 660 -48.15 -79.74 -31.89
CA PHE L 660 -49.50 -79.35 -31.49
C PHE L 660 -50.32 -79.04 -32.75
N ASN L 661 -51.61 -78.75 -32.59
CA ASN L 661 -52.50 -78.62 -33.74
C ASN L 661 -52.42 -77.28 -34.46
N GLN L 662 -52.24 -76.19 -33.70
CA GLN L 662 -52.22 -74.86 -34.29
C GLN L 662 -50.80 -74.38 -34.59
N GLN L 663 -49.83 -75.27 -34.35
CA GLN L 663 -48.41 -75.12 -34.72
C GLN L 663 -47.71 -73.94 -34.05
N LYS L 664 -48.48 -73.11 -33.35
CA LYS L 664 -47.92 -71.96 -32.65
C LYS L 664 -47.35 -72.38 -31.31
N HIS L 665 -47.71 -73.59 -30.87
CA HIS L 665 -47.21 -74.13 -29.61
C HIS L 665 -46.40 -75.41 -29.86
N LEU L 666 -45.32 -75.57 -29.10
CA LEU L 666 -44.48 -76.76 -29.22
C LEU L 666 -44.18 -77.36 -27.86
N ILE L 667 -44.61 -78.60 -27.65
CA ILE L 667 -44.40 -79.28 -26.38
C ILE L 667 -42.98 -79.87 -26.31
N THR L 668 -42.34 -79.69 -25.17
CA THR L 668 -40.98 -80.19 -24.96
C THR L 668 -40.78 -80.66 -23.53
N LEU L 669 -40.11 -81.79 -23.36
CA LEU L 669 -39.81 -82.32 -22.03
C LEU L 669 -38.37 -82.83 -21.96
N HIS L 670 -37.76 -82.72 -20.79
CA HIS L 670 -36.34 -83.06 -20.64
C HIS L 670 -36.15 -84.28 -19.74
N CYS L 671 -34.89 -84.63 -19.51
CA CYS L 671 -34.52 -85.73 -18.62
C CYS L 671 -35.08 -85.51 -17.22
N ASN L 672 -34.59 -84.47 -16.55
CA ASN L 672 -35.11 -84.09 -15.23
C ASN L 672 -36.50 -83.46 -15.36
N GLY L 673 -36.86 -83.09 -16.58
CA GLY L 673 -38.17 -82.53 -16.87
C GLY L 673 -38.17 -81.03 -16.99
N SER L 674 -39.03 -80.53 -17.87
CA SER L 674 -39.16 -79.10 -18.15
C SER L 674 -40.23 -78.88 -19.22
N VAL L 675 -40.67 -77.64 -19.39
CA VAL L 675 -41.60 -77.30 -20.45
C VAL L 675 -41.08 -76.11 -21.26
N LYS L 676 -40.77 -76.34 -22.53
CA LYS L 676 -40.22 -75.30 -23.38
C LYS L 676 -41.06 -75.10 -24.63
N LEU L 677 -41.62 -73.90 -24.78
CA LEU L 677 -42.49 -73.59 -25.91
C LEU L 677 -41.76 -72.85 -27.02
N TRP L 678 -42.10 -73.16 -28.26
CA TRP L 678 -41.50 -72.49 -29.41
C TRP L 678 -42.57 -72.04 -30.40
N SER L 679 -42.16 -71.18 -31.34
CA SER L 679 -43.06 -70.69 -32.38
C SER L 679 -42.44 -70.92 -33.76
N LEU L 680 -43.19 -71.57 -34.64
CA LEU L 680 -42.70 -71.89 -35.98
C LEU L 680 -42.62 -70.63 -36.86
N TRP L 681 -43.29 -69.57 -36.42
CA TRP L 681 -43.23 -68.30 -37.13
C TRP L 681 -41.84 -67.68 -37.01
N PRO L 682 -41.16 -67.49 -38.15
CA PRO L 682 -39.81 -66.94 -38.18
C PRO L 682 -39.75 -65.49 -37.74
N ASN L 699 -38.94 -69.16 -20.68
CA ASN L 699 -39.98 -69.92 -21.34
C ASN L 699 -40.28 -71.23 -20.65
N SER L 700 -39.59 -71.48 -19.54
CA SER L 700 -39.75 -72.72 -18.79
C SER L 700 -39.90 -72.46 -17.29
N VAL L 701 -41.01 -72.91 -16.72
CA VAL L 701 -41.24 -72.74 -15.29
C VAL L 701 -41.61 -74.06 -14.59
N VAL L 702 -40.72 -74.50 -13.71
CA VAL L 702 -40.94 -75.71 -12.92
C VAL L 702 -41.46 -75.27 -11.54
N LYS L 703 -41.56 -73.96 -11.35
CA LYS L 703 -41.83 -73.38 -10.05
C LYS L 703 -43.27 -73.53 -9.60
N ARG L 704 -43.62 -72.83 -8.52
CA ARG L 704 -44.94 -72.90 -7.88
C ARG L 704 -45.25 -74.31 -7.37
N PHE L 705 -46.44 -74.80 -7.70
CA PHE L 705 -46.92 -76.09 -7.22
C PHE L 705 -46.00 -77.25 -7.63
N ILE L 706 -45.85 -78.20 -6.72
CA ILE L 706 -45.02 -79.38 -6.93
C ILE L 706 -43.60 -78.93 -7.28
N GLY L 707 -43.13 -79.22 -8.49
CA GLY L 707 -41.79 -78.83 -8.91
C GLY L 707 -40.71 -79.55 -8.11
N SER L 708 -40.94 -80.84 -7.85
CA SER L 708 -39.98 -81.64 -7.08
C SER L 708 -38.70 -81.89 -7.88
N TYR L 709 -37.64 -82.23 -7.18
CA TYR L 709 -36.35 -82.51 -7.81
C TYR L 709 -36.12 -84.01 -7.95
N ALA L 710 -36.15 -84.49 -9.19
CA ALA L 710 -36.03 -85.91 -9.49
C ALA L 710 -36.01 -86.13 -11.00
N ASN L 711 -35.79 -87.38 -11.42
CA ASN L 711 -35.74 -87.72 -12.83
C ASN L 711 -37.13 -87.98 -13.40
N LEU L 712 -37.39 -87.42 -14.57
CA LEU L 712 -38.68 -87.60 -15.25
C LEU L 712 -38.64 -88.80 -16.19
N LYS L 713 -39.70 -89.60 -16.16
CA LYS L 713 -39.81 -90.78 -17.02
C LYS L 713 -40.34 -90.41 -18.40
N ILE L 714 -40.66 -91.44 -19.19
CA ILE L 714 -41.18 -91.26 -20.53
C ILE L 714 -42.66 -90.87 -20.46
N VAL L 715 -43.24 -91.03 -19.26
CA VAL L 715 -44.66 -90.81 -19.04
C VAL L 715 -45.15 -89.43 -19.49
N ALA L 716 -46.18 -89.44 -20.31
CA ALA L 716 -46.81 -88.22 -20.83
C ALA L 716 -48.02 -88.59 -21.69
N PHE L 717 -48.91 -87.63 -21.90
CA PHE L 717 -50.15 -87.85 -22.64
C PHE L 717 -50.99 -86.58 -22.76
N TYR L 718 -52.06 -86.64 -23.54
CA TYR L 718 -52.94 -85.50 -23.75
C TYR L 718 -54.35 -85.79 -23.23
N LEU L 719 -54.93 -84.82 -22.54
CA LEU L 719 -56.29 -84.96 -22.02
C LEU L 719 -57.30 -84.15 -22.84
N ASN L 720 -58.57 -84.24 -22.46
CA ASN L 720 -59.62 -83.43 -23.07
C ASN L 720 -59.82 -82.14 -22.30
N GLU L 721 -60.86 -81.39 -22.66
CA GLU L 721 -61.14 -80.12 -21.99
C GLU L 721 -62.13 -80.32 -20.85
N ASP L 722 -61.64 -80.18 -19.61
CA ASP L 722 -62.48 -80.33 -18.43
C ASP L 722 -62.97 -78.99 -17.89
N ALA L 723 -62.53 -77.91 -18.53
CA ALA L 723 -62.86 -76.57 -18.06
C ALA L 723 -63.93 -75.91 -18.92
N GLY L 724 -63.56 -75.54 -20.15
CA GLY L 724 -64.46 -74.87 -21.05
C GLY L 724 -65.64 -75.72 -21.48
N LEU L 725 -65.33 -76.91 -22.01
CA LEU L 725 -66.37 -77.81 -22.47
C LEU L 725 -65.86 -79.25 -22.51
N ILE L 730 -62.09 -76.30 -27.15
CA ILE L 730 -61.19 -75.15 -27.06
C ILE L 730 -59.74 -75.56 -27.29
N GLN L 731 -59.31 -76.61 -26.60
CA GLN L 731 -57.93 -77.07 -26.65
C GLN L 731 -57.78 -78.34 -25.82
N LEU L 732 -56.71 -79.10 -26.07
CA LEU L 732 -56.44 -80.32 -25.33
C LEU L 732 -55.32 -80.11 -24.32
N HIS L 733 -55.57 -80.48 -23.07
CA HIS L 733 -54.59 -80.25 -22.01
C HIS L 733 -53.46 -81.27 -22.05
N VAL L 734 -52.50 -81.12 -21.14
CA VAL L 734 -51.35 -82.01 -21.06
C VAL L 734 -51.12 -82.44 -19.62
N ALA L 735 -50.87 -83.74 -19.42
CA ALA L 735 -50.63 -84.26 -18.08
C ALA L 735 -49.59 -85.39 -18.11
N PHE L 736 -48.81 -85.49 -17.05
CA PHE L 736 -47.79 -86.54 -16.94
C PHE L 736 -47.42 -86.82 -15.49
N ILE L 737 -46.51 -87.77 -15.29
CA ILE L 737 -46.12 -88.18 -13.94
C ILE L 737 -44.62 -88.05 -13.71
N ASN L 738 -44.25 -87.30 -12.67
CA ASN L 738 -42.85 -87.12 -12.31
C ASN L 738 -42.31 -88.27 -11.46
N GLY L 739 -41.11 -88.08 -10.92
CA GLY L 739 -40.52 -89.06 -10.03
C GLY L 739 -41.03 -88.90 -8.60
N ASP L 740 -42.06 -88.08 -8.45
CA ASP L 740 -42.67 -87.83 -7.15
C ASP L 740 -43.82 -88.82 -6.88
N VAL L 741 -43.94 -89.80 -7.77
CA VAL L 741 -44.99 -90.83 -7.77
C VAL L 741 -46.38 -90.24 -7.49
N SER L 742 -46.66 -89.12 -8.16
CA SER L 742 -47.96 -88.47 -8.08
C SER L 742 -48.31 -87.86 -9.43
N ILE L 743 -49.60 -87.89 -9.78
CA ILE L 743 -50.05 -87.38 -11.07
C ILE L 743 -49.94 -85.86 -11.14
N LEU L 744 -49.52 -85.36 -12.30
CA LEU L 744 -49.39 -83.92 -12.51
C LEU L 744 -50.19 -83.48 -13.74
N ASN L 745 -51.09 -82.53 -13.53
CA ASN L 745 -51.94 -82.01 -14.60
C ASN L 745 -51.61 -80.57 -14.96
N TRP L 746 -51.76 -80.22 -16.23
CA TRP L 746 -51.51 -78.87 -16.71
C TRP L 746 -52.72 -78.34 -17.49
N ASP L 747 -53.26 -77.22 -17.04
CA ASP L 747 -54.42 -76.63 -17.70
C ASP L 747 -54.02 -75.46 -18.59
N GLU L 748 -54.10 -75.67 -19.90
CA GLU L 748 -53.78 -74.63 -20.87
C GLU L 748 -54.89 -74.42 -21.90
N GLN L 749 -55.60 -73.29 -21.80
CA GLN L 749 -56.57 -72.94 -22.83
C GLN L 749 -56.18 -71.81 -23.79
N ASP L 750 -55.12 -71.06 -23.50
CA ASP L 750 -54.79 -69.91 -24.34
C ASP L 750 -53.31 -69.75 -24.70
N GLN L 751 -52.52 -69.30 -23.72
CA GLN L 751 -51.14 -68.92 -23.96
C GLN L 751 -50.18 -69.51 -22.92
N GLU L 752 -50.32 -69.04 -21.68
CA GLU L 752 -49.45 -69.46 -20.59
C GLU L 752 -50.20 -70.32 -19.59
N PHE L 753 -49.48 -71.21 -18.92
CA PHE L 753 -50.08 -72.19 -18.01
C PHE L 753 -50.77 -71.53 -16.82
N LYS L 754 -51.77 -72.22 -16.28
CA LYS L 754 -52.59 -71.69 -15.20
C LYS L 754 -52.35 -72.43 -13.88
N LEU L 755 -52.64 -73.72 -13.88
CA LEU L 755 -52.59 -74.57 -12.69
C LEU L 755 -53.55 -74.05 -11.62
N SER L 756 -54.84 -74.19 -11.89
CA SER L 756 -55.87 -73.71 -10.99
C SER L 756 -56.06 -74.61 -9.78
N HIS L 757 -55.90 -74.03 -8.60
CA HIS L 757 -56.10 -74.72 -7.31
C HIS L 757 -55.30 -76.02 -7.18
N VAL L 758 -55.95 -77.03 -6.60
CA VAL L 758 -55.30 -78.31 -6.30
C VAL L 758 -55.43 -79.32 -7.43
N PRO L 759 -54.50 -80.28 -7.51
CA PRO L 759 -54.58 -81.42 -8.42
C PRO L 759 -55.79 -82.32 -8.12
N VAL L 760 -56.37 -82.16 -6.94
CA VAL L 760 -57.61 -82.80 -6.50
C VAL L 760 -57.40 -84.29 -6.14
N LEU L 761 -56.28 -84.85 -6.58
CA LEU L 761 -55.97 -86.26 -6.34
C LEU L 761 -54.59 -86.63 -6.87
N LYS L 762 -54.04 -87.74 -6.40
CA LYS L 762 -52.75 -88.24 -6.86
C LYS L 762 -52.89 -89.66 -7.39
N THR L 763 -51.77 -90.24 -7.82
CA THR L 763 -51.76 -91.59 -8.36
C THR L 763 -50.72 -92.46 -7.64
N MET L 764 -51.12 -93.66 -7.24
CA MET L 764 -50.24 -94.58 -6.53
C MET L 764 -49.09 -95.06 -7.40
N GLN L 765 -47.89 -95.06 -6.82
CA GLN L 765 -46.66 -95.47 -7.51
C GLN L 765 -46.44 -94.72 -8.83
N SER L 766 -45.98 -95.45 -9.83
CA SER L 766 -45.77 -94.86 -11.15
C SER L 766 -45.86 -95.91 -12.26
N GLY L 767 -46.37 -95.49 -13.42
CA GLY L 767 -46.44 -96.35 -14.58
C GLY L 767 -45.44 -95.92 -15.65
N ILE L 768 -45.64 -96.41 -16.88
CA ILE L 768 -44.87 -95.95 -18.02
C ILE L 768 -45.80 -95.36 -19.09
N ARG L 769 -46.73 -96.16 -19.61
CA ARG L 769 -47.64 -95.65 -20.63
C ARG L 769 -49.03 -95.39 -20.05
N CYS L 770 -49.39 -94.13 -19.93
CA CYS L 770 -50.66 -93.74 -19.33
C CYS L 770 -51.45 -92.86 -20.28
N PHE L 771 -52.76 -93.07 -20.37
CA PHE L 771 -53.58 -92.24 -21.25
C PHE L 771 -55.05 -92.28 -20.83
N VAL L 772 -55.84 -91.32 -21.32
CA VAL L 772 -57.25 -91.25 -20.94
C VAL L 772 -58.15 -92.10 -21.85
N GLN L 773 -59.15 -92.73 -21.26
CA GLN L 773 -60.12 -93.50 -22.04
C GLN L 773 -61.12 -92.58 -22.72
N VAL L 774 -62.16 -93.17 -23.31
CA VAL L 774 -63.23 -92.42 -23.93
C VAL L 774 -64.00 -91.61 -22.89
N LEU L 775 -63.92 -92.03 -21.63
CA LEU L 775 -64.49 -91.29 -20.53
C LEU L 775 -63.40 -90.55 -19.76
N LYS L 776 -63.68 -89.30 -19.40
CA LYS L 776 -62.69 -88.47 -18.72
C LYS L 776 -62.53 -88.86 -17.24
N ARG L 777 -63.39 -89.75 -16.77
CA ARG L 777 -63.36 -90.17 -15.37
C ARG L 777 -62.38 -91.32 -15.12
N TYR L 778 -61.90 -91.93 -16.19
CA TYR L 778 -61.03 -93.09 -16.07
C TYR L 778 -59.72 -92.91 -16.85
N TYR L 779 -58.62 -93.37 -16.27
CA TYR L 779 -57.31 -93.26 -16.88
C TYR L 779 -56.60 -94.62 -16.91
N VAL L 780 -56.26 -95.11 -18.10
CA VAL L 780 -55.52 -96.36 -18.18
C VAL L 780 -54.03 -96.13 -17.89
N VAL L 781 -53.50 -96.97 -17.03
CA VAL L 781 -52.11 -96.87 -16.57
C VAL L 781 -51.35 -98.17 -16.81
N CYS L 782 -50.20 -98.05 -17.47
CA CYS L 782 -49.35 -99.20 -17.74
C CYS L 782 -47.96 -98.99 -17.16
N THR L 783 -47.48 -99.98 -16.43
CA THR L 783 -46.18 -99.91 -15.75
C THR L 783 -45.11 -100.66 -16.53
N SER L 784 -43.91 -100.70 -15.97
CA SER L 784 -42.77 -101.37 -16.60
C SER L 784 -42.81 -102.87 -16.35
N ASN L 785 -43.77 -103.31 -15.53
CA ASN L 785 -43.92 -104.73 -15.22
C ASN L 785 -44.83 -105.43 -16.22
N CYS L 786 -45.26 -104.67 -17.24
CA CYS L 786 -46.14 -105.17 -18.29
C CYS L 786 -47.45 -105.73 -17.73
N THR L 787 -48.05 -104.99 -16.80
CA THR L 787 -49.32 -105.37 -16.22
C THR L 787 -50.37 -104.29 -16.46
N LEU L 788 -51.64 -104.66 -16.38
CA LEU L 788 -52.73 -103.72 -16.61
C LEU L 788 -53.34 -103.28 -15.28
N THR L 789 -53.15 -102.01 -14.94
CA THR L 789 -53.69 -101.45 -13.72
C THR L 789 -54.41 -100.14 -13.99
N VAL L 790 -55.32 -99.75 -13.10
CA VAL L 790 -56.08 -98.52 -13.30
C VAL L 790 -56.36 -97.80 -11.97
N TRP L 791 -56.20 -96.49 -11.99
CA TRP L 791 -56.61 -95.65 -10.86
C TRP L 791 -57.67 -94.64 -11.32
N ASP L 792 -58.87 -94.79 -10.79
CA ASP L 792 -60.00 -93.95 -11.20
C ASP L 792 -59.82 -92.51 -10.75
N LEU L 793 -60.18 -91.56 -11.61
CA LEU L 793 -60.12 -90.14 -11.28
C LEU L 793 -61.17 -89.78 -10.25
N THR L 794 -62.41 -90.17 -10.51
CA THR L 794 -63.49 -89.97 -9.55
C THR L 794 -63.83 -91.30 -8.87
N ASN L 795 -64.76 -91.24 -7.92
CA ASN L 795 -65.19 -92.41 -7.16
C ASN L 795 -64.02 -93.22 -6.60
N GLY L 796 -63.27 -92.61 -5.69
CA GLY L 796 -62.10 -93.25 -5.11
C GLY L 796 -60.91 -93.19 -6.06
N SER L 797 -59.84 -93.91 -5.71
CA SER L 797 -58.64 -93.94 -6.54
C SER L 797 -58.45 -95.32 -7.17
N SER L 798 -58.04 -96.29 -6.36
CA SER L 798 -57.86 -97.66 -6.82
C SER L 798 -59.13 -98.47 -6.54
N ASN L 799 -59.68 -99.06 -7.60
CA ASN L 799 -60.94 -99.79 -7.45
C ASN L 799 -60.80 -101.29 -7.72
N THR L 800 -60.69 -101.66 -8.99
CA THR L 800 -60.70 -103.07 -9.37
C THR L 800 -60.07 -103.38 -10.72
N LEU L 801 -60.29 -104.60 -11.19
CA LEU L 801 -59.87 -105.07 -12.51
C LEU L 801 -58.36 -105.07 -12.70
N GLU L 802 -57.66 -105.87 -11.91
CA GLU L 802 -56.26 -106.18 -12.15
C GLU L 802 -56.16 -107.52 -12.86
N LEU L 803 -57.32 -108.13 -13.07
CA LEU L 803 -57.43 -109.53 -13.50
C LEU L 803 -57.19 -109.81 -14.98
N HIS L 804 -56.76 -111.04 -15.25
CA HIS L 804 -56.69 -111.60 -16.61
C HIS L 804 -55.83 -110.82 -17.60
N VAL L 805 -54.51 -110.88 -17.41
CA VAL L 805 -53.57 -110.43 -18.43
C VAL L 805 -53.10 -111.63 -19.24
N PHE L 806 -53.00 -111.45 -20.56
CA PHE L 806 -52.69 -112.56 -21.45
C PHE L 806 -51.31 -113.19 -21.22
N ASN L 807 -50.26 -112.39 -21.34
CA ASN L 807 -48.90 -112.89 -21.17
C ASN L 807 -48.02 -111.97 -20.34
N VAL L 808 -47.48 -112.50 -19.24
CA VAL L 808 -46.58 -111.75 -18.39
C VAL L 808 -45.12 -111.97 -18.79
N GLU L 809 -44.89 -112.92 -19.69
CA GLU L 809 -43.54 -113.26 -20.11
C GLU L 809 -43.17 -112.62 -21.44
N ASN L 810 -42.25 -111.66 -21.39
CA ASN L 810 -41.77 -111.00 -22.60
C ASN L 810 -40.73 -111.83 -23.33
N ASP L 811 -40.62 -111.62 -24.64
CA ASP L 811 -39.57 -112.26 -25.43
C ASP L 811 -38.21 -111.69 -25.05
N THR L 812 -38.16 -110.37 -24.93
CA THR L 812 -36.97 -109.67 -24.45
C THR L 812 -37.39 -108.65 -23.41
N PRO L 813 -36.58 -108.47 -22.35
CA PRO L 813 -36.95 -107.54 -21.29
C PRO L 813 -37.11 -106.11 -21.78
N LEU L 814 -38.27 -105.51 -21.49
CA LEU L 814 -38.61 -104.17 -21.94
C LEU L 814 -39.72 -103.59 -21.06
N ALA L 815 -40.23 -102.44 -21.45
CA ALA L 815 -41.41 -101.87 -20.83
C ALA L 815 -42.64 -102.18 -21.66
N LEU L 816 -43.81 -101.74 -21.22
CA LEU L 816 -45.03 -101.99 -21.98
C LEU L 816 -45.08 -101.05 -23.18
N ASP L 817 -45.76 -101.47 -24.24
CA ASP L 817 -45.75 -100.74 -25.50
C ASP L 817 -46.64 -99.49 -25.47
N VAL L 818 -46.80 -98.87 -26.63
CA VAL L 818 -47.54 -97.61 -26.72
C VAL L 818 -49.05 -97.85 -26.85
N PHE L 819 -49.82 -97.19 -26.00
CA PHE L 819 -51.27 -97.26 -26.03
C PHE L 819 -51.81 -96.33 -27.11
N ASP L 820 -52.90 -96.73 -27.78
CA ASP L 820 -53.42 -95.98 -28.92
C ASP L 820 -54.90 -95.62 -28.79
N GLU L 821 -55.45 -95.01 -29.84
CA GLU L 821 -56.86 -94.63 -29.87
C GLU L 821 -57.52 -94.98 -31.20
N ARG L 822 -58.85 -94.91 -31.21
CA ARG L 822 -59.63 -95.15 -32.42
C ARG L 822 -60.49 -93.93 -32.74
N SER L 823 -61.25 -94.00 -33.83
CA SER L 823 -62.14 -92.93 -34.21
C SER L 823 -63.50 -93.10 -33.56
N LYS L 824 -63.70 -94.27 -32.95
CA LYS L 824 -64.96 -94.57 -32.27
C LYS L 824 -64.99 -93.96 -30.87
N THR L 825 -66.20 -93.73 -30.37
CA THR L 825 -66.38 -93.14 -29.04
C THR L 825 -66.44 -94.22 -27.96
N ALA L 826 -66.27 -95.48 -28.37
CA ALA L 826 -66.31 -96.59 -27.43
C ALA L 826 -65.08 -97.48 -27.58
N THR L 827 -64.95 -98.12 -28.73
CA THR L 827 -63.83 -99.04 -29.00
C THR L 827 -62.49 -98.30 -28.99
N VAL L 828 -61.54 -98.81 -28.20
CA VAL L 828 -60.21 -98.23 -28.17
C VAL L 828 -59.17 -99.21 -28.68
N LEU L 829 -57.93 -98.76 -28.77
CA LEU L 829 -56.86 -99.54 -29.41
C LEU L 829 -55.62 -99.66 -28.53
N LEU L 830 -54.96 -100.81 -28.63
CA LEU L 830 -53.75 -101.10 -27.88
C LEU L 830 -52.91 -102.11 -28.65
N ILE L 831 -51.59 -102.09 -28.44
CA ILE L 831 -50.72 -103.07 -29.06
C ILE L 831 -49.69 -103.58 -28.04
N PHE L 832 -49.51 -104.90 -27.98
CA PHE L 832 -48.51 -105.47 -27.09
C PHE L 832 -47.62 -106.46 -27.83
N LYS L 833 -46.35 -106.11 -27.97
CA LYS L 833 -45.36 -106.96 -28.64
C LYS L 833 -45.82 -107.42 -30.02
N TYR L 834 -45.94 -108.74 -30.19
CA TYR L 834 -46.28 -109.31 -31.49
C TYR L 834 -47.78 -109.43 -31.69
N SER L 835 -48.55 -109.01 -30.69
CA SER L 835 -50.00 -109.10 -30.75
C SER L 835 -50.66 -107.73 -30.67
N VAL L 836 -51.87 -107.62 -31.23
CA VAL L 836 -52.61 -106.37 -31.19
C VAL L 836 -53.90 -106.54 -30.40
N TRP L 837 -54.07 -105.71 -29.38
CA TRP L 837 -55.24 -105.80 -28.50
C TRP L 837 -56.21 -104.67 -28.76
N ARG L 838 -57.36 -104.99 -29.37
CA ARG L 838 -58.42 -104.01 -29.57
C ARG L 838 -59.44 -104.12 -28.45
N LEU L 839 -59.65 -103.02 -27.74
CA LEU L 839 -60.47 -103.06 -26.53
C LEU L 839 -61.77 -102.28 -26.65
N ASN L 840 -62.57 -102.34 -25.59
CA ASN L 840 -63.93 -101.82 -25.57
C ASN L 840 -64.37 -101.51 -24.15
N PHE L 841 -65.49 -100.80 -24.01
CA PHE L 841 -66.10 -100.58 -22.71
C PHE L 841 -66.48 -101.92 -22.10
N LEU L 842 -66.64 -101.95 -20.77
CA LEU L 842 -66.68 -103.16 -19.94
C LEU L 842 -65.23 -103.58 -19.67
N PRO L 843 -64.99 -104.41 -18.62
CA PRO L 843 -63.62 -104.67 -18.13
C PRO L 843 -62.57 -104.99 -19.20
N GLY L 844 -62.89 -105.80 -20.20
CA GLY L 844 -61.93 -106.08 -21.25
C GLY L 844 -62.06 -107.43 -21.92
N LEU L 845 -60.96 -107.86 -22.54
CA LEU L 845 -60.90 -109.12 -23.29
C LEU L 845 -61.97 -109.10 -24.38
N SER L 846 -61.74 -108.28 -25.39
CA SER L 846 -62.70 -108.12 -26.48
C SER L 846 -62.15 -108.63 -27.81
N VAL L 847 -61.22 -107.88 -28.40
CA VAL L 847 -60.67 -108.26 -29.69
C VAL L 847 -59.16 -108.46 -29.63
N SER L 848 -58.68 -109.56 -30.22
CA SER L 848 -57.25 -109.83 -30.32
C SER L 848 -56.87 -110.21 -31.74
N LEU L 849 -56.01 -109.40 -32.36
CA LEU L 849 -55.67 -109.62 -33.76
C LEU L 849 -54.16 -109.64 -34.01
N GLN L 850 -53.76 -110.41 -35.02
CA GLN L 850 -52.37 -110.46 -35.48
C GLN L 850 -52.34 -110.54 -37.00
N SER L 851 -51.51 -109.72 -37.62
CA SER L 851 -51.41 -109.72 -39.08
C SER L 851 -50.76 -111.00 -39.58
N GLU L 852 -49.57 -111.29 -39.08
CA GLU L 852 -48.85 -112.51 -39.40
C GLU L 852 -47.64 -112.68 -38.49
N ALA L 853 -46.89 -113.76 -38.72
CA ALA L 853 -45.70 -114.04 -37.91
C ALA L 853 -44.52 -113.16 -38.34
N VAL L 854 -43.39 -113.34 -37.66
CA VAL L 854 -42.18 -112.57 -37.97
C VAL L 854 -41.52 -113.07 -39.24
N GLY L 859 -36.55 -109.45 -33.90
CA GLY L 859 -35.92 -108.66 -32.85
C GLY L 859 -36.92 -108.10 -31.86
N SER L 860 -36.46 -107.17 -31.03
CA SER L 860 -37.32 -106.54 -30.03
C SER L 860 -38.24 -105.52 -30.68
N PHE L 861 -39.39 -105.29 -30.05
CA PHE L 861 -40.36 -104.32 -30.57
C PHE L 861 -40.11 -102.93 -29.98
N ILE L 862 -39.82 -101.97 -30.84
CA ILE L 862 -39.55 -100.61 -30.40
C ILE L 862 -40.41 -99.57 -31.14
N THR L 863 -40.27 -99.48 -32.46
CA THR L 863 -40.94 -98.44 -33.23
C THR L 863 -42.30 -98.88 -33.75
N CYS L 864 -43.24 -97.95 -33.76
CA CYS L 864 -44.60 -98.22 -34.25
C CYS L 864 -45.23 -96.96 -34.83
N GLY L 865 -46.09 -97.13 -35.82
CA GLY L 865 -46.76 -96.00 -36.46
C GLY L 865 -48.18 -95.85 -36.00
N LYS L 866 -48.96 -95.07 -36.76
CA LYS L 866 -50.35 -94.78 -36.43
C LYS L 866 -50.96 -93.90 -37.54
N ARG L 867 -52.29 -93.87 -37.62
CA ARG L 867 -52.98 -93.07 -38.63
C ARG L 867 -54.23 -92.44 -38.03
N SER L 868 -54.70 -91.35 -38.63
CA SER L 868 -55.87 -90.64 -38.13
C SER L 868 -56.90 -90.38 -39.23
N THR L 869 -56.55 -89.52 -40.17
CA THR L 869 -57.45 -89.12 -41.26
C THR L 869 -57.57 -90.24 -42.29
N ASP L 870 -56.59 -91.13 -42.30
CA ASP L 870 -56.52 -92.21 -43.28
C ASP L 870 -57.60 -93.27 -43.04
N GLY L 871 -58.37 -93.10 -41.96
CA GLY L 871 -59.35 -94.09 -41.58
C GLY L 871 -58.92 -94.92 -40.38
N ARG L 872 -57.90 -94.45 -39.68
CA ARG L 872 -57.43 -95.07 -38.44
C ARG L 872 -56.98 -96.51 -38.69
N TYR L 873 -56.09 -96.69 -39.67
CA TYR L 873 -55.49 -97.99 -39.92
C TYR L 873 -54.15 -98.06 -39.19
N LEU L 874 -53.90 -99.18 -38.51
CA LEU L 874 -52.78 -99.25 -37.57
C LEU L 874 -51.49 -99.82 -38.18
N LEU L 875 -50.47 -98.97 -38.28
CA LEU L 875 -49.14 -99.41 -38.69
C LEU L 875 -48.51 -100.24 -37.58
N LEU L 876 -47.97 -101.41 -37.92
CA LEU L 876 -47.43 -102.30 -36.91
C LEU L 876 -46.50 -103.38 -37.45
N GLY L 877 -45.93 -104.17 -36.56
CA GLY L 877 -45.15 -105.34 -36.94
C GLY L 877 -44.28 -105.86 -35.81
N THR L 878 -43.79 -107.09 -35.98
CA THR L 878 -42.84 -107.69 -35.04
C THR L 878 -41.56 -106.87 -34.94
N SER L 879 -40.76 -106.95 -36.00
CA SER L 879 -39.51 -106.20 -36.11
C SER L 879 -39.48 -105.47 -37.45
N GLU L 880 -39.49 -106.27 -38.52
CA GLU L 880 -39.59 -105.77 -39.90
C GLU L 880 -38.52 -104.75 -40.26
N GLY L 881 -37.29 -105.23 -40.41
CA GLY L 881 -36.24 -104.42 -41.02
C GLY L 881 -36.49 -104.29 -42.50
N LEU L 882 -37.46 -105.07 -42.98
CA LEU L 882 -37.90 -105.01 -44.37
C LEU L 882 -39.42 -105.16 -44.45
N ILE L 883 -40.05 -104.34 -45.29
CA ILE L 883 -41.49 -104.40 -45.53
C ILE L 883 -42.29 -104.22 -44.24
N VAL L 884 -42.33 -102.98 -43.75
CA VAL L 884 -43.15 -102.63 -42.60
C VAL L 884 -44.63 -102.86 -42.92
N TYR L 885 -45.37 -103.42 -41.95
CA TYR L 885 -46.74 -103.84 -42.21
C TYR L 885 -47.78 -102.83 -41.74
N ASP L 886 -48.86 -102.72 -42.51
CA ASP L 886 -50.01 -101.90 -42.14
C ASP L 886 -51.25 -102.77 -41.97
N LEU L 887 -52.05 -102.47 -40.96
CA LEU L 887 -53.25 -103.25 -40.67
C LEU L 887 -54.53 -102.43 -40.87
N LYS L 888 -55.34 -102.86 -41.81
CA LYS L 888 -56.64 -102.25 -42.06
C LYS L 888 -57.66 -102.78 -41.04
N ILE L 889 -58.63 -101.95 -40.69
CA ILE L 889 -59.62 -102.30 -39.68
C ILE L 889 -60.39 -103.58 -40.01
N SER L 890 -60.37 -104.52 -39.05
CA SER L 890 -61.16 -105.76 -39.11
C SER L 890 -60.74 -106.73 -40.21
N ASP L 891 -59.82 -106.32 -41.07
CA ASP L 891 -59.38 -107.19 -42.17
C ASP L 891 -57.87 -107.41 -42.15
N PRO L 892 -57.44 -108.64 -42.46
CA PRO L 892 -56.01 -109.00 -42.53
C PRO L 892 -55.43 -108.85 -43.93
N VAL L 893 -55.27 -107.62 -44.39
CA VAL L 893 -54.73 -107.36 -45.72
C VAL L 893 -53.63 -106.30 -45.66
N LEU L 894 -52.59 -106.49 -46.48
CA LEU L 894 -51.47 -105.54 -46.52
C LEU L 894 -51.45 -104.77 -47.84
N ARG L 895 -51.76 -103.48 -47.76
CA ARG L 895 -51.78 -102.62 -48.94
C ARG L 895 -50.47 -101.82 -49.08
N SER L 896 -49.57 -102.01 -48.13
CA SER L 896 -48.32 -101.24 -48.10
C SER L 896 -47.12 -102.10 -48.45
N ASN L 897 -46.12 -101.48 -49.07
CA ASN L 897 -44.90 -102.18 -49.46
C ASN L 897 -43.66 -101.30 -49.27
N VAL L 898 -42.56 -101.91 -48.83
CA VAL L 898 -41.32 -101.17 -48.63
C VAL L 898 -40.18 -101.71 -49.49
N SER L 899 -39.76 -100.91 -50.47
CA SER L 899 -38.64 -101.27 -51.33
C SER L 899 -37.34 -100.61 -50.86
N GLU L 900 -37.42 -99.79 -49.81
CA GLU L 900 -36.27 -99.04 -49.33
C GLU L 900 -35.57 -99.74 -48.17
N HIS L 901 -36.10 -100.92 -47.81
CA HIS L 901 -35.70 -101.66 -46.62
C HIS L 901 -35.88 -100.73 -45.40
N ILE L 902 -34.98 -100.84 -44.42
CA ILE L 902 -34.89 -99.89 -43.29
C ILE L 902 -33.86 -100.40 -42.28
N GLU L 903 -33.41 -99.52 -41.38
CA GLU L 903 -32.60 -99.93 -40.25
C GLU L 903 -33.42 -99.70 -38.99
N CYS L 904 -32.92 -100.07 -37.82
CA CYS L 904 -33.68 -99.90 -36.58
C CYS L 904 -32.88 -99.23 -35.47
N VAL L 905 -33.27 -98.00 -35.12
CA VAL L 905 -32.69 -97.31 -33.98
C VAL L 905 -33.75 -96.71 -33.04
N ASP L 906 -34.57 -95.78 -33.56
CA ASP L 906 -35.51 -95.05 -32.73
C ASP L 906 -36.97 -95.41 -33.01
N ILE L 907 -37.87 -94.75 -32.28
CA ILE L 907 -39.27 -95.13 -32.27
C ILE L 907 -40.15 -94.30 -33.23
N TYR L 908 -39.56 -93.31 -33.88
CA TYR L 908 -40.37 -92.35 -34.63
C TYR L 908 -40.86 -92.89 -35.98
N GLU L 909 -42.18 -92.94 -36.13
CA GLU L 909 -42.82 -93.27 -37.40
C GLU L 909 -44.22 -92.68 -37.45
N LEU L 910 -44.67 -92.28 -38.64
CA LEU L 910 -46.02 -91.72 -38.83
C LEU L 910 -46.26 -91.40 -40.31
N PHE L 911 -47.54 -91.31 -40.69
CA PHE L 911 -47.93 -91.02 -42.06
C PHE L 911 -48.81 -89.78 -42.17
N ASP L 912 -48.57 -89.00 -43.22
CA ASP L 912 -49.31 -87.77 -43.48
C ASP L 912 -50.79 -88.00 -43.84
N PRO L 913 -51.66 -87.00 -43.45
CA PRO L 913 -53.07 -87.24 -43.80
C PRO L 913 -53.29 -87.32 -45.32
N VAL L 914 -52.59 -86.48 -46.07
CA VAL L 914 -52.68 -86.41 -47.53
C VAL L 914 -53.68 -85.36 -48.04
N TYR L 915 -54.39 -84.70 -47.12
CA TYR L 915 -55.34 -83.65 -47.50
C TYR L 915 -56.11 -84.02 -48.75
N LYS L 916 -57.12 -84.87 -48.66
CA LYS L 916 -57.84 -85.23 -49.88
C LYS L 916 -57.21 -86.39 -50.67
N TYR L 917 -56.35 -86.04 -51.62
CA TYR L 917 -55.68 -87.02 -52.49
C TYR L 917 -54.84 -88.02 -51.71
N ILE L 918 -54.81 -89.26 -52.20
CA ILE L 918 -54.09 -90.35 -51.53
C ILE L 918 -52.77 -90.87 -52.10
N VAL L 919 -51.82 -90.98 -51.18
CA VAL L 919 -50.46 -91.49 -51.36
C VAL L 919 -49.85 -91.38 -49.96
N LEU L 920 -48.75 -92.06 -49.68
CA LEU L 920 -48.21 -92.01 -48.34
C LEU L 920 -46.71 -91.76 -48.27
N CYS L 921 -46.29 -91.09 -47.20
CA CYS L 921 -44.88 -90.83 -46.94
C CYS L 921 -44.60 -90.88 -45.44
N GLY L 922 -43.47 -91.47 -45.05
CA GLY L 922 -43.14 -91.60 -43.64
C GLY L 922 -41.67 -91.74 -43.32
N ALA L 923 -41.28 -91.42 -42.09
CA ALA L 923 -39.88 -91.49 -41.68
C ALA L 923 -39.62 -92.56 -40.62
N LYS L 924 -38.45 -93.17 -40.68
CA LYS L 924 -38.07 -94.22 -39.74
C LYS L 924 -36.60 -94.17 -39.33
N GLY L 925 -36.15 -95.20 -38.63
CA GLY L 925 -34.83 -95.25 -38.00
C GLY L 925 -33.61 -94.96 -38.86
N LYS L 926 -33.64 -95.36 -40.13
CA LYS L 926 -32.50 -95.15 -41.03
C LYS L 926 -32.28 -93.64 -41.29
N GLN L 927 -33.20 -92.83 -40.78
CA GLN L 927 -33.27 -91.40 -41.09
C GLN L 927 -33.43 -91.24 -42.58
N VAL L 928 -34.55 -91.75 -43.08
CA VAL L 928 -34.92 -91.66 -44.48
C VAL L 928 -36.42 -91.45 -44.57
N VAL L 929 -36.96 -91.47 -45.78
CA VAL L 929 -38.39 -91.35 -45.97
C VAL L 929 -38.92 -92.27 -47.07
N HIS L 930 -39.95 -93.05 -46.73
CA HIS L 930 -40.60 -93.95 -47.65
C HIS L 930 -41.79 -93.27 -48.31
N VAL L 931 -41.93 -93.45 -49.61
CA VAL L 931 -43.08 -92.95 -50.35
C VAL L 931 -43.74 -94.10 -51.12
N HIS L 932 -45.03 -94.32 -50.87
CA HIS L 932 -45.71 -95.48 -51.43
C HIS L 932 -47.16 -95.20 -51.85
N THR L 933 -47.59 -95.90 -52.89
CA THR L 933 -48.97 -95.82 -53.38
C THR L 933 -49.67 -97.16 -53.20
N LEU L 934 -50.78 -97.15 -52.48
CA LEU L 934 -51.47 -98.39 -52.10
C LEU L 934 -52.16 -99.09 -53.27
N ARG L 935 -52.20 -98.43 -54.42
CA ARG L 935 -52.85 -99.01 -55.60
C ARG L 935 -51.98 -100.10 -56.21
N SER L 936 -52.55 -101.29 -56.35
CA SER L 936 -51.84 -102.45 -56.89
C SER L 936 -52.78 -103.66 -57.01
N VAL L 937 -52.37 -104.64 -57.79
CA VAL L 937 -53.20 -105.81 -58.04
C VAL L 937 -53.12 -106.86 -56.91
N SER L 938 -51.93 -107.07 -56.36
CA SER L 938 -51.74 -108.12 -55.36
C SER L 938 -50.65 -107.78 -54.34
N GLY L 939 -50.89 -108.18 -53.10
CA GLY L 939 -49.92 -107.99 -52.03
C GLY L 939 -49.16 -109.27 -51.71
N SER L 940 -48.80 -109.41 -50.43
CA SER L 940 -48.15 -110.61 -49.90
C SER L 940 -46.81 -110.91 -50.59
N ASN L 941 -45.97 -109.89 -50.71
CA ASN L 941 -44.62 -110.06 -51.26
C ASN L 941 -43.60 -110.24 -50.14
N SER L 942 -44.08 -110.26 -48.91
CA SER L 942 -43.23 -110.31 -47.72
C SER L 942 -42.27 -111.50 -47.67
N HIS L 943 -42.82 -112.70 -47.51
CA HIS L 943 -42.00 -113.88 -47.25
C HIS L 943 -41.59 -114.62 -48.51
N GLN L 944 -42.01 -114.13 -49.67
CA GLN L 944 -41.68 -114.81 -50.92
C GLN L 944 -40.25 -114.50 -51.36
N ASN L 945 -39.78 -113.30 -51.04
CA ASN L 945 -38.44 -112.87 -51.46
C ASN L 945 -37.65 -112.24 -50.32
N ARG L 946 -36.53 -112.87 -49.96
CA ARG L 946 -35.59 -112.26 -49.01
C ARG L 946 -34.16 -112.28 -49.59
N GLU L 947 -33.59 -113.46 -49.81
CA GLU L 947 -32.28 -113.56 -50.43
C GLU L 947 -32.40 -114.02 -51.88
N ILE L 948 -31.27 -114.11 -52.56
CA ILE L 948 -31.27 -114.53 -53.97
C ILE L 948 -30.12 -115.49 -54.27
N ALA L 949 -30.45 -116.63 -54.86
CA ALA L 949 -29.46 -117.60 -55.30
C ALA L 949 -29.47 -117.70 -56.81
N TRP L 950 -28.61 -118.55 -57.37
CA TRP L 950 -28.50 -118.69 -58.82
C TRP L 950 -28.13 -120.10 -59.24
N VAL L 951 -28.68 -120.53 -60.37
CA VAL L 951 -28.45 -121.87 -60.88
C VAL L 951 -27.11 -121.97 -61.60
N HIS L 952 -26.23 -122.85 -61.12
CA HIS L 952 -24.92 -123.03 -61.72
C HIS L 952 -25.03 -123.77 -63.04
N SER L 953 -24.47 -123.17 -64.10
CA SER L 953 -24.52 -123.75 -65.43
C SER L 953 -23.51 -123.07 -66.36
N ALA L 954 -23.52 -123.47 -67.62
CA ALA L 954 -22.61 -122.89 -68.60
C ALA L 954 -23.34 -121.92 -69.53
N ASP L 955 -23.02 -120.63 -69.39
CA ASP L 955 -23.60 -119.57 -70.21
C ASP L 955 -25.13 -119.57 -70.17
N GLU L 956 -25.68 -119.92 -69.02
CA GLU L 956 -27.13 -119.91 -68.84
C GLU L 956 -27.48 -119.28 -67.49
N ILE L 957 -28.33 -118.25 -67.52
CA ILE L 957 -28.67 -117.51 -66.31
C ILE L 957 -30.05 -117.86 -65.78
N SER L 958 -30.09 -118.52 -64.63
CA SER L 958 -31.33 -118.83 -63.95
C SER L 958 -31.23 -118.51 -62.46
N VAL L 959 -32.06 -117.60 -62.00
CA VAL L 959 -31.98 -117.13 -60.61
C VAL L 959 -33.10 -117.71 -59.75
N MET L 960 -32.80 -117.94 -58.47
CA MET L 960 -33.78 -118.47 -57.53
C MET L 960 -33.93 -117.55 -56.33
N THR L 961 -35.02 -117.72 -55.59
CA THR L 961 -35.34 -116.85 -54.46
C THR L 961 -35.81 -117.64 -53.24
N LYS L 962 -36.29 -116.92 -52.24
CA LYS L 962 -36.85 -117.52 -51.03
C LYS L 962 -38.09 -118.33 -51.41
N ALA L 963 -38.49 -119.26 -50.53
CA ALA L 963 -39.52 -120.26 -50.83
C ALA L 963 -39.06 -121.14 -52.00
N CYS L 964 -37.87 -121.72 -51.83
CA CYS L 964 -37.24 -122.64 -52.77
C CYS L 964 -37.29 -122.18 -54.22
N LEU L 965 -37.67 -123.08 -55.12
CA LEU L 965 -37.55 -122.83 -56.55
C LEU L 965 -38.67 -121.97 -57.11
N GLU L 966 -38.32 -120.80 -57.61
CA GLU L 966 -39.21 -119.99 -58.42
C GLU L 966 -38.60 -119.85 -59.81
N PRO L 967 -39.19 -120.50 -60.82
CA PRO L 967 -38.61 -120.56 -62.16
C PRO L 967 -38.37 -119.18 -62.78
N ASN L 968 -37.15 -118.95 -63.24
CA ASN L 968 -36.79 -117.73 -63.94
C ASN L 968 -35.78 -118.00 -65.04
N VAL L 969 -36.01 -117.43 -66.22
CA VAL L 969 -35.10 -117.59 -67.35
C VAL L 969 -34.89 -116.27 -68.09
N TYR L 970 -33.91 -116.25 -68.98
CA TYR L 970 -33.48 -115.05 -69.66
C TYR L 970 -34.59 -114.38 -70.49
N LEU L 971 -34.83 -113.11 -70.21
CA LEU L 971 -35.87 -112.31 -70.86
C LEU L 971 -37.25 -112.95 -70.82
N ARG L 972 -37.67 -113.43 -69.64
CA ARG L 972 -39.01 -113.96 -69.45
C ARG L 972 -39.58 -113.52 -68.11
N SER L 973 -40.84 -113.10 -68.13
CA SER L 973 -41.50 -112.60 -66.92
C SER L 973 -42.27 -113.69 -66.19
N LEU L 974 -42.18 -114.92 -66.68
CA LEU L 974 -42.88 -116.04 -66.07
C LEU L 974 -42.40 -116.32 -64.66
N MET L 975 -43.34 -116.36 -63.72
CA MET L 975 -43.01 -116.60 -62.31
C MET L 975 -44.01 -117.53 -61.64
N ASP L 976 -43.51 -118.51 -60.90
CA ASP L 976 -44.36 -119.43 -60.15
C ASP L 976 -44.03 -119.37 -58.66
N MET L 977 -45.03 -119.65 -57.83
CA MET L 977 -44.84 -119.57 -56.37
C MET L 977 -45.20 -120.87 -55.66
N THR L 978 -44.19 -121.52 -55.09
CA THR L 978 -44.40 -122.69 -54.25
C THR L 978 -43.45 -122.65 -53.06
N ARG L 979 -43.99 -122.82 -51.86
CA ARG L 979 -43.17 -122.68 -50.66
C ARG L 979 -43.12 -123.97 -49.83
N GLU L 980 -41.95 -124.60 -49.80
CA GLU L 980 -41.69 -125.73 -48.90
C GLU L 980 -40.98 -125.24 -47.65
N ARG L 981 -40.79 -123.92 -47.57
CA ARG L 981 -40.12 -123.25 -46.44
C ARG L 981 -38.68 -123.75 -46.29
N THR L 982 -37.84 -123.39 -47.25
CA THR L 982 -36.41 -123.68 -47.17
C THR L 982 -35.67 -122.65 -46.31
N GLN L 983 -34.54 -123.05 -45.76
CA GLN L 983 -33.70 -122.14 -45.00
C GLN L 983 -32.74 -121.39 -45.92
N LEU L 984 -31.76 -122.12 -46.47
CA LEU L 984 -30.82 -121.55 -47.42
C LEU L 984 -30.66 -122.47 -48.62
N LEU L 985 -30.88 -121.93 -49.82
CA LEU L 985 -30.92 -122.73 -51.03
C LEU L 985 -29.60 -122.71 -51.80
N ALA L 986 -29.16 -123.90 -52.23
CA ALA L 986 -27.98 -124.04 -53.08
C ALA L 986 -28.35 -124.80 -54.34
N VAL L 987 -27.51 -124.70 -55.37
CA VAL L 987 -27.81 -125.34 -56.65
C VAL L 987 -26.64 -126.21 -57.12
N ASP L 988 -26.96 -127.38 -57.67
CA ASP L 988 -25.94 -128.28 -58.20
C ASP L 988 -25.41 -127.73 -59.53
N SER L 989 -24.43 -128.41 -60.12
CA SER L 989 -23.85 -127.97 -61.38
C SER L 989 -24.78 -128.29 -62.56
N LYS L 990 -25.50 -129.39 -62.45
CA LYS L 990 -26.44 -129.80 -63.49
C LYS L 990 -27.85 -129.35 -63.15
N GLU L 991 -28.82 -129.80 -63.93
CA GLU L 991 -30.22 -129.44 -63.72
C GLU L 991 -30.80 -130.10 -62.48
N ARG L 992 -30.04 -131.00 -61.87
CA ARG L 992 -30.45 -131.68 -60.65
C ARG L 992 -30.69 -130.69 -59.52
N ILE L 993 -31.77 -130.89 -58.77
CA ILE L 993 -32.15 -129.97 -57.71
C ILE L 993 -31.65 -130.41 -56.33
N HIS L 994 -30.89 -129.52 -55.71
CA HIS L 994 -30.38 -129.68 -54.36
C HIS L 994 -31.12 -128.69 -53.45
N LEU L 995 -31.73 -129.19 -52.38
CA LEU L 995 -32.48 -128.30 -51.50
C LEU L 995 -32.44 -128.72 -50.04
N ILE L 996 -33.07 -127.89 -49.19
CA ILE L 996 -33.05 -128.11 -47.75
C ILE L 996 -34.46 -128.08 -47.18
N LYS L 997 -34.69 -128.92 -46.18
CA LYS L 997 -35.98 -129.00 -45.51
C LYS L 997 -35.71 -128.79 -44.02
N PRO L 998 -36.68 -128.23 -43.27
CA PRO L 998 -36.39 -128.06 -41.84
C PRO L 998 -35.94 -129.37 -41.18
N ALA L 999 -34.80 -129.28 -40.49
CA ALA L 999 -34.16 -130.41 -39.81
C ALA L 999 -33.77 -131.56 -40.74
N ILE L 1000 -33.41 -131.27 -41.99
CA ILE L 1000 -32.89 -132.30 -42.92
C ILE L 1000 -32.47 -131.71 -44.27
N SER L 1001 -31.65 -132.45 -45.01
CA SER L 1001 -31.20 -132.02 -46.33
C SER L 1001 -31.69 -132.98 -47.41
N ARG L 1002 -32.00 -132.44 -48.59
CA ARG L 1002 -32.57 -133.27 -49.65
C ARG L 1002 -31.90 -133.05 -51.01
N ILE L 1003 -31.64 -134.16 -51.70
CA ILE L 1003 -31.01 -134.13 -53.02
C ILE L 1003 -31.83 -134.95 -54.01
N SER L 1004 -32.30 -134.32 -55.08
CA SER L 1004 -33.20 -135.02 -55.99
C SER L 1004 -33.08 -134.56 -57.45
N GLU L 1005 -33.38 -135.46 -58.37
CA GLU L 1005 -33.49 -135.11 -59.78
C GLU L 1005 -34.54 -134.02 -59.97
N TRP L 1006 -35.80 -134.38 -59.70
CA TRP L 1006 -36.87 -133.40 -59.57
C TRP L 1006 -37.46 -133.60 -58.18
N SER L 1007 -38.39 -132.75 -57.76
CA SER L 1007 -38.92 -132.82 -56.41
C SER L 1007 -40.38 -133.27 -56.38
N THR L 1008 -40.60 -134.51 -55.93
CA THR L 1008 -41.95 -134.99 -55.64
C THR L 1008 -42.02 -135.51 -54.21
N ILE L 1009 -41.46 -136.70 -54.00
CA ILE L 1009 -41.36 -137.25 -52.65
C ILE L 1009 -40.01 -136.91 -52.01
N THR L 1010 -39.11 -136.38 -52.83
CA THR L 1010 -37.76 -135.98 -52.42
C THR L 1010 -37.06 -137.00 -51.51
N PRO L 1011 -36.65 -138.16 -52.07
CA PRO L 1011 -35.96 -139.19 -51.30
C PRO L 1011 -34.61 -138.72 -50.75
N THR L 1012 -34.22 -139.25 -49.59
CA THR L 1012 -32.94 -138.91 -48.96
C THR L 1012 -32.71 -139.71 -47.68
N HIS L 1013 -31.46 -139.76 -47.24
CA HIS L 1013 -31.09 -140.44 -46.00
C HIS L 1013 -29.97 -139.67 -45.31
N ALA L 1014 -30.08 -139.50 -43.99
CA ALA L 1014 -29.08 -138.76 -43.24
C ALA L 1014 -28.93 -139.25 -41.81
N ALA L 1015 -27.69 -139.24 -41.32
CA ALA L 1015 -27.39 -139.62 -39.94
C ALA L 1015 -27.33 -138.39 -39.04
N SER L 1016 -27.64 -137.23 -39.60
CA SER L 1016 -27.56 -135.96 -38.89
C SER L 1016 -28.33 -135.96 -37.57
N ASN L 1017 -27.70 -135.43 -36.53
CA ASN L 1017 -28.29 -135.42 -35.19
C ASN L 1017 -29.33 -134.31 -35.01
N CYS L 1018 -29.08 -133.16 -35.61
CA CYS L 1018 -29.96 -132.01 -35.41
C CYS L 1018 -30.20 -131.24 -36.72
N LYS L 1019 -30.89 -130.11 -36.60
CA LYS L 1019 -31.23 -129.28 -37.76
C LYS L 1019 -29.98 -128.69 -38.42
N ILE L 1020 -29.97 -128.69 -39.75
CA ILE L 1020 -28.86 -128.12 -40.50
C ILE L 1020 -29.17 -126.68 -40.92
N ASN L 1021 -28.18 -125.80 -40.78
CA ASN L 1021 -28.36 -124.41 -41.15
C ASN L 1021 -28.29 -124.18 -42.65
N ALA L 1022 -27.29 -124.77 -43.30
CA ALA L 1022 -27.13 -124.63 -44.74
C ALA L 1022 -26.45 -125.86 -45.34
N ILE L 1023 -26.79 -126.17 -46.58
CA ILE L 1023 -26.23 -127.32 -47.28
C ILE L 1023 -25.99 -126.98 -48.75
N SER L 1024 -24.90 -127.49 -49.31
CA SER L 1024 -24.50 -127.17 -50.67
C SER L 1024 -24.03 -128.41 -51.45
N ALA L 1025 -23.90 -128.26 -52.76
CA ALA L 1025 -23.50 -129.37 -53.62
C ALA L 1025 -22.32 -129.02 -54.51
N PHE L 1026 -21.43 -129.99 -54.72
CA PHE L 1026 -20.30 -129.82 -55.62
C PHE L 1026 -20.70 -129.86 -57.08
N ASN L 1027 -19.71 -129.69 -57.95
CA ASN L 1027 -19.90 -129.87 -59.38
C ASN L 1027 -19.92 -131.36 -59.70
N ASP L 1028 -18.81 -132.03 -59.41
CA ASP L 1028 -18.72 -133.48 -59.53
C ASP L 1028 -19.62 -134.19 -58.52
N GLU L 1029 -19.91 -135.46 -58.76
CA GLU L 1029 -20.85 -136.22 -57.94
C GLU L 1029 -20.22 -136.75 -56.65
N GLN L 1030 -18.93 -136.48 -56.46
CA GLN L 1030 -18.21 -136.99 -55.29
C GLN L 1030 -18.70 -136.35 -53.99
N ILE L 1031 -19.10 -137.21 -53.06
CA ILE L 1031 -19.55 -136.86 -51.69
C ILE L 1031 -20.46 -135.62 -51.63
N PHE L 1032 -20.21 -134.76 -50.64
CA PHE L 1032 -20.90 -133.49 -50.35
C PHE L 1032 -20.31 -132.85 -49.10
N VAL L 1033 -20.57 -131.56 -48.91
CA VAL L 1033 -20.14 -130.85 -47.71
C VAL L 1033 -21.24 -129.91 -47.21
N GLY L 1034 -21.08 -129.42 -45.99
CA GLY L 1034 -22.01 -128.45 -45.43
C GLY L 1034 -21.75 -128.27 -43.95
N TYR L 1035 -22.30 -127.21 -43.37
CA TYR L 1035 -22.15 -126.97 -41.94
C TYR L 1035 -23.48 -127.17 -41.22
N VAL L 1036 -23.49 -128.10 -40.27
CA VAL L 1036 -24.69 -128.44 -39.53
C VAL L 1036 -24.57 -127.83 -38.13
N ASP L 1037 -25.60 -127.94 -37.31
CA ASP L 1037 -25.54 -127.51 -35.92
C ASP L 1037 -24.72 -128.49 -35.07
N GLY L 1038 -24.29 -129.58 -35.69
CA GLY L 1038 -23.58 -130.63 -34.98
C GLY L 1038 -22.57 -131.37 -35.84
N VAL L 1039 -21.93 -132.37 -35.25
CA VAL L 1039 -20.79 -133.06 -35.86
C VAL L 1039 -21.10 -133.75 -37.19
N ILE L 1040 -22.18 -134.53 -37.22
CA ILE L 1040 -22.49 -135.37 -38.38
C ILE L 1040 -22.79 -134.56 -39.64
N ILE L 1041 -22.09 -134.90 -40.72
CA ILE L 1041 -22.32 -134.28 -42.02
C ILE L 1041 -22.84 -135.33 -43.01
N ASP L 1042 -24.06 -135.12 -43.50
CA ASP L 1042 -24.74 -136.10 -44.34
C ASP L 1042 -24.35 -136.03 -45.82
N VAL L 1043 -24.32 -137.21 -46.46
CA VAL L 1043 -24.10 -137.29 -47.91
C VAL L 1043 -25.08 -138.30 -48.52
N ILE L 1044 -25.22 -138.28 -49.84
CA ILE L 1044 -26.13 -139.18 -50.52
C ILE L 1044 -25.46 -139.87 -51.71
N HIS L 1045 -25.91 -141.09 -52.02
CA HIS L 1045 -25.44 -141.87 -53.16
C HIS L 1045 -23.99 -142.30 -53.03
N ASP L 1046 -23.30 -141.81 -51.99
CA ASP L 1046 -21.90 -142.12 -51.78
C ASP L 1046 -21.66 -142.68 -50.38
N THR L 1047 -20.73 -143.62 -50.28
CA THR L 1047 -20.34 -144.19 -48.99
C THR L 1047 -19.16 -143.42 -48.41
N ALA L 1048 -18.56 -143.99 -47.36
CA ALA L 1048 -17.37 -143.42 -46.72
C ALA L 1048 -17.61 -142.01 -46.17
N LEU L 1049 -18.39 -141.93 -45.10
CA LEU L 1049 -18.65 -140.66 -44.42
C LEU L 1049 -17.35 -139.98 -43.99
N PRO L 1050 -17.38 -138.64 -43.87
CA PRO L 1050 -16.17 -137.90 -43.46
C PRO L 1050 -15.68 -138.31 -42.08
N GLN L 1051 -14.42 -138.00 -41.77
CA GLN L 1051 -13.79 -138.44 -40.53
C GLN L 1051 -14.16 -137.54 -39.34
N GLN L 1052 -14.65 -136.34 -39.65
CA GLN L 1052 -14.99 -135.33 -38.64
C GLN L 1052 -13.82 -134.99 -37.71
N PHE L 1053 -13.99 -135.29 -36.42
CA PHE L 1053 -13.09 -134.85 -35.36
C PHE L 1053 -13.00 -133.33 -35.30
N ILE L 1054 -14.17 -132.69 -35.33
CA ILE L 1054 -14.25 -131.24 -35.17
C ILE L 1054 -15.56 -130.86 -34.49
N GLU L 1055 -15.52 -129.83 -33.65
CA GLU L 1055 -16.71 -129.39 -32.93
C GLU L 1055 -17.85 -128.98 -33.88
N GLU L 1056 -17.72 -127.87 -34.59
CA GLU L 1056 -18.71 -127.49 -35.59
C GLU L 1056 -18.01 -126.76 -36.74
N PRO L 1057 -18.42 -127.05 -37.99
CA PRO L 1057 -17.84 -126.44 -39.20
C PRO L 1057 -18.36 -125.04 -39.51
N ILE L 1058 -17.54 -124.20 -40.15
CA ILE L 1058 -17.97 -122.84 -40.49
C ILE L 1058 -17.93 -122.54 -42.00
N ASP L 1059 -16.76 -122.57 -42.61
CA ASP L 1059 -16.61 -122.15 -44.01
C ASP L 1059 -16.36 -123.35 -44.92
N TYR L 1060 -17.28 -123.57 -45.86
CA TYR L 1060 -17.12 -124.62 -46.86
C TYR L 1060 -16.74 -124.03 -48.21
N LEU L 1061 -16.65 -124.89 -49.22
CA LEU L 1061 -16.22 -124.50 -50.56
C LEU L 1061 -16.32 -125.67 -51.54
N LYS L 1062 -16.15 -125.37 -52.82
CA LYS L 1062 -16.30 -126.38 -53.86
C LYS L 1062 -15.02 -126.56 -54.67
N GLN L 1063 -14.63 -127.82 -54.87
CA GLN L 1063 -13.46 -128.14 -55.69
C GLN L 1063 -13.72 -129.35 -56.58
N VAL L 1064 -13.12 -129.35 -57.76
CA VAL L 1064 -13.26 -130.46 -58.69
C VAL L 1064 -12.28 -131.58 -58.35
N SER L 1065 -11.32 -131.27 -57.48
CA SER L 1065 -10.33 -132.25 -57.04
C SER L 1065 -10.94 -133.23 -56.05
N PRO L 1066 -10.44 -134.48 -56.05
CA PRO L 1066 -10.90 -135.54 -55.15
C PRO L 1066 -10.79 -135.14 -53.68
N ASN L 1067 -9.79 -134.35 -53.34
CA ASN L 1067 -9.61 -133.88 -51.96
C ASN L 1067 -10.25 -132.51 -51.73
N ILE L 1068 -10.85 -132.35 -50.56
CA ILE L 1068 -11.55 -131.11 -50.24
C ILE L 1068 -11.13 -130.57 -48.86
N LEU L 1069 -10.62 -129.34 -48.84
CA LEU L 1069 -10.22 -128.69 -47.60
C LEU L 1069 -11.38 -127.91 -46.98
N VAL L 1070 -11.62 -128.15 -45.69
CA VAL L 1070 -12.75 -127.52 -45.00
C VAL L 1070 -12.30 -126.73 -43.77
N ALA L 1071 -12.69 -125.46 -43.70
CA ALA L 1071 -12.39 -124.61 -42.56
C ALA L 1071 -13.24 -125.00 -41.35
N SER L 1072 -12.79 -124.62 -40.16
CA SER L 1072 -13.50 -125.00 -38.94
C SER L 1072 -13.53 -123.86 -37.91
N ALA L 1073 -14.47 -123.96 -36.97
CA ALA L 1073 -14.60 -122.96 -35.90
C ALA L 1073 -13.41 -123.04 -34.94
N HIS L 1074 -12.85 -124.22 -34.78
CA HIS L 1074 -11.67 -124.43 -33.97
C HIS L 1074 -10.42 -123.96 -34.73
N SER L 1075 -10.66 -123.57 -35.98
CA SER L 1075 -9.61 -123.06 -36.88
C SER L 1075 -8.58 -124.12 -37.22
N ALA L 1076 -9.03 -125.36 -37.32
CA ALA L 1076 -8.19 -126.45 -37.78
C ALA L 1076 -8.73 -126.98 -39.11
N GLN L 1077 -7.98 -126.74 -40.18
CA GLN L 1077 -8.42 -127.15 -41.52
C GLN L 1077 -8.47 -128.68 -41.63
N LYS L 1078 -9.49 -129.16 -42.34
CA LYS L 1078 -9.70 -130.60 -42.49
C LYS L 1078 -9.50 -131.04 -43.92
N THR L 1079 -8.78 -132.15 -44.11
CA THR L 1079 -8.55 -132.71 -45.43
C THR L 1079 -9.47 -133.89 -45.67
N VAL L 1080 -10.43 -133.73 -46.58
CA VAL L 1080 -11.39 -134.79 -46.88
C VAL L 1080 -11.01 -135.51 -48.16
N ILE L 1081 -10.70 -136.80 -48.02
CA ILE L 1081 -10.32 -137.64 -49.16
C ILE L 1081 -11.49 -138.53 -49.56
N PHE L 1082 -11.77 -138.59 -50.86
CA PHE L 1082 -12.92 -139.31 -51.37
C PHE L 1082 -12.78 -140.83 -51.25
N GLN L 1083 -13.75 -141.44 -50.57
CA GLN L 1083 -13.92 -142.89 -50.53
C GLN L 1083 -12.69 -143.60 -49.93
N LEU L 1084 -11.94 -142.88 -49.11
CA LEU L 1084 -10.73 -143.43 -48.47
C LEU L 1084 -10.13 -142.38 -47.53
N GLU L 1085 -9.30 -142.84 -46.58
CA GLU L 1085 -8.60 -141.92 -45.69
C GLU L 1085 -7.09 -142.13 -45.73
N LYS L 1086 -6.64 -143.21 -45.11
CA LYS L 1086 -5.21 -143.58 -45.04
C LYS L 1086 -4.31 -142.45 -44.55
N ILE L 1087 -4.82 -141.63 -43.64
CA ILE L 1087 -4.20 -140.38 -43.18
C ILE L 1087 -5.05 -139.90 -41.99
N ASP L 1088 -4.48 -139.05 -41.14
CA ASP L 1088 -5.21 -138.50 -39.99
C ASP L 1088 -5.41 -137.00 -40.16
N PRO L 1089 -6.67 -136.57 -40.38
CA PRO L 1089 -7.00 -135.17 -40.64
C PRO L 1089 -6.95 -134.30 -39.39
N LEU L 1090 -5.82 -134.30 -38.69
CA LEU L 1090 -5.65 -133.45 -37.52
C LEU L 1090 -4.56 -132.41 -37.75
N GLN L 1091 -4.97 -131.15 -37.88
CA GLN L 1091 -4.02 -130.05 -38.09
C GLN L 1091 -4.44 -128.80 -37.32
N PRO L 1092 -4.17 -128.79 -36.00
CA PRO L 1092 -4.49 -127.63 -35.16
C PRO L 1092 -3.42 -126.55 -35.21
N ASN L 1093 -3.30 -125.88 -36.35
CA ASN L 1093 -2.29 -124.84 -36.54
C ASN L 1093 -2.39 -123.72 -35.51
N ASP L 1094 -3.44 -122.91 -35.63
CA ASP L 1094 -3.65 -121.77 -34.74
C ASP L 1094 -5.07 -121.71 -34.22
N GLN L 1095 -5.30 -120.89 -33.20
CA GLN L 1095 -6.64 -120.71 -32.65
C GLN L 1095 -7.33 -119.50 -33.29
N TRP L 1096 -6.61 -118.81 -34.16
CA TRP L 1096 -7.20 -117.73 -34.95
C TRP L 1096 -7.94 -118.31 -36.14
N PRO L 1097 -9.17 -117.86 -36.38
CA PRO L 1097 -10.07 -118.43 -37.40
C PRO L 1097 -9.48 -118.42 -38.81
N LEU L 1098 -9.72 -119.50 -39.55
CA LEU L 1098 -9.20 -119.65 -40.91
C LEU L 1098 -10.26 -119.42 -41.98
N MET L 1099 -9.88 -118.72 -43.04
CA MET L 1099 -10.70 -118.62 -44.24
C MET L 1099 -9.79 -118.71 -45.45
N MET L 1100 -10.17 -119.54 -46.43
CA MET L 1100 -9.23 -119.93 -47.47
C MET L 1100 -9.73 -119.77 -48.90
N ASP L 1101 -8.78 -119.51 -49.80
CA ASP L 1101 -9.03 -119.50 -51.23
C ASP L 1101 -8.03 -120.42 -51.93
N VAL L 1102 -8.11 -120.51 -53.25
CA VAL L 1102 -7.19 -121.33 -54.02
C VAL L 1102 -6.99 -120.74 -55.42
N SER L 1103 -5.77 -120.84 -55.95
CA SER L 1103 -5.50 -120.35 -57.30
C SER L 1103 -5.42 -121.50 -58.29
N THR L 1104 -4.29 -122.20 -58.32
CA THR L 1104 -4.18 -123.40 -59.14
C THR L 1104 -3.59 -124.60 -58.37
N LYS L 1105 -2.28 -124.54 -58.13
CA LYS L 1105 -1.59 -125.62 -57.44
C LYS L 1105 -1.44 -125.33 -55.95
N TYR L 1106 -1.74 -124.10 -55.55
CA TYR L 1106 -1.47 -123.65 -54.18
C TYR L 1106 -2.74 -123.41 -53.37
N ALA L 1107 -2.78 -124.00 -52.18
CA ALA L 1107 -3.87 -123.73 -51.25
C ALA L 1107 -3.54 -122.50 -50.43
N SER L 1108 -4.42 -121.50 -50.49
CA SER L 1108 -4.19 -120.23 -49.83
C SER L 1108 -4.98 -120.12 -48.54
N LEU L 1109 -4.28 -120.13 -47.41
CA LEU L 1109 -4.92 -120.00 -46.10
C LEU L 1109 -4.75 -118.60 -45.53
N GLN L 1110 -5.86 -117.91 -45.36
CA GLN L 1110 -5.85 -116.59 -44.71
C GLN L 1110 -6.35 -116.71 -43.28
N GLU L 1111 -5.45 -116.51 -42.33
CA GLU L 1111 -5.78 -116.63 -40.91
C GLU L 1111 -6.04 -115.27 -40.28
N GLY L 1112 -6.24 -115.26 -38.97
CA GLY L 1112 -6.41 -114.03 -38.22
C GLY L 1112 -5.06 -113.45 -37.82
N GLN L 1113 -4.00 -114.12 -38.24
CA GLN L 1113 -2.63 -113.69 -37.96
C GLN L 1113 -1.86 -113.45 -39.25
N TYR L 1114 -1.61 -114.51 -40.00
CA TYR L 1114 -0.86 -114.41 -41.24
C TYR L 1114 -1.50 -115.22 -42.36
N ILE L 1115 -0.89 -115.18 -43.54
CA ILE L 1115 -1.36 -115.93 -44.69
C ILE L 1115 -0.34 -116.96 -45.12
N ILE L 1116 -0.72 -118.23 -45.12
CA ILE L 1116 0.21 -119.31 -45.45
C ILE L 1116 -0.23 -120.08 -46.69
N LEU L 1117 0.73 -120.51 -47.49
CA LEU L 1117 0.45 -121.24 -48.72
C LEU L 1117 0.91 -122.69 -48.63
N PHE L 1118 0.08 -123.61 -49.10
CA PHE L 1118 0.45 -125.02 -49.15
C PHE L 1118 0.63 -125.53 -50.58
N SER L 1119 1.53 -126.50 -50.73
CA SER L 1119 1.75 -127.14 -52.03
C SER L 1119 1.21 -128.57 -52.01
N ASP L 1120 0.18 -128.81 -52.81
CA ASP L 1120 -0.47 -130.11 -52.85
C ASP L 1120 0.44 -131.18 -53.44
N HIS L 1121 0.60 -132.28 -52.71
CA HIS L 1121 1.42 -133.40 -53.19
C HIS L 1121 0.68 -134.18 -54.27
N GLY L 1122 -0.63 -134.29 -54.11
CA GLY L 1122 -1.46 -134.98 -55.09
C GLY L 1122 -2.93 -134.63 -54.92
N VAL L 1123 -3.71 -134.80 -55.99
CA VAL L 1123 -5.13 -134.49 -55.95
C VAL L 1123 -5.92 -135.61 -55.29
N CYS L 1124 -5.35 -136.81 -55.27
CA CYS L 1124 -6.00 -137.97 -54.67
C CYS L 1124 -5.96 -137.90 -53.15
N HIS L 1125 -4.79 -137.60 -52.60
CA HIS L 1125 -4.61 -137.53 -51.16
C HIS L 1125 -3.59 -136.46 -50.77
N LEU L 1126 -3.85 -135.79 -49.65
CA LEU L 1126 -2.96 -134.75 -49.16
C LEU L 1126 -2.37 -135.12 -47.81
N ASP L 1127 -1.06 -135.32 -47.76
CA ASP L 1127 -0.39 -135.70 -46.52
C ASP L 1127 0.51 -134.58 -46.00
N ILE L 1128 1.53 -134.21 -46.76
CA ILE L 1128 2.48 -133.17 -46.36
C ILE L 1128 2.25 -131.90 -47.15
N ALA L 1129 2.49 -130.76 -46.51
CA ALA L 1129 2.31 -129.46 -47.16
C ALA L 1129 3.53 -128.57 -46.96
N ASN L 1130 4.18 -128.20 -48.06
CA ASN L 1130 5.37 -127.36 -48.01
C ASN L 1130 5.04 -125.88 -47.96
N PRO L 1131 5.49 -125.18 -46.91
CA PRO L 1131 5.26 -123.74 -46.76
C PRO L 1131 6.04 -122.92 -47.79
N SER L 1132 5.43 -121.85 -48.30
CA SER L 1132 6.06 -121.03 -49.31
C SER L 1132 6.12 -119.56 -48.90
N ALA L 1133 4.96 -118.92 -48.82
CA ALA L 1133 4.89 -117.50 -48.50
C ALA L 1133 4.10 -117.25 -47.21
N PHE L 1134 4.80 -116.75 -46.19
CA PHE L 1134 4.15 -116.38 -44.93
C PHE L 1134 4.74 -115.08 -44.40
N VAL L 1135 3.86 -114.14 -44.04
CA VAL L 1135 4.30 -112.85 -43.52
C VAL L 1135 3.24 -112.26 -42.58
N LYS L 1136 3.69 -111.53 -41.57
CA LYS L 1136 2.79 -110.86 -40.64
C LYS L 1136 2.52 -109.43 -41.09
N PRO L 1137 1.27 -109.14 -41.51
CA PRO L 1137 0.89 -107.83 -42.04
C PRO L 1137 0.76 -106.75 -40.96
N LYS L 1138 0.28 -105.58 -41.37
CA LYS L 1138 0.12 -104.45 -40.47
C LYS L 1138 -1.04 -104.68 -39.49
N ASP L 1139 -1.06 -103.91 -38.41
CA ASP L 1139 -2.10 -104.02 -37.39
C ASP L 1139 -3.47 -103.70 -37.97
N SER L 1140 -4.51 -104.23 -37.34
CA SER L 1140 -5.88 -104.18 -37.87
C SER L 1140 -5.91 -104.83 -39.25
N GLU L 1141 -5.71 -106.14 -39.27
CA GLU L 1141 -5.55 -106.90 -40.50
C GLU L 1141 -6.84 -107.02 -41.30
N GLU L 1142 -6.70 -107.28 -42.59
CA GLU L 1142 -7.86 -107.43 -43.47
C GLU L 1142 -8.55 -108.78 -43.27
N TYR L 1143 -9.88 -108.75 -43.28
CA TYR L 1143 -10.68 -109.95 -43.12
C TYR L 1143 -10.41 -110.99 -44.20
N ILE L 1144 -10.79 -110.67 -45.43
CA ILE L 1144 -10.67 -111.63 -46.54
C ILE L 1144 -10.33 -110.93 -47.86
N VAL L 1145 -9.52 -111.59 -48.68
CA VAL L 1145 -9.14 -111.07 -49.99
C VAL L 1145 -9.44 -112.10 -51.07
N GLY L 1146 -9.03 -111.81 -52.30
CA GLY L 1146 -9.27 -112.71 -53.41
C GLY L 1146 -8.17 -112.68 -54.46
N PHE L 1147 -8.15 -113.70 -55.31
CA PHE L 1147 -7.13 -113.83 -56.34
C PHE L 1147 -7.74 -113.89 -57.74
N ASP L 1148 -6.91 -113.66 -58.75
CA ASP L 1148 -7.35 -113.70 -60.13
C ASP L 1148 -7.24 -115.10 -60.72
N LEU L 1149 -7.48 -115.23 -62.02
CA LEU L 1149 -7.39 -116.50 -62.71
C LEU L 1149 -6.33 -116.44 -63.80
N LYS L 1150 -5.68 -117.58 -64.06
CA LYS L 1150 -4.62 -117.68 -65.06
C LYS L 1150 -3.45 -116.74 -64.73
N ASN L 1151 -3.31 -116.41 -63.46
CA ASN L 1151 -2.25 -115.51 -63.00
C ASN L 1151 -1.48 -116.13 -61.83
N SER L 1152 -2.19 -116.35 -60.73
CA SER L 1152 -1.62 -116.94 -59.52
C SER L 1152 -0.45 -116.14 -58.97
N LEU L 1153 -0.74 -114.94 -58.48
CA LEU L 1153 0.28 -114.08 -57.90
C LEU L 1153 -0.03 -113.80 -56.43
N LEU L 1154 0.83 -113.03 -55.77
CA LEU L 1154 0.64 -112.70 -54.37
C LEU L 1154 -0.08 -111.35 -54.23
N PHE L 1155 -1.17 -111.35 -53.47
CA PHE L 1155 -1.95 -110.12 -53.26
C PHE L 1155 -2.30 -109.93 -51.79
N LEU L 1156 -1.85 -108.82 -51.23
CA LEU L 1156 -2.20 -108.47 -49.85
C LEU L 1156 -2.61 -107.01 -49.77
N ALA L 1157 -3.84 -106.77 -49.34
CA ALA L 1157 -4.38 -105.41 -49.28
C ALA L 1157 -4.90 -105.08 -47.89
N TYR L 1158 -4.45 -103.95 -47.34
CA TYR L 1158 -4.90 -103.49 -46.04
C TYR L 1158 -6.36 -103.07 -46.12
N GLU L 1159 -7.07 -103.11 -45.01
CA GLU L 1159 -8.52 -102.92 -45.04
C GLU L 1159 -8.97 -101.47 -45.25
N ASN L 1160 -8.18 -100.52 -44.78
CA ASN L 1160 -8.61 -99.12 -44.83
C ASN L 1160 -7.92 -98.27 -45.90
N ASN L 1161 -8.69 -97.95 -46.93
CA ASN L 1161 -8.31 -96.95 -47.93
C ASN L 1161 -6.99 -97.20 -48.67
N ILE L 1162 -6.54 -98.44 -48.70
CA ILE L 1162 -5.36 -98.78 -49.51
C ILE L 1162 -5.39 -100.24 -49.96
N ILE L 1163 -4.96 -100.49 -51.19
CA ILE L 1163 -4.83 -101.85 -51.71
C ILE L 1163 -3.53 -101.99 -52.48
N ASP L 1164 -2.84 -103.11 -52.27
CA ASP L 1164 -1.52 -103.31 -52.86
C ASP L 1164 -1.40 -104.64 -53.60
N VAL L 1165 -0.79 -104.59 -54.78
CA VAL L 1165 -0.52 -105.80 -55.56
C VAL L 1165 0.95 -106.17 -55.44
N PHE L 1166 1.23 -107.41 -55.07
CA PHE L 1166 2.59 -107.87 -54.81
C PHE L 1166 3.05 -108.91 -55.82
N ARG L 1167 4.30 -109.36 -55.66
CA ARG L 1167 4.86 -110.43 -56.47
C ARG L 1167 5.03 -111.66 -55.60
N LEU L 1168 4.90 -112.84 -56.21
CA LEU L 1168 4.92 -114.10 -55.45
C LEU L 1168 6.18 -114.26 -54.60
N ILE L 1169 7.30 -114.55 -55.27
CA ILE L 1169 8.63 -114.67 -54.65
C ILE L 1169 8.58 -115.39 -53.29
N PHE L 1170 9.22 -114.82 -52.27
CA PHE L 1170 9.03 -115.28 -50.91
C PHE L 1170 7.98 -114.38 -50.25
N SER L 1171 8.37 -113.16 -49.93
CA SER L 1171 7.42 -112.14 -49.46
C SER L 1171 7.88 -110.75 -49.88
N CYS L 1172 6.94 -109.91 -50.29
CA CYS L 1172 7.27 -108.53 -50.62
C CYS L 1172 6.28 -107.53 -50.02
N ASN L 1173 6.76 -106.72 -49.09
CA ASN L 1173 5.97 -105.62 -48.54
C ASN L 1173 6.34 -104.29 -49.20
N GLN L 1174 7.28 -104.34 -50.14
CA GLN L 1174 7.85 -103.13 -50.73
C GLN L 1174 7.07 -102.62 -51.93
N LEU L 1175 6.77 -101.33 -51.92
CA LEU L 1175 6.11 -100.66 -53.03
C LEU L 1175 6.89 -99.41 -53.41
N ARG L 1176 6.93 -98.45 -52.48
CA ARG L 1176 7.69 -97.22 -52.61
C ARG L 1176 7.35 -96.41 -53.85
N TYR L 1177 8.37 -95.86 -54.50
CA TYR L 1177 8.18 -94.96 -55.64
C TYR L 1177 8.32 -95.69 -56.99
N GLU L 1178 8.60 -96.99 -56.92
CA GLU L 1178 8.77 -97.80 -58.12
C GLU L 1178 7.53 -97.74 -59.02
N GLN L 1179 6.42 -98.25 -58.51
CA GLN L 1179 5.15 -98.21 -59.24
C GLN L 1179 4.00 -97.90 -58.31
N ILE L 1180 2.89 -97.45 -58.87
CA ILE L 1180 1.68 -97.17 -58.09
C ILE L 1180 0.59 -98.19 -58.42
N CYS L 1181 0.18 -98.96 -57.41
CA CYS L 1181 -0.80 -100.02 -57.63
C CYS L 1181 -2.20 -99.63 -57.18
N GLU L 1182 -3.07 -99.40 -58.17
CA GLU L 1182 -4.47 -99.04 -57.96
C GLU L 1182 -4.64 -97.90 -56.97
N GLU L 1183 -5.69 -98.00 -56.15
CA GLU L 1183 -6.10 -97.05 -55.11
C GLU L 1183 -7.31 -97.61 -54.38
N GLU L 1184 -7.58 -97.10 -53.17
CA GLU L 1184 -8.84 -97.38 -52.49
C GLU L 1184 -9.40 -96.10 -51.90
N ILE L 1185 -10.51 -95.62 -52.46
CA ILE L 1185 -11.10 -94.36 -51.98
C ILE L 1185 -12.31 -94.52 -51.06
N ALA L 1186 -12.77 -95.75 -50.85
CA ALA L 1186 -14.03 -95.94 -50.13
C ALA L 1186 -13.96 -96.98 -49.02
N GLN L 1187 -13.78 -98.23 -49.41
CA GLN L 1187 -13.92 -99.37 -48.50
C GLN L 1187 -13.04 -99.26 -47.26
N LYS L 1188 -13.62 -99.63 -46.11
CA LYS L 1188 -12.91 -99.61 -44.84
C LYS L 1188 -13.04 -100.97 -44.12
N ALA L 1189 -14.26 -101.36 -43.78
CA ALA L 1189 -14.51 -102.62 -43.09
C ALA L 1189 -15.13 -103.65 -44.04
N LYS L 1190 -14.84 -104.92 -43.78
CA LYS L 1190 -15.40 -106.03 -44.55
C LYS L 1190 -15.09 -105.96 -46.05
N ILE L 1191 -13.80 -105.84 -46.39
CA ILE L 1191 -13.38 -105.99 -47.78
C ILE L 1191 -13.70 -107.41 -48.23
N SER L 1192 -14.11 -107.58 -49.47
CA SER L 1192 -14.65 -108.88 -49.89
C SER L 1192 -13.73 -109.69 -50.80
N TYR L 1193 -13.69 -109.34 -52.08
CA TYR L 1193 -13.09 -110.20 -53.10
C TYR L 1193 -12.52 -109.42 -54.28
N LEU L 1194 -12.12 -110.18 -55.31
CA LEU L 1194 -11.76 -109.67 -56.63
C LEU L 1194 -11.46 -110.86 -57.53
N VAL L 1195 -11.55 -110.66 -58.84
CA VAL L 1195 -11.41 -111.75 -59.81
C VAL L 1195 -10.75 -111.31 -61.11
N ALA L 1196 -10.37 -112.30 -61.92
CA ALA L 1196 -9.90 -112.03 -63.27
C ALA L 1196 -11.02 -111.45 -64.12
N THR L 1197 -10.65 -110.76 -65.19
CA THR L 1197 -11.61 -110.04 -66.02
C THR L 1197 -11.10 -109.90 -67.44
N ASP L 1198 -11.74 -109.02 -68.21
CA ASP L 1198 -11.34 -108.75 -69.59
C ASP L 1198 -10.00 -108.02 -69.57
N ASP L 1199 -9.53 -107.59 -70.74
CA ASP L 1199 -8.17 -107.09 -70.92
C ASP L 1199 -7.69 -106.12 -69.84
N GLY L 1200 -8.36 -104.98 -69.71
CA GLY L 1200 -7.96 -103.97 -68.74
C GLY L 1200 -8.03 -104.41 -67.29
N THR L 1201 -6.89 -104.33 -66.61
CA THR L 1201 -6.74 -104.51 -65.15
C THR L 1201 -7.50 -105.69 -64.53
N MET L 1202 -8.12 -105.46 -63.37
CA MET L 1202 -8.86 -106.48 -62.64
C MET L 1202 -9.97 -105.86 -61.81
N LEU L 1203 -11.04 -106.63 -61.58
CA LEU L 1203 -12.24 -106.12 -60.91
C LEU L 1203 -12.44 -106.68 -59.50
N ALA L 1204 -12.92 -105.83 -58.60
CA ALA L 1204 -13.25 -106.24 -57.24
C ALA L 1204 -14.74 -106.06 -56.98
N MET L 1205 -15.29 -106.77 -56.00
CA MET L 1205 -16.74 -106.79 -55.82
C MET L 1205 -17.23 -106.72 -54.37
N GLY L 1206 -18.54 -106.88 -54.23
CA GLY L 1206 -19.23 -106.93 -52.95
C GLY L 1206 -19.89 -105.61 -52.57
N PHE L 1207 -21.08 -105.71 -51.97
CA PHE L 1207 -21.82 -104.55 -51.50
C PHE L 1207 -21.73 -104.30 -50.00
N GLU L 1208 -21.02 -105.17 -49.29
CA GLU L 1208 -21.03 -105.10 -47.82
C GLU L 1208 -20.26 -103.89 -47.29
N ASN L 1209 -20.94 -103.11 -46.45
CA ASN L 1209 -20.35 -101.93 -45.82
C ASN L 1209 -19.69 -100.96 -46.80
N GLY L 1210 -20.28 -100.83 -47.98
CA GLY L 1210 -19.74 -99.96 -49.00
C GLY L 1210 -20.12 -100.40 -50.40
N THR L 1211 -19.30 -100.01 -51.38
CA THR L 1211 -19.55 -100.39 -52.76
C THR L 1211 -18.34 -101.06 -53.39
N LEU L 1212 -18.48 -101.47 -54.64
CA LEU L 1212 -17.38 -102.09 -55.38
C LEU L 1212 -16.78 -101.10 -56.37
N GLU L 1213 -15.46 -101.19 -56.56
CA GLU L 1213 -14.76 -100.23 -57.40
C GLU L 1213 -13.77 -100.89 -58.35
N LEU L 1214 -13.38 -100.13 -59.38
CA LEU L 1214 -12.44 -100.61 -60.39
C LEU L 1214 -11.22 -99.69 -60.49
N PHE L 1215 -10.03 -100.29 -60.50
CA PHE L 1215 -8.79 -99.53 -60.64
C PHE L 1215 -7.78 -100.30 -61.48
N ALA L 1216 -6.74 -99.61 -61.93
CA ALA L 1216 -5.75 -100.19 -62.83
C ALA L 1216 -4.44 -100.52 -62.10
N VAL L 1217 -3.76 -101.55 -62.58
CA VAL L 1217 -2.51 -101.99 -61.97
C VAL L 1217 -1.45 -100.88 -61.92
N GLU L 1218 -1.11 -100.33 -63.08
CA GLU L 1218 -0.08 -99.30 -63.17
C GLU L 1218 -0.65 -97.88 -63.20
N ASN L 1219 -1.97 -97.76 -63.22
CA ASN L 1219 -2.63 -96.46 -63.34
C ASN L 1219 -3.94 -96.39 -62.56
N ARG L 1220 -4.70 -95.33 -62.81
CA ARG L 1220 -6.04 -95.20 -62.23
C ARG L 1220 -7.08 -95.07 -63.33
N LYS L 1221 -8.23 -95.72 -63.15
CA LYS L 1221 -9.28 -95.73 -64.17
C LYS L 1221 -10.67 -95.58 -63.56
N VAL L 1222 -11.69 -95.71 -64.41
CA VAL L 1222 -13.08 -95.56 -63.99
C VAL L 1222 -13.50 -96.76 -63.13
N GLN L 1223 -14.55 -96.58 -62.34
CA GLN L 1223 -15.06 -97.64 -61.49
C GLN L 1223 -16.52 -97.97 -61.83
N LEU L 1224 -16.98 -99.14 -61.40
CA LEU L 1224 -18.27 -99.67 -61.81
C LEU L 1224 -19.45 -99.06 -61.04
N ILE L 1225 -20.61 -99.68 -61.20
CA ILE L 1225 -21.87 -99.18 -60.68
C ILE L 1225 -21.98 -99.18 -59.15
N TYR L 1226 -22.94 -98.41 -58.64
CA TYR L 1226 -23.25 -98.37 -57.21
C TYR L 1226 -23.74 -99.73 -56.72
N SER L 1227 -23.69 -99.92 -55.41
CA SER L 1227 -24.53 -100.93 -54.78
C SER L 1227 -25.95 -100.59 -55.19
N ILE L 1228 -26.74 -101.60 -55.56
CA ILE L 1228 -28.00 -101.39 -56.28
C ILE L 1228 -28.90 -100.33 -55.63
N GLU L 1229 -29.54 -100.68 -54.52
CA GLU L 1229 -30.22 -99.66 -53.72
C GLU L 1229 -29.96 -99.81 -52.23
N GLU L 1230 -30.48 -100.91 -51.67
CA GLU L 1230 -30.50 -101.13 -50.24
C GLU L 1230 -29.14 -101.49 -49.66
N VAL L 1231 -28.99 -101.27 -48.36
CA VAL L 1231 -27.81 -101.72 -47.64
C VAL L 1231 -28.07 -103.12 -47.08
N HIS L 1232 -27.15 -103.60 -46.25
CA HIS L 1232 -27.27 -104.93 -45.63
C HIS L 1232 -27.40 -106.02 -46.69
N GLU L 1233 -26.32 -106.25 -47.42
CA GLU L 1233 -26.30 -107.23 -48.51
C GLU L 1233 -26.62 -108.63 -47.98
N HIS L 1234 -27.28 -109.44 -48.82
CA HIS L 1234 -27.67 -110.79 -48.43
C HIS L 1234 -26.44 -111.68 -48.23
N CYS L 1235 -26.64 -112.80 -47.55
CA CYS L 1235 -25.55 -113.68 -47.08
C CYS L 1235 -24.51 -114.00 -48.16
N ILE L 1236 -24.95 -114.31 -49.38
CA ILE L 1236 -24.01 -114.57 -50.45
C ILE L 1236 -23.76 -113.29 -51.28
N ARG L 1237 -22.52 -112.80 -51.21
CA ARG L 1237 -22.14 -111.58 -51.89
C ARG L 1237 -21.47 -111.86 -53.24
N GLN L 1238 -21.40 -113.14 -53.61
CA GLN L 1238 -20.77 -113.55 -54.84
C GLN L 1238 -21.47 -112.97 -56.07
N LEU L 1239 -20.68 -112.60 -57.08
CA LEU L 1239 -21.22 -112.05 -58.32
C LEU L 1239 -21.24 -113.11 -59.41
N LEU L 1240 -22.23 -113.00 -60.30
CA LEU L 1240 -22.45 -114.00 -61.33
C LEU L 1240 -21.74 -113.64 -62.63
N PHE L 1241 -20.71 -114.40 -62.98
CA PHE L 1241 -19.93 -114.11 -64.17
C PHE L 1241 -19.15 -115.32 -64.70
N SER L 1242 -18.82 -115.26 -65.99
CA SER L 1242 -17.82 -116.14 -66.59
C SER L 1242 -16.59 -115.30 -66.89
N PRO L 1243 -15.41 -115.73 -66.40
CA PRO L 1243 -14.25 -114.84 -66.38
C PRO L 1243 -13.80 -114.28 -67.73
N CYS L 1244 -13.63 -115.13 -68.74
CA CYS L 1244 -13.28 -114.62 -70.07
C CYS L 1244 -14.51 -114.44 -70.96
N LYS L 1245 -15.64 -115.00 -70.53
CA LYS L 1245 -16.87 -114.97 -71.32
C LYS L 1245 -17.85 -113.90 -70.87
N LEU L 1246 -17.42 -113.05 -69.94
CA LEU L 1246 -18.33 -112.14 -69.22
C LEU L 1246 -19.19 -111.27 -70.13
N LEU L 1247 -20.50 -111.38 -69.93
CA LEU L 1247 -21.48 -110.56 -70.64
C LEU L 1247 -22.47 -109.99 -69.64
N LEU L 1248 -23.26 -110.87 -69.02
CA LEU L 1248 -24.26 -110.46 -68.04
C LEU L 1248 -23.66 -110.28 -66.64
N ILE L 1249 -24.20 -109.31 -65.90
CA ILE L 1249 -23.81 -109.06 -64.52
C ILE L 1249 -25.06 -108.90 -63.65
N SER L 1250 -25.18 -109.73 -62.62
CA SER L 1250 -26.37 -109.73 -61.79
C SER L 1250 -26.08 -109.39 -60.33
N CYS L 1251 -26.71 -108.32 -59.84
CA CYS L 1251 -26.56 -107.91 -58.44
C CYS L 1251 -27.89 -107.37 -57.88
N ALA L 1252 -28.23 -107.81 -56.67
CA ALA L 1252 -29.45 -107.35 -56.00
C ALA L 1252 -29.35 -107.56 -54.49
N GLU L 1253 -30.21 -106.88 -53.74
CA GLU L 1253 -30.25 -107.05 -52.29
C GLU L 1253 -31.43 -107.91 -51.85
N GLN L 1254 -32.63 -107.33 -51.86
CA GLN L 1254 -33.80 -108.03 -51.35
C GLN L 1254 -34.94 -108.15 -52.37
N LEU L 1255 -35.63 -107.04 -52.61
CA LEU L 1255 -36.86 -107.03 -53.41
C LEU L 1255 -36.58 -106.64 -54.87
N CYS L 1256 -35.31 -106.39 -55.18
CA CYS L 1256 -34.91 -105.90 -56.50
C CYS L 1256 -35.37 -106.80 -57.65
N PHE L 1257 -35.66 -106.18 -58.78
CA PHE L 1257 -36.15 -106.89 -59.97
C PHE L 1257 -35.00 -107.52 -60.75
N TRP L 1258 -35.30 -107.95 -61.98
CA TRP L 1258 -34.33 -108.62 -62.83
C TRP L 1258 -33.03 -107.83 -62.96
N ASN L 1259 -31.92 -108.52 -62.77
CA ASN L 1259 -30.61 -107.89 -62.65
C ASN L 1259 -29.81 -107.81 -63.95
N VAL L 1260 -30.40 -108.28 -65.04
CA VAL L 1260 -29.66 -108.44 -66.29
C VAL L 1260 -29.07 -107.13 -66.83
N THR L 1261 -27.76 -107.14 -67.04
CA THR L 1261 -27.04 -106.05 -67.67
C THR L 1261 -25.96 -106.63 -68.58
N HIS L 1262 -25.94 -106.22 -69.83
CA HIS L 1262 -24.98 -106.77 -70.78
C HIS L 1262 -24.27 -105.69 -71.59
N MET L 1263 -23.34 -106.13 -72.45
CA MET L 1263 -22.59 -105.22 -73.31
C MET L 1263 -22.81 -105.58 -74.78
N ARG L 1264 -22.65 -104.59 -75.65
CA ARG L 1264 -22.86 -104.78 -77.07
C ARG L 1264 -21.53 -105.02 -77.80
N HIS M 8 -8.87 -45.58 -14.98
CA HIS M 8 -7.47 -45.34 -15.24
C HIS M 8 -6.72 -46.61 -15.45
N GLN M 9 -7.18 -47.65 -14.77
CA GLN M 9 -6.27 -48.68 -14.29
C GLN M 9 -5.34 -49.14 -15.39
N TYR M 10 -4.05 -49.12 -15.08
CA TYR M 10 -3.03 -49.47 -16.03
C TYR M 10 -3.01 -50.97 -16.22
N GLN M 11 -2.15 -51.46 -17.08
CA GLN M 11 -2.21 -52.81 -17.57
C GLN M 11 -0.80 -53.32 -17.73
N TYR M 12 -0.52 -54.51 -17.21
CA TYR M 12 0.88 -54.90 -17.01
C TYR M 12 1.73 -54.61 -18.23
N LYS M 13 1.26 -54.99 -19.41
CA LYS M 13 2.11 -54.78 -20.59
C LYS M 13 2.32 -53.30 -20.85
N ASP M 14 1.46 -52.44 -20.31
CA ASP M 14 1.77 -51.03 -20.39
C ASP M 14 2.99 -50.72 -19.53
N ILE M 15 2.92 -51.11 -18.27
CA ILE M 15 3.88 -50.65 -17.29
C ILE M 15 5.14 -51.48 -17.31
N LEU M 16 5.05 -52.74 -17.72
CA LEU M 16 6.15 -53.67 -17.51
C LEU M 16 7.45 -53.11 -18.05
N SER M 17 7.40 -52.47 -19.21
CA SER M 17 8.62 -52.02 -19.84
C SER M 17 9.37 -50.99 -19.02
N VAL M 18 8.82 -50.51 -17.92
CA VAL M 18 9.47 -49.38 -17.28
C VAL M 18 10.72 -49.86 -16.61
N PHE M 19 10.59 -50.56 -15.51
CA PHE M 19 11.78 -50.96 -14.78
C PHE M 19 12.37 -52.17 -15.48
N GLU M 20 13.61 -52.03 -15.88
CA GLU M 20 14.41 -53.10 -16.43
C GLU M 20 15.65 -53.31 -15.58
N ASP M 21 16.41 -52.25 -15.31
CA ASP M 21 17.72 -52.39 -14.71
C ASP M 21 17.70 -53.37 -13.56
N ALA M 22 16.82 -53.13 -12.60
CA ALA M 22 16.61 -54.12 -11.56
C ALA M 22 16.33 -55.47 -12.18
N PHE M 23 15.37 -55.51 -13.09
CA PHE M 23 15.00 -56.75 -13.74
C PHE M 23 16.16 -57.27 -14.55
N VAL M 24 16.95 -56.36 -15.13
CA VAL M 24 18.14 -56.74 -15.87
C VAL M 24 19.12 -57.48 -14.97
N ASP M 25 19.72 -56.76 -14.06
CA ASP M 25 20.93 -57.18 -13.36
C ASP M 25 20.74 -58.51 -12.64
N ASN M 26 19.88 -58.51 -11.65
CA ASN M 26 19.82 -59.60 -10.68
C ASN M 26 19.05 -60.80 -11.16
N PHE M 27 18.60 -60.80 -12.40
CA PHE M 27 17.85 -61.92 -12.95
C PHE M 27 18.30 -62.25 -14.36
N ASP M 28 18.32 -63.54 -14.68
CA ASP M 28 18.65 -64.00 -16.01
C ASP M 28 17.58 -64.98 -16.46
N CYS M 29 17.15 -64.86 -17.72
CA CYS M 29 16.16 -65.79 -18.23
C CYS M 29 16.62 -67.23 -18.13
N LYS M 30 17.83 -67.52 -18.61
CA LYS M 30 18.31 -68.90 -18.63
C LYS M 30 18.17 -69.55 -17.26
N ASP M 31 18.26 -68.74 -16.21
CA ASP M 31 18.11 -69.23 -14.85
C ASP M 31 16.83 -70.04 -14.76
N VAL M 32 15.78 -69.57 -15.42
CA VAL M 32 14.46 -70.15 -15.29
C VAL M 32 13.90 -70.42 -16.67
N GLN M 33 13.74 -71.70 -16.99
CA GLN M 33 12.70 -72.10 -17.93
C GLN M 33 11.71 -72.96 -17.14
N ASP M 34 10.64 -72.33 -16.66
CA ASP M 34 9.50 -73.10 -16.20
C ASP M 34 8.57 -73.40 -17.36
N MET M 35 8.34 -72.39 -18.19
CA MET M 35 7.74 -72.54 -19.50
C MET M 35 6.35 -73.14 -19.50
N PRO M 36 5.38 -72.55 -18.82
CA PRO M 36 3.99 -72.91 -19.12
C PRO M 36 3.74 -72.54 -20.58
N LYS M 37 3.30 -73.53 -21.35
CA LYS M 37 3.49 -73.43 -22.80
C LYS M 37 2.69 -72.33 -23.43
N SER M 38 1.51 -72.00 -22.89
CA SER M 38 0.73 -70.93 -23.48
C SER M 38 1.45 -69.60 -23.38
N ILE M 39 2.18 -69.39 -22.29
CA ILE M 39 2.70 -68.06 -22.03
C ILE M 39 3.93 -67.79 -22.88
N LEU M 40 4.69 -68.82 -23.21
CA LEU M 40 5.86 -68.70 -24.06
C LEU M 40 5.95 -69.96 -24.90
N SER M 41 6.20 -69.81 -26.19
CA SER M 41 6.39 -71.03 -26.92
C SER M 41 7.76 -71.62 -26.60
N LYS M 42 8.00 -72.82 -27.11
CA LYS M 42 9.30 -73.44 -26.89
C LYS M 42 10.36 -72.67 -27.64
N GLU M 43 10.17 -72.51 -28.95
CA GLU M 43 11.07 -71.73 -29.77
C GLU M 43 11.40 -70.38 -29.16
N GLU M 44 10.45 -69.79 -28.45
CA GLU M 44 10.68 -68.51 -27.82
C GLU M 44 11.90 -68.59 -26.93
N ILE M 45 11.78 -69.31 -25.82
CA ILE M 45 12.87 -69.37 -24.88
C ILE M 45 14.04 -70.10 -25.49
N ASP M 46 13.78 -70.91 -26.52
CA ASP M 46 14.87 -71.44 -27.30
C ASP M 46 15.74 -70.31 -27.82
N HIS M 47 15.11 -69.22 -28.23
CA HIS M 47 15.84 -68.12 -28.84
C HIS M 47 16.48 -67.21 -27.82
N ILE M 48 15.81 -66.97 -26.69
CA ILE M 48 16.30 -65.97 -25.75
C ILE M 48 17.67 -66.34 -25.23
N ILE M 49 17.80 -67.53 -24.66
CA ILE M 49 19.05 -67.89 -24.00
C ILE M 49 20.22 -67.80 -24.95
N MET M 50 19.97 -67.98 -26.25
CA MET M 50 21.04 -67.88 -27.23
C MET M 50 21.73 -66.53 -27.21
N SER M 51 21.11 -65.50 -26.64
CA SER M 51 21.76 -64.21 -26.58
C SER M 51 22.97 -64.27 -25.65
N LYS M 52 23.94 -63.40 -25.91
CA LYS M 52 25.25 -63.58 -25.30
C LYS M 52 25.37 -62.89 -23.95
N ASP M 53 24.45 -62.00 -23.62
CA ASP M 53 24.58 -61.24 -22.39
C ASP M 53 23.24 -60.69 -21.94
N ALA M 54 23.18 -60.35 -20.66
CA ALA M 54 21.95 -59.87 -20.04
C ALA M 54 21.36 -58.72 -20.83
N VAL M 55 22.15 -57.67 -21.08
CA VAL M 55 21.63 -56.49 -21.74
C VAL M 55 20.98 -56.87 -23.06
N SER M 56 21.48 -57.93 -23.69
CA SER M 56 20.70 -58.57 -24.73
C SER M 56 19.67 -59.50 -24.14
N GLY M 57 20.08 -60.34 -23.20
CA GLY M 57 19.22 -61.39 -22.73
C GLY M 57 17.95 -60.86 -22.12
N THR M 58 18.08 -60.06 -21.07
CA THR M 58 16.90 -59.52 -20.43
C THR M 58 16.05 -58.77 -21.43
N LEU M 59 16.70 -58.14 -22.40
CA LEU M 59 15.95 -57.29 -23.30
C LEU M 59 15.02 -58.10 -24.17
N ARG M 60 15.54 -59.10 -24.89
CA ARG M 60 14.69 -59.80 -25.83
C ARG M 60 13.49 -60.40 -25.14
N LEU M 61 13.58 -60.58 -23.83
CA LEU M 61 12.42 -61.03 -23.09
C LEU M 61 11.25 -60.10 -23.32
N PHE M 62 11.39 -58.84 -22.90
CA PHE M 62 10.27 -57.92 -22.96
C PHE M 62 9.63 -57.89 -24.33
N TRP M 63 10.43 -57.64 -25.35
CA TRP M 63 9.87 -57.56 -26.70
C TRP M 63 9.09 -58.79 -27.06
N THR M 64 9.42 -59.94 -26.50
CA THR M 64 8.55 -61.06 -26.75
C THR M 64 7.24 -60.88 -26.00
N LEU M 65 7.29 -60.62 -24.71
CA LEU M 65 6.06 -60.48 -23.95
C LEU M 65 5.14 -59.44 -24.53
N LEU M 66 5.63 -58.23 -24.74
CA LEU M 66 4.76 -57.15 -25.16
C LEU M 66 4.09 -57.42 -26.48
N SER M 67 4.48 -58.46 -27.19
CA SER M 67 3.83 -58.87 -28.41
C SER M 67 2.65 -59.80 -28.18
N LYS M 68 2.27 -59.99 -26.93
CA LYS M 68 1.26 -60.97 -26.59
C LYS M 68 0.07 -60.29 -25.93
N GLN M 69 -1.02 -61.04 -25.85
CA GLN M 69 -2.21 -60.51 -25.20
C GLN M 69 -2.04 -60.51 -23.69
N GLU M 70 -2.74 -59.57 -23.05
CA GLU M 70 -2.47 -59.22 -21.66
C GLU M 70 -2.63 -60.39 -20.71
N GLU M 71 -3.56 -61.31 -20.99
CA GLU M 71 -3.76 -62.45 -20.09
C GLU M 71 -2.44 -63.15 -19.80
N MET M 72 -1.72 -63.52 -20.85
CA MET M 72 -0.44 -64.21 -20.67
C MET M 72 0.45 -63.43 -19.71
N VAL M 73 0.73 -62.19 -20.04
CA VAL M 73 1.47 -61.32 -19.14
C VAL M 73 0.81 -61.31 -17.78
N GLN M 74 -0.49 -61.07 -17.76
CA GLN M 74 -1.22 -61.06 -16.50
C GLN M 74 -0.93 -62.30 -15.70
N LYS M 75 -0.72 -63.43 -16.36
CA LYS M 75 -0.28 -64.59 -15.64
C LYS M 75 1.20 -64.55 -15.35
N PHE M 76 1.99 -63.93 -16.21
CA PHE M 76 3.42 -63.97 -16.03
C PHE M 76 3.85 -63.26 -14.78
N VAL M 77 3.21 -62.13 -14.47
CA VAL M 77 3.56 -61.42 -13.26
C VAL M 77 3.26 -62.27 -12.04
N GLU M 78 2.31 -63.19 -12.16
CA GLU M 78 2.06 -64.15 -11.10
C GLU M 78 3.08 -65.28 -11.11
N GLU M 79 3.49 -65.72 -12.30
CA GLU M 79 4.33 -66.90 -12.42
C GLU M 79 5.66 -66.71 -11.68
N VAL M 80 6.21 -65.49 -11.68
CA VAL M 80 7.48 -65.26 -11.03
C VAL M 80 7.39 -65.58 -9.54
N LEU M 81 6.24 -65.29 -8.93
CA LEU M 81 6.01 -65.63 -7.54
C LEU M 81 6.39 -67.06 -7.22
N ARG M 82 5.86 -68.00 -8.00
CA ARG M 82 6.14 -69.41 -7.74
C ARG M 82 7.63 -69.70 -7.84
N ILE M 83 8.34 -68.95 -8.65
CA ILE M 83 9.78 -69.12 -8.75
C ILE M 83 10.35 -68.67 -7.41
N ASN M 84 11.56 -69.10 -7.12
CA ASN M 84 12.18 -68.82 -5.83
C ASN M 84 12.06 -67.34 -5.47
N TYR M 85 12.22 -66.47 -6.47
CA TYR M 85 12.33 -65.06 -6.18
C TYR M 85 11.03 -64.37 -6.55
N LYS M 86 10.29 -63.92 -5.54
CA LYS M 86 9.22 -62.98 -5.75
C LYS M 86 9.65 -61.55 -5.49
N PHE M 87 10.82 -61.32 -4.88
CA PHE M 87 11.16 -59.98 -4.47
C PHE M 87 11.05 -59.01 -5.64
N LEU M 88 11.33 -59.50 -6.83
CA LEU M 88 11.23 -58.71 -8.04
C LEU M 88 9.80 -58.31 -8.33
N MET M 89 8.84 -59.16 -8.02
CA MET M 89 7.48 -58.86 -8.42
C MET M 89 6.72 -58.06 -7.37
N SER M 90 7.28 -57.81 -6.21
CA SER M 90 6.53 -56.95 -5.33
C SER M 90 6.49 -55.53 -5.90
N PRO M 91 7.59 -54.97 -6.40
CA PRO M 91 7.47 -53.64 -6.98
C PRO M 91 6.51 -53.60 -8.13
N ILE M 92 6.63 -54.54 -9.06
CA ILE M 92 5.77 -54.55 -10.22
C ILE M 92 4.31 -54.61 -9.84
N LYS M 93 4.02 -55.04 -8.63
CA LYS M 93 2.67 -55.00 -8.14
C LYS M 93 2.31 -53.62 -7.64
N THR M 94 3.23 -52.67 -7.73
CA THR M 94 2.90 -51.28 -7.47
C THR M 94 2.41 -50.57 -8.71
N GLU M 95 2.16 -51.30 -9.79
CA GLU M 95 1.17 -50.83 -10.76
C GLU M 95 -0.02 -50.24 -10.05
N GLN M 96 -0.76 -51.09 -9.35
CA GLN M 96 -2.11 -50.76 -8.92
C GLN M 96 -2.09 -49.56 -7.99
N ARG M 97 -2.82 -48.53 -8.40
CA ARG M 97 -2.93 -47.28 -7.65
C ARG M 97 -1.57 -46.70 -7.32
N GLN M 98 -0.54 -47.12 -7.99
CA GLN M 98 0.66 -46.38 -7.71
C GLN M 98 1.55 -46.30 -8.94
N PRO M 99 1.10 -45.66 -10.01
CA PRO M 99 2.07 -45.19 -10.99
C PRO M 99 2.90 -44.14 -10.30
N SER M 100 4.21 -44.28 -10.37
CA SER M 100 5.00 -43.27 -9.72
C SER M 100 4.82 -41.95 -10.46
N MET M 101 4.71 -40.87 -9.70
CA MET M 101 4.31 -39.59 -10.26
C MET M 101 5.12 -39.25 -11.49
N MET M 102 6.37 -39.69 -11.52
CA MET M 102 7.10 -39.71 -12.77
C MET M 102 6.41 -40.58 -13.80
N THR M 103 6.36 -41.89 -13.53
CA THR M 103 6.13 -42.87 -14.58
C THR M 103 4.97 -42.49 -15.47
N ARG M 104 3.94 -41.88 -14.92
CA ARG M 104 2.83 -41.47 -15.77
C ARG M 104 3.31 -40.60 -16.91
N MET M 105 4.30 -39.75 -16.66
CA MET M 105 4.85 -38.96 -17.74
C MET M 105 5.24 -39.86 -18.90
N TYR M 106 6.09 -40.84 -18.63
CA TYR M 106 6.44 -41.83 -19.62
C TYR M 106 5.19 -42.45 -20.20
N ILE M 107 4.48 -43.25 -19.41
CA ILE M 107 3.44 -44.10 -19.95
C ILE M 107 2.45 -43.30 -20.75
N GLU M 108 2.31 -42.02 -20.43
CA GLU M 108 1.56 -41.17 -21.34
C GLU M 108 2.31 -41.03 -22.65
N GLN M 109 3.54 -40.55 -22.58
CA GLN M 109 4.09 -39.94 -23.77
C GLN M 109 4.29 -40.93 -24.88
N ARG M 110 4.75 -42.14 -24.58
CA ARG M 110 4.88 -43.12 -25.65
C ARG M 110 3.61 -43.24 -26.45
N ASP M 111 2.46 -43.06 -25.81
CA ASP M 111 1.25 -43.05 -26.59
C ASP M 111 1.26 -41.91 -27.59
N ARG M 112 1.51 -40.70 -27.13
CA ARG M 112 1.67 -39.60 -28.08
C ARG M 112 2.77 -39.91 -29.07
N LEU M 113 3.66 -40.83 -28.74
CA LEU M 113 4.59 -41.30 -29.75
C LEU M 113 3.94 -42.32 -30.67
N TYR M 114 3.25 -43.31 -30.12
CA TYR M 114 2.52 -44.23 -31.00
C TYR M 114 1.47 -43.54 -31.83
N ASN M 115 1.08 -42.32 -31.51
CA ASN M 115 0.09 -41.71 -32.37
C ASN M 115 0.74 -41.15 -33.62
N ASP M 116 2.01 -41.45 -33.79
CA ASP M 116 2.56 -41.70 -35.11
C ASP M 116 1.86 -42.88 -35.79
N ASN M 117 0.99 -43.60 -35.08
CA ASN M 117 0.12 -44.64 -35.63
C ASN M 117 0.83 -45.74 -36.39
N GLN M 118 0.63 -45.80 -37.70
CA GLN M 118 0.95 -46.99 -38.47
C GLN M 118 2.22 -47.62 -37.97
N VAL M 119 3.14 -46.73 -37.67
CA VAL M 119 4.54 -47.05 -37.55
C VAL M 119 4.72 -48.28 -36.71
N PHE M 120 4.61 -48.13 -35.43
CA PHE M 120 4.81 -49.27 -34.57
C PHE M 120 3.49 -49.92 -34.24
N ALA M 121 2.43 -49.38 -34.78
CA ALA M 121 1.12 -49.95 -34.57
C ALA M 121 1.17 -51.42 -34.94
N LYS M 122 1.23 -51.69 -36.23
CA LYS M 122 1.35 -53.07 -36.66
C LYS M 122 2.83 -53.42 -36.77
N TYR M 123 3.49 -52.78 -37.69
CA TYR M 123 4.67 -53.35 -38.29
C TYR M 123 5.90 -52.82 -37.60
N ASN M 124 6.62 -53.73 -36.96
CA ASN M 124 8.07 -53.77 -37.03
C ASN M 124 8.46 -54.94 -36.17
N VAL M 125 9.63 -55.47 -36.42
CA VAL M 125 10.26 -56.33 -35.44
C VAL M 125 11.57 -55.64 -35.09
N SER M 126 11.50 -54.74 -34.11
CA SER M 126 12.64 -54.27 -33.34
C SER M 126 13.90 -54.15 -34.16
N ARG M 127 14.99 -54.60 -33.56
CA ARG M 127 16.20 -55.20 -34.09
C ARG M 127 17.04 -55.27 -32.84
N LEU M 128 18.22 -55.84 -32.89
CA LEU M 128 19.00 -55.79 -31.68
C LEU M 128 20.27 -54.98 -31.88
N GLN M 129 21.19 -55.45 -32.69
CA GLN M 129 22.45 -54.75 -32.84
C GLN M 129 22.27 -53.26 -33.10
N PRO M 130 21.59 -52.86 -34.17
CA PRO M 130 21.53 -51.42 -34.44
C PRO M 130 20.89 -50.69 -33.30
N TYR M 131 19.86 -51.28 -32.71
CA TYR M 131 19.32 -50.72 -31.50
C TYR M 131 20.43 -50.51 -30.50
N LEU M 132 21.13 -51.56 -30.17
CA LEU M 132 21.94 -51.56 -28.97
C LEU M 132 23.06 -50.54 -29.02
N LYS M 133 23.83 -50.50 -30.10
CA LYS M 133 24.85 -49.46 -30.21
C LYS M 133 24.23 -48.10 -29.99
N LEU M 134 23.04 -47.88 -30.52
CA LEU M 134 22.54 -46.53 -30.52
C LEU M 134 22.22 -46.08 -29.11
N ARG M 135 21.43 -46.86 -28.38
CA ARG M 135 21.11 -46.45 -27.02
C ARG M 135 22.37 -46.12 -26.26
N GLN M 136 23.39 -46.94 -26.43
CA GLN M 136 24.69 -46.65 -25.87
C GLN M 136 25.10 -45.22 -26.11
N ALA M 137 25.26 -44.86 -27.38
CA ALA M 137 25.65 -43.49 -27.69
C ALA M 137 24.60 -42.51 -27.21
N LEU M 138 23.37 -42.66 -27.69
CA LEU M 138 22.37 -41.64 -27.44
C LEU M 138 22.07 -41.47 -25.96
N LEU M 139 22.45 -42.43 -25.14
CA LEU M 139 22.38 -42.16 -23.72
C LEU M 139 23.42 -41.15 -23.29
N GLU M 140 24.59 -41.15 -23.93
CA GLU M 140 25.70 -40.35 -23.42
C GLU M 140 25.56 -38.88 -23.75
N LEU M 141 25.36 -38.53 -25.02
CA LEU M 141 25.78 -37.25 -25.54
C LEU M 141 25.27 -36.08 -24.68
N ARG M 142 26.12 -35.08 -24.55
CA ARG M 142 25.87 -33.90 -23.73
C ARG M 142 25.52 -32.72 -24.63
N PRO M 143 25.15 -31.56 -24.10
CA PRO M 143 24.31 -30.69 -24.91
C PRO M 143 25.02 -29.86 -25.96
N ALA M 144 25.98 -30.39 -26.68
CA ALA M 144 26.07 -30.11 -28.11
C ALA M 144 26.79 -31.28 -28.73
N LYS M 145 26.10 -32.09 -29.51
CA LYS M 145 26.67 -33.30 -30.06
C LYS M 145 25.73 -33.76 -31.16
N ASN M 146 26.00 -34.94 -31.71
CA ASN M 146 25.17 -35.47 -32.76
C ASN M 146 25.33 -36.96 -32.79
N VAL M 147 24.35 -37.64 -33.37
CA VAL M 147 24.52 -39.01 -33.79
C VAL M 147 23.94 -39.11 -35.17
N LEU M 148 24.78 -39.41 -36.15
CA LEU M 148 24.19 -39.70 -37.44
C LEU M 148 23.55 -41.06 -37.42
N ILE M 149 22.61 -41.24 -38.31
CA ILE M 149 22.21 -42.56 -38.73
C ILE M 149 22.21 -42.56 -40.23
N ASP M 150 23.13 -43.30 -40.82
CA ASP M 150 23.22 -43.36 -42.26
C ASP M 150 22.67 -44.69 -42.75
N GLY M 151 21.91 -44.62 -43.82
CA GLY M 151 21.48 -45.83 -44.49
C GLY M 151 21.20 -45.58 -45.94
N VAL M 152 21.36 -46.64 -46.72
CA VAL M 152 20.96 -46.61 -48.11
C VAL M 152 19.45 -46.62 -48.19
N LEU M 153 18.93 -46.30 -49.38
CA LEU M 153 17.50 -46.04 -49.53
C LEU M 153 16.68 -47.11 -48.85
N GLY M 154 15.66 -46.67 -48.14
CA GLY M 154 15.01 -47.55 -47.21
C GLY M 154 15.94 -47.89 -46.08
N SER M 155 16.15 -49.18 -45.85
CA SER M 155 17.03 -49.67 -44.80
C SER M 155 16.60 -49.19 -43.42
N GLY M 156 15.36 -48.74 -43.30
CA GLY M 156 14.71 -48.54 -42.03
C GLY M 156 15.45 -47.73 -40.99
N LYS M 157 15.98 -46.59 -41.37
CA LYS M 157 16.58 -45.74 -40.35
C LYS M 157 15.52 -45.03 -39.53
N THR M 158 14.53 -44.45 -40.19
CA THR M 158 13.50 -43.68 -39.49
C THR M 158 12.85 -44.48 -38.39
N TRP M 159 12.91 -45.79 -38.45
CA TRP M 159 12.27 -46.60 -37.44
C TRP M 159 13.19 -46.84 -36.27
N VAL M 160 14.33 -47.48 -36.51
CA VAL M 160 15.32 -47.61 -35.45
C VAL M 160 15.54 -46.29 -34.78
N ALA M 161 15.43 -45.21 -35.54
CA ALA M 161 15.34 -43.88 -34.95
C ALA M 161 14.30 -43.85 -33.84
N LEU M 162 13.03 -44.02 -34.22
CA LEU M 162 12.00 -43.99 -33.20
C LEU M 162 12.31 -44.98 -32.10
N ASP M 163 12.35 -46.26 -32.45
CA ASP M 163 12.23 -47.32 -31.46
C ASP M 163 13.10 -47.07 -30.25
N VAL M 164 14.37 -46.73 -30.44
CA VAL M 164 15.18 -46.45 -29.28
C VAL M 164 14.65 -45.26 -28.50
N CYS M 165 14.20 -44.23 -29.18
CA CYS M 165 13.63 -43.08 -28.51
C CYS M 165 12.39 -43.42 -27.71
N LEU M 166 11.82 -44.60 -27.92
CA LEU M 166 10.70 -45.04 -27.12
C LEU M 166 11.14 -45.64 -25.80
N SER M 167 12.33 -46.23 -25.75
CA SER M 167 12.70 -47.02 -24.59
C SER M 167 12.88 -46.13 -23.37
N TYR M 168 12.33 -46.60 -22.24
CA TYR M 168 12.24 -45.77 -21.05
C TYR M 168 13.53 -45.08 -20.72
N LYS M 169 14.56 -45.86 -20.40
CA LYS M 169 15.74 -45.29 -19.78
C LYS M 169 16.26 -44.10 -20.55
N VAL M 170 16.13 -44.11 -21.87
CA VAL M 170 16.30 -42.89 -22.62
C VAL M 170 15.32 -41.84 -22.16
N GLN M 171 14.05 -42.12 -22.37
CA GLN M 171 13.01 -41.12 -22.22
C GLN M 171 13.11 -40.39 -20.91
N CYS M 172 13.66 -41.05 -19.89
CA CYS M 172 13.83 -40.41 -18.61
C CYS M 172 15.08 -39.55 -18.59
N LYS M 173 16.12 -39.97 -19.30
CA LYS M 173 17.33 -39.18 -19.37
C LYS M 173 17.08 -37.80 -19.92
N MET M 174 16.19 -37.70 -20.88
CA MET M 174 16.01 -36.47 -21.62
C MET M 174 14.84 -35.65 -21.15
N ASP M 175 14.19 -36.05 -20.07
CA ASP M 175 13.10 -35.32 -19.45
C ASP M 175 11.90 -35.20 -20.37
N PHE M 176 11.50 -36.26 -21.05
CA PHE M 176 10.16 -36.34 -21.60
C PHE M 176 9.87 -35.22 -22.56
N LYS M 177 10.90 -34.61 -23.12
CA LYS M 177 10.75 -33.61 -24.15
C LYS M 177 11.48 -34.13 -25.37
N ILE M 178 10.73 -34.48 -26.41
CA ILE M 178 11.35 -34.95 -27.64
C ILE M 178 10.56 -34.39 -28.81
N PHE M 179 11.24 -33.68 -29.70
CA PHE M 179 10.57 -32.95 -30.75
C PHE M 179 10.95 -33.51 -32.10
N TRP M 180 9.94 -33.86 -32.88
CA TRP M 180 10.19 -34.49 -34.16
C TRP M 180 10.00 -33.44 -35.24
N LEU M 181 10.79 -33.53 -36.30
CA LEU M 181 10.56 -32.74 -37.49
C LEU M 181 10.69 -33.61 -38.71
N ASN M 182 10.49 -33.00 -39.86
CA ASN M 182 10.92 -33.59 -41.12
C ASN M 182 11.48 -32.51 -41.99
N LEU M 183 12.69 -32.68 -42.45
CA LEU M 183 13.21 -31.82 -43.48
C LEU M 183 12.92 -32.37 -44.84
N LYS M 184 12.09 -33.40 -44.92
CA LYS M 184 11.81 -34.15 -46.12
C LYS M 184 11.62 -33.23 -47.31
N ASN M 185 10.96 -32.12 -47.12
CA ASN M 185 11.02 -31.04 -48.10
C ASN M 185 11.72 -29.88 -47.40
N CYS M 186 12.99 -29.71 -47.70
CA CYS M 186 13.72 -28.53 -47.22
C CYS M 186 14.64 -28.06 -48.33
N ASN M 187 14.37 -26.88 -48.87
CA ASN M 187 15.24 -26.27 -49.86
C ASN M 187 15.02 -24.78 -49.79
N SER M 188 16.07 -24.00 -50.03
CA SER M 188 15.94 -22.55 -50.16
C SER M 188 15.55 -21.95 -48.82
N PRO M 189 15.76 -20.66 -48.62
CA PRO M 189 15.41 -20.07 -47.34
C PRO M 189 13.96 -20.20 -46.99
N GLU M 190 13.05 -19.93 -47.92
CA GLU M 190 11.63 -19.90 -47.58
C GLU M 190 11.23 -21.16 -46.83
N THR M 191 11.37 -22.31 -47.46
CA THR M 191 10.92 -23.54 -46.84
C THR M 191 11.50 -23.70 -45.45
N VAL M 192 12.81 -23.46 -45.29
CA VAL M 192 13.42 -23.59 -43.98
C VAL M 192 12.63 -22.82 -42.95
N LEU M 193 12.33 -21.55 -43.26
CA LEU M 193 11.58 -20.75 -42.31
C LEU M 193 10.36 -21.49 -41.83
N GLU M 194 9.62 -22.07 -42.76
CA GLU M 194 8.46 -22.85 -42.37
C GLU M 194 8.88 -23.92 -41.40
N MET M 195 9.56 -24.94 -41.91
CA MET M 195 9.74 -26.14 -41.12
C MET M 195 10.55 -25.82 -39.88
N LEU M 196 11.18 -24.65 -39.86
CA LEU M 196 11.68 -24.15 -38.60
C LEU M 196 10.57 -23.56 -37.77
N GLN M 197 9.73 -22.73 -38.37
CA GLN M 197 8.82 -21.99 -37.55
C GLN M 197 7.85 -22.92 -36.82
N LYS M 198 7.48 -24.02 -37.47
CA LYS M 198 6.68 -25.02 -36.77
C LYS M 198 7.33 -25.39 -35.47
N LEU M 199 8.61 -25.77 -35.51
CA LEU M 199 9.30 -26.16 -34.30
C LEU M 199 9.10 -25.14 -33.21
N LEU M 200 9.01 -23.87 -33.58
CA LEU M 200 8.88 -22.87 -32.55
C LEU M 200 7.61 -23.07 -31.74
N TYR M 201 6.49 -23.29 -32.42
CA TYR M 201 5.23 -23.38 -31.68
C TYR M 201 5.26 -24.51 -30.69
N GLN M 202 5.78 -25.67 -31.08
CA GLN M 202 5.73 -26.78 -30.15
C GLN M 202 6.42 -26.47 -28.84
N ILE M 203 7.41 -25.58 -28.86
CA ILE M 203 8.11 -25.32 -27.62
C ILE M 203 7.28 -24.45 -26.71
N ASP M 204 6.76 -23.37 -27.18
CA ASP M 204 5.86 -22.55 -26.39
C ASP M 204 4.77 -22.10 -27.34
N PRO M 205 3.53 -22.10 -26.91
CA PRO M 205 2.50 -21.50 -27.75
C PRO M 205 2.41 -19.99 -27.54
N ASN M 206 3.54 -19.31 -27.49
CA ASN M 206 3.52 -17.87 -27.63
C ASN M 206 4.67 -17.44 -28.51
N TRP M 207 4.35 -16.93 -29.70
CA TRP M 207 5.38 -16.16 -30.37
C TRP M 207 4.73 -14.98 -31.07
N THR M 208 5.14 -13.78 -30.69
CA THR M 208 4.71 -12.57 -31.36
C THR M 208 5.61 -12.38 -32.57
N SER M 209 5.02 -11.85 -33.64
CA SER M 209 5.71 -11.53 -34.87
C SER M 209 6.75 -10.44 -34.70
N ARG M 210 6.90 -9.95 -33.47
CA ARG M 210 7.44 -8.62 -33.20
C ARG M 210 8.67 -8.28 -34.03
N SER M 211 9.58 -9.24 -34.19
CA SER M 211 10.70 -9.00 -35.09
C SER M 211 10.16 -8.76 -36.50
N ASP M 212 10.55 -7.64 -37.09
CA ASP M 212 9.80 -7.08 -38.18
C ASP M 212 9.71 -8.03 -39.37
N HIS M 213 8.69 -7.81 -40.19
CA HIS M 213 8.34 -8.68 -41.29
C HIS M 213 9.19 -8.34 -42.50
N SER M 214 10.25 -7.57 -42.28
CA SER M 214 11.06 -7.00 -43.33
C SER M 214 11.38 -8.05 -44.38
N SER M 215 11.22 -7.65 -45.64
CA SER M 215 11.13 -8.59 -46.75
C SER M 215 12.38 -9.44 -46.91
N ASN M 216 13.43 -9.13 -46.16
CA ASN M 216 14.63 -9.93 -46.31
C ASN M 216 14.45 -11.23 -45.56
N ILE M 217 14.27 -12.28 -46.35
CA ILE M 217 14.07 -13.62 -45.81
C ILE M 217 15.29 -14.10 -45.07
N LYS M 218 16.47 -13.77 -45.61
CA LYS M 218 17.71 -14.22 -44.99
C LYS M 218 17.84 -13.63 -43.60
N LEU M 219 17.62 -12.34 -43.48
CA LEU M 219 17.63 -11.75 -42.15
C LEU M 219 16.63 -12.44 -41.25
N ARG M 220 15.42 -12.64 -41.76
CA ARG M 220 14.29 -12.94 -40.90
C ARG M 220 14.54 -14.17 -40.06
N ILE M 221 14.92 -15.29 -40.70
CA ILE M 221 15.15 -16.48 -39.91
C ILE M 221 16.18 -16.21 -38.85
N HIS M 222 17.25 -15.51 -39.22
CA HIS M 222 18.31 -15.33 -38.27
C HIS M 222 17.84 -14.55 -37.06
N SER M 223 16.67 -13.94 -37.17
CA SER M 223 16.02 -13.43 -35.97
C SER M 223 15.34 -14.53 -35.19
N ILE M 224 14.55 -15.34 -35.88
CA ILE M 224 13.91 -16.47 -35.21
C ILE M 224 14.97 -17.33 -34.54
N GLN M 225 15.91 -17.81 -35.35
CA GLN M 225 16.93 -18.70 -34.86
C GLN M 225 17.59 -18.15 -33.62
N ALA M 226 17.77 -16.83 -33.56
CA ALA M 226 18.15 -16.24 -32.28
C ALA M 226 17.10 -16.54 -31.23
N GLU M 227 15.91 -15.96 -31.38
CA GLU M 227 14.88 -16.06 -30.35
C GLU M 227 14.75 -17.47 -29.85
N LEU M 228 14.88 -18.43 -30.75
CA LEU M 228 14.90 -19.82 -30.34
C LEU M 228 16.10 -20.11 -29.45
N ARG M 229 17.31 -19.85 -29.97
CA ARG M 229 18.51 -20.33 -29.30
C ARG M 229 18.50 -20.02 -27.83
N ARG M 230 18.21 -18.77 -27.48
CA ARG M 230 18.14 -18.45 -26.07
C ARG M 230 17.13 -19.35 -25.37
N LEU M 231 15.90 -19.33 -25.84
CA LEU M 231 14.82 -20.00 -25.12
C LEU M 231 15.16 -21.44 -24.85
N LEU M 232 15.69 -22.13 -25.85
CA LEU M 232 15.96 -23.56 -25.69
C LEU M 232 16.88 -23.82 -24.52
N LYS M 233 18.15 -23.44 -24.66
CA LYS M 233 19.10 -23.76 -23.60
C LYS M 233 18.80 -23.02 -22.31
N SER M 234 17.93 -22.02 -22.37
CA SER M 234 17.69 -21.20 -21.19
C SER M 234 17.19 -22.04 -20.03
N LYS M 235 15.96 -22.47 -20.11
CA LYS M 235 15.22 -22.88 -18.94
C LYS M 235 15.26 -24.39 -18.82
N PRO M 236 14.60 -24.96 -17.83
CA PRO M 236 14.09 -26.31 -18.00
C PRO M 236 13.45 -26.36 -19.36
N TYR M 237 13.52 -27.50 -20.04
CA TYR M 237 14.02 -27.60 -21.41
C TYR M 237 15.54 -27.54 -21.46
N GLU M 238 16.24 -27.89 -20.40
CA GLU M 238 17.69 -27.85 -20.50
C GLU M 238 18.20 -29.04 -21.29
N ASN M 239 17.57 -30.18 -21.10
CA ASN M 239 17.91 -31.38 -21.86
C ASN M 239 16.75 -31.71 -22.75
N CYS M 240 16.89 -31.44 -24.03
CA CYS M 240 15.91 -31.85 -25.01
C CYS M 240 16.69 -32.43 -26.16
N LEU M 241 16.02 -33.11 -27.06
CA LEU M 241 16.64 -33.40 -28.33
C LEU M 241 15.67 -33.12 -29.44
N LEU M 242 16.11 -32.34 -30.40
CA LEU M 242 15.46 -32.36 -31.69
C LEU M 242 15.70 -33.71 -32.31
N VAL M 243 14.91 -34.04 -33.30
CA VAL M 243 15.26 -35.14 -34.18
C VAL M 243 14.99 -34.65 -35.58
N LEU M 244 15.84 -35.02 -36.50
CA LEU M 244 15.69 -34.59 -37.88
C LEU M 244 15.61 -35.85 -38.73
N LEU M 245 14.52 -35.99 -39.45
CA LEU M 245 14.39 -37.14 -40.30
C LEU M 245 14.62 -36.70 -41.73
N ASN M 246 15.45 -37.45 -42.45
CA ASN M 246 15.69 -37.22 -43.87
C ASN M 246 16.26 -35.84 -44.11
N VAL M 247 17.36 -35.53 -43.40
CA VAL M 247 18.02 -34.27 -43.69
C VAL M 247 18.39 -34.23 -45.15
N GLN M 248 17.83 -33.27 -45.89
CA GLN M 248 18.06 -33.19 -47.33
C GLN M 248 19.01 -32.10 -47.84
N ASN M 249 19.27 -31.10 -47.01
CA ASN M 249 20.16 -30.02 -47.41
C ASN M 249 21.38 -29.99 -46.52
N ALA M 250 22.57 -29.97 -47.12
CA ALA M 250 23.71 -29.95 -46.33
C ALA M 250 23.82 -28.79 -45.60
N ALA M 252 20.85 -26.77 -44.59
CA ALA M 252 19.78 -27.03 -43.75
C ALA M 252 20.38 -27.15 -42.44
N TRP M 253 20.99 -28.42 -42.35
CA TRP M 253 21.59 -28.55 -41.05
C TRP M 253 21.73 -27.21 -40.37
N ASN M 254 22.56 -26.34 -40.95
CA ASN M 254 22.99 -25.13 -40.25
C ASN M 254 21.83 -24.26 -39.85
N ALA M 255 20.66 -24.55 -40.37
CA ALA M 255 19.46 -23.98 -39.78
C ALA M 255 19.50 -24.21 -38.28
N PHE M 256 19.52 -25.46 -37.87
CA PHE M 256 19.12 -25.84 -36.52
C PHE M 256 20.28 -25.91 -35.55
N ASN M 257 21.49 -25.54 -35.98
CA ASN M 257 22.71 -25.75 -35.21
C ASN M 257 22.56 -25.40 -33.74
N LEU M 258 21.80 -24.35 -33.48
CA LEU M 258 21.76 -23.70 -32.18
C LEU M 258 21.56 -24.65 -31.01
N SER M 259 20.94 -25.79 -31.26
CA SER M 259 20.33 -26.57 -30.20
C SER M 259 21.35 -27.38 -29.45
N CYS M 260 20.82 -28.36 -28.73
CA CYS M 260 21.59 -29.41 -28.14
C CYS M 260 21.07 -30.75 -28.58
N LYS M 261 21.91 -31.77 -28.41
CA LYS M 261 21.48 -33.16 -28.39
C LYS M 261 20.77 -33.60 -29.65
N ILE M 262 20.99 -32.95 -30.78
CA ILE M 262 20.15 -33.29 -31.91
C ILE M 262 20.56 -34.63 -32.47
N LEU M 263 19.86 -35.08 -33.50
CA LEU M 263 20.03 -36.40 -34.04
C LEU M 263 19.65 -36.37 -35.51
N LEU M 264 20.28 -37.21 -36.32
CA LEU M 264 20.09 -37.10 -37.75
C LEU M 264 19.73 -38.43 -38.37
N THR M 265 19.25 -38.34 -39.60
CA THR M 265 19.11 -39.48 -40.49
C THR M 265 19.43 -38.95 -41.86
N THR M 266 20.18 -39.61 -42.58
CA THR M 266 20.52 -39.10 -43.89
C THR M 266 20.81 -40.20 -44.87
N ARG M 267 20.29 -40.03 -46.08
CA ARG M 267 20.74 -40.82 -47.21
C ARG M 267 22.10 -40.33 -47.68
N PHE M 268 22.21 -39.04 -47.97
CA PHE M 268 23.27 -38.53 -48.82
C PHE M 268 24.63 -38.66 -48.18
N LYS M 269 25.57 -39.16 -48.95
CA LYS M 269 26.97 -39.24 -48.56
C LYS M 269 27.48 -37.89 -48.08
N GLN M 270 27.14 -36.83 -48.79
CA GLN M 270 27.77 -35.55 -48.52
C GLN M 270 27.48 -35.04 -47.12
N VAL M 271 26.39 -35.49 -46.51
CA VAL M 271 26.17 -35.14 -45.12
C VAL M 271 27.13 -35.91 -44.22
N THR M 272 27.00 -37.23 -44.19
CA THR M 272 27.84 -38.02 -43.29
C THR M 272 29.31 -37.74 -43.50
N ASP M 273 29.68 -37.19 -44.66
CA ASP M 273 31.05 -36.73 -44.83
C ASP M 273 31.26 -35.37 -44.21
N PHE M 274 30.28 -34.48 -44.34
CA PHE M 274 30.40 -33.11 -43.86
C PHE M 274 30.65 -33.06 -42.37
N LEU M 275 29.95 -33.89 -41.61
CA LEU M 275 30.24 -34.06 -40.20
C LEU M 275 31.53 -34.85 -40.03
N SER M 276 32.10 -34.78 -38.84
CA SER M 276 33.36 -35.44 -38.55
C SER M 276 33.35 -36.05 -37.16
N ALA M 277 34.03 -37.18 -37.00
CA ALA M 277 33.92 -37.95 -35.76
C ALA M 277 34.36 -37.15 -34.56
N ALA M 278 35.01 -36.01 -34.77
CA ALA M 278 35.43 -35.20 -33.64
C ALA M 278 34.24 -34.83 -32.76
N THR M 279 33.23 -34.20 -33.33
CA THR M 279 32.12 -33.74 -32.50
C THR M 279 30.94 -34.68 -32.57
N THR M 280 30.98 -35.69 -33.42
CA THR M 280 29.83 -36.57 -33.59
C THR M 280 30.28 -38.02 -33.61
N THR M 281 29.33 -38.92 -33.50
CA THR M 281 29.53 -40.34 -33.73
C THR M 281 28.88 -40.72 -35.03
N HIS M 282 28.92 -42.01 -35.36
CA HIS M 282 28.19 -42.54 -36.49
C HIS M 282 27.40 -43.76 -36.05
N ILE M 283 26.32 -44.04 -36.76
CA ILE M 283 25.74 -45.37 -36.84
C ILE M 283 25.47 -45.63 -38.31
N SER M 284 26.16 -46.61 -38.87
CA SER M 284 25.91 -46.96 -40.26
C SER M 284 24.98 -48.15 -40.27
N LEU M 285 24.02 -48.14 -41.18
CA LEU M 285 23.21 -49.35 -41.30
C LEU M 285 23.64 -50.25 -42.47
N ASP M 286 24.65 -49.87 -43.23
CA ASP M 286 25.15 -50.73 -44.29
C ASP M 286 26.12 -51.78 -43.74
N HIS M 287 26.84 -51.41 -42.69
CA HIS M 287 27.85 -52.26 -42.11
C HIS M 287 27.22 -53.61 -41.80
N HIS M 288 27.81 -54.66 -42.35
CA HIS M 288 27.09 -55.92 -42.52
C HIS M 288 26.65 -56.48 -41.19
N SER M 289 27.37 -56.17 -40.12
CA SER M 289 26.99 -56.70 -38.82
C SER M 289 25.71 -56.06 -38.32
N MET M 290 25.36 -54.90 -38.85
CA MET M 290 24.23 -54.15 -38.31
C MET M 290 22.91 -54.63 -38.89
N THR M 291 22.94 -55.36 -40.00
CA THR M 291 21.75 -55.45 -40.83
C THR M 291 20.99 -56.77 -40.90
N LEU M 292 19.71 -56.87 -40.33
CA LEU M 292 18.71 -57.89 -40.62
C LEU M 292 19.34 -59.28 -40.70
N THR M 293 19.66 -59.79 -39.51
CA THR M 293 19.94 -61.21 -39.36
C THR M 293 18.85 -61.99 -40.05
N PRO M 294 19.20 -62.93 -40.92
CA PRO M 294 18.16 -63.64 -41.68
C PRO M 294 17.08 -64.21 -40.80
N ASP M 295 17.40 -64.47 -39.53
CA ASP M 295 16.36 -64.84 -38.59
C ASP M 295 15.33 -63.74 -38.43
N GLU M 296 15.76 -62.49 -38.52
CA GLU M 296 14.81 -61.40 -38.38
C GLU M 296 13.81 -61.40 -39.51
N VAL M 297 14.30 -61.51 -40.75
CA VAL M 297 13.42 -61.45 -41.90
C VAL M 297 12.23 -62.36 -41.72
N LYS M 298 12.47 -63.53 -41.14
CA LYS M 298 11.37 -64.40 -40.77
C LYS M 298 10.32 -63.64 -39.99
N SER M 299 10.72 -63.00 -38.90
CA SER M 299 9.73 -62.36 -38.04
C SER M 299 9.03 -61.23 -38.79
N LEU M 300 9.78 -60.35 -39.42
CA LEU M 300 9.16 -59.28 -40.18
C LEU M 300 8.25 -59.84 -41.27
N LEU M 301 8.81 -60.65 -42.15
CA LEU M 301 8.02 -61.16 -43.26
C LEU M 301 6.85 -61.97 -42.76
N LEU M 302 6.87 -62.32 -41.47
CA LEU M 302 5.73 -63.03 -40.91
C LEU M 302 4.53 -62.12 -40.76
N LYS M 303 4.71 -60.99 -40.09
CA LYS M 303 3.55 -60.24 -39.58
C LYS M 303 2.64 -59.77 -40.70
N TYR M 304 3.16 -59.70 -41.93
CA TYR M 304 2.26 -59.35 -43.02
C TYR M 304 1.48 -60.55 -43.51
N LEU M 305 2.15 -61.68 -43.70
CA LEU M 305 1.46 -62.79 -44.32
C LEU M 305 0.55 -63.56 -43.37
N ASP M 306 0.83 -63.53 -42.08
CA ASP M 306 -0.04 -64.17 -41.07
C ASP M 306 -0.19 -65.65 -41.35
N CYS M 307 0.93 -66.34 -41.46
CA CYS M 307 0.94 -67.77 -41.74
C CYS M 307 2.13 -68.43 -41.08
N ARG M 308 2.01 -69.70 -40.87
CA ARG M 308 2.97 -70.47 -40.11
C ARG M 308 4.36 -70.38 -40.72
N PRO M 309 5.41 -70.66 -39.94
CA PRO M 309 6.77 -70.60 -40.50
C PRO M 309 7.00 -71.57 -41.63
N GLN M 310 6.15 -72.58 -41.78
CA GLN M 310 6.21 -73.40 -42.99
C GLN M 310 5.91 -72.57 -44.24
N ASP M 311 5.17 -71.47 -44.07
CA ASP M 311 4.76 -70.63 -45.18
C ASP M 311 5.75 -69.51 -45.47
N LEU M 312 6.90 -69.54 -44.81
CA LEU M 312 7.96 -68.55 -44.98
C LEU M 312 8.68 -68.72 -46.33
N PRO M 313 9.16 -67.56 -46.92
CA PRO M 313 9.84 -67.76 -48.21
C PRO M 313 11.21 -68.46 -48.10
N ARG M 314 11.57 -69.21 -49.13
CA ARG M 314 12.85 -69.93 -49.16
C ARG M 314 13.71 -69.46 -50.34
N GLU M 315 14.99 -69.20 -50.09
CA GLU M 315 15.90 -68.72 -51.14
C GLU M 315 16.54 -67.37 -50.82
N VAL M 316 16.08 -66.74 -49.73
CA VAL M 316 16.57 -65.44 -49.24
C VAL M 316 16.48 -64.29 -50.24
N LEU M 317 15.45 -63.47 -50.05
CA LEU M 317 15.15 -62.29 -50.86
C LEU M 317 16.02 -61.03 -50.83
N THR M 318 16.52 -60.63 -49.66
CA THR M 318 17.23 -59.36 -49.54
C THR M 318 17.17 -58.96 -48.09
N THR M 319 18.04 -58.08 -47.55
CA THR M 319 17.77 -57.35 -46.33
C THR M 319 17.74 -55.88 -46.71
N ASN M 320 16.53 -55.35 -46.85
CA ASN M 320 16.27 -53.97 -46.68
C ASN M 320 14.86 -54.11 -46.15
N PRO M 321 14.48 -53.35 -45.16
CA PRO M 321 13.07 -53.36 -44.81
C PRO M 321 12.22 -52.79 -45.93
N ARG M 322 12.61 -51.65 -46.47
CA ARG M 322 11.96 -51.23 -47.68
C ARG M 322 12.23 -52.26 -48.76
N ARG M 323 11.28 -52.38 -49.67
CA ARG M 323 11.29 -53.40 -50.73
C ARG M 323 11.09 -54.76 -50.13
N LEU M 324 11.30 -54.89 -48.83
CA LEU M 324 10.85 -56.14 -48.27
C LEU M 324 9.36 -56.05 -47.99
N SER M 325 8.93 -54.92 -47.44
CA SER M 325 7.51 -54.74 -47.21
C SER M 325 6.73 -54.87 -48.51
N ILE M 326 7.12 -54.12 -49.54
CA ILE M 326 6.35 -54.14 -50.78
C ILE M 326 6.06 -55.56 -51.21
N ILE M 327 7.08 -56.41 -51.17
CA ILE M 327 6.83 -57.83 -51.36
C ILE M 327 5.79 -58.31 -50.36
N ALA M 328 6.14 -58.24 -49.09
CA ALA M 328 5.25 -58.76 -48.05
C ALA M 328 3.85 -58.20 -48.20
N GLU M 329 3.75 -56.95 -48.63
CA GLU M 329 2.42 -56.39 -48.77
C GLU M 329 1.75 -56.88 -50.03
N SER M 330 2.48 -56.89 -51.15
CA SER M 330 1.89 -57.29 -52.41
C SER M 330 1.28 -58.68 -52.31
N ILE M 331 1.80 -59.51 -51.42
CA ILE M 331 1.26 -60.85 -51.32
C ILE M 331 0.01 -60.89 -50.47
N ARG M 332 0.01 -60.18 -49.34
CA ARG M 332 -1.18 -60.19 -48.51
C ARG M 332 -2.39 -59.67 -49.26
N ASP M 333 -2.15 -58.98 -50.37
CA ASP M 333 -3.27 -58.44 -51.12
C ASP M 333 -3.20 -58.79 -52.59
N GLY M 334 -2.25 -58.19 -53.29
CA GLY M 334 -2.28 -58.13 -54.74
C GLY M 334 -1.74 -59.39 -55.35
N LEU M 335 -1.11 -59.23 -56.49
CA LEU M 335 -0.58 -60.36 -57.23
C LEU M 335 0.75 -60.81 -56.65
N ALA M 336 1.45 -61.63 -57.43
CA ALA M 336 2.78 -62.19 -57.25
C ALA M 336 2.78 -63.53 -56.52
N THR M 337 1.65 -63.98 -55.98
CA THR M 337 1.49 -65.38 -55.58
C THR M 337 2.46 -65.75 -54.47
N TRP M 338 3.36 -64.82 -54.17
CA TRP M 338 4.56 -65.00 -53.36
C TRP M 338 5.54 -65.88 -54.10
N ASP M 339 5.07 -66.63 -55.10
CA ASP M 339 5.94 -67.42 -55.94
C ASP M 339 6.17 -66.80 -57.31
N ASN M 340 5.50 -65.70 -57.64
CA ASN M 340 5.53 -65.20 -59.01
C ASN M 340 6.65 -64.20 -59.26
N TRP M 341 6.62 -63.20 -58.39
CA TRP M 341 7.33 -61.94 -58.37
C TRP M 341 8.58 -61.72 -59.19
N LYS M 342 8.28 -61.01 -60.27
CA LYS M 342 9.20 -60.47 -61.26
C LYS M 342 8.74 -59.01 -61.27
N HIS M 343 7.42 -58.84 -61.38
CA HIS M 343 6.78 -57.53 -61.40
C HIS M 343 6.93 -56.77 -60.07
N VAL M 344 6.76 -57.45 -58.93
CA VAL M 344 6.96 -56.73 -57.68
C VAL M 344 6.40 -55.31 -57.78
N ASN M 345 5.09 -55.19 -57.92
CA ASN M 345 4.33 -53.98 -57.58
C ASN M 345 5.08 -52.72 -58.00
N CYS M 346 5.50 -52.73 -59.26
CA CYS M 346 6.48 -51.76 -59.72
C CYS M 346 6.16 -50.35 -59.25
N ASP M 347 4.87 -49.99 -59.26
CA ASP M 347 4.46 -48.63 -58.98
C ASP M 347 5.07 -48.08 -57.69
N LYS M 348 4.69 -48.64 -56.54
CA LYS M 348 5.26 -48.17 -55.28
C LYS M 348 6.77 -48.24 -55.32
N LEU M 349 7.30 -49.41 -55.65
CA LEU M 349 8.73 -49.55 -55.85
C LEU M 349 9.25 -48.46 -56.77
N THR M 350 8.60 -48.26 -57.91
CA THR M 350 8.96 -47.15 -58.76
C THR M 350 8.75 -45.81 -58.06
N THR M 351 7.53 -45.53 -57.64
CA THR M 351 7.19 -44.19 -57.18
C THR M 351 8.13 -43.76 -56.05
N ILE M 352 8.62 -44.71 -55.27
CA ILE M 352 9.64 -44.39 -54.27
C ILE M 352 10.99 -44.20 -54.94
N ILE M 353 11.40 -45.15 -55.76
CA ILE M 353 12.73 -45.05 -56.35
C ILE M 353 12.76 -43.89 -57.34
N GLU M 354 11.65 -43.63 -58.00
CA GLU M 354 11.67 -42.61 -59.05
C GLU M 354 11.99 -41.24 -58.49
N SER M 355 11.13 -40.75 -57.59
CA SER M 355 11.40 -39.43 -57.01
C SER M 355 12.75 -39.42 -56.34
N SER M 356 13.18 -40.57 -55.81
CA SER M 356 14.44 -40.64 -55.11
C SER M 356 15.60 -40.27 -56.03
N LEU M 357 15.37 -40.34 -57.33
CA LEU M 357 16.40 -39.92 -58.27
C LEU M 357 16.22 -38.49 -58.72
N ASN M 358 15.15 -37.84 -58.28
CA ASN M 358 14.78 -36.55 -58.85
C ASN M 358 15.82 -35.47 -58.62
N VAL M 359 16.86 -35.77 -57.84
CA VAL M 359 17.80 -34.73 -57.44
C VAL M 359 18.67 -34.29 -58.62
N LEU M 360 18.96 -35.20 -59.53
CA LEU M 360 20.07 -35.02 -60.45
C LEU M 360 19.73 -34.06 -61.60
N GLU M 361 20.78 -33.57 -62.27
CA GLU M 361 20.68 -32.78 -63.50
C GLU M 361 20.26 -33.67 -64.65
N PRO M 362 19.07 -33.45 -65.22
CA PRO M 362 18.45 -34.52 -66.03
C PRO M 362 19.24 -34.91 -67.26
N ALA M 363 19.61 -33.94 -68.09
CA ALA M 363 20.35 -34.29 -69.29
C ALA M 363 21.81 -34.51 -68.97
N GLU M 364 22.36 -33.64 -68.14
CA GLU M 364 23.69 -33.82 -67.61
C GLU M 364 23.89 -35.20 -66.98
N TYR M 365 22.88 -35.72 -66.29
CA TYR M 365 23.08 -36.93 -65.50
C TYR M 365 22.02 -37.99 -65.76
N ARG M 366 20.74 -37.69 -65.51
CA ARG M 366 19.76 -38.77 -65.57
C ARG M 366 19.82 -39.54 -66.89
N LYS M 367 20.32 -38.91 -67.95
CA LYS M 367 20.68 -39.68 -69.12
C LYS M 367 21.63 -40.82 -68.78
N MET M 368 22.45 -40.63 -67.74
CA MET M 368 23.62 -41.48 -67.58
C MET M 368 23.31 -42.80 -66.88
N PHE M 369 22.43 -42.81 -65.88
CA PHE M 369 21.93 -44.07 -65.37
C PHE M 369 21.45 -44.96 -66.50
N ASP M 370 20.62 -44.39 -67.38
CA ASP M 370 20.07 -45.14 -68.49
C ASP M 370 21.13 -45.95 -69.18
N ARG M 371 22.33 -45.39 -69.29
CA ARG M 371 23.46 -46.17 -69.76
C ARG M 371 23.74 -47.35 -68.85
N LEU M 372 23.76 -47.12 -67.54
CA LEU M 372 24.27 -48.14 -66.63
C LEU M 372 23.50 -49.46 -66.73
N SER M 373 22.32 -49.46 -67.34
CA SER M 373 21.59 -50.71 -67.50
C SER M 373 22.37 -51.70 -68.35
N VAL M 374 23.39 -51.22 -69.06
CA VAL M 374 24.24 -52.09 -69.86
C VAL M 374 24.79 -53.24 -69.03
N PHE M 375 24.96 -53.03 -67.77
CA PHE M 375 25.84 -53.92 -67.04
C PHE M 375 25.08 -55.09 -66.42
N PRO M 376 25.66 -56.27 -66.44
CA PRO M 376 25.09 -57.41 -65.72
C PRO M 376 25.17 -57.17 -64.23
N PRO M 377 24.11 -57.49 -63.49
CA PRO M 377 24.01 -57.05 -62.10
C PRO M 377 25.14 -57.57 -61.21
N SER M 378 25.33 -56.88 -60.09
CA SER M 378 26.15 -57.26 -58.94
C SER M 378 27.65 -57.23 -59.17
N ALA M 379 28.11 -57.01 -60.40
CA ALA M 379 29.54 -57.11 -60.69
C ALA M 379 30.26 -55.82 -60.31
N HIS M 380 31.52 -55.73 -60.75
CA HIS M 380 32.27 -54.49 -60.71
C HIS M 380 32.49 -54.02 -62.14
N ILE M 381 32.59 -52.71 -62.32
CA ILE M 381 32.81 -52.14 -63.63
C ILE M 381 34.09 -51.33 -63.62
N PRO M 382 35.07 -51.65 -64.44
CA PRO M 382 36.27 -50.82 -64.53
C PRO M 382 35.93 -49.41 -64.97
N THR M 383 36.40 -48.43 -64.20
CA THR M 383 36.19 -47.04 -64.58
C THR M 383 36.73 -46.73 -65.96
N ILE M 384 37.93 -47.20 -66.28
CA ILE M 384 38.46 -47.03 -67.62
C ILE M 384 37.43 -47.49 -68.66
N LEU M 385 36.85 -48.66 -68.44
CA LEU M 385 35.80 -49.14 -69.33
C LEU M 385 34.65 -48.16 -69.39
N LEU M 386 34.30 -47.60 -68.24
CA LEU M 386 33.18 -46.66 -68.17
C LEU M 386 33.33 -45.52 -69.15
N SER M 387 34.56 -45.20 -69.53
CA SER M 387 34.80 -44.04 -70.39
C SER M 387 34.05 -44.16 -71.70
N LEU M 388 33.87 -45.38 -72.20
CA LEU M 388 33.29 -45.56 -73.52
C LEU M 388 31.82 -45.16 -73.55
N ILE M 389 31.05 -45.61 -72.57
CA ILE M 389 29.60 -45.58 -72.61
C ILE M 389 29.05 -44.23 -73.02
N TRP M 390 29.30 -43.20 -72.20
CA TRP M 390 28.60 -41.95 -72.47
C TRP M 390 29.18 -41.25 -73.67
N PHE M 391 30.37 -40.68 -73.49
CA PHE M 391 31.02 -39.92 -74.55
C PHE M 391 30.14 -38.74 -74.98
N ASP M 392 29.16 -38.37 -74.15
CA ASP M 392 28.45 -37.11 -74.33
C ASP M 392 29.20 -35.96 -73.69
N VAL M 393 29.73 -36.17 -72.49
CA VAL M 393 30.74 -35.31 -71.89
C VAL M 393 32.01 -36.14 -71.76
N ILE M 394 33.15 -35.45 -71.78
CA ILE M 394 34.38 -36.04 -72.27
C ILE M 394 35.47 -36.02 -71.19
N LYS M 395 36.46 -36.88 -71.41
CA LYS M 395 37.79 -36.89 -70.77
C LYS M 395 37.65 -37.16 -69.26
N SER M 396 38.34 -36.40 -68.41
CA SER M 396 38.39 -36.68 -66.98
C SER M 396 37.01 -36.62 -66.33
N ASP M 397 36.03 -36.08 -67.02
CA ASP M 397 34.69 -35.94 -66.46
C ASP M 397 34.20 -37.26 -65.89
N VAL M 398 34.69 -38.38 -66.44
CA VAL M 398 34.36 -39.68 -65.88
C VAL M 398 34.53 -39.68 -64.37
N MET M 399 35.77 -39.54 -63.89
CA MET M 399 35.96 -39.48 -62.46
C MET M 399 35.21 -38.32 -61.85
N VAL M 400 35.06 -37.23 -62.59
CA VAL M 400 34.23 -36.13 -62.10
C VAL M 400 32.80 -36.61 -61.95
N VAL M 401 32.29 -37.29 -62.97
CA VAL M 401 30.92 -37.81 -62.88
C VAL M 401 30.75 -38.68 -61.65
N VAL M 402 31.44 -39.81 -61.62
CA VAL M 402 31.21 -40.78 -60.54
C VAL M 402 31.20 -40.07 -59.21
N ASN M 403 32.19 -39.22 -58.96
CA ASN M 403 32.17 -38.41 -57.76
C ASN M 403 30.88 -37.62 -57.67
N LYS M 404 30.65 -36.72 -58.63
CA LYS M 404 29.41 -35.95 -58.64
C LYS M 404 28.22 -36.86 -58.47
N LEU M 405 28.31 -38.04 -59.04
CA LEU M 405 27.27 -39.03 -58.80
C LEU M 405 27.41 -39.62 -57.41
N HIS M 406 28.60 -40.09 -57.08
CA HIS M 406 28.81 -40.84 -55.84
C HIS M 406 28.29 -40.11 -54.62
N LYS M 407 28.42 -38.80 -54.58
CA LYS M 407 28.01 -38.08 -53.38
C LYS M 407 26.57 -38.37 -53.03
N TYR M 408 25.74 -38.60 -54.03
CA TYR M 408 24.41 -39.08 -53.75
C TYR M 408 24.48 -40.56 -53.42
N SER M 409 23.73 -40.97 -52.41
CA SER M 409 24.11 -42.17 -51.67
C SER M 409 24.23 -43.36 -52.58
N LEU M 410 25.44 -43.91 -52.65
CA LEU M 410 25.79 -45.12 -53.38
C LEU M 410 25.06 -45.18 -54.72
N VAL M 411 24.71 -44.03 -55.28
CA VAL M 411 24.08 -44.11 -56.57
C VAL M 411 25.12 -44.54 -57.58
N GLU M 412 26.39 -44.26 -57.30
CA GLU M 412 27.47 -45.00 -57.92
C GLU M 412 27.89 -46.24 -57.14
N LYS M 413 28.03 -46.14 -55.81
CA LYS M 413 28.58 -47.19 -54.95
C LYS M 413 30.05 -47.51 -55.26
N GLN M 414 30.91 -46.62 -54.77
CA GLN M 414 32.38 -46.77 -54.90
C GLN M 414 32.90 -48.05 -54.27
N PRO M 415 33.86 -48.58 -55.25
CA PRO M 415 34.77 -49.60 -54.71
C PRO M 415 36.14 -49.00 -54.43
N LYS M 416 36.48 -47.96 -55.20
CA LYS M 416 37.74 -47.22 -55.13
C LYS M 416 39.00 -48.01 -55.54
N GLU M 417 38.84 -49.04 -56.37
CA GLU M 417 40.00 -49.52 -57.13
C GLU M 417 39.69 -49.67 -58.62
N SER M 418 40.26 -48.76 -59.41
CA SER M 418 40.26 -48.80 -60.87
C SER M 418 38.90 -49.15 -61.49
N THR M 419 37.82 -48.82 -60.81
CA THR M 419 36.47 -49.29 -61.17
C THR M 419 35.34 -48.47 -60.54
N ILE M 420 34.12 -48.87 -60.86
CA ILE M 420 32.92 -48.43 -60.16
C ILE M 420 32.11 -49.68 -59.83
N SER M 421 31.20 -49.57 -58.86
CA SER M 421 30.40 -50.72 -58.47
C SER M 421 28.91 -50.45 -58.63
N ILE M 422 28.12 -51.50 -58.84
CA ILE M 422 26.70 -51.27 -59.05
C ILE M 422 26.14 -50.45 -57.90
N PRO M 423 25.25 -49.45 -58.27
CA PRO M 423 24.74 -48.66 -57.14
C PRO M 423 24.04 -49.57 -56.17
N SER M 424 23.27 -50.52 -56.70
CA SER M 424 22.61 -51.47 -55.84
C SER M 424 21.65 -52.23 -56.72
N ILE M 425 20.88 -53.12 -56.11
CA ILE M 425 19.76 -53.70 -56.83
C ILE M 425 18.75 -52.62 -57.20
N TYR M 426 18.42 -51.75 -56.24
CA TYR M 426 17.36 -50.78 -56.42
C TYR M 426 17.54 -49.91 -57.64
N LEU M 427 18.50 -49.00 -57.55
CA LEU M 427 18.66 -48.03 -58.61
C LEU M 427 18.90 -48.74 -59.93
N GLU M 428 19.21 -50.04 -59.89
CA GLU M 428 19.10 -50.92 -61.04
C GLU M 428 17.68 -51.41 -61.26
N LEU M 429 17.30 -52.01 -60.17
CA LEU M 429 16.08 -52.81 -60.31
C LEU M 429 14.96 -52.07 -61.03
N LYS M 430 15.02 -50.75 -61.15
CA LYS M 430 13.82 -49.98 -61.47
C LYS M 430 13.11 -50.47 -62.72
N VAL M 431 13.61 -50.12 -63.91
CA VAL M 431 12.95 -50.53 -65.15
C VAL M 431 13.93 -50.66 -66.31
N LYS M 432 13.72 -51.70 -67.12
CA LYS M 432 13.54 -51.50 -68.55
C LYS M 432 14.45 -50.44 -69.16
N LEU M 433 15.70 -50.83 -69.43
CA LEU M 433 16.77 -49.94 -69.87
C LEU M 433 16.36 -48.90 -70.90
N GLU M 434 15.48 -49.26 -71.84
CA GLU M 434 15.11 -48.37 -72.93
C GLU M 434 16.35 -47.94 -73.69
N ASN M 435 16.66 -46.64 -73.63
CA ASN M 435 17.92 -46.08 -74.09
C ASN M 435 18.01 -46.18 -75.61
N GLU M 436 17.06 -46.88 -76.22
CA GLU M 436 16.81 -46.83 -77.66
C GLU M 436 18.06 -47.26 -78.41
N TYR M 437 18.69 -46.38 -79.21
CA TYR M 437 19.79 -46.74 -80.10
C TYR M 437 20.89 -47.50 -79.39
N ALA M 438 21.04 -47.30 -78.08
CA ALA M 438 22.28 -47.62 -77.39
C ALA M 438 22.80 -49.02 -77.70
N LEU M 439 21.92 -50.02 -77.62
CA LEU M 439 22.33 -51.40 -77.35
C LEU M 439 23.53 -51.86 -78.18
N HIS M 440 23.33 -52.15 -79.46
CA HIS M 440 24.39 -52.77 -80.26
C HIS M 440 25.71 -52.05 -80.11
N ARG M 441 25.79 -50.83 -80.65
CA ARG M 441 27.04 -50.07 -80.63
C ARG M 441 27.61 -49.97 -79.21
N SER M 442 26.75 -49.71 -78.22
CA SER M 442 27.23 -49.60 -76.86
C SER M 442 27.68 -50.96 -76.33
N ILE M 443 26.82 -52.04 -76.54
CA ILE M 443 27.28 -53.39 -76.21
C ILE M 443 28.38 -53.84 -77.17
N VAL M 444 28.15 -53.70 -78.47
CA VAL M 444 29.16 -54.05 -79.46
C VAL M 444 30.45 -53.30 -79.27
N ASP M 445 30.46 -51.96 -79.37
CA ASP M 445 31.72 -51.23 -79.38
C ASP M 445 32.46 -51.41 -78.06
N HIS M 446 31.75 -51.67 -76.98
CA HIS M 446 32.41 -51.90 -75.70
C HIS M 446 33.17 -53.23 -75.71
N TYR M 447 33.03 -53.99 -76.79
CA TYR M 447 33.91 -55.14 -77.02
C TYR M 447 35.29 -54.64 -77.40
N ASN M 448 35.47 -53.33 -77.44
CA ASN M 448 36.64 -52.72 -78.06
C ASN M 448 37.96 -53.42 -77.73
N ILE M 449 38.12 -53.86 -76.49
CA ILE M 449 39.42 -54.34 -76.04
C ILE M 449 40.00 -55.59 -76.78
N PRO M 450 39.35 -56.76 -76.72
CA PRO M 450 40.09 -58.00 -77.05
C PRO M 450 40.61 -58.11 -78.48
N LYS M 451 39.77 -57.88 -79.50
CA LYS M 451 40.07 -58.37 -80.85
C LYS M 451 41.46 -57.94 -81.32
N THR M 452 41.88 -56.90 -80.64
CA THR M 452 43.26 -56.46 -80.81
C THR M 452 44.22 -57.60 -80.51
N PHE M 453 44.26 -58.04 -79.26
CA PHE M 453 45.04 -59.21 -78.91
C PHE M 453 44.34 -60.48 -79.39
N ASP M 454 45.03 -61.28 -80.19
CA ASP M 454 44.45 -62.56 -80.56
C ASP M 454 45.33 -63.72 -80.12
N SER M 455 46.45 -63.93 -80.81
CA SER M 455 47.32 -65.07 -80.53
C SER M 455 48.76 -64.60 -80.44
N ASP M 456 49.44 -64.98 -79.36
CA ASP M 456 50.83 -64.62 -79.10
C ASP M 456 51.40 -65.52 -78.00
N ASP M 457 52.62 -65.18 -77.60
CA ASP M 457 53.33 -65.92 -76.56
C ASP M 457 52.78 -65.58 -75.18
N LEU M 458 53.01 -66.50 -74.24
CA LEU M 458 52.95 -66.21 -72.81
C LEU M 458 51.55 -65.79 -72.37
N ILE M 459 51.47 -64.76 -71.52
CA ILE M 459 50.25 -64.35 -70.84
C ILE M 459 49.81 -62.97 -71.35
N PRO M 460 48.64 -62.92 -71.95
CA PRO M 460 48.11 -61.71 -72.60
C PRO M 460 47.70 -60.54 -71.74
N PRO M 461 47.80 -59.29 -72.37
CA PRO M 461 47.35 -58.18 -71.53
C PRO M 461 45.85 -58.14 -71.74
N TYR M 462 45.17 -58.75 -70.77
CA TYR M 462 43.73 -58.91 -70.76
C TYR M 462 43.19 -58.37 -69.44
N LEU M 463 41.98 -57.81 -69.47
CA LEU M 463 41.63 -56.80 -68.49
C LEU M 463 41.02 -57.44 -67.25
N ASP M 464 41.80 -57.42 -66.18
CA ASP M 464 41.46 -57.58 -64.77
C ASP M 464 40.55 -58.80 -64.57
N GLN M 465 39.61 -58.68 -63.63
CA GLN M 465 38.67 -59.74 -63.31
C GLN M 465 37.28 -59.52 -63.90
N TYR M 466 37.05 -58.38 -64.56
CA TYR M 466 35.74 -58.19 -65.18
C TYR M 466 35.61 -58.98 -66.47
N PHE M 467 36.59 -58.89 -67.35
CA PHE M 467 36.46 -59.57 -68.64
C PHE M 467 36.30 -61.07 -68.63
N TYR M 468 36.97 -61.73 -67.70
CA TYR M 468 36.88 -63.16 -67.60
C TYR M 468 35.43 -63.56 -67.33
N SER M 469 34.67 -62.69 -66.67
CA SER M 469 33.31 -63.05 -66.33
C SER M 469 32.35 -62.75 -67.46
N HIS M 470 32.02 -61.48 -67.64
CA HIS M 470 30.84 -61.11 -68.38
C HIS M 470 31.10 -60.73 -69.83
N ILE M 471 32.35 -60.81 -70.29
CA ILE M 471 32.65 -60.41 -71.66
C ILE M 471 31.69 -61.08 -72.63
N GLY M 472 31.26 -62.30 -72.31
CA GLY M 472 30.29 -62.96 -73.15
C GLY M 472 28.94 -62.27 -73.12
N HIS M 473 28.57 -61.68 -72.00
CA HIS M 473 27.34 -60.92 -72.00
C HIS M 473 27.33 -59.87 -73.07
N HIS M 474 28.38 -59.08 -73.15
CA HIS M 474 28.47 -58.12 -74.24
C HIS M 474 28.38 -58.79 -75.59
N LEU M 475 28.79 -60.04 -75.70
CA LEU M 475 28.58 -60.76 -76.94
C LEU M 475 27.12 -60.98 -77.22
N LYS M 476 26.27 -61.00 -76.18
CA LYS M 476 24.85 -61.30 -76.37
C LYS M 476 24.21 -60.40 -77.42
N ASN M 477 24.72 -59.19 -77.59
CA ASN M 477 24.19 -58.27 -78.57
C ASN M 477 24.95 -58.31 -79.89
N ILE M 478 25.88 -59.24 -80.06
CA ILE M 478 26.76 -59.19 -81.22
C ILE M 478 26.47 -60.38 -82.13
N GLU M 479 27.11 -60.42 -83.29
CA GLU M 479 26.93 -61.52 -84.23
C GLU M 479 27.41 -62.83 -83.63
N HIS M 480 26.54 -63.83 -83.64
CA HIS M 480 26.79 -65.09 -82.98
C HIS M 480 27.95 -65.84 -83.65
N PRO M 481 27.93 -66.06 -84.97
CA PRO M 481 29.13 -66.66 -85.58
C PRO M 481 30.36 -65.83 -85.29
N GLU M 482 30.23 -64.51 -85.39
CA GLU M 482 31.34 -63.64 -85.03
C GLU M 482 31.74 -63.86 -83.57
N ARG M 483 30.78 -64.23 -82.72
CA ARG M 483 31.24 -64.61 -81.38
C ARG M 483 31.75 -66.04 -81.40
N MET M 484 31.02 -66.96 -82.03
CA MET M 484 31.44 -68.36 -82.02
C MET M 484 32.88 -68.49 -82.51
N THR M 485 33.28 -67.60 -83.41
CA THR M 485 34.70 -67.37 -83.64
C THR M 485 35.40 -66.98 -82.35
N LEU M 486 35.07 -65.79 -81.84
CA LEU M 486 35.78 -65.18 -80.72
C LEU M 486 35.14 -65.44 -79.37
N PHE M 487 34.08 -66.24 -79.29
CA PHE M 487 33.54 -66.56 -77.99
C PHE M 487 34.52 -67.36 -77.17
N ARG M 488 35.54 -67.92 -77.82
CA ARG M 488 36.67 -68.55 -77.17
C ARG M 488 36.22 -69.74 -76.32
N MET M 489 35.04 -70.28 -76.62
CA MET M 489 34.90 -71.74 -76.58
C MET M 489 36.01 -72.36 -77.40
N VAL M 490 36.26 -71.77 -78.56
CA VAL M 490 37.33 -72.22 -79.44
C VAL M 490 38.68 -72.04 -78.78
N PHE M 491 38.92 -70.87 -78.19
CA PHE M 491 40.27 -70.49 -77.80
C PHE M 491 40.55 -71.07 -76.41
N LEU M 492 41.54 -71.95 -76.33
CA LEU M 492 41.94 -72.55 -75.07
C LEU M 492 42.87 -71.62 -74.29
N ASP M 493 43.57 -70.73 -74.99
CA ASP M 493 44.54 -69.81 -74.38
C ASP M 493 43.90 -68.90 -73.35
N PHE M 494 43.09 -67.93 -73.82
CA PHE M 494 42.39 -67.03 -72.92
C PHE M 494 41.60 -67.77 -71.86
N ARG M 495 40.93 -68.83 -72.27
CA ARG M 495 39.80 -69.34 -71.51
C ARG M 495 40.19 -69.77 -70.10
N PHE M 496 41.26 -70.56 -69.97
CA PHE M 496 41.67 -71.06 -68.68
C PHE M 496 41.96 -69.94 -67.69
N LEU M 497 42.36 -68.78 -68.20
CA LEU M 497 42.83 -67.70 -67.33
C LEU M 497 41.72 -67.18 -66.42
N GLU M 498 40.47 -67.52 -66.72
CA GLU M 498 39.38 -67.22 -65.79
C GLU M 498 39.60 -67.86 -64.43
N GLN M 499 39.51 -69.18 -64.35
CA GLN M 499 39.65 -69.93 -63.12
C GLN M 499 41.05 -69.85 -62.52
N LYS M 500 41.98 -69.23 -63.24
CA LYS M 500 43.30 -68.88 -62.74
C LYS M 500 43.21 -68.32 -61.33
N ILE M 501 42.53 -67.19 -61.18
CA ILE M 501 42.33 -66.52 -59.90
C ILE M 501 41.52 -67.40 -58.93
N ARG M 502 40.73 -68.32 -59.49
CA ARG M 502 39.76 -69.08 -58.70
C ARG M 502 40.50 -70.14 -57.89
N HIS M 503 40.25 -70.12 -56.59
CA HIS M 503 40.80 -71.10 -55.68
C HIS M 503 39.76 -71.43 -54.62
N ASP M 504 40.12 -72.32 -53.72
CA ASP M 504 39.29 -72.60 -52.56
C ASP M 504 40.01 -72.19 -51.29
N SER M 505 39.26 -71.56 -50.39
CA SER M 505 39.71 -71.50 -49.02
C SER M 505 40.06 -72.87 -48.49
N THR M 506 39.23 -73.87 -48.72
CA THR M 506 39.26 -75.11 -47.96
C THR M 506 39.25 -76.33 -48.87
N ALA M 507 39.85 -77.41 -48.37
CA ALA M 507 39.90 -78.74 -48.98
C ALA M 507 40.38 -78.78 -50.42
N TRP M 508 39.82 -79.70 -51.19
CA TRP M 508 40.19 -79.90 -52.57
C TRP M 508 39.22 -79.32 -53.58
N ASN M 509 38.22 -78.61 -53.05
CA ASN M 509 37.12 -78.00 -53.82
C ASN M 509 37.18 -76.48 -54.09
N ALA M 510 36.01 -75.93 -54.43
CA ALA M 510 35.85 -74.51 -54.75
C ALA M 510 35.03 -73.69 -53.73
N SER M 511 35.53 -72.50 -53.43
CA SER M 511 34.95 -71.54 -52.49
C SER M 511 35.43 -71.86 -51.07
N GLY M 512 34.61 -71.54 -50.08
CA GLY M 512 35.11 -70.95 -48.89
C GLY M 512 35.80 -69.65 -49.18
N SER M 513 36.14 -69.43 -50.45
CA SER M 513 36.68 -68.23 -51.06
C SER M 513 35.90 -67.97 -52.34
N ILE M 514 36.17 -68.79 -53.36
CA ILE M 514 35.73 -68.52 -54.73
C ILE M 514 35.40 -69.82 -55.46
N LEU M 515 34.33 -69.83 -56.26
CA LEU M 515 34.00 -71.01 -57.04
C LEU M 515 34.97 -71.15 -58.21
N ASN M 516 35.01 -72.37 -58.73
CA ASN M 516 35.84 -72.71 -59.86
C ASN M 516 35.03 -73.53 -60.84
N THR M 517 34.15 -72.88 -61.61
CA THR M 517 33.28 -73.47 -62.65
C THR M 517 31.77 -73.18 -62.81
N LEU M 518 30.89 -73.69 -61.95
CA LEU M 518 29.46 -73.52 -62.27
C LEU M 518 29.20 -72.28 -63.12
N GLN M 519 29.77 -71.16 -62.73
CA GLN M 519 29.71 -69.97 -63.56
C GLN M 519 30.13 -70.36 -64.95
N GLN M 520 31.38 -70.81 -65.04
CA GLN M 520 31.84 -71.45 -66.25
C GLN M 520 30.77 -72.36 -66.78
N LEU M 521 30.48 -73.42 -66.02
CA LEU M 521 29.45 -74.35 -66.45
C LEU M 521 28.18 -73.62 -66.84
N LYS M 522 27.76 -72.68 -66.01
CA LYS M 522 26.53 -71.96 -66.27
C LYS M 522 26.58 -71.26 -67.62
N PHE M 523 27.77 -70.80 -68.03
CA PHE M 523 27.87 -70.25 -69.37
C PHE M 523 27.52 -71.29 -70.42
N TYR M 524 27.74 -72.57 -70.11
CA TYR M 524 27.83 -73.52 -71.20
C TYR M 524 26.49 -73.99 -71.68
N LYS M 525 25.46 -73.85 -70.86
CA LYS M 525 24.11 -74.13 -71.35
C LYS M 525 23.64 -73.07 -72.35
N PRO M 526 23.62 -71.78 -72.01
CA PRO M 526 23.07 -70.81 -72.97
C PRO M 526 23.91 -70.65 -74.23
N TYR M 527 25.22 -70.60 -74.10
CA TYR M 527 26.07 -70.00 -75.11
C TYR M 527 26.38 -70.93 -76.26
N ILE M 528 25.76 -72.09 -76.30
CA ILE M 528 25.87 -73.03 -77.41
C ILE M 528 24.95 -72.57 -78.54
N CYS M 529 24.44 -71.34 -78.44
CA CYS M 529 23.31 -70.88 -79.24
C CYS M 529 23.41 -71.30 -80.70
N ASP M 530 24.54 -71.00 -81.36
CA ASP M 530 24.79 -71.43 -82.73
C ASP M 530 26.04 -72.29 -82.74
N ASN M 531 25.89 -73.60 -82.95
CA ASN M 531 27.00 -74.53 -83.05
C ASN M 531 26.51 -75.85 -83.61
N ASP M 532 27.44 -76.78 -83.78
CA ASP M 532 27.17 -78.08 -84.37
C ASP M 532 27.70 -79.18 -83.45
N PRO M 533 27.43 -80.46 -83.73
CA PRO M 533 27.94 -81.51 -82.83
C PRO M 533 29.43 -81.44 -82.60
N LYS M 534 30.20 -80.99 -83.58
CA LYS M 534 31.62 -80.76 -83.40
C LYS M 534 31.86 -79.98 -82.14
N TYR M 535 31.45 -78.71 -82.15
CA TYR M 535 31.66 -77.84 -81.00
C TYR M 535 30.89 -78.33 -79.79
N GLU M 536 29.71 -78.90 -80.01
CA GLU M 536 28.82 -79.25 -78.91
C GLU M 536 29.39 -80.39 -78.09
N ARG M 537 29.73 -81.50 -78.74
CA ARG M 537 30.39 -82.57 -78.02
C ARG M 537 31.76 -82.16 -77.50
N LEU M 538 32.44 -81.28 -78.23
CA LEU M 538 33.69 -80.71 -77.76
C LEU M 538 33.53 -80.16 -76.34
N VAL M 539 32.55 -79.28 -76.14
CA VAL M 539 32.27 -78.80 -74.79
C VAL M 539 31.82 -79.95 -73.91
N ASN M 540 30.82 -80.71 -74.38
CA ASN M 540 30.31 -81.83 -73.61
C ASN M 540 31.45 -82.67 -73.08
N ALA M 541 32.40 -82.99 -73.94
CA ALA M 541 33.69 -83.46 -73.48
C ALA M 541 34.26 -82.53 -72.43
N ILE M 542 34.66 -81.33 -72.82
CA ILE M 542 35.47 -80.47 -71.95
C ILE M 542 34.89 -80.38 -70.56
N LEU M 543 33.57 -80.57 -70.46
CA LEU M 543 32.97 -80.77 -69.16
C LEU M 543 33.77 -81.76 -68.33
N ASP M 544 34.31 -82.80 -68.95
CA ASP M 544 35.17 -83.74 -68.26
C ASP M 544 36.36 -83.06 -67.59
N PHE M 545 37.15 -82.28 -68.32
CA PHE M 545 38.34 -81.69 -67.74
C PHE M 545 37.98 -80.96 -66.48
N LEU M 546 36.78 -80.41 -66.44
CA LEU M 546 36.43 -79.46 -65.40
C LEU M 546 36.60 -80.06 -64.01
N PRO M 547 36.01 -81.20 -63.67
CA PRO M 547 36.56 -81.92 -62.52
C PRO M 547 37.98 -82.32 -62.78
N LYS M 548 38.23 -82.91 -63.94
CA LYS M 548 39.47 -83.60 -64.21
C LYS M 548 40.66 -82.66 -64.01
N ILE M 549 40.55 -81.42 -64.46
CA ILE M 549 41.64 -80.48 -64.27
C ILE M 549 41.99 -80.36 -62.80
N GLU M 550 43.26 -80.15 -62.54
CA GLU M 550 43.82 -80.03 -61.21
C GLU M 550 44.21 -78.58 -60.95
N GLU M 551 44.03 -78.19 -59.69
CA GLU M 551 44.57 -76.91 -59.26
C GLU M 551 45.99 -77.11 -58.75
N ASN M 552 46.82 -76.12 -58.99
CA ASN M 552 48.24 -76.28 -59.20
C ASN M 552 48.93 -75.00 -58.77
N LEU M 553 50.18 -74.81 -59.17
CA LEU M 553 50.61 -73.46 -59.45
C LEU M 553 49.85 -72.97 -60.67
N ILE M 554 49.15 -71.84 -60.50
CA ILE M 554 48.13 -71.49 -61.49
C ILE M 554 48.80 -70.93 -62.72
N CYS M 555 48.55 -71.57 -63.86
CA CYS M 555 49.00 -71.15 -65.18
C CYS M 555 50.51 -71.19 -65.26
N SER M 556 51.18 -71.17 -64.11
CA SER M 556 52.56 -71.58 -64.07
C SER M 556 52.50 -73.07 -63.85
N LYS M 557 52.91 -73.81 -64.87
CA LYS M 557 52.24 -75.05 -65.22
C LYS M 557 50.81 -74.77 -65.67
N TYR M 558 50.74 -74.23 -66.87
CA TYR M 558 49.58 -74.36 -67.73
C TYR M 558 49.75 -75.46 -68.77
N THR M 559 50.88 -76.15 -68.75
CA THR M 559 51.42 -76.86 -69.92
C THR M 559 50.65 -78.11 -70.30
N ASP M 560 50.43 -79.37 -69.53
CA ASP M 560 49.61 -80.58 -69.57
C ASP M 560 48.22 -80.40 -70.17
N LEU M 561 47.51 -79.36 -69.74
CA LEU M 561 46.12 -79.13 -70.14
C LEU M 561 45.91 -79.21 -71.66
N LEU M 562 46.75 -78.48 -72.39
CA LEU M 562 46.69 -78.43 -73.85
C LEU M 562 46.69 -79.80 -74.49
N ARG M 563 47.67 -80.62 -74.12
CA ARG M 563 47.86 -81.92 -74.77
C ARG M 563 46.90 -82.98 -74.23
N ILE M 564 46.49 -82.84 -72.98
CA ILE M 564 45.55 -83.81 -72.39
C ILE M 564 44.12 -83.45 -72.79
N ALA M 565 43.96 -82.33 -73.49
CA ALA M 565 42.70 -82.04 -74.13
C ALA M 565 42.51 -82.98 -75.32
N LEU M 566 43.59 -83.62 -75.73
CA LEU M 566 43.60 -84.52 -76.88
C LEU M 566 43.42 -85.99 -76.52
N MET M 567 43.23 -86.28 -75.24
CA MET M 567 43.03 -87.66 -74.77
C MET M 567 41.95 -88.37 -75.58
N ALA M 568 40.72 -87.93 -75.43
CA ALA M 568 39.65 -88.33 -76.33
C ALA M 568 39.38 -87.17 -77.26
N GLU M 569 39.75 -87.31 -78.53
CA GLU M 569 39.77 -86.16 -79.43
C GLU M 569 38.70 -86.20 -80.51
N ASP M 570 37.67 -85.38 -80.32
CA ASP M 570 36.77 -84.98 -81.40
C ASP M 570 37.17 -83.60 -81.88
N GLU M 571 38.21 -83.05 -81.26
CA GLU M 571 38.53 -81.64 -81.37
C GLU M 571 39.69 -81.32 -82.31
N ALA M 572 39.53 -80.25 -83.09
CA ALA M 572 40.60 -79.74 -83.94
C ALA M 572 41.35 -78.61 -83.24
N ILE M 573 41.00 -78.37 -81.98
CA ILE M 573 41.52 -77.26 -81.20
C ILE M 573 43.05 -77.17 -81.17
N PHE M 574 43.72 -78.25 -80.78
CA PHE M 574 45.17 -78.23 -80.65
C PHE M 574 45.83 -78.09 -82.02
N GLU M 575 45.13 -78.53 -83.06
CA GLU M 575 45.61 -78.38 -84.42
C GLU M 575 45.56 -76.90 -84.81
N GLU M 576 44.63 -76.17 -84.19
CA GLU M 576 44.53 -74.73 -84.40
C GLU M 576 45.51 -74.01 -83.46
N ALA M 577 46.00 -74.76 -82.48
CA ALA M 577 47.00 -74.23 -81.54
C ALA M 577 48.41 -74.37 -82.10
N HIS M 578 48.48 -74.88 -83.33
CA HIS M 578 49.76 -75.07 -84.01
C HIS M 578 50.46 -73.74 -84.31
N LYS M 579 49.73 -72.64 -84.19
CA LYS M 579 50.27 -71.32 -84.44
C LYS M 579 50.80 -70.67 -83.16
N GLN M 580 50.67 -71.38 -82.04
CA GLN M 580 51.09 -70.85 -80.75
C GLN M 580 52.03 -71.83 -80.01
N VAL M 581 51.56 -73.04 -79.75
CA VAL M 581 52.25 -74.00 -78.88
C VAL M 581 53.70 -74.31 -79.30
N GLN M 582 54.02 -74.07 -80.57
CA GLN M 582 55.32 -74.42 -81.10
C GLN M 582 56.36 -73.29 -81.11
N ARG M 583 56.03 -72.14 -80.51
CA ARG M 583 56.79 -70.93 -80.79
C ARG M 583 58.15 -70.88 -80.09
N PHE M 584 59.20 -70.88 -80.91
CA PHE M 584 60.60 -70.70 -80.51
C PHE M 584 61.06 -71.52 -79.31
N ASP M 585 61.95 -70.93 -78.52
CA ASP M 585 62.39 -71.51 -77.26
C ASP M 585 61.72 -70.82 -76.07
N ASP M 586 60.93 -69.79 -76.37
CA ASP M 586 60.39 -68.92 -75.32
C ASP M 586 59.29 -69.63 -74.55
N ARG M 587 58.18 -69.92 -75.22
CA ARG M 587 57.10 -70.69 -74.63
C ARG M 587 57.37 -72.16 -74.93
N VAL M 588 56.40 -73.03 -74.67
CA VAL M 588 56.63 -74.47 -74.71
C VAL M 588 57.04 -75.00 -76.08
N TRP M 589 57.65 -76.18 -76.06
CA TRP M 589 58.03 -76.87 -77.30
C TRP M 589 57.17 -78.12 -77.38
N PHE M 590 57.31 -78.91 -78.45
CA PHE M 590 56.42 -80.05 -78.63
C PHE M 590 56.88 -81.21 -77.77
N THR M 591 56.04 -81.58 -76.81
CA THR M 591 56.32 -82.59 -75.78
C THR M 591 54.98 -83.12 -75.29
N ASN M 592 54.98 -83.84 -74.16
CA ASN M 592 53.76 -83.98 -73.37
C ASN M 592 52.74 -84.94 -73.98
N HIS M 593 53.13 -85.58 -75.07
CA HIS M 593 52.23 -86.28 -76.00
C HIS M 593 51.06 -87.03 -75.35
N GLY M 594 51.34 -87.97 -74.45
CA GLY M 594 50.24 -88.72 -73.83
C GLY M 594 49.60 -89.71 -74.77
N ARG M 595 48.30 -89.55 -75.04
CA ARG M 595 47.52 -90.55 -75.78
C ARG M 595 47.48 -91.86 -74.99
N PHE M 596 46.57 -91.87 -73.99
CA PHE M 596 46.52 -92.88 -72.92
C PHE M 596 47.75 -92.79 -72.02
N HIS M 597 47.82 -91.70 -71.29
CA HIS M 597 48.85 -91.48 -70.28
C HIS M 597 48.22 -90.67 -69.14
N GLN M 598 48.83 -90.74 -67.96
CA GLN M 598 48.46 -89.92 -66.81
C GLN M 598 47.11 -90.27 -66.17
N HIS M 599 46.38 -91.20 -66.78
CA HIS M 599 45.11 -91.71 -66.20
C HIS M 599 44.16 -90.58 -65.80
N ARG M 600 43.94 -90.41 -64.50
CA ARG M 600 43.02 -89.43 -63.94
C ARG M 600 41.55 -89.71 -64.22
N GLN M 601 40.88 -88.75 -64.87
CA GLN M 601 39.43 -88.60 -64.82
C GLN M 601 39.11 -88.34 -63.34
N ILE M 602 39.86 -87.40 -62.78
CA ILE M 602 39.83 -87.10 -61.36
C ILE M 602 39.09 -85.78 -61.09
N ILE M 603 38.20 -85.80 -60.11
CA ILE M 603 37.27 -84.69 -59.90
C ILE M 603 37.73 -83.69 -58.81
N ASN M 604 38.83 -84.00 -58.12
CA ASN M 604 39.25 -83.16 -57.00
C ASN M 604 40.42 -82.20 -57.33
N LEU M 605 40.12 -80.90 -57.37
CA LEU M 605 41.15 -79.93 -57.71
C LEU M 605 41.84 -79.31 -56.50
N GLY M 606 41.29 -79.52 -55.30
CA GLY M 606 41.82 -78.86 -54.12
C GLY M 606 43.02 -79.54 -53.47
N ASP M 607 43.97 -78.73 -53.03
CA ASP M 607 45.10 -79.21 -52.23
C ASP M 607 44.93 -78.90 -50.73
N ASN M 608 43.83 -78.22 -50.39
CA ASN M 608 43.72 -77.58 -49.08
C ASN M 608 43.48 -78.54 -47.92
N GLU M 609 43.43 -77.97 -46.71
CA GLU M 609 43.26 -78.72 -45.48
C GLU M 609 41.81 -79.13 -45.22
N GLY M 610 41.64 -80.16 -44.40
CA GLY M 610 40.33 -80.62 -43.99
C GLY M 610 40.44 -81.59 -42.81
N ARG M 611 39.34 -81.79 -42.10
CA ARG M 611 39.34 -82.68 -40.94
C ARG M 611 38.27 -83.76 -41.06
N HIS M 612 37.00 -83.36 -41.07
CA HIS M 612 35.91 -84.33 -41.19
C HIS M 612 35.05 -84.08 -42.44
N ALA M 613 34.55 -85.18 -43.00
CA ALA M 613 33.73 -85.12 -44.20
C ALA M 613 32.84 -86.36 -44.34
N VAL M 614 31.77 -86.22 -45.13
CA VAL M 614 30.86 -87.32 -45.43
C VAL M 614 29.79 -86.85 -46.43
N TYR M 615 29.17 -87.81 -47.12
CA TYR M 615 28.12 -87.52 -48.10
C TYR M 615 26.74 -87.34 -47.47
N LEU M 616 25.88 -86.61 -48.17
CA LEU M 616 24.48 -86.49 -47.78
C LEU M 616 23.71 -87.73 -48.22
N HIS M 617 22.74 -88.15 -47.42
CA HIS M 617 22.01 -89.38 -47.68
C HIS M 617 21.10 -89.29 -48.91
N ASN M 618 20.78 -88.07 -49.32
CA ASN M 618 19.93 -87.85 -50.49
C ASN M 618 20.74 -87.84 -51.78
N ASP M 619 22.04 -88.04 -51.64
CA ASP M 619 22.98 -88.00 -52.76
C ASP M 619 22.88 -86.64 -53.47
N PHE M 620 22.80 -85.58 -52.66
CA PHE M 620 22.76 -84.23 -53.19
C PHE M 620 24.05 -83.48 -52.86
N CYS M 621 24.29 -83.26 -51.57
CA CYS M 621 25.45 -82.48 -51.15
C CYS M 621 26.59 -83.36 -50.62
N LEU M 622 27.71 -82.71 -50.32
CA LEU M 622 28.84 -83.36 -49.67
C LEU M 622 29.41 -82.43 -48.61
N ILE M 623 29.36 -82.83 -47.35
CA ILE M 623 29.86 -81.94 -46.29
C ILE M 623 31.32 -82.25 -45.96
N ALA M 624 32.14 -81.21 -45.93
CA ALA M 624 33.54 -81.34 -45.57
C ALA M 624 34.02 -80.06 -44.89
N LEU M 625 34.87 -80.20 -43.88
CA LEU M 625 35.31 -79.05 -43.09
C LEU M 625 36.34 -79.40 -42.03
N ALA M 626 37.08 -78.39 -41.57
CA ALA M 626 37.96 -78.55 -40.42
C ALA M 626 37.68 -77.48 -39.37
N SER M 627 38.16 -76.27 -39.63
CA SER M 627 37.93 -75.13 -38.75
C SER M 627 36.82 -74.22 -39.25
N GLY M 628 36.26 -74.55 -40.41
CA GLY M 628 35.29 -73.67 -41.06
C GLY M 628 33.84 -73.95 -40.72
N GLN M 629 33.56 -75.18 -40.31
CA GLN M 629 32.19 -75.63 -40.04
C GLN M 629 31.23 -75.25 -41.18
N ILE M 630 31.61 -75.58 -42.40
CA ILE M 630 30.85 -75.19 -43.57
C ILE M 630 30.29 -76.40 -44.33
N LEU M 631 29.03 -76.27 -44.78
CA LEU M 631 28.39 -77.28 -45.61
C LEU M 631 28.71 -77.02 -47.09
N LEU M 632 29.20 -78.05 -47.77
CA LEU M 632 29.56 -77.93 -49.17
C LEU M 632 28.70 -78.84 -50.05
N THR M 633 28.96 -78.86 -51.36
CA THR M 633 28.18 -79.69 -52.30
C THR M 633 28.93 -80.85 -52.98
N ASP M 634 28.19 -81.91 -53.29
CA ASP M 634 28.71 -83.12 -53.96
C ASP M 634 28.12 -83.18 -55.38
N VAL M 635 28.97 -83.39 -56.39
CA VAL M 635 28.56 -83.47 -57.80
C VAL M 635 28.65 -84.94 -58.28
N SER M 636 27.58 -85.44 -58.93
CA SER M 636 27.50 -86.82 -59.45
C SER M 636 27.68 -86.76 -60.99
N LEU M 637 28.50 -87.63 -61.57
CA LEU M 637 28.75 -87.51 -63.00
C LEU M 637 27.46 -87.00 -63.63
N GLU M 638 27.59 -86.08 -64.58
CA GLU M 638 26.44 -85.47 -65.22
C GLU M 638 26.83 -84.02 -65.41
N GLY M 639 26.27 -83.36 -66.43
CA GLY M 639 26.62 -81.99 -66.70
C GLY M 639 26.41 -81.04 -65.54
N GLU M 640 25.23 -81.11 -64.92
CA GLU M 640 24.86 -80.18 -63.86
C GLU M 640 25.60 -80.45 -62.55
N ASP M 641 26.01 -79.38 -61.88
CA ASP M 641 26.70 -79.45 -60.60
C ASP M 641 26.14 -78.36 -59.69
N THR M 642 26.49 -78.41 -58.41
CA THR M 642 25.98 -77.42 -57.45
C THR M 642 27.05 -77.00 -56.44
N TYR M 643 27.11 -75.71 -56.12
CA TYR M 643 27.99 -75.22 -55.06
C TYR M 643 27.17 -74.48 -54.01
N LEU M 644 27.62 -74.52 -52.75
CA LEU M 644 26.90 -73.87 -51.67
C LEU M 644 27.83 -73.41 -50.55
N LEU M 645 27.47 -72.30 -49.91
CA LEU M 645 28.22 -71.78 -48.77
C LEU M 645 27.36 -71.79 -47.51
N ARG M 646 27.99 -72.01 -46.36
CA ARG M 646 27.26 -72.14 -45.10
C ARG M 646 27.82 -71.27 -43.99
N ASP M 647 29.04 -71.59 -43.56
CA ASP M 647 29.72 -70.87 -42.48
C ASP M 647 28.94 -70.86 -41.17
N GLU M 648 28.80 -72.04 -40.57
CA GLU M 648 28.18 -72.18 -39.25
C GLU M 648 29.10 -71.70 -38.13
N SER M 649 28.52 -71.45 -36.96
CA SER M 649 29.29 -71.08 -35.78
C SER M 649 30.23 -72.22 -35.41
N ASP M 650 31.29 -71.91 -34.68
CA ASP M 650 32.38 -72.86 -34.50
C ASP M 650 32.05 -74.03 -33.57
N SER M 651 32.13 -75.23 -34.13
CA SER M 651 31.98 -76.47 -33.39
C SER M 651 33.36 -77.03 -33.03
N SER M 652 34.40 -76.24 -33.28
CA SER M 652 35.78 -76.72 -33.33
C SER M 652 36.24 -77.52 -32.11
N ASP M 653 37.17 -78.43 -32.37
CA ASP M 653 37.72 -79.38 -31.39
C ASP M 653 36.71 -80.45 -30.95
N ILE M 654 35.89 -80.92 -31.88
CA ILE M 654 35.10 -82.12 -31.68
C ILE M 654 35.94 -83.38 -31.92
N LEU M 655 35.56 -84.47 -31.28
CA LEU M 655 36.27 -85.74 -31.45
C LEU M 655 35.89 -86.44 -32.76
N ARG M 656 34.60 -86.52 -33.03
CA ARG M 656 34.12 -87.16 -34.25
C ARG M 656 32.82 -86.49 -34.71
N MET M 657 32.29 -86.87 -35.86
CA MET M 657 31.09 -86.25 -36.41
C MET M 657 30.29 -87.24 -37.25
N ALA M 658 28.97 -87.08 -37.25
CA ALA M 658 28.10 -87.95 -38.03
C ALA M 658 26.93 -87.16 -38.63
N VAL M 659 26.01 -87.89 -39.27
CA VAL M 659 24.85 -87.26 -39.90
C VAL M 659 23.60 -88.12 -39.64
N PHE M 660 22.46 -87.46 -39.46
CA PHE M 660 21.22 -88.17 -39.13
C PHE M 660 20.44 -88.42 -40.43
N ASN M 661 19.33 -89.13 -40.34
CA ASN M 661 18.62 -89.57 -41.54
C ASN M 661 17.73 -88.51 -42.19
N GLN M 662 17.08 -87.68 -41.37
CA GLN M 662 16.17 -86.67 -41.88
C GLN M 662 16.84 -85.31 -42.06
N GLN M 663 18.15 -85.27 -41.80
CA GLN M 663 19.07 -84.14 -42.07
C GLN M 663 18.70 -82.87 -41.30
N LYS M 664 17.57 -82.88 -40.60
CA LYS M 664 17.15 -81.73 -39.81
C LYS M 664 17.83 -81.74 -38.46
N HIS M 665 18.43 -82.88 -38.11
CA HIS M 665 19.15 -83.02 -36.85
C HIS M 665 20.61 -83.34 -37.10
N LEU M 666 21.49 -82.76 -36.29
CA LEU M 666 22.92 -82.99 -36.42
C LEU M 666 23.54 -83.32 -35.06
N ILE M 667 24.11 -84.52 -34.95
CA ILE M 667 24.73 -84.95 -33.70
C ILE M 667 26.14 -84.37 -33.56
N THR M 668 26.46 -83.89 -32.37
CA THR M 668 27.77 -83.31 -32.10
C THR M 668 28.23 -83.62 -30.69
N LEU M 669 29.51 -83.96 -30.53
CA LEU M 669 30.07 -84.24 -29.21
C LEU M 669 31.45 -83.59 -29.08
N HIS M 670 31.79 -83.17 -27.86
CA HIS M 670 33.03 -82.45 -27.62
C HIS M 670 34.02 -83.23 -26.77
N CYS M 671 35.16 -82.62 -26.48
CA CYS M 671 36.18 -83.21 -25.62
C CYS M 671 35.61 -83.56 -24.25
N ASN M 672 35.21 -82.54 -23.50
CA ASN M 672 34.56 -82.74 -22.21
C ASN M 672 33.13 -83.27 -22.39
N GLY M 673 32.63 -83.16 -23.62
CA GLY M 673 31.32 -83.66 -23.96
C GLY M 673 30.25 -82.58 -24.01
N SER M 674 29.30 -82.76 -24.92
CA SER M 674 28.21 -81.82 -25.15
C SER M 674 27.31 -82.33 -26.26
N VAL M 675 26.13 -81.75 -26.40
CA VAL M 675 25.23 -82.07 -27.50
C VAL M 675 24.77 -80.81 -28.21
N LYS M 676 25.18 -80.65 -29.47
CA LYS M 676 24.84 -79.45 -30.23
C LYS M 676 24.12 -79.80 -31.52
N LEU M 677 22.88 -79.32 -31.66
CA LEU M 677 22.06 -79.63 -32.82
C LEU M 677 22.06 -78.49 -33.83
N TRP M 678 22.06 -78.85 -35.11
CA TRP M 678 22.03 -77.86 -36.19
C TRP M 678 20.96 -78.20 -37.23
N SER M 679 20.66 -77.24 -38.09
CA SER M 679 19.70 -77.44 -39.16
C SER M 679 20.31 -77.06 -40.50
N LEU M 680 20.25 -77.98 -41.47
CA LEU M 680 20.83 -77.74 -42.79
C LEU M 680 20.02 -76.73 -43.58
N TRP M 681 18.79 -76.48 -43.15
CA TRP M 681 17.94 -75.48 -43.78
C TRP M 681 18.50 -74.08 -43.54
N PRO M 682 18.85 -73.38 -44.63
CA PRO M 682 19.42 -72.03 -44.53
C PRO M 682 18.43 -71.00 -44.02
N ASN M 699 21.39 -74.44 -27.15
CA ASN M 699 21.19 -75.65 -27.93
C ASN M 699 21.90 -76.84 -27.31
N SER M 700 22.55 -76.62 -26.17
CA SER M 700 23.30 -77.68 -25.50
C SER M 700 23.00 -77.72 -24.00
N VAL M 701 22.51 -78.86 -23.53
CA VAL M 701 22.21 -79.02 -22.11
C VAL M 701 22.87 -80.27 -21.51
N VAL M 702 23.81 -80.03 -20.59
CA VAL M 702 24.48 -81.10 -19.88
C VAL M 702 23.80 -81.28 -18.51
N LYS M 703 22.80 -80.43 -18.27
CA LYS M 703 22.17 -80.31 -16.96
C LYS M 703 21.25 -81.49 -16.63
N ARG M 704 20.51 -81.32 -15.52
CA ARG M 704 19.62 -82.35 -14.98
C ARG M 704 20.37 -83.59 -14.57
N PHE M 705 19.89 -84.75 -15.00
CA PHE M 705 20.45 -86.04 -14.61
C PHE M 705 21.92 -86.18 -15.01
N ILE M 706 22.69 -86.84 -14.15
CA ILE M 706 24.12 -87.06 -14.36
C ILE M 706 24.81 -85.71 -14.60
N GLY M 707 25.36 -85.50 -15.78
CA GLY M 707 26.05 -84.24 -16.09
C GLY M 707 27.31 -84.06 -15.26
N SER M 708 28.05 -85.14 -15.08
CA SER M 708 29.28 -85.10 -14.30
C SER M 708 30.38 -84.32 -15.01
N TYR M 709 31.37 -83.87 -14.25
CA TYR M 709 32.48 -83.10 -14.81
C TYR M 709 33.70 -84.00 -15.01
N ALA M 710 34.04 -84.25 -16.27
CA ALA M 710 35.13 -85.15 -16.64
C ALA M 710 35.32 -85.17 -18.15
N ASN M 711 36.35 -85.85 -18.61
CA ASN M 711 36.65 -85.94 -20.03
C ASN M 711 35.86 -87.06 -20.71
N LEU M 712 35.28 -86.75 -21.88
CA LEU M 712 34.52 -87.73 -22.64
C LEU M 712 35.39 -88.47 -23.63
N LYS M 713 35.20 -89.79 -23.72
CA LYS M 713 35.97 -90.62 -24.64
C LYS M 713 35.36 -90.62 -26.03
N ILE M 714 35.87 -91.51 -26.88
CA ILE M 714 35.39 -91.64 -28.25
C ILE M 714 34.06 -92.41 -28.25
N VAL M 715 33.75 -93.02 -27.11
CA VAL M 715 32.59 -93.89 -26.97
C VAL M 715 31.27 -93.22 -27.38
N ALA M 716 30.55 -93.88 -28.28
CA ALA M 716 29.25 -93.43 -28.77
C ALA M 716 28.67 -94.46 -29.73
N PHE M 717 27.36 -94.39 -29.95
CA PHE M 717 26.65 -95.36 -30.79
C PHE M 717 25.16 -95.03 -30.89
N TYR M 718 24.46 -95.77 -31.75
CA TYR M 718 23.03 -95.56 -31.95
C TYR M 718 22.23 -96.81 -31.55
N LEU M 719 21.12 -96.59 -30.85
CA LEU M 719 20.25 -97.68 -30.43
C LEU M 719 18.98 -97.75 -31.27
N ASN M 720 18.14 -98.74 -30.98
CA ASN M 720 16.83 -98.85 -31.62
C ASN M 720 15.76 -98.14 -30.81
N GLU M 721 14.50 -98.31 -31.20
CA GLU M 721 13.40 -97.67 -30.48
C GLU M 721 12.83 -98.60 -29.42
N ASP M 722 13.07 -98.26 -28.16
CA ASP M 722 12.56 -99.06 -27.04
C ASP M 722 11.27 -98.49 -26.46
N ALA M 723 10.81 -97.37 -27.02
CA ALA M 723 9.63 -96.69 -26.51
C ALA M 723 8.41 -96.90 -27.41
N GLY M 724 8.44 -96.28 -28.58
CA GLY M 724 7.33 -96.36 -29.51
C GLY M 724 7.10 -97.75 -30.06
N LEU M 725 8.16 -98.34 -30.62
CA LEU M 725 8.08 -99.67 -31.20
C LEU M 725 9.45 -100.33 -31.28
N ILE M 730 10.10 -95.20 -35.50
CA ILE M 730 9.92 -93.77 -35.29
C ILE M 730 11.24 -93.02 -35.45
N GLN M 731 12.28 -93.52 -34.79
CA GLN M 731 13.58 -92.88 -34.76
C GLN M 731 14.59 -93.74 -33.99
N LEU M 732 15.87 -93.50 -34.20
CA LEU M 732 16.92 -94.24 -33.51
C LEU M 732 17.54 -93.37 -32.41
N HIS M 733 17.62 -93.91 -31.20
CA HIS M 733 18.13 -93.16 -30.07
C HIS M 733 19.66 -93.08 -30.09
N VAL M 734 20.22 -92.37 -29.11
CA VAL M 734 21.66 -92.19 -29.00
C VAL M 734 22.12 -92.47 -27.57
N ALA M 735 23.20 -93.22 -27.42
CA ALA M 735 23.73 -93.53 -26.09
C ALA M 735 25.25 -93.60 -26.11
N PHE M 736 25.87 -93.20 -25.00
CA PHE M 736 27.32 -93.24 -24.88
C PHE M 736 27.77 -93.30 -23.42
N ILE M 737 29.09 -93.35 -23.20
CA ILE M 737 29.63 -93.48 -21.86
C ILE M 737 30.60 -92.35 -21.52
N ASN M 738 30.33 -91.65 -20.43
CA ASN M 738 31.18 -90.56 -19.97
C ASN M 738 32.36 -91.07 -19.14
N GLY M 739 33.08 -90.14 -18.51
CA GLY M 739 34.17 -90.49 -17.63
C GLY M 739 33.69 -90.85 -16.24
N ASP M 740 32.37 -91.01 -16.11
CA ASP M 740 31.74 -91.37 -14.84
C ASP M 740 31.63 -92.89 -14.70
N VAL M 741 32.24 -93.60 -15.65
CA VAL M 741 32.22 -95.06 -15.77
C VAL M 741 30.82 -95.64 -15.55
N SER M 742 29.85 -95.00 -16.17
CA SER M 742 28.46 -95.46 -16.16
C SER M 742 27.80 -95.17 -17.49
N ILE M 743 26.90 -96.06 -17.93
CA ILE M 743 26.26 -95.91 -19.22
C ILE M 743 25.26 -94.75 -19.21
N LEU M 744 25.21 -94.01 -20.31
CA LEU M 744 24.29 -92.88 -20.44
C LEU M 744 23.43 -93.03 -21.70
N ASN M 745 22.11 -93.01 -21.50
CA ASN M 745 21.17 -93.15 -22.60
C ASN M 745 20.39 -91.86 -22.86
N TRP M 746 20.06 -91.63 -24.12
CA TRP M 746 19.28 -90.45 -24.51
C TRP M 746 18.07 -90.87 -25.35
N ASP M 747 16.88 -90.49 -24.89
CA ASP M 747 15.65 -90.83 -25.59
C ASP M 747 15.12 -89.65 -26.39
N GLU M 748 15.22 -89.75 -27.72
CA GLU M 748 14.73 -88.70 -28.61
C GLU M 748 13.81 -89.25 -29.70
N GLN M 749 12.51 -88.96 -29.59
CA GLN M 749 11.58 -89.31 -30.66
C GLN M 749 11.08 -88.16 -31.54
N ASP M 750 11.30 -86.91 -31.13
CA ASP M 750 10.73 -85.80 -31.90
C ASP M 750 11.67 -84.61 -32.15
N GLN M 751 11.90 -83.83 -31.11
CA GLN M 751 12.62 -82.56 -31.22
C GLN M 751 13.69 -82.39 -30.16
N GLU M 752 13.25 -82.26 -28.90
CA GLU M 752 14.15 -82.03 -27.78
C GLU M 752 14.21 -83.25 -26.87
N PHE M 753 15.35 -83.43 -26.21
CA PHE M 753 15.59 -84.62 -25.39
C PHE M 753 14.63 -84.73 -24.21
N LYS M 754 14.39 -85.97 -23.78
CA LYS M 754 13.43 -86.26 -22.73
C LYS M 754 14.11 -86.72 -21.43
N LEU M 755 14.81 -87.84 -21.52
CA LEU M 755 15.44 -88.50 -20.36
C LEU M 755 14.37 -88.90 -19.35
N SER M 756 13.56 -89.88 -19.71
CA SER M 756 12.47 -90.34 -18.85
C SER M 756 12.97 -91.21 -17.70
N HIS M 757 12.65 -90.78 -16.48
CA HIS M 757 12.99 -91.51 -15.26
C HIS M 757 14.46 -91.89 -15.13
N VAL M 758 14.71 -93.10 -14.65
CA VAL M 758 16.07 -93.57 -14.37
C VAL M 758 16.70 -94.30 -15.56
N PRO M 759 18.04 -94.30 -15.61
CA PRO M 759 18.80 -95.10 -16.59
C PRO M 759 18.58 -96.61 -16.42
N VAL M 760 18.04 -97.00 -15.27
CA VAL M 760 17.60 -98.36 -14.95
C VAL M 760 18.79 -99.29 -14.64
N LEU M 761 19.99 -98.86 -15.04
CA LEU M 761 21.20 -99.67 -14.84
C LEU M 761 22.45 -98.91 -15.31
N LYS M 762 23.61 -99.36 -14.85
CA LYS M 762 24.88 -98.76 -15.25
C LYS M 762 25.80 -99.81 -15.85
N THR M 763 27.01 -99.40 -16.24
CA THR M 763 27.98 -100.31 -16.84
C THR M 763 29.31 -100.26 -16.10
N MET M 764 29.87 -101.41 -15.79
CA MET M 764 31.13 -101.50 -15.07
C MET M 764 32.29 -100.96 -15.89
N GLN M 765 33.14 -100.16 -15.23
CA GLN M 765 34.31 -99.54 -15.84
C GLN M 765 33.96 -98.76 -17.11
N SER M 766 34.81 -98.85 -18.12
CA SER M 766 34.56 -98.18 -19.39
C SER M 766 35.24 -98.90 -20.55
N GLY M 767 34.60 -98.86 -21.71
CA GLY M 767 35.19 -99.42 -22.92
C GLY M 767 35.59 -98.34 -23.90
N ILE M 768 35.81 -98.72 -25.15
CA ILE M 768 36.05 -97.76 -26.22
C ILE M 768 35.00 -97.90 -27.32
N ARG M 769 34.90 -99.07 -27.95
CA ARG M 769 33.91 -99.27 -29.00
C ARG M 769 32.74 -100.11 -28.50
N CYS M 770 31.58 -99.48 -28.34
CA CYS M 770 30.41 -100.16 -27.81
C CYS M 770 29.23 -100.00 -28.77
N PHE M 771 28.47 -101.08 -28.96
CA PHE M 771 27.30 -100.98 -29.84
C PHE M 771 26.28 -102.07 -29.52
N VAL M 772 25.06 -101.92 -30.01
CA VAL M 772 23.99 -102.88 -29.74
C VAL M 772 23.96 -104.04 -30.75
N GLN M 773 23.71 -105.24 -30.25
CA GLN M 773 23.57 -106.41 -31.13
C GLN M 773 22.22 -106.40 -31.82
N VAL M 774 21.91 -107.50 -32.51
CA VAL M 774 20.62 -107.66 -33.17
C VAL M 774 19.49 -107.73 -32.14
N LEU M 775 19.84 -108.07 -30.91
CA LEU M 775 18.89 -108.04 -29.80
C LEU M 775 19.13 -106.81 -28.93
N LYS M 776 18.06 -106.15 -28.52
CA LYS M 776 18.15 -104.93 -27.74
C LYS M 776 18.52 -105.21 -26.29
N ARG M 777 18.54 -106.49 -25.90
CA ARG M 777 18.83 -106.87 -24.54
C ARG M 777 20.33 -107.02 -24.28
N TYR M 778 21.13 -107.03 -25.35
CA TYR M 778 22.57 -107.24 -25.23
C TYR M 778 23.37 -106.14 -25.90
N TYR M 779 24.47 -105.73 -25.26
CA TYR M 779 25.33 -104.68 -25.79
C TYR M 779 26.78 -105.15 -25.83
N VAL M 780 27.38 -105.16 -27.02
CA VAL M 780 28.80 -105.52 -27.11
C VAL M 780 29.68 -104.33 -26.72
N VAL M 781 30.66 -104.63 -25.87
CA VAL M 781 31.55 -103.62 -25.31
C VAL M 781 33.01 -103.98 -25.57
N CYS M 782 33.75 -103.03 -26.14
CA CYS M 782 35.16 -103.23 -26.41
C CYS M 782 35.99 -102.15 -25.72
N THR M 783 37.03 -102.57 -25.01
CA THR M 783 37.88 -101.67 -24.25
C THR M 783 39.18 -101.37 -24.99
N SER M 784 40.06 -100.60 -24.35
CA SER M 784 41.34 -100.23 -24.94
C SER M 784 42.37 -101.34 -24.77
N ASN M 785 42.00 -102.39 -24.04
CA ASN M 785 42.88 -103.52 -23.81
C ASN M 785 42.74 -104.58 -24.90
N CYS M 786 41.91 -104.27 -25.90
CA CYS M 786 41.66 -105.15 -27.04
C CYS M 786 41.12 -106.51 -26.59
N THR M 787 40.16 -106.47 -25.68
CA THR M 787 39.51 -107.69 -25.19
C THR M 787 38.01 -107.63 -25.46
N LEU M 788 37.39 -108.81 -25.47
CA LEU M 788 35.95 -108.88 -25.72
C LEU M 788 35.19 -109.12 -24.43
N THR M 789 34.43 -108.11 -24.01
CA THR M 789 33.63 -108.19 -22.79
C THR M 789 32.19 -107.74 -23.05
N VAL M 790 31.26 -108.19 -22.22
CA VAL M 790 29.86 -107.84 -22.39
C VAL M 790 29.14 -107.64 -21.06
N TRP M 791 28.32 -106.59 -20.99
CA TRP M 791 27.42 -106.37 -19.86
C TRP M 791 25.98 -106.37 -20.34
N ASP M 792 25.21 -107.37 -19.90
CA ASP M 792 23.83 -107.53 -20.34
C ASP M 792 22.94 -106.42 -19.80
N LEU M 793 22.02 -105.94 -20.65
CA LEU M 793 21.07 -104.92 -20.24
C LEU M 793 20.06 -105.49 -19.26
N THR M 794 19.45 -106.61 -19.63
CA THR M 794 18.54 -107.31 -18.73
C THR M 794 19.22 -108.54 -18.14
N ASN M 795 18.51 -109.23 -17.26
CA ASN M 795 19.02 -110.43 -16.59
C ASN M 795 20.41 -110.22 -15.99
N GLY M 796 20.50 -109.33 -15.01
CA GLY M 796 21.78 -109.00 -14.39
C GLY M 796 22.59 -108.07 -15.25
N SER M 797 23.84 -107.84 -14.85
CA SER M 797 24.73 -106.95 -15.61
C SER M 797 25.85 -107.75 -16.28
N SER M 798 26.82 -108.20 -15.49
CA SER M 798 27.91 -109.01 -16.01
C SER M 798 27.58 -110.49 -15.87
N ASN M 799 27.63 -111.22 -16.98
CA ASN M 799 27.24 -112.62 -16.97
C ASN M 799 28.40 -113.57 -17.30
N THR M 800 28.76 -113.64 -18.58
CA THR M 800 29.75 -114.63 -19.02
C THR M 800 30.43 -114.28 -20.34
N LEU M 801 31.13 -115.27 -20.88
CA LEU M 801 31.80 -115.20 -22.18
C LEU M 801 32.86 -114.12 -22.28
N GLU M 802 33.92 -114.26 -21.48
CA GLU M 802 35.13 -113.46 -21.64
C GLU M 802 36.15 -114.29 -22.41
N LEU M 803 35.76 -115.52 -22.73
CA LEU M 803 36.68 -116.55 -23.23
C LEU M 803 37.06 -116.45 -24.70
N HIS M 804 38.23 -117.01 -25.01
CA HIS M 804 38.69 -117.24 -26.38
C HIS M 804 38.78 -116.00 -27.28
N VAL M 805 39.75 -115.13 -27.00
CA VAL M 805 40.11 -114.07 -27.93
C VAL M 805 41.30 -114.52 -28.77
N PHE M 806 41.26 -114.21 -30.06
CA PHE M 806 42.28 -114.71 -31.00
C PHE M 806 43.69 -114.20 -30.70
N ASN M 807 43.87 -112.89 -30.70
CA ASN M 807 45.18 -112.31 -30.47
C ASN M 807 45.15 -111.11 -29.54
N VAL M 808 45.89 -111.20 -28.44
CA VAL M 808 46.00 -110.09 -27.49
C VAL M 808 47.19 -109.19 -27.79
N GLU M 809 48.03 -109.63 -28.73
CA GLU M 809 49.24 -108.88 -29.08
C GLU M 809 49.04 -108.06 -30.34
N ASN M 810 49.04 -106.75 -30.19
CA ASN M 810 48.92 -105.84 -31.32
C ASN M 810 50.25 -105.63 -32.03
N ASP M 811 50.20 -105.31 -33.31
CA ASP M 811 51.41 -104.95 -34.06
C ASP M 811 51.96 -103.63 -33.56
N THR M 812 51.06 -102.66 -33.38
CA THR M 812 51.40 -101.38 -32.79
C THR M 812 50.38 -101.04 -31.72
N PRO M 813 50.82 -100.42 -30.61
CA PRO M 813 49.89 -100.11 -29.52
C PRO M 813 48.76 -99.18 -29.96
N LEU M 814 47.52 -99.59 -29.71
CA LEU M 814 46.34 -98.84 -30.11
C LEU M 814 45.14 -99.29 -29.28
N ALA M 815 43.95 -98.80 -29.66
CA ALA M 815 42.71 -99.28 -29.08
C ALA M 815 42.07 -100.29 -30.02
N LEU M 816 40.93 -100.84 -29.64
CA LEU M 816 40.25 -101.81 -30.47
C LEU M 816 39.56 -101.08 -31.63
N ASP M 817 39.40 -101.78 -32.75
CA ASP M 817 38.90 -101.15 -33.97
C ASP M 817 37.39 -100.89 -33.94
N VAL M 818 36.85 -100.46 -35.07
CA VAL M 818 35.44 -100.09 -35.17
C VAL M 818 34.54 -101.31 -35.40
N PHE M 819 33.51 -101.45 -34.57
CA PHE M 819 32.53 -102.52 -34.70
C PHE M 819 31.51 -102.15 -35.78
N ASP M 820 31.04 -103.15 -36.53
CA ASP M 820 30.15 -102.89 -37.66
C ASP M 820 28.85 -103.68 -37.61
N GLU M 821 28.05 -103.55 -38.65
CA GLU M 821 26.77 -104.26 -38.77
C GLU M 821 26.56 -104.87 -40.15
N ARG M 822 25.58 -105.75 -40.25
CA ARG M 822 25.20 -106.37 -41.51
C ARG M 822 23.73 -106.09 -41.83
N SER M 823 23.28 -106.58 -42.98
CA SER M 823 21.88 -106.41 -43.36
C SER M 823 21.03 -107.55 -42.80
N LYS M 824 21.71 -108.57 -42.29
CA LYS M 824 21.03 -109.72 -41.69
C LYS M 824 20.55 -109.42 -40.28
N THR M 825 19.52 -110.15 -39.84
CA THR M 825 18.97 -109.96 -38.50
C THR M 825 19.67 -110.87 -37.49
N ALA M 826 20.68 -111.60 -37.95
CA ALA M 826 21.43 -112.50 -37.08
C ALA M 826 22.93 -112.24 -37.18
N THR M 827 23.50 -112.51 -38.35
CA THR M 827 24.93 -112.35 -38.59
C THR M 827 25.35 -110.90 -38.45
N VAL M 828 26.38 -110.65 -37.63
CA VAL M 828 26.92 -109.31 -37.47
C VAL M 828 28.36 -109.23 -37.97
N LEU M 829 28.92 -108.02 -37.94
CA LEU M 829 30.22 -107.77 -38.56
C LEU M 829 31.19 -107.06 -37.60
N LEU M 830 32.46 -107.42 -37.71
CA LEU M 830 33.51 -106.81 -36.90
C LEU M 830 34.83 -106.88 -37.66
N ILE M 831 35.75 -105.96 -37.36
CA ILE M 831 37.07 -105.99 -37.96
C ILE M 831 38.15 -105.71 -36.91
N PHE M 832 39.20 -106.52 -36.92
CA PHE M 832 40.30 -106.30 -35.98
C PHE M 832 41.64 -106.31 -36.72
N LYS M 833 42.29 -105.16 -36.75
CA LYS M 833 43.60 -105.01 -37.39
C LYS M 833 43.62 -105.54 -38.81
N TYR M 834 44.47 -106.54 -39.06
CA TYR M 834 44.65 -107.08 -40.40
C TYR M 834 43.67 -108.20 -40.71
N SER M 835 42.81 -108.53 -39.75
CA SER M 835 41.85 -109.62 -39.91
C SER M 835 40.41 -109.11 -39.80
N VAL M 836 39.50 -109.83 -40.44
CA VAL M 836 38.09 -109.47 -40.38
C VAL M 836 37.28 -110.56 -39.70
N TRP M 837 36.55 -110.18 -38.65
CA TRP M 837 35.79 -111.13 -37.86
C TRP M 837 34.29 -111.00 -38.12
N ARG M 838 33.72 -111.98 -38.81
CA ARG M 838 32.29 -112.02 -39.04
C ARG M 838 31.62 -112.91 -38.00
N LEU M 839 30.68 -112.34 -37.25
CA LEU M 839 30.11 -113.04 -36.09
C LEU M 839 28.65 -113.39 -36.26
N ASN M 840 28.12 -114.08 -35.27
CA ASN M 840 26.79 -114.67 -35.31
C ASN M 840 26.23 -114.87 -33.91
N PHE M 841 24.94 -115.17 -33.81
CA PHE M 841 24.33 -115.55 -32.54
C PHE M 841 25.00 -116.82 -32.03
N LEU M 842 24.89 -117.06 -30.72
CA LEU M 842 25.71 -118.01 -29.95
C LEU M 842 27.03 -117.32 -29.61
N PRO M 843 27.77 -117.82 -28.59
CA PRO M 843 28.92 -117.09 -28.03
C PRO M 843 29.91 -116.49 -29.03
N GLY M 844 30.26 -117.20 -30.08
CA GLY M 844 31.15 -116.65 -31.08
C GLY M 844 32.02 -117.63 -31.83
N LEU M 845 33.11 -117.11 -32.40
CA LEU M 845 34.05 -117.90 -33.20
C LEU M 845 33.29 -118.53 -34.36
N SER M 846 32.88 -117.70 -35.32
CA SER M 846 32.11 -118.18 -36.45
C SER M 846 32.88 -118.05 -37.76
N VAL M 847 33.01 -116.82 -38.24
CA VAL M 847 33.70 -116.60 -39.52
C VAL M 847 34.90 -115.68 -39.37
N SER M 848 36.01 -116.07 -39.98
CA SER M 848 37.22 -115.24 -40.00
C SER M 848 37.78 -115.13 -41.41
N LEU M 849 37.82 -113.92 -41.93
CA LEU M 849 38.25 -113.71 -43.32
C LEU M 849 39.33 -112.64 -43.47
N GLN M 850 40.17 -112.83 -44.48
CA GLN M 850 41.19 -111.85 -44.84
C GLN M 850 41.28 -111.76 -46.36
N SER M 851 41.29 -110.54 -46.89
CA SER M 851 41.39 -110.35 -48.34
C SER M 851 42.75 -110.75 -48.85
N GLU M 852 43.80 -110.16 -48.29
CA GLU M 852 45.18 -110.51 -48.62
C GLU M 852 46.15 -109.85 -47.64
N ALA M 853 47.45 -110.06 -47.86
CA ALA M 853 48.47 -109.49 -47.00
C ALA M 853 48.70 -108.01 -47.30
N VAL M 854 49.61 -107.40 -46.56
CA VAL M 854 49.92 -105.98 -46.75
C VAL M 854 50.77 -105.77 -48.00
N GLY M 859 51.66 -100.15 -42.16
CA GLY M 859 51.55 -99.23 -41.05
C GLY M 859 50.43 -99.62 -40.09
N SER M 860 50.09 -98.71 -39.18
CA SER M 860 49.03 -98.96 -38.22
C SER M 860 47.65 -98.82 -38.86
N PHE M 861 46.67 -99.51 -38.32
CA PHE M 861 45.31 -99.47 -38.85
C PHE M 861 44.50 -98.37 -38.17
N ILE M 862 44.04 -97.41 -38.97
CA ILE M 862 43.26 -96.29 -38.44
C ILE M 862 41.93 -96.10 -39.18
N THR M 863 41.98 -95.83 -40.49
CA THR M 863 40.79 -95.50 -41.24
C THR M 863 40.14 -96.73 -41.88
N CYS M 864 38.81 -96.74 -41.91
CA CYS M 864 38.05 -97.84 -42.49
C CYS M 864 36.71 -97.33 -43.05
N GLY M 865 36.24 -97.98 -44.11
CA GLY M 865 34.99 -97.60 -44.73
C GLY M 865 33.86 -98.54 -44.36
N LYS M 866 32.76 -98.46 -45.13
CA LYS M 866 31.57 -99.26 -44.89
C LYS M 866 30.54 -98.97 -45.98
N ARG M 867 29.57 -99.88 -46.15
CA ARG M 867 28.53 -99.72 -47.15
C ARG M 867 27.18 -100.19 -46.62
N SER M 868 26.10 -99.70 -47.19
CA SER M 868 24.76 -100.07 -46.74
C SER M 868 23.86 -100.52 -47.89
N THR M 869 23.52 -99.59 -48.77
CA THR M 869 22.60 -99.86 -49.88
C THR M 869 23.33 -100.64 -50.98
N ASP M 870 24.65 -100.58 -50.97
CA ASP M 870 25.47 -101.21 -51.99
C ASP M 870 25.45 -102.75 -51.87
N GLY M 871 24.78 -103.25 -50.84
CA GLY M 871 24.77 -104.68 -50.58
C GLY M 871 25.64 -105.06 -49.40
N ARG M 872 26.03 -104.07 -48.61
CA ARG M 872 26.78 -104.28 -47.37
C ARG M 872 28.13 -104.95 -47.66
N TYR M 873 28.89 -104.37 -48.58
CA TYR M 873 30.24 -104.85 -48.86
C TYR M 873 31.23 -104.03 -48.04
N LEU M 874 32.19 -104.69 -47.41
CA LEU M 874 33.02 -104.03 -46.41
C LEU M 874 34.34 -103.49 -46.95
N LEU M 875 34.47 -102.16 -46.94
CA LEU M 875 35.72 -101.49 -47.27
C LEU M 875 36.74 -101.72 -46.17
N LEU M 876 37.95 -102.16 -46.54
CA LEU M 876 38.95 -102.49 -45.53
C LEU M 876 40.38 -102.55 -46.07
N GLY M 877 41.33 -102.79 -45.18
CA GLY M 877 42.71 -103.03 -45.56
C GLY M 877 43.68 -102.88 -44.40
N THR M 878 44.90 -103.40 -44.61
CA THR M 878 45.98 -103.22 -43.63
C THR M 878 46.31 -101.76 -43.41
N SER M 879 46.95 -101.15 -44.42
CA SER M 879 47.30 -99.74 -44.41
C SER M 879 46.83 -99.11 -45.70
N GLU M 880 47.41 -99.58 -46.81
CA GLU M 880 47.00 -99.19 -48.16
C GLU M 880 47.04 -97.68 -48.40
N GLY M 881 48.25 -97.14 -48.49
CA GLY M 881 48.44 -95.79 -48.98
C GLY M 881 48.18 -95.75 -50.47
N LEU M 882 48.04 -96.95 -51.06
CA LEU M 882 47.70 -97.10 -52.47
C LEU M 882 46.75 -98.27 -52.66
N ILE M 883 45.72 -98.06 -53.49
CA ILE M 883 44.75 -99.09 -53.84
C ILE M 883 44.03 -99.64 -52.59
N VAL M 884 43.14 -98.82 -52.04
CA VAL M 884 42.28 -99.25 -50.93
C VAL M 884 41.41 -100.42 -51.36
N TYR M 885 41.26 -101.41 -50.48
CA TYR M 885 40.59 -102.65 -50.85
C TYR M 885 39.13 -102.72 -50.39
N ASP M 886 38.30 -103.32 -51.24
CA ASP M 886 36.90 -103.59 -50.90
C ASP M 886 36.64 -105.09 -50.86
N LEU M 887 35.85 -105.52 -49.88
CA LEU M 887 35.54 -106.94 -49.72
C LEU M 887 34.07 -107.24 -49.95
N LYS M 888 33.80 -108.04 -50.99
CA LYS M 888 32.45 -108.51 -51.28
C LYS M 888 32.10 -109.67 -50.35
N ILE M 889 30.82 -109.80 -50.04
CA ILE M 889 30.35 -110.83 -49.11
C ILE M 889 30.72 -112.24 -49.56
N SER M 890 31.37 -112.97 -48.65
CA SER M 890 31.69 -114.40 -48.82
C SER M 890 32.69 -114.70 -49.94
N ASP M 891 33.06 -113.69 -50.71
CA ASP M 891 33.99 -113.91 -51.82
C ASP M 891 35.23 -113.01 -51.71
N PRO M 892 36.41 -113.55 -52.05
CA PRO M 892 37.66 -112.80 -52.04
C PRO M 892 37.99 -112.17 -53.40
N VAL M 893 37.24 -111.14 -53.78
CA VAL M 893 37.46 -110.47 -55.05
C VAL M 893 37.49 -108.95 -54.87
N LEU M 894 38.36 -108.29 -55.62
CA LEU M 894 38.50 -106.83 -55.55
C LEU M 894 37.98 -106.16 -56.82
N ARG M 895 36.84 -105.47 -56.69
CA ARG M 895 36.25 -104.78 -57.83
C ARG M 895 36.60 -103.29 -57.84
N SER M 896 37.37 -102.85 -56.84
CA SER M 896 37.71 -101.45 -56.69
C SER M 896 39.17 -101.18 -57.00
N ASN M 897 39.46 -99.98 -57.52
CA ASN M 897 40.82 -99.59 -57.86
C ASN M 897 41.07 -98.12 -57.54
N VAL M 898 42.28 -97.81 -57.07
CA VAL M 898 42.64 -96.43 -56.75
C VAL M 898 43.83 -95.94 -57.56
N SER M 899 43.58 -95.00 -58.46
CA SER M 899 44.63 -94.40 -59.26
C SER M 899 45.08 -93.05 -58.68
N GLU M 900 44.43 -92.62 -57.60
CA GLU M 900 44.71 -91.32 -57.01
C GLU M 900 45.69 -91.42 -55.84
N HIS M 901 46.14 -92.66 -55.57
CA HIS M 901 46.93 -93.01 -54.39
C HIS M 901 46.14 -92.56 -53.15
N ILE M 902 46.83 -92.08 -52.12
CA ILE M 902 46.21 -91.45 -50.94
C ILE M 902 47.30 -91.17 -49.89
N GLU M 903 46.98 -90.31 -48.91
CA GLU M 903 47.84 -90.12 -47.75
C GLU M 903 47.07 -90.63 -46.54
N CYS M 904 47.68 -90.65 -45.36
CA CYS M 904 47.00 -91.16 -44.18
C CYS M 904 47.07 -90.22 -42.98
N VAL M 905 45.93 -89.66 -42.60
CA VAL M 905 45.84 -88.84 -41.38
C VAL M 905 44.64 -89.24 -40.50
N ASP M 906 43.43 -89.12 -41.01
CA ASP M 906 42.22 -89.32 -40.21
C ASP M 906 41.45 -90.58 -40.61
N ILE M 907 40.34 -90.81 -39.91
CA ILE M 907 39.60 -92.08 -40.01
C ILE M 907 38.43 -92.02 -40.99
N TYR M 908 38.15 -90.86 -41.55
CA TYR M 908 36.90 -90.68 -42.30
C TYR M 908 36.96 -91.30 -43.70
N GLU M 909 36.06 -92.25 -43.94
CA GLU M 909 35.86 -92.82 -45.27
C GLU M 909 34.45 -93.39 -45.38
N LEU M 910 33.86 -93.31 -46.57
CA LEU M 910 32.51 -93.86 -46.84
C LEU M 910 32.13 -93.67 -48.31
N PHE M 911 31.17 -94.48 -48.75
CA PHE M 911 30.70 -94.44 -50.14
C PHE M 911 29.21 -94.17 -50.26
N ASP M 912 28.84 -93.36 -51.25
CA ASP M 912 27.45 -93.00 -51.49
C ASP M 912 26.57 -94.17 -51.95
N PRO M 913 25.23 -94.10 -51.57
CA PRO M 913 24.42 -95.24 -52.04
C PRO M 913 24.34 -95.33 -53.56
N VAL M 914 24.26 -94.18 -54.22
CA VAL M 914 24.15 -94.06 -55.68
C VAL M 914 22.70 -93.99 -56.20
N TYR M 915 21.74 -94.09 -55.30
CA TYR M 915 20.32 -93.99 -55.69
C TYR M 915 20.06 -94.68 -57.01
N LYS M 916 19.93 -96.01 -57.03
CA LYS M 916 19.69 -96.67 -58.31
C LYS M 916 20.96 -96.98 -59.12
N TYR M 917 21.34 -96.04 -59.99
CA TYR M 917 22.52 -96.19 -60.86
C TYR M 917 23.81 -96.38 -60.07
N ILE M 918 24.71 -97.19 -60.62
CA ILE M 918 25.97 -97.51 -59.96
C ILE M 918 27.29 -96.90 -60.46
N VAL M 919 28.03 -96.39 -59.49
CA VAL M 919 29.37 -95.79 -59.60
C VAL M 919 29.68 -95.39 -58.16
N LEU M 920 30.95 -95.13 -57.85
CA LEU M 920 31.28 -94.82 -56.46
C LEU M 920 32.17 -93.60 -56.28
N CYS M 921 31.98 -92.91 -55.16
CA CYS M 921 32.78 -91.76 -54.78
C CYS M 921 33.01 -91.72 -53.28
N GLY M 922 34.21 -91.38 -52.85
CA GLY M 922 34.53 -91.36 -51.43
C GLY M 922 35.67 -90.45 -51.02
N ALA M 923 35.70 -90.06 -49.74
CA ALA M 923 36.73 -89.15 -49.25
C ALA M 923 37.65 -89.81 -48.23
N LYS M 924 38.93 -89.42 -48.24
CA LYS M 924 39.92 -89.97 -47.32
C LYS M 924 40.92 -88.93 -46.82
N GLY M 925 41.96 -89.41 -46.14
CA GLY M 925 42.92 -88.56 -45.43
C GLY M 925 43.59 -87.43 -46.19
N LYS M 926 43.87 -87.63 -47.48
CA LYS M 926 44.53 -86.60 -48.28
C LYS M 926 43.64 -85.37 -48.47
N GLN M 927 42.41 -85.48 -47.97
CA GLN M 927 41.35 -84.50 -48.21
C GLN M 927 41.13 -84.36 -49.70
N VAL M 928 40.72 -85.48 -50.30
CA VAL M 928 40.40 -85.55 -51.72
C VAL M 928 39.20 -86.46 -51.89
N VAL M 929 38.84 -86.74 -53.14
CA VAL M 929 37.74 -87.66 -53.41
C VAL M 929 38.03 -88.58 -54.59
N HIS M 930 37.85 -89.89 -54.35
CA HIS M 930 38.03 -90.91 -55.38
C HIS M 930 36.72 -91.20 -56.07
N VAL M 931 36.76 -91.32 -57.39
CA VAL M 931 35.60 -91.72 -58.18
C VAL M 931 35.96 -92.93 -59.04
N HIS M 932 35.19 -94.01 -58.89
CA HIS M 932 35.54 -95.26 -59.56
C HIS M 932 34.32 -96.04 -60.05
N THR M 933 34.52 -96.76 -61.16
CA THR M 933 33.49 -97.63 -61.73
C THR M 933 33.94 -99.09 -61.67
N LEU M 934 33.14 -99.93 -61.02
CA LEU M 934 33.51 -101.31 -60.75
C LEU M 934 33.53 -102.19 -61.99
N ARG M 935 33.06 -101.67 -63.11
CA ARG M 935 33.02 -102.43 -64.35
C ARG M 935 34.42 -102.53 -64.97
N SER M 936 34.86 -103.77 -65.19
CA SER M 936 36.18 -104.05 -65.75
C SER M 936 36.37 -105.55 -65.98
N VAL M 937 37.36 -105.90 -66.79
CA VAL M 937 37.61 -107.30 -67.15
C VAL M 937 38.39 -108.06 -66.08
N SER M 938 39.37 -107.42 -65.46
CA SER M 938 40.23 -108.11 -64.50
C SER M 938 40.74 -107.19 -63.39
N GLY M 939 40.85 -107.74 -62.19
CA GLY M 939 41.39 -107.01 -61.05
C GLY M 939 42.82 -107.40 -60.74
N SER M 940 43.17 -107.37 -59.46
CA SER M 940 44.47 -107.79 -58.94
C SER M 940 45.63 -107.02 -59.55
N ASN M 941 45.51 -105.69 -59.57
CA ASN M 941 46.59 -104.82 -60.03
C ASN M 941 47.43 -104.31 -58.86
N SER M 942 47.10 -104.78 -57.66
CA SER M 942 47.72 -104.31 -56.43
C SER M 942 49.23 -104.48 -56.37
N HIS M 943 49.68 -105.73 -56.31
CA HIS M 943 51.09 -106.01 -56.05
C HIS M 943 51.94 -106.15 -57.32
N GLN M 944 51.30 -106.00 -58.47
CA GLN M 944 52.02 -106.14 -59.74
C GLN M 944 52.82 -104.88 -60.06
N ASN M 945 52.31 -103.73 -59.65
CA ASN M 945 52.96 -102.45 -59.95
C ASN M 945 53.06 -101.53 -58.74
N ARG M 946 54.29 -101.23 -58.33
CA ARG M 946 54.53 -100.22 -57.31
C ARG M 946 55.55 -99.17 -57.78
N GLU M 947 56.79 -99.59 -58.02
CA GLU M 947 57.81 -98.69 -58.55
C GLU M 947 58.05 -98.98 -60.02
N ILE M 948 58.93 -98.20 -60.65
CA ILE M 948 59.25 -98.38 -62.06
C ILE M 948 60.74 -98.23 -62.34
N ALA M 949 61.31 -99.22 -62.99
CA ALA M 949 62.71 -99.17 -63.42
C ALA M 949 62.79 -99.11 -64.94
N TRP M 950 64.01 -99.08 -65.47
CA TRP M 950 64.19 -98.98 -66.91
C TRP M 950 65.46 -99.68 -67.38
N VAL M 951 65.39 -100.27 -68.57
CA VAL M 951 66.51 -101.01 -69.13
C VAL M 951 67.54 -100.09 -69.76
N HIS M 952 68.77 -100.14 -69.27
CA HIS M 952 69.83 -99.29 -69.78
C HIS M 952 70.30 -99.78 -71.15
N SER M 953 70.29 -98.88 -72.12
CA SER M 953 70.67 -99.21 -73.49
C SER M 953 70.91 -97.94 -74.31
N ALA M 954 71.20 -98.13 -75.59
CA ALA M 954 71.45 -97.00 -76.48
C ALA M 954 70.28 -96.75 -77.41
N ASP M 955 69.60 -95.63 -77.19
CA ASP M 955 68.44 -95.21 -77.99
C ASP M 955 67.35 -96.28 -78.05
N GLU M 956 67.19 -97.03 -76.96
CA GLU M 956 66.16 -98.05 -76.86
C GLU M 956 65.44 -97.96 -75.52
N ILE M 957 64.12 -97.83 -75.55
CA ILE M 957 63.34 -97.63 -74.33
C ILE M 957 62.60 -98.90 -73.91
N SER M 958 63.03 -99.48 -72.80
CA SER M 958 62.35 -100.64 -72.23
C SER M 958 62.19 -100.45 -70.72
N VAL M 959 60.94 -100.44 -70.26
CA VAL M 959 60.66 -100.17 -68.86
C VAL M 959 60.26 -101.43 -68.10
N MET M 960 60.62 -101.48 -66.82
CA MET M 960 60.29 -102.63 -65.98
C MET M 960 59.52 -102.18 -64.74
N THR M 961 58.85 -103.13 -64.09
CA THR M 961 58.00 -102.84 -62.95
C THR M 961 58.21 -103.83 -61.79
N LYS M 962 57.35 -103.74 -60.79
CA LYS M 962 57.36 -104.65 -59.66
C LYS M 962 57.06 -106.07 -60.16
N ALA M 963 57.43 -107.08 -59.36
CA ALA M 963 57.41 -108.48 -59.78
C ALA M 963 58.35 -108.69 -60.95
N CYS M 964 59.60 -108.27 -60.73
CA CYS M 964 60.72 -108.40 -61.67
C CYS M 964 60.38 -107.99 -63.09
N LEU M 965 60.75 -108.83 -64.05
CA LEU M 965 60.68 -108.45 -65.45
C LEU M 965 59.28 -108.58 -66.05
N GLU M 966 58.72 -107.46 -66.48
CA GLU M 966 57.53 -107.45 -67.31
C GLU M 966 57.88 -106.80 -68.64
N PRO M 967 57.91 -107.61 -69.71
CA PRO M 967 58.39 -107.12 -71.01
C PRO M 967 57.60 -105.93 -71.55
N ASN M 968 58.31 -104.87 -71.91
CA ASN M 968 57.71 -103.69 -72.53
C ASN M 968 58.63 -103.09 -73.57
N VAL M 969 58.08 -102.75 -74.73
CA VAL M 969 58.86 -102.13 -75.80
C VAL M 969 58.08 -100.99 -76.46
N TYR M 970 58.78 -100.21 -77.28
CA TYR M 970 58.24 -99.00 -77.87
C TYR M 970 56.99 -99.25 -78.74
N LEU M 971 55.92 -98.53 -78.42
CA LEU M 971 54.63 -98.66 -79.09
C LEU M 971 54.11 -100.09 -79.18
N ARG M 972 54.12 -100.79 -78.06
CA ARG M 972 53.55 -102.14 -77.98
C ARG M 972 52.81 -102.34 -76.66
N SER M 973 51.63 -102.93 -76.74
CA SER M 973 50.79 -103.14 -75.55
C SER M 973 51.00 -104.51 -74.93
N LEU M 974 51.95 -105.27 -75.48
CA LEU M 974 52.23 -106.62 -74.98
C LEU M 974 52.75 -106.58 -73.54
N MET M 975 52.11 -107.35 -72.67
CA MET M 975 52.49 -107.40 -71.26
C MET M 975 52.42 -108.82 -70.71
N ASP M 976 53.46 -109.22 -69.98
CA ASP M 976 53.51 -110.53 -69.34
C ASP M 976 53.67 -110.38 -67.83
N MET M 977 53.16 -111.34 -67.08
CA MET M 977 53.22 -111.27 -65.62
C MET M 977 53.86 -112.50 -65.00
N THR M 978 55.02 -112.30 -64.38
CA THR M 978 55.71 -113.35 -63.63
C THR M 978 56.32 -112.75 -62.38
N ARG M 979 56.04 -113.34 -61.22
CA ARG M 979 56.52 -112.78 -59.96
C ARG M 979 57.45 -113.71 -59.19
N GLU M 980 58.72 -113.34 -59.11
CA GLU M 980 59.69 -114.03 -58.27
C GLU M 980 59.84 -113.28 -56.94
N ARG M 981 59.04 -112.23 -56.78
CA ARG M 981 59.03 -111.39 -55.59
C ARG M 981 60.41 -110.74 -55.36
N THR M 982 60.76 -109.81 -56.24
CA THR M 982 61.97 -109.01 -56.09
C THR M 982 61.76 -107.85 -55.13
N GLN M 983 62.83 -107.37 -54.52
CA GLN M 983 62.78 -106.20 -53.66
C GLN M 983 62.94 -104.93 -54.48
N LEU M 984 64.15 -104.70 -54.99
CA LEU M 984 64.43 -103.56 -55.85
C LEU M 984 65.20 -104.01 -57.08
N LEU M 985 64.69 -103.68 -58.26
CA LEU M 985 65.25 -104.17 -59.51
C LEU M 985 66.18 -103.17 -60.19
N ALA M 986 67.33 -103.66 -60.65
CA ALA M 986 68.27 -102.87 -61.42
C ALA M 986 68.57 -103.55 -62.75
N VAL M 987 69.11 -102.81 -63.71
CA VAL M 987 69.36 -103.36 -65.03
C VAL M 987 70.80 -103.11 -65.47
N ASP M 988 71.41 -104.12 -66.10
CA ASP M 988 72.78 -104.01 -66.61
C ASP M 988 72.78 -103.13 -67.86
N SER M 989 73.96 -102.88 -68.42
CA SER M 989 74.08 -102.06 -69.62
C SER M 989 73.65 -102.84 -70.87
N LYS M 990 73.92 -104.14 -70.87
CA LYS M 990 73.56 -104.99 -71.98
C LYS M 990 72.23 -105.70 -71.72
N GLU M 991 71.88 -106.64 -72.58
CA GLU M 991 70.62 -107.38 -72.45
C GLU M 991 70.66 -108.36 -71.28
N ARG M 992 71.84 -108.51 -70.67
CA ARG M 992 72.01 -109.38 -69.51
C ARG M 992 71.13 -108.94 -68.35
N ILE M 993 70.49 -109.91 -67.70
CA ILE M 993 69.56 -109.61 -66.61
C ILE M 993 70.21 -109.68 -65.23
N HIS M 994 70.11 -108.56 -64.52
CA HIS M 994 70.56 -108.42 -63.15
C HIS M 994 69.33 -108.32 -62.24
N LEU M 995 69.24 -109.19 -61.24
CA LEU M 995 68.06 -109.17 -60.37
C LEU M 995 68.37 -109.55 -58.92
N ILE M 996 67.33 -109.49 -58.09
CA ILE M 996 67.48 -109.73 -56.66
C ILE M 996 66.46 -110.76 -56.18
N LYS M 997 66.88 -111.60 -55.24
CA LYS M 997 66.00 -112.62 -54.67
C LYS M 997 66.03 -112.39 -53.15
N PRO M 998 64.95 -112.74 -52.44
CA PRO M 998 65.02 -112.54 -50.99
C PRO M 998 66.24 -113.19 -50.36
N ALA M 999 66.99 -112.39 -49.60
CA ALA M 999 68.22 -112.80 -48.94
C ALA M 999 69.32 -113.26 -49.89
N ILE M 1000 69.38 -112.70 -51.11
CA ILE M 1000 70.49 -112.99 -52.03
C ILE M 1000 70.40 -112.16 -53.33
N SER M 1001 71.51 -112.06 -54.05
CA SER M 1001 71.53 -111.32 -55.31
C SER M 1001 71.88 -112.26 -56.47
N ARG M 1002 71.30 -112.00 -57.64
CA ARG M 1002 71.48 -112.90 -58.78
C ARG M 1002 71.82 -112.16 -60.07
N ILE M 1003 72.81 -112.69 -60.80
CA ILE M 1003 73.25 -112.14 -62.07
C ILE M 1003 73.26 -113.21 -63.15
N SER M 1004 72.49 -113.01 -64.21
CA SER M 1004 72.36 -114.05 -65.22
C SER M 1004 72.13 -113.52 -66.64
N GLU M 1005 72.57 -114.30 -67.63
CA GLU M 1005 72.26 -114.01 -69.03
C GLU M 1005 70.75 -113.97 -69.22
N TRP M 1006 70.11 -115.13 -69.07
CA TRP M 1006 68.66 -115.19 -68.95
C TRP M 1006 68.36 -115.86 -67.61
N SER M 1007 67.09 -115.95 -67.23
CA SER M 1007 66.75 -116.49 -65.92
C SER M 1007 66.04 -117.83 -66.00
N THR M 1008 66.74 -118.90 -65.63
CA THR M 1008 66.13 -120.21 -65.47
C THR M 1008 66.43 -120.74 -64.07
N ILE M 1009 67.67 -121.20 -63.87
CA ILE M 1009 68.11 -121.64 -62.55
C ILE M 1009 68.81 -120.50 -61.81
N THR M 1010 69.09 -119.43 -62.54
CA THR M 1010 69.77 -118.23 -62.01
C THR M 1010 70.97 -118.54 -61.11
N PRO M 1011 72.07 -119.02 -61.70
CA PRO M 1011 73.29 -119.32 -60.94
C PRO M 1011 73.90 -118.10 -60.28
N THR M 1012 74.54 -118.29 -59.12
CA THR M 1012 75.20 -117.20 -58.39
C THR M 1012 75.91 -117.72 -57.14
N HIS M 1013 76.83 -116.90 -56.62
CA HIS M 1013 77.54 -117.22 -55.39
C HIS M 1013 77.81 -115.95 -54.59
N ALA M 1014 77.58 -116.02 -53.28
CA ALA M 1014 77.75 -114.85 -52.43
C ALA M 1014 78.19 -115.21 -51.01
N ALA M 1015 79.05 -114.37 -50.44
CA ALA M 1015 79.52 -114.55 -49.07
C ALA M 1015 78.68 -113.71 -48.10
N SER M 1016 77.65 -113.06 -48.62
CA SER M 1016 76.80 -112.17 -47.85
C SER M 1016 76.24 -112.81 -46.59
N ASN M 1017 76.30 -112.08 -45.48
CA ASN M 1017 75.86 -112.59 -44.18
C ASN M 1017 74.34 -112.57 -44.02
N CYS M 1018 73.70 -111.52 -44.53
CA CYS M 1018 72.26 -111.34 -44.35
C CYS M 1018 71.58 -110.86 -45.63
N LYS M 1019 70.29 -110.55 -45.51
CA LYS M 1019 69.49 -110.11 -46.64
C LYS M 1019 69.95 -108.77 -47.18
N ILE M 1020 69.97 -108.65 -48.51
CA ILE M 1020 70.37 -107.41 -49.16
C ILE M 1020 69.15 -106.57 -49.53
N ASN M 1021 69.22 -105.26 -49.27
CA ASN M 1021 68.12 -104.37 -49.57
C ASN M 1021 68.02 -104.05 -51.07
N ALA M 1022 69.15 -103.70 -51.67
CA ALA M 1022 69.19 -103.37 -53.08
C ALA M 1022 70.55 -103.71 -53.70
N ILE M 1023 70.53 -104.07 -54.98
CA ILE M 1023 71.75 -104.43 -55.69
C ILE M 1023 71.70 -103.91 -57.13
N SER M 1024 72.85 -103.45 -57.63
CA SER M 1024 72.92 -102.83 -58.95
C SER M 1024 74.13 -103.32 -59.75
N ALA M 1025 74.14 -103.00 -61.04
CA ALA M 1025 75.21 -103.45 -61.93
C ALA M 1025 75.82 -102.29 -62.73
N PHE M 1026 77.13 -102.34 -62.93
CA PHE M 1026 77.82 -101.34 -63.73
C PHE M 1026 77.59 -101.53 -65.21
N ASN M 1027 78.18 -100.65 -66.01
CA ASN M 1027 78.20 -100.79 -67.46
C ASN M 1027 79.24 -101.84 -67.85
N ASP M 1028 80.49 -101.55 -67.52
CA ASP M 1028 81.58 -102.51 -67.71
C ASP M 1028 81.42 -103.72 -66.79
N GLU M 1029 82.12 -104.80 -67.11
CA GLU M 1029 81.97 -106.06 -66.39
C GLU M 1029 82.79 -106.11 -65.10
N GLN M 1030 83.50 -105.03 -64.80
CA GLN M 1030 84.36 -104.97 -63.62
C GLN M 1030 83.56 -104.97 -62.32
N ILE M 1031 83.86 -105.95 -61.47
CA ILE M 1031 83.27 -106.12 -60.12
C ILE M 1031 81.75 -105.89 -60.06
N PHE M 1032 81.31 -105.18 -59.01
CA PHE M 1032 79.92 -104.80 -58.71
C PHE M 1032 79.88 -104.02 -57.38
N VAL M 1033 78.78 -103.31 -57.15
CA VAL M 1033 78.56 -102.61 -55.89
C VAL M 1033 77.12 -102.76 -55.43
N GLY M 1034 76.87 -102.40 -54.17
CA GLY M 1034 75.53 -102.42 -53.62
C GLY M 1034 75.56 -102.24 -52.12
N TYR M 1035 74.40 -101.91 -51.53
CA TYR M 1035 74.34 -101.76 -50.09
C TYR M 1035 73.52 -102.89 -49.46
N VAL M 1036 74.16 -103.63 -48.56
CA VAL M 1036 73.53 -104.79 -47.92
C VAL M 1036 73.17 -104.37 -46.49
N ASP M 1037 72.52 -105.25 -45.74
CA ASP M 1037 72.24 -105.01 -44.33
C ASP M 1037 73.50 -105.20 -43.48
N GLY M 1038 74.58 -105.62 -44.13
CA GLY M 1038 75.82 -105.92 -43.42
C GLY M 1038 77.06 -105.66 -44.25
N VAL M 1039 78.21 -105.96 -43.66
CA VAL M 1039 79.51 -105.61 -44.23
C VAL M 1039 79.80 -106.20 -45.61
N ILE M 1040 79.59 -107.51 -45.75
CA ILE M 1040 79.97 -108.23 -46.97
C ILE M 1040 79.20 -107.76 -48.21
N ILE M 1041 79.95 -107.42 -49.26
CA ILE M 1041 79.37 -107.05 -50.54
C ILE M 1041 79.75 -108.06 -51.61
N ASP M 1042 78.74 -108.73 -52.17
CA ASP M 1042 78.98 -109.83 -53.11
C ASP M 1042 79.22 -109.39 -54.55
N VAL M 1043 80.07 -110.14 -55.24
CA VAL M 1043 80.31 -109.93 -56.67
C VAL M 1043 80.33 -111.28 -57.39
N ILE M 1044 80.24 -111.25 -58.72
CA ILE M 1044 80.23 -112.48 -59.50
C ILE M 1044 81.21 -112.39 -60.68
N HIS M 1045 81.75 -113.55 -61.07
CA HIS M 1045 82.64 -113.67 -62.22
C HIS M 1045 83.99 -112.98 -62.01
N ASP M 1046 84.11 -112.24 -60.92
CA ASP M 1046 85.32 -111.49 -60.62
C ASP M 1046 85.87 -111.83 -59.24
N THR M 1047 87.19 -111.85 -59.11
CA THR M 1047 87.86 -112.08 -57.85
C THR M 1047 88.14 -110.76 -57.14
N ALA M 1048 88.95 -110.82 -56.09
CA ALA M 1048 89.39 -109.63 -55.35
C ALA M 1048 88.21 -108.85 -54.75
N LEU M 1049 87.58 -109.43 -53.73
CA LEU M 1049 86.50 -108.78 -53.00
C LEU M 1049 86.93 -107.41 -52.45
N PRO M 1050 85.97 -106.49 -52.26
CA PRO M 1050 86.30 -105.16 -51.74
C PRO M 1050 86.92 -105.22 -50.35
N GLN M 1051 87.58 -104.14 -49.94
CA GLN M 1051 88.33 -104.11 -48.69
C GLN M 1051 87.42 -103.83 -47.48
N GLN M 1052 86.23 -103.30 -47.76
CA GLN M 1052 85.27 -102.91 -46.73
C GLN M 1052 85.85 -101.93 -45.71
N PHE M 1053 85.92 -102.37 -44.45
CA PHE M 1053 86.23 -101.50 -43.31
C PHE M 1053 85.21 -100.37 -43.16
N ILE M 1054 83.94 -100.73 -43.25
CA ILE M 1054 82.86 -99.78 -43.02
C ILE M 1054 81.65 -100.49 -42.41
N GLU M 1055 80.95 -99.81 -41.52
CA GLU M 1055 79.78 -100.38 -40.86
C GLU M 1055 78.70 -100.83 -41.86
N GLU M 1056 78.01 -99.88 -42.50
CA GLU M 1056 77.06 -100.23 -43.55
C GLU M 1056 77.05 -99.13 -44.62
N PRO M 1057 76.98 -99.51 -45.91
CA PRO M 1057 76.98 -98.58 -47.04
C PRO M 1057 75.62 -97.92 -47.31
N ILE M 1058 75.63 -96.70 -47.85
CA ILE M 1058 74.36 -96.02 -48.15
C ILE M 1058 74.20 -95.66 -49.63
N ASP M 1059 75.06 -94.80 -50.18
CA ASP M 1059 74.88 -94.29 -51.53
C ASP M 1059 75.92 -94.88 -52.49
N TYR M 1060 75.43 -95.61 -53.49
CA TYR M 1060 76.30 -96.16 -54.53
C TYR M 1060 76.17 -95.37 -55.82
N LEU M 1061 76.86 -95.83 -56.86
CA LEU M 1061 76.90 -95.13 -58.15
C LEU M 1061 77.67 -95.95 -59.19
N LYS M 1062 77.59 -95.51 -60.45
CA LYS M 1062 78.20 -96.25 -61.55
C LYS M 1062 79.26 -95.41 -62.28
N GLN M 1063 80.42 -96.01 -62.51
CA GLN M 1063 81.49 -95.35 -63.26
C GLN M 1063 82.17 -96.31 -64.22
N VAL M 1064 82.61 -95.79 -65.36
CA VAL M 1064 83.31 -96.60 -66.36
C VAL M 1064 84.78 -96.73 -66.01
N SER M 1065 85.23 -95.92 -65.06
CA SER M 1065 86.61 -95.94 -64.60
C SER M 1065 86.87 -97.14 -63.71
N PRO M 1066 88.10 -97.68 -63.74
CA PRO M 1066 88.51 -98.82 -62.92
C PRO M 1066 88.29 -98.59 -61.43
N ASN M 1067 88.43 -97.34 -60.98
CA ASN M 1067 88.22 -97.00 -59.58
C ASN M 1067 86.80 -96.51 -59.31
N ILE M 1068 86.23 -96.92 -58.19
CA ILE M 1068 84.87 -96.55 -57.85
C ILE M 1068 84.77 -95.99 -56.43
N LEU M 1069 84.25 -94.77 -56.31
CA LEU M 1069 84.07 -94.13 -55.00
C LEU M 1069 82.70 -94.45 -54.43
N VAL M 1070 82.66 -94.88 -53.18
CA VAL M 1070 81.42 -95.28 -52.54
C VAL M 1070 81.17 -94.52 -51.23
N ALA M 1071 79.99 -93.90 -51.13
CA ALA M 1071 79.60 -93.19 -49.93
C ALA M 1071 79.25 -94.16 -48.80
N SER M 1072 79.28 -93.67 -47.56
CA SER M 1072 79.03 -94.54 -46.42
C SER M 1072 78.20 -93.84 -45.34
N ALA M 1073 77.60 -94.64 -44.46
CA ALA M 1073 76.79 -94.12 -43.36
C ALA M 1073 77.65 -93.41 -42.33
N HIS M 1074 78.89 -93.87 -42.20
CA HIS M 1074 79.87 -93.25 -41.31
C HIS M 1074 80.43 -91.99 -41.97
N SER M 1075 80.00 -91.76 -43.21
CA SER M 1075 80.39 -90.60 -44.01
C SER M 1075 81.88 -90.59 -44.32
N ALA M 1076 82.44 -91.79 -44.52
CA ALA M 1076 83.80 -91.93 -44.98
C ALA M 1076 83.82 -92.56 -46.36
N GLN M 1077 84.19 -91.79 -47.37
CA GLN M 1077 84.19 -92.27 -48.75
C GLN M 1077 85.22 -93.38 -48.95
N LYS M 1078 84.85 -94.38 -49.74
CA LYS M 1078 85.72 -95.52 -49.97
C LYS M 1078 86.20 -95.59 -51.42
N THR M 1079 87.48 -95.85 -51.61
CA THR M 1079 88.05 -95.97 -52.94
C THR M 1079 88.25 -97.44 -53.29
N VAL M 1080 87.47 -97.91 -54.25
CA VAL M 1080 87.54 -99.31 -54.68
C VAL M 1080 88.34 -99.46 -55.96
N ILE M 1081 89.47 -100.16 -55.86
CA ILE M 1081 90.33 -100.39 -57.01
C ILE M 1081 90.13 -101.80 -57.54
N PHE M 1082 89.99 -101.94 -58.85
CA PHE M 1082 89.69 -103.22 -59.47
C PHE M 1082 90.86 -104.21 -59.42
N GLN M 1083 90.60 -105.37 -58.83
CA GLN M 1083 91.51 -106.52 -58.88
C GLN M 1083 92.87 -106.22 -58.24
N LEU M 1084 92.89 -105.25 -57.32
CA LEU M 1084 94.12 -104.84 -56.63
C LEU M 1084 93.80 -103.75 -55.60
N GLU M 1085 94.69 -103.57 -54.64
CA GLU M 1085 94.53 -102.49 -53.66
C GLU M 1085 95.75 -101.58 -53.60
N LYS M 1086 96.83 -102.08 -53.00
CA LYS M 1086 98.08 -101.35 -52.87
C LYS M 1086 97.93 -99.95 -52.26
N ILE M 1087 96.98 -99.80 -51.34
CA ILE M 1087 96.52 -98.53 -50.78
C ILE M 1087 95.57 -98.87 -49.63
N ASP M 1088 95.37 -97.96 -48.69
CA ASP M 1088 94.45 -98.17 -47.58
C ASP M 1088 93.24 -97.23 -47.69
N PRO M 1089 92.07 -97.80 -47.97
CA PRO M 1089 90.84 -97.02 -48.18
C PRO M 1089 90.24 -96.47 -46.89
N LEU M 1090 91.04 -95.73 -46.11
CA LEU M 1090 90.54 -95.11 -44.90
C LEU M 1090 90.58 -93.59 -45.00
N GLN M 1091 89.41 -92.98 -45.09
CA GLN M 1091 89.31 -91.52 -45.20
C GLN M 1091 88.12 -90.98 -44.39
N PRO M 1092 88.28 -90.91 -43.05
CA PRO M 1092 87.22 -90.38 -42.18
C PRO M 1092 87.23 -88.86 -42.11
N ASN M 1093 86.85 -88.20 -43.20
CA ASN M 1093 86.84 -86.74 -43.27
C ASN M 1093 85.96 -86.12 -42.20
N ASP M 1094 84.65 -86.26 -42.34
CA ASP M 1094 83.68 -85.67 -41.41
C ASP M 1094 82.63 -86.68 -40.98
N GLN M 1095 81.88 -86.34 -39.94
CA GLN M 1095 80.78 -87.20 -39.48
C GLN M 1095 79.46 -86.77 -40.10
N TRP M 1096 79.49 -85.71 -40.89
CA TRP M 1096 78.32 -85.29 -41.65
C TRP M 1096 78.22 -86.14 -42.92
N PRO M 1097 77.02 -86.65 -43.23
CA PRO M 1097 76.81 -87.60 -44.33
C PRO M 1097 77.25 -87.08 -45.69
N LEU M 1098 77.84 -87.94 -46.51
CA LEU M 1098 78.32 -87.56 -47.82
C LEU M 1098 77.43 -88.07 -48.95
N MET M 1099 77.22 -87.22 -49.95
CA MET M 1099 76.58 -87.62 -51.19
C MET M 1099 77.30 -86.94 -52.36
N MET M 1100 77.64 -87.71 -53.38
CA MET M 1100 78.59 -87.24 -54.38
C MET M 1100 78.14 -87.36 -55.83
N ASP M 1101 78.64 -86.45 -56.66
CA ASP M 1101 78.47 -86.50 -58.10
C ASP M 1101 79.84 -86.37 -58.77
N VAL M 1102 79.85 -86.40 -60.09
CA VAL M 1102 81.11 -86.27 -60.84
C VAL M 1102 80.84 -85.59 -62.20
N SER M 1103 81.79 -84.76 -62.64
CA SER M 1103 81.65 -84.12 -63.94
C SER M 1103 82.52 -84.79 -65.00
N THR M 1104 83.83 -84.49 -64.97
CA THR M 1104 84.76 -85.20 -65.85
C THR M 1104 86.00 -85.69 -65.10
N LYS M 1105 86.89 -84.75 -64.77
CA LYS M 1105 88.14 -85.08 -64.10
C LYS M 1105 88.02 -84.89 -62.57
N TYR M 1106 86.93 -84.28 -62.14
CA TYR M 1106 86.80 -83.88 -60.74
C TYR M 1106 85.72 -84.66 -60.00
N ALA M 1107 86.09 -85.21 -58.85
CA ALA M 1107 85.13 -85.87 -57.97
C ALA M 1107 84.46 -84.83 -57.07
N SER M 1108 83.14 -84.74 -57.15
CA SER M 1108 82.40 -83.73 -56.42
C SER M 1108 81.74 -84.31 -55.17
N LEU M 1109 82.23 -83.91 -54.00
CA LEU M 1109 81.67 -84.38 -52.74
C LEU M 1109 80.81 -83.32 -52.08
N GLN M 1110 79.52 -83.62 -51.95
CA GLN M 1110 78.59 -82.74 -51.24
C GLN M 1110 78.30 -83.30 -49.86
N GLU M 1111 78.78 -82.59 -48.83
CA GLU M 1111 78.63 -83.02 -47.45
C GLU M 1111 77.47 -82.30 -46.77
N GLY M 1112 77.30 -82.55 -45.47
CA GLY M 1112 76.31 -81.86 -44.69
C GLY M 1112 76.85 -80.53 -44.18
N GLN M 1113 78.09 -80.23 -44.55
CA GLN M 1113 78.74 -78.99 -44.16
C GLN M 1113 79.14 -78.16 -45.37
N TYR M 1114 80.07 -78.68 -46.16
CA TYR M 1114 80.55 -77.97 -47.34
C TYR M 1114 80.68 -78.91 -48.54
N ILE M 1115 81.10 -78.35 -49.67
CA ILE M 1115 81.31 -79.13 -50.89
C ILE M 1115 82.77 -79.09 -51.30
N ILE M 1116 83.39 -80.26 -51.39
CA ILE M 1116 84.81 -80.34 -51.70
C ILE M 1116 85.06 -81.09 -53.01
N LEU M 1117 86.06 -80.66 -53.76
CA LEU M 1117 86.39 -81.27 -55.05
C LEU M 1117 87.73 -81.98 -54.99
N PHE M 1118 87.80 -83.18 -55.57
CA PHE M 1118 89.06 -83.91 -55.66
C PHE M 1118 89.56 -84.04 -57.09
N SER M 1119 90.88 -84.07 -57.24
CA SER M 1119 91.51 -84.25 -58.54
C SER M 1119 92.13 -85.64 -58.63
N ASP M 1120 91.59 -86.48 -59.52
CA ASP M 1120 92.05 -87.85 -59.66
C ASP M 1120 93.46 -87.92 -60.24
N HIS M 1121 94.34 -88.64 -59.57
CA HIS M 1121 95.71 -88.82 -60.03
C HIS M 1121 95.74 -89.80 -61.21
N GLY M 1122 94.90 -90.82 -61.14
CA GLY M 1122 94.80 -91.80 -62.20
C GLY M 1122 93.51 -92.61 -62.11
N VAL M 1123 93.10 -93.18 -63.24
CA VAL M 1123 91.87 -93.97 -63.28
C VAL M 1123 92.10 -95.37 -62.72
N CYS M 1124 93.35 -95.81 -62.73
CA CYS M 1124 93.70 -97.13 -62.24
C CYS M 1124 93.66 -97.19 -60.71
N HIS M 1125 94.27 -96.19 -60.07
CA HIS M 1125 94.34 -96.14 -58.62
C HIS M 1125 94.28 -94.70 -58.12
N LEU M 1126 93.62 -94.50 -56.98
CA LEU M 1126 93.51 -93.17 -56.39
C LEU M 1126 94.16 -93.15 -55.01
N ASP M 1127 95.24 -92.37 -54.89
CA ASP M 1127 95.97 -92.26 -53.63
C ASP M 1127 95.81 -90.88 -52.99
N ILE M 1128 96.29 -89.84 -53.66
CA ILE M 1128 96.21 -88.49 -53.15
C ILE M 1128 95.16 -87.67 -53.90
N ALA M 1129 94.52 -86.75 -53.18
CA ALA M 1129 93.48 -85.91 -53.77
C ALA M 1129 93.72 -84.43 -53.44
N ASN M 1130 93.93 -83.63 -54.48
CA ASN M 1130 94.19 -82.20 -54.31
C ASN M 1130 92.90 -81.39 -54.22
N PRO M 1131 92.72 -80.66 -53.10
CA PRO M 1131 91.53 -79.82 -52.89
C PRO M 1131 91.52 -78.61 -53.83
N SER M 1132 90.34 -78.24 -54.32
CA SER M 1132 90.22 -77.13 -55.25
C SER M 1132 89.22 -76.09 -54.77
N ALA M 1133 87.94 -76.46 -54.73
CA ALA M 1133 86.89 -75.53 -54.34
C ALA M 1133 86.14 -76.00 -53.10
N PHE M 1134 86.27 -75.26 -52.01
CA PHE M 1134 85.53 -75.55 -50.79
C PHE M 1134 85.02 -74.26 -50.15
N VAL M 1135 83.74 -74.24 -49.80
CA VAL M 1135 83.13 -73.07 -49.19
C VAL M 1135 81.96 -73.47 -48.30
N LYS M 1136 81.74 -72.72 -47.22
CA LYS M 1136 80.62 -72.96 -46.33
C LYS M 1136 79.43 -72.10 -46.72
N PRO M 1137 78.34 -72.73 -47.21
CA PRO M 1137 77.15 -72.03 -47.69
C PRO M 1137 76.29 -71.46 -46.57
N LYS M 1138 75.13 -70.92 -46.96
CA LYS M 1138 74.20 -70.32 -46.01
C LYS M 1138 73.53 -71.37 -45.12
N ASP M 1139 72.97 -70.93 -44.00
CA ASP M 1139 72.29 -71.81 -43.06
C ASP M 1139 71.10 -72.51 -43.72
N SER M 1140 70.74 -73.67 -43.20
CA SER M 1140 69.74 -74.56 -43.80
C SER M 1140 70.18 -74.92 -45.22
N GLU M 1141 71.25 -75.71 -45.28
CA GLU M 1141 71.92 -76.02 -46.55
C GLU M 1141 71.10 -76.95 -47.43
N GLU M 1142 71.40 -76.94 -48.72
CA GLU M 1142 70.69 -77.77 -49.68
C GLU M 1142 71.14 -79.23 -49.60
N TYR M 1143 70.19 -80.15 -49.69
CA TYR M 1143 70.47 -81.57 -49.64
C TYR M 1143 71.41 -82.02 -50.76
N ILE M 1144 70.93 -81.97 -52.01
CA ILE M 1144 71.71 -82.46 -53.14
C ILE M 1144 71.47 -81.63 -54.40
N VAL M 1145 72.52 -81.45 -55.18
CA VAL M 1145 72.44 -80.71 -56.44
C VAL M 1145 72.96 -81.56 -57.59
N GLY M 1146 73.06 -80.97 -58.78
CA GLY M 1146 73.54 -81.68 -59.94
C GLY M 1146 74.31 -80.81 -60.91
N PHE M 1147 75.06 -81.44 -61.82
CA PHE M 1147 75.89 -80.73 -62.78
C PHE M 1147 75.51 -81.09 -64.22
N ASP M 1148 75.95 -80.26 -65.15
CA ASP M 1148 75.69 -80.48 -66.58
C ASP M 1148 76.76 -81.35 -67.21
N LEU M 1149 76.68 -81.50 -68.53
CA LEU M 1149 77.67 -82.29 -69.28
C LEU M 1149 78.39 -81.40 -70.29
N LYS M 1150 79.65 -81.73 -70.56
CA LYS M 1150 80.49 -80.97 -71.48
C LYS M 1150 80.65 -79.52 -71.05
N ASN M 1151 80.50 -79.29 -69.74
CA ASN M 1151 80.61 -77.95 -69.17
C ASN M 1151 81.58 -77.94 -67.99
N SER M 1152 81.21 -78.67 -66.94
CA SER M 1152 82.02 -78.80 -65.73
C SER M 1152 82.28 -77.45 -65.07
N LEU M 1153 81.22 -76.84 -64.55
CA LEU M 1153 81.32 -75.58 -63.84
C LEU M 1153 80.89 -75.72 -62.39
N LEU M 1154 80.95 -74.63 -61.64
CA LEU M 1154 80.55 -74.64 -60.24
C LEU M 1154 79.11 -74.21 -60.08
N PHE M 1155 78.32 -75.03 -59.39
CA PHE M 1155 76.91 -74.72 -59.18
C PHE M 1155 76.49 -74.95 -57.73
N LEU M 1156 76.02 -73.90 -57.08
CA LEU M 1156 75.52 -74.00 -55.71
C LEU M 1156 74.20 -73.27 -55.60
N ALA M 1157 73.14 -74.00 -55.23
CA ALA M 1157 71.80 -73.43 -55.13
C ALA M 1157 71.19 -73.67 -53.76
N TYR M 1158 70.70 -72.61 -53.14
CA TYR M 1158 70.05 -72.70 -51.85
C TYR M 1158 68.71 -73.43 -52.01
N GLU M 1159 68.21 -74.04 -50.95
CA GLU M 1159 67.06 -74.93 -51.06
C GLU M 1159 65.73 -74.20 -51.23
N ASN M 1160 65.60 -73.01 -50.66
CA ASN M 1160 64.32 -72.32 -50.67
C ASN M 1160 64.22 -71.16 -51.65
N ASN M 1161 63.46 -71.38 -52.73
CA ASN M 1161 63.03 -70.32 -53.64
C ASN M 1161 64.15 -69.51 -54.31
N ILE M 1162 65.35 -70.06 -54.36
CA ILE M 1162 66.43 -69.42 -55.10
C ILE M 1162 67.45 -70.43 -55.63
N ILE M 1163 67.94 -70.21 -56.84
CA ILE M 1163 69.00 -71.03 -57.42
C ILE M 1163 70.03 -70.15 -58.10
N ASP M 1164 71.31 -70.47 -57.90
CA ASP M 1164 72.40 -69.64 -58.41
C ASP M 1164 73.43 -70.43 -59.21
N VAL M 1165 73.84 -69.88 -60.35
CA VAL M 1165 74.89 -70.47 -61.16
C VAL M 1165 76.20 -69.71 -60.97
N PHE M 1166 77.26 -70.43 -60.63
CA PHE M 1166 78.54 -69.81 -60.31
C PHE M 1166 79.62 -70.15 -61.34
N ARG M 1167 80.81 -69.59 -61.12
CA ARG M 1167 81.98 -69.89 -61.94
C ARG M 1167 82.95 -70.72 -61.13
N LEU M 1168 83.71 -71.59 -61.79
CA LEU M 1168 84.60 -72.53 -61.11
C LEU M 1168 85.60 -71.83 -60.19
N ILE M 1169 86.61 -71.19 -60.78
CA ILE M 1169 87.63 -70.39 -60.08
C ILE M 1169 88.07 -71.06 -58.77
N PHE M 1170 88.12 -70.28 -57.69
CA PHE M 1170 88.28 -70.85 -56.36
C PHE M 1170 86.90 -71.01 -55.72
N SER M 1171 86.30 -69.89 -55.32
CA SER M 1171 84.92 -69.88 -54.87
C SER M 1171 84.27 -68.54 -55.18
N CYS M 1172 83.01 -68.57 -55.61
CA CYS M 1172 82.27 -67.33 -55.85
C CYS M 1172 80.86 -67.38 -55.26
N ASN M 1173 80.62 -66.54 -54.27
CA ASN M 1173 79.27 -66.36 -53.72
C ASN M 1173 78.61 -65.11 -54.29
N GLN M 1174 79.33 -64.41 -55.16
CA GLN M 1174 78.88 -63.10 -55.65
C GLN M 1174 77.98 -63.19 -56.88
N LEU M 1175 76.85 -62.49 -56.81
CA LEU M 1175 75.94 -62.39 -57.94
C LEU M 1175 75.60 -60.92 -58.21
N ARG M 1176 74.95 -60.30 -57.23
CA ARG M 1176 74.62 -58.88 -57.24
C ARG M 1176 73.81 -58.44 -58.47
N TYR M 1177 74.16 -57.28 -59.02
CA TYR M 1177 73.41 -56.69 -60.13
C TYR M 1177 74.04 -57.00 -61.49
N GLU M 1178 75.15 -57.72 -61.47
CA GLU M 1178 75.86 -58.09 -62.70
C GLU M 1178 74.95 -58.83 -63.67
N GLN M 1179 74.51 -60.02 -63.26
CA GLN M 1179 73.60 -60.82 -64.08
C GLN M 1179 72.56 -61.50 -63.20
N ILE M 1180 71.45 -61.92 -63.81
CA ILE M 1180 70.40 -62.62 -63.11
C ILE M 1180 70.35 -64.08 -63.55
N CYS M 1181 70.59 -65.00 -62.62
CA CYS M 1181 70.64 -66.41 -62.96
C CYS M 1181 69.36 -67.16 -62.58
N GLU M 1182 68.61 -67.53 -63.61
CA GLU M 1182 67.36 -68.27 -63.48
C GLU M 1182 66.41 -67.67 -62.44
N GLU M 1183 65.73 -68.55 -61.71
CA GLU M 1183 64.76 -68.25 -60.64
C GLU M 1183 64.29 -69.56 -60.02
N GLU M 1184 63.73 -69.49 -58.82
CA GLU M 1184 63.02 -70.62 -58.25
C GLU M 1184 61.71 -70.16 -57.63
N ILE M 1185 60.59 -70.54 -58.23
CA ILE M 1185 59.28 -70.11 -57.74
C ILE M 1185 58.52 -71.15 -56.91
N ALA M 1186 59.06 -72.37 -56.79
CA ALA M 1186 58.30 -73.45 -56.16
C ALA M 1186 59.06 -74.22 -55.10
N GLN M 1187 60.09 -74.95 -55.54
CA GLN M 1187 60.78 -75.93 -54.70
C GLN M 1187 61.30 -75.33 -53.39
N LYS M 1188 61.14 -76.09 -52.32
CA LYS M 1188 61.62 -75.69 -51.00
C LYS M 1188 62.47 -76.79 -50.35
N ALA M 1189 61.88 -77.95 -50.12
CA ALA M 1189 62.58 -79.08 -49.51
C ALA M 1189 62.87 -80.17 -50.55
N LYS M 1190 63.98 -80.88 -50.34
CA LYS M 1190 64.38 -81.99 -51.19
C LYS M 1190 64.57 -81.60 -52.66
N ILE M 1191 65.39 -80.59 -52.91
CA ILE M 1191 65.81 -80.28 -54.28
C ILE M 1191 66.60 -81.48 -54.81
N SER M 1192 66.44 -81.79 -56.09
CA SER M 1192 66.98 -83.04 -56.61
C SER M 1192 68.22 -82.90 -57.49
N TYR M 1193 68.01 -82.51 -58.75
CA TYR M 1193 69.06 -82.61 -59.77
C TYR M 1193 68.93 -81.56 -60.87
N LEU M 1194 69.75 -81.74 -61.90
CA LEU M 1194 69.67 -81.02 -63.17
C LEU M 1194 70.75 -81.57 -64.11
N VAL M 1195 70.55 -81.39 -65.41
CA VAL M 1195 71.43 -81.98 -66.42
C VAL M 1195 71.60 -81.11 -67.65
N ALA M 1196 72.57 -81.46 -68.48
CA ALA M 1196 72.74 -80.84 -69.78
C ALA M 1196 71.54 -81.14 -70.67
N THR M 1197 71.33 -80.30 -71.68
CA THR M 1197 70.15 -80.40 -72.53
C THR M 1197 70.44 -79.83 -73.92
N ASP M 1198 69.36 -79.60 -74.68
CA ASP M 1198 69.48 -79.01 -76.01
C ASP M 1198 69.91 -77.55 -75.86
N ASP M 1199 69.96 -76.82 -76.98
CA ASP M 1199 70.57 -75.49 -77.05
C ASP M 1199 70.21 -74.57 -75.88
N GLY M 1200 68.93 -74.23 -75.75
CA GLY M 1200 68.50 -73.32 -74.71
C GLY M 1200 68.73 -73.80 -73.29
N THR M 1201 69.47 -73.00 -72.53
CA THR M 1201 69.69 -73.14 -71.08
C THR M 1201 69.98 -74.56 -70.56
N MET M 1202 69.36 -74.93 -69.44
CA MET M 1202 69.55 -76.23 -68.82
C MET M 1202 68.31 -76.65 -68.03
N LEU M 1203 68.10 -77.96 -67.90
CA LEU M 1203 66.88 -78.49 -67.29
C LEU M 1203 67.12 -79.15 -65.93
N ALA M 1204 66.16 -78.96 -65.02
CA ALA M 1204 66.20 -79.59 -63.71
C ALA M 1204 65.01 -80.53 -63.55
N MET M 1205 65.12 -81.50 -62.63
CA MET M 1205 64.10 -82.55 -62.54
C MET M 1205 63.69 -82.96 -61.13
N GLY M 1206 62.86 -84.01 -61.09
CA GLY M 1206 62.40 -84.63 -59.86
C GLY M 1206 61.00 -84.20 -59.46
N PHE M 1207 60.22 -85.15 -58.95
CA PHE M 1207 58.86 -84.89 -58.48
C PHE M 1207 58.74 -84.77 -56.96
N GLU M 1208 59.84 -84.94 -56.24
CA GLU M 1208 59.77 -85.02 -54.79
C GLU M 1208 59.46 -83.67 -54.14
N ASN M 1209 58.42 -83.66 -53.31
CA ASN M 1209 57.99 -82.47 -52.58
C ASN M 1209 57.78 -81.24 -53.47
N GLY M 1210 57.29 -81.47 -54.68
CA GLY M 1210 57.07 -80.39 -55.61
C GLY M 1210 57.13 -80.85 -57.05
N THR M 1211 57.45 -79.93 -57.95
CA THR M 1211 57.55 -80.25 -59.37
C THR M 1211 58.90 -79.82 -59.95
N LEU M 1212 59.10 -80.10 -61.24
CA LEU M 1212 60.33 -79.71 -61.93
C LEU M 1212 60.07 -78.51 -62.82
N GLU M 1213 61.06 -77.63 -62.93
CA GLU M 1213 60.89 -76.38 -63.67
C GLU M 1213 62.06 -76.08 -64.59
N LEU M 1214 61.83 -75.19 -65.55
CA LEU M 1214 62.85 -74.78 -66.51
C LEU M 1214 63.07 -73.26 -66.48
N PHE M 1215 64.33 -72.85 -66.45
CA PHE M 1215 64.67 -71.44 -66.47
C PHE M 1215 65.94 -71.20 -67.27
N ALA M 1216 66.19 -69.93 -67.61
CA ALA M 1216 67.32 -69.58 -68.47
C ALA M 1216 68.46 -68.96 -67.68
N VAL M 1217 69.68 -69.16 -68.16
CA VAL M 1217 70.87 -68.65 -67.49
C VAL M 1217 70.84 -67.13 -67.32
N GLU M 1218 70.70 -66.40 -68.42
CA GLU M 1218 70.71 -64.95 -68.38
C GLU M 1218 69.31 -64.34 -68.38
N ASN M 1219 68.29 -65.19 -68.49
CA ASN M 1219 66.91 -64.72 -68.59
C ASN M 1219 65.91 -65.65 -67.91
N ARG M 1220 64.63 -65.42 -68.15
CA ARG M 1220 63.59 -66.31 -67.66
C ARG M 1220 62.77 -66.86 -68.82
N LYS M 1221 62.41 -68.14 -68.74
CA LYS M 1221 61.68 -68.80 -69.82
C LYS M 1221 60.60 -69.72 -69.30
N VAL M 1222 59.97 -70.46 -70.22
CA VAL M 1222 58.87 -71.36 -69.89
C VAL M 1222 59.40 -72.58 -69.12
N GLN M 1223 58.52 -73.26 -68.39
CA GLN M 1223 58.90 -74.43 -67.63
C GLN M 1223 58.10 -75.66 -68.09
N LEU M 1224 58.61 -76.85 -67.74
CA LEU M 1224 58.06 -78.10 -68.27
C LEU M 1224 56.80 -78.56 -67.55
N ILE M 1225 56.42 -79.80 -67.83
CA ILE M 1225 55.15 -80.37 -67.35
C ILE M 1225 55.06 -80.58 -65.85
N TYR M 1226 53.83 -80.75 -65.36
CA TYR M 1226 53.57 -81.06 -63.96
C TYR M 1226 54.16 -82.41 -63.57
N SER M 1227 54.32 -82.61 -62.26
CA SER M 1227 54.43 -83.96 -61.75
C SER M 1227 53.19 -84.69 -62.23
N ILE M 1228 53.35 -85.93 -62.71
CA ILE M 1228 52.32 -86.60 -63.49
C ILE M 1228 50.93 -86.54 -62.86
N GLU M 1229 50.70 -87.32 -61.81
CA GLU M 1229 49.49 -87.15 -61.00
C GLU M 1229 49.77 -87.20 -59.51
N GLU M 1230 50.16 -88.38 -59.05
CA GLU M 1230 50.29 -88.68 -57.64
C GLU M 1230 51.50 -88.02 -56.98
N VAL M 1231 51.44 -87.86 -55.67
CA VAL M 1231 52.58 -87.41 -54.88
C VAL M 1231 53.38 -88.63 -54.42
N HIS M 1232 54.36 -88.39 -53.55
CA HIS M 1232 55.20 -89.46 -53.01
C HIS M 1232 55.89 -90.24 -54.13
N GLU M 1233 56.84 -89.59 -54.80
CA GLU M 1233 57.55 -90.18 -55.93
C GLU M 1233 58.29 -91.44 -55.49
N HIS M 1234 58.42 -92.40 -56.41
CA HIS M 1234 59.09 -93.66 -56.11
C HIS M 1234 60.58 -93.45 -55.89
N CYS M 1235 61.23 -94.43 -55.26
CA CYS M 1235 62.61 -94.33 -54.78
C CYS M 1235 63.59 -93.73 -55.79
N ILE M 1236 63.51 -94.16 -57.04
CA ILE M 1236 64.37 -93.60 -58.08
C ILE M 1236 63.66 -92.45 -58.82
N ARG M 1237 64.19 -91.24 -58.64
CA ARG M 1237 63.61 -90.05 -59.24
C ARG M 1237 64.30 -89.67 -60.55
N GLN M 1238 65.24 -90.50 -60.97
CA GLN M 1238 66.01 -90.23 -62.18
C GLN M 1238 65.11 -90.22 -63.43
N LEU M 1239 65.42 -89.33 -64.36
CA LEU M 1239 64.67 -89.20 -65.60
C LEU M 1239 65.41 -89.89 -66.76
N LEU M 1240 64.65 -90.42 -67.69
CA LEU M 1240 65.21 -91.21 -68.78
C LEU M 1240 65.47 -90.33 -70.01
N PHE M 1241 66.75 -90.13 -70.33
CA PHE M 1241 67.11 -89.28 -71.45
C PHE M 1241 68.52 -89.54 -71.99
N SER M 1242 68.73 -89.17 -73.24
CA SER M 1242 70.07 -89.04 -73.82
C SER M 1242 70.35 -87.55 -74.00
N PRO M 1243 71.49 -87.07 -73.46
CA PRO M 1243 71.68 -85.63 -73.30
C PRO M 1243 71.61 -84.80 -74.59
N CYS M 1244 72.34 -85.20 -75.64
CA CYS M 1244 72.25 -84.49 -76.91
C CYS M 1244 71.27 -85.15 -77.87
N LYS M 1245 70.86 -86.36 -77.54
CA LYS M 1245 69.97 -87.15 -78.41
C LYS M 1245 68.51 -87.11 -77.97
N LEU M 1246 68.21 -86.29 -76.97
CA LEU M 1246 66.91 -86.34 -76.28
C LEU M 1246 65.70 -86.27 -77.20
N LEU M 1247 64.85 -87.27 -77.09
CA LEU M 1247 63.59 -87.32 -77.81
C LEU M 1247 62.46 -87.69 -76.86
N LEU M 1248 62.51 -88.92 -76.35
CA LEU M 1248 61.52 -89.42 -75.41
C LEU M 1248 61.79 -88.98 -73.97
N ILE M 1249 60.71 -88.74 -73.23
CA ILE M 1249 60.80 -88.41 -71.81
C ILE M 1249 59.79 -89.24 -71.02
N SER M 1250 60.29 -90.00 -70.03
CA SER M 1250 59.43 -90.90 -69.28
C SER M 1250 59.38 -90.57 -67.80
N CYS M 1251 58.17 -90.29 -67.29
CA CYS M 1251 57.96 -90.02 -65.88
C CYS M 1251 56.64 -90.61 -65.38
N ALA M 1252 56.69 -91.28 -64.22
CA ALA M 1252 55.49 -91.85 -63.61
C ALA M 1252 55.70 -92.06 -62.11
N GLU M 1253 54.59 -92.24 -61.39
CA GLU M 1253 54.67 -92.51 -59.95
C GLU M 1253 54.43 -93.98 -59.62
N GLN M 1254 53.17 -94.42 -59.70
CA GLN M 1254 52.83 -95.77 -59.30
C GLN M 1254 52.12 -96.57 -60.39
N LEU M 1255 50.84 -96.26 -60.62
CA LEU M 1255 49.99 -97.04 -61.50
C LEU M 1255 49.92 -96.45 -62.92
N CYS M 1256 50.65 -95.36 -63.13
CA CYS M 1256 50.60 -94.62 -64.40
C CYS M 1256 50.93 -95.49 -65.62
N PHE M 1257 50.30 -95.16 -66.74
CA PHE M 1257 50.47 -95.90 -67.99
C PHE M 1257 51.74 -95.49 -68.72
N TRP M 1258 51.84 -95.90 -69.98
CA TRP M 1258 53.02 -95.63 -70.81
C TRP M 1258 53.38 -94.14 -70.81
N ASN M 1259 54.66 -93.86 -70.58
CA ASN M 1259 55.13 -92.50 -70.34
C ASN M 1259 55.65 -91.79 -71.57
N VAL M 1260 55.58 -92.44 -72.73
CA VAL M 1260 56.24 -91.93 -73.93
C VAL M 1260 55.74 -90.55 -74.36
N THR M 1261 56.68 -89.62 -74.48
CA THR M 1261 56.43 -88.28 -75.01
C THR M 1261 57.61 -87.86 -75.87
N HIS M 1262 57.34 -87.45 -77.11
CA HIS M 1262 58.44 -87.09 -78.01
C HIS M 1262 58.19 -85.76 -78.72
N MET M 1263 59.17 -85.36 -79.53
CA MET M 1263 59.07 -84.12 -80.29
C MET M 1263 59.18 -84.40 -81.79
N ARG M 1264 58.60 -83.51 -82.59
CA ARG M 1264 58.62 -83.68 -84.05
C ARG M 1264 59.73 -82.85 -84.69
N HIS N 8 25.83 -37.15 -18.13
CA HIS N 8 26.67 -35.96 -18.28
C HIS N 8 28.10 -36.33 -18.51
N GLN N 9 28.51 -37.45 -17.93
CA GLN N 9 29.87 -37.58 -17.44
C GLN N 9 30.87 -37.16 -18.50
N TYR N 10 31.76 -36.28 -18.10
CA TYR N 10 32.75 -35.71 -19.00
C TYR N 10 33.81 -36.76 -19.27
N GLN N 11 34.76 -36.42 -20.10
CA GLN N 11 35.69 -37.38 -20.67
C GLN N 11 37.05 -36.73 -20.75
N TYR N 12 38.08 -37.41 -20.29
CA TYR N 12 39.35 -36.74 -20.01
C TYR N 12 39.77 -35.83 -21.15
N LYS N 13 39.71 -36.33 -22.39
CA LYS N 13 40.16 -35.48 -23.49
C LYS N 13 39.28 -34.26 -23.66
N ASP N 14 38.06 -34.30 -23.13
CA ASP N 14 37.29 -33.07 -23.10
C ASP N 14 37.93 -32.08 -22.15
N ILE N 15 38.14 -32.51 -20.91
CA ILE N 15 38.49 -31.60 -19.84
C ILE N 15 39.97 -31.30 -19.83
N LEU N 16 40.80 -32.22 -20.32
CA LEU N 16 42.23 -32.13 -20.09
C LEU N 16 42.77 -30.78 -20.51
N SER N 17 42.29 -30.26 -21.63
CA SER N 17 42.85 -29.03 -22.14
C SER N 17 42.65 -27.85 -21.22
N VAL N 18 41.91 -27.99 -20.14
CA VAL N 18 41.57 -26.80 -19.39
C VAL N 18 42.79 -26.30 -18.67
N PHE N 19 43.18 -26.99 -17.61
CA PHE N 19 44.30 -26.51 -16.83
C PHE N 19 45.57 -26.90 -17.56
N GLU N 20 46.37 -25.89 -17.86
CA GLU N 20 47.69 -26.04 -18.41
C GLU N 20 48.72 -25.40 -17.50
N ASP N 21 48.50 -24.13 -17.11
CA ASP N 21 49.53 -23.36 -16.44
C ASP N 21 50.20 -24.18 -15.36
N ALA N 22 49.40 -24.71 -14.44
CA ALA N 22 49.93 -25.65 -13.47
C ALA N 22 50.69 -26.75 -14.18
N PHE N 23 50.04 -27.37 -15.16
CA PHE N 23 50.66 -28.45 -15.90
C PHE N 23 51.86 -27.93 -16.67
N VAL N 24 51.78 -26.69 -17.13
CA VAL N 24 52.91 -26.06 -17.82
C VAL N 24 54.10 -25.98 -16.90
N ASP N 25 54.01 -25.12 -15.90
CA ASP N 25 55.16 -24.63 -15.16
C ASP N 25 55.97 -25.76 -14.53
N ASN N 26 55.34 -26.47 -13.59
CA ASN N 26 56.05 -27.35 -12.69
C ASN N 26 56.36 -28.71 -13.29
N PHE N 27 56.05 -28.91 -14.56
CA PHE N 27 56.31 -30.18 -15.23
C PHE N 27 56.87 -29.97 -16.62
N ASP N 28 57.80 -30.85 -17.00
CA ASP N 28 58.37 -30.83 -18.34
C ASP N 28 58.31 -32.23 -18.91
N CYS N 29 57.92 -32.32 -20.18
CA CYS N 29 57.88 -33.64 -20.81
C CYS N 29 59.22 -34.34 -20.77
N LYS N 30 60.29 -33.66 -21.18
CA LYS N 30 61.59 -34.30 -21.25
C LYS N 30 61.94 -34.97 -19.93
N ASP N 31 61.43 -34.45 -18.83
CA ASP N 31 61.65 -35.01 -17.52
C ASP N 31 61.32 -36.49 -17.55
N VAL N 32 60.24 -36.83 -18.25
CA VAL N 32 59.71 -38.18 -18.25
C VAL N 32 59.51 -38.65 -19.68
N GLN N 33 60.30 -39.64 -20.08
CA GLN N 33 59.85 -40.56 -21.12
C GLN N 33 59.75 -41.92 -20.44
N ASP N 34 58.55 -42.27 -20.01
CA ASP N 34 58.27 -43.65 -19.66
C ASP N 34 57.83 -44.42 -20.90
N MET N 35 56.97 -43.79 -21.69
CA MET N 35 56.66 -44.20 -23.04
C MET N 35 56.09 -45.61 -23.16
N PRO N 36 54.98 -45.93 -22.52
CA PRO N 36 54.25 -47.12 -22.94
C PRO N 36 53.82 -46.91 -24.39
N LYS N 37 54.21 -47.85 -25.25
CA LYS N 37 54.30 -47.52 -26.66
C LYS N 37 52.95 -47.24 -27.29
N SER N 38 51.89 -47.88 -26.81
CA SER N 38 50.57 -47.63 -27.39
C SER N 38 50.15 -46.18 -27.16
N ILE N 39 50.52 -45.62 -26.02
CA ILE N 39 49.94 -44.34 -25.65
C ILE N 39 50.63 -43.21 -26.38
N LEU N 40 51.90 -43.38 -26.72
CA LEU N 40 52.65 -42.40 -27.49
C LEU N 40 53.61 -43.15 -28.39
N SER N 41 53.69 -42.76 -29.65
CA SER N 41 54.70 -43.43 -30.44
C SER N 41 56.08 -42.92 -30.06
N LYS N 42 57.11 -43.56 -30.61
CA LYS N 42 58.46 -43.09 -30.35
C LYS N 42 58.67 -41.73 -30.97
N GLU N 43 58.44 -41.65 -32.28
CA GLU N 43 58.55 -40.38 -33.00
C GLU N 43 57.82 -39.26 -32.29
N GLU N 44 56.72 -39.57 -31.61
CA GLU N 44 55.98 -38.55 -30.89
C GLU N 44 56.89 -37.84 -29.93
N ILE N 45 57.30 -38.53 -28.87
CA ILE N 45 58.12 -37.88 -27.87
C ILE N 45 59.47 -37.54 -28.44
N ASP N 46 59.86 -38.20 -29.52
CA ASP N 46 61.02 -37.74 -30.27
C ASP N 46 60.83 -36.29 -30.65
N HIS N 47 59.63 -35.92 -31.05
CA HIS N 47 59.38 -34.57 -31.53
C HIS N 47 59.18 -33.57 -30.42
N ILE N 48 58.52 -33.97 -29.34
CA ILE N 48 58.17 -33.00 -28.30
C ILE N 48 59.39 -32.34 -27.72
N ILE N 49 60.32 -33.15 -27.20
CA ILE N 49 61.46 -32.59 -26.49
C ILE N 49 62.23 -31.62 -27.35
N MET N 50 62.18 -31.81 -28.66
CA MET N 50 62.88 -30.90 -29.56
C MET N 50 62.43 -29.47 -29.43
N SER N 51 61.27 -29.22 -28.84
CA SER N 51 60.82 -27.85 -28.66
C SER N 51 61.71 -27.14 -27.66
N LYS N 52 61.79 -25.82 -27.79
CA LYS N 52 62.84 -25.07 -27.11
C LYS N 52 62.43 -24.62 -25.72
N ASP N 53 61.14 -24.68 -25.41
CA ASP N 53 60.69 -24.15 -24.12
C ASP N 53 59.35 -24.74 -23.73
N ALA N 54 59.06 -24.66 -22.44
CA ALA N 54 57.84 -25.23 -21.89
C ALA N 54 56.61 -24.76 -22.65
N VAL N 55 56.45 -23.44 -22.78
CA VAL N 55 55.25 -22.90 -23.41
C VAL N 55 55.07 -23.52 -24.79
N SER N 56 56.17 -23.87 -25.45
CA SER N 56 56.07 -24.76 -26.58
C SER N 56 55.99 -26.20 -26.10
N GLY N 57 56.86 -26.58 -25.19
CA GLY N 57 56.98 -27.98 -24.84
C GLY N 57 55.71 -28.54 -24.29
N THR N 58 55.23 -27.98 -23.18
CA THR N 58 54.00 -28.49 -22.60
C THR N 58 52.88 -28.46 -23.61
N LEU N 59 52.92 -27.48 -24.50
CA LEU N 59 51.79 -27.32 -25.39
C LEU N 59 51.70 -28.47 -26.37
N ARG N 60 52.78 -28.74 -27.10
CA ARG N 60 52.67 -29.75 -28.15
C ARG N 60 52.26 -31.09 -27.57
N LEU N 61 52.42 -31.26 -26.27
CA LEU N 61 51.91 -32.45 -25.64
C LEU N 61 50.42 -32.59 -25.89
N PHE N 62 49.63 -31.64 -25.40
CA PHE N 62 48.19 -31.77 -25.47
C PHE N 62 47.73 -32.08 -26.88
N TRP N 63 48.13 -31.25 -27.84
CA TRP N 63 47.69 -31.46 -29.21
C TRP N 63 48.00 -32.85 -29.69
N THR N 64 49.05 -33.48 -29.18
CA THR N 64 49.22 -34.87 -29.55
C THR N 64 48.15 -35.73 -28.89
N LEU N 65 47.99 -35.61 -27.58
CA LEU N 65 47.03 -36.45 -26.90
C LEU N 65 45.63 -36.31 -27.48
N LEU N 66 45.13 -35.09 -27.58
CA LEU N 66 43.76 -34.89 -28.00
C LEU N 66 43.47 -35.43 -29.38
N SER N 67 44.49 -35.85 -30.11
CA SER N 67 44.33 -36.47 -31.40
C SER N 67 44.15 -37.97 -31.30
N LYS N 68 44.00 -38.50 -30.09
CA LYS N 68 43.97 -39.93 -29.88
C LYS N 68 42.64 -40.34 -29.27
N GLN N 69 42.38 -41.64 -29.30
CA GLN N 69 41.17 -42.15 -28.70
C GLN N 69 41.27 -42.16 -27.19
N GLU N 70 40.12 -42.04 -26.55
CA GLU N 70 40.05 -41.73 -25.13
C GLU N 70 40.76 -42.76 -24.25
N GLU N 71 40.74 -44.04 -24.64
CA GLU N 71 41.39 -45.05 -23.83
C GLU N 71 42.82 -44.66 -23.49
N MET N 72 43.60 -44.32 -24.50
CA MET N 72 44.99 -43.93 -24.28
C MET N 72 45.07 -42.85 -23.22
N VAL N 73 44.39 -41.73 -23.47
CA VAL N 73 44.31 -40.69 -22.47
C VAL N 73 43.81 -41.25 -21.16
N GLN N 74 42.72 -42.00 -21.20
CA GLN N 74 42.19 -42.61 -20.00
C GLN N 74 43.26 -43.37 -19.25
N LYS N 75 44.21 -43.95 -19.98
CA LYS N 75 45.34 -44.54 -19.28
C LYS N 75 46.36 -43.50 -18.89
N PHE N 76 46.48 -42.42 -19.65
CA PHE N 76 47.54 -41.46 -19.39
C PHE N 76 47.32 -40.77 -18.06
N VAL N 77 46.07 -40.45 -17.74
CA VAL N 77 45.81 -39.81 -16.47
C VAL N 77 46.19 -40.73 -15.33
N GLU N 78 46.16 -42.04 -15.56
CA GLU N 78 46.65 -42.98 -14.58
C GLU N 78 48.17 -43.06 -14.58
N GLU N 79 48.77 -42.99 -15.77
CA GLU N 79 50.21 -43.22 -15.89
C GLU N 79 51.02 -42.22 -15.06
N VAL N 80 50.54 -40.98 -14.95
CA VAL N 80 51.28 -39.97 -14.20
C VAL N 80 51.42 -40.40 -12.75
N LEU N 81 50.40 -41.05 -12.20
CA LEU N 81 50.46 -41.58 -10.84
C LEU N 81 51.74 -42.36 -10.59
N ARG N 82 52.05 -43.32 -11.45
CA ARG N 82 53.23 -44.15 -11.26
C ARG N 82 54.49 -43.31 -11.27
N ILE N 83 54.47 -42.19 -11.99
CA ILE N 83 55.62 -41.30 -12.00
C ILE N 83 55.68 -40.71 -10.60
N ASN N 84 56.85 -40.18 -10.25
CA ASN N 84 57.08 -39.67 -8.91
C ASN N 84 55.96 -38.74 -8.48
N TYR N 85 55.46 -37.92 -9.41
CA TYR N 85 54.54 -36.87 -9.03
C TYR N 85 53.13 -37.27 -9.45
N LYS N 86 52.30 -37.55 -8.47
CA LYS N 86 50.87 -37.61 -8.69
C LYS N 86 50.16 -36.32 -8.32
N PHE N 87 50.83 -35.39 -7.63
CA PHE N 87 50.12 -34.23 -7.12
C PHE N 87 49.38 -33.54 -8.23
N LEU N 88 49.93 -33.58 -9.43
CA LEU N 88 49.31 -32.98 -10.59
C LEU N 88 48.01 -33.67 -10.96
N MET N 89 47.93 -34.98 -10.77
CA MET N 89 46.75 -35.68 -11.24
C MET N 89 45.65 -35.75 -10.20
N SER N 90 45.85 -35.27 -8.99
CA SER N 90 44.70 -35.27 -8.11
C SER N 90 43.69 -34.25 -8.61
N PRO N 91 44.09 -33.03 -9.00
CA PRO N 91 43.06 -32.11 -9.50
C PRO N 91 42.36 -32.67 -10.72
N ILE N 92 43.12 -33.15 -11.69
CA ILE N 92 42.52 -33.66 -12.90
C ILE N 92 41.52 -34.76 -12.63
N LYS N 93 41.61 -35.38 -11.46
CA LYS N 93 40.62 -36.34 -11.07
C LYS N 93 39.39 -35.66 -10.51
N THR N 94 39.38 -34.33 -10.48
CA THR N 94 38.16 -33.60 -10.17
C THR N 94 37.32 -33.32 -11.40
N GLU N 95 37.67 -33.93 -12.54
CA GLU N 95 36.65 -34.20 -13.53
C GLU N 95 35.37 -34.68 -12.88
N GLN N 96 35.44 -35.86 -12.29
CA GLN N 96 34.25 -36.61 -11.93
C GLN N 96 33.40 -35.83 -10.94
N ARG N 97 32.17 -35.57 -11.32
CA ARG N 97 31.20 -34.84 -10.51
C ARG N 97 31.75 -33.50 -10.05
N GLN N 98 32.79 -33.03 -10.69
CA GLN N 98 33.13 -31.68 -10.28
C GLN N 98 33.70 -30.89 -11.44
N PRO N 99 32.95 -30.66 -12.50
CA PRO N 99 33.31 -29.56 -13.38
C PRO N 99 33.15 -28.28 -12.58
N SER N 100 34.20 -27.48 -12.57
CA SER N 100 34.03 -26.26 -11.81
C SER N 100 32.98 -25.38 -12.49
N MET N 101 32.13 -24.77 -11.67
CA MET N 101 30.95 -24.08 -12.19
C MET N 101 31.30 -23.17 -13.34
N MET N 102 32.50 -22.60 -13.30
CA MET N 102 33.04 -21.99 -14.50
C MET N 102 33.18 -23.02 -15.62
N THR N 103 34.06 -23.99 -15.43
CA THR N 103 34.59 -24.76 -16.55
C THR N 103 33.51 -25.22 -17.50
N ARG N 104 32.33 -25.55 -16.98
CA ARG N 104 31.27 -25.97 -17.88
C ARG N 104 31.01 -24.92 -18.93
N MET N 105 31.11 -23.65 -18.57
CA MET N 105 30.96 -22.60 -19.57
C MET N 105 31.88 -22.87 -20.74
N TYR N 106 33.16 -22.99 -20.47
CA TYR N 106 34.13 -23.36 -21.49
C TYR N 106 33.68 -24.62 -22.19
N ILE N 107 33.73 -25.74 -21.50
CA ILE N 107 33.60 -27.04 -22.16
C ILE N 107 32.33 -27.09 -22.97
N GLU N 108 31.33 -26.33 -22.60
CA GLU N 108 30.22 -26.15 -23.50
C GLU N 108 30.65 -25.42 -24.74
N GLN N 109 31.18 -24.21 -24.56
CA GLN N 109 31.16 -23.30 -25.68
C GLN N 109 32.01 -23.76 -26.83
N ARG N 110 33.18 -24.32 -26.57
CA ARG N 110 33.98 -24.83 -27.67
C ARG N 110 33.16 -25.72 -28.56
N ASP N 111 32.21 -26.46 -28.00
CA ASP N 111 31.35 -27.24 -28.86
C ASP N 111 30.57 -26.35 -29.79
N ARG N 112 29.89 -25.33 -29.24
CA ARG N 112 29.23 -24.37 -30.12
C ARG N 112 30.24 -23.72 -31.04
N LEU N 113 31.52 -23.79 -30.70
CA LEU N 113 32.52 -23.38 -31.68
C LEU N 113 32.79 -24.47 -32.70
N TYR N 114 32.99 -25.72 -32.25
CA TYR N 114 33.12 -26.79 -33.23
C TYR N 114 31.90 -26.97 -34.08
N ASN N 115 30.76 -26.40 -33.73
CA ASN N 115 29.63 -26.59 -34.62
C ASN N 115 29.71 -25.63 -35.78
N ASP N 116 30.82 -24.93 -35.89
CA ASP N 116 31.41 -24.62 -37.18
C ASP N 116 31.75 -25.88 -37.97
N ASN N 117 31.63 -27.07 -37.36
CA ASN N 117 31.75 -28.36 -38.04
C ASN N 117 33.03 -28.58 -38.80
N GLN N 118 32.93 -28.64 -40.13
CA GLN N 118 34.01 -29.19 -40.93
C GLN N 118 35.34 -28.79 -40.39
N VAL N 119 35.38 -27.54 -39.98
CA VAL N 119 36.59 -26.80 -39.78
C VAL N 119 37.58 -27.61 -38.99
N PHE N 120 37.39 -27.70 -37.72
CA PHE N 120 38.32 -28.45 -36.92
C PHE N 120 37.84 -29.85 -36.71
N ALA N 121 36.70 -30.18 -37.30
CA ALA N 121 36.17 -31.51 -37.21
C ALA N 121 37.24 -32.48 -37.65
N LYS N 122 37.50 -32.52 -38.94
CA LYS N 122 38.55 -33.38 -39.45
C LYS N 122 39.85 -32.58 -39.48
N TYR N 123 39.88 -31.58 -40.32
CA TYR N 123 41.12 -31.10 -40.87
C TYR N 123 41.62 -29.93 -40.06
N ASN N 124 42.76 -30.12 -39.43
CA ASN N 124 43.82 -29.12 -39.40
C ASN N 124 44.92 -29.76 -38.59
N VAL N 125 46.13 -29.30 -38.79
CA VAL N 125 47.17 -29.54 -37.83
C VAL N 125 47.61 -28.17 -37.34
N SER N 126 46.92 -27.68 -36.32
CA SER N 126 47.39 -26.62 -35.45
C SER N 126 48.21 -25.56 -36.17
N ARG N 127 49.29 -25.19 -35.52
CA ARG N 127 50.58 -24.71 -36.00
C ARG N 127 51.22 -24.28 -34.71
N LEU N 128 52.46 -23.85 -34.72
CA LEU N 128 52.97 -23.38 -33.45
C LEU N 128 53.30 -21.90 -33.52
N GLN N 129 54.29 -21.51 -34.28
CA GLN N 129 54.70 -20.12 -34.30
C GLN N 129 53.53 -19.17 -34.50
N PRO N 130 52.77 -19.26 -35.59
CA PRO N 130 51.72 -18.26 -35.78
C PRO N 130 50.73 -18.30 -34.65
N TYR N 131 50.42 -19.49 -34.16
CA TYR N 131 49.62 -19.58 -32.95
C TYR N 131 50.25 -18.74 -31.86
N LEU N 132 51.50 -19.02 -31.56
CA LEU N 132 52.07 -18.57 -30.31
C LEU N 132 52.14 -17.05 -30.22
N LYS N 133 52.67 -16.39 -31.24
CA LYS N 133 52.65 -14.94 -31.23
C LYS N 133 51.26 -14.43 -30.97
N LEU N 134 50.27 -15.05 -31.57
CA LEU N 134 48.96 -14.43 -31.52
C LEU N 134 48.40 -14.47 -30.12
N ARG N 135 48.38 -15.64 -29.49
CA ARG N 135 47.86 -15.70 -28.14
C ARG N 135 48.51 -14.65 -27.27
N GLN N 136 49.82 -14.50 -27.41
CA GLN N 136 50.53 -13.43 -26.74
C GLN N 136 49.82 -12.12 -26.89
N ALA N 137 49.68 -11.64 -28.11
CA ALA N 137 49.00 -10.37 -28.32
C ALA N 137 47.56 -10.45 -27.85
N LEU N 138 46.80 -11.38 -28.42
CA LEU N 138 45.36 -11.36 -28.18
C LEU N 138 45.02 -11.59 -26.73
N LEU N 139 45.96 -12.07 -25.94
CA LEU N 139 45.73 -12.06 -24.50
C LEU N 139 45.74 -10.66 -23.96
N GLU N 140 46.57 -9.78 -24.51
CA GLU N 140 46.79 -8.48 -23.88
C GLU N 140 45.66 -7.50 -24.14
N LEU N 141 45.29 -7.30 -25.40
CA LEU N 141 44.68 -6.03 -25.81
C LEU N 141 43.49 -5.65 -24.93
N ARG N 142 43.38 -4.35 -24.68
CA ARG N 142 42.38 -3.77 -23.80
C ARG N 142 41.30 -3.10 -24.66
N PRO N 143 40.23 -2.59 -24.10
CA PRO N 143 39.02 -2.48 -24.91
C PRO N 143 38.94 -1.31 -25.86
N ALA N 144 40.01 -0.95 -26.54
CA ALA N 144 39.90 -0.54 -27.94
C ALA N 144 41.24 -0.83 -28.58
N LYS N 145 41.31 -1.81 -29.45
CA LYS N 145 42.58 -2.23 -30.03
C LYS N 145 42.25 -3.11 -31.21
N ASN N 146 43.27 -3.70 -31.81
CA ASN N 146 43.06 -4.57 -32.94
C ASN N 146 44.22 -5.51 -33.05
N VAL N 147 44.01 -6.62 -33.73
CA VAL N 147 45.10 -7.43 -34.21
C VAL N 147 44.78 -7.80 -35.64
N LEU N 148 45.57 -7.34 -36.57
CA LEU N 148 45.37 -7.84 -37.90
C LEU N 148 45.88 -9.25 -38.01
N ILE N 149 45.34 -9.95 -38.98
CA ILE N 149 46.00 -11.13 -39.48
C ILE N 149 46.01 -11.00 -40.99
N ASP N 150 47.19 -10.83 -41.55
CA ASP N 150 47.31 -10.69 -42.99
C ASP N 150 47.86 -11.97 -43.59
N GLY N 151 47.27 -12.36 -44.71
CA GLY N 151 47.83 -13.45 -45.46
C GLY N 151 47.47 -13.34 -46.92
N VAL N 152 48.32 -13.91 -47.74
CA VAL N 152 48.03 -14.05 -49.15
C VAL N 152 46.96 -15.11 -49.34
N LEU N 153 46.38 -15.14 -50.54
CA LEU N 153 45.18 -15.94 -50.78
C LEU N 153 45.35 -17.34 -50.22
N GLY N 154 44.31 -17.80 -49.55
CA GLY N 154 44.46 -18.96 -48.71
C GLY N 154 45.35 -18.65 -47.54
N SER N 155 46.41 -19.44 -47.38
CA SER N 155 47.37 -19.27 -46.29
C SER N 155 46.72 -19.34 -44.93
N GLY N 156 45.52 -19.91 -44.87
CA GLY N 156 44.90 -20.33 -43.63
C GLY N 156 44.85 -19.33 -42.50
N LYS N 157 44.43 -18.11 -42.77
CA LYS N 157 44.26 -17.19 -41.68
C LYS N 157 42.99 -17.50 -40.89
N THR N 158 41.87 -17.72 -41.58
CA THR N 158 40.61 -17.96 -40.92
C THR N 158 40.69 -19.08 -39.90
N TRP N 159 41.66 -19.96 -40.04
CA TRP N 159 41.76 -21.07 -39.12
C TRP N 159 42.58 -20.70 -37.91
N VAL N 160 43.84 -20.34 -38.11
CA VAL N 160 44.63 -19.83 -37.00
C VAL N 160 43.85 -18.80 -36.23
N ALA N 161 43.02 -18.05 -36.93
CA ALA N 161 42.02 -17.23 -36.27
C ALA N 161 41.25 -18.03 -35.25
N LEU N 162 40.47 -19.00 -35.70
CA LEU N 162 39.71 -19.79 -34.76
C LEU N 162 40.61 -20.37 -33.71
N ASP N 163 41.55 -21.22 -34.12
CA ASP N 163 42.19 -22.14 -33.20
C ASP N 163 42.63 -21.46 -31.92
N VAL N 164 43.29 -20.32 -32.02
CA VAL N 164 43.66 -19.65 -30.78
C VAL N 164 42.44 -19.25 -29.98
N CYS N 165 41.39 -18.78 -30.63
CA CYS N 165 40.18 -18.41 -29.93
C CYS N 165 39.54 -19.60 -29.25
N LEU N 166 39.96 -20.80 -29.56
CA LEU N 166 39.47 -21.98 -28.86
C LEU N 166 40.20 -22.21 -27.54
N SER N 167 41.45 -21.81 -27.45
CA SER N 167 42.26 -22.20 -26.31
C SER N 167 41.75 -21.56 -25.03
N TYR N 168 41.69 -22.37 -23.97
CA TYR N 168 41.03 -21.97 -22.74
C TYR N 168 41.46 -20.59 -22.29
N LYS N 169 42.73 -20.45 -21.94
CA LYS N 169 43.18 -19.28 -21.21
C LYS N 169 42.70 -18.00 -21.88
N VAL N 170 42.64 -17.99 -23.20
CA VAL N 170 41.90 -16.93 -23.88
C VAL N 170 40.46 -16.92 -23.43
N GLN N 171 39.75 -17.99 -23.73
CA GLN N 171 38.30 -18.02 -23.60
C GLN N 171 37.86 -17.55 -22.23
N CYS N 172 38.70 -17.72 -21.22
CA CYS N 172 38.36 -17.26 -19.89
C CYS N 172 38.65 -15.78 -19.74
N LYS N 173 39.68 -15.29 -20.42
CA LYS N 173 40.00 -13.88 -20.34
C LYS N 173 38.85 -13.02 -20.83
N MET N 174 38.16 -13.49 -21.85
CA MET N 174 37.17 -12.69 -22.52
C MET N 174 35.75 -12.96 -22.09
N ASP N 175 35.57 -13.78 -21.07
CA ASP N 175 34.27 -14.09 -20.50
C ASP N 175 33.34 -14.77 -21.49
N PHE N 176 33.81 -15.74 -22.25
CA PHE N 176 32.92 -16.69 -22.89
C PHE N 176 31.93 -16.01 -23.82
N LYS N 177 32.25 -14.81 -24.27
CA LYS N 177 31.44 -14.11 -25.24
C LYS N 177 32.33 -13.86 -26.44
N ILE N 178 32.06 -14.54 -27.54
CA ILE N 178 32.82 -14.34 -28.75
C ILE N 178 31.90 -14.39 -29.95
N PHE N 179 31.88 -13.34 -30.74
CA PHE N 179 30.89 -13.19 -31.78
C PHE N 179 31.58 -13.21 -33.14
N TRP N 180 31.12 -14.09 -34.00
CA TRP N 180 31.74 -14.24 -35.30
C TRP N 180 30.87 -13.53 -36.33
N LEU N 181 31.50 -12.96 -37.34
CA LEU N 181 30.80 -12.46 -38.49
C LEU N 181 31.52 -12.87 -39.75
N ASN N 182 30.96 -12.47 -40.88
CA ASN N 182 31.69 -12.49 -42.13
C ASN N 182 31.32 -11.24 -42.90
N LEU N 183 32.31 -10.49 -43.28
CA LEU N 183 32.07 -9.42 -44.21
C LEU N 183 32.28 -9.88 -45.63
N LYS N 184 32.41 -11.20 -45.82
CA LYS N 184 32.75 -11.81 -47.08
C LYS N 184 31.98 -11.19 -48.24
N ASN N 185 30.72 -10.88 -48.03
CA ASN N 185 30.02 -9.99 -48.93
C ASN N 185 29.69 -8.75 -48.13
N CYS N 186 30.48 -7.69 -48.32
CA CYS N 186 30.16 -6.40 -47.74
C CYS N 186 30.49 -5.31 -48.74
N ASN N 187 29.48 -4.63 -49.23
CA ASN N 187 29.66 -3.50 -50.11
C ASN N 187 28.46 -2.60 -49.99
N SER N 188 28.66 -1.29 -50.11
CA SER N 188 27.55 -0.35 -50.16
C SER N 188 26.84 -0.31 -48.81
N PRO N 189 26.09 0.73 -48.54
CA PRO N 189 25.40 0.80 -47.24
C PRO N 189 24.46 -0.35 -47.01
N GLU N 190 23.63 -0.71 -47.99
CA GLU N 190 22.61 -1.73 -47.74
C GLU N 190 23.19 -2.95 -47.08
N THR N 191 24.12 -3.62 -47.77
CA THR N 191 24.66 -4.86 -47.25
C THR N 191 25.18 -4.69 -45.84
N VAL N 192 25.92 -3.63 -45.58
CA VAL N 192 26.45 -3.39 -44.25
C VAL N 192 25.33 -3.49 -43.23
N LEU N 193 24.24 -2.78 -43.47
CA LEU N 193 23.13 -2.82 -42.53
C LEU N 193 22.78 -4.24 -42.18
N GLU N 194 22.65 -5.10 -43.19
CA GLU N 194 22.39 -6.49 -42.94
C GLU N 194 23.43 -7.04 -42.00
N MET N 195 24.63 -7.25 -42.52
CA MET N 195 25.61 -8.03 -41.78
C MET N 195 25.94 -7.36 -40.48
N LEU N 196 25.57 -6.09 -40.35
CA LEU N 196 25.56 -5.49 -39.03
C LEU N 196 24.35 -5.92 -38.25
N GLN N 197 23.18 -5.87 -38.85
CA GLN N 197 21.99 -6.06 -38.05
C GLN N 197 21.96 -7.46 -37.46
N LYS N 198 22.47 -8.45 -38.18
CA LYS N 198 22.60 -9.76 -37.60
C LYS N 198 23.32 -9.69 -36.27
N LEU N 199 24.49 -9.05 -36.26
CA LEU N 199 25.25 -8.96 -35.02
C LEU N 199 24.38 -8.48 -33.90
N LEU N 200 23.43 -7.61 -34.19
CA LEU N 200 22.62 -7.08 -33.12
C LEU N 200 21.86 -8.18 -32.41
N TYR N 201 21.21 -9.06 -33.18
CA TYR N 201 20.38 -10.06 -32.54
C TYR N 201 21.19 -10.94 -31.61
N GLN N 202 22.37 -11.36 -32.02
CA GLN N 202 23.11 -12.27 -31.16
C GLN N 202 23.37 -11.68 -29.80
N ILE N 203 23.46 -10.36 -29.70
CA ILE N 203 23.76 -9.79 -28.40
C ILE N 203 22.54 -9.84 -27.50
N ASP N 204 21.42 -9.39 -27.94
CA ASP N 204 20.21 -9.51 -27.18
C ASP N 204 19.11 -9.87 -28.16
N PRO N 205 18.23 -10.78 -27.83
CA PRO N 205 17.08 -10.99 -28.69
C PRO N 205 15.95 -10.02 -28.40
N ASN N 206 16.28 -8.74 -28.24
CA ASN N 206 15.25 -7.72 -28.30
C ASN N 206 15.77 -6.54 -29.08
N TRP N 207 15.21 -6.29 -30.25
CA TRP N 207 15.39 -4.97 -30.80
C TRP N 207 14.11 -4.52 -31.48
N THR N 208 13.55 -3.42 -31.00
CA THR N 208 12.40 -2.81 -31.64
C THR N 208 12.92 -1.93 -32.76
N SER N 209 12.13 -1.88 -33.84
CA SER N 209 12.40 -1.07 -35.01
C SER N 209 12.37 0.43 -34.70
N ARG N 210 12.13 0.78 -33.44
CA ARG N 210 11.57 2.07 -33.06
C ARG N 210 12.21 3.24 -33.77
N SER N 211 13.53 3.22 -33.93
CA SER N 211 14.17 4.23 -34.74
C SER N 211 13.64 4.16 -36.17
N ASP N 212 13.13 5.28 -36.66
CA ASP N 212 12.20 5.25 -37.77
C ASP N 212 12.82 4.61 -39.00
N HIS N 213 11.95 4.13 -39.88
CA HIS N 213 12.32 3.37 -41.06
C HIS N 213 12.69 4.31 -42.18
N SER N 214 12.91 5.58 -41.85
CA SER N 214 13.09 6.64 -42.80
C SER N 214 14.05 6.22 -43.89
N SER N 215 13.67 6.50 -45.14
CA SER N 215 14.28 5.87 -46.30
C SER N 215 15.77 6.16 -46.41
N ASN N 216 16.30 7.04 -45.58
CA ASN N 216 17.71 7.34 -45.70
C ASN N 216 18.49 6.22 -45.04
N ILE N 217 19.11 5.41 -45.88
CA ILE N 217 19.90 4.27 -45.45
C ILE N 217 21.11 4.73 -44.66
N LYS N 218 21.71 5.84 -45.09
CA LYS N 218 22.90 6.33 -44.41
C LYS N 218 22.58 6.72 -42.99
N LEU N 219 21.51 7.47 -42.81
CA LEU N 219 21.09 7.78 -41.45
C LEU N 219 20.86 6.50 -40.67
N ARG N 220 20.14 5.56 -41.26
CA ARG N 220 19.54 4.48 -40.50
C ARG N 220 20.58 3.71 -39.73
N ILE N 221 21.64 3.25 -40.39
CA ILE N 221 22.63 2.49 -39.66
C ILE N 221 23.17 3.32 -38.53
N HIS N 222 23.43 4.59 -38.78
CA HIS N 222 24.07 5.38 -37.75
C HIS N 222 23.16 5.50 -36.53
N SER N 223 21.90 5.11 -36.67
CA SER N 223 21.07 4.92 -35.50
C SER N 223 21.37 3.59 -34.84
N ILE N 224 21.38 2.51 -35.62
CA ILE N 224 21.71 1.21 -35.06
C ILE N 224 23.06 1.29 -34.38
N GLN N 225 24.07 1.68 -35.14
CA GLN N 225 25.42 1.72 -34.64
C GLN N 225 25.49 2.47 -33.32
N ALA N 226 24.69 3.51 -33.18
CA ALA N 226 24.53 4.08 -31.85
C ALA N 226 23.99 3.06 -30.88
N GLU N 227 22.74 2.64 -31.09
CA GLU N 227 22.07 1.75 -30.14
C GLU N 227 22.97 0.61 -29.72
N LEU N 228 23.75 0.10 -30.68
CA LEU N 228 24.73 -0.90 -30.34
C LEU N 228 25.79 -0.34 -29.39
N ARG N 229 26.46 0.74 -29.80
CA ARG N 229 27.65 1.18 -29.09
C ARG N 229 27.41 1.26 -27.60
N ARG N 230 26.32 1.92 -27.20
CA ARG N 230 26.03 1.96 -25.79
C ARG N 230 25.94 0.56 -25.21
N LEU N 231 25.05 -0.24 -25.76
CA LEU N 231 24.76 -1.53 -25.15
C LEU N 231 26.02 -2.35 -24.94
N LEU N 232 26.89 -2.37 -25.94
CA LEU N 232 28.07 -3.22 -25.85
C LEU N 232 28.90 -2.85 -24.64
N LYS N 233 29.54 -1.69 -24.66
CA LYS N 233 30.43 -1.34 -23.57
C LYS N 233 29.69 -1.14 -22.26
N SER N 234 28.37 -1.04 -22.32
CA SER N 234 27.60 -0.73 -21.11
C SER N 234 27.84 -1.77 -20.04
N LYS N 235 27.28 -2.93 -20.22
CA LYS N 235 27.02 -3.84 -19.13
C LYS N 235 28.11 -4.90 -19.10
N PRO N 236 28.03 -5.85 -18.19
CA PRO N 236 28.63 -7.15 -18.47
C PRO N 236 28.20 -7.52 -19.88
N TYR N 237 29.07 -8.21 -20.62
CA TYR N 237 29.50 -7.80 -21.95
C TYR N 237 30.54 -6.70 -21.90
N GLU N 238 31.28 -6.54 -20.81
CA GLU N 238 32.29 -5.49 -20.80
C GLU N 238 33.49 -5.91 -21.63
N ASN N 239 33.85 -7.18 -21.55
CA ASN N 239 34.94 -7.72 -22.34
C ASN N 239 34.35 -8.69 -23.34
N CYS N 240 34.27 -8.28 -24.59
CA CYS N 240 33.88 -9.19 -25.64
C CYS N 240 34.84 -8.94 -26.77
N LEU N 241 34.85 -9.82 -27.75
CA LEU N 241 35.51 -9.47 -29.00
C LEU N 241 34.62 -9.86 -30.16
N LEU N 242 34.40 -8.92 -31.04
CA LEU N 242 33.96 -9.26 -32.36
C LEU N 242 35.09 -10.00 -33.04
N VAL N 243 34.77 -10.70 -34.09
CA VAL N 243 35.79 -11.15 -35.01
C VAL N 243 35.28 -10.88 -36.40
N LEU N 244 36.14 -10.45 -37.28
CA LEU N 244 35.75 -10.13 -38.63
C LEU N 244 36.58 -11.01 -39.55
N LEU N 245 35.92 -11.81 -40.36
CA LEU N 245 36.65 -12.63 -41.29
C LEU N 245 36.51 -12.04 -42.68
N ASN N 246 37.64 -11.92 -43.37
CA ASN N 246 37.65 -11.47 -44.75
C ASN N 246 37.09 -10.06 -44.87
N VAL N 247 37.63 -9.15 -44.08
CA VAL N 247 37.22 -7.76 -44.25
C VAL N 247 37.47 -7.35 -45.68
N GLN N 248 36.40 -6.99 -46.39
CA GLN N 248 36.52 -6.65 -47.81
C GLN N 248 36.43 -5.18 -48.18
N ASN N 249 35.91 -4.35 -47.29
CA ASN N 249 35.79 -2.93 -47.57
C ASN N 249 36.62 -2.13 -46.60
N ALA N 250 37.45 -1.23 -47.11
CA ALA N 250 38.25 -0.49 -46.24
C ALA N 250 37.51 0.36 -45.44
N ALA N 252 33.97 -0.40 -44.52
CA ALA N 252 33.38 -1.40 -43.77
C ALA N 252 33.88 -1.17 -42.43
N TRP N 253 35.20 -1.67 -42.38
CA TRP N 253 35.72 -1.46 -41.05
C TRP N 253 34.86 -0.45 -40.28
N ASN N 254 34.84 0.79 -40.75
CA ASN N 254 34.29 1.89 -39.96
C ASN N 254 32.85 1.66 -39.59
N ALA N 255 32.23 0.68 -40.21
CA ALA N 255 30.98 0.19 -39.66
C ALA N 255 31.16 -0.08 -38.18
N PHE N 256 32.04 -0.99 -37.85
CA PHE N 256 32.02 -1.65 -36.56
C PHE N 256 32.88 -0.98 -35.51
N ASN N 257 33.49 0.17 -35.82
CA ASN N 257 34.50 0.81 -35.00
C ASN N 257 34.13 0.82 -33.52
N LEU N 258 32.85 1.01 -33.25
CA LEU N 258 32.34 1.33 -31.93
C LEU N 258 32.86 0.40 -30.83
N SER N 259 33.23 -0.81 -31.19
CA SER N 259 33.33 -1.89 -30.21
C SER N 259 34.63 -1.81 -29.45
N CYS N 260 34.93 -2.93 -28.82
CA CYS N 260 36.22 -3.19 -28.24
C CYS N 260 36.80 -4.47 -28.79
N LYS N 261 38.10 -4.62 -28.62
CA LYS N 261 38.78 -5.90 -28.71
C LYS N 261 38.59 -6.60 -30.04
N ILE N 262 38.29 -5.89 -31.12
CA ILE N 262 37.95 -6.61 -32.32
C ILE N 262 39.19 -7.22 -32.92
N LEU N 263 39.01 -7.93 -34.02
CA LEU N 263 40.08 -8.72 -34.63
C LEU N 263 39.80 -8.84 -36.11
N LEU N 264 40.84 -8.91 -36.92
CA LEU N 264 40.64 -8.84 -38.35
C LEU N 264 41.32 -9.98 -39.08
N THR N 265 40.93 -10.14 -40.32
CA THR N 265 41.63 -10.96 -41.28
C THR N 265 41.50 -10.25 -42.60
N THR N 266 42.51 -10.14 -43.31
CA THR N 266 42.40 -9.41 -44.55
C THR N 266 43.39 -9.90 -45.58
N ARG N 267 42.91 -10.03 -46.81
CA ARG N 267 43.80 -10.18 -47.94
C ARG N 267 44.43 -8.84 -48.30
N PHE N 268 43.60 -7.83 -48.50
CA PHE N 268 44.00 -6.65 -49.25
C PHE N 268 45.04 -5.84 -48.52
N LYS N 269 46.08 -5.47 -49.25
CA LYS N 269 47.12 -4.58 -48.77
C LYS N 269 46.53 -3.31 -48.18
N GLN N 270 45.54 -2.74 -48.86
CA GLN N 270 45.08 -1.41 -48.46
C GLN N 270 44.51 -1.39 -47.06
N VAL N 271 44.05 -2.52 -46.55
CA VAL N 271 43.64 -2.54 -45.16
C VAL N 271 44.85 -2.50 -44.26
N THR N 272 45.69 -3.52 -44.30
CA THR N 272 46.83 -3.57 -43.40
C THR N 272 47.68 -2.33 -43.50
N ASP N 273 47.58 -1.58 -44.58
CA ASP N 273 48.22 -0.29 -44.64
C ASP N 273 47.40 0.78 -43.92
N PHE N 274 46.09 0.73 -44.07
CA PHE N 274 45.20 1.75 -43.52
C PHE N 274 45.33 1.82 -42.00
N LEU N 275 45.42 0.67 -41.35
CA LEU N 275 45.74 0.63 -39.93
C LEU N 275 47.20 0.97 -39.71
N SER N 276 47.55 1.31 -38.48
CA SER N 276 48.91 1.69 -38.15
C SER N 276 49.31 1.14 -36.80
N ALA N 277 50.59 0.80 -36.66
CA ALA N 277 51.05 0.07 -35.49
C ALA N 277 50.78 0.82 -34.20
N ALA N 278 50.45 2.11 -34.30
CA ALA N 278 50.16 2.88 -33.10
C ALA N 278 49.06 2.24 -32.29
N THR N 279 47.89 2.03 -32.89
CA THR N 279 46.78 1.50 -32.11
C THR N 279 46.60 0.01 -32.31
N THR N 280 47.36 -0.60 -33.22
CA THR N 280 47.15 -2.02 -33.52
C THR N 280 48.50 -2.72 -33.59
N THR N 281 48.44 -4.04 -33.59
CA THR N 281 49.59 -4.87 -33.89
C THR N 281 49.40 -5.50 -35.26
N HIS N 282 50.35 -6.34 -35.65
CA HIS N 282 50.22 -7.14 -36.86
C HIS N 282 50.50 -8.59 -36.53
N ILE N 283 49.94 -9.48 -37.34
CA ILE N 283 50.47 -10.82 -37.54
C ILE N 283 50.47 -11.07 -39.03
N SER N 284 51.65 -11.23 -39.60
CA SER N 284 51.73 -11.52 -41.01
C SER N 284 51.91 -13.02 -41.16
N LEU N 285 51.23 -13.61 -42.14
CA LEU N 285 51.51 -15.02 -42.38
C LEU N 285 52.45 -15.25 -43.55
N ASP N 286 52.91 -14.20 -44.23
CA ASP N 286 53.88 -14.37 -45.30
C ASP N 286 55.30 -14.48 -44.75
N HIS N 287 55.54 -13.81 -43.63
CA HIS N 287 56.86 -13.76 -43.03
C HIS N 287 57.35 -15.18 -42.85
N HIS N 288 58.53 -15.46 -43.42
CA HIS N 288 58.90 -16.83 -43.70
C HIS N 288 58.96 -17.67 -42.44
N SER N 289 59.25 -17.03 -41.30
CA SER N 289 59.35 -17.80 -40.06
C SER N 289 57.97 -18.29 -39.61
N MET N 290 56.91 -17.66 -40.11
CA MET N 290 55.58 -17.97 -39.61
C MET N 290 54.99 -19.18 -40.31
N THR N 291 55.53 -19.57 -41.45
CA THR N 291 54.75 -20.40 -42.36
C THR N 291 55.15 -21.87 -42.55
N LEU N 292 54.31 -22.88 -42.08
CA LEU N 292 54.31 -24.27 -42.49
C LEU N 292 55.74 -24.81 -42.60
N THR N 293 56.31 -25.06 -41.44
CA THR N 293 57.50 -25.88 -41.33
C THR N 293 57.29 -27.13 -42.16
N PRO N 294 58.21 -27.48 -43.05
CA PRO N 294 57.97 -28.65 -43.91
C PRO N 294 57.61 -29.88 -43.14
N ASP N 295 58.00 -29.95 -41.87
CA ASP N 295 57.52 -31.03 -41.02
C ASP N 295 56.01 -30.98 -40.87
N GLU N 296 55.43 -29.78 -40.86
CA GLU N 296 53.99 -29.69 -40.72
C GLU N 296 53.30 -30.29 -41.92
N VAL N 297 53.73 -29.92 -43.13
CA VAL N 297 53.07 -30.38 -44.34
C VAL N 297 52.87 -31.88 -44.28
N LYS N 298 53.85 -32.59 -43.76
CA LYS N 298 53.67 -34.02 -43.52
C LYS N 298 52.39 -34.29 -42.76
N SER N 299 52.22 -33.65 -41.61
CA SER N 299 51.05 -33.96 -40.79
C SER N 299 49.77 -33.59 -41.52
N LEU N 300 49.69 -32.37 -42.04
CA LEU N 300 48.50 -31.99 -42.79
C LEU N 300 48.26 -32.92 -43.96
N LEU N 301 49.23 -33.03 -44.85
CA LEU N 301 49.04 -33.84 -46.03
C LEU N 301 48.77 -35.29 -45.65
N LEU N 302 49.02 -35.64 -44.40
CA LEU N 302 48.71 -36.98 -43.95
C LEU N 302 47.21 -37.19 -43.84
N LYS N 303 46.54 -36.33 -43.08
CA LYS N 303 45.20 -36.66 -42.63
C LYS N 303 44.22 -36.86 -43.77
N TYR N 304 44.55 -36.34 -44.95
CA TYR N 304 43.68 -36.62 -46.09
C TYR N 304 43.97 -37.98 -46.69
N LEU N 305 45.24 -38.29 -46.90
CA LEU N 305 45.53 -39.51 -47.63
C LEU N 305 45.43 -40.77 -46.79
N ASP N 306 45.59 -40.67 -45.47
CA ASP N 306 45.41 -41.80 -44.58
C ASP N 306 46.35 -42.95 -44.94
N CYS N 307 47.65 -42.64 -45.01
CA CYS N 307 48.65 -43.62 -45.39
C CYS N 307 49.96 -43.31 -44.68
N ARG N 308 50.76 -44.32 -44.55
CA ARG N 308 51.98 -44.27 -43.77
C ARG N 308 52.91 -43.16 -44.29
N PRO N 309 53.84 -42.70 -43.45
CA PRO N 309 54.76 -41.65 -43.90
C PRO N 309 55.63 -42.07 -45.08
N GLN N 310 55.74 -43.37 -45.35
CA GLN N 310 56.37 -43.80 -46.59
C GLN N 310 55.58 -43.33 -47.80
N ASP N 311 54.29 -43.07 -47.63
CA ASP N 311 53.40 -42.67 -48.71
C ASP N 311 53.32 -41.16 -48.86
N LEU N 312 54.16 -40.44 -48.13
CA LEU N 312 54.22 -38.97 -48.18
C LEU N 312 54.86 -38.47 -49.48
N PRO N 313 54.38 -37.26 -49.97
CA PRO N 313 55.02 -36.81 -51.22
C PRO N 313 56.48 -36.36 -51.05
N ARG N 314 57.28 -36.54 -52.10
CA ARG N 314 58.69 -36.15 -52.09
C ARG N 314 58.99 -35.11 -53.18
N GLU N 315 59.71 -34.05 -52.82
CA GLU N 315 60.02 -32.99 -53.78
C GLU N 315 59.52 -31.61 -53.34
N VAL N 316 58.74 -31.59 -52.26
CA VAL N 316 58.18 -30.37 -51.66
C VAL N 316 57.31 -29.52 -52.59
N LEU N 317 56.00 -29.68 -52.42
CA LEU N 317 54.96 -28.98 -53.18
C LEU N 317 54.69 -27.48 -53.03
N THR N 318 54.76 -26.95 -51.80
CA THR N 318 54.38 -25.56 -51.56
C THR N 318 54.03 -25.46 -50.09
N THR N 319 54.02 -24.27 -49.45
CA THR N 319 53.31 -24.04 -48.21
C THR N 319 52.26 -23.00 -48.52
N ASN N 320 51.03 -23.45 -48.70
CA ASN N 320 49.87 -22.67 -48.48
C ASN N 320 48.97 -23.80 -48.05
N PRO N 321 48.15 -23.63 -47.05
CA PRO N 321 47.15 -24.65 -46.80
C PRO N 321 46.16 -24.74 -47.93
N ARG N 322 45.64 -23.62 -48.37
CA ARG N 322 44.89 -23.66 -49.60
C ARG N 322 45.82 -24.11 -50.72
N ARG N 323 45.23 -24.77 -51.71
CA ARG N 323 45.96 -25.40 -52.80
C ARG N 323 46.78 -26.56 -52.30
N LEU N 324 47.01 -26.61 -51.00
CA LEU N 324 47.56 -27.87 -50.55
C LEU N 324 46.43 -28.87 -50.36
N SER N 325 45.33 -28.42 -49.78
CA SER N 325 44.19 -29.31 -49.64
C SER N 325 43.74 -29.84 -50.99
N ILE N 326 43.49 -28.94 -51.95
CA ILE N 326 42.97 -29.38 -53.23
C ILE N 326 43.77 -30.54 -53.76
N ILE N 327 45.09 -30.45 -53.71
CA ILE N 327 45.92 -31.61 -53.99
C ILE N 327 45.51 -32.77 -53.10
N ALA N 328 45.69 -32.59 -51.79
CA ALA N 328 45.42 -33.67 -50.85
C ALA N 328 44.04 -34.24 -51.07
N GLU N 329 43.08 -33.39 -51.43
CA GLU N 329 41.75 -33.90 -51.63
C GLU N 329 41.63 -34.60 -52.97
N SER N 330 42.16 -34.01 -54.02
CA SER N 330 42.04 -34.59 -55.35
C SER N 330 42.58 -36.01 -55.37
N ILE N 331 43.53 -36.31 -54.50
CA ILE N 331 44.08 -37.65 -54.51
C ILE N 331 43.22 -38.62 -53.74
N ARG N 332 42.71 -38.23 -52.58
CA ARG N 332 41.86 -39.15 -51.83
C ARG N 332 40.65 -39.55 -52.64
N ASP N 333 40.33 -38.81 -53.69
CA ASP N 333 39.17 -39.14 -54.48
C ASP N 333 39.48 -39.20 -55.97
N GLY N 334 39.73 -38.04 -56.56
CA GLY N 334 39.68 -37.91 -57.99
C GLY N 334 40.97 -38.37 -58.63
N LEU N 335 41.30 -37.70 -59.73
CA LEU N 335 42.48 -38.07 -60.49
C LEU N 335 43.74 -37.51 -59.84
N ALA N 336 44.82 -37.52 -60.62
CA ALA N 336 46.16 -37.01 -60.38
C ALA N 336 47.09 -38.02 -59.73
N THR N 337 46.60 -39.18 -59.30
CA THR N 337 47.47 -40.32 -58.99
C THR N 337 48.41 -40.00 -57.84
N TRP N 338 48.40 -38.74 -57.43
CA TRP N 338 49.36 -38.10 -56.55
C TRP N 338 50.70 -37.97 -57.28
N ASP N 339 50.89 -38.74 -58.33
CA ASP N 339 52.07 -38.62 -59.17
C ASP N 339 51.81 -37.89 -60.48
N ASN N 340 50.57 -37.56 -60.79
CA ASN N 340 50.24 -37.06 -62.12
C ASN N 340 50.34 -35.54 -62.24
N TRP N 341 49.60 -34.94 -61.32
CA TRP N 341 49.22 -33.55 -61.18
C TRP N 341 49.96 -32.44 -61.89
N LYS N 342 49.27 -32.05 -62.96
CA LYS N 342 49.54 -30.94 -63.84
C LYS N 342 48.19 -30.23 -63.80
N HIS N 343 47.13 -31.02 -64.00
CA HIS N 343 45.75 -30.55 -63.98
C HIS N 343 45.32 -30.02 -62.61
N VAL N 344 45.66 -30.72 -61.52
CA VAL N 344 45.28 -30.18 -60.21
C VAL N 344 43.89 -29.55 -60.28
N ASN N 345 42.87 -30.38 -60.50
CA ASN N 345 41.48 -30.09 -60.14
C ASN N 345 41.13 -28.64 -60.43
N CYS N 346 41.45 -28.23 -61.66
CA CYS N 346 41.47 -26.82 -62.00
C CYS N 346 40.24 -26.09 -61.47
N ASP N 347 39.08 -26.73 -61.55
CA ASP N 347 37.81 -26.08 -61.22
C ASP N 347 37.86 -25.38 -59.86
N LYS N 348 37.97 -26.13 -58.77
CA LYS N 348 38.04 -25.51 -57.45
C LYS N 348 39.16 -24.50 -57.39
N LEU N 349 40.36 -24.94 -57.76
CA LEU N 349 41.48 -24.02 -57.86
C LEU N 349 41.09 -22.80 -58.68
N THR N 350 40.48 -23.02 -59.85
CA THR N 350 39.97 -21.89 -60.61
C THR N 350 38.88 -21.15 -59.85
N THR N 351 37.80 -21.86 -59.50
CA THR N 351 36.62 -21.18 -58.98
C THR N 351 36.97 -20.31 -57.78
N ILE N 352 37.99 -20.72 -57.03
CA ILE N 352 38.48 -19.87 -55.94
C ILE N 352 39.31 -18.72 -56.49
N ILE N 353 40.28 -19.03 -57.34
CA ILE N 353 41.15 -17.98 -57.84
C ILE N 353 40.38 -17.05 -58.76
N GLU N 354 39.39 -17.59 -59.48
CA GLU N 354 38.71 -16.76 -60.46
C GLU N 354 37.96 -15.62 -59.80
N SER N 355 37.00 -15.94 -58.94
CA SER N 355 36.27 -14.89 -58.26
C SER N 355 37.21 -13.98 -57.49
N SER N 356 38.32 -14.54 -57.00
CA SER N 356 39.26 -13.77 -56.23
C SER N 356 39.83 -12.62 -57.05
N LEU N 357 39.72 -12.71 -58.37
CA LEU N 357 40.17 -11.61 -59.19
C LEU N 357 39.03 -10.69 -59.59
N ASN N 358 37.81 -11.02 -59.19
CA ASN N 358 36.65 -10.31 -59.70
C ASN N 358 36.63 -8.84 -59.34
N VAL N 359 37.57 -8.39 -58.50
CA VAL N 359 37.50 -7.03 -57.99
C VAL N 359 37.82 -6.01 -59.08
N LEU N 360 38.68 -6.36 -60.02
CA LEU N 360 39.34 -5.37 -60.85
C LEU N 360 38.43 -4.83 -61.96
N GLU N 361 38.84 -3.68 -62.53
CA GLU N 361 38.22 -3.09 -63.71
C GLU N 361 38.56 -3.92 -64.94
N PRO N 362 37.57 -4.55 -65.57
CA PRO N 362 37.88 -5.67 -66.47
C PRO N 362 38.73 -5.27 -67.68
N ALA N 363 38.32 -4.25 -68.43
CA ALA N 363 39.10 -3.88 -69.59
C ALA N 363 40.29 -3.05 -69.18
N GLU N 364 40.07 -2.12 -68.27
CA GLU N 364 41.14 -1.36 -67.66
C GLU N 364 42.24 -2.24 -67.10
N TYR N 365 41.89 -3.38 -66.51
CA TYR N 365 42.86 -4.17 -65.78
C TYR N 365 42.86 -5.64 -66.17
N ARG N 366 41.75 -6.35 -66.00
CA ARG N 366 41.81 -7.80 -66.18
C ARG N 366 42.40 -8.18 -67.53
N LYS N 367 42.32 -7.30 -68.51
CA LYS N 367 43.14 -7.48 -69.71
C LYS N 367 44.60 -7.65 -69.35
N MET N 368 45.04 -7.03 -68.27
CA MET N 368 46.47 -6.84 -68.08
C MET N 368 47.17 -8.06 -67.48
N PHE N 369 46.54 -8.75 -66.54
CA PHE N 369 47.08 -10.05 -66.14
C PHE N 369 47.37 -10.92 -67.34
N ASP N 370 46.39 -11.01 -68.24
CA ASP N 370 46.53 -11.83 -69.43
C ASP N 370 47.87 -11.60 -70.09
N ARG N 371 48.32 -10.36 -70.09
CA ARG N 371 49.67 -10.08 -70.53
C ARG N 371 50.69 -10.79 -69.67
N LEU N 372 50.55 -10.73 -68.35
CA LEU N 372 51.61 -11.19 -67.47
C LEU N 372 51.99 -12.63 -67.70
N SER N 373 51.16 -13.42 -68.38
CA SER N 373 51.52 -14.80 -68.65
C SER N 373 52.77 -14.88 -69.51
N VAL N 374 53.17 -13.77 -70.13
CA VAL N 374 54.40 -13.71 -70.91
C VAL N 374 55.58 -14.21 -70.11
N PHE N 375 55.55 -14.05 -68.84
CA PHE N 375 56.80 -14.14 -68.10
C PHE N 375 57.07 -15.55 -67.60
N PRO N 376 58.32 -15.98 -67.65
CA PRO N 376 58.71 -17.24 -67.04
C PRO N 376 58.59 -17.16 -65.53
N PRO N 377 58.06 -18.19 -64.89
CA PRO N 377 57.66 -18.07 -63.48
C PRO N 377 58.82 -17.73 -62.54
N SER N 378 58.46 -17.20 -61.37
CA SER N 378 59.30 -17.01 -60.19
C SER N 378 60.35 -15.91 -60.33
N ALA N 379 60.53 -15.32 -61.50
CA ALA N 379 61.61 -14.36 -61.70
C ALA N 379 61.23 -12.97 -61.21
N HIS N 380 62.06 -12.00 -61.55
CA HIS N 380 61.72 -10.60 -61.39
C HIS N 380 61.56 -9.98 -62.77
N ILE N 381 60.70 -8.97 -62.87
CA ILE N 381 60.47 -8.29 -64.12
C ILE N 381 60.81 -6.82 -63.98
N PRO N 382 61.74 -6.29 -64.75
CA PRO N 382 62.01 -4.85 -64.71
C PRO N 382 60.78 -4.06 -65.09
N THR N 383 60.42 -3.09 -64.24
CA THR N 383 59.29 -2.23 -64.55
C THR N 383 59.46 -1.51 -65.87
N ILE N 384 60.65 -0.98 -66.13
CA ILE N 384 60.91 -0.37 -67.42
C ILE N 384 60.52 -1.31 -68.55
N LEU N 385 60.93 -2.58 -68.45
CA LEU N 385 60.53 -3.56 -69.43
C LEU N 385 59.02 -3.68 -69.51
N LEU N 386 58.36 -3.63 -68.36
CA LEU N 386 56.91 -3.76 -68.31
C LEU N 386 56.22 -2.75 -69.21
N SER N 387 56.88 -1.63 -69.49
CA SER N 387 56.24 -0.56 -70.26
C SER N 387 55.80 -1.06 -71.63
N LEU N 388 56.54 -2.01 -72.20
CA LEU N 388 56.26 -2.43 -73.57
C LEU N 388 54.93 -3.16 -73.67
N ILE N 389 54.69 -4.11 -72.77
CA ILE N 389 53.65 -5.10 -72.92
C ILE N 389 52.31 -4.49 -73.28
N TRP N 390 51.75 -3.67 -72.40
CA TRP N 390 50.38 -3.25 -72.64
C TRP N 390 50.30 -2.23 -73.75
N PHE N 391 50.75 -1.01 -73.47
CA PHE N 391 50.69 0.08 -74.42
C PHE N 391 49.24 0.33 -74.85
N ASP N 392 48.28 -0.16 -74.07
CA ASP N 392 46.88 0.24 -74.23
C ASP N 392 46.60 1.52 -73.46
N VAL N 393 47.12 1.63 -72.24
CA VAL N 393 47.22 2.90 -71.53
C VAL N 393 48.70 3.20 -71.36
N ILE N 394 49.03 4.48 -71.26
CA ILE N 394 50.32 4.98 -71.70
C ILE N 394 51.08 5.65 -70.56
N LYS N 395 52.39 5.76 -70.75
CA LYS N 395 53.34 6.62 -70.02
C LYS N 395 53.40 6.20 -68.55
N SER N 396 53.36 7.15 -67.61
CA SER N 396 53.57 6.86 -66.19
C SER N 396 52.56 5.88 -65.64
N ASP N 397 51.47 5.63 -66.37
CA ASP N 397 50.43 4.76 -65.88
C ASP N 397 51.01 3.42 -65.43
N VAL N 398 52.14 3.02 -66.00
CA VAL N 398 52.83 1.81 -65.55
C VAL N 398 52.93 1.80 -64.04
N MET N 399 53.71 2.72 -63.46
CA MET N 399 53.80 2.78 -62.02
C MET N 399 52.44 3.02 -61.39
N VAL N 400 51.56 3.76 -62.08
CA VAL N 400 50.21 3.90 -61.59
C VAL N 400 49.52 2.55 -61.56
N VAL N 401 49.65 1.79 -62.65
CA VAL N 401 49.04 0.47 -62.69
C VAL N 401 49.51 -0.38 -61.52
N VAL N 402 50.81 -0.70 -61.51
CA VAL N 402 51.30 -1.64 -60.51
C VAL N 402 50.79 -1.27 -59.14
N ASN N 403 50.89 0.01 -58.79
CA ASN N 403 50.30 0.47 -57.54
C ASN N 403 48.83 0.11 -57.49
N LYS N 404 48.04 0.67 -58.40
CA LYS N 404 46.62 0.36 -58.46
C LYS N 404 46.41 -1.14 -58.43
N LEU N 405 47.31 -1.87 -59.06
CA LEU N 405 47.27 -3.31 -58.94
C LEU N 405 47.77 -3.76 -57.58
N HIS N 406 48.95 -3.29 -57.19
CA HIS N 406 49.61 -3.78 -55.99
C HIS N 406 48.73 -3.74 -54.77
N LYS N 407 47.88 -2.72 -54.65
CA LYS N 407 47.09 -2.60 -53.44
C LYS N 407 46.26 -3.84 -53.21
N TYR N 408 45.84 -4.51 -54.27
CA TYR N 408 45.22 -5.82 -54.11
C TYR N 408 46.32 -6.84 -53.86
N SER N 409 46.07 -7.74 -52.92
CA SER N 409 47.18 -8.38 -52.23
C SER N 409 48.11 -9.06 -53.20
N LEU N 410 49.36 -8.60 -53.22
CA LEU N 410 50.45 -9.14 -54.00
C LEU N 410 50.00 -9.58 -55.38
N VAL N 411 48.94 -8.97 -55.89
CA VAL N 411 48.55 -9.35 -57.23
C VAL N 411 49.61 -8.83 -58.19
N GLU N 412 50.31 -7.77 -57.80
CA GLU N 412 51.61 -7.48 -58.40
C GLU N 412 52.77 -8.14 -57.66
N LYS N 413 52.78 -8.08 -56.31
CA LYS N 413 53.92 -8.53 -55.48
C LYS N 413 55.18 -7.69 -55.71
N GLN N 414 55.17 -6.49 -55.12
CA GLN N 414 56.32 -5.56 -55.16
C GLN N 414 57.58 -6.16 -54.56
N PRO N 415 58.65 -5.77 -55.50
CA PRO N 415 60.00 -5.91 -54.96
C PRO N 415 60.55 -4.54 -54.55
N LYS N 416 60.07 -3.51 -55.24
CA LYS N 416 60.44 -2.11 -55.04
C LYS N 416 61.89 -1.75 -55.41
N GLU N 417 62.52 -2.51 -56.30
CA GLU N 417 63.68 -1.98 -57.00
C GLU N 417 63.58 -2.17 -58.52
N SER N 418 63.35 -1.05 -59.21
CA SER N 418 63.39 -0.95 -60.68
C SER N 418 62.68 -2.10 -61.41
N THR N 419 61.66 -2.69 -60.78
CA THR N 419 61.05 -3.94 -61.26
C THR N 419 59.66 -4.19 -60.66
N ILE N 420 59.08 -5.31 -61.09
CA ILE N 420 57.90 -5.89 -60.45
C ILE N 420 58.21 -7.37 -60.24
N SER N 421 57.48 -8.02 -59.34
CA SER N 421 57.72 -9.43 -59.07
C SER N 421 56.47 -10.27 -59.31
N ILE N 422 56.65 -11.55 -59.63
CA ILE N 422 55.49 -12.36 -59.93
C ILE N 422 54.49 -12.28 -58.78
N PRO N 423 53.16 -12.17 -59.14
CA PRO N 423 52.23 -12.05 -58.00
C PRO N 423 52.38 -13.29 -57.15
N SER N 424 52.49 -14.44 -57.78
CA SER N 424 52.69 -15.65 -57.01
C SER N 424 52.56 -16.79 -58.00
N ILE N 425 52.62 -18.01 -57.49
CA ILE N 425 52.23 -19.14 -58.33
C ILE N 425 50.76 -19.05 -58.70
N TYR N 426 49.91 -18.75 -57.73
CA TYR N 426 48.47 -18.79 -57.92
C TYR N 426 48.00 -17.94 -59.06
N LEU N 427 48.04 -16.64 -58.87
CA LEU N 427 47.49 -15.74 -59.86
C LEU N 427 48.17 -15.96 -61.20
N GLU N 428 49.30 -16.67 -61.19
CA GLU N 428 49.85 -17.26 -62.41
C GLU N 428 49.19 -18.59 -62.76
N LEU N 429 49.33 -19.38 -61.73
CA LEU N 429 49.03 -20.77 -62.00
C LEU N 429 47.72 -20.98 -62.75
N LYS N 430 46.83 -19.99 -62.79
CA LYS N 430 45.44 -20.25 -63.14
C LYS N 430 45.28 -20.99 -64.46
N VAL N 431 45.42 -20.29 -65.59
CA VAL N 431 45.23 -20.92 -66.89
C VAL N 431 46.04 -20.24 -67.99
N LYS N 432 46.62 -21.05 -68.87
CA LYS N 432 46.37 -20.90 -70.30
C LYS N 432 46.28 -19.46 -70.78
N LEU N 433 47.43 -18.84 -70.98
CA LEU N 433 47.58 -17.42 -71.31
C LEU N 433 46.56 -16.88 -72.30
N GLU N 434 46.20 -17.67 -73.31
CA GLU N 434 45.32 -17.20 -74.38
C GLU N 434 45.91 -15.96 -75.03
N ASN N 435 45.21 -14.83 -74.87
CA ASN N 435 45.71 -13.50 -75.22
C ASN N 435 45.86 -13.38 -76.73
N GLU N 436 45.67 -14.49 -77.44
CA GLU N 436 45.49 -14.51 -78.89
C GLU N 436 46.68 -13.85 -79.58
N TYR N 437 46.51 -12.73 -80.27
CA TYR N 437 47.55 -12.15 -81.10
C TYR N 437 48.87 -11.96 -80.37
N ALA N 438 48.82 -11.84 -79.04
CA ALA N 438 49.92 -11.25 -78.28
C ALA N 438 51.27 -11.86 -78.64
N LEU N 439 51.35 -13.18 -78.69
CA LEU N 439 52.61 -13.90 -78.46
C LEU N 439 53.80 -13.32 -79.22
N HIS N 440 53.87 -13.55 -80.54
CA HIS N 440 55.07 -13.17 -81.29
C HIS N 440 55.51 -11.74 -81.02
N ARG N 441 54.71 -10.77 -81.48
CA ARG N 441 55.05 -9.37 -81.33
C ARG N 441 55.37 -9.03 -79.87
N SER N 442 54.58 -9.53 -78.93
CA SER N 442 54.83 -9.23 -77.53
C SER N 442 56.10 -9.93 -77.05
N ILE N 443 56.25 -11.28 -77.39
CA ILE N 443 57.52 -11.94 -77.10
C ILE N 443 58.62 -11.41 -78.01
N VAL N 444 58.38 -11.35 -79.32
CA VAL N 444 59.35 -10.81 -80.25
C VAL N 444 59.74 -9.37 -79.91
N ASP N 445 58.80 -8.42 -79.96
CA ASP N 445 59.17 -7.02 -79.83
C ASP N 445 59.82 -6.73 -78.48
N HIS N 446 59.49 -7.53 -77.46
CA HIS N 446 60.12 -7.33 -76.16
C HIS N 446 61.59 -7.74 -76.19
N TYR N 447 62.04 -8.30 -77.33
CA TYR N 447 63.46 -8.47 -77.55
C TYR N 447 64.11 -7.11 -77.81
N ASN N 448 63.32 -6.05 -77.77
CA ASN N 448 63.71 -4.75 -78.26
C ASN N 448 65.15 -4.35 -77.89
N ILE N 449 65.56 -4.66 -76.67
CA ILE N 449 66.83 -4.13 -76.16
C ILE N 449 68.11 -4.53 -76.93
N PRO N 450 68.48 -5.83 -76.98
CA PRO N 450 69.87 -6.16 -77.33
C PRO N 450 70.33 -5.74 -78.72
N LYS N 451 69.57 -6.09 -79.78
CA LYS N 451 70.16 -6.09 -81.13
C LYS N 451 70.84 -4.78 -81.49
N THR N 452 70.41 -3.81 -80.72
CA THR N 452 71.07 -2.51 -80.78
C THR N 452 72.55 -2.68 -80.48
N PHE N 453 72.88 -3.07 -79.25
CA PHE N 453 74.26 -3.38 -78.91
C PHE N 453 74.65 -4.73 -79.51
N ASP N 454 75.72 -4.74 -80.31
CA ASP N 454 76.21 -6.02 -80.79
C ASP N 454 77.65 -6.27 -80.36
N SER N 455 78.59 -5.57 -80.97
CA SER N 455 80.01 -5.79 -80.71
C SER N 455 80.71 -4.45 -80.50
N ASP N 456 81.45 -4.35 -79.39
CA ASP N 456 82.19 -3.14 -79.03
C ASP N 456 83.21 -3.47 -77.95
N ASP N 457 83.83 -2.42 -77.44
CA ASP N 457 84.85 -2.54 -76.40
C ASP N 457 84.22 -2.80 -75.04
N LEU N 458 85.01 -3.38 -74.14
CA LEU N 458 84.75 -3.34 -72.70
C LEU N 458 83.46 -4.06 -72.33
N ILE N 459 82.68 -3.46 -71.44
CA ILE N 459 81.51 -4.08 -70.81
C ILE N 459 80.24 -3.37 -71.27
N PRO N 460 79.36 -4.10 -71.95
CA PRO N 460 78.15 -3.56 -72.56
C PRO N 460 77.02 -3.09 -71.66
N PRO N 461 76.22 -2.09 -72.21
CA PRO N 461 75.11 -1.68 -71.35
C PRO N 461 74.03 -2.70 -71.66
N TYR N 462 73.95 -3.68 -70.78
CA TYR N 462 73.05 -4.81 -70.87
C TYR N 462 72.28 -4.92 -69.57
N LEU N 463 71.03 -5.37 -69.64
CA LEU N 463 70.05 -4.99 -68.63
C LEU N 463 70.06 -5.97 -67.47
N ASP N 464 70.59 -5.50 -66.35
CA ASP N 464 70.46 -5.99 -64.98
C ASP N 464 70.66 -7.51 -64.91
N GLN N 465 69.91 -8.15 -64.03
CA GLN N 465 69.98 -9.60 -63.85
C GLN N 465 68.84 -10.35 -64.51
N TYR N 466 67.88 -9.66 -65.12
CA TYR N 466 66.82 -10.39 -65.81
C TYR N 466 67.30 -10.92 -67.15
N PHE N 467 67.93 -10.09 -67.97
CA PHE N 467 68.33 -10.56 -69.29
C PHE N 467 69.28 -11.74 -69.38
N TYR N 468 70.21 -11.81 -68.44
CA TYR N 468 71.15 -12.90 -68.45
C TYR N 468 70.40 -14.23 -68.29
N SER N 469 69.23 -14.20 -67.63
CA SER N 469 68.52 -15.44 -67.40
C SER N 469 67.63 -15.79 -68.58
N HIS N 470 66.51 -15.10 -68.71
CA HIS N 470 65.41 -15.61 -69.51
C HIS N 470 65.35 -15.03 -70.91
N ILE N 471 66.29 -14.17 -71.28
CA ILE N 471 66.24 -13.55 -72.60
C ILE N 471 66.03 -14.61 -73.68
N GLY N 472 66.58 -15.81 -73.46
CA GLY N 472 66.37 -16.88 -74.40
C GLY N 472 64.93 -17.34 -74.42
N HIS N 473 64.24 -17.27 -73.29
CA HIS N 473 62.83 -17.61 -73.32
C HIS N 473 62.09 -16.76 -74.34
N HIS N 474 62.29 -15.46 -74.31
CA HIS N 474 61.68 -14.63 -75.33
C HIS N 474 62.10 -15.05 -76.72
N LEU N 475 63.28 -15.63 -76.87
CA LEU N 475 63.64 -16.18 -78.16
C LEU N 475 62.75 -17.34 -78.56
N LYS N 476 62.16 -18.04 -77.58
CA LYS N 476 61.37 -19.22 -77.88
C LYS N 476 60.29 -18.94 -78.91
N ASN N 477 59.80 -17.72 -78.98
CA ASN N 477 58.77 -17.35 -79.95
C ASN N 477 59.36 -16.73 -81.21
N ILE N 478 60.68 -16.72 -81.37
CA ILE N 478 61.27 -15.97 -82.46
C ILE N 478 61.91 -16.94 -83.45
N GLU N 479 62.41 -16.41 -84.57
CA GLU N 479 63.06 -17.23 -85.58
C GLU N 479 64.32 -17.88 -85.01
N HIS N 480 64.40 -19.19 -85.15
CA HIS N 480 65.47 -19.96 -84.54
C HIS N 480 66.82 -19.63 -85.18
N PRO N 481 66.97 -19.67 -86.50
CA PRO N 481 68.24 -19.21 -87.06
C PRO N 481 68.54 -17.80 -86.65
N GLU N 482 67.52 -16.94 -86.67
CA GLU N 482 67.69 -15.58 -86.20
C GLU N 482 68.11 -15.59 -84.73
N ARG N 483 67.69 -16.58 -83.95
CA ARG N 483 68.27 -16.66 -82.63
C ARG N 483 69.64 -17.31 -82.69
N MET N 484 69.78 -18.42 -83.43
CA MET N 484 71.06 -19.11 -83.47
C MET N 484 72.18 -18.15 -83.86
N THR N 485 71.85 -17.16 -84.68
CA THR N 485 72.69 -15.99 -84.79
C THR N 485 72.90 -15.33 -83.44
N LEU N 486 71.83 -14.76 -82.89
CA LEU N 486 71.90 -13.93 -81.69
C LEU N 486 71.61 -14.68 -80.40
N PHE N 487 71.43 -16.00 -80.44
CA PHE N 487 71.26 -16.73 -79.20
C PHE N 487 72.51 -16.68 -78.37
N ARG N 488 73.62 -16.30 -78.98
CA ARG N 488 74.86 -16.02 -78.29
C ARG N 488 75.38 -17.24 -77.54
N MET N 489 74.93 -18.44 -77.94
CA MET N 489 75.85 -19.57 -78.00
C MET N 489 77.08 -19.16 -78.78
N VAL N 490 76.86 -18.46 -79.89
CA VAL N 490 77.93 -17.95 -80.71
C VAL N 490 78.76 -16.94 -79.95
N PHE N 491 78.12 -15.99 -79.28
CA PHE N 491 78.81 -14.81 -78.78
C PHE N 491 79.39 -15.16 -77.41
N LEU N 492 80.71 -15.09 -77.31
CA LEU N 492 81.41 -15.34 -76.06
C LEU N 492 81.41 -14.10 -75.17
N ASP N 493 81.28 -12.91 -75.76
CA ASP N 493 81.33 -11.64 -75.06
C ASP N 493 80.22 -11.53 -74.01
N PHE N 494 78.98 -11.38 -74.47
CA PHE N 494 77.83 -11.30 -73.58
C PHE N 494 77.78 -12.48 -72.63
N ARG N 495 78.05 -13.67 -73.13
CA ARG N 495 77.60 -14.88 -72.48
C ARG N 495 78.17 -15.04 -71.08
N PHE N 496 79.48 -14.86 -70.92
CA PHE N 496 80.12 -15.04 -69.63
C PHE N 496 79.54 -14.13 -68.56
N LEU N 497 78.99 -12.99 -68.97
CA LEU N 497 78.56 -11.98 -68.02
C LEU N 497 77.41 -12.45 -67.17
N GLU N 498 76.76 -13.55 -67.55
CA GLU N 498 75.77 -14.18 -66.69
C GLU N 498 76.37 -14.60 -65.36
N GLN N 499 77.23 -15.61 -65.37
CA GLN N 499 77.85 -16.15 -64.16
C GLN N 499 78.78 -15.17 -63.47
N LYS N 500 79.01 -14.01 -64.09
CA LYS N 500 79.70 -12.88 -63.48
C LYS N 500 79.22 -12.68 -62.04
N ILE N 501 77.94 -12.36 -61.88
CA ILE N 501 77.32 -12.15 -60.58
C ILE N 501 77.36 -13.42 -59.74
N ARG N 502 77.45 -14.57 -60.38
CA ARG N 502 77.29 -15.86 -59.71
C ARG N 502 78.55 -16.16 -58.91
N HIS N 503 78.35 -16.44 -57.64
CA HIS N 503 79.42 -16.83 -56.74
C HIS N 503 78.90 -17.88 -55.78
N ASP N 504 79.78 -18.34 -54.91
CA ASP N 504 79.38 -19.22 -53.83
C ASP N 504 79.59 -18.54 -52.50
N SER N 505 78.61 -18.70 -51.61
CA SER N 505 78.87 -18.46 -50.21
C SER N 505 80.09 -19.24 -49.74
N THR N 506 80.21 -20.51 -50.08
CA THR N 506 81.09 -21.43 -49.40
C THR N 506 81.95 -22.21 -50.37
N ALA N 507 83.13 -22.60 -49.89
CA ALA N 507 84.10 -23.46 -50.57
C ALA N 507 84.50 -23.02 -51.97
N TRP N 508 84.74 -24.00 -52.84
CA TRP N 508 85.16 -23.75 -54.20
C TRP N 508 84.08 -23.94 -55.23
N ASN N 509 82.86 -24.18 -54.73
CA ASN N 509 81.65 -24.45 -55.54
C ASN N 509 80.63 -23.32 -55.71
N ALA N 510 79.41 -23.71 -56.10
CA ALA N 510 78.30 -22.79 -56.35
C ALA N 510 77.13 -22.88 -55.35
N SER N 511 76.65 -21.71 -54.94
CA SER N 511 75.56 -21.51 -53.99
C SER N 511 76.10 -21.53 -52.57
N GLY N 512 75.29 -21.98 -51.62
CA GLY N 512 75.23 -21.30 -50.36
C GLY N 512 74.79 -19.88 -50.53
N SER N 513 74.89 -19.37 -51.76
CA SER N 513 74.44 -18.10 -52.26
C SER N 513 73.72 -18.34 -53.58
N ILE N 514 74.49 -18.63 -54.62
CA ILE N 514 74.00 -18.63 -56.00
C ILE N 514 74.69 -19.73 -56.82
N LEU N 515 73.93 -20.41 -57.69
CA LEU N 515 74.55 -21.41 -58.56
C LEU N 515 75.33 -20.73 -59.66
N ASN N 516 76.23 -21.51 -60.25
CA ASN N 516 77.07 -21.08 -61.33
C ASN N 516 77.08 -22.14 -62.42
N THR N 517 76.00 -22.22 -63.21
CA THR N 517 75.80 -23.16 -64.33
C THR N 517 74.52 -24.00 -64.57
N LEU N 518 74.26 -25.05 -63.80
CA LEU N 518 73.12 -25.90 -64.23
C LEU N 518 72.07 -25.13 -65.01
N GLN N 519 71.68 -23.96 -64.52
CA GLN N 519 70.81 -23.10 -65.28
C GLN N 519 71.41 -22.95 -66.67
N GLN N 520 72.60 -22.39 -66.70
CA GLN N 520 73.39 -22.41 -67.91
C GLN N 520 73.27 -23.77 -68.56
N LEU N 521 73.82 -24.79 -67.88
CA LEU N 521 73.74 -26.12 -68.43
C LEU N 521 72.33 -26.46 -68.87
N LYS N 522 71.36 -26.16 -68.00
CA LYS N 522 69.97 -26.49 -68.31
C LYS N 522 69.53 -25.84 -69.61
N PHE N 523 70.05 -24.65 -69.92
CA PHE N 523 69.75 -24.07 -71.22
C PHE N 523 70.24 -24.97 -72.34
N TYR N 524 71.29 -25.73 -72.09
CA TYR N 524 72.04 -26.24 -73.21
C TYR N 524 71.42 -27.49 -73.81
N LYS N 525 70.58 -28.19 -73.06
CA LYS N 525 69.82 -29.28 -73.66
C LYS N 525 68.76 -28.77 -74.62
N PRO N 526 67.83 -27.89 -74.23
CA PRO N 526 66.76 -27.52 -75.16
C PRO N 526 67.25 -26.71 -76.35
N TYR N 527 68.15 -25.76 -76.12
CA TYR N 527 68.33 -24.65 -77.04
C TYR N 527 69.23 -24.98 -78.22
N ILE N 528 69.61 -26.24 -78.37
CA ILE N 528 70.35 -26.72 -79.52
C ILE N 528 69.39 -26.95 -80.68
N CYS N 529 68.15 -26.44 -80.53
CA CYS N 529 67.04 -26.84 -81.40
C CYS N 529 67.41 -26.93 -82.87
N ASP N 530 68.02 -25.88 -83.42
CA ASP N 530 68.50 -25.89 -84.80
C ASP N 530 69.99 -25.61 -84.78
N ASN N 531 70.81 -26.63 -85.07
CA ASN N 531 72.26 -26.50 -85.13
C ASN N 531 72.84 -27.73 -85.80
N ASP N 532 74.16 -27.73 -85.96
CA ASP N 532 74.88 -28.78 -86.65
C ASP N 532 76.03 -29.27 -85.77
N PRO N 533 76.74 -30.33 -86.13
CA PRO N 533 77.83 -30.80 -85.26
C PRO N 533 78.84 -29.73 -84.92
N LYS N 534 79.08 -28.78 -85.82
CA LYS N 534 79.92 -27.64 -85.54
C LYS N 534 79.53 -27.03 -84.22
N TYR N 535 78.36 -26.42 -84.18
CA TYR N 535 77.89 -25.76 -82.98
C TYR N 535 77.67 -26.75 -81.85
N GLU N 536 77.23 -27.97 -82.19
CA GLU N 536 76.83 -28.94 -81.17
C GLU N 536 78.03 -29.42 -80.37
N ARG N 537 79.06 -29.90 -81.05
CA ARG N 537 80.28 -30.27 -80.36
C ARG N 537 80.96 -29.07 -79.73
N LEU N 538 80.83 -27.90 -80.36
CA LEU N 538 81.31 -26.67 -79.77
C LEU N 538 80.81 -26.51 -78.34
N VAL N 539 79.49 -26.59 -78.15
CA VAL N 539 78.94 -26.57 -76.80
C VAL N 539 79.42 -27.78 -76.02
N ASN N 540 79.25 -28.97 -76.59
CA ASN N 540 79.68 -30.19 -75.94
C ASN N 540 81.06 -30.03 -75.38
N ALA N 541 81.97 -29.51 -76.19
CA ALA N 541 83.21 -29.00 -75.66
C ALA N 541 82.96 -28.02 -74.53
N ILE N 542 82.40 -26.84 -74.82
CA ILE N 542 82.37 -25.76 -73.85
C ILE N 542 81.88 -26.23 -72.51
N LEU N 543 81.08 -27.29 -72.50
CA LEU N 543 80.78 -27.97 -71.26
C LEU N 543 82.03 -28.18 -70.43
N ASP N 544 83.15 -28.49 -71.08
CA ASP N 544 84.42 -28.60 -70.38
C ASP N 544 84.78 -27.35 -69.60
N PHE N 545 84.81 -26.19 -70.23
CA PHE N 545 85.24 -24.98 -69.53
C PHE N 545 84.45 -24.83 -68.26
N LEU N 546 83.21 -25.28 -68.27
CA LEU N 546 82.28 -24.96 -67.20
C LEU N 546 82.81 -25.38 -65.84
N PRO N 547 83.20 -26.63 -65.61
CA PRO N 547 84.08 -26.86 -64.47
C PRO N 547 85.37 -26.11 -64.66
N LYS N 548 85.98 -26.27 -65.82
CA LYS N 548 87.35 -25.85 -66.05
C LYS N 548 87.53 -24.38 -65.71
N ILE N 549 86.57 -23.54 -66.10
CA ILE N 549 86.69 -22.13 -65.78
C ILE N 549 86.85 -21.93 -64.29
N GLU N 550 87.60 -20.90 -63.93
CA GLU N 550 87.90 -20.54 -62.56
C GLU N 550 87.16 -19.27 -62.19
N GLU N 551 86.75 -19.23 -60.93
CA GLU N 551 86.23 -17.98 -60.38
C GLU N 551 87.37 -17.18 -59.79
N ASN N 552 87.25 -15.86 -59.92
CA ASN N 552 88.39 -14.97 -60.04
C ASN N 552 87.96 -13.62 -59.49
N LEU N 553 88.73 -12.58 -59.80
CA LEU N 553 88.09 -11.29 -59.97
C LEU N 553 87.21 -11.38 -61.20
N ILE N 554 85.92 -11.07 -61.03
CA ILE N 554 84.95 -11.45 -62.05
C ILE N 554 85.03 -10.47 -63.21
N CYS N 555 85.33 -11.02 -64.39
CA CYS N 555 85.36 -10.28 -65.65
C CYS N 555 86.47 -9.23 -65.64
N SER N 556 86.92 -8.86 -64.45
CA SER N 556 88.18 -8.20 -64.32
C SER N 556 89.18 -9.31 -64.21
N LYS N 557 90.01 -9.45 -65.23
CA LYS N 557 90.42 -10.77 -65.69
C LYS N 557 89.20 -11.53 -66.22
N TYR N 558 88.78 -11.09 -67.40
CA TYR N 558 88.04 -11.92 -68.34
C TYR N 558 88.96 -12.49 -69.42
N THR N 559 90.25 -12.19 -69.37
CA THR N 559 91.13 -12.21 -70.53
C THR N 559 91.48 -13.60 -71.04
N ASP N 560 92.19 -14.71 -70.35
CA ASP N 560 92.47 -16.14 -70.52
C ASP N 560 91.36 -16.94 -71.20
N LEU N 561 90.11 -16.74 -70.76
CA LEU N 561 88.97 -17.51 -71.25
C LEU N 561 88.90 -17.58 -72.77
N LEU N 562 88.99 -16.41 -73.40
CA LEU N 562 88.91 -16.28 -74.86
C LEU N 562 89.89 -17.20 -75.58
N ARG N 563 91.16 -17.13 -75.19
CA ARG N 563 92.21 -17.85 -75.90
C ARG N 563 92.27 -19.32 -75.49
N ILE N 564 91.87 -19.63 -74.26
CA ILE N 564 91.88 -21.02 -73.80
C ILE N 564 90.62 -21.73 -74.27
N ALA N 565 89.72 -20.99 -74.91
CA ALA N 565 88.62 -21.62 -75.62
C ALA N 565 89.15 -22.31 -76.87
N LEU N 566 90.38 -21.97 -77.24
CA LEU N 566 91.03 -22.49 -78.44
C LEU N 566 91.94 -23.69 -78.18
N MET N 567 92.00 -24.15 -76.93
CA MET N 567 92.83 -25.30 -76.55
C MET N 567 92.56 -26.49 -77.48
N ALA N 568 91.37 -27.05 -77.38
CA ALA N 568 90.90 -28.01 -78.37
C ALA N 568 89.89 -27.29 -79.26
N GLU N 569 90.27 -27.03 -80.50
CA GLU N 569 89.48 -26.11 -81.32
C GLU N 569 88.76 -26.80 -82.48
N ASP N 570 87.45 -26.95 -82.32
CA ASP N 570 86.54 -27.21 -83.43
C ASP N 570 85.85 -25.90 -83.81
N GLU N 571 86.21 -24.84 -83.09
CA GLU N 571 85.44 -23.60 -83.09
C GLU N 571 86.04 -22.48 -83.93
N ALA N 572 85.19 -21.77 -84.66
CA ALA N 572 85.59 -20.58 -85.40
C ALA N 572 85.33 -19.32 -84.59
N ILE N 573 84.89 -19.51 -83.35
CA ILE N 573 84.48 -18.42 -82.47
C ILE N 573 85.50 -17.29 -82.33
N PHE N 574 86.72 -17.63 -81.95
CA PHE N 574 87.75 -16.61 -81.72
C PHE N 574 88.13 -15.93 -83.03
N GLU N 575 87.95 -16.64 -84.14
CA GLU N 575 88.19 -16.07 -85.45
C GLU N 575 87.13 -15.03 -85.77
N GLU N 576 85.95 -15.21 -85.17
CA GLU N 576 84.87 -14.24 -85.30
C GLU N 576 85.04 -13.13 -84.26
N ALA N 577 85.91 -13.40 -83.29
CA ALA N 577 86.24 -12.42 -82.25
C ALA N 577 87.34 -11.48 -82.73
N HIS N 578 87.77 -11.68 -83.97
CA HIS N 578 88.81 -10.86 -84.59
C HIS N 578 88.38 -9.40 -84.75
N LYS N 579 87.08 -9.15 -84.62
CA LYS N 579 86.54 -7.80 -84.76
C LYS N 579 86.45 -7.08 -83.41
N GLN N 580 86.84 -7.79 -82.36
CA GLN N 580 86.77 -7.23 -81.00
C GLN N 580 88.11 -7.33 -80.26
N VAL N 581 88.63 -8.54 -80.09
CA VAL N 581 89.78 -8.81 -79.23
C VAL N 581 91.03 -7.98 -79.58
N GLN N 582 91.10 -7.47 -80.81
CA GLN N 582 92.29 -6.76 -81.27
C GLN N 582 92.23 -5.23 -81.13
N ARG N 583 91.18 -4.70 -80.50
CA ARG N 583 90.87 -3.28 -80.67
C ARG N 583 91.79 -2.36 -79.86
N PHE N 584 92.54 -1.56 -80.61
CA PHE N 584 93.41 -0.48 -80.11
C PHE N 584 94.31 -0.86 -78.93
N ASP N 585 94.52 0.12 -78.05
CA ASP N 585 95.23 -0.08 -76.80
C ASP N 585 94.25 -0.18 -75.62
N ASP N 586 92.97 0.04 -75.91
CA ASP N 586 91.97 0.17 -74.85
C ASP N 586 91.68 -1.16 -74.20
N ARG N 587 91.11 -2.09 -74.97
CA ARG N 587 90.86 -3.44 -74.49
C ARG N 587 92.10 -4.27 -74.86
N VAL N 588 92.03 -5.58 -74.71
CA VAL N 588 93.20 -6.45 -74.81
C VAL N 588 93.87 -6.42 -76.18
N TRP N 589 95.14 -6.81 -76.20
CA TRP N 589 95.90 -6.93 -77.43
C TRP N 589 96.18 -8.42 -77.65
N PHE N 590 96.84 -8.77 -78.75
CA PHE N 590 97.01 -10.19 -79.05
C PHE N 590 98.16 -10.77 -78.23
N THR N 591 97.80 -11.70 -77.36
CA THR N 591 98.70 -12.32 -76.38
C THR N 591 98.11 -13.67 -76.00
N ASN N 592 98.61 -14.27 -74.92
CA ASN N 592 97.85 -15.30 -74.21
C ASN N 592 97.79 -16.65 -74.95
N HIS N 593 98.54 -16.74 -76.06
CA HIS N 593 98.39 -17.78 -77.07
C HIS N 593 98.08 -19.18 -76.54
N GLY N 594 98.93 -19.74 -75.69
CA GLY N 594 98.68 -21.08 -75.19
C GLY N 594 98.93 -22.16 -76.23
N ARG N 595 97.89 -22.92 -76.57
CA ARG N 595 98.05 -24.12 -77.42
C ARG N 595 98.93 -25.15 -76.71
N PHE N 596 98.29 -25.87 -75.78
CA PHE N 596 98.94 -26.71 -74.77
C PHE N 596 99.76 -25.88 -73.79
N HIS N 597 99.03 -25.11 -72.99
CA HIS N 597 99.60 -24.34 -71.90
C HIS N 597 98.58 -24.29 -70.77
N GLN N 598 99.05 -24.03 -69.55
CA GLN N 598 98.20 -23.80 -68.38
C GLN N 598 97.48 -25.05 -67.87
N HIS N 599 97.62 -26.17 -68.57
CA HIS N 599 97.08 -27.47 -68.11
C HIS N 599 95.61 -27.38 -67.71
N ARG N 600 95.32 -27.53 -66.42
CA ARG N 600 93.96 -27.53 -65.86
C ARG N 600 93.12 -28.73 -66.27
N GLN N 601 91.98 -28.45 -66.90
CA GLN N 601 90.85 -29.37 -66.94
C GLN N 601 90.43 -29.55 -65.48
N ILE N 602 90.28 -28.40 -64.82
CA ILE N 602 90.04 -28.33 -63.38
C ILE N 602 88.58 -27.95 -63.10
N ILE N 603 87.95 -28.67 -62.17
CA ILE N 603 86.52 -28.55 -61.96
C ILE N 603 86.13 -27.62 -60.79
N ASN N 604 87.12 -27.13 -60.05
CA ASN N 604 86.82 -26.33 -58.86
C ASN N 604 86.98 -24.82 -59.05
N LEU N 605 85.86 -24.09 -59.04
CA LEU N 605 85.90 -22.66 -59.25
C LEU N 605 85.94 -21.83 -57.96
N GLY N 606 85.70 -22.48 -56.82
CA GLY N 606 85.60 -21.74 -55.57
C GLY N 606 86.91 -21.45 -54.88
N ASP N 607 87.03 -20.24 -54.33
CA ASP N 607 88.15 -19.87 -53.48
C ASP N 607 87.80 -19.89 -51.99
N ASN N 608 86.55 -20.21 -51.68
CA ASN N 608 86.01 -19.96 -50.34
C ASN N 608 86.50 -20.91 -49.26
N GLU N 609 86.06 -20.64 -48.03
CA GLU N 609 86.45 -21.40 -46.85
C GLU N 609 85.71 -22.73 -46.72
N GLY N 610 86.31 -23.66 -45.97
CA GLY N 610 85.69 -24.93 -45.68
C GLY N 610 86.44 -25.64 -44.55
N ARG N 611 85.80 -26.63 -43.94
CA ARG N 611 86.42 -27.35 -42.83
C ARG N 611 86.42 -28.86 -43.09
N HIS N 612 85.24 -29.46 -43.16
CA HIS N 612 85.14 -30.89 -43.41
C HIS N 612 84.37 -31.22 -44.68
N ALA N 613 84.79 -32.30 -45.35
CA ALA N 613 84.18 -32.73 -46.60
C ALA N 613 84.41 -34.21 -46.86
N VAL N 614 83.57 -34.80 -47.71
CA VAL N 614 83.69 -36.19 -48.14
C VAL N 614 82.61 -36.52 -49.18
N TYR N 615 82.85 -37.56 -49.97
CA TYR N 615 81.91 -38.01 -50.99
C TYR N 615 80.80 -38.90 -50.45
N LEU N 616 79.67 -38.93 -51.16
CA LEU N 616 78.59 -39.86 -50.87
C LEU N 616 78.93 -41.23 -51.43
N HIS N 617 78.53 -42.29 -50.72
CA HIS N 617 78.87 -43.64 -51.10
C HIS N 617 78.17 -44.11 -52.38
N ASN N 618 77.08 -43.42 -52.74
CA ASN N 618 76.34 -43.77 -53.95
C ASN N 618 76.92 -43.08 -55.18
N ASP N 619 77.99 -42.32 -54.97
CA ASP N 619 78.64 -41.54 -56.03
C ASP N 619 77.61 -40.58 -56.64
N PHE N 620 76.81 -39.95 -55.79
CA PHE N 620 75.83 -38.98 -56.24
C PHE N 620 76.21 -37.58 -55.78
N CYS N 621 76.22 -37.37 -54.47
CA CYS N 621 76.49 -36.04 -53.93
C CYS N 621 77.91 -35.91 -53.37
N LEU N 622 78.25 -34.69 -52.97
CA LEU N 622 79.50 -34.41 -52.27
C LEU N 622 79.24 -33.45 -51.12
N ILE N 623 79.49 -33.87 -49.89
CA ILE N 623 79.20 -32.99 -48.76
C ILE N 623 80.45 -32.23 -48.35
N ALA N 624 80.30 -30.92 -48.19
CA ALA N 624 81.39 -30.05 -47.74
C ALA N 624 80.83 -28.88 -46.98
N LEU N 625 81.52 -28.47 -45.91
CA LEU N 625 81.02 -27.41 -45.03
C LEU N 625 81.99 -27.04 -43.93
N ALA N 626 81.81 -25.84 -43.37
CA ALA N 626 82.52 -25.44 -42.16
C ALA N 626 81.56 -24.98 -41.07
N SER N 627 81.06 -23.76 -41.23
CA SER N 627 80.08 -23.19 -40.30
C SER N 627 78.65 -23.28 -40.84
N GLY N 628 78.50 -23.80 -42.05
CA GLY N 628 77.21 -23.80 -42.71
C GLY N 628 76.36 -25.05 -42.48
N GLN N 629 77.02 -26.15 -42.16
CA GLN N 629 76.36 -27.46 -42.01
C GLN N 629 75.43 -27.76 -43.18
N ILE N 630 75.95 -27.61 -44.40
CA ILE N 630 75.13 -27.77 -45.60
C ILE N 630 75.59 -28.96 -46.46
N LEU N 631 74.62 -29.69 -46.99
CA LEU N 631 74.88 -30.78 -47.92
C LEU N 631 74.94 -30.25 -49.35
N LEU N 632 76.02 -30.58 -50.05
CA LEU N 632 76.20 -30.12 -51.42
C LEU N 632 76.22 -31.28 -52.41
N THR N 633 76.44 -30.99 -53.69
CA THR N 633 76.48 -32.04 -54.72
C THR N 633 77.83 -32.28 -55.42
N ASP N 634 78.06 -33.53 -55.84
CA ASP N 634 79.28 -33.96 -56.54
C ASP N 634 78.92 -34.30 -58.00
N VAL N 635 79.68 -33.75 -58.95
CA VAL N 635 79.45 -33.97 -60.40
C VAL N 635 80.55 -34.92 -60.95
N SER N 636 80.15 -35.95 -61.70
CA SER N 636 81.07 -36.93 -62.30
C SER N 636 81.17 -36.64 -63.82
N LEU N 637 82.38 -36.63 -64.39
CA LEU N 637 82.47 -36.24 -65.79
C LEU N 637 81.20 -36.73 -66.48
N GLU N 638 80.66 -35.90 -67.36
CA GLU N 638 79.41 -36.23 -68.04
C GLU N 638 78.67 -34.90 -68.13
N GLY N 639 77.82 -34.74 -69.13
CA GLY N 639 77.10 -33.50 -69.31
C GLY N 639 76.27 -33.07 -68.12
N GLU N 640 75.49 -34.01 -67.58
CA GLU N 640 74.56 -33.70 -66.49
C GLU N 640 75.27 -33.48 -65.16
N ASP N 641 74.79 -32.50 -64.40
CA ASP N 641 75.33 -32.18 -63.09
C ASP N 641 74.16 -31.89 -62.14
N THR N 642 74.42 -31.78 -60.85
CA THR N 642 73.36 -31.53 -59.88
C THR N 642 73.82 -30.56 -58.77
N TYR N 643 72.95 -29.64 -58.38
CA TYR N 643 73.22 -28.76 -57.24
C TYR N 643 72.11 -28.91 -56.20
N LEU N 644 72.45 -28.73 -54.93
CA LEU N 644 71.47 -28.88 -53.86
C LEU N 644 71.80 -28.00 -52.64
N LEU N 645 70.76 -27.52 -51.98
CA LEU N 645 70.92 -26.73 -50.75
C LEU N 645 70.30 -27.45 -49.56
N ARG N 646 70.89 -27.28 -48.38
CA ARG N 646 70.45 -27.99 -47.19
C ARG N 646 70.22 -27.07 -46.00
N ASP N 647 71.30 -26.48 -45.49
CA ASP N 647 71.28 -25.58 -44.34
C ASP N 647 70.71 -26.24 -43.08
N GLU N 648 71.44 -27.24 -42.57
CA GLU N 648 71.09 -27.88 -41.31
C GLU N 648 71.39 -27.00 -40.10
N SER N 649 70.80 -27.34 -38.96
CA SER N 649 71.07 -26.64 -37.71
C SER N 649 72.54 -26.82 -37.34
N ASP N 650 73.06 -25.91 -36.52
CA ASP N 650 74.51 -25.84 -36.33
C ASP N 650 75.09 -26.99 -35.49
N SER N 651 75.99 -27.73 -36.11
CA SER N 651 76.76 -28.78 -35.45
C SER N 651 78.12 -28.24 -35.02
N SER N 652 78.31 -26.93 -35.16
CA SER N 652 79.64 -26.30 -35.15
C SER N 652 80.51 -26.64 -33.94
N ASP N 653 81.82 -26.63 -34.19
CA ASP N 653 82.87 -27.00 -33.24
C ASP N 653 82.91 -28.50 -32.92
N ILE N 654 82.65 -29.31 -33.94
CA ILE N 654 82.94 -30.75 -33.86
C ILE N 654 84.42 -31.03 -34.12
N LEU N 655 84.92 -32.13 -33.56
CA LEU N 655 86.31 -32.51 -33.75
C LEU N 655 86.55 -33.15 -35.12
N ARG N 656 85.68 -34.10 -35.49
CA ARG N 656 85.81 -34.78 -36.78
C ARG N 656 84.41 -35.17 -37.27
N MET N 657 84.32 -35.71 -38.49
CA MET N 657 83.03 -36.06 -39.07
C MET N 657 83.16 -37.25 -40.02
N ALA N 658 82.12 -38.06 -40.10
CA ALA N 658 82.11 -39.22 -40.99
C ALA N 658 80.73 -39.43 -41.62
N VAL N 659 80.59 -40.52 -42.37
CA VAL N 659 79.34 -40.84 -43.03
C VAL N 659 79.06 -42.34 -42.90
N PHE N 660 77.78 -42.70 -42.77
CA PHE N 660 77.39 -44.09 -42.57
C PHE N 660 77.03 -44.70 -43.93
N ASN N 661 76.73 -46.00 -43.96
CA ASN N 661 76.55 -46.70 -45.23
C ASN N 661 75.17 -46.51 -45.87
N GLN N 662 74.13 -46.45 -45.05
CA GLN N 662 72.77 -46.33 -45.57
C GLN N 662 72.29 -44.88 -45.62
N GLN N 663 73.19 -43.96 -45.27
CA GLN N 663 73.05 -42.50 -45.42
C GLN N 663 71.89 -41.92 -44.59
N LYS N 664 71.09 -42.78 -43.98
CA LYS N 664 69.97 -42.32 -43.16
C LYS N 664 70.46 -41.97 -41.76
N HIS N 665 71.67 -42.39 -41.44
CA HIS N 665 72.28 -42.11 -40.14
C HIS N 665 73.55 -41.28 -40.31
N LEU N 666 73.75 -40.32 -39.41
CA LEU N 666 74.94 -39.47 -39.45
C LEU N 666 75.59 -39.39 -38.08
N ILE N 667 76.84 -39.85 -38.00
CA ILE N 667 77.57 -39.83 -36.73
C ILE N 667 78.17 -38.45 -36.47
N THR N 668 78.05 -37.99 -35.23
CA THR N 668 78.57 -36.68 -34.85
C THR N 668 79.10 -36.71 -33.42
N LEU N 669 80.24 -36.07 -33.19
CA LEU N 669 80.83 -35.98 -31.86
C LEU N 669 81.35 -34.57 -31.59
N HIS N 670 81.29 -34.15 -30.34
CA HIS N 670 81.66 -32.78 -29.98
C HIS N 670 82.91 -32.73 -29.11
N CYS N 671 83.28 -31.52 -28.70
CA CYS N 671 84.42 -31.30 -27.81
C CYS N 671 84.25 -32.07 -26.50
N ASN N 672 83.25 -31.69 -25.72
CA ASN N 672 82.92 -32.41 -24.50
C ASN N 672 82.27 -33.76 -24.81
N GLY N 673 81.85 -33.92 -26.05
CA GLY N 673 81.28 -35.17 -26.52
C GLY N 673 79.76 -35.15 -26.58
N SER N 674 79.21 -35.85 -27.56
CA SER N 674 77.78 -35.94 -27.80
C SER N 674 77.51 -36.83 -29.01
N VAL N 675 76.26 -37.23 -29.18
CA VAL N 675 75.86 -37.99 -30.36
C VAL N 675 74.64 -37.35 -31.03
N LYS N 676 74.83 -36.84 -32.25
CA LYS N 676 73.75 -36.17 -32.95
C LYS N 676 73.50 -36.81 -34.32
N LEU N 677 72.29 -37.33 -34.51
CA LEU N 677 71.92 -38.02 -35.73
C LEU N 677 71.14 -37.12 -36.68
N TRP N 678 71.40 -37.26 -37.97
CA TRP N 678 70.69 -36.49 -39.00
C TRP N 678 70.18 -37.38 -40.12
N SER N 679 69.30 -36.84 -40.94
CA SER N 679 68.76 -37.56 -42.10
C SER N 679 68.95 -36.74 -43.36
N LEU N 680 69.54 -37.35 -44.38
CA LEU N 680 69.80 -36.66 -45.64
C LEU N 680 68.52 -36.44 -46.43
N TRP N 681 67.47 -37.16 -46.07
CA TRP N 681 66.17 -36.99 -46.70
C TRP N 681 65.57 -35.64 -46.34
N PRO N 682 65.34 -34.79 -47.36
CA PRO N 682 64.80 -33.45 -47.15
C PRO N 682 63.36 -33.46 -46.65
N ASN N 699 67.75 -35.31 -29.84
CA ASN N 699 68.46 -36.24 -30.70
C ASN N 699 69.82 -36.64 -30.10
N SER N 700 70.10 -36.13 -28.91
CA SER N 700 71.37 -36.41 -28.25
C SER N 700 71.17 -36.79 -26.78
N VAL N 701 71.63 -37.98 -26.41
CA VAL N 701 71.52 -38.42 -25.02
C VAL N 701 72.86 -38.91 -24.45
N VAL N 702 73.35 -38.16 -23.47
CA VAL N 702 74.59 -38.50 -22.77
C VAL N 702 74.21 -39.22 -21.47
N LYS N 703 72.90 -39.36 -21.25
CA LYS N 703 72.36 -39.81 -19.97
C LYS N 703 72.52 -41.32 -19.77
N ARG N 704 71.88 -41.83 -18.72
CA ARG N 704 71.96 -43.23 -18.29
C ARG N 704 73.38 -43.61 -17.90
N PHE N 705 73.84 -44.74 -18.43
CA PHE N 705 75.15 -45.29 -18.07
C PHE N 705 76.29 -44.32 -18.38
N ILE N 706 77.29 -44.32 -17.51
CA ILE N 706 78.48 -43.47 -17.63
C ILE N 706 78.01 -42.00 -17.75
N GLY N 707 78.26 -41.36 -18.88
CA GLY N 707 77.87 -39.97 -19.06
C GLY N 707 78.62 -39.03 -18.15
N SER N 708 79.92 -39.30 -17.97
CA SER N 708 80.76 -38.47 -17.11
C SER N 708 81.00 -37.09 -17.70
N TYR N 709 81.37 -36.14 -16.85
CA TYR N 709 81.63 -34.77 -17.30
C TYR N 709 83.13 -34.53 -17.46
N ALA N 710 83.56 -34.37 -18.70
CA ALA N 710 84.97 -34.21 -19.05
C ALA N 710 85.12 -33.95 -20.54
N ASN N 711 86.35 -33.67 -20.97
CA ASN N 711 86.64 -33.40 -22.37
C ASN N 711 86.86 -34.68 -23.16
N LEU N 712 86.24 -34.76 -24.34
CA LEU N 712 86.39 -35.93 -25.20
C LEU N 712 87.55 -35.76 -26.18
N LYS N 713 88.34 -36.80 -26.35
CA LYS N 713 89.48 -36.77 -27.26
C LYS N 713 89.06 -37.09 -28.70
N ILE N 714 90.05 -37.28 -29.57
CA ILE N 714 89.81 -37.59 -30.97
C ILE N 714 89.41 -39.07 -31.11
N VAL N 715 89.61 -39.82 -30.02
CA VAL N 715 89.39 -41.26 -30.01
C VAL N 715 87.99 -41.67 -30.47
N ALA N 716 87.95 -42.56 -31.46
CA ALA N 716 86.71 -43.11 -32.00
C ALA N 716 87.03 -44.16 -33.06
N PHE N 717 86.06 -45.02 -33.36
CA PHE N 717 86.24 -46.12 -34.30
C PHE N 717 84.95 -46.93 -34.49
N TYR N 718 84.99 -47.86 -35.43
CA TYR N 718 83.83 -48.69 -35.71
C TYR N 718 84.12 -50.17 -35.44
N LEU N 719 83.17 -50.86 -34.81
CA LEU N 719 83.33 -52.28 -34.52
C LEU N 719 82.48 -53.14 -35.44
N ASN N 720 82.56 -54.45 -35.26
CA ASN N 720 81.74 -55.39 -36.00
C ASN N 720 80.47 -55.72 -35.22
N GLU N 721 79.69 -56.68 -35.70
CA GLU N 721 78.46 -57.06 -35.03
C GLU N 721 78.69 -58.21 -34.06
N ASP N 722 78.61 -57.93 -32.76
CA ASP N 722 78.80 -58.93 -31.73
C ASP N 722 77.48 -59.50 -31.22
N ALA N 723 76.37 -58.97 -31.74
CA ALA N 723 75.05 -59.37 -31.26
C ALA N 723 74.35 -60.28 -32.26
N GLY N 724 73.93 -59.72 -33.39
CA GLY N 724 73.21 -60.48 -34.40
C GLY N 724 74.04 -61.57 -35.04
N LEU N 725 75.20 -61.20 -35.57
CA LEU N 725 76.09 -62.15 -36.22
C LEU N 725 77.52 -61.64 -36.24
N ILE N 730 74.41 -57.18 -40.11
CA ILE N 730 73.28 -56.31 -39.82
C ILE N 730 73.69 -54.85 -39.86
N GLN N 731 74.78 -54.53 -39.15
CA GLN N 731 75.24 -53.16 -39.01
C GLN N 731 76.55 -53.14 -38.21
N LEU N 732 77.30 -52.05 -38.33
CA LEU N 732 78.56 -51.91 -37.61
C LEU N 732 78.39 -50.94 -36.43
N HIS N 733 78.81 -51.39 -35.25
CA HIS N 733 78.64 -50.59 -34.04
C HIS N 733 79.67 -49.47 -33.95
N VAL N 734 79.55 -48.66 -32.90
CA VAL N 734 80.45 -47.53 -32.68
C VAL N 734 80.96 -47.53 -31.23
N ALA N 735 82.26 -47.32 -31.06
CA ALA N 735 82.83 -47.28 -29.71
C ALA N 735 83.98 -46.27 -29.64
N PHE N 736 84.12 -45.66 -28.46
CA PHE N 736 85.18 -44.67 -28.25
C PHE N 736 85.53 -44.52 -26.77
N ILE N 737 86.49 -43.66 -26.46
CA ILE N 737 86.97 -43.49 -25.09
C ILE N 737 86.86 -42.04 -24.63
N ASN N 738 86.16 -41.83 -23.52
CA ASN N 738 86.00 -40.51 -22.94
C ASN N 738 87.19 -40.11 -22.07
N GLY N 739 87.03 -39.01 -21.33
CA GLY N 739 88.06 -38.56 -20.40
C GLY N 739 87.95 -39.29 -19.07
N ASP N 740 87.12 -40.33 -19.04
CA ASP N 740 86.93 -41.14 -17.84
C ASP N 740 87.91 -42.30 -17.80
N VAL N 741 88.86 -42.29 -18.74
CA VAL N 741 89.88 -43.34 -18.94
C VAL N 741 89.29 -44.74 -18.86
N SER N 742 88.14 -44.91 -19.51
CA SER N 742 87.48 -46.22 -19.61
C SER N 742 86.81 -46.36 -20.97
N ILE N 743 86.81 -47.57 -21.51
CA ILE N 743 86.26 -47.81 -22.84
C ILE N 743 84.73 -47.68 -22.82
N LEU N 744 84.18 -47.10 -23.88
CA LEU N 744 82.74 -46.93 -24.01
C LEU N 744 82.23 -47.53 -25.33
N ASN N 745 81.29 -48.45 -25.23
CA ASN N 745 80.72 -49.12 -26.39
C ASN N 745 79.27 -48.73 -26.63
N TRP N 746 78.88 -48.69 -27.90
CA TRP N 746 77.50 -48.36 -28.27
C TRP N 746 76.94 -49.43 -29.21
N ASP N 747 75.82 -50.04 -28.80
CA ASP N 747 75.20 -51.08 -29.61
C ASP N 747 74.00 -50.55 -30.37
N GLU N 748 74.15 -50.43 -31.69
CA GLU N 748 73.07 -49.95 -32.56
C GLU N 748 72.81 -50.88 -33.73
N GLN N 749 71.68 -51.60 -33.69
CA GLN N 749 71.28 -52.40 -34.85
C GLN N 749 70.11 -51.86 -35.70
N ASP N 750 69.39 -50.86 -35.21
CA ASP N 750 68.21 -50.40 -35.94
C ASP N 750 68.04 -48.88 -36.06
N GLN N 751 67.64 -48.26 -34.96
CA GLN N 751 67.26 -46.85 -34.96
C GLN N 751 67.89 -46.06 -33.81
N GLU N 752 67.49 -46.39 -32.59
CA GLU N 752 67.96 -45.71 -31.39
C GLU N 752 68.85 -46.60 -30.56
N PHE N 753 69.78 -45.99 -29.83
CA PHE N 753 70.78 -46.74 -29.06
C PHE N 753 70.17 -47.59 -27.96
N LYS N 754 70.87 -48.67 -27.62
CA LYS N 754 70.38 -49.65 -26.64
C LYS N 754 71.18 -49.61 -25.35
N LEU N 755 72.47 -49.90 -25.45
CA LEU N 755 73.36 -50.04 -24.29
C LEU N 755 72.88 -51.16 -23.36
N SER N 756 72.99 -52.39 -23.84
CA SER N 756 72.54 -53.55 -23.08
C SER N 756 73.50 -53.92 -21.96
N HIS N 757 72.97 -53.95 -20.74
CA HIS N 757 73.70 -54.34 -19.54
C HIS N 757 75.01 -53.58 -19.33
N VAL N 758 76.04 -54.31 -18.91
CA VAL N 758 77.33 -53.72 -18.57
C VAL N 758 78.30 -53.69 -19.75
N PRO N 759 79.26 -52.75 -19.71
CA PRO N 759 80.36 -52.70 -20.68
C PRO N 759 81.26 -53.93 -20.61
N VAL N 760 81.14 -54.69 -19.52
CA VAL N 760 81.80 -55.98 -19.31
C VAL N 760 83.29 -55.83 -18.98
N LEU N 761 83.85 -54.66 -19.27
CA LEU N 761 85.27 -54.40 -19.04
C LEU N 761 85.63 -52.95 -19.37
N LYS N 762 86.77 -52.49 -18.86
CA LYS N 762 87.26 -51.14 -19.14
C LYS N 762 88.66 -51.19 -19.74
N THR N 763 89.22 -50.02 -20.02
CA THR N 763 90.55 -49.93 -20.60
C THR N 763 91.45 -49.01 -19.78
N MET N 764 92.66 -49.48 -19.50
CA MET N 764 93.62 -48.72 -18.69
C MET N 764 94.07 -47.45 -19.39
N GLN N 765 94.12 -46.36 -18.63
CA GLN N 765 94.50 -45.03 -19.13
C GLN N 765 93.70 -44.62 -20.37
N SER N 766 94.39 -43.99 -21.32
CA SER N 766 93.75 -43.58 -22.57
C SER N 766 94.75 -43.51 -23.72
N GLY N 767 94.28 -43.83 -24.92
CA GLY N 767 95.10 -43.71 -26.12
C GLY N 767 94.63 -42.57 -27.01
N ILE N 768 95.07 -42.58 -28.26
CA ILE N 768 94.57 -41.63 -29.26
C ILE N 768 93.93 -42.39 -30.43
N ARG N 769 94.69 -43.23 -31.12
CA ARG N 769 94.15 -43.97 -32.26
C ARG N 769 93.89 -45.42 -31.88
N CYS N 770 92.63 -45.79 -31.76
CA CYS N 770 92.25 -47.15 -31.35
C CYS N 770 91.33 -47.78 -32.38
N PHE N 771 91.53 -49.06 -32.68
CA PHE N 771 90.65 -49.73 -33.63
C PHE N 771 90.70 -51.25 -33.45
N VAL N 772 89.72 -51.95 -34.01
CA VAL N 772 89.64 -53.40 -33.87
C VAL N 772 90.45 -54.15 -34.94
N GLN N 773 91.10 -55.23 -34.53
CA GLN N 773 91.83 -56.08 -35.48
C GLN N 773 90.87 -56.96 -36.26
N VAL N 774 91.43 -57.88 -37.03
CA VAL N 774 90.64 -58.85 -37.78
C VAL N 774 89.87 -59.77 -36.85
N LEU N 775 90.34 -59.88 -35.60
CA LEU N 775 89.64 -60.62 -34.57
C LEU N 775 88.95 -59.66 -33.62
N LYS N 776 87.71 -59.98 -33.25
CA LYS N 776 86.91 -59.11 -32.38
C LYS N 776 87.36 -59.18 -30.92
N ARG N 777 88.28 -60.11 -30.63
CA ARG N 777 88.74 -60.30 -29.26
C ARG N 777 89.91 -59.38 -28.90
N TYR N 778 90.48 -58.73 -29.92
CA TYR N 778 91.65 -57.88 -29.72
C TYR N 778 91.46 -56.48 -30.28
N TYR N 779 91.94 -55.49 -29.54
CA TYR N 779 91.82 -54.09 -29.94
C TYR N 779 93.19 -53.40 -29.92
N VAL N 780 93.63 -52.88 -31.06
CA VAL N 780 94.88 -52.13 -31.07
C VAL N 780 94.67 -50.71 -30.56
N VAL N 781 95.57 -50.31 -29.65
CA VAL N 781 95.49 -49.02 -28.98
C VAL N 781 96.78 -48.23 -29.16
N CYS N 782 96.64 -46.99 -29.62
CA CYS N 782 97.79 -46.12 -29.81
C CYS N 782 97.62 -44.83 -29.01
N THR N 783 98.64 -44.47 -28.25
CA THR N 783 98.61 -43.29 -27.39
C THR N 783 99.33 -42.12 -28.02
N SER N 784 99.41 -41.01 -27.28
CA SER N 784 100.06 -39.80 -27.75
C SER N 784 101.57 -39.87 -27.57
N ASN N 785 102.03 -40.95 -26.94
CA ASN N 785 103.46 -41.14 -26.71
C ASN N 785 104.11 -41.90 -27.88
N CYS N 786 103.31 -42.16 -28.91
CA CYS N 786 103.77 -42.87 -30.11
C CYS N 786 104.33 -44.24 -29.78
N THR N 787 103.63 -44.98 -28.92
CA THR N 787 104.02 -46.33 -28.56
C THR N 787 102.92 -47.33 -28.91
N LEU N 788 103.29 -48.59 -29.05
CA LEU N 788 102.33 -49.63 -29.40
C LEU N 788 101.94 -50.44 -28.17
N THR N 789 100.68 -50.30 -27.75
CA THR N 789 100.16 -51.03 -26.59
C THR N 789 98.83 -51.69 -26.94
N VAL N 790 98.48 -52.73 -26.18
CA VAL N 790 97.24 -53.45 -26.43
C VAL N 790 96.57 -53.93 -25.14
N TRP N 791 95.25 -53.77 -25.08
CA TRP N 791 94.46 -54.34 -24.00
C TRP N 791 93.43 -55.31 -24.57
N ASP N 792 93.58 -56.59 -24.24
CA ASP N 792 92.72 -57.63 -24.78
C ASP N 792 91.29 -57.52 -24.24
N LEU N 793 90.31 -57.75 -25.12
CA LEU N 793 88.92 -57.73 -24.72
C LEU N 793 88.59 -58.92 -23.85
N THR N 794 88.95 -60.12 -24.31
CA THR N 794 88.78 -61.33 -23.53
C THR N 794 90.14 -61.77 -22.97
N ASN N 795 90.11 -62.85 -22.18
CA ASN N 795 91.31 -63.38 -21.54
C ASN N 795 92.14 -62.32 -20.83
N GLY N 796 91.58 -61.72 -19.79
CA GLY N 796 92.25 -60.65 -19.08
C GLY N 796 92.17 -59.33 -19.81
N SER N 797 92.90 -58.33 -19.33
CA SER N 797 92.92 -57.02 -19.97
C SER N 797 94.28 -56.74 -20.62
N SER N 798 95.27 -56.46 -19.79
CA SER N 798 96.62 -56.21 -20.28
C SER N 798 97.44 -57.50 -20.24
N ASN N 799 97.99 -57.89 -21.39
CA ASN N 799 98.70 -59.16 -21.48
C ASN N 799 100.19 -58.98 -21.79
N THR N 800 100.50 -58.67 -23.04
CA THR N 800 101.90 -58.64 -23.47
C THR N 800 102.16 -57.79 -24.71
N LEU N 801 103.36 -57.95 -25.26
CA LEU N 801 103.79 -57.33 -26.51
C LEU N 801 103.79 -55.80 -26.48
N GLU N 802 104.63 -55.24 -25.62
CA GLU N 802 104.93 -53.81 -25.64
C GLU N 802 106.24 -53.61 -26.39
N LEU N 803 106.84 -54.73 -26.81
CA LEU N 803 108.21 -54.78 -27.30
C LEU N 803 108.43 -54.30 -28.74
N HIS N 804 109.66 -53.85 -29.00
CA HIS N 804 110.16 -53.57 -30.34
C HIS N 804 109.35 -52.55 -31.16
N VAL N 805 109.43 -51.29 -30.76
CA VAL N 805 108.95 -50.19 -31.60
C VAL N 805 110.12 -49.61 -32.39
N PHE N 806 109.89 -49.30 -33.66
CA PHE N 806 110.97 -48.86 -34.55
C PHE N 806 111.61 -47.53 -34.13
N ASN N 807 110.81 -46.49 -34.05
CA ASN N 807 111.34 -45.17 -33.69
C ASN N 807 110.45 -44.42 -32.70
N VAL N 808 111.03 -44.07 -31.56
CA VAL N 808 110.32 -43.29 -30.54
C VAL N 808 110.54 -41.80 -30.72
N GLU N 809 111.45 -41.43 -31.61
CA GLU N 809 111.79 -40.03 -31.84
C GLU N 809 111.09 -39.47 -33.06
N ASN N 810 110.16 -38.55 -32.83
CA ASN N 810 109.44 -37.89 -33.92
C ASN N 810 110.25 -36.75 -34.52
N ASP N 811 110.00 -36.44 -35.78
CA ASP N 811 110.61 -35.29 -36.43
C ASP N 811 110.06 -34.00 -35.82
N THR N 812 108.75 -33.95 -35.64
CA THR N 812 108.07 -32.86 -34.95
C THR N 812 107.10 -33.44 -33.94
N PRO N 813 106.97 -32.79 -32.77
CA PRO N 813 106.08 -33.32 -31.73
C PRO N 813 104.63 -33.40 -32.19
N LEU N 814 104.04 -34.59 -32.05
CA LEU N 814 102.67 -34.87 -32.49
C LEU N 814 102.12 -36.09 -31.77
N ALA N 815 100.94 -36.54 -32.20
CA ALA N 815 100.38 -37.80 -31.73
C ALA N 815 100.66 -38.88 -32.77
N LEU N 816 100.23 -40.10 -32.49
CA LEU N 816 100.43 -41.20 -33.44
C LEU N 816 99.44 -41.05 -34.58
N ASP N 817 99.83 -41.56 -35.76
CA ASP N 817 99.05 -41.36 -36.98
C ASP N 817 97.79 -42.24 -37.02
N VAL N 818 97.10 -42.21 -38.17
CA VAL N 818 95.85 -42.93 -38.33
C VAL N 818 96.07 -44.39 -38.70
N PHE N 819 95.43 -45.29 -37.94
CA PHE N 819 95.49 -46.72 -38.21
C PHE N 819 94.52 -47.09 -39.32
N ASP N 820 94.89 -48.04 -40.16
CA ASP N 820 94.08 -48.39 -41.33
C ASP N 820 93.73 -49.87 -41.42
N GLU N 821 93.06 -50.24 -42.51
CA GLU N 821 92.66 -51.63 -42.75
C GLU N 821 92.95 -52.09 -44.18
N ARG N 822 92.87 -53.39 -44.39
CA ARG N 822 93.05 -53.98 -45.71
C ARG N 822 91.81 -54.79 -46.11
N SER N 823 91.84 -55.35 -47.31
CA SER N 823 90.73 -56.18 -47.78
C SER N 823 90.92 -57.62 -47.35
N LYS N 824 92.12 -57.93 -46.85
CA LYS N 824 92.44 -59.27 -46.37
C LYS N 824 91.88 -59.51 -44.97
N THR N 825 91.66 -60.79 -44.65
CA THR N 825 91.13 -61.16 -43.35
C THR N 825 92.25 -61.40 -42.34
N ALA N 826 93.48 -61.17 -42.76
CA ALA N 826 94.64 -61.36 -41.90
C ALA N 826 95.53 -60.12 -41.87
N THR N 827 96.14 -59.82 -43.03
CA THR N 827 97.03 -58.67 -43.16
C THR N 827 96.32 -57.35 -42.90
N VAL N 828 96.87 -56.54 -42.01
CA VAL N 828 96.31 -55.22 -41.74
C VAL N 828 97.28 -54.11 -42.13
N LEU N 829 96.83 -52.87 -42.00
CA LEU N 829 97.58 -51.73 -42.50
C LEU N 829 97.76 -50.63 -41.45
N LEU N 830 98.91 -49.98 -41.49
CA LEU N 830 99.23 -48.89 -40.58
C LEU N 830 100.23 -47.94 -41.25
N ILE N 831 100.22 -46.67 -40.83
CA ILE N 831 101.19 -45.72 -41.34
C ILE N 831 101.74 -44.85 -40.22
N PHE N 832 103.06 -44.69 -40.18
CA PHE N 832 103.69 -43.85 -39.18
C PHE N 832 104.65 -42.86 -39.81
N LYS N 833 104.30 -41.57 -39.73
CA LYS N 833 105.12 -40.49 -40.27
C LYS N 833 105.53 -40.73 -41.72
N TYR N 834 106.84 -40.83 -41.97
CA TYR N 834 107.36 -40.96 -43.32
C TYR N 834 107.45 -42.42 -43.77
N SER N 835 107.07 -43.34 -42.87
CA SER N 835 107.14 -44.76 -43.17
C SER N 835 105.77 -45.42 -43.13
N VAL N 836 105.63 -46.52 -43.86
CA VAL N 836 104.38 -47.26 -43.89
C VAL N 836 104.57 -48.66 -43.32
N TRP N 837 103.77 -48.98 -42.30
CA TRP N 837 103.89 -50.26 -41.62
C TRP N 837 102.74 -51.20 -41.99
N ARG N 838 103.03 -52.24 -42.76
CA ARG N 838 102.04 -53.24 -43.09
C ARG N 838 102.18 -54.43 -42.14
N LEU N 839 101.11 -54.75 -41.44
CA LEU N 839 101.19 -55.73 -40.36
C LEU N 839 100.39 -57.01 -40.65
N ASN N 840 100.50 -57.96 -39.74
CA ASN N 840 99.97 -59.30 -39.89
C ASN N 840 99.70 -59.96 -38.54
N PHE N 841 99.00 -61.08 -38.56
CA PHE N 841 98.82 -61.88 -37.36
C PHE N 841 100.18 -62.36 -36.88
N LEU N 842 100.26 -62.73 -35.59
CA LEU N 842 101.50 -62.90 -34.82
C LEU N 842 101.96 -61.50 -34.35
N PRO N 843 102.83 -61.43 -33.32
CA PRO N 843 103.12 -60.16 -32.64
C PRO N 843 103.40 -58.95 -33.54
N GLY N 844 104.18 -59.12 -34.60
CA GLY N 844 104.41 -58.01 -35.50
C GLY N 844 105.74 -58.04 -36.25
N LEU N 845 106.15 -56.85 -36.71
CA LEU N 845 107.37 -56.68 -37.49
C LEU N 845 107.30 -57.57 -38.73
N SER N 846 106.43 -57.18 -39.67
CA SER N 846 106.23 -57.96 -40.87
C SER N 846 106.69 -57.21 -42.12
N VAL N 847 105.93 -56.19 -42.53
CA VAL N 847 106.26 -55.45 -43.73
C VAL N 847 106.47 -53.97 -43.45
N SER N 848 107.54 -53.42 -44.01
CA SER N 848 107.82 -51.98 -43.89
C SER N 848 108.16 -51.39 -45.25
N LEU N 849 107.33 -50.44 -45.70
CA LEU N 849 107.49 -49.89 -47.04
C LEU N 849 107.51 -48.36 -47.05
N GLN N 850 108.25 -47.80 -48.01
CA GLN N 850 108.29 -46.36 -48.25
C GLN N 850 108.30 -46.10 -49.75
N SER N 851 107.46 -45.18 -50.21
CA SER N 851 107.39 -44.86 -51.63
C SER N 851 108.67 -44.15 -52.07
N GLU N 852 108.99 -43.04 -51.40
CA GLU N 852 110.21 -42.28 -51.67
C GLU N 852 110.42 -41.23 -50.59
N ALA N 853 111.50 -40.45 -50.74
CA ALA N 853 111.81 -39.41 -49.78
C ALA N 853 110.93 -38.18 -49.97
N VAL N 854 111.15 -37.17 -49.14
CA VAL N 854 110.38 -35.92 -49.23
C VAL N 854 110.84 -35.07 -50.40
N GLY N 859 107.47 -30.98 -44.20
CA GLY N 859 106.74 -30.52 -43.04
C GLY N 859 106.21 -31.65 -42.20
N SER N 860 105.32 -31.33 -41.26
CA SER N 860 104.73 -32.33 -40.39
C SER N 860 103.66 -33.14 -41.12
N PHE N 861 103.45 -34.38 -40.68
CA PHE N 861 102.46 -35.25 -41.29
C PHE N 861 101.11 -35.10 -40.61
N ILE N 862 100.10 -34.67 -41.38
CA ILE N 862 98.76 -34.46 -40.85
C ILE N 862 97.68 -35.20 -41.66
N THR N 863 97.54 -34.86 -42.94
CA THR N 863 96.47 -35.40 -43.76
C THR N 863 96.88 -36.67 -44.51
N CYS N 864 95.93 -37.60 -44.63
CA CYS N 864 96.17 -38.85 -45.33
C CYS N 864 94.89 -39.38 -45.94
N GLY N 865 95.00 -40.08 -47.06
CA GLY N 865 93.86 -40.63 -47.74
C GLY N 865 93.70 -42.12 -47.52
N LYS N 866 92.88 -42.76 -48.34
CA LYS N 866 92.59 -44.19 -48.23
C LYS N 866 91.68 -44.62 -49.38
N ARG N 867 91.62 -45.91 -49.66
CA ARG N 867 90.78 -46.45 -50.73
C ARG N 867 90.16 -47.77 -50.31
N SER N 868 89.04 -48.14 -50.93
CA SER N 868 88.34 -49.37 -50.59
C SER N 868 88.03 -50.22 -51.82
N THR N 869 87.14 -49.72 -52.67
CA THR N 869 86.69 -50.45 -53.85
C THR N 869 87.76 -50.40 -54.94
N ASP N 870 88.66 -49.43 -54.83
CA ASP N 870 89.70 -49.21 -55.84
C ASP N 870 90.76 -50.32 -55.80
N GLY N 871 90.63 -51.24 -54.85
CA GLY N 871 91.62 -52.29 -54.67
C GLY N 871 92.51 -52.05 -53.46
N ARG N 872 92.07 -51.14 -52.59
CA ARG N 872 92.75 -50.87 -51.32
C ARG N 872 94.18 -50.39 -51.55
N TYR N 873 94.33 -49.36 -52.39
CA TYR N 873 95.62 -48.73 -52.60
C TYR N 873 95.74 -47.53 -51.67
N LEU N 874 96.88 -47.37 -51.01
CA LEU N 874 97.00 -46.42 -49.92
C LEU N 874 97.55 -45.06 -50.34
N LEU N 875 96.71 -44.03 -50.25
CA LEU N 875 97.14 -42.65 -50.46
C LEU N 875 98.02 -42.20 -49.30
N LEU N 876 99.18 -41.63 -49.61
CA LEU N 876 100.12 -41.26 -48.55
C LEU N 876 101.18 -40.25 -49.01
N GLY N 877 102.01 -39.83 -48.06
CA GLY N 877 103.16 -39.00 -48.36
C GLY N 877 103.75 -38.32 -47.14
N THR N 878 104.98 -37.81 -47.28
CA THR N 878 105.61 -37.02 -46.23
C THR N 878 104.82 -35.76 -45.90
N SER N 879 104.85 -34.80 -46.82
CA SER N 879 104.11 -33.55 -46.71
C SER N 879 103.34 -33.31 -48.00
N GLU N 880 104.09 -33.16 -49.09
CA GLU N 880 103.54 -33.04 -50.43
C GLU N 880 102.50 -31.93 -50.60
N GLY N 881 102.98 -30.68 -50.57
CA GLY N 881 102.17 -29.55 -50.96
C GLY N 881 101.98 -29.59 -52.47
N LEU N 882 102.72 -30.47 -53.13
CA LEU N 882 102.60 -30.69 -54.56
C LEU N 882 102.74 -32.17 -54.88
N ILE N 883 101.87 -32.67 -55.76
CA ILE N 883 101.91 -34.05 -56.25
C ILE N 883 101.78 -35.04 -55.08
N VAL N 884 100.57 -35.15 -54.55
CA VAL N 884 100.25 -36.14 -53.52
C VAL N 884 100.46 -37.54 -54.08
N TYR N 885 101.04 -38.43 -53.28
CA TYR N 885 101.45 -39.75 -53.74
C TYR N 885 100.45 -40.85 -53.41
N ASP N 886 100.29 -41.79 -54.34
CA ASP N 886 99.48 -42.99 -54.11
C ASP N 886 100.35 -44.24 -54.16
N LEU N 887 100.07 -45.18 -53.28
CA LEU N 887 100.86 -46.41 -53.22
C LEU N 887 100.03 -47.64 -53.57
N LYS N 888 100.41 -48.31 -54.65
CA LYS N 888 99.78 -49.56 -55.07
C LYS N 888 100.34 -50.70 -54.24
N ILE N 889 99.52 -51.73 -54.01
CA ILE N 889 99.90 -52.86 -53.18
C ILE N 889 101.16 -53.56 -53.68
N SER N 890 102.14 -53.70 -52.78
CA SER N 890 103.36 -54.47 -53.00
C SER N 890 104.30 -53.89 -54.07
N ASP N 891 103.86 -52.85 -54.76
CA ASP N 891 104.68 -52.25 -55.81
C ASP N 891 104.92 -50.76 -55.57
N PRO N 892 106.14 -50.29 -55.85
CA PRO N 892 106.52 -48.88 -55.72
C PRO N 892 106.30 -48.08 -57.01
N VAL N 893 105.05 -47.85 -57.38
CA VAL N 893 104.76 -47.10 -58.60
C VAL N 893 103.70 -46.02 -58.33
N LEU N 894 103.86 -44.86 -58.98
CA LEU N 894 102.94 -43.75 -58.82
C LEU N 894 102.10 -43.53 -60.07
N ARG N 895 100.81 -43.85 -59.99
CA ARG N 895 99.90 -43.67 -61.12
C ARG N 895 99.12 -42.37 -61.02
N SER N 896 99.34 -41.62 -59.95
CA SER N 896 98.59 -40.40 -59.70
C SER N 896 99.45 -39.14 -59.89
N ASN N 897 98.81 -38.06 -60.32
CA ASN N 897 99.51 -36.79 -60.55
C ASN N 897 98.64 -35.60 -60.13
N VAL N 898 99.28 -34.58 -59.56
CA VAL N 898 98.57 -33.39 -59.14
C VAL N 898 99.07 -32.13 -59.83
N SER N 899 98.24 -31.56 -60.69
CA SER N 899 98.57 -30.32 -61.38
C SER N 899 97.94 -29.11 -60.70
N GLU N 900 97.17 -29.35 -59.65
CA GLU N 900 96.45 -28.29 -58.96
C GLU N 900 97.20 -27.79 -57.73
N HIS N 901 98.38 -28.36 -57.51
CA HIS N 901 99.18 -28.16 -56.30
C HIS N 901 98.30 -28.51 -55.09
N ILE N 902 98.44 -27.78 -53.98
CA ILE N 902 97.56 -27.86 -52.82
C ILE N 902 98.11 -27.00 -51.68
N GLU N 903 97.28 -26.70 -50.68
CA GLU N 903 97.74 -26.07 -49.46
C GLU N 903 97.55 -27.08 -48.33
N CYS N 904 97.98 -26.76 -47.11
CA CYS N 904 97.85 -27.70 -46.01
C CYS N 904 97.23 -27.09 -44.76
N VAL N 905 96.02 -27.53 -44.42
CA VAL N 905 95.37 -27.13 -43.18
C VAL N 905 94.80 -28.32 -42.40
N ASP N 906 93.85 -29.05 -42.98
CA ASP N 906 93.14 -30.11 -42.28
C ASP N 906 93.48 -31.50 -42.80
N ILE N 907 92.84 -32.50 -42.20
CA ILE N 907 93.21 -33.90 -42.42
C ILE N 907 92.34 -34.61 -43.46
N TYR N 908 91.33 -33.93 -43.98
CA TYR N 908 90.32 -34.61 -44.80
C TYR N 908 90.81 -34.88 -46.23
N GLU N 909 90.85 -36.17 -46.58
CA GLU N 909 91.11 -36.59 -47.95
C GLU N 909 90.51 -37.98 -48.20
N LEU N 910 90.05 -38.23 -49.42
CA LEU N 910 89.49 -39.53 -49.80
C LEU N 910 89.09 -39.54 -51.28
N PHE N 911 88.98 -40.74 -51.84
CA PHE N 911 88.63 -40.92 -53.25
C PHE N 911 87.38 -41.77 -53.45
N ASP N 912 86.56 -41.37 -54.42
CA ASP N 912 85.31 -42.06 -54.74
C ASP N 912 85.52 -43.45 -55.33
N PRO N 913 84.52 -44.38 -55.03
CA PRO N 913 84.75 -45.72 -55.61
C PRO N 913 84.76 -45.71 -57.13
N VAL N 914 83.89 -44.89 -57.73
CA VAL N 914 83.76 -44.76 -59.19
C VAL N 914 82.69 -45.66 -59.81
N TYR N 915 82.06 -46.50 -58.98
CA TYR N 915 80.98 -47.38 -59.46
C TYR N 915 81.30 -47.94 -60.83
N LYS N 916 82.14 -48.97 -60.94
CA LYS N 916 82.44 -49.49 -62.26
C LYS N 916 83.57 -48.74 -63.00
N TYR N 917 83.19 -47.73 -63.79
CA TYR N 917 84.15 -46.95 -64.58
C TYR N 917 85.18 -46.24 -63.72
N ILE N 918 86.40 -46.13 -64.25
CA ILE N 918 87.52 -45.54 -63.52
C ILE N 918 88.02 -44.14 -63.90
N VAL N 919 88.18 -43.34 -62.86
CA VAL N 919 88.71 -41.97 -62.84
C VAL N 919 88.65 -41.59 -61.37
N LEU N 920 89.36 -40.55 -60.96
CA LEU N 920 89.36 -40.22 -59.53
C LEU N 920 89.13 -38.75 -59.22
N CYS N 921 88.50 -38.50 -58.08
CA CYS N 921 88.25 -37.15 -57.58
C CYS N 921 88.38 -37.11 -56.06
N GLY N 922 89.00 -36.05 -55.54
CA GLY N 922 89.19 -35.95 -54.09
C GLY N 922 89.36 -34.54 -53.56
N ALA N 923 89.10 -34.35 -52.26
CA ALA N 923 89.17 -33.02 -51.64
C ALA N 923 90.29 -32.93 -50.61
N LYS N 924 90.92 -31.77 -50.51
CA LYS N 924 92.02 -31.54 -49.56
C LYS N 924 91.98 -30.15 -48.93
N GLY N 925 93.05 -29.82 -48.21
CA GLY N 925 93.13 -28.62 -47.40
C GLY N 925 92.82 -27.28 -48.04
N LYS N 926 93.17 -27.11 -49.31
CA LYS N 926 92.92 -25.85 -50.01
C LYS N 926 91.43 -25.59 -50.18
N GLN N 927 90.61 -26.57 -49.78
CA GLN N 927 89.18 -26.59 -50.04
C GLN N 927 88.95 -26.51 -51.53
N VAL N 928 89.44 -27.54 -52.22
CA VAL N 928 89.28 -27.69 -53.65
C VAL N 928 89.07 -29.17 -53.96
N VAL N 929 89.02 -29.50 -55.24
CA VAL N 929 88.88 -30.89 -55.65
C VAL N 929 89.75 -31.24 -56.85
N HIS N 930 90.53 -32.31 -56.70
CA HIS N 930 91.40 -32.81 -57.75
C HIS N 930 90.67 -33.89 -58.55
N VAL N 931 90.81 -33.83 -59.88
CA VAL N 931 90.26 -34.84 -60.77
C VAL N 931 91.37 -35.39 -61.67
N HIS N 932 91.59 -36.69 -61.64
CA HIS N 932 92.72 -37.28 -62.35
C HIS N 932 92.40 -38.64 -62.97
N THR N 933 93.06 -38.91 -64.09
CA THR N 933 92.95 -40.20 -64.78
C THR N 933 94.30 -40.92 -64.77
N LEU N 934 94.30 -42.13 -64.23
CA LEU N 934 95.55 -42.87 -64.01
C LEU N 934 96.20 -43.38 -65.30
N ARG N 935 95.49 -43.24 -66.42
CA ARG N 935 96.02 -43.69 -67.70
C ARG N 935 97.09 -42.74 -68.23
N SER N 936 98.27 -43.28 -68.50
CA SER N 936 99.41 -42.50 -68.96
C SER N 936 100.60 -43.41 -69.28
N VAL N 937 101.56 -42.90 -70.04
CA VAL N 937 102.72 -43.68 -70.45
C VAL N 937 103.81 -43.78 -69.38
N SER N 938 104.05 -42.69 -68.66
CA SER N 938 105.14 -42.66 -67.69
C SER N 938 104.85 -41.74 -66.50
N GLY N 939 105.29 -42.17 -65.32
CA GLY N 939 105.16 -41.38 -64.10
C GLY N 939 106.45 -40.67 -63.72
N SER N 940 106.66 -40.52 -62.41
CA SER N 940 107.88 -39.95 -61.84
C SER N 940 108.16 -38.53 -62.33
N ASN N 941 107.15 -37.68 -62.28
CA ASN N 941 107.30 -36.27 -62.61
C ASN N 941 107.54 -35.42 -61.36
N SER N 942 107.61 -36.09 -60.21
CA SER N 942 107.71 -35.43 -58.91
C SER N 942 108.92 -34.49 -58.77
N HIS N 943 110.11 -35.07 -58.75
CA HIS N 943 111.31 -34.30 -58.41
C HIS N 943 112.00 -33.70 -59.62
N GLN N 944 111.47 -33.94 -60.81
CA GLN N 944 112.09 -33.43 -62.02
C GLN N 944 111.78 -31.94 -62.22
N ASN N 945 110.59 -31.51 -61.78
CA ASN N 945 110.16 -30.13 -61.97
C ASN N 945 109.58 -29.52 -60.69
N ARG N 946 110.23 -28.47 -60.19
CA ARG N 946 109.67 -27.69 -59.09
C ARG N 946 109.67 -26.19 -59.44
N GLU N 947 110.86 -25.60 -59.62
CA GLU N 947 110.95 -24.20 -60.02
C GLU N 947 111.34 -24.11 -61.50
N ILE N 948 111.41 -22.88 -62.00
CA ILE N 948 111.77 -22.66 -63.41
C ILE N 948 112.74 -21.48 -63.56
N ALA N 949 113.85 -21.73 -64.25
CA ALA N 949 114.81 -20.67 -64.56
C ALA N 949 114.84 -20.44 -66.07
N TRP N 950 115.68 -19.52 -66.52
CA TRP N 950 115.76 -19.19 -67.94
C TRP N 950 117.15 -18.75 -68.36
N VAL N 951 117.53 -19.12 -69.58
CA VAL N 951 118.85 -18.82 -70.10
C VAL N 951 118.92 -17.38 -70.61
N HIS N 952 119.84 -16.60 -70.04
CA HIS N 952 120.00 -15.20 -70.43
C HIS N 952 120.69 -15.11 -71.79
N SER N 953 120.06 -14.39 -72.71
CA SER N 953 120.57 -14.23 -74.06
C SER N 953 119.86 -13.09 -74.79
N ALA N 954 120.20 -12.91 -76.06
CA ALA N 954 119.60 -11.85 -76.86
C ALA N 954 118.59 -12.42 -77.86
N ASP N 955 117.32 -12.13 -77.61
CA ASP N 955 116.22 -12.57 -78.47
C ASP N 955 116.19 -14.08 -78.66
N GLU N 956 116.58 -14.82 -77.63
CA GLU N 956 116.58 -16.28 -77.67
C GLU N 956 116.00 -16.84 -76.37
N ILE N 957 114.96 -17.66 -76.49
CA ILE N 957 114.27 -18.18 -75.31
C ILE N 957 114.62 -19.63 -75.02
N SER N 958 115.33 -19.85 -73.91
CA SER N 958 115.66 -21.19 -73.45
C SER N 958 115.41 -21.30 -71.96
N VAL N 959 114.51 -22.21 -71.58
CA VAL N 959 114.10 -22.34 -70.19
C VAL N 959 114.70 -23.58 -69.53
N MET N 960 114.98 -23.48 -68.24
CA MET N 960 115.54 -24.60 -67.48
C MET N 960 114.67 -24.93 -66.27
N THR N 961 114.86 -26.12 -65.73
CA THR N 961 114.04 -26.62 -64.62
C THR N 961 114.88 -27.26 -63.53
N LYS N 962 114.19 -27.90 -62.58
CA LYS N 962 114.83 -28.64 -61.49
C LYS N 962 115.62 -29.80 -62.09
N ALA N 963 116.58 -30.33 -61.34
CA ALA N 963 117.56 -31.30 -61.83
C ALA N 963 118.39 -30.68 -62.94
N CYS N 964 118.99 -29.54 -62.62
CA CYS N 964 119.88 -28.76 -63.49
C CYS N 964 119.36 -28.58 -64.91
N LEU N 965 120.22 -28.83 -65.88
CA LEU N 965 119.90 -28.48 -67.27
C LEU N 965 119.03 -29.51 -67.96
N GLU N 966 117.83 -29.07 -68.35
CA GLU N 966 116.99 -29.83 -69.27
C GLU N 966 116.78 -29.00 -70.53
N PRO N 967 117.38 -29.45 -71.64
CA PRO N 967 117.40 -28.66 -72.88
C PRO N 967 116.00 -28.32 -73.40
N ASN N 968 115.76 -27.04 -73.66
CA ASN N 968 114.51 -26.58 -74.24
C ASN N 968 114.75 -25.41 -75.18
N VAL N 969 114.13 -25.45 -76.36
CA VAL N 969 114.25 -24.37 -77.33
C VAL N 969 112.91 -24.06 -77.98
N TYR N 970 112.86 -22.94 -78.70
CA TYR N 970 111.62 -22.41 -79.27
C TYR N 970 110.93 -23.38 -80.21
N LEU N 971 109.65 -23.65 -79.93
CA LEU N 971 108.83 -24.59 -80.70
C LEU N 971 109.46 -25.96 -80.91
N ARG N 972 109.97 -26.55 -79.82
CA ARG N 972 110.51 -27.91 -79.86
C ARG N 972 110.11 -28.68 -78.61
N SER N 973 109.69 -29.92 -78.80
CA SER N 973 109.22 -30.76 -77.69
C SER N 973 110.34 -31.64 -77.13
N LEU N 974 111.54 -31.47 -77.66
CA LEU N 974 112.70 -32.26 -77.22
C LEU N 974 113.03 -32.00 -75.75
N MET N 975 113.11 -33.07 -74.97
CA MET N 975 113.41 -32.97 -73.54
C MET N 975 114.35 -34.06 -73.08
N ASP N 976 115.36 -33.68 -72.31
CA ASP N 976 116.31 -34.64 -71.74
C ASP N 976 116.31 -34.55 -70.22
N MET N 977 116.61 -35.66 -69.55
CA MET N 977 116.60 -35.70 -68.10
C MET N 977 117.92 -36.18 -67.50
N THR N 978 118.60 -35.28 -66.80
CA THR N 978 119.81 -35.60 -66.07
C THR N 978 119.81 -34.85 -64.74
N ARG N 979 120.03 -35.57 -63.64
CA ARG N 979 119.96 -34.95 -62.32
C ARG N 979 121.27 -35.03 -61.55
N GLU N 980 121.92 -33.88 -61.36
CA GLU N 980 123.07 -33.77 -60.49
C GLU N 980 122.65 -33.26 -59.12
N ARG N 981 121.34 -33.09 -58.95
CA ARG N 981 120.73 -32.59 -57.71
C ARG N 981 121.24 -31.19 -57.36
N THR N 982 120.86 -30.21 -58.17
CA THR N 982 121.15 -28.81 -57.88
C THR N 982 120.17 -28.23 -56.87
N GLN N 983 120.61 -27.18 -56.17
CA GLN N 983 119.72 -26.47 -55.25
C GLN N 983 118.95 -25.38 -55.99
N LEU N 984 119.66 -24.32 -56.38
CA LEU N 984 119.06 -23.25 -57.17
C LEU N 984 119.94 -22.91 -58.37
N LEU N 985 119.34 -22.94 -59.56
CA LEU N 985 120.10 -22.79 -60.80
C LEU N 985 120.06 -21.36 -61.35
N ALA N 986 121.22 -20.87 -61.76
CA ALA N 986 121.34 -19.57 -62.41
C ALA N 986 122.05 -19.73 -63.75
N VAL N 987 121.91 -18.75 -64.63
CA VAL N 987 122.50 -18.84 -65.97
C VAL N 987 123.35 -17.62 -66.29
N ASP N 988 124.49 -17.85 -66.94
CA ASP N 988 125.39 -16.77 -67.34
C ASP N 988 124.79 -16.03 -68.54
N SER N 989 125.45 -14.98 -69.00
CA SER N 989 124.96 -14.21 -70.14
C SER N 989 125.22 -14.95 -71.45
N LYS N 990 126.33 -15.68 -71.51
CA LYS N 990 126.69 -16.44 -72.69
C LYS N 990 126.24 -17.89 -72.56
N GLU N 991 126.65 -18.73 -73.50
CA GLU N 991 126.28 -20.14 -73.50
C GLU N 991 126.99 -20.91 -72.39
N ARG N 992 127.91 -20.25 -71.70
CA ARG N 992 128.65 -20.85 -70.59
C ARG N 992 127.70 -21.27 -69.47
N ILE N 993 127.92 -22.45 -68.91
CA ILE N 993 127.04 -22.98 -67.88
C ILE N 993 127.54 -22.70 -66.46
N HIS N 994 126.68 -22.04 -65.70
CA HIS N 994 126.89 -21.75 -64.29
C HIS N 994 125.95 -22.62 -63.46
N LEU N 995 126.48 -23.39 -62.52
CA LEU N 995 125.62 -24.28 -61.73
C LEU N 995 126.10 -24.46 -60.29
N ILE N 996 125.31 -25.21 -59.53
CA ILE N 996 125.58 -25.41 -58.12
C ILE N 996 125.57 -26.89 -57.76
N LYS N 997 126.45 -27.28 -56.85
CA LYS N 997 126.53 -28.67 -56.39
C LYS N 997 126.38 -28.62 -54.87
N PRO N 998 125.86 -29.70 -54.25
CA PRO N 998 125.75 -29.63 -52.80
C PRO N 998 127.09 -29.28 -52.12
N ALA N 999 127.04 -28.26 -51.27
CA ALA N 999 128.20 -27.75 -50.55
C ALA N 999 129.31 -27.21 -51.44
N ILE N 1000 128.97 -26.67 -52.62
CA ILE N 1000 129.97 -26.02 -53.49
C ILE N 1000 129.33 -25.38 -54.74
N SER N 1001 130.05 -24.46 -55.37
CA SER N 1001 129.56 -23.81 -56.59
C SER N 1001 130.47 -24.13 -57.77
N ARG N 1002 129.89 -24.25 -58.96
CA ARG N 1002 130.66 -24.66 -60.14
C ARG N 1002 130.40 -23.78 -61.36
N ILE N 1003 131.48 -23.41 -62.05
CA ILE N 1003 131.40 -22.59 -63.25
C ILE N 1003 132.17 -23.25 -64.38
N SER N 1004 131.49 -23.55 -65.49
CA SER N 1004 132.15 -24.29 -66.56
C SER N 1004 131.63 -23.95 -67.95
N GLU N 1005 132.49 -24.11 -68.95
CA GLU N 1005 132.08 -23.99 -70.36
C GLU N 1005 130.98 -25.00 -70.65
N TRP N 1006 131.34 -26.29 -70.61
CA TRP N 1006 130.35 -27.36 -70.59
C TRP N 1006 130.60 -28.16 -69.31
N SER N 1007 129.76 -29.15 -69.03
CA SER N 1007 129.90 -29.88 -67.77
C SER N 1007 130.33 -31.33 -67.98
N THR N 1008 131.57 -31.62 -67.63
CA THR N 1008 132.06 -32.99 -67.57
C THR N 1008 132.63 -33.29 -66.19
N ILE N 1009 133.84 -32.76 -65.93
CA ILE N 1009 134.45 -32.88 -64.61
C ILE N 1009 134.14 -31.65 -63.77
N THR N 1010 133.59 -30.63 -64.42
CA THR N 1010 133.23 -29.36 -63.78
C THR N 1010 134.28 -28.81 -62.81
N PRO N 1011 135.41 -28.32 -63.36
CA PRO N 1011 136.49 -27.76 -62.53
C PRO N 1011 136.05 -26.52 -61.75
N THR N 1012 136.63 -26.31 -60.57
CA THR N 1012 136.32 -25.14 -59.74
C THR N 1012 137.18 -25.11 -58.48
N HIS N 1013 137.26 -23.93 -57.85
CA HIS N 1013 137.98 -23.77 -56.60
C HIS N 1013 137.26 -22.77 -55.70
N ALA N 1014 137.14 -23.08 -54.42
CA ALA N 1014 136.43 -22.21 -53.49
C ALA N 1014 137.00 -22.28 -52.08
N ALA N 1015 137.00 -21.13 -51.40
CA ALA N 1015 137.45 -21.06 -50.01
C ALA N 1015 136.27 -21.14 -49.06
N SER N 1016 135.07 -21.35 -49.61
CA SER N 1016 133.84 -21.37 -48.84
C SER N 1016 133.88 -22.34 -47.66
N ASN N 1017 133.40 -21.89 -46.52
CA ASN N 1017 133.44 -22.67 -45.28
C ASN N 1017 132.34 -23.73 -45.23
N CYS N 1018 131.16 -23.39 -45.72
CA CYS N 1018 130.01 -24.28 -45.62
C CYS N 1018 129.19 -24.31 -46.91
N LYS N 1019 128.06 -25.00 -46.86
CA LYS N 1019 127.18 -25.16 -48.02
C LYS N 1019 126.57 -23.84 -48.45
N ILE N 1020 126.52 -23.61 -49.76
CA ILE N 1020 125.93 -22.40 -50.31
C ILE N 1020 124.47 -22.63 -50.71
N ASN N 1021 123.60 -21.68 -50.39
CA ASN N 1021 122.19 -21.79 -50.71
C ASN N 1021 121.91 -21.50 -52.18
N ALA N 1022 122.48 -20.41 -52.68
CA ALA N 1022 122.28 -20.02 -54.08
C ALA N 1022 123.49 -19.26 -54.61
N ILE N 1023 123.74 -19.41 -55.91
CA ILE N 1023 124.87 -18.75 -56.56
C ILE N 1023 124.47 -18.28 -57.97
N SER N 1024 124.98 -17.11 -58.36
CA SER N 1024 124.60 -16.51 -59.63
C SER N 1024 125.80 -15.94 -60.37
N ALA N 1025 125.61 -15.59 -61.64
CA ALA N 1025 126.68 -15.08 -62.48
C ALA N 1025 126.31 -13.76 -63.17
N PHE N 1026 127.27 -12.86 -63.28
CA PHE N 1026 127.07 -11.59 -63.97
C PHE N 1026 127.06 -11.77 -65.48
N ASN N 1027 126.86 -10.65 -66.18
CA ASN N 1027 126.98 -10.62 -67.63
C ASN N 1027 128.46 -10.59 -68.01
N ASP N 1028 129.14 -9.55 -67.58
CA ASP N 1028 130.59 -9.44 -67.74
C ASP N 1028 131.33 -10.49 -66.91
N GLU N 1029 132.58 -10.74 -67.25
CA GLU N 1029 133.36 -11.80 -66.61
C GLU N 1029 133.97 -11.38 -65.27
N GLN N 1030 133.71 -10.14 -64.87
CA GLN N 1030 134.27 -9.60 -63.64
C GLN N 1030 133.69 -10.27 -62.39
N ILE N 1031 134.58 -10.84 -61.57
CA ILE N 1031 134.27 -11.49 -60.28
C ILE N 1031 133.03 -12.39 -60.31
N PHE N 1032 132.21 -12.29 -59.26
CA PHE N 1032 130.95 -13.02 -59.03
C PHE N 1032 130.37 -12.63 -57.67
N VAL N 1033 129.08 -12.91 -57.48
CA VAL N 1033 128.42 -12.67 -56.19
C VAL N 1033 127.51 -13.83 -55.83
N GLY N 1034 127.07 -13.87 -54.58
CA GLY N 1034 126.11 -14.87 -54.12
C GLY N 1034 126.00 -14.84 -52.62
N TYR N 1035 124.95 -15.47 -52.08
CA TYR N 1035 124.78 -15.54 -50.64
C TYR N 1035 124.98 -16.97 -50.14
N VAL N 1036 125.96 -17.13 -49.25
CA VAL N 1036 126.33 -18.44 -48.72
C VAL N 1036 125.76 -18.53 -47.30
N ASP N 1037 125.92 -19.67 -46.64
CA ASP N 1037 125.54 -19.83 -45.24
C ASP N 1037 126.56 -19.15 -44.32
N GLY N 1038 127.62 -18.63 -44.91
CA GLY N 1038 128.71 -18.04 -44.15
C GLY N 1038 129.41 -16.91 -44.87
N VAL N 1039 130.45 -16.37 -44.22
CA VAL N 1039 131.11 -15.16 -44.68
C VAL N 1039 131.74 -15.26 -46.07
N ILE N 1040 132.53 -16.32 -46.30
CA ILE N 1040 133.30 -16.46 -47.53
C ILE N 1040 132.45 -16.55 -48.79
N ILE N 1041 132.74 -15.69 -49.76
CA ILE N 1041 132.08 -15.72 -51.05
C ILE N 1041 133.07 -16.08 -52.15
N ASP N 1042 132.84 -17.22 -52.82
CA ASP N 1042 133.78 -17.75 -53.80
C ASP N 1042 133.66 -17.12 -55.19
N VAL N 1043 134.79 -17.00 -55.87
CA VAL N 1043 134.83 -16.57 -57.27
C VAL N 1043 135.79 -17.44 -58.06
N ILE N 1044 135.72 -17.37 -59.39
CA ILE N 1044 136.59 -18.17 -60.24
C ILE N 1044 137.23 -17.32 -61.33
N HIS N 1045 138.44 -17.72 -61.75
CA HIS N 1045 139.17 -17.08 -62.86
C HIS N 1045 139.63 -15.67 -62.51
N ASP N 1046 139.17 -15.15 -61.37
CA ASP N 1046 139.51 -13.80 -60.95
C ASP N 1046 140.13 -13.79 -59.55
N THR N 1047 141.08 -12.89 -59.35
CA THR N 1047 141.71 -12.70 -58.04
C THR N 1047 140.97 -11.62 -57.24
N ALA N 1048 141.59 -11.18 -56.15
CA ALA N 1048 141.05 -10.11 -55.31
C ALA N 1048 139.67 -10.43 -54.75
N LEU N 1049 139.62 -11.36 -53.81
CA LEU N 1049 138.38 -11.74 -53.12
C LEU N 1049 137.73 -10.52 -52.47
N PRO N 1050 136.40 -10.56 -52.29
CA PRO N 1050 135.68 -9.43 -51.68
C PRO N 1050 136.16 -9.16 -50.24
N GLN N 1051 135.86 -7.96 -49.74
CA GLN N 1051 136.36 -7.54 -48.44
C GLN N 1051 135.51 -8.07 -47.28
N GLN N 1052 134.30 -8.51 -47.61
CA GLN N 1052 133.33 -9.00 -46.62
C GLN N 1052 133.04 -7.99 -45.52
N PHE N 1053 133.39 -8.36 -44.28
CA PHE N 1053 132.99 -7.63 -43.07
C PHE N 1053 131.48 -7.56 -42.93
N ILE N 1054 130.82 -8.70 -43.12
CA ILE N 1054 129.39 -8.80 -42.92
C ILE N 1054 129.02 -10.20 -42.43
N GLU N 1055 128.03 -10.29 -41.56
CA GLU N 1055 127.61 -11.57 -41.01
C GLU N 1055 127.16 -12.55 -42.11
N GLU N 1056 126.01 -12.31 -42.74
CA GLU N 1056 125.59 -13.13 -43.86
C GLU N 1056 124.81 -12.26 -44.86
N PRO N 1057 125.04 -12.48 -46.17
CA PRO N 1057 124.39 -11.70 -47.25
C PRO N 1057 122.97 -12.17 -47.58
N ILE N 1058 122.12 -11.25 -48.04
CA ILE N 1058 120.75 -11.63 -48.38
C ILE N 1058 120.38 -11.36 -49.85
N ASP N 1059 120.40 -10.10 -50.29
CA ASP N 1059 119.93 -9.75 -51.62
C ASP N 1059 121.08 -9.35 -52.54
N TYR N 1060 121.26 -10.11 -53.61
CA TYR N 1060 122.27 -9.82 -54.62
C TYR N 1060 121.63 -9.22 -55.87
N LEU N 1061 122.45 -8.97 -56.88
CA LEU N 1061 122.00 -8.34 -58.13
C LEU N 1061 123.13 -8.29 -59.15
N LYS N 1062 122.78 -7.92 -60.39
CA LYS N 1062 123.74 -7.92 -61.48
C LYS N 1062 123.91 -6.52 -62.09
N GLN N 1063 125.15 -6.10 -62.28
CA GLN N 1063 125.46 -4.83 -62.91
C GLN N 1063 126.62 -4.94 -63.88
N VAL N 1064 126.58 -4.17 -64.96
CA VAL N 1064 127.65 -4.16 -65.94
C VAL N 1064 128.79 -3.26 -65.51
N SER N 1065 128.52 -2.45 -64.48
CA SER N 1065 129.52 -1.54 -63.94
C SER N 1065 130.55 -2.29 -63.10
N PRO N 1066 131.80 -1.81 -63.08
CA PRO N 1066 132.89 -2.40 -62.29
C PRO N 1066 132.56 -2.52 -60.81
N ASN N 1067 131.78 -1.57 -60.28
CA ASN N 1067 131.38 -1.60 -58.88
C ASN N 1067 130.02 -2.29 -58.70
N ILE N 1068 129.88 -3.06 -57.63
CA ILE N 1068 128.66 -3.79 -57.36
C ILE N 1068 128.18 -3.59 -55.92
N LEU N 1069 126.95 -3.09 -55.77
CA LEU N 1069 126.37 -2.89 -54.45
C LEU N 1069 125.61 -4.12 -53.99
N VAL N 1070 125.88 -4.56 -52.76
CA VAL N 1070 125.27 -5.78 -52.23
C VAL N 1070 124.55 -5.53 -50.91
N ALA N 1071 123.28 -5.92 -50.85
CA ALA N 1071 122.48 -5.80 -49.64
C ALA N 1071 122.91 -6.83 -48.60
N SER N 1072 122.58 -6.58 -47.33
CA SER N 1072 123.00 -7.46 -46.26
C SER N 1072 121.91 -7.64 -45.20
N ALA N 1073 122.04 -8.71 -44.41
CA ALA N 1073 121.09 -9.01 -43.34
C ALA N 1073 121.20 -7.99 -42.22
N HIS N 1074 122.40 -7.47 -42.03
CA HIS N 1074 122.66 -6.42 -41.05
C HIS N 1074 122.16 -5.08 -41.59
N SER N 1075 121.72 -5.10 -42.84
CA SER N 1075 121.17 -3.93 -43.54
C SER N 1075 122.24 -2.86 -43.76
N ALA N 1076 123.47 -3.30 -43.97
CA ALA N 1076 124.55 -2.39 -44.35
C ALA N 1076 125.01 -2.72 -45.76
N GLN N 1077 124.74 -1.82 -46.70
CA GLN N 1077 125.09 -2.04 -48.10
C GLN N 1077 126.60 -2.08 -48.30
N LYS N 1078 127.06 -2.98 -49.16
CA LYS N 1078 128.48 -3.17 -49.40
C LYS N 1078 128.87 -2.74 -50.82
N THR N 1079 129.97 -2.01 -50.92
CA THR N 1079 130.48 -1.57 -52.22
C THR N 1079 131.64 -2.45 -52.65
N VAL N 1080 131.44 -3.25 -53.69
CA VAL N 1080 132.47 -4.16 -54.18
C VAL N 1080 133.16 -3.59 -55.42
N ILE N 1081 134.45 -3.30 -55.29
CA ILE N 1081 135.23 -2.76 -56.38
C ILE N 1081 136.10 -3.85 -57.00
N PHE N 1082 136.10 -3.92 -58.33
CA PHE N 1082 136.79 -4.99 -59.03
C PHE N 1082 138.32 -4.87 -58.97
N GLN N 1083 138.95 -5.93 -58.46
CA GLN N 1083 140.40 -6.11 -58.51
C GLN N 1083 141.14 -5.00 -57.77
N LEU N 1084 140.47 -4.37 -56.80
CA LEU N 1084 141.05 -3.28 -56.00
C LEU N 1084 140.06 -2.83 -54.94
N GLU N 1085 140.54 -2.16 -53.90
CA GLU N 1085 139.67 -1.60 -52.87
C GLU N 1085 139.89 -0.11 -52.69
N LYS N 1086 141.00 0.25 -52.04
CA LYS N 1086 141.38 1.63 -51.77
C LYS N 1086 140.28 2.45 -51.11
N ILE N 1087 139.50 1.80 -50.25
CA ILE N 1087 138.26 2.35 -49.64
C ILE N 1087 137.83 1.33 -48.59
N ASP N 1088 137.03 1.76 -47.62
CA ASP N 1088 136.52 0.87 -46.58
C ASP N 1088 135.01 0.70 -46.71
N PRO N 1089 134.57 -0.51 -47.11
CA PRO N 1089 133.15 -0.80 -47.35
C PRO N 1089 132.33 -0.94 -46.08
N LEU N 1090 132.38 0.07 -45.21
CA LEU N 1090 131.58 0.06 -43.99
C LEU N 1090 130.53 1.17 -44.01
N GLN N 1091 129.27 0.80 -44.15
CA GLN N 1091 128.17 1.76 -44.17
C GLN N 1091 126.95 1.24 -43.41
N PRO N 1092 126.99 1.29 -42.08
CA PRO N 1092 125.86 0.84 -41.25
C PRO N 1092 124.79 1.92 -41.08
N ASN N 1093 124.07 2.21 -42.15
CA ASN N 1093 123.04 3.25 -42.15
C ASN N 1093 121.96 2.98 -41.10
N ASP N 1094 121.14 1.97 -41.35
CA ASP N 1094 120.03 1.64 -40.46
C ASP N 1094 119.99 0.14 -40.15
N GLN N 1095 119.21 -0.24 -39.15
CA GLN N 1095 119.03 -1.64 -38.81
C GLN N 1095 117.80 -2.23 -39.49
N TRP N 1096 117.07 -1.38 -40.22
CA TRP N 1096 115.95 -1.84 -41.04
C TRP N 1096 116.49 -2.38 -42.35
N PRO N 1097 116.01 -3.57 -42.77
CA PRO N 1097 116.53 -4.29 -43.93
C PRO N 1097 116.48 -3.50 -45.23
N LEU N 1098 117.52 -3.62 -46.05
CA LEU N 1098 117.61 -2.89 -47.32
C LEU N 1098 117.33 -3.78 -48.53
N MET N 1099 116.60 -3.23 -49.49
CA MET N 1099 116.43 -3.86 -50.78
C MET N 1099 116.48 -2.78 -51.86
N MET N 1100 117.27 -3.00 -52.90
CA MET N 1100 117.62 -1.90 -53.80
C MET N 1100 117.40 -2.18 -55.29
N ASP N 1101 117.12 -1.10 -56.02
CA ASP N 1101 117.05 -1.13 -57.47
C ASP N 1101 117.94 -0.03 -58.04
N VAL N 1102 117.98 0.09 -59.37
CA VAL N 1102 118.77 1.12 -60.02
C VAL N 1102 118.13 1.54 -61.34
N SER N 1103 118.21 2.83 -61.68
CA SER N 1103 117.67 3.30 -62.95
C SER N 1103 118.78 3.54 -63.96
N THR N 1104 119.49 4.65 -63.85
CA THR N 1104 120.67 4.88 -64.68
C THR N 1104 121.88 5.34 -63.89
N LYS N 1105 121.85 6.59 -63.45
CA LYS N 1105 122.97 7.18 -62.70
C LYS N 1105 122.74 7.10 -61.19
N TYR N 1106 121.52 6.73 -60.79
CA TYR N 1106 121.14 6.79 -59.39
C TYR N 1106 120.91 5.42 -58.78
N ALA N 1107 121.55 5.18 -57.63
CA ALA N 1107 121.32 3.97 -56.86
C ALA N 1107 120.12 4.17 -55.95
N SER N 1108 119.11 3.31 -56.12
CA SER N 1108 117.87 3.44 -55.37
C SER N 1108 117.80 2.45 -54.21
N LEU N 1109 117.86 2.97 -52.99
CA LEU N 1109 117.79 2.14 -51.80
C LEU N 1109 116.42 2.22 -51.13
N GLN N 1110 115.71 1.09 -51.11
CA GLN N 1110 114.43 1.01 -50.42
C GLN N 1110 114.60 0.29 -49.09
N GLU N 1111 114.44 1.03 -48.00
CA GLU N 1111 114.62 0.50 -46.66
C GLU N 1111 113.28 0.14 -46.02
N GLY N 1112 113.33 -0.27 -44.76
CA GLY N 1112 112.13 -0.54 -43.99
C GLY N 1112 111.58 0.73 -43.37
N GLN N 1113 112.25 1.84 -43.64
CA GLN N 1113 111.84 3.14 -43.14
C GLN N 1113 111.54 4.12 -44.27
N TYR N 1114 112.58 4.46 -45.03
CA TYR N 1114 112.43 5.41 -46.14
C TYR N 1114 113.20 4.95 -47.37
N ILE N 1115 113.11 5.74 -48.43
CA ILE N 1115 113.80 5.44 -49.68
C ILE N 1115 114.83 6.53 -49.99
N ILE N 1116 116.09 6.14 -50.10
CA ILE N 1116 117.17 7.11 -50.32
C ILE N 1116 117.88 6.86 -51.65
N LEU N 1117 118.29 7.94 -52.31
CA LEU N 1117 118.96 7.85 -53.60
C LEU N 1117 120.42 8.28 -53.50
N PHE N 1118 121.32 7.53 -54.13
CA PHE N 1118 122.73 7.91 -54.18
C PHE N 1118 123.18 8.29 -55.57
N SER N 1119 124.14 9.21 -55.63
CA SER N 1119 124.73 9.63 -56.90
C SER N 1119 126.15 9.10 -57.03
N ASP N 1120 126.36 8.19 -57.98
CA ASP N 1120 127.66 7.57 -58.17
C ASP N 1120 128.70 8.55 -58.67
N HIS N 1121 129.84 8.59 -57.97
CA HIS N 1121 130.94 9.47 -58.36
C HIS N 1121 131.67 8.91 -59.59
N GLY N 1122 131.77 7.58 -59.64
CA GLY N 1122 132.41 6.92 -60.76
C GLY N 1122 132.06 5.44 -60.80
N VAL N 1123 132.18 4.84 -61.97
CA VAL N 1123 131.86 3.43 -62.15
C VAL N 1123 133.00 2.55 -61.66
N CYS N 1124 134.20 3.11 -61.61
CA CYS N 1124 135.38 2.37 -61.16
C CYS N 1124 135.38 2.17 -59.66
N HIS N 1125 135.10 3.25 -58.92
CA HIS N 1125 135.10 3.20 -57.47
C HIS N 1125 134.05 4.14 -56.89
N LEU N 1126 133.43 3.71 -55.79
CA LEU N 1126 132.41 4.52 -55.13
C LEU N 1126 132.84 4.89 -53.70
N ASP N 1127 133.06 6.17 -53.48
CA ASP N 1127 133.49 6.65 -52.17
C ASP N 1127 132.39 7.45 -51.45
N ILE N 1128 132.02 8.59 -52.04
CA ILE N 1128 131.01 9.46 -51.45
C ILE N 1128 129.69 9.36 -52.22
N ALA N 1129 128.58 9.50 -51.50
CA ALA N 1129 127.26 9.43 -52.11
C ALA N 1129 126.38 10.60 -51.68
N ASN N 1130 125.98 11.41 -52.65
CA ASN N 1130 125.16 12.58 -52.38
C ASN N 1130 123.66 12.25 -52.34
N PRO N 1131 123.01 12.54 -51.20
CA PRO N 1131 121.58 12.30 -51.02
C PRO N 1131 120.73 13.22 -51.89
N SER N 1132 119.64 12.70 -52.43
CA SER N 1132 118.77 13.48 -53.30
C SER N 1132 117.32 13.48 -52.82
N ALA N 1133 116.68 12.32 -52.90
CA ALA N 1133 115.27 12.20 -52.53
C ALA N 1133 115.07 11.23 -51.38
N PHE N 1134 114.62 11.76 -50.24
CA PHE N 1134 114.29 10.92 -49.09
C PHE N 1134 113.02 11.42 -48.41
N VAL N 1135 112.10 10.50 -48.15
CA VAL N 1135 110.83 10.86 -47.51
C VAL N 1135 110.27 9.67 -46.73
N LYS N 1136 109.58 9.96 -45.63
CA LYS N 1136 108.94 8.92 -44.83
C LYS N 1136 107.49 8.73 -45.26
N PRO N 1137 107.18 7.57 -45.84
CA PRO N 1137 105.85 7.28 -46.38
C PRO N 1137 104.81 6.97 -45.29
N LYS N 1138 103.62 6.58 -45.71
CA LYS N 1138 102.52 6.26 -44.80
C LYS N 1138 102.78 4.98 -44.03
N ASP N 1139 102.05 4.80 -42.92
CA ASP N 1139 102.20 3.61 -42.09
C ASP N 1139 101.84 2.34 -42.86
N SER N 1140 102.39 1.21 -42.42
CA SER N 1140 102.31 -0.05 -43.15
C SER N 1140 102.90 0.13 -44.55
N GLU N 1141 104.22 0.33 -44.58
CA GLU N 1141 104.92 0.68 -45.81
C GLU N 1141 105.00 -0.47 -46.80
N GLU N 1142 105.21 -0.14 -48.07
CA GLU N 1142 105.31 -1.14 -49.13
C GLU N 1142 106.66 -1.86 -49.09
N TYR N 1143 106.62 -3.18 -49.30
CA TYR N 1143 107.82 -4.00 -49.32
C TYR N 1143 108.82 -3.56 -50.39
N ILE N 1144 108.45 -3.75 -51.66
CA ILE N 1144 109.35 -3.46 -52.76
C ILE N 1144 108.61 -2.91 -53.99
N VAL N 1145 109.24 -1.98 -54.70
CA VAL N 1145 108.67 -1.41 -55.90
C VAL N 1145 109.65 -1.54 -57.06
N GLY N 1146 109.31 -0.94 -58.20
CA GLY N 1146 110.17 -1.01 -59.37
C GLY N 1146 110.11 0.23 -60.23
N PHE N 1147 111.08 0.38 -61.12
CA PHE N 1147 111.18 1.56 -61.98
C PHE N 1147 111.18 1.17 -63.46
N ASP N 1148 110.92 2.15 -64.32
CA ASP N 1148 110.90 1.93 -65.76
C ASP N 1148 112.28 2.12 -66.37
N LEU N 1149 112.34 2.08 -67.69
CA LEU N 1149 113.59 2.28 -68.42
C LEU N 1149 113.50 3.50 -69.33
N LYS N 1150 114.62 4.17 -69.54
CA LYS N 1150 114.70 5.38 -70.36
C LYS N 1150 113.78 6.48 -69.82
N ASN N 1151 113.50 6.42 -68.52
CA ASN N 1151 112.64 7.40 -67.87
C ASN N 1151 113.31 7.98 -66.63
N SER N 1152 113.56 7.11 -65.65
CA SER N 1152 114.21 7.49 -64.39
C SER N 1152 113.44 8.56 -63.64
N LEU N 1153 112.26 8.20 -63.15
CA LEU N 1153 111.42 9.12 -62.38
C LEU N 1153 111.22 8.58 -60.96
N LEU N 1154 110.48 9.32 -60.16
CA LEU N 1154 110.19 8.92 -58.78
C LEU N 1154 108.86 8.20 -58.70
N PHE N 1155 108.87 7.00 -58.12
CA PHE N 1155 107.65 6.21 -57.99
C PHE N 1155 107.52 5.63 -56.59
N LEU N 1156 106.43 5.98 -55.90
CA LEU N 1156 106.14 5.44 -54.58
C LEU N 1156 104.67 5.02 -54.51
N ALA N 1157 104.43 3.73 -54.27
CA ALA N 1157 103.08 3.19 -54.23
C ALA N 1157 102.80 2.46 -52.92
N TYR N 1158 101.70 2.83 -52.27
CA TYR N 1158 101.29 2.18 -51.03
C TYR N 1158 100.87 0.75 -51.34
N GLU N 1159 100.94 -0.13 -50.34
CA GLU N 1159 100.74 -1.55 -50.58
C GLU N 1159 99.28 -1.95 -50.80
N ASN N 1160 98.35 -1.25 -50.17
CA ASN N 1160 96.95 -1.66 -50.23
C ASN N 1160 96.07 -0.81 -51.15
N ASN N 1161 95.69 -1.41 -52.28
CA ASN N 1161 94.65 -0.88 -53.16
C ASN N 1161 94.88 0.54 -53.70
N ILE N 1162 96.13 1.00 -53.70
CA ILE N 1162 96.44 2.27 -54.34
C ILE N 1162 97.89 2.31 -54.84
N ILE N 1163 98.09 2.92 -56.01
CA ILE N 1163 99.42 3.13 -56.56
C ILE N 1163 99.54 4.54 -57.12
N ASP N 1164 100.68 5.19 -56.86
CA ASP N 1164 100.86 6.58 -57.24
C ASP N 1164 102.16 6.81 -58.01
N VAL N 1165 102.07 7.60 -59.08
CA VAL N 1165 103.24 7.98 -59.85
C VAL N 1165 103.64 9.42 -59.52
N PHE N 1166 104.90 9.62 -59.16
CA PHE N 1166 105.37 10.93 -58.72
C PHE N 1166 106.37 11.55 -59.69
N ARG N 1167 106.83 12.75 -59.35
CA ARG N 1167 107.88 13.42 -60.12
C ARG N 1167 109.15 13.45 -59.28
N LEU N 1168 110.31 13.42 -59.95
CA LEU N 1168 111.59 13.32 -59.25
C LEU N 1168 111.80 14.43 -58.22
N ILE N 1169 112.07 15.64 -58.72
CA ILE N 1169 112.23 16.87 -57.90
C ILE N 1169 113.00 16.60 -56.60
N PHE N 1170 112.48 17.08 -55.48
CA PHE N 1170 112.99 16.67 -54.18
C PHE N 1170 112.12 15.53 -53.65
N SER N 1171 110.90 15.87 -53.23
CA SER N 1171 109.91 14.87 -52.87
C SER N 1171 108.49 15.39 -53.15
N CYS N 1172 107.62 14.52 -53.67
CA CYS N 1172 106.24 14.91 -53.88
C CYS N 1172 105.26 13.84 -53.40
N ASN N 1173 104.49 14.17 -52.37
CA ASN N 1173 103.41 13.31 -51.92
C ASN N 1173 102.06 13.78 -52.45
N GLN N 1174 102.08 14.85 -53.23
CA GLN N 1174 100.85 15.51 -53.67
C GLN N 1174 100.29 14.93 -54.97
N LEU N 1175 98.99 14.63 -54.94
CA LEU N 1175 98.27 14.15 -56.12
C LEU N 1175 97.01 14.99 -56.31
N ARG N 1176 96.10 14.87 -55.35
CA ARG N 1176 94.86 15.66 -55.31
C ARG N 1176 93.99 15.50 -56.55
N TYR N 1177 93.42 16.62 -57.01
CA TYR N 1177 92.49 16.61 -58.13
C TYR N 1177 93.16 16.95 -59.46
N GLU N 1178 94.46 17.23 -59.42
CA GLU N 1178 95.23 17.57 -60.61
C GLU N 1178 95.12 16.49 -61.68
N GLN N 1179 95.64 15.31 -61.38
CA GLN N 1179 95.56 14.18 -62.29
C GLN N 1179 95.29 12.88 -61.52
N ILE N 1180 94.80 11.88 -62.24
CA ILE N 1180 94.55 10.57 -61.64
C ILE N 1180 95.53 9.54 -62.18
N CYS N 1181 96.34 8.97 -61.28
CA CYS N 1181 97.38 8.04 -61.69
C CYS N 1181 97.01 6.58 -61.45
N GLU N 1182 96.73 5.87 -62.55
CA GLU N 1182 96.36 4.46 -62.55
C GLU N 1182 95.26 4.14 -61.55
N GLU N 1183 95.39 2.98 -60.91
CA GLU N 1183 94.48 2.42 -59.90
C GLU N 1183 95.06 1.11 -59.38
N GLU N 1184 94.60 0.66 -58.22
CA GLU N 1184 94.90 -0.69 -57.77
C GLU N 1184 93.63 -1.34 -57.21
N ILE N 1185 93.11 -2.35 -57.91
CA ILE N 1185 91.87 -3.00 -57.49
C ILE N 1185 92.06 -4.34 -56.76
N ALA N 1186 93.29 -4.83 -56.68
CA ALA N 1186 93.51 -6.19 -56.17
C ALA N 1186 94.59 -6.29 -55.10
N GLN N 1187 95.84 -6.06 -55.52
CA GLN N 1187 97.01 -6.34 -54.69
C GLN N 1187 96.96 -5.67 -53.32
N LYS N 1188 97.37 -6.41 -52.29
CA LYS N 1188 97.41 -5.91 -50.93
C LYS N 1188 98.78 -6.15 -50.29
N ALA N 1189 99.17 -7.41 -50.17
CA ALA N 1189 100.46 -7.77 -49.58
C ALA N 1189 101.44 -8.24 -50.65
N LYS N 1190 102.73 -7.99 -50.41
CA LYS N 1190 103.80 -8.42 -51.30
C LYS N 1190 103.68 -7.88 -52.73
N ILE N 1191 103.55 -6.57 -52.86
CA ILE N 1191 103.64 -5.93 -54.18
C ILE N 1191 105.05 -6.18 -54.72
N SER N 1192 105.17 -6.39 -56.02
CA SER N 1192 106.43 -6.86 -56.57
C SER N 1192 107.22 -5.82 -57.36
N TYR N 1193 106.81 -5.58 -58.61
CA TYR N 1193 107.63 -4.82 -59.56
C TYR N 1193 106.82 -4.07 -60.60
N LEU N 1194 107.53 -3.54 -61.58
CA LEU N 1194 106.98 -2.97 -62.81
C LEU N 1194 108.14 -2.53 -63.70
N VAL N 1195 107.88 -2.41 -65.00
CA VAL N 1195 108.92 -2.13 -65.98
C VAL N 1195 108.44 -1.28 -67.14
N ALA N 1196 109.39 -0.78 -67.93
CA ALA N 1196 109.08 -0.10 -69.18
C ALA N 1196 108.45 -1.08 -70.16
N THR N 1197 107.72 -0.55 -71.13
CA THR N 1197 106.95 -1.36 -72.06
C THR N 1197 106.77 -0.64 -73.39
N ASP N 1198 105.86 -1.15 -74.21
CA ASP N 1198 105.53 -0.55 -75.50
C ASP N 1198 104.81 0.78 -75.24
N ASP N 1199 104.35 1.43 -76.30
CA ASP N 1199 103.83 2.81 -76.25
C ASP N 1199 102.92 3.10 -75.07
N GLY N 1200 101.77 2.43 -75.00
CA GLY N 1200 100.82 2.69 -73.94
C GLY N 1200 101.31 2.37 -72.54
N THR N 1201 101.27 3.40 -71.69
CA THR N 1201 101.51 3.33 -70.24
C THR N 1201 102.71 2.47 -69.78
N MET N 1202 102.52 1.68 -68.73
CA MET N 1202 103.57 0.84 -68.17
C MET N 1202 102.98 -0.40 -67.49
N LEU N 1203 103.74 -1.49 -67.46
CA LEU N 1203 103.24 -2.77 -66.96
C LEU N 1203 103.87 -3.18 -65.63
N ALA N 1204 103.05 -3.80 -64.77
CA ALA N 1204 103.50 -4.34 -63.49
C ALA N 1204 103.33 -5.85 -63.47
N MET N 1205 104.07 -6.54 -62.61
CA MET N 1205 104.09 -8.00 -62.65
C MET N 1205 104.07 -8.71 -61.30
N GLY N 1206 104.22 -10.03 -61.37
CA GLY N 1206 104.32 -10.91 -60.22
C GLY N 1206 103.02 -11.62 -59.89
N PHE N 1207 103.14 -12.88 -59.48
CA PHE N 1207 101.98 -13.69 -59.09
C PHE N 1207 101.79 -13.82 -57.59
N GLU N 1208 102.70 -13.24 -56.80
CA GLU N 1208 102.69 -13.48 -55.36
C GLU N 1208 101.51 -12.79 -54.66
N ASN N 1209 100.76 -13.59 -53.91
CA ASN N 1209 99.61 -13.11 -53.14
C ASN N 1209 98.61 -12.31 -53.96
N GLY N 1210 98.42 -12.71 -55.22
CA GLY N 1210 97.51 -12.01 -56.11
C GLY N 1210 97.90 -12.16 -57.57
N THR N 1211 97.48 -11.21 -58.39
CA THR N 1211 97.79 -11.24 -59.81
C THR N 1211 98.46 -9.95 -60.27
N LEU N 1212 98.80 -9.89 -61.55
CA LEU N 1212 99.41 -8.70 -62.12
C LEU N 1212 98.39 -7.95 -62.97
N GLU N 1213 98.47 -6.62 -62.96
CA GLU N 1213 97.49 -5.79 -63.64
C GLU N 1213 98.11 -4.66 -64.46
N LEU N 1214 97.32 -4.12 -65.38
CA LEU N 1214 97.76 -3.03 -66.25
C LEU N 1214 96.85 -1.82 -66.11
N PHE N 1215 97.46 -0.63 -65.97
CA PHE N 1215 96.71 0.61 -65.89
C PHE N 1215 97.45 1.74 -66.59
N ALA N 1216 96.74 2.83 -66.85
CA ALA N 1216 97.29 3.96 -67.60
C ALA N 1216 97.67 5.12 -66.70
N VAL N 1217 98.67 5.88 -67.10
CA VAL N 1217 99.16 7.02 -66.33
C VAL N 1217 98.06 8.06 -66.07
N GLU N 1218 97.47 8.57 -67.14
CA GLU N 1218 96.44 9.61 -67.02
C GLU N 1218 95.02 9.05 -67.08
N ASN N 1219 94.90 7.75 -67.29
CA ASN N 1219 93.59 7.12 -67.46
C ASN N 1219 93.53 5.70 -66.91
N ARG N 1220 92.45 4.99 -67.22
CA ARG N 1220 92.34 3.59 -66.85
C ARG N 1220 92.15 2.72 -68.10
N LYS N 1221 92.80 1.57 -68.12
CA LYS N 1221 92.76 0.68 -69.28
C LYS N 1221 92.63 -0.79 -68.89
N VAL N 1222 92.72 -1.66 -69.89
CA VAL N 1222 92.56 -3.09 -69.68
C VAL N 1222 93.79 -3.65 -68.96
N GLN N 1223 93.63 -4.82 -68.33
CA GLN N 1223 94.73 -5.45 -67.61
C GLN N 1223 95.03 -6.84 -68.18
N LEU N 1224 96.22 -7.35 -67.88
CA LEU N 1224 96.72 -8.58 -68.50
C LEU N 1224 96.13 -9.85 -67.91
N ILE N 1225 96.73 -10.98 -68.27
CA ILE N 1225 96.24 -12.32 -67.93
C ILE N 1225 96.30 -12.65 -66.45
N TYR N 1226 95.55 -13.68 -66.06
CA TYR N 1226 95.57 -14.20 -64.69
C TYR N 1226 96.93 -14.78 -64.34
N SER N 1227 97.19 -14.92 -63.04
CA SER N 1227 98.21 -15.85 -62.59
C SER N 1227 97.84 -17.19 -63.20
N ILE N 1228 98.83 -17.91 -63.74
CA ILE N 1228 98.58 -19.04 -64.63
C ILE N 1228 97.54 -20.03 -64.09
N GLU N 1229 97.92 -20.84 -63.11
CA GLU N 1229 96.94 -21.63 -62.38
C GLU N 1229 97.16 -21.60 -60.87
N GLU N 1230 98.27 -22.21 -60.46
CA GLU N 1230 98.55 -22.46 -59.05
C GLU N 1230 98.94 -21.20 -58.28
N VAL N 1231 98.78 -21.25 -56.97
CA VAL N 1231 99.26 -20.20 -56.08
C VAL N 1231 100.68 -20.54 -55.63
N HIS N 1232 101.21 -19.76 -54.69
CA HIS N 1232 102.56 -19.98 -54.16
C HIS N 1232 103.60 -19.95 -55.28
N GLU N 1233 103.82 -18.77 -55.83
CA GLU N 1233 104.75 -18.58 -56.94
C GLU N 1233 106.17 -18.99 -56.53
N HIS N 1234 106.93 -19.50 -57.49
CA HIS N 1234 108.30 -19.96 -57.22
C HIS N 1234 109.20 -18.78 -56.88
N CYS N 1235 110.36 -19.08 -56.28
CA CYS N 1235 111.26 -18.08 -55.69
C CYS N 1235 111.54 -16.89 -56.59
N ILE N 1236 111.79 -17.13 -57.88
CA ILE N 1236 112.02 -16.04 -58.81
C ILE N 1236 110.72 -15.65 -59.53
N ARG N 1237 110.24 -14.45 -59.26
CA ARG N 1237 108.99 -13.96 -59.82
C ARG N 1237 109.22 -13.09 -61.05
N GLN N 1238 110.48 -12.97 -61.47
CA GLN N 1238 110.85 -12.15 -62.61
C GLN N 1238 110.21 -12.65 -63.90
N LEU N 1239 109.81 -11.71 -64.75
CA LEU N 1239 109.20 -12.04 -66.04
C LEU N 1239 110.22 -11.91 -67.17
N LEU N 1240 110.06 -12.74 -68.20
CA LEU N 1240 111.02 -12.82 -69.29
C LEU N 1240 110.61 -11.90 -70.44
N PHE N 1241 111.37 -10.84 -70.65
CA PHE N 1241 111.04 -9.87 -71.71
C PHE N 1241 112.22 -9.03 -72.16
N SER N 1242 112.12 -8.50 -73.37
CA SER N 1242 112.98 -7.43 -73.85
C SER N 1242 112.14 -6.16 -73.92
N PRO N 1243 112.61 -5.07 -73.28
CA PRO N 1243 111.72 -3.92 -73.03
C PRO N 1243 111.11 -3.27 -74.27
N CYS N 1244 111.91 -2.95 -75.29
CA CYS N 1244 111.36 -2.40 -76.52
C CYS N 1244 111.13 -3.47 -77.58
N LYS N 1245 111.70 -4.65 -77.36
CA LYS N 1245 111.63 -5.75 -78.32
C LYS N 1245 110.56 -6.77 -77.98
N LEU N 1246 109.75 -6.50 -76.96
CA LEU N 1246 108.87 -7.50 -76.36
C LEU N 1246 107.96 -8.22 -77.36
N LEU N 1247 108.06 -9.54 -77.36
CA LEU N 1247 107.21 -10.40 -78.17
C LEU N 1247 106.67 -11.53 -77.32
N LEU N 1248 107.57 -12.41 -76.87
CA LEU N 1248 107.20 -13.55 -76.04
C LEU N 1248 107.07 -13.17 -74.56
N ILE N 1249 106.13 -13.82 -73.88
CA ILE N 1249 105.94 -13.64 -72.44
C ILE N 1249 105.81 -15.01 -71.77
N SER N 1250 106.68 -15.29 -70.80
CA SER N 1250 106.71 -16.60 -70.16
C SER N 1250 106.42 -16.54 -68.66
N CYS N 1251 105.37 -17.24 -68.23
CA CYS N 1251 105.01 -17.30 -66.82
C CYS N 1251 104.49 -18.70 -66.45
N ALA N 1252 104.98 -19.22 -65.32
CA ALA N 1252 104.53 -20.52 -64.83
C ALA N 1252 104.80 -20.67 -63.34
N GLU N 1253 104.15 -21.63 -62.70
CA GLU N 1253 104.38 -21.90 -61.28
C GLU N 1253 105.24 -23.13 -61.06
N GLN N 1254 104.65 -24.31 -61.24
CA GLN N 1254 105.36 -25.56 -60.95
C GLN N 1254 105.43 -26.53 -62.13
N LEU N 1255 104.30 -27.17 -62.42
CA LEU N 1255 104.26 -28.24 -63.40
C LEU N 1255 103.80 -27.75 -64.78
N CYS N 1256 103.55 -26.45 -64.88
CA CYS N 1256 103.01 -25.85 -66.10
C CYS N 1256 103.86 -26.12 -67.35
N PHE N 1257 103.20 -26.24 -68.49
CA PHE N 1257 103.85 -26.53 -69.76
C PHE N 1257 104.47 -25.28 -70.38
N TRP N 1258 104.85 -25.39 -71.66
CA TRP N 1258 105.48 -24.29 -72.39
C TRP N 1258 104.70 -22.99 -72.28
N ASN N 1259 105.41 -21.92 -71.95
CA ASN N 1259 104.79 -20.64 -71.59
C ASN N 1259 104.66 -19.66 -72.75
N VAL N 1260 105.08 -20.08 -73.95
CA VAL N 1260 105.20 -19.15 -75.07
C VAL N 1260 103.87 -18.48 -75.46
N THR N 1261 103.89 -17.16 -75.45
CA THR N 1261 102.77 -16.34 -75.92
C THR N 1261 103.33 -15.13 -76.68
N HIS N 1262 102.86 -14.92 -77.90
CA HIS N 1262 103.38 -13.82 -78.71
C HIS N 1262 102.28 -12.99 -79.35
N MET N 1263 102.70 -11.95 -80.06
CA MET N 1263 101.77 -11.07 -80.76
C MET N 1263 102.05 -11.06 -82.26
N ARG N 1264 101.02 -10.76 -83.06
CA ARG N 1264 101.16 -10.75 -84.50
C ARG N 1264 101.38 -9.33 -85.03
N HIS O 8 44.60 -6.61 -18.42
CA HIS O 8 44.36 -5.19 -18.45
C HIS O 8 45.63 -4.42 -18.60
N GLN O 9 46.71 -4.97 -18.06
CA GLN O 9 47.76 -4.16 -17.49
C GLN O 9 48.19 -3.07 -18.45
N TYR O 10 48.19 -1.85 -17.94
CA TYR O 10 48.50 -0.69 -18.73
C TYR O 10 49.99 -0.65 -18.99
N GLN O 11 50.44 0.33 -19.74
CA GLN O 11 51.77 0.35 -20.30
C GLN O 11 52.29 1.77 -20.24
N TYR O 12 53.51 1.96 -19.75
CA TYR O 12 53.93 3.30 -19.35
C TYR O 12 53.59 4.34 -20.41
N LYS O 13 53.91 4.06 -21.68
CA LYS O 13 53.65 5.08 -22.68
C LYS O 13 52.16 5.34 -22.84
N ASP O 14 51.32 4.41 -22.40
CA ASP O 14 49.91 4.74 -22.35
C ASP O 14 49.66 5.80 -21.31
N ILE O 15 50.10 5.53 -20.09
CA ILE O 15 49.69 6.33 -18.95
C ILE O 15 50.54 7.57 -18.82
N LEU O 16 51.78 7.55 -19.29
CA LEU O 16 52.72 8.60 -18.96
C LEU O 16 52.17 9.96 -19.27
N SER O 17 51.45 10.10 -20.38
CA SER O 17 51.00 11.41 -20.79
C SER O 17 50.01 12.03 -19.82
N VAL O 18 49.57 11.30 -18.80
CA VAL O 18 48.49 11.85 -18.01
C VAL O 18 49.01 12.98 -17.18
N PHE O 19 49.76 12.68 -16.13
CA PHE O 19 50.21 13.74 -15.25
C PHE O 19 51.39 14.41 -15.92
N GLU O 20 51.25 15.71 -16.10
CA GLU O 20 52.31 16.58 -16.57
C GLU O 20 52.58 17.68 -15.55
N ASP O 21 51.53 18.38 -15.11
CA ASP O 21 51.70 19.59 -14.32
C ASP O 21 52.75 19.38 -13.25
N ALA O 22 52.54 18.37 -12.42
CA ALA O 22 53.58 17.98 -11.47
C ALA O 22 54.90 17.81 -12.19
N PHE O 23 54.87 17.00 -13.24
CA PHE O 23 56.09 16.73 -14.00
C PHE O 23 56.58 18.00 -14.66
N VAL O 24 55.65 18.88 -15.05
CA VAL O 24 56.01 20.17 -15.61
C VAL O 24 56.80 20.98 -14.61
N ASP O 25 56.12 21.44 -13.58
CA ASP O 25 56.59 22.52 -12.73
C ASP O 25 57.94 22.23 -12.10
N ASN O 26 58.00 21.21 -11.27
CA ASN O 26 59.12 21.00 -10.37
C ASN O 26 60.30 20.31 -11.02
N PHE O 27 60.23 20.06 -12.32
CA PHE O 27 61.31 19.40 -13.03
C PHE O 27 61.58 20.06 -14.37
N ASP O 28 62.85 20.14 -14.74
CA ASP O 28 63.25 20.66 -16.03
C ASP O 28 64.20 19.69 -16.69
N CYS O 29 64.01 19.47 -17.99
CA CYS O 29 64.90 18.56 -18.70
C CYS O 29 66.35 18.98 -18.59
N LYS O 30 66.64 20.25 -18.89
CA LYS O 30 68.01 20.73 -18.90
C LYS O 30 68.73 20.38 -17.61
N ASP O 31 67.98 20.29 -16.51
CA ASP O 31 68.52 19.93 -15.23
C ASP O 31 69.33 18.66 -15.37
N VAL O 32 68.81 17.72 -16.17
CA VAL O 32 69.39 16.39 -16.28
C VAL O 32 69.58 16.06 -17.74
N GLN O 33 70.84 15.94 -18.15
CA GLN O 33 71.19 15.07 -19.26
C GLN O 33 72.06 13.97 -18.67
N ASP O 34 71.45 12.84 -18.34
CA ASP O 34 72.23 11.64 -18.10
C ASP O 34 72.46 10.90 -19.41
N MET O 35 71.41 10.80 -20.21
CA MET O 35 71.50 10.43 -21.60
C MET O 35 72.08 9.04 -21.85
N PRO O 36 71.51 7.98 -21.30
CA PRO O 36 71.83 6.66 -21.84
C PRO O 36 71.41 6.64 -23.30
N LYS O 37 72.35 6.32 -24.18
CA LYS O 37 72.19 6.74 -25.57
C LYS O 37 71.04 6.04 -26.26
N SER O 38 70.72 4.81 -25.90
CA SER O 38 69.62 4.12 -26.55
C SER O 38 68.30 4.82 -26.27
N ILE O 39 68.16 5.38 -25.07
CA ILE O 39 66.85 5.85 -24.67
C ILE O 39 66.55 7.20 -25.30
N LEU O 40 67.57 8.00 -25.56
CA LEU O 40 67.42 9.29 -26.21
C LEU O 40 68.64 9.51 -27.08
N SER O 41 68.43 9.96 -28.31
CA SER O 41 69.63 10.26 -29.06
C SER O 41 70.24 11.56 -28.56
N LYS O 42 71.42 11.87 -29.07
CA LYS O 42 72.05 13.12 -28.70
C LYS O 42 71.25 14.29 -29.22
N GLU O 43 71.04 14.30 -30.54
CA GLU O 43 70.23 15.34 -31.18
C GLU O 43 68.92 15.55 -30.45
N GLU O 44 68.36 14.51 -29.87
CA GLU O 44 67.10 14.64 -29.15
C GLU O 44 67.24 15.71 -28.09
N ILE O 45 68.00 15.40 -27.04
CA ILE O 45 68.12 16.34 -25.95
C ILE O 45 68.84 17.59 -26.41
N ASP O 46 69.59 17.49 -27.49
CA ASP O 46 70.10 18.70 -28.12
C ASP O 46 68.95 19.64 -28.44
N HIS O 47 67.84 19.08 -28.90
CA HIS O 47 66.72 19.90 -29.32
C HIS O 47 65.88 20.38 -28.16
N ILE O 48 65.66 19.54 -27.16
CA ILE O 48 64.72 19.88 -26.10
C ILE O 48 65.14 21.15 -25.39
N ILE O 49 66.35 21.19 -24.86
CA ILE O 49 66.76 22.31 -24.04
C ILE O 49 66.64 23.62 -24.79
N MET O 50 66.74 23.57 -26.11
CA MET O 50 66.61 24.78 -26.91
C MET O 50 65.28 25.47 -26.71
N SER O 51 64.27 24.77 -26.19
CA SER O 51 62.99 25.41 -25.98
C SER O 51 63.11 26.45 -24.87
N LYS O 52 62.24 27.45 -24.92
CA LYS O 52 62.46 28.65 -24.13
C LYS O 52 61.83 28.56 -22.75
N ASP O 53 60.94 27.60 -22.52
CA ASP O 53 60.26 27.54 -21.25
C ASP O 53 59.72 26.15 -20.99
N ALA O 54 59.44 25.89 -19.71
CA ALA O 54 58.97 24.58 -19.28
C ALA O 54 57.78 24.12 -20.10
N VAL O 55 56.73 24.95 -20.16
CA VAL O 55 55.51 24.54 -20.85
C VAL O 55 55.82 24.10 -22.26
N SER O 56 56.85 24.69 -22.86
CA SER O 56 57.43 24.09 -24.05
C SER O 56 58.38 22.97 -23.67
N GLY O 57 59.26 23.23 -22.72
CA GLY O 57 60.33 22.30 -22.44
C GLY O 57 59.81 20.95 -22.01
N THR O 58 59.06 20.92 -20.91
CA THR O 58 58.54 19.64 -20.44
C THR O 58 57.74 18.97 -21.52
N LEU O 59 57.08 19.77 -22.36
CA LEU O 59 56.17 19.18 -23.31
C LEU O 59 56.93 18.38 -24.36
N ARG O 60 57.89 19.01 -25.03
CA ARG O 60 58.54 18.32 -26.13
C ARG O 60 59.17 17.03 -25.66
N LEU O 61 59.41 16.91 -24.37
CA LEU O 61 59.87 15.64 -23.84
C LEU O 61 58.91 14.52 -24.21
N PHE O 62 57.69 14.60 -23.71
CA PHE O 62 56.75 13.50 -23.89
C PHE O 62 56.66 13.09 -25.35
N TRP O 63 56.35 14.04 -26.23
CA TRP O 63 56.21 13.71 -27.63
C TRP O 63 57.42 12.98 -28.17
N THR O 64 58.59 13.23 -27.63
CA THR O 64 59.69 12.40 -28.06
C THR O 64 59.54 10.98 -27.52
N LEU O 65 59.33 10.84 -26.22
CA LEU O 65 59.22 9.51 -25.66
C LEU O 65 58.15 8.69 -26.32
N LEU O 66 56.94 9.20 -26.40
CA LEU O 66 55.82 8.42 -26.89
C LEU O 66 56.01 7.96 -28.33
N SER O 67 57.03 8.45 -29.00
CA SER O 67 57.36 8.01 -30.34
C SER O 67 58.30 6.81 -30.33
N LYS O 68 58.54 6.22 -29.17
CA LYS O 68 59.54 5.17 -29.04
C LYS O 68 58.87 3.89 -28.55
N GLN O 69 59.61 2.79 -28.67
CA GLN O 69 59.10 1.52 -28.19
C GLN O 69 59.17 1.46 -26.67
N GLU O 70 58.26 0.68 -26.11
CA GLU O 70 57.98 0.71 -24.69
C GLU O 70 59.19 0.40 -23.82
N GLU O 71 60.09 -0.47 -24.29
CA GLU O 71 61.26 -0.81 -23.49
C GLU O 71 61.99 0.44 -23.04
N MET O 72 62.32 1.32 -23.97
CA MET O 72 63.03 2.55 -23.62
C MET O 72 62.32 3.28 -22.50
N VAL O 73 61.05 3.61 -22.73
CA VAL O 73 60.25 4.21 -21.68
C VAL O 73 60.28 3.35 -20.44
N GLN O 74 60.03 2.05 -20.61
CA GLN O 74 60.07 1.14 -19.48
C GLN O 74 61.36 1.28 -18.71
N LYS O 75 62.45 1.60 -19.40
CA LYS O 75 63.66 1.91 -18.66
C LYS O 75 63.65 3.33 -18.14
N PHE O 76 62.98 4.25 -18.83
CA PHE O 76 63.06 5.65 -18.43
C PHE O 76 62.41 5.87 -17.09
N VAL O 77 61.28 5.19 -16.84
CA VAL O 77 60.64 5.34 -15.55
C VAL O 77 61.55 4.86 -14.45
N GLU O 78 62.45 3.93 -14.76
CA GLU O 78 63.46 3.51 -13.79
C GLU O 78 64.60 4.53 -13.70
N GLU O 79 64.98 5.10 -14.83
CA GLU O 79 66.16 5.96 -14.87
C GLU O 79 66.02 7.15 -13.93
N VAL O 80 64.82 7.69 -13.78
CA VAL O 80 64.63 8.86 -12.92
C VAL O 80 65.01 8.53 -11.49
N LEU O 81 64.74 7.29 -11.06
CA LEU O 81 65.15 6.85 -9.73
C LEU O 81 66.59 7.17 -9.43
N ARG O 82 67.50 6.78 -10.32
CA ARG O 82 68.91 7.00 -10.10
C ARG O 82 69.23 8.48 -9.98
N ILE O 83 68.44 9.32 -10.63
CA ILE O 83 68.62 10.75 -10.51
C ILE O 83 68.23 11.10 -9.08
N ASN O 84 68.70 12.26 -8.62
CA ASN O 84 68.48 12.66 -7.24
C ASN O 84 67.02 12.50 -6.83
N TYR O 85 66.12 12.81 -7.75
CA TYR O 85 64.70 12.87 -7.38
C TYR O 85 63.99 11.65 -7.91
N LYS O 86 63.59 10.77 -7.00
CA LYS O 86 62.62 9.75 -7.33
C LYS O 86 61.20 10.14 -6.94
N PHE O 87 61.02 11.20 -6.16
CA PHE O 87 59.71 11.48 -5.62
C PHE O 87 58.69 11.55 -6.74
N LEU O 88 59.12 12.01 -7.90
CA LEU O 88 58.27 12.11 -9.06
C LEU O 88 57.85 10.74 -9.56
N MET O 89 58.70 9.73 -9.45
CA MET O 89 58.36 8.45 -10.04
C MET O 89 57.61 7.54 -9.08
N SER O 90 57.42 7.92 -7.84
CA SER O 90 56.59 7.04 -7.05
C SER O 90 55.15 7.09 -7.54
N PRO O 91 54.58 8.26 -7.84
CA PRO O 91 53.21 8.24 -8.37
C PRO O 91 53.12 7.47 -9.65
N ILE O 92 54.00 7.74 -10.60
CA ILE O 92 53.94 7.07 -11.88
C ILE O 92 54.01 5.57 -11.73
N LYS O 93 54.50 5.09 -10.60
CA LYS O 93 54.47 3.67 -10.34
C LYS O 93 53.11 3.25 -9.83
N THR O 94 52.17 4.18 -9.72
CA THR O 94 50.78 3.82 -9.45
C THR O 94 50.01 3.53 -10.72
N GLU O 95 50.68 3.45 -11.86
CA GLU O 95 50.17 2.63 -12.94
C GLU O 95 49.59 1.34 -12.40
N GLN O 96 50.46 0.50 -11.88
CA GLN O 96 50.14 -0.90 -11.65
C GLN O 96 48.99 -1.02 -10.67
N ARG O 97 47.93 -1.68 -11.12
CA ARG O 97 46.72 -1.90 -10.34
C ARG O 97 46.17 -0.61 -9.77
N GLN O 98 46.57 0.51 -10.30
CA GLN O 98 45.86 1.66 -9.79
C GLN O 98 45.73 2.72 -10.87
N PRO O 99 45.03 2.46 -11.96
CA PRO O 99 44.52 3.56 -12.74
C PRO O 99 43.52 4.29 -11.88
N SER O 100 43.69 5.59 -11.75
CA SER O 100 42.69 6.26 -10.94
C SER O 100 41.34 6.21 -11.64
N MET O 101 40.30 5.98 -10.85
CA MET O 101 38.99 5.68 -11.40
C MET O 101 38.60 6.68 -12.47
N MET O 102 39.05 7.91 -12.33
CA MET O 102 39.02 8.83 -13.45
C MET O 102 39.83 8.31 -14.61
N THR O 103 41.16 8.21 -14.42
CA THR O 103 42.08 8.14 -15.54
C THR O 103 41.64 7.14 -16.59
N ARG O 104 41.04 6.04 -16.17
CA ARG O 104 40.59 5.07 -17.15
C ARG O 104 39.66 5.73 -18.17
N MET O 105 38.84 6.67 -17.72
CA MET O 105 38.00 7.39 -18.67
C MET O 105 38.85 7.96 -19.80
N TYR O 106 39.85 8.75 -19.43
CA TYR O 106 40.81 9.25 -20.41
C TYR O 106 41.38 8.11 -21.22
N ILE O 107 42.21 7.29 -20.57
CA ILE O 107 43.03 6.34 -21.32
C ILE O 107 42.18 5.49 -22.23
N GLU O 108 40.92 5.30 -21.88
CA GLU O 108 40.01 4.71 -22.84
C GLU O 108 39.81 5.66 -24.01
N GLN O 109 39.35 6.86 -23.72
CA GLN O 109 38.69 7.60 -24.78
C GLN O 109 39.63 7.96 -25.90
N ARG O 110 40.85 8.36 -25.59
CA ARG O 110 41.78 8.66 -26.66
C ARG O 110 41.85 7.53 -27.66
N ASP O 111 41.69 6.30 -27.21
CA ASP O 111 41.63 5.22 -28.17
C ASP O 111 40.44 5.38 -29.09
N ARG O 112 39.26 5.57 -28.54
CA ARG O 112 38.13 5.87 -29.39
C ARG O 112 38.39 7.12 -30.21
N LEU O 113 39.33 7.95 -29.79
CA LEU O 113 39.76 9.02 -30.67
C LEU O 113 40.73 8.52 -31.73
N TYR O 114 41.75 7.74 -31.35
CA TYR O 114 42.60 7.17 -32.37
C TYR O 114 41.87 6.25 -33.31
N ASN O 115 40.67 5.83 -33.00
CA ASN O 115 40.00 4.99 -33.98
C ASN O 115 39.39 5.83 -35.08
N ASP O 116 39.69 7.11 -35.07
CA ASP O 116 39.89 7.85 -36.29
C ASP O 116 41.03 7.28 -37.14
N ASN O 117 41.78 6.29 -36.60
CA ASN O 117 42.77 5.52 -37.34
C ASN O 117 43.84 6.34 -38.03
N GLN O 118 43.84 6.33 -39.36
CA GLN O 118 45.00 6.78 -40.11
C GLN O 118 45.66 7.95 -39.45
N VAL O 119 44.79 8.82 -38.97
CA VAL O 119 45.13 10.17 -38.65
C VAL O 119 46.40 10.23 -37.86
N PHE O 120 46.32 9.91 -36.60
CA PHE O 120 47.50 9.97 -35.79
C PHE O 120 48.14 8.62 -35.69
N ALA O 121 47.57 7.64 -36.37
CA ALA O 121 48.14 6.32 -36.40
C ALA O 121 49.57 6.42 -36.82
N LYS O 122 49.80 6.68 -38.09
CA LYS O 122 51.15 6.87 -38.56
C LYS O 122 51.51 8.35 -38.47
N TYR O 123 50.84 9.15 -39.24
CA TYR O 123 51.38 10.41 -39.68
C TYR O 123 50.90 11.51 -38.78
N ASN O 124 51.85 12.13 -38.08
CA ASN O 124 51.91 13.56 -37.91
C ASN O 124 53.12 13.81 -37.07
N VAL O 125 53.65 15.00 -37.15
CA VAL O 125 54.56 15.47 -36.14
C VAL O 125 53.91 16.70 -35.54
N SER O 126 53.06 16.48 -34.55
CA SER O 126 52.64 17.49 -33.59
C SER O 126 52.48 18.88 -34.19
N ARG O 127 52.99 19.84 -33.45
CA ARG O 127 53.57 21.13 -33.81
C ARG O 127 53.71 21.75 -32.46
N LEU O 128 54.29 22.93 -32.35
CA LEU O 128 54.31 23.51 -31.03
C LEU O 128 53.50 24.79 -30.98
N GLN O 129 53.93 25.83 -31.66
CA GLN O 129 53.25 27.11 -31.58
C GLN O 129 51.75 26.97 -31.79
N PRO O 130 51.29 26.47 -32.94
CA PRO O 130 49.83 26.46 -33.13
C PRO O 130 49.15 25.64 -32.09
N TYR O 131 49.76 24.53 -31.69
CA TYR O 131 49.25 23.81 -30.54
C TYR O 131 49.10 24.74 -29.37
N LEU O 132 50.17 25.40 -28.99
CA LEU O 132 50.25 26.00 -27.68
C LEU O 132 49.23 27.12 -27.50
N LYS O 133 49.15 28.05 -28.45
CA LYS O 133 48.12 29.07 -28.36
C LYS O 133 46.77 28.43 -28.16
N LEU O 134 46.51 27.34 -28.86
CA LEU O 134 45.14 26.86 -28.87
C LEU O 134 44.75 26.32 -27.51
N ARG O 135 45.57 25.42 -26.95
CA ARG O 135 45.23 24.89 -25.65
C ARG O 135 44.94 26.01 -24.68
N GLN O 136 45.76 27.04 -24.72
CA GLN O 136 45.52 28.24 -23.94
C GLN O 136 44.08 28.69 -24.05
N ALA O 137 43.66 29.04 -25.27
CA ALA O 137 42.28 29.48 -25.44
C ALA O 137 41.31 28.38 -25.08
N LEU O 138 41.43 27.24 -25.76
CA LEU O 138 40.40 26.21 -25.62
C LEU O 138 40.31 25.68 -24.21
N LEU O 139 41.30 25.93 -23.38
CA LEU O 139 41.12 25.64 -21.97
C LEU O 139 40.13 26.61 -21.33
N GLU O 140 40.11 27.85 -21.78
CA GLU O 140 39.35 28.87 -21.07
C GLU O 140 37.86 28.80 -21.34
N LEU O 141 37.46 28.79 -22.60
CA LEU O 141 36.15 29.30 -22.98
C LEU O 141 35.02 28.66 -22.17
N ARG O 142 34.03 29.48 -21.85
CA ARG O 142 32.90 29.11 -21.02
C ARG O 142 31.67 28.91 -21.91
N PRO O 143 30.54 28.47 -21.39
CA PRO O 143 29.62 27.77 -22.29
C PRO O 143 28.74 28.63 -23.16
N ALA O 144 29.25 29.69 -23.74
CA ALA O 144 28.90 30.02 -25.12
C ALA O 144 30.06 30.81 -25.68
N LYS O 145 30.81 30.24 -26.60
CA LYS O 145 32.00 30.89 -27.13
C LYS O 145 32.40 30.14 -28.37
N ASN O 146 33.55 30.50 -28.92
CA ASN O 146 34.01 29.84 -30.12
C ASN O 146 35.52 30.00 -30.21
N VAL O 147 36.15 29.13 -30.96
CA VAL O 147 37.50 29.34 -31.42
C VAL O 147 37.54 28.99 -32.88
N LEU O 148 37.80 29.97 -33.72
CA LEU O 148 38.00 29.59 -35.09
C LEU O 148 39.36 28.96 -35.25
N ILE O 149 39.49 28.17 -36.29
CA ILE O 149 40.78 27.84 -36.81
C ILE O 149 40.71 28.07 -38.30
N ASP O 150 41.43 29.07 -38.78
CA ASP O 150 41.44 29.38 -40.19
C ASP O 150 42.73 28.91 -40.82
N GLY O 151 42.60 28.32 -42.00
CA GLY O 151 43.77 28.00 -42.77
C GLY O 151 43.44 27.96 -44.24
N VAL O 152 44.47 28.23 -45.04
CA VAL O 152 44.37 28.05 -46.47
C VAL O 152 44.36 26.57 -46.79
N LEU O 153 43.97 26.25 -48.03
CA LEU O 153 43.68 24.87 -48.38
C LEU O 153 44.78 23.94 -47.89
N GLY O 154 44.36 22.82 -47.34
CA GLY O 154 45.29 22.04 -46.56
C GLY O 154 45.69 22.79 -45.31
N SER O 155 46.99 22.95 -45.12
CA SER O 155 47.54 23.64 -43.97
C SER O 155 47.12 23.01 -42.66
N GLY O 156 46.66 21.76 -42.71
CA GLY O 156 46.52 20.93 -41.54
C GLY O 156 45.77 21.50 -40.37
N LYS O 157 44.61 22.08 -40.60
CA LYS O 157 43.83 22.52 -39.46
C LYS O 157 43.15 21.34 -38.78
N THR O 158 42.51 20.47 -39.56
CA THR O 158 41.78 19.34 -39.00
C THR O 158 42.61 18.52 -38.05
N TRP O 159 43.92 18.59 -38.17
CA TRP O 159 44.77 17.79 -37.31
C TRP O 159 45.07 18.52 -36.03
N VAL O 160 45.72 19.67 -36.12
CA VAL O 160 45.92 20.49 -34.93
C VAL O 160 44.63 20.61 -34.15
N ALA O 161 43.52 20.62 -34.87
CA ALA O 161 42.22 20.45 -34.24
C ALA O 161 42.22 19.25 -33.31
N LEU O 162 42.36 18.05 -33.88
CA LEU O 162 42.38 16.87 -33.04
C LEU O 162 43.41 17.00 -31.96
N ASP O 163 44.68 17.10 -32.36
CA ASP O 163 45.77 16.81 -31.45
C ASP O 163 45.59 17.48 -30.11
N VAL O 164 45.26 18.77 -30.09
CA VAL O 164 45.04 19.39 -28.80
C VAL O 164 43.89 18.74 -28.06
N CYS O 165 42.82 18.41 -28.75
CA CYS O 165 41.70 17.75 -28.12
C CYS O 165 42.07 16.39 -27.54
N LEU O 166 43.23 15.86 -27.89
CA LEU O 166 43.70 14.63 -27.31
C LEU O 166 44.36 14.85 -25.95
N SER O 167 44.98 16.01 -25.75
CA SER O 167 45.81 16.20 -24.58
C SER O 167 44.99 16.18 -23.31
N TYR O 168 45.50 15.47 -22.31
CA TYR O 168 44.74 15.18 -21.10
C TYR O 168 44.07 16.42 -20.54
N LYS O 169 44.88 17.37 -20.11
CA LYS O 169 44.36 18.45 -19.27
C LYS O 169 43.14 19.09 -19.90
N VAL O 170 43.09 19.16 -21.22
CA VAL O 170 41.82 19.47 -21.88
C VAL O 170 40.79 18.43 -21.53
N GLN O 171 41.05 17.19 -21.95
CA GLN O 171 40.05 16.14 -21.92
C GLN O 171 39.37 16.04 -20.57
N CYS O 172 40.08 16.42 -19.51
CA CYS O 172 39.50 16.39 -18.18
C CYS O 172 38.67 17.63 -17.93
N LYS O 173 39.06 18.77 -18.49
CA LYS O 173 38.29 19.98 -18.32
C LYS O 173 36.88 19.82 -18.83
N MET O 174 36.73 19.09 -19.92
CA MET O 174 35.46 19.04 -20.62
C MET O 174 34.65 17.81 -20.29
N ASP O 175 35.09 16.99 -19.35
CA ASP O 175 34.38 15.82 -18.88
C ASP O 175 34.20 14.78 -19.97
N PHE O 176 35.22 14.49 -20.75
CA PHE O 176 35.27 13.26 -21.51
C PHE O 176 34.10 13.13 -22.45
N LYS O 177 33.48 14.23 -22.81
CA LYS O 177 32.42 14.24 -23.80
C LYS O 177 32.89 15.15 -24.91
N ILE O 178 33.18 14.58 -26.07
CA ILE O 178 33.60 15.38 -27.22
C ILE O 178 32.98 14.79 -28.47
N PHE O 179 32.24 15.60 -29.20
CA PHE O 179 31.44 15.11 -30.30
C PHE O 179 31.94 15.70 -31.60
N TRP O 180 32.25 14.83 -32.55
CA TRP O 180 32.81 15.27 -33.81
C TRP O 180 31.71 15.25 -34.85
N LEU O 181 31.76 16.19 -35.78
CA LEU O 181 30.91 16.15 -36.95
C LEU O 181 31.73 16.48 -38.17
N ASN O 182 31.06 16.47 -39.31
CA ASN O 182 31.60 17.09 -40.51
C ASN O 182 30.47 17.78 -41.22
N LEU O 183 30.64 19.04 -41.51
CA LEU O 183 29.73 19.71 -42.38
C LEU O 183 30.21 19.65 -43.80
N LYS O 184 31.23 18.83 -44.06
CA LYS O 184 31.91 18.75 -45.34
C LYS O 184 30.94 18.76 -46.50
N ASN O 185 29.83 18.07 -46.36
CA ASN O 185 28.71 18.29 -47.26
C ASN O 185 27.60 18.87 -46.40
N CYS O 186 27.42 20.18 -46.48
CA CYS O 186 26.27 20.82 -45.85
C CYS O 186 25.75 21.91 -46.77
N ASN O 187 24.55 21.72 -47.29
CA ASN O 187 23.90 22.75 -48.09
C ASN O 187 22.41 22.52 -47.99
N SER O 188 21.64 23.59 -48.02
CA SER O 188 20.18 23.49 -48.10
C SER O 188 19.64 22.91 -46.81
N PRO O 189 18.37 23.09 -46.52
CA PRO O 189 17.83 22.54 -45.28
C PRO O 189 17.96 21.05 -45.16
N GLU O 190 17.64 20.30 -46.22
CA GLU O 190 17.61 18.85 -46.11
C GLU O 190 18.90 18.33 -45.48
N THR O 191 20.02 18.56 -46.15
CA THR O 191 21.28 18.01 -45.66
C THR O 191 21.52 18.36 -44.21
N VAL O 192 21.29 19.64 -43.84
CA VAL O 192 21.49 20.03 -42.45
C VAL O 192 20.76 19.10 -41.52
N LEU O 193 19.48 18.86 -41.80
CA LEU O 193 18.71 17.97 -40.95
C LEU O 193 19.46 16.69 -40.70
N GLU O 194 19.98 16.09 -41.77
CA GLU O 194 20.78 14.89 -41.60
C GLU O 194 21.90 15.15 -40.63
N MET O 195 22.89 15.89 -41.08
CA MET O 195 24.13 15.95 -40.33
C MET O 195 23.88 16.55 -38.96
N LEU O 196 22.73 17.17 -38.79
CA LEU O 196 22.29 17.47 -37.45
C LEU O 196 21.74 16.25 -36.76
N GLN O 197 20.87 15.51 -37.45
CA GLN O 197 20.15 14.47 -36.75
C GLN O 197 21.11 13.41 -36.23
N LYS O 198 22.17 13.14 -36.98
CA LYS O 198 23.20 12.24 -36.47
C LYS O 198 23.63 12.68 -35.09
N LEU O 199 24.02 13.94 -34.96
CA LEU O 199 24.48 14.43 -33.67
C LEU O 199 23.51 14.07 -32.58
N LEU O 200 22.23 14.05 -32.90
CA LEU O 200 21.27 13.76 -31.85
C LEU O 200 21.51 12.38 -31.26
N TYR O 201 21.67 11.37 -32.12
CA TYR O 201 21.77 10.02 -31.60
C TYR O 201 22.96 9.88 -30.66
N GLN O 202 24.10 10.45 -31.02
CA GLN O 202 25.26 10.25 -30.17
C GLN O 202 25.01 10.73 -28.76
N ILE O 203 24.14 11.71 -28.57
CA ILE O 203 23.95 12.22 -27.23
C ILE O 203 23.11 11.24 -26.42
N ASP O 204 22.01 10.82 -26.91
CA ASP O 204 21.22 9.81 -26.24
C ASP O 204 20.71 8.88 -27.31
N PRO O 205 20.72 7.58 -27.09
CA PRO O 205 20.06 6.70 -28.05
C PRO O 205 18.57 6.58 -27.78
N ASN O 206 17.90 7.70 -27.52
CA ASN O 206 16.45 7.71 -27.59
C ASN O 206 15.99 8.98 -28.27
N TRP O 207 15.43 8.86 -29.45
CA TRP O 207 14.63 9.97 -29.91
C TRP O 207 13.42 9.45 -30.65
N THR O 208 12.24 9.80 -30.15
CA THR O 208 11.00 9.49 -30.83
C THR O 208 10.76 10.56 -31.88
N SER O 209 10.18 10.15 -32.98
CA SER O 209 9.80 11.02 -34.09
C SER O 209 8.73 12.03 -33.70
N ARG O 210 8.30 12.00 -32.44
CA ARG O 210 6.99 12.48 -32.02
C ARG O 210 6.63 13.82 -32.63
N SER O 211 7.58 14.75 -32.70
CA SER O 211 7.32 15.99 -33.40
C SER O 211 7.01 15.69 -34.86
N ASP O 212 5.85 16.17 -35.32
CA ASP O 212 5.24 15.59 -36.49
C ASP O 212 6.13 15.69 -37.71
N HIS O 213 5.86 14.83 -38.67
CA HIS O 213 6.67 14.65 -39.87
C HIS O 213 6.28 15.67 -40.91
N SER O 214 5.54 16.69 -40.48
CA SER O 214 4.92 17.66 -41.36
C SER O 214 5.92 18.13 -42.41
N SER O 215 5.47 18.17 -43.66
CA SER O 215 6.35 18.26 -44.80
C SER O 215 7.20 19.51 -44.80
N ASN O 216 6.95 20.44 -43.89
CA ASN O 216 7.74 21.65 -43.88
C ASN O 216 9.08 21.34 -43.24
N ILE O 217 10.09 21.28 -44.09
CA ILE O 217 11.45 20.99 -43.67
C ILE O 217 11.98 22.09 -42.77
N LYS O 218 11.63 23.33 -43.10
CA LYS O 218 12.13 24.45 -42.32
C LYS O 218 11.61 24.37 -40.90
N LEU O 219 10.32 24.14 -40.73
CA LEU O 219 9.80 23.94 -39.40
C LEU O 219 10.53 22.81 -38.70
N ARG O 220 10.68 21.70 -39.40
CA ARG O 220 11.01 20.44 -38.74
C ARG O 220 12.29 20.55 -37.94
N ILE O 221 13.36 21.02 -38.56
CA ILE O 221 14.60 21.12 -37.81
C ILE O 221 14.40 21.97 -36.59
N HIS O 222 13.69 23.09 -36.75
CA HIS O 222 13.57 24.00 -35.64
C HIS O 222 12.84 23.35 -34.49
N SER O 223 12.21 22.20 -34.74
CA SER O 223 11.74 21.38 -33.64
C SER O 223 12.89 20.58 -33.04
N ILE O 224 13.66 19.90 -33.88
CA ILE O 224 14.81 19.17 -33.37
C ILE O 224 15.71 20.10 -32.59
N GLN O 225 16.16 21.15 -33.26
CA GLN O 225 17.08 22.08 -32.66
C GLN O 225 16.60 22.54 -31.31
N ALA O 226 15.29 22.71 -31.15
CA ALA O 226 14.76 22.89 -29.82
C ALA O 226 15.09 21.70 -28.95
N GLU O 227 14.50 20.54 -29.25
CA GLU O 227 14.64 19.36 -28.41
C GLU O 227 16.08 19.15 -28.00
N LEU O 228 16.99 19.41 -28.92
CA LEU O 228 18.40 19.36 -28.58
C LEU O 228 18.75 20.41 -27.53
N ARG O 229 18.47 21.68 -27.83
CA ARG O 229 19.00 22.77 -27.01
C ARG O 229 18.75 22.52 -25.55
N ARG O 230 17.52 22.18 -25.18
CA ARG O 230 17.26 21.89 -23.79
C ARG O 230 18.19 20.79 -23.30
N LEU O 231 18.13 19.64 -23.95
CA LEU O 231 18.82 18.47 -23.45
C LEU O 231 20.28 18.75 -23.20
N LEU O 232 20.93 19.43 -24.13
CA LEU O 232 22.37 19.66 -24.01
C LEU O 232 22.69 20.39 -22.72
N LYS O 233 22.33 21.67 -22.64
CA LYS O 233 22.70 22.43 -21.46
C LYS O 233 22.02 21.94 -20.21
N SER O 234 21.01 21.09 -20.34
CA SER O 234 20.24 20.67 -19.18
C SER O 234 21.13 20.00 -18.15
N LYS O 235 21.55 18.80 -18.45
CA LYS O 235 22.01 17.88 -17.43
C LYS O 235 23.52 17.89 -17.38
N PRO O 236 24.13 17.08 -16.54
CA PRO O 236 25.47 16.60 -16.85
C PRO O 236 25.44 16.18 -18.29
N TYR O 237 26.54 16.36 -19.01
CA TYR O 237 26.59 17.07 -20.29
C TYR O 237 26.53 18.57 -20.10
N GLU O 238 26.94 19.11 -18.96
CA GLU O 238 26.92 20.55 -18.82
C GLU O 238 28.08 21.16 -19.59
N ASN O 239 29.22 20.52 -19.56
CA ASN O 239 30.38 20.97 -20.30
C ASN O 239 30.66 19.96 -21.39
N CYS O 240 30.32 20.30 -22.62
CA CYS O 240 30.69 19.49 -23.74
C CYS O 240 31.21 20.43 -24.78
N LEU O 241 31.84 19.91 -25.82
CA LEU O 241 32.07 20.73 -26.99
C LEU O 241 31.73 19.94 -28.23
N LEU O 242 30.91 20.52 -29.07
CA LEU O 242 30.86 20.09 -30.44
C LEU O 242 32.19 20.43 -31.08
N VAL O 243 32.47 19.79 -32.20
CA VAL O 243 33.52 20.28 -33.07
C VAL O 243 32.96 20.23 -34.46
N LEU O 244 33.28 21.21 -35.26
CA LEU O 244 32.80 21.27 -36.61
C LEU O 244 34.00 21.33 -37.52
N LEU O 245 34.11 20.38 -38.41
CA LEU O 245 35.21 20.38 -39.34
C LEU O 245 34.71 20.82 -40.69
N ASN O 246 35.43 21.76 -41.30
CA ASN O 246 35.14 22.21 -42.65
C ASN O 246 33.75 22.83 -42.73
N VAL O 247 33.48 23.79 -41.85
CA VAL O 247 32.22 24.50 -41.97
C VAL O 247 32.12 25.10 -43.35
N GLN O 248 31.12 24.66 -44.11
CA GLN O 248 30.97 25.12 -45.50
C GLN O 248 29.87 26.13 -45.79
N ASN O 249 28.91 26.26 -44.89
CA ASN O 249 27.82 27.20 -45.10
C ASN O 249 27.85 28.27 -44.02
N ALA O 250 27.81 29.54 -44.42
CA ALA O 250 27.84 30.55 -43.46
C ALA O 250 26.71 30.55 -42.67
N ALA O 252 24.72 27.46 -42.04
CA ALA O 252 25.01 26.27 -41.39
C ALA O 252 25.20 26.66 -40.01
N TRP O 253 26.47 27.22 -39.89
CA TRP O 253 26.68 27.63 -38.52
C TRP O 253 25.37 27.67 -37.76
N ASN O 254 24.47 28.57 -38.16
CA ASN O 254 23.31 28.89 -37.35
C ASN O 254 22.44 27.68 -37.09
N ALA O 255 22.69 26.61 -37.80
CA ALA O 255 22.15 25.34 -37.38
C ALA O 255 22.45 25.14 -35.91
N PHE O 256 23.73 25.09 -35.56
CA PHE O 256 24.16 24.49 -34.31
C PHE O 256 24.29 25.48 -33.17
N ASN O 257 23.90 26.74 -33.38
CA ASN O 257 24.17 27.83 -32.45
C ASN O 257 23.90 27.45 -31.00
N LEU O 258 22.85 26.66 -30.81
CA LEU O 258 22.25 26.41 -29.51
C LEU O 258 23.26 26.03 -28.43
N SER O 259 24.38 25.45 -28.83
CA SER O 259 25.20 24.68 -27.91
C SER O 259 26.06 25.57 -27.06
N CYS O 260 27.06 24.93 -26.48
CA CYS O 260 28.15 25.60 -25.83
C CYS O 260 29.47 25.15 -26.41
N LYS O 261 30.50 25.94 -26.16
CA LYS O 261 31.88 25.51 -26.27
C LYS O 261 32.25 25.01 -27.65
N ILE O 262 31.55 25.40 -28.71
CA ILE O 262 31.82 24.75 -29.97
C ILE O 262 33.15 25.25 -30.52
N LEU O 263 33.53 24.71 -31.67
CA LEU O 263 34.84 24.95 -32.25
C LEU O 263 34.74 24.81 -33.74
N LEU O 264 35.53 25.56 -34.49
CA LEU O 264 35.35 25.60 -35.92
C LEU O 264 36.65 25.33 -36.65
N THR O 265 36.50 25.06 -37.94
CA THR O 265 37.58 25.06 -38.89
C THR O 265 37.00 25.59 -40.18
N THR O 266 37.64 26.43 -40.79
CA THR O 266 37.06 26.99 -42.00
C THR O 266 38.11 27.43 -42.99
N ARG O 267 37.88 27.10 -44.25
CA ARG O 267 38.62 27.73 -45.34
C ARG O 267 38.13 29.14 -45.57
N PHE O 268 36.82 29.29 -45.76
CA PHE O 268 36.29 30.47 -46.41
C PHE O 268 36.46 31.72 -45.57
N LYS O 269 36.93 32.77 -46.21
CA LYS O 269 37.05 34.08 -45.61
C LYS O 269 35.73 34.51 -45.00
N GLN O 270 34.62 34.29 -45.70
CA GLN O 270 33.37 34.89 -45.26
C GLN O 270 32.93 34.37 -43.91
N VAL O 271 33.40 33.21 -43.50
CA VAL O 271 33.11 32.77 -42.13
C VAL O 271 33.93 33.57 -41.15
N THR O 272 35.25 33.44 -41.20
CA THR O 272 36.10 34.11 -40.21
C THR O 272 35.82 35.61 -40.18
N ASP O 273 35.22 36.15 -41.23
CA ASP O 273 34.77 37.53 -41.17
C ASP O 273 33.44 37.65 -40.46
N PHE O 274 32.53 36.70 -40.70
CA PHE O 274 31.19 36.75 -40.14
C PHE O 274 31.21 36.75 -38.62
N LEU O 275 32.08 35.95 -38.03
CA LEU O 275 32.32 36.01 -36.59
C LEU O 275 33.12 37.26 -36.26
N SER O 276 33.12 37.63 -34.99
CA SER O 276 33.81 38.84 -34.55
C SER O 276 34.47 38.60 -33.20
N ALA O 277 35.62 39.24 -33.00
CA ALA O 277 36.45 38.94 -31.84
C ALA O 277 35.72 39.18 -30.53
N ALA O 278 34.58 39.86 -30.59
CA ALA O 278 33.83 40.10 -29.36
C ALA O 278 33.49 38.80 -28.66
N THR O 279 32.80 37.89 -29.35
CA THR O 279 32.39 36.66 -28.69
C THR O 279 33.31 35.49 -28.99
N THR O 280 34.29 35.68 -29.87
CA THR O 280 35.14 34.56 -30.26
C THR O 280 36.59 35.02 -30.29
N THR O 281 37.48 34.04 -30.36
CA THR O 281 38.88 34.28 -30.63
C THR O 281 39.20 33.83 -32.04
N HIS O 282 40.46 33.93 -32.41
CA HIS O 282 40.95 33.38 -33.68
C HIS O 282 42.17 32.52 -33.42
N ILE O 283 42.40 31.57 -34.30
CA ILE O 283 43.72 31.01 -34.55
C ILE O 283 43.92 30.97 -36.05
N SER O 284 44.87 31.74 -36.54
CA SER O 284 45.14 31.71 -37.96
C SER O 284 46.33 30.79 -38.19
N LEU O 285 46.27 29.99 -39.24
CA LEU O 285 47.45 29.20 -39.55
C LEU O 285 48.30 29.81 -40.66
N ASP O 286 47.89 30.92 -41.24
CA ASP O 286 48.71 31.58 -42.25
C ASP O 286 49.79 32.44 -41.61
N HIS O 287 49.48 33.00 -40.45
CA HIS O 287 50.38 33.90 -39.75
C HIS O 287 51.73 33.22 -39.61
N HIS O 288 52.76 33.90 -40.12
CA HIS O 288 54.00 33.21 -40.45
C HIS O 288 54.62 32.55 -39.23
N SER O 289 54.36 33.10 -38.05
CA SER O 289 54.96 32.52 -36.85
C SER O 289 54.32 31.17 -36.53
N MET O 290 53.13 30.91 -37.05
CA MET O 290 52.41 29.72 -36.66
C MET O 290 52.84 28.50 -37.47
N THR O 291 53.51 28.71 -38.59
CA THR O 291 53.55 27.67 -39.60
C THR O 291 54.87 26.92 -39.86
N LEU O 292 54.98 25.57 -39.50
CA LEU O 292 55.97 24.63 -39.99
C LEU O 292 57.36 25.25 -40.04
N THR O 293 57.93 25.38 -38.84
CA THR O 293 59.35 25.62 -38.72
C THR O 293 60.10 24.65 -39.61
N PRO O 294 61.00 25.13 -40.46
CA PRO O 294 61.65 24.22 -41.41
C PRO O 294 62.25 23.02 -40.74
N ASP O 295 62.58 23.13 -39.45
CA ASP O 295 62.99 21.95 -38.70
C ASP O 295 61.88 20.91 -38.65
N GLU O 296 60.62 21.37 -38.61
CA GLU O 296 59.54 20.41 -38.57
C GLU O 296 59.47 19.60 -39.84
N VAL O 297 59.54 20.28 -40.99
CA VAL O 297 59.40 19.60 -42.26
C VAL O 297 60.31 18.39 -42.31
N LYS O 298 61.51 18.52 -41.76
CA LYS O 298 62.39 17.37 -41.62
C LYS O 298 61.65 16.22 -40.97
N SER O 299 61.07 16.44 -39.80
CA SER O 299 60.46 15.33 -39.08
C SER O 299 59.29 14.76 -39.87
N LEU O 300 58.38 15.61 -40.33
CA LEU O 300 57.28 15.11 -41.13
C LEU O 300 57.76 14.39 -42.36
N LEU O 301 58.53 15.08 -43.19
CA LEU O 301 58.98 14.48 -44.43
C LEU O 301 59.81 13.23 -44.16
N LEU O 302 60.22 13.04 -42.91
CA LEU O 302 60.94 11.84 -42.56
C LEU O 302 60.03 10.63 -42.57
N LYS O 303 58.94 10.69 -41.81
CA LYS O 303 58.20 9.48 -41.46
C LYS O 303 57.67 8.76 -42.68
N TYR O 304 57.54 9.46 -43.81
CA TYR O 304 57.13 8.76 -45.01
C TYR O 304 58.29 8.05 -45.68
N LEU O 305 59.43 8.73 -45.82
CA LEU O 305 60.50 8.15 -46.60
C LEU O 305 61.30 7.10 -45.84
N ASP O 306 61.34 7.16 -44.51
CA ASP O 306 62.01 6.16 -43.70
C ASP O 306 63.48 6.04 -44.06
N CYS O 307 64.18 7.18 -44.02
CA CYS O 307 65.58 7.22 -44.38
C CYS O 307 66.29 8.29 -43.56
N ARG O 308 67.57 8.13 -43.45
CA ARG O 308 68.39 8.95 -42.58
C ARG O 308 68.28 10.43 -42.96
N PRO O 309 68.61 11.34 -42.04
CA PRO O 309 68.54 12.77 -42.37
C PRO O 309 69.46 13.18 -43.50
N GLN O 310 70.45 12.36 -43.84
CA GLN O 310 71.20 12.60 -45.05
C GLN O 310 70.32 12.50 -46.28
N ASP O 311 69.22 11.76 -46.19
CA ASP O 311 68.32 11.53 -47.30
C ASP O 311 67.20 12.55 -47.38
N LEU O 312 67.28 13.58 -46.55
CA LEU O 312 66.29 14.65 -46.51
C LEU O 312 66.40 15.59 -47.73
N PRO O 313 65.21 16.14 -48.18
CA PRO O 313 65.36 17.02 -49.36
C PRO O 313 66.08 18.35 -49.07
N ARG O 314 66.79 18.87 -50.07
CA ARG O 314 67.51 20.14 -49.93
C ARG O 314 67.01 21.18 -50.94
N GLU O 315 66.77 22.40 -50.47
CA GLU O 315 66.26 23.47 -51.34
C GLU O 315 64.91 24.05 -50.86
N VAL O 316 64.35 23.43 -49.83
CA VAL O 316 63.08 23.84 -49.20
C VAL O 316 61.86 23.92 -50.14
N LEU O 317 61.06 22.87 -50.07
CA LEU O 317 59.84 22.70 -50.87
C LEU O 317 58.58 23.56 -50.64
N THR O 318 58.25 23.87 -49.39
CA THR O 318 57.00 24.56 -49.09
C THR O 318 56.66 24.28 -47.65
N THR O 319 55.81 25.05 -46.95
CA THR O 319 55.14 24.60 -45.74
C THR O 319 53.65 24.63 -46.05
N ASN O 320 53.11 23.46 -46.35
CA ASN O 320 51.73 23.17 -46.16
C ASN O 320 51.88 21.71 -45.86
N PRO O 321 51.17 21.17 -44.91
CA PRO O 321 51.18 19.72 -44.79
C PRO O 321 50.56 19.06 -45.99
N ARG O 322 49.39 19.53 -46.41
CA ARG O 322 48.90 19.08 -47.69
C ARG O 322 49.89 19.52 -48.76
N ARG O 323 49.95 18.72 -49.82
CA ARG O 323 50.91 18.90 -50.90
C ARG O 323 52.30 18.61 -50.41
N LEU O 324 52.50 18.61 -49.10
CA LEU O 324 53.76 18.06 -48.69
C LEU O 324 53.67 16.56 -48.64
N SER O 325 52.56 16.04 -48.12
CA SER O 325 52.38 14.60 -48.11
C SER O 325 52.44 14.04 -49.50
N ILE O 326 51.65 14.58 -50.42
CA ILE O 326 51.59 14.02 -51.76
C ILE O 326 52.99 13.81 -52.31
N ILE O 327 53.86 14.80 -52.15
CA ILE O 327 55.27 14.58 -52.45
C ILE O 327 55.78 13.40 -51.65
N ALA O 328 55.77 13.53 -50.33
CA ALA O 328 56.33 12.50 -49.47
C ALA O 328 55.76 11.14 -49.82
N GLU O 329 54.48 11.10 -50.19
CA GLU O 329 53.89 9.82 -50.52
C GLU O 329 54.32 9.36 -51.90
N SER O 330 54.28 10.26 -52.87
CA SER O 330 54.62 9.86 -54.23
C SER O 330 56.01 9.25 -54.29
N ILE O 331 56.89 9.62 -53.38
CA ILE O 331 58.22 9.06 -53.43
C ILE O 331 58.28 7.70 -52.78
N ARG O 332 57.63 7.51 -51.64
CA ARG O 332 57.68 6.21 -51.01
C ARG O 332 57.10 5.15 -51.91
N ASP O 333 56.36 5.54 -52.93
CA ASP O 333 55.78 4.56 -53.82
C ASP O 333 56.04 4.87 -55.28
N GLY O 334 55.42 5.91 -55.79
CA GLY O 334 55.30 6.10 -57.22
C GLY O 334 56.55 6.74 -57.80
N LEU O 335 56.33 7.54 -58.82
CA LEU O 335 57.43 8.17 -59.53
C LEU O 335 57.93 9.40 -58.76
N ALA O 336 58.70 10.21 -59.47
CA ALA O 336 59.30 11.50 -59.10
C ALA O 336 60.67 11.38 -58.45
N THR O 337 61.12 10.17 -58.13
CA THR O 337 62.54 9.95 -57.81
C THR O 337 62.97 10.73 -56.59
N TRP O 338 62.07 11.58 -56.11
CA TRP O 338 62.30 12.63 -55.13
C TRP O 338 63.17 13.71 -55.75
N ASP O 339 63.85 13.40 -56.85
CA ASP O 339 64.61 14.39 -57.58
C ASP O 339 63.93 14.84 -58.86
N ASN O 340 62.81 14.23 -59.24
CA ASN O 340 62.23 14.47 -60.56
C ASN O 340 61.24 15.63 -60.58
N TRP O 341 60.29 15.46 -59.68
CA TRP O 341 59.04 16.15 -59.49
C TRP O 341 58.79 17.52 -60.08
N LYS O 342 58.02 17.41 -61.17
CA LYS O 342 57.46 18.47 -61.97
C LYS O 342 55.99 18.02 -61.98
N HIS O 343 55.80 16.73 -62.29
CA HIS O 343 54.48 16.10 -62.34
C HIS O 343 53.79 16.05 -60.98
N VAL O 344 54.52 15.70 -59.91
CA VAL O 344 53.86 15.69 -58.60
C VAL O 344 52.43 15.18 -58.72
N ASN O 345 52.29 13.89 -59.06
CA ASN O 345 51.10 13.10 -58.78
C ASN O 345 49.83 13.91 -59.03
N CYS O 346 49.78 14.52 -60.20
CA CYS O 346 48.80 15.57 -60.45
C CYS O 346 47.41 15.18 -59.96
N ASP O 347 47.03 13.92 -60.15
CA ASP O 347 45.68 13.45 -59.89
C ASP O 347 45.20 13.87 -58.49
N LYS O 348 45.81 13.31 -57.44
CA LYS O 348 45.41 13.68 -56.08
C LYS O 348 45.49 15.18 -55.89
N LEU O 349 46.65 15.75 -56.19
CA LEU O 349 46.80 17.18 -56.17
C LEU O 349 45.67 17.85 -56.94
N THR O 350 45.41 17.38 -58.16
CA THR O 350 44.26 17.89 -58.89
C THR O 350 42.95 17.57 -58.17
N THR O 351 42.69 16.29 -57.93
CA THR O 351 41.37 15.89 -57.45
C THR O 351 40.99 16.65 -56.18
N ILE O 352 42.00 17.00 -55.38
CA ILE O 352 41.73 17.85 -54.22
C ILE O 352 41.52 19.29 -54.65
N ILE O 353 42.43 19.83 -55.45
CA ILE O 353 42.32 21.23 -55.82
C ILE O 353 41.11 21.42 -56.73
N GLU O 354 40.81 20.43 -57.55
CA GLU O 354 39.75 20.62 -58.53
C GLU O 354 38.41 20.84 -57.86
N SER O 355 37.94 19.87 -57.08
CA SER O 355 36.67 20.03 -56.40
C SER O 355 36.70 21.26 -55.52
N SER O 356 37.88 21.60 -54.99
CA SER O 356 38.00 22.75 -54.10
C SER O 356 37.60 24.03 -54.81
N LEU O 357 37.59 24.01 -56.13
CA LEU O 357 37.15 25.17 -56.87
C LEU O 357 35.70 25.06 -57.29
N ASN O 358 35.06 23.94 -56.99
CA ASN O 358 33.74 23.67 -57.54
C ASN O 358 32.68 24.66 -57.10
N VAL O 359 33.03 25.57 -56.18
CA VAL O 359 32.02 26.43 -55.59
C VAL O 359 31.53 27.48 -56.58
N LEU O 360 32.39 27.92 -57.49
CA LEU O 360 32.18 29.15 -58.22
C LEU O 360 31.16 29.00 -59.35
N GLU O 361 30.66 30.15 -59.83
CA GLU O 361 29.80 30.25 -61.01
C GLU O 361 30.63 30.00 -62.26
N PRO O 362 30.38 28.92 -63.00
CA PRO O 362 31.40 28.43 -63.94
C PRO O 362 31.74 29.41 -65.06
N ALA O 363 30.73 29.91 -65.77
CA ALA O 363 31.03 30.82 -66.86
C ALA O 363 31.29 32.22 -66.32
N GLU O 364 30.47 32.63 -65.36
CA GLU O 364 30.69 33.86 -64.64
C GLU O 364 32.09 33.95 -64.07
N TYR O 365 32.64 32.85 -63.56
CA TYR O 365 33.88 32.91 -62.82
C TYR O 365 34.91 31.90 -63.30
N ARG O 366 34.62 30.61 -63.24
CA ARG O 366 35.69 29.64 -63.49
C ARG O 366 36.38 29.90 -64.82
N LYS O 367 35.71 30.57 -65.76
CA LYS O 367 36.43 31.12 -66.90
C LYS O 367 37.59 31.99 -66.46
N MET O 368 37.46 32.63 -65.32
CA MET O 368 38.33 33.76 -65.00
C MET O 368 39.68 33.33 -64.43
N PHE O 369 39.73 32.31 -63.59
CA PHE O 369 41.01 31.73 -63.22
C PHE O 369 41.84 31.43 -64.46
N ASP O 370 41.22 30.76 -65.42
CA ASP O 370 41.91 30.38 -66.64
C ASP O 370 42.70 31.55 -67.19
N ARG O 371 42.14 32.75 -67.09
CA ARG O 371 42.91 33.93 -67.41
C ARG O 371 44.13 34.06 -66.53
N LEU O 372 43.97 33.89 -65.22
CA LEU O 372 45.04 34.23 -64.30
C LEU O 372 46.34 33.49 -64.58
N SER O 373 46.30 32.41 -65.36
CA SER O 373 47.54 31.71 -65.70
C SER O 373 48.49 32.61 -66.46
N VAL O 374 47.99 33.73 -66.98
CA VAL O 374 48.82 34.70 -67.68
C VAL O 374 50.02 35.11 -66.83
N PHE O 375 49.87 35.07 -65.56
CA PHE O 375 50.81 35.83 -64.74
C PHE O 375 52.00 34.97 -64.30
N PRO O 376 53.19 35.55 -64.30
CA PRO O 376 54.34 34.87 -63.73
C PRO O 376 54.18 34.71 -62.23
N PRO O 377 54.53 33.55 -61.68
CA PRO O 377 54.16 33.24 -60.30
C PRO O 377 54.73 34.21 -59.28
N SER O 378 54.09 34.22 -58.11
CA SER O 378 54.54 34.85 -56.86
C SER O 378 54.51 36.37 -56.86
N ALA O 379 54.24 37.02 -57.98
CA ALA O 379 54.34 38.47 -58.05
C ALA O 379 53.08 39.13 -57.50
N HIS O 380 52.98 40.44 -57.73
CA HIS O 380 51.75 41.18 -57.52
C HIS O 380 51.22 41.63 -58.87
N ILE O 381 49.90 41.75 -58.96
CA ILE O 381 49.27 42.18 -60.19
C ILE O 381 48.47 43.45 -59.93
N PRO O 382 48.77 44.55 -60.62
CA PRO O 382 47.95 45.75 -60.47
C PRO O 382 46.51 45.48 -60.89
N THR O 383 45.58 45.83 -60.01
CA THR O 383 44.16 45.68 -60.35
C THR O 383 43.80 46.43 -61.61
N ILE O 384 44.27 47.67 -61.76
CA ILE O 384 44.04 48.40 -62.99
C ILE O 384 44.44 47.56 -64.20
N LEU O 385 45.61 46.94 -64.13
CA LEU O 385 46.03 46.05 -65.20
C LEU O 385 45.05 44.92 -65.39
N LEU O 386 44.53 44.38 -64.28
CA LEU O 386 43.59 43.28 -64.35
C LEU O 386 42.39 43.58 -65.23
N SER O 387 42.08 44.87 -65.40
CA SER O 387 40.88 45.23 -66.15
C SER O 387 40.93 44.70 -67.57
N LEU O 388 42.12 44.60 -68.15
CA LEU O 388 42.23 44.22 -69.55
C LEU O 388 41.81 42.79 -69.78
N ILE O 389 42.29 41.87 -68.96
CA ILE O 389 42.26 40.45 -69.23
C ILE O 389 40.87 39.98 -69.66
N TRP O 390 39.89 40.09 -68.77
CA TRP O 390 38.63 39.45 -69.07
C TRP O 390 37.86 40.21 -70.13
N PHE O 391 37.33 41.37 -69.75
CA PHE O 391 36.51 42.17 -70.64
C PHE O 391 35.31 41.38 -71.15
N ASP O 392 34.97 40.29 -70.47
CA ASP O 392 33.70 39.60 -70.70
C ASP O 392 32.59 40.25 -69.88
N VAL O 393 32.87 40.59 -68.62
CA VAL O 393 32.04 41.49 -67.83
C VAL O 393 32.88 42.72 -67.55
N ILE O 394 32.21 43.85 -67.35
CA ILE O 394 32.79 45.15 -67.67
C ILE O 394 32.84 46.05 -66.44
N LYS O 395 33.70 47.06 -66.54
CA LYS O 395 33.76 48.27 -65.70
C LYS O 395 34.10 47.89 -64.25
N SER O 396 33.38 48.44 -63.26
CA SER O 396 33.72 48.26 -61.86
C SER O 396 33.69 46.80 -61.43
N ASP O 397 33.10 45.94 -62.24
CA ASP O 397 32.97 44.53 -61.88
C ASP O 397 34.32 43.96 -61.47
N VAL O 398 35.42 44.52 -61.99
CA VAL O 398 36.74 44.11 -61.55
C VAL O 398 36.82 44.04 -60.03
N MET O 399 36.71 45.18 -59.37
CA MET O 399 36.72 45.16 -57.92
C MET O 399 35.58 44.32 -57.37
N VAL O 400 34.45 44.29 -58.07
CA VAL O 400 33.38 43.39 -57.68
C VAL O 400 33.85 41.96 -57.77
N VAL O 401 34.48 41.61 -58.89
CA VAL O 401 34.97 40.25 -59.04
C VAL O 401 35.89 39.88 -57.90
N VAL O 402 37.05 40.56 -57.81
CA VAL O 402 38.05 40.15 -56.84
C VAL O 402 37.40 39.93 -55.49
N ASN O 403 36.58 40.88 -55.06
CA ASN O 403 35.83 40.67 -53.83
C ASN O 403 35.03 39.38 -53.90
N LYS O 404 34.09 39.31 -54.83
CA LYS O 404 33.30 38.10 -55.01
C LYS O 404 34.20 36.89 -55.08
N LEU O 405 35.37 37.06 -55.68
CA LEU O 405 36.35 35.99 -55.65
C LEU O 405 37.00 35.91 -54.28
N HIS O 406 37.52 37.04 -53.79
CA HIS O 406 38.32 37.04 -52.58
C HIS O 406 37.65 36.34 -51.42
N LYS O 407 36.33 36.47 -51.29
CA LYS O 407 35.67 35.87 -50.14
C LYS O 407 35.96 34.40 -50.04
N TYR O 408 36.13 33.73 -51.17
CA TYR O 408 36.61 32.37 -51.13
C TYR O 408 38.11 32.38 -50.87
N SER O 409 38.56 31.49 -50.00
CA SER O 409 39.80 31.74 -49.27
C SER O 409 40.94 32.00 -50.22
N LEU O 410 41.50 33.21 -50.11
CA LEU O 410 42.67 33.67 -50.85
C LEU O 410 42.67 33.16 -52.28
N VAL O 411 41.49 32.89 -52.83
CA VAL O 411 41.49 32.48 -54.21
C VAL O 411 41.89 33.67 -55.06
N GLU O 412 41.64 34.87 -54.56
CA GLU O 412 42.35 36.04 -55.06
C GLU O 412 43.64 36.32 -54.27
N LYS O 413 43.60 36.24 -52.93
CA LYS O 413 44.70 36.65 -52.05
C LYS O 413 45.02 38.16 -52.14
N GLN O 414 44.16 38.94 -51.48
CA GLN O 414 44.32 40.41 -51.39
C GLN O 414 45.64 40.82 -50.75
N PRO O 415 46.13 41.92 -51.58
CA PRO O 415 47.19 42.72 -50.97
C PRO O 415 46.61 44.03 -50.44
N LYS O 416 45.55 44.50 -51.10
CA LYS O 416 44.82 45.73 -50.80
C LYS O 416 45.60 47.03 -51.04
N GLU O 417 46.59 47.02 -51.93
CA GLU O 417 47.05 48.27 -52.51
C GLU O 417 47.12 48.20 -54.05
N SER O 418 46.18 48.89 -54.68
CA SER O 418 46.14 49.11 -56.14
C SER O 418 46.45 47.87 -56.98
N THR O 419 46.14 46.69 -56.46
CA THR O 419 46.58 45.41 -57.05
C THR O 419 45.79 44.22 -56.57
N ILE O 420 46.16 43.05 -57.09
CA ILE O 420 45.73 41.75 -56.57
C ILE O 420 46.99 40.90 -56.43
N SER O 421 46.91 39.85 -55.61
CA SER O 421 48.07 39.00 -55.41
C SER O 421 47.78 37.55 -55.79
N ILE O 422 48.81 36.80 -56.17
CA ILE O 422 48.56 35.43 -56.59
C ILE O 422 47.79 34.70 -55.50
N PRO O 423 46.76 33.88 -55.96
CA PRO O 423 46.01 33.21 -54.89
C PRO O 423 46.97 32.36 -54.09
N SER O 424 47.88 31.68 -54.77
CA SER O 424 48.87 30.88 -54.07
C SER O 424 49.58 30.07 -55.14
N ILE O 425 50.48 29.21 -54.69
CA ILE O 425 51.01 28.22 -55.61
C ILE O 425 49.91 27.29 -56.08
N TYR O 426 49.08 26.81 -55.15
CA TYR O 426 48.09 25.79 -55.45
C TYR O 426 47.17 26.16 -56.57
N LEU O 427 46.27 27.10 -56.29
CA LEU O 427 45.26 27.43 -57.27
C LEU O 427 45.90 27.87 -58.57
N GLU O 428 47.21 28.16 -58.53
CA GLU O 428 48.03 28.24 -59.73
C GLU O 428 48.50 26.87 -60.20
N LEU O 429 49.15 26.32 -59.20
CA LEU O 429 49.91 25.14 -59.59
C LEU O 429 49.13 24.15 -60.44
N LYS O 430 47.81 24.23 -60.47
CA LYS O 430 47.00 23.10 -60.94
C LYS O 430 47.42 22.59 -62.31
N VAL O 431 47.03 23.28 -63.38
CA VAL O 431 47.36 22.82 -64.73
C VAL O 431 47.46 23.96 -65.72
N LYS O 432 48.46 23.88 -66.61
CA LYS O 432 48.19 23.93 -68.04
C LYS O 432 47.11 24.93 -68.44
N LEU O 433 47.50 26.20 -68.53
CA LEU O 433 46.61 27.33 -68.75
C LEU O 433 45.51 27.09 -69.79
N GLU O 434 45.82 26.37 -70.87
CA GLU O 434 44.87 26.18 -71.96
C GLU O 434 44.40 27.53 -72.50
N ASN O 435 43.13 27.83 -72.32
CA ASN O 435 42.55 29.15 -72.55
C ASN O 435 42.59 29.48 -74.05
N GLU O 436 43.24 28.63 -74.82
CA GLU O 436 43.13 28.61 -76.28
C GLU O 436 43.52 29.97 -76.84
N TYR O 437 42.61 30.70 -77.49
CA TYR O 437 42.95 31.93 -78.22
C TYR O 437 43.75 32.91 -77.38
N ALA O 438 43.62 32.84 -76.05
CA ALA O 438 43.98 33.96 -75.19
C ALA O 438 45.36 34.51 -75.49
N LEU O 439 46.36 33.63 -75.60
CA LEU O 439 47.75 33.99 -75.33
C LEU O 439 48.19 35.30 -75.98
N HIS O 440 48.42 35.31 -77.29
CA HIS O 440 49.01 36.48 -77.95
C HIS O 440 48.31 37.77 -77.56
N ARG O 441 47.07 37.94 -78.02
CA ARG O 441 46.33 39.17 -77.76
C ARG O 441 46.30 39.50 -76.27
N SER O 442 46.08 38.50 -75.43
CA SER O 442 46.04 38.76 -73.99
C SER O 442 47.43 39.12 -73.47
N ILE O 443 48.49 38.30 -73.87
CA ILE O 443 49.85 38.69 -73.53
C ILE O 443 50.27 39.93 -74.32
N VAL O 444 50.07 39.91 -75.64
CA VAL O 444 50.38 41.06 -76.48
C VAL O 444 49.65 42.31 -76.03
N ASP O 445 48.31 42.34 -76.08
CA ASP O 445 47.59 43.59 -75.85
C ASP O 445 47.84 44.11 -74.45
N HIS O 446 48.15 43.23 -73.50
CA HIS O 446 48.45 43.69 -72.15
C HIS O 446 49.78 44.43 -72.11
N TYR O 447 50.49 44.46 -73.23
CA TYR O 447 51.63 45.35 -73.38
C TYR O 447 51.13 46.79 -73.51
N ASN O 448 49.83 46.98 -73.46
CA ASN O 448 49.20 48.23 -73.85
C ASN O 448 49.94 49.48 -73.36
N ILE O 449 50.43 49.45 -72.12
CA ILE O 449 50.95 50.66 -71.49
C ILE O 449 52.16 51.34 -72.20
N PRO O 450 53.33 50.68 -72.29
CA PRO O 450 54.56 51.46 -72.58
C PRO O 450 54.60 52.19 -73.90
N LYS O 451 54.32 51.52 -75.03
CA LYS O 451 54.75 52.05 -76.33
C LYS O 451 54.31 53.49 -76.57
N THR O 452 53.31 53.80 -75.79
CA THR O 452 52.87 55.19 -75.72
C THR O 452 54.04 56.09 -75.31
N PHE O 453 54.54 55.93 -74.10
CA PHE O 453 55.73 56.64 -73.69
C PHE O 453 56.97 56.02 -74.33
N ASP O 454 57.74 56.83 -75.06
CA ASP O 454 59.00 56.31 -75.58
C ASP O 454 60.18 57.10 -75.06
N SER O 455 60.37 58.31 -75.57
CA SER O 455 61.53 59.13 -75.22
C SER O 455 61.08 60.55 -74.88
N ASP O 456 61.52 61.04 -73.73
CA ASP O 456 61.20 62.37 -73.24
C ASP O 456 62.14 62.75 -72.12
N ASP O 457 61.85 63.90 -71.51
CA ASP O 457 62.64 64.43 -70.41
C ASP O 457 62.36 63.68 -69.11
N LEU O 458 63.32 63.76 -68.19
CA LEU O 458 63.10 63.46 -66.78
C LEU O 458 62.68 62.03 -66.54
N ILE O 459 61.70 61.82 -65.67
CA ILE O 459 61.30 60.50 -65.17
C ILE O 459 59.90 60.16 -65.66
N PRO O 460 59.81 59.08 -66.44
CA PRO O 460 58.57 58.68 -67.11
C PRO O 460 57.42 58.13 -66.26
N PRO O 461 56.16 58.33 -66.80
CA PRO O 461 55.07 57.76 -66.00
C PRO O 461 55.02 56.32 -66.44
N TYR O 462 55.65 55.49 -65.63
CA TYR O 462 55.80 54.07 -65.84
C TYR O 462 55.32 53.33 -64.60
N LEU O 463 54.76 52.14 -64.79
CA LEU O 463 53.79 51.63 -63.83
C LEU O 463 54.47 50.84 -62.73
N ASP O 464 54.52 51.45 -61.55
CA ASP O 464 54.76 50.89 -60.22
C ASP O 464 55.96 49.95 -60.22
N GLN O 465 55.88 48.88 -59.44
CA GLN O 465 56.95 47.90 -59.34
C GLN O 465 56.68 46.62 -60.13
N TYR O 466 55.51 46.49 -60.76
CA TYR O 466 55.27 45.30 -61.55
C TYR O 466 56.00 45.38 -62.89
N PHE O 467 55.87 46.48 -63.60
CA PHE O 467 56.49 46.55 -64.93
C PHE O 467 58.00 46.39 -65.02
N TYR O 468 58.70 46.90 -64.03
CA TYR O 468 60.14 46.79 -64.02
C TYR O 468 60.53 45.31 -64.00
N SER O 469 59.68 44.46 -63.42
CA SER O 469 60.04 43.06 -63.31
C SER O 469 59.67 42.29 -64.57
N HIS O 470 58.40 42.00 -64.73
CA HIS O 470 57.97 40.95 -65.64
C HIS O 470 57.53 41.44 -66.99
N ILE O 471 57.60 42.75 -67.26
CA ILE O 471 57.14 43.26 -68.54
C ILE O 471 57.75 42.46 -69.68
N GLY O 472 58.98 41.98 -69.50
CA GLY O 472 59.59 41.15 -70.52
C GLY O 472 58.90 39.82 -70.67
N HIS O 473 58.35 39.28 -69.57
CA HIS O 473 57.58 38.07 -69.73
C HIS O 473 56.47 38.23 -70.74
N HIS O 474 55.70 39.29 -70.62
CA HIS O 474 54.69 39.55 -71.63
C HIS O 474 55.29 39.67 -73.02
N LEU O 475 56.54 40.09 -73.12
CA LEU O 475 57.19 40.08 -74.40
C LEU O 475 57.38 38.67 -74.93
N LYS O 476 57.45 37.67 -74.04
CA LYS O 476 57.72 36.30 -74.46
C LYS O 476 56.76 35.83 -75.56
N ASN O 477 55.55 36.37 -75.57
CA ASN O 477 54.58 36.01 -76.59
C ASN O 477 54.56 36.96 -77.77
N ILE O 478 55.50 37.90 -77.84
CA ILE O 478 55.40 38.95 -78.84
C ILE O 478 56.54 38.80 -79.84
N GLU O 479 56.54 39.62 -80.89
CA GLU O 479 57.59 39.59 -81.90
C GLU O 479 58.93 39.96 -81.29
N HIS O 480 59.91 39.10 -81.49
CA HIS O 480 61.21 39.25 -80.86
C HIS O 480 61.93 40.49 -81.38
N PRO O 481 62.09 40.68 -82.69
CA PRO O 481 62.67 41.95 -83.14
C PRO O 481 61.88 43.13 -82.62
N GLU O 482 60.56 43.02 -82.67
CA GLU O 482 59.72 44.05 -82.09
C GLU O 482 60.01 44.23 -80.61
N ARG O 483 60.40 43.15 -79.93
CA ARG O 483 60.85 43.38 -78.56
C ARG O 483 62.29 43.89 -78.57
N MET O 484 63.18 43.26 -79.35
CA MET O 484 64.58 43.68 -79.35
C MET O 484 64.70 45.16 -79.61
N THR O 485 63.77 45.71 -80.39
CA THR O 485 63.54 47.15 -80.39
C THR O 485 63.21 47.63 -78.98
N LEU O 486 62.05 47.24 -78.46
CA LEU O 486 61.51 47.77 -77.23
C LEU O 486 61.82 46.92 -76.00
N PHE O 487 62.61 45.87 -76.14
CA PHE O 487 62.99 45.11 -74.95
C PHE O 487 63.84 45.96 -74.03
N ARG O 488 64.37 47.06 -74.55
CA ARG O 488 65.05 48.06 -73.75
C ARG O 488 66.28 47.49 -73.04
N MET O 489 66.80 46.37 -73.55
CA MET O 489 68.25 46.22 -73.61
C MET O 489 68.85 47.44 -74.27
N VAL O 490 68.20 47.88 -75.34
CA VAL O 490 68.61 49.06 -76.07
C VAL O 490 68.48 50.30 -75.19
N PHE O 491 67.35 50.45 -74.52
CA PHE O 491 67.00 51.72 -73.90
C PHE O 491 67.65 51.77 -72.52
N LEU O 492 68.54 52.74 -72.32
CA LEU O 492 69.20 52.93 -71.04
C LEU O 492 68.32 53.72 -70.08
N ASP O 493 67.41 54.54 -70.62
CA ASP O 493 66.54 55.41 -69.84
C ASP O 493 65.66 54.61 -68.86
N PHE O 494 64.67 53.89 -69.41
CA PHE O 494 63.80 53.06 -68.59
C PHE O 494 64.57 52.11 -67.71
N ARG O 495 65.62 51.50 -68.26
CA ARG O 495 66.15 50.26 -67.72
C ARG O 495 66.65 50.43 -66.28
N PHE O 496 67.45 51.46 -66.03
CA PHE O 496 68.03 51.67 -64.71
C PHE O 496 66.95 51.81 -63.63
N LEU O 497 65.77 52.27 -64.02
CA LEU O 497 64.76 52.61 -63.04
C LEU O 497 64.26 51.38 -62.30
N GLU O 498 64.58 50.19 -62.79
CA GLU O 498 64.30 48.96 -62.04
C GLU O 498 65.01 48.97 -60.68
N GLN O 499 66.33 48.86 -60.70
CA GLN O 499 67.14 48.80 -59.49
C GLN O 499 67.10 50.09 -58.69
N LYS O 500 66.46 51.11 -59.21
CA LYS O 500 66.15 52.34 -58.49
C LYS O 500 65.66 52.03 -57.09
N ILE O 501 64.52 51.34 -56.99
CA ILE O 501 63.93 50.94 -55.72
C ILE O 501 64.83 49.99 -54.95
N ARG O 502 65.72 49.29 -55.67
CA ARG O 502 66.50 48.22 -55.07
C ARG O 502 67.61 48.82 -54.21
N HIS O 503 67.65 48.37 -52.97
CA HIS O 503 68.67 48.77 -52.02
C HIS O 503 69.04 47.57 -51.16
N ASP O 504 69.99 47.78 -50.26
CA ASP O 504 70.31 46.78 -49.26
C ASP O 504 69.96 47.28 -47.88
N SER O 505 69.37 46.42 -47.08
CA SER O 505 69.38 46.64 -45.65
C SER O 505 70.79 46.90 -45.14
N THR O 506 71.77 46.10 -45.55
CA THR O 506 73.03 46.01 -44.86
C THR O 506 74.21 46.15 -45.82
N ALA O 507 75.32 46.65 -45.28
CA ALA O 507 76.61 46.79 -45.94
C ALA O 507 76.60 47.51 -47.28
N TRP O 508 77.47 47.07 -48.18
CA TRP O 508 77.61 47.65 -49.49
C TRP O 508 76.97 46.85 -50.61
N ASN O 509 76.28 45.77 -50.22
CA ASN O 509 75.62 44.82 -51.11
C ASN O 509 74.09 44.92 -51.29
N ALA O 510 73.51 43.83 -51.78
CA ALA O 510 72.07 43.73 -52.05
C ALA O 510 71.30 42.75 -51.15
N SER O 511 70.13 43.20 -50.70
CA SER O 511 69.21 42.49 -49.83
C SER O 511 69.59 42.73 -48.37
N GLY O 512 69.33 41.76 -47.51
CA GLY O 512 68.80 42.08 -46.21
C GLY O 512 67.49 42.81 -46.34
N SER O 513 67.21 43.35 -47.52
CA SER O 513 65.99 43.97 -47.97
C SER O 513 65.66 43.41 -49.35
N ILE O 514 66.43 43.84 -50.36
CA ILE O 514 66.09 43.62 -51.77
C ILE O 514 67.35 43.40 -52.59
N LEU O 515 67.31 42.46 -53.55
CA LEU O 515 68.45 42.26 -54.43
C LEU O 515 68.55 43.40 -55.44
N ASN O 516 69.74 43.52 -56.01
CA ASN O 516 70.03 44.52 -57.01
C ASN O 516 70.80 43.87 -58.15
N THR O 517 70.09 43.12 -59.00
CA THR O 517 70.63 42.42 -60.21
C THR O 517 70.31 40.96 -60.58
N LEU O 518 70.86 39.95 -59.89
CA LEU O 518 70.65 38.59 -60.43
C LEU O 518 69.37 38.48 -61.25
N GLN O 519 68.27 38.98 -60.71
CA GLN O 519 67.05 39.05 -61.49
C GLN O 519 67.37 39.69 -62.81
N GLN O 520 67.84 40.93 -62.74
CA GLN O 520 68.42 41.58 -63.89
C GLN O 520 69.31 40.59 -64.61
N LEU O 521 70.39 40.19 -63.97
CA LEU O 521 71.29 39.23 -64.60
C LEU O 521 70.52 38.05 -65.15
N LYS O 522 69.61 37.51 -64.34
CA LYS O 522 68.87 36.34 -64.76
C LYS O 522 68.11 36.60 -66.04
N PHE O 523 67.64 37.83 -66.24
CA PHE O 523 67.03 38.15 -67.53
C PHE O 523 68.02 37.96 -68.67
N TYR O 524 69.30 38.13 -68.39
CA TYR O 524 70.21 38.39 -69.48
C TYR O 524 70.64 37.13 -70.19
N LYS O 525 70.52 35.99 -69.54
CA LYS O 525 70.77 34.73 -70.26
C LYS O 525 69.66 34.42 -71.26
N PRO O 526 68.38 34.37 -70.87
CA PRO O 526 67.36 33.97 -71.86
C PRO O 526 67.15 34.99 -72.96
N TYR O 527 67.12 36.27 -72.61
CA TYR O 527 66.48 37.27 -73.45
C TYR O 527 67.36 37.77 -74.58
N ILE O 528 68.51 37.14 -74.77
CA ILE O 528 69.40 37.43 -75.91
C ILE O 528 68.88 36.71 -77.14
N CYS O 529 67.64 36.19 -77.05
CA CYS O 529 67.14 35.20 -78.01
C CYS O 529 67.48 35.53 -79.46
N ASP O 530 67.18 36.75 -79.90
CA ASP O 530 67.54 37.20 -81.24
C ASP O 530 68.40 38.44 -81.09
N ASN O 531 69.70 38.31 -81.39
CA ASN O 531 70.64 39.44 -81.35
C ASN O 531 71.92 39.02 -82.05
N ASP O 532 72.86 39.97 -82.12
CA ASP O 532 74.12 39.78 -82.81
C ASP O 532 75.27 40.18 -81.88
N PRO O 533 76.53 39.95 -82.25
CA PRO O 533 77.63 40.30 -81.34
C PRO O 533 77.59 41.73 -80.87
N LYS O 534 77.10 42.65 -81.70
CA LYS O 534 76.90 44.03 -81.30
C LYS O 534 76.17 44.07 -79.96
N TYR O 535 74.90 43.68 -79.98
CA TYR O 535 74.09 43.71 -78.77
C TYR O 535 74.64 42.76 -77.72
N GLU O 536 75.19 41.61 -78.16
CA GLU O 536 75.57 40.55 -77.22
C GLU O 536 76.76 40.98 -76.38
N ARG O 537 77.83 41.43 -77.02
CA ARG O 537 78.95 41.95 -76.26
C ARG O 537 78.58 43.23 -75.52
N LEU O 538 77.67 44.01 -76.09
CA LEU O 538 77.14 45.18 -75.39
C LEU O 538 76.66 44.81 -73.99
N VAL O 539 75.77 43.82 -73.91
CA VAL O 539 75.36 43.31 -72.60
C VAL O 539 76.55 42.73 -71.85
N ASN O 540 77.27 41.81 -72.51
CA ASN O 540 78.42 41.19 -71.89
C ASN O 540 79.30 42.23 -71.23
N ALA O 541 79.58 43.30 -71.94
CA ALA O 541 80.09 44.49 -71.31
C ALA O 541 79.22 44.90 -70.14
N ILE O 542 78.00 45.37 -70.40
CA ILE O 542 77.20 46.03 -69.38
C ILE O 542 77.18 45.24 -68.09
N LEU O 543 77.35 43.92 -68.20
CA LEU O 543 77.60 43.11 -67.03
C LEU O 543 78.64 43.77 -66.13
N ASP O 544 79.65 44.40 -66.72
CA ASP O 544 80.63 45.15 -65.94
C ASP O 544 80.00 46.21 -65.06
N PHE O 545 79.20 47.11 -65.62
CA PHE O 545 78.66 48.20 -64.83
C PHE O 545 77.98 47.65 -63.61
N LEU O 546 77.42 46.45 -63.73
CA LEU O 546 76.51 45.94 -62.71
C LEU O 546 77.18 45.90 -61.34
N PRO O 547 78.33 45.25 -61.17
CA PRO O 547 79.11 45.61 -59.98
C PRO O 547 79.51 47.07 -60.03
N LYS O 548 80.05 47.48 -61.16
CA LYS O 548 80.74 48.75 -61.26
C LYS O 548 79.83 49.90 -60.84
N ILE O 549 78.56 49.86 -61.24
CA ILE O 549 77.64 50.91 -60.84
C ILE O 549 77.60 51.02 -59.32
N GLU O 550 77.41 52.24 -58.86
CA GLU O 550 77.36 52.59 -57.45
C GLU O 550 75.93 52.93 -57.06
N GLU O 551 75.60 52.56 -55.83
CA GLU O 551 74.35 53.03 -55.25
C GLU O 551 74.59 54.35 -54.54
N ASN O 552 73.59 55.22 -54.60
CA ASN O 552 73.76 56.65 -54.59
C ASN O 552 72.51 57.26 -53.99
N LEU O 553 72.32 58.56 -54.19
CA LEU O 553 70.96 59.03 -54.32
C LEU O 553 70.41 58.47 -55.62
N ILE O 554 69.28 57.76 -55.52
CA ILE O 554 68.86 56.92 -56.62
C ILE O 554 68.25 57.77 -57.71
N CYS O 555 68.84 57.69 -58.91
CA CYS O 555 68.36 58.36 -60.12
C CYS O 555 68.41 59.87 -59.96
N SER O 556 68.45 60.33 -58.72
CA SER O 556 68.88 61.68 -58.48
C SER O 556 70.38 61.59 -58.35
N LYS O 557 71.08 62.16 -59.33
CA LYS O 557 72.30 61.55 -59.84
C LYS O 557 71.97 60.21 -60.48
N TYR O 558 71.38 60.33 -61.66
CA TYR O 558 71.45 59.32 -62.70
C TYR O 558 72.51 59.64 -63.75
N THR O 559 73.21 60.76 -63.58
CA THR O 559 73.87 61.47 -64.69
C THR O 559 75.09 60.77 -65.25
N ASP O 560 76.37 60.42 -64.58
CA ASP O 560 77.58 59.61 -64.80
C ASP O 560 77.35 58.33 -65.61
N LEU O 561 76.33 57.57 -65.25
CA LEU O 561 76.06 56.26 -65.86
C LEU O 561 76.07 56.30 -67.39
N LEU O 562 75.32 57.25 -67.94
CA LEU O 562 75.18 57.41 -69.39
C LEU O 562 76.54 57.51 -70.09
N ARG O 563 77.38 58.42 -69.61
CA ARG O 563 78.64 58.71 -70.28
C ARG O 563 79.72 57.67 -69.96
N ILE O 564 79.64 57.06 -68.78
CA ILE O 564 80.62 56.05 -68.40
C ILE O 564 80.23 54.69 -68.99
N ALA O 565 79.08 54.65 -69.65
CA ALA O 565 78.74 53.50 -70.46
C ALA O 565 79.61 53.50 -71.72
N LEU O 566 80.25 54.64 -71.98
CA LEU O 566 81.09 54.82 -73.16
C LEU O 566 82.58 54.59 -72.91
N MET O 567 82.93 54.19 -71.68
CA MET O 567 84.33 53.92 -71.32
C MET O 567 84.99 52.99 -72.33
N ALA O 568 84.53 51.73 -72.35
CA ALA O 568 84.88 50.82 -73.42
C ALA O 568 83.67 50.70 -74.33
N GLU O 569 83.76 51.27 -75.53
CA GLU O 569 82.57 51.43 -76.35
C GLU O 569 82.54 50.54 -77.59
N ASP O 570 81.72 49.50 -77.53
CA ASP O 570 81.27 48.78 -78.72
C ASP O 570 79.86 49.26 -79.06
N GLU O 571 79.36 50.20 -78.26
CA GLU O 571 77.94 50.54 -78.25
C GLU O 571 77.59 51.83 -78.97
N ALA O 572 76.49 51.79 -79.72
CA ALA O 572 75.94 52.98 -80.36
C ALA O 572 74.86 53.62 -79.50
N ILE O 573 74.68 53.06 -78.30
CA ILE O 573 73.61 53.48 -77.38
C ILE O 573 73.53 54.98 -77.12
N PHE O 574 74.65 55.57 -76.67
CA PHE O 574 74.65 56.97 -76.32
C PHE O 574 74.45 57.85 -77.55
N GLU O 575 74.84 57.32 -78.71
CA GLU O 575 74.61 58.00 -79.98
C GLU O 575 73.12 58.02 -80.30
N GLU O 576 72.41 57.02 -79.80
CA GLU O 576 70.96 56.95 -79.95
C GLU O 576 70.30 57.77 -78.84
N ALA O 577 71.09 58.11 -77.81
CA ALA O 577 70.63 58.93 -76.71
C ALA O 577 70.75 60.41 -77.06
N HIS O 578 71.21 60.69 -78.28
CA HIS O 578 71.38 62.05 -78.77
C HIS O 578 70.04 62.80 -78.88
N LYS O 579 68.95 62.06 -78.83
CA LYS O 579 67.62 62.65 -78.92
C LYS O 579 67.04 62.97 -77.54
N GLN O 580 67.79 62.65 -76.50
CA GLN O 580 67.34 62.87 -75.13
C GLN O 580 68.36 63.67 -74.31
N VAL O 581 69.58 63.17 -74.17
CA VAL O 581 70.58 63.70 -73.26
C VAL O 581 70.89 65.20 -73.46
N GLN O 582 70.59 65.72 -74.65
CA GLN O 582 70.93 67.10 -74.99
C GLN O 582 69.81 68.12 -74.78
N ARG O 583 68.70 67.70 -74.18
CA ARG O 583 67.47 68.51 -74.28
C ARG O 583 67.47 69.73 -73.37
N PHE O 584 67.45 70.90 -74.02
CA PHE O 584 67.30 72.22 -73.40
C PHE O 584 68.19 72.48 -72.18
N ASP O 585 67.64 73.24 -71.23
CA ASP O 585 68.29 73.48 -69.95
C ASP O 585 67.64 72.63 -68.85
N ASP O 586 66.59 71.90 -69.21
CA ASP O 586 65.78 71.20 -68.22
C ASP O 586 66.50 69.99 -67.67
N ARG O 587 66.75 69.01 -68.52
CA ARG O 587 67.53 67.84 -68.14
C ARG O 587 68.99 68.15 -68.47
N VAL O 588 69.87 67.15 -68.40
CA VAL O 588 71.31 67.37 -68.47
C VAL O 588 71.78 67.99 -69.78
N TRP O 589 72.95 68.60 -69.74
CA TRP O 589 73.60 69.16 -70.93
C TRP O 589 74.83 68.32 -71.21
N PHE O 590 75.56 68.63 -72.28
CA PHE O 590 76.69 67.77 -72.66
C PHE O 590 77.89 68.09 -71.78
N THR O 591 78.30 67.10 -70.99
CA THR O 591 79.36 67.21 -69.99
C THR O 591 79.90 65.82 -69.74
N ASN O 592 80.66 65.63 -68.66
CA ASN O 592 80.83 64.31 -68.08
C ASN O 592 81.75 63.38 -68.88
N HIS O 593 82.35 63.94 -69.94
CA HIS O 593 82.99 63.20 -71.03
C HIS O 593 83.75 61.94 -70.60
N GLY O 594 84.73 62.06 -69.71
CA GLY O 594 85.51 60.89 -69.31
C GLY O 594 86.44 60.40 -70.40
N ARG O 595 86.26 59.15 -70.86
CA ARG O 595 87.22 58.50 -71.76
C ARG O 595 88.55 58.32 -71.04
N PHE O 596 88.61 57.28 -70.21
CA PHE O 596 89.66 57.05 -69.21
C PHE O 596 89.63 58.12 -68.13
N HIS O 597 88.58 58.08 -67.33
CA HIS O 597 88.42 58.94 -66.16
C HIS O 597 87.65 58.15 -65.11
N GLN O 598 87.79 58.56 -63.85
CA GLN O 598 87.01 58.02 -62.72
C GLN O 598 87.39 56.58 -62.33
N HIS O 599 88.28 55.95 -63.09
CA HIS O 599 88.80 54.61 -62.75
C HIS O 599 87.69 53.61 -62.45
N ARG O 600 87.58 53.19 -61.18
CA ARG O 600 86.61 52.19 -60.72
C ARG O 600 86.86 50.78 -61.26
N GLN O 601 85.87 50.23 -61.95
CA GLN O 601 85.70 48.79 -62.12
C GLN O 601 85.52 48.24 -60.70
N ILE O 602 84.61 48.90 -59.99
CA ILE O 602 84.37 48.65 -58.57
C ILE O 602 83.07 47.87 -58.36
N ILE O 603 83.12 46.84 -57.53
CA ILE O 603 82.00 45.90 -57.41
C ILE O 603 81.08 46.18 -56.21
N ASN O 604 81.43 47.16 -55.38
CA ASN O 604 80.63 47.40 -54.17
C ASN O 604 79.69 48.61 -54.27
N LEU O 605 78.39 48.33 -54.29
CA LEU O 605 77.40 49.40 -54.41
C LEU O 605 76.84 49.88 -53.08
N GLY O 606 77.11 49.16 -51.99
CA GLY O 606 76.51 49.51 -50.72
C GLY O 606 77.24 50.57 -49.92
N ASP O 607 76.46 51.46 -49.29
CA ASP O 607 76.99 52.44 -48.35
C ASP O 607 76.74 52.04 -46.89
N ASN O 608 76.07 50.91 -46.69
CA ASN O 608 75.51 50.58 -45.38
C ASN O 608 76.51 50.15 -44.32
N GLU O 609 76.00 49.93 -43.11
CA GLU O 609 76.80 49.57 -41.95
C GLU O 609 77.21 48.09 -41.94
N GLY O 610 78.28 47.79 -41.22
CA GLY O 610 78.74 46.42 -41.04
C GLY O 610 79.76 46.35 -39.91
N ARG O 611 79.99 45.14 -39.39
CA ARG O 611 80.93 44.96 -38.29
C ARG O 611 82.01 43.93 -38.63
N HIS O 612 81.59 42.68 -38.82
CA HIS O 612 82.53 41.62 -39.16
C HIS O 612 82.23 40.96 -40.51
N ALA O 613 83.29 40.55 -41.20
CA ALA O 613 83.16 39.92 -42.51
C ALA O 613 84.38 39.07 -42.84
N VAL O 614 84.20 38.14 -43.79
CA VAL O 614 85.26 37.27 -44.28
C VAL O 614 84.74 36.38 -45.41
N TYR O 615 85.65 35.88 -46.24
CA TYR O 615 85.30 34.99 -47.35
C TYR O 615 85.14 33.53 -46.94
N LEU O 616 84.37 32.79 -47.72
CA LEU O 616 84.25 31.35 -47.56
C LEU O 616 85.46 30.66 -48.17
N HIS O 617 85.91 29.57 -47.56
CA HIS O 617 87.12 28.88 -47.99
C HIS O 617 86.95 28.19 -49.34
N ASN O 618 85.71 27.94 -49.73
CA ASN O 618 85.42 27.28 -51.00
C ASN O 618 85.37 28.28 -52.15
N ASP O 619 85.59 29.55 -51.82
CA ASP O 619 85.50 30.65 -52.78
C ASP O 619 84.11 30.67 -53.42
N PHE O 620 83.09 30.47 -52.59
CA PHE O 620 81.71 30.52 -53.05
C PHE O 620 80.99 31.74 -52.48
N CYS O 621 80.83 31.77 -51.17
CA CYS O 621 80.10 32.86 -50.54
C CYS O 621 81.01 33.88 -49.87
N LEU O 622 80.39 34.95 -49.37
CA LEU O 622 81.08 35.96 -48.58
C LEU O 622 80.20 36.36 -47.40
N ILE O 623 80.66 36.12 -46.18
CA ILE O 623 79.83 36.44 -45.03
C ILE O 623 80.18 37.82 -44.47
N ALA O 624 79.15 38.64 -44.26
CA ALA O 624 79.31 39.97 -43.69
C ALA O 624 78.07 40.34 -42.89
N LEU O 625 78.26 41.02 -41.77
CA LEU O 625 77.16 41.33 -40.86
C LEU O 625 77.58 42.18 -39.67
N ALA O 626 76.61 42.85 -39.06
CA ALA O 626 76.82 43.53 -37.78
C ALA O 626 75.80 43.09 -36.74
N SER O 627 74.59 43.62 -36.86
CA SER O 627 73.48 43.25 -35.97
C SER O 627 72.53 42.24 -36.60
N GLY O 628 72.80 41.87 -37.86
CA GLY O 628 71.89 41.01 -38.60
C GLY O 628 72.17 39.52 -38.50
N GLN O 629 73.41 39.18 -38.21
CA GLN O 629 73.86 37.78 -38.18
C GLN O 629 73.42 37.02 -39.43
N ILE O 630 73.70 37.59 -40.59
CA ILE O 630 73.25 37.01 -41.85
C ILE O 630 74.40 36.57 -42.74
N LEU O 631 74.24 35.42 -43.37
CA LEU O 631 75.19 34.91 -44.36
C LEU O 631 74.88 35.45 -45.74
N LEU O 632 75.88 36.03 -46.39
CA LEU O 632 75.69 36.61 -47.72
C LEU O 632 76.55 35.90 -48.75
N THR O 633 76.51 36.37 -50.00
CA THR O 633 77.28 35.74 -51.09
C THR O 633 78.41 36.59 -51.71
N ASP O 634 79.46 35.91 -52.18
CA ASP O 634 80.64 36.51 -52.82
C ASP O 634 80.62 36.16 -54.32
N VAL O 635 80.80 37.16 -55.19
CA VAL O 635 80.80 36.97 -56.65
C VAL O 635 82.24 37.13 -57.18
N SER O 636 82.69 36.18 -58.02
CA SER O 636 84.05 36.18 -58.61
C SER O 636 83.93 36.59 -60.10
N LEU O 637 84.78 37.49 -60.58
CA LEU O 637 84.58 37.95 -61.94
C LEU O 637 84.04 36.79 -62.74
N GLU O 638 83.07 37.07 -63.61
CA GLU O 638 82.42 36.03 -64.40
C GLU O 638 80.96 36.46 -64.46
N GLY O 639 80.26 36.06 -65.51
CA GLY O 639 78.87 36.45 -65.67
C GLY O 639 77.97 36.07 -64.50
N GLU O 640 78.07 34.81 -64.07
CA GLU O 640 77.18 34.28 -63.04
C GLU O 640 77.52 34.80 -61.65
N ASP O 641 76.48 35.10 -60.87
CA ASP O 641 76.63 35.59 -59.50
C ASP O 641 75.58 34.89 -58.64
N THR O 642 75.69 35.04 -57.32
CA THR O 642 74.74 34.39 -56.41
C THR O 642 74.38 35.29 -55.23
N TYR O 643 73.11 35.30 -54.84
CA TYR O 643 72.67 36.00 -53.63
C TYR O 643 71.99 35.03 -52.69
N LEU O 644 72.09 35.28 -51.38
CA LEU O 644 71.49 34.40 -50.39
C LEU O 644 71.09 35.14 -49.11
N LEU O 645 70.01 34.69 -48.48
CA LEU O 645 69.55 35.26 -47.22
C LEU O 645 69.62 34.20 -46.11
N ARG O 646 69.90 34.64 -44.89
CA ARG O 646 70.08 33.72 -43.77
C ARG O 646 69.26 34.11 -42.55
N ASP O 647 69.62 35.23 -41.94
CA ASP O 647 68.96 35.75 -40.74
C ASP O 647 69.01 34.77 -39.56
N GLU O 648 70.21 34.53 -39.06
CA GLU O 648 70.41 33.71 -37.86
C GLU O 648 69.99 34.45 -36.59
N SER O 649 69.79 33.69 -35.52
CA SER O 649 69.49 34.27 -34.21
C SER O 649 70.66 35.13 -33.74
N ASP O 650 70.39 36.07 -32.84
CA ASP O 650 71.36 37.11 -32.55
C ASP O 650 72.57 36.64 -31.74
N SER O 651 73.75 36.80 -32.34
CA SER O 651 75.03 36.54 -31.68
C SER O 651 75.61 37.83 -31.14
N SER O 652 74.82 38.90 -31.19
CA SER O 652 75.31 40.27 -31.05
C SER O 652 76.17 40.53 -29.81
N ASP O 653 77.08 41.49 -29.97
CA ASP O 653 78.08 41.88 -28.96
C ASP O 653 79.16 40.81 -28.74
N ILE O 654 79.57 40.14 -29.82
CA ILE O 654 80.79 39.32 -29.80
C ILE O 654 82.03 40.19 -29.97
N LEU O 655 83.15 39.71 -29.44
CA LEU O 655 84.42 40.43 -29.56
C LEU O 655 85.04 40.26 -30.94
N ARG O 656 85.10 39.03 -31.42
CA ARG O 656 85.68 38.75 -32.73
C ARG O 656 84.97 37.53 -33.35
N MET O 657 85.29 37.20 -34.59
CA MET O 657 84.63 36.09 -35.29
C MET O 657 85.57 35.44 -36.30
N ALA O 658 85.39 34.13 -36.49
CA ALA O 658 86.22 33.38 -37.44
C ALA O 658 85.39 32.33 -38.18
N VAL O 659 86.06 31.52 -38.99
CA VAL O 659 85.40 30.48 -39.76
C VAL O 659 86.26 29.21 -39.74
N PHE O 660 85.60 28.04 -39.71
CA PHE O 660 86.31 26.77 -39.61
C PHE O 660 86.49 26.21 -41.03
N ASN O 661 87.20 25.08 -41.16
CA ASN O 661 87.57 24.56 -42.47
C ASN O 661 86.46 23.81 -43.20
N GLN O 662 85.67 23.04 -42.45
CA GLN O 662 84.63 22.21 -43.05
C GLN O 662 83.27 22.91 -43.05
N GLN O 663 83.25 24.16 -42.59
CA GLN O 663 82.13 25.11 -42.66
C GLN O 663 80.88 24.64 -41.89
N LYS O 664 80.91 23.41 -41.39
CA LYS O 664 79.80 22.87 -40.62
C LYS O 664 79.88 23.34 -39.16
N HIS O 665 81.04 23.87 -38.79
CA HIS O 665 81.25 24.38 -37.45
C HIS O 665 81.58 25.87 -37.47
N LEU O 666 81.04 26.61 -36.51
CA LEU O 666 81.28 28.04 -36.41
C LEU O 666 81.68 28.44 -35.00
N ILE O 667 82.90 28.98 -34.86
CA ILE O 667 83.39 29.39 -33.55
C ILE O 667 82.84 30.77 -33.17
N THR O 668 82.42 30.90 -31.92
CA THR O 668 81.86 32.15 -31.43
C THR O 668 82.26 32.37 -29.97
N LEU O 669 82.61 33.61 -29.62
CA LEU O 669 82.95 33.96 -28.25
C LEU O 669 82.33 35.30 -27.87
N HIS O 670 81.98 35.45 -26.60
CA HIS O 670 81.27 36.64 -26.13
C HIS O 670 82.12 37.48 -25.17
N CYS O 671 81.52 38.56 -24.68
CA CYS O 671 82.17 39.43 -23.70
C CYS O 671 82.58 38.66 -22.46
N ASN O 672 81.59 38.15 -21.73
CA ASN O 672 81.85 37.29 -20.57
C ASN O 672 82.35 35.92 -20.99
N GLY O 673 82.18 35.62 -22.28
CA GLY O 673 82.65 34.37 -22.86
C GLY O 673 81.56 33.33 -23.02
N SER O 674 81.68 32.53 -24.07
CA SER O 674 80.71 31.49 -24.42
C SER O 674 81.17 30.78 -25.68
N VAL O 675 80.56 29.63 -25.97
CA VAL O 675 80.82 28.93 -27.22
C VAL O 675 79.52 28.59 -27.92
N LYS O 676 79.31 29.18 -29.10
CA LYS O 676 78.07 28.98 -29.84
C LYS O 676 78.35 28.46 -31.25
N LEU O 677 77.85 27.26 -31.55
CA LEU O 677 78.10 26.63 -32.84
C LEU O 677 76.91 26.80 -33.78
N TRP O 678 77.21 27.00 -35.07
CA TRP O 678 76.16 27.14 -36.08
C TRP O 678 76.45 26.25 -37.29
N SER O 679 75.43 26.08 -38.14
CA SER O 679 75.58 25.31 -39.36
C SER O 679 75.14 26.12 -40.57
N LEU O 680 76.00 26.20 -41.57
CA LEU O 680 75.71 26.99 -42.77
C LEU O 680 74.66 26.32 -43.64
N TRP O 681 74.41 25.03 -43.39
CA TRP O 681 73.38 24.30 -44.10
C TRP O 681 71.99 24.82 -43.71
N PRO O 682 71.24 25.34 -44.69
CA PRO O 682 69.91 25.89 -44.43
C PRO O 682 68.89 24.84 -44.04
N ASN O 699 73.17 25.09 -27.10
CA ASN O 699 74.34 25.01 -27.95
C ASN O 699 75.57 25.62 -27.29
N SER O 700 75.41 26.08 -26.05
CA SER O 700 76.51 26.70 -25.33
C SER O 700 76.61 26.18 -23.91
N VAL O 701 77.77 25.63 -23.57
CA VAL O 701 78.00 25.09 -22.23
C VAL O 701 79.28 25.65 -21.59
N VAL O 702 79.10 26.43 -20.53
CA VAL O 702 80.21 26.99 -19.77
C VAL O 702 80.44 26.10 -18.54
N LYS O 703 79.60 25.08 -18.42
CA LYS O 703 79.54 24.24 -17.21
C LYS O 703 80.71 23.28 -17.08
N ARG O 704 80.59 22.37 -16.11
CA ARG O 704 81.63 21.40 -15.77
C ARG O 704 82.92 22.09 -15.29
N PHE O 705 84.04 21.67 -15.85
CA PHE O 705 85.36 22.16 -15.44
C PHE O 705 85.49 23.68 -15.62
N ILE O 706 86.19 24.30 -14.68
CA ILE O 706 86.43 25.74 -14.67
C ILE O 706 85.07 26.46 -14.73
N GLY O 707 84.80 27.20 -15.80
CA GLY O 707 83.55 27.91 -15.94
C GLY O 707 83.41 29.04 -14.92
N SER O 708 84.51 29.74 -14.67
CA SER O 708 84.53 30.83 -13.70
C SER O 708 83.73 32.03 -14.20
N TYR O 709 83.32 32.89 -13.27
CA TYR O 709 82.55 34.08 -13.62
C TYR O 709 83.44 35.31 -13.66
N ALA O 710 83.63 35.85 -14.87
CA ALA O 710 84.52 36.98 -15.10
C ALA O 710 84.47 37.40 -16.56
N ASN O 711 85.15 38.50 -16.88
CA ASN O 711 85.17 39.01 -18.25
C ASN O 711 86.24 38.33 -19.10
N LEU O 712 85.88 37.95 -20.32
CA LEU O 712 86.81 37.30 -21.24
C LEU O 712 87.52 38.33 -22.12
N LYS O 713 88.82 38.15 -22.30
CA LYS O 713 89.62 39.05 -23.12
C LYS O 713 89.55 38.66 -24.60
N ILE O 714 90.40 39.30 -25.40
CA ILE O 714 90.46 39.04 -26.83
C ILE O 714 91.21 37.73 -27.08
N VAL O 715 91.87 37.23 -26.03
CA VAL O 715 92.73 36.06 -26.12
C VAL O 715 92.03 34.84 -26.70
N ALA O 716 92.64 34.26 -27.73
CA ALA O 716 92.14 33.05 -28.39
C ALA O 716 93.13 32.63 -29.49
N PHE O 717 93.04 31.37 -29.89
CA PHE O 717 93.95 30.79 -30.90
C PHE O 717 93.60 29.35 -31.21
N TYR O 718 94.30 28.78 -32.19
CA TYR O 718 94.06 27.41 -32.61
C TYR O 718 95.31 26.54 -32.41
N LEU O 719 95.12 25.34 -31.88
CA LEU O 719 96.22 24.41 -31.65
C LEU O 719 96.23 23.29 -32.69
N ASN O 720 97.22 22.41 -32.58
CA ASN O 720 97.29 21.23 -33.43
C ASN O 720 96.61 20.04 -32.76
N GLU O 721 96.75 18.85 -33.35
CA GLU O 721 96.13 17.66 -32.78
C GLU O 721 97.10 16.92 -31.87
N ASP O 722 96.83 16.95 -30.57
CA ASP O 722 97.67 16.29 -29.59
C ASP O 722 97.12 14.92 -29.19
N ALA O 723 95.97 14.56 -29.76
CA ALA O 723 95.30 13.31 -29.40
C ALA O 723 95.46 12.25 -30.50
N GLY O 724 94.78 12.46 -31.61
CA GLY O 724 94.80 11.51 -32.71
C GLY O 724 96.17 11.38 -33.36
N LEU O 725 96.73 12.50 -33.77
CA LEU O 725 98.04 12.50 -34.42
C LEU O 725 98.70 13.87 -34.32
N ILE O 730 93.39 15.20 -38.12
CA ILE O 730 91.96 14.99 -37.88
C ILE O 730 91.22 16.32 -37.79
N GLN O 731 91.77 17.24 -37.00
CA GLN O 731 91.14 18.53 -36.74
C GLN O 731 92.05 19.38 -35.86
N LEU O 732 91.81 20.69 -35.86
CA LEU O 732 92.59 21.62 -35.04
C LEU O 732 91.79 22.07 -33.83
N HIS O 733 92.39 21.94 -32.65
CA HIS O 733 91.70 22.29 -31.41
C HIS O 733 91.63 23.79 -31.19
N VAL O 734 90.98 24.19 -30.10
CA VAL O 734 90.82 25.59 -29.76
C VAL O 734 91.17 25.81 -28.28
N ALA O 735 91.94 26.87 -28.00
CA ALA O 735 92.31 27.18 -26.62
C ALA O 735 92.40 28.69 -26.40
N PHE O 736 92.08 29.12 -25.19
CA PHE O 736 92.12 30.54 -24.85
C PHE O 736 92.26 30.75 -23.34
N ILE O 737 92.33 32.01 -22.93
CA ILE O 737 92.54 32.35 -21.52
C ILE O 737 91.43 33.25 -20.99
N ASN O 738 90.78 32.80 -19.91
CA ASN O 738 89.73 33.58 -19.27
C ASN O 738 90.28 34.62 -18.29
N GLY O 739 89.40 35.22 -17.51
CA GLY O 739 89.80 36.18 -16.49
C GLY O 739 90.23 35.47 -15.21
N ASP O 740 90.37 34.15 -15.30
CA ASP O 740 90.79 33.33 -14.17
C ASP O 740 92.31 33.19 -14.12
N VAL O 741 92.98 33.94 -15.00
CA VAL O 741 94.44 33.94 -15.18
C VAL O 741 95.01 32.51 -15.22
N SER O 742 94.33 31.65 -15.96
CA SER O 742 94.77 30.29 -16.18
C SER O 742 94.41 29.83 -17.59
N ILE O 743 95.27 29.02 -18.20
CA ILE O 743 95.05 28.59 -19.57
C ILE O 743 93.88 27.60 -19.66
N LEU O 744 93.09 27.73 -20.71
CA LEU O 744 91.94 26.85 -20.93
C LEU O 744 92.02 26.19 -22.31
N ASN O 745 92.00 24.86 -22.33
CA ASN O 745 92.08 24.10 -23.57
C ASN O 745 90.77 23.38 -23.88
N TRP O 746 90.47 23.25 -25.17
CA TRP O 746 89.27 22.54 -25.61
C TRP O 746 89.63 21.48 -26.65
N ASP O 747 89.27 20.24 -26.36
CA ASP O 747 89.57 19.13 -27.27
C ASP O 747 88.33 18.73 -28.08
N GLU O 748 88.37 19.04 -29.38
CA GLU O 748 87.28 18.71 -30.28
C GLU O 748 87.76 17.96 -31.53
N GLN O 749 87.46 16.66 -31.61
CA GLN O 749 87.75 15.92 -32.84
C GLN O 749 86.55 15.56 -33.72
N ASP O 750 85.32 15.71 -33.22
CA ASP O 750 84.17 15.27 -34.02
C ASP O 750 82.98 16.24 -34.05
N GLN O 751 82.25 16.31 -32.95
CA GLN O 751 80.98 17.04 -32.89
C GLN O 751 80.88 17.94 -31.66
N GLU O 752 80.81 17.31 -30.49
CA GLU O 752 80.65 18.02 -29.23
C GLU O 752 81.91 17.93 -28.38
N PHE O 753 82.13 18.95 -27.55
CA PHE O 753 83.36 19.06 -26.77
C PHE O 753 83.52 17.92 -25.77
N LYS O 754 84.78 17.62 -25.44
CA LYS O 754 85.11 16.51 -24.56
C LYS O 754 85.64 16.97 -23.21
N LEU O 755 86.76 17.67 -23.23
CA LEU O 755 87.47 18.10 -22.02
C LEU O 755 87.92 16.89 -21.21
N SER O 756 88.87 16.15 -21.74
CA SER O 756 89.35 14.94 -21.09
C SER O 756 90.29 15.24 -19.93
N HIS O 757 89.92 14.74 -18.75
CA HIS O 757 90.71 14.87 -17.52
C HIS O 757 91.11 16.30 -17.18
N VAL O 758 92.34 16.48 -16.73
CA VAL O 758 92.83 17.76 -16.27
C VAL O 758 93.50 18.57 -17.38
N PRO O 759 93.53 19.91 -17.23
CA PRO O 759 94.29 20.81 -18.11
C PRO O 759 95.79 20.56 -18.04
N VAL O 760 96.23 19.84 -17.01
CA VAL O 760 97.61 19.36 -16.84
C VAL O 760 98.56 20.49 -16.40
N LEU O 761 98.13 21.74 -16.57
CA LEU O 761 98.97 22.89 -16.23
C LEU O 761 98.19 24.19 -16.45
N LYS O 762 98.68 25.27 -15.84
CA LYS O 762 98.08 26.60 -16.00
C LYS O 762 99.11 27.59 -16.51
N THR O 763 98.69 28.85 -16.68
CA THR O 763 99.58 29.90 -17.17
C THR O 763 99.57 31.10 -16.23
N MET O 764 100.76 31.59 -15.89
CA MET O 764 100.89 32.72 -14.98
C MET O 764 100.32 34.01 -15.58
N GLN O 765 99.57 34.74 -14.76
CA GLN O 765 98.93 36.00 -15.15
C GLN O 765 98.08 35.85 -16.41
N SER O 766 98.13 36.85 -17.29
CA SER O 766 97.40 36.81 -18.54
C SER O 766 98.07 37.66 -19.61
N GLY O 767 97.97 37.21 -20.86
CA GLY O 767 98.47 37.98 -21.99
C GLY O 767 97.35 38.53 -22.84
N ILE O 768 97.67 38.95 -24.06
CA ILE O 768 96.67 39.36 -25.03
C ILE O 768 96.75 38.48 -26.29
N ARG O 769 97.89 38.48 -26.98
CA ARG O 769 98.02 37.67 -28.19
C ARG O 769 98.88 36.43 -27.92
N CYS O 770 98.23 35.27 -27.90
CA CYS O 770 98.92 34.02 -27.59
C CYS O 770 98.72 33.01 -28.71
N PHE O 771 99.77 32.28 -29.07
CA PHE O 771 99.61 31.28 -30.13
C PHE O 771 100.72 30.21 -30.03
N VAL O 772 100.53 29.08 -30.70
CA VAL O 772 101.49 27.98 -30.65
C VAL O 772 102.59 28.12 -31.69
N GLN O 773 103.83 27.78 -31.31
CA GLN O 773 104.94 27.76 -32.25
C GLN O 773 104.89 26.54 -33.15
N VAL O 774 105.94 26.35 -33.93
CA VAL O 774 106.06 25.18 -34.79
C VAL O 774 106.15 23.90 -33.96
N LEU O 775 106.56 24.04 -32.70
CA LEU O 775 106.58 22.93 -31.76
C LEU O 775 105.39 23.04 -30.81
N LYS O 776 104.75 21.92 -30.54
CA LYS O 776 103.56 21.90 -29.68
C LYS O 776 103.92 22.03 -28.20
N ARG O 777 105.21 21.99 -27.90
CA ARG O 777 105.66 22.06 -26.51
C ARG O 777 105.84 23.50 -26.03
N TYR O 778 105.81 24.45 -26.96
CA TYR O 778 106.04 25.85 -26.62
C TYR O 778 104.91 26.75 -27.12
N TYR O 779 104.55 27.73 -26.30
CA TYR O 779 103.49 28.68 -26.63
C TYR O 779 103.97 30.11 -26.47
N VAL O 780 103.93 30.90 -27.54
CA VAL O 780 104.30 32.31 -27.43
C VAL O 780 103.14 33.12 -26.84
N VAL O 781 103.48 33.95 -25.86
CA VAL O 781 102.51 34.75 -25.13
C VAL O 781 102.87 36.23 -25.16
N CYS O 782 101.91 37.05 -25.56
CA CYS O 782 102.11 38.49 -25.62
C CYS O 782 101.07 39.20 -24.76
N THR O 783 101.55 40.11 -23.92
CA THR O 783 100.68 40.84 -22.99
C THR O 783 100.38 42.24 -23.50
N SER O 784 99.64 43.00 -22.70
CA SER O 784 99.25 44.36 -23.05
C SER O 784 100.39 45.36 -22.78
N ASN O 785 101.46 44.86 -22.17
CA ASN O 785 102.62 45.70 -21.86
C ASN O 785 103.61 45.73 -23.01
N CYS O 786 103.24 45.07 -24.12
CA CYS O 786 104.07 45.00 -25.31
C CYS O 786 105.44 44.39 -25.04
N THR O 787 105.44 43.30 -24.27
CA THR O 787 106.68 42.59 -23.96
C THR O 787 106.60 41.14 -24.45
N LEU O 788 107.75 40.52 -24.63
CA LEU O 788 107.80 39.14 -25.11
C LEU O 788 108.09 38.18 -23.95
N THR O 789 107.10 37.36 -23.61
CA THR O 789 107.23 36.39 -22.54
C THR O 789 106.76 35.01 -23.01
N VAL O 790 107.22 33.97 -22.34
CA VAL O 790 106.85 32.61 -22.71
C VAL O 790 106.71 31.68 -21.50
N TRP O 791 105.65 30.87 -21.52
CA TRP O 791 105.48 29.81 -20.53
C TRP O 791 105.44 28.46 -21.23
N ASP O 792 106.45 27.63 -20.97
CA ASP O 792 106.58 26.33 -21.63
C ASP O 792 105.48 25.36 -21.19
N LEU O 793 104.96 24.60 -22.13
CA LEU O 793 103.94 23.60 -21.84
C LEU O 793 104.55 22.44 -21.05
N THR O 794 105.65 21.89 -21.56
CA THR O 794 106.37 20.85 -20.86
C THR O 794 107.63 21.42 -20.24
N ASN O 795 108.37 20.58 -19.50
CA ASN O 795 109.60 20.99 -18.82
C ASN O 795 109.43 22.26 -18.00
N GLY O 796 108.59 22.20 -16.97
CA GLY O 796 108.32 23.36 -16.15
C GLY O 796 107.34 24.30 -16.81
N SER O 797 107.15 25.48 -16.23
CA SER O 797 106.25 26.48 -16.78
C SER O 797 107.02 27.68 -17.32
N SER O 798 107.52 28.51 -16.41
CA SER O 798 108.31 29.68 -16.79
C SER O 798 109.79 29.32 -16.78
N ASN O 799 110.47 29.54 -17.90
CA ASN O 799 111.87 29.15 -18.01
C ASN O 799 112.81 30.35 -18.20
N THR O 800 112.82 30.90 -19.41
CA THR O 800 113.79 31.95 -19.75
C THR O 800 113.39 32.82 -20.92
N LEU O 801 114.36 33.60 -21.39
CA LEU O 801 114.24 34.46 -22.57
C LEU O 801 113.16 35.53 -22.45
N GLU O 802 113.35 36.45 -21.50
CA GLU O 802 112.57 37.67 -21.42
C GLU O 802 113.37 38.80 -22.07
N LEU O 803 114.57 38.46 -22.50
CA LEU O 803 115.59 39.44 -22.90
C LEU O 803 115.42 40.05 -24.29
N HIS O 804 115.98 41.25 -24.44
CA HIS O 804 116.14 41.93 -25.73
C HIS O 804 114.86 42.15 -26.54
N VAL O 805 114.02 43.07 -26.07
CA VAL O 805 112.92 43.58 -26.88
C VAL O 805 113.34 44.88 -27.54
N PHE O 806 112.98 45.06 -28.80
CA PHE O 806 113.44 46.20 -29.60
C PHE O 806 112.97 47.55 -29.06
N ASN O 807 111.65 47.73 -28.96
CA ASN O 807 111.10 49.00 -28.50
C ASN O 807 109.94 48.81 -27.53
N VAL O 808 110.09 49.37 -26.34
CA VAL O 808 109.03 49.33 -25.32
C VAL O 808 108.13 50.56 -25.39
N GLU O 809 108.53 51.54 -26.21
CA GLU O 809 107.79 52.79 -26.32
C GLU O 809 106.91 52.80 -27.56
N ASN O 810 105.60 52.78 -27.34
CA ASN O 810 104.63 52.83 -28.44
C ASN O 810 104.41 54.27 -28.91
N ASP O 811 104.02 54.42 -30.18
CA ASP O 811 103.65 55.73 -30.70
C ASP O 811 102.34 56.20 -30.07
N THR O 812 101.38 55.29 -29.97
CA THR O 812 100.13 55.53 -29.27
C THR O 812 99.84 54.35 -28.37
N PRO O 813 99.28 54.62 -27.17
CA PRO O 813 99.01 53.53 -26.22
C PRO O 813 98.03 52.49 -26.78
N LEU O 814 98.45 51.23 -26.77
CA LEU O 814 97.68 50.12 -27.31
C LEU O 814 98.14 48.80 -26.70
N ALA O 815 97.63 47.69 -27.23
CA ALA O 815 98.12 46.37 -26.87
C ALA O 815 99.09 45.89 -27.95
N LEU O 816 99.63 44.69 -27.78
CA LEU O 816 100.56 44.15 -28.76
C LEU O 816 99.77 43.66 -29.97
N ASP O 817 100.40 43.66 -31.15
CA ASP O 817 99.71 43.37 -32.40
C ASP O 817 99.43 41.88 -32.58
N VAL O 818 98.95 41.52 -33.76
CA VAL O 818 98.57 40.15 -34.06
C VAL O 818 99.75 39.30 -34.49
N PHE O 819 99.92 38.15 -33.83
CA PHE O 819 100.98 37.20 -34.19
C PHE O 819 100.55 36.35 -35.38
N ASP O 820 101.49 36.01 -36.25
CA ASP O 820 101.18 35.31 -37.49
C ASP O 820 101.97 34.01 -37.68
N GLU O 821 101.76 33.38 -38.84
CA GLU O 821 102.46 32.15 -39.19
C GLU O 821 103.00 32.16 -40.61
N ARG O 822 103.86 31.19 -40.91
CA ARG O 822 104.42 31.02 -42.24
C ARG O 822 104.11 29.63 -42.77
N SER O 823 104.54 29.35 -44.00
CA SER O 823 104.33 28.03 -44.59
C SER O 823 105.49 27.11 -44.23
N LYS O 824 106.54 27.68 -43.66
CA LYS O 824 107.71 26.91 -43.24
C LYS O 824 107.47 26.22 -41.91
N THR O 825 108.21 25.14 -41.67
CA THR O 825 108.09 24.38 -40.43
C THR O 825 109.04 24.90 -39.36
N ALA O 826 109.76 25.97 -39.68
CA ALA O 826 110.71 26.58 -38.75
C ALA O 826 110.47 28.08 -38.60
N THR O 827 110.69 28.81 -39.68
CA THR O 827 110.53 30.26 -39.69
C THR O 827 109.09 30.68 -39.41
N VAL O 828 108.89 31.55 -38.43
CA VAL O 828 107.57 32.07 -38.13
C VAL O 828 107.48 33.57 -38.39
N LEU O 829 106.28 34.12 -38.22
CA LEU O 829 106.02 35.50 -38.60
C LEU O 829 105.37 36.31 -37.48
N LEU O 830 105.72 37.58 -37.40
CA LEU O 830 105.18 38.50 -36.41
C LEU O 830 105.22 39.92 -36.96
N ILE O 831 104.33 40.78 -36.46
CA ILE O 831 104.34 42.19 -36.85
C ILE O 831 104.11 43.07 -35.64
N PHE O 832 104.94 44.11 -35.51
CA PHE O 832 104.78 45.06 -34.42
C PHE O 832 104.77 46.50 -34.92
N LYS O 833 103.62 47.15 -34.80
CA LYS O 833 103.46 48.54 -35.22
C LYS O 833 103.92 48.78 -36.65
N TYR O 834 104.92 49.65 -36.81
CA TYR O 834 105.39 50.05 -38.12
C TYR O 834 106.49 49.12 -38.64
N SER O 835 106.85 48.12 -37.84
CA SER O 835 107.91 47.19 -38.20
C SER O 835 107.40 45.77 -38.30
N VAL O 836 108.08 44.95 -39.10
CA VAL O 836 107.71 43.56 -39.26
C VAL O 836 108.83 42.64 -38.75
N TRP O 837 108.49 41.77 -37.82
CA TRP O 837 109.47 40.89 -37.21
C TRP O 837 109.31 39.44 -37.70
N ARG O 838 110.25 38.99 -38.51
CA ARG O 838 110.26 37.60 -38.97
C ARG O 838 111.19 36.78 -38.09
N LEU O 839 110.64 35.74 -37.47
CA LEU O 839 111.39 35.01 -36.46
C LEU O 839 111.72 33.57 -36.87
N ASN O 840 112.45 32.89 -36.00
CA ASN O 840 113.02 31.58 -36.28
C ASN O 840 113.29 30.81 -34.99
N PHE O 841 113.58 29.52 -35.12
CA PHE O 841 114.00 28.72 -33.98
C PHE O 841 115.31 29.30 -33.43
N LEU O 842 115.61 28.98 -32.17
CA LEU O 842 116.60 29.66 -31.32
C LEU O 842 115.94 30.92 -30.75
N PRO O 843 116.50 31.48 -29.65
CA PRO O 843 115.81 32.53 -28.89
C PRO O 843 115.17 33.67 -29.68
N GLY O 844 115.84 34.18 -30.71
CA GLY O 844 115.24 35.22 -31.53
C GLY O 844 116.20 36.19 -32.17
N LEU O 845 115.67 37.36 -32.53
CA LEU O 845 116.42 38.41 -33.22
C LEU O 845 116.99 37.84 -34.51
N SER O 846 116.12 37.60 -35.48
CA SER O 846 116.54 37.01 -36.74
C SER O 846 116.35 37.97 -37.91
N VAL O 847 115.10 38.19 -38.30
CA VAL O 847 114.82 39.06 -39.44
C VAL O 847 113.92 40.23 -39.06
N SER O 848 114.29 41.42 -39.51
CA SER O 848 113.49 42.62 -39.28
C SER O 848 113.32 43.39 -40.59
N LEU O 849 112.08 43.52 -41.04
CA LEU O 849 111.80 44.16 -42.33
C LEU O 849 110.74 45.25 -42.25
N GLN O 850 110.88 46.25 -43.13
CA GLN O 850 109.90 47.32 -43.28
C GLN O 850 109.74 47.64 -44.76
N SER O 851 108.49 47.75 -45.22
CA SER O 851 108.24 48.06 -46.62
C SER O 851 108.64 49.50 -46.94
N GLU O 852 108.08 50.44 -46.19
CA GLU O 852 108.42 51.85 -46.31
C GLU O 852 107.82 52.66 -45.16
N ALA O 853 108.03 53.97 -45.19
CA ALA O 853 107.52 54.85 -44.15
C ALA O 853 106.03 55.12 -44.34
N VAL O 854 105.46 55.91 -43.44
CA VAL O 854 104.04 56.26 -43.50
C VAL O 854 103.78 57.29 -44.60
N GLY O 859 98.46 57.28 -38.42
CA GLY O 859 97.60 56.99 -37.29
C GLY O 859 98.02 55.73 -36.54
N SER O 860 97.15 55.26 -35.66
CA SER O 860 97.43 54.05 -34.88
C SER O 860 97.24 52.80 -35.74
N PHE O 861 97.96 51.74 -35.38
CA PHE O 861 97.87 50.48 -36.11
C PHE O 861 96.79 49.58 -35.51
N ILE O 862 95.80 49.25 -36.33
CA ILE O 862 94.69 48.41 -35.88
C ILE O 862 94.45 47.20 -36.81
N THR O 863 94.12 47.46 -38.07
CA THR O 863 93.74 46.40 -38.99
C THR O 863 94.93 45.85 -39.78
N CYS O 864 94.92 44.55 -40.02
CA CYS O 864 95.99 43.88 -40.77
C CYS O 864 95.45 42.65 -41.50
N GLY O 865 96.04 42.35 -42.66
CA GLY O 865 95.62 41.21 -43.44
C GLY O 865 96.55 40.04 -43.31
N LYS O 866 96.42 39.08 -44.23
CA LYS O 866 97.22 37.85 -44.21
C LYS O 866 96.87 37.02 -45.45
N ARG O 867 97.76 36.08 -45.80
CA ARG O 867 97.54 35.21 -46.96
C ARG O 867 98.03 33.80 -46.66
N SER O 868 97.49 32.81 -47.37
CA SER O 868 97.87 31.42 -47.16
C SER O 868 98.26 30.71 -48.45
N THR O 869 97.28 30.51 -49.32
CA THR O 869 97.48 29.79 -50.58
C THR O 869 98.22 30.67 -51.59
N ASP O 870 98.17 31.98 -51.37
CA ASP O 870 98.77 32.95 -52.28
C ASP O 870 100.30 32.90 -52.24
N GLY O 871 100.85 32.08 -51.36
CA GLY O 871 102.28 32.03 -51.17
C GLY O 871 102.74 32.70 -49.89
N ARG O 872 101.78 32.96 -48.99
CA ARG O 872 102.07 33.51 -47.67
C ARG O 872 102.74 34.88 -47.77
N TYR O 873 102.12 35.78 -48.53
CA TYR O 873 102.60 37.15 -48.62
C TYR O 873 101.83 38.01 -47.61
N LEU O 874 102.54 38.85 -46.88
CA LEU O 874 101.93 39.51 -45.73
C LEU O 874 101.38 40.90 -46.03
N LEU O 875 100.06 41.03 -45.93
CA LEU O 875 99.38 42.33 -46.04
C LEU O 875 99.69 43.16 -44.79
N LEU O 876 100.11 44.41 -44.99
CA LEU O 876 100.50 45.24 -43.85
C LEU O 876 100.55 46.73 -44.16
N GLY O 877 100.84 47.53 -43.14
CA GLY O 877 101.07 48.95 -43.32
C GLY O 877 101.00 49.73 -42.02
N THR O 878 101.51 50.96 -42.05
CA THR O 878 101.41 51.88 -40.91
C THR O 878 99.94 52.19 -40.56
N SER O 879 99.30 52.96 -41.43
CA SER O 879 97.90 53.32 -41.29
C SER O 879 97.19 53.07 -42.62
N GLU O 880 97.62 53.80 -43.65
CA GLU O 880 97.17 53.61 -45.02
C GLU O 880 95.65 53.69 -45.19
N GLY O 881 95.11 54.90 -45.06
CA GLY O 881 93.74 55.17 -45.44
C GLY O 881 93.64 55.15 -46.95
N LEU O 882 94.80 55.10 -47.61
CA LEU O 882 94.88 55.00 -49.05
C LEU O 882 96.02 54.07 -49.46
N ILE O 883 95.76 53.19 -50.42
CA ILE O 883 96.77 52.29 -50.97
C ILE O 883 97.36 51.38 -49.87
N VAL O 884 96.57 50.41 -49.44
CA VAL O 884 97.04 49.39 -48.50
C VAL O 884 98.18 48.59 -49.11
N TYR O 885 99.21 48.31 -48.32
CA TYR O 885 100.43 47.70 -48.84
C TYR O 885 100.49 46.18 -48.64
N ASP O 886 101.05 45.49 -49.62
CA ASP O 886 101.31 44.06 -49.52
C ASP O 886 102.81 43.79 -49.60
N LEU O 887 103.28 42.85 -48.79
CA LEU O 887 104.70 42.52 -48.74
C LEU O 887 104.97 41.10 -49.22
N LYS O 888 105.73 40.99 -50.31
CA LYS O 888 106.16 39.70 -50.84
C LYS O 888 107.36 39.21 -50.05
N ILE O 889 107.49 37.89 -49.93
CA ILE O 889 108.56 37.28 -49.14
C ILE O 889 109.95 37.72 -49.59
N SER O 890 110.74 38.22 -48.64
CA SER O 890 112.15 38.55 -48.82
C SER O 890 112.41 39.71 -49.79
N ASP O 891 111.37 40.20 -50.44
CA ASP O 891 111.54 41.30 -51.39
C ASP O 891 110.66 42.50 -51.06
N PRO O 892 111.20 43.72 -51.23
CA PRO O 892 110.47 44.96 -50.98
C PRO O 892 109.77 45.50 -52.24
N VAL O 893 108.72 44.81 -52.68
CA VAL O 893 107.99 45.24 -53.87
C VAL O 893 106.48 45.25 -53.61
N LEU O 894 105.79 46.23 -54.18
CA LEU O 894 104.34 46.35 -54.01
C LEU O 894 103.61 46.04 -55.31
N ARG O 895 102.92 44.91 -55.35
CA ARG O 895 102.16 44.49 -56.52
C ARG O 895 100.68 44.86 -56.40
N SER O 896 100.31 45.46 -55.27
CA SER O 896 98.91 45.77 -55.01
C SER O 896 98.64 47.27 -55.06
N ASN O 897 97.42 47.63 -55.48
CA ASN O 897 97.03 49.03 -55.57
C ASN O 897 95.57 49.23 -55.16
N VAL O 898 95.31 50.35 -54.49
CA VAL O 898 93.95 50.66 -54.04
C VAL O 898 93.44 51.97 -54.64
N SER O 899 92.44 51.86 -55.52
CA SER O 899 91.81 53.04 -56.10
C SER O 899 90.50 53.39 -55.40
N GLU O 900 90.12 52.59 -54.41
CA GLU O 900 88.85 52.77 -53.71
C GLU O 900 89.03 53.55 -52.41
N HIS O 901 90.26 53.95 -52.14
CA HIS O 901 90.68 54.54 -50.88
C HIS O 901 90.30 53.57 -49.75
N ILE O 902 89.87 54.09 -48.60
CA ILE O 902 89.29 53.31 -47.50
C ILE O 902 89.07 54.20 -46.28
N GLU O 903 88.26 53.74 -45.33
CA GLU O 903 88.13 54.40 -44.04
C GLU O 903 88.70 53.45 -42.99
N CYS O 904 88.77 53.87 -41.73
CA CYS O 904 89.33 53.01 -40.69
C CYS O 904 88.44 52.90 -39.46
N VAL O 905 87.90 51.71 -39.23
CA VAL O 905 87.14 51.43 -38.00
C VAL O 905 87.57 50.12 -37.33
N ASP O 906 87.41 48.99 -38.03
CA ASP O 906 87.65 47.68 -37.44
C ASP O 906 88.87 46.98 -38.01
N ILE O 907 89.13 45.77 -37.52
CA ILE O 907 90.37 45.05 -37.79
C ILE O 907 90.26 44.04 -38.93
N TYR O 908 89.06 43.86 -39.48
CA TYR O 908 88.84 42.75 -40.40
C TYR O 908 89.39 43.01 -41.81
N GLU O 909 90.31 42.17 -42.23
CA GLU O 909 90.82 42.17 -43.60
C GLU O 909 91.37 40.79 -43.97
N LEU O 910 91.23 40.40 -45.23
CA LEU O 910 91.75 39.13 -45.73
C LEU O 910 91.49 38.97 -47.22
N PHE O 911 92.26 38.09 -47.86
CA PHE O 911 92.14 37.85 -49.29
C PHE O 911 91.86 36.39 -49.63
N ASP O 912 91.00 36.18 -50.62
CA ASP O 912 90.61 34.84 -51.07
C ASP O 912 91.74 34.06 -51.72
N PRO O 913 91.68 32.68 -51.55
CA PRO O 913 92.78 31.94 -52.20
C PRO O 913 92.80 32.09 -53.71
N VAL O 914 91.62 32.12 -54.32
CA VAL O 914 91.44 32.25 -55.78
C VAL O 914 91.32 30.91 -56.51
N TYR O 915 91.45 29.80 -55.78
CA TYR O 915 91.32 28.46 -56.39
C TYR O 915 91.94 28.41 -57.76
N LYS O 916 93.27 28.29 -57.87
CA LYS O 916 93.85 28.25 -59.20
C LYS O 916 94.14 29.63 -59.80
N TYR O 917 93.17 30.15 -60.56
CA TYR O 917 93.30 31.44 -61.24
C TYR O 917 93.54 32.59 -60.27
N ILE O 918 94.32 33.57 -60.72
CA ILE O 918 94.69 34.70 -59.88
C ILE O 918 94.07 36.09 -60.14
N VAL O 919 93.61 36.68 -59.03
CA VAL O 919 93.02 38.00 -58.91
C VAL O 919 92.69 38.10 -57.42
N LEU O 920 92.47 39.30 -56.90
CA LEU O 920 92.23 39.41 -55.46
C LEU O 920 91.03 40.26 -55.09
N CYS O 921 90.40 39.90 -53.97
CA CYS O 921 89.27 40.64 -53.42
C CYS O 921 89.30 40.62 -51.90
N GLY O 922 89.00 41.76 -51.27
CA GLY O 922 89.05 41.83 -49.82
C GLY O 922 88.17 42.90 -49.19
N ALA O 923 87.85 42.73 -47.90
CA ALA O 923 86.97 43.67 -47.21
C ALA O 923 87.68 44.42 -46.09
N LYS O 924 87.31 45.68 -45.89
CA LYS O 924 87.92 46.53 -44.86
C LYS O 924 86.91 47.43 -44.15
N GLY O 925 87.44 48.34 -43.34
CA GLY O 925 86.64 49.19 -42.45
C GLY O 925 85.48 49.97 -43.03
N LYS O 926 85.61 50.44 -44.27
CA LYS O 926 84.56 51.23 -44.91
C LYS O 926 83.31 50.38 -45.17
N GLN O 927 83.43 49.09 -44.88
CA GLN O 927 82.42 48.09 -45.24
C GLN O 927 82.22 48.10 -46.73
N VAL O 928 83.29 47.79 -47.45
CA VAL O 928 83.30 47.69 -48.89
C VAL O 928 84.19 46.53 -49.30
N VAL O 929 84.40 46.37 -50.60
CA VAL O 929 85.29 45.33 -51.09
C VAL O 929 86.17 45.80 -52.25
N HIS O 930 87.47 45.58 -52.11
CA HIS O 930 88.44 45.92 -53.13
C HIS O 930 88.69 44.72 -54.04
N VAL O 931 88.75 44.98 -55.35
CA VAL O 931 89.09 43.96 -56.32
C VAL O 931 90.26 44.43 -57.18
N HIS O 932 91.34 43.65 -57.21
CA HIS O 932 92.57 44.09 -57.87
C HIS O 932 93.31 42.97 -58.59
N THR O 933 93.97 43.33 -59.69
CA THR O 933 94.80 42.41 -60.45
C THR O 933 96.27 42.84 -60.38
N LEU O 934 97.13 41.94 -59.92
CA LEU O 934 98.53 42.26 -59.65
C LEU O 934 99.35 42.48 -60.93
N ARG O 935 98.76 42.18 -62.08
CA ARG O 935 99.47 42.35 -63.34
C ARG O 935 99.56 43.82 -63.73
N SER O 936 100.79 44.29 -63.96
CA SER O 936 101.05 45.68 -64.30
C SER O 936 102.54 45.90 -64.58
N VAL O 937 102.87 47.01 -65.24
CA VAL O 937 104.24 47.29 -65.62
C VAL O 937 105.07 47.89 -64.49
N SER O 938 104.47 48.78 -63.68
CA SER O 938 105.22 49.46 -62.64
C SER O 938 104.36 49.81 -61.43
N GLY O 939 104.96 49.71 -60.25
CA GLY O 939 104.30 50.08 -59.00
C GLY O 939 104.73 51.44 -58.49
N SER O 940 104.75 51.58 -57.16
CA SER O 940 105.21 52.79 -56.47
C SER O 940 104.41 54.03 -56.85
N ASN O 941 103.10 53.92 -56.83
CA ASN O 941 102.21 55.06 -57.06
C ASN O 941 101.78 55.70 -55.75
N SER O 942 102.29 55.19 -54.65
CA SER O 942 101.88 55.60 -53.31
C SER O 942 102.07 57.09 -53.03
N HIS O 943 103.33 57.52 -52.96
CA HIS O 943 103.64 58.87 -52.49
C HIS O 943 103.72 59.89 -53.62
N GLN O 944 103.52 59.46 -54.85
CA GLN O 944 103.61 60.36 -55.99
C GLN O 944 102.33 61.22 -56.13
N ASN O 945 101.20 60.64 -55.75
CA ASN O 945 99.92 61.34 -55.88
C ASN O 945 99.06 61.26 -54.61
N ARG O 946 98.79 62.41 -54.01
CA ARG O 946 97.84 62.47 -52.91
C ARG O 946 96.78 63.57 -53.16
N GLU O 947 97.19 64.83 -53.23
CA GLU O 947 96.28 65.91 -53.55
C GLU O 947 96.50 66.40 -54.97
N ILE O 948 95.70 67.36 -55.41
CA ILE O 948 95.82 67.90 -56.76
C ILE O 948 95.67 69.42 -56.80
N ALA O 949 96.64 70.09 -57.40
CA ALA O 949 96.58 71.52 -57.60
C ALA O 949 96.46 71.84 -59.09
N TRP O 950 96.40 73.13 -59.42
CA TRP O 950 96.23 73.54 -60.81
C TRP O 950 96.93 74.87 -61.11
N VAL O 951 97.47 74.97 -62.32
CA VAL O 951 98.19 76.18 -62.73
C VAL O 951 97.24 77.29 -63.15
N HIS O 952 97.33 78.42 -62.47
CA HIS O 952 96.47 79.56 -62.77
C HIS O 952 96.90 80.24 -64.07
N SER O 953 95.95 80.37 -64.99
CA SER O 953 96.22 80.98 -66.29
C SER O 953 94.92 81.35 -67.00
N ALA O 954 95.04 81.83 -68.23
CA ALA O 954 93.88 82.23 -69.01
C ALA O 954 93.57 81.20 -70.10
N ASP O 955 92.45 80.49 -69.92
CA ASP O 955 91.99 79.49 -70.89
C ASP O 955 93.05 78.42 -71.17
N GLU O 956 93.84 78.09 -70.15
CA GLU O 956 94.85 77.04 -70.27
C GLU O 956 94.82 76.14 -69.05
N ILE O 957 94.67 74.84 -69.28
CA ILE O 957 94.53 73.88 -68.19
C ILE O 957 95.81 73.07 -67.96
N SER O 958 96.45 73.31 -66.82
CA SER O 958 97.62 72.56 -66.42
C SER O 958 97.51 72.16 -64.95
N VAL O 959 97.50 70.86 -64.69
CA VAL O 959 97.29 70.35 -63.34
C VAL O 959 98.59 69.83 -62.72
N MET O 960 98.71 69.99 -61.40
CA MET O 960 99.89 69.53 -60.68
C MET O 960 99.49 68.58 -59.56
N THR O 961 100.46 67.81 -59.06
CA THR O 961 100.21 66.79 -58.06
C THR O 961 101.26 66.82 -56.94
N LYS O 962 101.21 65.80 -56.08
CA LYS O 962 102.18 65.63 -55.00
C LYS O 962 103.57 65.42 -55.61
N ALA O 963 104.62 65.65 -54.81
CA ALA O 963 105.99 65.69 -55.31
C ALA O 963 106.16 66.81 -56.32
N CYS O 964 105.76 68.01 -55.89
CA CYS O 964 105.87 69.26 -56.65
C CYS O 964 105.38 69.15 -58.08
N LEU O 965 106.18 69.67 -59.01
CA LEU O 965 105.72 69.82 -60.39
C LEU O 965 105.82 68.53 -61.19
N GLU O 966 104.67 68.05 -61.65
CA GLU O 966 104.61 67.00 -62.66
C GLU O 966 103.90 67.56 -63.89
N PRO O 967 104.65 67.76 -64.98
CA PRO O 967 104.11 68.43 -66.17
C PRO O 967 102.89 67.74 -66.76
N ASN O 968 101.82 68.51 -66.95
CA ASN O 968 100.60 68.01 -67.60
C ASN O 968 99.96 69.09 -68.45
N VAL O 969 99.56 68.72 -69.66
CA VAL O 969 98.90 69.65 -70.57
C VAL O 969 97.72 69.00 -71.28
N TYR O 970 96.91 69.83 -71.95
CA TYR O 970 95.66 69.38 -72.56
C TYR O 970 95.87 68.29 -73.61
N LEU O 971 95.14 67.18 -73.44
CA LEU O 971 95.22 66.01 -74.30
C LEU O 971 96.65 65.50 -74.55
N ARG O 972 97.41 65.35 -73.47
CA ARG O 972 98.74 64.76 -73.55
C ARG O 972 99.00 63.83 -72.37
N SER O 973 99.58 62.66 -72.67
CA SER O 973 99.83 61.65 -71.64
C SER O 973 101.23 61.76 -71.05
N LEU O 974 101.98 62.77 -71.49
CA LEU O 974 103.35 62.97 -71.02
C LEU O 974 103.39 63.26 -69.52
N MET O 975 104.19 62.48 -68.79
CA MET O 975 104.31 62.64 -67.35
C MET O 975 105.76 62.49 -66.88
N ASP O 976 106.20 63.40 -66.02
CA ASP O 976 107.54 63.34 -65.45
C ASP O 976 107.47 63.26 -63.93
N MET O 977 108.46 62.63 -63.31
CA MET O 977 108.46 62.45 -61.86
C MET O 977 109.73 62.99 -61.21
N THR O 978 109.57 64.05 -60.41
CA THR O 978 110.66 64.60 -59.61
C THR O 978 110.12 65.02 -58.25
N ARG O 979 110.77 64.56 -57.17
CA ARG O 979 110.28 64.83 -55.83
C ARG O 979 111.26 65.62 -54.98
N GLU O 980 110.90 66.87 -54.68
CA GLU O 980 111.64 67.68 -53.73
C GLU O 980 110.96 67.63 -52.36
N ARG O 981 109.91 66.82 -52.28
CA ARG O 981 109.11 66.63 -51.06
C ARG O 981 108.50 67.94 -50.59
N THR O 982 107.54 68.44 -51.36
CA THR O 982 106.76 69.61 -50.98
C THR O 982 105.64 69.25 -50.01
N GLN O 983 105.20 70.23 -49.22
CA GLN O 983 104.07 70.04 -48.31
C GLN O 983 102.76 70.33 -49.04
N LEU O 984 102.53 71.61 -49.34
CA LEU O 984 101.35 72.03 -50.09
C LEU O 984 101.75 72.98 -51.20
N LEU O 985 101.35 72.66 -52.43
CA LEU O 985 101.79 73.40 -53.60
C LEU O 985 100.77 74.43 -54.07
N ALA O 986 101.25 75.63 -54.37
CA ALA O 986 100.43 76.70 -54.94
C ALA O 986 101.06 77.19 -56.24
N VAL O 987 100.27 77.87 -57.07
CA VAL O 987 100.76 78.33 -58.36
C VAL O 987 100.52 79.83 -58.56
N ASP O 988 101.49 80.52 -59.13
CA ASP O 988 101.37 81.95 -59.41
C ASP O 988 100.44 82.16 -60.61
N SER O 989 100.17 83.41 -60.96
CA SER O 989 99.29 83.72 -62.08
C SER O 989 100.00 83.50 -63.42
N LYS O 990 101.30 83.76 -63.44
CA LYS O 990 102.10 83.57 -64.64
C LYS O 990 102.80 82.22 -64.61
N GLU O 991 103.71 82.00 -65.58
CA GLU O 991 104.43 80.74 -65.68
C GLU O 991 105.47 80.59 -64.57
N ARG O 992 105.66 81.65 -63.78
CA ARG O 992 106.58 81.64 -62.66
C ARG O 992 106.19 80.58 -61.63
N ILE O 993 107.18 79.85 -61.13
CA ILE O 993 106.92 78.77 -60.20
C ILE O 993 107.07 79.19 -58.73
N HIS O 994 105.98 78.98 -57.99
CA HIS O 994 105.93 79.20 -56.55
C HIS O 994 105.85 77.86 -55.84
N LEU O 995 106.77 77.60 -54.92
CA LEU O 995 106.77 76.30 -54.24
C LEU O 995 107.22 76.38 -52.80
N ILE O 996 107.19 75.23 -52.12
CA ILE O 996 107.51 75.14 -50.71
C ILE O 996 108.55 74.05 -50.44
N LYS O 997 109.43 74.32 -49.49
CA LYS O 997 110.47 73.36 -49.11
C LYS O 997 110.32 73.15 -47.61
N PRO O 998 110.69 71.96 -47.09
CA PRO O 998 110.56 71.80 -45.64
C PRO O 998 111.26 72.93 -44.86
N ALA O 999 110.49 73.53 -43.96
CA ALA O 999 110.95 74.65 -43.13
C ALA O 999 111.38 75.89 -43.91
N ILE O 1000 110.77 76.14 -45.07
CA ILE O 1000 111.02 77.37 -45.84
C ILE O 1000 110.13 77.49 -47.09
N SER O 1001 109.99 78.70 -47.61
CA SER O 1001 109.20 78.93 -48.82
C SER O 1001 110.08 79.45 -49.95
N ARG O 1002 109.77 79.06 -51.18
CA ARG O 1002 110.61 79.41 -52.33
C ARG O 1002 109.81 79.96 -53.51
N ILE O 1003 110.33 81.04 -54.10
CA ILE O 1003 109.71 81.68 -55.26
C ILE O 1003 110.73 81.85 -56.38
N SER O 1004 110.47 81.27 -57.54
CA SER O 1004 111.46 81.29 -58.61
C SER O 1004 110.86 81.30 -60.00
N GLU O 1005 111.59 81.88 -60.95
CA GLU O 1005 111.24 81.80 -62.37
C GLU O 1005 111.17 80.33 -62.80
N TRP O 1006 112.32 79.68 -62.80
CA TRP O 1006 112.38 78.22 -62.92
C TRP O 1006 113.11 77.71 -61.67
N SER O 1007 113.20 76.40 -61.50
CA SER O 1007 113.80 75.86 -60.28
C SER O 1007 115.13 75.16 -60.54
N THR O 1008 116.22 75.80 -60.13
CA THR O 1008 117.53 75.17 -60.12
C THR O 1008 118.14 75.23 -58.72
N ILE O 1009 118.62 76.42 -58.35
CA ILE O 1009 119.12 76.65 -57.00
C ILE O 1009 118.04 77.23 -56.11
N THR O 1010 116.92 77.63 -56.74
CA THR O 1010 115.77 78.21 -56.05
C THR O 1010 116.13 79.26 -54.98
N PRO O 1011 116.59 80.45 -55.42
CA PRO O 1011 116.95 81.52 -54.48
C PRO O 1011 115.75 82.02 -53.68
N THR O 1012 116.01 82.47 -52.45
CA THR O 1012 114.97 83.01 -51.57
C THR O 1012 115.55 83.53 -50.25
N HIS O 1013 114.76 84.34 -49.56
CA HIS O 1013 115.15 84.86 -48.25
C HIS O 1013 113.92 84.98 -47.35
N ALA O 1014 114.06 84.57 -46.10
CA ALA O 1014 112.93 84.60 -45.17
C ALA O 1014 113.36 84.82 -43.73
N ALA O 1015 112.56 85.58 -42.99
CA ALA O 1015 112.80 85.82 -41.57
C ALA O 1015 112.01 84.85 -40.70
N SER O 1016 111.33 83.91 -41.35
CA SER O 1016 110.45 82.95 -40.67
C SER O 1016 111.17 82.20 -39.55
N ASN O 1017 110.49 82.09 -38.41
CA ASN O 1017 111.06 81.44 -37.23
C ASN O 1017 111.03 79.92 -37.30
N CYS O 1018 109.95 79.37 -37.86
CA CYS O 1018 109.76 77.93 -37.90
C CYS O 1018 109.21 77.45 -39.24
N LYS O 1019 108.89 76.16 -39.31
CA LYS O 1019 108.39 75.54 -40.53
C LYS O 1019 107.03 76.09 -40.93
N ILE O 1020 106.84 76.33 -42.22
CA ILE O 1020 105.57 76.82 -42.73
C ILE O 1020 104.70 75.67 -43.26
N ASN O 1021 103.42 75.71 -42.93
CA ASN O 1021 102.49 74.67 -43.35
C ASN O 1021 102.10 74.81 -44.83
N ALA O 1022 101.74 76.03 -45.23
CA ALA O 1022 101.34 76.29 -46.60
C ALA O 1022 101.67 77.72 -47.01
N ILE O 1023 101.96 77.91 -48.29
CA ILE O 1023 102.31 79.22 -48.83
C ILE O 1023 101.70 79.40 -50.22
N SER O 1024 101.24 80.62 -50.51
CA SER O 1024 100.56 80.89 -51.78
C SER O 1024 101.03 82.21 -52.40
N ALA O 1025 100.64 82.43 -53.65
CA ALA O 1025 101.05 83.62 -54.39
C ALA O 1025 99.87 84.35 -55.01
N PHE O 1026 99.93 85.68 -55.00
CA PHE O 1026 98.90 86.50 -55.65
C PHE O 1026 99.03 86.49 -57.16
N ASN O 1027 98.10 87.20 -57.81
CA ASN O 1027 98.17 87.45 -59.23
C ASN O 1027 99.21 88.53 -59.51
N ASP O 1028 98.96 89.72 -58.97
CA ASP O 1028 99.91 90.82 -59.04
C ASP O 1028 101.16 90.53 -58.21
N GLU O 1029 102.24 91.26 -58.48
CA GLU O 1029 103.53 90.99 -57.86
C GLU O 1029 103.64 91.60 -56.46
N GLN O 1030 102.59 92.25 -56.00
CA GLN O 1030 102.60 92.92 -54.69
C GLN O 1030 102.66 91.92 -53.54
N ILE O 1031 103.67 92.08 -52.69
CA ILE O 1031 103.90 91.29 -51.46
C ILE O 1031 103.66 89.79 -51.63
N PHE O 1032 103.00 89.18 -50.63
CA PHE O 1032 102.62 87.76 -50.53
C PHE O 1032 101.91 87.51 -49.20
N VAL O 1033 101.19 86.40 -49.10
CA VAL O 1033 100.55 85.98 -47.86
C VAL O 1033 100.70 84.49 -47.64
N GLY O 1034 100.41 84.04 -46.42
CA GLY O 1034 100.44 82.63 -46.09
C GLY O 1034 100.32 82.43 -44.59
N TYR O 1035 100.02 81.20 -44.17
CA TYR O 1035 99.93 80.90 -42.75
C TYR O 1035 101.08 80.00 -42.32
N VAL O 1036 101.88 80.49 -41.37
CA VAL O 1036 103.05 79.76 -40.90
C VAL O 1036 102.70 79.18 -39.53
N ASP O 1037 103.61 78.41 -38.93
CA ASP O 1037 103.44 77.92 -37.57
C ASP O 1037 103.69 79.02 -36.55
N GLY O 1038 104.09 80.20 -37.03
CA GLY O 1038 104.43 81.30 -36.16
C GLY O 1038 104.14 82.66 -36.77
N VAL O 1039 104.49 83.71 -36.02
CA VAL O 1039 104.11 85.08 -36.36
C VAL O 1039 104.65 85.57 -37.71
N ILE O 1040 105.95 85.39 -37.93
CA ILE O 1040 106.61 85.95 -39.11
C ILE O 1040 106.07 85.40 -40.43
N ILE O 1041 105.69 86.30 -41.33
CA ILE O 1041 105.25 85.93 -42.67
C ILE O 1041 106.21 86.46 -43.72
N ASP O 1042 106.85 85.56 -44.46
CA ASP O 1042 107.91 85.93 -45.40
C ASP O 1042 107.39 86.41 -46.76
N VAL O 1043 108.12 87.35 -47.36
CA VAL O 1043 107.85 87.81 -48.71
C VAL O 1043 109.16 87.94 -49.49
N ILE O 1044 109.07 88.06 -50.81
CA ILE O 1044 110.26 88.17 -51.65
C ILE O 1044 110.12 89.32 -52.64
N HIS O 1045 111.25 89.92 -53.01
CA HIS O 1045 111.35 90.98 -54.02
C HIS O 1045 110.68 92.28 -53.56
N ASP O 1046 109.98 92.23 -52.42
CA ASP O 1046 109.26 93.38 -51.90
C ASP O 1046 109.68 93.70 -50.46
N THR O 1047 109.72 94.99 -50.15
CA THR O 1047 110.02 95.44 -48.79
C THR O 1047 108.73 95.62 -48.00
N ALA O 1048 108.85 96.25 -46.83
CA ALA O 1048 107.71 96.56 -45.96
C ALA O 1048 106.94 95.31 -45.52
N LEU O 1049 107.56 94.54 -44.64
CA LEU O 1049 106.94 93.35 -44.07
C LEU O 1049 105.61 93.70 -43.39
N PRO O 1050 104.68 92.72 -43.31
CA PRO O 1050 103.38 92.97 -42.68
C PRO O 1050 103.51 93.36 -41.21
N GLN O 1051 102.46 93.95 -40.65
CA GLN O 1051 102.51 94.49 -39.29
C GLN O 1051 102.27 93.41 -38.24
N GLN O 1052 101.71 92.27 -38.67
CA GLN O 1052 101.37 91.17 -37.79
C GLN O 1052 100.44 91.58 -36.64
N PHE O 1053 100.93 91.45 -35.41
CA PHE O 1053 100.13 91.58 -34.19
C PHE O 1053 99.00 90.56 -34.15
N ILE O 1054 99.34 89.31 -34.44
CA ILE O 1054 98.39 88.22 -34.36
C ILE O 1054 99.12 86.93 -33.98
N GLU O 1055 98.46 86.09 -33.17
CA GLU O 1055 99.06 84.84 -32.74
C GLU O 1055 99.45 83.92 -33.91
N GLU O 1056 98.47 83.34 -34.61
CA GLU O 1056 98.75 82.57 -35.81
C GLU O 1056 97.60 82.73 -36.81
N PRO O 1057 97.93 82.86 -38.10
CA PRO O 1057 96.93 83.05 -39.18
C PRO O 1057 96.24 81.75 -39.63
N ILE O 1058 95.01 81.84 -40.10
CA ILE O 1058 94.30 80.65 -40.56
C ILE O 1058 93.86 80.70 -42.04
N ASP O 1059 92.99 81.65 -42.39
CA ASP O 1059 92.42 81.69 -43.73
C ASP O 1059 92.97 82.86 -44.54
N TYR O 1060 93.64 82.54 -45.64
CA TYR O 1060 94.15 83.55 -46.55
C TYR O 1060 93.29 83.63 -47.81
N LEU O 1061 93.71 84.48 -48.75
CA LEU O 1061 92.96 84.72 -49.98
C LEU O 1061 93.73 85.64 -50.93
N LYS O 1062 93.24 85.77 -52.16
CA LYS O 1062 93.91 86.55 -53.18
C LYS O 1062 93.06 87.70 -53.69
N GLN O 1063 93.66 88.88 -53.77
CA GLN O 1063 92.97 90.06 -54.31
C GLN O 1063 93.90 90.88 -55.20
N VAL O 1064 93.33 91.49 -56.23
CA VAL O 1064 94.10 92.34 -57.14
C VAL O 1064 94.26 93.74 -56.57
N SER O 1065 93.50 94.04 -55.53
CA SER O 1065 93.55 95.33 -54.86
C SER O 1065 94.81 95.44 -54.00
N PRO O 1066 95.36 96.66 -53.87
CA PRO O 1066 96.54 96.93 -53.04
C PRO O 1066 96.37 96.48 -51.59
N ASN O 1067 95.16 96.56 -51.07
CA ASN O 1067 94.88 96.12 -49.70
C ASN O 1067 94.39 94.68 -49.65
N ILE O 1068 94.83 93.94 -48.63
CA ILE O 1068 94.47 92.54 -48.50
C ILE O 1068 93.98 92.22 -47.09
N LEU O 1069 92.76 91.70 -46.99
CA LEU O 1069 92.18 91.32 -45.70
C LEU O 1069 92.51 89.87 -45.37
N VAL O 1070 93.00 89.64 -44.16
CA VAL O 1070 93.42 88.31 -43.74
C VAL O 1070 92.72 87.86 -42.45
N ALA O 1071 92.10 86.68 -42.51
CA ALA O 1071 91.43 86.11 -41.35
C ALA O 1071 92.45 85.57 -40.35
N SER O 1072 92.03 85.41 -39.09
CA SER O 1072 92.95 84.98 -38.04
C SER O 1072 92.29 84.00 -37.07
N ALA O 1073 93.13 83.25 -36.34
CA ALA O 1073 92.66 82.29 -35.36
C ALA O 1073 92.00 82.99 -34.18
N HIS O 1074 92.49 84.19 -33.87
CA HIS O 1074 91.92 85.02 -32.81
C HIS O 1074 90.63 85.67 -33.31
N SER O 1075 90.34 85.45 -34.60
CA SER O 1075 89.14 85.96 -35.26
C SER O 1075 89.14 87.49 -35.34
N ALA O 1076 90.32 88.06 -35.50
CA ALA O 1076 90.46 89.48 -35.75
C ALA O 1076 91.04 89.70 -37.14
N GLN O 1077 90.21 90.24 -38.04
CA GLN O 1077 90.64 90.45 -39.43
C GLN O 1077 91.73 91.50 -39.51
N LYS O 1078 92.69 91.26 -40.40
CA LYS O 1078 93.84 92.14 -40.55
C LYS O 1078 93.83 92.85 -41.90
N THR O 1079 94.10 94.14 -41.89
CA THR O 1079 94.17 94.92 -43.13
C THR O 1079 95.62 95.16 -43.52
N VAL O 1080 96.04 94.54 -44.62
CA VAL O 1080 97.42 94.66 -45.09
C VAL O 1080 97.51 95.66 -46.24
N ILE O 1081 98.23 96.75 -46.00
CA ILE O 1081 98.41 97.79 -47.01
C ILE O 1081 99.80 97.68 -47.63
N PHE O 1082 99.86 97.75 -48.96
CA PHE O 1082 101.11 97.53 -49.68
C PHE O 1082 102.11 98.69 -49.50
N GLN O 1083 103.30 98.33 -49.01
CA GLN O 1083 104.45 99.23 -48.97
C GLN O 1083 104.19 100.48 -48.11
N LEU O 1084 103.27 100.36 -47.16
CA LEU O 1084 102.91 101.45 -46.27
C LEU O 1084 101.87 100.98 -45.25
N GLU O 1085 101.74 101.71 -44.14
CA GLU O 1085 100.72 101.40 -43.14
C GLU O 1085 99.82 102.60 -42.86
N LYS O 1086 100.36 103.57 -42.12
CA LYS O 1086 99.64 104.80 -41.75
C LYS O 1086 98.28 104.55 -41.11
N ILE O 1087 98.17 103.46 -40.35
CA ILE O 1087 96.91 102.94 -39.80
C ILE O 1087 97.31 101.81 -38.83
N ASP O 1088 96.43 101.47 -37.90
CA ASP O 1088 96.69 100.39 -36.96
C ASP O 1088 95.73 99.21 -37.20
N PRO O 1089 96.27 98.09 -37.69
CA PRO O 1089 95.47 96.92 -38.06
C PRO O 1089 94.97 96.12 -36.84
N LEU O 1090 94.29 96.78 -35.92
CA LEU O 1090 93.72 96.11 -34.76
C LEU O 1090 92.19 96.17 -34.79
N GLN O 1091 91.57 95.03 -35.04
CA GLN O 1091 90.11 94.95 -35.08
C GLN O 1091 89.59 93.65 -34.44
N PRO O 1092 89.58 93.60 -33.09
CA PRO O 1092 89.09 92.42 -32.37
C PRO O 1092 87.58 92.41 -32.23
N ASN O 1093 86.86 92.22 -33.33
CA ASN O 1093 85.40 92.23 -33.33
C ASN O 1093 84.81 91.19 -32.38
N ASP O 1094 84.94 89.92 -32.73
CA ASP O 1094 84.38 88.82 -31.94
C ASP O 1094 85.40 87.71 -31.73
N GLN O 1095 85.11 86.81 -30.81
CA GLN O 1095 85.97 85.65 -30.57
C GLN O 1095 85.50 84.44 -31.36
N TRP O 1096 84.40 84.60 -32.08
CA TRP O 1096 83.94 83.55 -33.01
C TRP O 1096 84.70 83.67 -34.32
N PRO O 1097 85.21 82.53 -34.82
CA PRO O 1097 86.10 82.49 -35.99
C PRO O 1097 85.51 83.13 -37.24
N LEU O 1098 86.35 83.85 -37.99
CA LEU O 1098 85.91 84.53 -39.21
C LEU O 1098 86.35 83.82 -40.48
N MET O 1099 85.45 83.78 -41.45
CA MET O 1099 85.78 83.34 -42.79
C MET O 1099 85.06 84.23 -43.80
N MET O 1100 85.79 84.72 -44.79
CA MET O 1100 85.27 85.83 -45.61
C MET O 1100 85.32 85.61 -47.11
N ASP O 1101 84.37 86.23 -47.81
CA ASP O 1101 84.35 86.30 -49.26
C ASP O 1101 84.21 87.76 -49.70
N VAL O 1102 84.18 87.98 -51.01
CA VAL O 1102 84.01 89.33 -51.55
C VAL O 1102 83.28 89.29 -52.88
N SER O 1103 82.44 90.29 -53.13
CA SER O 1103 81.73 90.36 -54.40
C SER O 1103 82.36 91.39 -55.34
N THR O 1104 82.08 92.67 -55.10
CA THR O 1104 82.75 93.73 -55.85
C THR O 1104 83.29 94.84 -54.95
N LYS O 1105 82.38 95.67 -54.43
CA LYS O 1105 82.75 96.80 -53.59
C LYS O 1105 82.64 96.44 -52.09
N TYR O 1106 82.02 95.29 -51.81
CA TYR O 1106 81.71 94.94 -50.43
C TYR O 1106 82.51 93.77 -49.91
N ALA O 1107 83.11 93.94 -48.74
CA ALA O 1107 83.80 92.85 -48.06
C ALA O 1107 82.80 92.06 -47.22
N SER O 1108 82.69 90.77 -47.50
CA SER O 1108 81.71 89.91 -46.84
C SER O 1108 82.34 89.07 -45.75
N LEU O 1109 82.01 89.37 -44.50
CA LEU O 1109 82.54 88.63 -43.37
C LEU O 1109 81.50 87.66 -42.80
N GLN O 1110 81.79 86.37 -42.89
CA GLN O 1110 80.93 85.35 -42.29
C GLN O 1110 81.55 84.84 -40.99
N GLU O 1111 80.91 85.16 -39.88
CA GLU O 1111 81.40 84.78 -38.56
C GLU O 1111 80.69 83.54 -38.04
N GLY O 1112 81.00 83.17 -36.80
CA GLY O 1112 80.33 82.06 -36.14
C GLY O 1112 79.04 82.52 -35.48
N GLN O 1113 78.74 83.81 -35.65
CA GLN O 1113 77.52 84.40 -35.09
C GLN O 1113 76.64 84.98 -36.19
N TYR O 1114 77.14 86.02 -36.85
CA TYR O 1114 76.38 86.69 -37.91
C TYR O 1114 77.26 87.00 -39.11
N ILE O 1115 76.65 87.59 -40.13
CA ILE O 1115 77.37 87.99 -41.34
C ILE O 1115 77.33 89.50 -41.52
N ILE O 1116 78.50 90.12 -41.57
CA ILE O 1116 78.58 91.58 -41.65
C ILE O 1116 79.27 92.01 -42.94
N LEU O 1117 78.81 93.13 -43.51
CA LEU O 1117 79.37 93.65 -44.75
C LEU O 1117 80.09 94.97 -44.52
N PHE O 1118 81.26 95.12 -45.13
CA PHE O 1118 82.00 96.38 -45.06
C PHE O 1118 82.06 97.10 -46.41
N SER O 1119 82.10 98.43 -46.35
CA SER O 1119 82.24 99.25 -47.54
C SER O 1119 83.62 99.88 -47.60
N ASP O 1120 84.40 99.47 -48.60
CA ASP O 1120 85.78 99.95 -48.73
C ASP O 1120 85.83 101.43 -49.09
N HIS O 1121 86.60 102.19 -48.31
CA HIS O 1121 86.77 103.62 -48.58
C HIS O 1121 87.69 103.84 -49.78
N GLY O 1122 88.70 102.98 -49.90
CA GLY O 1122 89.63 103.05 -51.01
C GLY O 1122 90.42 101.77 -51.16
N VAL O 1123 90.92 101.53 -52.37
CA VAL O 1123 91.71 100.32 -52.63
C VAL O 1123 93.13 100.45 -52.12
N CYS O 1124 93.59 101.69 -51.95
CA CYS O 1124 94.94 101.95 -51.47
C CYS O 1124 95.07 101.67 -49.98
N HIS O 1125 94.12 102.18 -49.21
CA HIS O 1125 94.13 102.01 -47.76
C HIS O 1125 92.72 101.88 -47.20
N LEU O 1126 92.56 101.05 -46.18
CA LEU O 1126 91.27 100.86 -45.54
C LEU O 1126 91.31 101.29 -44.08
N ASP O 1127 90.55 102.33 -43.75
CA ASP O 1127 90.51 102.85 -42.38
C ASP O 1127 89.16 102.59 -41.71
N ILE O 1128 88.10 103.18 -42.25
CA ILE O 1128 86.76 103.03 -41.69
C ILE O 1128 85.90 102.11 -42.56
N ALA O 1129 85.01 101.37 -41.90
CA ALA O 1129 84.13 100.44 -42.61
C ALA O 1129 82.68 100.63 -42.17
N ASN O 1130 81.83 101.00 -43.12
CA ASN O 1130 80.41 101.22 -42.84
C ASN O 1130 79.60 99.94 -42.92
N PRO O 1131 78.92 99.59 -41.81
CA PRO O 1131 78.07 98.40 -41.74
C PRO O 1131 76.82 98.54 -42.61
N SER O 1132 76.42 97.45 -43.27
CA SER O 1132 75.26 97.47 -44.15
C SER O 1132 74.23 96.42 -43.77
N ALA O 1133 74.59 95.16 -43.96
CA ALA O 1133 73.67 94.05 -43.69
C ALA O 1133 74.20 93.11 -42.62
N PHE O 1134 73.50 93.08 -41.48
CA PHE O 1134 73.85 92.16 -40.40
C PHE O 1134 72.58 91.55 -39.79
N VAL O 1135 72.57 90.24 -39.64
CA VAL O 1135 71.41 89.54 -39.08
C VAL O 1135 71.85 88.24 -38.40
N LYS O 1136 71.15 87.86 -37.34
CA LYS O 1136 71.42 86.61 -36.64
C LYS O 1136 70.52 85.49 -37.18
N PRO O 1137 71.13 84.51 -37.85
CA PRO O 1137 70.38 83.41 -38.49
C PRO O 1137 69.86 82.37 -37.50
N LYS O 1138 69.30 81.29 -38.02
CA LYS O 1138 68.73 80.22 -37.21
C LYS O 1138 69.82 79.43 -36.49
N ASP O 1139 69.41 78.70 -35.45
CA ASP O 1139 70.34 77.87 -34.68
C ASP O 1139 70.99 76.79 -35.55
N SER O 1140 72.18 76.35 -35.15
CA SER O 1140 73.02 75.46 -35.95
C SER O 1140 73.31 76.12 -37.29
N GLU O 1141 74.11 77.19 -37.22
CA GLU O 1141 74.36 78.05 -38.37
C GLU O 1141 75.25 77.37 -39.42
N GLU O 1142 75.18 77.87 -40.65
CA GLU O 1142 75.96 77.31 -41.75
C GLU O 1142 77.42 77.74 -41.67
N TYR O 1143 78.32 76.81 -41.95
CA TYR O 1143 79.76 77.08 -41.94
C TYR O 1143 80.15 78.18 -42.91
N ILE O 1144 80.04 77.90 -44.21
CA ILE O 1144 80.49 78.85 -45.23
C ILE O 1144 79.59 78.81 -46.47
N VAL O 1145 79.39 79.98 -47.08
CA VAL O 1145 78.58 80.09 -48.28
C VAL O 1145 79.39 80.79 -49.39
N GLY O 1146 78.74 81.08 -50.50
CA GLY O 1146 79.41 81.74 -51.61
C GLY O 1146 78.49 82.65 -52.41
N PHE O 1147 79.09 83.51 -53.21
CA PHE O 1147 78.33 84.50 -54.00
C PHE O 1147 78.62 84.35 -55.49
N ASP O 1148 77.75 84.93 -56.31
CA ASP O 1148 77.91 84.89 -57.76
C ASP O 1148 78.75 86.06 -58.26
N LEU O 1149 78.84 86.19 -59.58
CA LEU O 1149 79.59 87.27 -60.20
C LEU O 1149 78.68 88.14 -61.04
N LYS O 1150 79.00 89.44 -61.14
CA LYS O 1150 78.21 90.41 -61.88
C LYS O 1150 76.78 90.49 -61.34
N ASN O 1151 76.62 90.15 -60.08
CA ASN O 1151 75.31 90.18 -59.43
C ASN O 1151 75.36 90.95 -58.11
N SER O 1152 76.14 90.42 -57.16
CA SER O 1152 76.34 91.03 -55.85
C SER O 1152 75.02 91.18 -55.09
N LEU O 1153 74.43 90.05 -54.71
CA LEU O 1153 73.20 90.05 -53.94
C LEU O 1153 73.41 89.40 -52.58
N LEU O 1154 72.35 89.34 -51.78
CA LEU O 1154 72.43 88.73 -50.46
C LEU O 1154 71.98 87.27 -50.51
N PHE O 1155 72.82 86.38 -50.00
CA PHE O 1155 72.52 84.96 -50.00
C PHE O 1155 72.82 84.33 -48.64
N LEU O 1156 71.80 83.75 -48.02
CA LEU O 1156 71.96 83.05 -46.75
C LEU O 1156 71.22 81.72 -46.80
N ALA O 1157 71.96 80.62 -46.65
CA ALA O 1157 71.37 79.29 -46.74
C ALA O 1157 71.67 78.46 -45.50
N TYR O 1158 70.63 77.89 -44.91
CA TYR O 1158 70.78 77.03 -43.73
C TYR O 1158 71.49 75.75 -44.15
N GLU O 1159 72.15 75.08 -43.21
CA GLU O 1159 73.01 73.95 -43.54
C GLU O 1159 72.26 72.67 -43.88
N ASN O 1160 71.09 72.46 -43.28
CA ASN O 1160 70.39 71.19 -43.46
C ASN O 1160 69.18 71.26 -44.38
N ASN O 1161 69.34 70.68 -45.57
CA ASN O 1161 68.24 70.40 -46.49
C ASN O 1161 67.41 71.61 -46.93
N ILE O 1162 67.98 72.81 -46.82
CA ILE O 1162 67.30 73.99 -47.35
C ILE O 1162 68.31 75.08 -47.76
N ILE O 1163 68.02 75.75 -48.87
CA ILE O 1163 68.84 76.88 -49.31
C ILE O 1163 67.93 78.03 -49.79
N ASP O 1164 68.28 79.25 -49.40
CA ASP O 1164 67.43 80.40 -49.70
C ASP O 1164 68.20 81.54 -50.36
N VAL O 1165 67.60 82.13 -51.38
CA VAL O 1165 68.16 83.29 -52.05
C VAL O 1165 67.42 84.55 -51.61
N PHE O 1166 68.18 85.55 -51.15
CA PHE O 1166 67.58 86.77 -50.61
C PHE O 1166 67.86 87.99 -51.47
N ARG O 1167 67.35 89.14 -51.03
CA ARG O 1167 67.62 90.41 -51.69
C ARG O 1167 68.50 91.25 -50.76
N LEU O 1168 69.33 92.10 -51.35
CA LEU O 1168 70.31 92.86 -50.57
C LEU O 1168 69.68 93.71 -49.47
N ILE O 1169 69.02 94.81 -49.88
CA ILE O 1169 68.27 95.71 -48.99
C ILE O 1169 69.00 95.93 -47.65
N PHE O 1170 68.28 95.81 -46.54
CA PHE O 1170 68.92 95.76 -45.23
C PHE O 1170 69.10 94.30 -44.83
N SER O 1171 67.99 93.65 -44.47
CA SER O 1171 67.98 92.21 -44.24
C SER O 1171 66.61 91.62 -44.59
N CYS O 1172 66.61 90.44 -45.22
CA CYS O 1172 65.36 89.76 -45.50
C CYS O 1172 65.41 88.28 -45.15
N ASN O 1173 64.63 87.88 -44.16
CA ASN O 1173 64.46 86.47 -43.83
C ASN O 1173 63.18 85.90 -44.43
N GLN O 1174 62.43 86.74 -45.14
CA GLN O 1174 61.11 86.39 -45.63
C GLN O 1174 61.13 85.69 -46.99
N LEU O 1175 60.42 84.58 -47.07
CA LEU O 1175 60.25 83.84 -48.32
C LEU O 1175 58.77 83.56 -48.56
N ARG O 1176 58.19 82.76 -47.67
CA ARG O 1176 56.77 82.45 -47.67
C ARG O 1176 56.26 81.85 -48.98
N TYR O 1177 55.08 82.28 -49.41
CA TYR O 1177 54.43 81.72 -50.59
C TYR O 1177 54.68 82.54 -51.85
N GLU O 1178 55.41 83.64 -51.69
CA GLU O 1178 55.72 84.53 -52.81
C GLU O 1178 56.41 83.78 -53.94
N GLN O 1179 57.62 83.28 -53.67
CA GLN O 1179 58.36 82.52 -54.66
C GLN O 1179 59.07 81.33 -53.99
N ILE O 1180 59.44 80.35 -54.79
CA ILE O 1180 60.18 79.18 -54.29
C ILE O 1180 61.61 79.21 -54.81
N CYS O 1181 62.57 79.28 -53.90
CA CYS O 1181 63.97 79.39 -54.29
C CYS O 1181 64.73 78.07 -54.16
N GLU O 1182 65.03 77.48 -55.31
CA GLU O 1182 65.77 76.23 -55.42
C GLU O 1182 65.21 75.13 -54.50
N GLU O 1183 66.12 74.34 -53.93
CA GLU O 1183 65.85 73.22 -53.02
C GLU O 1183 67.18 72.64 -52.55
N GLU O 1184 67.16 71.91 -51.45
CA GLU O 1184 68.33 71.11 -51.05
C GLU O 1184 67.87 69.72 -50.63
N ILE O 1185 68.22 68.71 -51.41
CA ILE O 1185 67.80 67.34 -51.11
C ILE O 1185 68.87 66.45 -50.46
N ALA O 1186 70.09 66.96 -50.32
CA ALA O 1186 71.19 66.11 -49.87
C ALA O 1186 72.02 66.70 -48.74
N GLN O 1187 72.74 67.77 -49.05
CA GLN O 1187 73.76 68.32 -48.16
C GLN O 1187 73.24 68.63 -46.76
N LYS O 1188 74.05 68.30 -45.76
CA LYS O 1188 73.72 68.57 -44.37
C LYS O 1188 74.85 69.30 -43.65
N ALA O 1189 76.02 68.68 -43.58
CA ALA O 1189 77.18 69.27 -42.92
C ALA O 1189 78.22 69.72 -43.95
N LYS O 1190 78.95 70.77 -43.61
CA LYS O 1190 80.03 71.31 -44.44
C LYS O 1190 79.57 71.72 -45.83
N ILE O 1191 78.56 72.58 -45.91
CA ILE O 1191 78.19 73.21 -47.18
C ILE O 1191 79.37 74.07 -47.63
N SER O 1192 79.61 74.12 -48.94
CA SER O 1192 80.84 74.73 -49.42
C SER O 1192 80.68 76.09 -50.09
N TYR O 1193 80.23 76.08 -51.34
CA TYR O 1193 80.28 77.27 -52.19
C TYR O 1193 79.19 77.33 -53.25
N LEU O 1194 79.33 78.30 -54.14
CA LEU O 1194 78.54 78.42 -55.37
C LEU O 1194 79.06 79.62 -56.15
N VAL O 1195 78.81 79.64 -57.47
CA VAL O 1195 79.37 80.67 -58.34
C VAL O 1195 78.43 81.02 -59.49
N ALA O 1196 78.76 82.12 -60.17
CA ALA O 1196 78.07 82.49 -61.40
C ALA O 1196 78.33 81.44 -62.48
N THR O 1197 77.43 81.40 -63.47
CA THR O 1197 77.47 80.37 -64.50
C THR O 1197 76.83 80.87 -65.79
N ASP O 1198 76.56 79.93 -66.70
CA ASP O 1198 75.92 80.26 -67.96
C ASP O 1198 74.47 80.67 -67.68
N ASP O 1199 73.68 80.90 -68.74
CA ASP O 1199 72.36 81.51 -68.65
C ASP O 1199 71.49 80.97 -67.52
N GLY O 1200 71.15 79.69 -67.57
CA GLY O 1200 70.29 79.10 -66.56
C GLY O 1200 70.84 79.11 -65.14
N THR O 1201 70.08 79.72 -64.23
CA THR O 1201 70.29 79.71 -62.78
C THR O 1201 71.74 79.91 -62.30
N MET O 1202 72.15 79.12 -61.31
CA MET O 1202 73.49 79.21 -60.72
C MET O 1202 73.93 77.85 -60.17
N LEU O 1203 75.24 77.62 -60.14
CA LEU O 1203 75.78 76.31 -59.76
C LEU O 1203 76.50 76.34 -58.41
N ALA O 1204 76.35 75.25 -57.65
CA ALA O 1204 77.05 75.08 -56.37
C ALA O 1204 77.98 73.88 -56.45
N MET O 1205 78.99 73.83 -55.59
CA MET O 1205 80.03 72.81 -55.71
C MET O 1205 80.51 72.19 -54.39
N GLY O 1206 81.55 71.37 -54.54
CA GLY O 1206 82.23 70.70 -53.44
C GLY O 1206 81.79 69.26 -53.24
N PHE O 1207 82.76 68.41 -52.89
CA PHE O 1207 82.51 67.00 -52.63
C PHE O 1207 82.47 66.64 -51.14
N GLU O 1208 82.68 67.61 -50.28
CA GLU O 1208 82.83 67.31 -48.85
C GLU O 1208 81.51 66.90 -48.20
N ASN O 1209 81.52 65.75 -47.55
CA ASN O 1209 80.37 65.21 -46.84
C ASN O 1209 79.10 65.15 -47.67
N GLY O 1210 79.26 64.85 -48.97
CA GLY O 1210 78.13 64.79 -49.87
C GLY O 1210 78.52 65.08 -51.30
N THR O 1211 77.57 65.54 -52.09
CA THR O 1211 77.81 65.86 -53.49
C THR O 1211 77.38 67.28 -53.83
N LEU O 1212 77.60 67.68 -55.08
CA LEU O 1212 77.19 69.00 -55.55
C LEU O 1212 75.94 68.89 -56.41
N GLU O 1213 75.08 69.89 -56.32
CA GLU O 1213 73.79 69.84 -57.01
C GLU O 1213 73.45 71.15 -57.72
N LEU O 1214 72.51 71.07 -58.67
CA LEU O 1214 72.07 72.23 -59.43
C LEU O 1214 70.57 72.44 -59.30
N PHE O 1215 70.17 73.69 -59.05
CA PHE O 1215 68.76 74.03 -58.93
C PHE O 1215 68.49 75.42 -59.52
N ALA O 1216 67.22 75.72 -59.76
CA ALA O 1216 66.84 76.97 -60.41
C ALA O 1216 66.27 77.97 -59.41
N VAL O 1217 66.46 79.26 -59.72
CA VAL O 1217 65.99 80.33 -58.84
C VAL O 1217 64.48 80.26 -58.60
N GLU O 1218 63.70 80.32 -59.67
CA GLU O 1218 62.25 80.33 -59.56
C GLU O 1218 61.63 78.93 -59.75
N ASN O 1219 62.46 77.95 -60.05
CA ASN O 1219 61.96 76.60 -60.35
C ASN O 1219 62.92 75.51 -59.88
N ARG O 1220 62.67 74.27 -60.31
CA ARG O 1220 63.56 73.16 -60.03
C ARG O 1220 64.05 72.53 -61.33
N LYS O 1221 65.33 72.17 -61.37
CA LYS O 1221 65.93 71.63 -62.58
C LYS O 1221 66.86 70.45 -62.29
N VAL O 1222 67.55 69.99 -63.33
CA VAL O 1222 68.46 68.85 -63.22
C VAL O 1222 69.71 69.24 -62.44
N GLN O 1223 70.41 68.25 -61.90
CA GLN O 1223 71.63 68.50 -61.14
C GLN O 1223 72.82 67.79 -61.77
N LEU O 1224 74.04 68.23 -61.42
CA LEU O 1224 75.26 67.77 -62.08
C LEU O 1224 75.73 66.41 -61.59
N ILE O 1225 76.95 66.06 -61.98
CA ILE O 1225 77.54 64.75 -61.75
C ILE O 1225 77.81 64.41 -60.29
N TYR O 1226 78.00 63.13 -60.01
CA TYR O 1226 78.37 62.64 -58.68
C TYR O 1226 79.74 63.16 -58.27
N SER O 1227 80.00 63.11 -56.97
CA SER O 1227 81.38 63.14 -56.50
C SER O 1227 82.07 61.98 -57.21
N ILE O 1228 83.28 62.22 -57.71
CA ILE O 1228 83.90 61.32 -58.68
C ILE O 1228 83.86 59.85 -58.29
N GLU O 1229 84.70 59.45 -57.32
CA GLU O 1229 84.55 58.13 -56.71
C GLU O 1229 84.67 58.18 -55.19
N GLU O 1230 85.88 58.49 -54.73
CA GLU O 1230 86.24 58.39 -53.33
C GLU O 1230 85.63 59.48 -52.47
N VAL O 1231 85.54 59.21 -51.17
CA VAL O 1231 85.14 60.22 -50.20
C VAL O 1231 86.38 60.93 -49.67
N HIS O 1232 86.20 61.77 -48.65
CA HIS O 1232 87.30 62.51 -48.04
C HIS O 1232 88.04 63.36 -49.08
N GLU O 1233 87.36 64.40 -49.55
CA GLU O 1233 87.91 65.28 -50.58
C GLU O 1233 89.19 65.94 -50.10
N HIS O 1234 90.11 66.21 -51.03
CA HIS O 1234 91.39 66.82 -50.69
C HIS O 1234 91.20 68.26 -50.22
N CYS O 1235 92.22 68.80 -49.56
CA CYS O 1235 92.16 70.08 -48.86
C CYS O 1235 91.53 71.21 -49.67
N ILE O 1236 91.89 71.33 -50.94
CA ILE O 1236 91.29 72.34 -51.80
C ILE O 1236 90.10 71.77 -52.59
N ARG O 1237 88.91 72.26 -52.26
CA ARG O 1237 87.68 71.79 -52.89
C ARG O 1237 87.25 72.66 -54.05
N GLN O 1238 88.06 73.67 -54.36
CA GLN O 1238 87.74 74.62 -55.44
C GLN O 1238 87.66 73.93 -56.79
N LEU O 1239 86.73 74.38 -57.62
CA LEU O 1239 86.54 73.84 -58.96
C LEU O 1239 87.17 74.74 -60.01
N LEU O 1240 87.66 74.14 -61.08
CA LEU O 1240 88.40 74.86 -62.12
C LEU O 1240 87.48 75.32 -63.23
N PHE O 1241 87.26 76.63 -63.34
CA PHE O 1241 86.36 77.17 -64.36
C PHE O 1241 86.61 78.64 -64.67
N SER O 1242 86.18 79.05 -65.86
CA SER O 1242 86.04 80.46 -66.21
C SER O 1242 84.55 80.77 -66.27
N PRO O 1243 84.11 81.81 -65.54
CA PRO O 1243 82.67 81.98 -65.28
C PRO O 1243 81.79 82.12 -66.52
N CYS O 1244 82.14 83.00 -67.45
CA CYS O 1244 81.38 83.12 -68.70
C CYS O 1244 81.97 82.30 -69.83
N LYS O 1245 83.21 81.83 -69.63
CA LYS O 1245 83.94 81.10 -70.66
C LYS O 1245 83.90 79.59 -70.46
N LEU O 1246 83.12 79.13 -69.47
CA LEU O 1246 83.19 77.74 -69.00
C LEU O 1246 83.06 76.69 -70.09
N LEU O 1247 84.07 75.82 -70.17
CA LEU O 1247 84.07 74.70 -71.09
C LEU O 1247 84.47 73.43 -70.34
N LEU O 1248 85.72 73.40 -69.88
CA LEU O 1248 86.25 72.27 -69.14
C LEU O 1248 85.90 72.30 -67.65
N ILE O 1249 85.67 71.13 -67.08
CA ILE O 1249 85.41 71.00 -65.65
C ILE O 1249 86.26 69.87 -65.07
N SER O 1250 87.07 70.20 -64.07
CA SER O 1250 88.01 69.24 -63.50
C SER O 1250 87.74 68.95 -62.02
N CYS O 1251 87.49 67.68 -61.71
CA CYS O 1251 87.27 67.25 -60.33
C CYS O 1251 87.88 65.87 -60.08
N ALA O 1252 88.59 65.73 -58.95
CA ALA O 1252 89.18 64.45 -58.57
C ALA O 1252 89.47 64.42 -57.07
N GLU O 1253 89.67 63.21 -56.53
CA GLU O 1253 90.01 63.06 -55.12
C GLU O 1253 91.49 62.77 -54.91
N GLN O 1254 91.91 61.54 -55.20
CA GLN O 1254 93.28 61.13 -54.93
C GLN O 1254 94.01 60.60 -56.16
N LEU O 1255 93.68 59.38 -56.56
CA LEU O 1255 94.41 58.67 -57.60
C LEU O 1255 93.75 58.83 -58.98
N CYS O 1256 92.66 59.59 -59.02
CA CYS O 1256 91.86 59.74 -60.24
C CYS O 1256 92.67 60.25 -61.44
N PHE O 1257 92.28 59.81 -62.63
CA PHE O 1257 92.96 60.16 -63.87
C PHE O 1257 92.53 61.54 -64.38
N TRP O 1258 92.89 61.84 -65.62
CA TRP O 1258 92.58 63.13 -66.24
C TRP O 1258 91.10 63.49 -66.11
N ASN O 1259 90.85 64.72 -65.67
CA ASN O 1259 89.50 65.15 -65.29
C ASN O 1259 88.74 65.87 -66.39
N VAL O 1260 89.33 65.97 -67.58
CA VAL O 1260 88.77 66.81 -68.64
C VAL O 1260 87.36 66.39 -69.08
N THR O 1261 86.44 67.34 -68.99
CA THR O 1261 85.08 67.18 -69.49
C THR O 1261 84.63 68.48 -70.14
N HIS O 1262 84.16 68.42 -71.37
CA HIS O 1262 83.76 69.64 -72.08
C HIS O 1262 82.40 69.51 -72.75
N MET O 1263 81.96 70.60 -73.37
CA MET O 1263 80.70 70.63 -74.08
C MET O 1263 80.90 70.97 -75.54
N ARG O 1264 79.97 70.54 -76.40
CA ARG O 1264 80.06 70.78 -77.82
C ARG O 1264 79.23 71.98 -78.26
N HIS P 8 36.34 28.13 -15.72
CA HIS P 8 35.16 28.98 -15.69
C HIS P 8 35.53 30.43 -15.71
N GLN P 9 36.68 30.73 -15.11
CA GLN P 9 36.85 32.00 -14.43
C GLN P 9 36.40 33.15 -15.29
N TYR P 10 35.55 33.98 -14.72
CA TYR P 10 34.96 35.09 -15.41
C TYR P 10 36.01 36.18 -15.56
N GLN P 11 35.64 37.27 -16.22
CA GLN P 11 36.58 38.25 -16.68
C GLN P 11 35.95 39.62 -16.52
N TYR P 12 36.68 40.56 -15.92
CA TYR P 12 36.03 41.77 -15.42
C TYR P 12 35.08 42.37 -16.44
N LYS P 13 35.51 42.51 -17.68
CA LYS P 13 34.62 43.14 -18.65
C LYS P 13 33.39 42.29 -18.89
N ASP P 14 33.43 41.02 -18.57
CA ASP P 14 32.19 40.26 -18.61
C ASP P 14 31.25 40.74 -17.52
N ILE P 15 31.75 40.75 -16.29
CA ILE P 15 30.89 40.93 -15.13
C ILE P 15 30.62 42.40 -14.88
N LEU P 16 31.54 43.28 -15.26
CA LEU P 16 31.46 44.66 -14.81
C LEU P 16 30.11 45.27 -15.07
N SER P 17 29.52 44.97 -16.22
CA SER P 17 28.28 45.62 -16.58
C SER P 17 27.14 45.29 -15.64
N VAL P 18 27.32 44.37 -14.71
CA VAL P 18 26.16 43.92 -13.97
C VAL P 18 25.73 45.02 -13.02
N PHE P 19 26.46 45.23 -11.96
CA PHE P 19 26.04 46.22 -10.99
C PHE P 19 26.41 47.59 -11.53
N GLU P 20 25.40 48.43 -11.65
CA GLU P 20 25.54 49.82 -11.99
C GLU P 20 24.96 50.70 -10.89
N ASP P 21 23.72 50.43 -10.49
CA ASP P 21 22.99 51.34 -9.62
C ASP P 21 23.86 51.83 -8.48
N ALA P 22 24.43 50.88 -7.73
CA ALA P 22 25.42 51.25 -6.73
C ALA P 22 26.50 52.10 -7.37
N PHE P 23 27.06 51.61 -8.46
CA PHE P 23 28.12 52.34 -9.16
C PHE P 23 27.58 53.64 -9.70
N VAL P 24 26.31 53.65 -10.10
CA VAL P 24 25.66 54.87 -10.57
C VAL P 24 25.64 55.92 -9.46
N ASP P 25 24.84 55.67 -8.45
CA ASP P 25 24.41 56.68 -7.51
C ASP P 25 25.58 57.37 -6.82
N ASN P 26 26.32 56.60 -6.04
CA ASN P 26 27.25 57.16 -5.07
C ASN P 26 28.58 57.55 -5.69
N PHE P 27 28.72 57.44 -7.00
CA PHE P 27 29.96 57.79 -7.67
C PHE P 27 29.70 58.57 -8.95
N ASP P 28 30.56 59.54 -9.22
CA ASP P 28 30.49 60.32 -10.45
C ASP P 28 31.86 60.34 -11.09
N CYS P 29 31.88 60.16 -12.41
CA CYS P 29 33.17 60.21 -13.11
C CYS P 29 33.89 61.52 -12.88
N LYS P 30 33.22 62.65 -13.08
CA LYS P 30 33.86 63.95 -12.97
C LYS P 30 34.61 64.07 -11.66
N ASP P 31 34.12 63.39 -10.62
CA ASP P 31 34.75 63.40 -9.31
C ASP P 31 36.22 63.07 -9.49
N VAL P 32 36.51 62.11 -10.36
CA VAL P 32 37.86 61.58 -10.51
C VAL P 32 38.25 61.61 -11.97
N GLN P 33 39.23 62.44 -12.30
CA GLN P 33 40.10 62.16 -13.43
C GLN P 33 41.49 61.95 -12.85
N ASP P 34 41.84 60.68 -12.63
CA ASP P 34 43.23 60.35 -12.41
C ASP P 34 43.93 60.11 -13.73
N MET P 35 43.25 59.38 -14.61
CA MET P 35 43.60 59.29 -16.02
C MET P 35 44.98 58.74 -16.30
N PRO P 36 45.32 57.53 -15.86
CA PRO P 36 46.48 56.88 -16.45
C PRO P 36 46.20 56.68 -17.93
N LYS P 37 47.10 57.20 -18.76
CA LYS P 37 46.71 57.50 -20.12
C LYS P 37 46.38 56.27 -20.94
N SER P 38 47.02 55.15 -20.68
CA SER P 38 46.72 53.95 -21.45
C SER P 38 45.28 53.51 -21.21
N ILE P 39 44.79 53.69 -20.00
CA ILE P 39 43.51 53.07 -19.66
C ILE P 39 42.36 53.88 -20.23
N LEU P 40 42.52 55.19 -20.37
CA LEU P 40 41.52 56.06 -20.96
C LEU P 40 42.25 57.14 -21.72
N SER P 41 41.79 57.42 -22.93
CA SER P 41 42.45 58.54 -23.59
C SER P 41 41.97 59.85 -22.97
N LYS P 42 42.60 60.94 -23.37
CA LYS P 42 42.16 62.24 -22.89
C LYS P 42 40.78 62.56 -23.40
N GLU P 43 40.62 62.54 -24.72
CA GLU P 43 39.34 62.77 -25.35
C GLU P 43 38.23 61.94 -24.71
N GLU P 44 38.56 60.75 -24.22
CA GLU P 44 37.57 59.91 -23.58
C GLU P 44 36.92 60.66 -22.46
N ILE P 45 37.67 60.89 -21.38
CA ILE P 45 37.08 61.54 -20.23
C ILE P 45 36.72 62.97 -20.56
N ASP P 46 37.34 63.53 -21.60
CA ASP P 46 36.86 64.78 -22.13
C ASP P 46 35.39 64.68 -22.47
N HIS P 47 34.99 63.55 -23.04
CA HIS P 47 33.62 63.41 -23.48
C HIS P 47 32.67 63.04 -22.36
N ILE P 48 33.10 62.21 -21.42
CA ILE P 48 32.18 61.69 -20.41
C ILE P 48 31.57 62.82 -19.61
N ILE P 49 32.41 63.64 -19.00
CA ILE P 49 31.90 64.65 -18.07
C ILE P 49 30.91 65.57 -18.76
N MET P 50 31.03 65.72 -20.07
CA MET P 50 30.10 66.56 -20.80
C MET P 50 28.66 66.10 -20.67
N SER P 51 28.42 64.86 -20.26
CA SER P 51 27.06 64.40 -20.09
C SER P 51 26.41 65.12 -18.93
N LYS P 52 25.09 65.23 -18.97
CA LYS P 52 24.39 66.17 -18.10
C LYS P 52 24.00 65.54 -16.78
N ASP P 53 24.03 64.22 -16.67
CA ASP P 53 23.58 63.59 -15.45
C ASP P 53 24.17 62.19 -15.32
N ALA P 54 24.14 61.71 -14.07
CA ALA P 54 24.71 60.41 -13.75
C ALA P 54 24.20 59.32 -14.67
N VAL P 55 22.87 59.18 -14.76
CA VAL P 55 22.28 58.10 -15.56
C VAL P 55 22.83 58.14 -16.97
N SER P 56 23.16 59.33 -17.46
CA SER P 56 24.00 59.41 -18.63
C SER P 56 25.47 59.25 -18.25
N GLY P 57 25.90 59.96 -17.23
CA GLY P 57 27.31 60.01 -16.94
C GLY P 57 27.89 58.66 -16.62
N THR P 58 27.37 58.01 -15.58
CA THR P 58 27.88 56.70 -15.23
C THR P 58 27.80 55.76 -16.40
N LEU P 59 26.77 55.94 -17.23
CA LEU P 59 26.54 54.97 -18.28
C LEU P 59 27.66 55.04 -19.31
N ARG P 60 27.90 56.21 -19.88
CA ARG P 60 28.87 56.27 -20.97
C ARG P 60 30.21 55.76 -20.54
N LEU P 61 30.45 55.71 -19.24
CA LEU P 61 31.66 55.09 -18.75
C LEU P 61 31.77 53.66 -19.25
N PHE P 62 30.83 52.82 -18.84
CA PHE P 62 30.94 51.40 -19.15
C PHE P 62 31.18 51.18 -20.63
N TRP P 63 30.30 51.72 -21.47
CA TRP P 63 30.44 51.51 -22.90
C TRP P 63 31.82 51.88 -23.39
N THR P 64 32.48 52.83 -22.76
CA THR P 64 33.86 53.04 -23.15
C THR P 64 34.73 51.88 -22.72
N LEU P 65 34.67 51.51 -21.44
CA LEU P 65 35.52 50.44 -20.97
C LEU P 65 35.33 49.17 -21.76
N LEU P 66 34.11 48.70 -21.88
CA LEU P 66 33.87 47.41 -22.50
C LEU P 66 34.34 47.35 -23.93
N SER P 67 34.73 48.47 -24.51
CA SER P 67 35.30 48.51 -25.84
C SER P 67 36.80 48.30 -25.84
N LYS P 68 37.37 47.95 -24.70
CA LYS P 68 38.82 47.88 -24.56
C LYS P 68 39.24 46.47 -24.20
N GLN P 69 40.52 46.22 -24.34
CA GLN P 69 41.05 44.91 -23.97
C GLN P 69 41.13 44.78 -22.45
N GLU P 70 41.03 43.54 -22.01
CA GLU P 70 40.79 43.24 -20.60
C GLU P 70 41.87 43.79 -19.67
N GLU P 71 43.12 43.83 -20.12
CA GLU P 71 44.19 44.34 -19.27
C GLU P 71 43.83 45.69 -18.69
N MET P 72 43.45 46.63 -19.54
CA MET P 72 43.09 47.97 -19.08
C MET P 72 42.07 47.88 -17.97
N VAL P 73 40.93 47.26 -18.27
CA VAL P 73 39.93 47.03 -17.24
C VAL P 73 40.55 46.33 -16.06
N GLN P 74 41.27 45.25 -16.32
CA GLN P 74 41.95 44.53 -15.24
C GLN P 74 42.75 45.47 -14.37
N LYS P 75 43.31 46.51 -14.96
CA LYS P 75 43.94 47.51 -14.13
C LYS P 75 42.94 48.45 -13.53
N PHE P 76 41.82 48.71 -14.22
CA PHE P 76 40.90 49.72 -13.73
C PHE P 76 40.27 49.30 -12.42
N VAL P 77 39.94 48.02 -12.30
CA VAL P 77 39.36 47.56 -11.05
C VAL P 77 40.35 47.74 -9.92
N GLU P 78 41.63 47.74 -10.21
CA GLU P 78 42.63 48.06 -9.20
C GLU P 78 42.74 49.57 -8.97
N GLU P 79 42.62 50.35 -10.03
CA GLU P 79 42.86 51.78 -9.95
C GLU P 79 41.92 52.45 -8.95
N VAL P 80 40.68 51.98 -8.85
CA VAL P 80 39.72 52.60 -7.94
C VAL P 80 40.21 52.51 -6.51
N LEU P 81 40.87 51.40 -6.18
CA LEU P 81 41.47 51.24 -4.85
C LEU P 81 42.27 52.46 -4.43
N ARG P 82 43.20 52.88 -5.28
CA ARG P 82 44.05 54.02 -4.94
C ARG P 82 43.23 55.27 -4.71
N ILE P 83 42.09 55.37 -5.36
CA ILE P 83 41.21 56.51 -5.15
C ILE P 83 40.68 56.36 -3.73
N ASN P 84 40.19 57.47 -3.18
CA ASN P 84 39.74 57.47 -1.78
C ASN P 84 38.82 56.30 -1.51
N TYR P 85 37.96 55.98 -2.45
CA TYR P 85 36.90 55.01 -2.18
C TYR P 85 37.26 53.69 -2.84
N LYS P 86 37.59 52.70 -2.01
CA LYS P 86 37.61 51.33 -2.47
C LYS P 86 36.33 50.59 -2.14
N PHE P 87 35.45 51.14 -1.32
CA PHE P 87 34.30 50.36 -0.87
C PHE P 87 33.54 49.81 -2.05
N LEU P 88 33.53 50.55 -3.14
CA LEU P 88 32.87 50.12 -4.36
C LEU P 88 33.52 48.90 -4.95
N MET P 89 34.84 48.78 -4.85
CA MET P 89 35.50 47.68 -5.53
C MET P 89 35.60 46.42 -4.69
N SER P 90 35.19 46.45 -3.45
CA SER P 90 35.21 45.16 -2.77
C SER P 90 34.15 44.24 -3.35
N PRO P 91 32.92 44.71 -3.62
CA PRO P 91 31.97 43.79 -4.24
C PRO P 91 32.45 43.29 -5.57
N ILE P 92 32.91 44.18 -6.44
CA ILE P 92 33.35 43.78 -7.75
C ILE P 92 34.45 42.75 -7.69
N LYS P 93 35.12 42.64 -6.56
CA LYS P 93 36.08 41.59 -6.37
C LYS P 93 35.41 40.30 -5.99
N THR P 94 34.09 40.29 -5.90
CA THR P 94 33.35 39.05 -5.75
C THR P 94 33.01 38.42 -7.07
N GLU P 95 33.56 38.93 -8.17
CA GLU P 95 33.77 38.08 -9.34
C GLU P 95 34.26 36.72 -8.92
N GLN P 96 35.46 36.68 -8.38
CA GLN P 96 36.21 35.44 -8.25
C GLN P 96 35.47 34.47 -7.37
N ARG P 97 35.18 33.29 -7.93
CA ARG P 97 34.47 32.22 -7.25
C ARG P 97 33.16 32.70 -6.65
N GLN P 98 32.67 33.83 -7.09
CA GLN P 98 31.36 34.10 -6.56
C GLN P 98 30.52 34.87 -7.57
N PRO P 99 30.23 34.29 -8.73
CA PRO P 99 29.08 34.80 -9.48
C PRO P 99 27.86 34.53 -8.65
N SER P 100 27.06 35.56 -8.43
CA SER P 100 25.88 35.27 -7.66
C SER P 100 24.95 34.36 -8.45
N MET P 101 24.37 33.40 -7.75
CA MET P 101 23.64 32.32 -8.41
C MET P 101 22.68 32.85 -9.44
N MET P 102 22.14 34.04 -9.19
CA MET P 102 21.48 34.77 -10.26
C MET P 102 22.44 35.07 -11.39
N THR P 103 23.44 35.90 -11.12
CA THR P 103 24.16 36.60 -12.17
C THR P 103 24.57 35.68 -13.30
N ARG P 104 24.90 34.44 -12.98
CA ARG P 104 25.26 33.53 -14.07
C ARG P 104 24.16 33.44 -15.09
N MET P 105 22.90 33.49 -14.66
CA MET P 105 21.81 33.51 -15.61
C MET P 105 22.03 34.61 -16.64
N TYR P 106 22.19 35.83 -16.17
CA TYR P 106 22.53 36.94 -17.04
C TYR P 106 23.74 36.60 -17.88
N ILE P 107 24.90 36.53 -17.23
CA ILE P 107 26.16 36.50 -17.96
C ILE P 107 26.15 35.38 -18.98
N GLU P 108 25.38 34.33 -18.73
CA GLU P 108 25.16 33.38 -19.78
C GLU P 108 24.37 34.02 -20.90
N GLN P 109 23.19 34.52 -20.58
CA GLN P 109 22.22 34.69 -21.63
C GLN P 109 22.64 35.70 -22.67
N ARG P 110 23.22 36.81 -22.24
CA ARG P 110 23.68 37.77 -23.24
C ARG P 110 24.54 37.10 -24.30
N ASP P 111 25.28 36.07 -23.92
CA ASP P 111 26.01 35.35 -24.95
C ASP P 111 25.05 34.73 -25.94
N ARG P 112 24.07 33.98 -25.46
CA ARG P 112 23.05 33.48 -26.38
C ARG P 112 22.38 34.63 -27.10
N LEU P 113 22.48 35.84 -26.57
CA LEU P 113 22.03 36.98 -27.35
C LEU P 113 23.09 37.40 -28.36
N TYR P 114 24.34 37.52 -27.95
CA TYR P 114 25.37 37.80 -28.95
C TYR P 114 25.50 36.72 -30.00
N ASN P 115 24.94 35.55 -29.79
CA ASN P 115 25.05 34.58 -30.86
C ASN P 115 24.05 34.84 -31.95
N ASP P 116 23.36 35.97 -31.85
CA ASP P 116 22.99 36.75 -33.01
C ASP P 116 24.22 37.21 -33.79
N ASN P 117 25.43 36.98 -33.28
CA ASN P 117 26.70 37.20 -33.98
C ASN P 117 26.88 38.58 -34.55
N GLN P 118 26.90 38.70 -35.87
CA GLN P 118 27.42 39.89 -36.52
C GLN P 118 27.06 41.12 -35.75
N VAL P 119 25.83 41.10 -35.28
CA VAL P 119 25.12 42.27 -34.86
C VAL P 119 25.99 43.12 -33.97
N PHE P 120 26.13 42.72 -32.75
CA PHE P 120 26.93 43.51 -31.84
C PHE P 120 28.33 42.99 -31.78
N ALA P 121 28.61 41.96 -32.55
CA ALA P 121 29.95 41.42 -32.62
C ALA P 121 30.91 42.54 -32.94
N LYS P 122 30.89 42.99 -34.17
CA LYS P 122 31.73 44.11 -34.54
C LYS P 122 30.96 45.40 -34.33
N TYR P 123 29.92 45.57 -35.10
CA TYR P 123 29.43 46.89 -35.43
C TYR P 123 28.30 47.26 -34.50
N ASN P 124 28.54 48.28 -33.69
CA ASN P 124 27.57 49.33 -33.45
C ASN P 124 28.26 50.28 -32.50
N VAL P 125 27.80 51.51 -32.48
CA VAL P 125 28.11 52.39 -31.38
C VAL P 125 26.77 52.75 -30.76
N SER P 126 26.31 51.91 -29.85
CA SER P 126 25.31 52.25 -28.86
C SER P 126 24.23 53.17 -29.39
N ARG P 127 23.89 54.14 -28.56
CA ARG P 127 23.42 55.49 -28.80
C ARG P 127 23.06 55.92 -27.41
N LEU P 128 22.66 57.15 -27.19
CA LEU P 128 22.25 57.45 -25.84
C LEU P 128 20.77 57.79 -25.78
N GLN P 129 20.36 58.91 -26.35
CA GLN P 129 18.98 59.32 -26.25
C GLN P 129 18.00 58.20 -26.57
N PRO P 130 18.03 57.62 -27.78
CA PRO P 130 17.01 56.62 -28.08
C PRO P 130 17.09 55.47 -27.12
N TYR P 131 18.29 55.07 -26.75
CA TYR P 131 18.43 54.10 -25.69
C TYR P 131 17.65 54.54 -24.48
N LEU P 132 17.96 55.73 -24.00
CA LEU P 132 17.57 56.08 -22.65
C LEU P 132 16.07 56.16 -22.47
N LYS P 133 15.37 56.85 -23.36
CA LYS P 133 13.91 56.85 -23.28
C LYS P 133 13.40 55.44 -23.23
N LEU P 134 13.98 54.54 -24.00
CA LEU P 134 13.35 53.24 -24.14
C LEU P 134 13.44 52.47 -22.84
N ARG P 135 14.64 52.35 -22.27
CA ARG P 135 14.76 51.60 -21.03
C ARG P 135 13.76 52.12 -20.02
N GLN P 136 13.62 53.43 -19.94
CA GLN P 136 12.60 54.05 -19.12
C GLN P 136 11.27 53.37 -19.31
N ALA P 137 10.73 53.43 -20.52
CA ALA P 137 9.44 52.80 -20.76
C ALA P 137 9.51 51.31 -20.54
N LEU P 138 10.41 50.63 -21.27
CA LEU P 138 10.39 49.19 -21.27
C LEU P 138 10.68 48.61 -19.89
N LEU P 139 11.21 49.41 -18.99
CA LEU P 139 11.27 48.94 -17.61
C LEU P 139 9.88 48.89 -16.99
N GLU P 140 9.00 49.81 -17.37
CA GLU P 140 7.74 49.93 -16.65
C GLU P 140 6.73 48.86 -17.03
N LEU P 141 6.46 48.70 -18.32
CA LEU P 141 5.17 48.17 -18.76
C LEU P 141 4.80 46.86 -18.07
N ARG P 142 3.53 46.72 -17.77
CA ARG P 142 2.96 45.59 -17.05
C ARG P 142 2.24 44.68 -18.03
N PRO P 143 1.74 43.52 -17.62
CA PRO P 143 1.57 42.46 -18.61
C PRO P 143 0.36 42.54 -19.49
N ALA P 144 -0.02 43.71 -19.98
CA ALA P 144 -0.48 43.82 -21.35
C ALA P 144 -0.21 45.25 -21.78
N LYS P 145 0.73 45.45 -22.68
CA LYS P 145 1.14 46.79 -23.08
C LYS P 145 1.95 46.64 -24.34
N ASN P 146 2.53 47.75 -24.79
CA ASN P 146 3.34 47.72 -25.98
C ASN P 146 4.30 48.87 -25.95
N VAL P 147 5.37 48.76 -26.71
CA VAL P 147 6.18 49.92 -27.05
C VAL P 147 6.47 49.82 -28.53
N LEU P 148 5.97 50.77 -29.29
CA LEU P 148 6.40 50.77 -30.67
C LEU P 148 7.81 51.28 -30.77
N ILE P 149 8.46 50.90 -31.84
CA ILE P 149 9.62 51.61 -32.29
C ILE P 149 9.42 51.87 -33.77
N ASP P 150 9.24 53.13 -34.14
CA ASP P 150 9.04 53.48 -35.51
C ASP P 150 10.29 54.10 -36.09
N GLY P 151 10.62 53.70 -37.30
CA GLY P 151 11.69 54.37 -38.01
C GLY P 151 11.50 54.23 -39.50
N VAL P 152 12.05 55.21 -40.20
CA VAL P 152 12.11 55.15 -41.64
C VAL P 152 13.14 54.12 -42.05
N LEU P 153 13.11 53.73 -43.33
CA LEU P 153 13.88 52.59 -43.79
C LEU P 153 15.30 52.64 -43.28
N GLY P 154 15.79 51.51 -42.82
CA GLY P 154 16.99 51.52 -42.03
C GLY P 154 16.74 52.22 -40.71
N SER P 155 17.55 53.22 -40.42
CA SER P 155 17.46 54.00 -39.19
C SER P 155 17.57 53.14 -37.95
N GLY P 156 18.12 51.94 -38.11
CA GLY P 156 18.59 51.14 -37.01
C GLY P 156 17.66 50.92 -35.86
N LYS P 157 16.42 50.54 -36.13
CA LYS P 157 15.54 50.21 -35.03
C LYS P 157 15.88 48.83 -34.48
N THR P 158 16.05 47.84 -35.34
CA THR P 158 16.30 46.48 -34.90
C THR P 158 17.47 46.38 -33.94
N TRP P 159 18.35 47.36 -33.96
CA TRP P 159 19.51 47.31 -33.10
C TRP P 159 19.20 47.93 -31.75
N VAL P 160 18.86 49.20 -31.74
CA VAL P 160 18.41 49.81 -30.49
C VAL P 160 17.41 48.93 -29.80
N ALA P 161 16.61 48.22 -30.59
CA ALA P 161 15.80 47.13 -30.06
C ALA P 161 16.64 46.20 -29.21
N LEU P 162 17.58 45.50 -29.83
CA LEU P 162 18.41 44.59 -29.06
C LEU P 162 19.05 45.32 -27.91
N ASP P 163 19.89 46.31 -28.22
CA ASP P 163 20.86 46.78 -27.25
C ASP P 163 20.25 47.02 -25.89
N VAL P 164 19.12 47.69 -25.81
CA VAL P 164 18.52 47.86 -24.50
C VAL P 164 18.14 46.53 -23.88
N CYS P 165 17.61 45.61 -24.67
CA CYS P 165 17.26 44.30 -24.16
C CYS P 165 18.47 43.54 -23.64
N LEU P 166 19.68 44.01 -23.94
CA LEU P 166 20.87 43.40 -23.39
C LEU P 166 21.18 43.90 -21.99
N SER P 167 20.80 45.14 -21.68
CA SER P 167 21.25 45.75 -20.44
C SER P 167 20.67 45.04 -19.23
N TYR P 168 21.53 44.80 -18.24
CA TYR P 168 21.17 43.96 -17.11
C TYR P 168 19.82 44.33 -16.53
N LYS P 169 19.72 45.52 -15.98
CA LYS P 169 18.59 45.86 -15.13
C LYS P 169 17.28 45.51 -15.79
N VAL P 170 17.21 45.65 -17.11
CA VAL P 170 16.10 45.04 -17.84
C VAL P 170 16.09 43.55 -17.62
N GLN P 171 17.14 42.88 -18.10
CA GLN P 171 17.15 41.44 -18.20
C GLN P 171 16.74 40.79 -16.90
N CYS P 172 16.98 41.45 -15.77
CA CYS P 172 16.56 40.92 -14.49
C CYS P 172 15.10 41.18 -14.23
N LYS P 173 14.59 42.31 -14.70
CA LYS P 173 13.19 42.62 -14.51
C LYS P 173 12.30 41.57 -15.13
N MET P 174 12.70 41.04 -16.27
CA MET P 174 11.85 40.18 -17.05
C MET P 174 12.13 38.72 -16.86
N ASP P 175 13.01 38.36 -15.93
CA ASP P 175 13.32 36.99 -15.59
C ASP P 175 13.93 36.23 -16.74
N PHE P 176 14.87 36.80 -17.47
CA PHE P 176 15.77 36.02 -18.29
C PHE P 176 15.04 35.20 -19.32
N LYS P 177 13.82 35.59 -19.65
CA LYS P 177 13.06 34.95 -20.71
C LYS P 177 12.78 36.02 -21.73
N ILE P 178 13.40 35.93 -22.90
CA ILE P 178 13.15 36.88 -23.97
C ILE P 178 13.13 36.15 -25.29
N PHE P 179 12.03 36.27 -26.02
CA PHE P 179 11.82 35.47 -27.20
C PHE P 179 11.78 36.35 -28.43
N TRP P 180 12.62 36.03 -29.40
CA TRP P 180 12.71 36.85 -30.59
C TRP P 180 11.95 36.17 -31.71
N LEU P 181 11.34 36.96 -32.57
CA LEU P 181 10.77 36.45 -33.80
C LEU P 181 11.14 37.35 -34.94
N ASN P 182 10.68 36.99 -36.12
CA ASN P 182 10.64 37.91 -37.25
C ASN P 182 9.36 37.68 -38.00
N LEU P 183 8.60 38.72 -38.18
CA LEU P 183 7.48 38.64 -39.08
C LEU P 183 7.89 39.06 -40.47
N LYS P 184 9.19 39.21 -40.70
CA LYS P 184 9.75 39.74 -41.93
C LYS P 184 9.06 39.18 -43.16
N ASN P 185 8.75 37.90 -43.13
CA ASN P 185 7.80 37.36 -44.09
C ASN P 185 6.58 36.92 -43.29
N CYS P 186 5.54 37.73 -43.31
CA CYS P 186 4.27 37.33 -42.72
C CYS P 186 3.15 37.83 -43.60
N ASN P 187 2.43 36.91 -44.21
CA ASN P 187 1.26 37.25 -45.00
C ASN P 187 0.34 36.04 -45.02
N SER P 188 -0.96 36.27 -45.04
CA SER P 188 -1.92 35.19 -45.22
C SER P 188 -1.91 34.27 -44.00
N PRO P 189 -2.95 33.49 -43.80
CA PRO P 189 -2.96 32.61 -42.64
C PRO P 189 -1.81 31.63 -42.60
N GLU P 190 -1.51 30.97 -43.71
CA GLU P 190 -0.51 29.92 -43.69
C GLU P 190 0.76 30.37 -43.00
N THR P 191 1.41 31.39 -43.58
CA THR P 191 2.68 31.84 -43.04
C THR P 191 2.58 32.12 -41.56
N VAL P 192 1.54 32.83 -41.13
CA VAL P 192 1.39 33.13 -39.72
C VAL P 192 1.51 31.86 -38.89
N LEU P 193 0.77 30.83 -39.27
CA LEU P 193 0.84 29.58 -38.52
C LEU P 193 2.27 29.18 -38.31
N GLU P 194 3.07 29.21 -39.36
CA GLU P 194 4.48 28.90 -39.22
C GLU P 194 5.09 29.77 -38.15
N MET P 195 5.28 31.04 -38.49
CA MET P 195 6.11 31.88 -37.66
C MET P 195 5.51 32.00 -36.28
N LEU P 196 4.24 31.63 -36.15
CA LEU P 196 3.70 31.42 -34.82
C LEU P 196 4.16 30.09 -34.25
N GLN P 197 4.06 29.03 -35.03
CA GLN P 197 4.28 27.72 -34.44
C GLN P 197 5.70 27.58 -33.93
N LYS P 198 6.65 28.20 -34.61
CA LYS P 198 8.01 28.23 -34.09
C LYS P 198 8.00 28.73 -32.66
N LEU P 199 7.39 29.88 -32.42
CA LEU P 199 7.37 30.43 -31.09
C LEU P 199 6.92 29.40 -30.08
N LEU P 200 6.02 28.52 -30.49
CA LEU P 200 5.53 27.55 -29.54
C LEU P 200 6.67 26.68 -29.02
N TYR P 201 7.49 26.16 -29.92
CA TYR P 201 8.51 25.22 -29.46
C TYR P 201 9.44 25.86 -28.47
N GLN P 202 9.87 27.10 -28.70
CA GLN P 202 10.82 27.69 -27.79
C GLN P 202 10.29 27.73 -26.37
N ILE P 203 8.98 27.81 -26.19
CA ILE P 203 8.49 27.91 -24.83
C ILE P 203 8.56 26.56 -24.15
N ASP P 204 8.07 25.53 -24.74
CA ASP P 204 8.21 24.20 -24.18
C ASP P 204 8.51 23.28 -25.35
N PRO P 205 9.43 22.34 -25.19
CA PRO P 205 9.58 21.35 -26.25
C PRO P 205 8.60 20.20 -26.09
N ASN P 206 7.34 20.51 -25.82
CA ASN P 206 6.30 19.50 -25.99
C ASN P 206 5.09 20.15 -26.61
N TRP P 207 4.78 19.78 -27.84
CA TRP P 207 3.43 20.06 -28.30
C TRP P 207 2.94 18.91 -29.15
N THR P 208 1.86 18.28 -28.70
CA THR P 208 1.20 17.26 -29.49
C THR P 208 0.27 17.95 -30.48
N SER P 209 0.17 17.35 -31.65
CA SER P 209 -0.71 17.81 -32.72
C SER P 209 -2.19 17.74 -32.35
N ARG P 210 -2.48 17.30 -31.13
CA ARG P 210 -3.76 16.69 -30.78
C ARG P 210 -4.95 17.46 -31.32
N SER P 211 -4.92 18.78 -31.28
CA SER P 211 -5.97 19.54 -31.92
C SER P 211 -5.96 19.25 -33.42
N ASP P 212 -7.12 18.82 -33.92
CA ASP P 212 -7.15 18.08 -35.18
C ASP P 212 -6.57 18.90 -36.32
N HIS P 213 -6.14 18.18 -37.35
CA HIS P 213 -5.42 18.71 -38.49
C HIS P 213 -6.41 19.27 -39.49
N SER P 214 -7.66 19.44 -39.06
CA SER P 214 -8.77 19.78 -39.92
C SER P 214 -8.39 20.91 -40.87
N SER P 215 -8.73 20.73 -42.14
CA SER P 215 -8.14 21.52 -43.22
C SER P 215 -8.42 23.00 -43.08
N ASN P 216 -9.26 23.40 -42.13
CA ASN P 216 -9.53 24.82 -42.01
C ASN P 216 -8.37 25.47 -41.28
N ILE P 217 -7.60 26.21 -42.07
CA ILE P 217 -6.43 26.92 -41.57
C ILE P 217 -6.84 27.98 -40.57
N LYS P 218 -7.95 28.66 -40.85
CA LYS P 218 -8.38 29.73 -39.97
C LYS P 218 -8.71 29.18 -38.60
N LEU P 219 -9.47 28.10 -38.55
CA LEU P 219 -9.72 27.48 -37.26
C LEU P 219 -8.41 27.12 -36.59
N ARG P 220 -7.52 26.50 -37.34
CA ARG P 220 -6.41 25.77 -36.73
C ARG P 220 -5.58 26.66 -35.84
N ILE P 221 -5.14 27.81 -36.36
CA ILE P 221 -4.32 28.67 -35.51
C ILE P 221 -5.09 29.02 -34.26
N HIS P 222 -6.37 29.34 -34.40
CA HIS P 222 -7.10 29.81 -33.26
C HIS P 222 -7.18 28.72 -32.20
N SER P 223 -6.81 27.49 -32.56
CA SER P 223 -6.59 26.48 -31.54
C SER P 223 -5.22 26.66 -30.91
N ILE P 224 -4.19 26.79 -31.73
CA ILE P 224 -2.85 27.03 -31.18
C ILE P 224 -2.88 28.24 -30.30
N GLN P 225 -3.28 29.36 -30.87
CA GLN P 225 -3.28 30.62 -30.15
C GLN P 225 -3.96 30.48 -28.80
N ALA P 226 -5.01 29.68 -28.74
CA ALA P 226 -5.53 29.31 -27.44
C ALA P 226 -4.46 28.61 -26.61
N GLU P 227 -4.07 27.41 -27.03
CA GLU P 227 -3.15 26.59 -26.24
C GLU P 227 -1.98 27.41 -25.75
N LEU P 228 -1.51 28.32 -26.59
CA LEU P 228 -0.47 29.24 -26.14
C LEU P 228 -0.97 30.13 -25.03
N ARG P 229 -2.05 30.86 -25.27
CA ARG P 229 -2.44 31.94 -24.35
C ARG P 229 -2.47 31.46 -22.92
N ARG P 230 -3.11 30.32 -22.67
CA ARG P 230 -3.09 29.81 -21.31
C ARG P 230 -1.67 29.62 -20.83
N LEU P 231 -0.90 28.82 -21.55
CA LEU P 231 0.41 28.42 -21.06
C LEU P 231 1.25 29.63 -20.69
N LEU P 232 1.25 30.65 -21.54
CA LEU P 232 2.10 31.80 -21.31
C LEU P 232 1.81 32.43 -19.96
N LYS P 233 0.66 33.07 -19.83
CA LYS P 233 0.37 33.78 -18.59
C LYS P 233 0.23 32.83 -17.41
N SER P 234 0.10 31.54 -17.67
CA SER P 234 -0.16 30.60 -16.60
C SER P 234 0.94 30.65 -15.54
N LYS P 235 2.08 30.11 -15.88
CA LYS P 235 3.04 29.68 -14.88
C LYS P 235 4.11 30.75 -14.73
N PRO P 236 5.10 30.51 -13.90
CA PRO P 236 6.39 31.14 -14.14
C PRO P 236 6.69 30.95 -15.61
N TYR P 237 7.36 31.92 -16.24
CA TYR P 237 6.89 32.56 -17.45
C TYR P 237 5.81 33.58 -17.20
N GLU P 238 5.72 34.14 -15.99
CA GLU P 238 4.68 35.14 -15.77
C GLU P 238 5.08 36.45 -16.41
N ASN P 239 6.36 36.79 -16.34
CA ASN P 239 6.87 37.99 -16.98
C ASN P 239 7.79 37.56 -18.10
N CYS P 240 7.32 37.68 -19.32
CA CYS P 240 8.16 37.46 -20.48
C CYS P 240 7.88 38.59 -21.42
N LEU P 241 8.70 38.75 -22.43
CA LEU P 241 8.31 39.60 -23.54
C LEU P 241 8.63 38.91 -24.84
N LEU P 242 7.64 38.83 -25.70
CA LEU P 242 7.92 38.61 -27.09
C LEU P 242 8.64 39.83 -27.61
N VAL P 243 9.29 39.68 -28.74
CA VAL P 243 9.71 40.83 -29.51
C VAL P 243 9.36 40.54 -30.95
N LEU P 244 8.90 41.54 -31.65
CA LEU P 244 8.52 41.37 -33.04
C LEU P 244 9.36 42.33 -33.85
N LEU P 245 10.11 41.80 -34.79
CA LEU P 245 10.90 42.66 -35.64
C LEU P 245 10.24 42.75 -36.99
N ASN P 246 10.10 43.98 -37.49
CA ASN P 246 9.60 44.21 -38.83
C ASN P 246 8.17 43.69 -38.97
N VAL P 247 7.30 44.11 -38.06
CA VAL P 247 5.91 43.74 -38.22
C VAL P 247 5.42 44.22 -39.56
N GLN P 248 5.01 43.28 -40.42
CA GLN P 248 4.61 43.63 -41.78
C GLN P 248 3.11 43.61 -42.09
N ASN P 249 2.33 42.95 -41.25
CA ASN P 249 0.89 42.88 -41.48
C ASN P 249 0.16 43.57 -40.35
N ALA P 250 -0.76 44.47 -40.68
CA ALA P 250 -1.45 45.12 -39.66
C ALA P 250 -2.26 44.26 -38.95
N ALA P 252 -1.51 40.62 -38.64
CA ALA P 252 -0.49 39.92 -38.04
C ALA P 252 -0.64 40.19 -36.63
N TRP P 253 -0.13 41.49 -36.39
CA TRP P 253 -0.27 41.78 -34.98
C TRP P 253 -1.24 40.83 -34.33
N ASN P 254 -2.51 40.89 -34.73
CA ASN P 254 -3.57 40.23 -33.98
C ASN P 254 -3.35 38.75 -33.85
N ALA P 255 -2.41 38.22 -34.61
CA ALA P 255 -1.91 36.89 -34.30
C ALA P 255 -1.57 36.83 -32.82
N PHE P 256 -0.63 37.64 -32.39
CA PHE P 256 0.09 37.42 -31.16
C PHE P 256 -0.52 38.11 -29.95
N ASN P 257 -1.67 38.76 -30.12
CA ASN P 257 -2.25 39.63 -29.11
C ASN P 257 -2.20 39.03 -27.71
N LEU P 258 -2.40 37.73 -27.63
CA LEU P 258 -2.66 37.01 -26.39
C LEU P 258 -1.68 37.35 -25.27
N SER P 259 -0.48 37.76 -25.63
CA SER P 259 0.64 37.70 -24.71
C SER P 259 0.63 38.86 -23.75
N CYS P 260 1.78 39.04 -23.13
CA CYS P 260 2.08 40.22 -22.37
C CYS P 260 3.35 40.88 -22.88
N LYS P 261 3.53 42.14 -22.51
CA LYS P 261 4.81 42.81 -22.56
C LYS P 261 5.45 42.83 -23.93
N ILE P 262 4.67 42.71 -25.01
CA ILE P 262 5.34 42.55 -26.28
C ILE P 262 5.93 43.88 -26.71
N LEU P 263 6.60 43.87 -27.86
CA LEU P 263 7.36 45.01 -28.32
C LEU P 263 7.41 44.97 -29.84
N LEU P 264 7.45 46.13 -30.48
CA LEU P 264 7.31 46.16 -31.92
C LEU P 264 8.43 46.94 -32.58
N THR P 265 8.53 46.76 -33.88
CA THR P 265 9.31 47.59 -34.75
C THR P 265 8.54 47.69 -36.04
N THR P 266 8.40 48.79 -36.56
CA THR P 266 7.62 48.89 -37.77
C THR P 266 8.06 50.03 -38.65
N ARG P 267 8.13 49.75 -39.95
CA ARG P 267 8.24 50.80 -40.93
C ARG P 267 6.89 51.49 -41.12
N PHE P 268 5.86 50.70 -41.40
CA PHE P 268 4.66 51.23 -42.02
C PHE P 268 3.90 52.16 -41.09
N LYS P 269 3.50 53.30 -41.64
CA LYS P 269 2.66 54.26 -40.95
C LYS P 269 1.41 53.59 -40.39
N GLN P 270 0.78 52.72 -41.19
CA GLN P 270 -0.53 52.23 -40.81
C GLN P 270 -0.49 51.42 -39.52
N VAL P 271 0.65 50.88 -39.14
CA VAL P 271 0.74 50.25 -37.84
C VAL P 271 0.75 51.31 -36.75
N THR P 272 1.80 52.14 -36.72
CA THR P 272 1.90 53.12 -35.65
C THR P 272 0.66 53.99 -35.54
N ASP P 273 -0.14 54.06 -36.59
CA ASP P 273 -1.42 54.71 -36.48
C ASP P 273 -2.46 53.80 -35.86
N PHE P 274 -2.44 52.52 -36.22
CA PHE P 274 -3.44 51.56 -35.76
C PHE P 274 -3.44 51.44 -34.24
N LEU P 275 -2.26 51.43 -33.64
CA LEU P 275 -2.15 51.51 -32.19
C LEU P 275 -2.45 52.92 -31.73
N SER P 276 -2.73 53.07 -30.45
CA SER P 276 -3.09 54.37 -29.89
C SER P 276 -2.45 54.54 -28.51
N ALA P 277 -2.10 55.78 -28.19
CA ALA P 277 -1.30 56.04 -26.99
C ALA P 277 -2.00 55.59 -25.73
N ALA P 278 -3.29 55.27 -25.82
CA ALA P 278 -4.01 54.81 -24.64
C ALA P 278 -3.33 53.59 -24.04
N THR P 279 -3.17 52.53 -24.84
CA THR P 279 -2.62 51.30 -24.27
C THR P 279 -1.15 51.14 -24.57
N THR P 280 -0.57 52.03 -25.38
CA THR P 280 0.83 51.87 -25.77
C THR P 280 1.54 53.20 -25.67
N THR P 281 2.86 53.13 -25.74
CA THR P 281 3.69 54.32 -25.89
C THR P 281 4.25 54.34 -27.31
N HIS P 282 5.09 55.33 -27.58
CA HIS P 282 5.82 55.39 -28.83
C HIS P 282 7.29 55.61 -28.54
N ILE P 283 8.14 55.18 -29.46
CA ILE P 283 9.47 55.72 -29.65
C ILE P 283 9.65 55.96 -31.13
N SER P 284 9.80 57.22 -31.51
CA SER P 284 10.03 57.51 -32.90
C SER P 284 11.52 57.70 -33.10
N LEU P 285 12.05 57.19 -34.20
CA LEU P 285 13.44 57.49 -34.47
C LEU P 285 13.63 58.61 -35.48
N ASP P 286 12.57 59.17 -36.02
CA ASP P 286 12.70 60.31 -36.93
C ASP P 286 12.86 61.61 -36.17
N HIS P 287 12.25 61.68 -35.00
CA HIS P 287 12.24 62.89 -34.19
C HIS P 287 13.68 63.33 -34.00
N HIS P 288 13.95 64.58 -34.39
CA HIS P 288 15.31 64.98 -34.68
C HIS P 288 16.20 64.84 -33.46
N SER P 289 15.63 64.94 -32.26
CA SER P 289 16.45 64.84 -31.06
C SER P 289 16.94 63.42 -30.87
N MET P 290 16.27 62.45 -31.49
CA MET P 290 16.59 61.05 -31.23
C MET P 290 17.76 60.56 -32.07
N THR P 291 18.10 61.29 -33.12
CA THR P 291 18.87 60.65 -34.19
C THR P 291 20.33 61.07 -34.39
N LEU P 292 21.36 60.16 -34.11
CA LEU P 292 22.73 60.22 -34.58
C LEU P 292 23.29 61.64 -34.50
N THR P 293 23.59 62.01 -33.26
CA THR P 293 24.43 63.18 -33.01
C THR P 293 25.65 63.08 -33.92
N PRO P 294 25.97 64.12 -34.67
CA PRO P 294 27.08 64.02 -35.62
C PRO P 294 28.34 63.53 -34.98
N ASP P 295 28.49 63.72 -33.67
CA ASP P 295 29.59 63.10 -32.96
C ASP P 295 29.53 61.59 -33.06
N GLU P 296 28.32 61.02 -33.06
CA GLU P 296 28.22 59.58 -33.16
C GLU P 296 28.75 59.08 -34.48
N VAL P 297 28.33 59.70 -35.58
CA VAL P 297 28.72 59.24 -36.91
C VAL P 297 30.22 59.02 -36.95
N LYS P 298 30.97 59.91 -36.32
CA LYS P 298 32.41 59.69 -36.18
C LYS P 298 32.69 58.30 -35.66
N SER P 299 32.10 57.94 -34.51
CA SER P 299 32.44 56.66 -33.91
C SER P 299 32.02 55.51 -34.80
N LEU P 300 30.77 55.52 -35.28
CA LEU P 300 30.33 54.47 -36.19
C LEU P 300 31.21 54.41 -37.43
N LEU P 301 31.29 55.52 -38.15
CA LEU P 301 32.04 55.51 -39.39
C LEU P 301 33.50 55.17 -39.14
N LEU P 302 33.91 55.22 -37.87
CA LEU P 302 35.27 54.83 -37.55
C LEU P 302 35.46 53.34 -37.68
N LYS P 303 34.63 52.55 -37.00
CA LYS P 303 34.96 51.15 -36.78
C LYS P 303 35.09 50.37 -38.07
N TYR P 304 34.51 50.88 -39.16
CA TYR P 304 34.73 50.20 -40.43
C TYR P 304 36.07 50.58 -41.05
N LEU P 305 36.40 51.86 -41.07
CA LEU P 305 37.57 52.27 -41.80
C LEU P 305 38.87 52.01 -41.05
N ASP P 306 38.83 51.97 -39.72
CA ASP P 306 40.01 51.65 -38.93
C ASP P 306 41.14 52.62 -39.19
N CYS P 307 40.85 53.91 -39.04
CA CYS P 307 41.83 54.95 -39.30
C CYS P 307 41.58 56.13 -38.38
N ARG P 308 42.60 56.90 -38.17
CA ARG P 308 42.60 57.98 -37.21
C ARG P 308 41.49 58.98 -37.51
N PRO P 309 41.08 59.77 -36.52
CA PRO P 309 40.02 60.77 -36.77
C PRO P 309 40.40 61.81 -37.80
N GLN P 310 41.69 61.95 -38.12
CA GLN P 310 42.07 62.77 -39.26
C GLN P 310 41.52 62.18 -40.55
N ASP P 311 41.26 60.88 -40.58
CA ASP P 311 40.78 60.19 -41.77
C ASP P 311 39.27 60.13 -41.86
N LEU P 312 38.59 60.85 -40.97
CA LEU P 312 37.13 60.93 -40.94
C LEU P 312 36.58 61.77 -42.09
N PRO P 313 35.34 61.38 -42.59
CA PRO P 313 34.84 62.22 -43.70
C PRO P 313 34.42 63.64 -43.28
N ARG P 314 34.57 64.59 -44.19
CA ARG P 314 34.20 65.98 -43.94
C ARG P 314 33.11 66.46 -44.91
N GLU P 315 32.08 67.12 -44.40
CA GLU P 315 30.99 67.60 -45.23
C GLU P 315 29.62 67.03 -44.81
N VAL P 316 29.64 66.10 -43.87
CA VAL P 316 28.43 65.46 -43.30
C VAL P 316 27.53 64.75 -44.32
N LEU P 317 27.68 63.43 -44.37
CA LEU P 317 26.93 62.54 -45.26
C LEU P 317 25.43 62.25 -45.07
N THR P 318 24.97 62.12 -43.83
CA THR P 318 23.58 61.72 -43.59
C THR P 318 23.54 61.15 -42.18
N THR P 319 22.39 61.04 -41.50
CA THR P 319 22.21 60.14 -40.37
C THR P 319 21.14 59.15 -40.78
N ASN P 320 21.57 57.97 -41.19
CA ASN P 320 20.78 56.79 -41.12
C ASN P 320 21.92 55.83 -40.90
N PRO P 321 21.77 54.86 -40.02
CA PRO P 321 22.80 53.83 -39.99
C PRO P 321 22.82 53.03 -41.26
N ARG P 322 21.67 52.59 -41.73
CA ARG P 322 21.65 52.05 -43.07
C ARG P 322 22.05 53.14 -44.04
N ARG P 323 22.66 52.72 -45.14
CA ARG P 323 23.23 53.62 -46.14
C ARG P 323 24.43 54.32 -45.57
N LEU P 324 24.56 54.35 -44.25
CA LEU P 324 25.84 54.80 -43.79
C LEU P 324 26.83 53.67 -43.83
N SER P 325 26.39 52.48 -43.42
CA SER P 325 27.27 51.33 -43.50
C SER P 325 27.72 51.10 -44.92
N ILE P 326 26.78 51.01 -45.86
CA ILE P 326 27.14 50.70 -47.23
C ILE P 326 28.30 51.57 -47.69
N ILE P 327 28.22 52.86 -47.41
CA ILE P 327 29.39 53.71 -47.63
C ILE P 327 30.58 53.16 -46.87
N ALA P 328 30.46 53.14 -45.54
CA ALA P 328 31.57 52.71 -44.71
C ALA P 328 32.13 51.38 -45.17
N GLU P 329 31.24 50.49 -45.63
CA GLU P 329 31.73 49.20 -46.07
C GLU P 329 32.37 49.29 -47.44
N SER P 330 31.72 50.00 -48.36
CA SER P 330 32.25 50.07 -49.71
C SER P 330 33.66 50.61 -49.72
N ILE P 331 34.02 51.41 -48.73
CA ILE P 331 35.36 51.95 -48.72
C ILE P 331 36.36 50.96 -48.15
N ARG P 332 36.02 50.28 -47.06
CA ARG P 332 36.96 49.31 -46.51
C ARG P 332 37.30 48.24 -47.52
N ASP P 333 36.51 48.11 -48.56
CA ASP P 333 36.78 47.08 -49.54
C ASP P 333 36.77 47.62 -50.96
N GLY P 334 35.60 47.97 -51.46
CA GLY P 334 35.39 48.15 -52.88
C GLY P 334 35.83 49.52 -53.32
N LEU P 335 35.14 50.03 -54.32
CA LEU P 335 35.48 51.32 -54.90
C LEU P 335 34.97 52.46 -54.03
N ALA P 336 34.96 53.64 -54.62
CA ALA P 336 34.48 54.94 -54.15
C ALA P 336 35.53 55.75 -53.41
N THR P 337 36.70 55.19 -53.13
CA THR P 337 37.87 55.98 -52.74
C THR P 337 37.61 56.73 -51.44
N TRP P 338 36.37 56.66 -50.97
CA TRP P 338 35.79 57.48 -49.92
C TRP P 338 35.65 58.91 -50.41
N ASP P 339 36.37 59.26 -51.47
CA ASP P 339 36.23 60.56 -52.08
C ASP P 339 35.43 60.52 -53.39
N ASN P 340 35.07 59.34 -53.88
CA ASN P 340 34.50 59.24 -55.22
C ASN P 340 32.99 59.37 -55.25
N TRP P 341 32.41 58.50 -54.42
CA TRP P 341 31.02 58.11 -54.28
C TRP P 341 29.90 58.96 -54.82
N LYS P 342 29.45 58.44 -55.94
CA LYS P 342 28.30 58.87 -56.72
C LYS P 342 27.57 57.54 -56.87
N HIS P 343 28.34 56.51 -57.26
CA HIS P 343 27.85 55.14 -57.44
C HIS P 343 27.38 54.50 -56.13
N VAL P 344 28.13 54.67 -55.05
CA VAL P 344 27.65 54.09 -53.79
C VAL P 344 27.00 52.74 -54.04
N ASN P 345 27.80 51.75 -54.46
CA ASN P 345 27.51 50.33 -54.30
C ASN P 345 26.03 50.04 -54.59
N CYS P 346 25.58 50.55 -55.73
CA CYS P 346 24.15 50.64 -55.99
C CYS P 346 23.43 49.35 -55.62
N ASP P 347 24.05 48.20 -55.92
CA ASP P 347 23.40 46.90 -55.76
C ASP P 347 22.76 46.74 -54.39
N LYS P 348 23.57 46.67 -53.33
CA LYS P 348 23.01 46.53 -51.99
C LYS P 348 22.03 47.64 -51.70
N LEU P 349 22.46 48.88 -51.88
CA LEU P 349 21.55 50.00 -51.77
C LEU P 349 20.28 49.75 -52.58
N THR P 350 20.44 49.35 -53.83
CA THR P 350 19.27 48.97 -54.62
C THR P 350 18.56 47.77 -54.00
N THR P 351 19.26 46.65 -53.87
CA THR P 351 18.60 45.41 -53.50
C THR P 351 17.79 45.57 -52.22
N ILE P 352 18.25 46.45 -51.34
CA ILE P 352 17.46 46.76 -50.15
C ILE P 352 16.30 47.67 -50.50
N ILE P 353 16.58 48.77 -51.20
CA ILE P 353 15.52 49.71 -51.50
C ILE P 353 14.54 49.11 -52.48
N GLU P 354 15.01 48.25 -53.37
CA GLU P 354 14.13 47.73 -54.41
C GLU P 354 13.02 46.89 -53.82
N SER P 355 13.37 45.81 -53.14
CA SER P 355 12.33 44.98 -52.54
C SER P 355 11.48 45.80 -51.59
N SER P 356 12.08 46.81 -50.96
CA SER P 356 11.37 47.63 -50.00
C SER P 356 10.18 48.31 -50.66
N LEU P 357 10.20 48.42 -51.98
CA LEU P 357 9.08 49.01 -52.68
C LEU P 357 8.12 47.96 -53.20
N ASN P 358 8.45 46.68 -53.01
CA ASN P 358 7.71 45.62 -53.68
C ASN P 358 6.25 45.56 -53.24
N VAL P 359 5.85 46.36 -52.26
CA VAL P 359 4.52 46.21 -51.69
C VAL P 359 3.44 46.71 -52.65
N LEU P 360 3.77 47.70 -53.47
CA LEU P 360 2.76 48.50 -54.13
C LEU P 360 2.15 47.78 -55.35
N GLU P 361 0.99 48.28 -55.78
CA GLU P 361 0.32 47.86 -57.02
C GLU P 361 1.09 48.38 -58.22
N PRO P 362 1.68 47.51 -59.03
CA PRO P 362 2.75 47.96 -59.92
C PRO P 362 2.33 48.99 -60.96
N ALA P 363 1.27 48.71 -61.71
CA ALA P 363 0.84 49.66 -62.72
C ALA P 363 0.04 50.78 -62.08
N GLU P 364 -0.84 50.42 -61.17
CA GLU P 364 -1.55 51.38 -60.36
C GLU P 364 -0.62 52.38 -59.68
N TYR P 365 0.54 51.93 -59.21
CA TYR P 365 1.38 52.77 -58.38
C TYR P 365 2.82 52.82 -58.84
N ARG P 366 3.52 51.69 -58.87
CA ARG P 366 4.96 51.77 -59.12
C ARG P 366 5.28 52.56 -60.38
N LYS P 367 4.35 52.65 -61.31
CA LYS P 367 4.49 53.64 -62.37
C LYS P 367 4.71 55.03 -61.80
N MET P 368 4.14 55.30 -60.62
CA MET P 368 3.98 56.67 -60.19
C MET P 368 5.23 57.26 -59.56
N PHE P 369 5.96 56.49 -58.76
CA PHE P 369 7.29 56.95 -58.34
C PHE P 369 8.11 57.42 -59.54
N ASP P 370 8.14 56.60 -60.57
CA ASP P 370 8.91 56.92 -61.76
C ASP P 370 8.67 58.35 -62.19
N ARG P 371 7.43 58.80 -62.06
CA ARG P 371 7.15 60.21 -62.27
C ARG P 371 7.92 61.08 -61.28
N LEU P 372 7.91 60.72 -60.00
CA LEU P 372 8.42 61.63 -58.99
C LEU P 372 9.87 62.03 -59.23
N SER P 373 10.60 61.31 -60.07
CA SER P 373 11.98 61.71 -60.36
C SER P 373 12.03 63.08 -61.01
N VAL P 374 10.89 63.57 -61.50
CA VAL P 374 10.81 64.91 -62.07
C VAL P 374 11.38 65.95 -61.12
N PHE P 375 11.28 65.71 -59.86
CA PHE P 375 11.42 66.82 -58.94
C PHE P 375 12.86 67.01 -58.47
N PRO P 376 13.31 68.25 -58.34
CA PRO P 376 14.60 68.53 -57.74
C PRO P 376 14.58 68.16 -56.26
N PRO P 377 15.64 67.54 -55.77
CA PRO P 377 15.58 66.91 -54.44
C PRO P 377 15.30 67.91 -53.32
N SER P 378 14.83 67.38 -52.19
CA SER P 378 14.70 68.01 -50.89
C SER P 378 13.62 69.09 -50.80
N ALA P 379 12.97 69.45 -51.90
CA ALA P 379 12.02 70.56 -51.88
C ALA P 379 10.66 70.11 -51.38
N HIS P 380 9.67 70.98 -51.53
CA HIS P 380 8.27 70.64 -51.36
C HIS P 380 7.59 70.70 -52.72
N ILE P 381 6.57 69.88 -52.90
CA ILE P 381 5.83 69.86 -54.14
C ILE P 381 4.36 70.17 -53.87
N PRO P 382 3.82 71.23 -54.46
CA PRO P 382 2.38 71.50 -54.31
C PRO P 382 1.56 70.34 -54.84
N THR P 383 0.63 69.86 -54.01
CA THR P 383 -0.27 68.80 -54.45
C THR P 383 -1.04 69.19 -55.69
N ILE P 384 -1.57 70.41 -55.73
CA ILE P 384 -2.24 70.88 -56.94
C ILE P 384 -1.35 70.67 -58.15
N LEU P 385 -0.08 71.04 -58.04
CA LEU P 385 0.85 70.80 -59.14
C LEU P 385 0.95 69.32 -59.45
N LEU P 386 0.93 68.49 -58.42
CA LEU P 386 1.04 67.04 -58.62
C LEU P 386 -0.02 66.51 -59.57
N SER P 387 -1.14 67.22 -59.67
CA SER P 387 -2.24 66.71 -60.48
C SER P 387 -1.82 66.49 -61.93
N LEU P 388 -0.90 67.30 -62.42
CA LEU P 388 -0.54 67.24 -63.83
C LEU P 388 0.17 65.95 -64.19
N ILE P 389 1.15 65.56 -63.38
CA ILE P 389 2.12 64.54 -63.74
C ILE P 389 1.47 63.29 -64.29
N TRP P 390 0.69 62.60 -63.46
CA TRP P 390 0.24 61.30 -63.90
C TRP P 390 -0.83 61.41 -64.96
N PHE P 391 -2.03 61.81 -64.54
CA PHE P 391 -3.16 61.90 -65.44
C PHE P 391 -3.46 60.54 -66.08
N ASP P 392 -2.95 59.46 -65.49
CA ASP P 392 -3.38 58.11 -65.84
C ASP P 392 -4.63 57.73 -65.07
N VAL P 393 -4.67 58.05 -63.78
CA VAL P 393 -5.90 58.03 -62.99
C VAL P 393 -6.16 59.47 -62.58
N ILE P 394 -7.44 59.79 -62.37
CA ILE P 394 -7.94 61.14 -62.57
C ILE P 394 -8.54 61.71 -61.29
N LYS P 395 -8.64 63.03 -61.27
CA LYS P 395 -9.46 63.86 -60.35
C LYS P 395 -8.96 63.69 -58.91
N SER P 396 -9.87 63.50 -57.94
CA SER P 396 -9.51 63.49 -56.53
C SER P 396 -8.51 62.39 -56.20
N ASP P 397 -8.32 61.43 -57.10
CA ASP P 397 -7.43 60.32 -56.83
C ASP P 397 -6.06 60.80 -56.36
N VAL P 398 -5.67 62.01 -56.77
CA VAL P 398 -4.45 62.61 -56.27
C VAL P 398 -4.36 62.48 -54.75
N MET P 399 -5.24 63.15 -54.02
CA MET P 399 -5.23 63.01 -52.58
C MET P 399 -5.46 61.57 -52.17
N VAL P 400 -6.24 60.83 -52.95
CA VAL P 400 -6.38 59.40 -52.68
C VAL P 400 -5.04 58.72 -52.82
N VAL P 401 -4.33 59.01 -53.91
CA VAL P 401 -3.03 58.40 -54.12
C VAL P 401 -2.11 58.69 -52.94
N VAL P 402 -1.77 59.95 -52.72
CA VAL P 402 -0.78 60.28 -51.70
C VAL P 402 -1.10 59.55 -50.42
N ASN P 403 -2.35 59.61 -49.99
CA ASN P 403 -2.75 58.83 -48.84
C ASN P 403 -2.42 57.36 -49.04
N LYS P 404 -3.04 56.74 -50.04
CA LYS P 404 -2.74 55.34 -50.34
C LYS P 404 -1.24 55.12 -50.42
N LEU P 405 -0.54 56.11 -50.92
CA LEU P 405 0.90 56.03 -50.89
C LEU P 405 1.42 56.30 -49.49
N HIS P 406 0.99 57.41 -48.89
CA HIS P 406 1.55 57.87 -47.63
C HIS P 406 1.55 56.80 -46.57
N LYS P 407 0.53 55.96 -46.53
CA LYS P 407 0.45 54.97 -45.45
C LYS P 407 1.71 54.12 -45.42
N TYR P 408 2.30 53.87 -46.57
CA TYR P 408 3.61 53.23 -46.57
C TYR P 408 4.66 54.26 -46.21
N SER P 409 5.59 53.86 -45.37
CA SER P 409 6.30 54.84 -44.54
C SER P 409 6.94 55.91 -45.38
N LEU P 410 6.49 57.14 -45.17
CA LEU P 410 7.01 58.36 -45.79
C LEU P 410 7.37 58.11 -47.25
N VAL P 411 6.72 57.15 -47.90
CA VAL P 411 7.03 57.00 -49.30
C VAL P 411 6.49 58.19 -50.05
N GLU P 412 5.46 58.82 -49.50
CA GLU P 412 5.16 60.20 -49.87
C GLU P 412 5.87 61.23 -48.98
N LYS P 413 5.88 61.02 -47.65
CA LYS P 413 6.37 62.01 -46.67
C LYS P 413 5.54 63.30 -46.66
N GLN P 414 4.38 63.20 -46.01
CA GLN P 414 3.46 64.34 -45.83
C GLN P 414 4.11 65.50 -45.07
N PRO P 415 3.70 66.70 -45.81
CA PRO P 415 3.88 67.95 -45.07
C PRO P 415 2.54 68.43 -44.51
N LYS P 416 1.47 68.08 -45.21
CA LYS P 416 0.09 68.42 -44.88
C LYS P 416 -0.28 69.91 -45.00
N GLU P 417 0.45 70.67 -45.82
CA GLU P 417 -0.09 71.94 -46.29
C GLU P 417 0.02 72.07 -47.82
N SER P 418 -1.13 71.97 -48.49
CA SER P 418 -1.29 72.23 -49.92
C SER P 418 -0.19 71.64 -50.81
N THR P 419 0.41 70.54 -50.38
CA THR P 419 1.62 70.00 -51.01
C THR P 419 1.89 68.54 -50.65
N ILE P 420 2.98 68.02 -51.22
CA ILE P 420 3.57 66.76 -50.80
C ILE P 420 5.06 67.01 -50.62
N SER P 421 5.74 66.14 -49.89
CA SER P 421 7.17 66.33 -49.65
C SER P 421 7.97 65.13 -50.13
N ILE P 422 9.23 65.34 -50.48
CA ILE P 422 10.02 64.24 -51.01
C ILE P 422 9.97 63.08 -50.02
N PRO P 423 9.82 61.82 -50.59
CA PRO P 423 9.75 60.73 -49.61
C PRO P 423 11.02 60.71 -48.80
N SER P 424 12.15 60.93 -49.46
CA SER P 424 13.40 60.99 -48.73
C SER P 424 14.49 61.01 -49.79
N ILE P 425 15.74 60.98 -49.35
CA ILE P 425 16.81 60.73 -50.28
C ILE P 425 16.68 59.33 -50.87
N TYR P 426 16.41 58.34 -50.03
CA TYR P 426 16.43 56.95 -50.45
C TYR P 426 15.53 56.67 -51.62
N LEU P 427 14.22 56.69 -51.34
CA LEU P 427 13.28 56.31 -52.36
C LEU P 427 13.45 57.20 -53.59
N GLU P 428 14.17 58.31 -53.45
CA GLU P 428 14.71 59.04 -54.58
C GLU P 428 16.01 58.43 -55.10
N LEU P 429 16.85 58.40 -54.10
CA LEU P 429 18.22 58.14 -54.49
C LEU P 429 18.38 56.97 -55.45
N LYS P 430 17.37 56.10 -55.57
CA LYS P 430 17.59 54.78 -56.16
C LYS P 430 18.27 54.83 -57.53
N VAL P 431 17.52 55.15 -58.58
CA VAL P 431 18.09 55.17 -59.93
C VAL P 431 17.36 56.14 -60.84
N LYS P 432 18.14 56.85 -61.66
CA LYS P 432 17.92 56.83 -63.10
C LYS P 432 16.46 56.84 -63.52
N LEU P 433 15.84 58.01 -63.50
CA LEU P 433 14.41 58.23 -63.73
C LEU P 433 13.81 57.38 -64.85
N GLU P 434 14.54 57.17 -65.94
CA GLU P 434 14.01 56.48 -67.10
C GLU P 434 12.74 57.17 -67.60
N ASN P 435 11.62 56.46 -67.49
CA ASN P 435 10.29 57.03 -67.68
C ASN P 435 10.09 57.42 -69.15
N GLU P 436 11.16 57.34 -69.93
CA GLU P 436 11.10 57.38 -71.39
C GLU P 436 10.44 58.68 -71.85
N TYR P 437 9.28 58.62 -72.50
CA TYR P 437 8.67 59.79 -73.13
C TYR P 437 8.55 60.98 -72.19
N ALA P 438 8.49 60.72 -70.89
CA ALA P 438 7.95 61.69 -69.93
C ALA P 438 8.56 63.07 -70.09
N LEU P 439 9.89 63.14 -70.20
CA LEU P 439 10.62 64.35 -69.81
C LEU P 439 10.02 65.64 -70.35
N HIS P 440 10.19 65.93 -71.64
CA HIS P 440 9.80 67.23 -72.17
C HIS P 440 8.38 67.63 -71.77
N ARG P 441 7.39 66.92 -72.30
CA ARG P 441 6.00 67.25 -72.02
C ARG P 441 5.73 67.34 -70.52
N SER P 442 6.26 66.39 -69.75
CA SER P 442 6.05 66.43 -68.31
C SER P 442 6.78 67.59 -67.67
N ILE P 443 8.11 67.79 -68.05
CA ILE P 443 8.80 69.00 -67.60
C ILE P 443 8.25 70.23 -68.28
N VAL P 444 8.13 70.20 -69.61
CA VAL P 444 7.56 71.31 -70.35
C VAL P 444 6.15 71.65 -69.89
N ASP P 445 5.18 70.75 -70.03
CA ASP P 445 3.79 71.10 -69.77
C ASP P 445 3.58 71.52 -68.33
N HIS P 446 4.41 71.02 -67.41
CA HIS P 446 4.29 71.44 -66.02
C HIS P 446 4.72 72.90 -65.84
N TYR P 447 5.22 73.51 -66.91
CA TYR P 447 5.41 74.95 -66.92
C TYR P 447 4.05 75.65 -67.00
N ASN P 448 2.98 74.87 -67.04
CA ASN P 448 1.65 75.34 -67.39
C ASN P 448 1.30 76.70 -66.78
N ILE P 449 1.66 76.91 -65.52
CA ILE P 449 1.19 78.08 -64.79
C ILE P 449 1.57 79.47 -65.37
N PRO P 450 2.88 79.83 -65.41
CA PRO P 450 3.20 81.26 -65.57
C PRO P 450 2.73 81.93 -66.85
N LYS P 451 3.01 81.36 -68.02
CA LYS P 451 2.96 82.15 -69.26
C LYS P 451 1.64 82.89 -69.44
N THR P 452 0.70 82.34 -68.71
CA THR P 452 -0.58 83.02 -68.60
C THR P 452 -0.38 84.44 -68.07
N PHE P 453 0.07 84.55 -66.82
CA PHE P 453 0.42 85.87 -66.29
C PHE P 453 1.74 86.34 -66.88
N ASP P 454 1.73 87.51 -67.49
CA ASP P 454 2.99 88.07 -67.97
C ASP P 454 3.28 89.42 -67.32
N SER P 455 2.57 90.46 -67.74
CA SER P 455 2.82 91.81 -67.26
C SER P 455 1.52 92.47 -66.88
N ASP P 456 1.46 93.03 -65.66
CA ASP P 456 0.29 93.71 -65.12
C ASP P 456 0.69 94.54 -63.92
N ASP P 457 -0.33 95.08 -63.26
CA ASP P 457 -0.15 95.92 -62.09
C ASP P 457 0.17 95.08 -60.86
N LEU P 458 0.79 95.71 -59.87
CA LEU P 458 0.83 95.23 -58.49
C LEU P 458 1.55 93.89 -58.37
N ILE P 459 0.97 92.98 -57.58
CA ILE P 459 1.61 91.72 -57.19
C ILE P 459 0.86 90.54 -57.80
N PRO P 460 1.56 89.78 -58.64
CA PRO P 460 0.96 88.69 -59.41
C PRO P 460 0.51 87.43 -58.69
N PRO P 461 -0.52 86.74 -59.31
CA PRO P 461 -0.91 85.50 -58.61
C PRO P 461 0.08 84.48 -59.14
N TYR P 462 1.10 84.26 -58.33
CA TYR P 462 2.21 83.37 -58.63
C TYR P 462 2.37 82.40 -57.47
N LEU P 463 2.80 81.18 -57.76
CA LEU P 463 2.46 80.05 -56.90
C LEU P 463 3.50 79.87 -55.80
N ASP P 464 3.09 80.22 -54.59
CA ASP P 464 3.63 79.87 -53.29
C ASP P 464 5.15 80.05 -53.25
N GLN P 465 5.84 79.16 -52.54
CA GLN P 465 7.29 79.20 -52.43
C GLN P 465 7.99 78.17 -53.30
N TYR P 466 7.27 77.32 -54.02
CA TYR P 466 7.93 76.38 -54.90
C TYR P 466 8.41 77.06 -56.17
N PHE P 467 7.55 77.83 -56.83
CA PHE P 467 7.95 78.43 -58.10
C PHE P 467 9.14 79.37 -58.10
N TYR P 468 9.27 80.14 -57.03
CA TYR P 468 10.39 81.06 -56.93
C TYR P 468 11.69 80.28 -56.97
N SER P 469 11.68 79.03 -56.50
CA SER P 469 12.92 78.28 -56.45
C SER P 469 13.21 77.59 -57.77
N HIS P 470 12.49 76.51 -58.04
CA HIS P 470 12.95 75.54 -59.02
C HIS P 470 12.29 75.71 -60.39
N ILE P 471 11.44 76.72 -60.57
CA ILE P 471 10.76 76.87 -61.84
C ILE P 471 11.76 76.83 -62.99
N GLY P 472 12.98 77.33 -62.75
CA GLY P 472 14.00 77.26 -63.76
C GLY P 472 14.44 75.84 -64.05
N HIS P 473 14.41 74.98 -63.02
CA HIS P 473 14.73 73.59 -63.30
C HIS P 473 13.82 73.02 -64.38
N HIS P 474 12.52 73.23 -64.25
CA HIS P 474 11.64 72.80 -65.31
C HIS P 474 12.00 73.43 -66.64
N LEU P 475 12.60 74.61 -66.63
CA LEU P 475 13.08 75.17 -67.87
C LEU P 475 14.20 74.35 -68.46
N LYS P 476 14.94 73.61 -67.62
CA LYS P 476 16.10 72.87 -68.11
C LYS P 476 15.76 71.97 -69.29
N ASN P 477 14.52 71.50 -69.37
CA ASN P 477 14.09 70.65 -70.46
C ASN P 477 13.43 71.43 -71.59
N ILE P 478 13.42 72.76 -71.53
CA ILE P 478 12.63 73.53 -72.47
C ILE P 478 13.56 74.31 -73.40
N GLU P 479 12.99 74.98 -74.40
CA GLU P 479 13.77 75.79 -75.34
C GLU P 479 14.46 76.92 -74.60
N HIS P 480 15.76 77.02 -74.79
CA HIS P 480 16.59 77.98 -74.06
C HIS P 480 16.24 79.40 -74.45
N PRO P 481 16.23 79.77 -75.74
CA PRO P 481 15.75 81.12 -76.07
C PRO P 481 14.36 81.36 -75.54
N GLU P 482 13.49 80.36 -75.69
CA GLU P 482 12.16 80.46 -75.12
C GLU P 482 12.24 80.64 -73.61
N ARG P 483 13.27 80.09 -72.97
CA ARG P 483 13.41 80.45 -71.56
C ARG P 483 14.08 81.82 -71.43
N MET P 484 15.15 82.06 -72.19
CA MET P 484 15.87 83.33 -72.06
C MET P 484 14.92 84.50 -72.23
N THR P 485 13.88 84.31 -73.04
CA THR P 485 12.70 85.17 -72.96
C THR P 485 12.12 85.16 -71.56
N LEU P 486 11.56 84.02 -71.15
CA LEU P 486 10.79 83.90 -69.92
C LEU P 486 11.59 83.40 -68.73
N PHE P 487 12.91 83.23 -68.88
CA PHE P 487 13.69 82.84 -67.71
C PHE P 487 13.70 83.97 -66.69
N ARG P 488 13.31 85.16 -67.09
CA ARG P 488 13.08 86.27 -66.20
C ARG P 488 14.35 86.66 -65.44
N MET P 489 15.51 86.27 -65.97
CA MET P 489 16.65 87.17 -65.93
C MET P 489 16.22 88.52 -66.48
N VAL P 490 15.46 88.48 -67.58
CA VAL P 490 14.94 89.68 -68.21
C VAL P 490 13.98 90.39 -67.26
N PHE P 491 13.05 89.64 -66.66
CA PHE P 491 11.91 90.25 -66.00
C PHE P 491 12.33 90.61 -64.58
N LEU P 492 12.28 91.90 -64.26
CA LEU P 492 12.60 92.39 -62.93
C LEU P 492 11.41 92.25 -61.99
N ASP P 493 10.19 92.23 -62.54
CA ASP P 493 8.95 92.17 -61.77
C ASP P 493 8.88 90.92 -60.91
N PHE P 494 8.68 89.76 -61.56
CA PHE P 494 8.64 88.48 -60.86
C PHE P 494 9.86 88.27 -59.97
N ARG P 495 11.02 88.62 -60.50
CA ARG P 495 12.26 88.05 -59.98
C ARG P 495 12.49 88.39 -58.52
N PHE P 496 12.34 89.67 -58.15
CA PHE P 496 12.59 90.09 -56.77
C PHE P 496 11.72 89.35 -55.78
N LEU P 497 10.56 88.89 -56.21
CA LEU P 497 9.59 88.32 -55.29
C LEU P 497 10.08 87.04 -54.65
N GLU P 498 11.15 86.46 -55.19
CA GLU P 498 11.81 85.33 -54.53
C GLU P 498 12.30 85.70 -53.14
N GLN P 499 13.31 86.55 -53.06
CA GLN P 499 13.92 86.96 -51.81
C GLN P 499 12.99 87.78 -50.93
N LYS P 500 11.81 88.11 -51.44
CA LYS P 500 10.73 88.70 -50.67
C LYS P 500 10.58 88.00 -49.33
N ILE P 501 10.25 86.72 -49.35
CA ILE P 501 10.09 85.91 -48.15
C ILE P 501 11.40 85.79 -47.38
N ARG P 502 12.52 85.98 -48.07
CA ARG P 502 13.85 85.71 -47.50
C ARG P 502 14.20 86.82 -46.52
N HIS P 503 14.54 86.42 -45.30
CA HIS P 503 14.97 87.33 -44.26
C HIS P 503 16.07 86.66 -43.46
N ASP P 504 16.58 87.39 -42.48
CA ASP P 504 17.51 86.80 -41.52
C ASP P 504 16.89 86.80 -40.13
N SER P 505 17.08 85.70 -39.43
CA SER P 505 16.92 85.74 -38.00
C SER P 505 17.73 86.85 -37.38
N THR P 506 18.99 87.01 -37.76
CA THR P 506 19.96 87.76 -36.98
C THR P 506 20.71 88.77 -37.85
N ALA P 507 21.14 89.86 -37.21
CA ALA P 507 21.97 90.92 -37.77
C ALA P 507 21.46 91.53 -39.07
N TRP P 508 22.41 91.91 -39.92
CA TRP P 508 22.11 92.54 -41.19
C TRP P 508 22.22 91.63 -42.39
N ASN P 509 22.48 90.35 -42.11
CA ASN P 509 22.69 89.29 -43.11
C ASN P 509 21.53 88.31 -43.38
N ALA P 510 21.88 87.17 -43.98
CA ALA P 510 20.93 86.12 -44.35
C ALA P 510 21.06 84.80 -43.56
N SER P 511 19.90 84.27 -43.18
CA SER P 511 19.73 83.04 -42.40
C SER P 511 19.83 83.35 -40.92
N GLY P 512 20.30 82.40 -40.13
CA GLY P 512 19.69 82.14 -38.87
C GLY P 512 18.26 81.75 -39.03
N SER P 513 17.69 82.05 -40.20
CA SER P 513 16.39 81.68 -40.70
C SER P 513 16.56 81.18 -42.13
N ILE P 514 16.81 82.11 -43.06
CA ILE P 514 16.74 81.85 -44.49
C ILE P 514 17.80 82.65 -45.24
N LEU P 515 18.43 82.04 -46.25
CA LEU P 515 19.40 82.77 -47.07
C LEU P 515 18.67 83.74 -48.00
N ASN P 516 19.44 84.70 -48.47
CA ASN P 516 18.96 85.71 -49.39
C ASN P 516 19.98 85.89 -50.50
N THR P 517 20.00 84.95 -51.45
CA THR P 517 20.89 84.92 -52.65
C THR P 517 21.69 83.70 -53.12
N LEU P 518 22.78 83.30 -52.46
CA LEU P 518 23.60 82.24 -53.10
C LEU P 518 22.77 81.34 -54.00
N GLN P 519 21.62 80.88 -53.52
CA GLN P 519 20.71 80.15 -54.37
C GLN P 519 20.51 80.95 -55.63
N GLN P 520 19.96 82.15 -55.45
CA GLN P 520 19.93 83.12 -56.52
C GLN P 520 21.26 83.10 -57.24
N LEU P 521 22.31 83.52 -56.54
CA LEU P 521 23.63 83.52 -57.16
C LEU P 521 23.92 82.20 -57.83
N LYS P 522 23.65 81.10 -57.12
CA LYS P 522 23.94 79.79 -57.66
C LYS P 522 23.23 79.56 -58.98
N PHE P 523 22.04 80.13 -59.13
CA PHE P 523 21.38 80.05 -60.44
C PHE P 523 22.23 80.70 -61.52
N TYR P 524 23.03 81.69 -61.14
CA TYR P 524 23.49 82.62 -62.16
C TYR P 524 24.70 82.08 -62.91
N LYS P 525 25.41 81.13 -62.33
CA LYS P 525 26.47 80.47 -63.09
C LYS P 525 25.90 79.57 -64.19
N PRO P 526 25.02 78.60 -63.90
CA PRO P 526 24.59 77.70 -64.97
C PRO P 526 23.73 78.37 -66.02
N TYR P 527 22.81 79.23 -65.62
CA TYR P 527 21.66 79.57 -66.44
C TYR P 527 21.94 80.64 -67.46
N ILE P 528 23.21 81.03 -67.61
CA ILE P 528 23.65 81.94 -68.66
C ILE P 528 23.79 81.18 -69.96
N CYS P 529 23.29 79.94 -70.00
CA CYS P 529 23.62 78.97 -71.04
C CYS P 529 23.65 79.57 -72.44
N ASP P 530 22.58 80.27 -72.84
CA ASP P 530 22.53 80.97 -74.12
C ASP P 530 22.27 82.44 -73.84
N ASN P 531 23.30 83.27 -74.06
CA ASN P 531 23.18 84.73 -73.88
C ASN P 531 24.39 85.40 -74.52
N ASP P 532 24.39 86.73 -74.45
CA ASP P 532 25.44 87.54 -75.07
C ASP P 532 25.97 88.53 -74.04
N PRO P 533 27.03 89.27 -74.34
CA PRO P 533 27.55 90.22 -73.33
C PRO P 533 26.52 91.16 -72.78
N LYS P 534 25.54 91.55 -73.60
CA LYS P 534 24.42 92.35 -73.12
C LYS P 534 23.86 91.75 -71.84
N TYR P 535 23.24 90.58 -71.97
CA TYR P 535 22.63 89.94 -70.82
C TYR P 535 23.68 89.54 -69.80
N GLU P 536 24.86 89.15 -70.25
CA GLU P 536 25.87 88.59 -69.36
C GLU P 536 26.41 89.64 -68.41
N ARG P 537 26.87 90.76 -68.94
CA ARG P 537 27.29 91.85 -68.08
C ARG P 537 26.14 92.43 -67.30
N LEU P 538 24.94 92.41 -67.88
CA LEU P 538 23.73 92.81 -67.16
C LEU P 538 23.64 92.08 -65.83
N VAL P 539 23.71 90.74 -65.85
CA VAL P 539 23.75 89.99 -64.60
C VAL P 539 25.00 90.33 -63.82
N ASN P 540 26.16 90.23 -64.47
CA ASN P 540 27.42 90.54 -63.82
C ASN P 540 27.31 91.83 -63.03
N ALA P 541 26.76 92.86 -63.66
CA ALA P 541 26.28 94.00 -62.93
C ALA P 541 25.37 93.59 -61.80
N ILE P 542 24.17 93.08 -62.11
CA ILE P 542 23.12 92.91 -61.12
C ILE P 542 23.66 92.21 -59.88
N LEU P 543 24.70 91.41 -60.05
CA LEU P 543 25.44 90.91 -58.92
C LEU P 543 25.71 92.01 -57.91
N ASP P 544 26.00 93.22 -58.39
CA ASP P 544 26.16 94.36 -57.51
C ASP P 544 24.96 94.60 -56.60
N PHE P 545 23.77 94.73 -57.18
CA PHE P 545 22.61 95.05 -56.36
C PHE P 545 22.49 94.08 -55.22
N LEU P 546 22.94 92.85 -55.45
CA LEU P 546 22.64 91.76 -54.53
C LEU P 546 23.14 92.07 -53.13
N PRO P 547 24.41 92.40 -52.90
CA PRO P 547 24.70 93.10 -51.65
C PRO P 547 23.96 94.40 -51.58
N LYS P 548 24.07 95.18 -52.65
CA LYS P 548 23.67 96.57 -52.63
C LYS P 548 22.22 96.72 -52.20
N ILE P 549 21.34 95.84 -52.70
CA ILE P 549 19.95 95.91 -52.30
C ILE P 549 19.83 95.83 -50.78
N GLU P 550 18.83 96.52 -50.25
CA GLU P 550 18.54 96.60 -48.85
C GLU P 550 17.28 95.81 -48.54
N GLU P 551 17.29 95.21 -47.36
CA GLU P 551 16.07 94.62 -46.84
C GLU P 551 15.30 95.66 -46.04
N ASN P 552 13.99 95.57 -46.11
CA ASN P 552 13.10 96.72 -46.01
C ASN P 552 11.77 96.22 -45.47
N LEU P 553 10.73 97.04 -45.60
CA LEU P 553 9.43 96.44 -45.81
C LEU P 553 9.43 95.76 -47.16
N ILE P 554 9.13 94.46 -47.18
CA ILE P 554 9.44 93.67 -48.36
C ILE P 554 8.41 93.95 -49.44
N CYS P 555 8.90 94.42 -50.58
CA CYS P 555 8.10 94.66 -51.79
C CYS P 555 7.08 95.76 -51.55
N SER P 556 6.77 96.01 -50.29
CA SER P 556 6.12 97.24 -49.93
C SER P 556 7.25 98.21 -49.70
N LYS P 557 7.37 99.19 -50.59
CA LYS P 557 8.66 99.65 -51.05
C LYS P 557 9.38 98.53 -51.80
N TYR P 558 8.89 98.31 -53.01
CA TYR P 558 9.66 97.73 -54.10
C TYR P 558 10.19 98.80 -55.04
N THR P 559 9.90 100.07 -54.77
CA THR P 559 9.88 101.13 -55.78
C THR P 559 11.26 101.53 -56.29
N ASP P 560 12.41 102.13 -55.55
CA ASP P 560 13.84 102.41 -55.75
C ASP P 560 14.58 101.41 -56.63
N LEU P 561 14.38 100.12 -56.39
CA LEU P 561 15.11 99.07 -57.09
C LEU P 561 15.10 99.24 -58.61
N LEU P 562 13.91 99.43 -59.16
CA LEU P 562 13.71 99.59 -60.60
C LEU P 562 14.62 100.66 -61.20
N ARG P 563 14.58 101.86 -60.61
CA ARG P 563 15.28 103.01 -61.17
C ARG P 563 16.77 102.99 -60.83
N ILE P 564 17.13 102.39 -59.70
CA ILE P 564 18.54 102.32 -59.31
C ILE P 564 19.21 101.15 -60.01
N ALA P 565 18.42 100.37 -60.75
CA ALA P 565 19.00 99.38 -61.65
C ALA P 565 19.64 100.11 -62.84
N LEU P 566 19.30 101.38 -63.00
CA LEU P 566 19.78 102.21 -64.10
C LEU P 566 21.00 103.06 -63.76
N MET P 567 21.52 102.91 -62.53
CA MET P 567 22.70 103.67 -62.10
C MET P 567 23.83 103.55 -63.11
N ALA P 568 24.39 102.35 -63.23
CA ALA P 568 25.29 102.04 -64.33
C ALA P 568 24.51 101.19 -65.32
N GLU P 569 24.19 101.76 -66.47
CA GLU P 569 23.23 101.12 -67.38
C GLU P 569 23.85 100.58 -68.66
N ASP P 570 23.99 99.26 -68.71
CA ASP P 570 24.18 98.55 -69.97
C ASP P 570 22.85 97.94 -70.39
N GLU P 571 21.83 98.19 -69.57
CA GLU P 571 20.58 97.42 -69.63
C GLU P 571 19.43 98.17 -70.30
N ALA P 572 18.67 97.45 -71.12
CA ALA P 572 17.45 97.97 -71.73
C ALA P 572 16.23 97.58 -70.92
N ILE P 573 16.47 96.95 -69.76
CA ILE P 573 15.42 96.42 -68.90
C ILE P 573 14.31 97.41 -68.55
N PHE P 574 14.69 98.56 -68.01
CA PHE P 574 13.70 99.54 -67.57
C PHE P 574 12.96 100.12 -68.76
N GLU P 575 13.61 100.13 -69.91
CA GLU P 575 12.98 100.57 -71.15
C GLU P 575 11.91 99.58 -71.58
N GLU P 576 12.10 98.32 -71.18
CA GLU P 576 11.11 97.28 -71.44
C GLU P 576 10.07 97.30 -70.32
N ALA P 577 10.38 98.00 -69.24
CA ALA P 577 9.46 98.16 -68.13
C ALA P 577 8.51 99.33 -68.37
N HIS P 578 8.66 99.95 -69.54
CA HIS P 578 7.83 101.08 -69.93
C HIS P 578 6.36 100.70 -70.09
N LYS P 579 6.09 99.39 -70.16
CA LYS P 579 4.73 98.90 -70.32
C LYS P 579 4.08 98.59 -68.97
N GLN P 580 4.83 98.80 -67.89
CA GLN P 580 4.35 98.52 -66.55
C GLN P 580 4.50 99.72 -65.60
N VAL P 581 5.73 100.20 -65.42
CA VAL P 581 6.05 101.21 -64.41
C VAL P 581 5.22 102.50 -64.50
N GLN P 582 4.66 102.77 -65.68
CA GLN P 582 3.95 104.02 -65.92
C GLN P 582 2.42 103.94 -65.71
N ARG P 583 1.91 102.82 -65.23
CA ARG P 583 0.48 102.54 -65.36
C ARG P 583 -0.39 103.33 -64.39
N PHE P 584 -1.23 104.20 -64.97
CA PHE P 584 -2.25 104.98 -64.28
C PHE P 584 -1.82 105.67 -62.99
N ASP P 585 -2.74 105.75 -62.04
CA ASP P 585 -2.46 106.25 -60.70
C ASP P 585 -2.34 105.10 -59.71
N ASP P 586 -2.58 103.88 -60.18
CA ASP P 586 -2.67 102.73 -59.30
C ASP P 586 -1.30 102.32 -58.76
N ARG P 587 -0.44 101.87 -59.66
CA ARG P 587 0.93 101.55 -59.28
C ARG P 587 1.76 102.82 -59.49
N VAL P 588 3.09 102.72 -59.42
CA VAL P 588 3.96 103.89 -59.38
C VAL P 588 3.87 104.77 -60.62
N TRP P 589 4.28 106.02 -60.47
CA TRP P 589 4.35 106.98 -61.56
C TRP P 589 5.83 107.27 -61.81
N PHE P 590 6.15 108.09 -62.80
CA PHE P 590 7.55 108.30 -63.15
C PHE P 590 8.18 109.29 -62.18
N THR P 591 9.15 108.79 -61.41
CA THR P 591 9.82 109.53 -60.34
C THR P 591 11.19 108.88 -60.13
N ASN P 592 11.84 109.19 -59.01
CA ASN P 592 12.89 108.31 -58.50
C ASN P 592 14.20 108.37 -59.28
N HIS P 593 14.25 109.27 -60.27
CA HIS P 593 15.24 109.30 -61.35
C HIS P 593 16.66 108.89 -60.94
N GLY P 594 17.27 109.59 -59.99
CA GLY P 594 18.63 109.26 -59.61
C GLY P 594 19.65 109.66 -60.64
N ARG P 595 20.39 108.69 -61.19
CA ARG P 595 21.55 108.97 -62.05
C ARG P 595 22.62 109.71 -61.26
N PHE P 596 23.38 108.94 -60.48
CA PHE P 596 24.28 109.41 -59.43
C PHE P 596 23.50 110.07 -58.30
N HIS P 597 22.77 109.22 -57.57
CA HIS P 597 22.05 109.62 -56.38
C HIS P 597 22.05 108.42 -55.43
N GLN P 598 21.85 108.70 -54.13
CA GLN P 598 21.66 107.68 -53.10
C GLN P 598 22.93 106.88 -52.77
N HIS P 599 24.02 107.12 -53.50
CA HIS P 599 25.33 106.50 -53.20
C HIS P 599 25.23 104.98 -53.04
N ARG P 600 25.44 104.50 -51.81
CA ARG P 600 25.44 103.07 -51.48
C ARG P 600 26.61 102.30 -52.08
N GLN P 601 26.29 101.27 -52.86
CA GLN P 601 27.19 100.15 -53.13
C GLN P 601 27.43 99.50 -51.76
N ILE P 602 26.31 99.25 -51.07
CA ILE P 602 26.31 98.79 -49.70
C ILE P 602 25.92 97.31 -49.63
N ILE P 603 26.67 96.54 -48.85
CA ILE P 603 26.54 95.08 -48.87
C ILE P 603 25.66 94.52 -47.73
N ASN P 604 25.22 95.38 -46.81
CA ASN P 604 24.47 94.90 -45.65
C ASN P 604 22.95 95.10 -45.74
N LEU P 605 22.22 94.00 -45.87
CA LEU P 605 20.78 94.08 -46.00
C LEU P 605 20.02 93.92 -44.68
N GLY P 606 20.71 93.50 -43.63
CA GLY P 606 20.03 93.21 -42.37
C GLY P 606 19.79 94.39 -41.46
N ASP P 607 18.62 94.43 -40.85
CA ASP P 607 18.30 95.40 -39.81
C ASP P 607 18.39 94.82 -38.40
N ASN P 608 18.70 93.54 -38.31
CA ASN P 608 18.51 92.78 -37.07
C ASN P 608 19.52 93.09 -35.96
N GLU P 609 19.30 92.45 -34.82
CA GLU P 609 20.13 92.65 -33.62
C GLU P 609 21.44 91.89 -33.67
N GLY P 610 22.41 92.36 -32.89
CA GLY P 610 23.70 91.69 -32.76
C GLY P 610 24.47 92.25 -31.57
N ARG P 611 25.47 91.51 -31.11
CA ARG P 611 26.26 91.94 -29.96
C ARG P 611 27.75 91.98 -30.29
N HIS P 612 28.33 90.82 -30.58
CA HIS P 612 29.75 90.74 -30.90
C HIS P 612 30.00 90.20 -32.31
N ALA P 613 31.05 90.70 -32.94
CA ALA P 613 31.42 90.29 -34.29
C ALA P 613 32.89 90.56 -34.59
N VAL P 614 33.41 89.86 -35.60
CA VAL P 614 34.79 90.04 -36.07
C VAL P 614 35.05 89.14 -37.28
N TYR P 615 36.07 89.48 -38.07
CA TYR P 615 36.45 88.72 -39.25
C TYR P 615 37.35 87.53 -38.94
N LEU P 616 37.32 86.53 -39.82
CA LEU P 616 38.25 85.41 -39.75
C LEU P 616 39.61 85.83 -40.32
N HIS P 617 40.68 85.31 -39.74
CA HIS P 617 42.03 85.70 -40.13
C HIS P 617 42.41 85.21 -41.52
N ASN P 618 41.71 84.19 -42.01
CA ASN P 618 41.97 83.65 -43.34
C ASN P 618 41.24 84.43 -44.43
N ASP P 619 40.50 85.45 -44.01
CA ASP P 619 39.68 86.26 -44.91
C ASP P 619 38.68 85.36 -45.64
N PHE P 620 38.09 84.44 -44.89
CA PHE P 620 37.07 83.55 -45.44
C PHE P 620 35.70 83.87 -44.86
N CYS P 621 35.56 83.66 -43.55
CA CYS P 621 34.26 83.86 -42.91
C CYS P 621 34.18 85.17 -42.14
N LEU P 622 32.99 85.45 -41.62
CA LEU P 622 32.77 86.58 -40.72
C LEU P 622 31.85 86.13 -39.58
N ILE P 623 32.34 86.18 -38.35
CA ILE P 623 31.51 85.72 -37.24
C ILE P 623 30.78 86.90 -36.59
N ALA P 624 29.48 86.73 -36.40
CA ALA P 624 28.65 87.75 -35.75
C ALA P 624 27.50 87.07 -35.01
N LEU P 625 27.16 87.59 -33.84
CA LEU P 625 26.13 86.95 -33.00
C LEU P 625 25.83 87.74 -31.73
N ALA P 626 24.66 87.48 -31.15
CA ALA P 626 24.32 88.01 -29.82
C ALA P 626 23.90 86.89 -28.88
N SER P 627 22.67 86.42 -29.06
CA SER P 627 22.13 85.31 -28.27
C SER P 627 22.17 83.99 -29.02
N GLY P 628 22.62 84.02 -30.28
CA GLY P 628 22.58 82.85 -31.13
C GLY P 628 23.82 81.97 -31.10
N GLN P 629 24.96 82.57 -30.74
CA GLN P 629 26.24 81.89 -30.76
C GLN P 629 26.49 81.15 -32.07
N ILE P 630 26.28 81.85 -33.19
CA ILE P 630 26.38 81.24 -34.51
C ILE P 630 27.53 81.82 -35.35
N LEU P 631 28.22 80.94 -36.05
CA LEU P 631 29.28 81.34 -36.99
C LEU P 631 28.67 81.63 -38.36
N LEU P 632 28.99 82.80 -38.90
CA LEU P 632 28.46 83.20 -40.20
C LEU P 632 29.57 83.38 -41.21
N THR P 633 29.23 83.80 -42.43
CA THR P 633 30.23 83.99 -43.50
C THR P 633 30.45 85.45 -43.99
N ASP P 634 31.68 85.73 -44.43
CA ASP P 634 32.10 87.04 -44.94
C ASP P 634 32.36 86.91 -46.46
N VAL P 635 31.79 87.82 -47.25
CA VAL P 635 31.93 87.83 -48.72
C VAL P 635 32.86 88.99 -49.13
N SER P 636 33.85 88.71 -49.99
CA SER P 636 34.82 89.70 -50.49
C SER P 636 34.47 90.05 -51.95
N LEU P 637 34.44 91.33 -52.32
CA LEU P 637 33.99 91.64 -53.67
C LEU P 637 34.42 90.50 -54.58
N GLU P 638 33.54 90.11 -55.49
CA GLU P 638 33.82 88.99 -56.37
C GLU P 638 32.47 88.28 -56.51
N GLY P 639 32.26 87.60 -57.64
CA GLY P 639 30.99 86.93 -57.86
C GLY P 639 30.62 85.92 -56.78
N GLU P 640 31.57 85.05 -56.43
CA GLU P 640 31.29 83.97 -55.50
C GLU P 640 31.16 84.46 -54.05
N ASP P 641 30.20 83.87 -53.34
CA ASP P 641 29.95 84.19 -51.93
C ASP P 641 29.69 82.89 -51.18
N THR P 642 29.65 82.94 -49.86
CA THR P 642 29.42 81.75 -49.05
C THR P 642 28.52 82.03 -47.84
N TYR P 643 27.61 81.11 -47.55
CA TYR P 643 26.79 81.20 -46.34
C TYR P 643 26.97 79.94 -45.50
N LEU P 644 26.85 80.08 -44.18
CA LEU P 644 27.04 78.94 -43.29
C LEU P 644 26.22 79.07 -42.00
N LEU P 645 25.76 77.94 -41.48
CA LEU P 645 25.03 77.90 -40.21
C LEU P 645 25.80 77.10 -39.17
N ARG P 646 25.69 77.50 -37.90
CA ARG P 646 26.46 76.87 -36.84
C ARG P 646 25.59 76.47 -35.65
N ASP P 647 25.04 77.46 -34.94
CA ASP P 647 24.20 77.26 -33.77
C ASP P 647 24.91 76.49 -32.66
N GLU P 648 25.93 77.11 -32.08
CA GLU P 648 26.64 76.56 -30.92
C GLU P 648 25.82 76.67 -29.64
N SER P 649 26.19 75.90 -28.64
CA SER P 649 25.56 75.98 -27.32
C SER P 649 25.79 77.37 -26.73
N ASP P 650 24.92 77.76 -25.79
CA ASP P 650 24.89 79.16 -25.36
C ASP P 650 26.07 79.59 -24.50
N SER P 651 26.80 80.58 -25.01
CA SER P 651 27.89 81.22 -24.29
C SER P 651 27.40 82.50 -23.63
N SER P 652 26.08 82.72 -23.67
CA SER P 652 25.47 84.02 -23.41
C SER P 652 25.89 84.70 -22.11
N ASP P 653 25.88 86.03 -22.14
CA ASP P 653 26.31 86.91 -21.05
C ASP P 653 27.82 86.88 -20.81
N ILE P 654 28.59 86.79 -21.90
CA ILE P 654 30.03 87.05 -21.84
C ILE P 654 30.32 88.55 -21.87
N LEU P 655 31.45 88.95 -21.29
CA LEU P 655 31.84 90.35 -21.28
C LEU P 655 32.42 90.80 -22.62
N ARG P 656 33.33 90.00 -23.17
CA ARG P 656 33.95 90.32 -24.46
C ARG P 656 34.30 89.02 -25.19
N MET P 657 34.78 89.12 -26.42
CA MET P 657 35.08 87.94 -27.22
C MET P 657 36.23 88.21 -28.20
N ALA P 658 37.02 87.19 -28.49
CA ALA P 658 38.14 87.31 -29.42
C ALA P 658 38.29 86.06 -30.27
N VAL P 659 39.35 86.03 -31.08
CA VAL P 659 39.62 84.90 -31.96
C VAL P 659 41.11 84.58 -31.95
N PHE P 660 41.45 83.30 -32.03
CA PHE P 660 42.85 82.88 -31.97
C PHE P 660 43.40 82.72 -33.40
N ASN P 661 44.69 82.43 -33.53
CA ASN P 661 45.33 82.45 -34.85
C ASN P 661 45.08 81.19 -35.70
N GLN P 662 45.05 80.03 -35.05
CA GLN P 662 44.88 78.77 -35.77
C GLN P 662 43.42 78.31 -35.83
N GLN P 663 42.54 79.16 -35.30
CA GLN P 663 41.06 79.05 -35.39
C GLN P 663 40.50 77.78 -34.73
N LYS P 664 41.38 76.89 -34.30
CA LYS P 664 40.95 75.66 -33.65
C LYS P 664 40.68 75.91 -32.16
N HIS P 665 41.13 77.06 -31.68
CA HIS P 665 40.91 77.45 -30.29
C HIS P 665 40.10 78.74 -30.22
N LEU P 666 39.20 78.80 -29.25
CA LEU P 666 38.36 79.99 -29.05
C LEU P 666 38.35 80.42 -27.60
N ILE P 667 38.83 81.63 -27.33
CA ILE P 667 38.88 82.15 -25.98
C ILE P 667 37.53 82.71 -25.56
N THR P 668 37.13 82.40 -24.32
CA THR P 668 35.85 82.86 -23.80
C THR P 668 35.95 83.15 -22.31
N LEU P 669 35.34 84.25 -21.87
CA LEU P 669 35.32 84.61 -20.46
C LEU P 669 33.94 85.10 -20.05
N HIS P 670 33.57 84.84 -18.80
CA HIS P 670 32.22 85.15 -18.31
C HIS P 670 32.23 86.26 -17.25
N CYS P 671 31.05 86.56 -16.74
CA CYS P 671 30.89 87.54 -15.66
C CYS P 671 31.72 87.17 -14.44
N ASN P 672 31.36 86.04 -13.82
CA ASN P 672 32.13 85.51 -12.70
C ASN P 672 33.45 84.92 -13.16
N GLY P 673 33.55 84.70 -14.47
CA GLY P 673 34.77 84.21 -15.09
C GLY P 673 34.72 82.72 -15.38
N SER P 674 35.38 82.33 -16.47
CA SER P 674 35.43 80.95 -16.95
C SER P 674 36.26 80.87 -18.21
N VAL P 675 36.63 79.66 -18.61
CA VAL P 675 37.33 79.45 -19.87
C VAL P 675 36.64 78.37 -20.70
N LYS P 676 36.08 78.75 -21.84
CA LYS P 676 35.35 77.80 -22.68
C LYS P 676 35.92 77.76 -24.09
N LEU P 677 36.42 76.59 -24.50
CA LEU P 677 37.04 76.42 -25.80
C LEU P 677 36.08 75.81 -26.82
N TRP P 678 36.17 76.27 -28.06
CA TRP P 678 35.34 75.74 -29.13
C TRP P 678 36.18 75.42 -30.37
N SER P 679 35.58 74.67 -31.29
CA SER P 679 36.23 74.32 -32.54
C SER P 679 35.35 74.71 -33.73
N LEU P 680 35.93 75.46 -34.67
CA LEU P 680 35.18 75.93 -35.83
C LEU P 680 34.90 74.79 -36.81
N TRP P 681 35.62 73.69 -36.65
CA TRP P 681 35.41 72.51 -37.48
C TRP P 681 34.06 71.87 -37.15
N PRO P 682 33.17 71.80 -38.15
CA PRO P 682 31.82 71.26 -37.96
C PRO P 682 31.84 69.74 -37.69
N ASN P 699 34.55 71.38 -20.52
CA ASN P 699 35.45 72.22 -21.29
C ASN P 699 35.90 73.45 -20.51
N SER P 700 35.45 73.56 -19.26
CA SER P 700 35.79 74.70 -18.42
C SER P 700 36.22 74.26 -17.03
N VAL P 701 37.44 74.65 -16.64
CA VAL P 701 37.96 74.32 -15.33
C VAL P 701 38.47 75.54 -14.57
N VAL P 702 37.78 75.87 -13.48
CA VAL P 702 38.18 76.98 -12.61
C VAL P 702 38.95 76.39 -11.42
N LYS P 703 39.08 75.07 -11.42
CA LYS P 703 39.59 74.33 -10.28
C LYS P 703 41.11 74.45 -10.12
N ARG P 704 41.65 73.63 -9.21
CA ARG P 704 43.07 73.64 -8.86
C ARG P 704 43.51 74.97 -8.26
N PHE P 705 44.61 75.51 -8.76
CA PHE P 705 45.19 76.74 -8.23
C PHE P 705 44.23 77.93 -8.31
N ILE P 706 44.28 78.78 -7.28
CA ILE P 706 43.44 79.96 -7.18
C ILE P 706 41.97 79.53 -7.29
N GLY P 707 41.27 79.96 -8.33
CA GLY P 707 39.88 79.62 -8.51
C GLY P 707 38.99 80.23 -7.44
N SER P 708 39.28 81.47 -7.07
CA SER P 708 38.51 82.17 -6.04
C SER P 708 37.10 82.51 -6.53
N TYR P 709 36.20 82.75 -5.58
CA TYR P 709 34.82 83.08 -5.91
C TYR P 709 34.59 84.59 -5.82
N ALA P 710 34.37 85.22 -6.98
CA ALA P 710 34.21 86.65 -7.08
C ALA P 710 33.89 87.06 -8.52
N ASN P 711 33.61 88.34 -8.73
CA ASN P 711 33.28 88.84 -10.06
C ASN P 711 34.53 89.19 -10.86
N LEU P 712 34.54 88.77 -12.13
CA LEU P 712 35.67 89.04 -13.02
C LEU P 712 35.46 90.34 -13.78
N LYS P 713 36.52 91.14 -13.87
CA LYS P 713 36.46 92.42 -14.59
C LYS P 713 36.69 92.23 -16.09
N ILE P 714 36.87 93.34 -16.79
CA ILE P 714 37.10 93.33 -18.23
C ILE P 714 38.56 92.95 -18.50
N VAL P 715 39.37 92.96 -17.43
CA VAL P 715 40.81 92.74 -17.54
C VAL P 715 41.17 91.42 -18.23
N ALA P 716 42.02 91.54 -19.25
CA ALA P 716 42.52 90.39 -20.02
C ALA P 716 43.52 90.87 -21.06
N PHE P 717 44.35 89.95 -21.55
CA PHE P 717 45.40 90.27 -22.51
C PHE P 717 46.18 89.03 -22.93
N TYR P 718 47.07 89.21 -23.90
CA TYR P 718 47.88 88.10 -24.42
C TYR P 718 49.37 88.34 -24.17
N LEU P 719 50.07 87.29 -23.73
CA LEU P 719 51.50 87.39 -23.48
C LEU P 719 52.31 86.70 -24.57
N ASN P 720 53.64 86.74 -24.45
CA ASN P 720 54.52 86.03 -25.36
C ASN P 720 54.86 84.65 -24.81
N GLU P 721 55.79 83.96 -25.45
CA GLU P 721 56.19 82.63 -25.00
C GLU P 721 57.39 82.70 -24.07
N ASP P 722 57.16 82.41 -22.79
CA ASP P 722 58.22 82.43 -21.79
C ASP P 722 58.78 81.04 -21.52
N ALA P 723 58.22 80.03 -22.19
CA ALA P 723 58.62 78.65 -21.95
C ALA P 723 59.48 78.11 -23.09
N GLY P 724 58.85 77.88 -24.24
CA GLY P 724 59.55 77.33 -25.38
C GLY P 724 60.62 78.24 -25.94
N LEU P 725 60.24 79.47 -26.25
CA LEU P 725 61.18 80.45 -26.81
C LEU P 725 60.69 81.87 -26.57
N ILE P 730 56.01 79.45 -30.66
CA ILE P 730 55.14 78.29 -30.52
C ILE P 730 53.68 78.71 -30.41
N GLN P 731 53.41 79.67 -29.53
CA GLN P 731 52.05 80.12 -29.24
C GLN P 731 52.09 81.29 -28.26
N LEU P 732 51.01 82.06 -28.19
CA LEU P 732 50.91 83.18 -27.27
C LEU P 732 50.02 82.83 -26.09
N HIS P 733 50.52 83.05 -24.88
CA HIS P 733 49.77 82.70 -23.68
C HIS P 733 48.66 83.71 -23.38
N VAL P 734 47.91 83.44 -22.31
CA VAL P 734 46.81 84.30 -21.89
C VAL P 734 46.89 84.56 -20.40
N ALA P 735 46.71 85.81 -20.00
CA ALA P 735 46.73 86.17 -18.59
C ALA P 735 45.75 87.29 -18.27
N PHE P 736 45.19 87.26 -17.06
CA PHE P 736 44.23 88.27 -16.64
C PHE P 736 44.16 88.38 -15.11
N ILE P 737 43.33 89.29 -14.62
CA ILE P 737 43.23 89.53 -13.18
C ILE P 737 41.81 89.37 -12.67
N ASN P 738 41.64 88.50 -11.67
CA ASN P 738 40.34 88.25 -11.07
C ASN P 738 40.00 89.29 -10.00
N GLY P 739 38.94 89.04 -9.25
CA GLY P 739 38.55 89.90 -8.14
C GLY P 739 39.33 89.58 -6.88
N ASP P 740 40.36 88.75 -7.03
CA ASP P 740 41.23 88.35 -5.93
C ASP P 740 42.41 89.31 -5.78
N VAL P 741 42.37 90.39 -6.56
CA VAL P 741 43.41 91.43 -6.65
C VAL P 741 44.82 90.83 -6.73
N SER P 742 44.94 89.80 -7.55
CA SER P 742 46.22 89.15 -7.82
C SER P 742 46.29 88.71 -9.28
N ILE P 743 47.47 88.78 -9.88
CA ILE P 743 47.65 88.45 -11.28
C ILE P 743 47.50 86.94 -11.51
N LEU P 744 46.86 86.57 -12.61
CA LEU P 744 46.66 85.18 -12.97
C LEU P 744 47.19 84.88 -14.37
N ASN P 745 48.09 83.92 -14.46
CA ASN P 745 48.70 83.55 -15.73
C ASN P 745 48.28 82.15 -16.18
N TRP P 746 48.17 81.96 -17.49
CA TRP P 746 47.81 80.67 -18.07
C TRP P 746 48.83 80.26 -19.13
N ASP P 747 49.43 79.09 -18.94
CA ASP P 747 50.42 78.59 -19.89
C ASP P 747 49.83 77.53 -20.81
N GLU P 748 49.66 77.89 -22.08
CA GLU P 748 49.13 76.97 -23.07
C GLU P 748 50.00 76.89 -24.32
N GLN P 749 50.70 75.77 -24.50
CA GLN P 749 51.43 75.55 -25.74
C GLN P 749 50.84 74.54 -26.73
N ASP P 750 49.85 73.75 -26.31
CA ASP P 750 49.35 72.71 -27.21
C ASP P 750 47.82 72.57 -27.28
N GLN P 751 47.24 72.01 -26.21
CA GLN P 751 45.82 71.64 -26.21
C GLN P 751 45.10 72.08 -24.94
N GLU P 752 45.49 71.49 -23.81
CA GLU P 752 44.86 71.77 -22.53
C GLU P 752 45.82 72.51 -21.60
N PHE P 753 45.25 73.31 -20.70
CA PHE P 753 46.05 74.18 -19.83
C PHE P 753 46.95 73.39 -18.88
N LYS P 754 48.05 74.02 -18.49
CA LYS P 754 49.07 73.38 -17.66
C LYS P 754 49.11 73.95 -16.24
N LEU P 755 49.41 75.24 -16.15
CA LEU P 755 49.62 75.93 -14.88
C LEU P 755 50.76 75.31 -14.10
N SER P 756 51.98 75.49 -14.61
CA SER P 756 53.16 74.91 -13.99
C SER P 756 53.60 75.67 -12.75
N HIS P 757 53.68 74.95 -11.64
CA HIS P 757 54.14 75.48 -10.35
C HIS P 757 53.41 76.75 -9.90
N VAL P 758 54.18 77.69 -9.36
CA VAL P 758 53.62 78.91 -8.79
C VAL P 758 53.54 80.06 -9.80
N PRO P 759 52.62 81.01 -9.56
CA PRO P 759 52.54 82.25 -10.34
C PRO P 759 53.79 83.12 -10.18
N VAL P 760 54.59 82.82 -9.16
CA VAL P 760 55.91 83.43 -8.92
C VAL P 760 55.80 84.86 -8.35
N LEU P 761 54.62 85.45 -8.48
CA LEU P 761 54.39 86.82 -8.02
C LEU P 761 52.93 87.24 -8.21
N LYS P 762 52.51 88.29 -7.51
CA LYS P 762 51.16 88.82 -7.64
C LYS P 762 51.20 90.30 -8.02
N THR P 763 50.02 90.91 -8.14
CA THR P 763 49.93 92.32 -8.50
C THR P 763 49.07 93.08 -7.50
N MET P 764 49.57 94.23 -7.05
CA MET P 764 48.87 95.05 -6.07
C MET P 764 47.56 95.62 -6.62
N GLN P 765 46.50 95.54 -5.82
CA GLN P 765 45.17 96.01 -6.18
C GLN P 765 44.69 95.43 -7.50
N SER P 766 44.02 96.26 -8.31
CA SER P 766 43.54 95.84 -9.62
C SER P 766 43.42 97.01 -10.59
N GLY P 767 43.68 96.73 -11.87
CA GLY P 767 43.52 97.72 -12.91
C GLY P 767 42.33 97.41 -13.80
N ILE P 768 42.30 98.05 -14.97
CA ILE P 768 41.29 97.72 -15.99
C ILE P 768 41.98 97.27 -17.28
N ARG P 769 42.80 98.12 -17.88
CA ARG P 769 43.46 97.76 -19.13
C ARG P 769 44.94 97.45 -18.87
N CYS P 770 45.30 96.17 -18.96
CA CYS P 770 46.66 95.74 -18.70
C CYS P 770 47.23 94.98 -19.87
N PHE P 771 48.50 95.22 -20.20
CA PHE P 771 49.11 94.50 -21.32
C PHE P 771 50.63 94.50 -21.21
N VAL P 772 51.30 93.63 -21.95
CA VAL P 772 52.75 93.51 -21.90
C VAL P 772 53.46 94.47 -22.86
N GLN P 773 54.57 95.05 -22.41
CA GLN P 773 55.37 95.91 -23.27
C GLN P 773 56.21 95.08 -24.25
N VAL P 774 57.10 95.76 -24.96
CA VAL P 774 58.02 95.08 -25.87
C VAL P 774 58.97 94.17 -25.11
N LEU P 775 59.15 94.44 -23.82
CA LEU P 775 59.93 93.57 -22.95
C LEU P 775 59.00 92.75 -22.08
N LYS P 776 59.33 91.46 -21.92
CA LYS P 776 58.49 90.55 -21.16
C LYS P 776 58.63 90.75 -19.65
N ARG P 777 59.58 91.60 -19.25
CA ARG P 777 59.84 91.83 -17.83
C ARG P 777 58.96 92.94 -17.26
N TYR P 778 58.28 93.68 -18.13
CA TYR P 778 57.46 94.81 -17.71
C TYR P 778 56.03 94.71 -18.22
N TYR P 779 55.07 95.07 -17.37
CA TYR P 779 53.65 95.03 -17.72
C TYR P 779 53.00 96.38 -17.44
N VAL P 780 52.42 97.00 -18.47
CA VAL P 780 51.70 98.25 -18.25
C VAL P 780 50.29 97.97 -17.69
N VAL P 781 49.95 98.71 -16.64
CA VAL P 781 48.69 98.53 -15.94
C VAL P 781 47.91 99.84 -15.86
N CYS P 782 46.66 99.79 -16.28
CA CYS P 782 45.79 100.96 -16.24
C CYS P 782 44.54 100.67 -15.42
N THR P 783 44.24 101.56 -14.48
CA THR P 783 43.10 101.39 -13.59
C THR P 783 41.90 102.22 -14.03
N SER P 784 40.83 102.18 -13.24
CA SER P 784 39.61 102.91 -13.54
C SER P 784 39.71 104.38 -13.13
N ASN P 785 40.82 104.72 -12.48
CA ASN P 785 41.06 106.09 -12.04
C ASN P 785 41.75 106.92 -13.11
N CYS P 786 41.97 106.29 -14.28
CA CYS P 786 42.62 106.92 -15.42
C CYS P 786 44.01 107.42 -15.07
N THR P 787 44.78 106.58 -14.38
CA THR P 787 46.16 106.90 -14.03
C THR P 787 47.12 105.87 -14.61
N LEU P 788 48.38 106.24 -14.74
CA LEU P 788 49.39 105.35 -15.28
C LEU P 788 50.25 104.76 -14.18
N THR P 789 50.10 103.45 -13.95
CA THR P 789 50.89 102.75 -12.93
C THR P 789 51.51 101.48 -13.51
N VAL P 790 52.57 101.01 -12.88
CA VAL P 790 53.26 99.83 -13.36
C VAL P 790 53.80 98.96 -12.21
N TRP P 791 53.61 97.64 -12.35
CA TRP P 791 54.23 96.68 -11.45
C TRP P 791 55.15 95.75 -12.23
N ASP P 792 56.45 95.84 -11.94
CA ASP P 792 57.46 95.07 -12.66
C ASP P 792 57.36 93.58 -12.35
N LEU P 793 57.52 92.75 -13.38
CA LEU P 793 57.49 91.31 -13.21
C LEU P 793 58.73 90.84 -12.46
N THR P 794 59.91 91.26 -12.93
CA THR P 794 61.15 90.97 -12.23
C THR P 794 61.64 92.20 -11.49
N ASN P 795 62.75 92.04 -10.75
CA ASN P 795 63.33 93.12 -9.97
C ASN P 795 62.32 93.84 -9.09
N GLY P 796 61.76 93.12 -8.13
CA GLY P 796 60.74 93.68 -7.25
C GLY P 796 59.38 93.72 -7.94
N SER P 797 58.41 94.38 -7.29
CA SER P 797 57.08 94.50 -7.86
C SER P 797 56.78 95.94 -8.26
N SER P 798 56.55 96.80 -7.27
CA SER P 798 56.30 98.21 -7.53
C SER P 798 57.61 99.00 -7.42
N ASN P 799 57.95 99.72 -8.49
CA ASN P 799 59.22 100.44 -8.52
C ASN P 799 59.06 101.96 -8.58
N THR P 800 58.69 102.47 -9.75
CA THR P 800 58.65 103.92 -9.95
C THR P 800 57.76 104.38 -11.10
N LEU P 801 57.91 105.65 -11.46
CA LEU P 801 57.23 106.27 -12.60
C LEU P 801 55.71 106.27 -12.48
N GLU P 802 55.20 106.98 -11.47
CA GLU P 802 53.78 107.29 -11.38
C GLU P 802 53.57 108.71 -11.90
N LEU P 803 54.67 109.35 -12.26
CA LEU P 803 54.71 110.79 -12.54
C LEU P 803 54.17 111.24 -13.89
N HIS P 804 53.73 112.49 -13.94
CA HIS P 804 53.38 113.20 -15.17
C HIS P 804 52.33 112.54 -16.05
N VAL P 805 51.08 112.57 -15.59
CA VAL P 805 49.94 112.23 -16.44
C VAL P 805 49.34 113.51 -17.00
N PHE P 806 48.96 113.50 -18.27
CA PHE P 806 48.49 114.70 -18.96
C PHE P 806 47.21 115.28 -18.37
N ASN P 807 46.14 114.49 -18.36
CA ASN P 807 44.86 114.96 -17.87
C ASN P 807 44.15 113.94 -16.99
N VAL P 808 43.85 114.33 -15.76
CA VAL P 808 43.12 113.47 -14.83
C VAL P 808 41.62 113.73 -14.89
N GLU P 809 41.23 114.77 -15.61
CA GLU P 809 39.82 115.15 -15.71
C GLU P 809 39.19 114.65 -17.01
N ASN P 810 38.27 113.70 -16.88
CA ASN P 810 37.55 113.17 -18.02
C ASN P 810 36.39 114.07 -18.44
N ASP P 811 36.02 114.03 -19.71
CA ASP P 811 34.84 114.74 -20.18
C ASP P 811 33.58 114.11 -19.61
N THR P 812 33.52 112.79 -19.64
CA THR P 812 32.45 112.03 -19.02
C THR P 812 33.07 110.90 -18.21
N PRO P 813 32.48 110.58 -17.04
CA PRO P 813 33.04 109.54 -16.18
C PRO P 813 33.08 108.17 -16.87
N LEU P 814 34.27 107.56 -16.89
CA LEU P 814 34.49 106.28 -17.55
C LEU P 814 35.74 105.62 -16.99
N ALA P 815 36.15 104.52 -17.62
CA ALA P 815 37.42 103.89 -17.31
C ALA P 815 38.47 104.32 -18.34
N LEU P 816 39.69 103.84 -18.20
CA LEU P 816 40.74 104.19 -19.15
C LEU P 816 40.53 103.39 -20.44
N ASP P 817 40.99 103.95 -21.55
CA ASP P 817 40.71 103.37 -22.87
C ASP P 817 41.56 102.14 -23.16
N VAL P 818 41.48 101.64 -24.39
CA VAL P 818 42.17 100.43 -24.79
C VAL P 818 43.62 100.69 -25.19
N PHE P 819 44.54 99.93 -24.59
CA PHE P 819 45.96 100.03 -24.92
C PHE P 819 46.25 99.24 -26.20
N ASP P 820 47.18 99.74 -27.01
CA ASP P 820 47.46 99.12 -28.31
C ASP P 820 48.93 98.77 -28.52
N GLU P 821 49.24 98.28 -29.72
CA GLU P 821 50.60 97.93 -30.09
C GLU P 821 51.00 98.44 -31.47
N ARG P 822 52.29 98.37 -31.76
CA ARG P 822 52.82 98.76 -33.07
C ARG P 822 53.58 97.61 -33.69
N SER P 823 54.09 97.82 -34.90
CA SER P 823 54.87 96.80 -35.58
C SER P 823 56.34 96.90 -35.20
N LYS P 824 56.69 98.00 -34.53
CA LYS P 824 58.06 98.23 -34.07
C LYS P 824 58.35 97.46 -32.80
N THR P 825 59.63 97.17 -32.57
CA THR P 825 60.07 96.44 -31.39
C THR P 825 60.37 97.39 -30.23
N ALA P 826 60.14 98.68 -30.44
CA ALA P 826 60.39 99.68 -29.41
C ALA P 826 59.17 100.56 -29.19
N THR P 827 58.81 101.34 -30.22
CA THR P 827 57.68 102.26 -30.14
C THR P 827 56.36 101.52 -29.94
N VAL P 828 55.60 101.92 -28.92
CA VAL P 828 54.29 101.33 -28.69
C VAL P 828 53.18 102.37 -28.87
N LEU P 829 51.93 101.91 -28.74
CA LEU P 829 50.78 102.74 -29.06
C LEU P 829 49.74 102.75 -27.95
N LEU P 830 49.10 103.91 -27.77
CA LEU P 830 48.06 104.08 -26.76
C LEU P 830 47.10 105.17 -27.23
N ILE P 831 45.86 105.12 -26.75
CA ILE P 831 44.88 106.16 -27.05
C ILE P 831 44.09 106.52 -25.80
N PHE P 832 43.95 107.83 -25.56
CA PHE P 832 43.17 108.29 -24.42
C PHE P 832 42.15 109.35 -24.84
N LYS P 833 40.87 109.00 -24.76
CA LYS P 833 39.78 109.91 -25.11
C LYS P 833 39.96 110.54 -26.49
N TYR P 834 40.06 111.86 -26.52
CA TYR P 834 40.14 112.59 -27.79
C TYR P 834 41.57 112.74 -28.28
N SER P 835 42.53 112.22 -27.51
CA SER P 835 43.94 112.33 -27.86
C SER P 835 44.57 110.96 -28.07
N VAL P 836 45.63 110.94 -28.87
CA VAL P 836 46.35 109.70 -29.14
C VAL P 836 47.78 109.79 -28.61
N TRP P 837 48.15 108.84 -27.75
CA TRP P 837 49.45 108.84 -27.12
C TRP P 837 50.36 107.75 -27.71
N ARG P 838 51.36 108.16 -28.48
CA ARG P 838 52.34 107.22 -29.01
C ARG P 838 53.57 107.20 -28.12
N LEU P 839 53.91 106.03 -27.60
CA LEU P 839 54.94 105.93 -26.58
C LEU P 839 56.18 105.18 -27.05
N ASN P 840 57.18 105.13 -26.17
CA ASN P 840 58.51 104.63 -26.49
C ASN P 840 59.22 104.14 -25.23
N PHE P 841 60.34 103.44 -25.42
CA PHE P 841 61.19 103.07 -24.30
C PHE P 841 61.71 104.33 -23.63
N LEU P 842 62.14 104.21 -22.37
CA LEU P 842 62.37 105.31 -21.42
C LEU P 842 61.00 105.70 -20.82
N PRO P 843 60.99 106.38 -19.66
CA PRO P 843 59.76 106.57 -18.87
C PRO P 843 58.51 107.01 -19.66
N GLY P 844 58.65 107.94 -20.60
CA GLY P 844 57.50 108.33 -21.39
C GLY P 844 57.50 109.75 -21.92
N LEU P 845 56.31 110.24 -22.24
CA LEU P 845 56.11 111.58 -22.81
C LEU P 845 56.93 111.69 -24.09
N SER P 846 56.50 110.99 -25.13
CA SER P 846 57.22 110.97 -26.39
C SER P 846 56.41 111.64 -27.51
N VAL P 847 55.37 110.95 -27.98
CA VAL P 847 54.58 111.48 -29.08
C VAL P 847 53.12 111.65 -28.70
N SER P 848 52.54 112.80 -29.05
CA SER P 848 51.12 113.07 -28.82
C SER P 848 50.47 113.61 -30.08
N LEU P 849 49.49 112.89 -30.61
CA LEU P 849 48.88 113.26 -31.87
C LEU P 849 47.35 113.30 -31.80
N GLN P 850 46.76 114.17 -32.61
CA GLN P 850 45.31 114.27 -32.77
C GLN P 850 44.98 114.52 -34.23
N SER P 851 44.02 113.77 -34.77
CA SER P 851 43.63 113.93 -36.17
C SER P 851 42.92 115.27 -36.37
N GLU P 852 41.86 115.48 -35.60
CA GLU P 852 41.11 116.73 -35.63
C GLU P 852 40.10 116.78 -34.48
N ALA P 853 39.33 117.87 -34.42
CA ALA P 853 38.34 118.04 -33.36
C ALA P 853 37.09 117.21 -33.63
N VAL P 854 36.12 117.29 -32.72
CA VAL P 854 34.87 116.55 -32.88
C VAL P 854 33.96 117.20 -33.91
N GLY P 859 30.13 112.92 -28.14
CA GLY P 859 29.70 112.01 -27.09
C GLY P 859 30.88 111.35 -26.39
N SER P 860 30.59 110.33 -25.60
CA SER P 860 31.62 109.59 -24.88
C SER P 860 32.37 108.65 -25.82
N PHE P 861 33.62 108.36 -25.47
CA PHE P 861 34.46 107.47 -26.28
C PHE P 861 34.31 106.02 -25.82
N ILE P 862 33.84 105.17 -26.72
CA ILE P 862 33.65 103.76 -26.40
C ILE P 862 34.32 102.83 -27.41
N THR P 863 33.91 102.89 -28.67
CA THR P 863 34.39 101.95 -29.68
C THR P 863 35.64 102.48 -30.41
N CYS P 864 36.55 101.56 -30.73
CA CYS P 864 37.78 101.89 -31.44
C CYS P 864 38.25 100.71 -32.28
N GLY P 865 38.89 101.01 -33.40
CA GLY P 865 39.41 99.97 -34.28
C GLY P 865 40.90 99.78 -34.16
N LYS P 866 41.48 99.09 -35.13
CA LYS P 866 42.91 98.78 -35.14
C LYS P 866 43.26 98.06 -36.43
N ARG P 867 44.54 98.04 -36.79
CA ARG P 867 45.02 97.37 -38.00
C ARG P 867 46.35 96.68 -37.74
N SER P 868 46.67 95.67 -38.56
CA SER P 868 47.91 94.93 -38.39
C SER P 868 48.69 94.81 -39.70
N THR P 869 48.14 94.07 -40.65
CA THR P 869 48.81 93.81 -41.92
C THR P 869 48.72 95.04 -42.83
N ASP P 870 47.77 95.92 -42.53
CA ASP P 870 47.52 97.10 -43.35
C ASP P 870 48.64 98.14 -43.20
N GLY P 871 49.61 97.85 -42.33
CA GLY P 871 50.67 98.80 -42.04
C GLY P 871 50.51 99.48 -40.70
N ARG P 872 49.64 98.92 -39.87
CA ARG P 872 49.44 99.38 -38.49
C ARG P 872 48.97 100.84 -38.46
N TYR P 873 47.91 101.12 -39.21
CA TYR P 873 47.28 102.44 -39.19
C TYR P 873 46.12 102.41 -38.19
N LEU P 874 46.02 103.44 -37.36
CA LEU P 874 45.12 103.38 -36.21
C LEU P 874 43.75 104.00 -36.47
N LEU P 875 42.71 103.17 -36.46
CA LEU P 875 41.33 103.64 -36.53
C LEU P 875 40.95 104.32 -35.22
N LEU P 876 40.38 105.52 -35.32
CA LEU P 876 40.07 106.28 -34.11
C LEU P 876 39.06 107.41 -34.34
N GLY P 877 38.70 108.08 -33.25
CA GLY P 877 37.87 109.27 -33.32
C GLY P 877 37.26 109.66 -31.99
N THR P 878 36.76 110.89 -31.91
CA THR P 878 36.04 111.37 -30.73
C THR P 878 34.77 110.54 -30.47
N SER P 879 33.78 110.72 -31.33
CA SER P 879 32.52 109.98 -31.28
C SER P 879 32.22 109.43 -32.66
N GLU P 880 32.01 110.34 -33.60
CA GLU P 880 31.83 110.02 -35.02
C GLU P 880 30.70 109.02 -35.28
N GLY P 881 29.47 109.51 -35.12
CA GLY P 881 28.30 108.77 -35.59
C GLY P 881 28.25 108.82 -37.10
N LEU P 882 29.12 109.66 -37.67
CA LEU P 882 29.27 109.77 -39.12
C LEU P 882 30.74 109.95 -39.49
N ILE P 883 31.17 109.23 -40.52
CA ILE P 883 32.53 109.32 -41.05
C ILE P 883 33.58 109.00 -39.97
N VAL P 884 33.69 107.72 -39.65
CA VAL P 884 34.72 107.24 -38.74
C VAL P 884 36.11 107.53 -39.32
N TYR P 885 37.04 107.97 -38.47
CA TYR P 885 38.34 108.43 -38.95
C TYR P 885 39.45 107.39 -38.83
N ASP P 886 40.33 107.37 -39.81
CA ASP P 886 41.53 106.52 -39.78
C ASP P 886 42.79 107.39 -39.76
N LEU P 887 43.77 106.97 -38.97
CA LEU P 887 45.02 107.73 -38.84
C LEU P 887 46.21 106.95 -39.38
N LYS P 888 46.83 107.50 -40.42
CA LYS P 888 48.05 106.93 -41.00
C LYS P 888 49.24 107.34 -40.15
N ILE P 889 50.26 106.49 -40.10
CA ILE P 889 51.44 106.72 -39.27
C ILE P 889 52.13 108.05 -39.61
N SER P 890 52.34 108.86 -38.58
CA SER P 890 53.11 110.10 -38.63
C SER P 890 52.50 111.20 -39.51
N ASP P 891 51.41 110.89 -40.21
CA ASP P 891 50.77 111.88 -41.08
C ASP P 891 49.30 112.07 -40.73
N PRO P 892 48.83 113.33 -40.80
CA PRO P 892 47.44 113.69 -40.53
C PRO P 892 46.58 113.70 -41.80
N VAL P 893 46.30 112.52 -42.35
CA VAL P 893 45.50 112.42 -43.57
C VAL P 893 44.42 111.34 -43.42
N LEU P 894 43.24 111.62 -43.97
CA LEU P 894 42.12 110.68 -43.90
C LEU P 894 41.83 110.06 -45.26
N ARG P 895 42.12 108.78 -45.40
CA ARG P 895 41.89 108.06 -46.66
C ARG P 895 40.58 107.27 -46.62
N SER P 896 39.88 107.33 -45.49
CA SER P 896 38.66 106.56 -45.30
C SER P 896 37.41 107.44 -45.29
N ASN P 897 36.30 106.89 -45.77
CA ASN P 897 35.04 107.62 -45.82
C ASN P 897 33.85 106.71 -45.48
N VAL P 898 32.87 107.26 -44.76
CA VAL P 898 31.69 106.49 -44.40
C VAL P 898 30.41 107.11 -44.95
N SER P 899 29.79 106.43 -45.91
CA SER P 899 28.51 106.87 -46.47
C SER P 899 27.33 106.15 -45.84
N GLU P 900 27.62 105.23 -44.92
CA GLU P 900 26.57 104.40 -44.32
C GLU P 900 26.14 104.97 -42.95
N HIS P 901 26.74 106.09 -42.58
CA HIS P 901 26.61 106.68 -41.24
C HIS P 901 27.01 105.62 -40.22
N ILE P 902 26.33 105.60 -39.07
CA ILE P 902 26.46 104.53 -38.06
C ILE P 902 25.66 104.90 -36.81
N GLU P 903 25.40 103.92 -35.94
CA GLU P 903 24.82 104.19 -34.63
C GLU P 903 25.88 103.81 -33.60
N CYS P 904 25.64 104.05 -32.32
CA CYS P 904 26.63 103.73 -31.30
C CYS P 904 26.06 102.92 -30.13
N VAL P 905 26.50 101.67 -30.01
CA VAL P 905 26.15 100.84 -28.86
C VAL P 905 27.37 100.14 -28.24
N ASP P 906 28.05 99.29 -29.01
CA ASP P 906 29.14 98.47 -28.48
C ASP P 906 30.51 98.88 -29.02
N ILE P 907 31.53 98.14 -28.57
CA ILE P 907 32.92 98.54 -28.79
C ILE P 907 33.57 97.84 -30.00
N TYR P 908 32.84 96.93 -30.64
CA TYR P 908 33.47 96.06 -31.64
C TYR P 908 33.68 96.77 -32.99
N GLU P 909 34.94 96.85 -33.40
CA GLU P 909 35.31 97.33 -34.72
C GLU P 909 36.67 96.76 -35.12
N LEU P 910 36.86 96.51 -36.42
CA LEU P 910 38.13 96.00 -36.95
C LEU P 910 38.07 95.84 -38.47
N PHE P 911 39.24 95.82 -39.10
CA PHE P 911 39.34 95.70 -40.55
C PHE P 911 40.16 94.48 -40.99
N ASP P 912 39.70 93.83 -42.05
CA ASP P 912 40.36 92.65 -42.60
C ASP P 912 41.73 92.94 -43.22
N PRO P 913 42.66 91.90 -43.14
CA PRO P 913 43.97 92.20 -43.74
C PRO P 913 43.89 92.47 -45.24
N VAL P 914 43.02 91.71 -45.92
CA VAL P 914 42.82 91.81 -47.38
C VAL P 914 43.69 90.84 -48.20
N TYR P 915 44.54 90.08 -47.52
CA TYR P 915 45.39 89.09 -48.22
C TYR P 915 45.89 89.62 -49.54
N LYS P 916 46.92 90.46 -49.56
CA LYS P 916 47.39 90.96 -50.86
C LYS P 916 46.62 92.20 -51.36
N TYR P 917 45.58 91.96 -52.15
CA TYR P 917 44.77 93.03 -52.74
C TYR P 917 44.11 93.93 -51.69
N ILE P 918 43.99 95.21 -52.02
CA ILE P 918 43.45 96.20 -51.09
C ILE P 918 42.04 96.77 -51.32
N VAL P 919 41.30 96.77 -50.21
CA VAL P 919 39.94 97.29 -50.05
C VAL P 919 39.63 97.00 -48.59
N LEU P 920 38.62 97.65 -48.01
CA LEU P 920 38.36 97.42 -46.59
C LEU P 920 36.90 97.16 -46.25
N CYS P 921 36.70 96.36 -45.20
CA CYS P 921 35.37 96.04 -44.70
C CYS P 921 35.39 95.92 -43.18
N GLY P 922 34.37 96.46 -42.51
CA GLY P 922 34.35 96.41 -41.05
C GLY P 922 32.96 96.51 -40.43
N ALA P 923 32.83 96.04 -39.18
CA ALA P 923 31.54 96.03 -38.49
C ALA P 923 31.53 96.97 -37.28
N LYS P 924 30.37 97.59 -37.04
CA LYS P 924 30.21 98.51 -35.92
C LYS P 924 28.84 98.39 -35.23
N GLY P 925 28.57 99.33 -34.33
CA GLY P 925 27.41 99.30 -33.45
C GLY P 925 26.03 99.09 -34.08
N LYS P 926 25.81 99.64 -35.26
CA LYS P 926 24.51 99.52 -35.94
C LYS P 926 24.22 98.07 -36.32
N GLN P 927 25.20 97.20 -36.11
CA GLN P 927 25.19 95.82 -36.59
C GLN P 927 25.05 95.83 -38.09
N VAL P 928 26.05 96.42 -38.75
CA VAL P 928 26.12 96.49 -40.19
C VAL P 928 27.58 96.31 -40.60
N VAL P 929 27.86 96.47 -41.89
CA VAL P 929 29.23 96.39 -42.38
C VAL P 929 29.53 97.45 -43.45
N HIS P 930 30.61 98.19 -43.22
CA HIS P 930 31.08 99.21 -44.15
C HIS P 930 32.10 98.61 -45.12
N VAL P 931 31.98 98.95 -46.39
CA VAL P 931 32.95 98.54 -47.40
C VAL P 931 33.45 99.78 -48.14
N HIS P 932 34.77 99.98 -48.15
CA HIS P 932 35.34 101.21 -48.69
C HIS P 932 36.66 100.99 -49.42
N THR P 933 36.90 101.82 -50.44
CA THR P 933 38.14 101.80 -51.20
C THR P 933 38.88 103.12 -51.01
N LEU P 934 40.12 103.04 -50.54
CA LEU P 934 40.89 104.23 -50.16
C LEU P 934 41.34 105.07 -51.35
N ARG P 935 41.14 104.56 -52.56
CA ARG P 935 41.53 105.28 -53.77
C ARG P 935 40.57 106.42 -54.07
N SER P 936 41.12 107.63 -54.17
CA SER P 936 40.34 108.84 -54.42
C SER P 936 41.26 110.05 -54.58
N VAL P 937 40.71 111.13 -55.15
CA VAL P 937 41.49 112.33 -55.41
C VAL P 937 41.65 113.23 -54.18
N SER P 938 40.60 113.36 -53.38
CA SER P 938 40.64 114.27 -52.24
C SER P 938 39.78 113.82 -51.08
N GLY P 939 40.25 114.07 -49.86
CA GLY P 939 39.52 113.75 -48.66
C GLY P 939 38.87 114.97 -48.03
N SER P 940 38.78 114.96 -46.70
CA SER P 940 38.25 116.08 -45.91
C SER P 940 36.81 116.44 -46.27
N ASN P 941 35.95 115.44 -46.35
CA ASN P 941 34.53 115.66 -46.58
C ASN P 941 33.74 115.69 -45.27
N SER P 942 34.47 115.57 -44.16
CA SER P 942 33.87 115.47 -42.83
C SER P 942 32.96 116.64 -42.45
N HIS P 943 33.56 117.81 -42.27
CA HIS P 943 32.83 118.95 -41.71
C HIS P 943 32.17 119.83 -42.76
N GLN P 944 32.35 119.49 -44.03
CA GLN P 944 31.78 120.30 -45.11
C GLN P 944 30.28 120.03 -45.28
N ASN P 945 29.87 118.80 -45.01
CA ASN P 945 28.48 118.42 -45.19
C ASN P 945 27.91 117.65 -43.99
N ARG P 946 26.90 118.21 -43.34
CA ARG P 946 26.17 117.50 -42.31
C ARG P 946 24.65 117.56 -42.57
N GLU P 947 24.06 118.76 -42.54
CA GLU P 947 22.65 118.92 -42.85
C GLU P 947 22.49 119.54 -44.23
N ILE P 948 21.25 119.71 -44.67
CA ILE P 948 20.96 120.28 -45.98
C ILE P 948 19.79 121.27 -45.93
N ALA P 949 20.02 122.47 -46.43
CA ALA P 949 18.97 123.48 -46.54
C ALA P 949 18.67 123.75 -48.02
N TRP P 950 17.74 124.66 -48.27
CA TRP P 950 17.34 124.97 -49.64
C TRP P 950 16.90 126.42 -49.81
N VAL P 951 17.22 126.98 -50.98
CA VAL P 951 16.90 128.37 -51.27
C VAL P 951 15.45 128.53 -51.69
N HIS P 952 14.71 129.34 -50.93
CA HIS P 952 13.30 129.59 -51.23
C HIS P 952 13.15 130.48 -52.45
N SER P 953 12.38 130.00 -53.42
CA SER P 953 12.17 130.73 -54.67
C SER P 953 10.98 130.16 -55.44
N ALA P 954 10.74 130.70 -56.64
CA ALA P 954 9.64 130.24 -57.48
C ALA P 954 10.15 129.39 -58.63
N ASP P 955 9.85 128.10 -58.58
CA ASP P 955 10.23 127.15 -59.63
C ASP P 955 11.74 127.14 -59.90
N GLU P 956 12.53 127.37 -58.85
CA GLU P 956 13.98 127.35 -58.96
C GLU P 956 14.59 126.57 -57.80
N ILE P 957 15.39 125.56 -58.12
CA ILE P 957 15.95 124.68 -57.11
C ILE P 957 17.43 124.97 -56.83
N SER P 958 17.71 125.49 -55.63
CA SER P 958 19.07 125.74 -55.20
C SER P 958 19.25 125.24 -53.76
N VAL P 959 20.16 124.29 -53.58
CA VAL P 959 20.36 123.66 -52.27
C VAL P 959 21.63 124.15 -51.59
N MET P 960 21.60 124.21 -50.27
CA MET P 960 22.76 124.65 -49.50
C MET P 960 23.13 123.58 -48.46
N THR P 961 24.35 123.68 -47.95
CA THR P 961 24.89 122.69 -47.02
C THR P 961 25.60 123.34 -45.83
N LYS P 962 26.26 122.50 -45.04
CA LYS P 962 27.07 122.96 -43.91
C LYS P 962 28.22 123.83 -44.43
N ALA P 963 28.80 124.65 -43.55
CA ALA P 963 29.76 125.68 -43.94
C ALA P 963 29.09 126.69 -44.87
N CYS P 964 27.97 127.23 -44.40
CA CYS P 964 27.17 128.26 -45.08
C CYS P 964 26.92 127.97 -46.55
N LEU P 965 27.14 128.98 -47.39
CA LEU P 965 26.71 128.89 -48.78
C LEU P 965 27.69 128.12 -49.65
N GLU P 966 27.22 127.02 -50.22
CA GLU P 966 27.92 126.32 -51.28
C GLU P 966 27.03 126.34 -52.52
N PRO P 967 27.43 127.09 -53.55
CA PRO P 967 26.58 127.31 -54.73
C PRO P 967 26.20 126.02 -55.44
N ASN P 968 24.91 125.84 -55.67
CA ASN P 968 24.40 124.69 -56.41
C ASN P 968 23.19 125.09 -57.25
N VAL P 969 23.17 124.67 -58.51
CA VAL P 969 22.05 124.95 -59.41
C VAL P 969 21.68 123.72 -60.24
N TYR P 970 20.53 123.80 -60.90
CA TYR P 970 19.95 122.67 -61.63
C TYR P 970 20.87 122.14 -62.73
N LEU P 971 21.13 120.82 -62.67
CA LEU P 971 22.02 120.12 -63.59
C LEU P 971 23.39 120.78 -63.76
N ARG P 972 24.04 121.10 -62.65
CA ARG P 972 25.40 121.63 -62.68
C ARG P 972 26.23 121.04 -61.54
N SER P 973 27.45 120.64 -61.85
CA SER P 973 28.33 120.00 -60.87
C SER P 973 29.26 121.00 -60.19
N LEU P 974 29.08 122.28 -60.51
CA LEU P 974 29.91 123.33 -59.93
C LEU P 974 29.72 123.43 -58.42
N MET P 975 30.83 123.38 -57.69
CA MET P 975 30.80 123.44 -56.23
C MET P 975 31.94 124.30 -55.68
N ASP P 976 31.61 125.17 -54.73
CA ASP P 976 32.60 126.02 -54.07
C ASP P 976 32.58 125.77 -52.56
N MET P 977 33.73 125.96 -51.92
CA MET P 977 33.83 125.71 -50.48
C MET P 977 34.36 126.91 -49.71
N THR P 978 33.50 127.47 -48.87
CA THR P 978 33.88 128.55 -47.97
C THR P 978 33.20 128.36 -46.62
N ARG P 979 33.97 128.39 -45.54
CA ARG P 979 33.41 128.11 -44.22
C ARG P 979 33.55 129.29 -43.25
N GLU P 980 32.42 129.90 -42.91
CA GLU P 980 32.36 130.90 -41.86
C GLU P 980 31.91 130.27 -40.55
N ARG P 981 31.73 128.95 -40.58
CA ARG P 981 31.28 128.15 -39.44
C ARG P 981 29.91 128.61 -38.93
N THR P 982 28.89 128.37 -39.74
CA THR P 982 27.51 128.62 -39.35
C THR P 982 26.96 127.50 -38.47
N GLN P 983 25.96 127.81 -37.67
CA GLN P 983 25.28 126.81 -36.86
C GLN P 983 24.14 126.17 -37.66
N LEU P 984 23.08 126.93 -37.89
CA LEU P 984 21.96 126.47 -38.69
C LEU P 984 21.58 127.54 -39.72
N LEU P 985 21.54 127.15 -40.99
CA LEU P 985 21.34 128.09 -42.09
C LEU P 985 19.89 128.15 -42.58
N ALA P 986 19.39 129.36 -42.76
CA ALA P 986 18.07 129.59 -43.32
C ALA P 986 18.18 130.50 -44.55
N VAL P 987 17.14 130.52 -45.38
CA VAL P 987 17.19 131.31 -46.61
C VAL P 987 15.96 132.21 -46.74
N ASP P 988 16.18 133.44 -47.20
CA ASP P 988 15.09 134.40 -47.40
C ASP P 988 14.29 134.00 -48.64
N SER P 989 13.23 134.74 -48.94
CA SER P 989 12.40 134.45 -50.10
C SER P 989 13.07 134.90 -51.40
N LYS P 990 13.82 136.00 -51.30
CA LYS P 990 14.52 136.53 -52.45
C LYS P 990 15.98 136.05 -52.47
N GLU P 991 16.78 136.62 -53.38
CA GLU P 991 18.18 136.23 -53.50
C GLU P 991 19.01 136.75 -52.33
N ARG P 992 18.39 137.56 -51.47
CA ARG P 992 19.06 138.11 -50.29
C ARG P 992 19.51 136.98 -49.35
N ILE P 993 20.73 137.11 -48.84
CA ILE P 993 21.30 136.07 -47.98
C ILE P 993 21.09 136.33 -46.49
N HIS P 994 20.45 135.37 -45.83
CA HIS P 994 20.24 135.36 -44.40
C HIS P 994 21.13 134.28 -43.78
N LEU P 995 21.95 134.65 -42.81
CA LEU P 995 22.86 133.67 -42.21
C LEU P 995 23.12 133.91 -40.72
N ILE P 996 23.89 133.02 -40.13
CA ILE P 996 24.16 133.05 -38.71
C ILE P 996 25.66 132.98 -38.43
N LYS P 997 26.11 133.70 -37.41
CA LYS P 997 27.51 133.70 -37.01
C LYS P 997 27.54 133.31 -35.54
N PRO P 998 28.63 132.67 -35.06
CA PRO P 998 28.63 132.35 -33.64
C PRO P 998 28.34 133.55 -32.75
N ALA P 999 27.36 133.38 -31.86
CA ALA P 999 26.90 134.41 -30.94
C ALA P 999 26.34 135.67 -31.62
N ILE P 1000 25.74 135.52 -32.81
CA ILE P 1000 25.06 136.64 -33.47
C ILE P 1000 24.35 136.22 -34.78
N SER P 1001 23.42 137.03 -35.24
CA SER P 1001 22.70 136.75 -36.49
C SER P 1001 22.97 137.84 -37.53
N ARG P 1002 23.03 137.44 -38.79
CA ARG P 1002 23.40 138.40 -39.84
C ARG P 1002 22.46 138.34 -41.06
N ILE P 1003 22.07 139.52 -41.54
CA ILE P 1003 21.19 139.64 -42.70
C ILE P 1003 21.81 140.57 -43.73
N SER P 1004 22.04 140.08 -44.94
CA SER P 1004 22.74 140.89 -45.93
C SER P 1004 22.32 140.60 -47.37
N GLU P 1005 22.45 141.61 -48.23
CA GLU P 1005 22.26 141.43 -49.67
C GLU P 1005 23.24 140.39 -50.18
N TRP P 1006 24.53 140.72 -50.15
CA TRP P 1006 25.59 139.75 -50.34
C TRP P 1006 26.46 139.78 -49.09
N SER P 1007 27.44 138.89 -48.98
CA SER P 1007 28.23 138.82 -47.76
C SER P 1007 29.68 139.27 -47.97
N THR P 1008 30.00 140.44 -47.44
CA THR P 1008 31.38 140.91 -47.37
C THR P 1008 31.75 141.25 -45.93
N ILE P 1009 31.27 142.40 -45.47
CA ILE P 1009 31.45 142.80 -44.08
C ILE P 1009 30.26 142.36 -43.22
N THR P 1010 29.19 141.92 -43.90
CA THR P 1010 27.96 141.47 -43.26
C THR P 1010 27.46 142.37 -42.12
N PRO P 1011 26.97 143.57 -42.45
CA PRO P 1011 26.47 144.51 -41.43
C PRO P 1011 25.25 143.96 -40.68
N THR P 1012 25.11 144.34 -39.42
CA THR P 1012 23.97 143.92 -38.59
C THR P 1012 24.02 144.57 -37.21
N HIS P 1013 22.88 144.54 -36.51
CA HIS P 1013 22.78 145.06 -35.16
C HIS P 1013 21.81 144.22 -34.34
N ALA P 1014 22.19 143.89 -33.11
CA ALA P 1014 21.35 143.05 -32.26
C ALA P 1014 21.50 143.38 -30.78
N ALA P 1015 20.39 143.29 -30.05
CA ALA P 1015 20.37 143.51 -28.61
C ALA P 1015 20.48 142.18 -27.86
N SER P 1016 20.66 141.10 -28.61
CA SER P 1016 20.71 139.74 -28.04
C SER P 1016 21.73 139.60 -26.92
N ASN P 1017 21.31 138.95 -25.84
CA ASN P 1017 22.16 138.78 -24.66
C ASN P 1017 23.20 137.68 -24.83
N CYS P 1018 22.82 136.59 -25.49
CA CYS P 1018 23.70 135.44 -25.63
C CYS P 1018 23.66 134.84 -27.03
N LYS P 1019 24.34 133.70 -27.19
CA LYS P 1019 24.42 133.03 -28.47
C LYS P 1019 23.07 132.50 -28.94
N ILE P 1020 22.78 132.65 -30.23
CA ILE P 1020 21.53 132.18 -30.81
C ILE P 1020 21.73 130.80 -31.45
N ASN P 1021 20.78 129.90 -31.21
CA ASN P 1021 20.85 128.55 -31.76
C ASN P 1021 20.49 128.51 -33.24
N ALA P 1022 19.39 129.16 -33.60
CA ALA P 1022 18.92 129.19 -34.98
C ALA P 1022 18.16 130.47 -35.28
N ILE P 1023 18.25 130.93 -36.52
CA ILE P 1023 17.57 132.14 -36.95
C ILE P 1023 17.04 131.99 -38.37
N SER P 1024 15.86 132.55 -38.63
CA SER P 1024 15.19 132.39 -39.91
C SER P 1024 14.59 133.70 -40.42
N ALA P 1025 14.20 133.71 -41.69
CA ALA P 1025 13.65 134.91 -42.32
C ALA P 1025 12.30 134.65 -42.99
N PHE P 1026 11.41 135.64 -42.90
CA PHE P 1026 10.11 135.56 -43.56
C PHE P 1026 10.21 135.77 -45.06
N ASN P 1027 9.06 135.70 -45.73
CA ASN P 1027 8.96 136.06 -47.13
C ASN P 1027 8.94 137.57 -47.28
N ASP P 1028 7.92 138.19 -46.68
CA ASP P 1028 7.82 139.65 -46.61
C ASP P 1028 8.92 140.23 -45.72
N GLU P 1029 9.18 141.53 -45.87
CA GLU P 1029 10.28 142.19 -45.17
C GLU P 1029 9.92 142.57 -43.73
N GLN P 1030 8.70 142.26 -43.31
CA GLN P 1030 8.24 142.62 -41.97
C GLN P 1030 8.97 141.84 -40.88
N ILE P 1031 9.58 142.59 -39.96
CA ILE P 1031 10.28 142.08 -38.76
C ILE P 1031 11.16 140.85 -39.04
N PHE P 1032 11.11 139.88 -38.12
CA PHE P 1032 11.82 138.59 -38.14
C PHE P 1032 11.49 137.80 -36.87
N VAL P 1033 11.76 136.49 -36.89
CA VAL P 1033 11.58 135.64 -35.71
C VAL P 1033 12.74 134.66 -35.58
N GLY P 1034 12.83 134.03 -34.41
CA GLY P 1034 13.83 133.02 -34.16
C GLY P 1034 13.88 132.66 -32.69
N TYR P 1035 14.51 131.54 -32.37
CA TYR P 1035 14.66 131.13 -30.97
C TYR P 1035 16.11 131.25 -30.52
N VAL P 1036 16.32 132.06 -29.50
CA VAL P 1036 17.66 132.33 -28.98
C VAL P 1036 17.81 131.56 -27.66
N ASP P 1037 18.98 131.59 -27.06
CA ASP P 1037 19.21 130.99 -25.75
C ASP P 1037 18.60 131.86 -24.64
N GLY P 1038 18.05 133.01 -25.02
CA GLY P 1038 17.52 133.96 -24.07
C GLY P 1038 16.36 134.78 -24.61
N VAL P 1039 15.87 135.70 -23.79
CA VAL P 1039 14.65 136.45 -24.07
C VAL P 1039 14.70 137.29 -25.35
N ILE P 1040 15.75 138.08 -25.49
CA ILE P 1040 15.84 139.06 -26.59
C ILE P 1040 15.87 138.40 -27.97
N ILE P 1041 14.96 138.85 -28.84
CA ILE P 1041 14.91 138.41 -30.23
C ILE P 1041 15.24 139.57 -31.18
N ASP P 1042 16.34 139.43 -31.91
CA ASP P 1042 16.84 140.52 -32.76
C ASP P 1042 16.15 140.62 -34.13
N VAL P 1043 16.02 141.84 -34.61
CA VAL P 1043 15.51 142.11 -35.96
C VAL P 1043 16.36 143.19 -36.63
N ILE P 1044 16.22 143.33 -37.94
CA ILE P 1044 17.00 144.31 -38.68
C ILE P 1044 16.10 145.12 -39.62
N HIS P 1045 16.50 146.37 -39.87
CA HIS P 1045 15.82 147.28 -40.81
C HIS P 1045 14.43 147.69 -40.32
N ASP P 1046 13.97 147.07 -39.24
CA ASP P 1046 12.64 147.34 -38.70
C ASP P 1046 12.71 147.72 -37.23
N THR P 1047 11.82 148.64 -36.83
CA THR P 1047 11.71 149.05 -35.44
C THR P 1047 10.66 148.21 -34.72
N ALA P 1048 10.29 148.64 -33.51
CA ALA P 1048 9.25 147.98 -32.71
C ALA P 1048 9.57 146.52 -32.40
N LEU P 1049 10.55 146.32 -31.52
CA LEU P 1049 10.93 144.99 -31.07
C LEU P 1049 9.74 144.24 -30.46
N PRO P 1050 9.76 142.90 -30.51
CA PRO P 1050 8.66 142.11 -29.95
C PRO P 1050 8.47 142.35 -28.46
N GLN P 1051 7.29 141.98 -27.94
CA GLN P 1051 6.93 142.27 -26.56
C GLN P 1051 7.51 141.24 -25.58
N GLN P 1052 7.91 140.10 -26.12
CA GLN P 1052 8.44 138.98 -25.33
C GLN P 1052 7.48 138.53 -24.23
N PHE P 1053 7.91 138.67 -22.97
CA PHE P 1053 7.23 138.09 -21.81
C PHE P 1053 7.15 136.58 -21.91
N ILE P 1054 8.27 135.95 -22.25
CA ILE P 1054 8.35 134.50 -22.29
C ILE P 1054 9.77 134.05 -21.94
N GLU P 1055 9.88 132.93 -21.24
CA GLU P 1055 11.19 132.42 -20.84
C GLU P 1055 12.11 132.14 -22.04
N GLU P 1056 11.82 131.11 -22.82
CA GLU P 1056 12.58 130.86 -24.05
C GLU P 1056 11.65 130.27 -25.11
N PRO P 1057 11.81 130.70 -26.37
CA PRO P 1057 10.98 130.25 -27.50
C PRO P 1057 11.40 128.88 -28.07
N ILE P 1058 10.46 128.13 -28.63
CA ILE P 1058 10.79 126.83 -29.20
C ILE P 1058 10.46 126.70 -30.69
N ASP P 1059 9.17 126.79 -31.05
CA ASP P 1059 8.75 126.54 -32.42
C ASP P 1059 8.33 127.83 -33.12
N TYR P 1060 9.04 128.17 -34.20
CA TYR P 1060 8.71 129.33 -35.01
C TYR P 1060 8.05 128.90 -36.32
N LEU P 1061 7.76 129.87 -37.18
CA LEU P 1061 7.07 129.64 -38.44
C LEU P 1061 6.98 130.91 -39.27
N LYS P 1062 6.55 130.77 -40.52
CA LYS P 1062 6.50 131.90 -41.45
C LYS P 1062 5.08 132.16 -41.95
N GLN P 1063 4.68 133.43 -41.92
CA GLN P 1063 3.37 133.84 -42.44
C GLN P 1063 3.47 135.15 -43.21
N VAL P 1064 2.65 135.28 -44.24
CA VAL P 1064 2.61 136.49 -45.04
C VAL P 1064 1.73 137.56 -44.38
N SER P 1065 0.98 137.14 -43.38
CA SER P 1065 0.10 138.04 -42.64
C SER P 1065 0.92 138.91 -41.68
N PRO P 1066 0.44 140.15 -41.44
CA PRO P 1066 1.09 141.09 -40.53
C PRO P 1066 1.27 140.53 -39.12
N ASN P 1067 0.35 139.68 -38.67
CA ASN P 1067 0.44 139.06 -37.36
C ASN P 1067 1.11 137.68 -37.42
N ILE P 1068 1.93 137.38 -36.43
CA ILE P 1068 2.65 136.12 -36.40
C ILE P 1068 2.51 135.42 -35.04
N LEU P 1069 2.01 134.19 -35.07
CA LEU P 1069 1.86 133.40 -33.85
C LEU P 1069 3.11 132.57 -33.57
N VAL P 1070 3.60 132.65 -32.35
CA VAL P 1070 4.84 131.94 -31.98
C VAL P 1070 4.63 131.02 -30.78
N ALA P 1071 5.02 129.76 -30.94
CA ALA P 1071 4.94 128.78 -29.87
C ALA P 1071 6.03 129.03 -28.82
N SER P 1072 5.82 128.50 -27.62
CA SER P 1072 6.77 128.74 -26.53
C SER P 1072 6.99 127.49 -25.67
N ALA P 1073 8.10 127.48 -24.93
CA ALA P 1073 8.43 126.37 -24.04
C ALA P 1073 7.46 126.31 -22.87
N HIS P 1074 6.97 127.48 -22.46
CA HIS P 1074 5.97 127.57 -21.39
C HIS P 1074 4.60 127.18 -21.95
N SER P 1075 4.55 126.94 -23.25
CA SER P 1075 3.35 126.53 -23.98
C SER P 1075 2.28 127.61 -23.96
N ALA P 1076 2.72 128.86 -24.01
CA ALA P 1076 1.82 129.99 -24.16
C ALA P 1076 2.09 130.68 -25.49
N GLN P 1077 1.14 130.57 -26.42
CA GLN P 1077 1.30 131.14 -27.75
C GLN P 1077 1.35 132.66 -27.70
N LYS P 1078 2.21 133.24 -28.54
CA LYS P 1078 2.41 134.68 -28.55
C LYS P 1078 1.92 135.29 -29.86
N THR P 1079 1.20 136.40 -29.76
CA THR P 1079 0.72 137.11 -30.94
C THR P 1079 1.59 138.33 -31.22
N VAL P 1080 2.33 138.29 -32.31
CA VAL P 1080 3.23 139.37 -32.68
C VAL P 1080 2.62 140.25 -33.76
N ILE P 1081 2.35 141.50 -33.41
CA ILE P 1081 1.77 142.46 -34.33
C ILE P 1081 2.84 143.41 -34.86
N PHE P 1082 2.85 143.62 -36.17
CA PHE P 1082 3.90 144.41 -36.81
C PHE P 1082 3.80 145.90 -36.50
N GLN P 1083 4.89 146.44 -35.96
CA GLN P 1083 5.09 147.88 -35.78
C GLN P 1083 4.01 148.50 -34.87
N LEU P 1084 3.44 147.68 -34.00
CA LEU P 1084 2.40 148.14 -33.06
C LEU P 1084 1.97 146.99 -32.15
N GLU P 1085 1.37 147.31 -31.01
CA GLU P 1085 0.85 146.29 -30.11
C GLU P 1085 -0.64 146.49 -29.82
N LYS P 1086 -0.94 147.48 -28.98
CA LYS P 1086 -2.31 147.83 -28.60
C LYS P 1086 -3.11 146.64 -28.08
N ILE P 1087 -2.44 145.72 -27.38
CA ILE P 1087 -2.97 144.41 -26.96
C ILE P 1087 -1.91 143.81 -26.03
N ASP P 1088 -2.30 142.86 -25.19
CA ASP P 1088 -1.37 142.19 -24.29
C ASP P 1088 -1.23 140.72 -24.67
N PRO P 1089 -0.05 140.35 -25.19
CA PRO P 1089 0.21 138.97 -25.67
C PRO P 1089 0.40 137.96 -24.55
N LEU P 1090 -0.56 137.88 -23.64
CA LEU P 1090 -0.51 136.89 -22.56
C LEU P 1090 -1.64 135.87 -22.70
N GLN P 1091 -1.29 134.64 -23.05
CA GLN P 1091 -2.26 133.57 -23.20
C GLN P 1091 -1.73 132.23 -22.67
N PRO P 1092 -1.71 132.07 -21.34
CA PRO P 1092 -1.25 130.82 -20.73
C PRO P 1092 -2.32 129.75 -20.69
N ASN P 1093 -2.69 129.21 -21.84
CA ASN P 1093 -3.74 128.19 -21.95
C ASN P 1093 -3.43 126.96 -21.09
N ASP P 1094 -2.45 126.18 -21.52
CA ASP P 1094 -2.08 124.94 -20.83
C ASP P 1094 -0.58 124.84 -20.62
N GLN P 1095 -0.16 123.90 -19.78
CA GLN P 1095 1.26 123.67 -19.54
C GLN P 1095 1.79 122.55 -20.43
N TRP P 1096 0.90 121.96 -21.22
CA TRP P 1096 1.30 120.98 -22.22
C TRP P 1096 1.79 121.72 -23.47
N PRO P 1097 2.95 121.30 -24.01
CA PRO P 1097 3.61 122.00 -25.12
C PRO P 1097 2.76 122.16 -26.37
N LEU P 1098 2.86 123.33 -27.01
CA LEU P 1098 2.07 123.61 -28.21
C LEU P 1098 2.90 123.53 -29.49
N MET P 1099 2.30 122.96 -30.53
CA MET P 1099 2.86 123.01 -31.87
C MET P 1099 1.72 123.23 -32.86
N MET P 1100 1.90 124.17 -33.77
CA MET P 1100 0.77 124.67 -34.55
C MET P 1100 0.97 124.68 -36.07
N ASP P 1101 -0.13 124.53 -36.78
CA ASP P 1101 -0.18 124.69 -38.23
C ASP P 1101 -1.30 125.67 -38.59
N VAL P 1102 -1.47 125.92 -39.88
CA VAL P 1102 -2.52 126.81 -40.35
C VAL P 1102 -3.01 126.40 -41.74
N SER P 1103 -4.31 126.54 -41.99
CA SER P 1103 -4.86 126.21 -43.30
C SER P 1103 -5.12 127.47 -44.12
N THR P 1104 -6.22 128.17 -43.84
CA THR P 1104 -6.47 129.46 -44.46
C THR P 1104 -6.88 130.53 -43.47
N LYS P 1105 -8.11 130.44 -42.97
CA LYS P 1105 -8.64 131.43 -42.03
C LYS P 1105 -8.49 130.96 -40.58
N TYR P 1106 -8.12 129.70 -40.40
CA TYR P 1106 -8.12 129.10 -39.08
C TYR P 1106 -6.72 128.77 -38.58
N ALA P 1107 -6.42 129.21 -37.35
CA ALA P 1107 -5.18 128.85 -36.69
C ALA P 1107 -5.35 127.52 -35.98
N SER P 1108 -4.51 126.55 -36.34
CA SER P 1108 -4.63 125.20 -35.80
C SER P 1108 -3.59 124.94 -34.71
N LEU P 1109 -4.05 124.81 -33.47
CA LEU P 1109 -3.16 124.54 -32.35
C LEU P 1109 -3.24 123.08 -31.92
N GLN P 1110 -2.12 122.37 -32.05
CA GLN P 1110 -2.02 121.00 -31.59
C GLN P 1110 -1.23 120.95 -30.28
N GLU P 1111 -1.93 120.63 -29.20
CA GLU P 1111 -1.33 120.58 -27.87
C GLU P 1111 -0.95 119.16 -27.47
N GLY P 1112 -0.49 119.00 -26.23
CA GLY P 1112 -0.19 117.69 -25.69
C GLY P 1112 -1.44 117.05 -25.10
N GLN P 1113 -2.56 117.77 -25.21
CA GLN P 1113 -3.84 117.30 -24.71
C GLN P 1113 -4.87 117.19 -25.83
N TYR P 1114 -5.24 118.34 -26.39
CA TYR P 1114 -6.23 118.37 -27.45
C TYR P 1114 -5.82 119.33 -28.58
N ILE P 1115 -6.66 119.41 -29.61
CA ILE P 1115 -6.41 120.29 -30.73
C ILE P 1115 -7.50 121.36 -30.82
N ILE P 1116 -7.10 122.63 -30.75
CA ILE P 1116 -8.07 123.72 -30.75
C ILE P 1116 -7.87 124.64 -31.96
N LEU P 1117 -8.98 125.16 -32.49
CA LEU P 1117 -8.94 126.03 -33.66
C LEU P 1117 -9.34 127.46 -33.30
N PHE P 1118 -8.61 128.44 -33.83
CA PHE P 1118 -8.97 129.83 -33.62
C PHE P 1118 -9.42 130.51 -34.92
N SER P 1119 -10.32 131.47 -34.78
CA SER P 1119 -10.79 132.26 -35.91
C SER P 1119 -10.23 133.68 -35.83
N ASP P 1120 -9.39 134.03 -36.79
CA ASP P 1120 -8.74 135.34 -36.81
C ASP P 1120 -9.73 136.46 -37.08
N HIS P 1121 -9.73 137.47 -36.21
CA HIS P 1121 -10.60 138.63 -36.37
C HIS P 1121 -10.09 139.53 -37.49
N GLY P 1122 -8.77 139.64 -37.59
CA GLY P 1122 -8.14 140.44 -38.62
C GLY P 1122 -6.68 140.09 -38.79
N VAL P 1123 -6.13 140.38 -39.97
CA VAL P 1123 -4.73 140.10 -40.26
C VAL P 1123 -3.81 141.13 -39.63
N CYS P 1124 -4.36 142.32 -39.36
CA CYS P 1124 -3.58 143.41 -38.78
C CYS P 1124 -3.31 143.16 -37.30
N HIS P 1125 -4.35 142.79 -36.57
CA HIS P 1125 -4.24 142.54 -35.13
C HIS P 1125 -5.17 141.42 -34.68
N LEU P 1126 -4.70 140.63 -33.73
CA LEU P 1126 -5.49 139.53 -33.19
C LEU P 1126 -5.78 139.73 -31.70
N ASP P 1127 -7.05 139.91 -31.37
CA ASP P 1127 -7.45 140.13 -29.99
C ASP P 1127 -8.24 138.95 -29.42
N ILE P 1128 -9.40 138.67 -30.00
CA ILE P 1128 -10.26 137.58 -29.55
C ILE P 1128 -10.22 136.41 -30.51
N ALA P 1129 -10.34 135.20 -29.97
CA ALA P 1129 -10.31 133.99 -30.79
C ALA P 1129 -11.49 133.07 -30.45
N ASN P 1130 -12.34 132.83 -31.44
CA ASN P 1130 -13.52 131.98 -31.24
C ASN P 1130 -13.20 130.50 -31.44
N PRO P 1131 -13.45 129.68 -30.42
CA PRO P 1131 -13.21 128.23 -30.48
C PRO P 1131 -14.19 127.53 -31.42
N SER P 1132 -13.71 126.54 -32.16
CA SER P 1132 -14.55 125.83 -33.12
C SER P 1132 -14.55 124.32 -32.88
N ALA P 1133 -13.40 123.70 -33.11
CA ALA P 1133 -13.28 122.25 -32.97
C ALA P 1133 -12.26 121.85 -31.92
N PHE P 1134 -12.74 121.24 -30.84
CA PHE P 1134 -11.86 120.72 -29.80
C PHE P 1134 -12.34 119.36 -29.31
N VAL P 1135 -11.43 118.40 -29.25
CA VAL P 1135 -11.77 117.05 -28.80
C VAL P 1135 -10.56 116.36 -28.18
N LYS P 1136 -10.80 115.51 -27.19
CA LYS P 1136 -9.73 114.75 -26.55
C LYS P 1136 -9.59 113.37 -27.22
N PRO P 1137 -8.46 113.16 -27.90
CA PRO P 1137 -8.21 111.92 -28.65
C PRO P 1137 -7.87 110.72 -27.76
N LYS P 1138 -7.51 109.61 -28.38
CA LYS P 1138 -7.17 108.38 -27.67
C LYS P 1138 -5.85 108.51 -26.93
N ASP P 1139 -5.62 107.62 -25.97
CA ASP P 1139 -4.39 107.61 -25.18
C ASP P 1139 -3.17 107.37 -26.07
N SER P 1140 -2.02 107.84 -25.60
CA SER P 1140 -0.79 107.87 -26.40
C SER P 1140 -1.03 108.67 -27.67
N GLU P 1141 -1.20 109.98 -27.49
CA GLU P 1141 -1.62 110.87 -28.57
C GLU P 1141 -0.50 111.10 -29.59
N GLU P 1142 -0.89 111.52 -30.79
CA GLU P 1142 0.06 111.77 -31.86
C GLU P 1142 0.80 113.09 -31.66
N TYR P 1143 2.10 113.08 -31.93
CA TYR P 1143 2.94 114.27 -31.79
C TYR P 1143 2.46 115.42 -32.68
N ILE P 1144 2.59 115.26 -33.99
CA ILE P 1144 2.26 116.33 -34.92
C ILE P 1144 1.65 115.79 -36.22
N VAL P 1145 0.69 116.54 -36.77
CA VAL P 1145 0.05 116.17 -38.02
C VAL P 1145 0.14 117.33 -39.02
N GLY P 1146 -0.52 117.18 -40.17
CA GLY P 1146 -0.49 118.21 -41.19
C GLY P 1146 -1.78 118.29 -41.99
N PHE P 1147 -1.95 119.40 -42.69
CA PHE P 1147 -3.16 119.64 -43.47
C PHE P 1147 -2.85 119.87 -44.95
N ASP P 1148 -3.87 119.75 -45.79
CA ASP P 1148 -3.72 119.96 -47.22
C ASP P 1148 -3.92 121.43 -47.59
N LEU P 1149 -3.94 121.71 -48.90
CA LEU P 1149 -4.16 123.06 -49.40
C LEU P 1149 -5.42 123.11 -50.26
N LYS P 1150 -6.09 124.26 -50.25
CA LYS P 1150 -7.33 124.47 -50.98
C LYS P 1150 -8.42 123.49 -50.55
N ASN P 1151 -8.30 123.01 -49.32
CA ASN P 1151 -9.26 122.07 -48.76
C ASN P 1151 -9.77 122.53 -47.40
N SER P 1152 -8.85 122.61 -46.43
CA SER P 1152 -9.15 123.06 -45.08
C SER P 1152 -10.20 122.18 -44.40
N LEU P 1153 -9.83 120.93 -44.14
CA LEU P 1153 -10.73 120.00 -43.45
C LEU P 1153 -10.13 119.56 -42.12
N LEU P 1154 -10.85 118.71 -41.40
CA LEU P 1154 -10.38 118.21 -40.11
C LEU P 1154 -9.68 116.87 -40.28
N PHE P 1155 -8.45 116.78 -39.77
CA PHE P 1155 -7.67 115.55 -39.86
C PHE P 1155 -7.02 115.19 -38.53
N LEU P 1156 -7.36 114.01 -38.02
CA LEU P 1156 -6.76 113.51 -36.79
C LEU P 1156 -6.36 112.06 -36.98
N ALA P 1157 -5.07 111.77 -36.84
CA ALA P 1157 -4.55 110.42 -37.03
C ALA P 1157 -3.77 109.93 -35.82
N TYR P 1158 -4.11 108.74 -35.35
CA TYR P 1158 -3.41 108.14 -34.22
C TYR P 1158 -2.01 107.75 -34.66
N GLU P 1159 -1.08 107.66 -33.71
CA GLU P 1159 0.33 107.49 -34.05
C GLU P 1159 0.70 106.09 -34.51
N ASN P 1160 0.01 105.07 -34.01
CA ASN P 1160 0.39 103.69 -34.31
C ASN P 1160 -0.51 102.98 -35.31
N ASN P 1161 0.03 102.78 -36.52
CA ASN P 1161 -0.55 101.90 -37.53
C ASN P 1161 -1.98 102.22 -37.95
N ILE P 1162 -2.43 103.46 -37.74
CA ILE P 1162 -3.73 103.88 -38.24
C ILE P 1162 -3.77 105.38 -38.52
N ILE P 1163 -4.44 105.77 -39.60
CA ILE P 1163 -4.65 107.18 -39.92
C ILE P 1163 -6.08 107.40 -40.38
N ASP P 1164 -6.70 108.49 -39.91
CA ASP P 1164 -8.11 108.74 -40.19
C ASP P 1164 -8.35 110.14 -40.73
N VAL P 1165 -9.19 110.23 -41.76
CA VAL P 1165 -9.60 111.52 -42.32
C VAL P 1165 -11.02 111.85 -41.86
N PHE P 1166 -11.18 113.05 -41.29
CA PHE P 1166 -12.45 113.45 -40.72
C PHE P 1166 -13.11 114.60 -41.48
N ARG P 1167 -14.28 115.01 -41.02
CA ARG P 1167 -14.98 116.17 -41.58
C ARG P 1167 -14.95 117.29 -40.55
N LEU P 1168 -14.94 118.53 -41.02
CA LEU P 1168 -14.77 119.68 -40.14
C LEU P 1168 -15.84 119.74 -39.04
N ILE P 1169 -17.07 120.10 -39.41
CA ILE P 1169 -18.24 120.13 -38.53
C ILE P 1169 -17.90 120.68 -37.14
N PHE P 1170 -18.34 119.99 -36.08
CA PHE P 1170 -17.86 120.28 -34.74
C PHE P 1170 -16.72 119.33 -34.42
N SER P 1171 -17.05 118.06 -34.18
CA SER P 1171 -16.04 117.01 -34.03
C SER P 1171 -16.60 115.68 -34.51
N CYS P 1172 -15.78 114.90 -35.20
CA CYS P 1172 -16.18 113.56 -35.61
C CYS P 1172 -15.11 112.52 -35.35
N ASN P 1173 -15.40 111.60 -34.44
CA ASN P 1173 -14.53 110.44 -34.20
C ASN P 1173 -15.05 109.20 -34.92
N GLN P 1174 -16.16 109.35 -35.63
CA GLN P 1174 -16.85 108.21 -36.23
C GLN P 1174 -16.34 107.85 -37.62
N LEU P 1175 -16.06 106.57 -37.82
CA LEU P 1175 -15.65 106.05 -39.12
C LEU P 1175 -16.51 104.84 -39.48
N ARG P 1176 -16.37 103.79 -38.67
CA ARG P 1176 -17.17 102.56 -38.80
C ARG P 1176 -17.09 101.91 -40.17
N TYR P 1177 -18.23 101.42 -40.65
CA TYR P 1177 -18.29 100.68 -41.91
C TYR P 1177 -18.68 101.56 -43.10
N GLU P 1178 -18.93 102.84 -42.83
CA GLU P 1178 -19.32 103.79 -43.87
C GLU P 1178 -18.29 103.84 -45.00
N GLN P 1179 -17.09 104.31 -44.67
CA GLN P 1179 -16.01 104.36 -45.64
C GLN P 1179 -14.68 103.96 -44.99
N ILE P 1180 -13.72 103.59 -45.83
CA ILE P 1180 -12.39 103.23 -45.35
C ILE P 1180 -11.37 104.28 -45.77
N CYS P 1181 -10.75 104.94 -44.78
CA CYS P 1181 -9.82 106.02 -45.07
C CYS P 1181 -8.36 105.59 -44.97
N GLU P 1182 -7.72 105.49 -46.13
CA GLU P 1182 -6.31 105.13 -46.25
C GLU P 1182 -5.96 103.88 -45.44
N GLU P 1183 -4.76 103.90 -44.86
CA GLU P 1183 -4.16 102.83 -44.03
C GLU P 1183 -2.82 103.31 -43.50
N GLU P 1184 -2.33 102.67 -42.45
CA GLU P 1184 -0.96 102.88 -42.02
C GLU P 1184 -0.30 101.54 -41.71
N ILE P 1185 0.67 101.13 -42.52
CA ILE P 1185 1.32 99.84 -42.33
C ILE P 1185 2.70 99.90 -41.67
N ALA P 1186 3.21 101.09 -41.41
CA ALA P 1186 4.59 101.21 -40.93
C ALA P 1186 4.76 102.12 -39.71
N GLN P 1187 4.53 103.41 -39.91
CA GLN P 1187 4.86 104.43 -38.92
C GLN P 1187 4.26 104.16 -37.55
N LYS P 1188 5.06 104.40 -36.52
CA LYS P 1188 4.62 104.23 -35.13
C LYS P 1188 4.90 105.48 -34.30
N ALA P 1189 6.18 105.84 -34.18
CA ALA P 1189 6.58 107.02 -33.41
C ALA P 1189 7.02 108.15 -34.33
N LYS P 1190 6.80 109.39 -33.88
CA LYS P 1190 7.20 110.59 -34.61
C LYS P 1190 6.59 110.69 -36.00
N ILE P 1191 5.27 110.60 -36.09
CA ILE P 1191 4.58 110.90 -37.34
C ILE P 1191 4.83 112.37 -37.67
N SER P 1192 4.98 112.70 -38.95
CA SER P 1192 5.44 114.04 -39.31
C SER P 1192 4.36 114.95 -39.91
N TYR P 1193 4.06 114.74 -41.19
CA TYR P 1193 3.27 115.71 -41.96
C TYR P 1193 2.47 115.07 -43.09
N LEU P 1194 1.89 115.95 -43.91
CA LEU P 1194 1.26 115.60 -45.18
C LEU P 1194 0.79 116.88 -45.86
N VAL P 1195 0.61 116.84 -47.17
CA VAL P 1195 0.29 118.03 -47.96
C VAL P 1195 -0.61 117.74 -49.14
N ALA P 1196 -1.14 118.81 -49.74
CA ALA P 1196 -1.88 118.70 -50.99
C ALA P 1196 -0.96 118.24 -52.10
N THR P 1197 -1.55 117.67 -53.15
CA THR P 1197 -0.79 117.06 -54.23
C THR P 1197 -1.58 117.09 -55.54
N ASP P 1198 -1.12 116.32 -56.51
CA ASP P 1198 -1.80 116.20 -57.81
C ASP P 1198 -3.12 115.46 -57.60
N ASP P 1199 -3.83 115.18 -58.69
CA ASP P 1199 -5.20 114.68 -58.65
C ASP P 1199 -5.46 113.59 -57.62
N GLY P 1200 -4.80 112.45 -57.77
CA GLY P 1200 -5.01 111.33 -56.86
C GLY P 1200 -4.63 111.59 -55.41
N THR P 1201 -5.62 111.42 -54.53
CA THR P 1201 -5.47 111.42 -53.06
C THR P 1201 -4.58 112.53 -52.47
N MET P 1202 -3.74 112.16 -51.50
CA MET P 1202 -2.85 113.11 -50.82
C MET P 1202 -1.60 112.41 -50.31
N LEU P 1203 -0.50 113.16 -50.21
CA LEU P 1203 0.80 112.57 -49.87
C LEU P 1203 1.29 112.97 -48.47
N ALA P 1204 1.94 112.03 -47.79
CA ALA P 1204 2.54 112.27 -46.48
C ALA P 1204 4.05 112.07 -46.56
N MET P 1205 4.79 112.66 -45.63
CA MET P 1205 6.25 112.68 -45.74
C MET P 1205 7.01 112.45 -44.44
N GLY P 1206 8.33 112.60 -44.55
CA GLY P 1206 9.27 112.50 -43.44
C GLY P 1206 9.98 111.16 -43.36
N PHE P 1207 11.26 111.21 -43.01
CA PHE P 1207 12.07 110.00 -42.84
C PHE P 1207 12.28 109.57 -41.39
N GLU P 1208 11.74 110.34 -40.45
CA GLU P 1208 12.03 110.11 -39.04
C GLU P 1208 11.37 108.84 -38.51
N ASN P 1209 12.20 107.96 -37.92
CA ASN P 1209 11.75 106.71 -37.32
C ASN P 1209 10.88 105.85 -38.26
N GLY P 1210 11.22 105.86 -39.54
CA GLY P 1210 10.47 105.12 -40.53
C GLY P 1210 10.56 105.74 -41.91
N THR P 1211 9.56 105.46 -42.74
CA THR P 1211 9.53 105.99 -44.10
C THR P 1211 8.22 106.73 -44.38
N LEU P 1212 8.11 107.29 -45.58
CA LEU P 1212 6.90 107.97 -46.00
C LEU P 1212 6.09 107.11 -46.96
N GLU P 1213 4.76 107.20 -46.87
CA GLU P 1213 3.89 106.33 -47.65
C GLU P 1213 2.74 107.09 -48.31
N LEU P 1214 2.13 106.47 -49.31
CA LEU P 1214 1.01 107.05 -50.04
C LEU P 1214 -0.21 106.13 -49.99
N PHE P 1215 -1.36 106.72 -49.70
CA PHE P 1215 -2.62 105.97 -49.67
C PHE P 1215 -3.77 106.82 -50.20
N ALA P 1216 -4.88 106.18 -50.50
CA ALA P 1216 -6.03 106.85 -51.10
C ALA P 1216 -7.15 107.08 -50.10
N VAL P 1217 -7.91 108.16 -50.30
CA VAL P 1217 -9.01 108.50 -49.40
C VAL P 1217 -10.04 107.40 -49.27
N GLU P 1218 -10.62 106.98 -50.40
CA GLU P 1218 -11.66 105.96 -50.38
C GLU P 1218 -11.13 104.56 -50.71
N ASN P 1219 -9.84 104.45 -51.00
CA ASN P 1219 -9.24 103.18 -51.41
C ASN P 1219 -7.80 103.04 -50.93
N ARG P 1220 -7.12 102.01 -51.44
CA ARG P 1220 -5.70 101.83 -51.17
C ARG P 1220 -4.90 101.84 -52.47
N LYS P 1221 -3.74 102.48 -52.44
CA LYS P 1221 -2.91 102.61 -53.64
C LYS P 1221 -1.43 102.41 -53.35
N VAL P 1222 -0.60 102.65 -54.37
CA VAL P 1222 0.84 102.46 -54.26
C VAL P 1222 1.45 103.55 -53.38
N GLN P 1223 2.64 103.29 -52.84
CA GLN P 1223 3.33 104.25 -51.99
C GLN P 1223 4.68 104.63 -52.58
N LEU P 1224 5.24 105.75 -52.11
CA LEU P 1224 6.43 106.33 -52.71
C LEU P 1224 7.73 105.65 -52.28
N ILE P 1225 8.84 106.30 -52.60
CA ILE P 1225 10.19 105.75 -52.41
C ILE P 1225 10.59 105.57 -50.95
N TYR P 1226 11.63 104.76 -50.74
CA TYR P 1226 12.22 104.55 -49.41
C TYR P 1226 12.82 105.84 -48.88
N SER P 1227 13.04 105.88 -47.56
CA SER P 1227 14.00 106.81 -47.00
C SER P 1227 15.31 106.54 -47.73
N ILE P 1228 16.01 107.60 -48.13
CA ILE P 1228 17.10 107.49 -49.11
C ILE P 1228 18.09 106.37 -48.79
N GLU P 1229 18.95 106.58 -47.79
CA GLU P 1229 19.77 105.48 -47.27
C GLU P 1229 19.81 105.46 -45.76
N GLU P 1230 20.45 106.48 -45.20
CA GLU P 1230 20.78 106.54 -43.78
C GLU P 1230 19.55 106.82 -42.90
N VAL P 1231 19.67 106.44 -41.62
CA VAL P 1231 18.67 106.79 -40.63
C VAL P 1231 19.05 108.12 -39.98
N HIS P 1232 18.34 108.49 -38.93
CA HIS P 1232 18.59 109.73 -38.20
C HIS P 1232 18.53 110.93 -39.14
N GLU P 1233 17.32 111.25 -39.59
CA GLU P 1233 17.10 112.35 -40.52
C GLU P 1233 17.54 113.68 -39.91
N HIS P 1234 18.02 114.59 -40.76
CA HIS P 1234 18.51 115.89 -40.30
C HIS P 1234 17.35 116.74 -39.76
N CYS P 1235 17.71 117.77 -39.00
CA CYS P 1235 16.75 118.57 -38.23
C CYS P 1235 15.51 119.01 -39.03
N ILE P 1236 15.71 119.46 -40.26
CA ILE P 1236 14.57 119.84 -41.09
C ILE P 1236 14.14 118.67 -41.99
N ARG P 1237 12.94 118.17 -41.72
CA ARG P 1237 12.41 117.03 -42.47
C ARG P 1237 11.48 117.46 -43.59
N GLN P 1238 11.37 118.76 -43.79
CA GLN P 1238 10.48 119.32 -44.82
C GLN P 1238 10.93 118.89 -46.23
N LEU P 1239 9.94 118.64 -47.08
CA LEU P 1239 10.20 118.24 -48.46
C LEU P 1239 10.03 119.42 -49.42
N LEU P 1240 10.80 119.43 -50.48
CA LEU P 1240 10.83 120.55 -51.41
C LEU P 1240 9.86 120.34 -52.57
N PHE P 1241 8.80 121.13 -52.61
CA PHE P 1241 7.79 120.98 -53.65
C PHE P 1241 6.94 122.23 -53.87
N SER P 1242 6.35 122.32 -55.06
CA SER P 1242 5.27 123.26 -55.34
C SER P 1242 3.98 122.44 -55.47
N PRO P 1243 2.94 122.81 -54.72
CA PRO P 1243 1.79 121.90 -54.56
C PRO P 1243 1.07 121.50 -55.84
N CYS P 1244 0.71 122.45 -56.70
CA CYS P 1244 0.10 122.12 -57.97
C CYS P 1244 1.12 122.05 -59.11
N LYS P 1245 2.31 122.57 -58.85
CA LYS P 1245 3.36 122.65 -59.87
C LYS P 1245 4.39 121.52 -59.76
N LEU P 1246 4.15 120.57 -58.86
CA LEU P 1246 5.17 119.60 -58.47
C LEU P 1246 5.82 118.85 -59.62
N LEU P 1247 7.14 118.94 -59.69
CA LEU P 1247 7.94 118.23 -60.66
C LEU P 1247 9.11 117.55 -59.97
N LEU P 1248 10.02 118.35 -59.42
CA LEU P 1248 11.19 117.85 -58.72
C LEU P 1248 10.89 117.49 -57.25
N ILE P 1249 11.55 116.44 -56.77
CA ILE P 1249 11.44 116.04 -55.38
C ILE P 1249 12.84 115.78 -54.80
N SER P 1250 13.18 116.49 -53.72
CA SER P 1250 14.52 116.40 -53.15
C SER P 1250 14.52 115.88 -51.72
N CYS P 1251 15.22 114.78 -51.49
CA CYS P 1251 15.36 114.20 -50.16
C CYS P 1251 16.75 113.62 -49.94
N ALA P 1252 17.34 113.91 -48.79
CA ALA P 1252 18.66 113.38 -48.43
C ALA P 1252 18.88 113.41 -46.92
N GLU P 1253 19.86 112.66 -46.45
CA GLU P 1253 20.20 112.66 -45.02
C GLU P 1253 21.45 113.46 -44.73
N GLN P 1254 22.62 112.90 -45.06
CA GLN P 1254 23.88 113.54 -44.72
C GLN P 1254 24.79 113.80 -45.92
N LEU P 1255 25.40 112.73 -46.43
CA LEU P 1255 26.43 112.83 -47.46
C LEU P 1255 25.86 112.61 -48.86
N CYS P 1256 24.55 112.39 -48.94
CA CYS P 1256 23.90 112.05 -50.20
C CYS P 1256 24.12 113.08 -51.30
N PHE P 1257 24.17 112.61 -52.54
CA PHE P 1257 24.41 113.46 -53.71
C PHE P 1257 23.14 114.17 -54.16
N TRP P 1258 23.19 114.74 -55.35
CA TRP P 1258 22.07 115.50 -55.92
C TRP P 1258 20.77 114.72 -55.88
N ASN P 1259 19.72 115.38 -55.38
CA ASN P 1259 18.46 114.71 -55.07
C ASN P 1259 17.41 114.79 -56.18
N VAL P 1260 17.78 115.38 -57.31
CA VAL P 1260 16.80 115.69 -58.35
C VAL P 1260 16.10 114.45 -58.92
N THR P 1261 14.78 114.46 -58.84
CA THR P 1261 13.92 113.44 -59.44
C THR P 1261 12.70 114.12 -60.03
N HIS P 1262 12.42 113.86 -61.31
CA HIS P 1262 11.29 114.51 -61.96
C HIS P 1262 10.41 113.53 -62.74
N MET P 1263 9.34 114.06 -63.32
CA MET P 1263 8.42 113.26 -64.12
C MET P 1263 8.33 113.78 -65.55
N ARG P 1264 7.98 112.89 -66.48
CA ARG P 1264 7.90 113.26 -67.89
C ARG P 1264 6.47 113.57 -68.30
#